data_8CXM
#
_entry.id   8CXM
#
_cell.length_a   1.00
_cell.length_b   1.00
_cell.length_c   1.00
_cell.angle_alpha   90.00
_cell.angle_beta   90.00
_cell.angle_gamma   90.00
#
_symmetry.space_group_name_H-M   'P 1'
#
_entity_poly.entity_id   1
_entity_poly.type   'polypeptide(L)'
_entity_poly.pdbx_seq_one_letter_code
;MAQVINTNSLSLITQNNINKNQSALSSSIERLSSGLRINSAKDDAAGQAIANRFTSNIKGLTQAARNANDGISVAQTTEG
ALSEINNNLQRVRELTVQATTGTNSESDLSSIQDEIKSRLDEIDRVSGQTQFNGVNVLAKNGSMKIQVGANDNQTITIDL
KQIDAKTLGLDGFSVKNNDTVTTSAPVTAFGATTTNNIKLTGITLSTEAATDTGGTNPASIEGVYTDNGNDYYAKITGGD
NDGKYYAVTVANDGTVTMATGATANATVTDANTTKATTITSGGTPVQIDNTAGSATANLGAVSLVKLQDSKGNDTDTYAL
KDTNGNLYAADVNETTGAVSVKTITYTDSSGAASSPTAVKLGGDDGKTEVVDIDGKTYDSADLNGGNLQTGLTAGGEALT
AVANGKTTDPLKALDDAIASVDKFRSSLGAVQNRLDSAVTNLNNTTTNLSEAQSRIQDADYATEVSNMSKAQIIQQAGNS
VLAKANQVPQQVLSLLQG
;
_entity_poly.pdbx_strand_id   Z,B,C,D,E,F,G,H,I,J,K,L,M,N,O,P,Q,R,S,T,U,V,W,X,Y,a,b,c,d,e,2,f,g,h,i,j,k,A,l,m,n,o,p,q,r,s,t,u,v,w,x,y,z,0,1
#
# COMPACT_ATOMS: atom_id res chain seq x y z
N GLN A 3 135.95 30.85 28.51
CA GLN A 3 135.42 32.20 28.34
C GLN A 3 135.41 32.58 26.87
N VAL A 4 135.72 31.59 26.04
CA VAL A 4 135.94 31.76 24.60
C VAL A 4 134.81 32.53 23.92
N ILE A 5 135.18 33.51 23.09
CA ILE A 5 134.23 34.35 22.40
C ILE A 5 134.34 34.24 20.89
N ASN A 6 135.23 33.38 20.40
CA ASN A 6 135.27 33.08 18.97
C ASN A 6 134.35 31.93 18.61
N THR A 7 133.73 31.29 19.60
CA THR A 7 132.80 30.20 19.40
C THR A 7 131.79 30.22 20.54
N ASN A 8 130.52 29.99 20.21
CA ASN A 8 129.44 30.05 21.18
C ASN A 8 128.71 28.71 21.26
N SER A 9 129.47 27.63 21.41
CA SER A 9 128.99 26.25 21.30
C SER A 9 127.58 26.04 21.83
N LEU A 10 127.26 26.64 22.97
CA LEU A 10 125.90 26.53 23.50
C LEU A 10 124.88 27.03 22.47
N SER A 11 125.18 28.14 21.80
CA SER A 11 124.28 28.63 20.76
C SER A 11 124.13 27.63 19.63
N LEU A 12 125.23 26.97 19.25
CA LEU A 12 125.16 25.96 18.20
C LEU A 12 124.27 24.80 18.63
N ILE A 13 124.39 24.36 19.89
CA ILE A 13 123.54 23.29 20.39
C ILE A 13 122.07 23.70 20.34
N THR A 14 121.78 24.93 20.78
CA THR A 14 120.40 25.40 20.77
C THR A 14 119.85 25.46 19.35
N GLN A 15 120.63 25.96 18.40
CA GLN A 15 120.19 26.01 17.01
C GLN A 15 119.96 24.61 16.47
N ASN A 16 120.83 23.66 16.81
CA ASN A 16 120.65 22.29 16.37
C ASN A 16 119.35 21.71 16.90
N ASN A 17 119.05 21.95 18.19
CA ASN A 17 117.80 21.45 18.75
C ASN A 17 116.58 22.10 18.09
N ILE A 18 116.66 23.40 17.81
CA ILE A 18 115.55 24.06 17.15
C ILE A 18 115.33 23.48 15.75
N ASN A 19 116.42 23.25 15.01
CA ASN A 19 116.30 22.66 13.68
C ASN A 19 115.71 21.27 13.76
N LYS A 20 116.10 20.50 14.79
CA LYS A 20 115.50 19.18 14.99
C LYS A 20 114.00 19.30 15.25
N ASN A 21 113.59 20.29 16.05
CA ASN A 21 112.18 20.43 16.39
C ASN A 21 111.34 20.87 15.20
N GLN A 22 111.93 21.65 14.29
CA GLN A 22 111.15 22.25 13.20
C GLN A 22 110.36 21.22 12.41
N SER A 23 110.91 20.02 12.23
CA SER A 23 110.26 19.01 11.41
C SER A 23 108.91 18.60 11.98
N ALA A 24 108.84 18.40 13.29
CA ALA A 24 107.59 17.99 13.92
C ALA A 24 106.51 19.06 13.73
N LEU A 25 106.86 20.33 13.92
CA LEU A 25 105.89 21.40 13.73
C LEU A 25 105.41 21.46 12.29
N SER A 26 106.34 21.35 11.33
CA SER A 26 105.95 21.41 9.93
C SER A 26 105.03 20.25 9.57
N SER A 27 105.37 19.05 10.01
CA SER A 27 104.54 17.88 9.71
C SER A 27 103.16 18.01 10.34
N SER A 28 103.09 18.48 11.59
CA SER A 28 101.80 18.62 12.24
C SER A 28 100.93 19.63 11.52
N ILE A 29 101.50 20.77 11.13
CA ILE A 29 100.72 21.79 10.43
C ILE A 29 100.24 21.26 9.08
N GLU A 30 101.12 20.57 8.35
CA GLU A 30 100.73 20.05 7.05
C GLU A 30 99.61 19.01 7.18
N ARG A 31 99.72 18.13 8.18
CA ARG A 31 98.67 17.13 8.38
C ARG A 31 97.36 17.79 8.80
N LEU A 32 97.44 18.84 9.61
CA LEU A 32 96.23 19.57 9.97
C LEU A 32 95.57 20.20 8.74
N SER A 33 96.37 20.80 7.88
CA SER A 33 95.81 21.50 6.72
C SER A 33 95.22 20.53 5.71
N SER A 34 95.97 19.49 5.35
CA SER A 34 95.51 18.58 4.30
C SER A 34 94.41 17.66 4.81
N GLY A 35 94.54 17.15 6.02
CA GLY A 35 93.61 16.19 6.56
C GLY A 35 94.00 14.74 6.37
N LEU A 36 95.02 14.47 5.57
CA LEU A 36 95.50 13.12 5.34
C LEU A 36 96.79 12.88 6.13
N ARG A 37 96.91 11.68 6.71
CA ARG A 37 98.13 11.34 7.41
C ARG A 37 99.28 11.06 6.45
N ILE A 38 98.98 10.50 5.29
CA ILE A 38 99.99 10.19 4.28
C ILE A 38 99.88 11.26 3.22
N ASN A 39 100.70 12.30 3.35
CA ASN A 39 100.71 13.40 2.40
C ASN A 39 101.77 13.25 1.31
N SER A 40 102.66 12.28 1.45
CA SER A 40 103.73 12.07 0.47
C SER A 40 104.28 10.66 0.65
N ALA A 41 105.07 10.23 -0.32
CA ALA A 41 105.70 8.92 -0.25
C ALA A 41 106.67 8.81 0.93
N LYS A 42 107.21 9.93 1.39
CA LYS A 42 108.13 9.87 2.53
C LYS A 42 107.41 9.41 3.80
N ASP A 43 106.10 9.65 3.89
CA ASP A 43 105.38 9.28 5.10
C ASP A 43 105.36 7.77 5.29
N ASP A 44 104.58 7.06 4.48
CA ASP A 44 104.55 5.61 4.49
C ASP A 44 104.84 5.02 3.11
N ALA A 45 104.03 5.37 2.11
CA ALA A 45 104.08 4.96 0.72
C ALA A 45 103.70 3.50 0.50
N ALA A 46 103.76 2.67 1.55
CA ALA A 46 103.07 1.39 1.48
C ALA A 46 101.59 1.61 1.71
N GLY A 47 101.26 2.36 2.76
CA GLY A 47 99.90 2.84 2.93
C GLY A 47 99.43 3.65 1.75
N GLN A 48 100.32 4.44 1.16
CA GLN A 48 99.93 5.25 0.00
C GLN A 48 99.61 4.39 -1.21
N ALA A 49 100.43 3.37 -1.48
CA ALA A 49 100.12 2.47 -2.59
C ALA A 49 98.82 1.73 -2.36
N ILE A 50 98.62 1.23 -1.13
CA ILE A 50 97.38 0.52 -0.80
C ILE A 50 96.18 1.46 -0.94
N ALA A 51 96.35 2.72 -0.51
CA ALA A 51 95.26 3.69 -0.63
C ALA A 51 94.95 4.02 -2.08
N ASN A 52 95.98 4.12 -2.92
CA ASN A 52 95.75 4.35 -4.35
C ASN A 52 94.93 3.21 -4.95
N ARG A 53 95.31 1.97 -4.63
CA ARG A 53 94.55 0.82 -5.13
C ARG A 53 93.12 0.85 -4.59
N PHE A 54 92.96 1.21 -3.32
CA PHE A 54 91.62 1.28 -2.73
C PHE A 54 90.76 2.32 -3.43
N THR A 55 91.33 3.49 -3.71
CA THR A 55 90.57 4.53 -4.40
C THR A 55 90.16 4.08 -5.79
N SER A 56 91.06 3.41 -6.50
CA SER A 56 90.70 2.84 -7.80
C SER A 56 89.54 1.88 -7.66
N ASN A 57 89.55 1.04 -6.62
CA ASN A 57 88.46 0.10 -6.41
C ASN A 57 87.14 0.83 -6.13
N ILE A 58 87.18 1.88 -5.30
CA ILE A 58 85.95 2.63 -5.01
C ILE A 58 85.35 3.20 -6.28
N LYS A 59 86.18 3.86 -7.09
CA LYS A 59 85.66 4.48 -8.30
C LYS A 59 85.12 3.44 -9.26
N GLY A 60 85.84 2.33 -9.42
CA GLY A 60 85.38 1.28 -10.32
C GLY A 60 84.05 0.68 -9.88
N LEU A 61 83.90 0.44 -8.58
CA LEU A 61 82.66 -0.18 -8.11
C LEU A 61 81.48 0.78 -8.22
N THR A 62 81.69 2.07 -7.94
CA THR A 62 80.63 3.04 -8.11
C THR A 62 80.19 3.09 -9.57
N GLN A 63 81.15 3.14 -10.49
CA GLN A 63 80.81 3.15 -11.90
C GLN A 63 80.10 1.87 -12.32
N ALA A 64 80.49 0.73 -11.75
CA ALA A 64 79.84 -0.53 -12.08
C ALA A 64 78.38 -0.53 -11.65
N ALA A 65 78.08 -0.01 -10.46
CA ALA A 65 76.69 0.08 -10.03
C ALA A 65 75.90 0.99 -10.94
N ARG A 66 76.49 2.12 -11.32
CA ARG A 66 75.83 3.02 -12.26
C ARG A 66 75.52 2.30 -13.58
N ASN A 67 76.46 1.48 -14.05
CA ASN A 67 76.22 0.70 -15.26
C ASN A 67 75.08 -0.29 -15.08
N ALA A 68 75.04 -0.97 -13.94
CA ALA A 68 74.02 -2.00 -13.71
C ALA A 68 72.62 -1.40 -13.74
N ASN A 69 72.48 -0.17 -13.23
CA ASN A 69 71.17 0.47 -13.28
C ASN A 69 70.65 0.58 -14.72
N ASP A 70 71.54 0.82 -15.68
CA ASP A 70 71.11 0.91 -17.07
C ASP A 70 70.54 -0.40 -17.58
N GLY A 71 71.18 -1.52 -17.24
CA GLY A 71 70.64 -2.82 -17.62
C GLY A 71 69.28 -3.08 -17.00
N ILE A 72 69.11 -2.66 -15.75
CA ILE A 72 67.79 -2.77 -15.11
C ILE A 72 66.76 -2.01 -15.92
N SER A 73 67.09 -0.79 -16.34
CA SER A 73 66.16 0.01 -17.14
C SER A 73 65.82 -0.67 -18.45
N VAL A 74 66.83 -1.23 -19.13
CA VAL A 74 66.58 -1.90 -20.41
C VAL A 74 65.61 -3.06 -20.21
N ALA A 75 65.84 -3.85 -19.16
CA ALA A 75 64.97 -4.98 -18.90
C ALA A 75 63.55 -4.52 -18.62
N GLN A 76 63.39 -3.44 -17.86
CA GLN A 76 62.05 -2.92 -17.57
C GLN A 76 61.32 -2.52 -18.86
N THR A 77 62.02 -1.80 -19.75
CA THR A 77 61.39 -1.36 -20.98
C THR A 77 60.96 -2.55 -21.84
N THR A 78 61.84 -3.55 -21.97
CA THR A 78 61.50 -4.73 -22.75
C THR A 78 60.32 -5.47 -22.14
N GLU A 79 60.26 -5.55 -20.81
CA GLU A 79 59.14 -6.22 -20.16
C GLU A 79 57.82 -5.50 -20.44
N GLY A 80 57.83 -4.16 -20.41
CA GLY A 80 56.60 -3.43 -20.72
C GLY A 80 56.12 -3.69 -22.13
N ALA A 81 57.04 -3.65 -23.10
CA ALA A 81 56.65 -3.94 -24.47
C ALA A 81 56.08 -5.35 -24.60
N LEU A 82 56.72 -6.32 -23.94
CA LEU A 82 56.23 -7.69 -23.97
C LEU A 82 54.85 -7.81 -23.36
N SER A 83 54.57 -7.04 -22.31
CA SER A 83 53.25 -7.07 -21.70
C SER A 83 52.18 -6.58 -22.68
N GLU A 84 52.48 -5.52 -23.41
CA GLU A 84 51.51 -5.05 -24.42
C GLU A 84 51.29 -6.11 -25.51
N ILE A 85 52.38 -6.74 -25.96
CA ILE A 85 52.24 -7.81 -26.95
C ILE A 85 51.38 -8.93 -26.42
N ASN A 86 51.56 -9.27 -25.13
CA ASN A 86 50.77 -10.33 -24.51
C ASN A 86 49.28 -9.98 -24.49
N ASN A 87 48.96 -8.73 -24.17
CA ASN A 87 47.55 -8.32 -24.17
C ASN A 87 46.95 -8.47 -25.56
N ASN A 88 47.68 -8.04 -26.59
CA ASN A 88 47.18 -8.18 -27.95
C ASN A 88 46.97 -9.65 -28.32
N LEU A 89 47.91 -10.51 -27.93
CA LEU A 89 47.78 -11.94 -28.22
C LEU A 89 46.56 -12.53 -27.52
N GLN A 90 46.32 -12.13 -26.27
CA GLN A 90 45.15 -12.61 -25.55
C GLN A 90 43.86 -12.23 -26.27
N ARG A 91 43.77 -10.97 -26.72
CA ARG A 91 42.55 -10.56 -27.42
C ARG A 91 42.40 -11.32 -28.74
N VAL A 92 43.51 -11.59 -29.43
CA VAL A 92 43.46 -12.37 -30.67
C VAL A 92 42.94 -13.77 -30.39
N ARG A 93 43.39 -14.38 -29.28
CA ARG A 93 42.90 -15.70 -28.93
C ARG A 93 41.40 -15.69 -28.65
N GLU A 94 40.92 -14.67 -27.94
CA GLU A 94 39.49 -14.56 -27.70
C GLU A 94 38.72 -14.43 -29.01
N LEU A 95 39.25 -13.64 -29.94
CA LEU A 95 38.59 -13.48 -31.23
C LEU A 95 38.54 -14.80 -32.00
N THR A 96 39.62 -15.58 -31.96
CA THR A 96 39.60 -16.87 -32.63
C THR A 96 38.59 -17.81 -32.00
N VAL A 97 38.50 -17.81 -30.66
CA VAL A 97 37.50 -18.63 -29.99
C VAL A 97 36.11 -18.24 -30.47
N GLN A 98 35.85 -16.94 -30.60
CA GLN A 98 34.54 -16.51 -31.10
C GLN A 98 34.33 -16.94 -32.54
N ALA A 99 35.38 -16.90 -33.35
CA ALA A 99 35.23 -17.12 -34.78
C ALA A 99 35.04 -18.59 -35.13
N THR A 100 35.63 -19.51 -34.36
CA THR A 100 35.55 -20.92 -34.69
C THR A 100 34.20 -21.52 -34.27
N THR A 101 33.13 -20.91 -34.77
CA THR A 101 31.77 -21.35 -34.50
C THR A 101 31.00 -21.45 -35.80
N GLY A 102 30.08 -22.42 -35.86
CA GLY A 102 29.31 -22.65 -37.07
C GLY A 102 28.22 -21.64 -37.33
N THR A 103 27.79 -20.90 -36.31
CA THR A 103 26.72 -19.92 -36.50
C THR A 103 27.19 -18.75 -37.34
N ASN A 104 28.47 -18.38 -37.24
CA ASN A 104 28.98 -17.23 -37.97
C ASN A 104 28.88 -17.44 -39.48
N SER A 105 28.44 -16.41 -40.18
CA SER A 105 28.39 -16.45 -41.64
C SER A 105 29.76 -16.06 -42.19
N GLU A 106 29.83 -15.83 -43.51
CA GLU A 106 31.11 -15.47 -44.12
C GLU A 106 31.47 -14.01 -43.83
N SER A 107 30.49 -13.12 -43.80
CA SER A 107 30.76 -11.72 -43.49
C SER A 107 31.30 -11.56 -42.07
N ASP A 108 30.74 -12.32 -41.12
CA ASP A 108 31.23 -12.26 -39.75
C ASP A 108 32.68 -12.74 -39.68
N LEU A 109 33.00 -13.81 -40.41
CA LEU A 109 34.37 -14.27 -40.47
C LEU A 109 35.28 -13.21 -41.07
N SER A 110 34.79 -12.51 -42.10
CA SER A 110 35.59 -11.44 -42.70
C SER A 110 35.88 -10.33 -41.71
N SER A 111 34.88 -9.92 -40.94
CA SER A 111 35.08 -8.86 -39.95
C SER A 111 36.04 -9.32 -38.85
N ILE A 112 35.87 -10.55 -38.36
CA ILE A 112 36.77 -11.06 -37.33
C ILE A 112 38.19 -11.13 -37.85
N GLN A 113 38.37 -11.57 -39.10
CA GLN A 113 39.69 -11.60 -39.70
C GLN A 113 40.28 -10.20 -39.84
N ASP A 114 39.44 -9.23 -40.20
CA ASP A 114 39.93 -7.85 -40.28
C ASP A 114 40.48 -7.39 -38.94
N GLU A 115 39.73 -7.61 -37.86
CA GLU A 115 40.21 -7.19 -36.54
C GLU A 115 41.46 -7.96 -36.13
N ILE A 116 41.49 -9.27 -36.40
CA ILE A 116 42.63 -10.09 -36.03
C ILE A 116 43.88 -9.64 -36.78
N LYS A 117 43.74 -9.36 -38.08
CA LYS A 117 44.87 -8.88 -38.87
C LYS A 117 45.34 -7.53 -38.38
N SER A 118 44.40 -6.65 -38.00
CA SER A 118 44.79 -5.36 -37.45
C SER A 118 45.60 -5.54 -36.18
N ARG A 119 45.17 -6.43 -35.29
CA ARG A 119 45.90 -6.62 -34.04
C ARG A 119 47.25 -7.30 -34.26
N LEU A 120 47.34 -8.22 -35.21
CA LEU A 120 48.63 -8.82 -35.54
C LEU A 120 49.58 -7.79 -36.13
N ASP A 121 49.07 -6.91 -36.98
CA ASP A 121 49.88 -5.82 -37.50
C ASP A 121 50.34 -4.91 -36.37
N GLU A 122 49.47 -4.67 -35.39
CA GLU A 122 49.88 -3.89 -34.22
C GLU A 122 50.98 -4.58 -33.44
N ILE A 123 50.88 -5.90 -33.29
CA ILE A 123 51.93 -6.65 -32.59
C ILE A 123 53.26 -6.51 -33.33
N ASP A 124 53.24 -6.68 -34.64
CA ASP A 124 54.47 -6.56 -35.42
C ASP A 124 55.03 -5.14 -35.34
N ARG A 125 54.15 -4.14 -35.38
CA ARG A 125 54.59 -2.76 -35.26
C ARG A 125 55.25 -2.50 -33.91
N VAL A 126 54.59 -2.89 -32.81
CA VAL A 126 55.16 -2.67 -31.49
C VAL A 126 56.50 -3.38 -31.37
N SER A 127 56.61 -4.59 -31.96
CA SER A 127 57.88 -5.29 -31.94
C SER A 127 58.96 -4.50 -32.66
N GLY A 128 58.69 -4.08 -33.88
CA GLY A 128 59.72 -3.41 -34.67
C GLY A 128 60.10 -2.04 -34.14
N GLN A 129 59.12 -1.28 -33.66
CA GLN A 129 59.31 0.14 -33.42
C GLN A 129 60.10 0.42 -32.15
N THR A 130 59.89 -0.38 -31.10
CA THR A 130 60.42 -0.05 -29.78
C THR A 130 61.95 -0.12 -29.80
N GLN A 131 62.59 0.97 -29.36
CA GLN A 131 64.03 1.06 -29.28
C GLN A 131 64.44 1.74 -27.99
N PHE A 132 65.53 1.28 -27.40
CA PHE A 132 66.10 1.87 -26.19
C PHE A 132 67.52 2.29 -26.51
N ASN A 133 67.81 3.58 -26.31
CA ASN A 133 69.13 4.15 -26.59
C ASN A 133 69.55 3.83 -28.02
N GLY A 134 68.60 3.96 -28.95
CA GLY A 134 68.87 3.64 -30.35
C GLY A 134 69.20 2.20 -30.61
N VAL A 135 68.59 1.28 -29.86
CA VAL A 135 68.78 -0.16 -30.05
C VAL A 135 67.41 -0.80 -30.11
N ASN A 136 67.09 -1.43 -31.23
CA ASN A 136 65.80 -2.12 -31.40
C ASN A 136 65.87 -3.42 -30.62
N VAL A 137 65.33 -3.41 -29.39
CA VAL A 137 65.48 -4.56 -28.51
C VAL A 137 64.72 -5.76 -29.06
N LEU A 138 63.46 -5.58 -29.44
CA LEU A 138 62.65 -6.67 -29.98
C LEU A 138 62.65 -6.68 -31.51
N ALA A 139 63.82 -6.73 -32.12
CA ALA A 139 63.89 -6.82 -33.58
C ALA A 139 64.97 -7.76 -34.08
N LYS A 140 65.81 -8.31 -33.21
CA LYS A 140 66.90 -9.18 -33.64
C LYS A 140 67.48 -9.87 -32.42
N ASN A 141 67.76 -11.16 -32.57
CA ASN A 141 68.38 -11.92 -31.48
C ASN A 141 69.76 -11.36 -31.18
N GLY A 142 70.05 -11.18 -29.90
CA GLY A 142 71.35 -10.65 -29.51
C GLY A 142 71.57 -10.83 -28.03
N SER A 143 72.64 -10.20 -27.54
CA SER A 143 73.01 -10.29 -26.14
C SER A 143 73.64 -8.97 -25.71
N MET A 144 73.31 -8.53 -24.51
CA MET A 144 73.84 -7.32 -23.93
C MET A 144 74.73 -7.67 -22.75
N LYS A 145 75.90 -7.04 -22.67
CA LYS A 145 76.89 -7.31 -21.65
C LYS A 145 76.99 -6.10 -20.73
N ILE A 146 76.71 -6.30 -19.44
CA ILE A 146 76.62 -5.22 -18.47
C ILE A 146 77.83 -5.31 -17.55
N GLN A 147 78.61 -4.23 -17.49
CA GLN A 147 79.80 -4.18 -16.66
C GLN A 147 79.38 -3.98 -15.21
N VAL A 148 79.55 -5.02 -14.38
CA VAL A 148 79.18 -4.94 -12.98
C VAL A 148 80.39 -5.23 -12.12
N GLY A 149 81.58 -4.93 -12.63
CA GLY A 149 82.82 -5.14 -11.89
C GLY A 149 83.84 -4.08 -12.21
N ALA A 150 84.98 -4.16 -11.52
CA ALA A 150 86.06 -3.21 -11.71
C ALA A 150 87.15 -3.72 -12.65
N ASN A 151 87.31 -5.04 -12.77
CA ASN A 151 88.32 -5.62 -13.63
C ASN A 151 87.73 -5.90 -15.01
N ASP A 152 88.46 -6.65 -15.83
CA ASP A 152 88.03 -7.00 -17.17
C ASP A 152 87.17 -8.26 -17.13
N ASN A 153 86.26 -8.36 -18.10
CA ASN A 153 85.34 -9.50 -18.22
C ASN A 153 84.55 -9.71 -16.93
N GLN A 154 83.76 -8.68 -16.59
CA GLN A 154 82.96 -8.69 -15.38
C GLN A 154 81.50 -8.50 -15.75
N THR A 155 81.03 -9.21 -16.77
CA THR A 155 79.76 -8.91 -17.41
C THR A 155 78.67 -9.88 -16.98
N ILE A 156 77.47 -9.32 -16.75
CA ILE A 156 76.25 -10.10 -16.65
C ILE A 156 75.50 -9.94 -17.96
N THR A 157 75.18 -11.05 -18.62
CA THR A 157 74.67 -11.03 -19.97
C THR A 157 73.15 -10.95 -19.97
N ILE A 158 72.61 -9.94 -20.64
CA ILE A 158 71.17 -9.82 -20.87
C ILE A 158 70.87 -10.38 -22.25
N ASP A 159 69.86 -11.24 -22.33
CA ASP A 159 69.52 -11.92 -23.58
C ASP A 159 68.27 -11.29 -24.18
N LEU A 160 68.29 -11.12 -25.50
CA LEU A 160 67.19 -10.51 -26.23
C LEU A 160 66.77 -11.45 -27.35
N LYS A 161 65.48 -11.76 -27.42
CA LYS A 161 64.91 -12.63 -28.44
C LYS A 161 64.02 -11.82 -29.35
N GLN A 162 64.17 -12.02 -30.66
CA GLN A 162 63.28 -11.36 -31.61
C GLN A 162 61.88 -11.93 -31.49
N ILE A 163 60.94 -11.08 -31.08
CA ILE A 163 59.54 -11.46 -30.90
C ILE A 163 58.74 -10.71 -31.94
N ASP A 164 58.17 -11.43 -32.89
CA ASP A 164 57.33 -10.83 -33.92
C ASP A 164 56.51 -11.94 -34.57
N ALA A 165 55.74 -11.57 -35.59
CA ALA A 165 54.83 -12.51 -36.22
C ALA A 165 55.57 -13.71 -36.81
N LYS A 166 56.69 -13.46 -37.50
CA LYS A 166 57.42 -14.55 -38.13
C LYS A 166 58.01 -15.50 -37.10
N THR A 167 58.56 -14.96 -36.01
CA THR A 167 59.21 -15.77 -34.99
C THR A 167 58.25 -16.27 -33.93
N LEU A 168 56.95 -16.30 -34.24
CA LEU A 168 55.95 -16.84 -33.32
C LEU A 168 55.03 -17.84 -33.98
N GLY A 169 55.20 -18.10 -35.28
CA GLY A 169 54.28 -18.96 -36.01
C GLY A 169 53.07 -18.25 -36.56
N LEU A 170 52.87 -16.98 -36.21
CA LEU A 170 51.72 -16.21 -36.67
C LEU A 170 52.03 -15.41 -37.93
N ASP A 171 52.57 -16.09 -38.94
CA ASP A 171 52.86 -15.47 -40.23
C ASP A 171 51.87 -16.03 -41.25
N GLY A 172 50.85 -15.24 -41.55
CA GLY A 172 49.76 -15.70 -42.39
C GLY A 172 48.56 -16.24 -41.64
N PHE A 173 48.44 -15.94 -40.35
CA PHE A 173 47.36 -16.46 -39.52
C PHE A 173 46.03 -15.85 -39.97
N SER A 174 45.13 -16.69 -40.47
CA SER A 174 43.83 -16.23 -40.93
C SER A 174 42.76 -17.22 -40.50
N VAL A 175 41.52 -16.72 -40.43
CA VAL A 175 40.39 -17.55 -40.02
C VAL A 175 39.28 -17.46 -41.07
N LYS A 176 39.65 -17.17 -42.32
CA LYS A 176 38.69 -17.11 -43.41
C LYS A 176 39.33 -17.63 -44.68
N ASN A 177 38.49 -18.05 -45.62
CA ASN A 177 38.95 -18.61 -46.88
C ASN A 177 39.12 -17.54 -47.94
N THR A 407 43.77 -21.53 -41.55
CA THR A 407 44.82 -21.94 -40.64
C THR A 407 44.38 -23.13 -39.80
N THR A 408 45.16 -24.20 -39.83
CA THR A 408 44.84 -25.39 -39.06
C THR A 408 45.31 -25.26 -37.63
N ASP A 409 44.48 -25.73 -36.70
CA ASP A 409 44.75 -25.66 -35.26
C ASP A 409 45.18 -24.25 -34.82
N PRO A 410 44.33 -23.24 -35.01
CA PRO A 410 44.73 -21.88 -34.64
C PRO A 410 44.97 -21.70 -33.15
N LEU A 411 44.13 -22.31 -32.32
CA LEU A 411 44.21 -22.08 -30.88
C LEU A 411 45.50 -22.67 -30.30
N LYS A 412 45.91 -23.84 -30.77
CA LYS A 412 47.14 -24.43 -30.29
C LYS A 412 48.34 -23.56 -30.64
N ALA A 413 48.37 -23.03 -31.86
CA ALA A 413 49.47 -22.13 -32.24
C ALA A 413 49.46 -20.86 -31.40
N LEU A 414 48.27 -20.31 -31.13
CA LEU A 414 48.19 -19.11 -30.31
C LEU A 414 48.69 -19.37 -28.90
N ASP A 415 48.31 -20.51 -28.32
CA ASP A 415 48.82 -20.88 -27.00
C ASP A 415 50.34 -21.06 -27.03
N ASP A 416 50.86 -21.63 -28.11
CA ASP A 416 52.30 -21.79 -28.24
C ASP A 416 53.01 -20.45 -28.26
N ALA A 417 52.46 -19.48 -28.98
CA ALA A 417 53.05 -18.15 -29.02
C ALA A 417 53.02 -17.48 -27.66
N ILE A 418 51.90 -17.61 -26.94
CA ILE A 418 51.79 -17.00 -25.62
C ILE A 418 52.80 -17.62 -24.67
N ALA A 419 52.94 -18.94 -24.71
CA ALA A 419 53.93 -19.61 -23.87
C ALA A 419 55.35 -19.31 -24.31
N SER A 420 55.55 -18.93 -25.56
CA SER A 420 56.88 -18.54 -26.02
C SER A 420 57.26 -17.16 -25.52
N VAL A 421 56.30 -16.24 -25.42
CA VAL A 421 56.64 -14.91 -24.90
C VAL A 421 56.76 -14.94 -23.38
N ASP A 422 56.04 -15.84 -22.72
CA ASP A 422 56.13 -15.93 -21.26
C ASP A 422 57.53 -16.34 -20.81
N LYS A 423 58.19 -17.23 -21.57
CA LYS A 423 59.55 -17.64 -21.22
C LYS A 423 60.51 -16.46 -21.28
N PHE A 424 60.39 -15.63 -22.32
CA PHE A 424 61.24 -14.45 -22.43
C PHE A 424 60.99 -13.50 -21.25
N ARG A 425 59.72 -13.31 -20.89
CA ARG A 425 59.41 -12.45 -19.76
C ARG A 425 60.04 -12.98 -18.47
N SER A 426 59.97 -14.30 -18.26
CA SER A 426 60.55 -14.88 -17.05
C SER A 426 62.06 -14.70 -17.03
N SER A 427 62.71 -14.87 -18.18
CA SER A 427 64.16 -14.67 -18.25
C SER A 427 64.52 -13.23 -17.91
N LEU A 428 63.75 -12.27 -18.43
CA LEU A 428 64.00 -10.87 -18.11
C LEU A 428 63.84 -10.60 -16.62
N GLY A 429 62.81 -11.18 -15.99
CA GLY A 429 62.64 -11.01 -14.56
C GLY A 429 63.80 -11.57 -13.76
N ALA A 430 64.30 -12.74 -14.16
CA ALA A 430 65.45 -13.32 -13.49
C ALA A 430 66.67 -12.42 -13.62
N VAL A 431 66.88 -11.85 -14.81
CA VAL A 431 68.02 -10.94 -15.01
C VAL A 431 67.87 -9.71 -14.13
N GLN A 432 66.65 -9.19 -14.01
CA GLN A 432 66.42 -8.03 -13.15
C GLN A 432 66.78 -8.34 -11.70
N ASN A 433 66.36 -9.50 -11.21
CA ASN A 433 66.68 -9.87 -9.84
C ASN A 433 68.18 -9.99 -9.64
N ARG A 434 68.87 -10.62 -10.58
CA ARG A 434 70.33 -10.74 -10.48
C ARG A 434 70.99 -9.36 -10.46
N LEU A 435 70.53 -8.46 -11.31
CA LEU A 435 71.13 -7.13 -11.36
C LEU A 435 70.91 -6.38 -10.04
N ASP A 436 69.72 -6.50 -9.45
CA ASP A 436 69.47 -5.84 -8.17
C ASP A 436 70.38 -6.40 -7.08
N SER A 437 70.55 -7.72 -7.04
CA SER A 437 71.46 -8.31 -6.06
C SER A 437 72.88 -7.81 -6.27
N ALA A 438 73.30 -7.69 -7.52
CA ALA A 438 74.63 -7.18 -7.82
C ALA A 438 74.80 -5.75 -7.32
N VAL A 439 73.79 -4.91 -7.53
CA VAL A 439 73.88 -3.53 -7.06
C VAL A 439 74.01 -3.48 -5.55
N THR A 440 73.22 -4.30 -4.85
CA THR A 440 73.31 -4.31 -3.39
C THR A 440 74.71 -4.73 -2.92
N ASN A 441 75.26 -5.78 -3.53
CA ASN A 441 76.59 -6.23 -3.13
C ASN A 441 77.63 -5.17 -3.43
N LEU A 442 77.51 -4.49 -4.58
CA LEU A 442 78.45 -3.43 -4.93
C LEU A 442 78.41 -2.30 -3.92
N ASN A 443 77.21 -1.90 -3.49
CA ASN A 443 77.09 -0.83 -2.50
C ASN A 443 77.76 -1.23 -1.20
N ASN A 444 77.50 -2.45 -0.73
CA ASN A 444 78.11 -2.89 0.54
C ASN A 444 79.63 -2.92 0.43
N THR A 445 80.15 -3.47 -0.67
CA THR A 445 81.60 -3.56 -0.83
C THR A 445 82.22 -2.18 -0.92
N THR A 446 81.57 -1.25 -1.64
CA THR A 446 82.10 0.10 -1.75
C THR A 446 82.18 0.77 -0.39
N THR A 447 81.12 0.63 0.41
CA THR A 447 81.13 1.24 1.74
C THR A 447 82.26 0.67 2.59
N ASN A 448 82.41 -0.66 2.60
CA ASN A 448 83.45 -1.27 3.42
C ASN A 448 84.84 -0.85 2.98
N LEU A 449 85.08 -0.83 1.67
CA LEU A 449 86.41 -0.48 1.17
C LEU A 449 86.73 0.99 1.42
N SER A 450 85.72 1.87 1.29
CA SER A 450 85.94 3.27 1.60
C SER A 450 86.28 3.46 3.07
N GLU A 451 85.60 2.72 3.96
CA GLU A 451 85.91 2.86 5.38
C GLU A 451 87.31 2.33 5.68
N ALA A 452 87.73 1.26 5.00
CA ALA A 452 89.11 0.78 5.17
C ALA A 452 90.13 1.81 4.71
N GLN A 453 89.88 2.43 3.56
CA GLN A 453 90.77 3.50 3.09
C GLN A 453 90.82 4.63 4.09
N SER A 454 89.69 4.94 4.73
CA SER A 454 89.69 5.92 5.81
C SER A 454 90.58 5.48 6.96
N ARG A 455 90.51 4.20 7.34
CA ARG A 455 91.37 3.72 8.41
C ARG A 455 92.85 3.74 8.04
N ILE A 456 93.17 3.76 6.75
CA ILE A 456 94.56 3.66 6.30
C ILE A 456 95.18 5.04 6.09
N GLN A 457 94.54 5.90 5.30
CA GLN A 457 95.18 7.13 4.85
C GLN A 457 94.82 8.36 5.68
N ASP A 458 93.77 8.30 6.47
CA ASP A 458 93.25 9.50 7.11
C ASP A 458 93.99 9.79 8.43
N ALA A 459 93.86 11.03 8.88
CA ALA A 459 94.57 11.52 10.05
C ALA A 459 93.62 11.78 11.21
N ASP A 460 94.12 11.56 12.43
CA ASP A 460 93.36 11.75 13.66
C ASP A 460 93.69 13.14 14.20
N TYR A 461 92.67 14.00 14.27
CA TYR A 461 92.93 15.42 14.52
C TYR A 461 93.40 15.68 15.95
N ALA A 462 92.94 14.89 16.92
CA ALA A 462 93.36 15.12 18.30
C ALA A 462 94.87 14.99 18.45
N THR A 463 95.44 13.93 17.90
CA THR A 463 96.88 13.72 18.00
C THR A 463 97.65 14.82 17.30
N GLU A 464 97.19 15.22 16.10
CA GLU A 464 97.88 16.28 15.36
C GLU A 464 97.83 17.60 16.11
N VAL A 465 96.69 17.94 16.70
CA VAL A 465 96.60 19.18 17.46
C VAL A 465 97.53 19.14 18.67
N SER A 466 97.57 18.00 19.37
CA SER A 466 98.46 17.88 20.52
C SER A 466 99.91 18.05 20.11
N ASN A 467 100.31 17.36 19.03
CA ASN A 467 101.69 17.46 18.57
C ASN A 467 102.03 18.88 18.12
N MET A 468 101.09 19.55 17.45
CA MET A 468 101.33 20.92 17.00
C MET A 468 101.52 21.87 18.18
N SER A 469 100.67 21.74 19.20
CA SER A 469 100.82 22.59 20.38
C SER A 469 102.15 22.33 21.07
N LYS A 470 102.52 21.06 21.23
CA LYS A 470 103.79 20.73 21.85
C LYS A 470 104.96 21.28 21.04
N ALA A 471 104.87 21.20 19.71
CA ALA A 471 105.93 21.72 18.85
C ALA A 471 106.07 23.23 19.00
N GLN A 472 104.93 23.94 19.06
CA GLN A 472 105.00 25.39 19.25
C GLN A 472 105.65 25.74 20.59
N ILE A 473 105.28 25.01 21.65
CA ILE A 473 105.88 25.25 22.95
C ILE A 473 107.38 25.02 22.90
N ILE A 474 107.81 23.92 22.27
CA ILE A 474 109.23 23.61 22.16
C ILE A 474 109.94 24.70 21.37
N GLN A 475 109.34 25.18 20.29
CA GLN A 475 109.97 26.22 19.48
C GLN A 475 110.20 27.48 20.29
N GLN A 476 109.17 27.93 21.01
CA GLN A 476 109.33 29.18 21.75
C GLN A 476 110.32 29.01 22.91
N ALA A 477 110.29 27.86 23.58
CA ALA A 477 111.25 27.61 24.65
C ALA A 477 112.68 27.61 24.11
N GLY A 478 112.89 26.95 22.97
CA GLY A 478 114.22 26.94 22.37
C GLY A 478 114.67 28.31 21.94
N ASN A 479 113.73 29.14 21.47
CA ASN A 479 114.08 30.51 21.10
C ASN A 479 114.55 31.28 22.33
N SER A 480 113.85 31.13 23.46
CA SER A 480 114.28 31.79 24.69
C SER A 480 115.65 31.30 25.14
N VAL A 481 115.88 29.99 25.06
CA VAL A 481 117.18 29.45 25.46
C VAL A 481 118.28 29.96 24.55
N LEU A 482 117.99 30.10 23.26
CA LEU A 482 118.97 30.68 22.34
C LEU A 482 119.29 32.11 22.71
N ALA A 483 118.26 32.89 23.07
CA ALA A 483 118.50 34.25 23.52
C ALA A 483 119.43 34.28 24.72
N LYS A 484 119.18 33.40 25.69
CA LYS A 484 120.04 33.33 26.87
C LYS A 484 121.47 32.94 26.50
N ALA A 485 121.61 31.97 25.59
CA ALA A 485 122.94 31.51 25.20
C ALA A 485 123.74 32.62 24.53
N ASN A 486 123.10 33.38 23.65
CA ASN A 486 123.80 34.53 23.07
C ASN A 486 124.03 35.64 24.09
N GLN A 487 123.22 35.69 25.15
CA GLN A 487 123.40 36.70 26.19
C GLN A 487 124.59 36.37 27.09
N VAL A 488 124.94 35.09 27.21
CA VAL A 488 125.99 34.68 28.16
C VAL A 488 127.31 35.41 27.97
N PRO A 489 127.90 35.50 26.75
CA PRO A 489 129.32 35.88 26.65
C PRO A 489 129.69 37.31 27.07
N GLN A 490 128.73 38.11 27.57
CA GLN A 490 129.06 39.49 27.95
C GLN A 490 130.02 39.57 29.13
N GLN A 491 130.22 38.47 29.85
CA GLN A 491 131.13 38.50 31.00
C GLN A 491 132.56 38.80 30.57
N VAL A 492 132.94 38.45 29.33
CA VAL A 492 134.27 38.80 28.87
C VAL A 492 134.41 40.30 28.67
N LEU A 493 133.35 40.96 28.20
CA LEU A 493 133.34 42.42 28.15
C LEU A 493 133.48 42.98 29.56
N SER A 494 132.78 42.36 30.51
CA SER A 494 132.93 42.78 31.90
C SER A 494 134.37 42.65 32.38
N LEU A 495 135.03 41.54 32.03
CA LEU A 495 136.43 41.34 32.41
C LEU A 495 137.33 42.39 31.77
N LEU A 496 137.23 42.57 30.45
CA LEU A 496 138.12 43.47 29.75
C LEU A 496 137.94 44.91 30.22
N GLN A 497 136.70 45.30 30.53
CA GLN A 497 136.48 46.65 31.06
C GLN A 497 137.19 46.83 32.39
N GLY A 498 137.13 45.82 33.25
CA GLY A 498 137.77 45.90 34.55
C GLY A 498 136.86 45.50 35.70
N GLN B 3 11.83 16.58 -20.20
CA GLN B 3 11.62 16.34 -18.77
C GLN B 3 10.76 17.47 -18.20
N VAL B 4 10.33 18.34 -19.11
CA VAL B 4 9.61 19.58 -18.80
C VAL B 4 8.47 19.36 -17.82
N ILE B 5 8.39 20.19 -16.78
CA ILE B 5 7.33 20.11 -15.79
C ILE B 5 6.33 21.24 -15.89
N ASN B 6 6.60 22.23 -16.75
CA ASN B 6 5.66 23.32 -16.94
C ASN B 6 4.70 23.05 -18.08
N THR B 7 4.83 21.90 -18.73
CA THR B 7 3.92 21.46 -19.79
C THR B 7 3.91 19.94 -19.80
N ASN B 8 2.71 19.35 -19.85
CA ASN B 8 2.53 17.91 -19.75
C ASN B 8 1.74 17.45 -20.97
N SER B 9 2.21 17.84 -22.16
CA SER B 9 1.50 17.66 -23.43
C SER B 9 0.78 16.33 -23.55
N LEU B 10 1.36 15.25 -23.00
CA LEU B 10 0.68 13.97 -23.01
C LEU B 10 -0.66 14.05 -22.29
N SER B 11 -0.71 14.76 -21.16
CA SER B 11 -1.97 14.96 -20.47
C SER B 11 -2.96 15.73 -21.32
N LEU B 12 -2.47 16.72 -22.08
CA LEU B 12 -3.35 17.47 -22.97
C LEU B 12 -3.92 16.57 -24.06
N ILE B 13 -3.11 15.70 -24.63
CA ILE B 13 -3.59 14.76 -25.65
C ILE B 13 -4.66 13.85 -25.04
N THR B 14 -4.40 13.33 -23.84
CA THR B 14 -5.36 12.43 -23.21
C THR B 14 -6.67 13.15 -22.92
N GLN B 15 -6.59 14.39 -22.44
CA GLN B 15 -7.80 15.17 -22.19
C GLN B 15 -8.57 15.42 -23.48
N ASN B 16 -7.86 15.71 -24.56
CA ASN B 16 -8.51 15.92 -25.85
C ASN B 16 -9.24 14.66 -26.31
N ASN B 17 -8.61 13.49 -26.14
CA ASN B 17 -9.25 12.24 -26.53
C ASN B 17 -10.48 11.96 -25.67
N ILE B 18 -10.40 12.25 -24.37
CA ILE B 18 -11.55 12.05 -23.50
C ILE B 18 -12.70 12.96 -23.91
N ASN B 19 -12.38 14.23 -24.22
CA ASN B 19 -13.41 15.15 -24.66
C ASN B 19 -14.04 14.68 -25.96
N LYS B 20 -13.23 14.13 -26.87
CA LYS B 20 -13.78 13.57 -28.11
C LYS B 20 -14.71 12.40 -27.81
N ASN B 21 -14.34 11.56 -26.84
CA ASN B 21 -15.15 10.38 -26.55
C ASN B 21 -16.48 10.74 -25.90
N GLN B 22 -16.51 11.82 -25.10
CA GLN B 22 -17.69 12.14 -24.31
C GLN B 22 -18.96 12.24 -25.16
N SER B 23 -18.83 12.75 -26.39
CA SER B 23 -20.01 12.98 -27.22
C SER B 23 -20.73 11.67 -27.54
N ALA B 24 -19.99 10.61 -27.87
CA ALA B 24 -20.62 9.34 -28.19
C ALA B 24 -21.39 8.78 -27.01
N LEU B 25 -20.80 8.85 -25.82
CA LEU B 25 -21.49 8.38 -24.62
C LEU B 25 -22.77 9.19 -24.38
N SER B 26 -22.68 10.51 -24.50
CA SER B 26 -23.86 11.35 -24.27
C SER B 26 -24.96 11.02 -25.26
N SER B 27 -24.60 10.88 -26.54
CA SER B 27 -25.60 10.56 -27.56
C SER B 27 -26.22 9.20 -27.32
N SER B 28 -25.41 8.20 -26.95
CA SER B 28 -25.96 6.87 -26.71
C SER B 28 -26.93 6.89 -25.53
N ILE B 29 -26.57 7.57 -24.44
CA ILE B 29 -27.47 7.62 -23.28
C ILE B 29 -28.76 8.35 -23.65
N GLU B 30 -28.65 9.46 -24.38
CA GLU B 30 -29.86 10.20 -24.74
C GLU B 30 -30.77 9.38 -25.64
N ARG B 31 -30.20 8.68 -26.63
CA ARG B 31 -31.00 7.86 -27.52
C ARG B 31 -31.66 6.71 -26.78
N LEU B 32 -30.93 6.09 -25.84
CA LEU B 32 -31.52 5.00 -25.07
C LEU B 32 -32.66 5.50 -24.19
N SER B 33 -32.49 6.67 -23.57
CA SER B 33 -33.52 7.20 -22.69
C SER B 33 -34.76 7.62 -23.45
N SER B 34 -34.57 8.38 -24.53
CA SER B 34 -35.72 8.92 -25.26
C SER B 34 -36.40 7.86 -26.11
N GLY B 35 -35.63 6.96 -26.71
CA GLY B 35 -36.18 5.99 -27.64
C GLY B 35 -36.17 6.42 -29.09
N LEU B 36 -35.87 7.69 -29.36
CA LEU B 36 -35.77 8.22 -30.71
C LEU B 36 -34.31 8.49 -31.05
N ARG B 37 -33.90 8.08 -32.25
CA ARG B 37 -32.55 8.39 -32.70
C ARG B 37 -32.42 9.87 -33.03
N ILE B 38 -33.44 10.46 -33.65
CA ILE B 38 -33.42 11.87 -34.02
C ILE B 38 -34.02 12.64 -32.85
N ASN B 39 -33.16 12.99 -31.89
CA ASN B 39 -33.58 13.76 -30.72
C ASN B 39 -33.39 15.26 -30.89
N SER B 40 -32.73 15.69 -31.96
CA SER B 40 -32.51 17.12 -32.21
C SER B 40 -32.25 17.31 -33.69
N ALA B 41 -32.37 18.58 -34.13
CA ALA B 41 -32.11 18.90 -35.51
C ALA B 41 -30.65 18.70 -35.88
N LYS B 42 -29.75 18.67 -34.90
CA LYS B 42 -28.34 18.43 -35.20
C LYS B 42 -28.12 17.04 -35.76
N ASP B 43 -28.95 16.07 -35.37
CA ASP B 43 -28.74 14.69 -35.81
C ASP B 43 -28.92 14.55 -37.32
N ASP B 44 -30.16 14.66 -37.80
CA ASP B 44 -30.45 14.61 -39.22
C ASP B 44 -31.20 15.86 -39.70
N ALA B 45 -32.39 16.09 -39.12
CA ALA B 45 -33.31 17.19 -39.36
C ALA B 45 -34.00 17.10 -40.73
N ALA B 46 -33.43 16.35 -41.67
CA ALA B 46 -34.22 15.95 -42.82
C ALA B 46 -35.15 14.82 -42.44
N GLY B 47 -34.61 13.82 -41.74
CA GLY B 47 -35.44 12.81 -41.12
C GLY B 47 -36.42 13.42 -40.14
N GLN B 48 -35.99 14.45 -39.41
CA GLN B 48 -36.90 15.09 -38.45
C GLN B 48 -38.05 15.81 -39.16
N ALA B 49 -37.77 16.51 -40.25
CA ALA B 49 -38.85 17.15 -41.00
C ALA B 49 -39.80 16.12 -41.58
N ILE B 50 -39.25 15.04 -42.16
CA ILE B 50 -40.09 13.99 -42.72
C ILE B 50 -40.93 13.35 -41.63
N ALA B 51 -40.36 13.13 -40.45
CA ALA B 51 -41.09 12.53 -39.34
C ALA B 51 -42.20 13.47 -38.85
N ASN B 52 -41.94 14.78 -38.81
CA ASN B 52 -42.98 15.72 -38.42
C ASN B 52 -44.15 15.65 -39.38
N ARG B 53 -43.87 15.65 -40.68
CA ARG B 53 -44.94 15.53 -41.67
C ARG B 53 -45.67 14.20 -41.54
N PHE B 54 -44.93 13.13 -41.26
CA PHE B 54 -45.54 11.82 -41.11
C PHE B 54 -46.49 11.79 -39.91
N THR B 55 -46.06 12.38 -38.79
CA THR B 55 -46.92 12.45 -37.61
C THR B 55 -48.19 13.26 -37.90
N SER B 56 -48.03 14.37 -38.62
CA SER B 56 -49.20 15.14 -39.02
C SER B 56 -50.17 14.30 -39.83
N ASN B 57 -49.66 13.54 -40.80
CA ASN B 57 -50.52 12.70 -41.61
C ASN B 57 -51.20 11.62 -40.78
N ILE B 58 -50.46 11.01 -39.84
CA ILE B 58 -51.04 9.95 -39.01
C ILE B 58 -52.20 10.50 -38.21
N LYS B 59 -51.99 11.64 -37.55
CA LYS B 59 -53.06 12.21 -36.73
C LYS B 59 -54.26 12.60 -37.59
N GLY B 60 -54.00 13.19 -38.77
CA GLY B 60 -55.09 13.55 -39.65
C GLY B 60 -55.91 12.36 -40.10
N LEU B 61 -55.25 11.26 -40.46
CA LEU B 61 -55.97 10.08 -40.93
C LEU B 61 -56.79 9.44 -39.80
N THR B 62 -56.21 9.38 -38.59
CA THR B 62 -56.98 8.85 -37.46
C THR B 62 -58.23 9.69 -37.22
N GLN B 63 -58.08 11.01 -37.24
CA GLN B 63 -59.22 11.88 -37.04
C GLN B 63 -60.25 11.72 -38.16
N ALA B 64 -59.78 11.51 -39.39
CA ALA B 64 -60.69 11.32 -40.51
C ALA B 64 -61.52 10.06 -40.36
N ALA B 65 -60.90 8.97 -39.91
CA ALA B 65 -61.67 7.75 -39.66
C ALA B 65 -62.70 7.98 -38.55
N ARG B 66 -62.28 8.67 -37.49
CA ARG B 66 -63.23 9.01 -36.43
C ARG B 66 -64.41 9.79 -36.97
N ASN B 67 -64.16 10.74 -37.87
CA ASN B 67 -65.24 11.50 -38.48
C ASN B 67 -66.16 10.61 -39.31
N ALA B 68 -65.58 9.72 -40.11
CA ALA B 68 -66.38 8.86 -40.98
C ALA B 68 -67.33 7.98 -40.19
N ASN B 69 -66.93 7.57 -38.99
CA ASN B 69 -67.85 6.79 -38.15
C ASN B 69 -69.15 7.55 -37.91
N ASP B 70 -69.07 8.87 -37.71
CA ASP B 70 -70.27 9.67 -37.49
C ASP B 70 -71.21 9.62 -38.69
N GLY B 71 -70.66 9.73 -39.91
CA GLY B 71 -71.50 9.64 -41.09
C GLY B 71 -72.18 8.30 -41.20
N ILE B 72 -71.45 7.23 -40.86
CA ILE B 72 -72.08 5.90 -40.85
C ILE B 72 -73.26 5.89 -39.89
N SER B 73 -73.07 6.46 -38.69
CA SER B 73 -74.16 6.50 -37.71
C SER B 73 -75.36 7.28 -38.23
N VAL B 74 -75.13 8.42 -38.86
CA VAL B 74 -76.23 9.24 -39.40
C VAL B 74 -77.01 8.43 -40.42
N ALA B 75 -76.30 7.76 -41.31
CA ALA B 75 -76.98 6.97 -42.33
C ALA B 75 -77.80 5.85 -41.69
N GLN B 76 -77.26 5.20 -40.66
CA GLN B 76 -78.02 4.14 -39.98
C GLN B 76 -79.31 4.68 -39.38
N THR B 77 -79.23 5.82 -38.70
CA THR B 77 -80.42 6.38 -38.07
C THR B 77 -81.48 6.73 -39.11
N THR B 78 -81.07 7.37 -40.20
CA THR B 78 -82.03 7.74 -41.24
C THR B 78 -82.64 6.48 -41.87
N GLU B 79 -81.83 5.44 -42.04
CA GLU B 79 -82.36 4.19 -42.60
C GLU B 79 -83.42 3.59 -41.70
N GLY B 80 -83.20 3.59 -40.38
CA GLY B 80 -84.21 3.07 -39.48
C GLY B 80 -85.52 3.83 -39.56
N ALA B 81 -85.42 5.18 -39.57
CA ALA B 81 -86.62 5.98 -39.71
C ALA B 81 -87.35 5.67 -41.01
N LEU B 82 -86.60 5.52 -42.10
CA LEU B 82 -87.23 5.20 -43.39
C LEU B 82 -87.89 3.83 -43.36
N SER B 83 -87.30 2.86 -42.64
CA SER B 83 -87.92 1.55 -42.53
C SER B 83 -89.28 1.65 -41.84
N GLU B 84 -89.36 2.43 -40.76
CA GLU B 84 -90.65 2.60 -40.10
C GLU B 84 -91.67 3.27 -41.04
N ILE B 85 -91.23 4.30 -41.77
CA ILE B 85 -92.12 4.96 -42.72
C ILE B 85 -92.61 3.96 -43.77
N ASN B 86 -91.72 3.08 -44.22
CA ASN B 86 -92.09 2.07 -45.21
C ASN B 86 -93.17 1.14 -44.67
N ASN B 87 -93.00 0.69 -43.42
CA ASN B 87 -94.01 -0.18 -42.83
C ASN B 87 -95.38 0.52 -42.77
N ASN B 88 -95.38 1.79 -42.35
CA ASN B 88 -96.65 2.51 -42.29
C ASN B 88 -97.27 2.64 -43.68
N LEU B 89 -96.46 2.93 -44.69
CA LEU B 89 -96.99 3.05 -46.06
C LEU B 89 -97.56 1.73 -46.55
N GLN B 90 -96.89 0.62 -46.22
CA GLN B 90 -97.41 -0.69 -46.62
C GLN B 90 -98.78 -0.94 -45.99
N ARG B 91 -98.92 -0.63 -44.70
CA ARG B 91 -100.22 -0.84 -44.06
C ARG B 91 -101.28 0.06 -44.67
N VAL B 92 -100.90 1.29 -45.03
CA VAL B 92 -101.85 2.19 -45.68
C VAL B 92 -102.30 1.63 -47.02
N ARG B 93 -101.37 1.05 -47.78
CA ARG B 93 -101.72 0.43 -49.05
C ARG B 93 -102.70 -0.71 -48.85
N GLU B 94 -102.46 -1.56 -47.85
CA GLU B 94 -103.38 -2.64 -47.56
C GLU B 94 -104.77 -2.11 -47.21
N LEU B 95 -104.82 -1.05 -46.41
CA LEU B 95 -106.09 -0.44 -46.04
C LEU B 95 -106.82 0.09 -47.27
N THR B 96 -106.10 0.72 -48.19
CA THR B 96 -106.73 1.23 -49.41
C THR B 96 -107.27 0.09 -50.26
N VAL B 97 -106.52 -1.00 -50.37
CA VAL B 97 -107.00 -2.17 -51.10
C VAL B 97 -108.29 -2.68 -50.48
N GLN B 98 -108.36 -2.70 -49.15
CA GLN B 98 -109.59 -3.13 -48.48
C GLN B 98 -110.73 -2.15 -48.72
N ALA B 99 -110.42 -0.85 -48.79
CA ALA B 99 -111.46 0.16 -48.84
C ALA B 99 -112.06 0.31 -50.24
N THR B 100 -111.28 0.06 -51.29
CA THR B 100 -111.77 0.27 -52.66
C THR B 100 -112.65 -0.89 -53.11
N THR B 101 -113.68 -1.17 -52.32
CA THR B 101 -114.62 -2.24 -52.60
C THR B 101 -116.04 -1.73 -52.45
N GLY B 102 -116.96 -2.29 -53.23
CA GLY B 102 -118.35 -1.87 -53.17
C GLY B 102 -119.13 -2.43 -52.00
N THR B 103 -118.59 -3.44 -51.31
CA THR B 103 -119.29 -4.00 -50.15
C THR B 103 -119.32 -3.04 -48.99
N ASN B 104 -118.26 -2.25 -48.82
CA ASN B 104 -118.18 -1.34 -47.68
C ASN B 104 -119.27 -0.27 -47.77
N SER B 105 -119.88 0.03 -46.62
CA SER B 105 -120.85 1.10 -46.52
C SER B 105 -120.13 2.40 -46.19
N GLU B 106 -120.89 3.45 -45.89
CA GLU B 106 -120.27 4.75 -45.61
C GLU B 106 -119.55 4.74 -44.27
N SER B 107 -120.13 4.07 -43.26
CA SER B 107 -119.49 4.00 -41.95
C SER B 107 -118.17 3.23 -42.01
N ASP B 108 -118.14 2.13 -42.76
CA ASP B 108 -116.91 1.38 -42.92
C ASP B 108 -115.83 2.23 -43.59
N LEU B 109 -116.21 2.97 -44.63
CA LEU B 109 -115.27 3.86 -45.28
C LEU B 109 -114.77 4.94 -44.32
N SER B 110 -115.67 5.45 -43.47
CA SER B 110 -115.27 6.46 -42.50
C SER B 110 -114.24 5.89 -41.53
N SER B 111 -114.47 4.68 -41.03
CA SER B 111 -113.51 4.07 -40.11
C SER B 111 -112.17 3.82 -40.79
N ILE B 112 -112.20 3.31 -42.03
CA ILE B 112 -110.96 3.04 -42.76
C ILE B 112 -110.20 4.32 -42.98
N GLN B 113 -110.90 5.40 -43.36
CA GLN B 113 -110.24 6.69 -43.57
C GLN B 113 -109.68 7.23 -42.27
N ASP B 114 -110.39 7.02 -41.16
CA ASP B 114 -109.86 7.43 -39.87
C ASP B 114 -108.52 6.76 -39.59
N GLU B 115 -108.45 5.44 -39.79
CA GLU B 115 -107.19 4.74 -39.53
C GLU B 115 -106.10 5.18 -40.51
N ILE B 116 -106.47 5.38 -41.79
CA ILE B 116 -105.48 5.79 -42.78
C ILE B 116 -104.89 7.15 -42.44
N LYS B 117 -105.77 8.11 -42.07
CA LYS B 117 -105.26 9.43 -41.73
C LYS B 117 -104.47 9.42 -40.43
N SER B 118 -104.83 8.54 -39.49
CA SER B 118 -104.01 8.39 -38.28
C SER B 118 -102.61 7.91 -38.65
N ARG B 119 -102.51 6.92 -39.52
CA ARG B 119 -101.19 6.42 -39.90
C ARG B 119 -100.40 7.45 -40.71
N LEU B 120 -101.09 8.21 -41.56
CA LEU B 120 -100.40 9.28 -42.29
C LEU B 120 -99.88 10.35 -41.34
N ASP B 121 -100.67 10.70 -40.32
CA ASP B 121 -100.21 11.65 -39.32
C ASP B 121 -99.00 11.11 -38.57
N GLU B 122 -99.01 9.80 -38.27
CA GLU B 122 -97.83 9.21 -37.65
C GLU B 122 -96.62 9.29 -38.56
N ILE B 123 -96.82 9.10 -39.86
CA ILE B 123 -95.71 9.25 -40.81
C ILE B 123 -95.15 10.67 -40.76
N ASP B 124 -96.04 11.66 -40.75
CA ASP B 124 -95.59 13.04 -40.67
C ASP B 124 -94.85 13.30 -39.37
N ARG B 125 -95.36 12.77 -38.26
CA ARG B 125 -94.70 12.95 -36.96
C ARG B 125 -93.29 12.37 -36.98
N VAL B 126 -93.17 11.13 -37.45
CA VAL B 126 -91.86 10.47 -37.48
C VAL B 126 -90.90 11.23 -38.38
N SER B 127 -91.37 11.65 -39.56
CA SER B 127 -90.52 12.39 -40.48
C SER B 127 -90.04 13.70 -39.85
N GLY B 128 -90.96 14.48 -39.32
CA GLY B 128 -90.60 15.79 -38.82
C GLY B 128 -89.70 15.74 -37.60
N GLN B 129 -90.01 14.84 -36.66
CA GLN B 129 -89.38 14.93 -35.34
C GLN B 129 -88.12 14.08 -35.22
N THR B 130 -87.90 13.14 -36.14
CA THR B 130 -86.68 12.34 -36.10
C THR B 130 -85.47 13.21 -36.33
N GLN B 131 -84.68 13.43 -35.27
CA GLN B 131 -83.56 14.36 -35.30
C GLN B 131 -82.31 13.71 -34.74
N PHE B 132 -81.17 14.00 -35.38
CA PHE B 132 -79.88 13.46 -34.99
C PHE B 132 -78.92 14.62 -34.72
N ASN B 133 -78.36 14.65 -33.51
CA ASN B 133 -77.36 15.65 -33.12
C ASN B 133 -77.81 17.06 -33.43
N GLY B 134 -79.04 17.37 -33.04
CA GLY B 134 -79.62 18.68 -33.30
C GLY B 134 -79.81 18.98 -34.77
N VAL B 135 -80.08 17.96 -35.58
CA VAL B 135 -80.36 18.15 -37.00
C VAL B 135 -81.56 17.27 -37.36
N ASN B 136 -82.61 17.89 -37.91
CA ASN B 136 -83.77 17.15 -38.38
C ASN B 136 -83.45 16.60 -39.76
N VAL B 137 -83.02 15.33 -39.82
CA VAL B 137 -82.54 14.77 -41.07
C VAL B 137 -83.67 14.66 -42.10
N LEU B 138 -84.81 14.11 -41.70
CA LEU B 138 -85.94 13.93 -42.61
C LEU B 138 -86.93 15.08 -42.52
N ALA B 139 -86.45 16.32 -42.64
CA ALA B 139 -87.35 17.47 -42.60
C ALA B 139 -87.03 18.53 -43.63
N LYS B 140 -85.91 18.42 -44.35
CA LYS B 140 -85.51 19.45 -45.31
C LYS B 140 -84.43 18.91 -46.23
N ASN B 141 -84.56 19.18 -47.53
CA ASN B 141 -83.55 18.75 -48.48
C ASN B 141 -82.23 19.43 -48.18
N GLY B 142 -81.17 18.63 -48.04
CA GLY B 142 -79.88 19.17 -47.73
C GLY B 142 -78.78 18.17 -48.01
N SER B 143 -77.58 18.50 -47.55
CA SER B 143 -76.43 17.65 -47.79
C SER B 143 -75.47 17.75 -46.63
N MET B 144 -74.68 16.70 -46.43
CA MET B 144 -73.68 16.65 -45.38
C MET B 144 -72.32 16.36 -46.01
N LYS B 145 -71.27 16.88 -45.40
CA LYS B 145 -69.90 16.71 -45.89
C LYS B 145 -69.07 16.07 -44.80
N ILE B 146 -68.60 14.85 -45.05
CA ILE B 146 -67.84 14.08 -44.07
C ILE B 146 -66.36 14.18 -44.42
N GLN B 147 -65.57 14.71 -43.49
CA GLN B 147 -64.13 14.84 -43.68
C GLN B 147 -63.49 13.46 -43.55
N VAL B 148 -63.00 12.91 -44.66
CA VAL B 148 -62.37 11.60 -44.67
C VAL B 148 -60.92 11.67 -45.16
N GLY B 149 -60.30 12.85 -45.10
CA GLY B 149 -58.94 13.03 -45.54
C GLY B 149 -58.18 13.93 -44.61
N ALA B 150 -56.89 14.12 -44.93
CA ALA B 150 -56.01 14.93 -44.10
C ALA B 150 -55.96 16.38 -44.56
N ASN B 151 -56.01 16.62 -45.87
CA ASN B 151 -55.98 17.97 -46.41
C ASN B 151 -57.39 18.55 -46.42
N ASP B 152 -57.57 19.67 -47.11
CA ASP B 152 -58.89 20.27 -47.27
C ASP B 152 -59.56 19.74 -48.53
N ASN B 153 -60.89 19.91 -48.57
CA ASN B 153 -61.71 19.39 -49.66
C ASN B 153 -61.52 17.88 -49.83
N GLN B 154 -61.81 17.17 -48.73
CA GLN B 154 -61.66 15.71 -48.64
C GLN B 154 -62.96 15.10 -48.18
N THR B 155 -64.07 15.53 -48.77
CA THR B 155 -65.40 15.27 -48.24
C THR B 155 -66.14 14.22 -49.05
N ILE B 156 -66.92 13.40 -48.35
CA ILE B 156 -67.90 12.50 -48.95
C ILE B 156 -69.27 13.07 -48.63
N THR B 157 -70.07 13.30 -49.68
CA THR B 157 -71.33 14.02 -49.54
C THR B 157 -72.46 13.04 -49.26
N ILE B 158 -73.16 13.24 -48.15
CA ILE B 158 -74.36 12.48 -47.80
C ILE B 158 -75.57 13.34 -48.11
N ASP B 159 -76.56 12.75 -48.79
CA ASP B 159 -77.75 13.47 -49.22
C ASP B 159 -78.92 13.12 -48.33
N LEU B 160 -79.71 14.14 -47.98
CA LEU B 160 -80.90 13.98 -47.15
C LEU B 160 -82.07 14.63 -47.86
N LYS B 161 -83.13 13.87 -48.09
CA LYS B 161 -84.31 14.34 -48.78
C LYS B 161 -85.47 14.50 -47.80
N GLN B 162 -86.20 15.60 -47.93
CA GLN B 162 -87.40 15.81 -47.12
C GLN B 162 -88.46 14.79 -47.50
N ILE B 163 -88.72 13.82 -46.62
CA ILE B 163 -89.65 12.75 -46.88
C ILE B 163 -90.84 12.95 -45.95
N ASP B 164 -91.99 13.34 -46.51
CA ASP B 164 -93.20 13.55 -45.73
C ASP B 164 -94.38 13.52 -46.70
N ALA B 165 -95.58 13.74 -46.16
CA ALA B 165 -96.78 13.64 -46.97
C ALA B 165 -96.77 14.62 -48.13
N LYS B 166 -96.35 15.85 -47.89
CA LYS B 166 -96.33 16.84 -48.96
C LYS B 166 -95.37 16.44 -50.08
N THR B 167 -94.19 15.95 -49.72
CA THR B 167 -93.18 15.58 -50.70
C THR B 167 -93.31 14.14 -51.17
N LEU B 168 -94.46 13.51 -50.91
CA LEU B 168 -94.74 12.17 -51.41
C LEU B 168 -96.05 12.09 -52.17
N GLY B 169 -96.78 13.20 -52.30
CA GLY B 169 -98.06 13.21 -52.95
C GLY B 169 -99.22 12.83 -52.05
N LEU B 170 -98.97 12.43 -50.81
CA LEU B 170 -100.02 12.03 -49.89
C LEU B 170 -100.50 13.19 -49.03
N ASP B 171 -100.85 14.29 -49.66
CA ASP B 171 -101.40 15.47 -48.98
C ASP B 171 -102.87 15.56 -49.35
N GLY B 172 -103.73 15.23 -48.39
CA GLY B 172 -105.15 15.16 -48.65
C GLY B 172 -105.64 13.79 -49.09
N PHE B 173 -104.84 12.75 -48.92
CA PHE B 173 -105.20 11.40 -49.32
C PHE B 173 -106.43 10.92 -48.55
N SER B 174 -107.53 10.70 -49.26
CA SER B 174 -108.77 10.28 -48.63
C SER B 174 -109.41 9.17 -49.44
N VAL B 175 -110.24 8.37 -48.77
CA VAL B 175 -110.96 7.28 -49.42
C VAL B 175 -112.45 7.41 -49.12
N LYS B 176 -112.88 8.61 -48.73
CA LYS B 176 -114.28 8.85 -48.42
C LYS B 176 -114.64 10.26 -48.84
N ASN B 177 -115.93 10.50 -49.00
CA ASN B 177 -116.43 11.81 -49.40
C ASN B 177 -116.82 12.65 -48.20
N THR B 407 -110.26 10.56 -53.71
CA THR B 407 -108.95 10.58 -54.35
C THR B 407 -108.93 9.66 -55.56
N THR B 408 -108.41 10.18 -56.68
CA THR B 408 -108.31 9.40 -57.91
C THR B 408 -106.98 8.67 -57.97
N ASP B 409 -107.03 7.44 -58.47
CA ASP B 409 -105.86 6.57 -58.57
C ASP B 409 -105.07 6.51 -57.26
N PRO B 410 -105.68 6.02 -56.17
CA PRO B 410 -104.98 6.02 -54.88
C PRO B 410 -103.80 5.07 -54.83
N LEU B 411 -104.00 3.86 -55.35
CA LEU B 411 -102.96 2.83 -55.27
C LEU B 411 -101.74 3.23 -56.08
N LYS B 412 -101.95 3.87 -57.23
CA LYS B 412 -100.81 4.32 -58.03
C LYS B 412 -99.97 5.34 -57.27
N ALA B 413 -100.61 6.30 -56.60
CA ALA B 413 -99.88 7.28 -55.82
C ALA B 413 -99.15 6.62 -54.65
N LEU B 414 -99.79 5.66 -54.00
CA LEU B 414 -99.14 4.96 -52.89
C LEU B 414 -97.90 4.21 -53.37
N ASP B 415 -98.00 3.53 -54.50
CA ASP B 415 -96.85 2.82 -55.06
C ASP B 415 -95.75 3.80 -55.45
N ASP B 416 -96.13 4.96 -56.00
CA ASP B 416 -95.14 5.98 -56.35
C ASP B 416 -94.38 6.45 -55.12
N ALA B 417 -95.11 6.71 -54.03
CA ALA B 417 -94.46 7.13 -52.79
C ALA B 417 -93.53 6.05 -52.25
N ILE B 418 -93.97 4.78 -52.32
CA ILE B 418 -93.14 3.69 -51.84
C ILE B 418 -91.84 3.61 -52.64
N ALA B 419 -91.92 3.75 -53.96
CA ALA B 419 -90.71 3.72 -54.77
C ALA B 419 -89.83 4.94 -54.49
N SER B 420 -90.44 6.08 -54.21
CA SER B 420 -89.68 7.29 -53.95
C SER B 420 -88.89 7.19 -52.65
N VAL B 421 -89.45 6.52 -51.64
CA VAL B 421 -88.67 6.33 -50.41
C VAL B 421 -87.65 5.20 -50.58
N ASP B 422 -87.96 4.21 -51.43
CA ASP B 422 -86.99 3.15 -51.69
C ASP B 422 -85.73 3.69 -52.37
N LYS B 423 -85.90 4.68 -53.25
CA LYS B 423 -84.73 5.30 -53.88
C LYS B 423 -83.78 5.90 -52.83
N PHE B 424 -84.34 6.64 -51.88
CA PHE B 424 -83.52 7.26 -50.84
C PHE B 424 -82.87 6.20 -49.97
N ARG B 425 -83.60 5.12 -49.68
CA ARG B 425 -83.01 4.03 -48.91
C ARG B 425 -81.81 3.43 -49.62
N SER B 426 -81.93 3.23 -50.94
CA SER B 426 -80.82 2.68 -51.71
C SER B 426 -79.62 3.62 -51.71
N SER B 427 -79.87 4.92 -51.83
CA SER B 427 -78.78 5.89 -51.78
C SER B 427 -78.08 5.84 -50.43
N LEU B 428 -78.84 5.70 -49.35
CA LEU B 428 -78.26 5.61 -48.01
C LEU B 428 -77.38 4.37 -47.88
N GLY B 429 -77.87 3.23 -48.37
CA GLY B 429 -77.03 2.03 -48.34
C GLY B 429 -75.74 2.21 -49.13
N ALA B 430 -75.83 2.86 -50.28
CA ALA B 430 -74.64 3.09 -51.10
C ALA B 430 -73.62 3.93 -50.35
N VAL B 431 -74.06 5.02 -49.73
CA VAL B 431 -73.11 5.87 -49.03
C VAL B 431 -72.54 5.15 -47.81
N GLN B 432 -73.34 4.30 -47.16
CA GLN B 432 -72.81 3.50 -46.05
C GLN B 432 -71.65 2.62 -46.51
N ASN B 433 -71.85 1.90 -47.62
CA ASN B 433 -70.80 1.01 -48.11
C ASN B 433 -69.55 1.80 -48.49
N ARG B 434 -69.74 2.93 -49.20
CA ARG B 434 -68.61 3.77 -49.57
C ARG B 434 -67.82 4.20 -48.33
N LEU B 435 -68.52 4.66 -47.30
CA LEU B 435 -67.85 5.20 -46.13
C LEU B 435 -67.10 4.10 -45.37
N ASP B 436 -67.69 2.90 -45.29
CA ASP B 436 -66.98 1.79 -44.64
C ASP B 436 -65.69 1.44 -45.38
N SER B 437 -65.76 1.40 -46.72
CA SER B 437 -64.54 1.14 -47.49
C SER B 437 -63.51 2.23 -47.22
N ALA B 438 -63.95 3.49 -47.13
CA ALA B 438 -63.03 4.58 -46.83
C ALA B 438 -62.36 4.38 -45.49
N VAL B 439 -63.12 3.95 -44.47
CA VAL B 439 -62.53 3.72 -43.16
C VAL B 439 -61.46 2.64 -43.23
N THR B 440 -61.75 1.55 -43.93
CA THR B 440 -60.77 0.48 -44.04
C THR B 440 -59.49 0.97 -44.71
N ASN B 441 -59.63 1.74 -45.80
CA ASN B 441 -58.45 2.27 -46.48
C ASN B 441 -57.66 3.19 -45.57
N LEU B 442 -58.35 4.02 -44.80
CA LEU B 442 -57.66 4.92 -43.87
C LEU B 442 -56.87 4.13 -42.83
N ASN B 443 -57.46 3.04 -42.32
CA ASN B 443 -56.74 2.21 -41.35
C ASN B 443 -55.46 1.66 -41.96
N ASN B 444 -55.55 1.12 -43.18
CA ASN B 444 -54.37 0.55 -43.82
C ASN B 444 -53.29 1.60 -44.05
N THR B 445 -53.69 2.77 -44.56
CA THR B 445 -52.73 3.83 -44.83
C THR B 445 -52.08 4.32 -43.54
N THR B 446 -52.86 4.44 -42.46
CA THR B 446 -52.31 4.86 -41.19
C THR B 446 -51.26 3.87 -40.69
N THR B 447 -51.55 2.58 -40.79
CA THR B 447 -50.58 1.58 -40.34
C THR B 447 -49.30 1.67 -41.14
N ASN B 448 -49.42 1.79 -42.47
CA ASN B 448 -48.22 1.85 -43.31
C ASN B 448 -47.39 3.10 -43.01
N LEU B 449 -48.04 4.24 -42.87
CA LEU B 449 -47.29 5.46 -42.56
C LEU B 449 -46.66 5.40 -41.18
N SER B 450 -47.33 4.78 -40.21
CA SER B 450 -46.77 4.65 -38.88
C SER B 450 -45.51 3.79 -38.90
N GLU B 451 -45.54 2.67 -39.63
CA GLU B 451 -44.34 1.84 -39.67
C GLU B 451 -43.23 2.51 -40.47
N ALA B 452 -43.57 3.32 -41.47
CA ALA B 452 -42.52 4.09 -42.16
C ALA B 452 -41.89 5.10 -41.21
N GLN B 453 -42.69 5.81 -40.43
CA GLN B 453 -42.15 6.76 -39.46
C GLN B 453 -41.25 6.04 -38.45
N SER B 454 -41.66 4.84 -38.04
CA SER B 454 -40.81 4.04 -37.16
C SER B 454 -39.49 3.71 -37.83
N ARG B 455 -39.53 3.33 -39.11
CA ARG B 455 -38.30 3.02 -39.83
C ARG B 455 -37.44 4.24 -40.07
N ILE B 456 -37.95 5.45 -39.85
CA ILE B 456 -37.19 6.68 -40.07
C ILE B 456 -36.62 7.22 -38.77
N GLN B 457 -37.46 7.46 -37.76
CA GLN B 457 -37.01 8.18 -36.58
C GLN B 457 -36.57 7.30 -35.43
N ASP B 458 -37.12 6.09 -35.32
CA ASP B 458 -36.86 5.27 -34.14
C ASP B 458 -35.44 4.68 -34.18
N ALA B 459 -34.96 4.30 -33.00
CA ALA B 459 -33.62 3.76 -32.84
C ALA B 459 -33.66 2.26 -32.56
N ASP B 460 -32.57 1.59 -32.92
CA ASP B 460 -32.41 0.15 -32.69
C ASP B 460 -31.61 -0.02 -31.41
N TYR B 461 -32.24 -0.64 -30.40
CA TYR B 461 -31.63 -0.65 -29.07
C TYR B 461 -30.37 -1.48 -29.01
N ALA B 462 -30.22 -2.49 -29.87
CA ALA B 462 -29.01 -3.30 -29.87
C ALA B 462 -27.79 -2.45 -30.17
N THR B 463 -27.86 -1.67 -31.26
CA THR B 463 -26.73 -0.81 -31.63
C THR B 463 -26.45 0.22 -30.55
N GLU B 464 -27.51 0.82 -29.98
CA GLU B 464 -27.32 1.83 -28.95
C GLU B 464 -26.65 1.24 -27.71
N VAL B 465 -27.07 0.05 -27.30
CA VAL B 465 -26.47 -0.59 -26.14
C VAL B 465 -25.00 -0.90 -26.40
N SER B 466 -24.70 -1.43 -27.59
CA SER B 466 -23.31 -1.74 -27.90
C SER B 466 -22.44 -0.48 -27.88
N ASN B 467 -22.93 0.59 -28.50
CA ASN B 467 -22.18 1.84 -28.53
C ASN B 467 -22.01 2.41 -27.13
N MET B 468 -23.05 2.31 -26.29
CA MET B 468 -22.95 2.80 -24.93
C MET B 468 -21.89 2.05 -24.14
N SER B 469 -21.88 0.72 -24.26
CA SER B 469 -20.87 -0.06 -23.56
C SER B 469 -19.46 0.29 -24.04
N LYS B 470 -19.30 0.41 -25.36
CA LYS B 470 -17.99 0.78 -25.90
C LYS B 470 -17.55 2.14 -25.40
N ALA B 471 -18.48 3.10 -25.36
CA ALA B 471 -18.14 4.45 -24.89
C ALA B 471 -17.74 4.43 -23.42
N GLN B 472 -18.45 3.63 -22.60
CA GLN B 472 -18.09 3.54 -21.19
C GLN B 472 -16.68 2.96 -21.02
N ILE B 473 -16.37 1.90 -21.77
CA ILE B 473 -15.03 1.33 -21.70
C ILE B 473 -13.98 2.34 -22.12
N ILE B 474 -14.25 3.09 -23.20
CA ILE B 474 -13.31 4.09 -23.66
C ILE B 474 -13.10 5.17 -22.60
N GLN B 475 -14.17 5.60 -21.95
CA GLN B 475 -14.05 6.63 -20.91
C GLN B 475 -13.16 6.14 -19.77
N GLN B 476 -13.40 4.92 -19.30
CA GLN B 476 -12.59 4.40 -18.19
C GLN B 476 -11.12 4.25 -18.60
N ALA B 477 -10.87 3.74 -19.82
CA ALA B 477 -9.51 3.60 -20.28
C ALA B 477 -8.82 4.96 -20.39
N GLY B 478 -9.53 5.96 -20.91
CA GLY B 478 -8.95 7.29 -21.00
C GLY B 478 -8.63 7.87 -19.64
N ASN B 479 -9.49 7.62 -18.65
CA ASN B 479 -9.21 8.09 -17.30
C ASN B 479 -7.94 7.44 -16.75
N SER B 480 -7.78 6.13 -16.96
CA SER B 480 -6.58 5.46 -16.49
C SER B 480 -5.33 6.00 -17.18
N VAL B 481 -5.40 6.22 -18.49
CA VAL B 481 -4.23 6.74 -19.21
C VAL B 481 -3.93 8.16 -18.75
N LEU B 482 -4.95 8.95 -18.43
CA LEU B 482 -4.72 10.28 -17.89
C LEU B 482 -4.00 10.21 -16.56
N ALA B 483 -4.41 9.28 -15.69
CA ALA B 483 -3.71 9.11 -14.43
C ALA B 483 -2.24 8.77 -14.65
N LYS B 484 -1.97 7.84 -15.57
CA LYS B 484 -0.58 7.49 -15.87
C LYS B 484 0.19 8.70 -16.40
N ALA B 485 -0.43 9.49 -17.27
CA ALA B 485 0.24 10.65 -17.83
C ALA B 485 0.58 11.67 -16.74
N ASN B 486 -0.33 11.89 -15.80
CA ASN B 486 -0.01 12.79 -14.70
C ASN B 486 1.06 12.22 -13.78
N GLN B 487 1.16 10.89 -13.68
CA GLN B 487 2.24 10.31 -12.89
C GLN B 487 3.59 10.34 -13.59
N VAL B 488 3.59 10.51 -14.92
CA VAL B 488 4.87 10.55 -15.64
C VAL B 488 5.85 11.59 -15.10
N PRO B 489 5.48 12.86 -14.91
CA PRO B 489 6.49 13.89 -14.61
C PRO B 489 7.20 13.74 -13.27
N GLN B 490 6.94 12.69 -12.49
CA GLN B 490 7.54 12.59 -11.17
C GLN B 490 9.05 12.40 -11.21
N GLN B 491 9.61 11.91 -12.33
CA GLN B 491 11.04 11.61 -12.38
C GLN B 491 11.91 12.85 -12.22
N VAL B 492 11.37 14.04 -12.50
CA VAL B 492 12.14 15.26 -12.31
C VAL B 492 12.45 15.47 -10.84
N LEU B 493 11.53 15.10 -9.96
CA LEU B 493 11.79 15.19 -8.53
C LEU B 493 12.94 14.26 -8.15
N SER B 494 12.99 13.06 -8.73
CA SER B 494 14.11 12.17 -8.48
C SER B 494 15.41 12.75 -8.99
N LEU B 495 15.38 13.39 -10.17
CA LEU B 495 16.57 14.04 -10.71
C LEU B 495 17.08 15.13 -9.77
N LEU B 496 16.17 15.97 -9.28
CA LEU B 496 16.59 17.05 -8.38
C LEU B 496 17.07 16.51 -7.04
N GLN B 497 16.47 15.40 -6.57
CA GLN B 497 16.85 14.86 -5.28
C GLN B 497 18.31 14.40 -5.28
N GLY B 498 18.74 13.75 -6.35
CA GLY B 498 20.11 13.26 -6.44
C GLY B 498 20.20 11.75 -6.46
N GLN C 3 106.91 56.27 6.35
CA GLN C 3 106.72 56.16 7.79
C GLN C 3 105.88 57.33 8.28
N VAL C 4 105.51 58.20 7.34
CA VAL C 4 104.84 59.47 7.61
C VAL C 4 103.66 59.31 8.56
N ILE C 5 103.59 60.18 9.59
CA ILE C 5 102.52 60.17 10.56
C ILE C 5 101.65 61.41 10.47
N ASN C 6 101.81 62.20 9.40
CA ASN C 6 100.93 63.34 9.14
C ASN C 6 99.87 63.03 8.09
N THR C 7 99.97 61.88 7.42
CA THR C 7 99.01 61.46 6.41
C THR C 7 98.90 59.94 6.47
N ASN C 8 97.66 59.44 6.40
CA ASN C 8 97.40 58.01 6.52
C ASN C 8 96.71 57.50 5.26
N SER C 9 97.27 57.85 4.10
CA SER C 9 96.67 57.62 2.79
C SER C 9 95.89 56.31 2.69
N LEU C 10 96.44 55.23 3.25
CA LEU C 10 95.74 53.95 3.23
C LEU C 10 94.38 54.05 3.93
N SER C 11 94.33 54.78 5.04
CA SER C 11 93.05 54.98 5.72
C SER C 11 92.10 55.76 4.83
N LEU C 12 92.62 56.74 4.07
CA LEU C 12 91.77 57.47 3.15
C LEU C 12 91.20 56.57 2.06
N ILE C 13 92.02 55.67 1.52
CA ILE C 13 91.53 54.72 0.52
C ILE C 13 90.44 53.84 1.13
N THR C 14 90.67 53.33 2.34
CA THR C 14 89.70 52.45 2.96
C THR C 14 88.39 53.19 3.23
N GLN C 15 88.48 54.43 3.70
CA GLN C 15 87.26 55.22 3.94
C GLN C 15 86.53 55.47 2.63
N ASN C 16 87.26 55.75 1.55
CA ASN C 16 86.63 55.94 0.25
C ASN C 16 85.90 54.67 -0.19
N ASN C 17 86.51 53.51 0.01
CA ASN C 17 85.86 52.27 -0.37
C ASN C 17 84.61 52.02 0.47
N ILE C 18 84.67 52.33 1.77
CA ILE C 18 83.49 52.17 2.63
C ILE C 18 82.36 53.08 2.16
N ASN C 19 82.70 54.34 1.84
CA ASN C 19 81.68 55.26 1.34
C ASN C 19 81.10 54.78 0.03
N LYS C 20 81.94 54.19 -0.84
CA LYS C 20 81.43 53.62 -2.08
C LYS C 20 80.46 52.48 -1.81
N ASN C 21 80.78 51.63 -0.83
CA ASN C 21 79.93 50.47 -0.53
C ASN C 21 78.60 50.89 0.10
N GLN C 22 78.60 51.99 0.86
CA GLN C 22 77.40 52.37 1.63
C GLN C 22 76.15 52.45 0.76
N SER C 23 76.30 52.95 -0.47
CA SER C 23 75.14 53.16 -1.33
C SER C 23 74.42 51.85 -1.65
N ALA C 24 75.18 50.80 -1.95
CA ALA C 24 74.57 49.51 -2.28
C ALA C 24 73.76 48.96 -1.11
N LEU C 25 74.32 49.03 0.10
CA LEU C 25 73.61 48.56 1.28
C LEU C 25 72.33 49.37 1.50
N SER C 26 72.42 50.69 1.38
CA SER C 26 71.24 51.53 1.57
C SER C 26 70.16 51.20 0.57
N SER C 27 70.53 51.07 -0.71
CA SER C 27 69.56 50.76 -1.75
C SER C 27 68.93 49.40 -1.53
N SER C 28 69.73 48.39 -1.17
CA SER C 28 69.18 47.05 -0.96
C SER C 28 68.19 47.05 0.20
N ILE C 29 68.54 47.71 1.31
CA ILE C 29 67.63 47.74 2.46
C ILE C 29 66.35 48.48 2.10
N GLU C 30 66.46 49.60 1.39
CA GLU C 30 65.28 50.36 1.01
C GLU C 30 64.36 49.54 0.10
N ARG C 31 64.94 48.85 -0.88
CA ARG C 31 64.14 48.03 -1.79
C ARG C 31 63.49 46.88 -1.04
N LEU C 32 64.19 46.27 -0.09
CA LEU C 32 63.59 45.21 0.70
C LEU C 32 62.44 45.73 1.54
N SER C 33 62.59 46.92 2.13
CA SER C 33 61.54 47.47 2.97
C SER C 33 60.30 47.84 2.15
N SER C 34 60.50 48.58 1.06
CA SER C 34 59.37 49.09 0.30
C SER C 34 58.72 48.00 -0.55
N GLY C 35 59.53 47.07 -1.08
CA GLY C 35 59.03 46.06 -1.96
C GLY C 35 59.03 46.44 -3.43
N LEU C 36 59.36 47.69 -3.75
CA LEU C 36 59.41 48.17 -5.12
C LEU C 36 60.86 48.36 -5.54
N ARG C 37 61.19 47.93 -6.76
CA ARG C 37 62.52 48.17 -7.28
C ARG C 37 62.77 49.65 -7.51
N ILE C 38 61.75 50.36 -7.99
CA ILE C 38 61.85 51.79 -8.28
C ILE C 38 61.27 52.52 -7.08
N ASN C 39 62.14 53.09 -6.26
CA ASN C 39 61.72 53.86 -5.10
C ASN C 39 61.81 55.36 -5.31
N SER C 40 62.49 55.81 -6.37
CA SER C 40 62.66 57.23 -6.63
C SER C 40 63.01 57.41 -8.11
N ALA C 41 62.94 58.67 -8.56
CA ALA C 41 63.28 58.97 -9.94
C ALA C 41 64.76 58.73 -10.24
N LYS C 42 65.60 58.69 -9.21
CA LYS C 42 67.02 58.42 -9.45
C LYS C 42 67.23 57.01 -9.98
N ASP C 43 66.38 56.06 -9.61
CA ASP C 43 66.58 54.68 -10.03
C ASP C 43 66.44 54.53 -11.55
N ASP C 44 65.22 54.67 -12.06
CA ASP C 44 64.96 54.60 -13.49
C ASP C 44 64.24 55.85 -14.00
N ALA C 45 63.05 56.10 -13.46
CA ALA C 45 62.14 57.20 -13.75
C ALA C 45 61.49 57.10 -15.12
N ALA C 46 62.07 56.33 -16.04
CA ALA C 46 61.31 55.92 -17.21
C ALA C 46 60.36 54.80 -16.84
N GLY C 47 60.89 53.80 -16.13
CA GLY C 47 60.02 52.81 -15.52
C GLY C 47 59.03 53.43 -14.56
N GLN C 48 59.46 54.45 -13.83
CA GLN C 48 58.54 55.11 -12.89
C GLN C 48 57.42 55.82 -13.63
N ALA C 49 57.73 56.54 -14.72
CA ALA C 49 56.66 57.18 -15.49
C ALA C 49 55.71 56.15 -16.08
N ILE C 50 56.25 55.08 -16.67
CA ILE C 50 55.41 54.05 -17.24
C ILE C 50 54.54 53.40 -16.17
N ALA C 51 55.11 53.18 -14.98
CA ALA C 51 54.35 52.60 -13.88
C ALA C 51 53.23 53.52 -13.42
N ASN C 52 53.50 54.84 -13.37
CA ASN C 52 52.46 55.78 -12.99
C ASN C 52 51.30 55.74 -13.98
N ARG C 53 51.61 55.73 -15.27
CA ARG C 53 50.55 55.64 -16.28
C ARG C 53 49.80 54.32 -16.17
N PHE C 54 50.52 53.23 -15.90
CA PHE C 54 49.87 51.93 -15.74
C PHE C 54 48.92 51.92 -14.56
N THR C 55 49.34 52.52 -13.44
CA THR C 55 48.47 52.59 -12.27
C THR C 55 47.22 53.40 -12.58
N SER C 56 47.38 54.51 -13.29
CA SER C 56 46.23 55.30 -13.70
C SER C 56 45.26 54.46 -14.53
N ASN C 57 45.80 53.71 -15.51
CA ASN C 57 44.94 52.89 -16.35
C ASN C 57 44.23 51.82 -15.54
N ILE C 58 44.93 51.18 -14.61
CA ILE C 58 44.33 50.12 -13.81
C ILE C 58 43.17 50.67 -13.00
N LYS C 59 43.39 51.79 -12.33
CA LYS C 59 42.33 52.39 -11.52
C LYS C 59 41.15 52.79 -12.37
N GLY C 60 41.41 53.39 -13.54
CA GLY C 60 40.32 53.78 -14.42
C GLY C 60 39.51 52.60 -14.90
N LEU C 61 40.17 51.50 -15.27
CA LEU C 61 39.45 50.34 -15.77
C LEU C 61 38.62 49.69 -14.67
N THR C 62 39.16 49.60 -13.46
CA THR C 62 38.38 49.06 -12.34
C THR C 62 37.13 49.91 -12.12
N GLN C 63 37.30 51.24 -12.12
CA GLN C 63 36.14 52.10 -11.94
C GLN C 63 35.14 51.96 -13.08
N ALA C 64 35.64 51.73 -14.29
CA ALA C 64 34.75 51.55 -15.44
C ALA C 64 33.89 50.29 -15.30
N ALA C 65 34.50 49.18 -14.85
CA ALA C 65 33.72 47.98 -14.60
C ALA C 65 32.67 48.21 -13.52
N ARG C 66 33.07 48.90 -12.45
CA ARG C 66 32.11 49.26 -11.41
C ARG C 66 30.95 50.06 -11.98
N ASN C 67 31.25 50.98 -12.91
CA ASN C 67 30.20 51.75 -13.55
C ASN C 67 29.27 50.85 -14.37
N ALA C 68 29.83 49.94 -15.15
CA ALA C 68 29.02 49.09 -16.02
C ALA C 68 28.04 48.24 -15.23
N ASN C 69 28.43 47.82 -14.02
CA ASN C 69 27.49 47.07 -13.19
C ASN C 69 26.21 47.86 -12.93
N ASP C 70 26.31 49.18 -12.78
CA ASP C 70 25.12 50.00 -12.57
C ASP C 70 24.18 49.93 -13.77
N GLY C 71 24.72 50.02 -14.98
CA GLY C 71 23.89 49.90 -16.16
C GLY C 71 23.20 48.55 -16.24
N ILE C 72 23.92 47.49 -15.87
CA ILE C 72 23.29 46.17 -15.81
C ILE C 72 22.10 46.19 -14.86
N SER C 73 22.27 46.80 -13.70
CA SER C 73 21.17 46.87 -12.72
C SER C 73 19.97 47.64 -13.28
N VAL C 74 20.23 48.77 -13.94
CA VAL C 74 19.15 49.57 -14.52
C VAL C 74 18.36 48.75 -15.52
N ALA C 75 19.09 48.05 -16.40
CA ALA C 75 18.42 47.25 -17.41
C ALA C 75 17.57 46.15 -16.78
N GLN C 76 18.09 45.51 -15.73
CA GLN C 76 17.32 44.46 -15.06
C GLN C 76 16.02 45.02 -14.48
N THR C 77 16.10 46.17 -13.80
CA THR C 77 14.91 46.75 -13.19
C THR C 77 13.86 47.08 -14.27
N THR C 78 14.30 47.74 -15.34
CA THR C 78 13.37 48.11 -16.39
C THR C 78 12.74 46.87 -17.03
N GLU C 79 13.53 45.80 -17.20
CA GLU C 79 12.99 44.58 -17.78
C GLU C 79 11.92 43.97 -16.89
N GLY C 80 12.13 43.97 -15.57
CA GLY C 80 11.10 43.45 -14.68
C GLY C 80 9.80 44.23 -14.78
N ALA C 81 9.91 45.56 -14.79
CA ALA C 81 8.70 46.38 -14.95
C ALA C 81 7.99 46.06 -16.27
N LEU C 82 8.76 45.93 -17.35
CA LEU C 82 8.17 45.62 -18.64
C LEU C 82 7.49 44.26 -18.63
N SER C 83 8.05 43.29 -17.91
CA SER C 83 7.42 41.98 -17.82
C SER C 83 6.05 42.07 -17.15
N GLU C 84 5.97 42.85 -16.07
CA GLU C 84 4.66 43.03 -15.42
C GLU C 84 3.66 43.69 -16.37
N ILE C 85 4.11 44.71 -17.10
CA ILE C 85 3.22 45.37 -18.07
C ILE C 85 2.75 44.38 -19.13
N ASN C 86 3.66 43.50 -19.57
CA ASN C 86 3.30 42.50 -20.56
C ASN C 86 2.22 41.55 -20.04
N ASN C 87 2.35 41.12 -18.78
CA ASN C 87 1.33 40.25 -18.21
C ASN C 87 -0.03 40.95 -18.17
N ASN C 88 -0.03 42.22 -17.78
CA ASN C 88 -1.31 42.95 -17.76
C ASN C 88 -1.90 43.05 -19.16
N LEU C 89 -1.05 43.31 -20.16
CA LEU C 89 -1.54 43.41 -21.54
C LEU C 89 -2.14 42.09 -22.01
N GLN C 90 -1.51 40.97 -21.65
CA GLN C 90 -2.05 39.66 -22.02
C GLN C 90 -3.43 39.44 -21.39
N ARG C 91 -3.59 39.79 -20.12
CA ARG C 91 -4.89 39.66 -19.47
C ARG C 91 -5.93 40.53 -20.16
N VAL C 92 -5.56 41.77 -20.50
CA VAL C 92 -6.48 42.66 -21.21
C VAL C 92 -6.87 42.06 -22.55
N ARG C 93 -5.92 41.43 -23.23
CA ARG C 93 -6.23 40.85 -24.54
C ARG C 93 -7.25 39.74 -24.43
N GLU C 94 -7.07 38.81 -23.49
CA GLU C 94 -8.07 37.75 -23.38
C GLU C 94 -9.41 38.30 -22.92
N LEU C 95 -9.39 39.35 -22.09
CA LEU C 95 -10.65 39.99 -21.70
C LEU C 95 -11.39 40.54 -22.91
N THR C 96 -10.66 41.18 -23.82
CA THR C 96 -11.28 41.68 -25.05
C THR C 96 -11.83 40.53 -25.88
N VAL C 97 -11.08 39.43 -25.98
CA VAL C 97 -11.56 38.28 -26.72
C VAL C 97 -12.88 37.79 -26.14
N GLN C 98 -12.98 37.74 -24.81
CA GLN C 98 -14.23 37.35 -24.18
C GLN C 98 -15.34 38.37 -24.41
N ALA C 99 -14.99 39.65 -24.46
CA ALA C 99 -16.01 40.69 -24.53
C ALA C 99 -16.59 40.84 -25.93
N THR C 100 -15.81 40.54 -26.97
CA THR C 100 -16.30 40.76 -28.33
C THR C 100 -17.22 39.63 -28.80
N THR C 101 -18.26 39.34 -28.03
CA THR C 101 -19.22 38.29 -28.36
C THR C 101 -20.64 38.84 -28.23
N GLY C 102 -21.51 38.39 -29.14
CA GLY C 102 -22.89 38.85 -29.12
C GLY C 102 -23.74 38.27 -28.00
N THR C 103 -23.29 37.17 -27.39
CA THR C 103 -24.03 36.57 -26.29
C THR C 103 -24.07 37.50 -25.08
N ASN C 104 -22.97 38.20 -24.81
CA ASN C 104 -22.88 39.05 -23.63
C ASN C 104 -23.90 40.18 -23.71
N SER C 105 -24.51 40.48 -22.56
CA SER C 105 -25.46 41.58 -22.45
C SER C 105 -24.70 42.87 -22.16
N GLU C 106 -25.43 43.94 -21.85
CA GLU C 106 -24.78 45.23 -21.60
C GLU C 106 -24.09 45.23 -20.24
N SER C 107 -24.68 44.59 -19.23
CA SER C 107 -24.07 44.57 -17.91
C SER C 107 -22.75 43.80 -17.93
N ASP C 108 -22.70 42.69 -18.65
CA ASP C 108 -21.46 41.93 -18.77
C ASP C 108 -20.39 42.75 -19.46
N LEU C 109 -20.76 43.49 -20.51
CA LEU C 109 -19.82 44.39 -21.17
C LEU C 109 -19.33 45.45 -20.21
N SER C 110 -20.23 45.99 -19.38
CA SER C 110 -19.82 46.99 -18.40
C SER C 110 -18.82 46.43 -17.41
N SER C 111 -19.06 45.22 -16.92
CA SER C 111 -18.14 44.60 -15.97
C SER C 111 -16.78 44.33 -16.61
N ILE C 112 -16.77 43.81 -17.84
CA ILE C 112 -15.52 43.54 -18.54
C ILE C 112 -14.76 44.83 -18.77
N GLN C 113 -15.46 45.90 -19.18
CA GLN C 113 -14.81 47.18 -19.37
C GLN C 113 -14.27 47.75 -18.06
N ASP C 114 -14.99 47.53 -16.96
CA ASP C 114 -14.50 47.95 -15.66
C ASP C 114 -13.16 47.28 -15.35
N GLU C 115 -13.08 45.97 -15.54
CA GLU C 115 -11.83 45.27 -15.25
C GLU C 115 -10.71 45.71 -16.19
N ILE C 116 -11.03 45.89 -17.48
CA ILE C 116 -10.01 46.33 -18.44
C ILE C 116 -9.50 47.72 -18.09
N LYS C 117 -10.41 48.62 -17.72
CA LYS C 117 -10.00 49.96 -17.32
C LYS C 117 -9.12 49.93 -16.08
N SER C 118 -9.47 49.07 -15.13
CA SER C 118 -8.64 48.93 -13.92
C SER C 118 -7.24 48.47 -14.29
N ARG C 119 -7.13 47.48 -15.17
CA ARG C 119 -5.80 46.97 -15.52
C ARG C 119 -5.01 47.96 -16.37
N LEU C 120 -5.68 48.73 -17.23
CA LEU C 120 -4.99 49.78 -17.97
C LEU C 120 -4.48 50.87 -17.03
N ASP C 121 -5.30 51.25 -16.04
CA ASP C 121 -4.84 52.20 -15.04
C ASP C 121 -3.66 51.65 -14.25
N GLU C 122 -3.67 50.35 -13.97
CA GLU C 122 -2.54 49.73 -13.30
C GLU C 122 -1.29 49.78 -14.17
N ILE C 123 -1.44 49.56 -15.47
CA ILE C 123 -0.30 49.67 -16.39
C ILE C 123 0.27 51.09 -16.36
N ASP C 124 -0.61 52.08 -16.44
CA ASP C 124 -0.15 53.47 -16.42
C ASP C 124 0.54 53.77 -15.09
N ARG C 125 0.00 53.26 -13.99
CA ARG C 125 0.62 53.46 -12.68
C ARG C 125 2.02 52.87 -12.64
N VAL C 126 2.16 51.60 -13.05
CA VAL C 126 3.46 50.96 -13.01
C VAL C 126 4.45 51.70 -13.89
N SER C 127 3.98 52.20 -15.04
CA SER C 127 4.84 52.99 -15.91
C SER C 127 5.34 54.24 -15.20
N GLY C 128 4.43 55.01 -14.62
CA GLY C 128 4.81 56.27 -14.00
C GLY C 128 5.66 56.09 -12.77
N GLN C 129 5.38 55.06 -11.97
CA GLN C 129 5.95 54.96 -10.63
C GLN C 129 7.36 54.38 -10.63
N THR C 130 7.68 53.51 -11.57
CA THR C 130 8.95 52.79 -11.55
C THR C 130 10.10 53.79 -11.65
N GLN C 131 10.80 53.99 -10.55
CA GLN C 131 11.87 54.97 -10.46
C GLN C 131 13.13 54.31 -9.93
N PHE C 132 14.24 54.48 -10.65
CA PHE C 132 15.52 53.93 -10.25
C PHE C 132 16.47 55.08 -9.94
N ASN C 133 16.98 55.12 -8.71
CA ASN C 133 17.94 56.14 -8.28
C ASN C 133 17.43 57.54 -8.58
N GLY C 134 16.16 57.76 -8.28
CA GLY C 134 15.54 59.05 -8.59
C GLY C 134 15.44 59.36 -10.06
N VAL C 135 15.26 58.33 -10.90
CA VAL C 135 15.07 58.52 -12.33
C VAL C 135 13.88 57.67 -12.77
N ASN C 136 12.86 58.31 -13.33
CA ASN C 136 11.68 57.61 -13.83
C ASN C 136 12.04 57.01 -15.20
N VAL C 137 12.37 55.72 -15.21
CA VAL C 137 12.86 55.10 -16.43
C VAL C 137 11.76 55.03 -17.49
N LEU C 138 10.58 54.54 -17.11
CA LEU C 138 9.45 54.42 -18.04
C LEU C 138 8.50 55.60 -17.94
N ALA C 139 9.01 56.83 -18.12
CA ALA C 139 8.16 58.00 -18.09
C ALA C 139 8.51 59.04 -19.14
N LYS C 140 9.60 58.85 -19.90
CA LYS C 140 10.04 59.84 -20.87
C LYS C 140 11.09 59.20 -21.76
N ASN C 141 10.99 59.47 -23.07
CA ASN C 141 12.00 59.01 -24.00
C ASN C 141 13.34 59.67 -23.68
N GLY C 142 14.34 58.85 -23.40
CA GLY C 142 15.65 59.37 -23.07
C GLY C 142 16.71 58.32 -23.28
N SER C 143 17.92 58.64 -22.83
CA SER C 143 19.06 57.74 -22.99
C SER C 143 20.03 57.96 -21.85
N MET C 144 20.76 56.90 -21.50
CA MET C 144 21.78 56.93 -20.48
C MET C 144 23.13 56.58 -21.10
N LYS C 145 24.19 57.20 -20.58
CA LYS C 145 25.54 57.02 -21.09
C LYS C 145 26.39 56.40 -19.97
N ILE C 146 26.84 55.17 -20.19
CA ILE C 146 27.57 54.41 -19.18
C ILE C 146 29.05 54.46 -19.52
N GLN C 147 29.84 55.04 -18.61
CA GLN C 147 31.29 55.11 -18.78
C GLN C 147 31.90 53.73 -18.57
N VAL C 148 32.40 53.13 -19.64
CA VAL C 148 33.00 51.80 -19.56
C VAL C 148 34.46 51.83 -20.04
N GLY C 149 35.11 52.99 -19.97
CA GLY C 149 36.49 53.09 -20.35
C GLY C 149 37.25 54.05 -19.44
N ALA C 150 38.57 54.08 -19.63
CA ALA C 150 39.43 54.92 -18.80
C ALA C 150 39.50 56.35 -19.30
N ASN C 151 39.54 56.54 -20.61
CA ASN C 151 39.63 57.88 -21.18
C ASN C 151 38.22 58.49 -21.27
N ASP C 152 38.10 59.61 -21.97
CA ASP C 152 36.82 60.27 -22.15
C ASP C 152 36.12 59.76 -23.40
N ASN C 153 34.80 59.95 -23.44
CA ASN C 153 33.95 59.46 -24.53
C ASN C 153 34.13 57.96 -24.72
N GLN C 154 33.84 57.22 -23.66
CA GLN C 154 33.95 55.77 -23.65
C GLN C 154 32.62 55.17 -23.25
N THR C 155 31.53 55.66 -23.83
CA THR C 155 30.19 55.42 -23.31
C THR C 155 29.46 54.35 -24.12
N ILE C 156 28.68 53.53 -23.42
CA ILE C 156 27.71 52.64 -24.02
C ILE C 156 26.33 53.20 -23.70
N THR C 157 25.54 53.46 -24.73
CA THR C 157 24.29 54.20 -24.58
C THR C 157 23.14 53.24 -24.35
N ILE C 158 22.46 53.41 -23.22
CA ILE C 158 21.23 52.69 -22.92
C ILE C 158 20.06 53.55 -23.33
N ASP C 159 19.06 52.95 -23.98
CA ASP C 159 17.91 53.67 -24.49
C ASP C 159 16.70 53.40 -23.62
N LEU C 160 15.93 54.45 -23.34
CA LEU C 160 14.72 54.35 -22.53
C LEU C 160 13.55 54.95 -23.30
N LYS C 161 12.47 54.19 -23.38
CA LYS C 161 11.28 54.61 -24.11
C LYS C 161 10.10 54.75 -23.16
N GLN C 162 9.34 55.84 -23.34
CA GLN C 162 8.15 56.07 -22.54
C GLN C 162 7.09 55.02 -22.91
N ILE C 163 6.84 54.09 -22.01
CA ILE C 163 5.87 53.01 -22.23
C ILE C 163 4.68 53.28 -21.33
N ASP C 164 3.57 53.69 -21.93
CA ASP C 164 2.34 53.95 -21.18
C ASP C 164 1.17 53.90 -22.16
N ALA C 165 -0.03 54.15 -21.64
CA ALA C 165 -1.24 54.03 -22.45
C ALA C 165 -1.21 54.97 -23.65
N LYS C 166 -0.79 56.21 -23.44
CA LYS C 166 -0.77 57.18 -24.53
C LYS C 166 0.19 56.75 -25.63
N THR C 167 1.37 56.26 -25.25
CA THR C 167 2.39 55.86 -26.21
C THR C 167 2.22 54.42 -26.69
N LEU C 168 1.07 53.80 -26.41
CA LEU C 168 0.78 52.46 -26.88
C LEU C 168 -0.52 52.38 -27.67
N GLY C 169 -1.24 53.49 -27.80
CA GLY C 169 -2.52 53.51 -28.49
C GLY C 169 -3.71 53.14 -27.63
N LEU C 170 -3.48 52.72 -26.38
CA LEU C 170 -4.57 52.34 -25.49
C LEU C 170 -5.02 53.50 -24.61
N ASP C 171 -5.32 54.63 -25.24
CA ASP C 171 -5.84 55.80 -24.55
C ASP C 171 -7.30 55.97 -24.99
N GLY C 172 -8.22 55.62 -24.10
CA GLY C 172 -9.62 55.57 -24.45
C GLY C 172 -10.12 54.21 -24.88
N PHE C 173 -9.32 53.16 -24.66
CA PHE C 173 -9.68 51.81 -25.08
C PHE C 173 -10.92 51.34 -24.31
N SER C 174 -12.02 51.15 -25.02
CA SER C 174 -13.27 50.73 -24.40
C SER C 174 -13.93 49.66 -25.26
N VAL C 175 -14.73 48.83 -24.60
CA VAL C 175 -15.47 47.76 -25.28
C VAL C 175 -16.95 47.91 -24.99
N LYS C 176 -17.38 49.13 -24.71
CA LYS C 176 -18.78 49.41 -24.42
C LYS C 176 -19.12 50.83 -24.85
N ASN C 177 -20.41 51.11 -24.95
CA ASN C 177 -20.88 52.43 -25.36
C ASN C 177 -21.16 53.31 -24.15
N THR C 407 -14.53 51.10 -29.52
CA THR C 407 -13.21 51.05 -30.13
C THR C 407 -13.17 50.07 -31.30
N THR C 408 -12.80 50.58 -32.46
CA THR C 408 -12.72 49.75 -33.66
C THR C 408 -11.36 49.05 -33.73
N ASP C 409 -11.39 47.80 -34.18
CA ASP C 409 -10.20 46.96 -34.28
C ASP C 409 -9.42 46.92 -32.96
N PRO C 410 -10.03 46.43 -31.88
CA PRO C 410 -9.31 46.44 -30.59
C PRO C 410 -8.17 45.45 -30.52
N LEU C 411 -8.38 44.23 -31.01
CA LEU C 411 -7.36 43.19 -30.89
C LEU C 411 -6.11 43.54 -31.68
N LYS C 412 -6.27 44.17 -32.85
CA LYS C 412 -5.11 44.60 -33.62
C LYS C 412 -4.29 45.62 -32.85
N ALA C 413 -4.94 46.59 -32.19
CA ALA C 413 -4.22 47.57 -31.40
C ALA C 413 -3.51 46.92 -30.23
N LEU C 414 -4.18 45.96 -29.57
CA LEU C 414 -3.55 45.28 -28.44
C LEU C 414 -2.32 44.50 -28.89
N ASP C 415 -2.42 43.81 -30.03
CA ASP C 415 -1.28 43.09 -30.57
C ASP C 415 -0.15 44.04 -30.93
N ASP C 416 -0.49 45.21 -31.48
CA ASP C 416 0.51 46.22 -31.80
C ASP C 416 1.24 46.68 -30.54
N ALA C 417 0.50 46.92 -29.45
CA ALA C 417 1.14 47.34 -28.21
C ALA C 417 2.06 46.26 -27.67
N ILE C 418 1.62 45.00 -27.71
CA ILE C 418 2.46 43.91 -27.21
C ILE C 418 3.73 43.80 -28.03
N ALA C 419 3.61 43.89 -29.36
CA ALA C 419 4.79 43.82 -30.22
C ALA C 419 5.69 45.03 -30.04
N SER C 420 5.12 46.16 -29.61
CA SER C 420 5.94 47.35 -29.38
C SER C 420 6.72 47.25 -28.08
N VAL C 421 6.14 46.62 -27.05
CA VAL C 421 6.91 46.48 -25.81
C VAL C 421 7.96 45.38 -25.95
N ASP C 422 7.70 44.38 -26.79
CA ASP C 422 8.70 43.34 -27.01
C ASP C 422 9.98 43.90 -27.63
N LYS C 423 9.86 44.90 -28.49
CA LYS C 423 11.04 45.51 -29.10
C LYS C 423 11.93 46.17 -28.05
N PHE C 424 11.33 46.93 -27.14
CA PHE C 424 12.10 47.56 -26.08
C PHE C 424 12.74 46.52 -25.19
N ARG C 425 12.02 45.44 -24.90
CA ARG C 425 12.61 44.36 -24.09
C ARG C 425 13.83 43.77 -24.78
N SER C 426 13.74 43.53 -26.10
CA SER C 426 14.87 42.97 -26.83
C SER C 426 16.05 43.92 -26.84
N SER C 427 15.80 45.22 -27.01
CA SER C 427 16.88 46.19 -26.95
C SER C 427 17.57 46.17 -25.59
N LEU C 428 16.78 46.09 -24.51
CA LEU C 428 17.35 46.02 -23.17
C LEU C 428 18.22 44.79 -23.01
N GLY C 429 17.76 43.63 -23.49
CA GLY C 429 18.57 42.43 -23.41
C GLY C 429 19.87 42.54 -24.17
N ALA C 430 19.84 43.15 -25.35
CA ALA C 430 21.06 43.35 -26.12
C ALA C 430 22.03 44.24 -25.36
N VAL C 431 21.54 45.30 -24.74
CA VAL C 431 22.41 46.19 -23.97
C VAL C 431 23.00 45.44 -22.79
N GLN C 432 22.21 44.56 -22.15
CA GLN C 432 22.73 43.78 -21.04
C GLN C 432 23.88 42.90 -21.47
N ASN C 433 23.71 42.22 -22.61
CA ASN C 433 24.78 41.35 -23.11
C ASN C 433 26.04 42.14 -23.42
N ARG C 434 25.88 43.29 -24.08
CA ARG C 434 27.04 44.11 -24.39
C ARG C 434 27.75 44.57 -23.13
N LEU C 435 27.00 44.99 -22.11
CA LEU C 435 27.62 45.44 -20.87
C LEU C 435 28.38 44.32 -20.19
N ASP C 436 27.81 43.10 -20.17
CA ASP C 436 28.51 42.00 -19.53
C ASP C 436 29.81 41.66 -20.26
N SER C 437 29.78 41.67 -21.59
CA SER C 437 31.01 41.44 -22.35
C SER C 437 32.03 42.52 -22.05
N ALA C 438 31.59 43.77 -21.94
CA ALA C 438 32.50 44.86 -21.61
C ALA C 438 33.15 44.64 -20.24
N VAL C 439 32.37 44.20 -19.25
CA VAL C 439 32.92 43.95 -17.93
C VAL C 439 33.98 42.86 -17.99
N THR C 440 33.70 41.79 -18.72
CA THR C 440 34.67 40.71 -18.83
C THR C 440 35.98 41.20 -19.47
N ASN C 441 35.86 41.96 -20.55
CA ASN C 441 37.06 42.48 -21.22
C ASN C 441 37.84 43.41 -20.30
N LEU C 442 37.13 44.26 -19.55
CA LEU C 442 37.80 45.16 -18.61
C LEU C 442 38.56 44.38 -17.55
N ASN C 443 37.96 43.31 -17.04
CA ASN C 443 38.65 42.49 -16.03
C ASN C 443 39.93 41.90 -16.62
N ASN C 444 39.85 41.34 -17.82
CA ASN C 444 41.03 40.75 -18.43
C ASN C 444 42.12 41.79 -18.65
N THR C 445 41.75 42.95 -19.19
CA THR C 445 42.74 43.99 -19.47
C THR C 445 43.36 44.51 -18.18
N THR C 446 42.55 44.67 -17.13
CA THR C 446 43.07 45.12 -15.84
C THR C 446 44.09 44.14 -15.29
N THR C 447 43.78 42.85 -15.36
CA THR C 447 44.74 41.85 -14.86
C THR C 447 46.04 41.90 -15.65
N ASN C 448 45.95 42.00 -16.97
CA ASN C 448 47.17 42.05 -17.79
C ASN C 448 48.00 43.28 -17.48
N LEU C 449 47.35 44.44 -17.35
CA LEU C 449 48.09 45.66 -17.05
C LEU C 449 48.71 45.60 -15.66
N SER C 450 48.00 45.01 -14.70
CA SER C 450 48.55 44.88 -13.35
C SER C 450 49.80 44.01 -13.35
N GLU C 451 49.76 42.88 -14.07
CA GLU C 451 50.95 42.03 -14.10
C GLU C 451 52.10 42.68 -14.87
N ALA C 452 51.79 43.48 -15.91
CA ALA C 452 52.86 44.22 -16.57
C ALA C 452 53.50 45.23 -15.64
N GLN C 453 52.69 45.95 -14.87
CA GLN C 453 53.24 46.88 -13.88
C GLN C 453 54.07 46.14 -12.85
N SER C 454 53.65 44.92 -12.50
CA SER C 454 54.45 44.10 -11.59
C SER C 454 55.81 43.77 -12.20
N ARG C 455 55.83 43.41 -13.49
CA ARG C 455 57.12 43.15 -14.14
C ARG C 455 57.96 44.40 -14.28
N ILE C 456 57.38 45.59 -14.19
CA ILE C 456 58.11 46.83 -14.41
C ILE C 456 58.66 47.40 -13.10
N GLN C 457 57.81 47.61 -12.11
CA GLN C 457 58.21 48.35 -10.92
C GLN C 457 58.62 47.46 -9.74
N ASP C 458 58.05 46.27 -9.63
CA ASP C 458 58.28 45.47 -8.43
C ASP C 458 59.68 44.86 -8.44
N ALA C 459 60.15 44.51 -7.24
CA ALA C 459 61.49 43.99 -7.05
C ALA C 459 61.48 42.47 -6.85
N ASP C 460 62.64 41.86 -7.10
CA ASP C 460 62.83 40.42 -6.92
C ASP C 460 63.59 40.22 -5.61
N TYR C 461 62.94 39.58 -4.64
CA TYR C 461 63.48 39.56 -3.28
C TYR C 461 64.74 38.71 -3.15
N ALA C 462 64.90 37.68 -3.99
CA ALA C 462 66.10 36.86 -3.90
C ALA C 462 67.34 37.70 -4.20
N THR C 463 67.30 38.46 -5.29
CA THR C 463 68.44 39.31 -5.63
C THR C 463 68.68 40.36 -4.55
N GLU C 464 67.62 40.94 -4.02
CA GLU C 464 67.77 41.97 -2.98
C GLU C 464 68.42 41.39 -1.73
N VAL C 465 68.00 40.19 -1.32
CA VAL C 465 68.59 39.55 -0.14
C VAL C 465 70.06 39.26 -0.38
N SER C 466 70.40 38.73 -1.56
CA SER C 466 71.80 38.44 -1.86
C SER C 466 72.63 39.72 -1.83
N ASN C 467 72.13 40.79 -2.43
CA ASN C 467 72.85 42.05 -2.43
C ASN C 467 73.01 42.61 -1.02
N MET C 468 71.97 42.49 -0.20
CA MET C 468 72.05 42.98 1.18
C MET C 468 73.13 42.23 1.96
N SER C 469 73.15 40.91 1.84
CA SER C 469 74.16 40.13 2.54
C SER C 469 75.56 40.49 2.05
N LYS C 470 75.73 40.61 0.73
CA LYS C 470 77.05 40.96 0.19
C LYS C 470 77.49 42.34 0.68
N ALA C 471 76.57 43.31 0.70
CA ALA C 471 76.91 44.64 1.16
C ALA C 471 77.29 44.64 2.64
N GLN C 472 76.59 43.85 3.46
CA GLN C 472 76.95 43.76 4.86
C GLN C 472 78.35 43.19 5.04
N ILE C 473 78.68 42.14 4.28
CA ILE C 473 80.02 41.56 4.36
C ILE C 473 81.06 42.60 3.93
N ILE C 474 80.78 43.34 2.86
CA ILE C 474 81.72 44.35 2.39
C ILE C 474 81.93 45.41 3.47
N GLN C 475 80.85 45.84 4.12
CA GLN C 475 80.96 46.87 5.15
C GLN C 475 81.84 46.39 6.31
N GLN C 476 81.59 45.19 6.80
CA GLN C 476 82.38 44.70 7.93
C GLN C 476 83.84 44.50 7.54
N ALA C 477 84.08 43.97 6.33
CA ALA C 477 85.46 43.80 5.86
C ALA C 477 86.17 45.15 5.76
N GLY C 478 85.50 46.16 5.21
CA GLY C 478 86.10 47.47 5.13
C GLY C 478 86.39 48.06 6.48
N ASN C 479 85.51 47.82 7.46
CA ASN C 479 85.77 48.30 8.81
C ASN C 479 87.02 47.65 9.40
N SER C 480 87.17 46.34 9.20
CA SER C 480 88.36 45.66 9.71
C SER C 480 89.63 46.18 9.04
N VAL C 481 89.58 46.38 7.72
CA VAL C 481 90.76 46.88 7.01
C VAL C 481 91.08 48.31 7.46
N LEU C 482 90.05 49.10 7.76
CA LEU C 482 90.28 50.44 8.29
C LEU C 482 91.00 50.37 9.64
N ALA C 483 90.56 49.45 10.51
CA ALA C 483 91.25 49.28 11.79
C ALA C 483 92.71 48.92 11.58
N LYS C 484 92.99 47.99 10.65
CA LYS C 484 94.38 47.62 10.38
C LYS C 484 95.18 48.82 9.86
N ALA C 485 94.57 49.60 8.96
CA ALA C 485 95.27 50.74 8.39
C ALA C 485 95.61 51.77 9.46
N ASN C 486 94.69 52.02 10.39
CA ASN C 486 95.00 52.93 11.48
C ASN C 486 96.01 52.36 12.46
N GLN C 487 96.08 51.03 12.61
CA GLN C 487 97.12 50.46 13.46
C GLN C 487 98.49 50.42 12.79
N VAL C 488 98.55 50.57 11.47
CA VAL C 488 99.85 50.50 10.77
C VAL C 488 100.86 51.51 11.31
N PRO C 489 100.56 52.80 11.46
CA PRO C 489 101.62 53.78 11.74
C PRO C 489 102.27 53.68 13.11
N GLN C 490 101.93 52.67 13.93
CA GLN C 490 102.47 52.63 15.29
C GLN C 490 103.99 52.41 15.30
N GLN C 491 104.55 51.85 14.23
CA GLN C 491 105.98 51.53 14.22
C GLN C 491 106.86 52.77 14.31
N VAL C 492 106.32 53.95 13.98
CA VAL C 492 107.10 55.18 14.11
C VAL C 492 107.40 55.46 15.57
N LEU C 493 106.46 55.12 16.45
CA LEU C 493 106.72 55.25 17.88
C LEU C 493 107.89 54.36 18.31
N SER C 494 107.95 53.14 17.78
CA SER C 494 109.09 52.28 18.05
C SER C 494 110.38 52.87 17.51
N LEU C 495 110.32 53.47 16.31
CA LEU C 495 111.50 54.12 15.74
C LEU C 495 112.00 55.23 16.64
N LEU C 496 111.08 56.08 17.12
CA LEU C 496 111.47 57.18 17.99
C LEU C 496 112.00 56.68 19.32
N GLN C 497 111.37 55.65 19.89
CA GLN C 497 111.78 55.15 21.20
C GLN C 497 113.20 54.59 21.15
N GLY C 498 113.53 53.84 20.10
CA GLY C 498 114.86 53.27 19.96
C GLY C 498 114.86 51.75 20.06
N GLN D 3 -36.27 -3.34 14.92
CA GLN D 3 -35.62 -4.16 13.91
C GLN D 3 -35.54 -5.60 14.38
N VAL D 4 -36.10 -5.83 15.57
CA VAL D 4 -35.99 -7.07 16.32
C VAL D 4 -36.29 -8.29 15.46
N ILE D 5 -35.39 -9.28 15.48
CA ILE D 5 -35.59 -10.53 14.78
C ILE D 5 -35.71 -11.70 15.72
N ASN D 6 -35.60 -11.48 17.03
CA ASN D 6 -35.82 -12.52 18.03
C ASN D 6 -37.30 -12.75 18.29
N THR D 7 -38.16 -11.87 17.76
CA THR D 7 -39.61 -12.01 17.86
C THR D 7 -40.23 -11.35 16.65
N ASN D 8 -41.20 -12.03 16.04
CA ASN D 8 -41.81 -11.58 14.79
C ASN D 8 -43.31 -11.37 14.99
N SER D 9 -43.66 -10.60 16.03
CA SER D 9 -45.03 -10.42 16.53
C SER D 9 -46.09 -10.37 15.43
N LEU D 10 -45.76 -9.76 14.28
CA LEU D 10 -46.69 -9.75 13.16
C LEU D 10 -47.11 -11.17 12.80
N SER D 11 -46.15 -12.09 12.74
CA SER D 11 -46.47 -13.48 12.47
C SER D 11 -47.37 -14.07 13.55
N LEU D 12 -47.14 -13.70 14.81
CA LEU D 12 -47.99 -14.20 15.89
C LEU D 12 -49.41 -13.72 15.72
N ILE D 13 -49.61 -12.45 15.37
CA ILE D 13 -50.95 -11.93 15.16
C ILE D 13 -51.63 -12.63 14.00
N THR D 14 -50.91 -12.83 12.90
CA THR D 14 -51.49 -13.51 11.76
C THR D 14 -51.86 -14.95 12.10
N GLN D 15 -50.99 -15.64 12.83
CA GLN D 15 -51.29 -17.01 13.23
C GLN D 15 -52.50 -17.06 14.15
N ASN D 16 -52.61 -16.09 15.06
CA ASN D 16 -53.79 -16.04 15.93
C ASN D 16 -55.06 -15.86 15.10
N ASN D 17 -55.03 -14.97 14.12
CA ASN D 17 -56.21 -14.76 13.28
C ASN D 17 -56.58 -16.02 12.51
N ILE D 18 -55.57 -16.69 11.95
CA ILE D 18 -55.84 -17.93 11.20
C ILE D 18 -56.43 -18.99 12.12
N ASN D 19 -55.88 -19.11 13.33
CA ASN D 19 -56.39 -20.10 14.27
C ASN D 19 -57.83 -19.81 14.65
N LYS D 20 -58.17 -18.52 14.83
CA LYS D 20 -59.56 -18.16 15.10
C LYS D 20 -60.46 -18.54 13.93
N ASN D 21 -59.99 -18.31 12.70
CA ASN D 21 -60.82 -18.63 11.54
C ASN D 21 -61.02 -20.13 11.37
N GLN D 22 -60.05 -20.92 11.84
CA GLN D 22 -60.13 -22.38 11.73
C GLN D 22 -61.44 -22.92 12.28
N SER D 23 -61.90 -22.40 13.43
CA SER D 23 -63.10 -22.93 14.06
C SER D 23 -64.32 -22.71 13.17
N ALA D 24 -64.45 -21.50 12.60
CA ALA D 24 -65.58 -21.23 11.71
C ALA D 24 -65.52 -22.12 10.47
N LEU D 25 -64.33 -22.29 9.90
CA LEU D 25 -64.22 -23.14 8.72
C LEU D 25 -64.62 -24.57 9.03
N SER D 26 -64.12 -25.12 10.15
CA SER D 26 -64.43 -26.48 10.53
C SER D 26 -65.92 -26.64 10.80
N SER D 27 -66.53 -25.67 11.47
CA SER D 27 -67.96 -25.72 11.72
C SER D 27 -68.74 -25.75 10.41
N SER D 28 -68.35 -24.92 9.45
CA SER D 28 -69.03 -24.91 8.16
C SER D 28 -68.91 -26.26 7.46
N ILE D 29 -67.70 -26.83 7.47
CA ILE D 29 -67.48 -28.12 6.83
C ILE D 29 -68.36 -29.19 7.45
N GLU D 30 -68.35 -29.28 8.79
CA GLU D 30 -69.13 -30.32 9.45
C GLU D 30 -70.62 -30.13 9.23
N ARG D 31 -71.09 -28.88 9.30
CA ARG D 31 -72.52 -28.61 9.12
C ARG D 31 -72.96 -28.98 7.71
N LEU D 32 -72.15 -28.66 6.70
CA LEU D 32 -72.48 -29.03 5.33
C LEU D 32 -72.48 -30.54 5.16
N SER D 33 -71.51 -31.23 5.76
CA SER D 33 -71.40 -32.68 5.56
C SER D 33 -72.56 -33.41 6.22
N SER D 34 -72.89 -33.05 7.46
CA SER D 34 -73.94 -33.77 8.19
C SER D 34 -75.32 -33.41 7.66
N GLY D 35 -75.55 -32.13 7.37
CA GLY D 35 -76.86 -31.67 6.96
C GLY D 35 -77.73 -31.15 8.09
N LEU D 36 -77.32 -31.33 9.35
CA LEU D 36 -78.06 -30.84 10.50
C LEU D 36 -77.31 -29.71 11.17
N ARG D 37 -78.03 -28.68 11.58
CA ARG D 37 -77.39 -27.53 12.21
C ARG D 37 -76.79 -27.90 13.57
N ILE D 38 -77.52 -28.70 14.35
CA ILE D 38 -77.07 -29.10 15.68
C ILE D 38 -76.49 -30.50 15.56
N ASN D 39 -75.17 -30.57 15.36
CA ASN D 39 -74.47 -31.83 15.33
C ASN D 39 -73.89 -32.22 16.69
N SER D 40 -73.93 -31.32 17.67
CA SER D 40 -73.37 -31.58 18.98
C SER D 40 -73.98 -30.61 19.98
N ALA D 41 -73.76 -30.88 21.26
CA ALA D 41 -74.30 -30.02 22.30
C ALA D 41 -73.62 -28.66 22.32
N LYS D 42 -72.37 -28.58 21.87
CA LYS D 42 -71.67 -27.30 21.86
C LYS D 42 -72.36 -26.28 20.97
N ASP D 43 -73.12 -26.74 19.97
CA ASP D 43 -73.82 -25.82 19.08
C ASP D 43 -74.89 -25.06 19.86
N ASP D 44 -75.98 -25.74 20.21
CA ASP D 44 -77.02 -25.15 21.05
C ASP D 44 -77.29 -25.98 22.30
N ALA D 45 -77.63 -27.26 22.12
CA ALA D 45 -77.99 -28.26 23.13
C ALA D 45 -79.33 -28.00 23.79
N ALA D 46 -79.81 -26.76 23.74
CA ALA D 46 -81.22 -26.55 24.06
C ALA D 46 -82.08 -26.98 22.89
N GLY D 47 -81.70 -26.54 21.69
CA GLY D 47 -82.31 -27.06 20.48
C GLY D 47 -82.10 -28.55 20.35
N GLN D 48 -80.95 -29.06 20.80
CA GLN D 48 -80.72 -30.50 20.72
C GLN D 48 -81.65 -31.27 21.64
N ALA D 49 -81.86 -30.80 22.87
CA ALA D 49 -82.81 -31.46 23.75
C ALA D 49 -84.23 -31.38 23.19
N ILE D 50 -84.62 -30.21 22.69
CA ILE D 50 -85.95 -30.04 22.12
C ILE D 50 -86.13 -30.97 20.92
N ALA D 51 -85.11 -31.06 20.06
CA ALA D 51 -85.17 -31.93 18.89
C ALA D 51 -85.23 -33.39 19.29
N ASN D 52 -84.50 -33.78 20.34
CA ASN D 52 -84.60 -35.15 20.84
C ASN D 52 -86.02 -35.47 21.26
N ARG D 53 -86.65 -34.58 22.01
CA ARG D 53 -88.03 -34.84 22.43
C ARG D 53 -88.99 -34.85 21.25
N PHE D 54 -88.77 -33.97 20.27
CA PHE D 54 -89.61 -34.00 19.08
C PHE D 54 -89.46 -35.31 18.30
N THR D 55 -88.22 -35.81 18.19
CA THR D 55 -88.01 -37.09 17.52
C THR D 55 -88.74 -38.20 18.26
N SER D 56 -88.67 -38.19 19.60
CA SER D 56 -89.39 -39.17 20.39
C SER D 56 -90.89 -39.10 20.11
N ASN D 57 -91.45 -37.89 20.09
CA ASN D 57 -92.87 -37.74 19.85
C ASN D 57 -93.26 -38.23 18.46
N ILE D 58 -92.45 -37.91 17.45
CA ILE D 58 -92.75 -38.33 16.08
C ILE D 58 -92.76 -39.84 15.98
N LYS D 59 -91.74 -40.49 16.53
CA LYS D 59 -91.66 -41.94 16.46
C LYS D 59 -92.82 -42.58 17.22
N GLY D 60 -93.14 -42.04 18.39
CA GLY D 60 -94.25 -42.58 19.17
C GLY D 60 -95.57 -42.47 18.45
N LEU D 61 -95.83 -41.32 17.81
CA LEU D 61 -97.11 -41.15 17.12
C LEU D 61 -97.20 -42.01 15.86
N THR D 62 -96.10 -42.16 15.12
CA THR D 62 -96.11 -43.06 13.98
C THR D 62 -96.43 -44.49 14.43
N GLN D 63 -95.77 -44.94 15.51
CA GLN D 63 -96.05 -46.27 16.03
C GLN D 63 -97.49 -46.37 16.53
N ALA D 64 -98.02 -45.28 17.09
CA ALA D 64 -99.39 -45.29 17.58
C ALA D 64 -100.38 -45.48 16.43
N ALA D 65 -100.16 -44.79 15.31
CA ALA D 65 -101.03 -44.99 14.16
C ALA D 65 -100.93 -46.41 13.63
N ARG D 66 -99.70 -46.95 13.58
CA ARG D 66 -99.53 -48.32 13.14
C ARG D 66 -100.31 -49.29 14.03
N ASN D 67 -100.26 -49.08 15.35
CA ASN D 67 -101.05 -49.89 16.27
C ASN D 67 -102.53 -49.71 16.03
N ALA D 68 -102.96 -48.48 15.77
CA ALA D 68 -104.38 -48.18 15.61
C ALA D 68 -104.98 -48.93 14.42
N ASN D 69 -104.21 -49.07 13.34
CA ASN D 69 -104.73 -49.79 12.18
C ASN D 69 -105.14 -51.22 12.53
N ASP D 70 -104.43 -51.86 13.46
CA ASP D 70 -104.73 -53.24 13.82
C ASP D 70 -106.12 -53.38 14.41
N GLY D 71 -106.54 -52.42 15.23
CA GLY D 71 -107.88 -52.46 15.78
C GLY D 71 -108.94 -52.42 14.70
N ILE D 72 -108.73 -51.58 13.68
CA ILE D 72 -109.65 -51.53 12.55
C ILE D 72 -109.71 -52.89 11.87
N SER D 73 -108.55 -53.52 11.67
CA SER D 73 -108.53 -54.83 11.03
C SER D 73 -109.33 -55.86 11.82
N VAL D 74 -109.11 -55.88 13.15
CA VAL D 74 -109.85 -56.81 14.01
C VAL D 74 -111.35 -56.55 13.90
N ALA D 75 -111.73 -55.27 13.91
CA ALA D 75 -113.14 -54.94 13.83
C ALA D 75 -113.75 -55.42 12.52
N GLN D 76 -113.04 -55.27 11.40
CA GLN D 76 -113.56 -55.77 10.13
C GLN D 76 -113.75 -57.28 10.16
N THR D 77 -112.76 -58.00 10.69
CA THR D 77 -112.87 -59.46 10.74
C THR D 77 -114.09 -59.89 11.57
N THR D 78 -114.22 -59.31 12.76
CA THR D 78 -115.35 -59.65 13.62
C THR D 78 -116.68 -59.26 12.98
N GLU D 79 -116.71 -58.13 12.26
CA GLU D 79 -117.93 -57.71 11.60
C GLU D 79 -118.34 -58.70 10.51
N GLY D 80 -117.37 -59.20 9.75
CA GLY D 80 -117.70 -60.21 8.75
C GLY D 80 -118.26 -61.47 9.38
N ALA D 81 -117.63 -61.93 10.47
CA ALA D 81 -118.15 -63.10 11.16
C ALA D 81 -119.57 -62.87 11.64
N LEU D 82 -119.83 -61.70 12.22
CA LEU D 82 -121.17 -61.38 12.71
C LEU D 82 -122.18 -61.31 11.57
N SER D 83 -121.74 -60.84 10.40
CA SER D 83 -122.63 -60.80 9.24
C SER D 83 -123.03 -62.20 8.82
N GLU D 84 -122.08 -63.15 8.82
CA GLU D 84 -122.43 -64.53 8.52
C GLU D 84 -123.42 -65.09 9.54
N ILE D 85 -123.18 -64.81 10.82
CA ILE D 85 -124.11 -65.26 11.86
C ILE D 85 -125.49 -64.67 11.64
N ASN D 86 -125.56 -63.40 11.25
CA ASN D 86 -126.83 -62.74 11.01
C ASN D 86 -127.57 -63.38 9.84
N ASN D 87 -126.84 -63.74 8.78
CA ASN D 87 -127.48 -64.43 7.66
C ASN D 87 -128.07 -65.76 8.12
N ASN D 88 -127.32 -66.51 8.91
CA ASN D 88 -127.85 -67.77 9.44
C ASN D 88 -129.10 -67.54 10.27
N LEU D 89 -129.08 -66.52 11.12
CA LEU D 89 -130.23 -66.23 11.97
C LEU D 89 -131.46 -65.86 11.15
N GLN D 90 -131.26 -65.05 10.10
CA GLN D 90 -132.37 -64.69 9.23
C GLN D 90 -132.98 -65.91 8.55
N ARG D 91 -132.12 -66.82 8.08
CA ARG D 91 -132.65 -68.02 7.42
C ARG D 91 -133.41 -68.87 8.42
N VAL D 92 -132.90 -68.98 9.65
CA VAL D 92 -133.62 -69.73 10.68
C VAL D 92 -134.97 -69.09 10.96
N ARG D 93 -135.03 -67.75 10.97
CA ARG D 93 -136.33 -67.07 11.11
C ARG D 93 -137.29 -67.48 10.01
N GLU D 94 -136.80 -67.50 8.77
CA GLU D 94 -137.67 -67.86 7.65
C GLU D 94 -138.18 -69.30 7.81
N LEU D 95 -137.30 -70.21 8.22
CA LEU D 95 -137.73 -71.59 8.46
C LEU D 95 -138.79 -71.66 9.55
N THR D 96 -138.62 -70.89 10.64
CA THR D 96 -139.61 -70.92 11.70
C THR D 96 -140.95 -70.38 11.23
N VAL D 97 -140.92 -69.30 10.44
CA VAL D 97 -142.16 -68.75 9.88
C VAL D 97 -142.84 -69.80 9.02
N GLN D 98 -142.07 -70.52 8.21
CA GLN D 98 -142.66 -71.57 7.38
C GLN D 98 -143.22 -72.71 8.24
N ALA D 99 -142.55 -73.05 9.34
CA ALA D 99 -142.91 -74.23 10.11
C ALA D 99 -144.11 -73.98 11.02
N THR D 100 -144.30 -72.76 11.51
CA THR D 100 -145.39 -72.46 12.44
C THR D 100 -146.73 -72.37 11.70
N THR D 101 -147.12 -73.49 11.09
CA THR D 101 -148.38 -73.59 10.38
C THR D 101 -148.98 -74.97 10.65
N GLY D 102 -150.31 -75.04 10.66
CA GLY D 102 -150.99 -76.30 10.93
C GLY D 102 -151.03 -77.25 9.77
N THR D 103 -150.73 -76.78 8.55
CA THR D 103 -150.74 -77.66 7.39
C THR D 103 -149.59 -78.66 7.43
N ASN D 104 -148.45 -78.26 8.00
CA ASN D 104 -147.26 -79.11 8.01
C ASN D 104 -147.50 -80.36 8.85
N SER D 105 -147.04 -81.49 8.33
CA SER D 105 -147.12 -82.76 9.06
C SER D 105 -145.92 -82.90 10.00
N GLU D 106 -145.87 -84.03 10.71
CA GLU D 106 -144.81 -84.23 11.68
C GLU D 106 -143.47 -84.53 11.02
N SER D 107 -143.47 -85.22 9.88
CA SER D 107 -142.20 -85.49 9.18
C SER D 107 -141.64 -84.20 8.60
N ASP D 108 -142.51 -83.35 8.05
CA ASP D 108 -142.05 -82.06 7.56
C ASP D 108 -141.48 -81.21 8.68
N LEU D 109 -142.14 -81.23 9.85
CA LEU D 109 -141.61 -80.51 11.00
C LEU D 109 -140.27 -81.09 11.43
N SER D 110 -140.12 -82.41 11.35
CA SER D 110 -138.83 -83.03 11.66
C SER D 110 -137.74 -82.55 10.72
N SER D 111 -138.05 -82.48 9.42
CA SER D 111 -137.06 -81.99 8.45
C SER D 111 -136.69 -80.54 8.72
N ILE D 112 -137.70 -79.69 8.98
CA ILE D 112 -137.43 -78.29 9.27
C ILE D 112 -136.58 -78.15 10.52
N GLN D 113 -136.89 -78.94 11.55
CA GLN D 113 -136.10 -78.90 12.78
C GLN D 113 -134.68 -79.37 12.54
N ASP D 114 -134.51 -80.38 11.70
CA ASP D 114 -133.16 -80.84 11.37
C ASP D 114 -132.35 -79.74 10.70
N GLU D 115 -132.95 -79.06 9.74
CA GLU D 115 -132.24 -77.97 9.08
C GLU D 115 -131.94 -76.83 10.06
N ILE D 116 -132.90 -76.51 10.93
CA ILE D 116 -132.72 -75.44 11.89
C ILE D 116 -131.59 -75.76 12.86
N LYS D 117 -131.57 -76.98 13.39
CA LYS D 117 -130.51 -77.36 14.31
C LYS D 117 -129.16 -77.41 13.61
N SER D 118 -129.15 -77.81 12.33
CA SER D 118 -127.91 -77.76 11.57
C SER D 118 -127.38 -76.33 11.47
N ARG D 119 -128.27 -75.37 11.21
CA ARG D 119 -127.82 -73.98 11.09
C ARG D 119 -127.41 -73.40 12.43
N LEU D 120 -128.09 -73.79 13.51
CA LEU D 120 -127.68 -73.33 14.84
C LEU D 120 -126.31 -73.91 15.22
N ASP D 121 -126.07 -75.17 14.89
CA ASP D 121 -124.75 -75.75 15.12
C ASP D 121 -123.71 -75.06 14.25
N GLU D 122 -124.08 -74.65 13.05
CA GLU D 122 -123.18 -73.85 12.21
C GLU D 122 -122.84 -72.53 12.89
N ILE D 123 -123.84 -71.88 13.49
CA ILE D 123 -123.60 -70.63 14.20
C ILE D 123 -122.63 -70.85 15.35
N ASP D 124 -122.86 -71.91 16.13
CA ASP D 124 -121.98 -72.21 17.25
C ASP D 124 -120.56 -72.50 16.77
N ARG D 125 -120.43 -73.24 15.67
CA ARG D 125 -119.12 -73.53 15.12
C ARG D 125 -118.41 -72.26 14.69
N VAL D 126 -119.11 -71.38 13.96
CA VAL D 126 -118.50 -70.13 13.54
C VAL D 126 -118.06 -69.31 14.73
N SER D 127 -118.88 -69.29 15.79
CA SER D 127 -118.51 -68.56 17.00
C SER D 127 -117.24 -69.13 17.62
N GLY D 128 -117.18 -70.46 17.78
CA GLY D 128 -116.05 -71.06 18.46
C GLY D 128 -114.76 -70.99 17.68
N GLN D 129 -114.81 -71.31 16.38
CA GLN D 129 -113.61 -71.49 15.58
C GLN D 129 -112.95 -70.17 15.19
N THR D 130 -113.73 -69.11 15.01
CA THR D 130 -113.17 -67.86 14.52
C THR D 130 -112.14 -67.30 15.51
N GLN D 131 -110.94 -67.03 15.00
CA GLN D 131 -109.84 -66.56 15.83
C GLN D 131 -108.94 -65.64 15.01
N PHE D 132 -108.49 -64.56 15.63
CA PHE D 132 -107.59 -63.60 15.00
C PHE D 132 -106.33 -63.49 15.84
N ASN D 133 -105.18 -63.79 15.23
CA ASN D 133 -103.88 -63.66 15.89
C ASN D 133 -103.86 -64.36 17.24
N GLY D 134 -104.40 -65.57 17.28
CA GLY D 134 -104.49 -66.32 18.52
C GLY D 134 -105.44 -65.71 19.54
N VAL D 135 -106.55 -65.13 19.09
CA VAL D 135 -107.55 -64.56 19.98
C VAL D 135 -108.92 -64.96 19.48
N ASN D 136 -109.67 -65.71 20.30
CA ASN D 136 -111.03 -66.11 19.97
C ASN D 136 -111.94 -64.93 20.27
N VAL D 137 -112.23 -64.13 19.24
CA VAL D 137 -112.95 -62.87 19.46
C VAL D 137 -114.38 -63.13 19.91
N LEU D 138 -115.11 -63.95 19.17
CA LEU D 138 -116.50 -64.25 19.51
C LEU D 138 -116.62 -65.52 20.34
N ALA D 139 -115.87 -65.61 21.43
CA ALA D 139 -115.96 -66.76 22.31
C ALA D 139 -115.91 -66.41 23.79
N LYS D 140 -115.71 -65.14 24.15
CA LYS D 140 -115.57 -64.75 25.54
C LYS D 140 -115.73 -63.24 25.69
N ASN D 141 -116.49 -62.81 26.70
CA ASN D 141 -116.64 -61.40 26.96
C ASN D 141 -115.31 -60.80 27.41
N GLY D 142 -114.95 -59.66 26.82
CA GLY D 142 -113.69 -59.03 27.16
C GLY D 142 -113.62 -57.63 26.62
N SER D 143 -112.41 -57.07 26.63
CA SER D 143 -112.19 -55.72 26.16
C SER D 143 -110.81 -55.64 25.51
N MET D 144 -110.73 -54.86 24.43
CA MET D 144 -109.49 -54.68 23.69
C MET D 144 -109.04 -53.23 23.80
N LYS D 145 -107.76 -53.02 24.08
CA LYS D 145 -107.20 -51.69 24.30
C LYS D 145 -106.17 -51.40 23.23
N ILE D 146 -106.38 -50.32 22.49
CA ILE D 146 -105.52 -49.93 21.37
C ILE D 146 -104.79 -48.66 21.75
N GLN D 147 -103.47 -48.74 21.84
CA GLN D 147 -102.64 -47.56 22.14
C GLN D 147 -102.65 -46.62 20.95
N VAL D 148 -103.33 -45.49 21.08
CA VAL D 148 -103.44 -44.54 19.98
C VAL D 148 -102.82 -43.20 20.38
N GLY D 149 -101.80 -43.25 21.25
CA GLY D 149 -101.14 -42.04 21.69
C GLY D 149 -99.65 -42.26 21.83
N ALA D 150 -98.97 -41.19 22.25
CA ALA D 150 -97.51 -41.24 22.42
C ALA D 150 -97.12 -41.58 23.85
N ASN D 151 -97.88 -41.10 24.84
CA ASN D 151 -97.59 -41.38 26.24
C ASN D 151 -98.39 -42.60 26.69
N ASP D 152 -98.34 -42.90 27.97
CA ASP D 152 -99.06 -44.04 28.53
C ASP D 152 -100.51 -43.68 28.86
N ASN D 153 -101.34 -44.71 28.99
CA ASN D 153 -102.76 -44.56 29.25
C ASN D 153 -103.41 -43.63 28.23
N GLN D 154 -103.26 -44.02 26.96
CA GLN D 154 -103.73 -43.24 25.81
C GLN D 154 -104.51 -44.13 24.86
N THR D 155 -105.40 -44.96 25.39
CA THR D 155 -105.97 -46.08 24.64
C THR D 155 -107.45 -45.87 24.36
N ILE D 156 -107.92 -46.49 23.28
CA ILE D 156 -109.33 -46.60 22.94
C ILE D 156 -109.76 -48.04 23.20
N THR D 157 -110.89 -48.21 23.89
CA THR D 157 -111.33 -49.53 24.32
C THR D 157 -112.29 -50.12 23.30
N ILE D 158 -112.00 -51.33 22.84
CA ILE D 158 -112.89 -52.10 21.99
C ILE D 158 -113.50 -53.21 22.83
N ASP D 159 -114.80 -53.42 22.67
CA ASP D 159 -115.54 -54.38 23.47
C ASP D 159 -115.89 -55.61 22.63
N LEU D 160 -115.88 -56.76 23.28
CA LEU D 160 -116.19 -58.03 22.64
C LEU D 160 -117.23 -58.78 23.46
N LYS D 161 -118.32 -59.17 22.82
CA LYS D 161 -119.40 -59.89 23.47
C LYS D 161 -119.42 -61.33 22.95
N GLN D 162 -119.52 -62.29 23.86
CA GLN D 162 -119.61 -63.70 23.48
C GLN D 162 -120.94 -63.96 22.79
N ILE D 163 -120.90 -64.26 21.49
CA ILE D 163 -122.09 -64.54 20.70
C ILE D 163 -122.11 -66.02 20.40
N ASP D 164 -123.13 -66.71 20.89
CA ASP D 164 -123.33 -68.13 20.65
C ASP D 164 -124.76 -68.48 21.03
N ALA D 165 -125.13 -69.74 20.83
CA ALA D 165 -126.51 -70.17 21.06
C ALA D 165 -126.92 -69.98 22.52
N LYS D 166 -126.02 -70.33 23.45
CA LYS D 166 -126.36 -70.23 24.87
C LYS D 166 -126.58 -68.78 25.29
N THR D 167 -125.74 -67.87 24.80
CA THR D 167 -125.82 -66.46 25.16
C THR D 167 -126.80 -65.69 24.27
N LEU D 168 -127.62 -66.38 23.49
CA LEU D 168 -128.61 -65.73 22.65
C LEU D 168 -130.03 -66.23 22.89
N GLY D 169 -130.22 -67.16 23.82
CA GLY D 169 -131.53 -67.73 24.07
C GLY D 169 -131.90 -68.88 23.15
N LEU D 170 -131.13 -69.12 22.09
CA LEU D 170 -131.40 -70.23 21.19
C LEU D 170 -130.64 -71.48 21.59
N ASP D 171 -130.78 -71.86 22.86
CA ASP D 171 -130.17 -73.06 23.42
C ASP D 171 -131.29 -74.07 23.67
N GLY D 172 -131.43 -75.02 22.76
CA GLY D 172 -132.55 -75.94 22.79
C GLY D 172 -133.72 -75.53 21.94
N PHE D 173 -133.53 -74.59 21.00
CA PHE D 173 -134.60 -74.09 20.16
C PHE D 173 -135.16 -75.22 19.28
N SER D 174 -136.42 -75.60 19.52
CA SER D 174 -137.04 -76.67 18.77
C SER D 174 -138.45 -76.26 18.35
N VAL D 175 -138.92 -76.85 17.25
CA VAL D 175 -140.25 -76.59 16.73
C VAL D 175 -140.99 -77.90 16.54
N LYS D 176 -140.60 -78.92 17.31
CA LYS D 176 -141.20 -80.24 17.19
C LYS D 176 -141.29 -80.87 18.57
N ASN D 177 -142.11 -81.90 18.67
CA ASN D 177 -142.31 -82.61 19.92
C ASN D 177 -141.54 -83.93 19.95
N THR D 407 -140.91 -75.20 21.93
CA THR D 407 -140.46 -73.87 22.35
C THR D 407 -141.57 -72.85 22.23
N THR D 408 -141.79 -72.09 23.30
CA THR D 408 -142.83 -71.06 23.31
C THR D 408 -142.28 -69.73 22.84
N ASP D 409 -143.09 -69.00 22.10
CA ASP D 409 -142.72 -67.71 21.52
C ASP D 409 -141.39 -67.77 20.77
N PRO D 410 -141.29 -68.59 19.71
CA PRO D 410 -140.00 -68.70 19.02
C PRO D 410 -139.62 -67.44 18.27
N LEU D 411 -140.57 -66.82 17.57
CA LEU D 411 -140.25 -65.66 16.74
C LEU D 411 -139.75 -64.50 17.58
N LYS D 412 -140.34 -64.28 18.75
CA LYS D 412 -139.89 -63.20 19.62
C LYS D 412 -138.46 -63.41 20.07
N ALA D 413 -138.11 -64.64 20.44
CA ALA D 413 -136.74 -64.94 20.84
C ALA D 413 -135.77 -64.74 19.69
N LEU D 414 -136.16 -65.14 18.49
CA LEU D 414 -135.31 -64.93 17.33
C LEU D 414 -135.10 -63.44 17.07
N ASP D 415 -136.17 -62.65 17.21
CA ASP D 415 -136.04 -61.19 17.07
C ASP D 415 -135.09 -60.63 18.11
N ASP D 416 -135.18 -61.13 19.34
CA ASP D 416 -134.30 -60.65 20.40
C ASP D 416 -132.84 -60.97 20.07
N ALA D 417 -132.57 -62.17 19.59
CA ALA D 417 -131.20 -62.54 19.23
C ALA D 417 -130.68 -61.70 18.07
N ILE D 418 -131.53 -61.45 17.07
CA ILE D 418 -131.13 -60.65 15.92
C ILE D 418 -130.79 -59.23 16.35
N ALA D 419 -131.63 -58.64 17.21
CA ALA D 419 -131.32 -57.30 17.71
C ALA D 419 -130.08 -57.29 18.60
N SER D 420 -129.83 -58.38 19.32
CA SER D 420 -128.66 -58.43 20.19
C SER D 420 -127.37 -58.48 19.39
N VAL D 421 -127.36 -59.20 18.27
CA VAL D 421 -126.16 -59.18 17.43
C VAL D 421 -126.07 -57.87 16.65
N ASP D 422 -127.21 -57.25 16.32
CA ASP D 422 -127.19 -55.97 15.63
C ASP D 422 -126.56 -54.89 16.50
N LYS D 423 -126.84 -54.92 17.81
CA LYS D 423 -126.23 -53.95 18.72
C LYS D 423 -124.70 -54.05 18.68
N PHE D 424 -124.17 -55.27 18.74
CA PHE D 424 -122.73 -55.46 18.70
C PHE D 424 -122.15 -55.00 17.37
N ARG D 425 -122.85 -55.28 16.27
CA ARG D 425 -122.38 -54.82 14.97
C ARG D 425 -122.32 -53.30 14.90
N SER D 426 -123.35 -52.62 15.42
CA SER D 426 -123.35 -51.16 15.42
C SER D 426 -122.22 -50.61 16.26
N SER D 427 -121.97 -51.20 17.43
CA SER D 427 -120.86 -50.76 18.26
C SER D 427 -119.53 -50.95 17.54
N LEU D 428 -119.37 -52.08 16.84
CA LEU D 428 -118.14 -52.32 16.10
C LEU D 428 -117.93 -51.26 15.03
N GLY D 429 -118.98 -50.95 14.27
CA GLY D 429 -118.85 -49.92 13.25
C GLY D 429 -118.51 -48.55 13.83
N ALA D 430 -119.14 -48.20 14.96
CA ALA D 430 -118.81 -46.95 15.62
C ALA D 430 -117.34 -46.91 15.98
N VAL D 431 -116.83 -47.98 16.60
CA VAL D 431 -115.42 -48.03 16.99
C VAL D 431 -114.51 -47.93 15.79
N GLN D 432 -114.91 -48.53 14.66
CA GLN D 432 -114.13 -48.40 13.44
C GLN D 432 -114.00 -46.93 13.04
N ASN D 433 -115.12 -46.20 13.07
CA ASN D 433 -115.07 -44.77 12.76
C ASN D 433 -114.17 -44.04 13.74
N ARG D 434 -114.26 -44.38 15.02
CA ARG D 434 -113.42 -43.73 16.04
C ARG D 434 -111.94 -43.91 15.72
N LEU D 435 -111.53 -45.14 15.42
CA LEU D 435 -110.12 -45.41 15.14
C LEU D 435 -109.66 -44.72 13.86
N ASP D 436 -110.53 -44.69 12.84
CA ASP D 436 -110.16 -44.01 11.60
C ASP D 436 -109.92 -42.52 11.85
N SER D 437 -110.80 -41.90 12.64
CA SER D 437 -110.60 -40.49 12.98
C SER D 437 -109.31 -40.29 13.74
N ALA D 438 -109.00 -41.20 14.67
CA ALA D 438 -107.77 -41.08 15.44
C ALA D 438 -106.55 -41.14 14.53
N VAL D 439 -106.55 -42.07 13.58
CA VAL D 439 -105.42 -42.18 12.64
C VAL D 439 -105.29 -40.91 11.81
N THR D 440 -106.42 -40.37 11.35
CA THR D 440 -106.38 -39.16 10.55
C THR D 440 -105.78 -38.00 11.32
N ASN D 441 -106.16 -37.85 12.59
CA ASN D 441 -105.56 -36.79 13.41
C ASN D 441 -104.08 -37.03 13.65
N LEU D 442 -103.70 -38.29 13.90
CA LEU D 442 -102.32 -38.61 14.21
C LEU D 442 -101.39 -38.28 13.04
N ASN D 443 -101.85 -38.54 11.82
CA ASN D 443 -101.01 -38.24 10.66
C ASN D 443 -100.67 -36.75 10.59
N ASN D 444 -101.68 -35.89 10.76
CA ASN D 444 -101.44 -34.45 10.73
C ASN D 444 -100.53 -34.03 11.88
N THR D 445 -100.73 -34.62 13.06
CA THR D 445 -99.86 -34.27 14.19
C THR D 445 -98.42 -34.64 13.91
N THR D 446 -98.18 -35.82 13.32
CA THR D 446 -96.83 -36.22 12.95
C THR D 446 -96.23 -35.25 11.95
N THR D 447 -97.01 -34.85 10.94
CA THR D 447 -96.50 -33.93 9.93
C THR D 447 -96.07 -32.61 10.57
N ASN D 448 -96.93 -32.06 11.43
CA ASN D 448 -96.61 -30.78 12.06
C ASN D 448 -95.38 -30.90 12.96
N LEU D 449 -95.28 -31.98 13.75
CA LEU D 449 -94.13 -32.15 14.62
C LEU D 449 -92.85 -32.28 13.81
N SER D 450 -92.90 -33.06 12.73
CA SER D 450 -91.73 -33.23 11.89
C SER D 450 -91.30 -31.90 11.27
N GLU D 451 -92.27 -31.10 10.82
CA GLU D 451 -91.91 -29.84 10.19
C GLU D 451 -91.31 -28.88 11.20
N ALA D 452 -91.82 -28.88 12.44
CA ALA D 452 -91.21 -28.04 13.48
C ALA D 452 -89.78 -28.50 13.79
N GLN D 453 -89.58 -29.82 13.90
CA GLN D 453 -88.24 -30.33 14.13
C GLN D 453 -87.31 -29.92 12.98
N SER D 454 -87.85 -29.89 11.77
CA SER D 454 -87.07 -29.41 10.63
C SER D 454 -86.71 -27.94 10.79
N ARG D 455 -87.67 -27.12 11.24
CA ARG D 455 -87.36 -25.72 11.49
C ARG D 455 -86.37 -25.53 12.64
N ILE D 456 -86.15 -26.55 13.45
CA ILE D 456 -85.27 -26.45 14.61
C ILE D 456 -83.86 -26.95 14.30
N GLN D 457 -83.73 -28.16 13.76
CA GLN D 457 -82.46 -28.86 13.77
C GLN D 457 -81.69 -28.82 12.44
N ASP D 458 -82.36 -28.78 11.30
CA ASP D 458 -81.62 -28.79 10.04
C ASP D 458 -80.98 -27.43 9.77
N ALA D 459 -79.99 -27.44 8.88
CA ALA D 459 -79.23 -26.26 8.51
C ALA D 459 -79.75 -25.67 7.20
N ASP D 460 -79.37 -24.42 6.95
CA ASP D 460 -79.71 -23.72 5.72
C ASP D 460 -78.46 -23.74 4.84
N TYR D 461 -78.56 -24.44 3.71
CA TYR D 461 -77.36 -24.75 2.92
C TYR D 461 -76.71 -23.50 2.36
N ALA D 462 -77.51 -22.51 1.96
CA ALA D 462 -76.94 -21.29 1.40
C ALA D 462 -76.04 -20.58 2.40
N THR D 463 -76.52 -20.45 3.65
CA THR D 463 -75.72 -19.81 4.68
C THR D 463 -74.43 -20.57 4.94
N GLU D 464 -74.52 -21.89 4.99
CA GLU D 464 -73.32 -22.71 5.23
C GLU D 464 -72.32 -22.56 4.09
N VAL D 465 -72.79 -22.54 2.84
CA VAL D 465 -71.89 -22.38 1.71
C VAL D 465 -71.21 -21.01 1.77
N SER D 466 -71.98 -19.97 2.07
CA SER D 466 -71.39 -18.63 2.17
C SER D 466 -70.35 -18.57 3.29
N ASN D 467 -70.66 -19.18 4.44
CA ASN D 467 -69.70 -19.19 5.54
C ASN D 467 -68.44 -19.95 5.17
N MET D 468 -68.58 -21.09 4.49
CA MET D 468 -67.42 -21.87 4.07
C MET D 468 -66.55 -21.05 3.12
N SER D 469 -67.15 -20.39 2.14
CA SER D 469 -66.38 -19.59 1.21
C SER D 469 -65.66 -18.45 1.92
N LYS D 470 -66.36 -17.78 2.83
CA LYS D 470 -65.75 -16.68 3.59
C LYS D 470 -64.55 -17.18 4.38
N ALA D 471 -64.72 -18.29 5.10
CA ALA D 471 -63.63 -18.83 5.90
C ALA D 471 -62.45 -19.24 5.03
N GLN D 472 -62.72 -19.84 3.87
CA GLN D 472 -61.64 -20.23 2.97
C GLN D 472 -60.85 -19.01 2.51
N ILE D 473 -61.54 -17.96 2.06
CA ILE D 473 -60.85 -16.78 1.58
C ILE D 473 -60.04 -16.14 2.70
N ILE D 474 -60.60 -16.11 3.91
CA ILE D 474 -59.85 -15.63 5.06
C ILE D 474 -58.58 -16.45 5.24
N GLN D 475 -58.67 -17.76 5.06
CA GLN D 475 -57.50 -18.61 5.22
C GLN D 475 -56.41 -18.28 4.20
N GLN D 476 -56.78 -18.16 2.92
CA GLN D 476 -55.76 -17.85 1.93
C GLN D 476 -55.14 -16.48 2.19
N ALA D 477 -55.97 -15.48 2.52
CA ALA D 477 -55.44 -14.16 2.80
C ALA D 477 -54.48 -14.19 3.98
N GLY D 478 -54.86 -14.89 5.05
CA GLY D 478 -53.99 -15.00 6.20
C GLY D 478 -52.67 -15.68 5.87
N ASN D 479 -52.72 -16.73 5.05
CA ASN D 479 -51.48 -17.40 4.67
C ASN D 479 -50.56 -16.48 3.87
N SER D 480 -51.13 -15.72 2.93
CA SER D 480 -50.31 -14.80 2.13
C SER D 480 -49.68 -13.72 3.01
N VAL D 481 -50.47 -13.12 3.89
CA VAL D 481 -49.94 -12.07 4.75
C VAL D 481 -48.93 -12.64 5.74
N LEU D 482 -49.13 -13.89 6.20
CA LEU D 482 -48.14 -14.52 7.05
C LEU D 482 -46.83 -14.72 6.32
N ALA D 483 -46.88 -15.13 5.06
CA ALA D 483 -45.67 -15.27 4.27
C ALA D 483 -44.95 -13.94 4.15
N LYS D 484 -45.69 -12.86 3.89
CA LYS D 484 -45.06 -11.55 3.82
C LYS D 484 -44.45 -11.14 5.16
N ALA D 485 -45.16 -11.42 6.26
CA ALA D 485 -44.65 -11.06 7.58
C ALA D 485 -43.35 -11.79 7.88
N ASN D 486 -43.28 -13.08 7.56
CA ASN D 486 -42.03 -13.81 7.74
C ASN D 486 -40.95 -13.30 6.78
N GLN D 487 -41.35 -12.74 5.64
CA GLN D 487 -40.37 -12.18 4.71
C GLN D 487 -39.83 -10.84 5.21
N VAL D 488 -40.55 -10.19 6.12
CA VAL D 488 -40.13 -8.87 6.60
C VAL D 488 -38.73 -8.85 7.22
N PRO D 489 -38.36 -9.73 8.16
CA PRO D 489 -37.15 -9.49 8.98
C PRO D 489 -35.82 -9.49 8.22
N GLN D 490 -35.78 -9.93 6.97
CA GLN D 490 -34.50 -10.12 6.28
C GLN D 490 -33.71 -8.82 6.08
N GLN D 491 -34.35 -7.65 6.20
CA GLN D 491 -33.63 -6.40 6.00
C GLN D 491 -32.48 -6.20 7.00
N VAL D 492 -32.55 -6.85 8.16
CA VAL D 492 -31.44 -6.77 9.11
C VAL D 492 -30.18 -7.37 8.51
N LEU D 493 -30.33 -8.43 7.72
CA LEU D 493 -29.18 -9.01 7.03
C LEU D 493 -28.53 -8.01 6.10
N SER D 494 -29.33 -7.29 5.33
CA SER D 494 -28.79 -6.26 4.44
C SER D 494 -28.11 -5.16 5.23
N LEU D 495 -28.70 -4.77 6.37
CA LEU D 495 -28.09 -3.76 7.22
C LEU D 495 -26.72 -4.19 7.71
N LEU D 496 -26.61 -5.45 8.16
CA LEU D 496 -25.33 -5.94 8.65
C LEU D 496 -24.30 -6.08 7.53
N GLN D 497 -24.72 -6.61 6.37
CA GLN D 497 -23.77 -6.87 5.30
C GLN D 497 -23.14 -5.59 4.78
N GLY D 498 -23.95 -4.54 4.61
CA GLY D 498 -23.44 -3.28 4.10
C GLY D 498 -24.27 -2.71 2.96
N GLN E 3 12.88 -21.18 8.20
CA GLN E 3 12.61 -20.06 7.32
C GLN E 3 12.87 -20.41 5.87
N VAL E 4 13.11 -21.71 5.64
CA VAL E 4 13.54 -22.26 4.36
C VAL E 4 12.64 -21.81 3.21
N ILE E 5 13.26 -21.34 2.13
CA ILE E 5 12.52 -20.85 0.98
C ILE E 5 12.90 -21.63 -0.26
N ASN E 6 13.71 -22.66 -0.10
CA ASN E 6 13.92 -23.62 -1.19
C ASN E 6 12.93 -24.76 -1.13
N THR E 7 12.08 -24.80 -0.11
CA THR E 7 11.01 -25.77 0.01
C THR E 7 9.83 -25.09 0.68
N ASN E 8 8.63 -25.38 0.19
CA ASN E 8 7.43 -24.72 0.68
C ASN E 8 6.47 -25.76 1.24
N SER E 9 7.00 -26.64 2.11
CA SER E 9 6.31 -27.84 2.56
C SER E 9 4.81 -27.68 2.74
N LEU E 10 4.39 -26.59 3.39
CA LEU E 10 2.95 -26.35 3.57
C LEU E 10 2.21 -26.36 2.24
N SER E 11 2.80 -25.73 1.21
CA SER E 11 2.18 -25.76 -0.10
C SER E 11 2.09 -27.19 -0.63
N LEU E 12 3.12 -28.00 -0.41
CA LEU E 12 3.09 -29.38 -0.87
C LEU E 12 1.96 -30.16 -0.19
N ILE E 13 1.81 -29.98 1.12
CA ILE E 13 0.74 -30.67 1.83
C ILE E 13 -0.62 -30.22 1.31
N THR E 14 -0.79 -28.91 1.09
CA THR E 14 -2.08 -28.43 0.60
C THR E 14 -2.39 -28.97 -0.79
N GLN E 15 -1.38 -29.03 -1.66
CA GLN E 15 -1.58 -29.62 -2.99
C GLN E 15 -1.96 -31.09 -2.87
N ASN E 16 -1.32 -31.82 -1.95
CA ASN E 16 -1.65 -33.22 -1.76
C ASN E 16 -3.10 -33.38 -1.30
N ASN E 17 -3.54 -32.52 -0.37
CA ASN E 17 -4.92 -32.59 0.10
C ASN E 17 -5.90 -32.28 -1.02
N ILE E 18 -5.60 -31.28 -1.85
CA ILE E 18 -6.48 -30.96 -2.97
C ILE E 18 -6.53 -32.11 -3.97
N ASN E 19 -5.39 -32.77 -4.19
CA ASN E 19 -5.37 -33.93 -5.07
C ASN E 19 -6.25 -35.05 -4.51
N LYS E 20 -6.21 -35.26 -3.20
CA LYS E 20 -7.12 -36.22 -2.59
C LYS E 20 -8.57 -35.79 -2.78
N ASN E 21 -8.85 -34.49 -2.69
CA ASN E 21 -10.21 -34.00 -2.84
C ASN E 21 -10.75 -34.25 -4.24
N GLN E 22 -9.91 -34.10 -5.26
CA GLN E 22 -10.38 -34.10 -6.65
C GLN E 22 -11.25 -35.32 -6.97
N SER E 23 -10.89 -36.49 -6.44
CA SER E 23 -11.57 -37.73 -6.83
C SER E 23 -13.04 -37.70 -6.42
N ALA E 24 -13.34 -37.24 -5.21
CA ALA E 24 -14.72 -37.23 -4.74
C ALA E 24 -15.59 -36.32 -5.60
N LEU E 25 -15.09 -35.13 -5.93
CA LEU E 25 -15.83 -34.21 -6.78
C LEU E 25 -16.06 -34.81 -8.16
N SER E 26 -15.02 -35.42 -8.73
CA SER E 26 -15.17 -36.02 -10.05
C SER E 26 -16.21 -37.14 -10.03
N SER E 27 -16.16 -38.00 -9.02
CA SER E 27 -17.11 -39.10 -8.93
C SER E 27 -18.54 -38.58 -8.75
N SER E 28 -18.73 -37.57 -7.90
CA SER E 28 -20.06 -37.03 -7.69
C SER E 28 -20.61 -36.42 -8.97
N ILE E 29 -19.78 -35.66 -9.70
CA ILE E 29 -20.26 -35.05 -10.93
C ILE E 29 -20.60 -36.12 -11.96
N GLU E 30 -19.75 -37.15 -12.07
CA GLU E 30 -20.03 -38.23 -13.02
C GLU E 30 -21.33 -38.94 -12.69
N ARG E 31 -21.55 -39.25 -11.42
CA ARG E 31 -22.77 -39.94 -11.03
C ARG E 31 -24.01 -39.07 -11.24
N LEU E 32 -23.88 -37.77 -11.00
CA LEU E 32 -25.02 -36.88 -11.25
C LEU E 32 -25.33 -36.79 -12.74
N SER E 33 -24.30 -36.72 -13.58
CA SER E 33 -24.52 -36.60 -15.02
C SER E 33 -25.10 -37.88 -15.61
N SER E 34 -24.49 -39.02 -15.30
CA SER E 34 -24.94 -40.28 -15.88
C SER E 34 -26.22 -40.77 -15.22
N GLY E 35 -26.34 -40.64 -13.92
CA GLY E 35 -27.50 -41.10 -13.18
C GLY E 35 -27.34 -42.46 -12.53
N LEU E 36 -26.33 -43.22 -12.90
CA LEU E 36 -26.09 -44.55 -12.34
C LEU E 36 -24.96 -44.49 -11.31
N ARG E 37 -25.17 -45.18 -10.19
CA ARG E 37 -24.10 -45.26 -9.19
C ARG E 37 -22.91 -46.04 -9.72
N ILE E 38 -23.17 -47.11 -10.47
CA ILE E 38 -22.12 -47.95 -11.04
C ILE E 38 -21.90 -47.46 -12.47
N ASN E 39 -20.93 -46.59 -12.65
CA ASN E 39 -20.56 -46.09 -13.97
C ASN E 39 -19.45 -46.89 -14.61
N SER E 40 -18.79 -47.76 -13.86
CA SER E 40 -17.64 -48.50 -14.35
C SER E 40 -17.38 -49.68 -13.43
N ALA E 41 -16.52 -50.60 -13.89
CA ALA E 41 -16.16 -51.75 -13.07
C ALA E 41 -15.33 -51.34 -11.86
N LYS E 42 -14.70 -50.17 -11.89
CA LYS E 42 -13.95 -49.72 -10.72
C LYS E 42 -14.86 -49.47 -9.53
N ASP E 43 -16.11 -49.10 -9.78
CA ASP E 43 -17.03 -48.83 -8.68
C ASP E 43 -17.29 -50.08 -7.85
N ASP E 44 -18.04 -51.03 -8.43
CA ASP E 44 -18.32 -52.29 -7.77
C ASP E 44 -17.93 -53.49 -8.64
N ALA E 45 -18.52 -53.58 -9.82
CA ALA E 45 -18.35 -54.60 -10.86
C ALA E 45 -18.95 -55.94 -10.50
N ALA E 46 -19.18 -56.21 -9.22
CA ALA E 46 -20.11 -57.29 -8.88
C ALA E 46 -21.53 -56.81 -9.06
N GLY E 47 -21.81 -55.60 -8.59
CA GLY E 47 -23.07 -54.96 -8.93
C GLY E 47 -23.23 -54.79 -10.43
N GLN E 48 -22.15 -54.47 -11.13
CA GLN E 48 -22.23 -54.32 -12.58
C GLN E 48 -22.53 -55.65 -13.26
N ALA E 49 -21.89 -56.74 -12.82
CA ALA E 49 -22.19 -58.05 -13.40
C ALA E 49 -23.63 -58.45 -13.13
N ILE E 50 -24.10 -58.27 -11.89
CA ILE E 50 -25.47 -58.62 -11.55
C ILE E 50 -26.46 -57.77 -12.34
N ALA E 51 -26.14 -56.48 -12.52
CA ALA E 51 -27.00 -55.60 -13.29
C ALA E 51 -27.04 -56.00 -14.75
N ASN E 52 -25.90 -56.40 -15.32
CA ASN E 52 -25.88 -56.88 -16.69
C ASN E 52 -26.77 -58.12 -16.85
N ARG E 53 -26.67 -59.05 -15.91
CA ARG E 53 -27.51 -60.25 -15.98
C ARG E 53 -28.98 -59.89 -15.83
N PHE E 54 -29.32 -58.95 -14.94
CA PHE E 54 -30.71 -58.52 -14.81
C PHE E 54 -31.20 -57.85 -16.09
N THR E 55 -30.35 -57.04 -16.72
CA THR E 55 -30.76 -56.42 -17.99
C THR E 55 -31.05 -57.47 -19.04
N SER E 56 -30.19 -58.49 -19.12
CA SER E 56 -30.43 -59.58 -20.06
C SER E 56 -31.75 -60.27 -19.76
N ASN E 57 -32.04 -60.51 -18.48
CA ASN E 57 -33.30 -61.15 -18.11
C ASN E 57 -34.50 -60.30 -18.49
N ILE E 58 -34.42 -58.98 -18.24
CA ILE E 58 -35.52 -58.09 -18.59
C ILE E 58 -35.79 -58.12 -20.07
N LYS E 59 -34.74 -57.97 -20.88
CA LYS E 59 -34.92 -57.96 -22.32
C LYS E 59 -35.48 -59.28 -22.82
N GLY E 60 -34.95 -60.40 -22.31
CA GLY E 60 -35.44 -61.70 -22.72
C GLY E 60 -36.90 -61.92 -22.36
N LEU E 61 -37.29 -61.53 -21.15
CA LEU E 61 -38.67 -61.75 -20.72
C LEU E 61 -39.64 -60.87 -21.49
N THR E 62 -39.26 -59.62 -21.77
CA THR E 62 -40.13 -58.77 -22.58
C THR E 62 -40.30 -59.33 -23.98
N GLN E 63 -39.21 -59.79 -24.59
CA GLN E 63 -39.33 -60.40 -25.91
C GLN E 63 -40.16 -61.68 -25.85
N ALA E 64 -40.05 -62.44 -24.75
CA ALA E 64 -40.83 -63.65 -24.60
C ALA E 64 -42.33 -63.34 -24.52
N ALA E 65 -42.70 -62.28 -23.81
CA ALA E 65 -44.11 -61.90 -23.77
C ALA E 65 -44.60 -61.47 -25.15
N ARG E 66 -43.78 -60.71 -25.87
CA ARG E 66 -44.16 -60.34 -27.24
C ARG E 66 -44.37 -61.56 -28.10
N ASN E 67 -43.50 -62.56 -27.97
CA ASN E 67 -43.69 -63.81 -28.70
C ASN E 67 -44.96 -64.52 -28.27
N ALA E 68 -45.26 -64.52 -26.96
CA ALA E 68 -46.41 -65.24 -26.45
C ALA E 68 -47.71 -64.68 -27.00
N ASN E 69 -47.76 -63.37 -27.25
CA ASN E 69 -48.97 -62.78 -27.83
C ASN E 69 -49.31 -63.43 -29.18
N ASP E 70 -48.29 -63.80 -29.96
CA ASP E 70 -48.52 -64.36 -31.28
C ASP E 70 -49.27 -65.68 -31.22
N GLY E 71 -48.96 -66.52 -30.24
CA GLY E 71 -49.68 -67.78 -30.10
C GLY E 71 -51.16 -67.56 -29.84
N ILE E 72 -51.48 -66.56 -29.02
CA ILE E 72 -52.88 -66.20 -28.78
C ILE E 72 -53.54 -65.79 -30.09
N SER E 73 -52.83 -64.98 -30.90
CA SER E 73 -53.40 -64.57 -32.18
C SER E 73 -53.69 -65.76 -33.08
N VAL E 74 -52.72 -66.69 -33.18
CA VAL E 74 -52.89 -67.86 -34.03
C VAL E 74 -54.08 -68.69 -33.57
N ALA E 75 -54.17 -68.93 -32.26
CA ALA E 75 -55.27 -69.73 -31.73
C ALA E 75 -56.60 -69.07 -31.98
N GLN E 76 -56.68 -67.74 -31.85
CA GLN E 76 -57.93 -67.04 -32.10
C GLN E 76 -58.37 -67.20 -33.56
N THR E 77 -57.44 -67.03 -34.49
CA THR E 77 -57.79 -67.18 -35.91
C THR E 77 -58.28 -68.59 -36.20
N THR E 78 -57.55 -69.60 -35.70
CA THR E 78 -57.95 -70.98 -35.94
C THR E 78 -59.30 -71.28 -35.32
N GLU E 79 -59.58 -70.71 -34.14
CA GLU E 79 -60.86 -70.91 -33.49
C GLU E 79 -62.00 -70.32 -34.32
N GLY E 80 -61.79 -69.14 -34.90
CA GLY E 80 -62.81 -68.57 -35.77
C GLY E 80 -63.10 -69.45 -36.97
N ALA E 81 -62.05 -69.93 -37.62
CA ALA E 81 -62.25 -70.84 -38.75
C ALA E 81 -63.01 -72.09 -38.32
N LEU E 82 -62.65 -72.66 -37.16
CA LEU E 82 -63.33 -73.84 -36.67
C LEU E 82 -64.80 -73.56 -36.38
N SER E 83 -65.11 -72.36 -35.88
CA SER E 83 -66.50 -72.01 -35.62
C SER E 83 -67.30 -71.98 -36.91
N GLU E 84 -66.73 -71.42 -37.97
CA GLU E 84 -67.44 -71.43 -39.24
C GLU E 84 -67.65 -72.86 -39.74
N ILE E 85 -66.63 -73.71 -39.61
CA ILE E 85 -66.77 -75.11 -40.01
C ILE E 85 -67.88 -75.77 -39.21
N ASN E 86 -67.97 -75.47 -37.91
CA ASN E 86 -69.01 -76.05 -37.06
C ASN E 86 -70.39 -75.62 -37.52
N ASN E 87 -70.55 -74.35 -37.87
CA ASN E 87 -71.85 -73.89 -38.36
C ASN E 87 -72.25 -74.64 -39.63
N ASN E 88 -71.30 -74.80 -40.55
CA ASN E 88 -71.60 -75.53 -41.78
C ASN E 88 -71.98 -76.98 -41.49
N LEU E 89 -71.27 -77.62 -40.54
CA LEU E 89 -71.60 -78.99 -40.18
C LEU E 89 -73.00 -79.08 -39.58
N GLN E 90 -73.37 -78.10 -38.76
CA GLN E 90 -74.72 -78.08 -38.19
C GLN E 90 -75.77 -78.01 -39.29
N ARG E 91 -75.56 -77.13 -40.27
CA ARG E 91 -76.53 -77.04 -41.36
C ARG E 91 -76.59 -78.34 -42.15
N VAL E 92 -75.44 -78.99 -42.37
CA VAL E 92 -75.43 -80.27 -43.07
C VAL E 92 -76.22 -81.31 -42.31
N ARG E 93 -76.09 -81.33 -40.98
CA ARG E 93 -76.87 -82.26 -40.17
C ARG E 93 -78.36 -82.02 -40.30
N GLU E 94 -78.78 -80.75 -40.25
CA GLU E 94 -80.19 -80.44 -40.45
C GLU E 94 -80.66 -80.92 -41.82
N LEU E 95 -79.85 -80.71 -42.85
CA LEU E 95 -80.22 -81.13 -44.19
C LEU E 95 -80.39 -82.65 -44.27
N THR E 96 -79.48 -83.40 -43.62
CA THR E 96 -79.61 -84.85 -43.60
C THR E 96 -80.88 -85.28 -42.89
N VAL E 97 -81.21 -84.63 -41.75
CA VAL E 97 -82.44 -84.95 -41.05
C VAL E 97 -83.64 -84.72 -41.96
N GLN E 98 -83.62 -83.63 -42.72
CA GLN E 98 -84.71 -83.36 -43.64
C GLN E 98 -84.77 -84.39 -44.77
N ALA E 99 -83.61 -84.86 -45.23
CA ALA E 99 -83.57 -85.75 -46.39
C ALA E 99 -83.96 -87.17 -46.05
N THR E 100 -83.68 -87.63 -44.83
CA THR E 100 -83.94 -89.03 -44.47
C THR E 100 -85.42 -89.25 -44.14
N THR E 101 -86.27 -88.92 -45.11
CA THR E 101 -87.72 -89.07 -44.97
C THR E 101 -88.27 -89.75 -46.21
N GLY E 102 -89.29 -90.59 -46.01
CA GLY E 102 -89.89 -91.29 -47.14
C GLY E 102 -90.80 -90.45 -48.00
N THR E 103 -91.26 -89.30 -47.49
CA THR E 103 -92.12 -88.43 -48.27
C THR E 103 -91.38 -87.83 -49.46
N ASN E 104 -90.10 -87.50 -49.28
CA ASN E 104 -89.33 -86.84 -50.32
C ASN E 104 -89.16 -87.74 -51.54
N SER E 105 -89.27 -87.15 -52.72
CA SER E 105 -89.06 -87.87 -53.97
C SER E 105 -87.59 -87.77 -54.38
N GLU E 106 -87.26 -88.39 -55.53
CA GLU E 106 -85.87 -88.46 -55.96
C GLU E 106 -85.29 -87.08 -56.25
N SER E 107 -86.09 -86.21 -56.87
CA SER E 107 -85.60 -84.85 -57.17
C SER E 107 -85.30 -84.09 -55.89
N ASP E 108 -86.12 -84.27 -54.85
CA ASP E 108 -85.86 -83.61 -53.58
C ASP E 108 -84.54 -84.08 -52.98
N LEU E 109 -84.29 -85.39 -53.03
CA LEU E 109 -83.01 -85.91 -52.56
C LEU E 109 -81.86 -85.35 -53.39
N SER E 110 -82.06 -85.21 -54.70
CA SER E 110 -81.01 -84.65 -55.55
C SER E 110 -80.68 -83.23 -55.15
N SER E 111 -81.71 -82.41 -54.91
CA SER E 111 -81.48 -81.02 -54.51
C SER E 111 -80.79 -80.94 -53.15
N ILE E 112 -81.26 -81.74 -52.19
CA ILE E 112 -80.65 -81.72 -50.86
C ILE E 112 -79.20 -82.16 -50.94
N GLN E 113 -78.92 -83.19 -51.75
CA GLN E 113 -77.55 -83.64 -51.93
C GLN E 113 -76.69 -82.58 -52.59
N ASP E 114 -77.24 -81.86 -53.57
CA ASP E 114 -76.49 -80.77 -54.19
C ASP E 114 -76.09 -79.73 -53.15
N GLU E 115 -77.04 -79.32 -52.31
CA GLU E 115 -76.73 -78.33 -51.29
C GLU E 115 -75.72 -78.86 -50.28
N ILE E 116 -75.87 -80.13 -49.88
CA ILE E 116 -74.95 -80.74 -48.92
C ILE E 116 -73.54 -80.80 -49.49
N LYS E 117 -73.42 -81.21 -50.75
CA LYS E 117 -72.12 -81.28 -51.39
C LYS E 117 -71.50 -79.90 -51.52
N SER E 118 -72.31 -78.88 -51.83
CA SER E 118 -71.80 -77.52 -51.88
C SER E 118 -71.25 -77.10 -50.53
N ARG E 119 -71.97 -77.41 -49.46
CA ARG E 119 -71.49 -77.01 -48.13
C ARG E 119 -70.24 -77.78 -47.73
N LEU E 120 -70.15 -79.05 -48.11
CA LEU E 120 -68.93 -79.81 -47.83
C LEU E 120 -67.75 -79.25 -48.60
N ASP E 121 -67.96 -78.86 -49.86
CA ASP E 121 -66.91 -78.21 -50.63
C ASP E 121 -66.49 -76.90 -49.97
N GLU E 122 -67.45 -76.15 -49.45
CA GLU E 122 -67.14 -74.91 -48.75
C GLU E 122 -66.29 -75.19 -47.51
N ILE E 123 -66.64 -76.25 -46.76
CA ILE E 123 -65.87 -76.64 -45.58
C ILE E 123 -64.43 -76.95 -45.98
N ASP E 124 -64.26 -77.76 -47.03
CA ASP E 124 -62.92 -78.14 -47.45
C ASP E 124 -62.13 -76.93 -47.95
N ARG E 125 -62.81 -76.01 -48.65
CA ARG E 125 -62.14 -74.80 -49.11
C ARG E 125 -61.65 -73.95 -47.95
N VAL E 126 -62.50 -73.77 -46.94
CA VAL E 126 -62.09 -72.99 -45.77
C VAL E 126 -60.93 -73.67 -45.06
N SER E 127 -60.97 -74.99 -44.96
CA SER E 127 -59.88 -75.73 -44.34
C SER E 127 -58.56 -75.50 -45.08
N GLY E 128 -58.58 -75.68 -46.40
CA GLY E 128 -57.35 -75.54 -47.16
C GLY E 128 -56.83 -74.12 -47.21
N GLN E 129 -57.73 -73.15 -47.33
CA GLN E 129 -57.35 -71.76 -47.57
C GLN E 129 -56.86 -71.04 -46.33
N THR E 130 -57.33 -71.40 -45.14
CA THR E 130 -57.06 -70.61 -43.94
C THR E 130 -55.58 -70.73 -43.59
N GLN E 131 -54.82 -69.70 -43.92
CA GLN E 131 -53.39 -69.65 -43.66
C GLN E 131 -53.06 -68.42 -42.82
N PHE E 132 -52.17 -68.61 -41.84
CA PHE E 132 -51.73 -67.53 -40.96
C PHE E 132 -50.23 -67.37 -41.11
N ASN E 133 -49.80 -66.19 -41.55
CA ASN E 133 -48.38 -65.87 -41.72
C ASN E 133 -47.69 -66.92 -42.59
N GLY E 134 -48.35 -67.29 -43.68
CA GLY E 134 -47.82 -68.31 -44.57
C GLY E 134 -47.75 -69.68 -43.95
N VAL E 135 -48.71 -70.01 -43.09
CA VAL E 135 -48.78 -71.33 -42.47
C VAL E 135 -50.24 -71.78 -42.53
N ASN E 136 -50.52 -72.80 -43.33
CA ASN E 136 -51.86 -73.35 -43.46
C ASN E 136 -52.13 -74.20 -42.23
N VAL E 137 -52.78 -73.58 -41.23
CA VAL E 137 -52.97 -74.25 -39.94
C VAL E 137 -53.88 -75.47 -40.10
N LEU E 138 -54.98 -75.32 -40.83
CA LEU E 138 -55.94 -76.42 -41.01
C LEU E 138 -55.67 -77.20 -42.29
N ALA E 139 -54.42 -77.61 -42.50
CA ALA E 139 -54.09 -78.39 -43.68
C ALA E 139 -53.11 -79.53 -43.40
N LYS E 140 -52.60 -79.67 -42.18
CA LYS E 140 -51.58 -80.67 -41.89
C LYS E 140 -51.42 -80.79 -40.37
N ASN E 141 -51.30 -82.02 -39.90
CA ASN E 141 -50.99 -82.26 -38.49
C ASN E 141 -49.62 -81.69 -38.17
N GLY E 142 -49.54 -80.98 -37.04
CA GLY E 142 -48.27 -80.40 -36.65
C GLY E 142 -48.32 -79.88 -35.24
N SER E 143 -47.26 -79.17 -34.86
CA SER E 143 -47.14 -78.61 -33.53
C SER E 143 -46.37 -77.30 -33.61
N MET E 144 -46.78 -76.33 -32.82
CA MET E 144 -46.15 -75.02 -32.77
C MET E 144 -45.54 -74.78 -31.41
N LYS E 145 -44.29 -74.33 -31.38
CA LYS E 145 -43.54 -74.15 -30.15
C LYS E 145 -43.33 -72.65 -29.93
N ILE E 146 -43.98 -72.12 -28.90
CA ILE E 146 -43.96 -70.69 -28.60
C ILE E 146 -42.93 -70.44 -27.50
N GLN E 147 -41.94 -69.61 -27.79
CA GLN E 147 -40.92 -69.25 -26.81
C GLN E 147 -41.51 -68.30 -25.78
N VAL E 148 -41.72 -68.81 -24.56
CA VAL E 148 -42.29 -67.99 -23.49
C VAL E 148 -41.29 -67.88 -22.33
N GLY E 149 -40.00 -67.94 -22.65
CA GLY E 149 -38.98 -67.83 -21.64
C GLY E 149 -37.74 -67.17 -22.20
N ALA E 150 -36.78 -66.91 -21.31
CA ALA E 150 -35.55 -66.24 -21.69
C ALA E 150 -34.42 -67.21 -22.00
N ASN E 151 -34.44 -68.40 -21.44
CA ASN E 151 -33.39 -69.39 -21.67
C ASN E 151 -33.78 -70.31 -22.82
N ASP E 152 -33.02 -71.39 -23.00
CA ASP E 152 -33.30 -72.36 -24.05
C ASP E 152 -34.34 -73.37 -23.59
N ASN E 153 -35.11 -73.88 -24.54
CA ASN E 153 -36.15 -74.88 -24.29
C ASN E 153 -37.15 -74.37 -23.24
N GLN E 154 -37.81 -73.28 -23.60
CA GLN E 154 -38.78 -72.63 -22.73
C GLN E 154 -40.12 -72.50 -23.44
N THR E 155 -40.54 -73.56 -24.11
CA THR E 155 -41.59 -73.49 -25.11
C THR E 155 -42.91 -74.06 -24.58
N ILE E 156 -44.01 -73.49 -25.08
CA ILE E 156 -45.35 -74.03 -24.90
C ILE E 156 -45.81 -74.54 -26.26
N THR E 157 -46.24 -75.80 -26.31
CA THR E 157 -46.54 -76.46 -27.57
C THR E 157 -48.01 -76.26 -27.92
N ILE E 158 -48.26 -75.73 -29.12
CA ILE E 158 -49.61 -75.59 -29.66
C ILE E 158 -49.81 -76.70 -30.69
N ASP E 159 -50.90 -77.46 -30.53
CA ASP E 159 -51.19 -78.58 -31.41
C ASP E 159 -52.18 -78.16 -32.49
N LEU E 160 -51.94 -78.61 -33.72
CA LEU E 160 -52.79 -78.32 -34.85
C LEU E 160 -53.15 -79.63 -35.54
N LYS E 161 -54.45 -79.90 -35.66
CA LYS E 161 -54.94 -81.13 -36.29
C LYS E 161 -55.50 -80.80 -37.67
N GLN E 162 -55.12 -81.59 -38.66
CA GLN E 162 -55.65 -81.40 -40.01
C GLN E 162 -57.15 -81.66 -40.02
N ILE E 163 -57.94 -80.62 -40.28
CA ILE E 163 -59.39 -80.71 -40.31
C ILE E 163 -59.85 -80.60 -41.75
N ASP E 164 -60.51 -81.65 -42.25
CA ASP E 164 -61.05 -81.66 -43.60
C ASP E 164 -62.03 -82.82 -43.69
N ALA E 165 -62.63 -82.97 -44.87
CA ALA E 165 -63.58 -84.05 -45.09
C ALA E 165 -62.92 -85.43 -44.94
N LYS E 166 -61.70 -85.56 -45.46
CA LYS E 166 -61.03 -86.86 -45.42
C LYS E 166 -60.76 -87.31 -43.99
N THR E 167 -60.31 -86.39 -43.13
CA THR E 167 -59.95 -86.73 -41.76
C THR E 167 -61.13 -86.68 -40.81
N LEU E 168 -62.34 -86.40 -41.32
CA LEU E 168 -63.54 -86.39 -40.50
C LEU E 168 -64.53 -87.47 -40.91
N GLY E 169 -64.20 -88.28 -41.92
CA GLY E 169 -65.09 -89.32 -42.38
C GLY E 169 -66.13 -88.89 -43.38
N LEU E 170 -66.23 -87.60 -43.67
CA LEU E 170 -67.21 -87.08 -44.61
C LEU E 170 -66.64 -86.96 -46.02
N ASP E 171 -66.05 -88.05 -46.50
CA ASP E 171 -65.47 -88.12 -47.84
C ASP E 171 -66.37 -89.02 -48.69
N GLY E 172 -67.16 -88.40 -49.56
CA GLY E 172 -68.16 -89.13 -50.32
C GLY E 172 -69.53 -89.17 -49.68
N PHE E 173 -69.77 -88.34 -48.66
CA PHE E 173 -71.05 -88.32 -47.95
C PHE E 173 -72.18 -87.97 -48.90
N SER E 174 -73.07 -88.92 -49.15
CA SER E 174 -74.18 -88.73 -50.06
C SER E 174 -75.47 -89.27 -49.45
N VAL E 175 -76.59 -88.73 -49.91
CA VAL E 175 -77.90 -89.17 -49.45
C VAL E 175 -78.76 -89.57 -50.65
N LYS E 176 -78.11 -89.99 -51.74
CA LYS E 176 -78.83 -90.38 -52.94
C LYS E 176 -78.01 -91.42 -53.69
N ASN E 177 -78.67 -92.10 -54.62
CA ASN E 177 -78.03 -93.14 -55.41
C ASN E 177 -77.57 -92.59 -56.76
N THR E 407 -75.26 -93.80 -48.35
CA THR E 407 -74.42 -93.80 -47.16
C THR E 407 -75.17 -94.41 -45.97
N THR E 408 -74.48 -95.28 -45.23
CA THR E 408 -75.07 -95.93 -44.07
C THR E 408 -74.70 -95.16 -42.80
N ASP E 409 -75.67 -95.08 -41.89
CA ASP E 409 -75.53 -94.34 -40.64
C ASP E 409 -74.99 -92.92 -40.86
N PRO E 410 -75.72 -92.08 -41.59
CA PRO E 410 -75.21 -90.73 -41.90
C PRO E 410 -75.15 -89.83 -40.66
N LEU E 411 -76.22 -89.84 -39.89
CA LEU E 411 -76.31 -88.94 -38.73
C LEU E 411 -75.24 -89.27 -37.69
N LYS E 412 -74.96 -90.57 -37.51
CA LYS E 412 -73.91 -90.95 -36.57
C LYS E 412 -72.55 -90.41 -37.00
N ALA E 413 -72.24 -90.51 -38.29
CA ALA E 413 -70.97 -89.98 -38.79
C ALA E 413 -70.91 -88.47 -38.63
N LEU E 414 -72.01 -87.77 -38.90
CA LEU E 414 -72.02 -86.32 -38.75
C LEU E 414 -71.81 -85.93 -37.29
N ASP E 415 -72.48 -86.63 -36.38
CA ASP E 415 -72.29 -86.35 -34.95
C ASP E 415 -70.85 -86.62 -34.53
N ASP E 416 -70.26 -87.70 -35.06
CA ASP E 416 -68.87 -88.00 -34.74
C ASP E 416 -67.94 -86.89 -35.24
N ALA E 417 -68.20 -86.35 -36.43
CA ALA E 417 -67.38 -85.26 -36.94
C ALA E 417 -67.51 -84.03 -36.05
N ILE E 418 -68.72 -83.70 -35.61
CA ILE E 418 -68.92 -82.55 -34.74
C ILE E 418 -68.18 -82.75 -33.42
N ALA E 419 -68.31 -83.94 -32.83
CA ALA E 419 -67.62 -84.26 -31.59
C ALA E 419 -66.12 -84.44 -31.76
N SER E 420 -65.64 -84.50 -33.00
CA SER E 420 -64.21 -84.50 -33.25
C SER E 420 -63.65 -83.10 -33.45
N VAL E 421 -64.46 -82.17 -33.96
CA VAL E 421 -63.95 -80.81 -34.12
C VAL E 421 -64.04 -80.02 -32.81
N ASP E 422 -65.05 -80.30 -31.97
CA ASP E 422 -65.13 -79.56 -30.72
C ASP E 422 -63.97 -79.89 -29.78
N LYS E 423 -63.39 -81.09 -29.90
CA LYS E 423 -62.21 -81.43 -29.12
C LYS E 423 -61.04 -80.51 -29.45
N PHE E 424 -60.80 -80.29 -30.74
CA PHE E 424 -59.75 -79.38 -31.16
C PHE E 424 -60.04 -77.96 -30.68
N ARG E 425 -61.31 -77.55 -30.74
CA ARG E 425 -61.67 -76.23 -30.24
C ARG E 425 -61.35 -76.10 -28.76
N SER E 426 -61.68 -77.13 -27.96
CA SER E 426 -61.40 -77.10 -26.54
C SER E 426 -59.91 -77.04 -26.26
N SER E 427 -59.12 -77.80 -27.02
CA SER E 427 -57.67 -77.75 -26.84
C SER E 427 -57.14 -76.36 -27.14
N LEU E 428 -57.66 -75.72 -28.19
CA LEU E 428 -57.25 -74.35 -28.51
C LEU E 428 -57.60 -73.39 -27.37
N GLY E 429 -58.80 -73.51 -26.81
CA GLY E 429 -59.16 -72.65 -25.69
C GLY E 429 -58.24 -72.86 -24.49
N ALA E 430 -57.91 -74.12 -24.19
CA ALA E 430 -57.02 -74.40 -23.07
C ALA E 430 -55.65 -73.78 -23.28
N VAL E 431 -55.11 -73.90 -24.50
CA VAL E 431 -53.78 -73.34 -24.72
C VAL E 431 -53.85 -71.81 -24.72
N GLN E 432 -54.97 -71.22 -25.13
CA GLN E 432 -55.11 -69.77 -25.01
C GLN E 432 -55.05 -69.33 -23.56
N ASN E 433 -55.76 -70.04 -22.68
CA ASN E 433 -55.73 -69.69 -21.26
C ASN E 433 -54.32 -69.84 -20.69
N ARG E 434 -53.63 -70.92 -21.07
CA ARG E 434 -52.25 -71.12 -20.61
C ARG E 434 -51.36 -69.98 -21.05
N LEU E 435 -51.47 -69.57 -22.31
CA LEU E 435 -50.62 -68.48 -22.82
C LEU E 435 -50.93 -67.17 -22.10
N ASP E 436 -52.21 -66.89 -21.84
CA ASP E 436 -52.54 -65.66 -21.13
C ASP E 436 -51.93 -65.64 -19.74
N SER E 437 -52.04 -66.77 -19.02
CA SER E 437 -51.42 -66.85 -17.70
C SER E 437 -49.92 -66.64 -17.79
N ALA E 438 -49.28 -67.22 -18.83
CA ALA E 438 -47.85 -67.04 -19.02
C ALA E 438 -47.50 -65.58 -19.23
N VAL E 439 -48.28 -64.87 -20.04
CA VAL E 439 -48.02 -63.45 -20.28
C VAL E 439 -48.11 -62.66 -18.98
N THR E 440 -49.15 -62.92 -18.19
CA THR E 440 -49.31 -62.19 -16.94
C THR E 440 -48.13 -62.43 -16.00
N ASN E 441 -47.72 -63.69 -15.86
CA ASN E 441 -46.59 -64.01 -14.99
C ASN E 441 -45.31 -63.36 -15.49
N LEU E 442 -45.10 -63.35 -16.82
CA LEU E 442 -43.90 -62.72 -17.37
C LEU E 442 -43.89 -61.23 -17.10
N ASN E 443 -45.04 -60.57 -17.21
CA ASN E 443 -45.10 -59.14 -16.90
C ASN E 443 -44.74 -58.89 -15.45
N ASN E 444 -45.29 -59.68 -14.53
CA ASN E 444 -44.98 -59.50 -13.11
C ASN E 444 -43.50 -59.69 -12.84
N THR E 445 -42.92 -60.75 -13.40
CA THR E 445 -41.50 -61.03 -13.18
C THR E 445 -40.62 -59.94 -13.76
N THR E 446 -40.98 -59.43 -14.94
CA THR E 446 -40.21 -58.35 -15.55
C THR E 446 -40.22 -57.12 -14.67
N THR E 447 -41.40 -56.75 -14.15
CA THR E 447 -41.47 -55.57 -13.27
C THR E 447 -40.61 -55.76 -12.03
N ASN E 448 -40.70 -56.93 -11.41
CA ASN E 448 -39.93 -57.16 -10.18
C ASN E 448 -38.43 -57.11 -10.44
N LEU E 449 -37.97 -57.77 -11.51
CA LEU E 449 -36.54 -57.80 -11.80
C LEU E 449 -36.03 -56.42 -12.18
N SER E 450 -36.84 -55.64 -12.91
CA SER E 450 -36.44 -54.28 -13.24
C SER E 450 -36.30 -53.43 -11.98
N GLU E 451 -37.22 -53.60 -11.03
CA GLU E 451 -37.11 -52.82 -9.80
C GLU E 451 -35.89 -53.24 -8.99
N ALA E 452 -35.54 -54.54 -9.00
CA ALA E 452 -34.32 -54.96 -8.33
C ALA E 452 -33.08 -54.37 -8.99
N GLN E 453 -33.05 -54.36 -10.32
CA GLN E 453 -31.94 -53.72 -11.03
C GLN E 453 -31.85 -52.24 -10.67
N SER E 454 -33.00 -51.60 -10.49
CA SER E 454 -33.00 -50.21 -10.01
C SER E 454 -32.39 -50.11 -8.63
N ARG E 455 -32.74 -51.04 -7.73
CA ARG E 455 -32.17 -51.02 -6.40
C ARG E 455 -30.66 -51.22 -6.41
N ILE E 456 -30.13 -51.86 -7.44
CA ILE E 456 -28.71 -52.21 -7.48
C ILE E 456 -27.87 -51.13 -8.18
N GLN E 457 -28.25 -50.76 -9.41
CA GLN E 457 -27.35 -49.97 -10.24
C GLN E 457 -27.59 -48.46 -10.15
N ASP E 458 -28.77 -48.03 -9.72
CA ASP E 458 -29.10 -46.61 -9.79
C ASP E 458 -28.52 -45.85 -8.61
N ALA E 459 -28.46 -44.52 -8.76
CA ALA E 459 -27.84 -43.63 -7.79
C ALA E 459 -28.91 -42.79 -7.07
N ASP E 460 -28.59 -42.41 -5.84
CA ASP E 460 -29.47 -41.59 -5.00
C ASP E 460 -29.01 -40.14 -5.10
N TYR E 461 -29.83 -39.29 -5.71
CA TYR E 461 -29.39 -37.94 -6.05
C TYR E 461 -29.17 -37.07 -4.82
N ALA E 462 -29.88 -37.33 -3.72
CA ALA E 462 -29.68 -36.52 -2.52
C ALA E 462 -28.25 -36.65 -2.01
N THR E 463 -27.78 -37.88 -1.85
CA THR E 463 -26.42 -38.12 -1.38
C THR E 463 -25.40 -37.55 -2.36
N GLU E 464 -25.64 -37.72 -3.66
CA GLU E 464 -24.70 -37.23 -4.65
C GLU E 464 -24.61 -35.71 -4.65
N VAL E 465 -25.74 -35.02 -4.53
CA VAL E 465 -25.73 -33.57 -4.47
C VAL E 465 -25.01 -33.09 -3.23
N SER E 466 -25.29 -33.71 -2.07
CA SER E 466 -24.59 -33.32 -0.85
C SER E 466 -23.09 -33.54 -0.98
N ASN E 467 -22.68 -34.67 -1.55
CA ASN E 467 -21.27 -34.96 -1.72
C ASN E 467 -20.61 -33.96 -2.65
N MET E 468 -21.27 -33.63 -3.76
CA MET E 468 -20.70 -32.67 -4.71
C MET E 468 -20.55 -31.30 -4.08
N SER E 469 -21.57 -30.85 -3.34
CA SER E 469 -21.46 -29.56 -2.67
C SER E 469 -20.32 -29.55 -1.66
N LYS E 470 -20.22 -30.61 -0.87
CA LYS E 470 -19.14 -30.69 0.12
C LYS E 470 -17.78 -30.69 -0.55
N ALA E 471 -17.63 -31.42 -1.65
CA ALA E 471 -16.36 -31.45 -2.37
C ALA E 471 -16.01 -30.08 -2.91
N GLN E 472 -16.99 -29.35 -3.44
CA GLN E 472 -16.73 -28.00 -3.94
C GLN E 472 -16.28 -27.08 -2.80
N ILE E 473 -16.94 -27.17 -1.65
CA ILE E 473 -16.54 -26.35 -0.50
C ILE E 473 -15.10 -26.66 -0.11
N ILE E 474 -14.77 -27.95 -0.04
CA ILE E 474 -13.41 -28.33 0.36
C ILE E 474 -12.40 -27.85 -0.68
N GLN E 475 -12.77 -27.87 -1.96
CA GLN E 475 -11.86 -27.42 -3.00
C GLN E 475 -11.56 -25.92 -2.87
N GLN E 476 -12.60 -25.12 -2.69
CA GLN E 476 -12.37 -23.68 -2.53
C GLN E 476 -11.57 -23.39 -1.26
N ALA E 477 -11.88 -24.09 -0.17
CA ALA E 477 -11.12 -23.91 1.06
C ALA E 477 -9.65 -24.25 0.85
N GLY E 478 -9.38 -25.37 0.17
CA GLY E 478 -8.00 -25.75 -0.09
C GLY E 478 -7.29 -24.75 -0.98
N ASN E 479 -8.00 -24.18 -1.95
CA ASN E 479 -7.38 -23.15 -2.79
C ASN E 479 -6.99 -21.93 -1.98
N SER E 480 -7.88 -21.48 -1.09
CA SER E 480 -7.56 -20.34 -0.25
C SER E 480 -6.37 -20.63 0.66
N VAL E 481 -6.36 -21.82 1.27
CA VAL E 481 -5.26 -22.19 2.16
C VAL E 481 -3.95 -22.29 1.37
N LEU E 482 -4.02 -22.78 0.13
CA LEU E 482 -2.82 -22.86 -0.70
C LEU E 482 -2.28 -21.47 -1.01
N ALA E 483 -3.16 -20.53 -1.34
CA ALA E 483 -2.71 -19.16 -1.59
C ALA E 483 -2.04 -18.59 -0.35
N LYS E 484 -2.64 -18.81 0.83
CA LYS E 484 -2.04 -18.34 2.06
C LYS E 484 -0.67 -18.98 2.30
N ALA E 485 -0.56 -20.29 2.05
CA ALA E 485 0.69 -20.99 2.26
C ALA E 485 1.79 -20.46 1.35
N ASN E 486 1.46 -20.21 0.08
CA ASN E 486 2.45 -19.60 -0.80
C ASN E 486 2.80 -18.19 -0.37
N GLN E 487 1.87 -17.48 0.26
CA GLN E 487 2.18 -16.15 0.78
C GLN E 487 3.05 -16.20 2.03
N VAL E 488 3.04 -17.32 2.75
CA VAL E 488 3.78 -17.40 4.02
C VAL E 488 5.26 -17.01 3.90
N PRO E 489 6.05 -17.53 2.95
CA PRO E 489 7.51 -17.36 3.03
C PRO E 489 8.04 -15.94 2.82
N GLN E 490 7.17 -14.94 2.75
CA GLN E 490 7.63 -13.60 2.35
C GLN E 490 8.53 -12.94 3.38
N GLN E 491 8.39 -13.26 4.67
CA GLN E 491 9.12 -12.49 5.69
C GLN E 491 10.62 -12.60 5.57
N VAL E 492 11.14 -13.61 4.86
CA VAL E 492 12.58 -13.70 4.67
C VAL E 492 13.08 -12.51 3.87
N LEU E 493 12.27 -11.99 2.95
CA LEU E 493 12.66 -10.81 2.19
C LEU E 493 12.79 -9.60 3.09
N SER E 494 11.86 -9.43 4.02
CA SER E 494 11.97 -8.34 4.99
C SER E 494 13.20 -8.53 5.88
N LEU E 495 13.47 -9.78 6.28
CA LEU E 495 14.66 -10.06 7.07
C LEU E 495 15.93 -9.64 6.33
N LEU E 496 16.03 -10.01 5.05
CA LEU E 496 17.20 -9.64 4.26
C LEU E 496 17.30 -8.13 4.09
N GLN E 497 16.17 -7.48 3.81
CA GLN E 497 16.18 -6.03 3.65
C GLN E 497 16.52 -5.33 4.96
N GLY E 498 16.00 -5.84 6.07
CA GLY E 498 16.26 -5.24 7.37
C GLY E 498 15.02 -4.64 8.01
N GLN F 3 105.21 57.72 54.09
CA GLN F 3 105.93 56.88 53.13
C GLN F 3 105.97 55.45 53.63
N VAL F 4 105.36 55.24 54.79
CA VAL F 4 105.40 54.00 55.54
C VAL F 4 105.07 52.80 54.68
N ILE F 5 105.93 51.79 54.71
CA ILE F 5 105.73 50.55 53.99
C ILE F 5 105.58 49.36 54.93
N ASN F 6 105.71 49.58 56.24
CA ASN F 6 105.42 48.57 57.24
C ASN F 6 103.92 48.43 57.50
N THR F 7 103.11 49.32 56.94
CA THR F 7 101.66 49.29 57.06
C THR F 7 101.07 49.95 55.82
N ASN F 8 100.05 49.30 55.25
CA ASN F 8 99.43 49.74 54.00
C ASN F 8 97.92 49.88 54.20
N SER F 9 97.56 50.70 55.20
CA SER F 9 96.19 50.93 55.63
C SER F 9 95.17 50.90 54.50
N LEU F 10 95.52 51.51 53.35
CA LEU F 10 94.66 51.45 52.18
C LEU F 10 94.23 50.03 51.86
N SER F 11 95.20 49.11 51.85
CA SER F 11 94.87 47.71 51.58
C SER F 11 93.94 47.14 52.65
N LEU F 12 94.17 47.51 53.90
CA LEU F 12 93.31 47.02 54.98
C LEU F 12 91.87 47.48 54.78
N ILE F 13 91.67 48.75 54.42
CA ILE F 13 90.32 49.25 54.18
C ILE F 13 89.69 48.53 52.99
N THR F 14 90.46 48.32 51.93
CA THR F 14 89.90 47.65 50.76
C THR F 14 89.49 46.22 51.08
N GLN F 15 90.33 45.51 51.84
CA GLN F 15 89.98 44.16 52.26
C GLN F 15 88.74 44.16 53.15
N ASN F 16 88.62 45.16 54.02
CA ASN F 16 87.42 45.27 54.85
C ASN F 16 86.19 45.41 53.99
N ASN F 17 86.25 46.27 52.97
CA ASN F 17 85.09 46.46 52.09
C ASN F 17 84.76 45.19 51.32
N ILE F 18 85.78 44.48 50.84
CA ILE F 18 85.53 43.25 50.09
C ILE F 18 84.90 42.19 50.99
N ASN F 19 85.40 42.06 52.21
CA ASN F 19 84.82 41.11 53.15
C ASN F 19 83.39 41.48 53.50
N LYS F 20 83.10 42.78 53.57
CA LYS F 20 81.73 43.22 53.78
C LYS F 20 80.84 42.82 52.60
N ASN F 21 81.35 42.92 51.38
CA ASN F 21 80.58 42.51 50.21
C ASN F 21 80.31 41.00 50.22
N GLN F 22 81.28 40.22 50.69
CA GLN F 22 81.19 38.76 50.60
C GLN F 22 79.87 38.22 51.13
N SER F 23 79.40 38.75 52.26
CA SER F 23 78.16 38.25 52.85
C SER F 23 76.97 38.47 51.94
N ALA F 24 76.86 39.67 51.35
CA ALA F 24 75.76 39.95 50.44
C ALA F 24 75.83 39.07 49.20
N LEU F 25 77.03 38.89 48.66
CA LEU F 25 77.18 38.04 47.48
C LEU F 25 76.74 36.61 47.77
N SER F 26 77.19 36.07 48.90
CA SER F 26 76.82 34.71 49.27
C SER F 26 75.32 34.60 49.51
N SER F 27 74.72 35.60 50.16
CA SER F 27 73.28 35.55 50.40
C SER F 27 72.50 35.57 49.09
N SER F 28 72.92 36.40 48.14
CA SER F 28 72.24 36.45 46.85
C SER F 28 72.33 35.10 46.14
N ILE F 29 73.51 34.49 46.14
CA ILE F 29 73.66 33.20 45.49
C ILE F 29 72.83 32.12 46.17
N GLU F 30 72.80 32.11 47.50
CA GLU F 30 71.98 31.13 48.21
C GLU F 30 70.51 31.31 47.88
N ARG F 31 70.03 32.55 47.86
CA ARG F 31 68.63 32.80 47.56
C ARG F 31 68.28 32.38 46.13
N LEU F 32 69.17 32.64 45.18
CA LEU F 32 68.92 32.19 43.81
C LEU F 32 68.89 30.67 43.71
N SER F 33 69.84 29.99 44.35
CA SER F 33 69.95 28.54 44.21
C SER F 33 68.78 27.83 44.89
N SER F 34 68.48 28.22 46.14
CA SER F 34 67.45 27.51 46.88
C SER F 34 66.05 27.87 46.38
N GLY F 35 65.81 29.14 46.10
CA GLY F 35 64.51 29.61 45.69
C GLY F 35 63.71 30.30 46.77
N LEU F 36 64.19 30.27 48.02
CA LEU F 36 63.52 30.91 49.14
C LEU F 36 64.41 32.02 49.69
N ARG F 37 63.79 33.16 50.02
CA ARG F 37 64.54 34.24 50.65
C ARG F 37 64.96 33.87 52.06
N ILE F 38 64.13 33.11 52.78
CA ILE F 38 64.43 32.68 54.14
C ILE F 38 64.96 31.25 54.07
N ASN F 39 66.27 31.13 53.96
CA ASN F 39 66.93 29.84 53.99
C ASN F 39 67.40 29.45 55.39
N SER F 40 67.32 30.36 56.35
CA SER F 40 67.76 30.11 57.71
C SER F 40 67.09 31.12 58.62
N ALA F 41 67.19 30.87 59.93
CA ALA F 41 66.61 31.77 60.90
C ALA F 41 67.28 33.13 60.93
N LYS F 42 68.55 33.22 60.52
CA LYS F 42 69.24 34.49 60.54
C LYS F 42 68.59 35.49 59.59
N ASP F 43 67.90 35.00 58.57
CA ASP F 43 67.22 35.89 57.63
C ASP F 43 66.11 36.67 58.33
N ASP F 44 65.03 35.98 58.68
CA ASP F 44 63.93 36.58 59.42
C ASP F 44 63.62 35.82 60.71
N ALA F 45 63.28 34.53 60.57
CA ALA F 45 62.90 33.57 61.60
C ALA F 45 61.53 33.85 62.22
N ALA F 46 61.05 35.08 62.14
CA ALA F 46 59.62 35.27 62.40
C ALA F 46 58.83 34.84 61.18
N GLY F 47 59.28 35.26 59.99
CA GLY F 47 58.74 34.72 58.77
C GLY F 47 58.92 33.22 58.69
N GLN F 48 60.05 32.70 59.17
CA GLN F 48 60.28 31.27 59.10
C GLN F 48 59.34 30.50 60.01
N ALA F 49 59.13 30.99 61.24
CA ALA F 49 58.18 30.32 62.13
C ALA F 49 56.76 30.38 61.56
N ILE F 50 56.35 31.54 61.06
CA ILE F 50 55.02 31.69 60.51
C ILE F 50 54.85 30.80 59.28
N ALA F 51 55.90 30.69 58.47
CA ALA F 51 55.86 29.83 57.29
C ALA F 51 55.77 28.36 57.69
N ASN F 52 56.47 27.96 58.75
CA ASN F 52 56.35 26.60 59.25
C ASN F 52 54.91 26.30 59.64
N ARG F 53 54.27 27.24 60.34
CA ARG F 53 52.88 27.03 60.74
C ARG F 53 51.96 26.97 59.52
N PHE F 54 52.19 27.83 58.52
CA PHE F 54 51.41 27.76 57.29
C PHE F 54 51.58 26.43 56.57
N THR F 55 52.82 25.92 56.51
CA THR F 55 53.05 24.63 55.87
C THR F 55 52.29 23.53 56.59
N SER F 56 52.31 23.56 57.92
CA SER F 56 51.54 22.59 58.70
C SER F 56 50.06 22.67 58.35
N ASN F 57 49.52 23.89 58.29
CA ASN F 57 48.10 24.05 57.97
C ASN F 57 47.79 23.53 56.57
N ILE F 58 48.65 23.81 55.60
CA ILE F 58 48.45 23.34 54.24
C ILE F 58 48.37 21.83 54.20
N LYS F 59 49.35 21.16 54.80
CA LYS F 59 49.39 19.70 54.78
C LYS F 59 48.17 19.12 55.48
N GLY F 60 47.79 19.69 56.63
CA GLY F 60 46.64 19.21 57.34
C GLY F 60 45.35 19.34 56.54
N LEU F 61 45.16 20.48 55.88
CA LEU F 61 43.93 20.68 55.13
C LEU F 61 43.85 19.78 53.91
N THR F 62 44.98 19.58 53.22
CA THR F 62 44.98 18.63 52.10
C THR F 62 44.61 17.24 52.58
N GLN F 63 45.20 16.81 53.69
CA GLN F 63 44.87 15.48 54.22
C GLN F 63 43.40 15.41 54.64
N ALA F 64 42.86 16.50 55.18
CA ALA F 64 41.47 16.51 55.61
C ALA F 64 40.53 16.35 54.42
N ALA F 65 40.82 17.05 53.32
CA ALA F 65 40.00 16.87 52.12
C ALA F 65 40.07 15.44 51.61
N ARG F 66 41.28 14.86 51.60
CA ARG F 66 41.42 13.47 51.21
C ARG F 66 40.57 12.56 52.10
N ASN F 67 40.54 12.84 53.40
CA ASN F 67 39.72 12.04 54.32
C ASN F 67 38.23 12.18 54.00
N ALA F 68 37.78 13.41 53.72
CA ALA F 68 36.35 13.64 53.47
C ALA F 68 35.89 12.89 52.22
N ASN F 69 36.76 12.78 51.22
CA ASN F 69 36.40 12.01 50.03
C ASN F 69 36.03 10.57 50.39
N ASP F 70 36.75 9.98 51.35
CA ASP F 70 36.46 8.62 51.76
C ASP F 70 35.07 8.50 52.38
N GLY F 71 34.69 9.48 53.21
CA GLY F 71 33.35 9.48 53.76
C GLY F 71 32.30 9.56 52.67
N ILE F 72 32.55 10.39 51.64
CA ILE F 72 31.62 10.45 50.51
C ILE F 72 31.48 9.09 49.86
N SER F 73 32.60 8.38 49.67
CA SER F 73 32.57 7.06 49.05
C SER F 73 31.76 6.08 49.89
N VAL F 74 31.98 6.08 51.21
CA VAL F 74 31.23 5.20 52.09
C VAL F 74 29.74 5.47 51.97
N ALA F 75 29.38 6.76 51.96
CA ALA F 75 27.98 7.14 51.84
C ALA F 75 27.37 6.61 50.56
N GLN F 76 28.09 6.75 49.44
CA GLN F 76 27.55 6.28 48.16
C GLN F 76 27.35 4.76 48.16
N THR F 77 28.33 4.02 48.71
CA THR F 77 28.20 2.57 48.76
C THR F 77 26.97 2.14 49.57
N THR F 78 26.84 2.70 50.77
CA THR F 78 25.68 2.35 51.59
C THR F 78 24.38 2.78 50.94
N GLU F 79 24.39 3.88 50.18
CA GLU F 79 23.19 4.29 49.47
C GLU F 79 22.79 3.28 48.41
N GLY F 80 23.77 2.75 47.66
CA GLY F 80 23.45 1.72 46.68
C GLY F 80 22.84 0.48 47.33
N ALA F 81 23.44 0.04 48.45
CA ALA F 81 22.88 -1.11 49.16
C ALA F 81 21.45 -0.83 49.60
N LEU F 82 21.20 0.37 50.14
CA LEU F 82 19.85 0.72 50.58
C LEU F 82 18.88 0.75 49.41
N SER F 83 19.33 1.17 48.23
CA SER F 83 18.48 1.18 47.05
C SER F 83 18.06 -0.25 46.67
N GLU F 84 19.01 -1.19 46.73
CA GLU F 84 18.65 -2.57 46.45
C GLU F 84 17.63 -3.09 47.46
N ILE F 85 17.82 -2.77 48.74
CA ILE F 85 16.86 -3.19 49.76
C ILE F 85 15.49 -2.59 49.48
N ASN F 86 15.46 -1.33 49.02
CA ASN F 86 14.20 -0.67 48.69
C ASN F 86 13.49 -1.40 47.56
N ASN F 87 14.23 -1.80 46.53
CA ASN F 87 13.61 -2.54 45.42
C ASN F 87 13.00 -3.85 45.91
N ASN F 88 13.74 -4.56 46.77
CA ASN F 88 13.21 -5.81 47.30
C ASN F 88 11.92 -5.57 48.11
N LEU F 89 11.92 -4.51 48.92
CA LEU F 89 10.72 -4.19 49.70
C LEU F 89 9.54 -3.86 48.80
N GLN F 90 9.79 -3.13 47.72
CA GLN F 90 8.72 -2.80 46.78
C GLN F 90 8.13 -4.06 46.15
N ARG F 91 8.98 -5.01 45.77
CA ARG F 91 8.47 -6.26 45.22
C ARG F 91 7.65 -7.02 46.26
N VAL F 92 8.12 -7.04 47.51
CA VAL F 92 7.36 -7.68 48.57
C VAL F 92 5.99 -7.02 48.72
N ARG F 93 5.94 -5.70 48.58
CA ARG F 93 4.65 -5.00 48.66
C ARG F 93 3.73 -5.39 47.52
N GLU F 94 4.28 -5.53 46.30
CA GLU F 94 3.47 -6.05 45.20
C GLU F 94 2.85 -7.38 45.61
N LEU F 95 3.68 -8.27 46.15
CA LEU F 95 3.23 -9.61 46.48
C LEU F 95 2.14 -9.58 47.54
N THR F 96 2.27 -8.70 48.52
CA THR F 96 1.23 -8.57 49.54
C THR F 96 -0.08 -8.10 48.92
N VAL F 97 -0.02 -7.09 48.04
CA VAL F 97 -1.23 -6.59 47.41
C VAL F 97 -1.88 -7.70 46.58
N GLN F 98 -1.07 -8.51 45.92
CA GLN F 98 -1.63 -9.59 45.10
C GLN F 98 -2.21 -10.70 45.97
N ALA F 99 -1.61 -10.97 47.13
CA ALA F 99 -2.02 -12.09 47.94
C ALA F 99 -3.24 -11.78 48.81
N THR F 100 -3.44 -10.52 49.16
CA THR F 100 -4.57 -10.19 50.03
C THR F 100 -5.88 -10.14 49.23
N THR F 101 -6.21 -11.23 48.54
CA THR F 101 -7.42 -11.33 47.75
C THR F 101 -8.10 -12.67 48.02
N GLY F 102 -9.43 -12.67 48.00
CA GLY F 102 -10.18 -13.88 48.29
C GLY F 102 -10.20 -14.91 47.18
N THR F 103 -9.88 -14.50 45.95
CA THR F 103 -9.90 -15.44 44.84
C THR F 103 -8.75 -16.44 44.91
N ASN F 104 -7.62 -16.04 45.46
CA ASN F 104 -6.45 -16.91 45.53
C ASN F 104 -6.74 -18.13 46.39
N SER F 105 -6.24 -19.28 45.95
CA SER F 105 -6.38 -20.52 46.70
C SER F 105 -5.20 -20.65 47.68
N GLU F 106 -5.11 -21.79 48.35
CA GLU F 106 -4.08 -21.95 49.38
C GLU F 106 -2.70 -22.16 48.76
N SER F 107 -2.62 -22.92 47.67
CA SER F 107 -1.33 -23.12 47.01
C SER F 107 -0.80 -21.82 46.42
N ASP F 108 -1.69 -20.95 45.94
CA ASP F 108 -1.28 -19.65 45.46
C ASP F 108 -0.62 -18.83 46.57
N LEU F 109 -1.25 -18.83 47.74
CA LEU F 109 -0.67 -18.15 48.88
C LEU F 109 0.65 -18.79 49.29
N SER F 110 0.76 -20.11 49.15
CA SER F 110 2.01 -20.80 49.47
C SER F 110 3.13 -20.33 48.57
N SER F 111 2.87 -20.25 47.27
CA SER F 111 3.89 -19.75 46.34
C SER F 111 4.25 -18.30 46.60
N ILE F 112 3.23 -17.47 46.86
CA ILE F 112 3.47 -16.07 47.16
C ILE F 112 4.35 -15.94 48.40
N GLN F 113 4.03 -16.69 49.45
CA GLN F 113 4.80 -16.61 50.69
C GLN F 113 6.21 -17.15 50.49
N ASP F 114 6.36 -18.19 49.67
CA ASP F 114 7.70 -18.68 49.36
C ASP F 114 8.55 -17.58 48.73
N GLU F 115 7.99 -16.88 47.75
CA GLU F 115 8.76 -15.80 47.12
C GLU F 115 9.02 -14.65 48.09
N ILE F 116 8.03 -14.33 48.93
CA ILE F 116 8.20 -13.24 49.89
C ILE F 116 9.31 -13.57 50.87
N LYS F 117 9.31 -14.78 51.43
CA LYS F 117 10.35 -15.15 52.37
C LYS F 117 11.71 -15.25 51.69
N SER F 118 11.73 -15.67 50.42
CA SER F 118 12.97 -15.66 49.66
C SER F 118 13.55 -14.25 49.58
N ARG F 119 12.70 -13.27 49.25
CA ARG F 119 13.19 -11.90 49.12
C ARG F 119 13.54 -11.29 50.47
N LEU F 120 12.83 -11.65 51.54
CA LEU F 120 13.20 -11.16 52.87
C LEU F 120 14.55 -11.73 53.28
N ASP F 121 14.79 -13.01 52.99
CA ASP F 121 16.10 -13.59 53.25
C ASP F 121 17.18 -12.90 52.43
N GLU F 122 16.84 -12.52 51.20
CA GLU F 122 17.79 -11.75 50.39
C GLU F 122 18.10 -10.41 51.02
N ILE F 123 17.08 -9.75 51.58
CA ILE F 123 17.29 -8.48 52.28
C ILE F 123 18.24 -8.67 53.45
N ASP F 124 18.01 -9.73 54.24
CA ASP F 124 18.89 -10.02 55.37
C ASP F 124 20.32 -10.29 54.89
N ARG F 125 20.45 -11.02 53.78
CA ARG F 125 21.77 -11.28 53.23
C ARG F 125 22.46 -10.00 52.80
N VAL F 126 21.74 -9.11 52.13
CA VAL F 126 22.32 -7.83 51.73
C VAL F 126 22.77 -7.05 52.96
N SER F 127 21.98 -7.08 54.02
CA SER F 127 22.38 -6.43 55.26
C SER F 127 23.68 -7.02 55.81
N GLY F 128 23.77 -8.35 55.82
CA GLY F 128 24.91 -8.98 56.48
C GLY F 128 26.19 -8.89 55.67
N GLN F 129 26.13 -9.26 54.39
CA GLN F 129 27.34 -9.43 53.58
C GLN F 129 27.96 -8.09 53.16
N THR F 130 27.15 -7.06 53.01
CA THR F 130 27.64 -5.78 52.48
C THR F 130 28.56 -5.13 53.50
N GLN F 131 29.87 -5.24 53.26
CA GLN F 131 30.89 -4.72 54.14
C GLN F 131 31.84 -3.81 53.37
N PHE F 132 32.26 -2.72 54.01
CA PHE F 132 33.18 -1.76 53.41
C PHE F 132 34.42 -1.66 54.28
N ASN F 133 35.59 -1.91 53.68
CA ASN F 133 36.88 -1.72 54.33
C ASN F 133 36.92 -2.37 55.71
N GLY F 134 36.44 -3.60 55.78
CA GLY F 134 36.35 -4.29 57.05
C GLY F 134 35.37 -3.69 58.03
N VAL F 135 34.28 -3.10 57.54
CA VAL F 135 33.24 -2.54 58.38
C VAL F 135 31.90 -2.93 57.81
N ASN F 136 31.12 -3.70 58.57
CA ASN F 136 29.76 -4.08 58.17
C ASN F 136 28.85 -2.91 58.48
N VAL F 137 28.62 -2.08 57.45
CA VAL F 137 27.91 -0.82 57.67
C VAL F 137 26.46 -1.07 58.09
N LEU F 138 25.75 -1.93 57.36
CA LEU F 138 24.35 -2.22 57.65
C LEU F 138 24.20 -3.46 58.52
N ALA F 139 24.91 -3.50 59.65
CA ALA F 139 24.81 -4.63 60.56
C ALA F 139 24.77 -4.23 62.03
N LYS F 140 24.91 -2.95 62.35
CA LYS F 140 24.92 -2.50 63.73
C LYS F 140 24.77 -0.99 63.77
N ASN F 141 24.04 -0.50 64.77
CA ASN F 141 23.91 0.94 64.95
C ASN F 141 25.25 1.53 65.39
N GLY F 142 25.61 2.66 64.79
CA GLY F 142 26.85 3.30 65.15
C GLY F 142 26.97 4.66 64.51
N SER F 143 28.19 5.20 64.56
CA SER F 143 28.47 6.52 64.01
C SER F 143 29.91 6.55 63.53
N MET F 144 30.15 7.37 62.50
CA MET F 144 31.46 7.52 61.91
C MET F 144 31.91 8.97 62.02
N LYS F 145 33.17 9.17 62.35
CA LYS F 145 33.74 10.51 62.54
C LYS F 145 34.84 10.72 61.51
N ILE F 146 34.63 11.68 60.62
CA ILE F 146 35.57 11.98 59.55
C ILE F 146 36.27 13.29 59.88
N GLN F 147 37.61 13.24 59.97
CA GLN F 147 38.40 14.43 60.24
C GLN F 147 38.40 15.33 59.01
N VAL F 148 37.69 16.45 59.09
CA VAL F 148 37.60 17.37 57.96
C VAL F 148 38.23 18.70 58.36
N GLY F 149 39.22 18.65 59.26
CA GLY F 149 39.91 19.84 59.70
C GLY F 149 41.37 19.52 59.98
N ALA F 150 42.09 20.54 60.42
CA ALA F 150 43.51 20.41 60.73
C ALA F 150 43.79 20.21 62.22
N ASN F 151 42.91 20.70 63.09
CA ASN F 151 43.10 20.61 64.52
C ASN F 151 42.26 19.45 65.08
N ASP F 152 42.24 19.32 66.40
CA ASP F 152 41.50 18.25 67.04
C ASP F 152 40.02 18.60 67.14
N ASN F 153 39.19 17.55 67.16
CA ASN F 153 37.74 17.68 67.25
C ASN F 153 37.20 18.60 66.14
N GLN F 154 37.46 18.17 64.90
CA GLN F 154 37.08 18.90 63.70
C GLN F 154 36.34 17.95 62.75
N THR F 155 35.39 17.20 63.29
CA THR F 155 34.83 16.03 62.61
C THR F 155 33.37 16.23 62.25
N ILE F 156 32.97 15.55 61.18
CA ILE F 156 31.57 15.43 60.76
C ILE F 156 31.12 14.00 61.03
N THR F 157 29.94 13.85 61.61
CA THR F 157 29.44 12.55 62.05
C THR F 157 28.47 11.97 61.04
N ILE F 158 28.73 10.74 60.60
CA ILE F 158 27.83 9.98 59.75
C ILE F 158 27.14 8.92 60.59
N ASP F 159 25.83 8.79 60.44
CA ASP F 159 25.05 7.84 61.21
C ASP F 159 24.81 6.58 60.40
N LEU F 160 24.89 5.43 61.08
CA LEU F 160 24.65 4.13 60.46
C LEU F 160 23.66 3.37 61.32
N LYS F 161 22.54 2.96 60.72
CA LYS F 161 21.48 2.23 61.41
C LYS F 161 21.45 0.80 60.91
N GLN F 162 21.36 -0.15 61.84
CA GLN F 162 21.20 -1.55 61.49
C GLN F 162 19.88 -1.77 60.77
N ILE F 163 19.94 -2.14 59.49
CA ILE F 163 18.76 -2.33 58.67
C ILE F 163 18.68 -3.82 58.32
N ASP F 164 17.63 -4.48 58.80
CA ASP F 164 17.38 -5.89 58.50
C ASP F 164 15.94 -6.19 58.87
N ALA F 165 15.56 -7.47 58.76
CA ALA F 165 14.19 -7.87 59.02
C ALA F 165 13.80 -7.59 60.48
N LYS F 166 14.71 -7.88 61.42
CA LYS F 166 14.39 -7.68 62.82
C LYS F 166 14.16 -6.20 63.15
N THR F 167 15.01 -5.32 62.60
CA THR F 167 14.92 -3.90 62.87
C THR F 167 13.96 -3.18 61.93
N LEU F 168 13.08 -3.91 61.26
CA LEU F 168 12.08 -3.30 60.39
C LEU F 168 10.68 -3.82 60.65
N GLY F 169 10.50 -4.71 61.61
CA GLY F 169 9.19 -5.28 61.89
C GLY F 169 8.82 -6.45 61.02
N LEU F 170 9.58 -6.73 59.97
CA LEU F 170 9.30 -7.86 59.08
C LEU F 170 10.05 -9.11 59.53
N ASP F 171 9.90 -9.47 60.80
CA ASP F 171 10.52 -10.65 61.39
C ASP F 171 9.42 -11.68 61.63
N GLY F 172 9.25 -12.59 60.67
CA GLY F 172 8.17 -13.54 60.69
C GLY F 172 7.00 -13.19 59.80
N PHE F 173 7.18 -12.24 58.88
CA PHE F 173 6.10 -11.81 58.02
C PHE F 173 5.58 -12.95 57.17
N SER F 174 4.29 -13.26 57.30
CA SER F 174 3.67 -14.34 56.55
C SER F 174 2.32 -13.88 56.01
N VAL F 175 1.90 -14.50 54.92
CA VAL F 175 0.60 -14.23 54.31
C VAL F 175 -0.16 -15.53 54.13
N LYS F 176 0.15 -16.52 54.96
CA LYS F 176 -0.50 -17.81 54.89
C LYS F 176 -0.52 -18.45 56.27
N ASN F 177 -1.37 -19.45 56.43
CA ASN F 177 -1.50 -20.15 57.70
C ASN F 177 -0.67 -21.42 57.73
N THR F 407 -0.45 -12.73 59.37
CA THR F 407 0.01 -11.44 59.86
C THR F 407 -1.03 -10.36 59.62
N THR F 408 -1.44 -9.68 60.69
CA THR F 408 -2.40 -8.60 60.58
C THR F 408 -1.75 -7.36 59.98
N ASP F 409 -2.59 -6.49 59.41
CA ASP F 409 -2.27 -5.23 58.72
C ASP F 409 -0.90 -5.29 58.04
N PRO F 410 -0.72 -6.17 57.05
CA PRO F 410 0.61 -6.33 56.44
C PRO F 410 1.09 -5.09 55.69
N LEU F 411 0.20 -4.50 54.90
CA LEU F 411 0.59 -3.38 54.06
C LEU F 411 1.05 -2.19 54.88
N LYS F 412 0.45 -1.98 56.04
CA LYS F 412 0.93 -0.93 56.94
C LYS F 412 2.35 -1.21 57.41
N ALA F 413 2.65 -2.48 57.73
CA ALA F 413 4.00 -2.85 58.12
C ALA F 413 5.00 -2.56 57.00
N LEU F 414 4.65 -2.95 55.77
CA LEU F 414 5.54 -2.68 54.65
C LEU F 414 5.73 -1.18 54.43
N ASP F 415 4.66 -0.41 54.59
CA ASP F 415 4.76 1.03 54.39
C ASP F 415 5.69 1.67 55.42
N ASP F 416 5.57 1.28 56.69
CA ASP F 416 6.44 1.89 57.69
C ASP F 416 7.88 1.45 57.50
N ALA F 417 8.10 0.20 57.08
CA ALA F 417 9.47 -0.23 56.79
C ALA F 417 10.07 0.58 55.64
N ILE F 418 9.30 0.81 54.60
CA ILE F 418 9.80 1.59 53.45
C ILE F 418 10.10 3.02 53.88
N ALA F 419 9.23 3.61 54.70
CA ALA F 419 9.50 4.96 55.19
C ALA F 419 10.74 4.98 56.08
N SER F 420 10.97 3.93 56.86
CA SER F 420 12.12 3.90 57.75
C SER F 420 13.42 3.78 56.96
N VAL F 421 13.42 3.06 55.84
CA VAL F 421 14.64 3.04 55.04
C VAL F 421 14.81 4.33 54.25
N ASP F 422 13.70 4.97 53.87
CA ASP F 422 13.81 6.25 53.17
C ASP F 422 14.38 7.34 54.08
N LYS F 423 14.05 7.31 55.37
CA LYS F 423 14.64 8.25 56.31
C LYS F 423 16.16 8.14 56.32
N PHE F 424 16.67 6.92 56.42
CA PHE F 424 18.10 6.70 56.43
C PHE F 424 18.74 7.16 55.13
N ARG F 425 18.08 6.87 54.00
CA ARG F 425 18.62 7.29 52.71
C ARG F 425 18.70 8.81 52.60
N SER F 426 17.66 9.51 53.05
CA SER F 426 17.67 10.97 52.98
C SER F 426 18.75 11.56 53.87
N SER F 427 18.89 11.03 55.09
CA SER F 427 19.96 11.51 55.97
C SER F 427 21.32 11.28 55.34
N LEU F 428 21.51 10.13 54.69
CA LEU F 428 22.78 9.82 54.06
C LEU F 428 23.10 10.81 52.93
N GLY F 429 22.10 11.13 52.11
CA GLY F 429 22.31 12.11 51.05
C GLY F 429 22.63 13.48 51.59
N ALA F 430 21.97 13.88 52.68
CA ALA F 430 22.29 15.16 53.30
C ALA F 430 23.75 15.19 53.76
N VAL F 431 24.21 14.09 54.37
CA VAL F 431 25.61 14.02 54.79
C VAL F 431 26.53 14.10 53.58
N GLN F 432 26.14 13.50 52.47
CA GLN F 432 26.94 13.59 51.25
C GLN F 432 27.13 15.04 50.81
N ASN F 433 26.03 15.79 50.74
CA ASN F 433 26.12 17.19 50.35
C ASN F 433 26.97 17.98 51.34
N ARG F 434 26.80 17.69 52.63
CA ARG F 434 27.62 18.31 53.67
C ARG F 434 29.10 18.12 53.39
N LEU F 435 29.51 16.88 53.14
CA LEU F 435 30.92 16.59 52.92
C LEU F 435 31.44 17.25 51.64
N ASP F 436 30.61 17.30 50.60
CA ASP F 436 31.06 17.94 49.36
C ASP F 436 31.32 19.43 49.58
N SER F 437 30.41 20.12 50.27
CA SER F 437 30.63 21.53 50.56
C SER F 437 31.87 21.73 51.41
N ALA F 438 32.08 20.85 52.38
CA ALA F 438 33.29 20.93 53.20
C ALA F 438 34.54 20.80 52.34
N VAL F 439 34.52 19.86 51.39
CA VAL F 439 35.68 19.65 50.52
C VAL F 439 35.98 20.91 49.72
N THR F 440 34.95 21.51 49.15
CA THR F 440 35.17 22.71 48.32
C THR F 440 35.75 23.85 49.16
N ASN F 441 35.19 24.06 50.36
CA ASN F 441 35.71 25.13 51.22
C ASN F 441 37.15 24.86 51.61
N LEU F 442 37.48 23.60 51.90
CA LEU F 442 38.86 23.26 52.25
C LEU F 442 39.80 23.54 51.10
N ASN F 443 39.38 23.23 49.87
CA ASN F 443 40.23 23.51 48.71
C ASN F 443 40.50 25.01 48.59
N ASN F 444 39.46 25.83 48.73
CA ASN F 444 39.67 27.27 48.62
C ASN F 444 40.59 27.78 49.73
N THR F 445 40.39 27.30 50.96
CA THR F 445 41.24 27.73 52.07
C THR F 445 42.68 27.32 51.84
N THR F 446 42.90 26.11 51.33
CA THR F 446 44.26 25.64 51.07
C THR F 446 44.94 26.52 50.03
N THR F 447 44.22 26.88 48.97
CA THR F 447 44.82 27.75 47.96
C THR F 447 45.20 29.10 48.55
N ASN F 448 44.29 29.68 49.35
CA ASN F 448 44.58 30.97 49.96
C ASN F 448 45.78 30.90 50.90
N LEU F 449 45.86 29.85 51.71
CA LEU F 449 47.00 29.69 52.61
C LEU F 449 48.29 29.50 51.83
N SER F 450 48.24 28.78 50.71
CA SER F 450 49.43 28.62 49.88
C SER F 450 49.92 29.96 49.37
N GLU F 451 49.00 30.81 48.90
CA GLU F 451 49.39 32.15 48.47
C GLU F 451 49.97 32.97 49.63
N ALA F 452 49.36 32.86 50.81
CA ALA F 452 49.87 33.61 51.95
C ALA F 452 51.29 33.19 52.31
N GLN F 453 51.56 31.89 52.29
CA GLN F 453 52.93 31.41 52.52
C GLN F 453 53.86 31.88 51.41
N SER F 454 53.38 31.89 50.17
CA SER F 454 54.21 32.32 49.05
C SER F 454 54.65 33.76 49.22
N ARG F 455 53.75 34.63 49.67
CA ARG F 455 54.09 36.02 49.87
C ARG F 455 55.07 36.25 51.02
N ILE F 456 55.50 35.20 51.71
CA ILE F 456 56.38 35.32 52.87
C ILE F 456 57.72 34.63 52.64
N GLN F 457 57.68 33.35 52.28
CA GLN F 457 58.93 32.57 52.28
C GLN F 457 59.65 32.57 50.94
N ASP F 458 58.95 32.84 49.85
CA ASP F 458 59.56 32.76 48.53
C ASP F 458 60.31 34.04 48.18
N ALA F 459 61.30 33.89 47.30
CA ALA F 459 62.17 34.99 46.91
C ALA F 459 61.78 35.55 45.55
N ASP F 460 62.09 36.82 45.34
CA ASP F 460 61.81 37.53 44.10
C ASP F 460 63.08 37.53 43.25
N TYR F 461 63.07 36.76 42.16
CA TYR F 461 64.30 36.48 41.44
C TYR F 461 64.93 37.72 40.83
N ALA F 462 64.13 38.68 40.36
CA ALA F 462 64.71 39.87 39.74
C ALA F 462 65.56 40.65 40.73
N THR F 463 65.06 40.85 41.95
CA THR F 463 65.83 41.55 42.97
C THR F 463 67.10 40.80 43.30
N GLU F 464 67.02 39.47 43.42
CA GLU F 464 68.19 38.68 43.76
C GLU F 464 69.24 38.76 42.67
N VAL F 465 68.82 38.73 41.40
CA VAL F 465 69.75 38.86 40.29
C VAL F 465 70.43 40.22 40.31
N SER F 466 69.66 41.28 40.56
CA SER F 466 70.26 42.60 40.64
C SER F 466 71.28 42.68 41.77
N ASN F 467 70.95 42.12 42.93
CA ASN F 467 71.88 42.13 44.06
C ASN F 467 73.14 41.34 43.73
N MET F 468 73.00 40.18 43.07
CA MET F 468 74.16 39.39 42.70
C MET F 468 75.07 40.14 41.74
N SER F 469 74.48 40.79 40.73
CA SER F 469 75.28 41.56 39.79
C SER F 469 76.00 42.69 40.49
N LYS F 470 75.30 43.41 41.38
CA LYS F 470 75.92 44.48 42.14
C LYS F 470 77.10 43.96 42.96
N ALA F 471 76.90 42.85 43.65
CA ALA F 471 77.96 42.29 44.48
C ALA F 471 79.16 41.89 43.63
N GLN F 472 78.92 41.27 42.48
CA GLN F 472 80.02 40.86 41.60
C GLN F 472 80.82 42.07 41.11
N ILE F 473 80.12 43.12 40.68
CA ILE F 473 80.84 44.27 40.14
C ILE F 473 81.65 44.96 41.24
N ILE F 474 81.05 45.12 42.43
CA ILE F 474 81.78 45.72 43.54
C ILE F 474 82.98 44.86 43.93
N GLN F 475 82.82 43.54 43.88
CA GLN F 475 83.92 42.63 44.21
C GLN F 475 85.09 42.79 43.23
N GLN F 476 84.79 42.84 41.93
CA GLN F 476 85.86 43.04 40.95
C GLN F 476 86.52 44.41 41.13
N ALA F 477 85.72 45.44 41.37
CA ALA F 477 86.27 46.77 41.60
C ALA F 477 87.21 46.76 42.80
N GLY F 478 86.78 46.13 43.89
CA GLY F 478 87.62 46.06 45.07
C GLY F 478 88.93 45.32 44.81
N ASN F 479 88.88 44.24 44.04
CA ASN F 479 90.11 43.53 43.71
C ASN F 479 91.06 44.41 42.92
N SER F 480 90.54 45.13 41.93
CA SER F 480 91.41 45.99 41.12
C SER F 480 92.05 47.08 41.98
N VAL F 481 91.24 47.77 42.78
CA VAL F 481 91.78 48.84 43.60
C VAL F 481 92.74 48.29 44.66
N LEU F 482 92.48 47.08 45.16
CA LEU F 482 93.38 46.47 46.13
C LEU F 482 94.73 46.16 45.50
N ALA F 483 94.72 45.66 44.26
CA ALA F 483 95.98 45.41 43.57
C ALA F 483 96.77 46.70 43.39
N LYS F 484 96.09 47.78 42.99
CA LYS F 484 96.80 49.05 42.83
C LYS F 484 97.30 49.58 44.17
N ALA F 485 96.52 49.40 45.24
CA ALA F 485 96.97 49.82 46.56
C ALA F 485 98.22 49.06 46.99
N ASN F 486 98.26 47.75 46.71
CA ASN F 486 99.48 47.00 47.00
C ASN F 486 100.64 47.46 46.13
N GLN F 487 100.36 47.94 44.93
CA GLN F 487 101.42 48.50 44.09
C GLN F 487 101.92 49.85 44.58
N VAL F 488 101.13 50.55 45.39
CA VAL F 488 101.52 51.89 45.84
C VAL F 488 102.89 51.96 46.50
N PRO F 489 103.24 51.10 47.48
CA PRO F 489 104.46 51.34 48.28
C PRO F 489 105.79 51.32 47.53
N GLN F 490 105.78 51.13 46.21
CA GLN F 490 107.03 50.85 45.51
C GLN F 490 107.96 52.06 45.44
N GLN F 491 107.42 53.28 45.45
CA GLN F 491 108.26 54.45 45.22
C GLN F 491 109.30 54.68 46.33
N VAL F 492 109.12 54.05 47.49
CA VAL F 492 110.15 54.14 48.52
C VAL F 492 111.44 53.50 48.02
N LEU F 493 111.33 52.42 47.24
CA LEU F 493 112.51 51.80 46.66
C LEU F 493 113.20 52.75 45.69
N SER F 494 112.41 53.48 44.89
CA SER F 494 113.00 54.48 43.99
C SER F 494 113.71 55.57 44.78
N LEU F 495 113.11 56.00 45.89
CA LEU F 495 113.76 56.99 46.75
C LEU F 495 115.09 56.47 47.26
N LEU F 496 115.12 55.21 47.71
CA LEU F 496 116.35 54.63 48.24
C LEU F 496 117.43 54.49 47.18
N GLN F 497 117.06 53.94 46.02
CA GLN F 497 118.06 53.68 44.98
C GLN F 497 118.67 54.98 44.46
N GLY F 498 117.84 56.00 44.25
CA GLY F 498 118.33 57.28 43.75
C GLY F 498 117.79 57.65 42.38
N GLN G 3 -5.86 -29.13 -11.84
CA GLN G 3 -6.48 -27.82 -11.99
C GLN G 3 -6.56 -27.46 -13.46
N VAL G 4 -6.41 -28.49 -14.29
CA VAL G 4 -6.29 -28.38 -15.74
C VAL G 4 -7.41 -27.54 -16.35
N ILE G 5 -7.06 -26.57 -17.20
CA ILE G 5 -8.04 -25.72 -17.85
C ILE G 5 -7.97 -25.82 -19.36
N ASN G 6 -7.04 -26.57 -19.92
CA ASN G 6 -7.01 -26.82 -21.35
C ASN G 6 -7.88 -28.00 -21.75
N THR G 7 -8.43 -28.71 -20.77
CA THR G 7 -9.34 -29.82 -20.99
C THR G 7 -10.35 -29.86 -19.85
N ASN G 8 -11.60 -30.13 -20.18
CA ASN G 8 -12.68 -30.10 -19.20
C ASN G 8 -13.36 -31.46 -19.11
N SER G 9 -12.56 -32.52 -18.96
CA SER G 9 -12.98 -33.91 -19.05
C SER G 9 -14.37 -34.17 -18.48
N LEU G 10 -14.68 -33.58 -17.33
CA LEU G 10 -16.02 -33.73 -16.74
C LEU G 10 -17.10 -33.25 -17.70
N SER G 11 -16.86 -32.10 -18.35
CA SER G 11 -17.80 -31.62 -19.35
C SER G 11 -17.94 -32.59 -20.51
N LEU G 12 -16.84 -33.22 -20.92
CA LEU G 12 -16.90 -34.22 -21.98
C LEU G 12 -17.77 -35.40 -21.56
N ILE G 13 -17.61 -35.87 -20.33
CA ILE G 13 -18.45 -36.96 -19.84
C ILE G 13 -19.91 -36.55 -19.85
N THR G 14 -20.20 -35.32 -19.38
CA THR G 14 -21.58 -34.87 -19.34
C THR G 14 -22.18 -34.80 -20.74
N GLN G 15 -21.43 -34.27 -21.71
CA GLN G 15 -21.92 -34.22 -23.09
C GLN G 15 -22.14 -35.62 -23.64
N ASN G 16 -21.25 -36.56 -23.32
CA ASN G 16 -21.43 -37.93 -23.78
C ASN G 16 -22.72 -38.53 -23.21
N ASN G 17 -22.98 -38.29 -21.92
CA ASN G 17 -24.20 -38.81 -21.32
C ASN G 17 -25.44 -38.18 -21.93
N ILE G 18 -25.39 -36.88 -22.22
CA ILE G 18 -26.53 -36.23 -22.86
C ILE G 18 -26.76 -36.81 -24.25
N ASN G 19 -25.68 -37.05 -25.00
CA ASN G 19 -25.80 -37.65 -26.33
C ASN G 19 -26.42 -39.04 -26.24
N LYS G 20 -26.02 -39.81 -25.23
CA LYS G 20 -26.63 -41.12 -25.02
C LYS G 20 -28.11 -40.99 -24.70
N ASN G 21 -28.48 -39.99 -23.92
CA ASN G 21 -29.87 -39.82 -23.50
C ASN G 21 -30.77 -39.39 -24.65
N GLN G 22 -30.23 -38.62 -25.61
CA GLN G 22 -31.05 -38.04 -26.68
C GLN G 22 -31.89 -39.09 -27.41
N SER G 23 -31.34 -40.29 -27.59
CA SER G 23 -31.99 -41.30 -28.43
C SER G 23 -33.33 -41.72 -27.87
N ALA G 24 -33.40 -41.95 -26.56
CA ALA G 24 -34.65 -42.39 -25.94
C ALA G 24 -35.73 -41.34 -26.09
N LEU G 25 -35.39 -40.08 -25.85
CA LEU G 25 -36.35 -38.99 -26.00
C LEU G 25 -36.86 -38.90 -27.43
N SER G 26 -35.94 -38.97 -28.40
CA SER G 26 -36.33 -38.88 -29.80
C SER G 26 -37.27 -40.02 -30.17
N SER G 27 -36.91 -41.25 -29.78
CA SER G 27 -37.74 -42.41 -30.12
C SER G 27 -39.10 -42.31 -29.46
N SER G 28 -39.15 -41.88 -28.20
CA SER G 28 -40.43 -41.77 -27.50
C SER G 28 -41.34 -40.76 -28.18
N ILE G 29 -40.79 -39.58 -28.53
CA ILE G 29 -41.63 -38.58 -29.19
C ILE G 29 -42.10 -39.08 -30.55
N GLU G 30 -41.22 -39.74 -31.31
CA GLU G 30 -41.62 -40.25 -32.61
C GLU G 30 -42.73 -41.28 -32.48
N ARG G 31 -42.61 -42.20 -31.51
CA ARG G 31 -43.64 -43.21 -31.32
C ARG G 31 -44.96 -42.58 -30.87
N LEU G 32 -44.89 -41.57 -29.99
CA LEU G 32 -46.11 -40.92 -29.55
C LEU G 32 -46.81 -40.19 -30.70
N SER G 33 -46.03 -39.53 -31.56
CA SER G 33 -46.62 -38.82 -32.69
C SER G 33 -47.23 -39.79 -33.70
N SER G 34 -46.47 -40.82 -34.08
CA SER G 34 -46.96 -41.74 -35.10
C SER G 34 -48.02 -42.68 -34.54
N GLY G 35 -47.82 -43.19 -33.33
CA GLY G 35 -48.72 -44.17 -32.76
C GLY G 35 -48.34 -45.61 -33.03
N LEU G 36 -47.35 -45.85 -33.88
CA LEU G 36 -46.87 -47.19 -34.18
C LEU G 36 -45.51 -47.41 -33.54
N ARG G 37 -45.35 -48.58 -32.92
CA ARG G 37 -44.07 -48.90 -32.29
C ARG G 37 -42.97 -49.08 -33.33
N ILE G 38 -43.31 -49.66 -34.47
CA ILE G 38 -42.34 -49.93 -35.54
C ILE G 38 -42.51 -48.82 -36.57
N ASN G 39 -41.70 -47.76 -36.42
CA ASN G 39 -41.68 -46.67 -37.39
C ASN G 39 -40.63 -46.85 -38.47
N SER G 40 -39.75 -47.85 -38.32
CA SER G 40 -38.67 -48.07 -39.29
C SER G 40 -38.14 -49.48 -39.10
N ALA G 41 -37.34 -49.93 -40.07
CA ALA G 41 -36.74 -51.26 -39.98
C ALA G 41 -35.75 -51.35 -38.84
N LYS G 42 -35.16 -50.23 -38.43
CA LYS G 42 -34.20 -50.26 -37.34
C LYS G 42 -34.82 -50.74 -36.04
N ASP G 43 -36.13 -50.53 -35.86
CA ASP G 43 -36.79 -50.96 -34.64
C ASP G 43 -36.81 -52.48 -34.54
N ASP G 44 -37.64 -53.13 -35.35
CA ASP G 44 -37.70 -54.59 -35.39
C ASP G 44 -37.45 -55.14 -36.79
N ALA G 45 -38.27 -54.74 -37.76
CA ALA G 45 -38.26 -55.10 -39.17
C ALA G 45 -38.68 -56.54 -39.44
N ALA G 46 -38.60 -57.41 -38.43
CA ALA G 46 -39.30 -58.69 -38.55
C ALA G 46 -40.77 -58.49 -38.25
N GLY G 47 -41.07 -57.74 -37.18
CA GLY G 47 -42.42 -57.28 -36.96
C GLY G 47 -42.93 -56.43 -38.11
N GLN G 48 -42.04 -55.63 -38.71
CA GLN G 48 -42.45 -54.80 -39.84
C GLN G 48 -42.81 -55.66 -41.05
N ALA G 49 -42.01 -56.68 -41.35
CA ALA G 49 -42.35 -57.56 -42.47
C ALA G 49 -43.65 -58.31 -42.20
N ILE G 50 -43.81 -58.83 -40.99
CA ILE G 50 -45.05 -59.54 -40.64
C ILE G 50 -46.24 -58.59 -40.73
N ALA G 51 -46.06 -57.34 -40.30
CA ALA G 51 -47.15 -56.36 -40.38
C ALA G 51 -47.49 -56.02 -41.82
N ASN G 52 -46.49 -55.92 -42.69
CA ASN G 52 -46.75 -55.68 -44.10
C ASN G 52 -47.58 -56.81 -44.69
N ARG G 53 -47.19 -58.05 -44.40
CA ARG G 53 -47.96 -59.20 -44.90
C ARG G 53 -49.37 -59.20 -44.32
N PHE G 54 -49.50 -58.83 -43.04
CA PHE G 54 -50.81 -58.79 -42.40
C PHE G 54 -51.71 -57.75 -43.05
N THR G 55 -51.17 -56.58 -43.34
CA THR G 55 -51.94 -55.54 -44.00
C THR G 55 -52.37 -55.99 -45.39
N SER G 56 -51.48 -56.65 -46.12
CA SER G 56 -51.85 -57.20 -47.41
C SER G 56 -53.01 -58.18 -47.28
N ASN G 57 -52.94 -59.06 -46.27
CA ASN G 57 -54.02 -60.02 -46.06
C ASN G 57 -55.34 -59.33 -45.71
N ILE G 58 -55.29 -58.30 -44.86
CA ILE G 58 -56.50 -57.57 -44.50
C ILE G 58 -57.15 -56.96 -45.73
N LYS G 59 -56.35 -56.26 -46.54
CA LYS G 59 -56.91 -55.61 -47.73
C LYS G 59 -57.47 -56.65 -48.70
N GLY G 60 -56.74 -57.74 -48.90
CA GLY G 60 -57.21 -58.77 -49.81
C GLY G 60 -58.52 -59.40 -49.35
N LEU G 61 -58.62 -59.70 -48.06
CA LEU G 61 -59.84 -60.34 -47.55
C LEU G 61 -61.03 -59.39 -47.62
N THR G 62 -60.83 -58.11 -47.30
CA THR G 62 -61.92 -57.15 -47.39
C THR G 62 -62.40 -57.02 -48.84
N GLN G 63 -61.46 -56.91 -49.78
CA GLN G 63 -61.84 -56.84 -51.18
C GLN G 63 -62.54 -58.12 -51.63
N ALA G 64 -62.11 -59.26 -51.10
CA ALA G 64 -62.74 -60.53 -51.44
C ALA G 64 -64.19 -60.57 -50.97
N ALA G 65 -64.46 -60.06 -49.76
CA ALA G 65 -65.85 -59.99 -49.29
C ALA G 65 -66.68 -59.08 -50.18
N ARG G 66 -66.11 -57.92 -50.55
CA ARG G 66 -66.83 -57.02 -51.45
C ARG G 66 -67.16 -57.71 -52.77
N ASN G 67 -66.21 -58.48 -53.31
CA ASN G 67 -66.48 -59.24 -54.52
C ASN G 67 -67.56 -60.29 -54.30
N ALA G 68 -67.52 -60.97 -53.15
CA ALA G 68 -68.44 -62.07 -52.89
C ALA G 68 -69.88 -61.58 -52.83
N ASN G 69 -70.09 -60.36 -52.35
CA ASN G 69 -71.46 -59.82 -52.33
C ASN G 69 -72.06 -59.76 -53.74
N ASP G 70 -71.24 -59.51 -54.76
CA ASP G 70 -71.74 -59.37 -56.11
C ASP G 70 -72.37 -60.67 -56.62
N GLY G 71 -71.75 -61.81 -56.30
CA GLY G 71 -72.32 -63.08 -56.70
C GLY G 71 -73.70 -63.31 -56.11
N ILE G 72 -73.88 -62.93 -54.84
CA ILE G 72 -75.19 -63.02 -54.22
C ILE G 72 -76.18 -62.15 -54.98
N SER G 73 -75.77 -60.94 -55.37
CA SER G 73 -76.67 -60.08 -56.12
C SER G 73 -77.08 -60.71 -57.45
N VAL G 74 -76.12 -61.28 -58.17
CA VAL G 74 -76.40 -61.91 -59.46
C VAL G 74 -77.38 -63.06 -59.27
N ALA G 75 -77.12 -63.91 -58.29
CA ALA G 75 -77.99 -65.06 -58.04
C ALA G 75 -79.40 -64.61 -57.69
N GLN G 76 -79.52 -63.56 -56.89
CA GLN G 76 -80.84 -63.04 -56.53
C GLN G 76 -81.60 -62.59 -57.77
N THR G 77 -80.94 -61.83 -58.64
CA THR G 77 -81.62 -61.33 -59.84
C THR G 77 -82.09 -62.48 -60.73
N THR G 78 -81.20 -63.42 -61.01
CA THR G 78 -81.57 -64.54 -61.87
C THR G 78 -82.66 -65.39 -61.23
N GLU G 79 -82.63 -65.55 -59.90
CA GLU G 79 -83.66 -66.32 -59.22
C GLU G 79 -85.03 -65.65 -59.36
N GLY G 80 -85.08 -64.33 -59.25
CA GLY G 80 -86.34 -63.63 -59.48
C GLY G 80 -86.86 -63.85 -60.89
N ALA G 81 -85.96 -63.76 -61.88
CA ALA G 81 -86.37 -64.02 -63.25
C ALA G 81 -86.94 -65.43 -63.40
N LEU G 82 -86.26 -66.42 -62.80
CA LEU G 82 -86.75 -67.79 -62.88
C LEU G 82 -88.09 -67.94 -62.18
N SER G 83 -88.33 -67.19 -61.10
CA SER G 83 -89.63 -67.24 -60.44
C SER G 83 -90.73 -66.77 -61.37
N GLU G 84 -90.49 -65.67 -62.08
CA GLU G 84 -91.49 -65.20 -63.05
C GLU G 84 -91.73 -66.24 -64.14
N ILE G 85 -90.65 -66.85 -64.65
CA ILE G 85 -90.79 -67.88 -65.67
C ILE G 85 -91.62 -69.05 -65.14
N ASN G 86 -91.40 -69.42 -63.88
CA ASN G 86 -92.15 -70.51 -63.27
C ASN G 86 -93.63 -70.17 -63.19
N ASN G 87 -93.96 -68.93 -62.83
CA ASN G 87 -95.37 -68.54 -62.80
C ASN G 87 -96.00 -68.65 -64.18
N ASN G 88 -95.28 -68.20 -65.21
CA ASN G 88 -95.79 -68.31 -66.57
C ASN G 88 -96.01 -69.78 -66.95
N LEU G 89 -95.07 -70.64 -66.60
CA LEU G 89 -95.20 -72.06 -66.91
C LEU G 89 -96.41 -72.67 -66.19
N GLN G 90 -96.63 -72.28 -64.93
CA GLN G 90 -97.79 -72.79 -64.20
C GLN G 90 -99.09 -72.39 -64.87
N ARG G 91 -99.19 -71.12 -65.30
CA ARG G 91 -100.41 -70.70 -65.98
C ARG G 91 -100.59 -71.45 -67.30
N VAL G 92 -99.49 -71.68 -68.02
CA VAL G 92 -99.58 -72.43 -69.27
C VAL G 92 -100.09 -73.84 -69.00
N ARG G 93 -99.58 -74.48 -67.95
CA ARG G 93 -100.05 -75.83 -67.61
C ARG G 93 -101.53 -75.83 -67.27
N GLU G 94 -101.98 -74.83 -66.51
CA GLU G 94 -103.40 -74.75 -66.19
C GLU G 94 -104.24 -74.63 -67.46
N LEU G 95 -103.80 -73.80 -68.40
CA LEU G 95 -104.58 -73.63 -69.63
C LEU G 95 -104.55 -74.89 -70.48
N THR G 96 -103.44 -75.62 -70.49
CA THR G 96 -103.41 -76.89 -71.20
C THR G 96 -104.38 -77.89 -70.57
N VAL G 97 -104.44 -77.94 -69.25
CA VAL G 97 -105.40 -78.79 -68.56
C VAL G 97 -106.82 -78.43 -68.97
N GLN G 98 -107.12 -77.12 -69.03
CA GLN G 98 -108.44 -76.70 -69.46
C GLN G 98 -108.70 -77.05 -70.92
N ALA G 99 -107.67 -77.03 -71.77
CA ALA G 99 -107.87 -77.21 -73.20
C ALA G 99 -108.01 -78.68 -73.58
N THR G 100 -107.41 -79.60 -72.83
CA THR G 100 -107.46 -81.02 -73.17
C THR G 100 -108.82 -81.61 -72.75
N THR G 101 -109.88 -81.06 -73.34
CA THR G 101 -111.24 -81.51 -73.10
C THR G 101 -112.00 -81.59 -74.41
N GLY G 102 -112.87 -82.59 -74.52
CA GLY G 102 -113.64 -82.77 -75.74
C GLY G 102 -114.79 -81.80 -75.91
N THR G 103 -115.23 -81.17 -74.81
CA THR G 103 -116.32 -80.21 -74.92
C THR G 103 -115.91 -78.96 -75.68
N ASN G 104 -114.64 -78.56 -75.57
CA ASN G 104 -114.18 -77.36 -76.24
C ASN G 104 -114.26 -77.51 -77.75
N SER G 105 -114.73 -76.47 -78.42
CA SER G 105 -114.78 -76.44 -79.87
C SER G 105 -113.43 -76.00 -80.43
N GLU G 106 -113.35 -75.84 -81.75
CA GLU G 106 -112.08 -75.49 -82.37
C GLU G 106 -111.73 -74.03 -82.13
N SER G 107 -112.72 -73.13 -82.08
CA SER G 107 -112.44 -71.73 -81.82
C SER G 107 -111.89 -71.54 -80.40
N ASP G 108 -112.47 -72.24 -79.42
CA ASP G 108 -111.96 -72.15 -78.06
C ASP G 108 -110.53 -72.67 -77.98
N LEU G 109 -110.23 -73.76 -78.68
CA LEU G 109 -108.86 -74.26 -78.75
C LEU G 109 -107.94 -73.23 -79.38
N SER G 110 -108.41 -72.55 -80.42
CA SER G 110 -107.60 -71.52 -81.06
C SER G 110 -107.29 -70.38 -80.09
N SER G 111 -108.29 -69.94 -79.33
CA SER G 111 -108.06 -68.86 -78.36
C SER G 111 -107.09 -69.30 -77.28
N ILE G 112 -107.26 -70.52 -76.76
CA ILE G 112 -106.36 -71.03 -75.73
C ILE G 112 -104.94 -71.11 -76.28
N GLN G 113 -104.79 -71.58 -77.51
CA GLN G 113 -103.47 -71.66 -78.13
C GLN G 113 -102.86 -70.28 -78.33
N ASP G 114 -103.69 -69.30 -78.68
CA ASP G 114 -103.19 -67.93 -78.82
C ASP G 114 -102.61 -67.43 -77.50
N GLU G 115 -103.35 -67.64 -76.41
CA GLU G 115 -102.87 -67.15 -75.12
C GLU G 115 -101.61 -67.91 -74.71
N ILE G 116 -101.59 -69.23 -74.94
CA ILE G 116 -100.43 -70.04 -74.58
C ILE G 116 -99.21 -69.61 -75.37
N LYS G 117 -99.39 -69.33 -76.66
CA LYS G 117 -98.27 -68.86 -77.48
C LYS G 117 -97.79 -67.50 -77.01
N SER G 118 -98.71 -66.63 -76.58
CA SER G 118 -98.29 -65.35 -76.01
C SER G 118 -97.43 -65.56 -74.76
N ARG G 119 -97.84 -66.48 -73.90
CA ARG G 119 -97.06 -66.71 -72.69
C ARG G 119 -95.72 -67.38 -72.98
N LEU G 120 -95.67 -68.25 -73.99
CA LEU G 120 -94.38 -68.81 -74.40
C LEU G 120 -93.47 -67.74 -74.97
N ASP G 121 -94.04 -66.81 -75.74
CA ASP G 121 -93.27 -65.66 -76.22
C ASP G 121 -92.72 -64.86 -75.05
N GLU G 122 -93.54 -64.70 -74.00
CA GLU G 122 -93.06 -63.98 -72.82
C GLU G 122 -91.95 -64.74 -72.11
N ILE G 123 -92.05 -66.08 -72.05
CA ILE G 123 -90.98 -66.86 -71.46
C ILE G 123 -89.68 -66.61 -72.22
N ASP G 124 -89.75 -66.68 -73.55
CA ASP G 124 -88.57 -66.46 -74.38
C ASP G 124 -88.03 -65.04 -74.18
N ARG G 125 -88.92 -64.05 -74.14
CA ARG G 125 -88.51 -62.67 -73.97
C ARG G 125 -87.83 -62.44 -72.64
N VAL G 126 -88.45 -62.89 -71.55
CA VAL G 126 -87.86 -62.71 -70.22
C VAL G 126 -86.52 -63.42 -70.15
N SER G 127 -86.41 -64.59 -70.77
CA SER G 127 -85.13 -65.30 -70.81
C SER G 127 -84.07 -64.47 -71.51
N GLY G 128 -84.37 -64.00 -72.72
CA GLY G 128 -83.36 -63.31 -73.51
C GLY G 128 -82.97 -61.95 -72.97
N GLN G 129 -83.95 -61.21 -72.43
CA GLN G 129 -83.74 -59.79 -72.19
C GLN G 129 -83.04 -59.50 -70.86
N THR G 130 -83.20 -60.35 -69.86
CA THR G 130 -82.67 -60.06 -68.53
C THR G 130 -81.14 -60.07 -68.58
N GLN G 131 -80.53 -58.93 -68.29
CA GLN G 131 -79.08 -58.77 -68.29
C GLN G 131 -78.65 -58.10 -66.99
N PHE G 132 -77.58 -58.61 -66.41
CA PHE G 132 -76.98 -58.03 -65.21
C PHE G 132 -75.56 -57.61 -65.54
N ASN G 133 -75.26 -56.33 -65.38
CA ASN G 133 -73.92 -55.77 -65.63
C ASN G 133 -73.44 -56.13 -67.03
N GLY G 134 -74.33 -56.00 -68.00
CA GLY G 134 -74.00 -56.32 -69.38
C GLY G 134 -73.71 -57.79 -69.61
N VAL G 135 -74.41 -58.67 -68.90
CA VAL G 135 -74.26 -60.11 -69.06
C VAL G 135 -75.66 -60.72 -69.11
N ASN G 136 -76.04 -61.24 -70.27
CA ASN G 136 -77.32 -61.93 -70.42
C ASN G 136 -77.21 -63.27 -69.73
N VAL G 137 -77.66 -63.33 -68.47
CA VAL G 137 -77.45 -64.52 -67.66
C VAL G 137 -78.22 -65.71 -68.21
N LEU G 138 -79.50 -65.53 -68.49
CA LEU G 138 -80.34 -66.63 -68.99
C LEU G 138 -80.41 -66.63 -70.52
N ALA G 139 -79.24 -66.63 -71.17
CA ALA G 139 -79.21 -66.68 -72.62
C ALA G 139 -78.13 -67.61 -73.17
N LYS G 140 -77.32 -68.24 -72.31
CA LYS G 140 -76.25 -69.11 -72.75
C LYS G 140 -75.72 -69.88 -71.55
N ASN G 141 -75.44 -71.17 -71.75
CA ASN G 141 -74.79 -71.95 -70.71
C ASN G 141 -73.41 -71.38 -70.43
N GLY G 142 -73.14 -71.09 -69.16
CA GLY G 142 -71.88 -70.49 -68.80
C GLY G 142 -71.57 -70.67 -67.33
N SER G 143 -70.49 -70.04 -66.90
CA SER G 143 -70.02 -70.16 -65.53
C SER G 143 -69.37 -68.85 -65.11
N MET G 144 -69.54 -68.52 -63.83
CA MET G 144 -68.99 -67.31 -63.25
C MET G 144 -68.06 -67.69 -62.10
N LYS G 145 -66.94 -66.98 -61.99
CA LYS G 145 -65.92 -67.26 -60.99
C LYS G 145 -65.80 -66.03 -60.09
N ILE G 146 -66.12 -66.20 -58.81
CA ILE G 146 -66.13 -65.10 -57.84
C ILE G 146 -64.89 -65.22 -56.97
N GLN G 147 -64.05 -64.19 -57.00
CA GLN G 147 -62.84 -64.18 -56.18
C GLN G 147 -63.22 -63.95 -54.72
N VAL G 148 -63.13 -65.00 -53.91
CA VAL G 148 -63.51 -64.91 -52.50
C VAL G 148 -62.30 -65.16 -51.61
N GLY G 149 -61.11 -64.84 -52.12
CA GLY G 149 -59.89 -65.04 -51.36
C GLY G 149 -58.88 -63.94 -51.63
N ALA G 150 -57.76 -64.03 -50.90
CA ALA G 150 -56.69 -63.06 -51.05
C ALA G 150 -55.63 -63.50 -52.04
N ASN G 151 -55.35 -64.80 -52.12
CA ASN G 151 -54.38 -65.33 -53.07
C ASN G 151 -55.06 -65.52 -54.42
N ASP G 152 -54.36 -66.17 -55.34
CA ASP G 152 -54.89 -66.44 -56.67
C ASP G 152 -55.54 -67.82 -56.72
N ASN G 153 -56.43 -67.99 -57.70
CA ASN G 153 -57.21 -69.21 -57.87
C ASN G 153 -57.98 -69.55 -56.59
N GLN G 154 -58.81 -68.60 -56.17
CA GLN G 154 -59.59 -68.67 -54.95
C GLN G 154 -61.05 -68.41 -55.25
N THR G 155 -61.58 -69.07 -56.27
CA THR G 155 -62.86 -68.74 -56.84
C THR G 155 -63.93 -69.75 -56.45
N ILE G 156 -65.16 -69.26 -56.37
CA ILE G 156 -66.36 -70.08 -56.25
C ILE G 156 -67.11 -69.99 -57.56
N THR G 157 -67.45 -71.14 -58.14
CA THR G 157 -68.02 -71.20 -59.49
C THR G 157 -69.53 -71.09 -59.41
N ILE G 158 -70.08 -70.08 -60.10
CA ILE G 158 -71.52 -69.91 -60.25
C ILE G 158 -71.91 -70.46 -61.62
N ASP G 159 -72.93 -71.31 -61.65
CA ASP G 159 -73.37 -71.94 -62.88
C ASP G 159 -74.62 -71.26 -63.43
N LEU G 160 -74.62 -71.03 -64.74
CA LEU G 160 -75.75 -70.40 -65.42
C LEU G 160 -76.17 -71.30 -66.58
N LYS G 161 -77.45 -71.68 -66.60
CA LYS G 161 -78.00 -72.54 -67.63
C LYS G 161 -78.95 -71.74 -68.51
N GLN G 162 -78.76 -71.85 -69.82
CA GLN G 162 -79.67 -71.20 -70.77
C GLN G 162 -81.07 -71.77 -70.64
N ILE G 163 -82.00 -70.98 -70.12
CA ILE G 163 -83.38 -71.39 -69.92
C ILE G 163 -84.23 -70.63 -70.92
N ASP G 164 -84.83 -71.35 -71.86
CA ASP G 164 -85.71 -70.75 -72.86
C ASP G 164 -86.54 -71.86 -73.49
N ALA G 165 -87.36 -71.49 -74.46
CA ALA G 165 -88.29 -72.44 -75.08
C ALA G 165 -87.53 -73.60 -75.72
N LYS G 166 -86.46 -73.29 -76.45
CA LYS G 166 -85.71 -74.33 -77.14
C LYS G 166 -85.06 -75.30 -76.17
N THR G 167 -84.47 -74.78 -75.09
CA THR G 167 -83.82 -75.62 -74.11
C THR G 167 -84.78 -76.18 -73.06
N LEU G 168 -86.08 -76.09 -73.31
CA LEU G 168 -87.08 -76.68 -72.43
C LEU G 168 -88.00 -77.67 -73.14
N GLY G 169 -87.88 -77.81 -74.45
CA GLY G 169 -88.77 -78.65 -75.22
C GLY G 169 -90.06 -77.99 -75.65
N LEU G 170 -90.30 -76.75 -75.23
CA LEU G 170 -91.50 -76.02 -75.60
C LEU G 170 -91.27 -75.15 -76.83
N ASP G 171 -90.74 -75.76 -77.89
CA ASP G 171 -90.50 -75.08 -79.16
C ASP G 171 -91.51 -75.60 -80.17
N GLY G 172 -92.58 -74.85 -80.37
CA GLY G 172 -93.69 -75.29 -81.18
C GLY G 172 -94.84 -75.91 -80.41
N PHE G 173 -94.86 -75.74 -79.09
CA PHE G 173 -95.91 -76.28 -78.24
C PHE G 173 -97.29 -75.78 -78.69
N SER G 174 -98.12 -76.68 -79.18
CA SER G 174 -99.44 -76.32 -79.69
C SER G 174 -100.47 -77.32 -79.20
N VAL G 175 -101.72 -76.86 -79.10
CA VAL G 175 -102.83 -77.71 -78.68
C VAL G 175 -103.94 -77.63 -79.71
N LYS G 176 -103.58 -77.34 -80.96
CA LYS G 176 -104.56 -77.22 -82.03
C LYS G 176 -103.91 -77.67 -83.34
N ASN G 177 -104.74 -77.85 -84.35
CA ASN G 177 -104.28 -78.30 -85.66
C ASN G 177 -104.22 -77.14 -86.65
N THR G 407 -99.79 -81.53 -80.19
CA THR G 407 -98.57 -81.99 -79.52
C THR G 407 -98.85 -83.23 -78.67
N THR G 408 -97.98 -84.22 -78.78
CA THR G 408 -98.15 -85.46 -78.04
C THR G 408 -97.60 -85.32 -76.62
N ASP G 409 -98.37 -85.80 -75.65
CA ASP G 409 -98.04 -85.72 -74.24
C ASP G 409 -97.61 -84.31 -73.82
N PRO G 410 -98.53 -83.33 -73.90
CA PRO G 410 -98.14 -81.96 -73.52
C PRO G 410 -97.86 -81.80 -72.04
N LEU G 411 -98.70 -82.38 -71.18
CA LEU G 411 -98.56 -82.19 -69.75
C LEU G 411 -97.23 -82.75 -69.24
N LYS G 412 -96.81 -83.89 -69.78
CA LYS G 412 -95.54 -84.47 -69.35
C LYS G 412 -94.38 -83.55 -69.68
N ALA G 413 -94.37 -82.98 -70.88
CA ALA G 413 -93.30 -82.05 -71.25
C ALA G 413 -93.33 -80.81 -70.38
N LEU G 414 -94.52 -80.29 -70.09
CA LEU G 414 -94.63 -79.10 -69.23
C LEU G 414 -94.09 -79.39 -67.83
N ASP G 415 -94.45 -80.55 -67.27
CA ASP G 415 -93.93 -80.92 -65.96
C ASP G 415 -92.42 -81.08 -65.98
N ASP G 416 -91.89 -81.66 -67.07
CA ASP G 416 -90.45 -81.83 -67.19
C ASP G 416 -89.74 -80.48 -67.21
N ALA G 417 -90.30 -79.52 -67.95
CA ALA G 417 -89.71 -78.17 -67.98
C ALA G 417 -89.77 -77.51 -66.61
N ILE G 418 -90.89 -77.70 -65.90
CA ILE G 418 -91.01 -77.12 -64.56
C ILE G 418 -89.94 -77.70 -63.63
N ALA G 419 -89.73 -79.01 -63.68
CA ALA G 419 -88.68 -79.61 -62.86
C ALA G 419 -87.29 -79.17 -63.29
N SER G 420 -87.10 -78.91 -64.58
CA SER G 420 -85.80 -78.49 -65.07
C SER G 420 -85.45 -77.09 -64.61
N VAL G 421 -86.43 -76.20 -64.52
CA VAL G 421 -86.13 -74.87 -63.97
C VAL G 421 -86.02 -74.95 -62.44
N ASP G 422 -86.75 -75.85 -61.80
CA ASP G 422 -86.64 -76.02 -60.35
C ASP G 422 -85.24 -76.47 -59.95
N LYS G 423 -84.63 -77.35 -60.75
CA LYS G 423 -83.26 -77.78 -60.47
C LYS G 423 -82.29 -76.62 -60.48
N PHE G 424 -82.40 -75.75 -61.49
CA PHE G 424 -81.51 -74.59 -61.57
C PHE G 424 -81.74 -73.66 -60.39
N ARG G 425 -83.00 -73.48 -59.99
CA ARG G 425 -83.29 -72.64 -58.83
C ARG G 425 -82.64 -73.20 -57.57
N SER G 426 -82.72 -74.53 -57.38
CA SER G 426 -82.11 -75.14 -56.20
C SER G 426 -80.60 -74.95 -56.20
N SER G 427 -79.96 -75.15 -57.35
CA SER G 427 -78.51 -74.93 -57.43
C SER G 427 -78.17 -73.49 -57.09
N LEU G 428 -78.98 -72.55 -57.59
CA LEU G 428 -78.74 -71.13 -57.31
C LEU G 428 -78.83 -70.83 -55.82
N GLY G 429 -79.85 -71.39 -55.14
CA GLY G 429 -79.97 -71.20 -53.71
C GLY G 429 -78.79 -71.77 -52.94
N ALA G 430 -78.31 -72.94 -53.36
CA ALA G 430 -77.13 -73.52 -52.70
C ALA G 430 -75.92 -72.61 -52.87
N VAL G 431 -75.74 -72.05 -54.07
CA VAL G 431 -74.62 -71.14 -54.29
C VAL G 431 -74.76 -69.90 -53.41
N GLN G 432 -75.97 -69.38 -53.26
CA GLN G 432 -76.18 -68.22 -52.40
C GLN G 432 -75.78 -68.52 -50.96
N ASN G 433 -76.18 -69.68 -50.46
CA ASN G 433 -75.82 -70.06 -49.09
C ASN G 433 -74.30 -70.17 -48.94
N ARG G 434 -73.64 -70.79 -49.91
CA ARG G 434 -72.18 -70.91 -49.84
C ARG G 434 -71.52 -69.53 -49.82
N LEU G 435 -72.00 -68.61 -50.67
CA LEU G 435 -71.40 -67.28 -50.71
C LEU G 435 -71.59 -66.55 -49.38
N ASP G 436 -72.77 -66.67 -48.78
CA ASP G 436 -73.01 -65.99 -47.51
C ASP G 436 -72.10 -66.54 -46.42
N SER G 437 -71.94 -67.87 -46.36
CA SER G 437 -71.04 -68.45 -45.38
C SER G 437 -69.60 -67.98 -45.61
N ALA G 438 -69.19 -67.89 -46.87
CA ALA G 438 -67.86 -67.40 -47.18
C ALA G 438 -67.67 -65.97 -46.69
N VAL G 439 -68.68 -65.12 -46.89
CA VAL G 439 -68.59 -63.73 -46.44
C VAL G 439 -68.42 -63.68 -44.93
N THR G 440 -69.21 -64.47 -44.20
CA THR G 440 -69.10 -64.46 -42.74
C THR G 440 -67.71 -64.90 -42.29
N ASN G 441 -67.18 -65.97 -42.89
CA ASN G 441 -65.85 -66.44 -42.51
C ASN G 441 -64.79 -65.40 -42.83
N LEU G 442 -64.92 -64.72 -43.98
CA LEU G 442 -63.97 -63.68 -44.34
C LEU G 442 -63.98 -62.55 -43.32
N ASN G 443 -65.17 -62.14 -42.88
CA ASN G 443 -65.27 -61.09 -41.88
C ASN G 443 -64.56 -61.50 -40.59
N ASN G 444 -64.81 -62.73 -40.14
CA ASN G 444 -64.18 -63.20 -38.90
C ASN G 444 -62.66 -63.22 -39.03
N THR G 445 -62.16 -63.76 -40.15
CA THR G 445 -60.72 -63.84 -40.35
C THR G 445 -60.09 -62.45 -40.44
N THR G 446 -60.77 -61.51 -41.11
CA THR G 446 -60.26 -60.15 -41.21
C THR G 446 -60.15 -59.53 -39.82
N THR G 447 -61.17 -59.70 -38.98
CA THR G 447 -61.12 -59.13 -37.64
C THR G 447 -59.95 -59.72 -36.85
N ASN G 448 -59.80 -61.05 -36.89
CA ASN G 448 -58.74 -61.68 -36.11
C ASN G 448 -57.35 -61.24 -36.59
N LEU G 449 -57.14 -61.19 -37.90
CA LEU G 449 -55.83 -60.79 -38.41
C LEU G 449 -55.57 -59.32 -38.11
N SER G 450 -56.60 -58.48 -38.17
CA SER G 450 -56.43 -57.07 -37.84
C SER G 450 -56.02 -56.88 -36.39
N GLU G 451 -56.66 -57.60 -35.47
CA GLU G 451 -56.29 -57.45 -34.07
C GLU G 451 -54.89 -58.01 -33.81
N ALA G 452 -54.50 -59.06 -34.54
CA ALA G 452 -53.12 -59.53 -34.44
C ALA G 452 -52.13 -58.48 -34.91
N GLN G 453 -52.42 -57.83 -36.04
CA GLN G 453 -51.56 -56.75 -36.52
C GLN G 453 -51.49 -55.63 -35.50
N SER G 454 -52.59 -55.34 -34.83
CA SER G 454 -52.58 -54.35 -33.75
C SER G 454 -51.67 -54.80 -32.61
N ARG G 455 -51.71 -56.08 -32.26
CA ARG G 455 -50.83 -56.59 -31.22
C ARG G 455 -49.36 -56.57 -31.63
N ILE G 456 -49.06 -56.46 -32.92
CA ILE G 456 -47.70 -56.50 -33.41
C ILE G 456 -47.12 -55.11 -33.59
N GLN G 457 -47.82 -54.23 -34.30
CA GLN G 457 -47.24 -52.96 -34.72
C GLN G 457 -47.63 -51.78 -33.83
N ASP G 458 -48.78 -51.80 -33.18
CA ASP G 458 -49.22 -50.65 -32.42
C ASP G 458 -48.42 -50.50 -31.12
N ALA G 459 -48.29 -49.27 -30.67
CA ALA G 459 -47.55 -48.94 -29.46
C ALA G 459 -48.50 -48.69 -28.30
N ASP G 460 -47.95 -48.80 -27.08
CA ASP G 460 -48.70 -48.56 -25.85
C ASP G 460 -48.39 -47.16 -25.37
N TYR G 461 -49.42 -46.31 -25.27
CA TYR G 461 -49.21 -44.90 -24.99
C TYR G 461 -48.68 -44.67 -23.58
N ALA G 462 -49.12 -45.47 -22.61
CA ALA G 462 -48.68 -45.27 -21.23
C ALA G 462 -47.17 -45.39 -21.10
N THR G 463 -46.60 -46.46 -21.63
CA THR G 463 -45.15 -46.67 -21.55
C THR G 463 -44.41 -45.57 -22.29
N GLU G 464 -44.91 -45.17 -23.46
CA GLU G 464 -44.24 -44.13 -24.23
C GLU G 464 -44.22 -42.81 -23.48
N VAL G 465 -45.35 -42.44 -22.86
CA VAL G 465 -45.40 -41.21 -22.08
C VAL G 465 -44.45 -41.28 -20.90
N SER G 466 -44.42 -42.42 -20.21
CA SER G 466 -43.52 -42.56 -19.07
C SER G 466 -42.06 -42.40 -19.49
N ASN G 467 -41.67 -43.09 -20.57
CA ASN G 467 -40.29 -43.00 -21.04
C ASN G 467 -39.96 -41.59 -21.51
N MET G 468 -40.90 -40.92 -22.18
CA MET G 468 -40.67 -39.56 -22.64
C MET G 468 -40.45 -38.60 -21.48
N SER G 469 -41.29 -38.70 -20.45
CA SER G 469 -41.13 -37.85 -19.29
C SER G 469 -39.79 -38.11 -18.60
N LYS G 470 -39.43 -39.39 -18.45
CA LYS G 470 -38.16 -39.73 -17.84
C LYS G 470 -36.99 -39.17 -18.66
N ALA G 471 -37.08 -39.27 -19.98
CA ALA G 471 -36.03 -38.74 -20.83
C ALA G 471 -35.90 -37.23 -20.70
N GLN G 472 -37.03 -36.52 -20.62
CA GLN G 472 -36.97 -35.08 -20.44
C GLN G 472 -36.32 -34.71 -19.11
N ILE G 473 -36.67 -35.43 -18.04
CA ILE G 473 -36.05 -35.15 -16.75
C ILE G 473 -34.54 -35.40 -16.83
N ILE G 474 -34.13 -36.50 -17.47
CA ILE G 474 -32.72 -36.79 -17.62
C ILE G 474 -32.02 -35.69 -18.40
N GLN G 475 -32.66 -35.20 -19.48
CA GLN G 475 -32.05 -34.15 -20.29
C GLN G 475 -31.82 -32.89 -19.46
N GLN G 476 -32.83 -32.45 -18.72
CA GLN G 476 -32.68 -31.23 -17.93
C GLN G 476 -31.64 -31.40 -16.82
N ALA G 477 -31.64 -32.56 -16.17
CA ALA G 477 -30.63 -32.82 -15.15
C ALA G 477 -29.23 -32.79 -15.75
N GLY G 478 -29.06 -33.42 -16.91
CA GLY G 478 -27.75 -33.39 -17.56
C GLY G 478 -27.32 -31.99 -17.96
N ASN G 479 -28.28 -31.17 -18.39
CA ASN G 479 -27.95 -29.78 -18.70
C ASN G 479 -27.46 -29.03 -17.47
N SER G 480 -28.14 -29.24 -16.33
CA SER G 480 -27.70 -28.60 -15.09
C SER G 480 -26.30 -29.07 -14.69
N VAL G 481 -26.05 -30.38 -14.81
CA VAL G 481 -24.73 -30.90 -14.46
C VAL G 481 -23.66 -30.36 -15.42
N LEU G 482 -24.03 -30.17 -16.68
CA LEU G 482 -23.09 -29.57 -17.63
C LEU G 482 -22.75 -28.14 -17.22
N ALA G 483 -23.75 -27.37 -16.82
CA ALA G 483 -23.49 -26.01 -16.35
C ALA G 483 -22.56 -26.02 -15.16
N LYS G 484 -22.79 -26.92 -14.21
CA LYS G 484 -21.91 -27.03 -13.05
C LYS G 484 -20.50 -27.40 -13.47
N ALA G 485 -20.36 -28.34 -14.41
CA ALA G 485 -19.05 -28.79 -14.84
C ALA G 485 -18.27 -27.67 -15.51
N ASN G 486 -18.94 -26.88 -16.36
CA ASN G 486 -18.25 -25.73 -16.95
C ASN G 486 -17.93 -24.67 -15.89
N GLN G 487 -18.73 -24.59 -14.83
CA GLN G 487 -18.44 -23.64 -13.77
C GLN G 487 -17.25 -24.06 -12.90
N VAL G 488 -16.98 -25.36 -12.80
CA VAL G 488 -15.92 -25.84 -11.92
C VAL G 488 -14.56 -25.19 -12.18
N PRO G 489 -14.05 -25.14 -13.42
CA PRO G 489 -12.65 -24.71 -13.62
C PRO G 489 -12.36 -23.26 -13.25
N GLN G 490 -13.32 -22.51 -12.71
CA GLN G 490 -13.07 -21.10 -12.40
C GLN G 490 -12.05 -20.91 -11.28
N GLN G 491 -11.75 -21.96 -10.51
CA GLN G 491 -10.84 -21.82 -9.37
C GLN G 491 -9.42 -21.46 -9.80
N VAL G 492 -9.06 -21.73 -11.06
CA VAL G 492 -7.73 -21.37 -11.53
C VAL G 492 -7.55 -19.86 -11.53
N LEU G 493 -8.62 -19.12 -11.83
CA LEU G 493 -8.54 -17.67 -11.80
C LEU G 493 -8.28 -17.16 -10.39
N SER G 494 -8.97 -17.74 -9.40
CA SER G 494 -8.72 -17.38 -8.01
C SER G 494 -7.30 -17.71 -7.60
N LEU G 495 -6.79 -18.85 -8.05
CA LEU G 495 -5.40 -19.21 -7.77
C LEU G 495 -4.44 -18.18 -8.36
N LEU G 496 -4.70 -17.77 -9.61
CA LEU G 496 -3.78 -16.87 -10.29
C LEU G 496 -3.80 -15.47 -9.69
N GLN G 497 -4.99 -14.96 -9.35
CA GLN G 497 -5.06 -13.58 -8.87
C GLN G 497 -4.34 -13.39 -7.55
N GLY G 498 -4.23 -14.44 -6.75
CA GLY G 498 -3.55 -14.36 -5.47
C GLY G 498 -4.43 -14.72 -4.29
N GLN H 3 -7.39 -7.11 -28.86
CA GLN H 3 -7.87 -6.55 -27.60
C GLN H 3 -8.52 -5.21 -27.87
N VAL H 4 -8.67 -4.93 -29.16
CA VAL H 4 -9.19 -3.67 -29.68
C VAL H 4 -10.48 -3.26 -28.98
N ILE H 5 -10.54 -2.02 -28.51
CA ILE H 5 -11.74 -1.47 -27.88
C ILE H 5 -12.32 -0.31 -28.70
N ASN H 6 -11.84 -0.15 -29.92
CA ASN H 6 -12.44 0.80 -30.86
C ASN H 6 -13.34 0.12 -31.88
N THR H 7 -13.39 -1.21 -31.87
CA THR H 7 -14.24 -2.00 -32.76
C THR H 7 -14.58 -3.30 -32.06
N ASN H 8 -15.84 -3.73 -32.18
CA ASN H 8 -16.34 -4.90 -31.46
C ASN H 8 -16.95 -5.88 -32.44
N SER H 9 -16.20 -6.21 -33.50
CA SER H 9 -16.67 -7.00 -34.65
C SER H 9 -17.62 -8.12 -34.27
N LEU H 10 -17.34 -8.85 -33.19
CA LEU H 10 -18.24 -9.90 -32.75
C LEU H 10 -19.65 -9.37 -32.50
N SER H 11 -19.75 -8.19 -31.89
CA SER H 11 -21.05 -7.58 -31.68
C SER H 11 -21.73 -7.27 -33.01
N LEU H 12 -20.96 -6.82 -34.00
CA LEU H 12 -21.54 -6.56 -35.31
C LEU H 12 -22.07 -7.83 -35.96
N ILE H 13 -21.33 -8.94 -35.83
CA ILE H 13 -21.80 -10.20 -36.36
C ILE H 13 -23.09 -10.61 -35.69
N THR H 14 -23.15 -10.48 -34.36
CA THR H 14 -24.36 -10.87 -33.63
C THR H 14 -25.54 -10.01 -34.04
N GLN H 15 -25.33 -8.71 -34.19
CA GLN H 15 -26.43 -7.84 -34.64
C GLN H 15 -26.88 -8.21 -36.04
N ASN H 16 -25.93 -8.56 -36.92
CA ASN H 16 -26.31 -8.98 -38.27
C ASN H 16 -27.16 -10.25 -38.23
N ASN H 17 -26.79 -11.21 -37.40
CA ASN H 17 -27.58 -12.43 -37.28
C ASN H 17 -28.97 -12.13 -36.74
N ILE H 18 -29.07 -11.24 -35.75
CA ILE H 18 -30.38 -10.88 -35.20
C ILE H 18 -31.24 -10.22 -36.28
N ASN H 19 -30.64 -9.32 -37.05
CA ASN H 19 -31.38 -8.66 -38.13
C ASN H 19 -31.85 -9.67 -39.17
N LYS H 20 -31.01 -10.67 -39.47
CA LYS H 20 -31.41 -11.72 -40.39
C LYS H 20 -32.59 -12.50 -39.82
N ASN H 21 -32.58 -12.78 -38.51
CA ASN H 21 -33.64 -13.57 -37.91
C ASN H 21 -34.96 -12.81 -37.87
N GLN H 22 -34.91 -11.48 -37.71
CA GLN H 22 -36.13 -10.70 -37.49
C GLN H 22 -37.20 -10.97 -38.53
N SER H 23 -36.81 -11.14 -39.80
CA SER H 23 -37.78 -11.28 -40.87
C SER H 23 -38.66 -12.51 -40.70
N ALA H 24 -38.06 -13.63 -40.31
CA ALA H 24 -38.83 -14.85 -40.14
C ALA H 24 -39.88 -14.70 -39.05
N LEU H 25 -39.49 -14.10 -37.93
CA LEU H 25 -40.45 -13.86 -36.84
C LEU H 25 -41.59 -12.96 -37.29
N SER H 26 -41.25 -11.87 -37.98
CA SER H 26 -42.29 -10.95 -38.45
C SER H 26 -43.25 -11.65 -39.40
N SER H 27 -42.72 -12.41 -40.35
CA SER H 27 -43.57 -13.09 -41.31
C SER H 27 -44.45 -14.13 -40.64
N SER H 28 -43.89 -14.88 -39.69
CA SER H 28 -44.67 -15.91 -39.00
C SER H 28 -45.82 -15.28 -38.22
N ILE H 29 -45.55 -14.21 -37.49
CA ILE H 29 -46.61 -13.57 -36.72
C ILE H 29 -47.67 -12.97 -37.65
N GLU H 30 -47.23 -12.36 -38.76
CA GLU H 30 -48.20 -11.79 -39.69
C GLU H 30 -49.09 -12.88 -40.28
N ARG H 31 -48.51 -14.00 -40.68
CA ARG H 31 -49.30 -15.09 -41.24
C ARG H 31 -50.26 -15.67 -40.21
N LEU H 32 -49.81 -15.82 -38.96
CA LEU H 32 -50.70 -16.34 -37.94
C LEU H 32 -51.86 -15.39 -37.66
N SER H 33 -51.58 -14.08 -37.66
CA SER H 33 -52.65 -13.11 -37.38
C SER H 33 -53.65 -13.05 -38.53
N SER H 34 -53.16 -12.95 -39.76
CA SER H 34 -54.07 -12.81 -40.89
C SER H 34 -54.74 -14.12 -41.26
N GLY H 35 -54.02 -15.24 -41.13
CA GLY H 35 -54.52 -16.52 -41.55
C GLY H 35 -54.27 -16.87 -43.00
N LEU H 36 -53.72 -15.94 -43.77
CA LEU H 36 -53.41 -16.15 -45.17
C LEU H 36 -51.90 -16.23 -45.35
N ARG H 37 -51.45 -17.22 -46.13
CA ARG H 37 -50.03 -17.36 -46.39
C ARG H 37 -49.49 -16.22 -47.25
N ILE H 38 -50.30 -15.75 -48.20
CA ILE H 38 -49.90 -14.67 -49.09
C ILE H 38 -50.53 -13.39 -48.55
N ASN H 39 -49.71 -12.55 -47.92
CA ASN H 39 -50.16 -11.27 -47.39
C ASN H 39 -49.74 -10.10 -48.25
N SER H 40 -48.83 -10.31 -49.20
CA SER H 40 -48.30 -9.23 -50.00
C SER H 40 -47.75 -9.80 -51.31
N ALA H 41 -47.52 -8.90 -52.27
CA ALA H 41 -46.94 -9.32 -53.54
C ALA H 41 -45.51 -9.82 -53.38
N LYS H 42 -44.81 -9.42 -52.32
CA LYS H 42 -43.46 -9.91 -52.10
C LYS H 42 -43.45 -11.41 -51.81
N ASP H 43 -44.53 -11.93 -51.24
CA ASP H 43 -44.57 -13.35 -50.90
C ASP H 43 -44.50 -14.22 -52.15
N ASP H 44 -45.58 -14.25 -52.92
CA ASP H 44 -45.61 -14.97 -54.19
C ASP H 44 -46.01 -14.07 -55.36
N ALA H 45 -47.21 -13.49 -55.27
CA ALA H 45 -47.86 -12.60 -56.23
C ALA H 45 -48.32 -13.31 -57.49
N ALA H 46 -47.76 -14.48 -57.80
CA ALA H 46 -48.39 -15.32 -58.81
C ALA H 46 -49.55 -16.08 -58.19
N GLY H 47 -49.31 -16.67 -57.03
CA GLY H 47 -50.42 -17.19 -56.23
C GLY H 47 -51.41 -16.12 -55.87
N GLN H 48 -50.94 -14.90 -55.63
CA GLN H 48 -51.86 -13.80 -55.31
C GLN H 48 -52.74 -13.44 -56.50
N ALA H 49 -52.16 -13.36 -57.70
CA ALA H 49 -52.99 -13.10 -58.87
C ALA H 49 -53.98 -14.22 -59.12
N ILE H 50 -53.54 -15.47 -59.00
CA ILE H 50 -54.44 -16.61 -59.17
C ILE H 50 -55.56 -16.56 -58.15
N ALA H 51 -55.23 -16.23 -56.90
CA ALA H 51 -56.24 -16.15 -55.85
C ALA H 51 -57.24 -15.02 -56.11
N ASN H 52 -56.75 -13.88 -56.61
CA ASN H 52 -57.67 -12.80 -56.96
C ASN H 52 -58.66 -13.25 -58.03
N ARG H 53 -58.15 -13.91 -59.06
CA ARG H 53 -59.04 -14.43 -60.11
C ARG H 53 -60.02 -15.45 -59.55
N PHE H 54 -59.55 -16.30 -58.64
CA PHE H 54 -60.42 -17.30 -58.03
C PHE H 54 -61.53 -16.66 -57.23
N THR H 55 -61.20 -15.62 -56.46
CA THR H 55 -62.21 -14.92 -55.68
C THR H 55 -63.25 -14.28 -56.59
N SER H 56 -62.80 -13.68 -57.69
CA SER H 56 -63.73 -13.13 -58.67
C SER H 56 -64.67 -14.21 -59.19
N ASN H 57 -64.13 -15.38 -59.50
CA ASN H 57 -64.96 -16.46 -60.01
C ASN H 57 -65.97 -16.93 -58.97
N ILE H 58 -65.55 -17.04 -57.71
CA ILE H 58 -66.48 -17.46 -56.65
C ILE H 58 -67.64 -16.49 -56.53
N LYS H 59 -67.34 -15.19 -56.47
CA LYS H 59 -68.40 -14.21 -56.32
C LYS H 59 -69.34 -14.23 -57.52
N GLY H 60 -68.77 -14.33 -58.73
CA GLY H 60 -69.61 -14.36 -59.92
C GLY H 60 -70.53 -15.57 -59.94
N LEU H 61 -70.00 -16.75 -59.60
CA LEU H 61 -70.83 -17.96 -59.66
C LEU H 61 -71.93 -17.91 -58.61
N THR H 62 -71.61 -17.45 -57.39
CA THR H 62 -72.66 -17.36 -56.37
C THR H 62 -73.76 -16.39 -56.80
N GLN H 63 -73.37 -15.23 -57.35
CA GLN H 63 -74.37 -14.29 -57.81
C GLN H 63 -75.20 -14.88 -58.96
N ALA H 64 -74.56 -15.66 -59.84
CA ALA H 64 -75.28 -16.28 -60.94
C ALA H 64 -76.33 -17.26 -60.43
N ALA H 65 -75.98 -18.05 -59.41
CA ALA H 65 -76.97 -18.97 -58.84
C ALA H 65 -78.14 -18.20 -58.22
N ARG H 66 -77.83 -17.13 -57.50
CA ARG H 66 -78.90 -16.29 -56.95
C ARG H 66 -79.80 -15.75 -58.04
N ASN H 67 -79.21 -15.37 -59.18
CA ASN H 67 -80.01 -14.90 -60.31
C ASN H 67 -80.90 -16.01 -60.87
N ALA H 68 -80.35 -17.23 -61.00
CA ALA H 68 -81.11 -18.33 -61.57
C ALA H 68 -82.35 -18.65 -60.74
N ASN H 69 -82.25 -18.51 -59.42
CA ASN H 69 -83.42 -18.73 -58.58
C ASN H 69 -84.58 -17.81 -58.98
N ASP H 70 -84.28 -16.58 -59.40
CA ASP H 70 -85.34 -15.67 -59.81
C ASP H 70 -86.08 -16.18 -61.03
N GLY H 71 -85.34 -16.68 -62.03
CA GLY H 71 -86.00 -17.25 -63.19
C GLY H 71 -86.87 -18.45 -62.84
N ILE H 72 -86.38 -19.27 -61.90
CA ILE H 72 -87.20 -20.38 -61.42
C ILE H 72 -88.52 -19.87 -60.87
N SER H 73 -88.46 -18.81 -60.05
CA SER H 73 -89.67 -18.24 -59.47
C SER H 73 -90.62 -17.71 -60.56
N VAL H 74 -90.07 -17.02 -61.56
CA VAL H 74 -90.90 -16.48 -62.63
C VAL H 74 -91.65 -17.60 -63.34
N ALA H 75 -90.93 -18.65 -63.69
CA ALA H 75 -91.56 -19.76 -64.39
C ALA H 75 -92.65 -20.41 -63.54
N GLN H 76 -92.38 -20.56 -62.24
CA GLN H 76 -93.38 -21.17 -61.36
C GLN H 76 -94.65 -20.33 -61.30
N THR H 77 -94.52 -19.01 -61.17
CA THR H 77 -95.70 -18.15 -61.12
C THR H 77 -96.50 -18.25 -62.42
N THR H 78 -95.79 -18.23 -63.55
CA THR H 78 -96.48 -18.31 -64.83
C THR H 78 -97.22 -19.64 -64.98
N GLU H 79 -96.61 -20.73 -64.52
CA GLU H 79 -97.28 -22.03 -64.59
C GLU H 79 -98.53 -22.05 -63.73
N GLY H 80 -98.49 -21.43 -62.55
CA GLY H 80 -99.69 -21.37 -61.73
C GLY H 80 -100.83 -20.65 -62.43
N ALA H 81 -100.52 -19.50 -63.03
CA ALA H 81 -101.54 -18.77 -63.77
C ALA H 81 -102.10 -19.61 -64.92
N LEU H 82 -101.21 -20.29 -65.65
CA LEU H 82 -101.66 -21.13 -66.75
C LEU H 82 -102.53 -22.28 -66.27
N SER H 83 -102.24 -22.84 -65.10
CA SER H 83 -103.08 -23.90 -64.55
C SER H 83 -104.50 -23.40 -64.28
N GLU H 84 -104.61 -22.19 -63.71
CA GLU H 84 -105.94 -21.63 -63.50
C GLU H 84 -106.67 -21.44 -64.84
N ILE H 85 -105.96 -20.93 -65.85
CA ILE H 85 -106.56 -20.74 -67.16
C ILE H 85 -107.02 -22.07 -67.73
N ASN H 86 -106.23 -23.12 -67.53
CA ASN H 86 -106.59 -24.44 -68.04
C ASN H 86 -107.87 -24.95 -67.38
N ASN H 87 -108.00 -24.75 -66.07
CA ASN H 87 -109.23 -25.17 -65.39
C ASN H 87 -110.44 -24.43 -65.96
N ASN H 88 -110.30 -23.12 -66.18
CA ASN H 88 -111.41 -22.36 -66.76
C ASN H 88 -111.77 -22.88 -68.15
N LEU H 89 -110.75 -23.18 -68.97
CA LEU H 89 -111.00 -23.69 -70.31
C LEU H 89 -111.72 -25.03 -70.26
N GLN H 90 -111.32 -25.90 -69.34
CA GLN H 90 -111.99 -27.19 -69.20
C GLN H 90 -113.46 -27.02 -68.86
N ARG H 91 -113.77 -26.11 -67.92
CA ARG H 91 -115.17 -25.90 -67.57
C ARG H 91 -115.95 -25.33 -68.76
N VAL H 92 -115.33 -24.43 -69.52
CA VAL H 92 -115.98 -23.88 -70.70
C VAL H 92 -116.28 -24.99 -71.71
N ARG H 93 -115.34 -25.91 -71.90
CA ARG H 93 -115.57 -27.03 -72.80
C ARG H 93 -116.74 -27.89 -72.32
N GLU H 94 -116.81 -28.13 -71.00
CA GLU H 94 -117.92 -28.91 -70.47
C GLU H 94 -119.26 -28.23 -70.77
N LEU H 95 -119.33 -26.92 -70.57
CA LEU H 95 -120.58 -26.21 -70.83
C LEU H 95 -120.93 -26.20 -72.31
N THR H 96 -119.93 -26.12 -73.19
CA THR H 96 -120.21 -26.21 -74.62
C THR H 96 -120.78 -27.57 -74.98
N VAL H 97 -120.21 -28.64 -74.41
CA VAL H 97 -120.74 -29.97 -74.65
C VAL H 97 -122.18 -30.06 -74.17
N GLN H 98 -122.47 -29.47 -73.01
CA GLN H 98 -123.85 -29.48 -72.52
C GLN H 98 -124.77 -28.66 -73.41
N ALA H 99 -124.27 -27.57 -73.99
CA ALA H 99 -125.10 -26.67 -74.76
C ALA H 99 -125.42 -27.21 -76.15
N THR H 100 -124.51 -27.97 -76.76
CA THR H 100 -124.74 -28.49 -78.11
C THR H 100 -125.73 -29.67 -78.07
N THR H 101 -126.94 -29.37 -77.59
CA THR H 101 -128.01 -30.35 -77.51
C THR H 101 -129.31 -29.70 -77.99
N GLY H 102 -130.14 -30.50 -78.66
CA GLY H 102 -131.38 -29.98 -79.21
C GLY H 102 -132.50 -29.83 -78.20
N THR H 103 -132.39 -30.47 -77.03
CA THR H 103 -133.43 -30.36 -76.03
C THR H 103 -133.51 -28.96 -75.44
N ASN H 104 -132.38 -28.28 -75.32
CA ASN H 104 -132.34 -26.96 -74.70
C ASN H 104 -133.13 -25.95 -75.53
N SER H 105 -133.85 -25.09 -74.82
CA SER H 105 -134.57 -23.99 -75.46
C SER H 105 -133.61 -22.80 -75.63
N GLU H 106 -134.15 -21.66 -76.06
CA GLU H 106 -133.29 -20.49 -76.26
C GLU H 106 -132.87 -19.86 -74.94
N SER H 107 -133.72 -19.94 -73.91
CA SER H 107 -133.35 -19.37 -72.61
C SER H 107 -132.20 -20.13 -71.97
N ASP H 108 -132.22 -21.46 -72.06
CA ASP H 108 -131.13 -22.26 -71.52
C ASP H 108 -129.83 -21.95 -72.25
N LEU H 109 -129.89 -21.82 -73.57
CA LEU H 109 -128.71 -21.44 -74.34
C LEU H 109 -128.23 -20.05 -73.92
N SER H 110 -129.16 -19.13 -73.65
CA SER H 110 -128.78 -17.80 -73.21
C SER H 110 -128.03 -17.85 -71.88
N SER H 111 -128.54 -18.66 -70.94
CA SER H 111 -127.87 -18.78 -69.65
C SER H 111 -126.49 -19.42 -69.79
N ILE H 112 -126.38 -20.45 -70.63
CA ILE H 112 -125.09 -21.11 -70.85
C ILE H 112 -124.11 -20.13 -71.47
N GLN H 113 -124.57 -19.34 -72.45
CA GLN H 113 -123.71 -18.34 -73.06
C GLN H 113 -123.29 -17.28 -72.06
N ASP H 114 -124.20 -16.88 -71.16
CA ASP H 114 -123.84 -15.92 -70.12
C ASP H 114 -122.70 -16.46 -69.27
N GLU H 115 -122.81 -17.70 -68.81
CA GLU H 115 -121.77 -18.25 -67.95
C GLU H 115 -120.47 -18.38 -68.72
N ILE H 116 -120.54 -18.85 -69.97
CA ILE H 116 -119.34 -19.04 -70.78
C ILE H 116 -118.64 -17.70 -71.02
N LYS H 117 -119.42 -16.66 -71.33
CA LYS H 117 -118.85 -15.34 -71.54
C LYS H 117 -118.21 -14.80 -70.27
N SER H 118 -118.84 -15.06 -69.12
CA SER H 118 -118.24 -14.65 -67.85
C SER H 118 -116.90 -15.36 -67.63
N ARG H 119 -116.84 -16.65 -67.92
CA ARG H 119 -115.59 -17.39 -67.71
C ARG H 119 -114.51 -16.94 -68.69
N LEU H 120 -114.90 -16.63 -69.93
CA LEU H 120 -113.93 -16.11 -70.89
C LEU H 120 -113.40 -14.75 -70.45
N ASP H 121 -114.27 -13.89 -69.92
CA ASP H 121 -113.82 -12.63 -69.37
C ASP H 121 -112.87 -12.85 -68.20
N GLU H 122 -113.16 -13.83 -67.36
CA GLU H 122 -112.25 -14.16 -66.26
C GLU H 122 -110.90 -14.61 -66.78
N ILE H 123 -110.89 -15.41 -67.85
CA ILE H 123 -109.63 -15.85 -68.45
C ILE H 123 -108.85 -14.65 -68.95
N ASP H 124 -109.52 -13.74 -69.64
CA ASP H 124 -108.84 -12.56 -70.16
C ASP H 124 -108.29 -11.70 -69.01
N ARG H 125 -109.07 -11.55 -67.94
CA ARG H 125 -108.63 -10.75 -66.81
C ARG H 125 -107.41 -11.35 -66.13
N VAL H 126 -107.46 -12.66 -65.86
CA VAL H 126 -106.33 -13.29 -65.17
C VAL H 126 -105.10 -13.29 -66.07
N SER H 127 -105.30 -13.35 -67.39
CA SER H 127 -104.16 -13.24 -68.30
C SER H 127 -103.55 -11.84 -68.23
N GLY H 128 -104.38 -10.82 -68.36
CA GLY H 128 -103.86 -9.46 -68.41
C GLY H 128 -103.24 -9.00 -67.10
N GLN H 129 -103.88 -9.30 -65.98
CA GLN H 129 -103.49 -8.71 -64.71
C GLN H 129 -102.38 -9.49 -64.00
N THR H 130 -102.04 -10.68 -64.47
CA THR H 130 -100.98 -11.48 -63.84
C THR H 130 -99.64 -10.82 -64.13
N GLN H 131 -99.10 -10.12 -63.13
CA GLN H 131 -97.88 -9.35 -63.29
C GLN H 131 -96.87 -9.76 -62.23
N PHE H 132 -95.60 -9.84 -62.63
CA PHE H 132 -94.51 -10.25 -61.74
C PHE H 132 -93.41 -9.21 -61.84
N ASN H 133 -93.10 -8.57 -60.71
CA ASN H 133 -92.00 -7.62 -60.60
C ASN H 133 -92.06 -6.55 -61.69
N GLY H 134 -93.24 -5.95 -61.84
CA GLY H 134 -93.44 -4.94 -62.87
C GLY H 134 -93.34 -5.47 -64.27
N VAL H 135 -93.72 -6.73 -64.48
CA VAL H 135 -93.70 -7.35 -65.81
C VAL H 135 -94.97 -8.18 -65.95
N ASN H 136 -95.81 -7.83 -66.92
CA ASN H 136 -97.01 -8.60 -67.23
C ASN H 136 -96.59 -9.77 -68.12
N VAL H 137 -96.41 -10.94 -67.50
CA VAL H 137 -95.85 -12.08 -68.21
C VAL H 137 -96.81 -12.57 -69.31
N LEU H 138 -98.08 -12.75 -68.97
CA LEU H 138 -99.06 -13.25 -69.94
C LEU H 138 -99.82 -12.10 -70.59
N ALA H 139 -99.11 -11.13 -71.15
CA ALA H 139 -99.75 -10.04 -71.86
C ALA H 139 -99.05 -9.63 -73.13
N LYS H 140 -97.88 -10.21 -73.44
CA LYS H 140 -97.12 -9.84 -74.62
C LYS H 140 -96.03 -10.85 -74.91
N ASN H 141 -95.92 -11.28 -76.17
CA ASN H 141 -94.85 -12.20 -76.56
C ASN H 141 -93.50 -11.54 -76.35
N GLY H 142 -92.58 -12.27 -75.73
CA GLY H 142 -91.26 -11.73 -75.47
C GLY H 142 -90.29 -12.83 -75.08
N SER H 143 -89.14 -12.40 -74.57
CA SER H 143 -88.08 -13.32 -74.16
C SER H 143 -87.35 -12.72 -72.98
N MET H 144 -86.99 -13.58 -72.03
CA MET H 144 -86.35 -13.17 -70.79
C MET H 144 -85.02 -13.89 -70.65
N LYS H 145 -83.97 -13.17 -70.28
CA LYS H 145 -82.61 -13.69 -70.24
C LYS H 145 -82.12 -13.70 -68.80
N ILE H 146 -81.72 -14.87 -68.32
CA ILE H 146 -81.26 -15.05 -66.95
C ILE H 146 -79.76 -15.28 -66.97
N GLN H 147 -79.01 -14.39 -66.31
CA GLN H 147 -77.57 -14.53 -66.21
C GLN H 147 -77.22 -15.67 -65.27
N VAL H 148 -76.67 -16.75 -65.82
CA VAL H 148 -76.36 -17.93 -65.01
C VAL H 148 -74.89 -18.27 -65.13
N GLY H 149 -74.05 -17.25 -65.36
CA GLY H 149 -72.62 -17.47 -65.49
C GLY H 149 -71.84 -16.32 -64.87
N ALA H 150 -70.51 -16.43 -64.98
CA ALA H 150 -69.61 -15.43 -64.44
C ALA H 150 -69.15 -14.41 -65.47
N ASN H 151 -68.96 -14.83 -66.71
CA ASN H 151 -68.55 -13.93 -67.78
C ASN H 151 -69.79 -13.30 -68.40
N ASP H 152 -69.62 -12.64 -69.55
CA ASP H 152 -70.72 -12.05 -70.27
C ASP H 152 -71.29 -13.02 -71.30
N ASN H 153 -72.54 -12.80 -71.67
CA ASN H 153 -73.28 -13.68 -72.59
C ASN H 153 -73.29 -15.11 -72.05
N GLN H 154 -73.86 -15.26 -70.86
CA GLN H 154 -73.93 -16.52 -70.12
C GLN H 154 -75.37 -16.78 -69.70
N THR H 155 -76.30 -16.61 -70.64
CA THR H 155 -77.71 -16.48 -70.30
C THR H 155 -78.51 -17.70 -70.75
N ILE H 156 -79.50 -18.06 -69.94
CA ILE H 156 -80.55 -19.01 -70.32
C ILE H 156 -81.81 -18.22 -70.61
N THR H 157 -82.38 -18.42 -71.79
CA THR H 157 -83.49 -17.61 -72.28
C THR H 157 -84.81 -18.23 -71.88
N ILE H 158 -85.64 -17.46 -71.17
CA ILE H 158 -87.01 -17.85 -70.85
C ILE H 158 -87.94 -17.20 -71.87
N ASP H 159 -88.91 -17.97 -72.35
CA ASP H 159 -89.84 -17.51 -73.37
C ASP H 159 -91.20 -17.24 -72.76
N LEU H 160 -91.81 -16.12 -73.16
CA LEU H 160 -93.13 -15.73 -72.68
C LEU H 160 -94.05 -15.53 -73.88
N LYS H 161 -95.19 -16.19 -73.86
CA LYS H 161 -96.16 -16.13 -74.95
C LYS H 161 -97.43 -15.46 -74.46
N GLN H 162 -97.92 -14.48 -75.24
CA GLN H 162 -99.16 -13.81 -74.91
C GLN H 162 -100.33 -14.79 -74.97
N ILE H 163 -100.91 -15.11 -73.82
CA ILE H 163 -102.04 -16.02 -73.73
C ILE H 163 -103.27 -15.19 -73.38
N ASP H 164 -104.24 -15.15 -74.28
CA ASP H 164 -105.48 -14.44 -74.06
C ASP H 164 -106.50 -14.91 -75.10
N ALA H 165 -107.69 -14.33 -75.05
CA ALA H 165 -108.77 -14.76 -75.92
C ALA H 165 -108.41 -14.58 -77.39
N LYS H 166 -107.81 -13.43 -77.74
CA LYS H 166 -107.49 -13.15 -79.13
C LYS H 166 -106.46 -14.13 -79.68
N THR H 167 -105.42 -14.44 -78.88
CA THR H 167 -104.35 -15.31 -79.32
C THR H 167 -104.64 -16.78 -79.05
N LEU H 168 -105.89 -17.13 -78.79
CA LEU H 168 -106.29 -18.52 -78.61
C LEU H 168 -107.45 -18.93 -79.50
N GLY H 169 -107.96 -18.03 -80.34
CA GLY H 169 -109.09 -18.32 -81.19
C GLY H 169 -110.44 -18.13 -80.54
N LEU H 170 -110.48 -17.84 -79.24
CA LEU H 170 -111.75 -17.65 -78.54
C LEU H 170 -112.13 -16.17 -78.47
N ASP H 171 -112.17 -15.51 -79.62
CA ASP H 171 -112.58 -14.12 -79.74
C ASP H 171 -113.92 -14.10 -80.45
N GLY H 172 -114.98 -13.80 -79.72
CA GLY H 172 -116.32 -13.87 -80.25
C GLY H 172 -116.99 -15.22 -80.09
N PHE H 173 -116.47 -16.07 -79.22
CA PHE H 173 -117.01 -17.41 -79.02
C PHE H 173 -118.40 -17.31 -78.41
N SER H 174 -119.42 -17.69 -79.18
CA SER H 174 -120.80 -17.64 -78.73
C SER H 174 -121.52 -18.92 -79.12
N VAL H 175 -122.55 -19.26 -78.36
CA VAL H 175 -123.32 -20.47 -78.60
C VAL H 175 -124.80 -20.12 -78.71
N LYS H 176 -125.10 -18.90 -79.14
CA LYS H 176 -126.48 -18.47 -79.29
C LYS H 176 -126.55 -17.43 -80.41
N ASN H 177 -127.75 -17.25 -80.94
CA ASN H 177 -127.98 -16.32 -82.03
C ASN H 177 -128.51 -14.98 -81.53
N THR H 407 -121.29 -19.64 -83.46
CA THR H 407 -119.94 -20.11 -83.75
C THR H 407 -119.97 -21.52 -84.33
N THR H 408 -119.16 -21.77 -85.35
CA THR H 408 -119.10 -23.05 -86.01
C THR H 408 -117.95 -23.89 -85.46
N ASP H 409 -118.20 -25.18 -85.25
CA ASP H 409 -117.23 -26.12 -84.72
C ASP H 409 -116.54 -25.60 -83.46
N PRO H 410 -117.29 -25.39 -82.37
CA PRO H 410 -116.65 -24.82 -81.16
C PRO H 410 -115.69 -25.78 -80.48
N LEU H 411 -116.02 -27.07 -80.44
CA LEU H 411 -115.24 -28.02 -79.67
C LEU H 411 -113.81 -28.13 -80.20
N LYS H 412 -113.65 -28.11 -81.52
CA LYS H 412 -112.31 -28.20 -82.10
C LYS H 412 -111.47 -27.00 -81.70
N ALA H 413 -112.05 -25.79 -81.73
CA ALA H 413 -111.31 -24.60 -81.34
C ALA H 413 -110.94 -24.66 -79.86
N LEU H 414 -111.87 -25.13 -79.02
CA LEU H 414 -111.57 -25.25 -77.59
C LEU H 414 -110.43 -26.22 -77.33
N ASP H 415 -110.44 -27.37 -78.03
CA ASP H 415 -109.35 -28.32 -77.89
C ASP H 415 -108.03 -27.73 -78.38
N ASP H 416 -108.09 -26.95 -79.46
CA ASP H 416 -106.89 -26.30 -79.98
C ASP H 416 -106.32 -25.34 -78.94
N ALA H 417 -107.17 -24.56 -78.27
CA ALA H 417 -106.70 -23.66 -77.23
C ALA H 417 -106.09 -24.43 -76.06
N ILE H 418 -106.71 -25.55 -75.68
CA ILE H 418 -106.17 -26.36 -74.59
C ILE H 418 -104.77 -26.85 -74.94
N ALA H 419 -104.58 -27.33 -76.18
CA ALA H 419 -103.26 -27.80 -76.57
C ALA H 419 -102.26 -26.64 -76.66
N SER H 420 -102.73 -25.46 -77.05
CA SER H 420 -101.85 -24.32 -77.21
C SER H 420 -101.39 -23.75 -75.88
N VAL H 421 -102.16 -23.95 -74.81
CA VAL H 421 -101.66 -23.59 -73.49
C VAL H 421 -100.81 -24.72 -72.89
N ASP H 422 -101.12 -25.98 -73.21
CA ASP H 422 -100.31 -27.08 -72.71
C ASP H 422 -98.89 -27.03 -73.26
N LYS H 423 -98.74 -26.59 -74.51
CA LYS H 423 -97.40 -26.46 -75.09
C LYS H 423 -96.55 -25.46 -74.30
N PHE H 424 -97.12 -24.30 -73.97
CA PHE H 424 -96.39 -23.31 -73.20
C PHE H 424 -96.07 -23.84 -71.81
N ARG H 425 -97.00 -24.56 -71.19
CA ARG H 425 -96.73 -25.15 -69.89
C ARG H 425 -95.54 -26.11 -69.95
N SER H 426 -95.50 -26.96 -70.99
CA SER H 426 -94.39 -27.89 -71.13
C SER H 426 -93.06 -27.16 -71.31
N SER H 427 -93.06 -26.09 -72.12
CA SER H 427 -91.83 -25.32 -72.29
C SER H 427 -91.36 -24.74 -70.97
N LEU H 428 -92.30 -24.21 -70.18
CA LEU H 428 -91.93 -23.64 -68.89
C LEU H 428 -91.35 -24.69 -67.95
N GLY H 429 -91.94 -25.89 -67.93
CA GLY H 429 -91.38 -26.96 -67.10
C GLY H 429 -89.98 -27.34 -67.52
N ALA H 430 -89.74 -27.41 -68.84
CA ALA H 430 -88.40 -27.71 -69.31
C ALA H 430 -87.41 -26.64 -68.86
N VAL H 431 -87.81 -25.37 -68.93
CA VAL H 431 -86.93 -24.29 -68.49
C VAL H 431 -86.63 -24.42 -67.00
N GLN H 432 -87.63 -24.78 -66.20
CA GLN H 432 -87.40 -24.92 -64.76
C GLN H 432 -86.39 -26.03 -64.47
N ASN H 433 -86.54 -27.17 -65.15
CA ASN H 433 -85.59 -28.26 -64.94
C ASN H 433 -84.18 -27.85 -65.34
N ARG H 434 -84.06 -27.14 -66.47
CA ARG H 434 -82.77 -26.66 -66.91
C ARG H 434 -82.14 -25.74 -65.88
N LEU H 435 -82.94 -24.81 -65.32
CA LEU H 435 -82.41 -23.89 -64.32
C LEU H 435 -81.94 -24.62 -63.07
N ASP H 436 -82.71 -25.61 -62.63
CA ASP H 436 -82.31 -26.37 -61.45
C ASP H 436 -80.98 -27.08 -61.66
N SER H 437 -80.80 -27.69 -62.83
CA SER H 437 -79.53 -28.32 -63.14
C SER H 437 -78.40 -27.29 -63.13
N ALA H 438 -78.65 -26.11 -63.69
CA ALA H 438 -77.64 -25.06 -63.71
C ALA H 438 -77.24 -24.66 -62.29
N VAL H 439 -78.22 -24.51 -61.40
CA VAL H 439 -77.92 -24.13 -60.01
C VAL H 439 -77.07 -25.19 -59.34
N THR H 440 -77.41 -26.47 -59.54
CA THR H 440 -76.63 -27.53 -58.91
C THR H 440 -75.18 -27.52 -59.41
N ASN H 441 -74.99 -27.34 -60.73
CA ASN H 441 -73.64 -27.31 -61.27
C ASN H 441 -72.87 -26.10 -60.72
N LEU H 442 -73.53 -24.95 -60.60
CA LEU H 442 -72.88 -23.77 -60.06
C LEU H 442 -72.43 -24.00 -58.63
N ASN H 443 -73.27 -24.65 -57.83
CA ASN H 443 -72.90 -24.94 -56.45
C ASN H 443 -71.65 -25.83 -56.40
N ASN H 444 -71.63 -26.89 -57.21
CA ASN H 444 -70.48 -27.79 -57.21
C ASN H 444 -69.21 -27.05 -57.63
N THR H 445 -69.30 -26.26 -58.69
CA THR H 445 -68.12 -25.53 -59.19
C THR H 445 -67.63 -24.53 -58.15
N THR H 446 -68.55 -23.83 -57.50
CA THR H 446 -68.14 -22.87 -56.48
C THR H 446 -67.42 -23.55 -55.33
N THR H 447 -67.93 -24.70 -54.87
CA THR H 447 -67.26 -25.41 -53.79
C THR H 447 -65.85 -25.84 -54.21
N ASN H 448 -65.72 -26.39 -55.41
CA ASN H 448 -64.40 -26.85 -55.85
C ASN H 448 -63.42 -25.69 -55.97
N LEU H 449 -63.85 -24.58 -56.55
CA LEU H 449 -62.95 -23.44 -56.73
C LEU H 449 -62.58 -22.82 -55.39
N SER H 450 -63.52 -22.79 -54.44
CA SER H 450 -63.20 -22.29 -53.11
C SER H 450 -62.16 -23.17 -52.43
N GLU H 451 -62.30 -24.49 -52.56
CA GLU H 451 -61.30 -25.36 -51.96
C GLU H 451 -59.93 -25.19 -52.62
N ALA H 452 -59.90 -24.96 -53.94
CA ALA H 452 -58.63 -24.69 -54.59
C ALA H 452 -58.00 -23.39 -54.09
N GLN H 453 -58.82 -22.34 -53.94
CA GLN H 453 -58.30 -21.08 -53.41
C GLN H 453 -57.76 -21.28 -52.00
N SER H 454 -58.42 -22.10 -51.19
CA SER H 454 -57.89 -22.43 -49.88
C SER H 454 -56.54 -23.14 -49.98
N ARG H 455 -56.44 -24.09 -50.92
CA ARG H 455 -55.18 -24.80 -51.11
C ARG H 455 -54.07 -23.92 -51.66
N ILE H 456 -54.39 -22.71 -52.13
CA ILE H 456 -53.40 -21.81 -52.68
C ILE H 456 -52.99 -20.74 -51.67
N GLN H 457 -53.96 -20.03 -51.10
CA GLN H 457 -53.67 -18.84 -50.31
C GLN H 457 -53.64 -19.06 -48.81
N ASP H 458 -54.39 -20.02 -48.29
CA ASP H 458 -54.46 -20.20 -46.84
C ASP H 458 -53.18 -20.81 -46.31
N ALA H 459 -52.90 -20.57 -45.04
CA ALA H 459 -51.69 -21.03 -44.39
C ALA H 459 -51.98 -22.19 -43.44
N ASP H 460 -50.95 -23.00 -43.20
CA ASP H 460 -51.03 -24.14 -42.28
C ASP H 460 -50.57 -23.66 -40.91
N TYR H 461 -51.47 -23.70 -39.93
CA TYR H 461 -51.19 -23.11 -38.63
C TYR H 461 -50.09 -23.86 -37.89
N ALA H 462 -49.99 -25.17 -38.06
CA ALA H 462 -48.96 -25.94 -37.36
C ALA H 462 -47.55 -25.46 -37.77
N THR H 463 -47.32 -25.33 -39.06
CA THR H 463 -46.02 -24.88 -39.54
C THR H 463 -45.72 -23.46 -39.06
N GLU H 464 -46.73 -22.57 -39.12
CA GLU H 464 -46.51 -21.20 -38.68
C GLU H 464 -46.20 -21.12 -37.20
N VAL H 465 -46.89 -21.92 -36.39
CA VAL H 465 -46.62 -21.92 -34.95
C VAL H 465 -45.21 -22.42 -34.68
N SER H 466 -44.80 -23.50 -35.36
CA SER H 466 -43.45 -24.01 -35.17
C SER H 466 -42.41 -22.97 -35.56
N ASN H 467 -42.60 -22.32 -36.71
CA ASN H 467 -41.64 -21.31 -37.16
C ASN H 467 -41.58 -20.14 -36.19
N MET H 468 -42.73 -19.70 -35.69
CA MET H 468 -42.76 -18.58 -34.76
C MET H 468 -42.04 -18.93 -33.45
N SER H 469 -42.27 -20.12 -32.93
CA SER H 469 -41.57 -20.54 -31.72
C SER H 469 -40.06 -20.61 -31.95
N LYS H 470 -39.65 -21.17 -33.08
CA LYS H 470 -38.22 -21.24 -33.40
C LYS H 470 -37.64 -19.84 -33.51
N ALA H 471 -38.37 -18.91 -34.13
CA ALA H 471 -37.89 -17.54 -34.27
C ALA H 471 -37.74 -16.88 -32.91
N GLN H 472 -38.69 -17.10 -32.01
CA GLN H 472 -38.57 -16.53 -30.66
C GLN H 472 -37.34 -17.06 -29.95
N ILE H 473 -37.11 -18.37 -30.03
CA ILE H 473 -35.92 -18.94 -29.40
C ILE H 473 -34.65 -18.35 -30.00
N ILE H 474 -34.62 -18.23 -31.33
CA ILE H 474 -33.45 -17.64 -32.00
C ILE H 474 -33.23 -16.22 -31.52
N GLN H 475 -34.30 -15.43 -31.39
CA GLN H 475 -34.17 -14.05 -30.97
C GLN H 475 -33.58 -13.95 -29.57
N GLN H 476 -34.10 -14.74 -28.63
CA GLN H 476 -33.58 -14.68 -27.28
C GLN H 476 -32.13 -15.15 -27.22
N ALA H 477 -31.80 -16.21 -27.96
CA ALA H 477 -30.42 -16.68 -28.00
C ALA H 477 -29.49 -15.60 -28.56
N GLY H 478 -29.91 -14.93 -29.63
CA GLY H 478 -29.09 -13.88 -30.19
C GLY H 478 -28.91 -12.72 -29.23
N ASN H 479 -29.96 -12.39 -28.48
CA ASN H 479 -29.84 -11.32 -27.49
C ASN H 479 -28.81 -11.68 -26.42
N SER H 480 -28.86 -12.92 -25.92
CA SER H 480 -27.89 -13.35 -24.92
C SER H 480 -26.47 -13.33 -25.48
N VAL H 481 -26.31 -13.80 -26.72
CA VAL H 481 -24.97 -13.81 -27.33
C VAL H 481 -24.47 -12.39 -27.54
N LEU H 482 -25.36 -11.45 -27.88
CA LEU H 482 -24.97 -10.06 -27.99
C LEU H 482 -24.50 -9.52 -26.65
N ALA H 483 -25.20 -9.86 -25.57
CA ALA H 483 -24.76 -9.42 -24.25
C ALA H 483 -23.36 -9.95 -23.94
N LYS H 484 -23.12 -11.23 -24.24
CA LYS H 484 -21.79 -11.79 -24.00
C LYS H 484 -20.73 -11.10 -24.86
N ALA H 485 -21.06 -10.80 -26.12
CA ALA H 485 -20.10 -10.16 -27.00
C ALA H 485 -19.74 -8.78 -26.49
N ASN H 486 -20.73 -8.01 -26.03
CA ASN H 486 -20.41 -6.69 -25.47
C ASN H 486 -19.67 -6.80 -24.15
N GLN H 487 -19.86 -7.90 -23.41
CA GLN H 487 -19.12 -8.11 -22.18
C GLN H 487 -17.67 -8.52 -22.43
N VAL H 488 -17.37 -9.06 -23.61
CA VAL H 488 -16.01 -9.55 -23.89
C VAL H 488 -14.95 -8.47 -23.70
N PRO H 489 -15.07 -7.25 -24.26
CA PRO H 489 -13.94 -6.32 -24.24
C PRO H 489 -13.53 -5.80 -22.87
N GLN H 490 -14.15 -6.27 -21.79
CA GLN H 490 -13.86 -5.74 -20.47
C GLN H 490 -12.45 -6.06 -19.98
N GLN H 491 -11.80 -7.09 -20.53
CA GLN H 491 -10.48 -7.48 -20.05
C GLN H 491 -9.43 -6.41 -20.29
N VAL H 492 -9.67 -5.49 -21.22
CA VAL H 492 -8.71 -4.42 -21.47
C VAL H 492 -8.63 -3.49 -20.27
N LEU H 493 -9.75 -3.29 -19.58
CA LEU H 493 -9.72 -2.53 -18.33
C LEU H 493 -8.82 -3.18 -17.30
N SER H 494 -8.89 -4.52 -17.20
CA SER H 494 -7.98 -5.23 -16.33
C SER H 494 -6.53 -5.05 -16.76
N LEU H 495 -6.29 -5.07 -18.08
CA LEU H 495 -4.94 -4.84 -18.59
C LEU H 495 -4.40 -3.48 -18.15
N LEU H 496 -5.17 -2.42 -18.36
CA LEU H 496 -4.71 -1.09 -17.97
C LEU H 496 -4.56 -0.97 -16.46
N GLN H 497 -5.51 -1.53 -15.70
CA GLN H 497 -5.44 -1.42 -14.25
C GLN H 497 -4.20 -2.13 -13.70
N GLY H 498 -3.88 -3.30 -14.24
CA GLY H 498 -2.72 -4.04 -13.79
C GLY H 498 -3.04 -5.44 -13.32
N GLN I 3 87.91 32.96 -2.61
CA GLN I 3 87.34 33.44 -1.36
C GLN I 3 86.63 34.76 -1.63
N VAL I 4 86.46 35.02 -2.91
CA VAL I 4 85.94 36.28 -3.45
C VAL I 4 84.66 36.71 -2.75
N ILE I 5 84.60 37.98 -2.35
CA ILE I 5 83.40 38.52 -1.70
C ILE I 5 82.68 39.53 -2.57
N ASN I 6 83.24 39.94 -3.70
CA ASN I 6 82.57 40.84 -4.61
C ASN I 6 81.74 40.10 -5.64
N THR I 7 81.76 38.77 -5.62
CA THR I 7 80.99 37.93 -6.52
C THR I 7 80.59 36.66 -5.79
N ASN I 8 79.34 36.24 -5.97
CA ASN I 8 78.75 35.09 -5.29
C ASN I 8 78.15 34.14 -6.32
N SER I 9 78.96 33.78 -7.32
CA SER I 9 78.53 33.00 -8.48
C SER I 9 77.56 31.86 -8.13
N LEU I 10 77.80 31.19 -7.00
CA LEU I 10 76.88 30.15 -6.56
C LEU I 10 75.48 30.69 -6.35
N SER I 11 75.37 31.89 -5.75
CA SER I 11 74.07 32.51 -5.59
C SER I 11 73.44 32.83 -6.93
N LEU I 12 74.24 33.26 -7.91
CA LEU I 12 73.70 33.53 -9.23
C LEU I 12 73.16 32.27 -9.87
N ILE I 13 73.89 31.15 -9.74
CA ILE I 13 73.40 29.88 -10.27
C ILE I 13 72.09 29.49 -9.60
N THR I 14 72.02 29.64 -8.28
CA THR I 14 70.80 29.26 -7.56
C THR I 14 69.61 30.11 -8.00
N GLN I 15 69.82 31.41 -8.14
CA GLN I 15 68.75 32.28 -8.62
C GLN I 15 68.33 31.92 -10.03
N ASN I 16 69.29 31.57 -10.88
CA ASN I 16 68.95 31.15 -12.24
C ASN I 16 68.09 29.89 -12.22
N ASN I 17 68.43 28.93 -11.36
CA ASN I 17 67.63 27.71 -11.27
C ASN I 17 66.23 28.00 -10.74
N ILE I 18 66.11 28.91 -9.76
CA ILE I 18 64.80 29.27 -9.24
C ILE I 18 63.95 29.93 -10.33
N ASN I 19 64.56 30.83 -11.09
CA ASN I 19 63.84 31.48 -12.18
C ASN I 19 63.41 30.48 -13.23
N LYS I 20 64.26 29.49 -13.52
CA LYS I 20 63.88 28.42 -14.44
C LYS I 20 62.70 27.63 -13.89
N ASN I 21 62.68 27.40 -12.58
CA ASN I 21 61.58 26.68 -11.96
C ASN I 21 60.26 27.43 -12.11
N GLN I 22 60.28 28.74 -11.86
CA GLN I 22 59.07 29.56 -11.72
C GLN I 22 57.99 29.27 -12.76
N SER I 23 58.41 29.05 -14.01
CA SER I 23 57.45 28.86 -15.09
C SER I 23 56.58 27.64 -14.88
N ALA I 24 57.18 26.53 -14.43
CA ALA I 24 56.42 25.30 -14.22
C ALA I 24 55.34 25.50 -13.16
N LEU I 25 55.70 26.12 -12.04
CA LEU I 25 54.72 26.38 -10.99
C LEU I 25 53.60 27.29 -11.48
N SER I 26 53.97 28.36 -12.20
CA SER I 26 52.95 29.28 -12.70
C SER I 26 51.98 28.58 -13.64
N SER I 27 52.53 27.79 -14.57
CA SER I 27 51.69 27.07 -15.52
C SER I 27 50.79 26.06 -14.83
N SER I 28 51.33 25.33 -13.85
CA SER I 28 50.52 24.36 -13.14
C SER I 28 49.37 25.02 -12.39
N ILE I 29 49.65 26.13 -11.70
CA ILE I 29 48.59 26.82 -10.98
C ILE I 29 47.54 27.35 -11.95
N GLU I 30 47.97 27.94 -13.07
CA GLU I 30 47.00 28.49 -14.02
C GLU I 30 46.13 27.40 -14.61
N ARG I 31 46.75 26.26 -14.99
CA ARG I 31 45.97 25.17 -15.55
C ARG I 31 45.00 24.58 -14.54
N LEU I 32 45.43 24.44 -13.28
CA LEU I 32 44.51 23.94 -12.26
C LEU I 32 43.35 24.89 -12.03
N SER I 33 43.62 26.20 -12.04
CA SER I 33 42.55 27.17 -11.81
C SER I 33 41.56 27.18 -12.97
N SER I 34 42.07 27.29 -14.20
CA SER I 34 41.19 27.38 -15.37
C SER I 34 40.56 26.05 -15.71
N GLY I 35 41.33 24.96 -15.62
CA GLY I 35 40.85 23.66 -16.02
C GLY I 35 41.15 23.29 -17.46
N LEU I 36 41.68 24.22 -18.25
CA LEU I 36 42.00 23.97 -19.65
C LEU I 36 43.51 23.88 -19.83
N ARG I 37 43.94 22.86 -20.56
CA ARG I 37 45.37 22.68 -20.81
C ARG I 37 45.92 23.80 -21.69
N ILE I 38 45.14 24.25 -22.65
CA ILE I 38 45.56 25.32 -23.57
C ILE I 38 44.90 26.59 -23.05
N ASN I 39 45.63 27.34 -22.24
CA ASN I 39 45.14 28.61 -21.70
C ASN I 39 45.54 29.81 -22.54
N SER I 40 46.41 29.63 -23.53
CA SER I 40 46.88 30.74 -24.35
C SER I 40 47.48 30.18 -25.62
N ALA I 41 47.74 31.07 -26.58
CA ALA I 41 48.34 30.66 -27.84
C ALA I 41 49.76 30.15 -27.65
N LYS I 42 50.44 30.62 -26.61
CA LYS I 42 51.81 30.16 -26.38
C LYS I 42 51.86 28.67 -26.07
N ASP I 43 50.77 28.11 -25.55
CA ASP I 43 50.77 26.69 -25.21
C ASP I 43 50.90 25.82 -26.45
N ASP I 44 49.83 25.74 -27.24
CA ASP I 44 49.86 25.00 -28.51
C ASP I 44 49.45 25.89 -29.68
N ALA I 45 48.25 26.46 -29.63
CA ALA I 45 47.62 27.35 -30.60
C ALA I 45 47.19 26.63 -31.88
N ALA I 46 47.77 25.47 -32.17
CA ALA I 46 47.13 24.60 -33.16
C ALA I 46 45.97 23.88 -32.53
N GLY I 47 46.19 23.32 -31.34
CA GLY I 47 45.09 22.82 -30.54
C GLY I 47 44.08 23.90 -30.23
N GLN I 48 44.55 25.12 -30.00
CA GLN I 48 43.62 26.23 -29.72
C GLN I 48 42.77 26.56 -30.94
N ALA I 49 43.38 26.61 -32.13
CA ALA I 49 42.59 26.87 -33.33
C ALA I 49 41.58 25.75 -33.59
N ILE I 50 42.02 24.50 -33.45
CA ILE I 50 41.13 23.37 -33.64
C ILE I 50 39.99 23.41 -32.63
N ALA I 51 40.30 23.76 -31.37
CA ALA I 51 39.28 23.83 -30.34
C ALA I 51 38.29 24.97 -30.62
N ASN I 52 38.78 26.09 -31.13
CA ASN I 52 37.87 27.18 -31.49
C ASN I 52 36.91 26.74 -32.58
N ARG I 53 37.43 26.06 -33.60
CA ARG I 53 36.57 25.55 -34.66
C ARG I 53 35.57 24.53 -34.12
N PHE I 54 36.02 23.68 -33.21
CA PHE I 54 35.13 22.68 -32.62
C PHE I 54 34.02 23.34 -31.81
N THR I 55 34.35 24.38 -31.05
CA THR I 55 33.33 25.11 -30.29
C THR I 55 32.32 25.75 -31.23
N SER I 56 32.80 26.33 -32.34
CA SER I 56 31.88 26.88 -33.33
C SER I 56 30.96 25.80 -33.86
N ASN I 57 31.50 24.61 -34.14
CA ASN I 57 30.67 23.51 -34.63
C ASN I 57 29.62 23.10 -33.60
N ILE I 58 30.01 23.00 -32.33
CA ILE I 58 29.05 22.62 -31.28
C ILE I 58 27.91 23.62 -31.21
N LYS I 59 28.25 24.91 -31.19
CA LYS I 59 27.23 25.93 -31.07
C LYS I 59 26.30 25.92 -32.28
N GLY I 60 26.87 25.79 -33.48
CA GLY I 60 26.06 25.76 -34.68
C GLY I 60 25.12 24.57 -34.71
N LEU I 61 25.62 23.39 -34.34
CA LEU I 61 24.78 22.20 -34.38
C LEU I 61 23.68 22.25 -33.34
N THR I 62 23.97 22.75 -32.14
CA THR I 62 22.93 22.89 -31.13
C THR I 62 21.85 23.85 -31.60
N GLN I 63 22.24 24.99 -32.15
CA GLN I 63 21.25 25.93 -32.67
C GLN I 63 20.47 25.32 -33.83
N ALA I 64 21.13 24.49 -34.64
CA ALA I 64 20.44 23.84 -35.75
C ALA I 64 19.36 22.89 -35.26
N ALA I 65 19.65 22.11 -34.21
CA ALA I 65 18.63 21.24 -33.64
C ALA I 65 17.48 22.05 -33.07
N ARG I 66 17.80 23.16 -32.40
CA ARG I 66 16.76 24.04 -31.89
C ARG I 66 15.85 24.54 -33.01
N ASN I 67 16.46 24.92 -34.15
CA ASN I 67 15.67 25.31 -35.32
C ASN I 67 14.84 24.14 -35.84
N ALA I 68 15.42 22.94 -35.85
CA ALA I 68 14.75 21.79 -36.44
C ALA I 68 13.46 21.46 -35.69
N ASN I 69 13.44 21.64 -34.36
CA ASN I 69 12.22 21.36 -33.61
C ASN I 69 11.04 22.21 -34.09
N ASP I 70 11.32 23.45 -34.52
CA ASP I 70 10.24 24.34 -34.94
C ASP I 70 9.49 23.81 -36.15
N GLY I 71 10.22 23.22 -37.11
CA GLY I 71 9.55 22.64 -38.27
C GLY I 71 8.62 21.52 -37.90
N ILE I 72 9.02 20.69 -36.93
CA ILE I 72 8.14 19.65 -36.43
C ILE I 72 6.88 20.26 -35.85
N SER I 73 7.03 21.35 -35.09
CA SER I 73 5.85 22.01 -34.54
C SER I 73 4.92 22.51 -35.64
N VAL I 74 5.48 23.14 -36.67
CA VAL I 74 4.68 23.66 -37.77
C VAL I 74 3.90 22.53 -38.43
N ALA I 75 4.59 21.43 -38.73
CA ALA I 75 3.95 20.31 -39.40
C ALA I 75 2.85 19.71 -38.55
N GLN I 76 3.06 19.63 -37.24
CA GLN I 76 2.03 19.10 -36.35
C GLN I 76 0.78 19.96 -36.37
N THR I 77 0.95 21.28 -36.28
CA THR I 77 -0.20 22.18 -36.29
C THR I 77 -0.98 22.05 -37.61
N THR I 78 -0.24 22.05 -38.73
CA THR I 78 -0.90 21.94 -40.03
C THR I 78 -1.63 20.60 -40.16
N GLU I 79 -1.03 19.53 -39.63
CA GLU I 79 -1.67 18.22 -39.68
C GLU I 79 -2.97 18.22 -38.89
N GLY I 80 -2.99 18.86 -37.72
CA GLY I 80 -4.24 18.92 -36.97
C GLY I 80 -5.33 19.65 -37.72
N ALA I 81 -4.98 20.79 -38.31
CA ALA I 81 -5.97 21.52 -39.11
C ALA I 81 -6.49 20.66 -40.27
N LEU I 82 -5.58 19.94 -40.93
CA LEU I 82 -5.97 19.10 -42.05
C LEU I 82 -6.90 17.97 -41.58
N SER I 83 -6.65 17.44 -40.38
CA SER I 83 -7.52 16.38 -39.85
C SER I 83 -8.94 16.89 -39.63
N GLU I 84 -9.06 18.11 -39.09
CA GLU I 84 -10.40 18.67 -38.93
C GLU I 84 -11.09 18.87 -40.28
N ILE I 85 -10.34 19.38 -41.26
CA ILE I 85 -10.91 19.55 -42.60
C ILE I 85 -11.36 18.21 -43.16
N ASN I 86 -10.58 17.16 -42.91
CA ASN I 86 -10.93 15.82 -43.39
C ASN I 86 -12.24 15.34 -42.77
N ASN I 87 -12.41 15.55 -41.47
CA ASN I 87 -13.66 15.14 -40.82
C ASN I 87 -14.86 15.88 -41.43
N ASN I 88 -14.70 17.19 -41.66
CA ASN I 88 -15.79 17.94 -42.28
C ASN I 88 -16.12 17.40 -43.67
N LEU I 89 -15.08 17.09 -44.46
CA LEU I 89 -15.31 16.54 -45.79
C LEU I 89 -16.03 15.20 -45.72
N GLN I 90 -15.67 14.37 -44.74
CA GLN I 90 -16.34 13.07 -44.58
C GLN I 90 -17.82 13.27 -44.31
N ARG I 91 -18.17 14.19 -43.41
CA ARG I 91 -19.58 14.44 -43.13
C ARG I 91 -20.31 14.98 -44.36
N VAL I 92 -19.64 15.84 -45.12
CA VAL I 92 -20.25 16.35 -46.35
C VAL I 92 -20.55 15.22 -47.32
N ARG I 93 -19.61 14.29 -47.46
CA ARG I 93 -19.84 13.14 -48.34
C ARG I 93 -21.02 12.31 -47.87
N GLU I 94 -21.11 12.06 -46.55
CA GLU I 94 -22.24 11.31 -46.03
C GLU I 94 -23.56 11.99 -46.35
N LEU I 95 -23.63 13.31 -46.17
CA LEU I 95 -24.88 14.01 -46.42
C LEU I 95 -25.21 14.05 -47.90
N THR I 96 -24.20 14.12 -48.77
CA THR I 96 -24.50 14.02 -50.20
C THR I 96 -25.08 12.65 -50.55
N VAL I 97 -24.51 11.59 -49.97
CA VAL I 97 -25.07 10.26 -50.19
C VAL I 97 -26.52 10.21 -49.73
N GLN I 98 -26.82 10.85 -48.59
CA GLN I 98 -28.20 10.90 -48.13
C GLN I 98 -29.09 11.69 -49.08
N ALA I 99 -28.57 12.78 -49.65
CA ALA I 99 -29.40 13.68 -50.42
C ALA I 99 -29.71 13.16 -51.81
N THR I 100 -28.81 12.36 -52.40
CA THR I 100 -29.00 11.89 -53.77
C THR I 100 -30.03 10.75 -53.81
N THR I 101 -31.22 11.03 -53.30
CA THR I 101 -32.30 10.04 -53.23
C THR I 101 -33.59 10.66 -53.74
N GLY I 102 -34.41 9.82 -54.40
CA GLY I 102 -35.66 10.30 -54.96
C GLY I 102 -36.78 10.51 -53.97
N THR I 103 -36.70 9.88 -52.79
CA THR I 103 -37.75 10.06 -51.80
C THR I 103 -37.75 11.47 -51.21
N ASN I 104 -36.59 12.11 -51.13
CA ASN I 104 -36.49 13.43 -50.54
C ASN I 104 -37.30 14.45 -51.32
N SER I 105 -38.02 15.31 -50.61
CA SER I 105 -38.74 16.40 -51.23
C SER I 105 -37.82 17.59 -51.41
N GLU I 106 -38.38 18.68 -51.94
CA GLU I 106 -37.57 19.87 -52.20
C GLU I 106 -37.11 20.53 -50.90
N SER I 107 -37.97 20.57 -49.89
CA SER I 107 -37.57 21.17 -48.62
C SER I 107 -36.47 20.37 -47.94
N ASP I 108 -36.52 19.04 -48.04
CA ASP I 108 -35.47 18.21 -47.48
C ASP I 108 -34.14 18.49 -48.17
N LEU I 109 -34.16 18.62 -49.49
CA LEU I 109 -32.94 18.98 -50.22
C LEU I 109 -32.45 20.36 -49.80
N SER I 110 -33.38 21.29 -49.55
CA SER I 110 -33.00 22.62 -49.11
C SER I 110 -32.28 22.56 -47.75
N SER I 111 -32.81 21.76 -46.83
CA SER I 111 -32.17 21.62 -45.52
C SER I 111 -30.79 20.99 -45.65
N ILE I 112 -30.69 19.93 -46.46
CA ILE I 112 -29.40 19.26 -46.65
C ILE I 112 -28.39 20.22 -47.25
N GLN I 113 -28.82 21.01 -48.24
CA GLN I 113 -27.92 21.97 -48.85
C GLN I 113 -27.51 23.06 -47.87
N ASP I 114 -28.44 23.49 -47.01
CA ASP I 114 -28.09 24.46 -45.99
C ASP I 114 -26.98 23.94 -45.10
N GLU I 115 -27.13 22.70 -44.61
CA GLU I 115 -26.12 22.15 -43.71
C GLU I 115 -24.79 21.97 -44.45
N ILE I 116 -24.86 21.50 -45.69
CA ILE I 116 -23.64 21.27 -46.48
C ILE I 116 -22.92 22.59 -46.72
N LYS I 117 -23.65 23.64 -47.05
CA LYS I 117 -23.05 24.95 -47.25
C LYS I 117 -22.43 25.46 -45.97
N SER I 118 -23.09 25.21 -44.83
CA SER I 118 -22.51 25.61 -43.55
C SER I 118 -21.18 24.90 -43.32
N ARG I 119 -21.11 23.60 -43.61
CA ARG I 119 -19.86 22.88 -43.37
C ARG I 119 -18.78 23.30 -44.36
N LEU I 120 -19.14 23.59 -45.61
CA LEU I 120 -18.16 24.09 -46.56
C LEU I 120 -17.63 25.45 -46.14
N ASP I 121 -18.50 26.32 -45.64
CA ASP I 121 -18.05 27.60 -45.10
C ASP I 121 -17.14 27.39 -43.90
N GLU I 122 -17.44 26.41 -43.06
CA GLU I 122 -16.56 26.09 -41.95
C GLU I 122 -15.19 25.63 -42.43
N ILE I 123 -15.16 24.82 -43.48
CA ILE I 123 -13.89 24.37 -44.04
C ILE I 123 -13.08 25.56 -44.53
N ASP I 124 -13.73 26.46 -45.28
CA ASP I 124 -13.03 27.62 -45.79
C ASP I 124 -12.55 28.51 -44.65
N ARG I 125 -13.36 28.66 -43.61
CA ARG I 125 -12.97 29.42 -42.43
C ARG I 125 -11.72 28.83 -41.79
N VAL I 126 -11.75 27.54 -41.49
CA VAL I 126 -10.61 26.92 -40.81
C VAL I 126 -9.37 27.00 -41.67
N SER I 127 -9.53 26.89 -42.99
CA SER I 127 -8.39 27.06 -43.89
C SER I 127 -7.80 28.47 -43.77
N GLY I 128 -8.64 29.48 -43.89
CA GLY I 128 -8.15 30.85 -43.87
C GLY I 128 -7.59 31.27 -42.53
N GLN I 129 -8.17 30.78 -41.44
CA GLN I 129 -7.93 31.36 -40.13
C GLN I 129 -6.66 30.84 -39.46
N THR I 130 -6.30 29.57 -39.69
CA THR I 130 -5.19 28.98 -38.98
C THR I 130 -3.90 29.76 -39.27
N GLN I 131 -3.19 30.12 -38.20
CA GLN I 131 -2.03 30.99 -38.29
C GLN I 131 -0.98 30.52 -37.29
N PHE I 132 0.21 30.21 -37.78
CA PHE I 132 1.32 29.81 -36.92
C PHE I 132 2.41 30.86 -37.03
N ASN I 133 2.71 31.51 -35.91
CA ASN I 133 3.77 32.52 -35.83
C ASN I 133 3.61 33.58 -36.92
N GLY I 134 2.38 34.08 -37.04
CA GLY I 134 2.08 35.09 -38.05
C GLY I 134 2.22 34.59 -39.47
N VAL I 135 1.90 33.32 -39.73
CA VAL I 135 1.94 32.75 -41.06
C VAL I 135 0.65 31.97 -41.28
N ASN I 136 -0.12 32.36 -42.29
CA ASN I 136 -1.33 31.63 -42.67
C ASN I 136 -0.90 30.45 -43.52
N VAL I 137 -0.71 29.29 -42.87
CA VAL I 137 -0.10 28.15 -43.54
C VAL I 137 -1.02 27.63 -44.65
N LEU I 138 -2.29 27.44 -44.35
CA LEU I 138 -3.24 26.93 -45.35
C LEU I 138 -4.00 28.06 -46.03
N ALA I 139 -3.27 29.01 -46.62
CA ALA I 139 -3.91 30.05 -47.41
C ALA I 139 -3.18 30.39 -48.70
N LYS I 140 -1.96 29.89 -48.91
CA LYS I 140 -1.17 30.23 -50.08
C LYS I 140 -0.12 29.16 -50.31
N ASN I 141 0.09 28.80 -51.57
CA ASN I 141 1.17 27.89 -51.91
C ASN I 141 2.52 28.53 -51.57
N GLY I 142 3.36 27.77 -50.89
CA GLY I 142 4.65 28.30 -50.50
C GLY I 142 5.56 27.20 -50.00
N SER I 143 6.67 27.62 -49.38
CA SER I 143 7.65 26.68 -48.87
C SER I 143 8.42 27.33 -47.73
N MET I 144 8.85 26.50 -46.78
CA MET I 144 9.67 26.93 -45.66
C MET I 144 10.99 26.19 -45.69
N LYS I 145 12.04 26.87 -45.21
CA LYS I 145 13.40 26.32 -45.20
C LYS I 145 13.89 26.28 -43.76
N ILE I 146 14.14 25.07 -43.26
CA ILE I 146 14.53 24.86 -41.87
C ILE I 146 16.04 24.64 -41.81
N GLN I 147 16.74 25.52 -41.11
CA GLN I 147 18.19 25.42 -40.99
C GLN I 147 18.54 24.28 -40.03
N VAL I 148 19.08 23.19 -40.56
CA VAL I 148 19.40 22.03 -39.74
C VAL I 148 20.89 21.72 -39.85
N GLY I 149 21.70 22.74 -40.13
CA GLY I 149 23.14 22.56 -40.24
C GLY I 149 23.88 23.75 -39.66
N ALA I 150 25.21 23.61 -39.61
CA ALA I 150 26.06 24.65 -39.06
C ALA I 150 26.54 25.63 -40.12
N ASN I 151 26.70 25.18 -41.36
CA ASN I 151 27.14 26.04 -42.44
C ASN I 151 25.93 26.65 -43.14
N ASP I 152 26.14 27.26 -44.29
CA ASP I 152 25.06 27.86 -45.07
C ASP I 152 24.52 26.85 -46.07
N ASN I 153 23.27 27.09 -46.50
CA ASN I 153 22.55 26.20 -47.40
C ASN I 153 22.48 24.78 -46.83
N GLN I 154 21.89 24.68 -45.64
CA GLN I 154 21.76 23.45 -44.88
C GLN I 154 20.30 23.22 -44.51
N THR I 155 19.41 23.41 -45.48
CA THR I 155 17.98 23.57 -45.20
C THR I 155 17.19 22.34 -45.62
N ILE I 156 16.15 22.04 -44.84
CA ILE I 156 15.14 21.06 -45.20
C ILE I 156 13.87 21.82 -45.57
N THR I 157 13.35 21.55 -46.77
CA THR I 157 12.24 22.33 -47.31
C THR I 157 10.91 21.72 -46.88
N ILE I 158 10.06 22.53 -46.27
CA ILE I 158 8.69 22.14 -45.93
C ILE I 158 7.76 22.81 -46.92
N ASP I 159 6.85 22.04 -47.51
CA ASP I 159 5.95 22.53 -48.54
C ASP I 159 4.56 22.77 -47.96
N LEU I 160 3.94 23.86 -48.39
CA LEU I 160 2.61 24.23 -47.93
C LEU I 160 1.72 24.46 -49.13
N LYS I 161 0.57 23.78 -49.17
CA LYS I 161 -0.37 23.89 -50.27
C LYS I 161 -1.65 24.55 -49.77
N GLN I 162 -2.15 25.51 -50.56
CA GLN I 162 -3.41 26.17 -50.23
C GLN I 162 -4.55 25.17 -50.31
N ILE I 163 -5.13 24.83 -49.16
CA ILE I 163 -6.24 23.89 -49.08
C ILE I 163 -7.48 24.67 -48.72
N ASP I 164 -8.38 24.84 -49.69
CA ASP I 164 -9.63 25.56 -49.47
C ASP I 164 -10.62 25.11 -50.53
N ALA I 165 -11.82 25.71 -50.49
CA ALA I 165 -12.88 25.28 -51.40
C ALA I 165 -12.49 25.48 -52.85
N LYS I 166 -11.87 26.62 -53.18
CA LYS I 166 -11.51 26.89 -54.57
C LYS I 166 -10.49 25.88 -55.07
N THR I 167 -9.49 25.55 -54.25
CA THR I 167 -8.44 24.62 -54.65
C THR I 167 -8.82 23.16 -54.39
N LEU I 168 -10.10 22.88 -54.16
CA LEU I 168 -10.58 21.52 -54.00
C LEU I 168 -11.71 21.16 -54.94
N GLY I 169 -12.19 22.10 -55.75
CA GLY I 169 -13.32 21.85 -56.63
C GLY I 169 -14.67 22.06 -55.99
N LEU I 170 -14.72 22.33 -54.69
CA LEU I 170 -15.98 22.56 -53.99
C LEU I 170 -16.31 24.05 -53.91
N ASP I 171 -16.29 24.72 -55.05
CA ASP I 171 -16.64 26.13 -55.15
C ASP I 171 -17.99 26.22 -55.87
N GLY I 172 -19.06 26.39 -55.09
CA GLY I 172 -20.40 26.35 -55.63
C GLY I 172 -21.08 25.00 -55.52
N PHE I 173 -20.54 24.09 -54.72
CA PHE I 173 -21.09 22.75 -54.58
C PHE I 173 -22.50 22.81 -53.99
N SER I 174 -23.49 22.44 -54.79
CA SER I 174 -24.89 22.49 -54.37
C SER I 174 -25.59 21.20 -54.77
N VAL I 175 -26.65 20.87 -54.03
CA VAL I 175 -27.43 19.67 -54.30
C VAL I 175 -28.90 20.02 -54.45
N LYS I 176 -29.17 21.25 -54.89
CA LYS I 176 -30.55 21.70 -55.09
C LYS I 176 -30.55 22.74 -56.20
N ASN I 177 -31.75 23.01 -56.72
CA ASN I 177 -31.92 23.98 -57.78
C ASN I 177 -32.33 25.34 -57.22
N THR I 407 -25.16 20.26 -59.28
CA THR I 407 -23.76 19.87 -59.46
C THR I 407 -23.66 18.44 -59.96
N THR I 408 -23.05 18.27 -61.13
CA THR I 408 -22.90 16.95 -61.72
C THR I 408 -21.75 16.19 -61.07
N ASP I 409 -21.97 14.89 -60.85
CA ASP I 409 -20.99 14.01 -60.23
C ASP I 409 -20.45 14.57 -58.91
N PRO I 410 -21.31 14.71 -57.89
CA PRO I 410 -20.84 15.29 -56.62
C PRO I 410 -19.87 14.38 -55.88
N LEU I 411 -20.20 13.10 -55.82
CA LEU I 411 -19.42 12.16 -55.01
C LEU I 411 -18.01 12.01 -55.56
N LYS I 412 -17.85 12.02 -56.87
CA LYS I 412 -16.52 11.94 -57.46
C LYS I 412 -15.66 13.13 -57.06
N ALA I 413 -16.23 14.34 -57.12
CA ALA I 413 -15.49 15.52 -56.72
C ALA I 413 -15.13 15.49 -55.24
N LEU I 414 -16.05 15.01 -54.40
CA LEU I 414 -15.78 14.91 -52.98
C LEU I 414 -14.63 13.93 -52.71
N ASP I 415 -14.65 12.78 -53.38
CA ASP I 415 -13.57 11.82 -53.24
C ASP I 415 -12.24 12.41 -53.72
N ASP I 416 -12.27 13.16 -54.81
CA ASP I 416 -11.07 13.79 -55.32
C ASP I 416 -10.49 14.78 -54.30
N ALA I 417 -11.36 15.57 -53.67
CA ALA I 417 -10.90 16.52 -52.65
C ALA I 417 -10.31 15.79 -51.45
N ILE I 418 -10.95 14.69 -51.04
CA ILE I 418 -10.43 13.92 -49.90
C ILE I 418 -9.04 13.38 -50.22
N ALA I 419 -8.86 12.85 -51.43
CA ALA I 419 -7.54 12.34 -51.80
C ALA I 419 -6.51 13.47 -51.90
N SER I 420 -6.95 14.65 -52.34
CA SER I 420 -6.03 15.76 -52.49
C SER I 420 -5.54 16.29 -51.15
N VAL I 421 -6.40 16.26 -50.12
CA VAL I 421 -5.91 16.66 -48.80
C VAL I 421 -5.10 15.53 -48.16
N ASP I 422 -5.41 14.27 -48.47
CA ASP I 422 -4.65 13.17 -47.91
C ASP I 422 -3.22 13.14 -48.44
N LYS I 423 -3.02 13.54 -49.70
CA LYS I 423 -1.67 13.64 -50.24
C LYS I 423 -0.82 14.64 -49.44
N PHE I 424 -1.38 15.81 -49.15
CA PHE I 424 -0.67 16.81 -48.37
C PHE I 424 -0.39 16.30 -46.97
N ARG I 425 -1.34 15.59 -46.37
CA ARG I 425 -1.11 15.01 -45.04
C ARG I 425 0.06 14.04 -45.07
N SER I 426 0.12 13.19 -46.09
CA SER I 426 1.22 12.24 -46.19
C SER I 426 2.56 12.94 -46.35
N SER I 427 2.59 14.01 -47.16
CA SER I 427 3.83 14.77 -47.30
C SER I 427 4.27 15.36 -45.97
N LEU I 428 3.31 15.89 -45.21
CA LEU I 428 3.63 16.46 -43.90
C LEU I 428 4.21 15.41 -42.96
N GLY I 429 3.61 14.23 -42.93
CA GLY I 429 4.14 13.16 -42.08
C GLY I 429 5.55 12.76 -42.48
N ALA I 430 5.81 12.68 -43.78
CA ALA I 430 7.16 12.37 -44.24
C ALA I 430 8.15 13.43 -43.78
N VAL I 431 7.76 14.71 -43.86
CA VAL I 431 8.65 15.77 -43.41
C VAL I 431 8.90 15.66 -41.91
N GLN I 432 7.87 15.30 -41.15
CA GLN I 432 8.05 15.15 -39.70
C GLN I 432 9.08 14.08 -39.37
N ASN I 433 8.96 12.92 -40.01
CA ASN I 433 9.93 11.85 -39.77
C ASN I 433 11.33 12.29 -40.18
N ARG I 434 11.42 12.99 -41.31
CA ARG I 434 12.69 13.52 -41.78
C ARG I 434 13.34 14.41 -40.72
N LEU I 435 12.57 15.36 -40.18
CA LEU I 435 13.13 16.28 -39.20
C LEU I 435 13.55 15.55 -37.92
N ASP I 436 12.76 14.56 -37.50
CA ASP I 436 13.13 13.82 -36.29
C ASP I 436 14.46 13.10 -36.48
N SER I 437 14.65 12.46 -37.63
CA SER I 437 15.93 11.82 -37.91
C SER I 437 17.07 12.83 -37.92
N ALA I 438 16.82 14.01 -38.49
CA ALA I 438 17.84 15.05 -38.52
C ALA I 438 18.24 15.47 -37.11
N VAL I 439 17.25 15.63 -36.22
CA VAL I 439 17.55 16.00 -34.84
C VAL I 439 18.39 14.94 -34.15
N THR I 440 18.04 13.67 -34.35
CA THR I 440 18.80 12.60 -33.72
C THR I 440 20.25 12.61 -34.18
N ASN I 441 20.46 12.76 -35.49
CA ASN I 441 21.83 12.80 -36.01
C ASN I 441 22.59 14.00 -35.47
N LEU I 442 21.91 15.15 -35.37
CA LEU I 442 22.57 16.34 -34.84
C LEU I 442 23.00 16.13 -33.39
N ASN I 443 22.16 15.51 -32.58
CA ASN I 443 22.53 15.24 -31.19
C ASN I 443 23.76 14.34 -31.12
N ASN I 444 23.77 13.27 -31.93
CA ASN I 444 24.91 12.36 -31.91
C ASN I 444 26.20 13.07 -32.31
N THR I 445 26.14 13.84 -33.40
CA THR I 445 27.33 14.54 -33.88
C THR I 445 27.82 15.56 -32.86
N THR I 446 26.89 16.28 -32.22
CA THR I 446 27.28 17.27 -31.22
C THR I 446 27.99 16.60 -30.05
N THR I 447 27.46 15.47 -29.57
CA THR I 447 28.11 14.78 -28.47
C THR I 447 29.51 14.31 -28.85
N ASN I 448 29.66 13.73 -30.04
CA ASN I 448 30.97 13.25 -30.45
C ASN I 448 31.97 14.39 -30.59
N LEU I 449 31.55 15.51 -31.19
CA LEU I 449 32.48 16.62 -31.34
C LEU I 449 32.83 17.24 -29.98
N SER I 450 31.87 17.27 -29.06
CA SER I 450 32.15 17.79 -27.72
C SER I 450 33.19 16.93 -27.01
N GLU I 451 33.06 15.60 -27.10
CA GLU I 451 34.06 14.77 -26.45
C GLU I 451 35.41 14.85 -27.14
N ALA I 452 35.43 15.08 -28.46
CA ALA I 452 36.71 15.33 -29.13
C ALA I 452 37.36 16.61 -28.62
N GLN I 453 36.57 17.67 -28.47
CA GLN I 453 37.10 18.92 -27.91
C GLN I 453 37.63 18.69 -26.50
N SER I 454 36.95 17.85 -25.72
CA SER I 454 37.44 17.52 -24.40
C SER I 454 38.78 16.80 -24.48
N ARG I 455 38.94 15.88 -25.43
CA ARG I 455 40.21 15.21 -25.60
C ARG I 455 41.31 16.15 -26.10
N ILE I 456 40.95 17.29 -26.68
CA ILE I 456 41.93 18.18 -27.29
C ILE I 456 42.38 19.28 -26.34
N GLN I 457 41.45 20.03 -25.76
CA GLN I 457 41.81 21.26 -25.06
C GLN I 457 41.90 21.11 -23.54
N ASP I 458 41.21 20.15 -22.95
CA ASP I 458 41.11 20.07 -21.50
C ASP I 458 42.32 19.35 -20.89
N ALA I 459 42.56 19.64 -19.62
CA ALA I 459 43.70 19.11 -18.89
C ALA I 459 43.29 18.01 -17.92
N ASP I 460 44.26 17.18 -17.55
CA ASP I 460 44.08 16.08 -16.62
C ASP I 460 44.57 16.52 -15.24
N TYR I 461 43.69 16.54 -14.26
CA TYR I 461 44.02 17.16 -12.98
C TYR I 461 45.05 16.37 -12.18
N ALA I 462 45.12 15.05 -12.38
CA ALA I 462 46.13 14.27 -11.67
C ALA I 462 47.54 14.73 -12.02
N THR I 463 47.82 14.86 -13.31
CA THR I 463 49.13 15.31 -13.75
C THR I 463 49.41 16.73 -13.27
N GLU I 464 48.40 17.61 -13.35
CA GLU I 464 48.60 18.99 -12.92
C GLU I 464 48.91 19.07 -11.43
N VAL I 465 48.20 18.28 -10.62
CA VAL I 465 48.45 18.28 -9.18
C VAL I 465 49.86 17.77 -8.88
N SER I 466 50.27 16.69 -9.56
CA SER I 466 51.61 16.16 -9.33
C SER I 466 52.67 17.19 -9.71
N ASN I 467 52.51 17.84 -10.86
CA ASN I 467 53.47 18.86 -11.27
C ASN I 467 53.49 20.04 -10.31
N MET I 468 52.32 20.46 -9.81
CA MET I 468 52.27 21.56 -8.86
C MET I 468 53.01 21.22 -7.58
N SER I 469 52.79 20.02 -7.05
CA SER I 469 53.49 19.62 -5.83
C SER I 469 54.99 19.57 -6.06
N LYS I 470 55.42 18.98 -7.18
CA LYS I 470 56.84 18.90 -7.47
C LYS I 470 57.45 20.29 -7.60
N ALA I 471 56.75 21.21 -8.27
CA ALA I 471 57.25 22.56 -8.43
C ALA I 471 57.38 23.28 -7.10
N GLN I 472 56.40 23.09 -6.21
CA GLN I 472 56.49 23.71 -4.89
C GLN I 472 57.70 23.17 -4.12
N ILE I 473 57.90 21.86 -4.15
CA ILE I 473 59.06 21.28 -3.45
C ILE I 473 60.35 21.83 -4.02
N ILE I 474 60.45 21.90 -5.36
CA ILE I 474 61.68 22.40 -5.98
C ILE I 474 61.91 23.86 -5.61
N GLN I 475 60.85 24.66 -5.55
CA GLN I 475 60.99 26.07 -5.19
C GLN I 475 61.51 26.22 -3.76
N GLN I 476 60.95 25.47 -2.82
CA GLN I 476 61.41 25.56 -1.44
C GLN I 476 62.85 25.08 -1.31
N ALA I 477 63.20 24.00 -2.01
CA ALA I 477 64.58 23.52 -1.99
C ALA I 477 65.54 24.56 -2.54
N GLY I 478 65.16 25.21 -3.65
CA GLY I 478 66.00 26.25 -4.21
C GLY I 478 66.18 27.41 -3.27
N ASN I 479 65.11 27.78 -2.55
CA ASN I 479 65.23 28.86 -1.58
C ASN I 479 66.21 28.51 -0.47
N SER I 480 66.13 27.27 0.04
CA SER I 480 67.06 26.85 1.08
C SER I 480 68.50 26.86 0.57
N VAL I 481 68.72 26.35 -0.65
CA VAL I 481 70.06 26.33 -1.21
C VAL I 481 70.57 27.75 -1.42
N LEU I 482 69.69 28.67 -1.81
CA LEU I 482 70.08 30.06 -1.95
C LEU I 482 70.53 30.65 -0.62
N ALA I 483 69.79 30.36 0.45
CA ALA I 483 70.17 30.85 1.77
C ALA I 483 71.55 30.32 2.16
N LYS I 484 71.79 29.03 1.92
CA LYS I 484 73.09 28.46 2.27
C LYS I 484 74.20 29.04 1.41
N ALA I 485 73.92 29.28 0.12
CA ALA I 485 74.92 29.88 -0.75
C ALA I 485 75.30 31.28 -0.29
N ASN I 486 74.31 32.08 0.12
CA ASN I 486 74.64 33.39 0.65
C ASN I 486 75.37 33.29 2.00
N GLN I 487 75.13 32.21 2.75
CA GLN I 487 75.86 32.02 3.99
C GLN I 487 77.30 31.55 3.76
N VAL I 488 77.60 31.02 2.58
CA VAL I 488 78.95 30.52 2.31
C VAL I 488 80.03 31.58 2.52
N PRO I 489 79.92 32.81 1.99
CA PRO I 489 81.06 33.74 2.06
C PRO I 489 81.42 34.28 3.44
N GLN I 490 80.79 33.77 4.50
CA GLN I 490 81.05 34.31 5.84
C GLN I 490 82.48 34.09 6.29
N GLN I 491 83.17 33.08 5.74
CA GLN I 491 84.50 32.71 6.24
C GLN I 491 85.53 33.81 6.05
N VAL I 492 85.30 34.73 5.09
CA VAL I 492 86.28 35.79 4.84
C VAL I 492 86.36 36.74 6.03
N LEU I 493 85.23 36.97 6.71
CA LEU I 493 85.26 37.77 7.91
C LEU I 493 86.12 37.10 8.99
N SER I 494 86.01 35.78 9.12
CA SER I 494 86.86 35.05 10.06
C SER I 494 88.32 35.20 9.66
N LEU I 495 88.61 35.16 8.36
CA LEU I 495 89.98 35.33 7.89
C LEU I 495 90.52 36.70 8.28
N LEU I 496 89.74 37.74 8.06
CA LEU I 496 90.18 39.10 8.37
C LEU I 496 90.37 39.28 9.88
N GLN I 497 89.42 38.77 10.67
CA GLN I 497 89.55 38.93 12.12
C GLN I 497 90.72 38.11 12.67
N GLY I 498 91.06 37.02 12.03
CA GLY I 498 92.18 36.20 12.46
C GLY I 498 91.79 34.85 13.03
N GLN J 3 170.79 55.28 67.20
CA GLN J 3 170.41 55.70 65.85
C GLN J 3 170.45 54.55 64.85
N VAL J 4 170.33 53.31 65.34
CA VAL J 4 170.76 52.11 64.62
C VAL J 4 170.30 52.11 63.16
N ILE J 5 171.26 51.92 62.25
CA ILE J 5 171.00 51.86 60.81
C ILE J 5 171.30 50.49 60.24
N ASN J 6 171.66 49.54 61.10
CA ASN J 6 171.87 48.16 60.71
C ASN J 6 170.64 47.30 60.93
N THR J 7 169.67 47.81 61.68
CA THR J 7 168.42 47.10 61.97
C THR J 7 167.30 48.13 62.05
N ASN J 8 166.15 47.80 61.45
CA ASN J 8 165.02 48.72 61.32
C ASN J 8 163.76 48.00 61.83
N SER J 9 163.89 47.45 63.04
CA SER J 9 162.91 46.56 63.66
C SER J 9 161.45 46.98 63.45
N LEU J 10 161.20 48.29 63.37
CA LEU J 10 159.85 48.77 63.07
C LEU J 10 159.34 48.17 61.77
N SER J 11 160.19 48.12 60.75
CA SER J 11 159.81 47.49 59.50
C SER J 11 159.49 46.02 59.70
N LEU J 12 160.27 45.33 60.53
CA LEU J 12 160.01 43.92 60.80
C LEU J 12 158.63 43.73 61.43
N ILE J 13 158.28 44.58 62.39
CA ILE J 13 156.96 44.50 63.00
C ILE J 13 155.87 44.75 61.96
N THR J 14 156.06 45.76 61.11
CA THR J 14 155.05 46.07 60.11
C THR J 14 154.85 44.91 59.13
N GLN J 15 155.95 44.31 58.64
CA GLN J 15 155.81 43.19 57.74
C GLN J 15 155.20 41.98 58.44
N ASN J 16 155.50 41.81 59.73
CA ASN J 16 154.86 40.73 60.49
C ASN J 16 153.35 40.93 60.53
N ASN J 17 152.91 42.16 60.77
CA ASN J 17 151.48 42.44 60.79
C ASN J 17 150.85 42.22 59.41
N ILE J 18 151.54 42.63 58.35
CA ILE J 18 151.01 42.43 57.00
C ILE J 18 150.90 40.94 56.68
N ASN J 19 151.91 40.16 57.07
CA ASN J 19 151.86 38.72 56.84
C ASN J 19 150.72 38.09 57.63
N LYS J 20 150.47 38.57 58.85
CA LYS J 20 149.32 38.10 59.60
C LYS J 20 148.02 38.44 58.87
N ASN J 21 147.94 39.63 58.29
CA ASN J 21 146.75 40.05 57.57
C ASN J 21 146.48 39.15 56.36
N GLN J 22 147.53 38.81 55.61
CA GLN J 22 147.42 38.10 54.33
C GLN J 22 146.43 36.95 54.33
N SER J 23 146.44 36.14 55.40
CA SER J 23 145.63 34.93 55.44
C SER J 23 144.14 35.25 55.39
N ALA J 24 143.71 36.27 56.13
CA ALA J 24 142.29 36.61 56.16
C ALA J 24 141.81 37.06 54.78
N LEU J 25 142.60 37.89 54.09
CA LEU J 25 142.24 38.33 52.75
C LEU J 25 142.17 37.15 51.78
N SER J 26 143.16 36.25 51.86
CA SER J 26 143.16 35.09 50.97
C SER J 26 141.92 34.22 51.22
N SER J 27 141.61 33.97 52.48
CA SER J 27 140.44 33.14 52.81
C SER J 27 139.16 33.82 52.35
N SER J 28 139.04 35.13 52.53
CA SER J 28 137.84 35.83 52.11
C SER J 28 137.64 35.74 50.60
N ILE J 29 138.72 35.95 49.84
CA ILE J 29 138.60 35.85 48.38
C ILE J 29 138.24 34.42 47.96
N GLU J 30 138.88 33.43 48.59
CA GLU J 30 138.59 32.04 48.23
C GLU J 30 137.13 31.70 48.51
N ARG J 31 136.62 32.11 49.67
CA ARG J 31 135.23 31.83 50.01
C ARG J 31 134.27 32.55 49.08
N LEU J 32 134.58 33.80 48.73
CA LEU J 32 133.70 34.54 47.83
C LEU J 32 133.67 33.92 46.45
N SER J 33 134.82 33.47 45.94
CA SER J 33 134.86 32.89 44.60
C SER J 33 134.18 31.52 44.58
N SER J 34 134.50 30.66 45.55
CA SER J 34 133.98 29.31 45.53
C SER J 34 132.49 29.26 45.88
N GLY J 35 132.10 29.99 46.92
CA GLY J 35 130.73 29.96 47.40
C GLY J 35 130.50 29.08 48.61
N LEU J 36 131.50 28.29 49.00
CA LEU J 36 131.41 27.41 50.16
C LEU J 36 132.22 27.97 51.32
N ARG J 37 131.70 27.77 52.53
CA ARG J 37 132.46 28.16 53.71
C ARG J 37 133.63 27.22 53.93
N ILE J 38 133.44 25.93 53.66
CA ILE J 38 134.48 24.92 53.83
C ILE J 38 135.04 24.62 52.45
N ASN J 39 136.25 25.11 52.19
CA ASN J 39 136.97 24.82 50.95
C ASN J 39 138.05 23.77 51.11
N SER J 40 138.36 23.39 52.35
CA SER J 40 139.39 22.39 52.61
C SER J 40 139.22 21.89 54.03
N ALA J 41 139.98 20.85 54.37
CA ALA J 41 139.95 20.30 55.72
C ALA J 41 140.49 21.29 56.75
N LYS J 42 141.30 22.25 56.33
CA LYS J 42 141.85 23.22 57.29
C LYS J 42 140.75 24.09 57.90
N ASP J 43 139.67 24.34 57.17
CA ASP J 43 138.63 25.21 57.67
C ASP J 43 137.95 24.62 58.90
N ASP J 44 137.16 23.56 58.71
CA ASP J 44 136.51 22.86 59.81
C ASP J 44 136.86 21.38 59.81
N ALA J 45 136.52 20.69 58.73
CA ALA J 45 136.71 19.27 58.45
C ALA J 45 135.80 18.36 59.28
N ALA J 46 135.29 18.85 60.41
CA ALA J 46 134.14 18.19 60.99
C ALA J 46 132.89 18.58 60.25
N GLY J 47 132.75 19.88 59.94
CA GLY J 47 131.74 20.32 59.01
C GLY J 47 131.89 19.68 57.65
N GLN J 48 133.14 19.49 57.21
CA GLN J 48 133.37 18.84 55.92
C GLN J 48 132.93 17.38 55.95
N ALA J 49 133.24 16.65 57.02
CA ALA J 49 132.79 15.26 57.11
C ALA J 49 131.27 15.17 57.15
N ILE J 50 130.63 16.02 57.97
CA ILE J 50 129.18 16.02 58.06
C ILE J 50 128.56 16.38 56.72
N ALA J 51 129.13 17.37 56.02
CA ALA J 51 128.61 17.78 54.73
C ALA J 51 128.78 16.68 53.68
N ASN J 52 129.91 15.97 53.70
CA ASN J 52 130.09 14.87 52.77
C ASN J 52 129.04 13.79 53.00
N ARG J 53 128.80 13.43 54.26
CA ARG J 53 127.77 12.44 54.56
C ARG J 53 126.40 12.94 54.14
N PHE J 54 126.12 14.23 54.36
CA PHE J 54 124.84 14.80 53.96
C PHE J 54 124.65 14.74 52.44
N THR J 55 125.70 15.07 51.69
CA THR J 55 125.62 15.00 50.23
C THR J 55 125.39 13.58 49.77
N SER J 56 126.08 12.62 50.37
CA SER J 56 125.86 11.22 50.02
C SER J 56 124.41 10.82 50.28
N ASN J 57 123.87 11.22 51.42
CA ASN J 57 122.48 10.90 51.73
C ASN J 57 121.52 11.54 50.75
N ILE J 58 121.77 12.80 50.38
CA ILE J 58 120.87 13.51 49.46
C ILE J 58 120.85 12.81 48.10
N LYS J 59 122.04 12.48 47.58
CA LYS J 59 122.10 11.81 46.29
C LYS J 59 121.44 10.43 46.35
N GLY J 60 121.67 9.69 47.44
CA GLY J 60 121.03 8.40 47.59
C GLY J 60 119.52 8.49 47.61
N LEU J 61 118.98 9.47 48.34
CA LEU J 61 117.53 9.60 48.43
C LEU J 61 116.92 10.02 47.09
N THR J 62 117.60 10.91 46.37
CA THR J 62 117.10 11.29 45.05
C THR J 62 117.06 10.09 44.11
N GLN J 63 118.14 9.30 44.11
CA GLN J 63 118.16 8.10 43.28
C GLN J 63 117.09 7.11 43.73
N ALA J 64 116.82 7.05 45.03
CA ALA J 64 115.79 6.15 45.54
C ALA J 64 114.40 6.56 45.04
N ALA J 65 114.11 7.86 45.03
CA ALA J 65 112.84 8.32 44.48
C ALA J 65 112.73 7.99 43.00
N ARG J 66 113.82 8.19 42.25
CA ARG J 66 113.81 7.83 40.84
C ARG J 66 113.54 6.35 40.65
N ASN J 67 114.16 5.50 41.46
CA ASN J 67 113.88 4.07 41.40
C ASN J 67 112.42 3.77 41.75
N ALA J 68 111.88 4.50 42.72
CA ALA J 68 110.50 4.28 43.12
C ALA J 68 109.53 4.52 41.98
N ASN J 69 109.78 5.56 41.17
CA ASN J 69 108.88 5.84 40.05
C ASN J 69 108.72 4.64 39.12
N ASP J 70 109.77 3.83 38.98
CA ASP J 70 109.73 2.68 38.08
C ASP J 70 108.66 1.68 38.51
N GLY J 71 108.55 1.44 39.81
CA GLY J 71 107.53 0.53 40.30
C GLY J 71 106.12 1.00 39.96
N ILE J 72 105.90 2.31 40.06
CA ILE J 72 104.60 2.87 39.67
C ILE J 72 104.33 2.60 38.21
N SER J 73 105.35 2.79 37.35
CA SER J 73 105.16 2.52 35.93
C SER J 73 104.80 1.06 35.69
N VAL J 74 105.53 0.14 36.33
CA VAL J 74 105.29 -1.29 36.15
C VAL J 74 103.88 -1.64 36.58
N ALA J 75 103.46 -1.14 37.75
CA ALA J 75 102.14 -1.45 38.27
C ALA J 75 101.06 -0.92 37.34
N GLN J 76 101.24 0.29 36.79
CA GLN J 76 100.26 0.83 35.87
C GLN J 76 100.10 -0.05 34.64
N THR J 77 101.21 -0.46 34.03
CA THR J 77 101.13 -1.30 32.83
C THR J 77 100.46 -2.63 33.15
N THR J 78 100.87 -3.26 34.25
CA THR J 78 100.30 -4.55 34.61
C THR J 78 98.81 -4.42 34.89
N GLU J 79 98.39 -3.36 35.59
CA GLU J 79 96.98 -3.18 35.90
C GLU J 79 96.17 -2.98 34.63
N GLY J 80 96.70 -2.25 33.65
CA GLY J 80 96.00 -2.14 32.38
C GLY J 80 95.79 -3.49 31.71
N ALA J 81 96.85 -4.31 31.68
CA ALA J 81 96.72 -5.64 31.10
C ALA J 81 95.65 -6.47 31.82
N LEU J 82 95.67 -6.44 33.15
CA LEU J 82 94.69 -7.20 33.92
C LEU J 82 93.28 -6.66 33.70
N SER J 83 93.14 -5.35 33.48
CA SER J 83 91.81 -4.80 33.18
C SER J 83 91.27 -5.34 31.87
N GLU J 84 92.13 -5.42 30.85
CA GLU J 84 91.68 -6.01 29.59
C GLU J 84 91.28 -7.47 29.77
N ILE J 85 92.07 -8.23 30.54
CA ILE J 85 91.72 -9.61 30.82
C ILE J 85 90.37 -9.69 31.54
N ASN J 86 90.12 -8.75 32.45
CA ASN J 86 88.85 -8.73 33.17
C ASN J 86 87.69 -8.50 32.22
N ASN J 87 87.85 -7.57 31.27
CA ASN J 87 86.78 -7.34 30.30
C ASN J 87 86.49 -8.60 29.49
N ASN J 88 87.54 -9.30 29.07
CA ASN J 88 87.34 -10.54 28.33
C ASN J 88 86.60 -11.57 29.19
N LEU J 89 86.97 -11.69 30.46
CA LEU J 89 86.29 -12.63 31.35
C LEU J 89 84.82 -12.27 31.52
N GLN J 90 84.52 -10.97 31.62
CA GLN J 90 83.13 -10.54 31.75
C GLN J 90 82.32 -10.95 30.53
N ARG J 91 82.88 -10.74 29.33
CA ARG J 91 82.16 -11.14 28.13
C ARG J 91 81.98 -12.66 28.08
N VAL J 92 82.99 -13.41 28.53
CA VAL J 92 82.87 -14.87 28.58
C VAL J 92 81.73 -15.28 29.50
N ARG J 93 81.62 -14.63 30.66
CA ARG J 93 80.53 -14.95 31.58
C ARG J 93 79.18 -14.65 30.96
N GLU J 94 79.06 -13.51 30.27
CA GLU J 94 77.81 -13.21 29.58
C GLU J 94 77.47 -14.28 28.55
N LEU J 95 78.49 -14.74 27.80
CA LEU J 95 78.25 -15.78 26.81
C LEU J 95 77.78 -17.07 27.46
N THR J 96 78.37 -17.44 28.59
CA THR J 96 77.94 -18.66 29.29
C THR J 96 76.50 -18.52 29.77
N VAL J 97 76.14 -17.34 30.30
CA VAL J 97 74.76 -17.12 30.73
C VAL J 97 73.82 -17.28 29.54
N GLN J 98 74.22 -16.78 28.37
CA GLN J 98 73.38 -16.95 27.19
C GLN J 98 73.30 -18.40 26.74
N ALA J 99 74.37 -19.16 26.93
CA ALA J 99 74.44 -20.51 26.40
C ALA J 99 73.76 -21.55 27.28
N THR J 100 73.68 -21.31 28.59
CA THR J 100 73.12 -22.30 29.51
C THR J 100 71.59 -22.28 29.49
N THR J 101 71.03 -22.42 28.28
CA THR J 101 69.60 -22.45 28.08
C THR J 101 69.23 -23.59 27.14
N GLY J 102 68.05 -24.18 27.38
CA GLY J 102 67.61 -25.30 26.57
C GLY J 102 67.11 -24.93 25.19
N THR J 103 66.82 -23.66 24.95
CA THR J 103 66.35 -23.24 23.63
C THR J 103 67.47 -23.38 22.59
N ASN J 104 68.71 -23.09 22.98
CA ASN J 104 69.82 -23.14 22.04
C ASN J 104 70.00 -24.54 21.48
N SER J 105 70.23 -24.63 20.17
CA SER J 105 70.49 -25.89 19.51
C SER J 105 71.97 -26.22 19.57
N GLU J 106 72.35 -27.35 18.97
CA GLU J 106 73.74 -27.77 19.02
C GLU J 106 74.64 -26.83 18.22
N SER J 107 74.17 -26.35 17.06
CA SER J 107 74.96 -25.41 16.28
C SER J 107 75.14 -24.08 17.02
N ASP J 108 74.09 -23.62 17.71
CA ASP J 108 74.21 -22.40 18.50
C ASP J 108 75.24 -22.57 19.61
N LEU J 109 75.22 -23.72 20.29
CA LEU J 109 76.22 -24.00 21.29
C LEU J 109 77.62 -24.06 20.68
N SER J 110 77.73 -24.59 19.46
CA SER J 110 79.02 -24.64 18.79
C SER J 110 79.55 -23.24 18.52
N SER J 111 78.69 -22.34 18.05
CA SER J 111 79.12 -20.97 17.80
C SER J 111 79.51 -20.27 19.10
N ILE J 112 78.72 -20.46 20.15
CA ILE J 112 79.05 -19.86 21.44
C ILE J 112 80.39 -20.38 21.94
N GLN J 113 80.61 -21.69 21.81
CA GLN J 113 81.88 -22.27 22.24
C GLN J 113 83.04 -21.75 21.42
N ASP J 114 82.83 -21.55 20.12
CA ASP J 114 83.88 -20.99 19.28
C ASP J 114 84.28 -19.61 19.76
N GLU J 115 83.30 -18.75 20.02
CA GLU J 115 83.62 -17.40 20.49
C GLU J 115 84.27 -17.44 21.87
N ILE J 116 83.78 -18.32 22.75
CA ILE J 116 84.33 -18.42 24.10
C ILE J 116 85.78 -18.88 24.05
N LYS J 117 86.07 -19.88 23.21
CA LYS J 117 87.44 -20.37 23.07
C LYS J 117 88.34 -19.29 22.47
N SER J 118 87.81 -18.52 21.52
CA SER J 118 88.59 -17.42 20.96
C SER J 118 88.94 -16.40 22.04
N ARG J 119 88.00 -16.07 22.92
CA ARG J 119 88.28 -15.09 23.95
C ARG J 119 89.23 -15.65 25.01
N LEU J 120 89.13 -16.94 25.32
CA LEU J 120 90.08 -17.56 26.24
C LEU J 120 91.48 -17.57 25.65
N ASP J 121 91.59 -17.85 24.35
CA ASP J 121 92.88 -17.79 23.68
C ASP J 121 93.44 -16.37 23.70
N GLU J 122 92.56 -15.38 23.52
CA GLU J 122 93.01 -13.99 23.61
C GLU J 122 93.49 -13.64 25.01
N ILE J 123 92.81 -14.18 26.03
CA ILE J 123 93.26 -13.96 27.42
C ILE J 123 94.64 -14.54 27.62
N ASP J 124 94.85 -15.78 27.15
CA ASP J 124 96.17 -16.41 27.28
C ASP J 124 97.22 -15.62 26.51
N ARG J 125 96.86 -15.13 25.32
CA ARG J 125 97.79 -14.32 24.54
C ARG J 125 98.20 -13.06 25.29
N VAL J 126 97.22 -12.31 25.79
CA VAL J 126 97.52 -11.08 26.52
C VAL J 126 98.38 -11.38 27.73
N SER J 127 98.11 -12.50 28.41
CA SER J 127 98.92 -12.89 29.56
C SER J 127 100.38 -13.13 29.15
N GLY J 128 100.58 -13.98 28.14
CA GLY J 128 101.94 -14.33 27.76
C GLY J 128 102.72 -13.19 27.15
N GLN J 129 102.05 -12.36 26.34
CA GLN J 129 102.76 -11.41 25.50
C GLN J 129 103.20 -10.17 26.28
N THR J 130 102.41 -9.73 27.25
CA THR J 130 102.65 -8.46 27.94
C THR J 130 103.93 -8.57 28.76
N GLN J 131 105.00 -7.92 28.28
CA GLN J 131 106.28 -7.88 28.96
C GLN J 131 106.74 -6.44 29.09
N PHE J 132 107.30 -6.11 30.25
CA PHE J 132 107.79 -4.76 30.54
C PHE J 132 109.29 -4.83 30.80
N ASN J 133 110.05 -4.07 30.02
CA ASN J 133 111.50 -3.97 30.18
C ASN J 133 112.15 -5.35 30.24
N GLY J 134 111.75 -6.21 29.32
CA GLY J 134 112.26 -7.58 29.29
C GLY J 134 111.85 -8.41 30.48
N VAL J 135 110.65 -8.20 31.00
CA VAL J 135 110.12 -8.98 32.11
C VAL J 135 108.67 -9.31 31.80
N ASN J 136 108.38 -10.60 31.62
CA ASN J 136 107.02 -11.05 31.35
C ASN J 136 106.26 -11.09 32.67
N VAL J 137 105.58 -9.97 32.97
CA VAL J 137 104.94 -9.82 34.26
C VAL J 137 103.82 -10.84 34.46
N LEU J 138 102.98 -11.03 33.44
CA LEU J 138 101.89 -12.02 33.53
C LEU J 138 102.30 -13.37 32.96
N ALA J 139 103.43 -13.91 33.41
CA ALA J 139 103.84 -15.22 32.91
C ALA J 139 104.45 -16.12 33.97
N LYS J 140 104.66 -15.65 35.19
CA LYS J 140 105.33 -16.44 36.21
C LYS J 140 105.18 -15.77 37.56
N ASN J 141 104.88 -16.57 38.58
CA ASN J 141 104.85 -16.05 39.94
C ASN J 141 106.24 -15.56 40.34
N GLY J 142 106.29 -14.34 40.88
CA GLY J 142 107.56 -13.76 41.25
C GLY J 142 107.37 -12.57 42.15
N SER J 143 108.46 -11.83 42.34
CA SER J 143 108.44 -10.65 43.19
C SER J 143 109.54 -9.71 42.76
N MET J 144 109.22 -8.42 42.73
CA MET J 144 110.18 -7.36 42.41
C MET J 144 110.47 -6.54 43.65
N LYS J 145 111.73 -6.14 43.79
CA LYS J 145 112.19 -5.41 44.97
C LYS J 145 112.64 -4.02 44.52
N ILE J 146 111.91 -2.99 44.93
CA ILE J 146 112.17 -1.61 44.52
C ILE J 146 112.92 -0.91 45.64
N GLN J 147 114.15 -0.49 45.37
CA GLN J 147 114.97 0.20 46.35
C GLN J 147 114.44 1.60 46.57
N VAL J 148 113.83 1.85 47.72
CA VAL J 148 113.25 3.16 48.02
C VAL J 148 113.95 3.79 49.21
N GLY J 149 115.24 3.47 49.37
CA GLY J 149 116.02 4.03 50.47
C GLY J 149 117.44 4.32 50.03
N ALA J 150 118.17 4.98 50.92
CA ALA J 150 119.57 5.30 50.67
C ALA J 150 120.52 4.20 51.13
N ASN J 151 120.17 3.49 52.20
CA ASN J 151 121.00 2.41 52.69
C ASN J 151 120.51 1.09 52.10
N ASP J 152 121.20 0.00 52.46
CA ASP J 152 120.86 -1.31 51.93
C ASP J 152 119.65 -1.89 52.64
N ASN J 153 118.96 -2.80 51.95
CA ASN J 153 117.77 -3.48 52.47
C ASN J 153 116.70 -2.49 52.90
N GLN J 154 116.34 -1.59 51.99
CA GLN J 154 115.31 -0.58 52.20
C GLN J 154 114.30 -0.63 51.06
N THR J 155 113.82 -1.83 50.74
CA THR J 155 113.05 -2.08 49.53
C THR J 155 111.58 -2.33 49.84
N ILE J 156 110.76 -2.10 48.82
CA ILE J 156 109.34 -2.45 48.83
C ILE J 156 109.13 -3.58 47.83
N THR J 157 108.40 -4.61 48.26
CA THR J 157 108.21 -5.81 47.44
C THR J 157 106.94 -5.69 46.63
N ILE J 158 107.06 -5.86 45.31
CA ILE J 158 105.92 -5.91 44.41
C ILE J 158 105.71 -7.36 44.00
N ASP J 159 104.47 -7.84 44.12
CA ASP J 159 104.15 -9.23 43.86
C ASP J 159 103.50 -9.38 42.49
N LEU J 160 103.90 -10.42 41.76
CA LEU J 160 103.38 -10.73 40.44
C LEU J 160 102.91 -12.17 40.43
N LYS J 161 101.65 -12.39 40.09
CA LYS J 161 101.06 -13.71 40.03
C LYS J 161 100.83 -14.10 38.58
N GLN J 162 101.21 -15.34 38.23
CA GLN J 162 100.95 -15.84 36.89
C GLN J 162 99.46 -15.95 36.63
N ILE J 163 98.94 -15.09 35.78
CA ILE J 163 97.52 -15.06 35.46
C ILE J 163 97.35 -15.62 34.05
N ASP J 164 96.68 -16.76 33.94
CA ASP J 164 96.43 -17.38 32.65
C ASP J 164 95.31 -18.40 32.84
N ALA J 165 94.97 -19.10 31.75
CA ALA J 165 93.86 -20.05 31.78
C ALA J 165 94.14 -21.17 32.77
N LYS J 166 95.37 -21.68 32.80
CA LYS J 166 95.69 -22.80 33.68
C LYS J 166 95.56 -22.39 35.16
N THR J 167 96.07 -21.22 35.51
CA THR J 167 96.05 -20.77 36.90
C THR J 167 94.74 -20.11 37.29
N LEU J 168 93.70 -20.22 36.46
CA LEU J 168 92.39 -19.70 36.77
C LEU J 168 91.31 -20.78 36.75
N GLY J 169 91.68 -22.01 36.42
CA GLY J 169 90.71 -23.08 36.30
C GLY J 169 90.01 -23.15 34.97
N LEU J 170 90.24 -22.19 34.08
CA LEU J 170 89.62 -22.16 32.76
C LEU J 170 90.51 -22.81 31.70
N ASP J 171 90.94 -24.03 31.97
CA ASP J 171 91.75 -24.81 31.03
C ASP J 171 90.90 -25.97 30.53
N GLY J 172 90.37 -25.83 29.31
CA GLY J 172 89.41 -26.77 28.78
C GLY J 172 87.97 -26.39 28.98
N PHE J 173 87.69 -25.14 29.37
CA PHE J 173 86.34 -24.67 29.59
C PHE J 173 85.49 -24.81 28.33
N SER J 174 84.48 -25.68 28.37
CA SER J 174 83.64 -25.93 27.22
C SER J 174 82.17 -25.97 27.66
N VAL J 175 81.28 -25.66 26.71
CA VAL J 175 79.85 -25.68 26.96
C VAL J 175 79.16 -26.54 25.91
N LYS J 176 79.89 -27.52 25.37
CA LYS J 176 79.33 -28.40 24.36
C LYS J 176 80.03 -29.74 24.42
N ASN J 177 79.42 -30.74 23.81
CA ASN J 177 79.94 -32.10 23.82
C ASN J 177 80.79 -32.38 22.59
N THR J 407 81.32 -28.75 30.66
CA THR J 407 81.89 -28.37 31.94
C THR J 407 80.81 -28.23 33.00
N THR J 408 81.08 -28.77 34.19
CA THR J 408 80.13 -28.71 35.30
C THR J 408 80.34 -27.42 36.09
N ASP J 409 79.22 -26.81 36.49
CA ASP J 409 79.22 -25.56 37.23
C ASP J 409 80.10 -24.49 36.57
N PRO J 410 79.76 -24.07 35.35
CA PRO J 410 80.62 -23.09 34.67
C PRO J 410 80.66 -21.73 35.34
N LEU J 411 79.49 -21.23 35.76
CA LEU J 411 79.41 -19.88 36.32
C LEU J 411 80.19 -19.76 37.61
N LYS J 412 80.21 -20.82 38.44
CA LYS J 412 80.97 -20.77 39.67
C LYS J 412 82.46 -20.61 39.39
N ALA J 413 82.99 -21.39 38.45
CA ALA J 413 84.40 -21.28 38.09
C ALA J 413 84.71 -19.91 37.50
N LEU J 414 83.81 -19.39 36.66
CA LEU J 414 84.04 -18.08 36.07
C LEU J 414 84.07 -16.98 37.14
N ASP J 415 83.15 -17.05 38.10
CA ASP J 415 83.14 -16.08 39.19
C ASP J 415 84.40 -16.21 40.04
N ASP J 416 84.86 -17.43 40.26
CA ASP J 416 86.10 -17.63 41.02
C ASP J 416 87.28 -17.00 40.30
N ALA J 417 87.35 -17.16 38.98
CA ALA J 417 88.43 -16.54 38.22
C ALA J 417 88.35 -15.01 38.28
N ILE J 418 87.14 -14.47 38.21
CA ILE J 418 86.98 -13.02 38.28
C ILE J 418 87.45 -12.51 39.64
N ALA J 419 87.12 -13.24 40.71
CA ALA J 419 87.59 -12.82 42.04
C ALA J 419 89.10 -12.94 42.16
N SER J 420 89.69 -13.98 41.56
CA SER J 420 91.12 -14.20 41.67
C SER J 420 91.92 -13.21 40.85
N VAL J 421 91.32 -12.59 39.84
CA VAL J 421 91.98 -11.50 39.14
C VAL J 421 91.75 -10.15 39.84
N ASP J 422 90.58 -9.96 40.44
CA ASP J 422 90.33 -8.73 41.17
C ASP J 422 91.25 -8.62 42.40
N LYS J 423 91.57 -9.75 43.03
CA LYS J 423 92.51 -9.72 44.15
C LYS J 423 93.88 -9.18 43.72
N PHE J 424 94.39 -9.66 42.58
CA PHE J 424 95.67 -9.19 42.08
C PHE J 424 95.60 -7.70 41.74
N ARG J 425 94.50 -7.27 41.12
CA ARG J 425 94.37 -5.84 40.79
C ARG J 425 94.39 -4.99 42.05
N SER J 426 93.67 -5.42 43.09
CA SER J 426 93.65 -4.65 44.33
C SER J 426 95.03 -4.59 44.98
N SER J 427 95.76 -5.71 44.95
CA SER J 427 97.11 -5.70 45.49
C SER J 427 98.00 -4.72 44.73
N LEU J 428 97.87 -4.69 43.41
CA LEU J 428 98.65 -3.74 42.61
C LEU J 428 98.32 -2.31 42.98
N GLY J 429 97.03 -2.00 43.15
CA GLY J 429 96.65 -0.65 43.55
C GLY J 429 97.21 -0.26 44.91
N ALA J 430 97.18 -1.19 45.86
CA ALA J 430 97.74 -0.91 47.19
C ALA J 430 99.23 -0.63 47.09
N VAL J 431 99.95 -1.41 46.27
CA VAL J 431 101.37 -1.18 46.08
C VAL J 431 101.61 0.20 45.48
N GLN J 432 100.77 0.59 44.52
CA GLN J 432 100.91 1.92 43.92
C GLN J 432 100.76 3.02 44.96
N ASN J 433 99.76 2.89 45.83
CA ASN J 433 99.53 3.91 46.86
C ASN J 433 100.72 3.99 47.82
N ARG J 434 101.20 2.83 48.28
CA ARG J 434 102.35 2.82 49.17
C ARG J 434 103.55 3.49 48.53
N LEU J 435 103.81 3.17 47.26
CA LEU J 435 104.99 3.68 46.58
C LEU J 435 104.89 5.19 46.37
N ASP J 436 103.70 5.69 46.05
CA ASP J 436 103.53 7.14 45.90
C ASP J 436 103.76 7.86 47.23
N SER J 437 103.24 7.29 48.32
CA SER J 437 103.51 7.89 49.63
C SER J 437 105.00 7.90 49.92
N ALA J 438 105.70 6.82 49.56
CA ALA J 438 107.14 6.77 49.74
C ALA J 438 107.84 7.88 48.95
N VAL J 439 107.41 8.09 47.71
CA VAL J 439 108.02 9.15 46.90
C VAL J 439 107.84 10.50 47.58
N THR J 440 106.63 10.77 48.09
CA THR J 440 106.38 12.04 48.76
C THR J 440 107.30 12.21 49.97
N ASN J 441 107.41 11.17 50.79
CA ASN J 441 108.22 11.27 51.99
C ASN J 441 109.70 11.48 51.66
N LEU J 442 110.19 10.76 50.65
CA LEU J 442 111.58 10.95 50.22
C LEU J 442 111.83 12.35 49.70
N ASN J 443 110.86 12.92 48.97
CA ASN J 443 111.02 14.29 48.50
C ASN J 443 111.16 15.26 49.66
N ASN J 444 110.29 15.12 50.67
CA ASN J 444 110.36 16.01 51.82
C ASN J 444 111.68 15.84 52.56
N THR J 445 112.12 14.59 52.77
CA THR J 445 113.36 14.34 53.48
C THR J 445 114.55 14.91 52.72
N THR J 446 114.56 14.77 51.40
CA THR J 446 115.65 15.31 50.59
C THR J 446 115.71 16.83 50.71
N THR J 447 114.55 17.49 50.66
CA THR J 447 114.54 18.95 50.81
C THR J 447 115.10 19.36 52.17
N ASN J 448 114.67 18.67 53.23
CA ASN J 448 115.14 19.02 54.57
C ASN J 448 116.64 18.81 54.72
N LEU J 449 117.15 17.69 54.19
CA LEU J 449 118.58 17.44 54.28
C LEU J 449 119.38 18.45 53.46
N SER J 450 118.86 18.86 52.31
CA SER J 450 119.54 19.88 51.53
C SER J 450 119.62 21.19 52.31
N GLU J 451 118.54 21.57 52.97
CA GLU J 451 118.56 22.79 53.78
C GLU J 451 119.56 22.66 54.93
N ALA J 452 119.61 21.48 55.56
CA ALA J 452 120.55 21.28 56.65
C ALA J 452 122.01 21.38 56.17
N GLN J 453 122.29 20.80 55.00
CA GLN J 453 123.63 20.93 54.42
C GLN J 453 123.97 22.38 54.09
N SER J 454 122.97 23.12 53.60
CA SER J 454 123.18 24.54 53.34
C SER J 454 123.53 25.29 54.61
N ARG J 455 122.91 24.90 55.73
CA ARG J 455 123.20 25.55 57.00
C ARG J 455 124.65 25.38 57.44
N ILE J 456 125.39 24.44 56.87
CA ILE J 456 126.72 24.09 57.35
C ILE J 456 127.80 24.48 56.35
N GLN J 457 127.66 24.04 55.10
CA GLN J 457 128.77 24.17 54.16
C GLN J 457 128.78 25.48 53.38
N ASP J 458 127.64 26.14 53.26
CA ASP J 458 127.56 27.34 52.44
C ASP J 458 128.13 28.55 53.19
N ALA J 459 128.40 29.61 52.42
CA ALA J 459 129.00 30.83 52.95
C ALA J 459 128.01 31.99 52.88
N ASP J 460 128.16 32.92 53.82
CA ASP J 460 127.34 34.13 53.90
C ASP J 460 128.12 35.27 53.24
N TYR J 461 127.60 35.76 52.12
CA TYR J 461 128.38 36.67 51.29
C TYR J 461 128.58 38.04 51.95
N ALA J 462 127.61 38.50 52.74
CA ALA J 462 127.77 39.80 53.40
C ALA J 462 128.97 39.82 54.33
N THR J 463 129.09 38.79 55.17
CA THR J 463 130.22 38.70 56.08
C THR J 463 131.54 38.60 55.32
N GLU J 464 131.57 37.80 54.26
CA GLU J 464 132.80 37.64 53.49
C GLU J 464 133.21 38.96 52.83
N VAL J 465 132.24 39.70 52.29
CA VAL J 465 132.54 40.99 51.68
C VAL J 465 133.08 41.96 52.72
N SER J 466 132.46 41.99 53.90
CA SER J 466 132.94 42.88 54.95
C SER J 466 134.36 42.54 55.36
N ASN J 467 134.65 41.25 55.55
CA ASN J 467 135.99 40.83 55.93
C ASN J 467 137.01 41.13 54.84
N MET J 468 136.62 40.94 53.57
CA MET J 468 137.51 41.26 52.46
C MET J 468 137.85 42.75 52.44
N SER J 469 136.84 43.61 52.58
CA SER J 469 137.10 45.04 52.58
C SER J 469 137.98 45.43 53.75
N LYS J 470 137.71 44.89 54.93
CA LYS J 470 138.53 45.18 56.10
C LYS J 470 139.98 44.77 55.87
N ALA J 471 140.19 43.57 55.31
CA ALA J 471 141.54 43.09 55.05
C ALA J 471 142.26 43.99 54.06
N GLN J 472 141.55 44.44 53.01
CA GLN J 472 142.17 45.33 52.03
C GLN J 472 142.59 46.65 52.68
N ILE J 473 141.71 47.22 53.50
CA ILE J 473 142.05 48.49 54.17
C ILE J 473 143.26 48.30 55.08
N ILE J 474 143.28 47.20 55.84
CA ILE J 474 144.40 46.95 56.75
C ILE J 474 145.69 46.79 55.95
N GLN J 475 145.63 46.08 54.82
CA GLN J 475 146.84 45.88 54.02
C GLN J 475 147.37 47.19 53.47
N GLN J 476 146.48 48.05 52.95
CA GLN J 476 146.94 49.33 52.42
C GLN J 476 147.53 50.21 53.52
N ALA J 477 146.89 50.23 54.70
CA ALA J 477 147.43 50.99 55.81
C ALA J 477 148.81 50.46 56.22
N GLY J 478 148.95 49.14 56.24
CA GLY J 478 150.24 48.55 56.56
C GLY J 478 151.31 48.92 55.56
N ASN J 479 150.95 48.95 54.27
CA ASN J 479 151.91 49.36 53.25
C ASN J 479 152.35 50.80 53.47
N SER J 480 151.40 51.69 53.78
CA SER J 480 151.75 53.09 54.00
C SER J 480 152.67 53.25 55.21
N VAL J 481 152.34 52.59 56.32
CA VAL J 481 153.15 52.74 57.51
C VAL J 481 154.52 52.09 57.31
N LEU J 482 154.60 51.02 56.52
CA LEU J 482 155.89 50.43 56.19
C LEU J 482 156.74 51.40 55.38
N ALA J 483 156.12 52.10 54.43
CA ALA J 483 156.85 53.11 53.67
C ALA J 483 157.41 54.18 54.59
N LYS J 484 156.58 54.65 55.53
CA LYS J 484 157.07 55.67 56.47
C LYS J 484 158.21 55.13 57.33
N ALA J 485 158.08 53.89 57.79
CA ALA J 485 159.13 53.30 58.64
C ALA J 485 160.45 53.19 57.89
N ASN J 486 160.40 52.74 56.63
CA ASN J 486 161.63 52.72 55.84
C ASN J 486 162.15 54.12 55.53
N GLN J 487 161.27 55.13 55.51
CA GLN J 487 161.72 56.50 55.31
C GLN J 487 162.42 57.06 56.54
N VAL J 488 162.10 56.55 57.74
CA VAL J 488 162.62 57.13 58.97
C VAL J 488 164.15 57.26 59.01
N PRO J 489 164.94 56.22 58.74
CA PRO J 489 166.35 56.22 59.17
C PRO J 489 167.24 57.32 58.55
N GLN J 490 166.78 58.06 57.54
CA GLN J 490 167.66 58.98 56.82
C GLN J 490 168.18 60.13 57.68
N GLN J 491 167.61 60.34 58.87
CA GLN J 491 168.15 61.38 59.75
C GLN J 491 169.59 61.09 60.13
N VAL J 492 170.00 59.82 60.12
CA VAL J 492 171.39 59.50 60.43
C VAL J 492 172.30 59.96 59.31
N LEU J 493 171.89 59.77 58.05
CA LEU J 493 172.65 60.33 56.93
C LEU J 493 172.72 61.84 57.06
N SER J 494 171.61 62.47 57.46
CA SER J 494 171.62 63.91 57.68
C SER J 494 172.62 64.29 58.77
N LEU J 495 172.69 63.51 59.84
CA LEU J 495 173.63 63.78 60.93
C LEU J 495 175.07 63.69 60.46
N LEU J 496 175.39 62.62 59.71
CA LEU J 496 176.76 62.45 59.23
C LEU J 496 177.16 63.55 58.26
N GLN J 497 176.24 63.94 57.36
CA GLN J 497 176.58 64.99 56.40
C GLN J 497 176.87 66.30 57.10
N GLY J 498 176.04 66.66 58.08
CA GLY J 498 176.22 67.92 58.81
C GLY J 498 175.12 68.92 58.52
N GLN K 3 75.30 14.84 39.27
CA GLN K 3 75.47 15.47 37.96
C GLN K 3 75.90 14.43 36.93
N VAL K 4 76.00 13.19 37.40
CA VAL K 4 76.56 12.07 36.66
C VAL K 4 75.99 11.97 35.26
N ILE K 5 76.87 11.88 34.26
CA ILE K 5 76.51 11.74 32.86
C ILE K 5 76.90 10.38 32.30
N ASN K 6 77.35 9.47 33.17
CA ASN K 6 77.64 8.10 32.77
C ASN K 6 76.48 7.14 33.04
N THR K 7 75.54 7.55 33.89
CA THR K 7 74.34 6.78 34.16
C THR K 7 73.15 7.72 34.25
N ASN K 8 72.04 7.33 33.63
CA ASN K 8 70.88 8.20 33.48
C ASN K 8 69.67 7.56 34.14
N SER K 9 69.83 7.12 35.39
CA SER K 9 68.84 6.35 36.14
C SER K 9 67.40 6.75 35.85
N LEU K 10 67.12 8.06 35.77
CA LEU K 10 65.78 8.52 35.43
C LEU K 10 65.30 7.92 34.11
N SER K 11 66.17 7.88 33.11
CA SER K 11 65.82 7.26 31.85
C SER K 11 65.51 5.79 32.03
N LEU K 12 66.28 5.10 32.88
CA LEU K 12 66.00 3.69 33.14
C LEU K 12 64.64 3.48 33.76
N ILE K 13 64.28 4.33 34.73
CA ILE K 13 62.96 4.21 35.36
C ILE K 13 61.86 4.45 34.34
N THR K 14 62.02 5.49 33.51
CA THR K 14 60.99 5.78 32.51
C THR K 14 60.84 4.64 31.51
N GLN K 15 61.96 4.07 31.05
CA GLN K 15 61.89 2.93 30.14
C GLN K 15 61.23 1.74 30.81
N ASN K 16 61.51 1.51 32.10
CA ASN K 16 60.86 0.43 32.81
C ASN K 16 59.36 0.63 32.86
N ASN K 17 58.92 1.86 33.14
CA ASN K 17 57.48 2.13 33.18
C ASN K 17 56.83 1.91 31.82
N ILE K 18 57.49 2.37 30.75
CA ILE K 18 56.95 2.18 29.41
C ILE K 18 56.84 0.70 29.08
N ASN K 19 57.89 -0.07 29.42
CA ASN K 19 57.87 -1.50 29.15
C ASN K 19 56.76 -2.20 29.92
N LYS K 20 56.52 -1.78 31.17
CA LYS K 20 55.40 -2.32 31.93
C LYS K 20 54.07 -1.98 31.26
N ASN K 21 53.95 -0.75 30.76
CA ASN K 21 52.69 -0.32 30.16
C ASN K 21 52.40 -1.04 28.84
N GLN K 22 53.45 -1.47 28.13
CA GLN K 22 53.27 -2.09 26.81
C GLN K 22 52.26 -3.25 26.84
N SER K 23 52.30 -4.06 27.89
CA SER K 23 51.50 -5.28 27.93
C SER K 23 50.01 -4.99 27.90
N ALA K 24 49.57 -3.97 28.64
CA ALA K 24 48.15 -3.64 28.67
C ALA K 24 47.66 -3.22 27.29
N LEU K 25 48.45 -2.40 26.58
CA LEU K 25 48.08 -2.01 25.23
C LEU K 25 48.02 -3.21 24.31
N SER K 26 49.00 -4.10 24.41
CA SER K 26 49.01 -5.29 23.55
C SER K 26 47.77 -6.15 23.80
N SER K 27 47.44 -6.38 25.07
CA SER K 27 46.27 -7.19 25.40
C SER K 27 44.99 -6.53 24.90
N SER K 28 44.88 -5.20 25.06
CA SER K 28 43.68 -4.51 24.60
C SER K 28 43.53 -4.63 23.09
N ILE K 29 44.63 -4.46 22.35
CA ILE K 29 44.56 -4.58 20.89
C ILE K 29 44.15 -5.99 20.49
N GLU K 30 44.74 -7.00 21.12
CA GLU K 30 44.40 -8.38 20.76
C GLU K 30 42.93 -8.67 21.06
N ARG K 31 42.44 -8.24 22.22
CA ARG K 31 41.05 -8.52 22.58
C ARG K 31 40.08 -7.79 21.66
N LEU K 32 40.39 -6.55 21.29
CA LEU K 32 39.51 -5.84 20.36
C LEU K 32 39.52 -6.47 18.98
N SER K 33 40.70 -6.91 18.51
CA SER K 33 40.77 -7.52 17.19
C SER K 33 40.02 -8.84 17.14
N SER K 34 40.30 -9.74 18.09
CA SER K 34 39.68 -11.05 18.07
C SER K 34 38.22 -10.99 18.52
N GLY K 35 37.93 -10.23 19.56
CA GLY K 35 36.61 -10.23 20.17
C GLY K 35 36.48 -11.14 21.38
N LEU K 36 37.54 -11.84 21.75
CA LEU K 36 37.54 -12.76 22.88
C LEU K 36 38.46 -12.24 23.97
N ARG K 37 38.00 -12.31 25.22
CA ARG K 37 38.89 -11.97 26.32
C ARG K 37 39.91 -13.08 26.57
N ILE K 38 39.55 -14.32 26.27
CA ILE K 38 40.46 -15.45 26.44
C ILE K 38 40.98 -15.78 25.04
N ASN K 39 42.11 -15.16 24.69
CA ASN K 39 42.79 -15.46 23.43
C ASN K 39 43.90 -16.49 23.58
N SER K 40 44.26 -16.85 24.81
CA SER K 40 45.33 -17.80 25.06
C SER K 40 45.15 -18.37 26.46
N ALA K 41 45.87 -19.46 26.74
CA ALA K 41 45.82 -20.06 28.07
C ALA K 41 46.44 -19.18 29.14
N LYS K 42 47.29 -18.22 28.75
CA LYS K 42 47.89 -17.33 29.74
C LYS K 42 46.83 -16.50 30.45
N ASP K 43 45.72 -16.18 29.77
CA ASP K 43 44.71 -15.33 30.37
C ASP K 43 44.04 -16.00 31.56
N ASP K 44 43.23 -17.03 31.32
CA ASP K 44 42.57 -17.78 32.39
C ASP K 44 42.91 -19.26 32.33
N ALA K 45 42.58 -19.91 31.21
CA ALA K 45 42.78 -21.32 30.90
C ALA K 45 41.86 -22.23 31.69
N ALA K 46 41.33 -21.75 32.83
CA ALA K 46 40.25 -22.48 33.46
C ALA K 46 38.93 -22.13 32.82
N GLY K 47 38.69 -20.83 32.62
CA GLY K 47 37.60 -20.41 31.77
C GLY K 47 37.75 -20.94 30.37
N GLN K 48 38.99 -21.07 29.88
CA GLN K 48 39.21 -21.62 28.56
C GLN K 48 38.82 -23.09 28.48
N ALA K 49 39.19 -23.88 29.50
CA ALA K 49 38.77 -25.28 29.52
C ALA K 49 37.25 -25.39 29.60
N ILE K 50 36.63 -24.57 30.46
CA ILE K 50 35.18 -24.57 30.59
C ILE K 50 34.53 -24.20 29.25
N ALA K 51 35.09 -23.20 28.57
CA ALA K 51 34.55 -22.78 27.28
C ALA K 51 34.71 -23.86 26.22
N ASN K 52 35.85 -24.56 26.23
CA ASN K 52 36.05 -25.66 25.28
C ASN K 52 34.98 -26.73 25.48
N ARG K 53 34.75 -27.12 26.73
CA ARG K 53 33.72 -28.13 26.99
C ARG K 53 32.33 -27.60 26.65
N PHE K 54 32.07 -26.31 26.89
CA PHE K 54 30.79 -25.72 26.53
C PHE K 54 30.56 -25.78 25.03
N THR K 55 31.59 -25.45 24.24
CA THR K 55 31.49 -25.52 22.79
C THR K 55 31.23 -26.95 22.33
N SER K 56 31.93 -27.91 22.94
CA SER K 56 31.71 -29.32 22.60
C SER K 56 30.26 -29.70 22.85
N ASN K 57 29.72 -29.34 24.02
CA ASN K 57 28.34 -29.68 24.34
C ASN K 57 27.37 -29.00 23.37
N ILE K 58 27.63 -27.74 23.02
CA ILE K 58 26.73 -27.00 22.14
C ILE K 58 26.66 -27.68 20.77
N LYS K 59 27.83 -28.00 20.21
CA LYS K 59 27.86 -28.65 18.91
C LYS K 59 27.20 -30.02 18.96
N GLY K 60 27.46 -30.79 20.02
CA GLY K 60 26.83 -32.09 20.14
C GLY K 60 25.32 -32.01 20.20
N LEU K 61 24.79 -31.06 20.98
CA LEU K 61 23.35 -30.96 21.12
C LEU K 61 22.70 -30.51 19.80
N THR K 62 23.33 -29.57 19.10
CA THR K 62 22.79 -29.16 17.80
C THR K 62 22.76 -30.33 16.82
N GLN K 63 23.85 -31.11 16.78
CA GLN K 63 23.87 -32.27 15.90
C GLN K 63 22.83 -33.30 16.31
N ALA K 64 22.59 -33.44 17.62
CA ALA K 64 21.57 -34.38 18.09
C ALA K 64 20.18 -33.96 17.62
N ALA K 65 19.87 -32.66 17.68
CA ALA K 65 18.59 -32.19 17.17
C ALA K 65 18.45 -32.46 15.68
N ARG K 66 19.53 -32.21 14.93
CA ARG K 66 19.51 -32.53 13.50
C ARG K 66 19.23 -34.01 13.27
N ASN K 67 19.83 -34.88 14.09
CA ASN K 67 19.57 -36.31 13.96
C ASN K 67 18.12 -36.65 14.27
N ALA K 68 17.55 -36.01 15.30
CA ALA K 68 16.17 -36.30 15.69
C ALA K 68 15.19 -35.96 14.57
N ASN K 69 15.46 -34.88 13.84
CA ASN K 69 14.59 -34.55 12.71
C ASN K 69 14.48 -35.73 11.72
N ASP K 70 15.57 -36.48 11.54
CA ASP K 70 15.53 -37.63 10.63
C ASP K 70 14.55 -38.68 11.12
N GLY K 71 14.56 -38.98 12.42
CA GLY K 71 13.59 -39.91 12.97
C GLY K 71 12.17 -39.43 12.78
N ILE K 72 11.96 -38.13 12.93
CA ILE K 72 10.62 -37.56 12.66
C ILE K 72 10.20 -37.88 11.23
N SER K 73 11.11 -37.66 10.27
CA SER K 73 10.80 -37.93 8.88
C SER K 73 10.49 -39.41 8.64
N VAL K 74 11.28 -40.30 9.24
CA VAL K 74 11.05 -41.74 9.07
C VAL K 74 9.67 -42.11 9.57
N ALA K 75 9.31 -41.60 10.75
CA ALA K 75 7.99 -41.91 11.30
C ALA K 75 6.88 -41.40 10.40
N GLN K 76 7.05 -40.20 9.84
CA GLN K 76 6.03 -39.66 8.94
C GLN K 76 5.83 -40.56 7.72
N THR K 77 6.93 -40.98 7.09
CA THR K 77 6.83 -41.82 5.90
C THR K 77 6.14 -43.14 6.22
N THR K 78 6.56 -43.79 7.31
CA THR K 78 5.95 -45.06 7.69
C THR K 78 4.47 -44.88 7.99
N GLU K 79 4.11 -43.76 8.61
CA GLU K 79 2.70 -43.48 8.89
C GLU K 79 1.89 -43.37 7.61
N GLY K 80 2.43 -42.69 6.60
CA GLY K 80 1.72 -42.60 5.33
C GLY K 80 1.49 -43.96 4.70
N ALA K 81 2.52 -44.79 4.69
CA ALA K 81 2.37 -46.14 4.13
C ALA K 81 1.30 -46.92 4.90
N LEU K 82 1.32 -46.82 6.23
CA LEU K 82 0.33 -47.52 7.03
C LEU K 82 -1.08 -47.01 6.74
N SER K 83 -1.23 -45.72 6.50
CA SER K 83 -2.54 -45.17 6.19
C SER K 83 -3.08 -45.76 4.89
N GLU K 84 -2.23 -45.87 3.87
CA GLU K 84 -2.68 -46.49 2.63
C GLU K 84 -3.08 -47.94 2.85
N ILE K 85 -2.28 -48.68 3.63
CA ILE K 85 -2.63 -50.08 3.92
C ILE K 85 -3.96 -50.16 4.65
N ASN K 86 -4.22 -49.21 5.56
CA ASN K 86 -5.47 -49.19 6.29
C ASN K 86 -6.65 -48.98 5.35
N ASN K 87 -6.51 -48.06 4.38
CA ASN K 87 -7.59 -47.84 3.43
C ASN K 87 -7.88 -49.11 2.63
N ASN K 88 -6.82 -49.80 2.19
CA ASN K 88 -7.02 -51.04 1.46
C ASN K 88 -7.74 -52.09 2.31
N LEU K 89 -7.35 -52.20 3.58
CA LEU K 89 -8.02 -53.16 4.47
C LEU K 89 -9.48 -52.81 4.67
N GLN K 90 -9.78 -51.51 4.77
CA GLN K 90 -11.18 -51.10 4.92
C GLN K 90 -12.00 -51.51 3.70
N ARG K 91 -11.46 -51.30 2.50
CA ARG K 91 -12.19 -51.72 1.30
C ARG K 91 -12.38 -53.24 1.28
N VAL K 92 -11.35 -53.97 1.70
CA VAL K 92 -11.46 -55.43 1.74
C VAL K 92 -12.57 -55.86 2.70
N ARG K 93 -12.66 -55.21 3.85
CA ARG K 93 -13.73 -55.53 4.80
C ARG K 93 -15.10 -55.23 4.21
N GLU K 94 -15.23 -54.10 3.51
CA GLU K 94 -16.50 -53.78 2.87
C GLU K 94 -16.89 -54.86 1.86
N LEU K 95 -15.93 -55.30 1.06
CA LEU K 95 -16.25 -56.34 0.07
C LEU K 95 -16.59 -57.66 0.73
N THR K 96 -15.96 -58.00 1.86
CA THR K 96 -16.34 -59.21 2.57
C THR K 96 -17.77 -59.12 3.09
N VAL K 97 -18.14 -57.95 3.63
CA VAL K 97 -19.53 -57.75 4.06
C VAL K 97 -20.48 -57.94 2.89
N GLN K 98 -20.10 -57.41 1.71
CA GLN K 98 -20.95 -57.58 0.54
C GLN K 98 -21.05 -59.04 0.12
N ALA K 99 -19.95 -59.77 0.22
CA ALA K 99 -19.88 -61.12 -0.34
C ALA K 99 -20.50 -62.17 0.57
N THR K 100 -20.54 -61.94 1.88
CA THR K 100 -21.10 -62.95 2.77
C THR K 100 -22.62 -62.95 2.76
N THR K 101 -23.22 -63.08 1.58
CA THR K 101 -24.67 -63.08 1.43
C THR K 101 -25.07 -64.20 0.49
N GLY K 102 -26.26 -64.77 0.74
CA GLY K 102 -26.73 -65.90 -0.06
C GLY K 102 -27.24 -65.53 -1.44
N THR K 103 -27.53 -64.24 -1.69
CA THR K 103 -28.01 -63.85 -3.01
C THR K 103 -26.92 -63.94 -4.06
N ASN K 104 -25.66 -63.74 -3.67
CA ASN K 104 -24.56 -63.75 -4.62
C ASN K 104 -24.41 -65.12 -5.27
N SER K 105 -24.21 -65.12 -6.59
CA SER K 105 -23.95 -66.35 -7.32
C SER K 105 -22.46 -66.66 -7.30
N GLU K 106 -22.08 -67.77 -7.95
CA GLU K 106 -20.67 -68.17 -7.92
C GLU K 106 -19.80 -67.21 -8.72
N SER K 107 -20.30 -66.70 -9.84
CA SER K 107 -19.52 -65.74 -10.63
C SER K 107 -19.31 -64.45 -9.86
N ASP K 108 -20.35 -63.99 -9.14
CA ASP K 108 -20.21 -62.79 -8.33
C ASP K 108 -19.17 -62.98 -7.24
N LEU K 109 -19.19 -64.14 -6.58
CA LEU K 109 -18.17 -64.45 -5.59
C LEU K 109 -16.78 -64.48 -6.21
N SER K 110 -16.69 -65.01 -7.44
CA SER K 110 -15.39 -65.04 -8.13
C SER K 110 -14.88 -63.64 -8.38
N SER K 111 -15.75 -62.73 -8.84
CA SER K 111 -15.34 -61.36 -9.09
C SER K 111 -14.91 -60.66 -7.81
N ILE K 112 -15.69 -60.83 -6.74
CA ILE K 112 -15.35 -60.22 -5.46
C ILE K 112 -14.02 -60.74 -4.96
N GLN K 113 -13.80 -62.05 -5.07
CA GLN K 113 -12.54 -62.64 -4.65
C GLN K 113 -11.38 -62.13 -5.48
N ASP K 114 -11.61 -61.95 -6.79
CA ASP K 114 -10.57 -61.39 -7.65
C ASP K 114 -10.15 -60.01 -7.18
N GLU K 115 -11.13 -59.14 -6.91
CA GLU K 115 -10.77 -57.80 -6.47
C GLU K 115 -10.08 -57.83 -5.11
N ILE K 116 -10.57 -58.69 -4.21
CA ILE K 116 -9.98 -58.80 -2.87
C ILE K 116 -8.54 -59.26 -2.96
N LYS K 117 -8.27 -60.27 -3.80
CA LYS K 117 -6.91 -60.75 -3.97
C LYS K 117 -6.02 -59.68 -4.58
N SER K 118 -6.56 -58.90 -5.53
CA SER K 118 -5.79 -57.80 -6.09
C SER K 118 -5.40 -56.79 -5.02
N ARG K 119 -6.35 -56.47 -4.13
CA ARG K 119 -6.05 -55.49 -3.09
C ARG K 119 -5.08 -56.05 -2.05
N LEU K 120 -5.18 -57.34 -1.75
CA LEU K 120 -4.21 -57.96 -0.84
C LEU K 120 -2.82 -57.96 -1.46
N ASP K 121 -2.73 -58.23 -2.76
CA ASP K 121 -1.45 -58.15 -3.46
C ASP K 121 -0.90 -56.73 -3.41
N GLU K 122 -1.76 -55.73 -3.58
CA GLU K 122 -1.32 -54.35 -3.48
C GLU K 122 -0.82 -54.03 -2.08
N ILE K 123 -1.49 -54.58 -1.06
CA ILE K 123 -1.04 -54.39 0.32
C ILE K 123 0.35 -54.95 0.50
N ASP K 124 0.58 -56.18 0.04
CA ASP K 124 1.89 -56.79 0.15
C ASP K 124 2.94 -56.00 -0.62
N ARG K 125 2.57 -55.50 -1.80
CA ARG K 125 3.50 -54.70 -2.60
C ARG K 125 3.89 -53.43 -1.86
N VAL K 126 2.91 -52.66 -1.39
CA VAL K 126 3.23 -51.39 -0.74
C VAL K 126 3.99 -51.63 0.55
N SER K 127 3.76 -52.77 1.22
CA SER K 127 4.56 -53.13 2.38
C SER K 127 6.00 -53.37 1.99
N GLY K 128 6.23 -54.24 1.00
CA GLY K 128 7.60 -54.61 0.66
C GLY K 128 8.40 -53.48 0.06
N GLN K 129 7.81 -52.73 -0.87
CA GLN K 129 8.57 -51.77 -1.66
C GLN K 129 8.88 -50.49 -0.91
N THR K 130 8.04 -50.11 0.05
CA THR K 130 8.21 -48.83 0.75
C THR K 130 9.50 -48.86 1.56
N GLN K 131 10.50 -48.11 1.10
CA GLN K 131 11.82 -48.08 1.70
C GLN K 131 12.30 -46.64 1.87
N PHE K 132 13.01 -46.40 2.97
CA PHE K 132 13.52 -45.07 3.30
C PHE K 132 15.02 -45.16 3.52
N ASN K 133 15.78 -44.36 2.76
CA ASN K 133 17.22 -44.24 2.93
C ASN K 133 17.91 -45.60 2.94
N GLY K 134 17.54 -46.44 1.97
CA GLY K 134 18.08 -47.78 1.90
C GLY K 134 17.68 -48.66 3.06
N VAL K 135 16.47 -48.48 3.60
CA VAL K 135 15.96 -49.28 4.70
C VAL K 135 14.50 -49.60 4.41
N ASN K 136 14.18 -50.88 4.25
CA ASN K 136 12.81 -51.32 4.02
C ASN K 136 12.10 -51.38 5.36
N VAL K 137 11.40 -50.29 5.69
CA VAL K 137 10.79 -50.16 7.01
C VAL K 137 9.70 -51.20 7.22
N LEU K 138 8.84 -51.39 6.23
CA LEU K 138 7.76 -52.37 6.33
C LEU K 138 8.16 -53.73 5.77
N ALA K 139 9.30 -54.26 6.20
CA ALA K 139 9.74 -55.56 5.70
C ALA K 139 10.28 -56.50 6.76
N LYS K 140 10.61 -56.03 7.97
CA LYS K 140 11.21 -56.90 8.96
C LYS K 140 11.10 -56.25 10.33
N ASN K 141 10.78 -57.04 11.34
CA ASN K 141 10.71 -56.54 12.71
C ASN K 141 12.10 -56.08 13.15
N GLY K 142 12.15 -54.90 13.75
CA GLY K 142 13.42 -54.36 14.19
C GLY K 142 13.22 -53.13 15.05
N SER K 143 14.33 -52.44 15.29
CA SER K 143 14.32 -51.24 16.11
C SER K 143 15.35 -50.26 15.59
N MET K 144 15.01 -48.98 15.62
CA MET K 144 15.90 -47.90 15.21
C MET K 144 16.23 -47.04 16.42
N LYS K 145 17.49 -46.65 16.53
CA LYS K 145 18.00 -45.89 17.67
C LYS K 145 18.42 -44.51 17.20
N ILE K 146 17.81 -43.47 17.77
CA ILE K 146 18.04 -42.10 17.36
C ILE K 146 18.87 -41.39 18.41
N GLN K 147 20.03 -40.88 18.01
CA GLN K 147 20.92 -40.16 18.92
C GLN K 147 20.35 -38.77 19.18
N VAL K 148 19.83 -38.55 20.38
CA VAL K 148 19.25 -37.26 20.72
C VAL K 148 20.00 -36.65 21.90
N GLY K 149 21.29 -36.96 22.01
CA GLY K 149 22.11 -36.42 23.07
C GLY K 149 23.54 -36.26 22.61
N ALA K 150 24.37 -35.69 23.49
CA ALA K 150 25.76 -35.45 23.18
C ALA K 150 26.69 -36.54 23.69
N ASN K 151 26.31 -37.24 24.75
CA ASN K 151 27.13 -38.28 25.35
C ASN K 151 26.80 -39.63 24.72
N ASP K 152 27.32 -40.70 25.33
CA ASP K 152 27.07 -42.06 24.87
C ASP K 152 25.76 -42.58 25.45
N ASN K 153 25.10 -43.45 24.68
CA ASN K 153 23.84 -44.06 25.07
C ASN K 153 22.79 -43.00 25.41
N GLN K 154 22.47 -42.20 24.40
CA GLN K 154 21.56 -41.07 24.52
C GLN K 154 20.40 -41.23 23.54
N THR K 155 19.87 -42.45 23.42
CA THR K 155 19.07 -42.83 22.27
C THR K 155 17.60 -43.01 22.62
N ILE K 156 16.75 -42.64 21.65
CA ILE K 156 15.33 -42.96 21.67
C ILE K 156 15.10 -44.06 20.65
N THR K 157 14.40 -45.11 21.06
CA THR K 157 14.23 -46.31 20.25
C THR K 157 12.92 -46.23 19.48
N ILE K 158 12.99 -46.37 18.16
CA ILE K 158 11.82 -46.45 17.30
C ILE K 158 11.65 -47.90 16.87
N ASP K 159 10.43 -48.42 17.00
CA ASP K 159 10.14 -49.80 16.69
C ASP K 159 9.45 -49.92 15.33
N LEU K 160 9.80 -50.97 14.60
CA LEU K 160 9.24 -51.24 13.28
C LEU K 160 8.75 -52.67 13.25
N LYS K 161 7.48 -52.86 12.89
CA LYS K 161 6.87 -54.19 12.81
C LYS K 161 6.64 -54.54 11.36
N GLN K 162 7.02 -55.76 10.97
CA GLN K 162 6.77 -56.24 9.62
C GLN K 162 5.28 -56.37 9.37
N ILE K 163 4.73 -55.51 8.52
CA ILE K 163 3.31 -55.49 8.22
C ILE K 163 3.12 -56.09 6.83
N ASP K 164 2.47 -57.25 6.77
CA ASP K 164 2.17 -57.91 5.51
C ASP K 164 1.08 -58.94 5.76
N ALA K 165 0.63 -59.56 4.67
CA ALA K 165 -0.47 -60.53 4.77
C ALA K 165 -0.10 -61.69 5.70
N LYS K 166 1.15 -62.16 5.64
CA LYS K 166 1.55 -63.29 6.46
C LYS K 166 1.50 -62.94 7.95
N THR K 167 1.95 -61.74 8.31
CA THR K 167 1.96 -61.31 9.70
C THR K 167 0.66 -60.66 10.14
N LEU K 168 -0.40 -60.79 9.33
CA LEU K 168 -1.71 -60.30 9.69
C LEU K 168 -2.77 -61.39 9.68
N GLY K 169 -2.41 -62.62 9.32
CA GLY K 169 -3.35 -63.70 9.22
C GLY K 169 -4.10 -63.76 7.91
N LEU K 170 -3.89 -62.79 7.01
CA LEU K 170 -4.57 -62.76 5.72
C LEU K 170 -3.73 -63.42 4.63
N ASP K 171 -3.28 -64.64 4.90
CA ASP K 171 -2.51 -65.44 3.94
C ASP K 171 -3.39 -66.59 3.47
N GLY K 172 -3.92 -66.47 2.26
CA GLY K 172 -4.90 -67.40 1.77
C GLY K 172 -6.33 -66.99 1.99
N PHE K 173 -6.58 -65.71 2.29
CA PHE K 173 -7.93 -65.22 2.54
C PHE K 173 -8.76 -65.34 1.28
N SER K 174 -9.77 -66.20 1.31
CA SER K 174 -10.65 -66.41 0.18
C SER K 174 -12.11 -66.44 0.65
N VAL K 175 -13.01 -66.06 -0.24
CA VAL K 175 -14.44 -66.06 0.06
C VAL K 175 -15.17 -66.90 -1.00
N LYS K 176 -14.46 -67.85 -1.60
CA LYS K 176 -15.05 -68.70 -2.62
C LYS K 176 -14.40 -70.08 -2.54
N ASN K 177 -15.04 -71.05 -3.18
CA ASN K 177 -14.55 -72.42 -3.17
C ASN K 177 -13.61 -72.69 -4.34
N THR K 407 -12.81 -69.45 3.65
CA THR K 407 -12.24 -69.04 4.93
C THR K 407 -13.34 -68.85 5.97
N THR K 408 -13.12 -69.36 7.17
CA THR K 408 -14.11 -69.28 8.24
C THR K 408 -13.92 -68.01 9.06
N ASP K 409 -15.03 -67.41 9.46
CA ASP K 409 -15.04 -66.17 10.22
C ASP K 409 -14.13 -65.09 9.62
N PRO K 410 -14.40 -64.66 8.39
CA PRO K 410 -13.49 -63.70 7.75
C PRO K 410 -13.47 -62.34 8.42
N LEU K 411 -14.63 -61.82 8.82
CA LEU K 411 -14.70 -60.46 9.33
C LEU K 411 -13.93 -60.31 10.63
N LYS K 412 -13.94 -61.34 11.48
CA LYS K 412 -13.19 -61.27 12.72
C LYS K 412 -11.69 -61.17 12.45
N ALA K 413 -11.19 -61.96 11.50
CA ALA K 413 -9.78 -61.88 11.15
C ALA K 413 -9.43 -60.52 10.56
N LEU K 414 -10.31 -59.97 9.71
CA LEU K 414 -10.07 -58.66 9.14
C LEU K 414 -10.02 -57.58 10.22
N ASP K 415 -10.94 -57.65 11.18
CA ASP K 415 -10.93 -56.73 12.29
C ASP K 415 -9.65 -56.86 13.10
N ASP K 416 -9.18 -58.09 13.28
CA ASP K 416 -7.92 -58.31 13.99
C ASP K 416 -6.75 -57.66 13.26
N ALA K 417 -6.72 -57.78 11.93
CA ALA K 417 -5.66 -57.15 11.16
C ALA K 417 -5.72 -55.63 11.29
N ILE K 418 -6.92 -55.06 11.23
CA ILE K 418 -7.06 -53.61 11.36
C ILE K 418 -6.58 -53.15 12.73
N ALA K 419 -6.98 -53.88 13.78
CA ALA K 419 -6.58 -53.56 15.14
C ALA K 419 -5.11 -53.90 15.42
N SER K 420 -4.46 -54.63 14.51
CA SER K 420 -3.03 -54.84 14.62
C SER K 420 -2.21 -53.80 13.87
N VAL K 421 -2.78 -53.15 12.86
CA VAL K 421 -2.07 -52.09 12.18
C VAL K 421 -2.25 -50.73 12.86
N ASP K 422 -3.44 -50.48 13.44
CA ASP K 422 -3.64 -49.19 14.11
C ASP K 422 -2.77 -49.07 15.35
N LYS K 423 -2.44 -50.19 15.99
CA LYS K 423 -1.53 -50.16 17.13
C LYS K 423 -0.16 -49.65 16.72
N PHE K 424 0.37 -50.14 15.61
CA PHE K 424 1.65 -49.67 15.12
C PHE K 424 1.57 -48.20 14.74
N ARG K 425 0.45 -47.79 14.14
CA ARG K 425 0.28 -46.36 13.82
C ARG K 425 0.33 -45.50 15.08
N SER K 426 -0.37 -45.94 16.14
CA SER K 426 -0.39 -45.18 17.38
C SER K 426 0.99 -45.11 18.01
N SER K 427 1.74 -46.22 17.97
CA SER K 427 3.10 -46.20 18.49
C SER K 427 3.96 -45.20 17.73
N LEU K 428 3.81 -45.16 16.40
CA LEU K 428 4.55 -44.21 15.59
C LEU K 428 4.22 -42.78 15.99
N GLY K 429 2.93 -42.49 16.17
CA GLY K 429 2.54 -41.14 16.57
C GLY K 429 3.11 -40.74 17.93
N ALA K 430 3.08 -41.69 18.88
CA ALA K 430 3.66 -41.41 20.20
C ALA K 430 5.15 -41.12 20.09
N VAL K 431 5.86 -41.89 19.27
CA VAL K 431 7.29 -41.63 19.08
C VAL K 431 7.51 -40.27 18.45
N GLN K 432 6.65 -39.88 17.51
CA GLN K 432 6.77 -38.56 16.88
C GLN K 432 6.66 -37.45 17.93
N ASN K 433 5.65 -37.56 18.79
CA ASN K 433 5.45 -36.54 19.81
C ASN K 433 6.64 -36.48 20.77
N ARG K 434 7.10 -37.64 21.22
CA ARG K 434 8.27 -37.70 22.10
C ARG K 434 9.48 -37.03 21.47
N LEU K 435 9.73 -37.34 20.19
CA LEU K 435 10.92 -36.83 19.53
C LEU K 435 10.84 -35.33 19.30
N ASP K 436 9.65 -34.81 18.98
CA ASP K 436 9.48 -33.37 18.84
C ASP K 436 9.72 -32.66 20.16
N SER K 437 9.20 -33.22 21.26
CA SER K 437 9.44 -32.62 22.57
C SER K 437 10.94 -32.62 22.88
N ALA K 438 11.63 -33.71 22.53
CA ALA K 438 13.07 -33.76 22.73
C ALA K 438 13.77 -32.68 21.91
N VAL K 439 13.34 -32.47 20.67
CA VAL K 439 13.95 -31.43 19.84
C VAL K 439 13.83 -30.07 20.49
N THR K 440 12.63 -29.77 20.99
CA THR K 440 12.42 -28.47 21.63
C THR K 440 13.29 -28.31 22.88
N ASN K 441 13.37 -29.37 23.69
CA ASN K 441 14.19 -29.30 24.90
C ASN K 441 15.65 -29.07 24.56
N LEU K 442 16.15 -29.78 23.54
CA LEU K 442 17.53 -29.58 23.11
C LEU K 442 17.77 -28.16 22.61
N ASN K 443 16.80 -27.59 21.89
CA ASN K 443 16.95 -26.21 21.43
C ASN K 443 17.10 -25.26 22.62
N ASN K 444 16.24 -25.42 23.62
CA ASN K 444 16.31 -24.54 24.79
C ASN K 444 17.64 -24.71 25.53
N THR K 445 18.07 -25.96 25.72
CA THR K 445 19.33 -26.22 26.41
C THR K 445 20.51 -25.63 25.64
N THR K 446 20.49 -25.75 24.32
CA THR K 446 21.57 -25.18 23.50
C THR K 446 21.62 -23.67 23.64
N THR K 447 20.46 -23.01 23.64
CA THR K 447 20.44 -21.56 23.82
C THR K 447 21.03 -21.18 25.18
N ASN K 448 20.62 -21.88 26.23
CA ASN K 448 21.13 -21.56 27.56
C ASN K 448 22.63 -21.77 27.66
N LEU K 449 23.13 -22.88 27.09
CA LEU K 449 24.57 -23.13 27.11
C LEU K 449 25.33 -22.09 26.30
N SER K 450 24.76 -21.64 25.19
CA SER K 450 25.41 -20.59 24.40
C SER K 450 25.53 -19.32 25.21
N GLU K 451 24.47 -18.93 25.92
CA GLU K 451 24.55 -17.74 26.76
C GLU K 451 25.58 -17.92 27.87
N ALA K 452 25.63 -19.11 28.48
CA ALA K 452 26.60 -19.35 29.54
C ALA K 452 28.03 -19.25 29.03
N GLN K 453 28.29 -19.79 27.84
CA GLN K 453 29.62 -19.67 27.23
C GLN K 453 29.94 -18.21 26.91
N SER K 454 28.95 -17.47 26.42
CA SER K 454 29.17 -16.07 26.08
C SER K 454 29.54 -15.27 27.32
N ARG K 455 28.89 -15.55 28.44
CA ARG K 455 29.21 -14.85 29.69
C ARG K 455 30.61 -15.15 30.20
N ILE K 456 31.37 -16.02 29.53
CA ILE K 456 32.70 -16.42 29.99
C ILE K 456 33.78 -16.02 29.00
N GLN K 457 33.58 -16.32 27.71
CA GLN K 457 34.70 -16.26 26.78
C GLN K 457 34.84 -14.92 26.05
N ASP K 458 33.78 -14.14 25.91
CA ASP K 458 33.87 -12.92 25.12
C ASP K 458 34.22 -11.72 25.98
N ALA K 459 34.65 -10.65 25.31
CA ALA K 459 35.07 -9.42 25.95
C ALA K 459 34.02 -8.33 25.79
N ASP K 460 34.04 -7.38 26.73
CA ASP K 460 33.13 -6.24 26.72
C ASP K 460 33.87 -5.07 26.11
N TYR K 461 33.44 -4.62 24.93
CA TYR K 461 34.23 -3.70 24.14
C TYR K 461 34.39 -2.34 24.81
N ALA K 462 33.41 -1.91 25.62
CA ALA K 462 33.54 -0.62 26.29
C ALA K 462 34.76 -0.60 27.20
N THR K 463 34.88 -1.61 28.05
CA THR K 463 36.01 -1.69 28.96
C THR K 463 37.33 -1.77 28.19
N GLU K 464 37.35 -2.58 27.13
CA GLU K 464 38.59 -2.78 26.38
C GLU K 464 39.01 -1.49 25.67
N VAL K 465 38.05 -0.75 25.13
CA VAL K 465 38.36 0.54 24.49
C VAL K 465 38.88 1.52 25.53
N SER K 466 38.28 1.56 26.72
CA SER K 466 38.79 2.44 27.76
C SER K 466 40.22 2.07 28.14
N ASN K 467 40.50 0.77 28.27
CA ASN K 467 41.86 0.34 28.58
C ASN K 467 42.84 0.70 27.47
N MET K 468 42.42 0.54 26.22
CA MET K 468 43.28 0.90 25.10
C MET K 468 43.62 2.38 25.12
N SER K 469 42.61 3.23 25.34
CA SER K 469 42.86 4.66 25.40
C SER K 469 43.78 5.01 26.54
N LYS K 470 43.56 4.42 27.71
CA LYS K 470 44.42 4.67 28.86
C LYS K 470 45.87 4.29 28.56
N ALA K 471 46.05 3.12 27.94
CA ALA K 471 47.40 2.66 27.62
C ALA K 471 48.07 3.59 26.62
N GLN K 472 47.33 4.05 25.61
CA GLN K 472 47.90 4.96 24.63
C GLN K 472 48.35 6.27 25.29
N ILE K 473 47.50 6.83 26.16
CA ILE K 473 47.86 8.07 26.83
C ILE K 473 49.08 7.87 27.71
N ILE K 474 49.13 6.75 28.45
CA ILE K 474 50.27 6.47 29.31
C ILE K 474 51.55 6.34 28.48
N GLN K 475 51.47 5.65 27.35
CA GLN K 475 52.66 5.47 26.52
C GLN K 475 53.17 6.80 25.99
N GLN K 476 52.27 7.65 25.49
CA GLN K 476 52.73 8.94 24.95
C GLN K 476 53.29 9.83 26.05
N ALA K 477 52.64 9.85 27.22
CA ALA K 477 53.14 10.64 28.34
C ALA K 477 54.53 10.16 28.76
N GLY K 478 54.71 8.83 28.86
CA GLY K 478 56.00 8.29 29.22
C GLY K 478 57.06 8.61 28.20
N ASN K 479 56.70 8.62 26.92
CA ASN K 479 57.68 8.95 25.89
C ASN K 479 58.12 10.42 26.00
N SER K 480 57.17 11.33 26.22
CA SER K 480 57.55 12.73 26.40
C SER K 480 58.43 12.91 27.63
N VAL K 481 58.07 12.24 28.73
CA VAL K 481 58.87 12.35 29.95
C VAL K 481 60.27 11.76 29.72
N LEU K 482 60.35 10.69 28.94
CA LEU K 482 61.67 10.12 28.62
C LEU K 482 62.50 11.09 27.80
N ALA K 483 61.87 11.79 26.85
CA ALA K 483 62.60 12.79 26.08
C ALA K 483 63.16 13.87 27.00
N LYS K 484 62.35 14.33 27.95
CA LYS K 484 62.84 15.33 28.90
C LYS K 484 63.98 14.77 29.75
N ALA K 485 63.85 13.52 30.18
CA ALA K 485 64.88 12.91 31.02
C ALA K 485 66.20 12.80 30.27
N ASN K 486 66.16 12.40 29.00
CA ASN K 486 67.39 12.36 28.20
C ASN K 486 67.93 13.76 27.96
N GLN K 487 67.06 14.78 27.93
CA GLN K 487 67.55 16.14 27.79
C GLN K 487 68.17 16.67 29.08
N VAL K 488 67.85 16.07 30.23
CA VAL K 488 68.36 16.57 31.50
C VAL K 488 69.88 16.68 31.55
N PRO K 489 70.66 15.64 31.21
CA PRO K 489 72.10 15.67 31.54
C PRO K 489 72.91 16.77 30.85
N GLN K 490 72.29 17.72 30.15
CA GLN K 490 73.07 18.63 29.31
C GLN K 490 73.85 19.67 30.11
N GLN K 491 73.37 20.06 31.30
CA GLN K 491 73.98 21.21 31.98
C GLN K 491 75.44 20.96 32.37
N VAL K 492 75.90 19.71 32.37
CA VAL K 492 77.31 19.46 32.66
C VAL K 492 78.19 20.07 31.57
N LEU K 493 77.72 20.04 30.32
CA LEU K 493 78.45 20.71 29.25
C LEU K 493 78.57 22.20 29.52
N SER K 494 77.49 22.83 29.98
CA SER K 494 77.54 24.24 30.33
C SER K 494 78.51 24.49 31.48
N LEU K 495 78.52 23.61 32.47
CA LEU K 495 79.47 23.73 33.57
C LEU K 495 80.90 23.67 33.06
N LEU K 496 81.19 22.74 32.15
CA LEU K 496 82.54 22.60 31.63
C LEU K 496 82.95 23.80 30.78
N GLN K 497 82.05 24.26 29.91
CA GLN K 497 82.41 25.33 28.97
C GLN K 497 82.74 26.62 29.71
N GLY K 498 81.95 26.97 30.72
CA GLY K 498 82.17 28.19 31.47
C GLY K 498 80.93 29.05 31.61
N GLN L 3 52.09 50.62 16.06
CA GLN L 3 52.44 49.29 16.50
C GLN L 3 51.86 49.03 17.89
N VAL L 4 50.91 49.89 18.24
CA VAL L 4 50.31 49.94 19.57
C VAL L 4 49.82 48.57 20.03
N ILE L 5 50.22 48.17 21.23
CA ILE L 5 49.81 46.91 21.83
C ILE L 5 49.05 47.13 23.13
N ASN L 6 48.69 48.38 23.41
CA ASN L 6 47.83 48.70 24.55
C ASN L 6 46.37 48.80 24.14
N THR L 7 46.10 49.05 22.87
CA THR L 7 44.76 49.07 22.31
C THR L 7 44.79 48.34 20.97
N ASN L 8 43.77 47.53 20.71
CA ASN L 8 43.71 46.66 19.55
C ASN L 8 42.43 46.90 18.77
N SER L 9 42.20 48.17 18.44
CA SER L 9 40.96 48.69 17.86
C SER L 9 40.31 47.76 16.82
N LEU L 10 41.12 47.08 16.00
CA LEU L 10 40.56 46.16 15.02
C LEU L 10 39.70 45.09 15.68
N SER L 11 40.16 44.56 16.81
CA SER L 11 39.36 43.59 17.55
C SER L 11 38.06 44.22 18.04
N LEU L 12 38.12 45.49 18.46
CA LEU L 12 36.90 46.16 18.91
C LEU L 12 35.90 46.30 17.77
N ILE L 13 36.38 46.65 16.58
CA ILE L 13 35.50 46.74 15.41
C ILE L 13 34.87 45.39 15.11
N THR L 14 35.67 44.33 15.15
CA THR L 14 35.15 43.00 14.86
C THR L 14 34.09 42.59 15.89
N GLN L 15 34.34 42.84 17.17
CA GLN L 15 33.37 42.52 18.19
C GLN L 15 32.10 43.34 18.01
N ASN L 16 32.23 44.62 17.62
CA ASN L 16 31.06 45.44 17.37
C ASN L 16 30.21 44.86 16.25
N ASN L 17 30.86 44.42 15.16
CA ASN L 17 30.10 43.84 14.05
C ASN L 17 29.43 42.54 14.46
N ILE L 18 30.11 41.71 15.25
CA ILE L 18 29.52 40.47 15.72
C ILE L 18 28.30 40.75 16.59
N ASN L 19 28.42 41.73 17.49
CA ASN L 19 27.29 42.11 18.33
C ASN L 19 26.14 42.63 17.49
N LYS L 20 26.44 43.34 16.42
CA LYS L 20 25.38 43.79 15.51
C LYS L 20 24.66 42.60 14.88
N ASN L 21 25.41 41.57 14.48
CA ASN L 21 24.79 40.41 13.83
C ASN L 21 23.97 39.58 14.81
N GLN L 22 24.36 39.58 16.09
CA GLN L 22 23.67 38.76 17.09
C GLN L 22 22.17 39.02 17.12
N SER L 23 21.77 40.29 16.99
CA SER L 23 20.34 40.61 17.05
C SER L 23 19.56 39.96 15.92
N ALA L 24 20.10 40.03 14.70
CA ALA L 24 19.43 39.38 13.57
C ALA L 24 19.37 37.88 13.76
N LEU L 25 20.45 37.29 14.25
CA LEU L 25 20.45 35.84 14.48
C LEU L 25 19.38 35.45 15.48
N SER L 26 19.29 36.20 16.59
CA SER L 26 18.32 35.88 17.63
C SER L 26 16.89 36.05 17.12
N SER L 27 16.64 37.12 16.36
CA SER L 27 15.31 37.34 15.81
C SER L 27 14.91 36.21 14.86
N SER L 28 15.85 35.78 14.02
CA SER L 28 15.55 34.68 13.11
C SER L 28 15.22 33.40 13.88
N ILE L 29 16.01 33.10 14.92
CA ILE L 29 15.77 31.88 15.69
C ILE L 29 14.41 31.95 16.39
N GLU L 30 14.08 33.11 16.96
CA GLU L 30 12.80 33.24 17.66
C GLU L 30 11.63 33.07 16.69
N ARG L 31 11.71 33.71 15.51
CA ARG L 31 10.62 33.58 14.55
C ARG L 31 10.51 32.17 14.01
N LEU L 32 11.63 31.46 13.88
CA LEU L 32 11.58 30.08 13.42
C LEU L 32 10.95 29.16 14.46
N SER L 33 11.32 29.35 15.73
CA SER L 33 10.81 28.46 16.78
C SER L 33 9.34 28.73 17.08
N SER L 34 8.96 30.00 17.21
CA SER L 34 7.58 30.32 17.59
C SER L 34 6.61 30.06 16.45
N GLY L 35 6.97 30.47 15.24
CA GLY L 35 6.08 30.38 14.10
C GLY L 35 5.34 31.65 13.78
N LEU L 36 5.44 32.67 14.62
CA LEU L 36 4.81 33.96 14.40
C LEU L 36 5.87 35.03 14.18
N ARG L 37 5.63 35.88 13.19
CA ARG L 37 6.57 36.97 12.92
C ARG L 37 6.60 37.97 14.07
N ILE L 38 5.44 38.26 14.65
CA ILE L 38 5.31 39.26 15.71
C ILE L 38 5.32 38.51 17.03
N ASN L 39 6.49 38.39 17.65
CA ASN L 39 6.63 37.75 18.94
C ASN L 39 6.58 38.73 20.11
N SER L 40 6.60 40.03 19.83
CA SER L 40 6.61 41.04 20.89
C SER L 40 6.17 42.36 20.31
N ALA L 41 5.87 43.32 21.19
CA ALA L 41 5.49 44.65 20.75
C ALA L 41 6.63 45.40 20.10
N LYS L 42 7.88 44.99 20.35
CA LYS L 42 9.01 45.66 19.72
C LYS L 42 9.01 45.45 18.22
N ASP L 43 8.47 44.32 17.74
CA ASP L 43 8.49 44.04 16.31
C ASP L 43 7.65 45.06 15.53
N ASP L 44 6.33 44.98 15.66
CA ASP L 44 5.43 45.90 14.99
C ASP L 44 4.53 46.64 15.99
N ALA L 45 3.73 45.88 16.74
CA ALA L 45 2.77 46.29 17.75
C ALA L 45 1.54 46.99 17.15
N ALA L 46 1.64 47.49 15.93
CA ALA L 46 0.42 47.84 15.21
C ALA L 46 -0.17 46.59 14.58
N GLY L 47 0.69 45.79 13.95
CA GLY L 47 0.28 44.45 13.55
C GLY L 47 -0.16 43.63 14.73
N GLN L 48 0.49 43.80 15.88
CA GLN L 48 0.09 43.03 17.06
C GLN L 48 -1.26 43.50 17.58
N ALA L 49 -1.53 44.80 17.58
CA ALA L 49 -2.86 45.28 17.97
C ALA L 49 -3.93 44.75 17.04
N ILE L 50 -3.68 44.82 15.73
CA ILE L 50 -4.63 44.32 14.75
C ILE L 50 -4.85 42.82 14.94
N ALA L 51 -3.76 42.09 15.21
CA ALA L 51 -3.87 40.64 15.42
C ALA L 51 -4.67 40.32 16.66
N ASN L 52 -4.47 41.07 17.74
CA ASN L 52 -5.25 40.86 18.96
C ASN L 52 -6.73 41.06 18.70
N ARG L 53 -7.07 42.16 18.01
CA ARG L 53 -8.48 42.41 17.70
C ARG L 53 -9.05 41.33 16.77
N PHE L 54 -8.24 40.88 15.81
CA PHE L 54 -8.68 39.83 14.89
C PHE L 54 -8.95 38.53 15.64
N THR L 55 -8.07 38.17 16.58
CA THR L 55 -8.28 36.97 17.37
C THR L 55 -9.55 37.07 18.20
N SER L 56 -9.78 38.24 18.80
CA SER L 56 -11.00 38.44 19.57
C SER L 56 -12.23 38.26 18.68
N ASN L 57 -12.21 38.85 17.49
CA ASN L 57 -13.34 38.73 16.58
C ASN L 57 -13.56 37.28 16.16
N ILE L 58 -12.47 36.55 15.88
CA ILE L 58 -12.59 35.17 15.43
C ILE L 58 -13.22 34.31 16.52
N LYS L 59 -12.74 34.46 17.75
CA LYS L 59 -13.29 33.68 18.85
C LYS L 59 -14.75 34.03 19.10
N GLY L 60 -15.08 35.32 19.04
CA GLY L 60 -16.47 35.73 19.22
C GLY L 60 -17.39 35.16 18.17
N LEU L 61 -16.95 35.16 16.90
CA LEU L 61 -17.79 34.64 15.83
C LEU L 61 -17.99 33.13 15.96
N THR L 62 -16.92 32.41 16.32
CA THR L 62 -17.07 30.97 16.53
C THR L 62 -18.07 30.69 17.66
N GLN L 63 -17.95 31.43 18.76
CA GLN L 63 -18.88 31.22 19.87
C GLN L 63 -20.31 31.59 19.45
N ALA L 64 -20.46 32.61 18.61
CA ALA L 64 -21.79 33.00 18.14
C ALA L 64 -22.42 31.90 17.30
N ALA L 65 -21.63 31.28 16.42
CA ALA L 65 -22.16 30.17 15.64
C ALA L 65 -22.57 29.01 16.54
N ARG L 66 -21.75 28.71 17.55
CA ARG L 66 -22.11 27.67 18.51
C ARG L 66 -23.43 27.99 19.20
N ASN L 67 -23.63 29.25 19.57
CA ASN L 67 -24.89 29.66 20.18
C ASN L 67 -26.06 29.49 19.23
N ALA L 68 -25.86 29.86 17.96
CA ALA L 68 -26.95 29.78 16.98
C ALA L 68 -27.41 28.35 16.78
N ASN L 69 -26.48 27.39 16.83
CA ASN L 69 -26.88 25.99 16.72
C ASN L 69 -27.89 25.61 17.82
N ASP L 70 -27.73 26.18 19.01
CA ASP L 70 -28.67 25.89 20.09
C ASP L 70 -30.07 26.40 19.76
N GLY L 71 -30.16 27.60 19.17
CA GLY L 71 -31.46 28.11 18.76
C GLY L 71 -32.10 27.23 17.70
N ILE L 72 -31.28 26.72 16.78
CA ILE L 72 -31.80 25.77 15.79
C ILE L 72 -32.39 24.56 16.49
N SER L 73 -31.68 24.02 17.48
CA SER L 73 -32.18 22.86 18.21
C SER L 73 -33.49 23.16 18.94
N VAL L 74 -33.58 24.34 19.56
CA VAL L 74 -34.80 24.71 20.27
C VAL L 74 -35.97 24.75 19.31
N ALA L 75 -35.77 25.37 18.15
CA ALA L 75 -36.84 25.46 17.16
C ALA L 75 -37.25 24.07 16.68
N GLN L 76 -36.28 23.18 16.47
CA GLN L 76 -36.62 21.82 16.04
C GLN L 76 -37.48 21.11 17.07
N THR L 77 -37.10 21.19 18.36
CA THR L 77 -37.87 20.52 19.39
C THR L 77 -39.28 21.06 19.48
N THR L 78 -39.41 22.39 19.46
CA THR L 78 -40.74 23.00 19.53
C THR L 78 -41.58 22.60 18.33
N GLU L 79 -40.97 22.52 17.14
CA GLU L 79 -41.71 22.13 15.96
C GLU L 79 -42.20 20.69 16.04
N GLY L 80 -41.38 19.80 16.60
CA GLY L 80 -41.83 18.43 16.79
C GLY L 80 -43.05 18.35 17.71
N ALA L 81 -42.98 19.07 18.83
CA ALA L 81 -44.13 19.10 19.73
C ALA L 81 -45.37 19.65 19.03
N LEU L 82 -45.19 20.71 18.24
CA LEU L 82 -46.31 21.31 17.53
C LEU L 82 -46.90 20.34 16.51
N SER L 83 -46.05 19.56 15.84
CA SER L 83 -46.56 18.58 14.88
C SER L 83 -47.41 17.53 15.57
N GLU L 84 -46.97 17.07 16.74
CA GLU L 84 -47.79 16.09 17.47
C GLU L 84 -49.13 16.71 17.88
N ILE L 85 -49.12 17.96 18.34
CA ILE L 85 -50.37 18.63 18.69
C ILE L 85 -51.27 18.74 17.46
N ASN L 86 -50.68 19.02 16.30
CA ASN L 86 -51.45 19.11 15.07
C ASN L 86 -52.13 17.78 14.75
N ASN L 87 -51.40 16.67 14.90
CA ASN L 87 -52.01 15.37 14.66
C ASN L 87 -53.19 15.13 15.59
N ASN L 88 -53.02 15.47 16.87
CA ASN L 88 -54.12 15.30 17.82
C ASN L 88 -55.33 16.15 17.41
N LEU L 89 -55.09 17.39 17.00
CA LEU L 89 -56.18 18.26 16.57
C LEU L 89 -56.89 17.70 15.34
N GLN L 90 -56.13 17.14 14.40
CA GLN L 90 -56.72 16.54 13.22
C GLN L 90 -57.66 15.40 13.58
N ARG L 91 -57.21 14.53 14.50
CA ARG L 91 -58.07 13.42 14.89
C ARG L 91 -59.30 13.93 15.65
N VAL L 92 -59.14 14.98 16.45
CA VAL L 92 -60.29 15.56 17.14
C VAL L 92 -61.30 16.09 16.13
N ARG L 93 -60.81 16.72 15.06
CA ARG L 93 -61.71 17.22 14.02
C ARG L 93 -62.45 16.07 13.34
N GLU L 94 -61.75 14.98 13.04
CA GLU L 94 -62.42 13.83 12.44
C GLU L 94 -63.50 13.28 13.35
N LEU L 95 -63.19 13.20 14.65
CA LEU L 95 -64.19 12.70 15.61
C LEU L 95 -65.39 13.64 15.67
N THR L 96 -65.17 14.95 15.62
CA THR L 96 -66.29 15.89 15.60
C THR L 96 -67.15 15.71 14.37
N VAL L 97 -66.52 15.52 13.21
CA VAL L 97 -67.27 15.28 11.98
C VAL L 97 -68.12 14.02 12.13
N GLN L 98 -67.56 12.97 12.72
CA GLN L 98 -68.34 11.75 12.93
C GLN L 98 -69.48 11.98 13.93
N ALA L 99 -69.25 12.83 14.93
CA ALA L 99 -70.24 13.00 15.99
C ALA L 99 -71.41 13.88 15.58
N THR L 100 -71.19 14.83 14.67
CA THR L 100 -72.27 15.75 14.32
C THR L 100 -73.23 15.13 13.32
N THR L 101 -73.75 13.94 13.62
CA THR L 101 -74.70 13.25 12.77
C THR L 101 -75.87 12.78 13.61
N GLY L 102 -77.07 12.80 13.01
CA GLY L 102 -78.28 12.48 13.75
C GLY L 102 -78.48 11.01 14.05
N THR L 103 -77.78 10.11 13.35
CA THR L 103 -77.98 8.69 13.58
C THR L 103 -77.35 8.24 14.89
N ASN L 104 -76.38 8.98 15.40
CA ASN L 104 -75.70 8.61 16.64
C ASN L 104 -76.64 8.73 17.83
N SER L 105 -76.57 7.75 18.73
CA SER L 105 -77.34 7.77 19.96
C SER L 105 -76.57 8.55 21.03
N GLU L 106 -77.18 8.69 22.21
CA GLU L 106 -76.53 9.44 23.27
C GLU L 106 -75.30 8.72 23.81
N SER L 107 -75.31 7.39 23.84
CA SER L 107 -74.12 6.64 24.23
C SER L 107 -73.00 6.81 23.21
N ASP L 108 -73.38 6.91 21.93
CA ASP L 108 -72.40 7.15 20.88
C ASP L 108 -71.70 8.48 21.10
N LEU L 109 -72.48 9.52 21.37
CA LEU L 109 -71.91 10.83 21.65
C LEU L 109 -71.08 10.79 22.92
N SER L 110 -71.50 9.99 23.90
CA SER L 110 -70.71 9.86 25.12
C SER L 110 -69.33 9.28 24.83
N SER L 111 -69.29 8.22 24.02
CA SER L 111 -68.00 7.61 23.68
C SER L 111 -67.13 8.56 22.87
N ILE L 112 -67.72 9.24 21.88
CA ILE L 112 -66.95 10.19 21.08
C ILE L 112 -66.40 11.30 21.96
N GLN L 113 -67.22 11.82 22.88
CA GLN L 113 -66.77 12.89 23.75
C GLN L 113 -65.69 12.40 24.71
N ASP L 114 -65.80 11.14 25.17
CA ASP L 114 -64.74 10.58 26.01
C ASP L 114 -63.40 10.58 25.27
N GLU L 115 -63.41 10.08 24.02
CA GLU L 115 -62.15 10.06 23.26
C GLU L 115 -61.65 11.47 22.97
N ILE L 116 -62.56 12.39 22.65
CA ILE L 116 -62.17 13.76 22.36
C ILE L 116 -61.55 14.42 23.58
N LYS L 117 -62.16 14.21 24.75
CA LYS L 117 -61.61 14.76 25.99
C LYS L 117 -60.25 14.16 26.30
N SER L 118 -60.08 12.85 26.06
CA SER L 118 -58.78 12.25 26.27
C SER L 118 -57.72 12.88 25.38
N ARG L 119 -58.05 13.12 24.11
CA ARG L 119 -57.08 13.71 23.20
C ARG L 119 -56.78 15.16 23.55
N LEU L 120 -57.79 15.90 23.99
CA LEU L 120 -57.55 17.27 24.44
C LEU L 120 -56.67 17.29 25.68
N ASP L 121 -56.89 16.35 26.60
CA ASP L 121 -56.04 16.26 27.78
C ASP L 121 -54.60 15.92 27.39
N GLU L 122 -54.42 15.06 26.39
CA GLU L 122 -53.07 14.78 25.90
C GLU L 122 -52.44 16.02 25.27
N ILE L 123 -53.24 16.81 24.55
CA ILE L 123 -52.71 18.07 24.01
C ILE L 123 -52.21 18.96 25.14
N ASP L 124 -53.01 19.08 26.20
CA ASP L 124 -52.60 19.89 27.34
C ASP L 124 -51.34 19.33 27.99
N ARG L 125 -51.27 18.01 28.13
CA ARG L 125 -50.11 17.38 28.75
C ARG L 125 -48.85 17.63 27.95
N VAL L 126 -48.90 17.40 26.64
CA VAL L 126 -47.71 17.58 25.81
C VAL L 126 -47.32 19.05 25.75
N SER L 127 -48.29 19.96 25.81
CA SER L 127 -47.97 21.38 25.86
C SER L 127 -47.25 21.73 27.14
N GLY L 128 -47.80 21.33 28.29
CA GLY L 128 -47.20 21.71 29.55
C GLY L 128 -45.86 21.05 29.81
N GLN L 129 -45.72 19.78 29.43
CA GLN L 129 -44.57 18.99 29.86
C GLN L 129 -43.37 19.09 28.93
N THR L 130 -43.56 19.54 27.70
CA THR L 130 -42.44 19.62 26.75
C THR L 130 -41.50 20.73 27.18
N GLN L 131 -40.36 20.36 27.74
CA GLN L 131 -39.38 21.31 28.24
C GLN L 131 -38.03 21.02 27.61
N PHE L 132 -37.31 22.08 27.24
CA PHE L 132 -35.98 21.98 26.67
C PHE L 132 -35.01 22.76 27.54
N ASN L 133 -33.98 22.07 28.05
CA ASN L 133 -32.93 22.69 28.86
C ASN L 133 -33.54 23.50 30.01
N GLY L 134 -34.49 22.89 30.71
CA GLY L 134 -35.16 23.56 31.81
C GLY L 134 -35.98 24.77 31.39
N VAL L 135 -36.59 24.71 30.20
CA VAL L 135 -37.45 25.79 29.71
C VAL L 135 -38.69 25.16 29.11
N ASN L 136 -39.85 25.40 29.74
CA ASN L 136 -41.12 24.91 29.21
C ASN L 136 -41.54 25.86 28.09
N VAL L 137 -41.19 25.47 26.86
CA VAL L 137 -41.41 26.36 25.72
C VAL L 137 -42.90 26.61 25.48
N LEU L 138 -43.69 25.54 25.50
CA LEU L 138 -45.14 25.66 25.27
C LEU L 138 -45.92 25.79 26.57
N ALA L 139 -45.51 26.71 27.43
CA ALA L 139 -46.25 26.95 28.66
C ALA L 139 -46.40 28.42 29.00
N LYS L 140 -45.83 29.34 28.21
CA LYS L 140 -45.87 30.75 28.52
C LYS L 140 -45.44 31.58 27.31
N ASN L 141 -46.19 32.64 27.00
CA ASN L 141 -45.79 33.53 25.92
C ASN L 141 -44.50 34.24 26.29
N GLY L 142 -43.51 34.15 25.40
CA GLY L 142 -42.23 34.75 25.67
C GLY L 142 -41.38 34.79 24.42
N SER L 143 -40.13 35.22 24.62
CA SER L 143 -39.20 35.36 23.50
C SER L 143 -37.81 34.98 23.97
N MET L 144 -37.00 34.50 23.02
CA MET L 144 -35.62 34.15 23.26
C MET L 144 -34.71 34.98 22.37
N LYS L 145 -33.53 35.30 22.86
CA LYS L 145 -32.56 36.13 22.15
C LYS L 145 -31.30 35.31 21.94
N ILE L 146 -30.98 35.03 20.68
CA ILE L 146 -29.83 34.20 20.31
C ILE L 146 -28.68 35.11 19.92
N GLN L 147 -27.58 35.02 20.67
CA GLN L 147 -26.39 35.81 20.37
C GLN L 147 -25.71 35.26 19.13
N VAL L 148 -25.80 35.99 18.01
CA VAL L 148 -25.21 35.56 16.75
C VAL L 148 -24.17 36.57 16.25
N GLY L 149 -23.59 37.35 17.16
CA GLY L 149 -22.59 38.33 16.80
C GLY L 149 -21.48 38.37 17.83
N ALA L 150 -20.47 39.21 17.53
CA ALA L 150 -19.31 39.35 18.40
C ALA L 150 -19.49 40.45 19.42
N ASN L 151 -20.11 41.57 19.03
CA ASN L 151 -20.33 42.69 19.92
C ASN L 151 -21.63 42.47 20.70
N ASP L 152 -22.09 43.50 21.39
CA ASP L 152 -23.33 43.43 22.15
C ASP L 152 -24.54 43.79 21.30
N ASN L 153 -25.70 43.35 21.77
CA ASN L 153 -26.98 43.58 21.08
C ASN L 153 -26.93 43.05 19.65
N GLN L 154 -26.69 41.74 19.54
CA GLN L 154 -26.51 41.04 18.28
C GLN L 154 -27.43 39.84 18.22
N THR L 155 -28.69 40.03 18.60
CA THR L 155 -29.60 38.93 18.88
C THR L 155 -30.64 38.77 17.79
N ILE L 156 -30.97 37.53 17.48
CA ILE L 156 -32.13 37.18 16.65
C ILE L 156 -33.20 36.65 17.59
N THR L 157 -34.39 37.24 17.53
CA THR L 157 -35.44 36.97 18.50
C THR L 157 -36.31 35.81 18.04
N ILE L 158 -36.33 34.74 18.82
CA ILE L 158 -37.26 33.64 18.64
C ILE L 158 -38.49 33.92 19.48
N ASP L 159 -39.67 33.69 18.91
CA ASP L 159 -40.93 33.95 19.59
C ASP L 159 -41.58 32.63 20.00
N LEU L 160 -42.09 32.59 21.23
CA LEU L 160 -42.74 31.41 21.78
C LEU L 160 -44.13 31.78 22.25
N LYS L 161 -45.14 31.05 21.79
CA LYS L 161 -46.53 31.28 22.15
C LYS L 161 -47.03 30.12 22.99
N GLN L 162 -47.74 30.44 24.08
CA GLN L 162 -48.38 29.41 24.88
C GLN L 162 -49.49 28.72 24.08
N ILE L 163 -49.26 27.46 23.70
CA ILE L 163 -50.22 26.70 22.92
C ILE L 163 -50.86 25.69 23.87
N ASP L 164 -52.14 25.90 24.17
CA ASP L 164 -52.88 24.99 25.03
C ASP L 164 -54.37 25.20 24.77
N ALA L 165 -55.18 24.34 25.39
CA ALA L 165 -56.63 24.38 25.16
C ALA L 165 -57.22 25.73 25.50
N LYS L 166 -56.73 26.36 26.58
CA LYS L 166 -57.27 27.66 26.99
C LYS L 166 -56.97 28.72 25.95
N THR L 167 -55.77 28.72 25.38
CA THR L 167 -55.38 29.71 24.38
C THR L 167 -55.72 29.27 22.95
N LEU L 168 -56.50 28.21 22.81
CA LEU L 168 -56.96 27.77 21.49
C LEU L 168 -58.48 27.74 21.39
N GLY L 169 -59.20 28.10 22.45
CA GLY L 169 -60.65 28.07 22.46
C GLY L 169 -61.25 26.72 22.76
N LEU L 170 -60.44 25.67 22.88
CA LEU L 170 -60.94 24.33 23.17
C LEU L 170 -60.92 24.03 24.66
N ASP L 171 -61.49 24.92 25.45
CA ASP L 171 -61.64 24.73 26.89
C ASP L 171 -63.13 24.51 27.18
N GLY L 172 -63.49 23.26 27.46
CA GLY L 172 -64.88 22.88 27.56
C GLY L 172 -65.49 22.40 26.27
N PHE L 173 -64.69 22.08 25.26
CA PHE L 173 -65.19 21.61 23.98
C PHE L 173 -65.89 20.27 24.14
N SER L 174 -67.21 20.26 23.98
CA SER L 174 -67.99 19.05 24.18
C SER L 174 -69.00 18.90 23.05
N VAL L 175 -69.39 17.65 22.79
CA VAL L 175 -70.33 17.33 21.73
C VAL L 175 -71.48 16.51 22.30
N LYS L 176 -71.78 16.71 23.58
CA LYS L 176 -72.87 15.97 24.22
C LYS L 176 -73.46 16.84 25.34
N ASN L 177 -74.67 16.47 25.77
CA ASN L 177 -75.35 17.19 26.82
C ASN L 177 -75.13 16.53 28.18
N THR L 407 -71.58 22.57 22.59
CA THR L 407 -70.74 23.59 21.98
C THR L 407 -71.28 23.97 20.60
N THR L 408 -71.38 25.27 20.35
CA THR L 408 -71.87 25.77 19.07
C THR L 408 -70.73 25.96 18.08
N ASP L 409 -71.00 25.63 16.83
CA ASP L 409 -70.02 25.72 15.75
C ASP L 409 -68.68 25.07 16.12
N PRO L 410 -68.67 23.76 16.42
CA PRO L 410 -67.41 23.12 16.82
C PRO L 410 -66.36 23.09 15.74
N LEU L 411 -66.76 22.79 14.50
CA LEU L 411 -65.79 22.64 13.42
C LEU L 411 -65.09 23.94 13.11
N LYS L 412 -65.80 25.06 13.19
CA LYS L 412 -65.17 26.36 12.95
C LYS L 412 -64.10 26.64 13.99
N ALA L 413 -64.38 26.36 15.26
CA ALA L 413 -63.38 26.57 16.30
C ALA L 413 -62.19 25.64 16.11
N LEU L 414 -62.43 24.40 15.73
CA LEU L 414 -61.34 23.45 15.51
C LEU L 414 -60.45 23.92 14.36
N ASP L 415 -61.04 24.39 13.27
CA ASP L 415 -60.26 24.92 12.15
C ASP L 415 -59.48 26.15 12.59
N ASP L 416 -60.09 27.00 13.42
CA ASP L 416 -59.40 28.17 13.93
C ASP L 416 -58.17 27.78 14.73
N ALA L 417 -58.29 26.77 15.59
CA ALA L 417 -57.15 26.30 16.37
C ALA L 417 -56.06 25.73 15.47
N ILE L 418 -56.46 24.97 14.44
CA ILE L 418 -55.48 24.40 13.52
C ILE L 418 -54.71 25.50 12.81
N ALA L 419 -55.41 26.54 12.37
CA ALA L 419 -54.72 27.66 11.71
C ALA L 419 -53.83 28.41 12.68
N SER L 420 -54.26 28.54 13.94
CA SER L 420 -53.48 29.27 14.93
C SER L 420 -52.21 28.54 15.32
N VAL L 421 -52.20 27.21 15.24
CA VAL L 421 -50.94 26.50 15.48
C VAL L 421 -50.09 26.47 14.22
N ASP L 422 -50.72 26.47 13.04
CA ASP L 422 -49.95 26.50 11.80
C ASP L 422 -49.19 27.82 11.64
N LYS L 423 -49.77 28.93 12.11
CA LYS L 423 -49.07 30.21 12.08
C LYS L 423 -47.78 30.15 12.89
N PHE L 424 -47.86 29.59 14.10
CA PHE L 424 -46.69 29.46 14.94
C PHE L 424 -45.64 28.55 14.29
N ARG L 425 -46.10 27.45 13.67
CA ARG L 425 -45.16 26.56 13.01
C ARG L 425 -44.43 27.27 11.86
N SER L 426 -45.16 28.06 11.08
CA SER L 426 -44.54 28.81 9.98
C SER L 426 -43.52 29.81 10.51
N SER L 427 -43.86 30.50 11.61
CA SER L 427 -42.92 31.45 12.20
C SER L 427 -41.65 30.74 12.65
N LEU L 428 -41.80 29.56 13.27
CA LEU L 428 -40.64 28.80 13.70
C LEU L 428 -39.77 28.40 12.51
N GLY L 429 -40.39 27.95 11.43
CA GLY L 429 -39.62 27.59 10.24
C GLY L 429 -38.85 28.77 9.66
N ALA L 430 -39.49 29.94 9.62
CA ALA L 430 -38.80 31.13 9.14
C ALA L 430 -37.60 31.46 10.01
N VAL L 431 -37.77 31.35 11.33
CA VAL L 431 -36.65 31.61 12.23
C VAL L 431 -35.53 30.61 11.99
N GLN L 432 -35.88 29.34 11.75
CA GLN L 432 -34.86 28.33 11.47
C GLN L 432 -34.05 28.69 10.23
N ASN L 433 -34.74 29.08 9.16
CA ASN L 433 -34.03 29.43 7.93
C ASN L 433 -33.12 30.63 8.13
N ARG L 434 -33.63 31.67 8.79
CA ARG L 434 -32.81 32.84 9.07
C ARG L 434 -31.57 32.49 9.87
N LEU L 435 -31.74 31.66 10.91
CA LEU L 435 -30.62 31.33 11.78
C LEU L 435 -29.58 30.49 11.05
N ASP L 436 -30.02 29.57 10.18
CA ASP L 436 -29.07 28.80 9.38
C ASP L 436 -28.27 29.70 8.45
N SER L 437 -28.94 30.65 7.80
CA SER L 437 -28.21 31.60 6.95
C SER L 437 -27.20 32.39 7.77
N ALA L 438 -27.57 32.78 8.99
CA ALA L 438 -26.63 33.49 9.85
C ALA L 438 -25.42 32.63 10.18
N VAL L 439 -25.63 31.34 10.45
CA VAL L 439 -24.51 30.44 10.74
C VAL L 439 -23.56 30.38 9.55
N THR L 440 -24.12 30.24 8.35
CA THR L 440 -23.26 30.15 7.17
C THR L 440 -22.45 31.42 6.98
N ASN L 441 -23.09 32.58 7.15
CA ASN L 441 -22.38 33.84 7.00
C ASN L 441 -21.27 33.97 8.04
N LEU L 442 -21.55 33.55 9.28
CA LEU L 442 -20.54 33.60 10.33
C LEU L 442 -19.35 32.72 9.99
N ASN L 443 -19.61 31.53 9.45
CA ASN L 443 -18.50 30.65 9.05
C ASN L 443 -17.63 31.31 8.00
N ASN L 444 -18.25 31.89 6.97
CA ASN L 444 -17.47 32.54 5.92
C ASN L 444 -16.65 33.70 6.47
N THR L 445 -17.28 34.54 7.30
CA THR L 445 -16.56 35.68 7.85
C THR L 445 -15.41 35.24 8.75
N THR L 446 -15.62 34.19 9.54
CA THR L 446 -14.55 33.66 10.38
C THR L 446 -13.38 33.18 9.53
N THR L 447 -13.66 32.47 8.44
CA THR L 447 -12.58 32.00 7.57
C THR L 447 -11.79 33.18 7.00
N ASN L 448 -12.51 34.20 6.52
CA ASN L 448 -11.80 35.35 5.94
C ASN L 448 -10.95 36.07 6.98
N LEU L 449 -11.50 36.28 8.18
CA LEU L 449 -10.74 36.96 9.22
C LEU L 449 -9.52 36.15 9.64
N SER L 450 -9.67 34.83 9.72
CA SER L 450 -8.54 33.98 10.07
C SER L 450 -7.45 34.08 9.02
N GLU L 451 -7.82 34.10 7.73
CA GLU L 451 -6.81 34.18 6.69
C GLU L 451 -6.11 35.54 6.74
N ALA L 452 -6.85 36.60 7.03
CA ALA L 452 -6.21 37.92 7.17
C ALA L 452 -5.24 37.95 8.35
N GLN L 453 -5.65 37.38 9.49
CA GLN L 453 -4.76 37.32 10.64
C GLN L 453 -3.51 36.52 10.32
N SER L 454 -3.65 35.45 9.53
CA SER L 454 -2.49 34.71 9.08
C SER L 454 -1.58 35.58 8.21
N ARG L 455 -2.18 36.38 7.31
CA ARG L 455 -1.38 37.27 6.49
C ARG L 455 -0.67 38.35 7.29
N ILE L 456 -1.14 38.66 8.49
CA ILE L 456 -0.58 39.74 9.28
C ILE L 456 0.45 39.24 10.28
N GLN L 457 0.07 38.27 11.12
CA GLN L 457 0.90 37.89 12.26
C GLN L 457 1.87 36.75 11.97
N ASP L 458 1.57 35.90 10.99
CA ASP L 458 2.38 34.71 10.78
C ASP L 458 3.67 35.05 10.03
N ALA L 459 4.64 34.14 10.11
CA ALA L 459 5.95 34.32 9.51
C ALA L 459 6.12 33.41 8.31
N ASP L 460 6.99 33.84 7.38
CA ASP L 460 7.32 33.09 6.18
C ASP L 460 8.59 32.30 6.45
N TYR L 461 8.49 30.97 6.43
CA TYR L 461 9.58 30.13 6.89
C TYR L 461 10.79 30.19 5.97
N ALA L 462 10.59 30.34 4.65
CA ALA L 462 11.71 30.41 3.73
C ALA L 462 12.59 31.61 4.05
N THR L 463 11.98 32.78 4.24
CA THR L 463 12.73 33.98 4.58
C THR L 463 13.48 33.81 5.89
N GLU L 464 12.82 33.24 6.90
CA GLU L 464 13.46 33.05 8.20
C GLU L 464 14.64 32.10 8.09
N VAL L 465 14.50 31.03 7.32
CA VAL L 465 15.60 30.08 7.14
C VAL L 465 16.78 30.77 6.47
N SER L 466 16.51 31.54 5.41
CA SER L 466 17.58 32.23 4.72
C SER L 466 18.29 33.22 5.65
N ASN L 467 17.52 33.98 6.41
CA ASN L 467 18.13 34.95 7.34
C ASN L 467 18.94 34.25 8.41
N MET L 468 18.44 33.13 8.94
CA MET L 468 19.19 32.41 9.96
C MET L 468 20.50 31.87 9.42
N SER L 469 20.48 31.30 8.21
CA SER L 469 21.70 30.79 7.61
C SER L 469 22.70 31.93 7.36
N LYS L 470 22.21 33.05 6.84
CA LYS L 470 23.09 34.19 6.61
C LYS L 470 23.71 34.68 7.92
N ALA L 471 22.90 34.76 8.98
CA ALA L 471 23.41 35.20 10.27
C ALA L 471 24.47 34.26 10.80
N GLN L 472 24.26 32.95 10.65
CA GLN L 472 25.26 31.98 11.10
C GLN L 472 26.57 32.15 10.34
N ILE L 473 26.48 32.33 9.01
CA ILE L 473 27.69 32.53 8.22
C ILE L 473 28.41 33.79 8.66
N ILE L 474 27.66 34.87 8.90
CA ILE L 474 28.26 36.12 9.35
C ILE L 474 28.95 35.93 10.70
N GLN L 475 28.32 35.17 11.60
CA GLN L 475 28.91 34.96 12.92
C GLN L 475 30.23 34.20 12.81
N GLN L 476 30.27 33.13 12.01
CA GLN L 476 31.52 32.40 11.86
C GLN L 476 32.59 33.25 11.19
N ALA L 477 32.22 34.03 10.19
CA ALA L 477 33.19 34.92 9.54
C ALA L 477 33.75 35.93 10.54
N GLY L 478 32.89 36.52 11.36
CA GLY L 478 33.35 37.46 12.36
C GLY L 478 34.27 36.82 13.37
N ASN L 479 33.97 35.58 13.77
CA ASN L 479 34.85 34.87 14.70
C ASN L 479 36.23 34.66 14.10
N SER L 480 36.28 34.25 12.82
CA SER L 480 37.58 34.04 12.18
C SER L 480 38.36 35.35 12.08
N VAL L 481 37.68 36.43 11.68
CA VAL L 481 38.36 37.72 11.58
C VAL L 481 38.85 38.19 12.94
N LEU L 482 38.06 37.94 13.99
CA LEU L 482 38.48 38.31 15.33
C LEU L 482 39.72 37.53 15.75
N ALA L 483 39.76 36.23 15.44
CA ALA L 483 40.94 35.45 15.76
C ALA L 483 42.17 36.01 15.07
N LYS L 484 42.04 36.35 13.78
CA LYS L 484 43.17 36.94 13.06
C LYS L 484 43.57 38.29 13.65
N ALA L 485 42.58 39.09 14.04
CA ALA L 485 42.87 40.40 14.61
C ALA L 485 43.65 40.28 15.91
N ASN L 486 43.23 39.37 16.78
CA ASN L 486 44.01 39.13 18.01
C ASN L 486 45.36 38.51 17.71
N GLN L 487 45.50 37.81 16.59
CA GLN L 487 46.81 37.29 16.19
C GLN L 487 47.75 38.37 15.69
N VAL L 488 47.21 39.49 15.17
CA VAL L 488 48.05 40.52 14.57
C VAL L 488 49.14 41.06 15.50
N PRO L 489 48.85 41.47 16.74
CA PRO L 489 49.84 42.27 17.49
C PRO L 489 51.14 41.57 17.82
N GLN L 490 51.27 40.26 17.56
CA GLN L 490 52.42 39.52 18.06
C GLN L 490 53.74 39.94 17.45
N GLN L 491 53.74 40.67 16.33
CA GLN L 491 54.99 41.07 15.70
C GLN L 491 55.83 41.97 16.59
N VAL L 492 55.22 42.61 17.59
CA VAL L 492 56.01 43.45 18.50
C VAL L 492 56.99 42.61 19.29
N LEU L 493 56.63 41.36 19.62
CA LEU L 493 57.55 40.48 20.30
C LEU L 493 58.78 40.18 19.44
N SER L 494 58.57 39.94 18.15
CA SER L 494 59.69 39.75 17.24
C SER L 494 60.53 41.01 17.14
N LEU L 495 59.88 42.18 17.09
CA LEU L 495 60.62 43.43 17.06
C LEU L 495 61.53 43.57 18.28
N LEU L 496 60.99 43.29 19.46
CA LEU L 496 61.76 43.43 20.70
C LEU L 496 62.88 42.39 20.76
N GLN L 497 62.59 41.15 20.39
CA GLN L 497 63.58 40.09 20.49
C GLN L 497 64.76 40.33 19.56
N GLY L 498 64.49 40.80 18.34
CA GLY L 498 65.54 41.05 17.38
C GLY L 498 65.46 40.17 16.15
N GLN M 3 122.22 34.87 52.92
CA GLN M 3 122.52 35.52 51.65
C GLN M 3 122.97 34.50 50.63
N VAL M 4 123.02 33.25 51.08
CA VAL M 4 123.57 32.13 50.31
C VAL M 4 122.98 32.06 48.91
N ILE M 5 123.87 31.97 47.91
CA ILE M 5 123.50 31.85 46.51
C ILE M 5 123.95 30.50 45.93
N ASN M 6 124.29 29.56 46.81
CA ASN M 6 124.58 28.20 46.40
C ASN M 6 123.48 27.23 46.79
N THR M 7 122.51 27.69 47.60
CA THR M 7 121.32 26.93 47.94
C THR M 7 120.19 27.93 48.14
N ASN M 8 119.04 27.69 47.50
CA ASN M 8 117.94 28.65 47.43
C ASN M 8 116.66 27.94 47.91
N SER M 9 116.75 27.37 49.11
CA SER M 9 115.75 26.48 49.70
C SER M 9 114.30 26.93 49.46
N LEU M 10 114.07 28.23 49.37
CA LEU M 10 112.76 28.72 48.97
C LEU M 10 112.30 28.07 47.67
N SER M 11 113.20 27.99 46.68
CA SER M 11 112.86 27.33 45.42
C SER M 11 112.52 25.87 45.65
N LEU M 12 113.29 25.18 46.51
CA LEU M 12 113.01 23.78 46.77
C LEU M 12 111.63 23.60 47.37
N ILE M 13 111.26 24.46 48.33
CA ILE M 13 109.95 24.37 48.96
C ILE M 13 108.85 24.61 47.94
N THR M 14 109.02 25.62 47.09
CA THR M 14 107.99 25.93 46.10
C THR M 14 107.83 24.79 45.10
N GLN M 15 108.95 24.21 44.64
CA GLN M 15 108.87 23.08 43.73
C GLN M 15 108.21 21.88 44.40
N ASN M 16 108.49 21.66 45.69
CA ASN M 16 107.84 20.58 46.41
C ASN M 16 106.33 20.78 46.44
N ASN M 17 105.89 22.00 46.73
CA ASN M 17 104.45 22.27 46.76
C ASN M 17 103.82 22.06 45.39
N ILE M 18 104.50 22.51 44.34
CA ILE M 18 103.97 22.30 42.98
C ILE M 18 103.87 20.82 42.66
N ASN M 19 104.88 20.04 43.08
CA ASN M 19 104.84 18.60 42.88
C ASN M 19 103.65 17.99 43.61
N LYS M 20 103.36 18.48 44.82
CA LYS M 20 102.19 17.98 45.54
C LYS M 20 100.91 18.28 44.77
N ASN M 21 100.79 19.51 44.22
CA ASN M 21 99.56 19.88 43.54
C ASN M 21 99.38 19.15 42.21
N GLN M 22 100.50 18.72 41.61
CA GLN M 22 100.42 18.02 40.32
C GLN M 22 99.51 16.80 40.37
N SER M 23 99.61 16.03 41.45
CA SER M 23 98.80 14.81 41.56
C SER M 23 97.31 15.15 41.58
N ALA M 24 96.92 16.17 42.33
CA ALA M 24 95.51 16.57 42.38
C ALA M 24 95.03 17.03 41.01
N LEU M 25 95.84 17.83 40.31
CA LEU M 25 95.45 18.30 38.99
C LEU M 25 95.26 17.13 38.03
N SER M 26 96.21 16.20 38.02
CA SER M 26 96.13 15.05 37.12
C SER M 26 94.92 14.19 37.45
N SER M 27 94.66 13.97 38.74
CA SER M 27 93.51 13.16 39.13
C SER M 27 92.20 13.82 38.70
N SER M 28 92.10 15.14 38.86
CA SER M 28 90.90 15.84 38.43
C SER M 28 90.68 15.69 36.93
N ILE M 29 91.74 15.90 36.15
CA ILE M 29 91.61 15.79 34.69
C ILE M 29 91.23 14.37 34.29
N GLU M 30 91.88 13.38 34.90
CA GLU M 30 91.58 11.98 34.59
C GLU M 30 90.12 11.65 34.87
N ARG M 31 89.66 11.94 36.09
CA ARG M 31 88.29 11.59 36.46
C ARG M 31 87.28 12.33 35.60
N LEU M 32 87.55 13.58 35.27
CA LEU M 32 86.55 14.33 34.51
C LEU M 32 86.52 13.90 33.06
N SER M 33 87.66 13.52 32.48
CA SER M 33 87.67 13.05 31.10
C SER M 33 87.04 11.67 30.97
N SER M 34 87.42 10.75 31.87
CA SER M 34 86.93 9.38 31.74
C SER M 34 85.45 9.27 32.11
N GLY M 35 85.01 10.03 33.10
CA GLY M 35 83.65 9.95 33.58
C GLY M 35 83.43 8.99 34.73
N LEU M 36 84.44 8.19 35.08
CA LEU M 36 84.36 7.26 36.19
C LEU M 36 85.27 7.73 37.32
N ARG M 37 84.73 7.76 38.54
CA ARG M 37 85.54 8.17 39.68
C ARG M 37 86.67 7.17 39.94
N ILE M 38 86.38 5.88 39.81
CA ILE M 38 87.37 4.83 40.03
C ILE M 38 87.95 4.48 38.67
N ASN M 39 89.01 5.19 38.30
CA ASN M 39 89.70 4.94 37.04
C ASN M 39 90.83 3.93 37.17
N SER M 40 91.19 3.54 38.39
CA SER M 40 92.30 2.62 38.60
C SER M 40 92.14 1.97 39.97
N ALA M 41 92.91 0.90 40.18
CA ALA M 41 92.91 0.23 41.47
C ALA M 41 93.50 1.11 42.57
N LYS M 42 94.31 2.10 42.22
CA LYS M 42 94.89 2.97 43.23
C LYS M 42 93.81 3.80 43.93
N ASP M 43 92.71 4.10 43.25
CA ASP M 43 91.69 4.96 43.82
C ASP M 43 91.06 4.35 45.07
N ASP M 44 90.25 3.32 44.87
CA ASP M 44 89.64 2.60 45.98
C ASP M 44 89.96 1.11 45.94
N ALA M 45 89.58 0.45 44.85
CA ALA M 45 89.77 -0.97 44.53
C ALA M 45 88.88 -1.90 45.35
N ALA M 46 88.36 -1.42 46.48
CA ALA M 46 87.24 -2.13 47.09
C ALA M 46 85.95 -1.74 46.39
N GLY M 47 85.78 -0.44 46.16
CA GLY M 47 84.73 0.02 45.28
C GLY M 47 84.87 -0.57 43.88
N GLN M 48 86.11 -0.70 43.40
CA GLN M 48 86.31 -1.28 42.08
C GLN M 48 85.93 -2.77 42.05
N ALA M 49 86.29 -3.52 43.09
CA ALA M 49 85.90 -4.92 43.14
C ALA M 49 84.38 -5.07 43.20
N ILE M 50 83.73 -4.27 44.05
CA ILE M 50 82.27 -4.31 44.15
C ILE M 50 81.64 -3.91 42.83
N ALA M 51 82.22 -2.92 42.15
CA ALA M 51 81.69 -2.49 40.86
C ALA M 51 81.85 -3.56 39.80
N ASN M 52 82.99 -4.27 39.79
CA ASN M 52 83.17 -5.38 38.87
C ASN M 52 82.11 -6.45 39.09
N ARG M 53 81.87 -6.80 40.36
CA ARG M 53 80.85 -7.79 40.66
C ARG M 53 79.47 -7.29 40.24
N PHE M 54 79.21 -6.00 40.45
CA PHE M 54 77.92 -5.42 40.07
C PHE M 54 77.73 -5.50 38.55
N THR M 55 78.77 -5.16 37.79
CA THR M 55 78.68 -5.22 36.33
C THR M 55 78.42 -6.65 35.87
N SER M 56 79.13 -7.61 36.46
CA SER M 56 78.90 -9.01 36.13
C SER M 56 77.45 -9.39 36.40
N ASN M 57 76.91 -8.98 37.54
CA ASN M 57 75.54 -9.35 37.89
C ASN M 57 74.54 -8.71 36.93
N ILE M 58 74.74 -7.43 36.58
CA ILE M 58 73.80 -6.77 35.67
C ILE M 58 73.82 -7.43 34.31
N LYS M 59 75.01 -7.72 33.78
CA LYS M 59 75.09 -8.37 32.49
C LYS M 59 74.42 -9.75 32.53
N GLY M 60 74.67 -10.50 33.60
CA GLY M 60 74.04 -11.81 33.73
C GLY M 60 72.52 -11.73 33.77
N LEU M 61 71.98 -10.76 34.51
CA LEU M 61 70.53 -10.65 34.62
C LEU M 61 69.90 -10.20 33.30
N THR M 62 70.54 -9.28 32.59
CA THR M 62 70.04 -8.87 31.29
C THR M 62 70.00 -10.04 30.33
N GLN M 63 71.10 -10.82 30.29
CA GLN M 63 71.11 -11.99 29.43
C GLN M 63 70.07 -13.01 29.88
N ALA M 64 69.80 -13.10 31.19
CA ALA M 64 68.79 -14.01 31.67
C ALA M 64 67.41 -13.63 31.17
N ALA M 65 67.09 -12.33 31.19
CA ALA M 65 65.81 -11.89 30.63
C ALA M 65 65.73 -12.18 29.14
N ARG M 66 66.83 -11.95 28.42
CA ARG M 66 66.85 -12.27 26.99
C ARG M 66 66.57 -13.75 26.77
N ASN M 67 67.17 -14.62 27.58
CA ASN M 67 66.87 -16.04 27.50
C ASN M 67 65.41 -16.33 27.83
N ALA M 68 64.88 -15.61 28.82
CA ALA M 68 63.50 -15.85 29.25
C ALA M 68 62.51 -15.62 28.13
N ASN M 69 62.72 -14.58 27.33
CA ASN M 69 61.79 -14.31 26.23
C ASN M 69 61.61 -15.52 25.30
N ASP M 70 62.65 -16.33 25.15
CA ASP M 70 62.58 -17.48 24.26
C ASP M 70 61.54 -18.49 24.72
N GLY M 71 61.45 -18.71 26.04
CA GLY M 71 60.44 -19.62 26.56
C GLY M 71 59.03 -19.16 26.23
N ILE M 72 58.79 -17.85 26.32
CA ILE M 72 57.49 -17.30 25.94
C ILE M 72 57.21 -17.60 24.48
N SER M 73 58.22 -17.41 23.62
CA SER M 73 58.02 -17.69 22.20
C SER M 73 57.67 -19.17 21.97
N VAL M 74 58.41 -20.07 22.63
CA VAL M 74 58.16 -21.51 22.47
C VAL M 74 56.74 -21.84 22.90
N ALA M 75 56.33 -21.32 24.06
CA ALA M 75 55.00 -21.61 24.57
C ALA M 75 53.93 -21.09 23.63
N GLN M 76 54.13 -19.89 23.07
CA GLN M 76 53.16 -19.34 22.12
C GLN M 76 52.98 -20.25 20.91
N THR M 77 54.10 -20.66 20.31
CA THR M 77 54.02 -21.52 19.12
C THR M 77 53.33 -22.84 19.44
N THR M 78 53.73 -23.47 20.55
CA THR M 78 53.13 -24.74 20.92
C THR M 78 51.64 -24.57 21.21
N GLU M 79 51.26 -23.46 21.84
CA GLU M 79 49.85 -23.21 22.12
C GLU M 79 49.04 -23.07 20.84
N GLY M 80 49.59 -22.40 19.83
CA GLY M 80 48.90 -22.33 18.55
C GLY M 80 48.67 -23.70 17.95
N ALA M 81 49.71 -24.53 17.96
CA ALA M 81 49.56 -25.88 17.43
C ALA M 81 48.48 -26.66 18.21
N LEU M 82 48.49 -26.54 19.54
CA LEU M 82 47.51 -27.24 20.35
C LEU M 82 46.09 -26.74 20.05
N SER M 83 45.95 -25.44 19.79
CA SER M 83 44.64 -24.90 19.46
C SER M 83 44.11 -25.50 18.16
N GLU M 84 44.98 -25.63 17.15
CA GLU M 84 44.54 -26.26 15.91
C GLU M 84 44.14 -27.71 16.13
N ILE M 85 44.93 -28.44 16.92
CA ILE M 85 44.58 -29.83 17.23
C ILE M 85 43.23 -29.89 17.94
N ASN M 86 42.97 -28.94 18.84
CA ASN M 86 41.70 -28.90 19.56
C ASN M 86 40.54 -28.68 18.61
N ASN M 87 40.70 -27.77 17.64
CA ASN M 87 39.62 -27.53 16.68
C ASN M 87 39.32 -28.79 15.88
N ASN M 88 40.38 -29.48 15.43
CA ASN M 88 40.16 -30.72 14.69
C ASN M 88 39.45 -31.77 15.55
N LEU M 89 39.84 -31.88 16.83
CA LEU M 89 39.18 -32.83 17.72
C LEU M 89 37.71 -32.47 17.91
N GLN M 90 37.40 -31.19 18.02
CA GLN M 90 36.01 -30.77 18.16
C GLN M 90 35.19 -31.19 16.94
N ARG M 91 35.74 -30.96 15.75
CA ARG M 91 35.01 -31.38 14.55
C ARG M 91 34.85 -32.90 14.50
N VAL M 92 35.86 -33.64 14.96
CA VAL M 92 35.74 -35.09 15.00
C VAL M 92 34.62 -35.52 15.93
N ARG M 93 34.51 -34.85 17.09
CA ARG M 93 33.43 -35.17 18.02
C ARG M 93 32.07 -34.89 17.41
N GLU M 94 31.94 -33.76 16.71
CA GLU M 94 30.68 -33.46 16.04
C GLU M 94 30.35 -34.53 15.01
N LEU M 95 31.35 -34.99 14.26
CA LEU M 95 31.13 -36.03 13.26
C LEU M 95 30.67 -37.33 13.92
N THR M 96 31.28 -37.69 15.05
CA THR M 96 30.85 -38.90 15.75
C THR M 96 29.41 -38.77 16.25
N VAL M 97 29.05 -37.61 16.78
CA VAL M 97 27.68 -37.39 17.21
C VAL M 97 26.72 -37.57 16.02
N GLN M 98 27.09 -37.06 14.86
CA GLN M 98 26.25 -37.25 13.67
C GLN M 98 26.20 -38.70 13.24
N ALA M 99 27.30 -39.44 13.43
CA ALA M 99 27.40 -40.80 12.91
C ALA M 99 26.73 -41.84 13.80
N THR M 100 26.60 -41.58 15.10
CA THR M 100 26.02 -42.59 15.98
C THR M 100 24.50 -42.57 15.92
N THR M 101 23.93 -42.69 14.72
CA THR M 101 22.49 -42.68 14.53
C THR M 101 22.09 -43.81 13.60
N GLY M 102 20.90 -44.38 13.84
CA GLY M 102 20.43 -45.50 13.05
C GLY M 102 19.95 -45.15 11.66
N THR M 103 19.62 -43.88 11.42
CA THR M 103 19.15 -43.48 10.09
C THR M 103 20.26 -43.58 9.05
N ASN M 104 21.52 -43.37 9.46
CA ASN M 104 22.62 -43.40 8.51
C ASN M 104 22.77 -44.78 7.89
N SER M 105 22.99 -44.82 6.58
CA SER M 105 23.25 -46.06 5.88
C SER M 105 24.73 -46.39 5.93
N GLU M 106 25.13 -47.46 5.25
CA GLU M 106 26.52 -47.88 5.27
C GLU M 106 27.40 -46.90 4.49
N SER M 107 26.89 -46.37 3.38
CA SER M 107 27.65 -45.38 2.61
C SER M 107 27.86 -44.10 3.40
N ASP M 108 26.83 -43.68 4.14
CA ASP M 108 26.97 -42.49 4.98
C ASP M 108 28.03 -42.70 6.05
N LEU M 109 28.02 -43.88 6.68
CA LEU M 109 29.05 -44.19 7.67
C LEU M 109 30.43 -44.22 7.04
N SER M 110 30.53 -44.74 5.80
CA SER M 110 31.81 -44.77 5.11
C SER M 110 32.32 -43.35 4.87
N SER M 111 31.45 -42.46 4.43
CA SER M 111 31.88 -41.08 4.19
C SER M 111 32.29 -40.39 5.49
N ILE M 112 31.52 -40.60 6.55
CA ILE M 112 31.86 -40.01 7.84
C ILE M 112 33.21 -40.54 8.32
N GLN M 113 33.45 -41.84 8.16
CA GLN M 113 34.71 -42.42 8.59
C GLN M 113 35.86 -41.88 7.74
N ASP M 114 35.63 -41.67 6.44
CA ASP M 114 36.67 -41.09 5.59
C ASP M 114 37.06 -39.70 6.09
N GLU M 115 36.07 -38.86 6.37
CA GLU M 115 36.39 -37.51 6.83
C GLU M 115 37.05 -37.54 8.21
N ILE M 116 36.60 -38.43 9.10
CA ILE M 116 37.18 -38.54 10.42
C ILE M 116 38.63 -38.99 10.33
N LYS M 117 38.91 -39.98 9.47
CA LYS M 117 40.28 -40.44 9.28
C LYS M 117 41.15 -39.34 8.71
N SER M 118 40.61 -38.55 7.77
CA SER M 118 41.37 -37.44 7.22
C SER M 118 41.74 -36.44 8.30
N ARG M 119 40.79 -36.11 9.18
CA ARG M 119 41.08 -35.13 10.23
C ARG M 119 42.04 -35.70 11.27
N LEU M 120 41.93 -36.99 11.59
CA LEU M 120 42.88 -37.60 12.51
C LEU M 120 44.29 -37.61 11.92
N ASP M 121 44.40 -37.91 10.63
CA ASP M 121 45.71 -37.85 9.97
C ASP M 121 46.25 -36.42 9.98
N GLU M 122 45.38 -35.43 9.79
CA GLU M 122 45.81 -34.05 9.87
C GLU M 122 46.32 -33.71 11.27
N ILE M 123 45.63 -34.21 12.29
CA ILE M 123 46.09 -33.99 13.67
C ILE M 123 47.48 -34.58 13.86
N ASP M 124 47.68 -35.82 13.41
CA ASP M 124 48.98 -36.46 13.57
C ASP M 124 50.06 -35.70 12.80
N ARG M 125 49.73 -35.23 11.60
CA ARG M 125 50.68 -34.44 10.81
C ARG M 125 51.08 -33.17 11.53
N VAL M 126 50.09 -32.44 12.06
CA VAL M 126 50.39 -31.19 12.77
C VAL M 126 51.26 -31.47 13.99
N SER M 127 50.97 -32.59 14.68
CA SER M 127 51.79 -32.96 15.83
C SER M 127 53.22 -33.23 15.42
N GLY M 128 53.41 -34.04 14.37
CA GLY M 128 54.76 -34.43 13.99
C GLY M 128 55.58 -33.29 13.41
N GLN M 129 54.95 -32.44 12.60
CA GLN M 129 55.71 -31.50 11.77
C GLN M 129 55.99 -30.17 12.46
N THR M 130 55.19 -29.78 13.45
CA THR M 130 55.36 -28.48 14.10
C THR M 130 56.68 -28.47 14.86
N GLN M 131 57.66 -27.73 14.34
CA GLN M 131 59.00 -27.69 14.89
C GLN M 131 59.41 -26.25 15.16
N PHE M 132 60.14 -26.05 16.26
CA PHE M 132 60.64 -24.74 16.65
C PHE M 132 62.14 -24.83 16.90
N ASN M 133 62.91 -24.03 16.17
CA ASN M 133 64.35 -23.92 16.36
C ASN M 133 65.02 -25.29 16.36
N GLY M 134 64.62 -26.12 15.40
CA GLY M 134 65.17 -27.47 15.31
C GLY M 134 64.76 -28.39 16.42
N VAL M 135 63.61 -28.12 17.06
CA VAL M 135 63.10 -28.96 18.14
C VAL M 135 61.66 -29.32 17.81
N ASN M 136 61.39 -30.62 17.70
CA ASN M 136 60.03 -31.12 17.48
C ASN M 136 59.33 -31.15 18.83
N VAL M 137 58.62 -30.07 19.14
CA VAL M 137 58.04 -29.92 20.48
C VAL M 137 56.97 -30.98 20.72
N LEU M 138 56.07 -31.17 19.76
CA LEU M 138 54.96 -32.11 19.92
C LEU M 138 55.30 -33.48 19.31
N ALA M 139 56.42 -34.05 19.70
CA ALA M 139 56.79 -35.36 19.18
C ALA M 139 57.41 -36.28 20.22
N LYS M 140 57.64 -35.82 21.46
CA LYS M 140 58.32 -36.63 22.46
C LYS M 140 58.18 -35.98 23.81
N ASN M 141 57.90 -36.79 24.83
CA ASN M 141 57.89 -36.29 26.19
C ASN M 141 59.27 -35.77 26.58
N GLY M 142 59.31 -34.59 27.17
CA GLY M 142 60.59 -34.02 27.55
C GLY M 142 60.41 -32.85 28.50
N SER M 143 61.51 -32.12 28.68
CA SER M 143 61.52 -30.97 29.57
C SER M 143 62.51 -29.95 29.05
N MET M 144 62.20 -28.68 29.26
CA MET M 144 63.03 -27.57 28.79
C MET M 144 63.46 -26.73 29.98
N LYS M 145 64.72 -26.30 29.98
CA LYS M 145 65.30 -25.54 31.08
C LYS M 145 65.62 -24.13 30.58
N ILE M 146 64.95 -23.14 31.16
CA ILE M 146 65.13 -21.75 30.78
C ILE M 146 65.94 -21.05 31.87
N GLN M 147 67.12 -20.56 31.50
CA GLN M 147 67.98 -19.85 32.44
C GLN M 147 67.43 -18.45 32.68
N VAL M 148 66.90 -18.21 33.87
CA VAL M 148 66.32 -16.91 34.20
C VAL M 148 67.07 -16.30 35.39
N GLY M 149 68.34 -16.68 35.55
CA GLY M 149 69.15 -16.17 36.63
C GLY M 149 70.60 -16.01 36.22
N ALA M 150 71.40 -15.52 37.15
CA ALA M 150 72.80 -15.24 36.88
C ALA M 150 73.73 -16.39 37.30
N ASN M 151 73.39 -17.11 38.35
CA ASN M 151 74.23 -18.19 38.85
C ASN M 151 73.81 -19.52 38.21
N ASP M 152 74.32 -20.62 38.73
CA ASP M 152 73.95 -21.94 38.26
C ASP M 152 72.66 -22.40 38.93
N ASN M 153 71.93 -23.28 38.23
CA ASN M 153 70.67 -23.83 38.71
C ASN M 153 69.69 -22.71 39.07
N GLN M 154 69.42 -21.88 38.07
CA GLN M 154 68.57 -20.70 38.20
C GLN M 154 67.44 -20.76 37.19
N THR M 155 66.87 -21.94 37.01
CA THR M 155 66.09 -22.25 35.82
C THR M 155 64.61 -22.48 36.13
N ILE M 156 63.79 -22.26 35.11
CA ILE M 156 62.36 -22.59 35.13
C ILE M 156 62.13 -23.71 34.12
N THR M 157 61.45 -24.76 34.54
CA THR M 157 61.28 -25.97 33.73
C THR M 157 59.97 -25.92 32.96
N ILE M 158 60.04 -26.14 31.66
CA ILE M 158 58.87 -26.24 30.79
C ILE M 158 58.68 -27.70 30.41
N ASP M 159 57.45 -28.19 30.53
CA ASP M 159 57.13 -29.58 30.24
C ASP M 159 56.45 -29.69 28.89
N LEU M 160 56.81 -30.74 28.14
CA LEU M 160 56.24 -31.01 26.84
C LEU M 160 55.80 -32.47 26.78
N LYS M 161 54.57 -32.69 26.33
CA LYS M 161 53.99 -34.03 26.25
C LYS M 161 53.79 -34.41 24.79
N GLN M 162 54.18 -35.64 24.44
CA GLN M 162 53.93 -36.16 23.11
C GLN M 162 52.44 -36.35 22.89
N ILE M 163 51.86 -35.56 22.00
CA ILE M 163 50.43 -35.61 21.72
C ILE M 163 50.25 -36.03 20.26
N ASP M 164 49.63 -37.18 20.05
CA ASP M 164 49.31 -37.68 18.72
C ASP M 164 48.20 -38.71 18.87
N ALA M 165 47.89 -39.39 17.76
CA ALA M 165 46.80 -40.37 17.77
C ALA M 165 47.08 -41.48 18.77
N LYS M 166 48.31 -41.98 18.81
CA LYS M 166 48.64 -43.08 19.71
C LYS M 166 48.53 -42.65 21.17
N THR M 167 49.04 -41.46 21.50
CA THR M 167 49.09 -41.00 22.89
C THR M 167 47.82 -40.28 23.31
N LEU M 168 46.71 -40.49 22.61
CA LEU M 168 45.43 -39.92 22.99
C LEU M 168 44.32 -40.96 23.03
N GLY M 169 44.61 -42.22 22.71
CA GLY M 169 43.59 -43.24 22.62
C GLY M 169 42.89 -43.31 21.29
N LEU M 170 43.15 -42.37 20.39
CA LEU M 170 42.52 -42.33 19.07
C LEU M 170 43.38 -43.00 18.02
N ASP M 171 43.78 -44.24 18.28
CA ASP M 171 44.55 -45.05 17.34
C ASP M 171 43.67 -46.21 16.89
N GLY M 172 43.19 -46.14 15.65
CA GLY M 172 42.22 -47.09 15.17
C GLY M 172 40.78 -46.68 15.38
N PHE M 173 40.52 -45.43 15.74
CA PHE M 173 39.18 -44.94 16.00
C PHE M 173 38.32 -45.03 14.75
N SER M 174 37.31 -45.88 14.76
CA SER M 174 36.46 -46.08 13.59
C SER M 174 35.00 -46.11 14.02
N VAL M 175 34.12 -45.78 13.07
CA VAL M 175 32.69 -45.77 13.33
C VAL M 175 31.99 -46.67 12.31
N LYS M 176 32.70 -47.66 11.79
CA LYS M 176 32.14 -48.58 10.81
C LYS M 176 32.88 -49.90 10.89
N ASN M 177 32.30 -50.92 10.26
CA ASN M 177 32.88 -52.26 10.28
C ASN M 177 33.74 -52.51 9.04
N THR M 407 34.30 -49.09 17.09
CA THR M 407 34.91 -48.68 18.35
C THR M 407 33.86 -48.46 19.42
N THR M 408 34.04 -49.11 20.57
CA THR M 408 33.08 -49.00 21.66
C THR M 408 33.33 -47.73 22.47
N ASP M 409 32.24 -47.10 22.91
CA ASP M 409 32.28 -45.86 23.66
C ASP M 409 33.13 -44.79 22.98
N PRO M 410 32.77 -44.36 21.76
CA PRO M 410 33.60 -43.39 21.04
C PRO M 410 33.63 -42.03 21.70
N LEU M 411 32.45 -41.53 22.10
CA LEU M 411 32.34 -40.18 22.63
C LEU M 411 33.12 -40.04 23.94
N LYS M 412 33.13 -41.09 24.77
CA LYS M 412 33.90 -41.04 26.00
C LYS M 412 35.39 -40.88 25.72
N ALA M 413 35.90 -41.65 24.75
CA ALA M 413 37.32 -41.53 24.41
C ALA M 413 37.64 -40.15 23.83
N LEU M 414 36.74 -39.63 23.00
CA LEU M 414 36.98 -38.29 22.43
C LEU M 414 36.99 -37.22 23.52
N ASP M 415 36.06 -37.32 24.48
CA ASP M 415 36.06 -36.39 25.60
C ASP M 415 37.33 -36.53 26.43
N ASP M 416 37.82 -37.76 26.60
CA ASP M 416 39.07 -37.97 27.32
C ASP M 416 40.23 -37.30 26.60
N ALA M 417 40.26 -37.41 25.27
CA ALA M 417 41.33 -36.76 24.51
C ALA M 417 41.26 -35.25 24.66
N ILE M 418 40.06 -34.68 24.61
CA ILE M 418 39.91 -33.24 24.75
C ILE M 418 40.37 -32.79 26.14
N ALA M 419 39.99 -33.55 27.17
CA ALA M 419 40.36 -33.23 28.54
C ALA M 419 41.82 -33.53 28.82
N SER M 420 42.49 -34.27 27.94
CA SER M 420 43.94 -34.46 28.07
C SER M 420 44.73 -33.43 27.28
N VAL M 421 44.12 -32.79 26.29
CA VAL M 421 44.82 -31.76 25.52
C VAL M 421 44.69 -30.38 26.18
N ASP M 422 43.52 -30.08 26.76
CA ASP M 422 43.38 -28.79 27.42
C ASP M 422 44.24 -28.69 28.67
N LYS M 423 44.57 -29.83 29.29
CA LYS M 423 45.48 -29.82 30.43
C LYS M 423 46.85 -29.31 30.03
N PHE M 424 47.39 -29.83 28.93
CA PHE M 424 48.68 -29.35 28.44
C PHE M 424 48.60 -27.87 28.06
N ARG M 425 47.48 -27.47 27.45
CA ARG M 425 47.33 -26.05 27.10
C ARG M 425 47.39 -25.18 28.36
N SER M 426 46.68 -25.58 29.41
CA SER M 426 46.65 -24.81 30.64
C SER M 426 48.03 -24.76 31.30
N SER M 427 48.75 -25.88 31.26
CA SER M 427 50.11 -25.89 31.80
C SER M 427 51.00 -24.92 31.05
N LEU M 428 50.87 -24.88 29.72
CA LEU M 428 51.65 -23.93 28.93
C LEU M 428 51.31 -22.49 29.31
N GLY M 429 50.03 -22.19 29.48
CA GLY M 429 49.65 -20.84 29.89
C GLY M 429 50.21 -20.46 31.24
N ALA M 430 50.17 -21.40 32.19
CA ALA M 430 50.72 -21.13 33.51
C ALA M 430 52.22 -20.85 33.44
N VAL M 431 52.95 -21.63 32.63
CA VAL M 431 54.37 -21.38 32.45
C VAL M 431 54.60 -20.01 31.83
N GLN M 432 53.75 -19.62 30.88
CA GLN M 432 53.86 -18.30 30.26
C GLN M 432 53.75 -17.20 31.31
N ASN M 433 52.74 -17.29 32.17
CA ASN M 433 52.54 -16.27 33.19
C ASN M 433 53.72 -16.22 34.15
N ARG M 434 54.17 -17.39 34.60
CA ARG M 434 55.33 -17.47 35.48
C ARG M 434 56.54 -16.77 34.86
N LEU M 435 56.80 -17.06 33.59
CA LEU M 435 58.00 -16.54 32.94
C LEU M 435 57.90 -15.03 32.71
N ASP M 436 56.70 -14.53 32.41
CA ASP M 436 56.53 -13.09 32.28
C ASP M 436 56.78 -12.38 33.62
N SER M 437 56.28 -12.96 34.71
CA SER M 437 56.56 -12.40 36.03
C SER M 437 58.06 -12.39 36.30
N ALA M 438 58.75 -13.47 35.92
CA ALA M 438 60.20 -13.52 36.07
C ALA M 438 60.87 -12.40 35.27
N VAL M 439 60.39 -12.14 34.05
CA VAL M 439 60.98 -11.08 33.24
C VAL M 439 60.84 -9.73 33.94
N THR M 440 59.66 -9.46 34.48
CA THR M 440 59.46 -8.19 35.18
C THR M 440 60.39 -8.08 36.38
N ASN M 441 60.53 -9.16 37.15
CA ASN M 441 61.40 -9.14 38.32
C ASN M 441 62.85 -8.85 37.92
N LEU M 442 63.31 -9.53 36.87
CA LEU M 442 64.68 -9.30 36.40
C LEU M 442 64.88 -7.87 35.93
N ASN M 443 63.90 -7.30 35.24
CA ASN M 443 64.01 -5.91 34.81
C ASN M 443 64.20 -4.98 36.00
N ASN M 444 63.35 -5.13 37.02
CA ASN M 444 63.45 -4.24 38.18
C ASN M 444 64.78 -4.43 38.90
N THR M 445 65.22 -5.68 39.07
CA THR M 445 66.47 -5.94 39.77
C THR M 445 67.65 -5.36 39.00
N THR M 446 67.65 -5.50 37.68
CA THR M 446 68.71 -4.93 36.86
C THR M 446 68.76 -3.42 37.00
N THR M 447 67.59 -2.77 37.00
CA THR M 447 67.58 -1.31 37.18
C THR M 447 68.19 -0.92 38.52
N ASN M 448 67.79 -1.62 39.59
CA ASN M 448 68.31 -1.27 40.91
C ASN M 448 69.81 -1.49 41.00
N LEU M 449 70.30 -2.59 40.46
CA LEU M 449 71.74 -2.87 40.49
C LEU M 449 72.51 -1.83 39.69
N SER M 450 71.98 -1.43 38.54
CA SER M 450 72.63 -0.40 37.74
C SER M 450 72.70 0.91 38.52
N GLU M 451 71.63 1.26 39.22
CA GLU M 451 71.63 2.50 40.00
C GLU M 451 72.67 2.44 41.11
N ALA M 452 72.79 1.28 41.78
CA ALA M 452 73.80 1.15 42.82
C ALA M 452 75.21 1.25 42.26
N GLN M 453 75.46 0.61 41.12
CA GLN M 453 76.77 0.73 40.48
C GLN M 453 77.06 2.16 40.10
N SER M 454 76.03 2.91 39.68
CA SER M 454 76.20 4.32 39.41
C SER M 454 76.63 5.08 40.67
N ARG M 455 75.96 4.81 41.79
CA ARG M 455 76.35 5.51 43.01
C ARG M 455 77.71 5.07 43.55
N ILE M 456 78.27 3.98 43.05
CA ILE M 456 79.56 3.49 43.52
C ILE M 456 80.72 3.96 42.65
N GLN M 457 80.62 3.75 41.33
CA GLN M 457 81.77 3.94 40.45
C GLN M 457 81.77 5.27 39.71
N ASP M 458 80.62 5.92 39.54
CA ASP M 458 80.57 7.14 38.74
C ASP M 458 81.12 8.33 39.51
N ALA M 459 81.48 9.38 38.75
CA ALA M 459 82.01 10.60 39.31
C ALA M 459 81.03 11.75 39.11
N ASP M 460 81.04 12.70 40.05
CA ASP M 460 80.19 13.87 40.01
C ASP M 460 80.98 15.02 39.42
N TYR M 461 80.47 15.59 38.33
CA TYR M 461 81.30 16.52 37.54
C TYR M 461 81.47 17.86 38.21
N ALA M 462 80.51 18.30 39.04
CA ALA M 462 80.65 19.58 39.72
C ALA M 462 81.87 19.58 40.63
N THR M 463 82.02 18.54 41.44
CA THR M 463 83.18 18.42 42.31
C THR M 463 84.47 18.36 41.51
N GLU M 464 84.47 17.61 40.41
CA GLU M 464 85.67 17.49 39.59
C GLU M 464 86.06 18.83 38.98
N VAL M 465 85.08 19.60 38.51
CA VAL M 465 85.37 20.92 37.96
C VAL M 465 85.95 21.83 39.04
N SER M 466 85.37 21.81 40.24
CA SER M 466 85.89 22.64 41.31
C SER M 466 87.33 22.27 41.65
N ASN M 467 87.60 20.97 41.76
CA ASN M 467 88.96 20.53 42.08
C ASN M 467 89.94 20.89 40.97
N MET M 468 89.54 20.73 39.71
CA MET M 468 90.43 21.05 38.60
C MET M 468 90.76 22.54 38.58
N SER M 469 89.75 23.39 38.76
CA SER M 469 90.00 24.83 38.77
C SER M 469 90.90 25.21 39.94
N LYS M 470 90.64 24.62 41.12
CA LYS M 470 91.48 24.91 42.29
C LYS M 470 92.93 24.52 42.03
N ALA M 471 93.15 23.33 41.47
CA ALA M 471 94.50 22.87 41.21
C ALA M 471 95.19 23.76 40.19
N GLN M 472 94.46 24.19 39.14
CA GLN M 472 95.05 25.06 38.14
C GLN M 472 95.48 26.40 38.74
N ILE M 473 94.62 26.98 39.58
CA ILE M 473 94.97 28.26 40.19
C ILE M 473 96.17 28.09 41.11
N ILE M 474 96.21 27.00 41.88
CA ILE M 474 97.35 26.73 42.74
C ILE M 474 98.62 26.60 41.92
N GLN M 475 98.55 25.90 40.78
CA GLN M 475 99.73 25.73 39.94
C GLN M 475 100.24 27.07 39.43
N GLN M 476 99.34 27.91 38.93
CA GLN M 476 99.79 29.20 38.40
C GLN M 476 100.38 30.09 39.49
N ALA M 477 99.72 30.13 40.66
CA ALA M 477 100.24 30.92 41.76
C ALA M 477 101.62 30.43 42.19
N GLY M 478 101.79 29.10 42.28
CA GLY M 478 103.08 28.55 42.64
C GLY M 478 104.16 28.87 41.62
N ASN M 479 103.80 28.85 40.33
CA ASN M 479 104.77 29.19 39.30
C ASN M 479 105.23 30.64 39.44
N SER M 480 104.28 31.56 39.68
CA SER M 480 104.67 32.96 39.87
C SER M 480 105.55 33.12 41.11
N VAL M 481 105.19 32.46 42.20
CA VAL M 481 105.97 32.56 43.43
C VAL M 481 107.37 31.98 43.23
N LEU M 482 107.47 30.89 42.45
CA LEU M 482 108.77 30.30 42.16
C LEU M 482 109.63 31.25 41.35
N ALA M 483 109.03 31.93 40.37
CA ALA M 483 109.77 32.92 39.61
C ALA M 483 110.32 34.01 40.52
N LYS M 484 109.48 34.51 41.44
CA LYS M 484 109.97 35.51 42.39
C LYS M 484 111.09 34.96 43.27
N ALA M 485 110.95 33.71 43.72
CA ALA M 485 111.96 33.12 44.59
C ALA M 485 113.31 33.01 43.88
N ASN M 486 113.29 32.57 42.62
CA ASN M 486 114.54 32.53 41.86
C ASN M 486 115.07 33.93 41.57
N GLN M 487 114.18 34.93 41.52
CA GLN M 487 114.64 36.30 41.35
C GLN M 487 115.29 36.86 42.61
N VAL M 488 114.95 36.33 43.78
CA VAL M 488 115.45 36.90 45.04
C VAL M 488 116.97 36.99 45.10
N PRO M 489 117.75 35.94 44.81
CA PRO M 489 119.19 35.98 45.15
C PRO M 489 120.03 37.00 44.39
N GLN M 490 119.43 37.87 43.56
CA GLN M 490 120.24 38.78 42.74
C GLN M 490 120.97 39.84 43.55
N GLN M 491 120.53 40.13 44.77
CA GLN M 491 121.10 41.26 45.51
C GLN M 491 122.55 41.04 45.91
N VAL M 492 123.03 39.80 45.92
CA VAL M 492 124.43 39.57 46.27
C VAL M 492 125.34 40.13 45.19
N LEU M 493 124.92 40.07 43.93
CA LEU M 493 125.69 40.71 42.86
C LEU M 493 125.79 42.21 43.08
N SER M 494 124.69 42.84 43.50
CA SER M 494 124.73 44.27 43.82
C SER M 494 125.68 44.53 44.98
N LEU M 495 125.66 43.67 45.99
CA LEU M 495 126.58 43.81 47.11
C LEU M 495 128.03 43.77 46.63
N LEU M 496 128.36 42.80 45.78
CA LEU M 496 129.72 42.67 45.28
C LEU M 496 130.13 43.86 44.43
N GLN M 497 129.24 44.29 43.52
CA GLN M 497 129.59 45.35 42.58
C GLN M 497 129.85 46.67 43.31
N GLY M 498 129.01 47.00 44.29
CA GLY M 498 129.17 48.23 45.02
C GLY M 498 127.85 48.91 45.38
N GLN N 3 31.08 36.71 -4.29
CA GLN N 3 31.07 35.71 -3.23
C GLN N 3 30.30 36.25 -2.05
N VAL N 4 29.55 37.31 -2.32
CA VAL N 4 28.83 38.08 -1.31
C VAL N 4 28.00 37.20 -0.38
N ILE N 5 28.14 37.43 0.93
CA ILE N 5 27.36 36.72 1.93
C ILE N 5 26.42 37.67 2.67
N ASN N 6 26.24 38.88 2.14
CA ASN N 6 25.26 39.82 2.66
C ASN N 6 24.00 39.88 1.82
N THR N 7 23.98 39.17 0.68
CA THR N 7 22.83 39.09 -0.21
C THR N 7 22.87 37.74 -0.93
N ASN N 8 21.71 37.09 -1.00
CA ASN N 8 21.62 35.75 -1.57
C ASN N 8 20.67 35.76 -2.76
N SER N 9 20.86 36.70 -3.67
CA SER N 9 19.96 37.00 -4.79
C SER N 9 19.30 35.75 -5.39
N LEU N 10 20.05 34.66 -5.54
CA LEU N 10 19.48 33.42 -6.05
C LEU N 10 18.33 32.96 -5.16
N SER N 11 18.51 33.06 -3.84
CA SER N 11 17.42 32.70 -2.93
C SER N 11 16.21 33.61 -3.13
N LEU N 12 16.45 34.89 -3.38
CA LEU N 12 15.33 35.80 -3.64
C LEU N 12 14.58 35.40 -4.91
N ILE N 13 15.31 35.05 -5.97
CA ILE N 13 14.66 34.62 -7.20
C ILE N 13 13.84 33.36 -6.96
N THR N 14 14.40 32.39 -6.23
CA THR N 14 13.69 31.15 -5.98
C THR N 14 12.43 31.41 -5.13
N GLN N 15 12.55 32.28 -4.12
CA GLN N 15 11.40 32.61 -3.30
C GLN N 15 10.31 33.29 -4.12
N ASN N 16 10.70 34.20 -5.01
CA ASN N 16 9.72 34.85 -5.88
C ASN N 16 9.04 33.83 -6.78
N ASN N 17 9.80 32.87 -7.31
CA ASN N 17 9.22 31.84 -8.16
C ASN N 17 8.22 30.99 -7.39
N ILE N 18 8.55 30.62 -6.15
CA ILE N 18 7.64 29.81 -5.34
C ILE N 18 6.37 30.60 -5.03
N ASN N 19 6.53 31.87 -4.69
CA ASN N 19 5.36 32.71 -4.40
C ASN N 19 4.48 32.85 -5.64
N LYS N 20 5.10 32.96 -6.81
CA LYS N 20 4.33 32.98 -8.05
C LYS N 20 3.57 31.68 -8.25
N ASN N 21 4.21 30.55 -7.95
CA ASN N 21 3.56 29.25 -8.14
C ASN N 21 2.39 29.05 -7.18
N GLN N 22 2.48 29.63 -5.98
CA GLN N 22 1.47 29.38 -4.94
C GLN N 22 0.05 29.61 -5.44
N SER N 23 -0.15 30.64 -6.29
CA SER N 23 -1.50 31.00 -6.70
C SER N 23 -2.16 29.88 -7.49
N ALA N 24 -1.42 29.24 -8.40
CA ALA N 24 -2.01 28.16 -9.20
C ALA N 24 -2.44 26.99 -8.33
N LEU N 25 -1.59 26.60 -7.37
CA LEU N 25 -1.95 25.52 -6.47
C LEU N 25 -3.18 25.87 -5.65
N SER N 26 -3.24 27.09 -5.11
CA SER N 26 -4.38 27.50 -4.32
C SER N 26 -5.66 27.47 -5.15
N SER N 27 -5.59 27.99 -6.37
CA SER N 27 -6.76 28.02 -7.24
C SER N 27 -7.23 26.60 -7.58
N SER N 28 -6.28 25.71 -7.91
CA SER N 28 -6.66 24.35 -8.25
C SER N 28 -7.31 23.64 -7.07
N ILE N 29 -6.73 23.78 -5.88
CA ILE N 29 -7.31 23.12 -4.71
C ILE N 29 -8.70 23.66 -4.41
N GLU N 30 -8.87 24.99 -4.49
CA GLU N 30 -10.19 25.57 -4.24
C GLU N 30 -11.21 25.10 -5.26
N ARG N 31 -10.82 25.05 -6.53
CA ARG N 31 -11.75 24.63 -7.58
C ARG N 31 -12.15 23.17 -7.40
N LEU N 32 -11.20 22.30 -7.06
CA LEU N 32 -11.52 20.91 -6.79
C LEU N 32 -12.44 20.78 -5.58
N SER N 33 -12.17 21.54 -4.52
CA SER N 33 -12.97 21.40 -3.30
C SER N 33 -14.40 21.86 -3.52
N SER N 34 -14.58 23.05 -4.08
CA SER N 34 -15.93 23.58 -4.25
C SER N 34 -16.67 22.88 -5.38
N GLY N 35 -15.97 22.60 -6.49
CA GLY N 35 -16.59 22.07 -7.67
C GLY N 35 -17.01 23.10 -8.69
N LEU N 36 -16.87 24.39 -8.37
CA LEU N 36 -17.23 25.48 -9.26
C LEU N 36 -15.96 26.15 -9.77
N ARG N 37 -15.93 26.44 -11.06
CA ARG N 37 -14.78 27.17 -11.61
C ARG N 37 -14.81 28.63 -11.20
N ILE N 38 -16.00 29.21 -11.04
CA ILE N 38 -16.16 30.59 -10.62
C ILE N 38 -16.43 30.57 -9.12
N ASN N 39 -15.37 30.74 -8.33
CA ASN N 39 -15.48 30.79 -6.87
C ASN N 39 -15.50 32.21 -6.32
N SER N 40 -15.13 33.20 -7.13
CA SER N 40 -15.10 34.58 -6.67
C SER N 40 -15.17 35.50 -7.88
N ALA N 41 -15.44 36.77 -7.62
CA ALA N 41 -15.53 37.74 -8.71
C ALA N 41 -14.19 37.93 -9.41
N LYS N 42 -13.08 37.67 -8.71
CA LYS N 42 -11.78 37.83 -9.33
C LYS N 42 -11.58 36.86 -10.49
N ASP N 43 -12.24 35.71 -10.45
CA ASP N 43 -12.07 34.71 -11.50
C ASP N 43 -12.57 35.23 -12.84
N ASP N 44 -13.89 35.37 -12.99
CA ASP N 44 -14.49 35.92 -14.20
C ASP N 44 -15.36 37.14 -13.90
N ALA N 45 -16.39 36.95 -13.08
CA ALA N 45 -17.42 37.90 -12.66
C ALA N 45 -18.36 38.27 -13.78
N ALA N 46 -17.96 38.09 -15.04
CA ALA N 46 -18.95 38.08 -16.11
C ALA N 46 -19.66 36.75 -16.14
N GLY N 47 -18.89 35.67 -16.08
CA GLY N 47 -19.47 34.36 -15.88
C GLY N 47 -20.26 34.28 -14.59
N GLN N 48 -19.77 34.95 -13.54
CA GLN N 48 -20.49 34.92 -12.26
C GLN N 48 -21.81 35.67 -12.35
N ALA N 49 -21.83 36.84 -13.01
CA ALA N 49 -23.09 37.56 -13.16
C ALA N 49 -24.09 36.75 -14.00
N ILE N 50 -23.61 36.18 -15.12
CA ILE N 50 -24.49 35.38 -15.96
C ILE N 50 -25.00 34.16 -15.20
N ALA N 51 -24.13 33.54 -14.39
CA ALA N 51 -24.54 32.38 -13.60
C ALA N 51 -25.57 32.76 -12.55
N ASN N 52 -25.42 33.94 -11.93
CA ASN N 52 -26.42 34.40 -10.96
C ASN N 52 -27.77 34.56 -11.63
N ARG N 53 -27.80 35.19 -12.81
CA ARG N 53 -29.07 35.34 -13.53
C ARG N 53 -29.63 33.98 -13.93
N PHE N 54 -28.76 33.06 -14.34
CA PHE N 54 -29.21 31.72 -14.72
C PHE N 54 -29.84 30.99 -13.54
N THR N 55 -29.23 31.10 -12.36
CA THR N 55 -29.78 30.46 -11.16
C THR N 55 -31.14 31.06 -10.82
N SER N 56 -31.26 32.39 -10.92
CA SER N 56 -32.55 33.03 -10.69
C SER N 56 -33.61 32.49 -11.65
N ASN N 57 -33.25 32.37 -12.93
CA ASN N 57 -34.20 31.86 -13.91
C ASN N 57 -34.60 30.42 -13.60
N ILE N 58 -33.63 29.58 -13.22
CA ILE N 58 -33.94 28.18 -12.92
C ILE N 58 -34.92 28.08 -11.77
N LYS N 59 -34.64 28.81 -10.67
CA LYS N 59 -35.52 28.74 -9.51
C LYS N 59 -36.91 29.27 -9.86
N GLY N 60 -36.98 30.37 -10.61
CA GLY N 60 -38.27 30.91 -10.99
C GLY N 60 -39.09 29.95 -11.84
N LEU N 61 -38.43 29.29 -12.81
CA LEU N 61 -39.17 28.37 -13.68
C LEU N 61 -39.65 27.14 -12.91
N THR N 62 -38.81 26.61 -12.01
CA THR N 62 -39.24 25.48 -11.21
C THR N 62 -40.46 25.85 -10.35
N GLN N 63 -40.40 27.02 -9.71
CA GLN N 63 -41.54 27.45 -8.91
C GLN N 63 -42.78 27.68 -9.78
N ALA N 64 -42.59 28.17 -11.01
CA ALA N 64 -43.73 28.38 -11.89
C ALA N 64 -44.40 27.08 -12.26
N ALA N 65 -43.62 26.04 -12.54
CA ALA N 65 -44.22 24.73 -12.83
C ALA N 65 -44.97 24.21 -11.61
N ARG N 66 -44.38 24.37 -10.42
CA ARG N 66 -45.08 23.97 -9.20
C ARG N 66 -46.40 24.70 -9.05
N ASN N 67 -46.42 25.99 -9.39
CA ASN N 67 -47.67 26.75 -9.35
C ASN N 67 -48.69 26.21 -10.34
N ALA N 68 -48.25 25.91 -11.56
CA ALA N 68 -49.17 25.44 -12.60
C ALA N 68 -49.84 24.13 -12.19
N ASN N 69 -49.12 23.28 -11.46
CA ASN N 69 -49.75 22.05 -10.97
C ASN N 69 -51.00 22.35 -10.15
N ASP N 70 -50.95 23.43 -9.35
CA ASP N 70 -52.11 23.79 -8.53
C ASP N 70 -53.31 24.15 -9.39
N GLY N 71 -53.09 24.93 -10.47
CA GLY N 71 -54.19 25.25 -11.36
C GLY N 71 -54.78 24.02 -12.00
N ILE N 72 -53.93 23.05 -12.38
CA ILE N 72 -54.43 21.80 -12.92
C ILE N 72 -55.34 21.12 -11.90
N SER N 73 -54.92 21.10 -10.64
CA SER N 73 -55.74 20.47 -9.59
C SER N 73 -57.08 21.17 -9.44
N VAL N 74 -57.07 22.52 -9.46
CA VAL N 74 -58.32 23.27 -9.33
C VAL N 74 -59.28 22.90 -10.45
N ALA N 75 -58.77 22.86 -11.68
CA ALA N 75 -59.61 22.53 -12.82
C ALA N 75 -60.16 21.12 -12.69
N GLN N 76 -59.35 20.17 -12.22
CA GLN N 76 -59.83 18.80 -12.04
C GLN N 76 -60.99 18.74 -11.05
N THR N 77 -60.83 19.41 -9.90
CA THR N 77 -61.88 19.38 -8.88
C THR N 77 -63.17 19.99 -9.42
N THR N 78 -63.07 21.14 -10.08
CA THR N 78 -64.26 21.78 -10.62
C THR N 78 -64.92 20.90 -11.67
N GLU N 79 -64.12 20.21 -12.49
CA GLU N 79 -64.68 19.31 -13.49
C GLU N 79 -65.46 18.16 -12.83
N GLY N 80 -64.93 17.59 -11.75
CA GLY N 80 -65.66 16.53 -11.06
C GLY N 80 -67.00 17.01 -10.54
N ALA N 81 -67.00 18.19 -9.91
CA ALA N 81 -68.27 18.74 -9.43
C ALA N 81 -69.25 18.95 -10.58
N LEU N 82 -68.76 19.47 -11.70
CA LEU N 82 -69.63 19.70 -12.85
C LEU N 82 -70.17 18.40 -13.39
N SER N 83 -69.37 17.32 -13.37
CA SER N 83 -69.87 16.03 -13.83
C SER N 83 -71.02 15.54 -12.97
N GLU N 84 -70.90 15.69 -11.64
CA GLU N 84 -72.01 15.30 -10.78
C GLU N 84 -73.26 16.14 -11.07
N ILE N 85 -73.08 17.44 -11.26
CA ILE N 85 -74.22 18.30 -11.59
C ILE N 85 -74.87 17.86 -12.89
N ASN N 86 -74.05 17.46 -13.86
CA ASN N 86 -74.57 16.99 -15.15
C ASN N 86 -75.41 15.74 -14.98
N ASN N 87 -74.93 14.80 -14.16
CA ASN N 87 -75.71 13.59 -13.92
C ASN N 87 -77.06 13.93 -13.30
N ASN N 88 -77.07 14.83 -12.32
CA ASN N 88 -78.34 15.21 -11.69
C ASN N 88 -79.27 15.87 -12.69
N LEU N 89 -78.73 16.73 -13.56
CA LEU N 89 -79.56 17.37 -14.58
C LEU N 89 -80.15 16.35 -15.55
N GLN N 90 -79.35 15.35 -15.93
CA GLN N 90 -79.86 14.30 -16.81
C GLN N 90 -81.02 13.56 -16.16
N ARG N 91 -80.89 13.21 -14.89
CA ARG N 91 -81.98 12.52 -14.22
C ARG N 91 -83.21 13.40 -14.12
N VAL N 92 -83.02 14.70 -13.88
CA VAL N 92 -84.15 15.61 -13.82
C VAL N 92 -84.86 15.67 -15.17
N ARG N 93 -84.11 15.68 -16.26
CA ARG N 93 -84.72 15.68 -17.58
C ARG N 93 -85.54 14.41 -17.81
N GLU N 94 -84.99 13.27 -17.41
CA GLU N 94 -85.74 12.02 -17.54
C GLU N 94 -87.03 12.08 -16.73
N LEU N 95 -86.96 12.63 -15.52
CA LEU N 95 -88.15 12.75 -14.69
C LEU N 95 -89.20 13.65 -15.33
N THR N 96 -88.76 14.76 -15.94
CA THR N 96 -89.71 15.63 -16.63
C THR N 96 -90.37 14.92 -17.80
N VAL N 97 -89.59 14.16 -18.57
CA VAL N 97 -90.15 13.39 -19.67
C VAL N 97 -91.21 12.42 -19.14
N GLN N 98 -90.93 11.77 -18.01
CA GLN N 98 -91.91 10.86 -17.44
C GLN N 98 -93.14 11.60 -16.93
N ALA N 99 -92.96 12.82 -16.42
CA ALA N 99 -94.07 13.54 -15.80
C ALA N 99 -95.01 14.17 -16.81
N THR N 100 -94.50 14.58 -17.97
CA THR N 100 -95.35 15.28 -18.92
C THR N 100 -96.22 14.32 -19.72
N THR N 101 -96.97 13.46 -19.02
CA THR N 101 -97.84 12.48 -19.66
C THR N 101 -99.25 12.62 -19.10
N GLY N 102 -100.25 12.36 -19.95
CA GLY N 102 -101.63 12.51 -19.55
C GLY N 102 -102.16 11.42 -18.64
N THR N 103 -101.53 10.24 -18.64
CA THR N 103 -102.01 9.15 -17.80
C THR N 103 -101.74 9.41 -16.32
N ASN N 104 -100.69 10.17 -16.02
CA ASN N 104 -100.35 10.43 -14.62
C ASN N 104 -101.43 11.25 -13.93
N SER N 105 -101.74 10.85 -12.70
CA SER N 105 -102.72 11.57 -11.88
C SER N 105 -102.03 12.71 -11.16
N GLU N 106 -102.73 13.34 -10.21
CA GLU N 106 -102.15 14.45 -9.47
C GLU N 106 -101.15 13.98 -8.43
N SER N 107 -101.42 12.84 -7.79
CA SER N 107 -100.49 12.31 -6.79
C SER N 107 -99.18 11.89 -7.43
N ASP N 108 -99.25 11.29 -8.62
CA ASP N 108 -98.04 10.90 -9.33
C ASP N 108 -97.21 12.13 -9.68
N LEU N 109 -97.86 13.19 -10.15
CA LEU N 109 -97.17 14.44 -10.42
C LEU N 109 -96.55 15.02 -9.16
N SER N 110 -97.26 14.89 -8.03
CA SER N 110 -96.73 15.38 -6.77
C SER N 110 -95.46 14.64 -6.39
N SER N 111 -95.46 13.32 -6.53
CA SER N 111 -94.28 12.53 -6.20
C SER N 111 -93.11 12.87 -7.13
N ILE N 112 -93.39 12.99 -8.43
CA ILE N 112 -92.34 13.33 -9.39
C ILE N 112 -91.76 14.70 -9.06
N GLN N 113 -92.62 15.66 -8.74
CA GLN N 113 -92.13 17.00 -8.40
C GLN N 113 -91.33 16.97 -7.11
N ASP N 114 -91.73 16.13 -6.15
CA ASP N 114 -90.95 15.98 -4.92
C ASP N 114 -89.54 15.51 -5.24
N GLU N 115 -89.41 14.47 -6.06
CA GLU N 115 -88.08 13.97 -6.40
C GLU N 115 -87.29 15.01 -7.20
N ILE N 116 -87.95 15.71 -8.12
CA ILE N 116 -87.27 16.73 -8.92
C ILE N 116 -86.75 17.85 -8.03
N LYS N 117 -87.58 18.31 -7.09
CA LYS N 117 -87.16 19.36 -6.17
C LYS N 117 -86.01 18.89 -5.31
N SER N 118 -86.04 17.62 -4.86
CA SER N 118 -84.93 17.10 -4.09
C SER N 118 -83.64 17.13 -4.88
N ARG N 119 -83.68 16.72 -6.15
CA ARG N 119 -82.47 16.70 -6.96
C ARG N 119 -81.98 18.11 -7.28
N LEU N 120 -82.90 19.04 -7.52
CA LEU N 120 -82.50 20.43 -7.73
C LEU N 120 -81.86 21.01 -6.48
N ASP N 121 -82.42 20.68 -5.31
CA ASP N 121 -81.82 21.11 -4.06
C ASP N 121 -80.42 20.52 -3.89
N GLU N 122 -80.24 19.27 -4.30
CA GLU N 122 -78.90 18.67 -4.25
C GLU N 122 -77.94 19.39 -5.19
N ILE N 123 -78.41 19.77 -6.38
CA ILE N 123 -77.57 20.53 -7.30
C ILE N 123 -77.14 21.85 -6.67
N ASP N 124 -78.10 22.56 -6.08
CA ASP N 124 -77.77 23.83 -5.42
C ASP N 124 -76.80 23.62 -4.26
N ARG N 125 -77.00 22.54 -3.50
CA ARG N 125 -76.15 22.24 -2.35
C ARG N 125 -74.72 21.97 -2.79
N VAL N 126 -74.54 21.13 -3.80
CA VAL N 126 -73.19 20.80 -4.26
C VAL N 126 -72.53 22.02 -4.88
N SER N 127 -73.32 22.86 -5.58
CA SER N 127 -72.78 24.10 -6.11
C SER N 127 -72.27 25.00 -5.00
N GLY N 128 -73.06 25.18 -3.95
CA GLY N 128 -72.67 26.06 -2.87
C GLY N 128 -71.48 25.54 -2.08
N GLN N 129 -71.45 24.25 -1.79
CA GLN N 129 -70.51 23.71 -0.82
C GLN N 129 -69.14 23.37 -1.41
N THR N 130 -69.02 23.28 -2.73
CA THR N 130 -67.77 22.86 -3.36
C THR N 130 -66.71 23.91 -3.09
N GLN N 131 -65.78 23.60 -2.19
CA GLN N 131 -64.78 24.55 -1.72
C GLN N 131 -63.39 23.95 -1.91
N PHE N 132 -62.52 24.68 -2.59
CA PHE N 132 -61.14 24.27 -2.81
C PHE N 132 -60.21 25.30 -2.18
N ASN N 133 -59.39 24.86 -1.22
CA ASN N 133 -58.42 25.72 -0.55
C ASN N 133 -59.09 26.99 -0.02
N GLY N 134 -60.23 26.80 0.63
CA GLY N 134 -60.98 27.92 1.15
C GLY N 134 -61.53 28.84 0.09
N VAL N 135 -61.89 28.31 -1.08
CA VAL N 135 -62.48 29.09 -2.15
C VAL N 135 -63.65 28.30 -2.72
N ASN N 136 -64.83 28.92 -2.75
CA ASN N 136 -66.02 28.30 -3.33
C ASN N 136 -65.98 28.56 -4.83
N VAL N 137 -65.55 27.55 -5.59
CA VAL N 137 -65.34 27.74 -7.03
C VAL N 137 -66.67 27.98 -7.75
N LEU N 138 -67.66 27.13 -7.48
CA LEU N 138 -68.96 27.25 -8.14
C LEU N 138 -69.96 28.01 -7.29
N ALA N 139 -69.61 29.23 -6.87
CA ALA N 139 -70.53 30.06 -6.12
C ALA N 139 -70.50 31.53 -6.54
N LYS N 140 -69.60 31.92 -7.45
CA LYS N 140 -69.48 33.30 -7.87
C LYS N 140 -68.63 33.41 -9.12
N ASN N 141 -69.06 34.24 -10.07
CA ASN N 141 -68.27 34.48 -11.27
C ASN N 141 -66.95 35.15 -10.90
N GLY N 142 -65.85 34.61 -11.43
CA GLY N 142 -64.56 35.16 -11.12
C GLY N 142 -63.50 34.61 -12.04
N SER N 143 -62.24 34.83 -11.64
CA SER N 143 -61.12 34.38 -12.44
C SER N 143 -59.91 34.22 -11.54
N MET N 144 -59.10 33.19 -11.83
CA MET N 144 -57.85 32.94 -11.13
C MET N 144 -56.69 33.07 -12.11
N LYS N 145 -55.60 33.64 -11.65
CA LYS N 145 -54.41 33.86 -12.47
C LYS N 145 -53.29 32.98 -11.94
N ILE N 146 -52.76 32.11 -12.79
CA ILE N 146 -51.74 31.14 -12.41
C ILE N 146 -50.38 31.65 -12.87
N GLN N 147 -49.49 31.90 -11.91
CA GLN N 147 -48.14 32.34 -12.23
C GLN N 147 -47.35 31.20 -12.85
N VAL N 148 -47.12 31.28 -14.16
CA VAL N 148 -46.41 30.22 -14.87
C VAL N 148 -45.16 30.78 -15.54
N GLY N 149 -44.58 31.82 -14.96
CA GLY N 149 -43.38 32.41 -15.51
C GLY N 149 -42.48 32.93 -14.40
N ALA N 150 -41.36 33.52 -14.82
CA ALA N 150 -40.36 34.04 -13.89
C ALA N 150 -40.51 35.53 -13.63
N ASN N 151 -40.86 36.32 -14.65
CA ASN N 151 -41.02 37.75 -14.49
C ASN N 151 -42.42 38.05 -13.95
N ASP N 152 -42.82 39.32 -13.98
CA ASP N 152 -44.16 39.71 -13.60
C ASP N 152 -45.11 39.60 -14.78
N ASN N 153 -46.40 39.47 -14.46
CA ASN N 153 -47.47 39.33 -15.46
C ASN N 153 -47.19 38.12 -16.37
N GLN N 154 -47.16 36.96 -15.75
CA GLN N 154 -46.89 35.69 -16.41
C GLN N 154 -48.02 34.70 -16.15
N THR N 155 -49.26 35.19 -16.23
CA THR N 155 -50.42 34.47 -15.72
C THR N 155 -51.25 33.87 -16.83
N ILE N 156 -51.74 32.65 -16.59
CA ILE N 156 -52.78 32.03 -17.40
C ILE N 156 -54.07 32.11 -16.62
N THR N 157 -55.11 32.69 -17.22
CA THR N 157 -56.33 33.01 -16.52
C THR N 157 -57.29 31.83 -16.57
N ILE N 158 -57.68 31.35 -15.40
CA ILE N 158 -58.72 30.33 -15.28
C ILE N 158 -60.03 31.03 -14.97
N ASP N 159 -61.09 30.61 -15.66
CA ASP N 159 -62.40 31.24 -15.52
C ASP N 159 -63.31 30.34 -14.69
N LEU N 160 -64.12 30.96 -13.83
CA LEU N 160 -65.06 30.26 -12.98
C LEU N 160 -66.42 30.94 -13.10
N LYS N 161 -67.45 30.16 -13.41
CA LYS N 161 -68.80 30.67 -13.58
C LYS N 161 -69.69 30.15 -12.46
N GLN N 162 -70.50 31.03 -11.89
CA GLN N 162 -71.48 30.62 -10.89
C GLN N 162 -72.51 29.70 -11.51
N ILE N 163 -72.49 28.43 -11.16
CA ILE N 163 -73.39 27.43 -11.70
C ILE N 163 -74.31 26.99 -10.57
N ASP N 164 -75.58 27.38 -10.66
CA ASP N 164 -76.58 27.00 -9.67
C ASP N 164 -77.96 27.14 -10.30
N ALA N 165 -79.00 26.90 -9.50
CA ALA N 165 -80.36 26.93 -10.02
C ALA N 165 -80.72 28.29 -10.60
N LYS N 166 -80.35 29.36 -9.90
CA LYS N 166 -80.71 30.70 -10.35
C LYS N 166 -80.02 31.05 -11.66
N THR N 167 -78.74 30.70 -11.79
CA THR N 167 -77.98 31.00 -13.00
C THR N 167 -78.14 29.95 -14.09
N LEU N 168 -79.16 29.09 -13.98
CA LEU N 168 -79.46 28.11 -15.01
C LEU N 168 -80.90 28.13 -15.46
N GLY N 169 -81.73 29.01 -14.87
CA GLY N 169 -83.13 29.08 -15.20
C GLY N 169 -84.02 28.14 -14.40
N LEU N 170 -83.44 27.27 -13.59
CA LEU N 170 -84.22 26.33 -12.79
C LEU N 170 -84.53 26.89 -11.41
N ASP N 171 -85.09 28.09 -11.38
CA ASP N 171 -85.49 28.76 -10.14
C ASP N 171 -87.02 28.80 -10.12
N GLY N 172 -87.61 27.83 -9.42
CA GLY N 172 -89.04 27.63 -9.45
C GLY N 172 -89.51 26.58 -10.41
N PHE N 173 -88.61 25.71 -10.89
CA PHE N 173 -88.97 24.66 -11.83
C PHE N 173 -89.93 23.69 -11.18
N SER N 174 -91.17 23.65 -11.67
CA SER N 174 -92.20 22.77 -11.13
C SER N 174 -92.95 22.10 -12.27
N VAL N 175 -93.51 20.93 -11.97
CA VAL N 175 -94.29 20.17 -12.95
C VAL N 175 -95.66 19.88 -12.39
N LYS N 176 -96.12 20.70 -11.45
CA LYS N 176 -97.44 20.54 -10.86
C LYS N 176 -97.97 21.90 -10.44
N ASN N 177 -99.28 21.98 -10.29
CA ASN N 177 -99.93 23.23 -9.91
C ASN N 177 -99.99 23.38 -8.40
N THR N 407 -94.71 25.14 -15.11
CA THR N 407 -93.58 25.69 -15.85
C THR N 407 -93.73 25.44 -17.34
N THR N 408 -93.77 26.51 -18.12
CA THR N 408 -93.92 26.38 -19.57
C THR N 408 -92.60 26.01 -20.21
N ASP N 409 -92.67 25.10 -21.19
CA ASP N 409 -91.50 24.60 -21.91
C ASP N 409 -90.39 24.14 -20.97
N PRO N 410 -90.65 23.13 -20.13
CA PRO N 410 -89.60 22.70 -19.19
C PRO N 410 -88.40 22.07 -19.87
N LEU N 411 -88.65 21.23 -20.87
CA LEU N 411 -87.55 20.48 -21.50
C LEU N 411 -86.58 21.40 -22.22
N LYS N 412 -87.10 22.47 -22.84
CA LYS N 412 -86.22 23.43 -23.50
C LYS N 412 -85.28 24.08 -22.51
N ALA N 413 -85.80 24.51 -21.35
CA ALA N 413 -84.97 25.12 -20.33
C ALA N 413 -83.94 24.14 -19.79
N LEU N 414 -84.35 22.88 -19.60
CA LEU N 414 -83.41 21.87 -19.10
C LEU N 414 -82.28 21.64 -20.10
N ASP N 415 -82.62 21.55 -21.40
CA ASP N 415 -81.60 21.39 -22.41
C ASP N 415 -80.65 22.59 -22.45
N ASP N 416 -81.22 23.79 -22.29
CA ASP N 416 -80.38 24.99 -22.27
C ASP N 416 -79.41 24.96 -21.09
N ALA N 417 -79.89 24.54 -19.92
CA ALA N 417 -79.01 24.44 -18.75
C ALA N 417 -77.90 23.42 -18.97
N ILE N 418 -78.25 22.27 -19.58
CA ILE N 418 -77.25 21.25 -19.84
C ILE N 418 -76.18 21.78 -20.79
N ALA N 419 -76.59 22.51 -21.82
CA ALA N 419 -75.60 23.08 -22.73
C ALA N 419 -74.76 24.15 -22.05
N SER N 420 -75.36 24.90 -21.12
CA SER N 420 -74.62 25.94 -20.43
C SER N 420 -73.57 25.37 -19.49
N VAL N 421 -73.83 24.23 -18.87
CA VAL N 421 -72.79 23.61 -18.05
C VAL N 421 -71.75 22.91 -18.93
N ASP N 422 -72.17 22.39 -20.08
CA ASP N 422 -71.21 21.76 -20.99
C ASP N 422 -70.20 22.78 -21.53
N LYS N 423 -70.64 24.02 -21.76
CA LYS N 423 -69.72 25.06 -22.20
C LYS N 423 -68.61 25.30 -21.18
N PHE N 424 -68.99 25.40 -19.90
CA PHE N 424 -68.00 25.62 -18.85
C PHE N 424 -67.07 24.42 -18.73
N ARG N 425 -67.61 23.21 -18.87
CA ARG N 425 -66.75 22.02 -18.83
C ARG N 425 -65.72 22.04 -19.96
N SER N 426 -66.16 22.42 -21.16
CA SER N 426 -65.23 22.50 -22.29
C SER N 426 -64.15 23.54 -22.05
N SER N 427 -64.53 24.69 -21.49
CA SER N 427 -63.54 25.72 -21.18
C SER N 427 -62.51 25.20 -20.17
N LEU N 428 -62.98 24.47 -19.15
CA LEU N 428 -62.07 23.92 -18.15
C LEU N 428 -61.09 22.93 -18.79
N GLY N 429 -61.58 22.06 -19.67
CA GLY N 429 -60.69 21.13 -20.35
C GLY N 429 -59.66 21.85 -21.20
N ALA N 430 -60.08 22.93 -21.87
CA ALA N 430 -59.14 23.72 -22.67
C ALA N 430 -58.04 24.29 -21.79
N VAL N 431 -58.41 24.83 -20.63
CA VAL N 431 -57.41 25.40 -19.73
C VAL N 431 -56.47 24.33 -19.23
N GLN N 432 -57.00 23.13 -18.94
CA GLN N 432 -56.15 22.04 -18.47
C GLN N 432 -55.10 21.68 -19.51
N ASN N 433 -55.52 21.54 -20.77
CA ASN N 433 -54.56 21.19 -21.81
C ASN N 433 -53.50 22.27 -21.98
N ARG N 434 -53.93 23.53 -22.00
CA ARG N 434 -52.97 24.63 -22.13
C ARG N 434 -51.95 24.61 -20.99
N LEU N 435 -52.43 24.42 -19.77
CA LEU N 435 -51.54 24.47 -18.61
C LEU N 435 -50.56 23.30 -18.61
N ASP N 436 -51.02 22.12 -19.03
CA ASP N 436 -50.12 20.97 -19.11
C ASP N 436 -49.01 21.24 -20.14
N SER N 437 -49.38 21.80 -21.29
CA SER N 437 -48.37 22.15 -22.29
C SER N 437 -47.37 23.15 -21.71
N ALA N 438 -47.87 24.12 -20.94
CA ALA N 438 -46.99 25.09 -20.31
C ALA N 438 -46.01 24.42 -19.36
N VAL N 439 -46.48 23.45 -18.57
CA VAL N 439 -45.58 22.74 -17.66
C VAL N 439 -44.49 22.02 -18.42
N THR N 440 -44.87 21.34 -19.51
CA THR N 440 -43.86 20.63 -20.29
C THR N 440 -42.80 21.58 -20.85
N ASN N 441 -43.25 22.72 -21.39
CA ASN N 441 -42.31 23.70 -21.92
C ASN N 441 -41.39 24.23 -20.82
N LEU N 442 -41.95 24.47 -19.63
CA LEU N 442 -41.13 24.97 -18.52
C LEU N 442 -40.07 23.94 -18.13
N ASN N 443 -40.44 22.65 -18.11
CA ASN N 443 -39.46 21.62 -17.79
C ASN N 443 -38.32 21.62 -18.81
N ASN N 444 -38.65 21.68 -20.09
CA ASN N 444 -37.62 21.68 -21.12
C ASN N 444 -36.70 22.89 -20.99
N THR N 445 -37.29 24.07 -20.79
CA THR N 445 -36.49 25.29 -20.68
C THR N 445 -35.59 25.24 -19.44
N THR N 446 -36.12 24.74 -18.33
CA THR N 446 -35.31 24.61 -17.12
C THR N 446 -34.12 23.69 -17.36
N THR N 447 -34.34 22.56 -18.01
CA THR N 447 -33.23 21.64 -18.27
C THR N 447 -32.17 22.31 -19.14
N ASN N 448 -32.58 23.00 -20.20
CA ASN N 448 -31.62 23.65 -21.08
C ASN N 448 -30.84 24.73 -20.36
N LEU N 449 -31.52 25.55 -19.55
CA LEU N 449 -30.82 26.63 -18.85
C LEU N 449 -29.86 26.07 -17.81
N SER N 450 -30.27 25.02 -17.09
CA SER N 450 -29.36 24.41 -16.13
C SER N 450 -28.12 23.88 -16.81
N GLU N 451 -28.28 23.25 -17.97
CA GLU N 451 -27.12 22.67 -18.64
C GLU N 451 -26.20 23.77 -19.18
N ALA N 452 -26.77 24.88 -19.63
CA ALA N 452 -25.93 26.02 -19.99
C ALA N 452 -25.17 26.54 -18.78
N GLN N 453 -25.84 26.64 -17.64
CA GLN N 453 -25.17 27.09 -16.43
C GLN N 453 -24.04 26.14 -16.06
N SER N 454 -24.24 24.85 -16.30
CA SER N 454 -23.14 23.90 -16.15
C SER N 454 -22.00 24.21 -17.10
N ARG N 455 -22.32 24.59 -18.34
CA ARG N 455 -21.20 24.92 -19.23
C ARG N 455 -20.51 26.20 -18.82
N ILE N 456 -21.12 27.05 -17.99
CA ILE N 456 -20.57 28.37 -17.69
C ILE N 456 -19.81 28.38 -16.37
N GLN N 457 -20.42 27.87 -15.30
CA GLN N 457 -19.86 28.03 -13.97
C GLN N 457 -19.13 26.79 -13.45
N ASP N 458 -19.42 25.61 -13.97
CA ASP N 458 -18.86 24.40 -13.40
C ASP N 458 -17.43 24.19 -13.89
N ALA N 459 -16.70 23.33 -13.18
CA ALA N 459 -15.30 23.04 -13.46
C ALA N 459 -15.15 21.63 -14.03
N ASP N 460 -14.07 21.46 -14.80
CA ASP N 460 -13.74 20.18 -15.42
C ASP N 460 -12.63 19.54 -14.61
N TYR N 461 -12.94 18.41 -13.96
CA TYR N 461 -12.04 17.88 -12.94
C TYR N 461 -10.73 17.35 -13.52
N ALA N 462 -10.74 16.88 -14.76
CA ALA N 462 -9.49 16.38 -15.34
C ALA N 462 -8.43 17.47 -15.40
N THR N 463 -8.80 18.64 -15.94
CA THR N 463 -7.87 19.75 -16.05
C THR N 463 -7.41 20.20 -14.68
N GLU N 464 -8.34 20.28 -13.72
CA GLU N 464 -7.98 20.75 -12.38
C GLU N 464 -7.03 19.77 -11.69
N VAL N 465 -7.26 18.47 -11.85
CA VAL N 465 -6.35 17.49 -11.27
C VAL N 465 -4.98 17.60 -11.88
N SER N 466 -4.91 17.75 -13.21
CA SER N 466 -3.60 17.90 -13.85
C SER N 466 -2.89 19.15 -13.36
N ASN N 467 -3.61 20.26 -13.26
CA ASN N 467 -2.99 21.50 -12.78
C ASN N 467 -2.52 21.37 -11.33
N MET N 468 -3.32 20.70 -10.48
CA MET N 468 -2.92 20.51 -9.10
C MET N 468 -1.65 19.66 -9.00
N SER N 469 -1.58 18.59 -9.78
CA SER N 469 -0.37 17.76 -9.76
C SER N 469 0.84 18.55 -10.23
N LYS N 470 0.69 19.31 -11.31
CA LYS N 470 1.79 20.12 -11.80
C LYS N 470 2.23 21.15 -10.76
N ALA N 471 1.27 21.77 -10.08
CA ALA N 471 1.61 22.75 -9.05
C ALA N 471 2.35 22.10 -7.89
N GLN N 472 1.93 20.90 -7.47
CA GLN N 472 2.63 20.21 -6.40
C GLN N 472 4.07 19.89 -6.78
N ILE N 473 4.26 19.38 -8.00
CA ILE N 473 5.61 19.06 -8.46
C ILE N 473 6.46 20.34 -8.51
N ILE N 474 5.88 21.43 -9.01
CA ILE N 474 6.62 22.68 -9.11
C ILE N 474 6.99 23.19 -7.73
N GLN N 475 6.08 23.07 -6.76
CA GLN N 475 6.38 23.52 -5.41
C GLN N 475 7.52 22.74 -4.80
N GLN N 476 7.51 21.41 -4.94
CA GLN N 476 8.59 20.62 -4.37
C GLN N 476 9.91 20.91 -5.07
N ALA N 477 9.88 21.07 -6.39
CA ALA N 477 11.10 21.43 -7.11
C ALA N 477 11.65 22.77 -6.64
N GLY N 478 10.77 23.75 -6.46
CA GLY N 478 11.20 25.05 -5.98
C GLY N 478 11.79 24.97 -4.59
N ASN N 479 11.22 24.13 -3.73
CA ASN N 479 11.78 23.96 -2.39
C ASN N 479 13.20 23.38 -2.46
N SER N 480 13.39 22.38 -3.32
CA SER N 480 14.73 21.79 -3.46
C SER N 480 15.73 22.83 -3.98
N VAL N 481 15.33 23.59 -5.00
CA VAL N 481 16.23 24.60 -5.55
C VAL N 481 16.52 25.68 -4.52
N LEU N 482 15.54 26.02 -3.68
CA LEU N 482 15.78 27.01 -2.63
C LEU N 482 16.80 26.48 -1.63
N ALA N 483 16.68 25.21 -1.25
CA ALA N 483 17.66 24.63 -0.33
C ALA N 483 19.07 24.68 -0.93
N LYS N 484 19.18 24.34 -2.22
CA LYS N 484 20.47 24.40 -2.88
C LYS N 484 21.02 25.83 -2.92
N ALA N 485 20.15 26.81 -3.20
CA ALA N 485 20.58 28.20 -3.28
C ALA N 485 21.08 28.68 -1.93
N ASN N 486 20.38 28.32 -0.84
CA ASN N 486 20.88 28.70 0.49
C ASN N 486 22.16 27.97 0.83
N GLN N 487 22.37 26.78 0.27
CA GLN N 487 23.62 26.06 0.51
C GLN N 487 24.79 26.65 -0.27
N VAL N 488 24.52 27.36 -1.36
CA VAL N 488 25.61 27.90 -2.19
C VAL N 488 26.59 28.76 -1.41
N PRO N 489 26.18 29.76 -0.60
CA PRO N 489 27.15 30.70 -0.02
C PRO N 489 28.14 30.09 0.96
N GLN N 490 28.11 28.79 1.22
CA GLN N 490 29.00 28.22 2.24
C GLN N 490 30.46 28.25 1.84
N GLN N 491 30.77 28.36 0.54
CA GLN N 491 32.17 28.32 0.11
C GLN N 491 33.00 29.47 0.65
N VAL N 492 32.36 30.57 1.05
CA VAL N 492 33.10 31.68 1.63
C VAL N 492 33.73 31.28 2.95
N LEU N 493 33.06 30.41 3.70
CA LEU N 493 33.67 29.87 4.92
C LEU N 493 34.94 29.10 4.59
N SER N 494 34.91 28.29 3.53
CA SER N 494 36.11 27.58 3.11
C SER N 494 37.21 28.56 2.69
N LEU N 495 36.82 29.65 2.03
CA LEU N 495 37.78 30.70 1.69
C LEU N 495 38.44 31.24 2.95
N LEU N 496 37.64 31.52 3.97
CA LEU N 496 38.16 32.17 5.17
C LEU N 496 39.06 31.24 5.97
N GLN N 497 38.62 30.00 6.20
CA GLN N 497 39.42 29.08 7.00
C GLN N 497 40.76 28.78 6.33
N GLY N 498 40.75 28.57 5.02
CA GLY N 498 41.97 28.28 4.29
C GLY N 498 42.09 26.83 3.88
N GLN O 3 -16.41 16.57 -17.07
CA GLN O 3 -16.39 15.58 -16.01
C GLN O 3 -17.19 16.09 -14.82
N VAL O 4 -17.95 17.14 -15.08
CA VAL O 4 -18.69 17.90 -14.08
C VAL O 4 -19.50 16.99 -13.15
N ILE O 5 -19.36 17.20 -11.85
CA ILE O 5 -20.14 16.48 -10.84
C ILE O 5 -21.05 17.42 -10.06
N ASN O 6 -21.20 18.66 -10.51
CA ASN O 6 -22.20 19.57 -9.97
C ASN O 6 -23.48 19.58 -10.80
N THR O 7 -23.47 18.93 -11.96
CA THR O 7 -24.63 18.87 -12.85
C THR O 7 -24.58 17.54 -13.61
N ASN O 8 -25.73 16.91 -13.76
CA ASN O 8 -25.86 15.58 -14.36
C ASN O 8 -26.88 15.61 -15.49
N SER O 9 -26.68 16.56 -16.42
CA SER O 9 -27.60 16.85 -17.53
C SER O 9 -28.26 15.61 -18.11
N LEU O 10 -27.49 14.53 -18.30
CA LEU O 10 -28.06 13.29 -18.82
C LEU O 10 -29.19 12.78 -17.93
N SER O 11 -28.98 12.84 -16.61
CA SER O 11 -30.04 12.43 -15.68
C SER O 11 -31.27 13.32 -15.84
N LEU O 12 -31.06 14.62 -16.05
CA LEU O 12 -32.19 15.52 -16.26
C LEU O 12 -32.97 15.14 -17.51
N ILE O 13 -32.26 14.83 -18.60
CA ILE O 13 -32.93 14.42 -19.83
C ILE O 13 -33.73 13.14 -19.60
N THR O 14 -33.14 12.17 -18.91
CA THR O 14 -33.83 10.92 -18.65
C THR O 14 -35.08 11.14 -17.80
N GLN O 15 -34.97 11.99 -16.78
CA GLN O 15 -36.12 12.30 -15.94
C GLN O 15 -37.22 12.97 -16.75
N ASN O 16 -36.83 13.88 -17.65
CA ASN O 16 -37.82 14.53 -18.50
C ASN O 16 -38.54 13.51 -19.39
N ASN O 17 -37.79 12.55 -19.95
CA ASN O 17 -38.42 11.52 -20.78
C ASN O 17 -39.37 10.67 -19.97
N ILE O 18 -38.98 10.31 -18.74
CA ILE O 18 -39.86 9.51 -17.89
C ILE O 18 -41.14 10.27 -17.57
N ASN O 19 -41.01 11.58 -17.27
CA ASN O 19 -42.18 12.41 -17.03
C ASN O 19 -43.08 12.47 -18.26
N LYS O 20 -42.47 12.52 -19.45
CA LYS O 20 -43.26 12.50 -20.67
C LYS O 20 -44.04 11.19 -20.80
N ASN O 21 -43.41 10.07 -20.44
CA ASN O 21 -44.09 8.78 -20.48
C ASN O 21 -45.29 8.73 -19.53
N GLN O 22 -45.11 9.30 -18.33
CA GLN O 22 -46.08 9.12 -17.26
C GLN O 22 -47.51 9.46 -17.70
N SER O 23 -47.66 10.52 -18.50
CA SER O 23 -49.00 10.93 -18.93
C SER O 23 -49.67 9.86 -19.78
N ALA O 24 -48.95 9.30 -20.76
CA ALA O 24 -49.52 8.25 -21.59
C ALA O 24 -49.85 7.02 -20.77
N LEU O 25 -48.96 6.65 -19.85
CA LEU O 25 -49.23 5.48 -19.00
C LEU O 25 -50.50 5.69 -18.18
N SER O 26 -50.63 6.84 -17.55
CA SER O 26 -51.80 7.14 -16.74
C SER O 26 -53.07 7.16 -17.59
N SER O 27 -52.99 7.74 -18.79
CA SER O 27 -54.16 7.77 -19.66
C SER O 27 -54.59 6.36 -20.04
N SER O 28 -53.63 5.48 -20.36
CA SER O 28 -53.98 4.11 -20.70
C SER O 28 -54.66 3.41 -19.54
N ILE O 29 -54.11 3.57 -18.33
CA ILE O 29 -54.72 2.93 -17.16
C ILE O 29 -56.13 3.45 -16.93
N GLU O 30 -56.32 4.77 -17.05
CA GLU O 30 -57.63 5.38 -16.85
C GLU O 30 -58.64 4.82 -17.86
N ARG O 31 -58.27 4.78 -19.13
CA ARG O 31 -59.20 4.33 -20.15
C ARG O 31 -59.53 2.85 -19.98
N LEU O 32 -58.55 2.04 -19.59
CA LEU O 32 -58.86 0.62 -19.37
C LEU O 32 -59.75 0.43 -18.15
N SER O 33 -59.53 1.19 -17.09
CA SER O 33 -60.34 1.01 -15.88
C SER O 33 -61.77 1.47 -16.09
N SER O 34 -61.96 2.67 -16.66
CA SER O 34 -63.30 3.20 -16.82
C SER O 34 -64.05 2.52 -17.96
N GLY O 35 -63.34 2.16 -19.03
CA GLY O 35 -63.97 1.65 -20.21
C GLY O 35 -64.42 2.71 -21.19
N LEU O 36 -64.24 3.98 -20.86
CA LEU O 36 -64.68 5.09 -21.67
C LEU O 36 -63.46 5.83 -22.23
N ARG O 37 -63.49 6.13 -23.52
CA ARG O 37 -62.36 6.83 -24.12
C ARG O 37 -62.32 8.29 -23.66
N ILE O 38 -63.48 8.93 -23.55
CA ILE O 38 -63.57 10.34 -23.16
C ILE O 38 -63.92 10.35 -21.67
N ASN O 39 -62.89 10.41 -20.83
CA ASN O 39 -63.07 10.48 -19.39
C ASN O 39 -63.03 11.91 -18.85
N SER O 40 -62.69 12.89 -19.68
CA SER O 40 -62.59 14.27 -19.23
C SER O 40 -62.68 15.19 -20.43
N ALA O 41 -62.97 16.46 -20.16
CA ALA O 41 -63.04 17.45 -21.24
C ALA O 41 -61.69 17.66 -21.90
N LYS O 42 -60.60 17.40 -21.18
CA LYS O 42 -59.28 17.54 -21.78
C LYS O 42 -59.09 16.56 -22.92
N ASP O 43 -59.78 15.42 -22.88
CA ASP O 43 -59.63 14.42 -23.92
C ASP O 43 -60.12 14.95 -25.26
N ASP O 44 -61.44 15.09 -25.41
CA ASP O 44 -62.04 15.67 -26.60
C ASP O 44 -62.95 16.84 -26.28
N ALA O 45 -63.98 16.59 -25.48
CA ALA O 45 -65.02 17.52 -25.01
C ALA O 45 -66.00 17.94 -26.11
N ALA O 46 -65.62 17.80 -27.38
CA ALA O 46 -66.63 17.87 -28.42
C ALA O 46 -67.35 16.54 -28.52
N GLY O 47 -66.58 15.45 -28.53
CA GLY O 47 -67.16 14.13 -28.36
C GLY O 47 -67.91 14.02 -27.05
N GLN O 48 -67.39 14.64 -25.99
CA GLN O 48 -68.08 14.57 -24.70
C GLN O 48 -69.41 15.32 -24.74
N ALA O 49 -69.46 16.50 -25.36
CA ALA O 49 -70.72 17.21 -25.48
C ALA O 49 -71.72 16.42 -26.32
N ILE O 50 -71.26 15.88 -27.46
CA ILE O 50 -72.15 15.09 -28.31
C ILE O 50 -72.65 13.86 -27.56
N ALA O 51 -71.77 13.23 -26.77
CA ALA O 51 -72.17 12.06 -26.00
C ALA O 51 -73.18 12.41 -24.92
N ASN O 52 -73.01 13.57 -24.27
CA ASN O 52 -73.99 14.01 -23.29
C ASN O 52 -75.36 14.18 -23.92
N ARG O 53 -75.40 14.84 -25.09
CA ARG O 53 -76.68 15.02 -25.77
C ARG O 53 -77.26 13.67 -26.20
N PHE O 54 -76.41 12.76 -26.66
CA PHE O 54 -76.87 11.44 -27.07
C PHE O 54 -77.47 10.67 -25.89
N THR O 55 -76.82 10.74 -24.73
CA THR O 55 -77.35 10.07 -23.54
C THR O 55 -78.70 10.66 -23.14
N SER O 56 -78.82 11.99 -23.21
CA SER O 56 -80.10 12.62 -22.94
C SER O 56 -81.18 12.09 -23.88
N ASN O 57 -80.85 11.98 -25.18
CA ASN O 57 -81.82 11.49 -26.13
C ASN O 57 -82.21 10.04 -25.84
N ILE O 58 -81.24 9.20 -25.49
CA ILE O 58 -81.53 7.80 -25.19
C ILE O 58 -82.50 7.70 -24.01
N LYS O 59 -82.21 8.42 -22.93
CA LYS O 59 -83.06 8.35 -21.74
C LYS O 59 -84.46 8.88 -22.06
N GLY O 60 -84.55 9.99 -22.79
CA GLY O 60 -85.85 10.52 -23.15
C GLY O 60 -86.67 9.57 -23.99
N LEU O 61 -86.03 8.92 -24.96
CA LEU O 61 -86.76 8.01 -25.84
C LEU O 61 -87.24 6.77 -25.09
N THR O 62 -86.40 6.25 -24.20
CA THR O 62 -86.83 5.10 -23.38
C THR O 62 -88.03 5.48 -22.54
N GLN O 63 -87.97 6.64 -21.88
CA GLN O 63 -89.10 7.07 -21.07
C GLN O 63 -90.35 7.29 -21.93
N ALA O 64 -90.17 7.79 -23.15
CA ALA O 64 -91.32 8.01 -24.03
C ALA O 64 -91.99 6.69 -24.41
N ALA O 65 -91.20 5.65 -24.70
CA ALA O 65 -91.78 4.36 -24.99
C ALA O 65 -92.55 3.82 -23.78
N ARG O 66 -91.98 3.97 -22.59
CA ARG O 66 -92.69 3.57 -21.38
C ARG O 66 -94.01 4.32 -21.25
N ASN O 67 -94.01 5.61 -21.58
CA ASN O 67 -95.25 6.38 -21.53
C ASN O 67 -96.27 5.85 -22.53
N ALA O 68 -95.83 5.52 -23.74
CA ALA O 68 -96.75 5.06 -24.76
C ALA O 68 -97.43 3.75 -24.36
N ASN O 69 -96.70 2.88 -23.65
CA ASN O 69 -97.32 1.64 -23.18
C ASN O 69 -98.55 1.92 -22.32
N ASP O 70 -98.50 2.99 -21.51
CA ASP O 70 -99.65 3.33 -20.66
C ASP O 70 -100.86 3.69 -21.50
N GLY O 71 -100.68 4.49 -22.55
CA GLY O 71 -101.79 4.81 -23.43
C GLY O 71 -102.37 3.59 -24.09
N ILE O 72 -101.51 2.64 -24.49
CA ILE O 72 -102.00 1.39 -25.05
C ILE O 72 -102.88 0.67 -24.04
N SER O 73 -102.45 0.63 -22.78
CA SER O 73 -103.25 -0.02 -21.74
C SER O 73 -104.60 0.67 -21.55
N VAL O 74 -104.60 2.00 -21.55
CA VAL O 74 -105.85 2.75 -21.41
C VAL O 74 -106.82 2.37 -22.52
N ALA O 75 -106.31 2.35 -23.75
CA ALA O 75 -107.16 2.02 -24.89
C ALA O 75 -107.71 0.61 -24.75
N GLN O 76 -106.89 -0.34 -24.30
CA GLN O 76 -107.37 -1.71 -24.13
C GLN O 76 -108.51 -1.78 -23.12
N THR O 77 -108.34 -1.12 -21.97
CA THR O 77 -109.38 -1.16 -20.95
C THR O 77 -110.68 -0.55 -21.46
N THR O 78 -110.58 0.60 -22.12
CA THR O 78 -111.78 1.26 -22.64
C THR O 78 -112.46 0.39 -23.70
N GLU O 79 -111.66 -0.30 -24.53
CA GLU O 79 -112.25 -1.18 -25.54
C GLU O 79 -113.00 -2.33 -24.90
N GLY O 80 -112.45 -2.90 -23.81
CA GLY O 80 -113.16 -3.97 -23.12
C GLY O 80 -114.50 -3.51 -22.56
N ALA O 81 -114.49 -2.34 -21.92
CA ALA O 81 -115.75 -1.79 -21.40
C ALA O 81 -116.75 -1.56 -22.54
N LEU O 82 -116.27 -1.02 -23.66
CA LEU O 82 -117.16 -0.79 -24.80
C LEU O 82 -117.72 -2.09 -25.35
N SER O 83 -116.92 -3.17 -25.34
CA SER O 83 -117.42 -4.45 -25.79
C SER O 83 -118.56 -4.95 -24.91
N GLU O 84 -118.41 -4.80 -23.59
CA GLU O 84 -119.51 -5.19 -22.70
C GLU O 84 -120.77 -4.35 -22.98
N ILE O 85 -120.59 -3.05 -23.18
CA ILE O 85 -121.73 -2.19 -23.49
C ILE O 85 -122.40 -2.65 -24.78
N ASN O 86 -121.60 -3.03 -25.78
CA ASN O 86 -122.16 -3.50 -27.04
C ASN O 86 -122.96 -4.78 -26.86
N ASN O 87 -122.47 -5.70 -26.02
CA ASN O 87 -123.24 -6.91 -25.76
C ASN O 87 -124.58 -6.59 -25.11
N ASN O 88 -124.57 -5.67 -24.15
CA ASN O 88 -125.84 -5.27 -23.51
C ASN O 88 -126.79 -4.65 -24.53
N LEU O 89 -126.27 -3.79 -25.41
CA LEU O 89 -127.11 -3.17 -26.43
C LEU O 89 -127.69 -4.20 -27.38
N GLN O 90 -126.89 -5.20 -27.78
CA GLN O 90 -127.40 -6.25 -28.65
C GLN O 90 -128.54 -7.02 -27.99
N ARG O 91 -128.37 -7.36 -26.71
CA ARG O 91 -129.44 -8.07 -26.03
C ARG O 91 -130.70 -7.21 -25.92
N VAL O 92 -130.52 -5.91 -25.68
CA VAL O 92 -131.67 -5.00 -25.61
C VAL O 92 -132.38 -4.96 -26.95
N ARG O 93 -131.62 -4.93 -28.05
CA ARG O 93 -132.24 -4.93 -29.38
C ARG O 93 -133.03 -6.20 -29.61
N GLU O 94 -132.49 -7.35 -29.22
CA GLU O 94 -133.23 -8.61 -29.36
C GLU O 94 -134.52 -8.56 -28.54
N LEU O 95 -134.44 -8.02 -27.32
CA LEU O 95 -135.63 -7.90 -26.48
C LEU O 95 -136.68 -7.01 -27.13
N THR O 96 -136.27 -5.90 -27.72
CA THR O 96 -137.22 -5.01 -28.37
C THR O 96 -137.86 -5.67 -29.58
N VAL O 97 -137.07 -6.41 -30.37
CA VAL O 97 -137.63 -7.14 -31.51
C VAL O 97 -138.66 -8.15 -31.03
N GLN O 98 -138.38 -8.83 -29.92
CA GLN O 98 -139.36 -9.76 -29.38
C GLN O 98 -140.60 -9.04 -28.86
N ALA O 99 -140.43 -7.84 -28.29
CA ALA O 99 -141.55 -7.15 -27.66
C ALA O 99 -142.48 -6.49 -28.68
N THR O 100 -141.97 -6.08 -29.83
CA THR O 100 -142.79 -5.39 -30.82
C THR O 100 -143.62 -6.42 -31.58
N THR O 101 -144.59 -6.99 -30.87
CA THR O 101 -145.49 -7.99 -31.42
C THR O 101 -146.87 -7.83 -30.79
N GLY O 102 -147.91 -8.05 -31.58
CA GLY O 102 -149.27 -7.91 -31.09
C GLY O 102 -149.75 -9.05 -30.22
N THR O 103 -149.13 -10.23 -30.32
CA THR O 103 -149.56 -11.36 -29.52
C THR O 103 -149.27 -11.15 -28.04
N ASN O 104 -148.25 -10.38 -27.71
CA ASN O 104 -147.88 -10.17 -26.32
C ASN O 104 -148.98 -9.43 -25.56
N SER O 105 -149.25 -9.90 -24.35
CA SER O 105 -150.22 -9.25 -23.48
C SER O 105 -149.55 -8.09 -22.75
N GLU O 106 -150.26 -7.47 -21.81
CA GLU O 106 -149.71 -6.32 -21.11
C GLU O 106 -148.65 -6.74 -20.09
N SER O 107 -148.87 -7.86 -19.40
CA SER O 107 -147.90 -8.33 -18.42
C SER O 107 -146.59 -8.75 -19.09
N ASP O 108 -146.68 -9.36 -20.28
CA ASP O 108 -145.48 -9.74 -21.01
C ASP O 108 -144.66 -8.50 -21.37
N LEU O 109 -145.33 -7.45 -21.85
CA LEU O 109 -144.64 -6.21 -22.15
C LEU O 109 -144.05 -5.59 -20.89
N SER O 110 -144.75 -5.70 -19.76
CA SER O 110 -144.22 -5.18 -18.51
C SER O 110 -142.93 -5.89 -18.12
N SER O 111 -142.92 -7.22 -18.23
CA SER O 111 -141.71 -7.97 -17.90
C SER O 111 -140.57 -7.63 -18.86
N ILE O 112 -140.86 -7.53 -20.15
CA ILE O 112 -139.83 -7.18 -21.13
C ILE O 112 -139.26 -5.81 -20.82
N GLN O 113 -140.12 -4.84 -20.51
CA GLN O 113 -139.64 -3.51 -20.17
C GLN O 113 -138.82 -3.53 -18.89
N ASP O 114 -139.20 -4.35 -17.93
CA ASP O 114 -138.41 -4.49 -16.71
C ASP O 114 -137.00 -4.93 -17.03
N GLU O 115 -136.87 -5.98 -17.85
CA GLU O 115 -135.54 -6.49 -18.17
C GLU O 115 -134.74 -5.48 -18.99
N ILE O 116 -135.39 -4.79 -19.93
CA ILE O 116 -134.70 -3.80 -20.74
C ILE O 116 -134.21 -2.65 -19.86
N LYS O 117 -135.03 -2.21 -18.91
CA LYS O 117 -134.62 -1.14 -18.02
C LYS O 117 -133.46 -1.58 -17.14
N SER O 118 -133.48 -2.83 -16.69
CA SER O 118 -132.36 -3.35 -15.92
C SER O 118 -131.06 -3.33 -16.73
N ARG O 119 -131.15 -3.73 -18.01
CA ARG O 119 -129.93 -3.78 -18.83
C ARG O 119 -129.45 -2.37 -19.17
N LEU O 120 -130.37 -1.43 -19.38
CA LEU O 120 -129.96 -0.04 -19.58
C LEU O 120 -129.31 0.53 -18.32
N ASP O 121 -129.82 0.13 -17.15
CA ASP O 121 -129.20 0.55 -15.90
C ASP O 121 -127.79 -0.01 -15.78
N GLU O 122 -127.59 -1.26 -16.18
CA GLU O 122 -126.24 -1.81 -16.23
C GLU O 122 -125.35 -1.04 -17.20
N ILE O 123 -125.89 -0.65 -18.36
CA ILE O 123 -125.10 0.13 -19.30
C ILE O 123 -124.63 1.43 -18.65
N ASP O 124 -125.55 2.13 -18.00
CA ASP O 124 -125.19 3.37 -17.33
C ASP O 124 -124.19 3.14 -16.20
N ARG O 125 -124.38 2.06 -15.45
CA ARG O 125 -123.49 1.76 -14.32
C ARG O 125 -122.08 1.46 -14.81
N VAL O 126 -121.95 0.61 -15.83
CA VAL O 126 -120.62 0.26 -16.32
C VAL O 126 -119.97 1.48 -16.97
N SER O 127 -120.77 2.38 -17.55
CA SER O 127 -120.24 3.64 -18.04
C SER O 127 -119.65 4.47 -16.91
N GLY O 128 -120.44 4.68 -15.86
CA GLY O 128 -120.01 5.55 -14.77
C GLY O 128 -118.86 5.00 -13.97
N GLN O 129 -118.88 3.70 -13.67
CA GLN O 129 -117.96 3.12 -12.71
C GLN O 129 -116.61 2.72 -13.31
N THR O 130 -116.53 2.56 -14.63
CA THR O 130 -115.29 2.13 -15.27
C THR O 130 -114.25 3.24 -15.12
N GLN O 131 -113.27 3.02 -14.26
CA GLN O 131 -112.23 4.00 -13.99
C GLN O 131 -110.87 3.36 -14.16
N PHE O 132 -109.94 4.11 -14.78
CA PHE O 132 -108.55 3.68 -14.93
C PHE O 132 -107.66 4.72 -14.28
N ASN O 133 -106.86 4.26 -13.31
CA ASN O 133 -105.92 5.14 -12.60
C ASN O 133 -106.63 6.37 -12.04
N GLY O 134 -107.79 6.15 -11.46
CA GLY O 134 -108.58 7.24 -10.91
C GLY O 134 -109.09 8.21 -11.96
N VAL O 135 -109.43 7.72 -13.15
CA VAL O 135 -109.99 8.54 -14.20
C VAL O 135 -111.19 7.79 -14.79
N ASN O 136 -112.36 8.42 -14.72
CA ASN O 136 -113.58 7.83 -15.29
C ASN O 136 -113.56 8.08 -16.80
N VAL O 137 -113.10 7.07 -17.54
CA VAL O 137 -112.89 7.26 -18.97
C VAL O 137 -114.21 7.46 -19.69
N LEU O 138 -115.20 6.61 -19.44
CA LEU O 138 -116.49 6.71 -20.11
C LEU O 138 -117.50 7.45 -19.24
N ALA O 139 -117.14 8.66 -18.84
CA ALA O 139 -118.06 9.49 -18.07
C ALA O 139 -118.05 10.96 -18.48
N LYS O 140 -117.18 11.37 -19.39
CA LYS O 140 -117.08 12.78 -19.77
C LYS O 140 -116.25 12.94 -21.04
N ASN O 141 -116.73 13.77 -21.97
CA ASN O 141 -115.95 14.06 -23.16
C ASN O 141 -114.65 14.76 -22.78
N GLY O 142 -113.54 14.20 -23.24
CA GLY O 142 -112.23 14.75 -22.93
C GLY O 142 -111.17 14.17 -23.83
N SER O 143 -109.92 14.42 -23.45
CA SER O 143 -108.80 13.96 -24.25
C SER O 143 -107.56 13.85 -23.38
N MET O 144 -106.70 12.89 -23.71
CA MET O 144 -105.42 12.70 -23.05
C MET O 144 -104.30 12.89 -24.05
N LYS O 145 -103.15 13.32 -23.54
CA LYS O 145 -101.99 13.63 -24.36
C LYS O 145 -100.83 12.73 -23.93
N ILE O 146 -100.40 11.85 -24.83
CA ILE O 146 -99.38 10.85 -24.51
C ILE O 146 -98.03 11.34 -24.97
N GLN O 147 -97.11 11.52 -24.03
CA GLN O 147 -95.75 11.96 -24.33
C GLN O 147 -94.98 10.82 -24.99
N VAL O 148 -94.73 10.95 -26.30
CA VAL O 148 -94.05 9.89 -27.04
C VAL O 148 -92.80 10.43 -27.72
N GLY O 149 -92.17 11.43 -27.11
CA GLY O 149 -90.96 12.00 -27.67
C GLY O 149 -90.05 12.51 -26.58
N ALA O 150 -88.87 12.97 -27.00
CA ALA O 150 -87.85 13.45 -26.05
C ALA O 150 -87.98 14.94 -25.75
N ASN O 151 -88.40 15.72 -26.73
CA ASN O 151 -88.57 17.16 -26.55
C ASN O 151 -89.97 17.44 -26.01
N ASP O 152 -90.38 18.70 -26.05
CA ASP O 152 -91.73 19.06 -25.64
C ASP O 152 -92.67 19.03 -26.83
N ASN O 153 -93.97 19.02 -26.53
CA ASN O 153 -95.02 18.93 -27.55
C ASN O 153 -94.82 17.68 -28.42
N GLN O 154 -94.89 16.52 -27.77
CA GLN O 154 -94.68 15.21 -28.38
C GLN O 154 -95.88 14.33 -28.13
N THR O 155 -97.08 14.86 -28.33
CA THR O 155 -98.30 14.25 -27.84
C THR O 155 -99.06 13.54 -28.95
N ILE O 156 -99.48 12.31 -28.68
CA ILE O 156 -100.49 11.62 -29.47
C ILE O 156 -101.79 11.68 -28.69
N THR O 157 -102.81 12.30 -29.27
CA THR O 157 -104.02 12.63 -28.54
C THR O 157 -105.01 11.46 -28.60
N ILE O 158 -105.42 10.99 -27.43
CA ILE O 158 -106.48 9.99 -27.32
C ILE O 158 -107.77 10.72 -26.96
N ASP O 159 -108.87 10.31 -27.59
CA ASP O 159 -110.17 10.94 -27.37
C ASP O 159 -111.06 10.02 -26.56
N LEU O 160 -111.78 10.59 -25.61
CA LEU O 160 -112.70 9.85 -24.76
C LEU O 160 -114.06 10.51 -24.83
N LYS O 161 -115.07 9.74 -25.21
CA LYS O 161 -116.43 10.25 -25.37
C LYS O 161 -117.32 9.70 -24.26
N GLN O 162 -118.16 10.59 -23.70
CA GLN O 162 -119.12 10.16 -22.70
C GLN O 162 -120.16 9.25 -23.31
N ILE O 163 -120.11 7.97 -22.97
CA ILE O 163 -121.02 6.96 -23.52
C ILE O 163 -121.95 6.54 -22.40
N ASP O 164 -123.21 6.94 -22.49
CA ASP O 164 -124.21 6.59 -21.50
C ASP O 164 -125.59 6.74 -22.14
N ALA O 165 -126.63 6.41 -21.37
CA ALA O 165 -127.99 6.46 -21.89
C ALA O 165 -128.35 7.87 -22.38
N LYS O 166 -127.93 8.90 -21.64
CA LYS O 166 -128.26 10.27 -22.03
C LYS O 166 -127.63 10.63 -23.36
N THR O 167 -126.37 10.25 -23.57
CA THR O 167 -125.64 10.59 -24.78
C THR O 167 -125.82 9.57 -25.89
N LEU O 168 -126.74 8.62 -25.73
CA LEU O 168 -127.03 7.65 -26.77
C LEU O 168 -128.50 7.67 -27.18
N GLY O 169 -129.31 8.54 -26.61
CA GLY O 169 -130.72 8.62 -26.94
C GLY O 169 -131.61 7.66 -26.19
N LEU O 170 -131.04 6.75 -25.41
CA LEU O 170 -131.82 5.78 -24.64
C LEU O 170 -132.12 6.29 -23.23
N ASP O 171 -132.66 7.49 -23.14
CA ASP O 171 -133.05 8.10 -21.87
C ASP O 171 -134.57 8.14 -21.81
N GLY O 172 -135.16 7.19 -21.10
CA GLY O 172 -136.59 7.02 -21.09
C GLY O 172 -137.11 5.98 -22.07
N PHE O 173 -136.22 5.17 -22.65
CA PHE O 173 -136.61 4.16 -23.62
C PHE O 173 -137.56 3.16 -22.99
N SER O 174 -138.80 3.10 -23.48
CA SER O 174 -139.83 2.25 -22.92
C SER O 174 -140.53 1.49 -24.03
N VAL O 175 -141.09 0.33 -23.67
CA VAL O 175 -141.85 -0.49 -24.62
C VAL O 175 -143.20 -0.82 -24.02
N LYS O 176 -143.67 0.01 -23.09
CA LYS O 176 -144.97 -0.19 -22.48
C LYS O 176 -145.52 1.16 -22.04
N ASN O 177 -146.83 1.18 -21.78
CA ASN O 177 -147.51 2.41 -21.39
C ASN O 177 -147.55 2.56 -19.88
N THR O 407 -142.28 4.49 -26.78
CA THR O 407 -141.20 5.12 -27.52
C THR O 407 -141.34 4.88 -29.03
N THR O 408 -141.30 5.96 -29.79
CA THR O 408 -141.45 5.86 -31.24
C THR O 408 -140.15 5.44 -31.89
N ASP O 409 -140.25 4.49 -32.84
CA ASP O 409 -139.12 3.96 -33.59
C ASP O 409 -138.01 3.48 -32.67
N PRO O 410 -138.23 2.43 -31.88
CA PRO O 410 -137.19 1.97 -30.94
C PRO O 410 -135.99 1.36 -31.63
N LEU O 411 -136.26 0.51 -32.64
CA LEU O 411 -135.19 -0.23 -33.30
C LEU O 411 -134.21 0.71 -33.98
N LYS O 412 -134.71 1.76 -34.62
CA LYS O 412 -133.82 2.70 -35.31
C LYS O 412 -132.89 3.39 -34.33
N ALA O 413 -133.43 3.86 -33.20
CA ALA O 413 -132.60 4.53 -32.20
C ALA O 413 -131.57 3.58 -31.62
N LEU O 414 -131.97 2.33 -31.37
CA LEU O 414 -131.01 1.35 -30.87
C LEU O 414 -129.88 1.13 -31.88
N ASP O 415 -130.22 1.06 -33.16
CA ASP O 415 -129.20 0.90 -34.20
C ASP O 415 -128.27 2.10 -34.25
N ASP O 416 -128.82 3.30 -34.10
CA ASP O 416 -127.97 4.50 -34.06
C ASP O 416 -127.01 4.45 -32.88
N ALA O 417 -127.49 4.02 -31.71
CA ALA O 417 -126.61 3.89 -30.56
C ALA O 417 -125.50 2.88 -30.81
N ILE O 418 -125.83 1.75 -31.44
CA ILE O 418 -124.82 0.74 -31.73
C ILE O 418 -123.78 1.29 -32.69
N ALA O 419 -124.21 2.04 -33.70
CA ALA O 419 -123.24 2.62 -34.63
C ALA O 419 -122.39 3.69 -33.94
N SER O 420 -122.98 4.42 -32.99
CA SER O 420 -122.24 5.46 -32.30
C SER O 420 -121.17 4.89 -31.38
N VAL O 421 -121.42 3.73 -30.77
CA VAL O 421 -120.36 3.11 -30.00
C VAL O 421 -119.33 2.44 -30.91
N ASP O 422 -119.76 1.95 -32.08
CA ASP O 422 -118.83 1.36 -33.02
C ASP O 422 -117.83 2.39 -33.54
N LYS O 423 -118.27 3.63 -33.76
CA LYS O 423 -117.36 4.68 -34.19
C LYS O 423 -116.25 4.93 -33.18
N PHE O 424 -116.63 5.00 -31.90
CA PHE O 424 -115.63 5.21 -30.85
C PHE O 424 -114.68 4.02 -30.76
N ARG O 425 -115.20 2.80 -30.92
CA ARG O 425 -114.34 1.63 -30.91
C ARG O 425 -113.32 1.69 -32.05
N SER O 426 -113.76 2.09 -33.24
CA SER O 426 -112.84 2.19 -34.37
C SER O 426 -111.76 3.24 -34.11
N SER O 427 -112.15 4.38 -33.54
CA SER O 427 -111.16 5.40 -33.21
C SER O 427 -110.13 4.86 -32.22
N LEU O 428 -110.61 4.12 -31.21
CA LEU O 428 -109.69 3.54 -30.23
C LEU O 428 -108.72 2.57 -30.89
N GLY O 429 -109.21 1.72 -31.80
CA GLY O 429 -108.31 0.82 -32.50
C GLY O 429 -107.26 1.53 -33.32
N ALA O 430 -107.66 2.60 -34.00
CA ALA O 430 -106.68 3.39 -34.76
C ALA O 430 -105.62 3.98 -33.84
N VAL O 431 -106.03 4.48 -32.67
CA VAL O 431 -105.07 5.02 -31.73
C VAL O 431 -104.11 3.93 -31.26
N GLN O 432 -104.64 2.72 -31.01
CA GLN O 432 -103.78 1.62 -30.58
C GLN O 432 -102.71 1.31 -31.62
N ASN O 433 -103.13 1.23 -32.88
CA ASN O 433 -102.17 0.92 -33.94
C ASN O 433 -101.10 2.00 -34.04
N ARG O 434 -101.51 3.27 -33.99
CA ARG O 434 -100.54 4.35 -34.06
C ARG O 434 -99.56 4.29 -32.90
N LEU O 435 -100.05 4.02 -31.69
CA LEU O 435 -99.17 3.95 -30.53
C LEU O 435 -98.17 2.81 -30.67
N ASP O 436 -98.61 1.65 -31.14
CA ASP O 436 -97.69 0.53 -31.30
C ASP O 436 -96.60 0.85 -32.32
N SER O 437 -96.99 1.48 -33.43
CA SER O 437 -95.98 1.89 -34.41
C SER O 437 -94.99 2.87 -33.80
N ALA O 438 -95.48 3.80 -32.98
CA ALA O 438 -94.60 4.74 -32.32
C ALA O 438 -93.61 4.03 -31.42
N VAL O 439 -94.07 3.03 -30.66
CA VAL O 439 -93.18 2.30 -29.77
C VAL O 439 -92.09 1.60 -30.57
N THR O 440 -92.46 0.96 -31.68
CA THR O 440 -91.46 0.28 -32.49
C THR O 440 -90.42 1.26 -33.03
N ASN O 441 -90.88 2.40 -33.54
CA ASN O 441 -89.94 3.40 -34.07
C ASN O 441 -89.02 3.91 -32.97
N LEU O 442 -89.56 4.14 -31.78
CA LEU O 442 -88.73 4.61 -30.68
C LEU O 442 -87.66 3.59 -30.31
N ASN O 443 -88.03 2.31 -30.29
CA ASN O 443 -87.05 1.27 -30.01
C ASN O 443 -85.92 1.29 -31.03
N ASN O 444 -86.27 1.36 -32.32
CA ASN O 444 -85.24 1.36 -33.35
C ASN O 444 -84.33 2.58 -33.23
N THR O 445 -84.93 3.75 -33.01
CA THR O 445 -84.13 4.97 -32.89
C THR O 445 -83.21 4.91 -31.68
N THR O 446 -83.72 4.38 -30.56
CA THR O 446 -82.90 4.26 -29.36
C THR O 446 -81.71 3.35 -29.60
N THR O 447 -81.93 2.21 -30.27
CA THR O 447 -80.82 1.30 -30.56
C THR O 447 -79.78 1.97 -31.44
N ASN O 448 -80.22 2.67 -32.50
CA ASN O 448 -79.28 3.30 -33.40
C ASN O 448 -78.48 4.39 -32.68
N LEU O 449 -79.16 5.21 -31.87
CA LEU O 449 -78.45 6.27 -31.15
C LEU O 449 -77.50 5.71 -30.10
N SER O 450 -77.86 4.59 -29.47
CA SER O 450 -76.94 3.95 -28.52
C SER O 450 -75.68 3.48 -29.22
N GLU O 451 -75.83 2.87 -30.41
CA GLU O 451 -74.66 2.45 -31.16
C GLU O 451 -73.82 3.66 -31.58
N ALA O 452 -74.47 4.75 -31.98
CA ALA O 452 -73.74 5.95 -32.35
C ALA O 452 -72.96 6.51 -31.17
N GLN O 453 -73.55 6.51 -29.99
CA GLN O 453 -72.85 6.97 -28.79
C GLN O 453 -71.67 6.06 -28.47
N SER O 454 -71.85 4.74 -28.63
CA SER O 454 -70.77 3.81 -28.38
C SER O 454 -69.60 4.06 -29.33
N ARG O 455 -69.90 4.41 -30.58
CA ARG O 455 -68.84 4.69 -31.55
C ARG O 455 -68.04 5.94 -31.23
N ILE O 456 -68.49 6.75 -30.27
CA ILE O 456 -67.84 8.02 -29.95
C ILE O 456 -67.17 7.96 -28.59
N GLN O 457 -67.89 7.50 -27.56
CA GLN O 457 -67.41 7.61 -26.20
C GLN O 457 -66.76 6.34 -25.66
N ASP O 458 -67.09 5.17 -26.19
CA ASP O 458 -66.49 3.94 -25.68
C ASP O 458 -65.08 3.74 -26.24
N ALA O 459 -64.30 2.95 -25.52
CA ALA O 459 -62.91 2.70 -25.86
C ALA O 459 -62.75 1.37 -26.58
N ASP O 460 -61.62 1.23 -27.27
CA ASP O 460 -61.25 0.00 -27.98
C ASP O 460 -60.17 -0.68 -27.16
N TYR O 461 -60.50 -1.85 -26.61
CA TYR O 461 -59.65 -2.45 -25.59
C TYR O 461 -58.31 -2.94 -26.15
N ALA O 462 -58.28 -3.39 -27.40
CA ALA O 462 -57.02 -3.84 -27.99
C ALA O 462 -55.99 -2.72 -28.00
N THR O 463 -56.38 -1.55 -28.51
CA THR O 463 -55.47 -0.41 -28.55
C THR O 463 -55.04 0.00 -27.15
N GLU O 464 -55.97 0.02 -26.20
CA GLU O 464 -55.63 0.43 -24.85
C GLU O 464 -54.64 -0.53 -24.20
N VAL O 465 -54.85 -1.84 -24.39
CA VAL O 465 -53.92 -2.82 -23.82
C VAL O 465 -52.54 -2.67 -24.45
N SER O 466 -52.49 -2.50 -25.77
CA SER O 466 -51.19 -2.33 -26.42
C SER O 466 -50.48 -1.08 -25.91
N ASN O 467 -51.22 0.02 -25.77
CA ASN O 467 -50.61 1.26 -25.25
C ASN O 467 -50.13 1.07 -23.82
N MET O 468 -50.91 0.37 -22.99
CA MET O 468 -50.48 0.11 -21.62
C MET O 468 -49.18 -0.66 -21.59
N SER O 469 -49.09 -1.74 -22.37
CA SER O 469 -47.89 -2.55 -22.39
C SER O 469 -46.68 -1.73 -22.86
N LYS O 470 -46.87 -0.96 -23.94
CA LYS O 470 -45.77 -0.14 -24.45
C LYS O 470 -45.33 0.89 -23.44
N ALA O 471 -46.28 1.52 -22.74
CA ALA O 471 -45.93 2.51 -21.73
C ALA O 471 -45.16 1.88 -20.59
N GLN O 472 -45.56 0.69 -20.15
CA GLN O 472 -44.83 0.02 -19.08
C GLN O 472 -43.40 -0.31 -19.51
N ILE O 473 -43.24 -0.80 -20.75
CA ILE O 473 -41.89 -1.08 -21.25
C ILE O 473 -41.06 0.20 -21.27
N ILE O 474 -41.64 1.30 -21.76
CA ILE O 474 -40.90 2.56 -21.81
C ILE O 474 -40.50 3.01 -20.42
N GLN O 475 -41.40 2.85 -19.44
CA GLN O 475 -41.10 3.29 -18.08
C GLN O 475 -39.95 2.49 -17.49
N GLN O 476 -39.98 1.16 -17.65
CA GLN O 476 -38.88 0.35 -17.11
C GLN O 476 -37.56 0.67 -17.81
N ALA O 477 -37.60 0.87 -19.12
CA ALA O 477 -36.39 1.25 -19.84
C ALA O 477 -35.84 2.57 -19.34
N GLY O 478 -36.72 3.55 -19.13
CA GLY O 478 -36.28 4.84 -18.62
C GLY O 478 -35.69 4.73 -17.23
N ASN O 479 -36.26 3.86 -16.39
CA ASN O 479 -35.69 3.64 -15.07
C ASN O 479 -34.27 3.08 -15.16
N SER O 480 -34.06 2.10 -16.04
CA SER O 480 -32.72 1.54 -16.20
C SER O 480 -31.74 2.58 -16.71
N VAL O 481 -32.16 3.38 -17.70
CA VAL O 481 -31.27 4.40 -18.24
C VAL O 481 -30.94 5.46 -17.20
N LEU O 482 -31.93 5.81 -16.36
CA LEU O 482 -31.67 6.76 -15.28
C LEU O 482 -30.66 6.21 -14.29
N ALA O 483 -30.79 4.92 -13.95
CA ALA O 483 -29.83 4.31 -13.04
C ALA O 483 -28.42 4.38 -13.61
N LYS O 484 -28.28 4.05 -14.90
CA LYS O 484 -26.96 4.11 -15.53
C LYS O 484 -26.44 5.55 -15.58
N ALA O 485 -27.33 6.51 -15.84
CA ALA O 485 -26.92 7.91 -15.90
C ALA O 485 -26.40 8.38 -14.55
N ASN O 486 -27.08 8.02 -13.47
CA ASN O 486 -26.56 8.36 -12.14
C ASN O 486 -25.27 7.62 -11.84
N GLN O 487 -25.08 6.43 -12.41
CA GLN O 487 -23.83 5.71 -12.19
C GLN O 487 -22.66 6.34 -12.93
N VAL O 488 -22.95 7.06 -14.03
CA VAL O 488 -21.88 7.61 -14.87
C VAL O 488 -20.88 8.47 -14.10
N PRO O 489 -21.28 9.46 -13.30
CA PRO O 489 -20.30 10.41 -12.76
C PRO O 489 -19.28 9.83 -11.78
N GLN O 490 -19.25 8.52 -11.54
CA GLN O 490 -18.33 7.96 -10.57
C GLN O 490 -16.87 8.05 -11.00
N GLN O 491 -16.60 8.25 -12.29
CA GLN O 491 -15.22 8.22 -12.77
C GLN O 491 -14.38 9.35 -12.18
N VAL O 492 -15.03 10.45 -11.76
CA VAL O 492 -14.30 11.55 -11.14
C VAL O 492 -13.69 11.11 -9.81
N LEU O 493 -14.36 10.21 -9.10
CA LEU O 493 -13.77 9.66 -7.88
C LEU O 493 -12.47 8.94 -8.19
N SER O 494 -12.44 8.14 -9.26
CA SER O 494 -11.19 7.50 -9.66
C SER O 494 -10.14 8.51 -10.08
N LEU O 495 -10.58 9.57 -10.77
CA LEU O 495 -9.65 10.64 -11.15
C LEU O 495 -8.97 11.23 -9.92
N LEU O 496 -9.75 11.57 -8.90
CA LEU O 496 -9.20 12.19 -7.70
C LEU O 496 -8.36 11.20 -6.91
N GLN O 497 -8.75 9.93 -6.87
CA GLN O 497 -8.02 8.94 -6.08
C GLN O 497 -6.61 8.75 -6.63
N GLY O 498 -6.45 8.71 -7.94
CA GLY O 498 -5.15 8.52 -8.55
C GLY O 498 -5.12 7.45 -9.62
N GLN P 3 99.32 70.43 29.40
CA GLN P 3 99.75 69.11 29.81
C GLN P 3 99.22 68.82 31.21
N VAL P 4 98.36 69.73 31.66
CA VAL P 4 97.80 69.75 33.00
C VAL P 4 97.22 68.40 33.41
N ILE P 5 97.59 67.93 34.60
CA ILE P 5 97.00 66.72 35.16
C ILE P 5 96.03 67.02 36.29
N ASN P 6 95.96 68.28 36.75
CA ASN P 6 95.07 68.64 37.85
C ASN P 6 93.65 68.85 37.39
N THR P 7 93.44 69.12 36.11
CA THR P 7 92.11 69.23 35.51
C THR P 7 92.14 68.53 34.16
N ASN P 8 91.11 67.74 33.89
CA ASN P 8 91.04 66.87 32.71
C ASN P 8 89.75 67.12 31.94
N SER P 9 89.54 68.39 31.60
CA SER P 9 88.31 68.90 30.98
C SER P 9 87.67 67.95 29.97
N LEU P 10 88.49 67.24 29.19
CA LEU P 10 87.94 66.28 28.23
C LEU P 10 87.05 65.25 28.93
N SER P 11 87.51 64.71 30.06
CA SER P 11 86.70 63.76 30.81
C SER P 11 85.41 64.41 31.29
N LEU P 12 85.48 65.67 31.73
CA LEU P 12 84.29 66.36 32.18
C LEU P 12 83.27 66.49 31.06
N ILE P 13 83.73 66.85 29.86
CA ILE P 13 82.81 66.99 28.72
C ILE P 13 82.21 65.65 28.36
N THR P 14 83.03 64.59 28.35
CA THR P 14 82.50 63.26 28.03
C THR P 14 81.46 62.83 29.05
N GLN P 15 81.72 63.08 30.34
CA GLN P 15 80.75 62.77 31.37
C GLN P 15 79.47 63.57 31.18
N ASN P 16 79.60 64.83 30.78
CA ASN P 16 78.42 65.65 30.53
C ASN P 16 77.58 65.06 29.40
N ASN P 17 78.23 64.63 28.32
CA ASN P 17 77.49 64.05 27.20
C ASN P 17 76.81 62.75 27.60
N ILE P 18 77.49 61.92 28.39
CA ILE P 18 76.88 60.69 28.88
C ILE P 18 75.65 61.02 29.73
N ASN P 19 75.76 62.03 30.59
CA ASN P 19 74.63 62.45 31.40
C ASN P 19 73.48 62.92 30.53
N LYS P 20 73.79 63.61 29.43
CA LYS P 20 72.74 64.01 28.49
C LYS P 20 72.02 62.79 27.92
N ASN P 21 72.79 61.77 27.53
CA ASN P 21 72.19 60.59 26.90
C ASN P 21 71.35 59.77 27.88
N GLN P 22 71.72 59.80 29.17
CA GLN P 22 71.01 59.01 30.18
C GLN P 22 69.50 59.28 30.17
N SER P 23 69.11 60.54 30.00
CA SER P 23 67.69 60.86 30.05
C SER P 23 66.92 60.20 28.92
N ALA P 24 67.48 60.24 27.69
CA ALA P 24 66.83 59.59 26.57
C ALA P 24 66.76 58.09 26.78
N LEU P 25 67.84 57.49 27.30
CA LEU P 25 67.82 56.05 27.56
C LEU P 25 66.73 55.68 28.56
N SER P 26 66.63 56.44 29.64
CA SER P 26 65.63 56.16 30.67
C SER P 26 64.22 56.33 30.12
N SER P 27 64.00 57.38 29.33
CA SER P 27 62.68 57.58 28.74
C SER P 27 62.30 56.42 27.83
N SER P 28 63.24 55.96 27.01
CA SER P 28 62.96 54.82 26.14
C SER P 28 62.62 53.58 26.96
N ILE P 29 63.38 53.32 28.03
CA ILE P 29 63.13 52.13 28.84
C ILE P 29 61.74 52.21 29.48
N GLU P 30 61.40 53.36 30.05
CA GLU P 30 60.11 53.51 30.72
C GLU P 30 58.96 53.34 29.73
N ARG P 31 59.06 53.99 28.56
CA ARG P 31 57.98 53.88 27.58
C ARG P 31 57.85 52.48 27.03
N LEU P 32 58.97 51.75 26.89
CA LEU P 32 58.89 50.39 26.40
C LEU P 32 58.28 49.45 27.43
N SER P 33 58.67 49.60 28.70
CA SER P 33 58.16 48.72 29.75
C SER P 33 56.69 48.99 30.02
N SER P 34 56.30 50.26 30.17
CA SER P 34 54.92 50.58 30.51
C SER P 34 53.99 50.37 29.34
N GLY P 35 54.41 50.76 28.14
CA GLY P 35 53.55 50.74 26.98
C GLY P 35 52.80 52.02 26.72
N LEU P 36 52.89 53.00 27.63
CA LEU P 36 52.22 54.27 27.50
C LEU P 36 53.25 55.36 27.21
N ARG P 37 52.96 56.20 26.22
CA ARG P 37 53.89 57.28 25.88
C ARG P 37 53.91 58.35 26.96
N ILE P 38 52.75 58.66 27.55
CA ILE P 38 52.64 59.65 28.60
C ILE P 38 52.58 58.89 29.92
N ASN P 39 53.74 58.71 30.54
CA ASN P 39 53.84 58.06 31.84
C ASN P 39 53.85 59.06 33.00
N SER P 40 53.90 60.35 32.71
CA SER P 40 53.95 61.38 33.74
C SER P 40 53.52 62.70 33.13
N ALA P 41 53.23 63.67 33.99
CA ALA P 41 52.86 65.00 33.51
C ALA P 41 54.03 65.71 32.84
N LYS P 42 55.26 65.31 33.14
CA LYS P 42 56.40 65.92 32.46
C LYS P 42 56.39 65.60 30.98
N ASP P 43 55.78 64.49 30.57
CA ASP P 43 55.77 64.13 29.16
C ASP P 43 54.98 65.13 28.34
N ASP P 44 53.65 65.15 28.49
CA ASP P 44 52.79 66.11 27.82
C ASP P 44 51.92 66.88 28.81
N ALA P 45 51.10 66.15 29.57
CA ALA P 45 50.15 66.61 30.58
C ALA P 45 48.93 67.32 29.99
N ALA P 46 49.04 67.83 28.77
CA ALA P 46 47.83 68.18 28.04
C ALA P 46 47.22 66.94 27.42
N GLY P 47 48.07 66.12 26.80
CA GLY P 47 47.66 64.78 26.42
C GLY P 47 47.21 63.97 27.61
N GLN P 48 47.88 64.15 28.75
CA GLN P 48 47.46 63.42 29.95
C GLN P 48 46.09 63.86 30.43
N ALA P 49 45.81 65.17 30.43
CA ALA P 49 44.48 65.62 30.81
C ALA P 49 43.42 65.11 29.85
N ILE P 50 43.70 65.19 28.55
CA ILE P 50 42.76 64.69 27.54
C ILE P 50 42.53 63.19 27.73
N ALA P 51 43.60 62.44 28.00
CA ALA P 51 43.48 61.00 28.20
C ALA P 51 42.67 60.68 29.45
N ASN P 52 42.87 61.44 30.53
CA ASN P 52 42.09 61.22 31.75
C ASN P 52 40.61 61.44 31.47
N ARG P 53 40.27 62.53 30.78
CA ARG P 53 38.87 62.78 30.46
C ARG P 53 38.33 61.70 29.53
N PHE P 54 39.14 61.24 28.58
CA PHE P 54 38.69 60.19 27.67
C PHE P 54 38.41 58.89 28.41
N THR P 55 39.28 58.53 29.36
CA THR P 55 39.05 57.34 30.16
C THR P 55 37.77 57.46 30.98
N SER P 56 37.55 58.63 31.57
CA SER P 56 36.32 58.85 32.32
C SER P 56 35.09 58.67 31.44
N ASN P 57 35.12 59.26 30.24
CA ASN P 57 33.99 59.14 29.33
C ASN P 57 33.78 57.68 28.89
N ILE P 58 34.88 56.96 28.64
CA ILE P 58 34.77 55.58 28.19
C ILE P 58 34.11 54.72 29.27
N LYS P 59 34.58 54.87 30.51
CA LYS P 59 34.00 54.10 31.61
C LYS P 59 32.53 54.45 31.82
N GLY P 60 32.21 55.75 31.75
CA GLY P 60 30.83 56.16 31.90
C GLY P 60 29.91 55.59 30.84
N LEU P 61 30.37 55.60 29.58
CA LEU P 61 29.54 55.08 28.50
C LEU P 61 29.36 53.57 28.63
N THR P 62 30.41 52.84 29.00
CA THR P 62 30.26 51.40 29.18
C THR P 62 29.26 51.10 30.30
N GLN P 63 29.38 51.82 31.41
CA GLN P 63 28.43 51.61 32.51
C GLN P 63 27.01 51.98 32.09
N ALA P 64 26.87 53.01 31.24
CA ALA P 64 25.55 53.40 30.77
C ALA P 64 24.92 52.32 29.91
N ALA P 65 25.72 51.69 29.04
CA ALA P 65 25.19 50.57 28.26
C ALA P 65 24.76 49.43 29.16
N ARG P 66 25.58 49.12 30.18
CA ARG P 66 25.18 48.10 31.14
C ARG P 66 23.85 48.43 31.80
N ASN P 67 23.67 49.71 32.15
CA ASN P 67 22.40 50.13 32.75
C ASN P 67 21.24 49.96 31.78
N ALA P 68 21.44 50.33 30.51
CA ALA P 68 20.36 50.25 29.53
C ALA P 68 19.89 48.82 29.33
N ASN P 69 20.81 47.86 29.40
CA ASN P 69 20.39 46.47 29.31
C ASN P 69 19.40 46.10 30.40
N ASP P 70 19.55 46.68 31.60
CA ASP P 70 18.62 46.41 32.69
C ASP P 70 17.21 46.90 32.33
N GLY P 71 17.11 48.10 31.77
CA GLY P 71 15.81 48.59 31.34
C GLY P 71 15.18 47.72 30.29
N ILE P 72 16.00 47.21 29.36
CA ILE P 72 15.49 46.26 28.36
C ILE P 72 14.90 45.03 29.05
N SER P 73 15.61 44.51 30.06
CA SER P 73 15.11 43.34 30.78
C SER P 73 13.79 43.64 31.49
N VAL P 74 13.69 44.81 32.13
CA VAL P 74 12.47 45.20 32.82
C VAL P 74 11.30 45.21 31.85
N ALA P 75 11.52 45.85 30.69
CA ALA P 75 10.45 45.93 29.70
C ALA P 75 10.04 44.55 29.22
N GLN P 76 11.01 43.66 29.02
CA GLN P 76 10.68 42.30 28.58
C GLN P 76 9.81 41.58 29.60
N THR P 77 10.17 41.67 30.88
CA THR P 77 9.39 40.99 31.91
C THR P 77 7.97 41.55 31.98
N THR P 78 7.84 42.87 31.96
CA THR P 78 6.51 43.47 32.02
C THR P 78 5.68 43.08 30.80
N GLU P 79 6.31 43.00 29.63
CA GLU P 79 5.59 42.59 28.43
C GLU P 79 5.08 41.16 28.54
N GLY P 80 5.90 40.26 29.09
CA GLY P 80 5.44 38.89 29.29
C GLY P 80 4.22 38.81 30.20
N ALA P 81 4.28 39.54 31.33
CA ALA P 81 3.14 39.56 32.23
C ALA P 81 1.90 40.12 31.53
N LEU P 82 2.08 41.18 30.75
CA LEU P 82 0.96 41.78 30.03
C LEU P 82 0.37 40.80 29.03
N SER P 83 1.21 40.01 28.37
CA SER P 83 0.71 39.02 27.42
C SER P 83 -0.14 37.96 28.12
N GLU P 84 0.28 37.52 29.31
CA GLU P 84 -0.54 36.58 30.05
C GLU P 84 -1.89 37.19 30.42
N ILE P 85 -1.88 38.46 30.87
CA ILE P 85 -3.12 39.14 31.18
C ILE P 85 -4.01 39.23 29.95
N ASN P 86 -3.41 39.48 28.79
CA ASN P 86 -4.17 39.56 27.55
C ASN P 86 -4.85 38.23 27.22
N ASN P 87 -4.13 37.12 27.40
CA ASN P 87 -4.72 35.82 27.15
C ASN P 87 -5.92 35.58 28.07
N ASN P 88 -5.78 35.93 29.34
CA ASN P 88 -6.90 35.78 30.27
C ASN P 88 -8.09 36.64 29.84
N LEU P 89 -7.83 37.88 29.42
CA LEU P 89 -8.90 38.75 28.97
C LEU P 89 -9.60 38.19 27.74
N GLN P 90 -8.84 37.62 26.80
CA GLN P 90 -9.44 37.03 25.62
C GLN P 90 -10.37 35.88 25.98
N ARG P 91 -9.93 35.01 26.89
CA ARG P 91 -10.79 33.91 27.30
C ARG P 91 -12.04 34.42 28.02
N VAL P 92 -11.90 35.47 28.82
CA VAL P 92 -13.05 36.06 29.49
C VAL P 92 -14.05 36.60 28.47
N ARG P 93 -13.54 37.24 27.42
CA ARG P 93 -14.42 37.75 26.37
C ARG P 93 -15.16 36.62 25.69
N GLU P 94 -14.46 35.52 25.39
CA GLU P 94 -15.14 34.37 24.80
C GLU P 94 -16.23 33.83 25.72
N LEU P 95 -15.94 33.76 27.03
CA LEU P 95 -16.95 33.29 27.98
C LEU P 95 -18.17 34.21 28.00
N THR P 96 -17.94 35.52 27.96
CA THR P 96 -19.08 36.45 27.94
C THR P 96 -19.91 36.28 26.67
N VAL P 97 -19.24 36.10 25.52
CA VAL P 97 -19.96 35.86 24.28
C VAL P 97 -20.83 34.61 24.41
N GLN P 98 -20.29 33.57 25.03
CA GLN P 98 -21.08 32.36 25.25
C GLN P 98 -22.24 32.60 26.21
N ALA P 99 -22.03 33.43 27.23
CA ALA P 99 -23.02 33.59 28.28
C ALA P 99 -24.18 34.48 27.86
N THR P 100 -23.94 35.44 26.98
CA THR P 100 -25.00 36.38 26.61
C THR P 100 -25.97 35.77 25.60
N THR P 101 -26.53 34.61 25.92
CA THR P 101 -27.48 33.92 25.06
C THR P 101 -28.68 33.47 25.88
N GLY P 102 -29.85 33.47 25.25
CA GLY P 102 -31.08 33.13 25.95
C GLY P 102 -31.27 31.67 26.24
N THR P 103 -30.51 30.79 25.56
CA THR P 103 -30.67 29.36 25.78
C THR P 103 -30.12 28.93 27.14
N ASN P 104 -29.10 29.62 27.64
CA ASN P 104 -28.46 29.21 28.88
C ASN P 104 -29.42 29.27 30.06
N SER P 105 -29.33 28.27 30.93
CA SER P 105 -30.11 28.24 32.15
C SER P 105 -29.40 29.05 33.23
N GLU P 106 -30.03 29.15 34.41
CA GLU P 106 -29.47 29.96 35.48
C GLU P 106 -28.19 29.32 36.05
N SER P 107 -28.21 28.00 36.25
CA SER P 107 -27.02 27.31 36.74
C SER P 107 -25.87 27.39 35.74
N ASP P 108 -26.19 27.36 34.45
CA ASP P 108 -25.16 27.51 33.42
C ASP P 108 -24.51 28.88 33.51
N LEU P 109 -25.33 29.93 33.68
CA LEU P 109 -24.79 31.27 33.88
C LEU P 109 -23.96 31.33 35.15
N SER P 110 -24.37 30.60 36.19
CA SER P 110 -23.60 30.57 37.43
C SER P 110 -22.22 29.97 37.20
N SER P 111 -22.15 28.86 36.44
CA SER P 111 -20.86 28.25 36.15
C SER P 111 -19.98 29.16 35.32
N ILE P 112 -20.57 29.82 34.31
CA ILE P 112 -19.81 30.77 33.51
C ILE P 112 -19.27 31.90 34.38
N GLN P 113 -20.10 32.40 35.28
CA GLN P 113 -19.67 33.48 36.16
C GLN P 113 -18.57 33.01 37.11
N ASP P 114 -18.66 31.76 37.57
CA ASP P 114 -17.61 31.21 38.42
C ASP P 114 -16.28 31.21 37.68
N GLU P 115 -16.28 30.71 36.44
CA GLU P 115 -15.03 30.68 35.68
C GLU P 115 -14.52 32.08 35.38
N ILE P 116 -15.42 33.00 35.05
CA ILE P 116 -15.02 34.37 34.74
C ILE P 116 -14.41 35.03 35.97
N LYS P 117 -15.03 34.84 37.13
CA LYS P 117 -14.52 35.42 38.36
C LYS P 117 -13.16 34.81 38.72
N SER P 118 -13.00 33.50 38.49
CA SER P 118 -11.70 32.88 38.74
C SER P 118 -10.62 33.49 37.86
N ARG P 119 -10.92 33.71 36.58
CA ARG P 119 -9.92 34.27 35.69
C ARG P 119 -9.63 35.73 36.02
N LEU P 120 -10.64 36.48 36.46
CA LEU P 120 -10.40 37.85 36.91
C LEU P 120 -9.51 37.86 38.15
N ASP P 121 -9.74 36.93 39.07
CA ASP P 121 -8.85 36.81 40.22
C ASP P 121 -7.44 36.46 39.80
N GLU P 122 -7.29 35.61 38.79
CA GLU P 122 -5.97 35.30 38.26
C GLU P 122 -5.31 36.53 37.68
N ILE P 123 -6.07 37.37 36.98
CA ILE P 123 -5.52 38.60 36.43
C ILE P 123 -5.03 39.51 37.56
N ASP P 124 -5.84 39.65 38.61
CA ASP P 124 -5.43 40.48 39.74
C ASP P 124 -4.19 39.91 40.42
N ARG P 125 -4.13 38.59 40.54
CA ARG P 125 -2.97 37.95 41.17
C ARG P 125 -1.72 38.18 40.37
N VAL P 126 -1.77 37.96 39.05
CA VAL P 126 -0.57 38.14 38.25
C VAL P 126 -0.16 39.60 38.22
N SER P 127 -1.13 40.52 38.31
CA SER P 127 -0.80 41.93 38.40
C SER P 127 -0.06 42.25 39.70
N GLY P 128 -0.63 41.83 40.83
CA GLY P 128 -0.04 42.20 42.12
C GLY P 128 1.27 41.49 42.40
N GLN P 129 1.33 40.19 42.13
CA GLN P 129 2.45 39.38 42.60
C GLN P 129 3.70 39.57 41.75
N THR P 130 3.54 39.89 40.46
CA THR P 130 4.68 39.95 39.54
C THR P 130 5.56 41.14 39.92
N GLN P 131 6.69 40.84 40.55
CA GLN P 131 7.64 41.84 41.00
C GLN P 131 9.03 41.53 40.44
N PHE P 132 9.72 42.55 39.98
CA PHE P 132 11.07 42.43 39.45
C PHE P 132 12.00 43.28 40.30
N ASN P 133 13.04 42.65 40.84
CA ASN P 133 14.08 43.35 41.61
C ASN P 133 13.46 44.22 42.71
N GLY P 134 12.56 43.61 43.49
CA GLY P 134 11.91 44.34 44.57
C GLY P 134 11.05 45.50 44.10
N VAL P 135 10.55 45.43 42.87
CA VAL P 135 9.70 46.48 42.32
C VAL P 135 8.49 45.81 41.67
N ASN P 136 7.30 46.07 42.21
CA ASN P 136 6.07 45.57 41.62
C ASN P 136 5.70 46.47 40.46
N VAL P 137 6.04 46.03 39.24
CA VAL P 137 5.88 46.88 38.07
C VAL P 137 4.40 47.15 37.80
N LEU P 138 3.58 46.11 37.80
CA LEU P 138 2.15 46.26 37.54
C LEU P 138 1.34 46.39 38.83
N ALA P 139 1.74 47.32 39.69
CA ALA P 139 0.97 47.56 40.92
C ALA P 139 0.79 49.03 41.26
N LYS P 140 1.38 49.96 40.52
CA LYS P 140 1.29 51.37 40.85
C LYS P 140 1.78 52.23 39.68
N ASN P 141 1.03 53.27 39.34
CA ASN P 141 1.46 54.18 38.29
C ASN P 141 2.76 54.87 38.70
N GLY P 142 3.71 54.88 37.80
CA GLY P 142 5.01 55.47 38.09
C GLY P 142 5.87 55.56 36.86
N SER P 143 7.16 55.77 37.09
CA SER P 143 8.10 55.90 35.99
C SER P 143 9.50 55.56 36.48
N MET P 144 10.30 54.99 35.58
CA MET P 144 11.68 54.67 35.85
C MET P 144 12.59 55.50 34.95
N LYS P 145 13.77 55.83 35.45
CA LYS P 145 14.73 56.66 34.73
C LYS P 145 16.00 55.85 34.52
N ILE P 146 16.30 55.52 33.26
CA ILE P 146 17.45 54.71 32.92
C ILE P 146 18.61 55.62 32.55
N GLN P 147 19.74 55.45 33.23
CA GLN P 147 20.94 56.25 32.96
C GLN P 147 21.65 55.67 31.73
N VAL P 148 21.61 56.42 30.62
CA VAL P 148 22.23 55.96 29.39
C VAL P 148 23.26 56.97 28.91
N GLY P 149 23.83 57.72 29.85
CA GLY P 149 24.85 58.70 29.53
C GLY P 149 25.90 58.79 30.62
N ALA P 150 26.90 59.63 30.37
CA ALA P 150 28.01 59.78 31.30
C ALA P 150 27.81 60.93 32.28
N ASN P 151 27.11 61.98 31.87
CA ASN P 151 26.90 63.15 32.72
C ASN P 151 25.60 63.00 33.50
N ASP P 152 25.16 64.09 34.12
CA ASP P 152 23.92 64.09 34.88
C ASP P 152 22.73 64.37 33.96
N ASN P 153 21.56 63.88 34.38
CA ASN P 153 20.32 64.04 33.63
C ASN P 153 20.48 63.52 32.19
N GLN P 154 20.80 62.24 32.10
CA GLN P 154 20.97 61.54 30.83
C GLN P 154 20.01 60.38 30.74
N THR P 155 18.76 60.61 31.12
CA THR P 155 17.81 59.54 31.41
C THR P 155 16.84 59.29 30.26
N ILE P 156 16.48 58.02 30.10
CA ILE P 156 15.36 57.60 29.27
C ILE P 156 14.28 57.08 30.19
N THR P 157 13.07 57.64 30.07
CA THR P 157 12.00 57.39 31.03
C THR P 157 11.15 56.21 30.56
N ILE P 158 11.07 55.17 31.39
CA ILE P 158 10.15 54.08 31.19
C ILE P 158 8.90 54.35 32.00
N ASP P 159 7.73 54.09 31.42
CA ASP P 159 6.45 54.35 32.07
C ASP P 159 5.82 53.05 32.53
N LEU P 160 5.22 53.08 33.71
CA LEU P 160 4.56 51.91 34.29
C LEU P 160 3.16 52.30 34.71
N LYS P 161 2.17 51.53 34.28
CA LYS P 161 0.77 51.77 34.58
C LYS P 161 0.24 50.63 35.44
N GLN P 162 -0.48 50.97 36.50
CA GLN P 162 -1.13 49.98 37.34
C GLN P 162 -2.24 49.30 36.55
N ILE P 163 -2.05 48.04 36.20
CA ILE P 163 -3.00 47.28 35.41
C ILE P 163 -3.63 46.23 36.32
N ASP P 164 -4.91 46.39 36.61
CA ASP P 164 -5.66 45.43 37.41
C ASP P 164 -7.15 45.69 37.18
N ALA P 165 -7.98 44.92 37.88
CA ALA P 165 -9.42 45.01 37.66
C ALA P 165 -9.94 46.41 37.95
N LYS P 166 -9.48 47.03 39.03
CA LYS P 166 -9.97 48.37 39.37
C LYS P 166 -9.60 49.39 38.31
N THR P 167 -8.37 49.32 37.79
CA THR P 167 -7.90 50.26 36.79
C THR P 167 -8.26 49.84 35.37
N LEU P 168 -9.17 48.88 35.22
CA LEU P 168 -9.63 48.46 33.90
C LEU P 168 -11.15 48.49 33.77
N GLY P 169 -11.87 48.83 34.83
CA GLY P 169 -13.31 48.82 34.81
C GLY P 169 -13.94 47.47 35.05
N LEU P 170 -13.14 46.41 35.13
CA LEU P 170 -13.66 45.05 35.35
C LEU P 170 -13.68 44.70 36.83
N ASP P 171 -14.27 45.56 37.64
CA ASP P 171 -14.41 45.34 39.08
C ASP P 171 -15.88 45.11 39.38
N GLY P 172 -16.21 43.89 39.82
CA GLY P 172 -17.59 43.50 39.96
C GLY P 172 -18.24 42.98 38.69
N PHE P 173 -17.45 42.69 37.67
CA PHE P 173 -17.95 42.23 36.38
C PHE P 173 -18.67 40.90 36.55
N SER P 174 -19.98 40.89 36.34
CA SER P 174 -20.79 39.70 36.52
C SER P 174 -21.77 39.55 35.36
N VAL P 175 -22.16 38.30 35.11
CA VAL P 175 -23.10 37.99 34.03
C VAL P 175 -24.28 37.22 34.59
N LYS P 176 -24.59 37.43 35.86
CA LYS P 176 -25.72 36.78 36.50
C LYS P 176 -26.23 37.64 37.64
N ASN P 177 -27.44 37.36 38.09
CA ASN P 177 -28.07 38.13 39.15
C ASN P 177 -27.80 37.49 40.51
N THR P 407 -24.35 43.12 34.74
CA THR P 407 -23.49 44.16 34.18
C THR P 407 -24.03 44.63 32.83
N THR P 408 -24.11 45.95 32.65
CA THR P 408 -24.60 46.52 31.41
C THR P 408 -23.45 46.72 30.43
N ASP P 409 -23.71 46.39 29.17
CA ASP P 409 -22.72 46.47 28.10
C ASP P 409 -21.39 45.78 28.48
N PRO P 410 -21.42 44.47 28.71
CA PRO P 410 -20.17 43.80 29.13
C PRO P 410 -19.10 43.76 28.05
N LEU P 411 -19.49 43.45 26.82
CA LEU P 411 -18.51 43.27 25.75
C LEU P 411 -17.78 44.57 25.43
N LYS P 412 -18.49 45.70 25.50
CA LYS P 412 -17.84 46.99 25.27
C LYS P 412 -16.77 47.25 26.33
N ALA P 413 -17.07 46.98 27.59
CA ALA P 413 -16.08 47.17 28.65
C ALA P 413 -14.89 46.23 28.47
N LEU P 414 -15.16 44.99 28.07
CA LEU P 414 -14.06 44.05 27.85
C LEU P 414 -13.16 44.50 26.72
N ASP P 415 -13.74 44.97 25.62
CA ASP P 415 -12.94 45.50 24.51
C ASP P 415 -12.15 46.71 24.95
N ASP P 416 -12.76 47.58 25.76
CA ASP P 416 -12.04 48.76 26.26
C ASP P 416 -10.84 48.35 27.10
N ALA P 417 -11.01 47.35 27.97
CA ALA P 417 -9.89 46.87 28.78
C ALA P 417 -8.79 46.29 27.91
N ILE P 418 -9.17 45.51 26.88
CA ILE P 418 -8.17 44.93 26.00
C ILE P 418 -7.37 46.02 25.29
N ALA P 419 -8.06 47.06 24.80
CA ALA P 419 -7.35 48.15 24.16
C ALA P 419 -6.48 48.93 25.14
N SER P 420 -6.91 49.03 26.39
CA SER P 420 -6.15 49.79 27.37
C SER P 420 -4.87 49.07 27.77
N VAL P 421 -4.89 47.74 27.81
CA VAL P 421 -3.63 47.04 28.06
C VAL P 421 -2.78 47.00 26.78
N ASP P 422 -3.41 47.02 25.61
CA ASP P 422 -2.65 47.02 24.37
C ASP P 422 -1.86 48.32 24.20
N LYS P 423 -2.43 49.45 24.64
CA LYS P 423 -1.70 50.71 24.59
C LYS P 423 -0.41 50.64 25.42
N PHE P 424 -0.50 50.08 26.62
CA PHE P 424 0.68 49.94 27.47
C PHE P 424 1.70 49.01 26.83
N ARG P 425 1.22 47.93 26.20
CA ARG P 425 2.15 47.02 25.52
C ARG P 425 2.89 47.73 24.40
N SER P 426 2.18 48.54 23.61
CA SER P 426 2.83 49.27 22.53
C SER P 426 3.86 50.27 23.06
N SER P 427 3.53 50.96 24.15
CA SER P 427 4.49 51.88 24.74
C SER P 427 5.74 51.13 25.20
N LEU P 428 5.55 49.97 25.81
CA LEU P 428 6.70 49.16 26.25
C LEU P 428 7.57 48.77 25.07
N GLY P 429 6.96 48.35 23.96
CA GLY P 429 7.75 47.99 22.78
C GLY P 429 8.53 49.17 22.23
N ALA P 430 7.91 50.36 22.22
CA ALA P 430 8.61 51.54 21.75
C ALA P 430 9.82 51.85 22.64
N VAL P 431 9.64 51.72 23.96
CA VAL P 431 10.76 51.96 24.86
C VAL P 431 11.87 50.94 24.64
N GLN P 432 11.49 49.69 24.37
CA GLN P 432 12.50 48.65 24.10
C GLN P 432 13.34 49.02 22.88
N ASN P 433 12.67 49.44 21.80
CA ASN P 433 13.40 49.80 20.58
C ASN P 433 14.32 51.00 20.84
N ARG P 434 13.83 52.00 21.57
CA ARG P 434 14.65 53.16 21.88
C ARG P 434 15.89 52.75 22.67
N LEU P 435 15.72 51.89 23.67
CA LEU P 435 16.85 51.46 24.48
C LEU P 435 17.87 50.69 23.65
N ASP P 436 17.40 49.83 22.75
CA ASP P 436 18.33 49.08 21.90
C ASP P 436 19.13 50.01 21.01
N SER P 437 18.47 51.01 20.43
CA SER P 437 19.20 52.00 19.63
C SER P 437 20.24 52.73 20.47
N ALA P 438 19.86 53.08 21.71
CA ALA P 438 20.79 53.75 22.60
C ALA P 438 22.02 52.89 22.87
N VAL P 439 21.81 51.59 23.11
CA VAL P 439 22.93 50.69 23.37
C VAL P 439 23.86 50.64 22.17
N THR P 440 23.30 50.52 20.96
CA THR P 440 24.15 50.46 19.77
C THR P 440 24.97 51.74 19.61
N ASN P 441 24.32 52.90 19.80
CA ASN P 441 25.05 54.16 19.68
C ASN P 441 26.14 54.27 20.73
N LEU P 442 25.86 53.82 21.96
CA LEU P 442 26.85 53.86 23.02
C LEU P 442 28.05 52.98 22.69
N ASN P 443 27.80 51.80 22.12
CA ASN P 443 28.91 50.92 21.73
C ASN P 443 29.78 51.59 20.67
N ASN P 444 29.15 52.19 19.65
CA ASN P 444 29.93 52.84 18.61
C ASN P 444 30.75 54.00 19.17
N THR P 445 30.13 54.82 20.02
CA THR P 445 30.84 55.96 20.60
C THR P 445 32.00 55.50 21.49
N THR P 446 31.78 54.43 22.26
CA THR P 446 32.85 53.92 23.10
C THR P 446 34.02 53.44 22.27
N THR P 447 33.74 52.73 21.17
CA THR P 447 34.84 52.28 20.31
C THR P 447 35.61 53.46 19.73
N ASN P 448 34.89 54.48 19.25
CA ASN P 448 35.56 55.64 18.68
C ASN P 448 36.41 56.37 19.72
N LEU P 449 35.88 56.55 20.92
CA LEU P 449 36.63 57.22 21.97
C LEU P 449 37.84 56.41 22.39
N SER P 450 37.72 55.08 22.43
CA SER P 450 38.87 54.24 22.76
C SER P 450 39.97 54.39 21.73
N GLU P 451 39.61 54.40 20.45
CA GLU P 451 40.63 54.60 19.42
C GLU P 451 41.26 55.98 19.53
N ALA P 452 40.44 57.00 19.82
CA ALA P 452 40.97 58.36 19.96
C ALA P 452 41.96 58.44 21.12
N GLN P 453 41.63 57.81 22.25
CA GLN P 453 42.54 57.78 23.39
C GLN P 453 43.83 57.04 23.05
N SER P 454 43.71 55.94 22.29
CA SER P 454 44.90 55.20 21.88
C SER P 454 45.80 56.06 21.01
N ARG P 455 45.21 56.86 20.13
CA ARG P 455 46.01 57.73 19.26
C ARG P 455 46.68 58.87 19.99
N ILE P 456 46.53 58.97 21.32
CA ILE P 456 47.13 60.03 22.11
C ILE P 456 48.07 59.48 23.17
N GLN P 457 47.58 58.57 24.00
CA GLN P 457 48.34 58.14 25.18
C GLN P 457 49.27 56.97 24.90
N ASP P 458 49.04 56.21 23.84
CA ASP P 458 49.84 55.00 23.61
C ASP P 458 51.12 55.32 22.84
N ALA P 459 52.08 54.41 22.96
CA ALA P 459 53.40 54.57 22.37
C ALA P 459 53.56 53.68 21.14
N ASP P 460 54.44 54.09 20.24
CA ASP P 460 54.78 53.35 19.04
C ASP P 460 56.05 52.55 19.31
N TYR P 461 55.93 51.23 19.37
CA TYR P 461 57.05 50.41 19.85
C TYR P 461 58.25 50.47 18.92
N ALA P 462 58.04 50.63 17.61
CA ALA P 462 59.17 50.70 16.69
C ALA P 462 60.07 51.88 17.01
N THR P 463 59.47 53.05 17.21
CA THR P 463 60.25 54.25 17.55
C THR P 463 60.98 54.08 18.87
N GLU P 464 60.29 53.51 19.87
CA GLU P 464 60.92 53.33 21.18
C GLU P 464 62.09 52.36 21.10
N VAL P 465 61.95 51.28 20.34
CA VAL P 465 63.03 50.32 20.18
C VAL P 465 64.22 50.97 19.49
N SER P 466 63.96 51.74 18.43
CA SER P 466 65.05 52.41 17.73
C SER P 466 65.77 53.38 18.65
N ASN P 467 65.01 54.16 19.42
CA ASN P 467 65.63 55.11 20.34
C ASN P 467 66.44 54.40 21.42
N MET P 468 65.91 53.28 21.93
CA MET P 468 66.65 52.52 22.93
C MET P 468 67.98 52.00 22.38
N SER P 469 67.95 51.46 21.16
CA SER P 469 69.19 50.96 20.57
C SER P 469 70.18 52.10 20.35
N LYS P 470 69.70 53.24 19.86
CA LYS P 470 70.58 54.38 19.65
C LYS P 470 71.18 54.86 20.97
N ALA P 471 70.37 54.92 22.02
CA ALA P 471 70.87 55.34 23.32
C ALA P 471 71.92 54.38 23.85
N GLN P 472 71.70 53.08 23.67
CA GLN P 472 72.69 52.10 24.13
C GLN P 472 74.01 52.27 23.40
N ILE P 473 73.96 52.45 22.08
CA ILE P 473 75.18 52.65 21.31
C ILE P 473 75.88 53.92 21.76
N ILE P 474 75.12 54.99 21.99
CA ILE P 474 75.71 56.25 22.45
C ILE P 474 76.39 56.06 23.80
N GLN P 475 75.74 55.32 24.71
CA GLN P 475 76.31 55.12 26.04
C GLN P 475 77.64 54.36 25.96
N GLN P 476 77.66 53.28 25.17
CA GLN P 476 78.90 52.51 25.06
C GLN P 476 80.01 53.33 24.40
N ALA P 477 79.67 54.10 23.36
CA ALA P 477 80.65 54.94 22.71
C ALA P 477 81.21 55.97 23.68
N GLY P 478 80.33 56.59 24.47
CA GLY P 478 80.77 57.57 25.45
C GLY P 478 81.69 56.95 26.49
N ASN P 479 81.38 55.72 26.92
CA ASN P 479 82.24 55.05 27.88
C ASN P 479 83.63 54.81 27.29
N SER P 480 83.69 54.37 26.04
CA SER P 480 85.00 54.15 25.40
C SER P 480 85.79 55.46 25.29
N VAL P 481 85.12 56.53 24.85
CA VAL P 481 85.82 57.81 24.72
C VAL P 481 86.27 58.32 26.08
N LEU P 482 85.46 58.10 27.12
CA LEU P 482 85.86 58.50 28.46
C LEU P 482 87.09 57.72 28.93
N ALA P 483 87.14 56.43 28.64
CA ALA P 483 88.32 55.64 28.99
C ALA P 483 89.56 56.19 28.31
N LYS P 484 89.46 56.53 27.02
CA LYS P 484 90.61 57.10 26.32
C LYS P 484 90.99 58.46 26.89
N ALA P 485 89.99 59.28 27.25
CA ALA P 485 90.28 60.59 27.82
C ALA P 485 91.02 60.47 29.14
N ASN P 486 90.61 59.54 29.99
CA ASN P 486 91.35 59.30 31.23
C ASN P 486 92.72 58.69 30.98
N GLN P 487 92.90 57.98 29.87
CA GLN P 487 94.22 57.45 29.53
C GLN P 487 95.15 58.51 28.97
N VAL P 488 94.60 59.64 28.50
CA VAL P 488 95.44 60.69 27.89
C VAL P 488 96.52 61.22 28.82
N PRO P 489 96.24 61.60 30.07
CA PRO P 489 97.22 62.41 30.83
C PRO P 489 98.56 61.73 31.11
N GLN P 490 98.68 60.41 30.94
CA GLN P 490 99.83 59.71 31.47
C GLN P 490 101.15 60.10 30.80
N GLN P 491 101.12 60.82 29.67
CA GLN P 491 102.36 61.23 29.02
C GLN P 491 103.18 62.16 29.90
N VAL P 492 102.56 62.84 30.87
CA VAL P 492 103.32 63.69 31.79
C VAL P 492 104.28 62.83 32.62
N LEU P 493 103.86 61.62 32.97
CA LEU P 493 104.75 60.72 33.70
C LEU P 493 105.98 60.38 32.86
N SER P 494 105.78 60.13 31.56
CA SER P 494 106.93 59.89 30.68
C SER P 494 107.82 61.11 30.59
N LEU P 495 107.21 62.30 30.52
CA LEU P 495 108.00 63.54 30.51
C LEU P 495 108.88 63.64 31.74
N LEU P 496 108.29 63.40 32.92
CA LEU P 496 109.03 63.51 34.17
C LEU P 496 110.12 62.45 34.27
N GLN P 497 109.81 61.21 33.88
CA GLN P 497 110.77 60.13 34.00
C GLN P 497 111.99 60.37 33.13
N GLY P 498 111.78 60.84 31.90
CA GLY P 498 112.88 61.10 30.99
C GLY P 498 112.79 60.29 29.71
N GLN Q 3 107.33 19.40 34.95
CA GLN Q 3 107.01 20.49 34.05
C GLN Q 3 107.25 20.06 32.62
N VAL Q 4 107.35 18.75 32.44
CA VAL Q 4 107.72 18.09 31.19
C VAL Q 4 106.89 18.60 30.01
N ILE Q 5 107.57 19.00 28.93
CA ILE Q 5 106.89 19.49 27.74
C ILE Q 5 107.31 18.67 26.52
N ASN Q 6 108.12 17.63 26.74
CA ASN Q 6 108.39 16.64 25.71
C ASN Q 6 107.40 15.48 25.75
N THR Q 7 106.50 15.49 26.73
CA THR Q 7 105.43 14.50 26.85
C THR Q 7 104.26 15.15 27.56
N ASN Q 8 103.05 14.88 27.07
CA ASN Q 8 101.84 15.50 27.60
C ASN Q 8 100.91 14.41 28.12
N SER Q 9 101.45 13.50 28.93
CA SER Q 9 100.78 12.29 29.39
C SER Q 9 99.29 12.46 29.65
N LEU Q 10 98.90 13.59 30.26
CA LEU Q 10 97.48 13.87 30.44
C LEU Q 10 96.74 13.90 29.11
N SER Q 11 97.33 14.54 28.11
CA SER Q 11 96.70 14.57 26.79
C SER Q 11 96.60 13.17 26.20
N LEU Q 12 97.64 12.35 26.38
CA LEU Q 12 97.59 10.99 25.87
C LEU Q 12 96.47 10.19 26.54
N ILE Q 13 96.31 10.35 27.85
CA ILE Q 13 95.24 9.66 28.56
C ILE Q 13 93.88 10.13 28.07
N THR Q 14 93.73 11.44 27.86
CA THR Q 14 92.46 11.97 27.37
C THR Q 14 92.14 11.40 25.98
N GLN Q 15 93.14 11.34 25.10
CA GLN Q 15 92.93 10.76 23.78
C GLN Q 15 92.55 9.29 23.89
N ASN Q 16 93.18 8.55 24.81
CA ASN Q 16 92.83 7.15 25.01
C ASN Q 16 91.37 7.01 25.45
N ASN Q 17 90.93 7.87 26.37
CA ASN Q 17 89.54 7.82 26.82
C ASN Q 17 88.57 8.15 25.69
N ILE Q 18 88.91 9.15 24.87
CA ILE Q 18 88.05 9.49 23.74
C ILE Q 18 87.96 8.33 22.76
N ASN Q 19 89.10 7.69 22.49
CA ASN Q 19 89.11 6.54 21.60
C ASN Q 19 88.25 5.41 22.16
N LYS Q 20 88.30 5.20 23.48
CA LYS Q 20 87.44 4.21 24.11
C LYS Q 20 85.98 4.57 23.93
N ASN Q 21 85.64 5.85 24.07
CA ASN Q 21 84.25 6.27 23.97
C ASN Q 21 83.71 6.17 22.55
N GLN Q 22 84.56 6.31 21.54
CA GLN Q 22 84.11 6.34 20.15
C GLN Q 22 83.26 5.10 19.79
N SER Q 23 83.63 3.94 20.34
CA SER Q 23 82.98 2.70 19.94
C SER Q 23 81.49 2.69 20.26
N ALA Q 24 81.13 3.15 21.46
CA ALA Q 24 79.72 3.16 21.85
C ALA Q 24 78.89 4.06 20.95
N LEU Q 25 79.42 5.25 20.65
CA LEU Q 25 78.72 6.16 19.75
C LEU Q 25 78.55 5.55 18.36
N SER Q 26 79.61 4.94 17.83
CA SER Q 26 79.51 4.32 16.50
C SER Q 26 78.46 3.22 16.49
N SER Q 27 78.50 2.34 17.49
CA SER Q 27 77.54 1.24 17.54
C SER Q 27 76.11 1.76 17.67
N SER Q 28 75.91 2.76 18.52
CA SER Q 28 74.56 3.28 18.73
C SER Q 28 74.00 3.90 17.46
N ILE Q 29 74.82 4.71 16.76
CA ILE Q 29 74.32 5.32 15.52
C ILE Q 29 74.06 4.26 14.47
N GLU Q 30 74.93 3.24 14.37
CA GLU Q 30 74.70 2.18 13.41
C GLU Q 30 73.39 1.46 13.69
N ARG Q 31 73.14 1.15 14.96
CA ARG Q 31 71.91 0.43 15.32
C ARG Q 31 70.67 1.29 15.09
N LEU Q 32 70.76 2.59 15.36
CA LEU Q 32 69.64 3.47 15.05
C LEU Q 32 69.38 3.52 13.55
N SER Q 33 70.43 3.58 12.75
CA SER Q 33 70.26 3.67 11.30
C SER Q 33 69.64 2.39 10.74
N SER Q 34 70.21 1.23 11.09
CA SER Q 34 69.73 -0.02 10.52
C SER Q 34 68.40 -0.46 11.12
N GLY Q 35 68.25 -0.33 12.45
CA GLY Q 35 67.06 -0.78 13.14
C GLY Q 35 67.18 -2.15 13.77
N LEU Q 36 68.23 -2.89 13.48
CA LEU Q 36 68.47 -4.20 14.06
C LEU Q 36 69.54 -4.11 15.13
N ARG Q 37 69.34 -4.86 16.22
CA ARG Q 37 70.36 -4.92 17.26
C ARG Q 37 71.60 -5.65 16.75
N ILE Q 38 71.42 -6.70 15.96
CA ILE Q 38 72.52 -7.49 15.41
C ILE Q 38 72.75 -7.01 13.99
N ASN Q 39 73.72 -6.12 13.82
CA ASN Q 39 74.10 -5.64 12.49
C ASN Q 39 75.24 -6.43 11.88
N SER Q 40 75.87 -7.32 12.64
CA SER Q 40 77.01 -8.09 12.17
C SER Q 40 77.21 -9.28 13.10
N ALA Q 41 78.07 -10.19 12.68
CA ALA Q 41 78.37 -11.36 13.51
C ALA Q 41 79.12 -10.97 14.77
N LYS Q 42 79.83 -9.84 14.75
CA LYS Q 42 80.57 -9.41 15.94
C LYS Q 42 79.64 -9.17 17.11
N ASP Q 43 78.40 -8.76 16.86
CA ASP Q 43 77.48 -8.45 17.94
C ASP Q 43 77.15 -9.69 18.77
N ASP Q 44 76.39 -10.62 18.19
CA ASP Q 44 76.04 -11.87 18.86
C ASP Q 44 76.46 -13.08 18.05
N ALA Q 45 75.93 -13.19 16.83
CA ALA Q 45 76.14 -14.25 15.83
C ALA Q 45 75.50 -15.58 16.23
N ALA Q 46 75.21 -15.78 17.51
CA ALA Q 46 74.30 -16.86 17.88
C ALA Q 46 72.87 -16.41 17.63
N GLY Q 47 72.54 -15.21 18.09
CA GLY Q 47 71.29 -14.59 17.71
C GLY Q 47 71.18 -14.43 16.20
N GLN Q 48 72.29 -14.12 15.53
CA GLN Q 48 72.27 -14.00 14.08
C GLN Q 48 71.96 -15.33 13.41
N ALA Q 49 72.59 -16.42 13.87
CA ALA Q 49 72.28 -17.73 13.30
C ALA Q 49 70.83 -18.11 13.54
N ILE Q 50 70.34 -17.89 14.77
CA ILE Q 50 68.95 -18.20 15.08
C ILE Q 50 68.01 -17.37 14.21
N ALA Q 51 68.33 -16.08 14.03
CA ALA Q 51 67.49 -15.22 13.21
C ALA Q 51 67.49 -15.65 11.75
N ASN Q 52 68.65 -16.07 11.23
CA ASN Q 52 68.71 -16.56 9.86
C ASN Q 52 67.83 -17.79 9.68
N ARG Q 53 67.90 -18.73 10.62
CA ARG Q 53 67.05 -19.91 10.55
C ARG Q 53 65.58 -19.54 10.67
N PHE Q 54 65.27 -18.57 11.54
CA PHE Q 54 63.89 -18.12 11.70
C PHE Q 54 63.36 -17.50 10.42
N THR Q 55 64.18 -16.69 9.75
CA THR Q 55 63.78 -16.09 8.48
C THR Q 55 63.52 -17.17 7.44
N SER Q 56 64.39 -18.17 7.38
CA SER Q 56 64.18 -19.27 6.45
C SER Q 56 62.85 -19.97 6.72
N ASN Q 57 62.56 -20.24 7.99
CA ASN Q 57 61.30 -20.90 8.33
C ASN Q 57 60.10 -20.03 7.95
N ILE Q 58 60.19 -18.72 8.21
CA ILE Q 58 59.08 -17.82 7.89
C ILE Q 58 58.80 -17.86 6.39
N LYS Q 59 59.85 -17.73 5.58
CA LYS Q 59 59.67 -17.70 4.14
C LYS Q 59 59.10 -19.02 3.63
N GLY Q 60 59.62 -20.14 4.15
CA GLY Q 60 59.11 -21.43 3.73
C GLY Q 60 57.65 -21.64 4.09
N LEU Q 61 57.26 -21.24 5.30
CA LEU Q 61 55.87 -21.44 5.71
C LEU Q 61 54.92 -20.56 4.90
N THR Q 62 55.31 -19.31 4.63
CA THR Q 62 54.47 -18.46 3.80
C THR Q 62 54.29 -19.06 2.41
N GLN Q 63 55.39 -19.54 1.82
CA GLN Q 63 55.29 -20.16 0.50
C GLN Q 63 54.42 -21.41 0.55
N ALA Q 64 54.49 -22.17 1.65
CA ALA Q 64 53.68 -23.37 1.78
C ALA Q 64 52.20 -23.03 1.83
N ALA Q 65 51.83 -21.97 2.54
CA ALA Q 65 50.43 -21.54 2.55
C ALA Q 65 49.97 -21.13 1.15
N ARG Q 66 50.82 -20.38 0.45
CA ARG Q 66 50.49 -20.02 -0.92
C ARG Q 66 50.27 -21.26 -1.78
N ASN Q 67 51.09 -22.30 -1.58
CA ASN Q 67 50.91 -23.54 -2.32
C ASN Q 67 49.58 -24.20 -1.97
N ALA Q 68 49.24 -24.25 -0.69
CA ALA Q 68 48.01 -24.92 -0.27
C ALA Q 68 46.77 -24.27 -0.88
N ASN Q 69 46.82 -22.95 -1.08
CA ASN Q 69 45.70 -22.28 -1.75
C ASN Q 69 45.44 -22.88 -3.13
N ASP Q 70 46.50 -23.26 -3.85
CA ASP Q 70 46.34 -23.86 -5.16
C ASP Q 70 45.60 -25.19 -5.09
N GLY Q 71 45.95 -26.03 -4.12
CA GLY Q 71 45.22 -27.27 -3.94
C GLY Q 71 43.75 -27.05 -3.64
N ILE Q 72 43.47 -26.04 -2.83
CA ILE Q 72 42.06 -25.70 -2.56
C ILE Q 72 41.36 -25.36 -3.86
N SER Q 73 42.00 -24.56 -4.72
CA SER Q 73 41.39 -24.18 -5.99
C SER Q 73 41.14 -25.40 -6.88
N VAL Q 74 42.13 -26.31 -6.95
CA VAL Q 74 41.97 -27.51 -7.78
C VAL Q 74 40.78 -28.33 -7.31
N ALA Q 75 40.67 -28.52 -5.99
CA ALA Q 75 39.57 -29.30 -5.46
C ALA Q 75 38.23 -28.62 -5.76
N GLN Q 76 38.17 -27.30 -5.66
CA GLN Q 76 36.93 -26.59 -5.98
C GLN Q 76 36.51 -26.83 -7.43
N THR Q 77 37.47 -26.70 -8.36
CA THR Q 77 37.14 -26.88 -9.77
C THR Q 77 36.64 -28.29 -10.04
N THR Q 78 37.34 -29.29 -9.50
CA THR Q 78 36.92 -30.67 -9.71
C THR Q 78 35.54 -30.92 -9.11
N GLU Q 79 35.26 -30.32 -7.95
CA GLU Q 79 33.94 -30.48 -7.35
C GLU Q 79 32.84 -29.90 -8.22
N GLY Q 80 33.09 -28.73 -8.82
CA GLY Q 80 32.08 -28.16 -9.71
C GLY Q 80 31.79 -29.05 -10.90
N ALA Q 81 32.85 -29.57 -11.52
CA ALA Q 81 32.65 -30.48 -12.65
C ALA Q 81 31.87 -31.73 -12.22
N LEU Q 82 32.20 -32.25 -11.04
CA LEU Q 82 31.50 -33.43 -10.53
C LEU Q 82 30.03 -33.13 -10.27
N SER Q 83 29.72 -31.92 -9.80
CA SER Q 83 28.33 -31.56 -9.58
C SER Q 83 27.54 -31.56 -10.89
N GLU Q 84 28.14 -31.01 -11.95
CA GLU Q 84 27.46 -31.05 -13.24
C GLU Q 84 27.24 -32.48 -13.71
N ILE Q 85 28.26 -33.33 -13.55
CA ILE Q 85 28.11 -34.74 -13.92
C ILE Q 85 26.98 -35.39 -13.13
N ASN Q 86 26.88 -35.06 -11.84
CA ASN Q 86 25.83 -35.62 -11.00
C ASN Q 86 24.45 -35.21 -11.49
N ASN Q 87 24.30 -33.94 -11.87
CA ASN Q 87 23.01 -33.50 -12.40
C ASN Q 87 22.65 -34.26 -13.66
N ASN Q 88 23.62 -34.46 -14.55
CA ASN Q 88 23.34 -35.24 -15.76
C ASN Q 88 22.93 -36.66 -15.43
N LEU Q 89 23.61 -37.28 -14.47
CA LEU Q 89 23.26 -38.65 -14.08
C LEU Q 89 21.85 -38.72 -13.49
N GLN Q 90 21.47 -37.71 -12.70
CA GLN Q 90 20.12 -37.69 -12.13
C GLN Q 90 19.09 -37.61 -13.24
N ARG Q 91 19.31 -36.76 -14.23
CA ARG Q 91 18.36 -36.69 -15.34
C ARG Q 91 18.29 -38.01 -16.10
N VAL Q 92 19.44 -38.66 -16.28
CA VAL Q 92 19.45 -39.96 -16.98
C VAL Q 92 18.65 -40.98 -16.21
N ARG Q 93 18.77 -41.00 -14.88
CA ARG Q 93 18.00 -41.94 -14.08
C ARG Q 93 16.51 -41.68 -14.20
N GLU Q 94 16.11 -40.41 -14.18
CA GLU Q 94 14.69 -40.09 -14.38
C GLU Q 94 14.22 -40.57 -15.74
N LEU Q 95 15.05 -40.38 -16.77
CA LEU Q 95 14.69 -40.83 -18.11
C LEU Q 95 14.50 -42.34 -18.16
N THR Q 96 15.38 -43.09 -17.49
CA THR Q 96 15.23 -44.54 -17.47
C THR Q 96 13.95 -44.95 -16.74
N VAL Q 97 13.64 -44.27 -15.63
CA VAL Q 97 12.39 -44.56 -14.93
C VAL Q 97 11.20 -44.34 -15.87
N GLN Q 98 11.25 -43.28 -16.66
CA GLN Q 98 10.16 -43.03 -17.61
C GLN Q 98 10.14 -44.08 -18.72
N ALA Q 99 11.31 -44.56 -19.13
CA ALA Q 99 11.38 -45.45 -20.28
C ALA Q 99 10.96 -46.87 -19.95
N THR Q 100 11.19 -47.33 -18.72
CA THR Q 100 10.89 -48.72 -18.38
C THR Q 100 9.40 -48.92 -18.12
N THR Q 101 8.54 -48.53 -19.07
CA THR Q 101 7.10 -48.67 -18.95
C THR Q 101 6.56 -49.35 -20.19
N GLY Q 102 5.52 -50.17 -20.00
CA GLY Q 102 4.94 -50.92 -21.10
C GLY Q 102 4.11 -50.09 -22.06
N THR Q 103 3.61 -48.94 -21.62
CA THR Q 103 2.81 -48.10 -22.52
C THR Q 103 3.64 -47.51 -23.64
N ASN Q 104 4.93 -47.30 -23.40
CA ASN Q 104 5.78 -46.68 -24.40
C ASN Q 104 5.91 -47.56 -25.64
N SER Q 105 5.86 -46.93 -26.81
CA SER Q 105 6.08 -47.62 -28.06
C SER Q 105 7.56 -47.61 -28.41
N GLU Q 106 7.90 -48.18 -29.57
CA GLU Q 106 9.30 -48.26 -29.96
C GLU Q 106 9.87 -46.89 -30.33
N SER Q 107 9.07 -46.02 -30.94
CA SER Q 107 9.55 -44.68 -31.27
C SER Q 107 9.79 -43.86 -30.02
N ASP Q 108 8.92 -44.00 -29.02
CA ASP Q 108 9.12 -43.31 -27.76
C ASP Q 108 10.42 -43.75 -27.10
N LEU Q 109 10.67 -45.06 -27.10
CA LEU Q 109 11.93 -45.57 -26.56
C LEU Q 109 13.12 -45.06 -27.36
N SER Q 110 12.95 -44.95 -28.68
CA SER Q 110 14.03 -44.42 -29.51
C SER Q 110 14.36 -42.98 -29.13
N SER Q 111 13.33 -42.15 -28.92
CA SER Q 111 13.57 -40.77 -28.53
C SER Q 111 14.22 -40.69 -27.14
N ILE Q 112 13.73 -41.50 -26.20
CA ILE Q 112 14.32 -41.50 -24.86
C ILE Q 112 15.78 -41.92 -24.92
N GLN Q 113 16.09 -42.94 -25.72
CA GLN Q 113 17.47 -43.39 -25.86
C GLN Q 113 18.32 -42.32 -26.53
N ASP Q 114 17.76 -41.60 -27.51
CA ASP Q 114 18.50 -40.50 -28.13
C ASP Q 114 18.90 -39.47 -27.08
N GLU Q 115 17.95 -39.05 -26.26
CA GLU Q 115 18.27 -38.03 -25.24
C GLU Q 115 19.25 -38.59 -24.20
N ILE Q 116 19.09 -39.85 -23.82
CA ILE Q 116 19.98 -40.47 -22.85
C ILE Q 116 21.40 -40.53 -23.39
N LYS Q 117 21.55 -40.92 -24.66
CA LYS Q 117 22.88 -40.98 -25.26
C LYS Q 117 23.48 -39.59 -25.39
N SER Q 118 22.65 -38.59 -25.69
CA SER Q 118 23.15 -37.22 -25.73
C SER Q 118 23.71 -36.80 -24.37
N ARG Q 119 22.99 -37.12 -23.30
CA ARG Q 119 23.45 -36.73 -21.98
C ARG Q 119 24.69 -37.51 -21.56
N LEU Q 120 24.78 -38.79 -21.93
CA LEU Q 120 25.99 -39.56 -21.64
C LEU Q 120 27.18 -39.01 -22.41
N ASP Q 121 26.98 -38.62 -23.66
CA ASP Q 121 28.04 -37.99 -24.43
C ASP Q 121 28.47 -36.67 -23.79
N GLU Q 122 27.51 -35.92 -23.26
CA GLU Q 122 27.86 -34.70 -22.53
C GLU Q 122 28.68 -35.02 -21.30
N ILE Q 123 28.33 -36.09 -20.58
CA ILE Q 123 29.11 -36.49 -19.41
C ILE Q 123 30.55 -36.79 -19.81
N ASP Q 124 30.72 -37.56 -20.87
CA ASP Q 124 32.06 -37.90 -21.34
C ASP Q 124 32.82 -36.67 -21.78
N ARG Q 125 32.14 -35.75 -22.47
CA ARG Q 125 32.78 -34.51 -22.92
C ARG Q 125 33.26 -33.69 -21.72
N VAL Q 126 32.39 -33.52 -20.72
CA VAL Q 126 32.78 -32.74 -19.55
C VAL Q 126 33.96 -33.41 -18.84
N SER Q 127 33.94 -34.75 -18.76
CA SER Q 127 35.06 -35.46 -18.14
C SER Q 127 36.35 -35.20 -18.89
N GLY Q 128 36.33 -35.37 -20.21
CA GLY Q 128 37.56 -35.23 -20.99
C GLY Q 128 38.09 -33.81 -21.03
N GLN Q 129 37.20 -32.83 -21.19
CA GLN Q 129 37.62 -31.47 -21.47
C GLN Q 129 37.95 -30.66 -20.21
N THR Q 130 37.51 -31.11 -19.04
CA THR Q 130 37.76 -30.37 -17.81
C THR Q 130 39.24 -30.47 -17.46
N GLN Q 131 39.98 -29.40 -17.70
CA GLN Q 131 41.42 -29.36 -17.46
C GLN Q 131 41.78 -28.12 -16.66
N PHE Q 132 42.69 -28.29 -15.71
CA PHE Q 132 43.14 -27.21 -14.85
C PHE Q 132 44.65 -27.10 -14.95
N ASN Q 133 45.15 -25.94 -15.36
CA ASN Q 133 46.58 -25.64 -15.43
C ASN Q 133 47.31 -26.73 -16.23
N GLY Q 134 46.75 -27.08 -17.37
CA GLY Q 134 47.33 -28.10 -18.22
C GLY Q 134 47.30 -29.50 -17.62
N VAL Q 135 46.34 -29.76 -16.74
CA VAL Q 135 46.18 -31.08 -16.13
C VAL Q 135 44.72 -31.49 -16.25
N ASN Q 136 44.48 -32.61 -16.93
CA ASN Q 136 43.13 -33.14 -17.06
C ASN Q 136 42.80 -33.96 -15.82
N VAL Q 137 42.13 -33.33 -14.87
CA VAL Q 137 41.89 -33.98 -13.57
C VAL Q 137 40.99 -35.18 -13.73
N LEU Q 138 39.88 -35.04 -14.46
CA LEU Q 138 38.93 -36.13 -14.65
C LEU Q 138 39.19 -36.89 -15.93
N ALA Q 139 40.44 -37.32 -16.15
CA ALA Q 139 40.76 -38.11 -17.32
C ALA Q 139 41.71 -39.27 -17.05
N LYS Q 140 42.22 -39.41 -15.83
CA LYS Q 140 43.21 -40.44 -15.53
C LYS Q 140 43.38 -40.53 -14.02
N ASN Q 141 43.48 -41.75 -13.51
CA ASN Q 141 43.79 -41.95 -12.11
C ASN Q 141 45.16 -41.39 -11.78
N GLY Q 142 45.24 -40.61 -10.71
CA GLY Q 142 46.50 -40.02 -10.32
C GLY Q 142 46.40 -39.38 -8.96
N SER Q 143 47.46 -38.67 -8.58
CA SER Q 143 47.50 -38.01 -7.29
C SER Q 143 48.42 -36.81 -7.35
N MET Q 144 48.06 -35.76 -6.64
CA MET Q 144 48.89 -34.56 -6.50
C MET Q 144 49.43 -34.50 -5.08
N LYS Q 145 50.59 -33.86 -4.93
CA LYS Q 145 51.27 -33.74 -3.65
C LYS Q 145 51.45 -32.25 -3.35
N ILE Q 146 50.62 -31.73 -2.45
CA ILE Q 146 50.63 -30.30 -2.13
C ILE Q 146 51.63 -30.06 -1.02
N GLN Q 147 52.67 -29.28 -1.32
CA GLN Q 147 53.69 -28.94 -0.33
C GLN Q 147 53.09 -27.96 0.69
N VAL Q 148 52.92 -28.43 1.92
CA VAL Q 148 52.34 -27.59 2.97
C VAL Q 148 53.28 -27.50 4.15
N GLY Q 149 54.59 -27.58 3.89
CA GLY Q 149 55.58 -27.50 4.94
C GLY Q 149 56.82 -26.79 4.46
N ALA Q 150 57.76 -26.59 5.40
CA ALA Q 150 59.01 -25.90 5.10
C ALA Q 150 60.11 -26.86 4.66
N ASN Q 151 60.16 -28.05 5.24
CA ASN Q 151 61.16 -29.03 4.88
C ASN Q 151 60.66 -29.87 3.70
N ASP Q 152 61.38 -30.94 3.39
CA ASP Q 152 61.01 -31.83 2.30
C ASP Q 152 60.11 -32.95 2.80
N ASN Q 153 59.34 -33.52 1.88
CA ASN Q 153 58.36 -34.55 2.17
C ASN Q 153 57.36 -34.06 3.23
N GLN Q 154 56.68 -32.96 2.88
CA GLN Q 154 55.69 -32.30 3.73
C GLN Q 154 54.39 -32.14 2.96
N THR Q 155 53.96 -33.21 2.30
CA THR Q 155 52.92 -33.12 1.28
C THR Q 155 51.59 -33.67 1.79
N ILE Q 156 50.52 -33.10 1.25
CA ILE Q 156 49.17 -33.62 1.39
C ILE Q 156 48.73 -34.17 0.04
N THR Q 157 48.30 -35.41 0.02
CA THR Q 157 48.01 -36.11 -1.24
C THR Q 157 46.55 -35.91 -1.62
N ILE Q 158 46.32 -35.34 -2.80
CA ILE Q 158 44.99 -35.22 -3.36
C ILE Q 158 44.77 -36.36 -4.34
N ASP Q 159 43.64 -37.04 -4.23
CA ASP Q 159 43.34 -38.19 -5.05
C ASP Q 159 42.47 -37.80 -6.23
N LEU Q 160 42.76 -38.34 -7.40
CA LEU Q 160 42.02 -38.07 -8.62
C LEU Q 160 41.67 -39.40 -9.28
N LYS Q 161 40.38 -39.64 -9.46
CA LYS Q 161 39.88 -40.86 -10.10
C LYS Q 161 39.31 -40.53 -11.47
N GLN Q 162 39.66 -41.33 -12.46
CA GLN Q 162 39.12 -41.16 -13.80
C GLN Q 162 37.61 -41.39 -13.79
N ILE Q 163 36.84 -40.33 -14.00
CA ILE Q 163 35.38 -40.40 -13.98
C ILE Q 163 34.90 -40.24 -15.41
N ASP Q 164 34.28 -41.28 -15.96
CA ASP Q 164 33.70 -41.25 -17.30
C ASP Q 164 32.80 -42.47 -17.43
N ALA Q 165 32.18 -42.60 -18.61
CA ALA Q 165 31.23 -43.68 -18.83
C ALA Q 165 31.88 -45.06 -18.68
N LYS Q 166 33.10 -45.20 -19.21
CA LYS Q 166 33.75 -46.51 -19.17
C LYS Q 166 34.03 -46.96 -17.73
N THR Q 167 34.45 -46.03 -16.88
CA THR Q 167 34.79 -46.35 -15.50
C THR Q 167 33.58 -46.30 -14.57
N LEU Q 168 32.39 -46.04 -15.09
CA LEU Q 168 31.17 -46.04 -14.30
C LEU Q 168 30.20 -47.15 -14.69
N GLY Q 169 30.54 -47.97 -15.67
CA GLY Q 169 29.68 -49.04 -16.12
C GLY Q 169 28.64 -48.63 -17.15
N LEU Q 170 28.55 -47.34 -17.46
CA LEU Q 170 27.57 -46.85 -18.44
C LEU Q 170 28.19 -46.76 -19.84
N ASP Q 171 28.78 -47.86 -20.29
CA ASP Q 171 29.37 -47.95 -21.61
C ASP Q 171 28.48 -48.86 -22.47
N GLY Q 172 27.74 -48.25 -23.38
CA GLY Q 172 26.75 -48.97 -24.15
C GLY Q 172 25.39 -49.01 -23.51
N PHE Q 173 25.11 -48.13 -22.55
CA PHE Q 173 23.84 -48.10 -21.85
C PHE Q 173 22.70 -47.79 -22.81
N SER Q 174 21.81 -48.75 -23.03
CA SER Q 174 20.71 -48.59 -23.97
C SER Q 174 19.42 -49.07 -23.32
N VAL Q 175 18.30 -48.51 -23.78
CA VAL Q 175 16.98 -48.88 -23.30
C VAL Q 175 16.11 -49.28 -24.48
N LYS Q 176 16.74 -49.77 -25.55
CA LYS Q 176 16.03 -50.16 -26.75
C LYS Q 176 16.83 -51.21 -27.49
N ASN Q 177 16.16 -51.89 -28.41
CA ASN Q 177 16.80 -52.94 -29.21
C ASN Q 177 17.26 -52.41 -30.55
N THR Q 407 19.70 -53.23 -22.10
CA THR Q 407 20.55 -53.33 -20.93
C THR Q 407 19.76 -53.92 -19.75
N THR Q 408 20.39 -54.84 -19.03
CA THR Q 408 19.76 -55.49 -17.89
C THR Q 408 20.07 -54.71 -16.61
N ASP Q 409 19.06 -54.61 -15.75
CA ASP Q 409 19.15 -53.88 -14.49
C ASP Q 409 19.72 -52.47 -14.68
N PRO Q 410 19.03 -51.60 -15.42
CA PRO Q 410 19.58 -50.26 -15.69
C PRO Q 410 19.67 -49.39 -14.45
N LEU Q 411 18.59 -49.37 -13.67
CA LEU Q 411 18.53 -48.47 -12.51
C LEU Q 411 19.58 -48.83 -11.48
N LYS Q 412 19.84 -50.12 -11.28
CA LYS Q 412 20.86 -50.53 -10.33
C LYS Q 412 22.23 -49.98 -10.71
N ALA Q 413 22.59 -50.11 -12.00
CA ALA Q 413 23.86 -49.58 -12.47
C ALA Q 413 23.90 -48.06 -12.33
N LEU Q 414 22.78 -47.39 -12.60
CA LEU Q 414 22.75 -45.94 -12.49
C LEU Q 414 22.97 -45.48 -11.05
N ASP Q 415 22.30 -46.14 -10.10
CA ASP Q 415 22.52 -45.81 -8.69
C ASP Q 415 23.96 -46.12 -8.27
N ASP Q 416 24.52 -47.21 -8.79
CA ASP Q 416 25.91 -47.53 -8.48
C ASP Q 416 26.85 -46.44 -8.96
N ALA Q 417 26.63 -45.94 -10.18
CA ALA Q 417 27.46 -44.85 -10.69
C ALA Q 417 27.29 -43.58 -9.86
N ILE Q 418 26.05 -43.28 -9.46
CA ILE Q 418 25.82 -42.08 -8.65
C ILE Q 418 26.56 -42.18 -7.34
N ALA Q 419 26.53 -43.35 -6.69
CA ALA Q 419 27.27 -43.51 -5.45
C ALA Q 419 28.77 -43.48 -5.67
N SER Q 420 29.24 -43.96 -6.82
CA SER Q 420 30.67 -43.95 -7.10
C SER Q 420 31.21 -42.55 -7.34
N VAL Q 421 30.38 -41.66 -7.88
CA VAL Q 421 30.83 -40.27 -8.01
C VAL Q 421 30.66 -39.52 -6.68
N ASP Q 422 29.66 -39.89 -5.88
CA ASP Q 422 29.49 -39.24 -4.59
C ASP Q 422 30.65 -39.56 -3.64
N LYS Q 423 31.21 -40.78 -3.73
CA LYS Q 423 32.38 -41.11 -2.92
C LYS Q 423 33.55 -40.19 -3.22
N PHE Q 424 33.83 -39.97 -4.50
CA PHE Q 424 34.91 -39.06 -4.89
C PHE Q 424 34.63 -37.64 -4.45
N ARG Q 425 33.37 -37.21 -4.54
CA ARG Q 425 33.02 -35.87 -4.07
C ARG Q 425 33.30 -35.72 -2.58
N SER Q 426 32.93 -36.73 -1.79
CA SER Q 426 33.18 -36.68 -0.35
C SER Q 426 34.68 -36.63 -0.05
N SER Q 427 35.47 -37.42 -0.79
CA SER Q 427 36.91 -37.38 -0.60
C SER Q 427 37.47 -36.00 -0.89
N LEU Q 428 36.99 -35.38 -1.97
CA LEU Q 428 37.46 -34.04 -2.32
C LEU Q 428 37.10 -33.03 -1.23
N GLY Q 429 35.89 -33.11 -0.69
CA GLY Q 429 35.52 -32.22 0.40
C GLY Q 429 36.40 -32.39 1.63
N ALA Q 430 36.70 -33.64 1.98
CA ALA Q 430 37.59 -33.89 3.10
C ALA Q 430 38.97 -33.29 2.86
N VAL Q 431 39.48 -33.42 1.64
CA VAL Q 431 40.78 -32.83 1.33
C VAL Q 431 40.71 -31.31 1.44
N GLN Q 432 39.61 -30.71 1.01
CA GLN Q 432 39.45 -29.26 1.13
C GLN Q 432 39.53 -28.81 2.58
N ASN Q 433 38.80 -29.52 3.45
CA ASN Q 433 38.81 -29.16 4.87
C ASN Q 433 40.20 -29.31 5.46
N ARG Q 434 40.90 -30.39 5.12
CA ARG Q 434 42.26 -30.59 5.63
C ARG Q 434 43.18 -29.47 5.17
N LEU Q 435 43.08 -29.07 3.89
CA LEU Q 435 43.93 -27.99 3.40
C LEU Q 435 43.64 -26.68 4.11
N ASP Q 436 42.36 -26.37 4.35
CA ASP Q 436 42.03 -25.14 5.06
C ASP Q 436 42.61 -25.13 6.47
N SER Q 437 42.49 -26.26 7.18
CA SER Q 437 43.09 -26.34 8.50
C SER Q 437 44.60 -26.14 8.44
N ALA Q 438 45.24 -26.72 7.42
CA ALA Q 438 46.68 -26.55 7.25
C ALA Q 438 47.05 -25.09 7.06
N VAL Q 439 46.28 -24.37 6.23
CA VAL Q 439 46.56 -22.96 6.00
C VAL Q 439 46.44 -22.18 7.30
N THR Q 440 45.40 -22.44 8.08
CA THR Q 440 45.22 -21.73 9.34
C THR Q 440 46.39 -21.97 10.29
N ASN Q 441 46.81 -23.23 10.41
CA ASN Q 441 47.93 -23.54 11.30
C ASN Q 441 49.21 -22.89 10.83
N LEU Q 442 49.45 -22.89 9.50
CA LEU Q 442 50.65 -22.25 8.97
C LEU Q 442 50.66 -20.76 9.25
N ASN Q 443 49.50 -20.10 9.11
CA ASN Q 443 49.44 -18.67 9.41
C ASN Q 443 49.77 -18.40 10.87
N ASN Q 444 49.20 -19.20 11.78
CA ASN Q 444 49.48 -18.99 13.20
C ASN Q 444 50.96 -19.20 13.51
N THR Q 445 51.55 -20.26 12.96
CA THR Q 445 52.96 -20.55 13.22
C THR Q 445 53.84 -19.45 12.65
N THR Q 446 53.52 -18.96 11.46
CA THR Q 446 54.30 -17.87 10.86
C THR Q 446 54.26 -16.63 11.73
N THR Q 447 53.08 -16.28 12.25
CA THR Q 447 53.00 -15.10 13.11
C THR Q 447 53.85 -15.29 14.36
N ASN Q 448 53.76 -16.47 14.99
CA ASN Q 448 54.54 -16.69 16.21
C ASN Q 448 56.04 -16.62 15.94
N LEU Q 449 56.49 -17.26 14.86
CA LEU Q 449 57.92 -17.24 14.54
C LEU Q 449 58.41 -15.84 14.21
N SER Q 450 57.58 -15.06 13.51
CA SER Q 450 57.94 -13.67 13.22
C SER Q 450 58.10 -12.87 14.49
N GLU Q 451 57.18 -13.05 15.44
CA GLU Q 451 57.29 -12.33 16.72
C GLU Q 451 58.55 -12.75 17.48
N ALA Q 452 58.89 -14.04 17.44
CA ALA Q 452 60.13 -14.48 18.11
C ALA Q 452 61.36 -13.88 17.45
N GLN Q 453 61.41 -13.86 16.12
CA GLN Q 453 62.53 -13.24 15.43
C GLN Q 453 62.62 -11.76 15.77
N SER Q 454 61.47 -11.10 15.93
CA SER Q 454 61.48 -9.72 16.40
C SER Q 454 62.08 -9.60 17.78
N ARG Q 455 61.70 -10.50 18.70
CA ARG Q 455 62.27 -10.44 20.04
C ARG Q 455 63.74 -10.78 20.08
N ILE Q 456 64.30 -11.34 19.01
CA ILE Q 456 65.70 -11.76 18.98
C ILE Q 456 66.57 -10.71 18.29
N GLN Q 457 66.24 -10.35 17.05
CA GLN Q 457 67.16 -9.57 16.24
C GLN Q 457 66.92 -8.07 16.29
N ASP Q 458 65.75 -7.63 16.75
CA ASP Q 458 65.40 -6.22 16.64
C ASP Q 458 65.94 -5.42 17.82
N ALA Q 459 66.03 -4.11 17.62
CA ALA Q 459 66.61 -3.19 18.59
C ALA Q 459 65.53 -2.32 19.24
N ASP Q 460 65.80 -1.90 20.47
CA ASP Q 460 64.88 -1.06 21.25
C ASP Q 460 65.36 0.38 21.16
N TYR Q 461 64.53 1.25 20.61
CA TYR Q 461 64.99 2.59 20.25
C TYR Q 461 65.23 3.48 21.46
N ALA Q 462 64.47 3.31 22.54
CA ALA Q 462 64.65 4.17 23.71
C ALA Q 462 66.04 4.02 24.29
N THR Q 463 66.47 2.79 24.54
CA THR Q 463 67.81 2.55 25.08
C THR Q 463 68.87 3.04 24.12
N GLU Q 464 68.68 2.81 22.82
CA GLU Q 464 69.67 3.20 21.83
C GLU Q 464 69.84 4.72 21.79
N VAL Q 465 68.73 5.45 21.84
CA VAL Q 465 68.80 6.91 21.86
C VAL Q 465 69.47 7.40 23.13
N SER Q 466 69.16 6.77 24.27
CA SER Q 466 69.82 7.16 25.51
C SER Q 466 71.33 6.97 25.41
N ASN Q 467 71.76 5.83 24.87
CA ASN Q 467 73.19 5.57 24.72
C ASN Q 467 73.83 6.56 23.74
N MET Q 468 73.14 6.89 22.66
CA MET Q 468 73.68 7.85 21.70
C MET Q 468 73.89 9.22 22.33
N SER Q 469 72.89 9.69 23.09
CA SER Q 469 73.02 10.98 23.76
C SER Q 469 74.15 10.96 24.77
N LYS Q 470 74.25 9.87 25.56
CA LYS Q 470 75.34 9.78 26.53
C LYS Q 470 76.69 9.79 25.85
N ALA Q 471 76.82 9.07 24.72
CA ALA Q 471 78.09 9.02 24.01
C ALA Q 471 78.46 10.39 23.45
N GLN Q 472 77.50 11.11 22.90
CA GLN Q 472 77.80 12.46 22.39
C GLN Q 472 78.24 13.38 23.52
N ILE Q 473 77.56 13.31 24.66
CA ILE Q 473 77.94 14.14 25.81
C ILE Q 473 79.37 13.81 26.25
N ILE Q 474 79.69 12.52 26.32
CA ILE Q 474 81.03 12.11 26.73
C ILE Q 474 82.07 12.62 25.73
N GLN Q 475 81.76 12.54 24.43
CA GLN Q 475 82.71 12.99 23.43
C GLN Q 475 83.00 14.49 23.56
N GLN Q 476 81.94 15.29 23.73
CA GLN Q 476 82.15 16.73 23.87
C GLN Q 476 82.93 17.05 25.13
N ALA Q 477 82.61 16.38 26.23
CA ALA Q 477 83.35 16.60 27.48
C ALA Q 477 84.81 16.24 27.30
N GLY Q 478 85.10 15.10 26.66
CA GLY Q 478 86.47 14.71 26.44
C GLY Q 478 87.22 15.68 25.55
N ASN Q 479 86.54 16.24 24.56
CA ASN Q 479 87.19 17.25 23.72
C ASN Q 479 87.57 18.48 24.54
N SER Q 480 86.66 18.93 25.41
CA SER Q 480 86.99 20.06 26.28
C SER Q 480 88.18 19.74 27.19
N VAL Q 481 88.19 18.53 27.77
CA VAL Q 481 89.29 18.14 28.63
C VAL Q 481 90.60 18.11 27.85
N LEU Q 482 90.56 17.62 26.62
CA LEU Q 482 91.77 17.59 25.79
C LEU Q 482 92.29 18.99 25.52
N ALA Q 483 91.38 19.92 25.22
CA ALA Q 483 91.80 21.31 25.01
C ALA Q 483 92.49 21.86 26.25
N LYS Q 484 91.89 21.64 27.42
CA LYS Q 484 92.50 22.13 28.66
C LYS Q 484 93.86 21.47 28.91
N ALA Q 485 93.95 20.17 28.64
CA ALA Q 485 95.21 19.45 28.88
C ALA Q 485 96.31 19.97 27.99
N ASN Q 486 96.02 20.22 26.72
CA ASN Q 486 97.03 20.83 25.85
C ASN Q 486 97.35 22.25 26.27
N GLN Q 487 96.40 22.94 26.92
CA GLN Q 487 96.70 24.29 27.40
C GLN Q 487 97.62 24.26 28.62
N VAL Q 488 97.56 23.18 29.41
CA VAL Q 488 98.31 23.14 30.67
C VAL Q 488 99.80 23.45 30.52
N PRO Q 489 100.56 22.85 29.58
CA PRO Q 489 102.02 23.00 29.60
C PRO Q 489 102.54 24.41 29.36
N GLN Q 490 101.65 25.40 29.26
CA GLN Q 490 102.07 26.76 28.94
C GLN Q 490 102.92 27.40 30.02
N GLN Q 491 102.90 26.87 31.25
CA GLN Q 491 103.56 27.54 32.37
C GLN Q 491 105.08 27.58 32.23
N VAL Q 492 105.67 26.63 31.48
CA VAL Q 492 107.11 26.63 31.31
C VAL Q 492 107.57 27.86 30.54
N LEU Q 493 106.73 28.37 29.65
CA LEU Q 493 107.06 29.60 28.95
C LEU Q 493 107.17 30.77 29.92
N SER Q 494 106.24 30.87 30.87
CA SER Q 494 106.33 31.90 31.90
C SER Q 494 107.57 31.70 32.76
N LEU Q 495 107.89 30.44 33.09
CA LEU Q 495 109.08 30.17 33.87
C LEU Q 495 110.34 30.65 33.16
N LEU Q 496 110.49 30.32 31.89
CA LEU Q 496 111.67 30.71 31.14
C LEU Q 496 111.73 32.22 30.92
N GLN Q 497 110.60 32.83 30.59
CA GLN Q 497 110.58 34.26 30.32
C GLN Q 497 110.94 35.07 31.56
N GLY Q 498 110.42 34.66 32.72
CA GLY Q 498 110.69 35.36 33.96
C GLY Q 498 109.42 35.88 34.62
N GLN R 3 88.92 10.16 14.98
CA GLN R 3 88.30 11.50 14.81
C GLN R 3 88.79 12.13 13.49
N VAL R 4 88.07 11.89 12.39
CA VAL R 4 88.51 12.41 11.06
C VAL R 4 87.34 13.09 10.35
N ILE R 5 87.61 13.99 9.41
CA ILE R 5 86.61 14.76 8.68
C ILE R 5 86.75 14.60 7.17
N ASN R 6 87.59 13.65 6.72
CA ASN R 6 87.69 13.32 5.31
C ASN R 6 86.86 12.11 4.92
N THR R 7 86.40 11.32 5.89
CA THR R 7 85.47 10.23 5.64
C THR R 7 84.53 10.15 6.84
N ASN R 8 83.23 10.05 6.56
CA ASN R 8 82.23 10.07 7.62
C ASN R 8 81.47 8.76 7.56
N SER R 9 82.20 7.65 7.63
CA SER R 9 81.69 6.29 7.49
C SER R 9 80.28 6.09 8.03
N LEU R 10 79.97 6.69 9.18
CA LEU R 10 78.62 6.58 9.73
C LEU R 10 77.57 7.05 8.73
N SER R 11 77.83 8.17 8.04
CA SER R 11 76.91 8.63 7.02
C SER R 11 76.79 7.62 5.90
N LEU R 12 77.90 6.99 5.52
CA LEU R 12 77.85 5.99 4.46
C LEU R 12 76.98 4.81 4.87
N ILE R 13 77.12 4.36 6.12
CA ILE R 13 76.27 3.27 6.61
C ILE R 13 74.81 3.69 6.59
N THR R 14 74.52 4.91 7.04
CA THR R 14 73.12 5.35 7.09
C THR R 14 72.52 5.44 5.69
N GLN R 15 73.28 5.98 4.73
CA GLN R 15 72.80 6.04 3.35
C GLN R 15 72.61 4.64 2.78
N ASN R 16 73.50 3.71 3.12
CA ASN R 16 73.33 2.33 2.67
C ASN R 16 72.03 1.74 3.21
N ASN R 17 71.74 1.97 4.50
CA ASN R 17 70.50 1.45 5.08
C ASN R 17 69.28 2.09 4.45
N ILE R 18 69.34 3.39 4.15
CA ILE R 18 68.22 4.05 3.48
C ILE R 18 68.00 3.46 2.10
N ASN R 19 69.09 3.19 1.38
CA ASN R 19 68.99 2.56 0.08
C ASN R 19 68.36 1.17 0.18
N LYS R 20 68.73 0.42 1.23
CA LYS R 20 68.07 -0.86 1.46
C LYS R 20 66.59 -0.69 1.69
N ASN R 21 66.20 0.33 2.47
CA ASN R 21 64.81 0.53 2.81
C ASN R 21 63.97 0.94 1.60
N GLN R 22 64.56 1.69 0.65
CA GLN R 22 63.79 2.23 -0.46
C GLN R 22 62.98 1.17 -1.20
N SER R 23 63.55 -0.04 -1.34
CA SER R 23 62.93 -1.07 -2.16
C SER R 23 61.56 -1.47 -1.62
N ALA R 24 61.47 -1.68 -0.31
CA ALA R 24 60.20 -2.11 0.29
C ALA R 24 59.13 -1.05 0.11
N LEU R 25 59.48 0.22 0.32
CA LEU R 25 58.52 1.31 0.15
C LEU R 25 58.04 1.38 -1.29
N SER R 26 58.96 1.30 -2.24
CA SER R 26 58.58 1.37 -3.65
C SER R 26 57.67 0.22 -4.03
N SER R 27 58.01 -0.99 -3.60
CA SER R 27 57.19 -2.16 -3.92
C SER R 27 55.80 -2.04 -3.31
N SER R 28 55.73 -1.62 -2.04
CA SER R 28 54.43 -1.50 -1.39
C SER R 28 53.56 -0.46 -2.08
N ILE R 29 54.14 0.69 -2.44
CA ILE R 29 53.36 1.73 -3.10
C ILE R 29 52.87 1.25 -4.46
N GLU R 30 53.74 0.59 -5.22
CA GLU R 30 53.34 0.09 -6.54
C GLU R 30 52.22 -0.95 -6.41
N ARG R 31 52.34 -1.86 -5.45
CA ARG R 31 51.31 -2.88 -5.27
C ARG R 31 50.00 -2.27 -4.83
N LEU R 32 50.05 -1.24 -3.97
CA LEU R 32 48.82 -0.56 -3.56
C LEU R 32 48.17 0.14 -4.74
N SER R 33 48.97 0.78 -5.59
CA SER R 33 48.42 1.50 -6.74
C SER R 33 47.79 0.55 -7.74
N SER R 34 48.52 -0.50 -8.14
CA SER R 34 48.01 -1.41 -9.16
C SER R 34 46.96 -2.35 -8.60
N GLY R 35 47.14 -2.80 -7.36
CA GLY R 35 46.24 -3.77 -6.76
C GLY R 35 46.66 -5.21 -6.99
N LEU R 36 47.66 -5.46 -7.82
CA LEU R 36 48.12 -6.81 -8.09
C LEU R 36 49.43 -7.06 -7.34
N ARG R 37 49.55 -8.27 -6.79
CA ARG R 37 50.79 -8.64 -6.12
C ARG R 37 51.91 -8.85 -7.13
N ILE R 38 51.58 -9.41 -8.28
CA ILE R 38 52.55 -9.67 -9.34
C ILE R 38 52.41 -8.54 -10.36
N ASN R 39 53.30 -7.55 -10.27
CA ASN R 39 53.32 -6.45 -11.23
C ASN R 39 54.36 -6.64 -12.32
N SER R 40 55.32 -7.53 -12.12
CA SER R 40 56.38 -7.77 -13.10
C SER R 40 56.91 -9.17 -12.89
N ALA R 41 57.67 -9.65 -13.88
CA ALA R 41 58.24 -10.98 -13.80
C ALA R 41 59.23 -11.13 -12.64
N LYS R 42 59.81 -10.02 -12.18
CA LYS R 42 60.73 -10.11 -11.04
C LYS R 42 60.03 -10.56 -9.77
N ASP R 43 58.72 -10.32 -9.68
CA ASP R 43 57.98 -10.71 -8.48
C ASP R 43 57.95 -12.22 -8.32
N ASP R 44 57.16 -12.91 -9.14
CA ASP R 44 57.10 -14.37 -9.15
C ASP R 44 57.41 -14.94 -10.52
N ALA R 45 56.63 -14.57 -11.53
CA ALA R 45 56.70 -14.97 -12.93
C ALA R 45 56.29 -16.43 -13.16
N ALA R 46 56.35 -17.26 -12.13
CA ALA R 46 55.66 -18.54 -12.22
C ALA R 46 54.17 -18.34 -11.96
N GLY R 47 53.86 -17.59 -10.91
CA GLY R 47 52.50 -17.13 -10.71
C GLY R 47 52.02 -16.28 -11.87
N GLN R 48 52.92 -15.51 -12.48
CA GLN R 48 52.53 -14.69 -13.62
C GLN R 48 52.19 -15.54 -14.83
N ALA R 49 52.99 -16.58 -15.11
CA ALA R 49 52.65 -17.48 -16.22
C ALA R 49 51.34 -18.20 -15.95
N ILE R 50 51.14 -18.68 -14.72
CA ILE R 50 49.89 -19.35 -14.38
C ILE R 50 48.71 -18.39 -14.51
N ALA R 51 48.89 -17.14 -14.10
CA ALA R 51 47.83 -16.16 -14.22
C ALA R 51 47.51 -15.84 -15.67
N ASN R 52 48.52 -15.75 -16.52
CA ASN R 52 48.28 -15.54 -17.95
C ASN R 52 47.46 -16.69 -18.53
N ARG R 53 47.83 -17.92 -18.19
CA ARG R 53 47.07 -19.07 -18.68
C ARG R 53 45.65 -19.07 -18.14
N PHE R 54 45.46 -18.70 -16.87
CA PHE R 54 44.12 -18.63 -16.30
C PHE R 54 43.28 -17.58 -17.00
N THR R 55 43.87 -16.41 -17.29
CA THR R 55 43.13 -15.36 -17.99
C THR R 55 42.70 -15.84 -19.38
N SER R 56 43.61 -16.52 -20.09
CA SER R 56 43.26 -17.08 -21.39
C SER R 56 42.10 -18.05 -21.28
N ASN R 57 42.15 -18.95 -20.30
CA ASN R 57 41.08 -19.93 -20.14
C ASN R 57 39.75 -19.24 -19.79
N ILE R 58 39.80 -18.22 -18.94
CA ILE R 58 38.57 -17.52 -18.55
C ILE R 58 37.92 -16.88 -19.77
N LYS R 59 38.72 -16.16 -20.55
CA LYS R 59 38.16 -15.50 -21.73
C LYS R 59 37.62 -16.52 -22.72
N GLY R 60 38.34 -17.61 -22.94
CA GLY R 60 37.86 -18.63 -23.86
C GLY R 60 36.56 -19.26 -23.41
N LEU R 61 36.43 -19.56 -22.12
CA LEU R 61 35.22 -20.19 -21.63
C LEU R 61 34.03 -19.24 -21.71
N THR R 62 34.23 -17.96 -21.39
CA THR R 62 33.15 -17.00 -21.54
C THR R 62 32.68 -16.91 -22.98
N GLN R 63 33.64 -16.84 -23.91
CA GLN R 63 33.28 -16.78 -25.33
C GLN R 63 32.55 -18.05 -25.76
N ALA R 64 32.97 -19.20 -25.22
CA ALA R 64 32.33 -20.46 -25.56
C ALA R 64 30.88 -20.49 -25.10
N ALA R 65 30.60 -19.98 -23.89
CA ALA R 65 29.22 -19.92 -23.43
C ALA R 65 28.38 -19.01 -24.33
N ARG R 66 28.96 -17.86 -24.71
CA ARG R 66 28.25 -16.98 -25.64
C ARG R 66 27.96 -17.69 -26.95
N ASN R 67 28.89 -18.51 -27.43
CA ASN R 67 28.66 -19.28 -28.65
C ASN R 67 27.52 -20.28 -28.46
N ALA R 68 27.51 -20.98 -27.33
CA ALA R 68 26.50 -22.02 -27.10
C ALA R 68 25.09 -21.43 -27.09
N ASN R 69 24.95 -20.21 -26.56
CA ASN R 69 23.63 -19.58 -26.60
C ASN R 69 23.10 -19.44 -28.03
N ASP R 70 24.00 -19.21 -29.00
CA ASP R 70 23.57 -19.10 -30.38
C ASP R 70 22.97 -20.42 -30.89
N GLY R 71 23.62 -21.53 -30.59
CA GLY R 71 23.06 -22.82 -30.97
C GLY R 71 21.71 -23.07 -30.34
N ILE R 72 21.55 -22.64 -29.08
CA ILE R 72 20.24 -22.75 -28.44
C ILE R 72 19.19 -21.99 -29.24
N SER R 73 19.53 -20.76 -29.66
CA SER R 73 18.59 -19.96 -30.43
C SER R 73 18.24 -20.62 -31.76
N VAL R 74 19.25 -21.17 -32.45
CA VAL R 74 19.00 -21.83 -33.72
C VAL R 74 18.02 -22.99 -33.54
N ALA R 75 18.25 -23.80 -32.51
CA ALA R 75 17.38 -24.93 -32.26
C ALA R 75 15.96 -24.47 -31.95
N GLN R 76 15.82 -23.39 -31.19
CA GLN R 76 14.49 -22.86 -30.88
C GLN R 76 13.74 -22.46 -32.15
N THR R 77 14.42 -21.71 -33.04
CA THR R 77 13.77 -21.26 -34.26
C THR R 77 13.33 -22.44 -35.13
N THR R 78 14.23 -23.42 -35.29
CA THR R 78 13.90 -24.58 -36.11
C THR R 78 12.72 -25.35 -35.50
N GLU R 79 12.68 -25.46 -34.17
CA GLU R 79 11.59 -26.17 -33.53
C GLU R 79 10.26 -25.46 -33.76
N GLY R 80 10.25 -24.13 -33.71
CA GLY R 80 9.02 -23.40 -33.99
C GLY R 80 8.52 -23.65 -35.40
N ALA R 81 9.42 -23.60 -36.38
CA ALA R 81 9.02 -23.89 -37.75
C ALA R 81 8.46 -25.30 -37.88
N LEU R 82 9.11 -26.27 -37.22
CA LEU R 82 8.64 -27.65 -37.25
C LEU R 82 7.25 -27.77 -36.63
N SER R 83 6.98 -27.00 -35.57
CA SER R 83 5.66 -27.04 -34.95
C SER R 83 4.59 -26.57 -35.92
N GLU R 84 4.88 -25.49 -36.65
CA GLU R 84 3.91 -25.02 -37.64
C GLU R 84 3.67 -26.08 -38.73
N ILE R 85 4.75 -26.70 -39.21
CA ILE R 85 4.60 -27.76 -40.21
C ILE R 85 3.75 -28.89 -39.67
N ASN R 86 3.96 -29.24 -38.40
CA ASN R 86 3.19 -30.33 -37.79
C ASN R 86 1.70 -29.99 -37.74
N ASN R 87 1.38 -28.73 -37.38
CA ASN R 87 -0.04 -28.34 -37.36
C ASN R 87 -0.65 -28.46 -38.74
N ASN R 88 0.07 -28.02 -39.77
CA ASN R 88 -0.45 -28.16 -41.12
C ASN R 88 -0.67 -29.63 -41.49
N LEU R 89 0.27 -30.50 -41.10
CA LEU R 89 0.12 -31.93 -41.39
C LEU R 89 -1.10 -32.51 -40.70
N GLN R 90 -1.35 -32.10 -39.45
CA GLN R 90 -2.53 -32.60 -38.74
C GLN R 90 -3.81 -32.18 -39.44
N ARG R 91 -3.89 -30.92 -39.88
CA ARG R 91 -5.07 -30.48 -40.62
C ARG R 91 -5.25 -31.28 -41.92
N VAL R 92 -4.15 -31.51 -42.63
CA VAL R 92 -4.22 -32.32 -43.85
C VAL R 92 -4.71 -33.73 -43.53
N ARG R 93 -4.28 -34.29 -42.41
CA ARG R 93 -4.69 -35.64 -42.06
C ARG R 93 -6.20 -35.72 -41.81
N GLU R 94 -6.75 -34.78 -41.04
CA GLU R 94 -8.19 -34.83 -40.83
C GLU R 94 -8.94 -34.56 -42.14
N LEU R 95 -8.39 -33.72 -43.01
CA LEU R 95 -9.01 -33.50 -44.31
C LEU R 95 -9.08 -34.81 -45.10
N THR R 96 -8.00 -35.59 -45.10
CA THR R 96 -8.02 -36.88 -45.78
C THR R 96 -9.03 -37.81 -45.15
N VAL R 97 -9.13 -37.81 -43.82
CA VAL R 97 -10.12 -38.66 -43.15
C VAL R 97 -11.52 -38.29 -43.62
N GLN R 98 -11.79 -37.00 -43.75
CA GLN R 98 -13.10 -36.57 -44.26
C GLN R 98 -13.29 -36.96 -45.72
N ALA R 99 -12.21 -36.94 -46.51
CA ALA R 99 -12.35 -37.17 -47.94
C ALA R 99 -12.54 -38.64 -48.29
N THR R 100 -11.98 -39.55 -47.48
CA THR R 100 -12.05 -40.98 -47.81
C THR R 100 -13.40 -41.56 -47.40
N THR R 101 -14.46 -40.98 -47.94
CA THR R 101 -15.83 -41.41 -47.68
C THR R 101 -16.58 -41.54 -49.00
N GLY R 102 -17.51 -42.50 -49.06
CA GLY R 102 -18.25 -42.74 -50.29
C GLY R 102 -19.36 -41.75 -50.55
N THR R 103 -19.82 -41.02 -49.53
CA THR R 103 -20.90 -40.06 -49.73
C THR R 103 -20.45 -38.86 -50.55
N ASN R 104 -19.18 -38.48 -50.42
CA ASN R 104 -18.68 -37.29 -51.10
C ASN R 104 -18.76 -37.47 -52.62
N SER R 105 -19.15 -36.39 -53.30
CA SER R 105 -19.23 -36.38 -54.75
C SER R 105 -17.89 -35.92 -55.32
N GLU R 106 -17.84 -35.67 -56.63
CA GLU R 106 -16.59 -35.27 -57.26
C GLU R 106 -16.22 -33.83 -56.93
N SER R 107 -17.21 -32.94 -56.86
CA SER R 107 -16.94 -31.55 -56.51
C SER R 107 -16.42 -31.45 -55.07
N ASP R 108 -16.97 -32.27 -54.17
CA ASP R 108 -16.50 -32.30 -52.79
C ASP R 108 -15.03 -32.70 -52.73
N LEU R 109 -14.67 -33.75 -53.47
CA LEU R 109 -13.28 -34.18 -53.51
C LEU R 109 -12.40 -33.09 -54.14
N SER R 110 -12.93 -32.38 -55.13
CA SER R 110 -12.17 -31.29 -55.74
C SER R 110 -11.87 -30.19 -54.73
N SER R 111 -12.87 -29.82 -53.92
CA SER R 111 -12.65 -28.78 -52.91
C SER R 111 -11.68 -29.25 -51.84
N ILE R 112 -11.83 -30.50 -51.39
CA ILE R 112 -10.93 -31.03 -50.37
C ILE R 112 -9.50 -31.07 -50.91
N GLN R 113 -9.34 -31.50 -52.16
CA GLN R 113 -8.01 -31.53 -52.76
C GLN R 113 -7.44 -30.13 -52.94
N ASP R 114 -8.29 -29.16 -53.26
CA ASP R 114 -7.83 -27.78 -53.35
C ASP R 114 -7.24 -27.32 -52.02
N GLU R 115 -7.96 -27.54 -50.93
CA GLU R 115 -7.44 -27.12 -49.63
C GLU R 115 -6.19 -27.90 -49.25
N ILE R 116 -6.17 -29.21 -49.53
CA ILE R 116 -5.01 -30.04 -49.20
C ILE R 116 -3.78 -29.57 -49.97
N LYS R 117 -3.95 -29.28 -51.26
CA LYS R 117 -2.84 -28.79 -52.07
C LYS R 117 -2.37 -27.43 -51.57
N SER R 118 -3.30 -26.57 -51.17
CA SER R 118 -2.90 -25.28 -50.60
C SER R 118 -2.05 -25.47 -49.36
N ARG R 119 -2.46 -26.38 -48.47
CA ARG R 119 -1.71 -26.57 -47.23
C ARG R 119 -0.37 -27.25 -47.47
N LEU R 120 -0.31 -28.17 -48.45
CA LEU R 120 0.98 -28.77 -48.80
C LEU R 120 1.93 -27.73 -49.39
N ASP R 121 1.39 -26.83 -50.25
CA ASP R 121 2.20 -25.74 -50.77
C ASP R 121 2.67 -24.83 -49.64
N GLU R 122 1.81 -24.59 -48.65
CA GLU R 122 2.22 -23.79 -47.51
C GLU R 122 3.34 -24.47 -46.73
N ILE R 123 3.26 -25.79 -46.57
CA ILE R 123 4.33 -26.52 -45.90
C ILE R 123 5.64 -26.37 -46.65
N ASP R 124 5.59 -26.56 -47.97
CA ASP R 124 6.80 -26.44 -48.79
C ASP R 124 7.37 -25.03 -48.69
N ARG R 125 6.50 -24.02 -48.75
CA ARG R 125 6.93 -22.64 -48.56
C ARG R 125 7.64 -22.47 -47.22
N VAL R 126 6.91 -22.70 -46.13
CA VAL R 126 7.47 -22.51 -44.78
C VAL R 126 8.80 -23.22 -44.64
N SER R 127 8.94 -24.39 -45.28
CA SER R 127 10.23 -25.07 -45.29
C SER R 127 11.29 -24.23 -46.00
N GLY R 128 10.98 -23.77 -47.20
CA GLY R 128 11.98 -23.06 -47.99
C GLY R 128 12.36 -21.70 -47.42
N GLN R 129 11.38 -20.96 -46.90
CA GLN R 129 11.56 -19.56 -46.57
C GLN R 129 12.33 -19.35 -45.28
N THR R 130 12.20 -20.25 -44.31
CA THR R 130 12.77 -20.04 -42.98
C THR R 130 14.30 -20.06 -43.08
N GLN R 131 14.92 -18.91 -42.84
CA GLN R 131 16.37 -18.77 -42.88
C GLN R 131 16.83 -18.06 -41.62
N PHE R 132 17.87 -18.61 -41.00
CA PHE R 132 18.46 -18.03 -39.79
C PHE R 132 19.89 -17.61 -40.09
N ASN R 133 20.18 -16.32 -39.89
CA ASN R 133 21.53 -15.78 -40.11
C ASN R 133 22.06 -16.15 -41.49
N GLY R 134 21.21 -16.02 -42.49
CA GLY R 134 21.57 -16.39 -43.85
C GLY R 134 21.82 -17.86 -44.04
N VAL R 135 21.13 -18.72 -43.28
CA VAL R 135 21.22 -20.16 -43.42
C VAL R 135 19.81 -20.73 -43.45
N ASN R 136 19.46 -21.40 -44.55
CA ASN R 136 18.16 -22.06 -44.67
C ASN R 136 18.24 -23.39 -43.93
N VAL R 137 17.74 -23.41 -42.70
CA VAL R 137 17.91 -24.58 -41.84
C VAL R 137 17.13 -25.78 -42.39
N LEU R 138 15.86 -25.57 -42.76
CA LEU R 138 15.02 -26.65 -43.27
C LEU R 138 15.04 -26.69 -44.79
N ALA R 139 16.22 -26.73 -45.39
CA ALA R 139 16.32 -26.84 -46.84
C ALA R 139 17.37 -27.82 -47.33
N LYS R 140 18.30 -28.26 -46.48
CA LYS R 140 19.37 -29.13 -46.91
C LYS R 140 19.87 -29.93 -45.71
N ASN R 141 20.11 -31.22 -45.93
CA ASN R 141 20.71 -32.04 -44.88
C ASN R 141 22.12 -31.57 -44.58
N GLY R 142 22.42 -31.37 -43.31
CA GLY R 142 23.73 -30.88 -42.94
C GLY R 142 23.94 -30.95 -41.45
N SER R 143 24.95 -30.23 -40.99
CA SER R 143 25.30 -30.23 -39.57
C SER R 143 25.90 -28.88 -39.21
N MET R 144 25.79 -28.54 -37.93
CA MET R 144 26.35 -27.31 -37.38
C MET R 144 27.24 -27.67 -36.20
N LYS R 145 28.34 -26.92 -36.05
CA LYS R 145 29.32 -27.18 -35.00
C LYS R 145 29.42 -25.96 -34.10
N ILE R 146 29.15 -26.14 -32.82
CA ILE R 146 29.13 -25.06 -31.85
C ILE R 146 30.36 -25.19 -30.96
N GLN R 147 31.18 -24.15 -30.93
CA GLN R 147 32.38 -24.13 -30.08
C GLN R 147 31.97 -23.91 -28.63
N VAL R 148 32.08 -24.94 -27.81
CA VAL R 148 31.69 -24.84 -26.40
C VAL R 148 32.90 -25.09 -25.51
N GLY R 149 34.09 -24.74 -26.00
CA GLY R 149 35.30 -24.92 -25.23
C GLY R 149 36.30 -23.83 -25.55
N ALA R 150 37.44 -23.91 -24.85
CA ALA R 150 38.52 -22.93 -25.02
C ALA R 150 39.59 -23.38 -26.00
N ASN R 151 39.91 -24.67 -26.01
CA ASN R 151 40.89 -25.21 -26.94
C ASN R 151 40.22 -25.46 -28.29
N ASP R 152 40.92 -26.15 -29.18
CA ASP R 152 40.37 -26.47 -30.49
C ASP R 152 39.68 -27.83 -30.46
N ASN R 153 38.79 -28.04 -31.44
CA ASN R 153 37.98 -29.25 -31.55
C ASN R 153 37.18 -29.48 -30.27
N GLN R 154 36.33 -28.51 -29.95
CA GLN R 154 35.50 -28.50 -28.75
C GLN R 154 34.04 -28.31 -29.14
N THR R 155 33.58 -29.08 -30.13
CA THR R 155 32.32 -28.80 -30.80
C THR R 155 31.23 -29.76 -30.36
N ILE R 156 30.02 -29.21 -30.21
CA ILE R 156 28.79 -30.00 -30.09
C ILE R 156 28.04 -29.85 -31.40
N THR R 157 27.74 -30.97 -32.03
CA THR R 157 27.23 -30.97 -33.40
C THR R 157 25.70 -30.97 -33.39
N ILE R 158 25.11 -29.97 -34.03
CA ILE R 158 23.67 -29.91 -34.25
C ILE R 158 23.37 -30.48 -35.62
N ASP R 159 22.29 -31.24 -35.73
CA ASP R 159 21.90 -31.87 -36.98
C ASP R 159 20.69 -31.16 -37.56
N LEU R 160 20.70 -30.95 -38.88
CA LEU R 160 19.61 -30.32 -39.59
C LEU R 160 19.21 -31.22 -40.75
N LYS R 161 17.95 -31.65 -40.77
CA LYS R 161 17.43 -32.51 -41.81
C LYS R 161 16.51 -31.70 -42.71
N GLN R 162 16.69 -31.84 -44.02
CA GLN R 162 15.78 -31.22 -44.98
C GLN R 162 14.37 -31.75 -44.75
N ILE R 163 13.43 -30.83 -44.52
CA ILE R 163 12.04 -31.19 -44.24
C ILE R 163 11.18 -30.44 -45.25
N ASP R 164 10.58 -31.17 -46.19
CA ASP R 164 9.62 -30.62 -47.13
C ASP R 164 8.86 -31.77 -47.77
N ALA R 165 7.98 -31.44 -48.71
CA ALA R 165 7.08 -32.43 -49.28
C ALA R 165 7.84 -33.56 -49.97
N LYS R 166 8.93 -33.23 -50.67
CA LYS R 166 9.64 -34.25 -51.44
C LYS R 166 10.25 -35.31 -50.53
N THR R 167 10.83 -34.90 -49.40
CA THR R 167 11.51 -35.82 -48.51
C THR R 167 10.57 -36.44 -47.47
N LEU R 168 9.27 -36.21 -47.61
CA LEU R 168 8.29 -36.78 -46.69
C LEU R 168 7.37 -37.78 -47.39
N GLY R 169 7.49 -37.96 -48.69
CA GLY R 169 6.61 -38.81 -49.45
C GLY R 169 5.35 -38.13 -49.94
N LEU R 170 5.11 -36.88 -49.53
CA LEU R 170 3.92 -36.14 -49.94
C LEU R 170 4.18 -35.28 -51.16
N ASP R 171 4.73 -35.90 -52.21
CA ASP R 171 4.97 -35.23 -53.49
C ASP R 171 3.97 -35.77 -54.50
N GLY R 172 2.96 -34.95 -54.83
CA GLY R 172 1.87 -35.40 -55.65
C GLY R 172 0.70 -35.98 -54.89
N PHE R 173 0.68 -35.82 -53.57
CA PHE R 173 -0.38 -36.35 -52.73
C PHE R 173 -1.74 -35.80 -53.15
N SER R 174 -2.62 -36.68 -53.65
CA SER R 174 -3.93 -36.27 -54.12
C SER R 174 -4.98 -37.25 -53.63
N VAL R 175 -6.22 -36.78 -53.55
CA VAL R 175 -7.34 -37.61 -53.14
C VAL R 175 -8.44 -37.52 -54.18
N LYS R 176 -8.08 -37.23 -55.43
CA LYS R 176 -9.04 -37.11 -56.51
C LYS R 176 -8.40 -37.63 -57.79
N ASN R 177 -9.18 -37.65 -58.86
CA ASN R 177 -8.71 -38.18 -60.14
C ASN R 177 -8.59 -37.07 -61.19
N THR R 407 -3.93 -41.44 -54.85
CA THR R 407 -2.87 -41.90 -53.97
C THR R 407 -3.32 -43.07 -53.13
N THR R 408 -2.57 -44.17 -53.16
CA THR R 408 -2.91 -45.36 -52.40
C THR R 408 -2.39 -45.24 -50.97
N ASP R 409 -3.21 -45.68 -50.01
CA ASP R 409 -2.93 -45.62 -48.59
C ASP R 409 -2.45 -44.23 -48.17
N PRO R 410 -3.31 -43.22 -48.24
CA PRO R 410 -2.86 -41.86 -47.88
C PRO R 410 -2.56 -41.70 -46.40
N LEU R 411 -3.41 -42.26 -45.53
CA LEU R 411 -3.28 -42.02 -44.10
C LEU R 411 -1.99 -42.62 -43.55
N LYS R 412 -1.58 -43.78 -44.05
CA LYS R 412 -0.32 -44.38 -43.62
C LYS R 412 0.86 -43.47 -43.95
N ALA R 413 0.88 -42.91 -45.15
CA ALA R 413 1.96 -42.01 -45.54
C ALA R 413 1.95 -40.74 -44.69
N LEU R 414 0.76 -40.22 -44.40
CA LEU R 414 0.67 -39.03 -43.57
C LEU R 414 1.19 -39.30 -42.16
N ASP R 415 0.85 -40.46 -41.59
CA ASP R 415 1.37 -40.83 -40.29
C ASP R 415 2.88 -40.99 -40.32
N ASP R 416 3.41 -41.57 -41.40
CA ASP R 416 4.86 -41.71 -41.51
C ASP R 416 5.54 -40.35 -41.55
N ALA R 417 4.98 -39.40 -42.30
CA ALA R 417 5.55 -38.06 -42.36
C ALA R 417 5.51 -37.39 -40.99
N ILE R 418 4.40 -37.55 -40.27
CA ILE R 418 4.28 -36.94 -38.94
C ILE R 418 5.33 -37.51 -38.00
N ALA R 419 5.53 -38.83 -38.02
CA ALA R 419 6.56 -39.42 -37.17
C ALA R 419 7.96 -39.00 -37.61
N SER R 420 8.17 -38.76 -38.90
CA SER R 420 9.49 -38.39 -39.38
C SER R 420 9.84 -36.97 -38.99
N VAL R 421 8.87 -36.07 -38.92
CA VAL R 421 9.17 -34.74 -38.40
C VAL R 421 9.28 -34.76 -36.87
N ASP R 422 8.53 -35.65 -36.20
CA ASP R 422 8.62 -35.74 -34.75
C ASP R 422 9.99 -36.23 -34.31
N LYS R 423 10.61 -37.13 -35.07
CA LYS R 423 11.96 -37.59 -34.73
C LYS R 423 12.95 -36.42 -34.75
N PHE R 424 12.88 -35.58 -35.78
CA PHE R 424 13.76 -34.42 -35.85
C PHE R 424 13.49 -33.46 -34.70
N ARG R 425 12.22 -33.27 -34.34
CA ARG R 425 11.90 -32.43 -33.20
C ARG R 425 12.52 -32.96 -31.92
N SER R 426 12.45 -34.28 -31.70
CA SER R 426 13.04 -34.86 -30.51
C SER R 426 14.56 -34.66 -30.49
N SER R 427 15.21 -34.85 -31.64
CA SER R 427 16.66 -34.63 -31.71
C SER R 427 17.01 -33.19 -31.37
N LEU R 428 16.22 -32.23 -31.88
CA LEU R 428 16.47 -30.83 -31.58
C LEU R 428 16.33 -30.55 -30.08
N GLY R 429 15.30 -31.11 -29.46
CA GLY R 429 15.16 -30.92 -28.02
C GLY R 429 16.32 -31.49 -27.23
N ALA R 430 16.81 -32.67 -27.64
CA ALA R 430 17.96 -33.25 -26.97
C ALA R 430 19.19 -32.34 -27.10
N VAL R 431 19.39 -31.77 -28.29
CA VAL R 431 20.52 -30.86 -28.48
C VAL R 431 20.37 -29.62 -27.60
N GLN R 432 19.13 -29.12 -27.46
CA GLN R 432 18.90 -27.96 -26.61
C GLN R 432 19.29 -28.27 -25.16
N ASN R 433 18.87 -29.43 -24.66
CA ASN R 433 19.21 -29.79 -23.29
C ASN R 433 20.72 -29.91 -23.11
N ARG R 434 21.39 -30.54 -24.08
CA ARG R 434 22.85 -30.67 -24.00
C ARG R 434 23.52 -29.30 -23.96
N LEU R 435 23.08 -28.38 -24.81
CA LEU R 435 23.68 -27.06 -24.83
C LEU R 435 23.47 -26.32 -23.51
N ASP R 436 22.27 -26.44 -22.94
CA ASP R 436 22.01 -25.76 -21.66
C ASP R 436 22.92 -26.31 -20.56
N SER R 437 23.09 -27.63 -20.50
CA SER R 437 23.98 -28.21 -19.52
C SER R 437 25.41 -27.72 -19.73
N ALA R 438 25.84 -27.62 -21.00
CA ALA R 438 27.18 -27.13 -21.30
C ALA R 438 27.36 -25.69 -20.81
N VAL R 439 26.34 -24.85 -21.01
CA VAL R 439 26.44 -23.46 -20.56
C VAL R 439 26.58 -23.41 -19.05
N THR R 440 25.79 -24.21 -18.33
CA THR R 440 25.87 -24.19 -16.87
C THR R 440 27.27 -24.62 -16.41
N ASN R 441 27.81 -25.69 -16.99
CA ASN R 441 29.13 -26.15 -16.58
C ASN R 441 30.19 -25.10 -16.90
N LEU R 442 30.08 -24.44 -18.05
CA LEU R 442 31.03 -23.40 -18.41
C LEU R 442 31.00 -22.25 -17.41
N ASN R 443 29.80 -21.85 -16.99
CA ASN R 443 29.70 -20.77 -16.00
C ASN R 443 30.37 -21.17 -14.69
N ASN R 444 30.13 -22.41 -14.24
CA ASN R 444 30.74 -22.86 -12.99
C ASN R 444 32.26 -22.86 -13.10
N THR R 445 32.79 -23.40 -14.21
CA THR R 445 34.23 -23.47 -14.40
C THR R 445 34.85 -22.08 -14.48
N THR R 446 34.18 -21.15 -15.17
CA THR R 446 34.69 -19.79 -15.26
C THR R 446 34.77 -19.14 -13.90
N THR R 447 33.73 -19.31 -13.07
CA THR R 447 33.76 -18.72 -11.74
C THR R 447 34.90 -19.30 -10.91
N ASN R 448 35.06 -20.62 -10.95
CA ASN R 448 36.12 -21.24 -10.15
C ASN R 448 37.50 -20.78 -10.59
N LEU R 449 37.74 -20.72 -11.90
CA LEU R 449 39.03 -20.26 -12.39
C LEU R 449 39.27 -18.79 -12.07
N SER R 450 38.23 -17.97 -12.12
CA SER R 450 38.38 -16.57 -11.75
C SER R 450 38.80 -16.45 -10.29
N GLU R 451 38.18 -17.24 -9.42
CA GLU R 451 38.54 -17.15 -8.01
C GLU R 451 39.96 -17.66 -7.77
N ALA R 452 40.39 -18.69 -8.51
CA ALA R 452 41.77 -19.15 -8.39
C ALA R 452 42.76 -18.09 -8.84
N GLN R 453 42.47 -17.43 -9.97
CA GLN R 453 43.35 -16.36 -10.44
C GLN R 453 43.40 -15.23 -9.43
N SER R 454 42.27 -14.95 -8.76
CA SER R 454 42.30 -13.97 -7.68
C SER R 454 43.20 -14.43 -6.55
N ARG R 455 43.14 -15.70 -6.19
CA ARG R 455 44.01 -16.21 -5.13
C ARG R 455 45.48 -16.21 -5.52
N ILE R 456 45.80 -16.12 -6.81
CA ILE R 456 47.17 -16.19 -7.28
C ILE R 456 47.77 -14.80 -7.49
N GLN R 457 47.06 -13.93 -8.22
CA GLN R 457 47.67 -12.68 -8.67
C GLN R 457 47.33 -11.47 -7.80
N ASP R 458 46.19 -11.49 -7.11
CA ASP R 458 45.75 -10.30 -6.41
C ASP R 458 46.53 -10.10 -5.11
N ALA R 459 46.57 -8.84 -4.67
CA ALA R 459 47.27 -8.45 -3.46
C ALA R 459 46.30 -8.20 -2.32
N ASP R 460 46.81 -8.33 -1.09
CA ASP R 460 46.03 -8.14 0.13
C ASP R 460 46.37 -6.76 0.68
N TYR R 461 45.36 -5.88 0.75
CA TYR R 461 45.62 -4.48 1.02
C TYR R 461 46.04 -4.24 2.47
N ALA R 462 45.58 -5.06 3.41
CA ALA R 462 45.96 -4.85 4.81
C ALA R 462 47.47 -4.97 4.99
N THR R 463 48.05 -6.06 4.49
CA THR R 463 49.48 -6.25 4.57
C THR R 463 50.23 -5.16 3.83
N GLU R 464 49.73 -4.76 2.66
CA GLU R 464 50.40 -3.74 1.86
C GLU R 464 50.43 -2.41 2.59
N VAL R 465 49.31 -2.02 3.21
CA VAL R 465 49.26 -0.76 3.95
C VAL R 465 50.19 -0.82 5.15
N SER R 466 50.19 -1.94 5.87
CA SER R 466 51.08 -2.05 7.02
C SER R 466 52.54 -1.92 6.60
N ASN R 467 52.93 -2.61 5.53
CA ASN R 467 54.31 -2.54 5.06
C ASN R 467 54.66 -1.14 4.59
N MET R 468 53.73 -0.46 3.90
CA MET R 468 53.98 0.89 3.44
C MET R 468 54.20 1.85 4.61
N SER R 469 53.35 1.75 5.63
CA SER R 469 53.52 2.61 6.80
C SER R 469 54.84 2.34 7.49
N LYS R 470 55.20 1.06 7.65
CA LYS R 470 56.48 0.73 8.28
C LYS R 470 57.64 1.28 7.48
N ALA R 471 57.57 1.16 6.15
CA ALA R 471 58.64 1.67 5.30
C ALA R 471 58.77 3.19 5.43
N GLN R 472 57.63 3.89 5.50
CA GLN R 472 57.69 5.34 5.66
C GLN R 472 58.34 5.72 6.99
N ILE R 473 57.98 5.01 8.07
CA ILE R 473 58.60 5.29 9.36
C ILE R 473 60.10 5.04 9.30
N ILE R 474 60.50 3.93 8.65
CA ILE R 474 61.93 3.62 8.51
C ILE R 474 62.63 4.72 7.74
N GLN R 475 62.00 5.23 6.67
CA GLN R 475 62.63 6.27 5.88
C GLN R 475 62.84 7.53 6.70
N GLN R 476 61.83 7.96 7.45
CA GLN R 476 61.98 9.16 8.26
C GLN R 476 63.05 8.97 9.33
N ALA R 477 63.06 7.80 9.98
CA ALA R 477 64.06 7.53 11.00
C ALA R 477 65.47 7.56 10.41
N GLY R 478 65.64 6.95 9.23
CA GLY R 478 66.94 6.95 8.59
C GLY R 478 67.39 8.35 8.20
N ASN R 479 66.45 9.18 7.75
CA ASN R 479 66.80 10.56 7.42
C ASN R 479 67.28 11.31 8.65
N SER R 480 66.59 11.14 9.78
CA SER R 480 67.01 11.79 11.02
C SER R 480 68.39 11.30 11.46
N VAL R 481 68.63 9.99 11.38
CA VAL R 481 69.92 9.44 11.77
C VAL R 481 71.02 9.98 10.86
N LEU R 482 70.73 10.10 9.56
CA LEU R 482 71.72 10.66 8.65
C LEU R 482 72.05 12.10 9.00
N ALA R 483 71.02 12.89 9.34
CA ALA R 483 71.27 14.28 9.75
C ALA R 483 72.17 14.33 10.97
N LYS R 484 71.90 13.48 11.96
CA LYS R 484 72.73 13.45 13.16
C LYS R 484 74.16 13.01 12.82
N ALA R 485 74.30 12.02 11.94
CA ALA R 485 75.63 11.53 11.57
C ALA R 485 76.45 12.62 10.89
N ASN R 486 75.84 13.37 9.98
CA ASN R 486 76.55 14.49 9.38
C ASN R 486 76.80 15.61 10.38
N GLN R 487 75.97 15.71 11.42
CA GLN R 487 76.19 16.73 12.46
C GLN R 487 77.39 16.38 13.34
N VAL R 488 77.67 15.08 13.52
CA VAL R 488 78.72 14.68 14.46
C VAL R 488 80.07 15.35 14.21
N PRO R 489 80.60 15.41 12.97
CA PRO R 489 82.01 15.82 12.80
C PRO R 489 82.37 17.21 13.29
N GLN R 490 81.39 18.00 13.73
CA GLN R 490 81.67 19.40 14.04
C GLN R 490 82.63 19.56 15.21
N GLN R 491 82.84 18.52 16.01
CA GLN R 491 83.72 18.62 17.17
C GLN R 491 85.17 18.90 16.77
N VAL R 492 85.57 18.52 15.56
CA VAL R 492 86.93 18.81 15.11
C VAL R 492 87.13 20.32 14.98
N LEU R 493 86.09 21.03 14.56
CA LEU R 493 86.18 22.49 14.49
C LEU R 493 86.38 23.08 15.88
N SER R 494 85.67 22.56 16.89
CA SER R 494 85.86 23.02 18.26
C SER R 494 87.28 22.71 18.74
N LEU R 495 87.80 21.54 18.40
CA LEU R 495 89.17 21.20 18.75
C LEU R 495 90.15 22.20 18.14
N LEU R 496 89.99 22.50 16.86
CA LEU R 496 90.92 23.39 16.17
C LEU R 496 90.84 24.81 16.71
N GLN R 497 89.63 25.31 16.96
CA GLN R 497 89.47 26.70 17.40
C GLN R 497 90.10 26.93 18.76
N GLY R 498 90.16 25.89 19.60
CA GLY R 498 90.74 26.02 20.92
C GLY R 498 89.74 25.83 22.05
N GLN S 3 -35.65 -3.72 -32.79
CA GLN S 3 -35.91 -3.91 -31.36
C GLN S 3 -36.83 -2.83 -30.84
N VAL S 4 -37.25 -1.96 -31.74
CA VAL S 4 -37.95 -0.72 -31.44
C VAL S 4 -39.10 -0.92 -30.47
N ILE S 5 -39.14 -0.11 -29.42
CA ILE S 5 -40.18 -0.19 -28.40
C ILE S 5 -41.09 1.02 -28.42
N ASN S 6 -40.92 1.93 -29.38
CA ASN S 6 -41.80 3.07 -29.56
C ASN S 6 -42.90 2.78 -30.58
N THR S 7 -42.73 1.72 -31.39
CA THR S 7 -43.69 1.33 -32.41
C THR S 7 -43.81 -0.18 -32.40
N ASN S 8 -45.05 -0.68 -32.54
CA ASN S 8 -45.31 -2.11 -32.43
C ASN S 8 -46.04 -2.60 -33.68
N SER S 9 -45.49 -2.29 -34.86
CA SER S 9 -46.11 -2.54 -36.16
C SER S 9 -46.87 -3.86 -36.23
N LEU S 10 -46.28 -4.93 -35.68
CA LEU S 10 -46.96 -6.22 -35.69
C LEU S 10 -48.29 -6.16 -34.95
N SER S 11 -48.32 -5.48 -33.80
CA SER S 11 -49.58 -5.31 -33.08
C SER S 11 -50.58 -4.53 -33.91
N LEU S 12 -50.12 -3.52 -34.65
CA LEU S 12 -51.02 -2.76 -35.50
C LEU S 12 -51.61 -3.64 -36.60
N ILE S 13 -50.79 -4.51 -37.20
CA ILE S 13 -51.30 -5.44 -38.21
C ILE S 13 -52.35 -6.36 -37.59
N THR S 14 -52.07 -6.89 -36.40
CA THR S 14 -53.01 -7.79 -35.76
C THR S 14 -54.33 -7.09 -35.46
N GLN S 15 -54.26 -5.85 -34.96
CA GLN S 15 -55.48 -5.09 -34.70
C GLN S 15 -56.25 -4.83 -35.98
N ASN S 16 -55.54 -4.52 -37.07
CA ASN S 16 -56.21 -4.32 -38.35
C ASN S 16 -56.93 -5.58 -38.81
N ASN S 17 -56.29 -6.74 -38.66
CA ASN S 17 -56.95 -7.98 -39.04
C ASN S 17 -58.16 -8.27 -38.18
N ILE S 18 -58.07 -7.99 -36.87
CA ILE S 18 -59.21 -8.22 -35.99
C ILE S 18 -60.36 -7.30 -36.38
N ASN S 19 -60.06 -6.04 -36.68
CA ASN S 19 -61.10 -5.11 -37.11
C ASN S 19 -61.73 -5.56 -38.42
N LYS S 20 -60.92 -6.09 -39.33
CA LYS S 20 -61.46 -6.64 -40.57
C LYS S 20 -62.40 -7.80 -40.29
N ASN S 21 -62.04 -8.68 -39.35
CA ASN S 21 -62.86 -9.84 -39.06
C ASN S 21 -64.17 -9.48 -38.36
N GLN S 22 -64.18 -8.41 -37.57
CA GLN S 22 -65.35 -8.06 -36.78
C GLN S 22 -66.62 -7.97 -37.61
N SER S 23 -66.52 -7.43 -38.83
CA SER S 23 -67.71 -7.17 -39.64
C SER S 23 -68.44 -8.46 -40.00
N ALA S 24 -67.70 -9.51 -40.36
CA ALA S 24 -68.33 -10.77 -40.74
C ALA S 24 -69.09 -11.36 -39.56
N LEU S 25 -68.49 -11.34 -38.37
CA LEU S 25 -69.16 -11.85 -37.18
C LEU S 25 -70.43 -11.05 -36.89
N SER S 26 -70.34 -9.72 -36.98
CA SER S 26 -71.51 -8.89 -36.71
C SER S 26 -72.63 -9.19 -37.69
N SER S 27 -72.30 -9.28 -38.98
CA SER S 27 -73.31 -9.56 -40.00
C SER S 27 -73.93 -10.94 -39.80
N SER S 28 -73.11 -11.93 -39.48
CA SER S 28 -73.64 -13.28 -39.28
C SER S 28 -74.59 -13.33 -38.10
N ILE S 29 -74.23 -12.69 -36.99
CA ILE S 29 -75.12 -12.69 -35.83
C ILE S 29 -76.40 -11.94 -36.14
N GLU S 30 -76.31 -10.81 -36.85
CA GLU S 30 -77.51 -10.07 -37.20
C GLU S 30 -78.44 -10.90 -38.08
N ARG S 31 -77.88 -11.59 -39.08
CA ARG S 31 -78.69 -12.41 -39.96
C ARG S 31 -79.32 -13.59 -39.21
N LEU S 32 -78.57 -14.20 -38.29
CA LEU S 32 -79.12 -15.30 -37.51
C LEU S 32 -80.26 -14.83 -36.63
N SER S 33 -80.10 -13.67 -35.99
CA SER S 33 -81.13 -13.18 -35.07
C SER S 33 -82.38 -12.74 -35.83
N SER S 34 -82.21 -11.93 -36.89
CA SER S 34 -83.35 -11.42 -37.62
C SER S 34 -84.00 -12.47 -38.52
N GLY S 35 -83.20 -13.37 -39.09
CA GLY S 35 -83.69 -14.39 -39.98
C GLY S 35 -83.75 -13.99 -41.44
N LEU S 36 -83.48 -12.72 -41.75
CA LEU S 36 -83.50 -12.23 -43.12
C LEU S 36 -82.08 -11.91 -43.56
N ARG S 37 -81.73 -12.32 -44.78
CA ARG S 37 -80.40 -12.04 -45.31
C ARG S 37 -80.20 -10.55 -45.54
N ILE S 38 -81.24 -9.87 -46.02
CA ILE S 38 -81.18 -8.44 -46.31
C ILE S 38 -81.73 -7.73 -45.08
N ASN S 39 -80.83 -7.32 -44.18
CA ASN S 39 -81.22 -6.60 -42.98
C ASN S 39 -81.12 -5.09 -43.13
N SER S 40 -80.56 -4.60 -44.24
CA SER S 40 -80.38 -3.17 -44.44
C SER S 40 -80.13 -2.92 -45.92
N ALA S 41 -80.14 -1.64 -46.30
CA ALA S 41 -79.90 -1.28 -47.68
C ALA S 41 -78.47 -1.55 -48.10
N LYS S 42 -77.53 -1.49 -47.15
CA LYS S 42 -76.13 -1.73 -47.50
C LYS S 42 -75.89 -3.17 -47.93
N ASP S 43 -76.76 -4.10 -47.55
CA ASP S 43 -76.60 -5.49 -47.97
C ASP S 43 -76.75 -5.63 -49.48
N ASP S 44 -77.99 -5.50 -49.97
CA ASP S 44 -78.26 -5.55 -51.40
C ASP S 44 -78.99 -4.31 -51.88
N ALA S 45 -80.17 -4.05 -51.33
CA ALA S 45 -81.09 -2.95 -51.61
C ALA S 45 -81.77 -3.06 -52.97
N ALA S 46 -81.19 -3.84 -53.89
CA ALA S 46 -81.97 -4.24 -55.05
C ALA S 46 -82.91 -5.37 -54.68
N GLY S 47 -82.37 -6.38 -54.00
CA GLY S 47 -83.20 -7.38 -53.39
C GLY S 47 -84.17 -6.79 -52.39
N GLN S 48 -83.74 -5.74 -51.67
CA GLN S 48 -84.64 -5.12 -50.71
C GLN S 48 -85.79 -4.39 -51.39
N ALA S 49 -85.52 -3.67 -52.48
CA ALA S 49 -86.61 -3.04 -53.22
C ALA S 49 -87.57 -4.08 -53.79
N ILE S 50 -87.02 -5.15 -54.37
CA ILE S 50 -87.86 -6.22 -54.91
C ILE S 50 -88.69 -6.84 -53.80
N ALA S 51 -88.09 -7.06 -52.63
CA ALA S 51 -88.82 -7.65 -51.51
C ALA S 51 -89.93 -6.73 -51.02
N ASN S 52 -89.68 -5.43 -50.96
CA ASN S 52 -90.72 -4.48 -50.57
C ASN S 52 -91.91 -4.56 -51.53
N ARG S 53 -91.61 -4.56 -52.84
CA ARG S 53 -92.69 -4.66 -53.82
C ARG S 53 -93.43 -6.00 -53.69
N PHE S 54 -92.69 -7.08 -53.44
CA PHE S 54 -93.30 -8.38 -53.29
C PHE S 54 -94.23 -8.43 -52.09
N THR S 55 -93.82 -7.85 -50.96
CA THR S 55 -94.66 -7.80 -49.78
C THR S 55 -95.92 -7.00 -50.05
N SER S 56 -95.78 -5.87 -50.76
CA SER S 56 -96.95 -5.08 -51.13
C SER S 56 -97.92 -5.93 -51.95
N ASN S 57 -97.41 -6.66 -52.94
CA ASN S 57 -98.27 -7.49 -53.76
C ASN S 57 -98.95 -8.58 -52.95
N ILE S 58 -98.21 -9.20 -52.02
CA ILE S 58 -98.79 -10.26 -51.20
C ILE S 58 -99.95 -9.73 -50.38
N LYS S 59 -99.74 -8.60 -49.71
CA LYS S 59 -100.80 -8.03 -48.89
C LYS S 59 -102.01 -7.65 -49.74
N GLY S 60 -101.76 -7.05 -50.91
CA GLY S 60 -102.87 -6.68 -51.77
C GLY S 60 -103.67 -7.89 -52.24
N LEU S 61 -102.99 -8.97 -52.61
CA LEU S 61 -103.70 -10.15 -53.10
C LEU S 61 -104.52 -10.79 -51.98
N THR S 62 -103.95 -10.88 -50.77
CA THR S 62 -104.71 -11.45 -49.65
C THR S 62 -105.97 -10.61 -49.38
N GLN S 63 -105.82 -9.29 -49.38
CA GLN S 63 -106.96 -8.43 -49.13
C GLN S 63 -108.01 -8.59 -50.24
N ALA S 64 -107.55 -8.74 -51.49
CA ALA S 64 -108.48 -8.90 -52.60
C ALA S 64 -109.28 -10.18 -52.48
N ALA S 65 -108.63 -11.28 -52.07
CA ALA S 65 -109.38 -12.52 -51.85
C ALA S 65 -110.42 -12.35 -50.74
N ARG S 66 -110.02 -11.69 -49.66
CA ARG S 66 -110.97 -11.43 -48.58
C ARG S 66 -112.16 -10.62 -49.08
N ASN S 67 -111.91 -9.64 -49.96
CA ASN S 67 -113.01 -8.87 -50.55
C ASN S 67 -113.91 -9.75 -51.40
N ALA S 68 -113.33 -10.62 -52.22
CA ALA S 68 -114.13 -11.46 -53.12
C ALA S 68 -115.07 -12.37 -52.34
N ASN S 69 -114.63 -12.82 -51.17
CA ASN S 69 -115.53 -13.62 -50.33
C ASN S 69 -116.83 -12.88 -50.03
N ASP S 70 -116.75 -11.56 -49.82
CA ASP S 70 -117.95 -10.78 -49.54
C ASP S 70 -118.91 -10.79 -50.73
N GLY S 71 -118.38 -10.65 -51.95
CA GLY S 71 -119.25 -10.74 -53.11
C GLY S 71 -119.93 -12.09 -53.23
N ILE S 72 -119.20 -13.16 -52.91
CA ILE S 72 -119.81 -14.48 -52.89
C ILE S 72 -120.98 -14.51 -51.91
N SER S 73 -120.78 -13.94 -50.72
CA SER S 73 -121.85 -13.92 -49.72
C SER S 73 -123.06 -13.14 -50.21
N VAL S 74 -122.83 -11.98 -50.84
CA VAL S 74 -123.93 -11.17 -51.34
C VAL S 74 -124.75 -11.95 -52.37
N ALA S 75 -124.05 -12.63 -53.29
CA ALA S 75 -124.74 -13.40 -54.30
C ALA S 75 -125.55 -14.52 -53.67
N GLN S 76 -125.00 -15.18 -52.66
CA GLN S 76 -125.74 -16.26 -51.99
C GLN S 76 -127.02 -15.75 -51.35
N THR S 77 -126.93 -14.62 -50.65
CA THR S 77 -128.12 -14.06 -49.99
C THR S 77 -129.18 -13.69 -51.02
N THR S 78 -128.77 -13.03 -52.11
CA THR S 78 -129.73 -12.65 -53.14
C THR S 78 -130.39 -13.89 -53.75
N GLU S 79 -129.61 -14.94 -53.98
CA GLU S 79 -130.18 -16.16 -54.55
C GLU S 79 -131.20 -16.79 -53.60
N GLY S 80 -130.93 -16.79 -52.30
CA GLY S 80 -131.90 -17.32 -51.36
C GLY S 80 -133.22 -16.57 -51.39
N ALA S 81 -133.12 -15.23 -51.38
CA ALA S 81 -134.34 -14.42 -51.48
C ALA S 81 -135.10 -14.73 -52.78
N LEU S 82 -134.35 -14.87 -53.88
CA LEU S 82 -134.99 -15.19 -55.16
C LEU S 82 -135.67 -16.54 -55.12
N SER S 83 -135.08 -17.51 -54.42
CA SER S 83 -135.72 -18.82 -54.30
C SER S 83 -137.05 -18.72 -53.57
N GLU S 84 -137.09 -17.94 -52.48
CA GLU S 84 -138.37 -17.73 -51.81
C GLU S 84 -139.40 -17.10 -52.75
N ILE S 85 -138.99 -16.08 -53.50
CA ILE S 85 -139.91 -15.43 -54.44
C ILE S 85 -140.39 -16.43 -55.49
N ASN S 86 -139.49 -17.31 -55.95
CA ASN S 86 -139.87 -18.29 -56.96
C ASN S 86 -140.92 -19.26 -56.42
N ASN S 87 -140.74 -19.72 -55.18
CA ASN S 87 -141.74 -20.60 -54.59
C ASN S 87 -143.09 -19.91 -54.51
N ASN S 88 -143.10 -18.64 -54.09
CA ASN S 88 -144.36 -17.91 -54.04
C ASN S 88 -144.99 -17.80 -55.43
N LEU S 89 -144.18 -17.53 -56.45
CA LEU S 89 -144.70 -17.39 -57.81
C LEU S 89 -145.29 -18.70 -58.32
N GLN S 90 -144.63 -19.82 -58.03
CA GLN S 90 -145.17 -21.11 -58.46
C GLN S 90 -146.50 -21.40 -57.79
N ARG S 91 -146.62 -21.10 -56.50
CA ARG S 91 -147.90 -21.32 -55.82
C ARG S 91 -148.98 -20.43 -56.44
N VAL S 92 -148.62 -19.18 -56.76
CA VAL S 92 -149.58 -18.27 -57.39
C VAL S 92 -150.04 -18.83 -58.73
N ARG S 93 -149.11 -19.38 -59.51
CA ARG S 93 -149.48 -19.97 -60.80
C ARG S 93 -150.44 -21.14 -60.61
N GLU S 94 -150.16 -22.00 -59.64
CA GLU S 94 -151.06 -23.12 -59.37
C GLU S 94 -152.45 -22.63 -58.99
N LEU S 95 -152.51 -21.58 -58.17
CA LEU S 95 -153.79 -21.01 -57.78
C LEU S 95 -154.55 -20.46 -58.99
N THR S 96 -153.84 -19.79 -59.89
CA THR S 96 -154.48 -19.27 -61.10
C THR S 96 -155.01 -20.39 -61.97
N VAL S 97 -154.24 -21.47 -62.12
CA VAL S 97 -154.70 -22.62 -62.90
C VAL S 97 -155.96 -23.20 -62.29
N GLN S 98 -155.99 -23.33 -60.96
CA GLN S 98 -157.19 -23.83 -60.31
C GLN S 98 -158.37 -22.88 -60.49
N ALA S 99 -158.12 -21.57 -60.47
CA ALA S 99 -159.20 -20.59 -60.49
C ALA S 99 -159.81 -20.42 -61.87
N THR S 100 -159.02 -20.54 -62.93
CA THR S 100 -159.51 -20.30 -64.29
C THR S 100 -160.38 -21.47 -64.78
N THR S 101 -161.50 -21.66 -64.07
CA THR S 101 -162.46 -22.70 -64.40
C THR S 101 -163.86 -22.12 -64.28
N GLY S 102 -164.81 -22.73 -64.97
CA GLY S 102 -166.19 -22.27 -64.94
C GLY S 102 -167.01 -22.85 -63.81
N THR S 103 -166.54 -23.93 -63.20
CA THR S 103 -167.31 -24.60 -62.17
C THR S 103 -167.41 -23.76 -60.89
N ASN S 104 -166.33 -23.07 -60.54
CA ASN S 104 -166.31 -22.32 -59.28
C ASN S 104 -167.28 -21.15 -59.32
N SER S 105 -167.78 -20.78 -58.15
CA SER S 105 -168.71 -19.68 -58.01
C SER S 105 -167.94 -18.37 -57.81
N GLU S 106 -168.66 -17.29 -57.51
CA GLU S 106 -168.01 -16.00 -57.29
C GLU S 106 -167.30 -15.94 -55.95
N SER S 107 -167.86 -16.59 -54.92
CA SER S 107 -167.19 -16.63 -53.63
C SER S 107 -165.86 -17.39 -53.72
N ASP S 108 -165.84 -18.46 -54.49
CA ASP S 108 -164.59 -19.19 -54.70
C ASP S 108 -163.55 -18.29 -55.36
N LEU S 109 -163.95 -17.53 -56.37
CA LEU S 109 -163.04 -16.60 -57.02
C LEU S 109 -162.55 -15.55 -56.05
N SER S 110 -163.43 -15.06 -55.18
CA SER S 110 -163.02 -14.09 -54.17
C SER S 110 -161.97 -14.68 -53.24
N SER S 111 -162.17 -15.93 -52.81
CA SER S 111 -161.21 -16.57 -51.92
C SER S 111 -159.86 -16.75 -52.58
N ILE S 112 -159.85 -17.25 -53.82
CA ILE S 112 -158.58 -17.44 -54.52
C ILE S 112 -157.90 -16.09 -54.75
N GLN S 113 -158.68 -15.06 -55.08
CA GLN S 113 -158.10 -13.74 -55.25
C GLN S 113 -157.49 -13.23 -53.94
N ASP S 114 -158.17 -13.47 -52.82
CA ASP S 114 -157.62 -13.06 -51.53
C ASP S 114 -156.27 -13.73 -51.27
N GLU S 115 -156.21 -15.04 -51.50
CA GLU S 115 -154.95 -15.75 -51.27
C GLU S 115 -153.86 -15.27 -52.22
N ILE S 116 -154.19 -15.08 -53.49
CA ILE S 116 -153.21 -14.64 -54.48
C ILE S 116 -152.68 -13.26 -54.15
N LYS S 117 -153.57 -12.34 -53.77
CA LYS S 117 -153.15 -10.99 -53.42
C LYS S 117 -152.30 -11.00 -52.16
N SER S 118 -152.65 -11.86 -51.19
CA SER S 118 -151.82 -11.98 -49.99
C SER S 118 -150.42 -12.45 -50.35
N ARG S 119 -150.31 -13.43 -51.24
CA ARG S 119 -148.98 -13.93 -51.61
C ARG S 119 -148.20 -12.91 -52.43
N LEU S 120 -148.88 -12.14 -53.27
CA LEU S 120 -148.20 -11.07 -53.99
C LEU S 120 -147.69 -10.01 -53.01
N ASP S 121 -148.49 -9.70 -51.99
CA ASP S 121 -148.02 -8.78 -50.95
C ASP S 121 -146.81 -9.35 -50.22
N GLU S 122 -146.81 -10.66 -49.97
CA GLU S 122 -145.64 -11.27 -49.36
C GLU S 122 -144.42 -11.15 -50.26
N ILE S 123 -144.60 -11.32 -51.58
CA ILE S 123 -143.49 -11.15 -52.51
C ILE S 123 -142.95 -9.72 -52.44
N ASP S 124 -143.84 -8.74 -52.43
CA ASP S 124 -143.41 -7.35 -52.34
C ASP S 124 -142.67 -7.09 -51.03
N ARG S 125 -143.17 -7.67 -49.93
CA ARG S 125 -142.50 -7.51 -48.64
C ARG S 125 -141.10 -8.11 -48.66
N VAL S 126 -140.97 -9.31 -49.22
CA VAL S 126 -139.66 -9.95 -49.30
C VAL S 126 -138.72 -9.11 -50.14
N SER S 127 -139.22 -8.53 -51.22
CA SER S 127 -138.40 -7.62 -52.03
C SER S 127 -137.94 -6.42 -51.21
N GLY S 128 -138.86 -5.79 -50.48
CA GLY S 128 -138.53 -4.57 -49.77
C GLY S 128 -137.58 -4.79 -48.60
N GLN S 129 -137.86 -5.79 -47.78
CA GLN S 129 -137.16 -5.96 -46.51
C GLN S 129 -135.81 -6.66 -46.65
N THR S 130 -135.57 -7.37 -47.74
CA THR S 130 -134.35 -8.16 -47.89
C THR S 130 -133.17 -7.22 -48.09
N GLN S 131 -132.46 -6.92 -47.01
CA GLN S 131 -131.35 -5.96 -47.02
C GLN S 131 -130.08 -6.65 -46.54
N PHE S 132 -128.96 -6.32 -47.18
CA PHE S 132 -127.65 -6.87 -46.83
C PHE S 132 -126.69 -5.71 -46.59
N ASN S 133 -126.12 -5.65 -45.39
CA ASN S 133 -125.11 -4.65 -45.04
C ASN S 133 -125.57 -3.24 -45.37
N GLY S 134 -126.79 -2.93 -44.95
CA GLY S 134 -127.35 -1.61 -45.22
C GLY S 134 -127.59 -1.33 -46.68
N VAL S 135 -127.96 -2.35 -47.46
CA VAL S 135 -128.25 -2.19 -48.87
C VAL S 135 -129.46 -3.05 -49.21
N ASN S 136 -130.52 -2.43 -49.73
CA ASN S 136 -131.69 -3.17 -50.18
C ASN S 136 -131.39 -3.73 -51.57
N VAL S 137 -130.92 -4.97 -51.59
CA VAL S 137 -130.43 -5.58 -52.82
C VAL S 137 -131.58 -5.78 -53.82
N LEU S 138 -132.72 -6.28 -53.37
CA LEU S 138 -133.89 -6.42 -54.24
C LEU S 138 -134.83 -5.23 -54.15
N ALA S 139 -134.30 -4.02 -54.30
CA ALA S 139 -135.17 -2.85 -54.31
C ALA S 139 -134.81 -1.79 -55.35
N LYS S 140 -133.74 -1.94 -56.11
CA LYS S 140 -133.35 -0.93 -57.07
C LYS S 140 -132.29 -1.50 -58.01
N ASN S 141 -132.41 -1.16 -59.29
CA ASN S 141 -131.41 -1.58 -60.26
C ASN S 141 -130.08 -0.87 -59.99
N GLY S 142 -129.01 -1.63 -59.92
CA GLY S 142 -127.71 -1.05 -59.64
C GLY S 142 -126.59 -1.98 -60.04
N SER S 143 -125.37 -1.60 -59.65
CA SER S 143 -124.18 -2.35 -59.98
C SER S 143 -123.25 -2.37 -58.78
N MET S 144 -122.58 -3.50 -58.58
CA MET S 144 -121.70 -3.70 -57.45
C MET S 144 -120.30 -4.05 -57.97
N LYS S 145 -119.28 -3.43 -57.39
CA LYS S 145 -117.90 -3.61 -57.84
C LYS S 145 -117.11 -4.28 -56.71
N ILE S 146 -116.50 -5.42 -57.03
CA ILE S 146 -115.73 -6.20 -56.07
C ILE S 146 -114.26 -6.12 -56.44
N GLN S 147 -113.46 -5.57 -55.54
CA GLN S 147 -112.02 -5.42 -55.76
C GLN S 147 -111.35 -6.78 -55.63
N VAL S 148 -110.94 -7.35 -56.76
CA VAL S 148 -110.33 -8.68 -56.76
C VAL S 148 -108.90 -8.61 -57.29
N GLY S 149 -108.27 -7.44 -57.14
CA GLY S 149 -106.90 -7.26 -57.61
C GLY S 149 -106.10 -6.44 -56.63
N ALA S 150 -104.82 -6.27 -56.96
CA ALA S 150 -103.90 -5.51 -56.13
C ALA S 150 -103.79 -4.04 -56.54
N ASN S 151 -103.88 -3.74 -57.82
CA ASN S 151 -103.80 -2.37 -58.31
C ASN S 151 -105.21 -1.78 -58.37
N ASP S 152 -105.34 -0.62 -58.99
CA ASP S 152 -106.62 0.04 -59.16
C ASP S 152 -107.31 -0.45 -60.43
N ASN S 153 -108.63 -0.29 -60.46
CA ASN S 153 -109.47 -0.75 -61.57
C ASN S 153 -109.29 -2.26 -61.78
N GLN S 154 -109.62 -3.02 -60.74
CA GLN S 154 -109.50 -4.47 -60.71
C GLN S 154 -110.79 -5.09 -60.20
N THR S 155 -111.92 -4.63 -60.73
CA THR S 155 -113.23 -4.95 -60.18
C THR S 155 -113.98 -5.93 -61.07
N ILE S 156 -114.69 -6.85 -60.43
CA ILE S 156 -115.68 -7.70 -61.08
C ILE S 156 -117.05 -7.15 -60.75
N THR S 157 -117.85 -6.87 -61.78
CA THR S 157 -119.10 -6.16 -61.59
C THR S 157 -120.24 -7.13 -61.30
N ILE S 158 -120.96 -6.89 -60.22
CA ILE S 158 -122.17 -7.65 -59.88
C ILE S 158 -123.38 -6.79 -60.20
N ASP S 159 -124.38 -7.41 -60.82
CA ASP S 159 -125.59 -6.71 -61.23
C ASP S 159 -126.75 -7.09 -60.33
N LEU S 160 -127.56 -6.09 -59.96
CA LEU S 160 -128.73 -6.30 -59.12
C LEU S 160 -129.93 -5.66 -59.79
N LYS S 161 -130.96 -6.46 -60.04
CA LYS S 161 -132.17 -6.00 -60.70
C LYS S 161 -133.31 -5.90 -59.69
N GLN S 162 -133.99 -4.75 -59.69
CA GLN S 162 -135.14 -4.56 -58.83
C GLN S 162 -136.23 -5.56 -59.16
N ILE S 163 -136.54 -6.46 -58.23
CA ILE S 163 -137.53 -7.51 -58.44
C ILE S 163 -138.71 -7.22 -57.54
N ASP S 164 -139.84 -6.83 -58.13
CA ASP S 164 -141.06 -6.55 -57.39
C ASP S 164 -142.23 -6.55 -58.37
N ALA S 165 -143.44 -6.48 -57.83
CA ALA S 165 -144.64 -6.61 -58.64
C ALA S 165 -144.65 -5.63 -59.81
N LYS S 166 -144.18 -4.40 -59.57
CA LYS S 166 -144.17 -3.40 -60.63
C LYS S 166 -143.19 -3.79 -61.74
N THR S 167 -142.03 -4.32 -61.38
CA THR S 167 -141.00 -4.66 -62.36
C THR S 167 -141.18 -6.04 -62.97
N LEU S 168 -142.19 -6.78 -62.57
CA LEU S 168 -142.53 -8.05 -63.19
C LEU S 168 -143.89 -8.03 -63.88
N GLY S 169 -144.56 -6.89 -63.91
CA GLY S 169 -145.85 -6.77 -64.56
C GLY S 169 -147.03 -7.25 -63.74
N LEU S 170 -146.79 -7.77 -62.53
CA LEU S 170 -147.86 -8.28 -61.69
C LEU S 170 -148.39 -7.21 -60.73
N ASP S 171 -148.73 -6.06 -61.29
CA ASP S 171 -149.27 -4.93 -60.52
C ASP S 171 -150.76 -4.83 -60.84
N GLY S 172 -151.59 -5.33 -59.94
CA GLY S 172 -153.01 -5.42 -60.17
C GLY S 172 -153.49 -6.75 -60.66
N PHE S 173 -152.68 -7.80 -60.53
CA PHE S 173 -153.05 -9.15 -60.96
C PHE S 173 -154.28 -9.63 -60.21
N SER S 174 -155.39 -9.81 -60.92
CA SER S 174 -156.65 -10.20 -60.31
C SER S 174 -157.27 -11.35 -61.08
N VAL S 175 -158.13 -12.10 -60.40
CA VAL S 175 -158.80 -13.25 -61.00
C VAL S 175 -160.30 -13.11 -60.76
N LYS S 176 -160.74 -11.92 -60.37
CA LYS S 176 -162.14 -11.66 -60.12
C LYS S 176 -162.49 -10.26 -60.60
N ASN S 177 -163.79 -10.01 -60.74
CA ASN S 177 -164.28 -8.70 -61.18
C ASN S 177 -164.62 -7.82 -59.99
N THR S 407 -158.10 -9.99 -65.08
CA THR S 407 -156.82 -9.86 -65.77
C THR S 407 -156.84 -10.63 -67.09
N THR S 408 -156.46 -9.96 -68.17
CA THR S 408 -156.44 -10.58 -69.48
C THR S 408 -155.17 -11.39 -69.66
N ASP S 409 -155.32 -12.66 -70.05
CA ASP S 409 -154.21 -13.57 -70.34
C ASP S 409 -153.25 -13.64 -69.15
N PRO S 410 -153.68 -14.21 -68.02
CA PRO S 410 -152.84 -14.20 -66.80
C PRO S 410 -151.65 -15.15 -66.85
N LEU S 411 -151.88 -16.36 -67.34
CA LEU S 411 -150.90 -17.43 -67.22
C LEU S 411 -149.61 -17.09 -67.97
N LYS S 412 -149.74 -16.49 -69.16
CA LYS S 412 -148.55 -16.13 -69.93
C LYS S 412 -147.73 -15.07 -69.21
N ALA S 413 -148.41 -14.10 -68.58
CA ALA S 413 -147.68 -13.08 -67.80
C ALA S 413 -146.97 -13.71 -66.61
N LEU S 414 -147.63 -14.65 -65.93
CA LEU S 414 -147.00 -15.33 -64.81
C LEU S 414 -145.75 -16.10 -65.26
N ASP S 415 -145.86 -16.80 -66.39
CA ASP S 415 -144.71 -17.51 -66.94
C ASP S 415 -143.60 -16.55 -67.32
N ASP S 416 -143.96 -15.39 -67.87
CA ASP S 416 -142.97 -14.37 -68.19
C ASP S 416 -142.23 -13.92 -66.95
N ALA S 417 -142.96 -13.70 -65.85
CA ALA S 417 -142.31 -13.29 -64.61
C ALA S 417 -141.36 -14.36 -64.09
N ILE S 418 -141.79 -15.63 -64.15
CA ILE S 418 -140.93 -16.71 -63.66
C ILE S 418 -139.66 -16.80 -64.50
N ALA S 419 -139.81 -16.72 -65.82
CA ALA S 419 -138.64 -16.77 -66.70
C ALA S 419 -137.77 -15.52 -66.59
N SER S 420 -138.34 -14.40 -66.13
CA SER S 420 -137.54 -13.21 -65.92
C SER S 420 -136.72 -13.30 -64.64
N VAL S 421 -137.26 -13.91 -63.58
CA VAL S 421 -136.46 -14.06 -62.37
C VAL S 421 -135.41 -15.17 -62.55
N ASP S 422 -135.70 -16.16 -63.40
CA ASP S 422 -134.71 -17.20 -63.65
C ASP S 422 -133.44 -16.64 -64.29
N LYS S 423 -133.59 -15.62 -65.15
CA LYS S 423 -132.44 -15.00 -65.78
C LYS S 423 -131.50 -14.39 -64.75
N PHE S 424 -132.06 -13.65 -63.80
CA PHE S 424 -131.25 -13.06 -62.74
C PHE S 424 -130.60 -14.13 -61.89
N ARG S 425 -131.33 -15.22 -61.61
CA ARG S 425 -130.72 -16.32 -60.85
C ARG S 425 -129.52 -16.90 -61.59
N SER S 426 -129.65 -17.10 -62.89
CA SER S 426 -128.54 -17.65 -63.68
C SER S 426 -127.34 -16.71 -63.68
N SER S 427 -127.60 -15.40 -63.83
CA SER S 427 -126.51 -14.44 -63.79
C SER S 427 -125.79 -14.46 -62.45
N LEU S 428 -126.56 -14.57 -61.36
CA LEU S 428 -125.97 -14.66 -60.03
C LEU S 428 -125.07 -15.89 -59.91
N GLY S 429 -125.54 -17.04 -60.40
CA GLY S 429 -124.72 -18.23 -60.36
C GLY S 429 -123.43 -18.09 -61.14
N ALA S 430 -123.51 -17.47 -62.32
CA ALA S 430 -122.30 -17.24 -63.11
C ALA S 430 -121.32 -16.35 -62.38
N VAL S 431 -121.82 -15.28 -61.74
CA VAL S 431 -120.93 -14.40 -60.98
C VAL S 431 -120.29 -15.15 -59.81
N GLN S 432 -121.05 -16.05 -59.17
CA GLN S 432 -120.50 -16.84 -58.07
C GLN S 432 -119.34 -17.70 -58.56
N ASN S 433 -119.53 -18.38 -59.70
CA ASN S 433 -118.47 -19.21 -60.25
C ASN S 433 -117.23 -18.38 -60.59
N ARG S 434 -117.44 -17.22 -61.21
CA ARG S 434 -116.30 -16.36 -61.54
C ARG S 434 -115.55 -15.93 -60.28
N LEU S 435 -116.27 -15.54 -59.24
CA LEU S 435 -115.62 -15.11 -58.01
C LEU S 435 -114.83 -16.24 -57.37
N ASP S 436 -115.37 -17.45 -57.37
CA ASP S 436 -114.66 -18.58 -56.79
C ASP S 436 -113.36 -18.85 -57.56
N SER S 437 -113.44 -18.81 -58.89
CA SER S 437 -112.22 -19.01 -59.69
C SER S 437 -111.20 -17.93 -59.39
N ALA S 438 -111.66 -16.67 -59.23
CA ALA S 438 -110.74 -15.59 -58.90
C ALA S 438 -110.06 -15.83 -57.56
N VAL S 439 -110.81 -16.29 -56.56
CA VAL S 439 -110.22 -16.57 -55.26
C VAL S 439 -109.15 -17.65 -55.36
N THR S 440 -109.44 -18.71 -56.11
CA THR S 440 -108.45 -19.78 -56.24
C THR S 440 -107.18 -19.27 -56.92
N ASN S 441 -107.33 -18.49 -57.99
CA ASN S 441 -106.16 -17.94 -58.67
C ASN S 441 -105.37 -17.02 -57.76
N LEU S 442 -106.05 -16.21 -56.96
CA LEU S 442 -105.36 -15.33 -56.03
C LEU S 442 -104.58 -16.13 -55.01
N ASN S 443 -105.16 -17.22 -54.51
CA ASN S 443 -104.45 -18.05 -53.54
C ASN S 443 -103.16 -18.61 -54.16
N ASN S 444 -103.26 -19.14 -55.38
CA ASN S 444 -102.07 -19.71 -56.02
C ASN S 444 -101.01 -18.65 -56.24
N THR S 445 -101.41 -17.47 -56.74
CA THR S 445 -100.45 -16.41 -56.99
C THR S 445 -99.80 -15.93 -55.71
N THR S 446 -100.58 -15.82 -54.63
CA THR S 446 -100.02 -15.41 -53.35
C THR S 446 -98.99 -16.41 -52.85
N THR S 447 -99.29 -17.70 -52.97
CA THR S 447 -98.32 -18.71 -52.53
C THR S 447 -97.03 -18.60 -53.33
N ASN S 448 -97.14 -18.47 -54.65
CA ASN S 448 -95.96 -18.40 -55.49
C ASN S 448 -95.12 -17.17 -55.17
N LEU S 449 -95.77 -16.01 -55.03
CA LEU S 449 -95.03 -14.79 -54.74
C LEU S 449 -94.40 -14.83 -53.36
N SER S 450 -95.08 -15.43 -52.39
CA SER S 450 -94.51 -15.55 -51.05
C SER S 450 -93.26 -16.41 -51.06
N GLU S 451 -93.31 -17.53 -51.78
CA GLU S 451 -92.11 -18.37 -51.83
C GLU S 451 -91.00 -17.71 -52.64
N ALA S 452 -91.34 -16.89 -53.63
CA ALA S 452 -90.30 -16.12 -54.32
C ALA S 452 -89.65 -15.11 -53.37
N GLN S 453 -90.46 -14.42 -52.57
CA GLN S 453 -89.91 -13.48 -51.59
C GLN S 453 -89.03 -14.21 -50.57
N SER S 454 -89.42 -15.43 -50.20
CA SER S 454 -88.56 -16.24 -49.34
C SER S 454 -87.25 -16.57 -50.02
N ARG S 455 -87.29 -16.90 -51.32
CA ARG S 455 -86.06 -17.18 -52.05
C ARG S 455 -85.20 -15.96 -52.28
N ILE S 456 -85.73 -14.76 -52.07
CA ILE S 456 -84.99 -13.53 -52.28
C ILE S 456 -84.41 -12.98 -50.98
N GLN S 457 -85.25 -12.82 -49.95
CA GLN S 457 -84.84 -12.10 -48.74
C GLN S 457 -84.51 -13.00 -47.57
N ASP S 458 -85.06 -14.21 -47.50
CA ASP S 458 -84.80 -15.05 -46.35
C ASP S 458 -83.37 -15.58 -46.37
N ALA S 459 -82.88 -15.95 -45.20
CA ALA S 459 -81.51 -16.41 -45.02
C ALA S 459 -81.46 -17.92 -44.85
N ASP S 460 -80.30 -18.48 -45.17
CA ASP S 460 -80.03 -19.91 -45.02
C ASP S 460 -79.26 -20.11 -43.72
N TYR S 461 -79.85 -20.87 -42.80
CA TYR S 461 -79.31 -20.93 -41.45
C TYR S 461 -78.01 -21.72 -41.38
N ALA S 462 -77.84 -22.75 -42.21
CA ALA S 462 -76.59 -23.52 -42.18
C ALA S 462 -75.40 -22.64 -42.52
N THR S 463 -75.52 -21.83 -43.57
CA THR S 463 -74.44 -20.94 -43.96
C THR S 463 -74.13 -19.93 -42.86
N GLU S 464 -75.18 -19.35 -42.26
CA GLU S 464 -74.97 -18.35 -41.22
C GLU S 464 -74.30 -18.96 -39.99
N VAL S 465 -74.71 -20.17 -39.60
CA VAL S 465 -74.10 -20.83 -38.45
C VAL S 465 -72.63 -21.12 -38.73
N SER S 466 -72.32 -21.63 -39.93
CA SER S 466 -70.93 -21.91 -40.27
C SER S 466 -70.09 -20.65 -40.25
N ASN S 467 -70.62 -19.57 -40.83
CA ASN S 467 -69.87 -18.31 -40.85
C ASN S 467 -69.67 -17.77 -39.44
N MET S 468 -70.69 -17.87 -38.59
CA MET S 468 -70.56 -17.40 -37.22
C MET S 468 -69.49 -18.17 -36.46
N SER S 469 -69.47 -19.50 -36.61
CA SER S 469 -68.45 -20.30 -35.93
C SER S 469 -67.07 -19.94 -36.44
N LYS S 470 -66.91 -19.79 -37.76
CA LYS S 470 -65.61 -19.42 -38.31
C LYS S 470 -65.16 -18.07 -37.79
N ALA S 471 -66.08 -17.10 -37.74
CA ALA S 471 -65.75 -15.77 -37.25
C ALA S 471 -65.32 -15.81 -35.79
N GLN S 472 -66.01 -16.61 -34.96
CA GLN S 472 -65.61 -16.73 -33.56
C GLN S 472 -64.20 -17.30 -33.44
N ILE S 473 -63.90 -18.35 -34.21
CA ILE S 473 -62.55 -18.93 -34.16
C ILE S 473 -61.52 -17.90 -34.59
N ILE S 474 -61.81 -17.15 -35.65
CA ILE S 474 -60.88 -16.13 -36.13
C ILE S 474 -60.65 -15.07 -35.07
N GLN S 475 -61.71 -14.67 -34.37
CA GLN S 475 -61.58 -13.66 -33.33
C GLN S 475 -60.67 -14.14 -32.20
N GLN S 476 -60.89 -15.37 -31.74
CA GLN S 476 -60.03 -15.89 -30.67
C GLN S 476 -58.58 -16.00 -31.12
N ALA S 477 -58.36 -16.49 -32.35
CA ALA S 477 -56.99 -16.59 -32.85
C ALA S 477 -56.34 -15.22 -32.94
N GLY S 478 -57.08 -14.22 -33.41
CA GLY S 478 -56.54 -12.88 -33.50
C GLY S 478 -56.19 -12.32 -32.15
N ASN S 479 -57.02 -12.58 -31.15
CA ASN S 479 -56.71 -12.11 -29.79
C ASN S 479 -55.43 -12.75 -29.27
N SER S 480 -55.27 -14.06 -29.50
CA SER S 480 -54.06 -14.73 -29.04
C SER S 480 -52.82 -14.17 -29.74
N VAL S 481 -52.91 -13.95 -31.06
CA VAL S 481 -51.77 -13.40 -31.79
C VAL S 481 -51.46 -11.98 -31.32
N LEU S 482 -52.50 -11.21 -30.99
CA LEU S 482 -52.28 -9.87 -30.45
C LEU S 482 -51.53 -9.92 -29.14
N ALA S 483 -51.92 -10.85 -28.25
CA ALA S 483 -51.21 -10.98 -26.98
C ALA S 483 -49.75 -11.33 -27.21
N LYS S 484 -49.48 -12.26 -28.12
CA LYS S 484 -48.10 -12.64 -28.40
C LYS S 484 -47.31 -11.47 -28.99
N ALA S 485 -47.94 -10.71 -29.90
CA ALA S 485 -47.27 -9.57 -30.50
C ALA S 485 -46.91 -8.52 -29.45
N ASN S 486 -47.82 -8.24 -28.51
CA ASN S 486 -47.50 -7.31 -27.45
C ASN S 486 -46.43 -7.86 -26.51
N GLN S 487 -46.35 -9.18 -26.37
CA GLN S 487 -45.29 -9.77 -25.56
C GLN S 487 -43.93 -9.77 -26.25
N VAL S 488 -43.91 -9.61 -27.59
CA VAL S 488 -42.63 -9.64 -28.31
C VAL S 488 -41.61 -8.62 -27.77
N PRO S 489 -41.95 -7.33 -27.58
CA PRO S 489 -40.90 -6.34 -27.27
C PRO S 489 -40.26 -6.47 -25.90
N GLN S 490 -40.56 -7.51 -25.13
CA GLN S 490 -39.98 -7.61 -23.79
C GLN S 490 -38.47 -7.85 -23.82
N GLN S 491 -37.92 -8.33 -24.94
CA GLN S 491 -36.50 -8.64 -25.02
C GLN S 491 -35.62 -7.40 -24.86
N VAL S 492 -36.16 -6.21 -25.09
CA VAL S 492 -35.38 -4.99 -24.91
C VAL S 492 -35.04 -4.79 -23.44
N LEU S 493 -35.94 -5.18 -22.54
CA LEU S 493 -35.60 -5.14 -21.12
C LEU S 493 -34.43 -6.07 -20.80
N SER S 494 -34.40 -7.24 -21.43
CA SER S 494 -33.26 -8.14 -21.26
C SER S 494 -31.98 -7.50 -21.80
N LEU S 495 -32.08 -6.84 -22.95
CA LEU S 495 -30.92 -6.16 -23.51
C LEU S 495 -30.38 -5.09 -22.56
N LEU S 496 -31.27 -4.26 -22.02
CA LEU S 496 -30.84 -3.20 -21.12
C LEU S 496 -30.28 -3.77 -19.82
N GLN S 497 -30.89 -4.84 -19.30
CA GLN S 497 -30.46 -5.42 -18.05
C GLN S 497 -29.03 -5.95 -18.13
N GLY S 498 -28.70 -6.62 -19.24
CA GLY S 498 -27.37 -7.16 -19.42
C GLY S 498 -27.34 -8.68 -19.37
N GLN T 3 40.96 -9.23 1.16
CA GLN T 3 40.71 -7.81 1.04
C GLN T 3 40.73 -7.38 -0.41
N VAL T 4 41.08 -8.33 -1.27
CA VAL T 4 41.32 -8.11 -2.70
C VAL T 4 40.18 -7.32 -3.34
N ILE T 5 40.54 -6.29 -4.10
CA ILE T 5 39.57 -5.44 -4.77
C ILE T 5 39.67 -5.54 -6.28
N ASN T 6 40.49 -6.45 -6.80
CA ASN T 6 40.49 -6.74 -8.22
C ASN T 6 39.59 -7.91 -8.58
N THR T 7 38.97 -8.55 -7.59
CA THR T 7 38.04 -9.64 -7.81
C THR T 7 37.05 -9.67 -6.65
N ASN T 8 35.78 -9.92 -6.99
CA ASN T 8 34.71 -9.91 -6.00
C ASN T 8 34.03 -11.26 -5.93
N SER T 9 34.83 -12.33 -5.79
CA SER T 9 34.39 -13.71 -5.92
C SER T 9 32.99 -13.98 -5.36
N LEU T 10 32.67 -13.41 -4.20
CA LEU T 10 31.32 -13.56 -3.65
C LEU T 10 30.27 -13.07 -4.63
N SER T 11 30.54 -11.93 -5.29
CA SER T 11 29.61 -11.43 -6.29
C SER T 11 29.48 -12.41 -7.45
N LEU T 12 30.58 -13.04 -7.86
CA LEU T 12 30.51 -14.02 -8.93
C LEU T 12 29.65 -15.22 -8.53
N ILE T 13 29.80 -15.70 -7.29
CA ILE T 13 28.97 -16.79 -6.81
C ILE T 13 27.50 -16.39 -6.82
N THR T 14 27.21 -15.18 -6.35
CA THR T 14 25.82 -14.73 -6.30
C THR T 14 25.22 -14.63 -7.70
N GLN T 15 25.98 -14.09 -8.66
CA GLN T 15 25.50 -14.01 -10.03
C GLN T 15 25.27 -15.41 -10.61
N ASN T 16 26.16 -16.35 -10.30
CA ASN T 16 25.97 -17.72 -10.77
C ASN T 16 24.68 -18.32 -10.21
N ASN T 17 24.42 -18.10 -8.92
CA ASN T 17 23.19 -18.62 -8.32
C ASN T 17 21.95 -17.98 -8.95
N ILE T 18 22.00 -16.67 -9.21
CA ILE T 18 20.87 -16.00 -9.85
C ILE T 18 20.64 -16.57 -11.25
N ASN T 19 21.72 -16.80 -11.98
CA ASN T 19 21.60 -17.38 -13.31
C ASN T 19 20.99 -18.78 -13.25
N LYS T 20 21.38 -19.55 -12.23
CA LYS T 20 20.75 -20.86 -12.03
C LYS T 20 19.27 -20.72 -11.76
N ASN T 21 18.88 -19.72 -10.94
CA ASN T 21 17.49 -19.54 -10.57
C ASN T 21 16.64 -19.15 -11.78
N GLN T 22 17.19 -18.33 -12.69
CA GLN T 22 16.39 -17.72 -13.76
C GLN T 22 15.60 -18.77 -14.55
N SER T 23 16.15 -19.97 -14.72
CA SER T 23 15.49 -20.98 -15.54
C SER T 23 14.14 -21.40 -14.95
N ALA T 24 14.08 -21.55 -13.62
CA ALA T 24 12.82 -21.94 -12.99
C ALA T 24 11.75 -20.89 -13.19
N LEU T 25 12.11 -19.62 -13.01
CA LEU T 25 11.16 -18.53 -13.25
C LEU T 25 10.67 -18.53 -14.69
N SER T 26 11.59 -18.68 -15.64
CA SER T 26 11.20 -18.67 -17.05
C SER T 26 10.24 -19.82 -17.35
N SER T 27 10.57 -21.02 -16.88
CA SER T 27 9.72 -22.18 -17.15
C SER T 27 8.35 -22.02 -16.51
N SER T 28 8.31 -21.54 -15.26
CA SER T 28 7.04 -21.38 -14.56
C SER T 28 6.15 -20.38 -15.26
N ILE T 29 6.71 -19.23 -15.66
CA ILE T 29 5.91 -18.22 -16.33
C ILE T 29 5.43 -18.73 -17.67
N GLU T 30 6.30 -19.41 -18.43
CA GLU T 30 5.89 -19.93 -19.73
C GLU T 30 4.77 -20.95 -19.60
N ARG T 31 4.87 -21.84 -18.60
CA ARG T 31 3.83 -22.87 -18.46
C ARG T 31 2.53 -22.27 -17.91
N LEU T 32 2.62 -21.21 -17.10
CA LEU T 32 1.40 -20.51 -16.71
C LEU T 32 0.73 -19.86 -17.91
N SER T 33 1.52 -19.25 -18.79
CA SER T 33 0.95 -18.57 -19.95
C SER T 33 0.33 -19.57 -20.91
N SER T 34 1.07 -20.61 -21.29
CA SER T 34 0.58 -21.55 -22.29
C SER T 34 -0.48 -22.49 -21.72
N GLY T 35 -0.26 -23.01 -20.52
CA GLY T 35 -1.16 -23.96 -19.92
C GLY T 35 -0.80 -25.42 -20.15
N LEU T 36 0.13 -25.71 -21.06
CA LEU T 36 0.57 -27.07 -21.33
C LEU T 36 1.88 -27.34 -20.60
N ARG T 37 2.01 -28.54 -20.04
CA ARG T 37 3.25 -28.90 -19.35
C ARG T 37 4.40 -29.06 -20.33
N ILE T 38 4.14 -29.55 -21.53
CA ILE T 38 5.15 -29.77 -22.55
C ILE T 38 5.02 -28.65 -23.57
N ASN T 39 5.82 -27.60 -23.40
CA ASN T 39 5.82 -26.46 -24.31
C ASN T 39 6.83 -26.61 -25.43
N SER T 40 7.72 -27.59 -25.36
CA SER T 40 8.78 -27.74 -26.35
C SER T 40 9.30 -29.16 -26.28
N ALA T 41 10.11 -29.51 -27.29
CA ALA T 41 10.73 -30.84 -27.31
C ALA T 41 11.72 -31.02 -26.18
N LYS T 42 12.30 -29.92 -25.69
CA LYS T 42 13.28 -30.02 -24.61
C LYS T 42 12.64 -30.54 -23.33
N ASP T 43 11.34 -30.31 -23.14
CA ASP T 43 10.69 -30.70 -21.89
C ASP T 43 10.67 -32.21 -21.73
N ASP T 44 9.85 -32.89 -22.53
CA ASP T 44 9.79 -34.35 -22.52
C ASP T 44 10.06 -34.94 -23.90
N ALA T 45 9.24 -34.57 -24.88
CA ALA T 45 9.26 -34.96 -26.29
C ALA T 45 8.84 -36.42 -26.50
N ALA T 46 8.92 -37.25 -25.46
CA ALA T 46 8.22 -38.53 -25.53
C ALA T 46 6.76 -38.33 -25.23
N GLY T 47 6.47 -37.58 -24.17
CA GLY T 47 5.11 -37.12 -23.94
C GLY T 47 4.60 -36.28 -25.09
N GLN T 48 5.47 -35.47 -25.71
CA GLN T 48 5.05 -34.67 -26.85
C GLN T 48 4.70 -35.55 -28.05
N ALA T 49 5.50 -36.59 -28.32
CA ALA T 49 5.18 -37.48 -29.43
C ALA T 49 3.88 -38.22 -29.17
N ILE T 50 3.69 -38.73 -27.96
CA ILE T 50 2.47 -39.44 -27.62
C ILE T 50 1.27 -38.50 -27.71
N ALA T 51 1.44 -37.25 -27.26
CA ALA T 51 0.36 -36.28 -27.35
C ALA T 51 0.02 -35.94 -28.79
N ASN T 52 1.03 -35.83 -29.66
CA ASN T 52 0.75 -35.59 -31.07
C ASN T 52 -0.05 -36.73 -31.67
N ARG T 53 0.33 -37.97 -31.35
CA ARG T 53 -0.42 -39.11 -31.87
C ARG T 53 -1.86 -39.12 -31.33
N PHE T 54 -2.03 -38.80 -30.05
CA PHE T 54 -3.38 -38.74 -29.49
C PHE T 54 -4.21 -37.64 -30.15
N THR T 55 -3.60 -36.49 -30.42
CA THR T 55 -4.33 -35.42 -31.10
C THR T 55 -4.79 -35.87 -32.47
N SER T 56 -3.91 -36.55 -33.21
CA SER T 56 -4.29 -37.08 -34.50
C SER T 56 -5.46 -38.06 -34.38
N ASN T 57 -5.41 -38.93 -33.37
CA ASN T 57 -6.48 -39.90 -33.18
C ASN T 57 -7.81 -39.21 -32.86
N ILE T 58 -7.78 -38.20 -31.99
CA ILE T 58 -9.00 -37.47 -31.66
C ILE T 58 -9.61 -36.85 -32.90
N LYS T 59 -8.78 -36.16 -33.69
CA LYS T 59 -9.30 -35.49 -34.88
C LYS T 59 -9.87 -36.50 -35.87
N GLY T 60 -9.16 -37.60 -36.08
CA GLY T 60 -9.63 -38.62 -37.00
C GLY T 60 -10.95 -39.25 -36.55
N LEU T 61 -11.06 -39.55 -35.26
CA LEU T 61 -12.28 -40.20 -34.77
C LEU T 61 -13.48 -39.27 -34.84
N THR T 62 -13.28 -37.98 -34.52
CA THR T 62 -14.37 -37.02 -34.65
C THR T 62 -14.83 -36.92 -36.10
N GLN T 63 -13.87 -36.85 -37.03
CA GLN T 63 -14.25 -36.81 -38.43
C GLN T 63 -14.97 -38.09 -38.86
N ALA T 64 -14.55 -39.24 -38.32
CA ALA T 64 -15.20 -40.50 -38.66
C ALA T 64 -16.65 -40.52 -38.19
N ALA T 65 -16.92 -40.01 -37.00
CA ALA T 65 -18.31 -39.93 -36.53
C ALA T 65 -19.13 -39.02 -37.44
N ARG T 66 -18.57 -37.88 -37.81
CA ARG T 66 -19.26 -37.00 -38.75
C ARG T 66 -19.57 -37.72 -40.06
N ASN T 67 -18.62 -38.54 -40.53
CA ASN T 67 -18.86 -39.32 -41.75
C ASN T 67 -20.00 -40.31 -41.56
N ALA T 68 -20.03 -41.00 -40.42
CA ALA T 68 -21.05 -42.02 -40.18
C ALA T 68 -22.45 -41.43 -40.19
N ASN T 69 -22.58 -40.20 -39.68
CA ASN T 69 -23.89 -39.55 -39.72
C ASN T 69 -24.43 -39.45 -41.15
N ASP T 70 -23.55 -39.22 -42.13
CA ASP T 70 -23.99 -39.13 -43.52
C ASP T 70 -24.59 -40.45 -44.00
N GLY T 71 -23.94 -41.57 -43.68
CA GLY T 71 -24.50 -42.86 -44.05
C GLY T 71 -25.85 -43.11 -43.40
N ILE T 72 -26.00 -42.69 -42.15
CA ILE T 72 -27.30 -42.80 -41.48
C ILE T 72 -28.35 -42.03 -42.27
N SER T 73 -28.02 -40.81 -42.70
CA SER T 73 -28.98 -40.01 -43.48
C SER T 73 -29.34 -40.69 -44.79
N VAL T 74 -28.34 -41.23 -45.49
CA VAL T 74 -28.59 -41.91 -46.77
C VAL T 74 -29.57 -43.06 -46.57
N ALA T 75 -29.31 -43.87 -45.53
CA ALA T 75 -30.19 -45.01 -45.27
C ALA T 75 -31.60 -44.56 -44.96
N GLN T 76 -31.74 -43.47 -44.18
CA GLN T 76 -33.07 -42.97 -43.86
C GLN T 76 -33.83 -42.56 -45.12
N THR T 77 -33.16 -41.82 -46.01
CA THR T 77 -33.82 -41.36 -47.24
C THR T 77 -34.25 -42.54 -48.10
N THR T 78 -33.36 -43.52 -48.26
CA THR T 78 -33.70 -44.69 -49.07
C THR T 78 -34.87 -45.45 -48.45
N GLU T 79 -34.90 -45.55 -47.12
CA GLU T 79 -36.01 -46.23 -46.45
C GLU T 79 -37.33 -45.52 -46.70
N GLY T 80 -37.33 -44.18 -46.68
CA GLY T 80 -38.56 -43.46 -46.97
C GLY T 80 -39.07 -43.73 -48.38
N ALA T 81 -38.15 -43.69 -49.36
CA ALA T 81 -38.55 -44.00 -50.73
C ALA T 81 -39.13 -45.41 -50.83
N LEU T 82 -38.48 -46.37 -50.17
CA LEU T 82 -38.97 -47.74 -50.20
C LEU T 82 -40.35 -47.85 -49.56
N SER T 83 -40.60 -47.08 -48.51
CA SER T 83 -41.92 -47.10 -47.88
C SER T 83 -43.00 -46.62 -48.84
N GLU T 84 -42.72 -45.55 -49.58
CA GLU T 84 -43.68 -45.09 -50.58
C GLU T 84 -43.94 -46.16 -51.63
N ILE T 85 -42.87 -46.80 -52.11
CA ILE T 85 -43.04 -47.86 -53.10
C ILE T 85 -43.87 -49.00 -52.53
N ASN T 86 -43.67 -49.33 -51.25
CA ASN T 86 -44.43 -50.40 -50.62
C ASN T 86 -45.91 -50.07 -50.57
N ASN T 87 -46.24 -48.82 -50.21
CA ASN T 87 -47.65 -48.43 -50.19
C ASN T 87 -48.28 -48.56 -51.57
N ASN T 88 -47.56 -48.12 -52.60
CA ASN T 88 -48.09 -48.25 -53.95
C ASN T 88 -48.31 -49.71 -54.32
N LEU T 89 -47.36 -50.58 -53.95
CA LEU T 89 -47.50 -52.00 -54.24
C LEU T 89 -48.71 -52.60 -53.53
N GLN T 90 -48.93 -52.21 -52.28
CA GLN T 90 -50.10 -52.70 -51.55
C GLN T 90 -51.39 -52.31 -52.25
N ARG T 91 -51.49 -51.05 -52.69
CA ARG T 91 -52.70 -50.64 -53.39
C ARG T 91 -52.87 -51.39 -54.71
N VAL T 92 -51.75 -51.65 -55.42
CA VAL T 92 -51.84 -52.40 -56.66
C VAL T 92 -52.35 -53.81 -56.40
N ARG T 93 -51.87 -54.44 -55.31
CA ARG T 93 -52.36 -55.77 -54.97
C ARG T 93 -53.85 -55.77 -54.67
N GLU T 94 -54.32 -54.76 -53.92
CA GLU T 94 -55.76 -54.66 -53.66
C GLU T 94 -56.53 -54.52 -54.97
N LEU T 95 -56.01 -53.71 -55.89
CA LEU T 95 -56.68 -53.52 -57.18
C LEU T 95 -56.75 -54.82 -57.96
N THR T 96 -55.66 -55.61 -57.95
CA THR T 96 -55.68 -56.89 -58.65
C THR T 96 -56.69 -57.85 -58.03
N VAL T 97 -56.76 -57.87 -56.70
CA VAL T 97 -57.76 -58.69 -56.04
C VAL T 97 -59.16 -58.29 -56.47
N GLN T 98 -59.40 -56.98 -56.59
CA GLN T 98 -60.71 -56.53 -57.05
C GLN T 98 -60.95 -56.89 -58.51
N ALA T 99 -59.90 -56.91 -59.32
CA ALA T 99 -60.07 -57.10 -60.76
C ALA T 99 -60.25 -58.56 -61.14
N THR T 100 -59.65 -59.49 -60.40
CA THR T 100 -59.72 -60.91 -60.76
C THR T 100 -61.05 -61.52 -60.34
N THR T 101 -62.13 -60.92 -60.81
CA THR T 101 -63.48 -61.37 -60.50
C THR T 101 -64.29 -61.45 -61.79
N GLY T 102 -65.20 -62.42 -61.84
CA GLY T 102 -66.01 -62.63 -63.03
C GLY T 102 -67.09 -61.59 -63.24
N THR T 103 -67.49 -60.88 -62.18
CA THR T 103 -68.54 -59.88 -62.32
C THR T 103 -68.08 -58.70 -63.17
N ASN T 104 -66.81 -58.34 -63.08
CA ASN T 104 -66.30 -57.19 -63.81
C ASN T 104 -66.43 -57.40 -65.31
N SER T 105 -66.88 -56.36 -66.01
CA SER T 105 -66.98 -56.39 -67.46
C SER T 105 -65.64 -56.00 -68.07
N GLU T 106 -65.61 -55.79 -69.38
CA GLU T 106 -64.36 -55.43 -70.04
C GLU T 106 -63.97 -53.98 -69.74
N SER T 107 -64.95 -53.08 -69.70
CA SER T 107 -64.65 -51.68 -69.38
C SER T 107 -64.14 -51.53 -67.95
N ASP T 108 -64.70 -52.30 -67.01
CA ASP T 108 -64.22 -52.26 -65.64
C ASP T 108 -62.78 -52.72 -65.55
N LEU T 109 -62.44 -53.81 -66.26
CA LEU T 109 -61.06 -54.26 -66.30
C LEU T 109 -60.17 -53.21 -66.94
N SER T 110 -60.65 -52.52 -67.96
CA SER T 110 -59.87 -51.46 -68.59
C SER T 110 -59.57 -50.34 -67.59
N SER T 111 -60.57 -49.92 -66.81
CA SER T 111 -60.36 -48.87 -65.83
C SER T 111 -59.38 -49.31 -64.74
N ILE T 112 -59.54 -50.55 -64.25
CA ILE T 112 -58.64 -51.05 -63.23
C ILE T 112 -57.21 -51.12 -63.76
N GLN T 113 -57.06 -51.57 -65.01
CA GLN T 113 -55.72 -51.62 -65.61
C GLN T 113 -55.14 -50.23 -65.78
N ASP T 114 -55.98 -49.25 -66.13
CA ASP T 114 -55.50 -47.87 -66.23
C ASP T 114 -54.94 -47.39 -64.91
N GLU T 115 -55.69 -47.61 -63.82
CA GLU T 115 -55.20 -47.17 -62.51
C GLU T 115 -53.96 -47.94 -62.09
N ILE T 116 -53.93 -49.24 -62.36
CA ILE T 116 -52.78 -50.07 -61.97
C ILE T 116 -51.53 -49.62 -62.72
N LYS T 117 -51.67 -49.36 -64.03
CA LYS T 117 -50.53 -48.89 -64.81
C LYS T 117 -50.09 -47.51 -64.36
N SER T 118 -51.03 -46.65 -63.98
CA SER T 118 -50.65 -45.35 -63.43
C SER T 118 -49.81 -45.51 -62.17
N ARG T 119 -50.23 -46.42 -61.28
CA ARG T 119 -49.47 -46.61 -60.05
C ARG T 119 -48.12 -47.26 -60.30
N LEU T 120 -48.04 -48.17 -61.26
CA LEU T 120 -46.75 -48.76 -61.62
C LEU T 120 -45.82 -47.70 -62.21
N ASP T 121 -46.35 -46.82 -63.05
CA ASP T 121 -45.56 -45.72 -63.59
C ASP T 121 -45.09 -44.81 -62.47
N GLU T 122 -45.94 -44.56 -61.48
CA GLU T 122 -45.53 -43.77 -60.32
C GLU T 122 -44.41 -44.45 -59.55
N ILE T 123 -44.49 -45.77 -59.41
CA ILE T 123 -43.42 -46.52 -58.73
C ILE T 123 -42.11 -46.35 -59.47
N ASP T 124 -42.14 -46.52 -60.79
CA ASP T 124 -40.93 -46.37 -61.59
C ASP T 124 -40.39 -44.95 -61.50
N ARG T 125 -41.28 -43.96 -61.53
CA ARG T 125 -40.86 -42.57 -61.41
C ARG T 125 -40.17 -42.31 -60.07
N VAL T 126 -40.79 -42.74 -58.97
CA VAL T 126 -40.19 -42.51 -57.66
C VAL T 126 -38.85 -43.22 -57.56
N SER T 127 -38.75 -44.42 -58.13
CA SER T 127 -37.47 -45.13 -58.13
C SER T 127 -36.39 -44.36 -58.87
N GLY T 128 -36.73 -43.88 -60.08
CA GLY T 128 -35.73 -43.17 -60.88
C GLY T 128 -35.34 -41.83 -60.30
N GLN T 129 -36.30 -41.10 -59.74
CA GLN T 129 -36.09 -39.69 -59.44
C GLN T 129 -35.36 -39.45 -58.12
N THR T 130 -35.56 -40.32 -57.13
CA THR T 130 -34.98 -40.08 -55.81
C THR T 130 -33.46 -40.04 -55.89
N GLN T 131 -32.89 -38.91 -55.48
CA GLN T 131 -31.46 -38.66 -55.60
C GLN T 131 -30.94 -38.01 -54.33
N PHE T 132 -29.83 -38.50 -53.81
CA PHE T 132 -29.19 -37.96 -52.61
C PHE T 132 -27.79 -37.50 -52.98
N ASN T 133 -27.53 -36.19 -52.83
CA ASN T 133 -26.22 -35.61 -53.12
C ASN T 133 -25.74 -36.00 -54.52
N GLY T 134 -26.65 -35.90 -55.49
CA GLY T 134 -26.32 -36.27 -56.85
C GLY T 134 -26.04 -37.75 -57.05
N VAL T 135 -26.72 -38.60 -56.29
CA VAL T 135 -26.58 -40.05 -56.42
C VAL T 135 -27.97 -40.65 -56.47
N ASN T 136 -28.28 -41.36 -57.55
CA ASN T 136 -29.58 -42.02 -57.71
C ASN T 136 -29.50 -43.38 -57.00
N VAL T 137 -30.03 -43.44 -55.78
CA VAL T 137 -29.89 -44.64 -54.97
C VAL T 137 -30.68 -45.79 -55.57
N LEU T 138 -31.94 -45.56 -55.94
CA LEU T 138 -32.78 -46.61 -56.50
C LEU T 138 -32.75 -46.61 -58.03
N ALA T 139 -31.55 -46.62 -58.61
CA ALA T 139 -31.43 -46.71 -60.05
C ALA T 139 -30.31 -47.63 -60.52
N LYS T 140 -29.51 -48.19 -59.61
CA LYS T 140 -28.37 -49.02 -60.00
C LYS T 140 -27.84 -49.77 -58.80
N ASN T 141 -27.57 -51.07 -58.96
CA ASN T 141 -26.94 -51.84 -57.90
C ASN T 141 -25.56 -51.27 -57.61
N GLY T 142 -25.28 -51.05 -56.34
CA GLY T 142 -24.00 -50.46 -55.97
C GLY T 142 -23.75 -50.61 -54.49
N SER T 143 -22.74 -49.90 -54.01
CA SER T 143 -22.37 -49.95 -52.60
C SER T 143 -21.65 -48.67 -52.22
N MET T 144 -21.89 -48.22 -50.99
CA MET T 144 -21.21 -47.07 -50.42
C MET T 144 -20.33 -47.52 -49.26
N LYS T 145 -19.19 -46.87 -49.11
CA LYS T 145 -18.20 -47.21 -48.09
C LYS T 145 -18.05 -46.01 -47.16
N ILE T 146 -18.46 -46.18 -45.90
CA ILE T 146 -18.47 -45.09 -44.93
C ILE T 146 -17.24 -45.22 -44.05
N GLN T 147 -16.41 -44.18 -44.04
CA GLN T 147 -15.21 -44.16 -43.21
C GLN T 147 -15.61 -43.95 -41.75
N VAL T 148 -15.45 -44.99 -40.93
CA VAL T 148 -15.82 -44.90 -39.53
C VAL T 148 -14.62 -45.19 -38.65
N GLY T 149 -13.43 -44.86 -39.13
CA GLY T 149 -12.21 -45.09 -38.38
C GLY T 149 -11.18 -44.02 -38.68
N ALA T 150 -10.07 -44.08 -37.95
CA ALA T 150 -8.99 -43.11 -38.10
C ALA T 150 -7.97 -43.54 -39.14
N ASN T 151 -7.68 -44.83 -39.22
CA ASN T 151 -6.71 -45.34 -40.18
C ASN T 151 -7.39 -45.55 -41.53
N ASP T 152 -6.70 -46.20 -42.45
CA ASP T 152 -7.25 -46.50 -43.77
C ASP T 152 -7.92 -47.87 -43.77
N ASN T 153 -8.83 -48.06 -44.73
CA ASN T 153 -9.64 -49.28 -44.84
C ASN T 153 -10.41 -49.54 -43.54
N GLN T 154 -11.25 -48.57 -43.19
CA GLN T 154 -12.05 -48.59 -41.98
C GLN T 154 -13.52 -48.38 -42.31
N THR T 155 -14.01 -49.10 -43.31
CA THR T 155 -15.28 -48.79 -43.95
C THR T 155 -16.36 -49.78 -43.54
N ILE T 156 -17.56 -49.25 -43.34
CA ILE T 156 -18.78 -50.05 -43.23
C ILE T 156 -19.56 -49.88 -44.53
N THR T 157 -19.89 -50.99 -45.17
CA THR T 157 -20.44 -50.97 -46.51
C THR T 157 -21.97 -50.92 -46.47
N ILE T 158 -22.54 -49.95 -47.18
CA ILE T 158 -23.98 -49.86 -47.40
C ILE T 158 -24.28 -50.46 -48.76
N ASP T 159 -25.39 -51.20 -48.85
CA ASP T 159 -25.79 -51.87 -50.08
C ASP T 159 -27.00 -51.17 -50.67
N LEU T 160 -26.96 -50.94 -51.98
CA LEU T 160 -28.04 -50.29 -52.70
C LEU T 160 -28.45 -51.17 -53.87
N LYS T 161 -29.72 -51.57 -53.90
CA LYS T 161 -30.27 -52.43 -54.94
C LYS T 161 -31.20 -51.63 -55.83
N GLN T 162 -31.04 -51.80 -57.14
CA GLN T 162 -31.95 -51.16 -58.09
C GLN T 162 -33.35 -51.73 -57.92
N ILE T 163 -34.27 -50.92 -57.41
CA ILE T 163 -35.65 -51.33 -57.17
C ILE T 163 -36.52 -50.59 -58.17
N ASP T 164 -37.09 -51.33 -59.12
CA ASP T 164 -37.97 -50.75 -60.13
C ASP T 164 -38.78 -51.88 -60.75
N ALA T 165 -39.59 -51.52 -61.75
CA ALA T 165 -40.48 -52.51 -62.36
C ALA T 165 -39.70 -53.65 -62.98
N LYS T 166 -38.61 -53.35 -63.69
CA LYS T 166 -37.85 -54.40 -64.36
C LYS T 166 -37.24 -55.38 -63.35
N THR T 167 -36.70 -54.87 -62.25
CA THR T 167 -36.05 -55.71 -61.25
C THR T 167 -37.03 -56.23 -60.20
N LEU T 168 -38.33 -56.21 -60.49
CA LEU T 168 -39.34 -56.74 -59.58
C LEU T 168 -40.31 -57.69 -60.26
N GLY T 169 -40.22 -57.89 -61.57
CA GLY T 169 -41.15 -58.73 -62.30
C GLY T 169 -42.40 -58.01 -62.76
N LEU T 170 -42.61 -56.77 -62.38
CA LEU T 170 -43.79 -56.01 -62.79
C LEU T 170 -43.51 -55.17 -64.03
N ASP T 171 -42.98 -55.81 -65.07
CA ASP T 171 -42.73 -55.18 -66.36
C ASP T 171 -43.70 -55.77 -67.37
N GLY T 172 -44.71 -54.99 -67.74
CA GLY T 172 -45.78 -55.49 -68.57
C GLY T 172 -46.95 -56.07 -67.80
N PHE T 173 -47.03 -55.84 -66.50
CA PHE T 173 -48.07 -56.38 -65.65
C PHE T 173 -49.43 -55.81 -66.05
N SER T 174 -50.30 -56.65 -66.59
CA SER T 174 -51.62 -56.22 -67.03
C SER T 174 -52.67 -57.24 -66.61
N VAL T 175 -53.91 -56.78 -66.51
CA VAL T 175 -55.02 -57.64 -66.12
C VAL T 175 -56.14 -57.55 -67.14
N LYS T 176 -55.80 -57.21 -68.38
CA LYS T 176 -56.79 -57.13 -69.45
C LYS T 176 -56.14 -57.58 -70.75
N ASN T 177 -56.99 -58.01 -71.68
CA ASN T 177 -56.53 -58.48 -72.98
C ASN T 177 -56.40 -57.33 -73.97
N THR T 407 -51.92 -61.25 -67.51
CA THR T 407 -50.79 -61.77 -66.76
C THR T 407 -51.18 -63.05 -66.02
N THR T 408 -50.32 -64.05 -66.09
CA THR T 408 -50.55 -65.31 -65.41
C THR T 408 -50.02 -65.23 -63.97
N ASP T 409 -50.83 -65.69 -63.04
CA ASP T 409 -50.51 -65.64 -61.61
C ASP T 409 -50.06 -64.25 -61.16
N PRO T 410 -50.92 -63.25 -61.27
CA PRO T 410 -50.49 -61.88 -60.90
C PRO T 410 -50.21 -61.72 -59.42
N LEU T 411 -51.06 -62.30 -58.58
CA LEU T 411 -50.94 -62.10 -57.14
C LEU T 411 -49.64 -62.68 -56.59
N LYS T 412 -49.21 -63.83 -57.13
CA LYS T 412 -47.94 -64.41 -56.71
C LYS T 412 -46.77 -63.49 -57.04
N ALA T 413 -46.78 -62.90 -58.24
CA ALA T 413 -45.72 -61.98 -58.62
C ALA T 413 -45.73 -60.74 -57.73
N LEU T 414 -46.92 -60.22 -57.42
CA LEU T 414 -47.00 -59.05 -56.55
C LEU T 414 -46.47 -59.36 -55.15
N ASP T 415 -46.83 -60.53 -54.62
CA ASP T 415 -46.30 -60.94 -53.31
C ASP T 415 -44.79 -61.09 -53.35
N ASP T 416 -44.27 -61.63 -54.45
CA ASP T 416 -42.82 -61.77 -54.61
C ASP T 416 -42.14 -60.40 -54.62
N ALA T 417 -42.75 -59.43 -55.30
CA ALA T 417 -42.18 -58.07 -55.30
C ALA T 417 -42.17 -57.47 -53.91
N ILE T 418 -43.25 -57.66 -53.16
CA ILE T 418 -43.32 -57.13 -51.80
C ILE T 418 -42.26 -57.78 -50.92
N ALA T 419 -42.09 -59.10 -51.05
CA ALA T 419 -41.09 -59.82 -50.28
C ALA T 419 -39.67 -59.49 -50.75
N SER T 420 -39.53 -58.97 -51.96
CA SER T 420 -38.23 -58.52 -52.43
C SER T 420 -37.88 -57.13 -51.93
N VAL T 421 -38.88 -56.27 -51.72
CA VAL T 421 -38.56 -54.92 -51.24
C VAL T 421 -38.37 -54.91 -49.72
N ASP T 422 -39.11 -55.76 -48.98
CA ASP T 422 -38.95 -55.72 -47.53
C ASP T 422 -37.59 -56.26 -47.10
N LYS T 423 -36.99 -57.15 -47.88
CA LYS T 423 -35.65 -57.62 -47.58
C LYS T 423 -34.64 -56.49 -47.64
N PHE T 424 -34.72 -55.67 -48.68
CA PHE T 424 -33.84 -54.51 -48.79
C PHE T 424 -34.08 -53.54 -47.64
N ARG T 425 -35.35 -53.35 -47.27
CA ARG T 425 -35.63 -52.47 -46.13
C ARG T 425 -34.99 -53.00 -44.85
N SER T 426 -35.06 -54.31 -44.62
CA SER T 426 -34.45 -54.89 -43.43
C SER T 426 -32.94 -54.74 -43.45
N SER T 427 -32.31 -54.92 -44.61
CA SER T 427 -30.87 -54.72 -44.71
C SER T 427 -30.51 -53.27 -44.37
N LEU T 428 -31.31 -52.32 -44.87
CA LEU T 428 -31.06 -50.92 -44.56
C LEU T 428 -31.16 -50.66 -43.06
N GLY T 429 -32.19 -51.23 -42.41
CA GLY T 429 -32.32 -51.04 -40.97
C GLY T 429 -31.14 -51.61 -40.20
N ALA T 430 -30.64 -52.78 -40.63
CA ALA T 430 -29.47 -53.36 -39.97
C ALA T 430 -28.26 -52.45 -40.13
N VAL T 431 -28.08 -51.89 -41.33
CA VAL T 431 -26.96 -50.96 -41.53
C VAL T 431 -27.11 -49.74 -40.64
N GLN T 432 -28.33 -49.23 -40.49
CA GLN T 432 -28.55 -48.08 -39.61
C GLN T 432 -28.15 -48.39 -38.18
N ASN T 433 -28.56 -49.56 -37.68
CA ASN T 433 -28.21 -49.93 -36.31
C ASN T 433 -26.70 -50.04 -36.14
N ARG T 434 -26.03 -50.66 -37.11
CA ARG T 434 -24.58 -50.79 -37.03
C ARG T 434 -23.92 -49.42 -37.00
N LEU T 435 -24.38 -48.50 -37.85
CA LEU T 435 -23.78 -47.17 -37.89
C LEU T 435 -23.98 -46.43 -36.58
N ASP T 436 -25.17 -46.54 -36.00
CA ASP T 436 -25.42 -45.85 -34.73
C ASP T 436 -24.52 -46.39 -33.62
N SER T 437 -24.36 -47.72 -33.57
CA SER T 437 -23.44 -48.28 -32.58
C SER T 437 -22.01 -47.80 -32.81
N ALA T 438 -21.61 -47.70 -34.08
CA ALA T 438 -20.28 -47.19 -34.39
C ALA T 438 -20.10 -45.76 -33.89
N VAL T 439 -21.12 -44.91 -34.09
CA VAL T 439 -21.02 -43.53 -33.63
C VAL T 439 -20.88 -43.49 -32.11
N THR T 440 -21.66 -44.29 -31.40
CA THR T 440 -21.55 -44.30 -29.94
C THR T 440 -20.16 -44.73 -29.48
N ASN T 441 -19.62 -45.79 -30.10
CA ASN T 441 -18.29 -46.24 -29.72
C ASN T 441 -17.23 -45.20 -30.03
N LEU T 442 -17.37 -44.52 -31.17
CA LEU T 442 -16.42 -43.47 -31.53
C LEU T 442 -16.45 -42.33 -30.51
N ASN T 443 -17.65 -41.94 -30.07
CA ASN T 443 -17.75 -40.89 -29.06
C ASN T 443 -17.05 -41.31 -27.77
N ASN T 444 -17.30 -42.55 -27.32
CA ASN T 444 -16.67 -43.02 -26.09
C ASN T 444 -15.15 -43.02 -26.21
N THR T 445 -14.64 -43.56 -27.32
CA THR T 445 -13.20 -43.63 -27.52
C THR T 445 -12.58 -42.24 -27.60
N THR T 446 -13.26 -41.31 -28.27
CA THR T 446 -12.75 -39.95 -28.36
C THR T 446 -12.64 -39.31 -26.99
N THR T 447 -13.67 -39.50 -26.15
CA THR T 447 -13.62 -38.92 -24.81
C THR T 447 -12.47 -39.51 -24.00
N ASN T 448 -12.31 -40.84 -24.05
CA ASN T 448 -11.26 -41.47 -23.26
C ASN T 448 -9.88 -41.03 -23.73
N LEU T 449 -9.66 -40.97 -25.04
CA LEU T 449 -8.34 -40.57 -25.53
C LEU T 449 -8.07 -39.09 -25.24
N SER T 450 -9.11 -38.25 -25.30
CA SER T 450 -8.93 -36.84 -24.97
C SER T 450 -8.53 -36.66 -23.52
N GLU T 451 -9.17 -37.40 -22.61
CA GLU T 451 -8.80 -37.25 -21.21
C GLU T 451 -7.41 -37.85 -20.94
N ALA T 452 -7.02 -38.89 -21.68
CA ALA T 452 -5.64 -39.37 -21.58
C ALA T 452 -4.64 -38.31 -22.02
N GLN T 453 -4.92 -37.66 -23.15
CA GLN T 453 -4.06 -36.57 -23.61
C GLN T 453 -3.99 -35.45 -22.58
N SER T 454 -5.11 -35.19 -21.89
CA SER T 454 -5.09 -34.20 -20.82
C SER T 454 -4.18 -34.65 -19.68
N ARG T 455 -4.24 -35.93 -19.32
CA ARG T 455 -3.33 -36.41 -18.28
C ARG T 455 -1.87 -36.41 -18.70
N ILE T 456 -1.59 -36.35 -19.99
CA ILE T 456 -0.21 -36.42 -20.47
C ILE T 456 0.40 -35.03 -20.69
N GLN T 457 -0.28 -34.17 -21.44
CA GLN T 457 0.34 -32.93 -21.89
C GLN T 457 0.02 -31.73 -21.00
N ASP T 458 -1.09 -31.74 -20.27
CA ASP T 458 -1.52 -30.54 -19.56
C ASP T 458 -0.75 -30.37 -18.25
N ALA T 459 -0.78 -29.15 -17.74
CA ALA T 459 -0.06 -28.76 -16.53
C ALA T 459 -1.03 -28.59 -15.36
N ASP T 460 -0.48 -28.67 -14.15
CA ASP T 460 -1.22 -28.49 -12.91
C ASP T 460 -0.92 -27.09 -12.38
N TYR T 461 -1.95 -26.25 -12.32
CA TYR T 461 -1.71 -24.83 -12.05
C TYR T 461 -1.27 -24.57 -10.62
N ALA T 462 -1.73 -25.36 -9.65
CA ALA T 462 -1.33 -25.12 -8.26
C ALA T 462 0.18 -25.23 -8.11
N THR T 463 0.76 -26.33 -8.59
CA THR T 463 2.20 -26.53 -8.48
C THR T 463 2.97 -25.45 -9.21
N GLU T 464 2.50 -25.06 -10.40
CA GLU T 464 3.23 -24.08 -11.18
C GLU T 464 3.18 -22.70 -10.54
N VAL T 465 2.04 -22.31 -9.98
CA VAL T 465 1.96 -21.04 -9.27
C VAL T 465 2.87 -21.05 -8.05
N SER T 466 2.88 -22.16 -7.31
CA SER T 466 3.77 -22.26 -6.15
C SER T 466 5.23 -22.11 -6.58
N ASN T 467 5.61 -22.80 -7.65
CA ASN T 467 6.99 -22.73 -8.12
C ASN T 467 7.35 -21.32 -8.59
N MET T 468 6.41 -20.65 -9.27
CA MET T 468 6.68 -19.29 -9.75
C MET T 468 6.88 -18.34 -8.58
N SER T 469 6.03 -18.43 -7.56
CA SER T 469 6.19 -17.57 -6.39
C SER T 469 7.52 -17.84 -5.69
N LYS T 470 7.88 -19.12 -5.54
CA LYS T 470 9.14 -19.46 -4.91
C LYS T 470 10.31 -18.90 -5.70
N ALA T 471 10.26 -19.02 -7.03
CA ALA T 471 11.33 -18.51 -7.88
C ALA T 471 11.45 -17.00 -7.78
N GLN T 472 10.31 -16.30 -7.71
CA GLN T 472 10.35 -14.86 -7.54
C GLN T 472 11.01 -14.46 -6.23
N ILE T 473 10.66 -15.15 -5.15
CA ILE T 473 11.28 -14.87 -3.85
C ILE T 473 12.78 -15.13 -3.93
N ILE T 474 13.18 -16.24 -4.56
CA ILE T 474 14.61 -16.55 -4.70
C ILE T 474 15.32 -15.46 -5.48
N GLN T 475 14.70 -14.97 -6.56
CA GLN T 475 15.32 -13.93 -7.37
C GLN T 475 15.55 -12.66 -6.55
N GLN T 476 14.53 -12.22 -5.83
CA GLN T 476 14.68 -11.00 -5.05
C GLN T 476 15.72 -11.16 -3.94
N ALA T 477 15.71 -12.33 -3.27
CA ALA T 477 16.70 -12.59 -2.24
C ALA T 477 18.12 -12.57 -2.82
N GLY T 478 18.29 -13.21 -3.98
CA GLY T 478 19.60 -13.20 -4.61
C GLY T 478 20.05 -11.82 -5.03
N ASN T 479 19.11 -10.99 -5.47
CA ASN T 479 19.45 -9.61 -5.81
C ASN T 479 19.94 -8.85 -4.57
N SER T 480 19.25 -9.04 -3.44
CA SER T 480 19.69 -8.39 -2.21
C SER T 480 21.08 -8.87 -1.79
N VAL T 481 21.31 -10.18 -1.87
CA VAL T 481 22.62 -10.72 -1.51
C VAL T 481 23.69 -10.19 -2.44
N LEU T 482 23.38 -10.05 -3.73
CA LEU T 482 24.33 -9.47 -4.67
C LEU T 482 24.67 -8.03 -4.30
N ALA T 483 23.66 -7.26 -3.93
CA ALA T 483 23.91 -5.88 -3.50
C ALA T 483 24.84 -5.86 -2.30
N LYS T 484 24.60 -6.73 -1.32
CA LYS T 484 25.46 -6.77 -0.14
C LYS T 484 26.87 -7.21 -0.51
N ALA T 485 27.00 -8.17 -1.42
CA ALA T 485 28.31 -8.66 -1.83
C ALA T 485 29.11 -7.56 -2.51
N ASN T 486 28.49 -6.79 -3.39
CA ASN T 486 29.18 -5.64 -3.96
C ASN T 486 29.46 -4.56 -2.93
N GLN T 487 28.65 -4.50 -1.89
CA GLN T 487 28.85 -3.51 -0.83
C GLN T 487 30.02 -3.85 0.08
N VAL T 488 30.36 -5.13 0.20
CA VAL T 488 31.39 -5.56 1.15
C VAL T 488 32.74 -4.90 0.90
N PRO T 489 33.30 -4.86 -0.32
CA PRO T 489 34.71 -4.46 -0.48
C PRO T 489 35.04 -3.02 -0.12
N GLN T 490 34.08 -2.27 0.44
CA GLN T 490 34.33 -0.87 0.79
C GLN T 490 35.41 -0.71 1.86
N GLN T 491 35.65 -1.74 2.68
CA GLN T 491 36.54 -1.58 3.83
C GLN T 491 37.97 -1.25 3.41
N VAL T 492 38.36 -1.64 2.20
CA VAL T 492 39.70 -1.30 1.72
C VAL T 492 39.86 0.20 1.56
N LEU T 493 38.78 0.89 1.15
CA LEU T 493 38.82 2.34 1.08
C LEU T 493 39.04 2.95 2.46
N SER T 494 38.40 2.39 3.49
CA SER T 494 38.62 2.86 4.85
C SER T 494 40.06 2.61 5.28
N LEU T 495 40.61 1.45 4.92
CA LEU T 495 42.02 1.17 5.22
C LEU T 495 42.93 2.21 4.58
N LEU T 496 42.73 2.48 3.29
CA LEU T 496 43.60 3.43 2.58
C LEU T 496 43.46 4.83 3.15
N GLN T 497 42.23 5.24 3.47
CA GLN T 497 42.01 6.58 4.02
C GLN T 497 42.70 6.73 5.37
N GLY T 498 42.65 5.71 6.20
CA GLY T 498 43.30 5.75 7.50
C GLY T 498 42.33 5.70 8.66
N GLN U 3 126.10 76.55 22.31
CA GLN U 3 126.10 75.61 23.42
C GLN U 3 125.28 76.18 24.56
N VAL U 4 124.55 77.24 24.25
CA VAL U 4 123.80 78.05 25.20
C VAL U 4 122.94 77.20 26.12
N ILE U 5 123.03 77.45 27.43
CA ILE U 5 122.22 76.78 28.44
C ILE U 5 121.25 77.73 29.12
N ASN U 6 121.18 78.98 28.65
CA ASN U 6 120.21 79.93 29.16
C ASN U 6 118.93 79.96 28.32
N THR U 7 118.92 79.25 27.19
CA THR U 7 117.78 79.20 26.28
C THR U 7 117.80 77.86 25.55
N ASN U 8 116.62 77.27 25.39
CA ASN U 8 116.50 75.93 24.81
C ASN U 8 115.54 75.95 23.63
N SER U 9 115.77 76.88 22.70
CA SER U 9 114.88 77.15 21.57
C SER U 9 114.22 75.91 20.98
N LEU U 10 114.98 74.82 20.83
CA LEU U 10 114.41 73.58 20.32
C LEU U 10 113.25 73.10 21.18
N SER U 11 113.40 73.20 22.51
CA SER U 11 112.31 72.85 23.40
C SER U 11 111.10 73.74 23.16
N LEU U 12 111.33 75.04 22.92
CA LEU U 12 110.23 75.94 22.64
C LEU U 12 109.49 75.54 21.37
N ILE U 13 110.23 75.17 20.32
CA ILE U 13 109.59 74.71 19.09
C ILE U 13 108.78 73.45 19.35
N THR U 14 109.33 72.51 20.12
CA THR U 14 108.61 71.27 20.39
C THR U 14 107.33 71.54 21.18
N GLN U 15 107.40 72.40 22.19
CA GLN U 15 106.21 72.75 22.95
C GLN U 15 105.16 73.42 22.07
N ASN U 16 105.60 74.30 21.18
CA ASN U 16 104.67 74.95 20.27
C ASN U 16 103.95 73.93 19.40
N ASN U 17 104.70 72.96 18.87
CA ASN U 17 104.08 71.93 18.03
C ASN U 17 103.10 71.08 18.84
N ILE U 18 103.45 70.75 20.07
CA ILE U 18 102.57 69.94 20.91
C ILE U 18 101.27 70.69 21.19
N ASN U 19 101.38 71.97 21.54
CA ASN U 19 100.18 72.77 21.75
C ASN U 19 99.34 72.88 20.48
N LYS U 20 100.01 72.93 19.33
CA LYS U 20 99.29 72.96 18.06
C LYS U 20 98.48 71.68 17.86
N ASN U 21 99.07 70.53 18.15
CA ASN U 21 98.36 69.26 17.97
C ASN U 21 97.25 69.07 19.00
N GLN U 22 97.40 69.70 20.17
CA GLN U 22 96.39 69.58 21.22
C GLN U 22 94.99 69.89 20.72
N SER U 23 94.85 70.92 19.88
CA SER U 23 93.53 71.31 19.40
C SER U 23 92.89 70.20 18.59
N ALA U 24 93.65 69.58 17.69
CA ALA U 24 93.11 68.48 16.89
C ALA U 24 92.72 67.30 17.77
N LEU U 25 93.57 66.97 18.75
CA LEU U 25 93.24 65.86 19.65
C LEU U 25 91.94 66.14 20.40
N SER U 26 91.81 67.35 20.95
CA SER U 26 90.62 67.72 21.69
C SER U 26 89.39 67.68 20.81
N SER U 27 89.50 68.19 19.57
CA SER U 27 88.36 68.17 18.67
C SER U 27 87.93 66.75 18.35
N SER U 28 88.89 65.86 18.10
CA SER U 28 88.54 64.47 17.81
C SER U 28 87.82 63.82 18.98
N ILE U 29 88.35 64.01 20.20
CA ILE U 29 87.71 63.43 21.37
C ILE U 29 86.31 64.01 21.56
N GLU U 30 86.17 65.32 21.39
CA GLU U 30 84.88 65.98 21.55
C GLU U 30 83.85 65.42 20.59
N ARG U 31 84.21 65.32 19.32
CA ARG U 31 83.25 64.88 18.31
C ARG U 31 82.91 63.40 18.46
N LEU U 32 83.87 62.58 18.89
CA LEU U 32 83.53 61.18 19.17
C LEU U 32 82.61 61.05 20.38
N SER U 33 82.84 61.86 21.42
CA SER U 33 82.01 61.75 22.62
C SER U 33 80.59 62.24 22.37
N SER U 34 80.44 63.42 21.76
CA SER U 34 79.12 64.00 21.59
C SER U 34 78.33 63.29 20.50
N GLY U 35 78.98 62.96 19.39
CA GLY U 35 78.32 62.41 18.23
C GLY U 35 77.95 63.44 17.17
N LEU U 36 78.09 64.72 17.47
CA LEU U 36 77.86 65.79 16.53
C LEU U 36 79.19 66.39 16.08
N ARG U 37 79.27 66.71 14.79
CA ARG U 37 80.44 67.41 14.28
C ARG U 37 80.42 68.87 14.67
N ILE U 38 79.24 69.48 14.73
CA ILE U 38 79.09 70.88 15.11
C ILE U 38 78.71 70.89 16.58
N ASN U 39 79.72 70.94 17.44
CA ASN U 39 79.51 70.98 18.88
C ASN U 39 79.53 72.39 19.46
N SER U 40 79.84 73.39 18.64
CA SER U 40 79.88 74.78 19.11
C SER U 40 79.80 75.69 17.89
N ALA U 41 79.57 76.98 18.16
CA ALA U 41 79.50 77.96 17.08
C ALA U 41 80.85 78.13 16.40
N LYS U 42 81.94 77.85 17.10
CA LYS U 42 83.26 78.00 16.50
C LYS U 42 83.47 77.02 15.35
N ASP U 43 82.78 75.88 15.37
CA ASP U 43 82.96 74.89 14.33
C ASP U 43 82.53 75.41 12.97
N ASP U 44 81.22 75.59 12.77
CA ASP U 44 80.68 76.15 11.55
C ASP U 44 79.78 77.36 11.82
N ALA U 45 78.72 77.14 12.60
CA ALA U 45 77.69 78.08 13.02
C ALA U 45 76.76 78.51 11.89
N ALA U 46 77.19 78.35 10.64
CA ALA U 46 76.22 78.39 9.55
C ALA U 46 75.50 77.07 9.46
N GLY U 47 76.26 75.98 9.50
CA GLY U 47 75.67 74.67 9.66
C GLY U 47 74.87 74.57 10.95
N GLN U 48 75.34 75.21 12.01
CA GLN U 48 74.62 75.17 13.28
C GLN U 48 73.29 75.92 13.19
N ALA U 49 73.29 77.10 12.54
CA ALA U 49 72.02 77.81 12.36
C ALA U 49 71.05 77.00 11.51
N ILE U 50 71.54 76.42 10.42
CA ILE U 50 70.68 75.62 9.55
C ILE U 50 70.15 74.40 10.30
N ALA U 51 71.00 73.77 11.11
CA ALA U 51 70.58 72.61 11.89
C ALA U 51 69.53 73.00 12.92
N ASN U 52 69.70 74.17 13.55
CA ASN U 52 68.69 74.63 14.51
C ASN U 52 67.34 74.82 13.83
N ARG U 53 67.35 75.44 12.65
CA ARG U 53 66.10 75.64 11.92
C ARG U 53 65.48 74.31 11.51
N PHE U 54 66.31 73.35 11.06
CA PHE U 54 65.78 72.03 10.73
C PHE U 54 65.20 71.33 11.94
N THR U 55 65.84 71.45 13.10
CA THR U 55 65.30 70.84 14.31
C THR U 55 63.94 71.43 14.65
N SER U 56 63.82 72.75 14.55
CA SER U 56 62.53 73.40 14.79
C SER U 56 61.48 72.88 13.83
N ASN U 57 61.84 72.76 12.55
CA ASN U 57 60.88 72.29 11.55
C ASN U 57 60.45 70.85 11.84
N ILE U 58 61.40 69.99 12.20
CA ILE U 58 61.08 68.59 12.47
C ILE U 58 60.11 68.48 13.64
N LYS U 59 60.40 69.20 14.73
CA LYS U 59 59.52 69.16 15.89
C LYS U 59 58.13 69.68 15.54
N GLY U 60 58.08 70.79 14.78
CA GLY U 60 56.79 71.33 14.39
C GLY U 60 55.98 70.39 13.53
N LEU U 61 56.63 69.72 12.58
CA LEU U 61 55.90 68.81 11.69
C LEU U 61 55.39 67.59 12.44
N THR U 62 56.20 67.06 13.36
CA THR U 62 55.73 65.94 14.17
C THR U 62 54.52 66.34 15.01
N GLN U 63 54.59 67.53 15.62
CA GLN U 63 53.46 68.00 16.40
C GLN U 63 52.23 68.19 15.52
N ALA U 64 52.43 68.67 14.29
CA ALA U 64 51.31 68.87 13.37
C ALA U 64 50.64 67.55 13.02
N ALA U 65 51.43 66.50 12.79
CA ALA U 65 50.84 65.18 12.52
C ALA U 65 50.04 64.69 13.72
N ARG U 66 50.60 64.87 14.92
CA ARG U 66 49.86 64.50 16.13
C ARG U 66 48.54 65.26 16.21
N ASN U 67 48.55 66.54 15.85
CA ASN U 67 47.31 67.31 15.83
C ASN U 67 46.31 66.76 14.82
N ALA U 68 46.79 66.41 13.63
CA ALA U 68 45.89 65.93 12.58
C ALA U 68 45.18 64.66 12.99
N ASN U 69 45.87 63.79 13.74
CA ASN U 69 45.22 62.57 14.23
C ASN U 69 43.97 62.91 15.05
N ASP U 70 44.02 64.00 15.83
CA ASP U 70 42.86 64.38 16.62
C ASP U 70 41.67 64.74 15.75
N GLY U 71 41.89 65.50 14.69
CA GLY U 71 40.81 65.81 13.77
C GLY U 71 40.23 64.57 13.13
N ILE U 72 41.09 63.60 12.80
CA ILE U 72 40.61 62.33 12.27
C ILE U 72 39.66 61.67 13.27
N SER U 73 40.05 61.66 14.55
CA SER U 73 39.22 61.07 15.58
C SER U 73 37.88 61.77 15.71
N VAL U 74 37.89 63.11 15.67
CA VAL U 74 36.65 63.88 15.77
C VAL U 74 35.71 63.50 14.63
N ALA U 75 36.24 63.43 13.42
CA ALA U 75 35.41 63.10 12.27
C ALA U 75 34.85 61.69 12.39
N GLN U 76 35.65 60.75 12.91
CA GLN U 76 35.17 59.38 13.09
C GLN U 76 33.99 59.34 14.05
N THR U 77 34.12 60.02 15.20
CA THR U 77 33.05 60.00 16.19
C THR U 77 31.78 60.63 15.63
N THR U 78 31.92 61.77 14.97
CA THR U 78 30.74 62.43 14.40
C THR U 78 30.08 61.55 13.35
N GLU U 79 30.88 60.86 12.53
CA GLU U 79 30.32 59.97 11.52
C GLU U 79 29.54 58.83 12.14
N GLY U 80 30.05 58.25 13.24
CA GLY U 80 29.30 57.20 13.91
C GLY U 80 27.96 57.67 14.42
N ALA U 81 27.95 58.84 15.07
CA ALA U 81 26.68 59.39 15.55
C ALA U 81 25.71 59.64 14.38
N LEU U 82 26.24 60.16 13.27
CA LEU U 82 25.41 60.40 12.10
C LEU U 82 24.83 59.10 11.57
N SER U 83 25.60 58.02 11.60
CA SER U 83 25.09 56.73 11.13
C SER U 83 23.93 56.26 11.98
N GLU U 84 24.04 56.41 13.31
CA GLU U 84 22.91 56.05 14.16
C GLU U 84 21.68 56.89 13.84
N ILE U 85 21.87 58.20 13.64
CA ILE U 85 20.75 59.06 13.29
C ILE U 85 20.11 58.61 11.97
N ASN U 86 20.94 58.20 11.02
CA ASN U 86 20.43 57.72 9.74
C ASN U 86 19.58 56.47 9.92
N ASN U 87 20.04 55.54 10.76
CA ASN U 87 19.24 54.34 11.00
C ASN U 87 17.88 54.69 11.60
N ASN U 88 17.86 55.61 12.58
CA ASN U 88 16.59 56.01 13.17
C ASN U 88 15.67 56.65 12.13
N LEU U 89 16.24 57.50 11.26
CA LEU U 89 15.43 58.14 10.21
C LEU U 89 14.85 57.10 9.26
N GLN U 90 15.65 56.09 8.91
CA GLN U 90 15.16 55.02 8.03
C GLN U 90 13.98 54.29 8.66
N ARG U 91 14.09 53.96 9.94
CA ARG U 91 12.99 53.26 10.59
C ARG U 91 11.74 54.15 10.67
N VAL U 92 11.94 55.45 10.90
CA VAL U 92 10.81 56.37 10.92
C VAL U 92 10.13 56.40 9.55
N ARG U 93 10.92 56.40 8.48
CA ARG U 93 10.32 56.39 7.14
C ARG U 93 9.52 55.12 6.90
N GLU U 94 10.05 53.98 7.33
CA GLU U 94 9.30 52.73 7.19
C GLU U 94 7.98 52.81 7.95
N LEU U 95 8.02 53.37 9.16
CA LEU U 95 6.80 53.51 9.96
C LEU U 95 5.79 54.40 9.26
N THR U 96 6.24 55.50 8.66
CA THR U 96 5.31 56.38 7.94
C THR U 96 4.70 55.66 6.74
N VAL U 97 5.51 54.89 6.02
CA VAL U 97 4.97 54.11 4.90
C VAL U 97 3.90 53.16 5.39
N GLN U 98 4.13 52.52 6.53
CA GLN U 98 3.11 51.64 7.09
C GLN U 98 1.87 52.41 7.54
N ALA U 99 2.05 53.63 8.03
CA ALA U 99 0.94 54.36 8.63
C ALA U 99 0.04 55.02 7.59
N THR U 100 0.58 55.38 6.43
CA THR U 100 -0.24 56.08 5.45
C THR U 100 -1.13 55.13 4.67
N THR U 101 -1.90 54.31 5.38
CA THR U 101 -2.78 53.32 4.76
C THR U 101 -4.19 53.48 5.31
N GLY U 102 -5.19 53.23 4.46
CA GLY U 102 -6.57 53.38 4.87
C GLY U 102 -7.09 52.28 5.78
N THR U 103 -6.44 51.11 5.78
CA THR U 103 -6.90 50.02 6.63
C THR U 103 -6.60 50.30 8.10
N ASN U 104 -5.61 51.14 8.38
CA ASN U 104 -5.24 51.44 9.77
C ASN U 104 -6.36 52.20 10.46
N SER U 105 -6.68 51.79 11.69
CA SER U 105 -7.66 52.47 12.51
C SER U 105 -7.00 53.61 13.28
N GLU U 106 -7.76 54.25 14.16
CA GLU U 106 -7.22 55.36 14.93
C GLU U 106 -6.24 54.88 15.99
N SER U 107 -6.52 53.74 16.62
CA SER U 107 -5.60 53.21 17.63
C SER U 107 -4.28 52.79 16.99
N ASP U 108 -4.34 52.19 15.80
CA ASP U 108 -3.12 51.81 15.10
C ASP U 108 -2.28 53.03 14.75
N LEU U 109 -2.93 54.09 14.28
CA LEU U 109 -2.22 55.33 14.01
C LEU U 109 -1.62 55.91 15.27
N SER U 110 -2.34 55.81 16.39
CA SER U 110 -1.82 56.30 17.66
C SER U 110 -0.56 55.54 18.06
N SER U 111 -0.57 54.22 17.92
CA SER U 111 0.61 53.43 18.27
C SER U 111 1.78 53.75 17.34
N ILE U 112 1.51 53.89 16.04
CA ILE U 112 2.58 54.22 15.10
C ILE U 112 3.17 55.58 15.43
N GLN U 113 2.32 56.55 15.76
CA GLN U 113 2.81 57.87 16.14
C GLN U 113 3.60 57.82 17.44
N ASP U 114 3.18 56.96 18.38
CA ASP U 114 3.94 56.78 19.61
C ASP U 114 5.36 56.33 19.31
N GLU U 115 5.50 55.29 18.48
CA GLU U 115 6.84 54.79 18.15
C GLU U 115 7.63 55.84 17.38
N ILE U 116 6.98 56.55 16.45
CA ILE U 116 7.67 57.55 15.66
C ILE U 116 8.18 58.68 16.54
N LYS U 117 7.35 59.14 17.48
CA LYS U 117 7.77 60.20 18.40
C LYS U 117 8.89 59.72 19.30
N SER U 118 8.85 58.47 19.74
CA SER U 118 9.93 57.93 20.55
C SER U 118 11.24 57.95 19.77
N ARG U 119 11.21 57.54 18.50
CA ARG U 119 12.44 57.52 17.72
C ARG U 119 12.94 58.92 17.38
N LEU U 120 12.02 59.86 17.14
CA LEU U 120 12.45 61.25 16.93
C LEU U 120 13.09 61.82 18.19
N ASP U 121 12.52 61.50 19.36
CA ASP U 121 13.13 61.93 20.62
C ASP U 121 14.50 61.32 20.79
N GLU U 122 14.67 60.06 20.39
CA GLU U 122 15.99 59.45 20.43
C GLU U 122 16.96 60.16 19.50
N ILE U 123 16.50 60.56 18.31
CA ILE U 123 17.35 61.32 17.40
C ILE U 123 17.82 62.61 18.07
N ASP U 124 16.88 63.33 18.68
CA ASP U 124 17.22 64.59 19.34
C ASP U 124 18.19 64.35 20.50
N ARG U 125 17.96 63.29 21.27
CA ARG U 125 18.83 62.98 22.41
C ARG U 125 20.24 62.66 21.94
N VAL U 126 20.37 61.81 20.92
CA VAL U 126 21.69 61.47 20.40
C VAL U 126 22.40 62.70 19.87
N SER U 127 21.65 63.58 19.19
CA SER U 127 22.25 64.81 18.68
C SER U 127 22.76 65.68 19.81
N GLY U 128 21.93 65.92 20.83
CA GLY U 128 22.32 66.82 21.89
C GLY U 128 23.44 66.28 22.76
N GLN U 129 23.40 65.00 23.10
CA GLN U 129 24.28 64.45 24.13
C GLN U 129 25.66 64.08 23.60
N THR U 130 25.80 63.82 22.30
CA THR U 130 27.07 63.36 21.74
C THR U 130 28.09 64.49 21.79
N GLN U 131 29.04 64.39 22.71
CA GLN U 131 30.09 65.39 22.86
C GLN U 131 31.45 64.73 22.78
N PHE U 132 32.39 65.41 22.13
CA PHE U 132 33.78 64.95 22.03
C PHE U 132 34.68 65.98 22.69
N ASN U 133 35.46 65.54 23.68
CA ASN U 133 36.43 66.39 24.37
C ASN U 133 35.75 67.67 24.88
N GLY U 134 34.57 67.50 25.46
CA GLY U 134 33.81 68.64 25.94
C GLY U 134 33.35 69.58 24.86
N VAL U 135 33.01 69.06 23.68
CA VAL U 135 32.50 69.86 22.58
C VAL U 135 31.31 69.11 21.99
N ASN U 136 30.12 69.68 22.12
CA ASN U 136 28.91 69.10 21.55
C ASN U 136 28.95 69.32 20.05
N VAL U 137 29.45 68.31 19.33
CA VAL U 137 29.69 68.47 17.89
C VAL U 137 28.37 68.67 17.14
N LEU U 138 27.38 67.83 17.41
CA LEU U 138 26.08 67.90 16.74
C LEU U 138 25.08 68.73 17.54
N ALA U 139 25.45 69.94 17.93
CA ALA U 139 24.53 70.81 18.64
C ALA U 139 24.59 72.26 18.20
N LYS U 140 25.50 72.61 17.29
CA LYS U 140 25.67 74.00 16.87
C LYS U 140 26.51 74.09 15.60
N ASN U 141 26.06 74.88 14.63
CA ASN U 141 26.88 75.14 13.45
C ASN U 141 28.17 75.82 13.84
N GLY U 142 29.28 75.31 13.33
CA GLY U 142 30.57 75.87 13.66
C GLY U 142 31.65 75.37 12.75
N SER U 143 32.89 75.56 13.18
CA SER U 143 34.04 75.14 12.38
C SER U 143 35.21 74.87 13.31
N MET U 144 35.98 73.83 12.99
CA MET U 144 37.19 73.46 13.73
C MET U 144 38.39 73.59 12.81
N LYS U 145 39.49 74.11 13.35
CA LYS U 145 40.70 74.37 12.58
C LYS U 145 41.83 73.52 13.14
N ILE U 146 42.40 72.66 12.31
CA ILE U 146 43.43 71.71 12.71
C ILE U 146 44.78 72.19 12.22
N GLN U 147 45.68 72.47 13.15
CA GLN U 147 47.03 72.92 12.83
C GLN U 147 47.81 71.75 12.25
N VAL U 148 48.01 71.75 10.93
CA VAL U 148 48.73 70.66 10.27
C VAL U 148 49.98 71.20 9.60
N GLY U 149 50.57 72.24 10.17
CA GLY U 149 51.78 72.83 9.64
C GLY U 149 52.73 73.24 10.74
N ALA U 150 53.87 73.79 10.33
CA ALA U 150 54.90 74.25 11.25
C ALA U 150 54.82 75.74 11.56
N ASN U 151 54.37 76.55 10.61
CA ASN U 151 54.21 77.98 10.82
C ASN U 151 52.80 78.27 11.30
N ASP U 152 52.41 79.55 11.27
CA ASP U 152 51.08 79.96 11.67
C ASP U 152 50.14 79.97 10.46
N ASN U 153 48.84 79.86 10.75
CA ASN U 153 47.79 79.81 9.74
C ASN U 153 48.06 78.69 8.73
N GLN U 154 48.10 77.47 9.26
CA GLN U 154 48.42 76.27 8.50
C GLN U 154 47.31 75.23 8.67
N THR U 155 46.06 75.69 8.67
CA THR U 155 44.96 74.91 9.22
C THR U 155 44.09 74.31 8.13
N ILE U 156 43.55 73.12 8.42
CA ILE U 156 42.48 72.50 7.65
C ILE U 156 41.19 72.65 8.45
N THR U 157 40.16 73.20 7.81
CA THR U 157 38.93 73.57 8.49
C THR U 157 37.91 72.44 8.40
N ILE U 158 37.46 71.96 9.55
CA ILE U 158 36.39 70.98 9.64
C ILE U 158 35.08 71.72 9.92
N ASP U 159 34.02 71.32 9.22
CA ASP U 159 32.71 71.97 9.37
C ASP U 159 31.78 71.07 10.15
N LEU U 160 30.98 71.68 11.03
CA LEU U 160 30.02 70.97 11.86
C LEU U 160 28.65 71.59 11.67
N LYS U 161 27.66 70.77 11.35
CA LYS U 161 26.30 71.20 11.12
C LYS U 161 25.41 70.72 12.27
N GLN U 162 24.62 71.63 12.82
CA GLN U 162 23.63 71.25 13.82
C GLN U 162 22.58 70.34 13.22
N ILE U 163 22.58 69.08 13.60
CA ILE U 163 21.65 68.09 13.08
C ILE U 163 20.70 67.72 14.21
N ASP U 164 19.43 68.12 14.08
CA ASP U 164 18.42 67.83 15.08
C ASP U 164 17.05 67.98 14.43
N ALA U 165 16.01 67.77 15.24
CA ALA U 165 14.64 67.79 14.71
C ALA U 165 14.30 69.14 14.08
N LYS U 166 14.67 70.23 14.74
CA LYS U 166 14.32 71.55 14.23
C LYS U 166 15.03 71.84 12.90
N THR U 167 16.29 71.47 12.79
CA THR U 167 17.08 71.75 11.59
C THR U 167 16.95 70.65 10.53
N LEU U 168 15.96 69.78 10.66
CA LEU U 168 15.70 68.76 9.66
C LEU U 168 14.28 68.83 9.12
N GLY U 169 13.46 69.78 9.57
CA GLY U 169 12.07 69.86 9.19
C GLY U 169 11.16 68.96 9.98
N LEU U 170 11.71 68.08 10.82
CA LEU U 170 10.92 67.15 11.62
C LEU U 170 10.63 67.72 13.01
N ASP U 171 10.08 68.92 13.05
CA ASP U 171 9.64 69.56 14.29
C ASP U 171 8.11 69.56 14.31
N GLY U 172 7.54 68.65 15.10
CA GLY U 172 6.11 68.44 15.11
C GLY U 172 5.63 67.39 14.14
N PHE U 173 6.50 66.52 13.66
CA PHE U 173 6.13 65.47 12.72
C PHE U 173 5.14 64.51 13.36
N SER U 174 3.90 64.51 12.86
CA SER U 174 2.85 63.64 13.38
C SER U 174 2.11 62.98 12.23
N VAL U 175 1.55 61.80 12.51
CA VAL U 175 0.79 61.06 11.50
C VAL U 175 -0.60 60.76 12.04
N LYS U 176 -1.07 61.60 12.97
CA LYS U 176 -2.39 61.42 13.55
C LYS U 176 -2.93 62.79 13.95
N ASN U 177 -4.24 62.84 14.14
CA ASN U 177 -4.92 64.09 14.48
C ASN U 177 -5.05 64.26 15.99
N THR U 407 0.31 66.00 9.32
CA THR U 407 1.44 66.49 8.54
C THR U 407 1.24 66.24 7.05
N THR U 408 1.47 67.27 6.24
CA THR U 408 1.33 67.16 4.81
C THR U 408 2.66 66.77 4.17
N ASP U 409 2.59 65.87 3.20
CA ASP U 409 3.77 65.35 2.51
C ASP U 409 4.85 64.86 3.48
N PRO U 410 4.56 63.85 4.30
CA PRO U 410 5.56 63.40 5.28
C PRO U 410 6.77 62.74 4.64
N LEU U 411 6.54 61.86 3.66
CA LEU U 411 7.64 61.09 3.08
C LEU U 411 8.64 61.99 2.37
N LYS U 412 8.15 63.05 1.71
CA LYS U 412 9.06 63.99 1.06
C LYS U 412 9.96 64.68 2.09
N ALA U 413 9.39 65.09 3.22
CA ALA U 413 10.21 65.72 4.26
C ALA U 413 11.22 64.74 4.83
N LEU U 414 10.81 63.48 5.03
CA LEU U 414 11.74 62.48 5.54
C LEU U 414 12.90 62.24 4.57
N ASP U 415 12.59 62.16 3.28
CA ASP U 415 13.64 62.01 2.28
C ASP U 415 14.57 63.22 2.27
N ASP U 416 14.00 64.43 2.43
CA ASP U 416 14.82 65.63 2.47
C ASP U 416 15.77 65.60 3.65
N ALA U 417 15.29 65.18 4.83
CA ALA U 417 16.16 65.08 5.99
C ALA U 417 17.25 64.05 5.79
N ILE U 418 16.90 62.90 5.18
CA ILE U 418 17.91 61.88 4.94
C ILE U 418 19.00 62.40 4.01
N ALA U 419 18.61 63.14 2.97
CA ALA U 419 19.62 63.71 2.08
C ALA U 419 20.44 64.78 2.78
N SER U 420 19.83 65.55 3.68
CA SER U 420 20.54 66.61 4.36
C SER U 420 21.53 66.08 5.39
N VAL U 421 21.31 64.88 5.91
CA VAL U 421 22.35 64.28 6.76
C VAL U 421 23.39 63.55 5.91
N ASP U 422 22.99 63.02 4.75
CA ASP U 422 23.96 62.37 3.87
C ASP U 422 24.99 63.37 3.35
N LYS U 423 24.58 64.61 3.08
CA LYS U 423 25.52 65.63 2.66
C LYS U 423 26.61 65.86 3.70
N PHE U 424 26.20 65.98 4.97
CA PHE U 424 27.17 66.19 6.05
C PHE U 424 28.08 64.98 6.19
N ARG U 425 27.53 63.77 6.04
CA ARG U 425 28.37 62.58 6.10
C ARG U 425 29.43 62.59 5.00
N SER U 426 29.04 62.98 3.79
CA SER U 426 29.99 63.02 2.69
C SER U 426 31.08 64.06 2.94
N SER U 427 30.70 65.22 3.49
CA SER U 427 31.71 66.22 3.82
C SER U 427 32.69 65.69 4.86
N LEU U 428 32.18 64.99 5.87
CA LEU U 428 33.05 64.40 6.88
C LEU U 428 34.03 63.41 6.27
N GLY U 429 33.55 62.55 5.36
CA GLY U 429 34.43 61.61 4.71
C GLY U 429 35.52 62.30 3.90
N ALA U 430 35.16 63.36 3.19
CA ALA U 430 36.16 64.11 2.42
C ALA U 430 37.22 64.69 3.34
N VAL U 431 36.80 65.24 4.48
CA VAL U 431 37.76 65.79 5.43
C VAL U 431 38.68 64.70 5.96
N GLN U 432 38.13 63.51 6.23
CA GLN U 432 38.95 62.41 6.71
C GLN U 432 40.03 62.04 5.70
N ASN U 433 39.64 61.95 4.42
CA ASN U 433 40.62 61.62 3.38
C ASN U 433 41.70 62.68 3.29
N ARG U 434 41.30 63.96 3.35
CA ARG U 434 42.29 65.04 3.30
C ARG U 434 43.27 64.95 4.46
N LEU U 435 42.75 64.69 5.67
CA LEU U 435 43.62 64.60 6.83
C LEU U 435 44.60 63.44 6.71
N ASP U 436 44.14 62.29 6.21
CA ASP U 436 45.03 61.15 6.06
C ASP U 436 46.15 61.46 5.07
N SER U 437 45.80 62.08 3.94
CA SER U 437 46.83 62.47 2.97
C SER U 437 47.83 63.44 3.60
N ALA U 438 47.32 64.38 4.40
CA ALA U 438 48.21 65.33 5.07
C ALA U 438 49.17 64.61 6.00
N VAL U 439 48.67 63.64 6.77
CA VAL U 439 49.54 62.91 7.69
C VAL U 439 50.65 62.19 6.93
N THR U 440 50.29 61.55 5.81
CA THR U 440 51.32 60.86 5.04
C THR U 440 52.37 61.82 4.50
N ASN U 441 51.93 62.97 3.98
CA ASN U 441 52.88 63.95 3.45
C ASN U 441 53.79 64.49 4.55
N LEU U 442 53.24 64.77 5.72
CA LEU U 442 54.06 65.23 6.84
C LEU U 442 55.08 64.17 7.25
N ASN U 443 54.69 62.90 7.26
CA ASN U 443 55.65 61.85 7.60
C ASN U 443 56.82 61.85 6.62
N ASN U 444 56.51 61.92 5.32
CA ASN U 444 57.58 61.90 4.32
C ASN U 444 58.49 63.13 4.47
N THR U 445 57.90 64.30 4.66
CA THR U 445 58.69 65.52 4.79
C THR U 445 59.55 65.47 6.04
N THR U 446 59.01 64.95 7.15
CA THR U 446 59.79 64.85 8.38
C THR U 446 61.00 63.93 8.18
N THR U 447 60.79 62.79 7.51
CA THR U 447 61.92 61.90 7.27
C THR U 447 62.99 62.58 6.41
N ASN U 448 62.56 63.27 5.36
CA ASN U 448 63.53 63.94 4.48
C ASN U 448 64.30 65.02 5.23
N LEU U 449 63.60 65.82 6.04
CA LEU U 449 64.30 66.86 6.78
C LEU U 449 65.22 66.28 7.84
N SER U 450 64.84 65.16 8.45
CA SER U 450 65.70 64.52 9.44
C SER U 450 67.01 64.05 8.80
N GLU U 451 66.91 63.41 7.63
CA GLU U 451 68.15 62.98 6.98
C GLU U 451 68.96 64.16 6.47
N ALA U 452 68.29 65.25 6.07
CA ALA U 452 69.01 66.45 5.67
C ALA U 452 69.78 67.04 6.85
N GLN U 453 69.16 67.08 8.03
CA GLN U 453 69.86 67.54 9.23
C GLN U 453 71.02 66.62 9.57
N SER U 454 70.85 65.31 9.38
CA SER U 454 71.92 64.37 9.63
C SER U 454 73.11 64.64 8.71
N ARG U 455 72.85 64.94 7.44
CA ARG U 455 73.95 65.24 6.53
C ARG U 455 74.66 66.55 6.84
N ILE U 456 74.25 67.30 7.86
CA ILE U 456 74.83 68.59 8.18
C ILE U 456 75.49 68.58 9.56
N GLN U 457 74.75 68.21 10.59
CA GLN U 457 75.25 68.32 11.95
C GLN U 457 75.91 67.04 12.47
N ASP U 458 75.61 65.90 11.87
CA ASP U 458 76.11 64.63 12.39
C ASP U 458 77.51 64.34 11.86
N ALA U 459 78.25 63.53 12.61
CA ALA U 459 79.65 63.25 12.32
C ALA U 459 79.84 61.82 11.81
N ASP U 460 80.90 61.64 11.04
CA ASP U 460 81.27 60.35 10.46
C ASP U 460 82.36 59.73 11.33
N TYR U 461 82.04 58.60 11.96
CA TYR U 461 82.91 58.07 13.01
C TYR U 461 84.23 57.54 12.47
N ALA U 462 84.26 57.04 11.24
CA ALA U 462 85.50 56.50 10.69
C ALA U 462 86.59 57.57 10.62
N THR U 463 86.25 58.72 10.02
CA THR U 463 87.20 59.81 9.90
C THR U 463 87.64 60.30 11.28
N GLU U 464 86.69 60.41 12.20
CA GLU U 464 87.00 60.95 13.52
C GLU U 464 87.91 60.00 14.30
N VAL U 465 87.69 58.70 14.18
CA VAL U 465 88.56 57.72 14.83
C VAL U 465 89.95 57.79 14.24
N SER U 466 90.06 57.90 12.91
CA SER U 466 91.38 58.02 12.29
C SER U 466 92.10 59.27 12.78
N ASN U 467 91.38 60.39 12.87
CA ASN U 467 91.98 61.62 13.37
C ASN U 467 92.41 61.47 14.83
N MET U 468 91.60 60.80 15.64
CA MET U 468 91.97 60.58 17.04
C MET U 468 93.26 59.78 17.15
N SER U 469 93.37 58.70 16.38
CA SER U 469 94.57 57.89 16.42
C SER U 469 95.79 58.69 15.98
N LYS U 470 95.65 59.44 14.88
CA LYS U 470 96.75 60.25 14.39
C LYS U 470 97.18 61.28 15.42
N ALA U 471 96.22 61.93 16.08
CA ALA U 471 96.54 62.93 17.08
C ALA U 471 97.26 62.32 18.27
N GLN U 472 96.82 61.13 18.70
CA GLN U 472 97.49 60.47 19.82
C GLN U 472 98.93 60.12 19.46
N ILE U 473 99.16 59.60 18.25
CA ILE U 473 100.52 59.30 17.83
C ILE U 473 101.36 60.56 17.78
N ILE U 474 100.80 61.65 17.27
CA ILE U 474 101.51 62.91 17.21
C ILE U 474 101.88 63.39 18.61
N GLN U 475 100.95 63.26 19.56
CA GLN U 475 101.23 63.70 20.93
C GLN U 475 102.38 62.90 21.54
N GLN U 476 102.35 61.58 21.39
CA GLN U 476 103.43 60.77 21.97
C GLN U 476 104.76 61.07 21.30
N ALA U 477 104.75 61.25 19.97
CA ALA U 477 105.98 61.60 19.27
C ALA U 477 106.53 62.94 19.75
N GLY U 478 105.65 63.92 19.93
CA GLY U 478 106.10 65.21 20.43
C GLY U 478 106.67 65.12 21.83
N ASN U 479 106.07 64.28 22.67
CA ASN U 479 106.63 64.08 24.01
C ASN U 479 108.03 63.49 23.95
N SER U 480 108.23 62.49 23.09
CA SER U 480 109.56 61.89 22.96
C SER U 480 110.58 62.91 22.46
N VAL U 481 110.21 63.70 21.44
CA VAL U 481 111.13 64.69 20.90
C VAL U 481 111.43 65.76 21.95
N LEU U 482 110.44 66.12 22.76
CA LEU U 482 110.67 67.09 23.83
C LEU U 482 111.66 66.55 24.85
N ALA U 483 111.52 65.27 25.22
CA ALA U 483 112.48 64.68 26.14
C ALA U 483 113.88 64.72 25.56
N LYS U 484 114.03 64.38 24.28
CA LYS U 484 115.34 64.43 23.65
C LYS U 484 115.90 65.85 23.63
N ALA U 485 115.04 66.84 23.33
CA ALA U 485 115.49 68.22 23.27
C ALA U 485 115.98 68.71 24.63
N ASN U 486 115.24 68.38 25.69
CA ASN U 486 115.70 68.76 27.02
C ASN U 486 116.96 68.00 27.42
N GLN U 487 117.17 66.81 26.86
CA GLN U 487 118.40 66.07 27.12
C GLN U 487 119.59 66.68 26.40
N VAL U 488 119.37 67.37 25.28
CA VAL U 488 120.49 67.89 24.49
C VAL U 488 121.47 68.74 25.29
N PRO U 489 121.04 69.73 26.08
CA PRO U 489 122.01 70.68 26.66
C PRO U 489 122.99 70.10 27.68
N GLN U 490 122.98 68.79 27.93
CA GLN U 490 123.86 68.23 28.96
C GLN U 490 125.33 68.29 28.58
N GLN U 491 125.66 68.39 27.28
CA GLN U 491 127.05 68.34 26.86
C GLN U 491 127.88 69.51 27.40
N VAL U 492 127.24 70.60 27.80
CA VAL U 492 127.96 71.72 28.38
C VAL U 492 128.58 71.32 29.72
N LEU U 493 127.90 70.44 30.46
CA LEU U 493 128.49 69.93 31.69
C LEU U 493 129.78 69.17 31.41
N SER U 494 129.79 68.36 30.34
CA SER U 494 131.01 67.67 29.94
C SER U 494 132.09 68.66 29.52
N LEU U 495 131.69 69.72 28.81
CA LEU U 495 132.64 70.77 28.45
C LEU U 495 133.29 71.37 29.69
N LEU U 496 132.48 71.69 30.70
CA LEU U 496 132.99 72.36 31.89
C LEU U 496 133.88 71.43 32.72
N GLN U 497 133.43 70.19 32.92
CA GLN U 497 134.17 69.29 33.80
C GLN U 497 135.56 68.96 33.25
N GLY U 498 135.71 68.98 31.93
CA GLY U 498 137.00 68.70 31.32
C GLY U 498 136.99 67.47 30.43
N GLN V 3 -42.78 10.04 -9.54
CA GLN V 3 -42.38 8.73 -9.06
C GLN V 3 -42.93 8.46 -7.68
N VAL V 4 -43.87 9.33 -7.28
CA VAL V 4 -44.44 9.37 -5.94
C VAL V 4 -44.92 8.00 -5.48
N ILE V 5 -44.50 7.59 -4.29
CA ILE V 5 -44.90 6.33 -3.69
C ILE V 5 -45.64 6.55 -2.37
N ASN V 6 -46.01 7.79 -2.08
CA ASN V 6 -46.87 8.10 -0.96
C ASN V 6 -48.34 8.18 -1.37
N THR V 7 -48.61 8.29 -2.66
CA THR V 7 -49.95 8.35 -3.22
C THR V 7 -49.97 7.56 -4.53
N ASN V 8 -51.02 6.76 -4.71
CA ASN V 8 -51.14 5.88 -5.87
C ASN V 8 -52.40 6.24 -6.65
N SER V 9 -52.56 7.53 -6.95
CA SER V 9 -53.76 8.12 -7.53
C SER V 9 -54.47 7.22 -8.54
N LEU V 10 -53.70 6.55 -9.41
CA LEU V 10 -54.31 5.63 -10.37
C LEU V 10 -55.13 4.56 -9.66
N SER V 11 -54.62 4.02 -8.56
CA SER V 11 -55.38 3.05 -7.78
C SER V 11 -56.68 3.67 -7.25
N LEU V 12 -56.61 4.93 -6.82
CA LEU V 12 -57.81 5.61 -6.32
C LEU V 12 -58.84 5.75 -7.43
N ILE V 13 -58.41 6.11 -8.64
CA ILE V 13 -59.34 6.22 -9.77
C ILE V 13 -59.97 4.87 -10.07
N THR V 14 -59.16 3.80 -10.06
CA THR V 14 -59.68 2.48 -10.36
C THR V 14 -60.69 2.04 -9.31
N GLN V 15 -60.40 2.30 -8.04
CA GLN V 15 -61.36 1.97 -6.98
C GLN V 15 -62.64 2.78 -7.12
N ASN V 16 -62.52 4.04 -7.50
CA ASN V 16 -63.71 4.87 -7.73
C ASN V 16 -64.57 4.29 -8.84
N ASN V 17 -63.94 3.87 -9.94
CA ASN V 17 -64.70 3.28 -11.04
C ASN V 17 -65.36 1.98 -10.62
N ILE V 18 -64.67 1.15 -9.85
CA ILE V 18 -65.26 -0.10 -9.38
C ILE V 18 -66.46 0.18 -8.47
N ASN V 19 -66.33 1.15 -7.58
CA ASN V 19 -67.43 1.51 -6.70
C ASN V 19 -68.61 2.05 -7.50
N LYS V 20 -68.33 2.81 -8.56
CA LYS V 20 -69.39 3.27 -9.44
C LYS V 20 -70.10 2.09 -10.11
N ASN V 21 -69.32 1.08 -10.53
CA ASN V 21 -69.90 -0.09 -11.18
C ASN V 21 -70.81 -0.86 -10.23
N GLN V 22 -70.41 -0.96 -8.95
CA GLN V 22 -71.06 -1.88 -8.02
C GLN V 22 -72.57 -1.75 -8.00
N SER V 23 -73.09 -0.52 -8.09
CA SER V 23 -74.53 -0.29 -7.97
C SER V 23 -75.31 -0.97 -9.09
N ALA V 24 -74.80 -0.88 -10.33
CA ALA V 24 -75.51 -1.49 -11.45
C ALA V 24 -75.58 -3.01 -11.30
N LEU V 25 -74.48 -3.64 -10.88
CA LEU V 25 -74.50 -5.08 -10.66
C LEU V 25 -75.48 -5.44 -9.56
N SER V 26 -75.49 -4.67 -8.47
CA SER V 26 -76.43 -4.95 -7.39
C SER V 26 -77.87 -4.84 -7.86
N SER V 27 -78.17 -3.81 -8.65
CA SER V 27 -79.53 -3.64 -9.16
C SER V 27 -79.92 -4.79 -10.07
N SER V 28 -79.00 -5.24 -10.94
CA SER V 28 -79.30 -6.36 -11.82
C SER V 28 -79.57 -7.63 -11.02
N ILE V 29 -78.74 -7.90 -10.00
CA ILE V 29 -78.96 -9.08 -9.17
C ILE V 29 -80.31 -9.02 -8.48
N GLU V 30 -80.65 -7.85 -7.91
CA GLU V 30 -81.91 -7.72 -7.20
C GLU V 30 -83.10 -7.90 -8.14
N ARG V 31 -83.02 -7.32 -9.33
CA ARG V 31 -84.14 -7.41 -10.27
C ARG V 31 -84.31 -8.83 -10.81
N LEU V 32 -83.20 -9.55 -11.05
CA LEU V 32 -83.34 -10.94 -11.46
C LEU V 32 -83.88 -11.82 -10.33
N SER V 33 -83.41 -11.60 -9.10
CA SER V 33 -83.84 -12.45 -8.00
C SER V 33 -85.32 -12.22 -7.66
N SER V 34 -85.72 -10.96 -7.54
CA SER V 34 -87.09 -10.66 -7.15
C SER V 34 -88.07 -10.91 -8.30
N GLY V 35 -87.71 -10.51 -9.51
CA GLY V 35 -88.59 -10.60 -10.65
C GLY V 35 -89.35 -9.32 -10.96
N LEU V 36 -89.32 -8.34 -10.06
CA LEU V 36 -89.95 -7.05 -10.27
C LEU V 36 -88.89 -5.98 -10.46
N ARG V 37 -89.08 -5.13 -11.47
CA ARG V 37 -88.13 -4.05 -11.70
C ARG V 37 -88.16 -3.02 -10.58
N ILE V 38 -89.36 -2.70 -10.09
CA ILE V 38 -89.53 -1.70 -9.04
C ILE V 38 -89.53 -2.47 -7.72
N ASN V 39 -88.36 -2.58 -7.11
CA ASN V 39 -88.20 -3.26 -5.83
C ASN V 39 -88.15 -2.30 -4.65
N SER V 40 -88.10 -1.00 -4.91
CA SER V 40 -88.02 0.00 -3.85
C SER V 40 -88.49 1.33 -4.39
N ALA V 41 -88.75 2.28 -3.48
CA ALA V 41 -89.17 3.61 -3.89
C ALA V 41 -88.05 4.38 -4.60
N LYS V 42 -86.80 4.01 -4.36
CA LYS V 42 -85.71 4.71 -5.04
C LYS V 42 -85.73 4.47 -6.54
N ASP V 43 -86.30 3.34 -6.97
CA ASP V 43 -86.32 3.03 -8.39
C ASP V 43 -87.16 4.03 -9.18
N ASP V 44 -88.48 3.95 -9.04
CA ASP V 44 -89.39 4.89 -9.67
C ASP V 44 -90.30 5.59 -8.65
N ALA V 45 -91.08 4.81 -7.91
CA ALA V 45 -92.03 5.20 -6.87
C ALA V 45 -93.26 5.90 -7.42
N ALA V 46 -93.20 6.44 -8.63
CA ALA V 46 -94.43 6.82 -9.31
C ALA V 46 -95.07 5.59 -9.93
N GLY V 47 -94.25 4.78 -10.62
CA GLY V 47 -94.69 3.47 -11.03
C GLY V 47 -95.08 2.60 -9.84
N GLN V 48 -94.37 2.76 -8.72
CA GLN V 48 -94.71 1.99 -7.53
C GLN V 48 -96.07 2.39 -6.97
N ALA V 49 -96.35 3.69 -6.91
CA ALA V 49 -97.67 4.12 -6.44
C ALA V 49 -98.78 3.65 -7.39
N ILE V 50 -98.54 3.78 -8.69
CA ILE V 50 -99.53 3.32 -9.67
C ILE V 50 -99.74 1.82 -9.54
N ALA V 51 -98.66 1.07 -9.33
CA ALA V 51 -98.76 -0.38 -9.18
C ALA V 51 -99.52 -0.76 -7.91
N ASN V 52 -99.28 -0.04 -6.81
CA ASN V 52 -100.02 -0.30 -5.58
C ASN V 52 -101.52 -0.10 -5.81
N ARG V 53 -101.88 1.01 -6.47
CA ARG V 53 -103.29 1.25 -6.75
C ARG V 53 -103.86 0.19 -7.69
N PHE V 54 -103.07 -0.23 -8.67
CA PHE V 54 -103.51 -1.27 -9.59
C PHE V 54 -103.77 -2.58 -8.87
N THR V 55 -102.87 -2.96 -7.97
CA THR V 55 -103.06 -4.19 -7.19
C THR V 55 -104.31 -4.10 -6.34
N SER V 56 -104.53 -2.95 -5.71
CA SER V 56 -105.76 -2.75 -4.92
C SER V 56 -106.99 -2.95 -5.79
N ASN V 57 -106.99 -2.35 -6.98
CA ASN V 57 -108.14 -2.49 -7.88
C ASN V 57 -108.33 -3.94 -8.31
N ILE V 58 -107.25 -4.65 -8.61
CA ILE V 58 -107.35 -6.04 -9.03
C ILE V 58 -107.99 -6.89 -7.94
N LYS V 59 -107.49 -6.75 -6.71
CA LYS V 59 -108.03 -7.54 -5.61
C LYS V 59 -109.49 -7.18 -5.35
N GLY V 60 -109.83 -5.89 -5.42
CA GLY V 60 -111.21 -5.49 -5.21
C GLY V 60 -112.14 -6.06 -6.26
N LEU V 61 -111.72 -6.04 -7.53
CA LEU V 61 -112.57 -6.56 -8.59
C LEU V 61 -112.76 -8.07 -8.47
N THR V 62 -111.69 -8.80 -8.13
CA THR V 62 -111.83 -10.23 -7.93
C THR V 62 -112.80 -10.52 -6.80
N GLN V 63 -112.68 -9.81 -5.68
CA GLN V 63 -113.58 -10.00 -4.56
C GLN V 63 -115.02 -9.66 -4.95
N ALA V 64 -115.19 -8.62 -5.78
CA ALA V 64 -116.53 -8.24 -6.22
C ALA V 64 -117.17 -9.34 -7.05
N ALA V 65 -116.40 -9.95 -7.96
CA ALA V 65 -116.94 -11.07 -8.73
C ALA V 65 -117.33 -12.23 -7.83
N ARG V 66 -116.48 -12.54 -6.85
CA ARG V 66 -116.81 -13.60 -5.89
C ARG V 66 -118.12 -13.28 -5.17
N ASN V 67 -118.30 -12.02 -4.76
CA ASN V 67 -119.54 -11.64 -4.09
C ASN V 67 -120.74 -11.78 -5.01
N ALA V 68 -120.57 -11.39 -6.28
CA ALA V 68 -121.69 -11.46 -7.22
C ALA V 68 -122.18 -12.90 -7.40
N ASN V 69 -121.24 -13.84 -7.48
CA ASN V 69 -121.64 -15.24 -7.63
C ASN V 69 -122.62 -15.68 -6.53
N ASP V 70 -122.44 -15.15 -5.32
CA ASP V 70 -123.40 -15.43 -4.25
C ASP V 70 -124.79 -14.91 -4.61
N GLY V 71 -124.86 -13.74 -5.23
CA GLY V 71 -126.15 -13.23 -5.67
C GLY V 71 -126.82 -14.14 -6.69
N ILE V 72 -126.03 -14.65 -7.65
CA ILE V 72 -126.60 -15.62 -8.59
C ILE V 72 -127.12 -16.84 -7.85
N SER V 73 -126.37 -17.34 -6.85
CA SER V 73 -126.82 -18.51 -6.10
C SER V 73 -128.14 -18.25 -5.38
N VAL V 74 -128.25 -17.09 -4.72
CA VAL V 74 -129.47 -16.75 -4.00
C VAL V 74 -130.65 -16.68 -4.96
N ALA V 75 -130.44 -16.03 -6.11
CA ALA V 75 -131.52 -15.92 -7.08
C ALA V 75 -131.94 -17.29 -7.59
N GLN V 76 -130.99 -18.18 -7.81
CA GLN V 76 -131.33 -19.53 -8.28
C GLN V 76 -132.19 -20.25 -7.25
N THR V 77 -131.79 -20.22 -5.98
CA THR V 77 -132.55 -20.91 -4.94
C THR V 77 -133.97 -20.35 -4.84
N THR V 78 -134.08 -19.03 -4.82
CA THR V 78 -135.40 -18.42 -4.70
C THR V 78 -136.28 -18.74 -5.90
N GLU V 79 -135.69 -18.76 -7.10
CA GLU V 79 -136.45 -19.08 -8.30
C GLU V 79 -136.96 -20.53 -8.25
N GLY V 80 -136.13 -21.45 -7.78
CA GLY V 80 -136.59 -22.83 -7.64
C GLY V 80 -137.76 -22.95 -6.70
N ALA V 81 -137.66 -22.28 -5.54
CA ALA V 81 -138.77 -22.31 -4.59
C ALA V 81 -140.04 -21.73 -5.22
N LEU V 82 -139.90 -20.62 -5.95
CA LEU V 82 -141.05 -20.00 -6.58
C LEU V 82 -141.68 -20.92 -7.62
N SER V 83 -140.85 -21.64 -8.37
CA SER V 83 -141.37 -22.55 -9.38
C SER V 83 -142.18 -23.67 -8.73
N GLU V 84 -141.69 -24.22 -7.61
CA GLU V 84 -142.48 -25.23 -6.92
C GLU V 84 -143.81 -24.65 -6.44
N ILE V 85 -143.78 -23.43 -5.90
CA ILE V 85 -145.03 -22.79 -5.47
C ILE V 85 -145.98 -22.66 -6.65
N ASN V 86 -145.45 -22.32 -7.82
CA ASN V 86 -146.28 -22.21 -9.02
C ASN V 86 -146.91 -23.54 -9.37
N ASN V 87 -146.15 -24.63 -9.26
CA ASN V 87 -146.70 -25.96 -9.55
C ASN V 87 -147.85 -26.29 -8.61
N ASN V 88 -147.66 -26.02 -7.32
CA ASN V 88 -148.73 -26.28 -6.35
C ASN V 88 -149.96 -25.42 -6.64
N LEU V 89 -149.76 -24.15 -7.00
CA LEU V 89 -150.88 -23.29 -7.34
C LEU V 89 -151.62 -23.79 -8.57
N GLN V 90 -150.87 -24.31 -9.56
CA GLN V 90 -151.51 -24.87 -10.75
C GLN V 90 -152.39 -26.05 -10.38
N ARG V 91 -151.88 -26.95 -9.53
CA ARG V 91 -152.71 -28.08 -9.12
C ARG V 91 -153.93 -27.62 -8.33
N VAL V 92 -153.77 -26.59 -7.50
CA VAL V 92 -154.91 -26.05 -6.77
C VAL V 92 -155.96 -25.52 -7.74
N ARG V 93 -155.52 -24.82 -8.80
CA ARG V 93 -156.46 -24.31 -9.79
C ARG V 93 -157.19 -25.45 -10.51
N GLU V 94 -156.46 -26.51 -10.84
CA GLU V 94 -157.10 -27.67 -11.45
C GLU V 94 -158.16 -28.27 -10.52
N LEU V 95 -157.85 -28.36 -9.23
CA LEU V 95 -158.81 -28.88 -8.27
C LEU V 95 -160.03 -28.00 -8.18
N THR V 96 -159.85 -26.67 -8.20
CA THR V 96 -160.99 -25.76 -8.16
C THR V 96 -161.85 -25.92 -9.40
N VAL V 97 -161.22 -26.09 -10.57
CA VAL V 97 -161.97 -26.30 -11.80
C VAL V 97 -162.79 -27.59 -11.69
N GLN V 98 -162.19 -28.65 -11.16
CA GLN V 98 -162.93 -29.89 -10.98
C GLN V 98 -164.05 -29.75 -9.97
N ALA V 99 -163.88 -28.88 -8.98
CA ALA V 99 -164.85 -28.77 -7.90
C ALA V 99 -166.04 -27.87 -8.23
N THR V 100 -165.84 -26.84 -9.07
CA THR V 100 -166.90 -25.89 -9.38
C THR V 100 -167.86 -26.46 -10.45
N THR V 101 -168.45 -27.61 -10.11
CA THR V 101 -169.46 -28.23 -10.95
C THR V 101 -170.57 -28.80 -10.07
N GLY V 102 -171.78 -28.86 -10.63
CA GLY V 102 -172.94 -29.26 -9.85
C GLY V 102 -173.03 -30.75 -9.57
N THR V 103 -172.36 -31.58 -10.35
CA THR V 103 -172.49 -33.02 -10.17
C THR V 103 -171.86 -33.51 -8.87
N ASN V 104 -170.85 -32.80 -8.37
CA ASN V 104 -170.20 -33.21 -7.14
C ASN V 104 -171.14 -33.08 -5.95
N SER V 105 -171.09 -34.06 -5.05
CA SER V 105 -171.85 -34.02 -3.82
C SER V 105 -171.08 -33.26 -2.75
N GLU V 106 -171.65 -33.18 -1.54
CA GLU V 106 -171.01 -32.45 -0.47
C GLU V 106 -169.73 -33.15 0.01
N SER V 107 -169.76 -34.49 0.07
CA SER V 107 -168.58 -35.23 0.52
C SER V 107 -167.42 -35.07 -0.46
N ASP V 108 -167.72 -35.11 -1.76
CA ASP V 108 -166.67 -34.92 -2.77
C ASP V 108 -166.06 -33.53 -2.66
N LEU V 109 -166.91 -32.51 -2.47
CA LEU V 109 -166.41 -31.16 -2.28
C LEU V 109 -165.57 -31.06 -1.02
N SER V 110 -165.96 -31.77 0.04
CA SER V 110 -165.17 -31.77 1.26
C SER V 110 -163.78 -32.37 1.03
N SER V 111 -163.72 -33.48 0.30
CA SER V 111 -162.42 -34.09 0.01
C SER V 111 -161.56 -33.18 -0.84
N ILE V 112 -162.16 -32.55 -1.85
CA ILE V 112 -161.41 -31.63 -2.70
C ILE V 112 -160.88 -30.46 -1.88
N GLN V 113 -161.72 -29.94 -0.97
CA GLN V 113 -161.28 -28.85 -0.10
C GLN V 113 -160.15 -29.29 0.81
N ASP V 114 -160.21 -30.53 1.30
CA ASP V 114 -159.13 -31.05 2.13
C ASP V 114 -157.80 -31.05 1.37
N GLU V 115 -157.83 -31.56 0.14
CA GLU V 115 -156.60 -31.58 -0.67
C GLU V 115 -156.11 -30.16 -0.96
N ILE V 116 -157.04 -29.26 -1.29
CA ILE V 116 -156.66 -27.87 -1.56
C ILE V 116 -156.02 -27.25 -0.33
N LYS V 117 -156.59 -27.51 0.85
CA LYS V 117 -156.05 -26.95 2.09
C LYS V 117 -154.67 -27.51 2.37
N SER V 118 -154.44 -28.79 2.10
CA SER V 118 -153.10 -29.36 2.28
C SER V 118 -152.09 -28.68 1.35
N ARG V 119 -152.48 -28.47 0.10
CA ARG V 119 -151.53 -27.85 -0.83
C ARG V 119 -151.29 -26.38 -0.48
N LEU V 120 -152.30 -25.70 0.04
CA LEU V 120 -152.09 -24.34 0.55
C LEU V 120 -151.17 -24.34 1.77
N ASP V 121 -151.32 -25.35 2.64
CA ASP V 121 -150.43 -25.50 3.78
C ASP V 121 -148.99 -25.64 3.30
N GLU V 122 -148.78 -26.40 2.23
CA GLU V 122 -147.43 -26.47 1.65
C GLU V 122 -147.00 -25.16 1.02
N ILE V 123 -147.94 -24.37 0.49
CA ILE V 123 -147.57 -23.02 0.07
C ILE V 123 -146.95 -22.27 1.24
N ASP V 124 -147.64 -22.27 2.38
CA ASP V 124 -147.12 -21.55 3.54
C ASP V 124 -145.80 -22.14 4.01
N ARG V 125 -145.67 -23.46 4.02
CA ARG V 125 -144.48 -24.11 4.55
C ARG V 125 -143.26 -23.81 3.68
N VAL V 126 -143.41 -23.99 2.37
CA VAL V 126 -142.31 -23.70 1.46
C VAL V 126 -141.94 -22.23 1.56
N SER V 127 -142.93 -21.36 1.78
CA SER V 127 -142.62 -19.96 2.05
C SER V 127 -141.79 -19.83 3.33
N GLY V 128 -142.20 -20.51 4.39
CA GLY V 128 -141.62 -20.24 5.70
C GLY V 128 -140.21 -20.78 5.88
N GLN V 129 -140.01 -22.07 5.67
CA GLN V 129 -138.74 -22.67 6.07
C GLN V 129 -137.66 -22.63 5.00
N THR V 130 -137.99 -22.25 3.76
CA THR V 130 -136.98 -22.14 2.73
C THR V 130 -136.06 -20.97 3.06
N GLN V 131 -134.87 -21.27 3.56
CA GLN V 131 -133.92 -20.26 4.02
C GLN V 131 -132.55 -20.53 3.42
N PHE V 132 -131.85 -19.46 3.07
CA PHE V 132 -130.49 -19.55 2.52
C PHE V 132 -129.56 -18.73 3.40
N ASN V 133 -128.51 -19.39 3.91
CA ASN V 133 -127.46 -18.74 4.69
C ASN V 133 -128.05 -17.90 5.84
N GLY V 134 -128.96 -18.52 6.58
CA GLY V 134 -129.60 -17.82 7.69
C GLY V 134 -130.46 -16.66 7.27
N VAL V 135 -131.09 -16.75 6.10
CA VAL V 135 -131.98 -15.70 5.61
C VAL V 135 -133.21 -16.37 5.02
N ASN V 136 -134.37 -16.12 5.61
CA ASN V 136 -135.63 -16.63 5.08
C ASN V 136 -136.06 -15.71 3.93
N VAL V 137 -135.74 -16.12 2.70
CA VAL V 137 -135.93 -15.23 1.56
C VAL V 137 -137.41 -14.95 1.33
N LEU V 138 -138.23 -16.00 1.31
CA LEU V 138 -139.67 -15.85 1.08
C LEU V 138 -140.45 -15.76 2.38
N ALA V 139 -140.05 -14.86 3.28
CA ALA V 139 -140.78 -14.68 4.52
C ALA V 139 -140.94 -13.23 4.93
N LYS V 140 -140.38 -12.28 4.18
CA LYS V 140 -140.47 -10.87 4.54
C LYS V 140 -140.01 -10.03 3.36
N ASN V 141 -140.74 -8.95 3.09
CA ASN V 141 -140.31 -8.01 2.06
C ASN V 141 -138.98 -7.38 2.46
N GLY V 142 -138.06 -7.32 1.52
CA GLY V 142 -136.76 -6.75 1.81
C GLY V 142 -135.98 -6.50 0.55
N SER V 143 -134.70 -6.17 0.73
CA SER V 143 -133.81 -5.88 -0.39
C SER V 143 -132.40 -6.32 -0.03
N MET V 144 -131.66 -6.77 -1.04
CA MET V 144 -130.29 -7.22 -0.87
C MET V 144 -129.37 -6.37 -1.74
N LYS V 145 -128.17 -6.10 -1.21
CA LYS V 145 -127.20 -5.23 -1.88
C LYS V 145 -125.95 -6.05 -2.15
N ILE V 146 -125.68 -6.31 -3.44
CA ILE V 146 -124.55 -7.13 -3.85
C ILE V 146 -123.40 -6.22 -4.25
N GLN V 147 -122.28 -6.32 -3.52
CA GLN V 147 -121.10 -5.52 -3.82
C GLN V 147 -120.43 -6.04 -5.08
N VAL V 148 -120.55 -5.29 -6.18
CA VAL V 148 -119.97 -5.70 -7.45
C VAL V 148 -118.97 -4.67 -7.93
N GLY V 149 -118.37 -3.92 -7.00
CA GLY V 149 -117.41 -2.90 -7.35
C GLY V 149 -116.26 -2.86 -6.36
N ALA V 150 -115.30 -1.98 -6.64
CA ALA V 150 -114.13 -1.84 -5.80
C ALA V 150 -114.30 -0.76 -4.73
N ASN V 151 -114.92 0.35 -5.09
CA ASN V 151 -115.13 1.45 -4.15
C ASN V 151 -116.43 1.21 -3.38
N ASP V 152 -116.88 2.22 -2.65
CA ASP V 152 -118.09 2.13 -1.85
C ASP V 152 -119.31 2.50 -2.69
N ASN V 153 -120.48 2.02 -2.24
CA ASN V 153 -121.75 2.24 -2.93
C ASN V 153 -121.67 1.74 -4.38
N GLN V 154 -121.40 0.46 -4.51
CA GLN V 154 -121.26 -0.23 -5.80
C GLN V 154 -122.17 -1.45 -5.84
N THR V 155 -123.42 -1.27 -5.45
CA THR V 155 -124.32 -2.37 -5.16
C THR V 155 -125.38 -2.52 -6.25
N ILE V 156 -125.68 -3.77 -6.59
CA ILE V 156 -126.85 -4.11 -7.39
C ILE V 156 -127.91 -4.65 -6.45
N THR V 157 -129.11 -4.08 -6.51
CA THR V 157 -130.13 -4.35 -5.51
C THR V 157 -131.00 -5.52 -5.95
N ILE V 158 -131.05 -6.56 -5.13
CA ILE V 158 -131.95 -7.68 -5.31
C ILE V 158 -133.16 -7.47 -4.41
N ASP V 159 -134.35 -7.62 -4.97
CA ASP V 159 -135.60 -7.39 -4.25
C ASP V 159 -136.26 -8.71 -3.91
N LEU V 160 -136.75 -8.82 -2.68
CA LEU V 160 -137.43 -10.03 -2.20
C LEU V 160 -138.81 -9.63 -1.72
N LYS V 161 -139.83 -10.30 -2.25
CA LYS V 161 -141.21 -10.07 -1.85
C LYS V 161 -141.70 -11.27 -1.05
N GLN V 162 -142.32 -11.00 0.10
CA GLN V 162 -142.88 -12.07 0.91
C GLN V 162 -144.00 -12.77 0.16
N ILE V 163 -143.75 -14.03 -0.24
CA ILE V 163 -144.73 -14.82 -0.97
C ILE V 163 -145.36 -15.79 0.02
N ASP V 164 -146.65 -15.59 0.29
CA ASP V 164 -147.36 -16.43 1.26
C ASP V 164 -148.85 -16.32 0.96
N ALA V 165 -149.62 -17.23 1.56
CA ALA V 165 -151.06 -17.24 1.33
C ALA V 165 -151.70 -15.92 1.73
N LYS V 166 -151.24 -15.32 2.83
CA LYS V 166 -151.76 -14.01 3.22
C LYS V 166 -151.41 -12.95 2.19
N THR V 167 -150.20 -13.00 1.65
CA THR V 167 -149.74 -12.01 0.68
C THR V 167 -150.13 -12.36 -0.75
N LEU V 168 -151.08 -13.29 -0.92
CA LEU V 168 -151.55 -13.68 -2.25
C LEU V 168 -153.06 -13.67 -2.35
N GLY V 169 -153.78 -13.30 -1.29
CA GLY V 169 -155.21 -13.36 -1.29
C GLY V 169 -155.79 -14.74 -0.99
N LEU V 170 -154.95 -15.75 -0.81
CA LEU V 170 -155.40 -17.10 -0.52
C LEU V 170 -155.45 -17.36 0.98
N ASP V 171 -156.11 -16.48 1.72
CA ASP V 171 -156.26 -16.60 3.16
C ASP V 171 -157.73 -16.91 3.46
N GLY V 172 -158.02 -18.19 3.64
CA GLY V 172 -159.38 -18.65 3.81
C GLY V 172 -160.03 -19.19 2.55
N PHE V 173 -159.24 -19.55 1.53
CA PHE V 173 -159.78 -20.09 0.30
C PHE V 173 -160.50 -21.40 0.54
N SER V 174 -161.82 -21.42 0.32
CA SER V 174 -162.63 -22.61 0.53
C SER V 174 -163.56 -22.80 -0.65
N VAL V 175 -163.95 -24.06 -0.89
CA VAL V 175 -164.88 -24.38 -1.97
C VAL V 175 -166.05 -25.18 -1.40
N LYS V 176 -166.32 -24.99 -0.11
CA LYS V 176 -167.40 -25.70 0.56
C LYS V 176 -167.92 -24.85 1.70
N ASN V 177 -169.10 -25.22 2.19
CA ASN V 177 -169.75 -24.49 3.28
C ASN V 177 -169.54 -25.18 4.62
N THR V 407 -166.18 -19.28 -1.25
CA THR V 407 -165.32 -18.19 -1.69
C THR V 407 -165.79 -17.64 -3.05
N THR V 408 -165.96 -16.33 -3.13
CA THR V 408 -166.43 -15.71 -4.35
C THR V 408 -165.28 -15.51 -5.33
N ASP V 409 -165.57 -15.72 -6.61
CA ASP V 409 -164.60 -15.59 -7.69
C ASP V 409 -163.29 -16.32 -7.39
N PRO V 410 -163.32 -17.65 -7.25
CA PRO V 410 -162.10 -18.38 -6.89
C PRO V 410 -161.06 -18.38 -7.99
N LEU V 411 -161.50 -18.65 -9.23
CA LEU V 411 -160.57 -18.80 -10.34
C LEU V 411 -159.83 -17.51 -10.61
N LYS V 412 -160.53 -16.36 -10.55
CA LYS V 412 -159.89 -15.08 -10.77
C LYS V 412 -158.81 -14.80 -9.73
N ALA V 413 -159.11 -15.09 -8.46
CA ALA V 413 -158.11 -14.89 -7.41
C ALA V 413 -156.90 -15.79 -7.61
N LEU V 414 -157.14 -17.05 -8.00
CA LEU V 414 -156.04 -17.97 -8.26
C LEU V 414 -155.17 -17.48 -9.41
N ASP V 415 -155.79 -17.00 -10.49
CA ASP V 415 -155.03 -16.46 -11.61
C ASP V 415 -154.24 -15.22 -11.19
N ASP V 416 -154.84 -14.38 -10.33
CA ASP V 416 -154.12 -13.21 -9.83
C ASP V 416 -152.90 -13.63 -9.03
N ALA V 417 -153.02 -14.64 -8.18
CA ALA V 417 -151.87 -15.13 -7.44
C ALA V 417 -150.80 -15.67 -8.36
N ILE V 418 -151.20 -16.41 -9.39
CA ILE V 418 -150.23 -16.96 -10.34
C ILE V 418 -149.47 -15.84 -11.03
N ALA V 419 -150.18 -14.80 -11.46
CA ALA V 419 -149.51 -13.68 -12.11
C ALA V 419 -148.61 -12.92 -11.14
N SER V 420 -149.00 -12.82 -9.87
CA SER V 420 -148.20 -12.09 -8.91
C SER V 420 -146.94 -12.84 -8.51
N VAL V 421 -146.95 -14.17 -8.59
CA VAL V 421 -145.69 -14.88 -8.37
C VAL V 421 -144.85 -14.89 -9.66
N ASP V 422 -145.48 -14.89 -10.82
CA ASP V 422 -144.72 -14.83 -12.07
C ASP V 422 -144.00 -13.50 -12.22
N LYS V 423 -144.57 -12.42 -11.69
CA LYS V 423 -143.88 -11.12 -11.70
C LYS V 423 -142.57 -11.20 -10.93
N PHE V 424 -142.62 -11.79 -9.73
CA PHE V 424 -141.41 -11.94 -8.93
C PHE V 424 -140.39 -12.84 -9.62
N ARG V 425 -140.86 -13.91 -10.26
CA ARG V 425 -139.95 -14.79 -10.99
C ARG V 425 -139.25 -14.04 -12.12
N SER V 426 -140.00 -13.22 -12.87
CA SER V 426 -139.40 -12.44 -13.95
C SER V 426 -138.37 -11.46 -13.41
N SER V 427 -138.68 -10.81 -12.29
CA SER V 427 -137.71 -9.89 -11.70
C SER V 427 -136.43 -10.63 -11.30
N LEU V 428 -136.58 -11.82 -10.72
CA LEU V 428 -135.42 -12.61 -10.35
C LEU V 428 -134.57 -12.98 -11.57
N GLY V 429 -135.22 -13.39 -12.65
CA GLY V 429 -134.47 -13.70 -13.87
C GLY V 429 -133.72 -12.51 -14.42
N ALA V 430 -134.36 -11.34 -14.40
CA ALA V 430 -133.67 -10.12 -14.85
C ALA V 430 -132.46 -9.84 -13.98
N VAL V 431 -132.60 -10.01 -12.66
CA VAL V 431 -131.46 -9.79 -11.77
C VAL V 431 -130.35 -10.78 -12.08
N GLN V 432 -130.70 -12.03 -12.38
CA GLN V 432 -129.69 -13.03 -12.71
C GLN V 432 -128.89 -12.62 -13.94
N ASN V 433 -129.59 -12.20 -15.00
CA ASN V 433 -128.89 -11.79 -16.20
C ASN V 433 -128.00 -10.57 -15.94
N ARG V 434 -128.52 -9.62 -15.17
CA ARG V 434 -127.74 -8.43 -14.80
C ARG V 434 -126.45 -8.83 -14.10
N LEU V 435 -126.55 -9.72 -13.11
CA LEU V 435 -125.37 -10.14 -12.35
C LEU V 435 -124.38 -10.88 -13.24
N ASP V 436 -124.86 -11.72 -14.15
CA ASP V 436 -123.95 -12.44 -15.04
C ASP V 436 -123.17 -11.48 -15.92
N SER V 437 -123.86 -10.47 -16.48
CA SER V 437 -123.16 -9.47 -17.27
C SER V 437 -122.13 -8.73 -16.43
N ALA V 438 -122.48 -8.41 -15.18
CA ALA V 438 -121.54 -7.73 -14.30
C ALA V 438 -120.30 -8.57 -14.07
N VAL V 439 -120.48 -9.87 -13.85
CA VAL V 439 -119.33 -10.75 -13.61
C VAL V 439 -118.43 -10.80 -14.83
N THR V 440 -119.01 -10.90 -16.02
CA THR V 440 -118.18 -10.96 -17.23
C THR V 440 -117.39 -9.66 -17.40
N ASN V 441 -118.05 -8.52 -17.18
CA ASN V 441 -117.34 -7.25 -17.31
C ASN V 441 -116.22 -7.13 -16.28
N LEU V 442 -116.47 -7.60 -15.06
CA LEU V 442 -115.44 -7.55 -14.02
C LEU V 442 -114.25 -8.41 -14.41
N ASN V 443 -114.50 -9.59 -14.98
CA ASN V 443 -113.41 -10.45 -15.41
C ASN V 443 -112.56 -9.76 -16.47
N ASN V 444 -113.21 -9.17 -17.48
CA ASN V 444 -112.45 -8.50 -18.54
C ASN V 444 -111.64 -7.33 -17.99
N THR V 445 -112.25 -6.52 -17.12
CA THR V 445 -111.56 -5.38 -16.54
C THR V 445 -110.37 -5.84 -15.70
N THR V 446 -110.54 -6.91 -14.93
CA THR V 446 -109.44 -7.42 -14.12
C THR V 446 -108.28 -7.88 -14.99
N THR V 447 -108.59 -8.58 -16.09
CA THR V 447 -107.52 -9.03 -16.99
C THR V 447 -106.76 -7.83 -17.56
N ASN V 448 -107.51 -6.82 -18.02
CA ASN V 448 -106.86 -5.66 -18.61
C ASN V 448 -105.98 -4.93 -17.59
N LEU V 449 -106.49 -4.73 -16.38
CA LEU V 449 -105.72 -4.03 -15.37
C LEU V 449 -104.50 -4.83 -14.94
N SER V 450 -104.62 -6.16 -14.88
CA SER V 450 -103.47 -6.98 -14.55
C SER V 450 -102.38 -6.87 -15.61
N GLU V 451 -102.77 -6.88 -16.89
CA GLU V 451 -101.76 -6.71 -17.94
C GLU V 451 -101.13 -5.33 -17.87
N ALA V 452 -101.93 -4.30 -17.55
CA ALA V 452 -101.38 -2.96 -17.40
C ALA V 452 -100.37 -2.89 -16.26
N GLN V 453 -100.68 -3.54 -15.13
CA GLN V 453 -99.75 -3.57 -14.01
C GLN V 453 -98.47 -4.32 -14.39
N SER V 454 -98.61 -5.41 -15.15
CA SER V 454 -97.43 -6.15 -15.59
C SER V 454 -96.54 -5.28 -16.47
N ARG V 455 -97.15 -4.46 -17.33
CA ARG V 455 -96.37 -3.56 -18.17
C ARG V 455 -95.64 -2.47 -17.40
N ILE V 456 -95.83 -2.37 -16.09
CA ILE V 456 -95.24 -1.31 -15.28
C ILE V 456 -94.26 -1.87 -14.25
N GLN V 457 -94.69 -2.86 -13.46
CA GLN V 457 -93.89 -3.28 -12.32
C GLN V 457 -92.97 -4.45 -12.63
N ASP V 458 -93.32 -5.32 -13.57
CA ASP V 458 -92.47 -6.45 -13.89
C ASP V 458 -91.28 -6.02 -14.73
N ALA V 459 -90.21 -6.80 -14.65
CA ALA V 459 -88.96 -6.51 -15.35
C ALA V 459 -88.81 -7.40 -16.58
N ASP V 460 -87.91 -7.00 -17.47
CA ASP V 460 -87.59 -7.74 -18.67
C ASP V 460 -86.30 -8.51 -18.42
N TYR V 461 -86.39 -9.85 -18.45
CA TYR V 461 -85.26 -10.66 -18.03
C TYR V 461 -84.07 -10.55 -18.99
N ALA V 462 -84.32 -10.37 -20.29
CA ALA V 462 -83.22 -10.27 -21.24
C ALA V 462 -82.33 -9.08 -20.94
N THR V 463 -82.94 -7.91 -20.74
CA THR V 463 -82.17 -6.70 -20.45
C THR V 463 -81.40 -6.85 -19.13
N GLU V 464 -82.05 -7.39 -18.11
CA GLU V 464 -81.39 -7.54 -16.81
C GLU V 464 -80.23 -8.52 -16.90
N VAL V 465 -80.38 -9.62 -17.63
CA VAL V 465 -79.30 -10.57 -17.80
C VAL V 465 -78.13 -9.93 -18.54
N SER V 466 -78.43 -9.16 -19.60
CA SER V 466 -77.35 -8.49 -20.32
C SER V 466 -76.62 -7.51 -19.42
N ASN V 467 -77.36 -6.74 -18.62
CA ASN V 467 -76.72 -5.79 -17.70
C ASN V 467 -75.87 -6.52 -16.67
N MET V 468 -76.37 -7.65 -16.15
CA MET V 468 -75.60 -8.42 -15.18
C MET V 468 -74.29 -8.91 -15.78
N SER V 469 -74.34 -9.46 -17.00
CA SER V 469 -73.12 -9.94 -17.63
C SER V 469 -72.14 -8.80 -17.87
N LYS V 470 -72.64 -7.67 -18.37
CA LYS V 470 -71.77 -6.52 -18.61
C LYS V 470 -71.13 -6.04 -17.32
N ALA V 471 -71.91 -5.97 -16.23
CA ALA V 471 -71.36 -5.53 -14.95
C ALA V 471 -70.30 -6.49 -14.45
N GLN V 472 -70.53 -7.80 -14.60
CA GLN V 472 -69.55 -8.78 -14.16
C GLN V 472 -68.24 -8.63 -14.93
N ILE V 473 -68.33 -8.48 -16.25
CA ILE V 473 -67.13 -8.32 -17.05
C ILE V 473 -66.39 -7.05 -16.67
N ILE V 474 -67.12 -5.94 -16.48
CA ILE V 474 -66.48 -4.69 -16.12
C ILE V 474 -65.82 -4.80 -14.75
N GLN V 475 -66.45 -5.51 -13.82
CA GLN V 475 -65.88 -5.70 -12.49
C GLN V 475 -64.57 -6.48 -12.56
N GLN V 476 -64.55 -7.56 -13.34
CA GLN V 476 -63.31 -8.34 -13.47
C GLN V 476 -62.21 -7.51 -14.13
N ALA V 477 -62.56 -6.75 -15.17
CA ALA V 477 -61.57 -5.90 -15.81
C ALA V 477 -61.03 -4.85 -14.84
N GLY V 478 -61.92 -4.24 -14.05
CA GLY V 478 -61.48 -3.27 -13.07
C GLY V 478 -60.56 -3.87 -12.02
N ASN V 479 -60.86 -5.10 -11.59
CA ASN V 479 -59.97 -5.76 -10.65
C ASN V 479 -58.58 -5.98 -11.24
N SER V 480 -58.53 -6.41 -12.51
CA SER V 480 -57.24 -6.62 -13.16
C SER V 480 -56.47 -5.30 -13.27
N VAL V 481 -57.15 -4.24 -13.67
CA VAL V 481 -56.49 -2.93 -13.79
C VAL V 481 -56.02 -2.43 -12.44
N LEU V 482 -56.80 -2.70 -11.38
CA LEU V 482 -56.38 -2.32 -10.04
C LEU V 482 -55.12 -3.07 -9.63
N ALA V 483 -55.06 -4.37 -9.93
CA ALA V 483 -53.86 -5.13 -9.61
C ALA V 483 -52.65 -4.56 -10.32
N LYS V 484 -52.79 -4.23 -11.61
CA LYS V 484 -51.67 -3.63 -12.34
C LYS V 484 -51.30 -2.27 -11.77
N ALA V 485 -52.30 -1.47 -11.39
CA ALA V 485 -52.02 -0.15 -10.83
C ALA V 485 -51.22 -0.26 -9.52
N ASN V 486 -51.61 -1.19 -8.66
CA ASN V 486 -50.84 -1.40 -7.44
C ASN V 486 -49.47 -2.00 -7.73
N GLN V 487 -49.32 -2.73 -8.83
CA GLN V 487 -48.01 -3.25 -9.20
C GLN V 487 -47.09 -2.19 -9.80
N VAL V 488 -47.66 -1.08 -10.27
CA VAL V 488 -46.85 -0.04 -10.92
C VAL V 488 -45.73 0.49 -10.04
N PRO V 489 -45.98 0.91 -8.79
CA PRO V 489 -44.94 1.66 -8.06
C PRO V 489 -43.66 0.89 -7.73
N GLN V 490 -43.53 -0.38 -8.14
CA GLN V 490 -42.37 -1.16 -7.72
C GLN V 490 -41.06 -0.64 -8.32
N GLN V 491 -41.12 0.10 -9.43
CA GLN V 491 -39.90 0.55 -10.09
C GLN V 491 -39.06 1.47 -9.21
N VAL V 492 -39.66 2.12 -8.21
CA VAL V 492 -38.88 2.97 -7.33
C VAL V 492 -37.87 2.13 -6.55
N LEU V 493 -38.22 0.89 -6.23
CA LEU V 493 -37.28 0.02 -5.52
C LEU V 493 -36.08 -0.30 -6.39
N SER V 494 -36.29 -0.54 -7.68
CA SER V 494 -35.17 -0.72 -8.60
C SER V 494 -34.33 0.54 -8.70
N LEU V 495 -34.99 1.70 -8.73
CA LEU V 495 -34.25 2.96 -8.73
C LEU V 495 -33.35 3.07 -7.51
N LEU V 496 -33.90 2.78 -6.32
CA LEU V 496 -33.14 2.92 -5.09
C LEU V 496 -32.00 1.90 -5.02
N GLN V 497 -32.28 0.66 -5.41
CA GLN V 497 -31.26 -0.39 -5.31
C GLN V 497 -30.08 -0.08 -6.23
N GLY V 498 -30.34 0.40 -7.43
CA GLY V 498 -29.29 0.71 -8.38
C GLY V 498 -29.43 -0.03 -9.69
N GLN W 3 18.70 -10.32 -16.91
CA GLN W 3 18.12 -9.15 -16.24
C GLN W 3 17.68 -8.13 -17.28
N VAL W 4 17.86 -8.48 -18.55
CA VAL W 4 17.67 -7.60 -19.69
C VAL W 4 16.36 -6.82 -19.62
N ILE W 5 16.44 -5.50 -19.83
CA ILE W 5 15.28 -4.62 -19.85
C ILE W 5 15.05 -4.02 -21.23
N ASN W 6 15.78 -4.48 -22.24
CA ASN W 6 15.53 -4.10 -23.62
C ASN W 6 14.66 -5.11 -24.35
N THR W 7 14.45 -6.28 -23.76
CA THR W 7 13.61 -7.33 -24.31
C THR W 7 12.92 -8.05 -23.17
N ASN W 8 11.62 -8.34 -23.35
CA ASN W 8 10.81 -8.96 -22.31
C ASN W 8 10.25 -10.29 -22.80
N SER W 9 11.13 -11.13 -23.33
CA SER W 9 10.78 -12.37 -24.04
C SER W 9 9.57 -13.09 -23.47
N LEU W 10 9.49 -13.19 -22.14
CA LEU W 10 8.33 -13.83 -21.51
C LEU W 10 7.03 -13.13 -21.90
N SER W 11 7.06 -11.79 -21.94
CA SER W 11 5.89 -11.06 -22.39
C SER W 11 5.54 -11.38 -23.84
N LEU W 12 6.56 -11.53 -24.68
CA LEU W 12 6.31 -11.91 -26.07
C LEU W 12 5.66 -13.28 -26.16
N ILE W 13 6.13 -14.24 -25.36
CA ILE W 13 5.52 -15.57 -25.35
C ILE W 13 4.07 -15.47 -24.90
N THR W 14 3.80 -14.69 -23.86
CA THR W 14 2.44 -14.59 -23.35
C THR W 14 1.51 -13.96 -24.39
N GLN W 15 1.97 -12.91 -25.06
CA GLN W 15 1.17 -12.30 -26.12
C GLN W 15 0.94 -13.27 -27.25
N ASN W 16 1.95 -14.07 -27.59
CA ASN W 16 1.77 -15.08 -28.63
C ASN W 16 0.69 -16.09 -28.23
N ASN W 17 0.71 -16.54 -26.98
CA ASN W 17 -0.30 -17.49 -26.52
C ASN W 17 -1.69 -16.86 -26.53
N ILE W 18 -1.80 -15.60 -26.15
CA ILE W 18 -3.10 -14.92 -26.18
C ILE W 18 -3.61 -14.83 -27.62
N ASN W 19 -2.72 -14.50 -28.56
CA ASN W 19 -3.11 -14.48 -29.97
C ASN W 19 -3.55 -15.85 -30.44
N LYS W 20 -2.88 -16.90 -29.97
CA LYS W 20 -3.30 -18.25 -30.30
C LYS W 20 -4.70 -18.52 -29.80
N ASN W 21 -5.00 -18.09 -28.57
CA ASN W 21 -6.29 -18.39 -27.95
C ASN W 21 -7.44 -17.62 -28.60
N GLN W 22 -7.17 -16.39 -29.09
CA GLN W 22 -8.25 -15.52 -29.56
C GLN W 22 -9.14 -16.20 -30.61
N SER W 23 -8.54 -17.04 -31.47
CA SER W 23 -9.30 -17.63 -32.56
C SER W 23 -10.42 -18.53 -32.06
N ALA W 24 -10.14 -19.35 -31.03
CA ALA W 24 -11.15 -20.25 -30.51
C ALA W 24 -12.32 -19.48 -29.91
N LEU W 25 -12.03 -18.42 -29.16
CA LEU W 25 -13.10 -17.61 -28.59
C LEU W 25 -13.94 -16.96 -29.69
N SER W 26 -13.28 -16.42 -30.72
CA SER W 26 -14.02 -15.79 -31.80
C SER W 26 -14.92 -16.79 -32.51
N SER W 27 -14.40 -17.98 -32.79
CA SER W 27 -15.20 -19.00 -33.46
C SER W 27 -16.37 -19.44 -32.61
N SER W 28 -16.15 -19.61 -31.30
CA SER W 28 -17.24 -20.03 -30.42
C SER W 28 -18.35 -18.97 -30.37
N ILE W 29 -17.96 -17.70 -30.26
CA ILE W 29 -18.96 -16.64 -30.24
C ILE W 29 -19.73 -16.59 -31.56
N GLU W 30 -19.01 -16.72 -32.68
CA GLU W 30 -19.68 -16.68 -33.98
C GLU W 30 -20.66 -17.83 -34.13
N ARG W 31 -20.26 -19.03 -33.72
CA ARG W 31 -21.15 -20.19 -33.83
C ARG W 31 -22.35 -20.06 -32.92
N LEU W 32 -22.18 -19.53 -31.71
CA LEU W 32 -23.32 -19.30 -30.84
C LEU W 32 -24.28 -18.28 -31.43
N SER W 33 -23.74 -17.20 -32.02
CA SER W 33 -24.60 -16.16 -32.57
C SER W 33 -25.37 -16.65 -33.79
N SER W 34 -24.66 -17.27 -34.74
CA SER W 34 -25.32 -17.71 -35.97
C SER W 34 -26.14 -18.96 -35.75
N GLY W 35 -25.65 -19.89 -34.94
CA GLY W 35 -26.27 -21.18 -34.78
C GLY W 35 -25.81 -22.23 -35.75
N LEU W 36 -25.00 -21.86 -36.74
CA LEU W 36 -24.50 -22.77 -37.75
C LEU W 36 -23.03 -23.07 -37.48
N ARG W 37 -22.66 -24.35 -37.56
CA ARG W 37 -21.27 -24.71 -37.38
C ARG W 37 -20.42 -24.23 -38.55
N ILE W 38 -20.97 -24.28 -39.76
CA ILE W 38 -20.25 -23.90 -40.97
C ILE W 38 -20.70 -22.48 -41.29
N ASN W 39 -19.94 -21.49 -40.80
CA ASN W 39 -20.24 -20.09 -41.05
C ASN W 39 -19.54 -19.54 -42.28
N SER W 40 -18.55 -20.25 -42.82
CA SER W 40 -17.80 -19.78 -43.98
C SER W 40 -17.07 -20.96 -44.60
N ALA W 41 -16.50 -20.73 -45.79
CA ALA W 41 -15.75 -21.77 -46.48
C ALA W 41 -14.49 -22.16 -45.73
N LYS W 42 -13.95 -21.26 -44.90
CA LYS W 42 -12.76 -21.60 -44.13
C LYS W 42 -13.05 -22.73 -43.14
N ASP W 43 -14.31 -22.85 -42.69
CA ASP W 43 -14.65 -23.91 -41.75
C ASP W 43 -14.51 -25.29 -42.40
N ASP W 44 -15.43 -25.63 -43.29
CA ASP W 44 -15.37 -26.88 -44.03
C ASP W 44 -15.41 -26.67 -45.53
N ALA W 45 -16.46 -26.02 -46.03
CA ALA W 45 -16.76 -25.70 -47.42
C ALA W 45 -17.13 -26.91 -48.26
N ALA W 46 -16.74 -28.11 -47.84
CA ALA W 46 -17.36 -29.30 -48.43
C ALA W 46 -18.73 -29.52 -47.81
N GLY W 47 -18.80 -29.41 -46.49
CA GLY W 47 -20.10 -29.37 -45.82
C GLY W 47 -20.93 -28.19 -46.28
N GLN W 48 -20.28 -27.06 -46.57
CA GLN W 48 -21.01 -25.90 -47.07
C GLN W 48 -21.60 -26.16 -48.44
N ALA W 49 -20.83 -26.78 -49.34
CA ALA W 49 -21.38 -27.13 -50.65
C ALA W 49 -22.52 -28.13 -50.53
N ILE W 50 -22.34 -29.14 -49.68
CA ILE W 50 -23.41 -30.12 -49.46
C ILE W 50 -24.66 -29.45 -48.92
N ALA W 51 -24.48 -28.53 -47.96
CA ALA W 51 -25.61 -27.82 -47.38
C ALA W 51 -26.32 -26.95 -48.42
N ASN W 52 -25.55 -26.28 -49.28
CA ASN W 52 -26.16 -25.49 -50.34
C ASN W 52 -27.00 -26.35 -51.25
N ARG W 53 -26.47 -27.52 -51.65
CA ARG W 53 -27.24 -28.39 -52.52
C ARG W 53 -28.48 -28.94 -51.82
N PHE W 54 -28.37 -29.29 -50.53
CA PHE W 54 -29.54 -29.74 -49.80
C PHE W 54 -30.59 -28.64 -49.67
N THR W 55 -30.17 -27.40 -49.43
CA THR W 55 -31.12 -26.30 -49.37
C THR W 55 -31.84 -26.14 -50.70
N SER W 56 -31.09 -26.24 -51.80
CA SER W 56 -31.73 -26.19 -53.12
C SER W 56 -32.75 -27.31 -53.27
N ASN W 57 -32.39 -28.52 -52.85
CA ASN W 57 -33.33 -29.64 -52.97
C ASN W 57 -34.57 -29.43 -52.12
N ILE W 58 -34.41 -28.93 -50.89
CA ILE W 58 -35.57 -28.67 -50.03
C ILE W 58 -36.50 -27.67 -50.67
N LYS W 59 -35.95 -26.55 -51.15
CA LYS W 59 -36.80 -25.54 -51.76
C LYS W 59 -37.50 -26.07 -52.99
N GLY W 60 -36.77 -26.81 -53.83
CA GLY W 60 -37.37 -27.36 -55.04
C GLY W 60 -38.48 -28.35 -54.74
N LEU W 61 -38.26 -29.24 -53.77
CA LEU W 61 -39.27 -30.25 -53.47
C LEU W 61 -40.51 -29.63 -52.83
N THR W 62 -40.32 -28.63 -51.96
CA THR W 62 -41.47 -27.94 -51.38
C THR W 62 -42.29 -27.26 -52.48
N GLN W 63 -41.62 -26.55 -53.38
CA GLN W 63 -42.33 -25.92 -54.49
C GLN W 63 -43.00 -26.96 -55.38
N ALA W 64 -42.37 -28.13 -55.54
CA ALA W 64 -42.97 -29.18 -56.36
C ALA W 64 -44.25 -29.70 -55.74
N ALA W 65 -44.27 -29.88 -54.43
CA ALA W 65 -45.51 -30.30 -53.77
C ALA W 65 -46.60 -29.24 -53.91
N ARG W 66 -46.23 -27.97 -53.75
CA ARG W 66 -47.20 -26.90 -53.95
C ARG W 66 -47.76 -26.92 -55.36
N ASN W 67 -46.92 -27.17 -56.36
CA ASN W 67 -47.40 -27.31 -57.73
C ASN W 67 -48.31 -28.53 -57.87
N ALA W 68 -47.95 -29.63 -57.21
CA ALA W 68 -48.72 -30.87 -57.34
C ALA W 68 -50.15 -30.69 -56.86
N ASN W 69 -50.36 -29.90 -55.81
CA ASN W 69 -51.72 -29.68 -55.32
C ASN W 69 -52.62 -29.09 -56.41
N ASP W 70 -52.06 -28.28 -57.30
CA ASP W 70 -52.87 -27.63 -58.34
C ASP W 70 -53.50 -28.64 -59.28
N GLY W 71 -52.75 -29.69 -59.65
CA GLY W 71 -53.33 -30.73 -60.50
C GLY W 71 -54.52 -31.41 -59.86
N ILE W 72 -54.42 -31.67 -58.55
CA ILE W 72 -55.55 -32.24 -57.82
C ILE W 72 -56.75 -31.31 -57.89
N SER W 73 -56.52 -30.01 -57.73
CA SER W 73 -57.62 -29.05 -57.82
C SER W 73 -58.28 -29.09 -59.20
N VAL W 74 -57.47 -29.10 -60.26
CA VAL W 74 -57.99 -29.13 -61.63
C VAL W 74 -58.83 -30.37 -61.83
N ALA W 75 -58.31 -31.52 -61.42
CA ALA W 75 -59.03 -32.78 -61.60
C ALA W 75 -60.34 -32.78 -60.84
N GLN W 76 -60.34 -32.23 -59.62
CA GLN W 76 -61.57 -32.17 -58.84
C GLN W 76 -62.64 -31.34 -59.56
N THR W 77 -62.25 -30.16 -60.07
CA THR W 77 -63.22 -29.32 -60.76
C THR W 77 -63.77 -30.03 -62.00
N THR W 78 -62.88 -30.63 -62.80
CA THR W 78 -63.34 -31.30 -64.00
C THR W 78 -64.25 -32.48 -63.67
N GLU W 79 -63.94 -33.21 -62.59
CA GLU W 79 -64.78 -34.34 -62.19
C GLU W 79 -66.17 -33.87 -61.78
N GLY W 80 -66.26 -32.75 -61.06
CA GLY W 80 -67.57 -32.23 -60.70
C GLY W 80 -68.39 -31.88 -61.93
N ALA W 81 -67.77 -31.19 -62.89
CA ALA W 81 -68.48 -30.86 -64.12
C ALA W 81 -68.95 -32.12 -64.85
N LEU W 82 -68.08 -33.13 -64.92
CA LEU W 82 -68.45 -34.38 -65.57
C LEU W 82 -69.60 -35.07 -64.85
N SER W 83 -69.63 -34.99 -63.52
CA SER W 83 -70.74 -35.58 -62.77
C SER W 83 -72.07 -34.91 -63.13
N GLU W 84 -72.06 -33.58 -63.23
CA GLU W 84 -73.29 -32.91 -63.66
C GLU W 84 -73.72 -33.33 -65.06
N ILE W 85 -72.75 -33.43 -65.98
CA ILE W 85 -73.08 -33.87 -67.34
C ILE W 85 -73.65 -35.28 -67.31
N ASN W 86 -73.10 -36.14 -66.45
CA ASN W 86 -73.59 -37.51 -66.33
C ASN W 86 -75.05 -37.53 -65.86
N ASN W 87 -75.38 -36.69 -64.88
CA ASN W 87 -76.77 -36.62 -64.42
C ASN W 87 -77.70 -36.18 -65.54
N ASN W 88 -77.28 -35.18 -66.31
CA ASN W 88 -78.10 -34.75 -67.44
C ASN W 88 -78.29 -35.88 -68.45
N LEU W 89 -77.21 -36.63 -68.73
CA LEU W 89 -77.32 -37.75 -69.66
C LEU W 89 -78.29 -38.81 -69.14
N GLN W 90 -78.25 -39.09 -67.83
CA GLN W 90 -79.15 -40.07 -67.26
C GLN W 90 -80.60 -39.64 -67.43
N ARG W 91 -80.90 -38.36 -67.17
CA ARG W 91 -82.27 -37.90 -67.34
C ARG W 91 -82.69 -37.97 -68.80
N VAL W 92 -81.77 -37.64 -69.72
CA VAL W 92 -82.09 -37.74 -71.14
C VAL W 92 -82.41 -39.17 -71.52
N ARG W 93 -81.66 -40.13 -70.97
CA ARG W 93 -81.93 -41.54 -71.26
C ARG W 93 -83.31 -41.94 -70.75
N GLU W 94 -83.67 -41.51 -69.55
CA GLU W 94 -85.01 -41.81 -69.04
C GLU W 94 -86.08 -41.23 -69.95
N LEU W 95 -85.86 -40.00 -70.43
CA LEU W 95 -86.82 -39.36 -71.32
C LEU W 95 -86.97 -40.14 -72.62
N THR W 96 -85.85 -40.63 -73.18
CA THR W 96 -85.94 -41.44 -74.39
C THR W 96 -86.69 -42.74 -74.15
N VAL W 97 -86.45 -43.38 -73.00
CA VAL W 97 -87.19 -44.60 -72.67
C VAL W 97 -88.67 -44.31 -72.62
N GLN W 98 -89.05 -43.16 -72.04
CA GLN W 98 -90.46 -42.81 -72.00
C GLN W 98 -91.01 -42.50 -73.39
N ALA W 99 -90.19 -41.90 -74.26
CA ALA W 99 -90.66 -41.45 -75.56
C ALA W 99 -90.79 -42.58 -76.58
N THR W 100 -90.01 -43.65 -76.44
CA THR W 100 -90.06 -44.72 -77.43
C THR W 100 -91.25 -45.65 -77.19
N THR W 101 -92.46 -45.10 -77.09
CA THR W 101 -93.66 -45.89 -76.84
C THR W 101 -94.75 -45.44 -77.80
N GLY W 102 -95.59 -46.40 -78.20
CA GLY W 102 -96.64 -46.10 -79.15
C GLY W 102 -97.82 -45.33 -78.60
N THR W 103 -98.00 -45.34 -77.28
CA THR W 103 -99.11 -44.61 -76.68
C THR W 103 -98.94 -43.10 -76.84
N ASN W 104 -97.71 -42.62 -76.86
CA ASN W 104 -97.47 -41.19 -76.99
C ASN W 104 -97.97 -40.68 -78.34
N SER W 105 -98.64 -39.53 -78.30
CA SER W 105 -99.10 -38.88 -79.52
C SER W 105 -97.98 -37.99 -80.07
N GLU W 106 -98.29 -37.20 -81.09
CA GLU W 106 -97.27 -36.33 -81.68
C GLU W 106 -96.93 -35.16 -80.76
N SER W 107 -97.93 -34.58 -80.10
CA SER W 107 -97.67 -33.47 -79.20
C SER W 107 -96.86 -33.90 -77.99
N ASP W 108 -97.14 -35.09 -77.46
CA ASP W 108 -96.36 -35.61 -76.34
C ASP W 108 -94.91 -35.81 -76.74
N LEU W 109 -94.68 -36.38 -77.93
CA LEU W 109 -93.32 -36.53 -78.43
C LEU W 109 -92.66 -35.18 -78.63
N SER W 110 -93.42 -34.19 -79.08
CA SER W 110 -92.87 -32.85 -79.24
C SER W 110 -92.42 -32.26 -77.91
N SER W 111 -93.23 -32.42 -76.87
CA SER W 111 -92.85 -31.93 -75.55
C SER W 111 -91.62 -32.65 -75.02
N ILE W 112 -91.58 -33.98 -75.18
CA ILE W 112 -90.42 -34.75 -74.74
C ILE W 112 -89.18 -34.29 -75.46
N GLN W 113 -89.28 -34.07 -76.78
CA GLN W 113 -88.15 -33.59 -77.56
C GLN W 113 -87.73 -32.19 -77.11
N ASP W 114 -88.69 -31.34 -76.77
CA ASP W 114 -88.36 -30.02 -76.26
C ASP W 114 -87.49 -30.11 -75.01
N GLU W 115 -87.92 -30.94 -74.04
CA GLU W 115 -87.16 -31.06 -72.81
C GLU W 115 -85.79 -31.71 -73.07
N ILE W 116 -85.76 -32.71 -73.95
CA ILE W 116 -84.50 -33.39 -74.27
C ILE W 116 -83.51 -32.41 -74.90
N LYS W 117 -84.00 -31.59 -75.83
CA LYS W 117 -83.14 -30.60 -76.49
C LYS W 117 -82.65 -29.56 -75.50
N SER W 118 -83.52 -29.15 -74.56
CA SER W 118 -83.07 -28.22 -73.52
C SER W 118 -81.95 -28.83 -72.68
N ARG W 119 -82.09 -30.11 -72.31
CA ARG W 119 -81.06 -30.73 -71.49
C ARG W 119 -79.77 -30.94 -72.27
N LEU W 120 -79.86 -31.24 -73.56
CA LEU W 120 -78.66 -31.34 -74.38
C LEU W 120 -77.98 -29.99 -74.52
N ASP W 121 -78.77 -28.91 -74.64
CA ASP W 121 -78.20 -27.57 -74.67
C ASP W 121 -77.48 -27.26 -73.36
N GLU W 122 -78.05 -27.68 -72.24
CA GLU W 122 -77.35 -27.53 -70.96
C GLU W 122 -76.06 -28.33 -70.92
N ILE W 123 -76.06 -29.55 -71.47
CA ILE W 123 -74.82 -30.32 -71.52
C ILE W 123 -73.75 -29.56 -72.28
N ASP W 124 -74.11 -29.05 -73.46
CA ASP W 124 -73.16 -28.30 -74.27
C ASP W 124 -72.71 -27.03 -73.56
N ARG W 125 -73.64 -26.34 -72.89
CA ARG W 125 -73.31 -25.09 -72.22
C ARG W 125 -72.32 -25.33 -71.07
N VAL W 126 -72.60 -26.34 -70.25
CA VAL W 126 -71.69 -26.67 -69.16
C VAL W 126 -70.33 -27.08 -69.70
N SER W 127 -70.32 -27.81 -70.82
CA SER W 127 -69.05 -28.18 -71.44
C SER W 127 -68.26 -26.94 -71.84
N GLY W 128 -68.89 -26.04 -72.59
CA GLY W 128 -68.17 -24.89 -73.12
C GLY W 128 -67.72 -23.90 -72.05
N GLN W 129 -68.59 -23.64 -71.07
CA GLN W 129 -68.37 -22.50 -70.18
C GLN W 129 -67.39 -22.82 -69.05
N THR W 130 -67.28 -24.08 -68.64
CA THR W 130 -66.49 -24.46 -67.49
C THR W 130 -65.01 -24.21 -67.78
N GLN W 131 -64.42 -23.23 -67.10
CA GLN W 131 -63.02 -22.89 -67.23
C GLN W 131 -62.35 -22.86 -65.86
N PHE W 132 -61.09 -23.28 -65.80
CA PHE W 132 -60.30 -23.24 -64.59
C PHE W 132 -59.04 -22.43 -64.87
N ASN W 133 -58.83 -21.36 -64.09
CA ASN W 133 -57.66 -20.50 -64.23
C ASN W 133 -57.48 -20.03 -65.67
N GLY W 134 -58.60 -19.62 -66.27
CA GLY W 134 -58.59 -19.18 -67.66
C GLY W 134 -58.26 -20.27 -68.66
N VAL W 135 -58.69 -21.50 -68.40
CA VAL W 135 -58.49 -22.61 -69.31
C VAL W 135 -59.78 -23.41 -69.37
N ASN W 136 -60.40 -23.47 -70.55
CA ASN W 136 -61.63 -24.22 -70.75
C ASN W 136 -61.28 -25.70 -70.84
N VAL W 137 -61.37 -26.40 -69.72
CA VAL W 137 -60.91 -27.79 -69.66
C VAL W 137 -61.73 -28.69 -70.57
N LEU W 138 -63.05 -28.57 -70.52
CA LEU W 138 -63.93 -29.40 -71.33
C LEU W 138 -64.32 -28.70 -72.63
N ALA W 139 -63.34 -28.19 -73.37
CA ALA W 139 -63.62 -27.59 -74.66
C ALA W 139 -62.62 -27.94 -75.74
N LYS W 140 -61.55 -28.68 -75.44
CA LYS W 140 -60.52 -29.00 -76.41
C LYS W 140 -59.61 -30.09 -75.89
N ASN W 141 -59.32 -31.09 -76.72
CA ASN W 141 -58.42 -32.15 -76.31
C ASN W 141 -57.01 -31.59 -76.08
N GLY W 142 -56.50 -31.81 -74.88
CA GLY W 142 -55.20 -31.28 -74.52
C GLY W 142 -54.60 -32.05 -73.36
N SER W 143 -53.57 -31.47 -72.77
CA SER W 143 -52.89 -32.12 -71.66
C SER W 143 -52.12 -31.07 -70.86
N MET W 144 -52.03 -31.30 -69.56
CA MET W 144 -51.28 -30.46 -68.65
C MET W 144 -50.11 -31.25 -68.05
N LYS W 145 -49.00 -30.56 -67.82
CA LYS W 145 -47.79 -31.16 -67.29
C LYS W 145 -47.52 -30.56 -65.92
N ILE W 146 -47.65 -31.37 -64.88
CA ILE W 146 -47.51 -30.91 -63.50
C ILE W 146 -46.07 -31.16 -63.04
N GLN W 147 -45.38 -30.09 -62.68
CA GLN W 147 -44.00 -30.20 -62.21
C GLN W 147 -43.99 -30.73 -60.79
N VAL W 148 -43.58 -31.97 -60.61
CA VAL W 148 -43.58 -32.60 -59.30
C VAL W 148 -42.17 -33.03 -58.91
N GLY W 149 -41.17 -32.30 -59.40
CA GLY W 149 -39.79 -32.62 -59.08
C GLY W 149 -38.96 -31.36 -58.93
N ALA W 150 -37.71 -31.57 -58.50
CA ALA W 150 -36.78 -30.46 -58.30
C ALA W 150 -35.95 -30.15 -59.53
N ASN W 151 -35.64 -31.16 -60.34
CA ASN W 151 -34.89 -30.97 -61.57
C ASN W 151 -35.86 -30.64 -62.71
N ASP W 152 -35.37 -30.69 -63.94
CA ASP W 152 -36.20 -30.45 -65.11
C ASP W 152 -36.71 -31.76 -65.68
N ASN W 153 -37.78 -31.66 -66.47
CA ASN W 153 -38.49 -32.82 -67.02
C ASN W 153 -38.90 -33.79 -65.90
N GLN W 154 -39.77 -33.27 -65.03
CA GLN W 154 -40.18 -33.95 -63.81
C GLN W 154 -41.70 -33.95 -63.71
N THR W 155 -42.38 -34.23 -64.82
CA THR W 155 -43.79 -33.91 -64.94
C THR W 155 -44.65 -35.16 -64.93
N ILE W 156 -45.85 -35.01 -64.36
CA ILE W 156 -46.94 -35.98 -64.49
C ILE W 156 -47.99 -35.36 -65.40
N THR W 157 -48.37 -36.09 -66.44
CA THR W 157 -49.22 -35.55 -67.49
C THR W 157 -50.69 -35.82 -67.16
N ILE W 158 -51.48 -34.75 -67.08
CA ILE W 158 -52.93 -34.83 -66.91
C ILE W 158 -53.57 -34.72 -68.29
N ASP W 159 -54.62 -35.50 -68.51
CA ASP W 159 -55.29 -35.55 -69.80
C ASP W 159 -56.66 -34.89 -69.70
N LEU W 160 -57.02 -34.13 -70.75
CA LEU W 160 -58.30 -33.45 -70.84
C LEU W 160 -58.93 -33.76 -72.18
N LYS W 161 -60.15 -34.28 -72.16
CA LYS W 161 -60.88 -34.66 -73.36
C LYS W 161 -62.01 -33.68 -73.61
N GLN W 162 -62.14 -33.23 -74.86
CA GLN W 162 -63.26 -32.38 -75.24
C GLN W 162 -64.56 -33.17 -75.15
N ILE W 163 -65.38 -32.88 -74.15
CA ILE W 163 -66.63 -33.58 -73.91
C ILE W 163 -67.76 -32.63 -74.25
N ASP W 164 -68.49 -32.92 -75.32
CA ASP W 164 -69.63 -32.12 -75.73
C ASP W 164 -70.51 -32.95 -76.64
N ALA W 165 -71.55 -32.32 -77.18
CA ALA W 165 -72.51 -33.04 -78.03
C ALA W 165 -71.84 -33.63 -79.25
N LYS W 166 -70.97 -32.86 -79.90
CA LYS W 166 -70.31 -33.34 -81.12
C LYS W 166 -69.42 -34.54 -80.84
N THR W 167 -68.64 -34.49 -79.76
CA THR W 167 -67.71 -35.55 -79.42
C THR W 167 -68.36 -36.68 -78.64
N LEU W 168 -69.68 -36.74 -78.62
CA LEU W 168 -70.40 -37.82 -77.97
C LEU W 168 -71.42 -38.49 -78.88
N GLY W 169 -71.58 -38.01 -80.10
CA GLY W 169 -72.57 -38.54 -81.01
C GLY W 169 -73.97 -37.99 -80.83
N LEU W 170 -74.19 -37.13 -79.85
CA LEU W 170 -75.50 -36.54 -79.60
C LEU W 170 -75.64 -35.19 -80.30
N ASP W 171 -75.36 -35.16 -81.60
CA ASP W 171 -75.51 -33.97 -82.42
C ASP W 171 -76.65 -34.23 -83.41
N GLY W 172 -77.80 -33.62 -83.14
CA GLY W 172 -79.00 -33.90 -83.90
C GLY W 172 -79.91 -34.94 -83.28
N PHE W 173 -79.66 -35.33 -82.03
CA PHE W 173 -80.43 -36.36 -81.37
C PHE W 173 -81.88 -35.89 -81.17
N SER W 174 -82.80 -36.47 -81.92
CA SER W 174 -84.21 -36.10 -81.86
C SER W 174 -85.08 -37.34 -81.81
N VAL W 175 -86.26 -37.20 -81.21
CA VAL W 175 -87.19 -38.31 -81.09
C VAL W 175 -88.53 -37.93 -81.72
N LYS W 176 -88.49 -37.07 -82.72
CA LYS W 176 -89.71 -36.65 -83.41
C LYS W 176 -89.38 -36.31 -84.85
N ASN W 177 -90.40 -36.30 -85.69
CA ASN W 177 -90.24 -36.03 -87.11
C ASN W 177 -90.38 -34.54 -87.41
N THR W 407 -84.11 -40.26 -85.01
CA THR W 407 -82.82 -40.85 -84.68
C THR W 407 -82.94 -42.37 -84.57
N THR W 408 -82.00 -43.08 -85.17
CA THR W 408 -81.98 -44.53 -85.13
C THR W 408 -81.12 -45.02 -83.97
N ASP W 409 -81.62 -46.05 -83.28
CA ASP W 409 -80.96 -46.62 -82.11
C ASP W 409 -80.53 -45.54 -81.11
N PRO W 410 -81.46 -44.77 -80.56
CA PRO W 410 -81.06 -43.68 -79.65
C PRO W 410 -80.46 -44.19 -78.35
N LEU W 411 -81.04 -45.23 -77.76
CA LEU W 411 -80.59 -45.70 -76.46
C LEU W 411 -79.16 -46.24 -76.53
N LYS W 412 -78.80 -46.91 -77.63
CA LYS W 412 -77.44 -47.39 -77.78
C LYS W 412 -76.45 -46.24 -77.81
N ALA W 413 -76.77 -45.18 -78.55
CA ALA W 413 -75.88 -44.01 -78.59
C ALA W 413 -75.76 -43.35 -77.21
N LEU W 414 -76.88 -43.26 -76.50
CA LEU W 414 -76.84 -42.65 -75.16
C LEU W 414 -75.98 -43.47 -74.21
N ASP W 415 -76.13 -44.80 -74.26
CA ASP W 415 -75.30 -45.66 -73.43
C ASP W 415 -73.82 -45.53 -73.80
N ASP W 416 -73.54 -45.42 -75.10
CA ASP W 416 -72.16 -45.24 -75.54
C ASP W 416 -71.58 -43.93 -75.01
N ALA W 417 -72.37 -42.85 -75.04
CA ALA W 417 -71.89 -41.58 -74.52
C ALA W 417 -71.63 -41.66 -73.01
N ILE W 418 -72.52 -42.33 -72.28
CA ILE W 418 -72.33 -42.48 -70.84
C ILE W 418 -71.05 -43.27 -70.55
N ALA W 419 -70.84 -44.36 -71.28
CA ALA W 419 -69.63 -45.16 -71.08
C ALA W 419 -68.38 -44.43 -71.55
N SER W 420 -68.52 -43.47 -72.45
CA SER W 420 -67.37 -42.69 -72.90
C SER W 420 -67.01 -41.57 -71.93
N VAL W 421 -67.97 -41.03 -71.19
CA VAL W 421 -67.61 -40.03 -70.18
C VAL W 421 -67.11 -40.72 -68.91
N ASP W 422 -67.59 -41.94 -68.63
CA ASP W 422 -67.09 -42.66 -67.46
C ASP W 422 -65.61 -42.97 -67.58
N LYS W 423 -65.11 -43.20 -68.80
CA LYS W 423 -63.70 -43.47 -69.00
C LYS W 423 -62.85 -42.26 -68.62
N PHE W 424 -63.26 -41.06 -69.05
CA PHE W 424 -62.54 -39.85 -68.68
C PHE W 424 -62.59 -39.64 -67.17
N ARG W 425 -63.74 -39.92 -66.55
CA ARG W 425 -63.83 -39.79 -65.10
C ARG W 425 -62.84 -40.73 -64.40
N SER W 426 -62.74 -41.97 -64.87
CA SER W 426 -61.82 -42.93 -64.26
C SER W 426 -60.37 -42.48 -64.44
N SER W 427 -60.03 -41.96 -65.62
CA SER W 427 -58.67 -41.46 -65.83
C SER W 427 -58.36 -40.31 -64.89
N LEU W 428 -59.33 -39.41 -64.68
CA LEU W 428 -59.15 -38.31 -63.75
C LEU W 428 -58.90 -38.82 -62.34
N GLY W 429 -59.68 -39.82 -61.90
CA GLY W 429 -59.47 -40.37 -60.57
C GLY W 429 -58.09 -41.00 -60.42
N ALA W 430 -57.64 -41.73 -61.44
CA ALA W 430 -56.30 -42.31 -61.38
C ALA W 430 -55.23 -41.24 -61.28
N VAL W 431 -55.39 -40.15 -62.03
CA VAL W 431 -54.43 -39.05 -61.95
C VAL W 431 -54.43 -38.43 -60.56
N GLN W 432 -55.62 -38.29 -59.96
CA GLN W 432 -55.69 -37.75 -58.61
C GLN W 432 -54.94 -38.61 -57.61
N ASN W 433 -55.12 -39.93 -57.71
CA ASN W 433 -54.42 -40.84 -56.80
C ASN W 433 -52.91 -40.74 -56.99
N ARG W 434 -52.46 -40.70 -58.24
CA ARG W 434 -51.03 -40.57 -58.51
C ARG W 434 -50.47 -39.28 -57.92
N LEU W 435 -51.20 -38.17 -58.09
CA LEU W 435 -50.72 -36.89 -57.57
C LEU W 435 -50.65 -36.92 -56.05
N ASP W 436 -51.64 -37.52 -55.39
CA ASP W 436 -51.61 -37.59 -53.93
C ASP W 436 -50.40 -38.41 -53.46
N SER W 437 -50.13 -39.53 -54.12
CA SER W 437 -48.94 -40.31 -53.76
C SER W 437 -47.68 -39.50 -53.96
N ALA W 438 -47.61 -38.73 -55.04
CA ALA W 438 -46.44 -37.89 -55.29
C ALA W 438 -46.26 -36.86 -54.17
N VAL W 439 -47.36 -36.24 -53.73
CA VAL W 439 -47.26 -35.26 -52.65
C VAL W 439 -46.74 -35.90 -51.38
N THR W 440 -47.26 -37.08 -51.04
CA THR W 440 -46.79 -37.75 -49.82
C THR W 440 -45.31 -38.09 -49.90
N ASN W 441 -44.87 -38.61 -51.05
CA ASN W 441 -43.45 -38.93 -51.20
C ASN W 441 -42.59 -37.68 -51.12
N LEU W 442 -43.04 -36.58 -51.72
CA LEU W 442 -42.28 -35.34 -51.66
C LEU W 442 -42.16 -34.84 -50.22
N ASN W 443 -43.24 -34.93 -49.44
CA ASN W 443 -43.17 -34.52 -48.05
C ASN W 443 -42.15 -35.34 -47.28
N ASN W 444 -42.19 -36.67 -47.45
CA ASN W 444 -41.25 -37.53 -46.75
C ASN W 444 -39.81 -37.21 -47.14
N THR W 445 -39.55 -37.06 -48.44
CA THR W 445 -38.21 -36.78 -48.90
C THR W 445 -37.72 -35.43 -48.38
N THR W 446 -38.59 -34.42 -48.38
CA THR W 446 -38.22 -33.11 -47.87
C THR W 446 -37.84 -33.18 -46.40
N THR W 447 -38.62 -33.90 -45.61
CA THR W 447 -38.29 -34.02 -44.19
C THR W 447 -36.94 -34.70 -44.00
N ASN W 448 -36.71 -35.81 -44.72
CA ASN W 448 -35.47 -36.53 -44.56
C ASN W 448 -34.26 -35.68 -44.96
N LEU W 449 -34.37 -34.97 -46.09
CA LEU W 449 -33.25 -34.15 -46.54
C LEU W 449 -33.02 -32.96 -45.62
N SER W 450 -34.08 -32.38 -45.07
CA SER W 450 -33.91 -31.30 -44.11
C SER W 450 -33.16 -31.77 -42.88
N GLU W 451 -33.52 -32.95 -42.37
CA GLU W 451 -32.83 -33.44 -41.19
C GLU W 451 -31.39 -33.82 -41.52
N ALA W 452 -31.14 -34.29 -42.74
CA ALA W 452 -29.77 -34.56 -43.17
C ALA W 452 -28.94 -33.28 -43.21
N GLN W 453 -29.53 -32.19 -43.70
CA GLN W 453 -28.85 -30.89 -43.67
C GLN W 453 -28.59 -30.46 -42.23
N SER W 454 -29.54 -30.76 -41.34
CA SER W 454 -29.36 -30.42 -39.92
C SER W 454 -28.16 -31.16 -39.34
N ARG W 455 -27.98 -32.43 -39.71
CA ARG W 455 -26.81 -33.13 -39.21
C ARG W 455 -25.49 -32.60 -39.77
N ILE W 456 -25.51 -31.74 -40.79
CA ILE W 456 -24.30 -31.31 -41.46
C ILE W 456 -23.92 -29.88 -41.09
N GLN W 457 -24.85 -28.93 -41.26
CA GLN W 457 -24.49 -27.53 -41.13
C GLN W 457 -24.76 -26.96 -39.74
N ASP W 458 -25.62 -27.58 -38.95
CA ASP W 458 -26.00 -27.03 -37.66
C ASP W 458 -24.95 -27.34 -36.60
N ALA W 459 -24.99 -26.55 -35.52
CA ALA W 459 -24.06 -26.67 -34.42
C ALA W 459 -24.75 -27.23 -33.18
N ASP W 460 -23.95 -27.81 -32.29
CA ASP W 460 -24.43 -28.38 -31.03
C ASP W 460 -24.08 -27.40 -29.92
N TYR W 461 -25.10 -26.83 -29.29
CA TYR W 461 -24.88 -25.69 -28.41
C TYR W 461 -24.12 -26.06 -27.14
N ALA W 462 -24.21 -27.31 -26.67
CA ALA W 462 -23.49 -27.71 -25.48
C ALA W 462 -21.98 -27.57 -25.69
N THR W 463 -21.47 -28.14 -26.78
CA THR W 463 -20.04 -28.06 -27.07
C THR W 463 -19.61 -26.62 -27.27
N GLU W 464 -20.40 -25.83 -27.99
CA GLU W 464 -20.04 -24.44 -28.24
C GLU W 464 -19.98 -23.64 -26.95
N VAL W 465 -20.94 -23.83 -26.05
CA VAL W 465 -20.94 -23.12 -24.78
C VAL W 465 -19.72 -23.52 -23.94
N SER W 466 -19.41 -24.82 -23.91
CA SER W 466 -18.24 -25.26 -23.15
C SER W 466 -16.97 -24.63 -23.70
N ASN W 467 -16.82 -24.64 -25.03
CA ASN W 467 -15.64 -24.03 -25.64
C ASN W 467 -15.57 -22.54 -25.36
N MET W 468 -16.72 -21.85 -25.40
CA MET W 468 -16.74 -20.42 -25.12
C MET W 468 -16.29 -20.13 -23.69
N SER W 469 -16.80 -20.90 -22.73
CA SER W 469 -16.39 -20.70 -21.34
C SER W 469 -14.90 -20.96 -21.16
N LYS W 470 -14.41 -22.05 -21.76
CA LYS W 470 -12.98 -22.36 -21.65
C LYS W 470 -12.14 -21.26 -22.26
N ALA W 471 -12.58 -20.71 -23.41
CA ALA W 471 -11.83 -19.65 -24.06
C ALA W 471 -11.79 -18.40 -23.20
N GLN W 472 -12.91 -18.05 -22.58
CA GLN W 472 -12.91 -16.88 -21.69
C GLN W 472 -11.95 -17.07 -20.52
N ILE W 473 -11.97 -18.27 -19.92
CA ILE W 473 -11.05 -18.54 -18.81
C ILE W 473 -9.60 -18.43 -19.28
N ILE W 474 -9.30 -18.98 -20.45
CA ILE W 474 -7.95 -18.91 -20.99
C ILE W 474 -7.54 -17.46 -21.22
N GLN W 475 -8.43 -16.65 -21.76
CA GLN W 475 -8.11 -15.25 -22.03
C GLN W 475 -7.78 -14.51 -20.75
N GLN W 476 -8.62 -14.68 -19.71
CA GLN W 476 -8.36 -13.97 -18.46
C GLN W 476 -7.06 -14.45 -17.81
N ALA W 477 -6.82 -15.76 -17.83
CA ALA W 477 -5.58 -16.29 -17.26
C ALA W 477 -4.37 -15.75 -18.01
N GLY W 478 -4.43 -15.71 -19.33
CA GLY W 478 -3.32 -15.17 -20.10
C GLY W 478 -3.09 -13.70 -19.81
N ASN W 479 -4.17 -12.94 -19.62
CA ASN W 479 -4.01 -11.53 -19.25
C ASN W 479 -3.28 -11.39 -17.91
N SER W 480 -3.66 -12.22 -16.93
CA SER W 480 -3.00 -12.16 -15.63
C SER W 480 -1.52 -12.52 -15.76
N VAL W 481 -1.20 -13.56 -16.53
CA VAL W 481 0.19 -13.98 -16.68
C VAL W 481 0.98 -12.89 -17.40
N LEU W 482 0.37 -12.22 -18.38
CA LEU W 482 1.04 -11.12 -19.05
C LEU W 482 1.35 -9.99 -18.09
N ALA W 483 0.39 -9.66 -17.21
CA ALA W 483 0.64 -8.63 -16.22
C ALA W 483 1.81 -9.00 -15.33
N LYS W 484 1.85 -10.25 -14.87
CA LYS W 484 2.98 -10.68 -14.03
C LYS W 484 4.30 -10.61 -14.79
N ALA W 485 4.29 -11.02 -16.06
CA ALA W 485 5.51 -11.00 -16.86
C ALA W 485 6.04 -9.58 -17.03
N ASN W 486 5.15 -8.63 -17.31
CA ASN W 486 5.60 -7.24 -17.40
C ASN W 486 6.02 -6.70 -16.04
N GLN W 487 5.48 -7.24 -14.95
CA GLN W 487 5.91 -6.82 -13.62
C GLN W 487 7.28 -7.35 -13.24
N VAL W 488 7.72 -8.47 -13.83
CA VAL W 488 8.99 -9.08 -13.43
C VAL W 488 10.19 -8.12 -13.49
N PRO W 489 10.43 -7.37 -14.60
CA PRO W 489 11.73 -6.69 -14.76
C PRO W 489 12.06 -5.60 -13.74
N GLN W 490 11.20 -5.37 -12.75
CA GLN W 490 11.47 -4.32 -11.77
C GLN W 490 12.70 -4.61 -10.92
N GLN W 491 13.17 -5.86 -10.91
CA GLN W 491 14.37 -6.19 -10.13
C GLN W 491 15.59 -5.45 -10.65
N VAL W 492 15.59 -5.03 -11.92
CA VAL W 492 16.70 -4.26 -12.43
C VAL W 492 16.71 -2.86 -11.84
N LEU W 493 15.53 -2.24 -11.70
CA LEU W 493 15.44 -0.99 -10.98
C LEU W 493 15.91 -1.17 -9.54
N SER W 494 15.53 -2.29 -8.93
CA SER W 494 15.97 -2.58 -7.57
C SER W 494 17.50 -2.69 -7.50
N LEU W 495 18.11 -3.33 -8.50
CA LEU W 495 19.57 -3.44 -8.56
C LEU W 495 20.22 -2.06 -8.71
N LEU W 496 19.71 -1.25 -9.63
CA LEU W 496 20.33 0.04 -9.90
C LEU W 496 20.20 0.98 -8.71
N GLN W 497 19.09 0.91 -7.98
CA GLN W 497 18.93 1.78 -6.82
C GLN W 497 19.99 1.48 -5.77
N GLY W 498 20.28 0.21 -5.54
CA GLY W 498 21.29 -0.16 -4.56
C GLY W 498 20.86 -1.32 -3.67
N GLN X 3 40.42 13.14 -15.99
CA GLN X 3 39.86 13.63 -14.73
C GLN X 3 39.09 14.91 -14.99
N VAL X 4 38.95 15.23 -16.28
CA VAL X 4 38.40 16.48 -16.77
C VAL X 4 37.08 16.85 -16.09
N ILE X 5 36.97 18.08 -15.60
CA ILE X 5 35.76 18.56 -14.96
C ILE X 5 35.05 19.64 -15.76
N ASN X 6 35.58 20.01 -16.93
CA ASN X 6 34.90 20.93 -17.83
C ASN X 6 34.05 20.20 -18.87
N THR X 7 34.12 18.87 -18.88
CA THR X 7 33.34 18.04 -19.80
C THR X 7 33.01 16.73 -19.08
N ASN X 8 31.76 16.29 -19.22
CA ASN X 8 31.26 15.12 -18.50
C ASN X 8 30.68 14.14 -19.50
N SER X 9 31.45 13.79 -20.54
CA SER X 9 31.02 12.99 -21.67
C SER X 9 30.05 11.87 -21.31
N LEU X 10 30.30 11.17 -20.20
CA LEU X 10 29.37 10.13 -19.75
C LEU X 10 27.97 10.68 -19.55
N SER X 11 27.87 11.88 -18.96
CA SER X 11 26.57 12.51 -18.79
C SER X 11 25.93 12.82 -20.14
N LEU X 12 26.73 13.26 -21.11
CA LEU X 12 26.20 13.53 -22.44
C LEU X 12 25.64 12.27 -23.07
N ILE X 13 26.37 11.15 -22.95
CA ILE X 13 25.89 9.88 -23.49
C ILE X 13 24.59 9.48 -22.82
N THR X 14 24.51 9.61 -21.50
CA THR X 14 23.30 9.21 -20.79
C THR X 14 22.11 10.07 -21.20
N GLN X 15 22.32 11.38 -21.33
CA GLN X 15 21.24 12.25 -21.79
C GLN X 15 20.81 11.90 -23.20
N ASN X 16 21.76 11.56 -24.07
CA ASN X 16 21.41 11.16 -25.43
C ASN X 16 20.56 9.90 -25.41
N ASN X 17 20.92 8.92 -24.59
CA ASN X 17 20.12 7.70 -24.50
C ASN X 17 18.72 7.99 -23.96
N ILE X 18 18.62 8.87 -22.96
CA ILE X 18 17.30 9.22 -22.43
C ILE X 18 16.45 9.89 -23.49
N ASN X 19 17.06 10.80 -24.26
CA ASN X 19 16.33 11.47 -25.34
C ASN X 19 15.87 10.46 -26.38
N LYS X 20 16.71 9.46 -26.69
CA LYS X 20 16.30 8.40 -27.59
C LYS X 20 15.12 7.62 -27.04
N ASN X 21 15.12 7.35 -25.73
CA ASN X 21 14.05 6.56 -25.13
C ASN X 21 12.73 7.31 -25.11
N GLN X 22 12.77 8.63 -24.95
CA GLN X 22 11.54 9.41 -24.74
C GLN X 22 10.48 9.14 -25.79
N SER X 23 10.89 8.94 -27.05
CA SER X 23 9.93 8.79 -28.13
C SER X 23 9.05 7.55 -27.94
N ALA X 24 9.63 6.44 -27.51
CA ALA X 24 8.86 5.23 -27.33
C ALA X 24 7.79 5.41 -26.26
N LEU X 25 8.16 6.02 -25.13
CA LEU X 25 7.19 6.28 -24.08
C LEU X 25 6.07 7.19 -24.56
N SER X 26 6.42 8.26 -25.27
CA SER X 26 5.41 9.18 -25.75
C SER X 26 4.44 8.48 -26.71
N SER X 27 4.98 7.70 -27.65
CA SER X 27 4.14 6.99 -28.60
C SER X 27 3.24 5.99 -27.90
N SER X 28 3.78 5.25 -26.94
CA SER X 28 2.97 4.26 -26.22
C SER X 28 1.82 4.93 -25.47
N ILE X 29 2.11 6.04 -24.78
CA ILE X 29 1.07 6.73 -24.04
C ILE X 29 0.00 7.26 -24.99
N GLU X 30 0.43 7.86 -26.11
CA GLU X 30 -0.54 8.37 -27.07
C GLU X 30 -1.43 7.27 -27.63
N ARG X 31 -0.83 6.14 -28.00
CA ARG X 31 -1.62 5.04 -28.56
C ARG X 31 -2.56 4.44 -27.53
N LEU X 32 -2.13 4.35 -26.28
CA LEU X 32 -3.02 3.86 -25.24
C LEU X 32 -4.19 4.81 -25.01
N SER X 33 -3.92 6.12 -25.01
CA SER X 33 -4.98 7.09 -24.76
C SER X 33 -5.99 7.12 -25.90
N SER X 34 -5.50 7.23 -27.14
CA SER X 34 -6.40 7.35 -28.28
C SER X 34 -7.03 6.01 -28.64
N GLY X 35 -6.26 4.93 -28.56
CA GLY X 35 -6.72 3.63 -28.98
C GLY X 35 -6.44 3.30 -30.43
N LEU X 36 -5.98 4.27 -31.21
CA LEU X 36 -5.67 4.07 -32.62
C LEU X 36 -4.17 3.97 -32.81
N ARG X 37 -3.74 2.96 -33.57
CA ARG X 37 -2.32 2.80 -33.84
C ARG X 37 -1.78 3.93 -34.70
N ILE X 38 -2.58 4.39 -35.66
CA ILE X 38 -2.17 5.46 -36.57
C ILE X 38 -2.79 6.74 -36.02
N ASN X 39 -2.02 7.45 -35.18
CA ASN X 39 -2.48 8.70 -34.61
C ASN X 39 -2.06 9.92 -35.44
N SER X 40 -1.20 9.74 -36.42
CA SER X 40 -0.74 10.85 -37.26
C SER X 40 -0.17 10.27 -38.55
N ALA X 41 0.04 11.16 -39.53
CA ALA X 41 0.61 10.74 -40.79
C ALA X 41 2.05 10.26 -40.65
N LYS X 42 2.76 10.69 -39.61
CA LYS X 42 4.12 10.23 -39.42
C LYS X 42 4.18 8.74 -39.14
N ASP X 43 3.13 8.17 -38.57
CA ASP X 43 3.15 6.76 -38.21
C ASP X 43 3.27 5.85 -39.43
N ASP X 44 2.21 5.78 -40.22
CA ASP X 44 2.20 5.00 -41.45
C ASP X 44 1.77 5.84 -42.65
N ALA X 45 0.56 6.39 -42.59
CA ALA X 45 -0.09 7.26 -43.57
C ALA X 45 -0.53 6.52 -44.83
N ALA X 46 0.06 5.35 -45.11
CA ALA X 46 -0.58 4.47 -46.08
C ALA X 46 -1.78 3.78 -45.46
N GLY X 47 -1.58 3.24 -44.26
CA GLY X 47 -2.70 2.76 -43.47
C GLY X 47 -3.69 3.87 -43.18
N GLN X 48 -3.20 5.09 -42.96
CA GLN X 48 -4.11 6.20 -42.70
C GLN X 48 -4.96 6.53 -43.91
N ALA X 49 -4.36 6.56 -45.10
CA ALA X 49 -5.16 6.81 -46.31
C ALA X 49 -6.17 5.70 -46.53
N ILE X 50 -5.74 4.45 -46.37
CA ILE X 50 -6.67 3.33 -46.54
C ILE X 50 -7.80 3.42 -45.53
N ALA X 51 -7.48 3.79 -44.28
CA ALA X 51 -8.51 3.91 -43.25
C ALA X 51 -9.48 5.05 -43.54
N ASN X 52 -8.98 6.16 -44.07
CA ASN X 52 -9.86 7.26 -44.45
C ASN X 52 -10.85 6.82 -45.52
N ARG X 53 -10.35 6.13 -46.54
CA ARG X 53 -11.25 5.63 -47.59
C ARG X 53 -12.23 4.61 -47.02
N PHE X 54 -11.76 3.77 -46.09
CA PHE X 54 -12.64 2.77 -45.47
C PHE X 54 -13.76 3.42 -44.69
N THR X 55 -13.44 4.48 -43.92
CA THR X 55 -14.46 5.19 -43.16
C THR X 55 -15.47 5.84 -44.09
N SER X 56 -15.00 6.43 -45.19
CA SER X 56 -15.91 6.99 -46.17
C SER X 56 -16.87 5.93 -46.70
N ASN X 57 -16.33 4.75 -47.03
CA ASN X 57 -17.17 3.67 -47.54
C ASN X 57 -18.19 3.22 -46.50
N ILE X 58 -17.77 3.10 -45.23
CA ILE X 58 -18.69 2.68 -44.18
C ILE X 58 -19.86 3.64 -44.07
N LYS X 59 -19.56 4.94 -44.00
CA LYS X 59 -20.63 5.92 -43.85
C LYS X 59 -21.55 5.91 -45.06
N GLY X 60 -20.98 5.83 -46.26
CA GLY X 60 -21.80 5.79 -47.45
C GLY X 60 -22.72 4.58 -47.50
N LEU X 61 -22.20 3.41 -47.14
CA LEU X 61 -23.02 2.20 -47.22
C LEU X 61 -24.13 2.21 -46.18
N THR X 62 -23.84 2.69 -44.97
CA THR X 62 -24.88 2.80 -43.96
C THR X 62 -25.98 3.75 -44.43
N GLN X 63 -25.59 4.90 -44.98
CA GLN X 63 -26.58 5.83 -45.49
C GLN X 63 -27.40 5.22 -46.63
N ALA X 64 -26.75 4.40 -47.46
CA ALA X 64 -27.46 3.74 -48.55
C ALA X 64 -28.51 2.76 -48.04
N ALA X 65 -28.18 2.00 -47.00
CA ALA X 65 -29.17 1.08 -46.41
C ALA X 65 -30.35 1.86 -45.85
N ARG X 66 -30.06 2.96 -45.13
CA ARG X 66 -31.15 3.81 -44.66
C ARG X 66 -32.01 4.31 -45.80
N ASN X 67 -31.38 4.67 -46.92
CA ASN X 67 -32.13 5.13 -48.09
C ASN X 67 -33.04 4.03 -48.63
N ALA X 68 -32.53 2.80 -48.70
CA ALA X 68 -33.31 1.69 -49.25
C ALA X 68 -34.56 1.43 -48.41
N ASN X 69 -34.44 1.61 -47.09
CA ASN X 69 -35.63 1.45 -46.24
C ASN X 69 -36.78 2.34 -46.70
N ASP X 70 -36.45 3.55 -47.16
CA ASP X 70 -37.50 4.47 -47.62
C ASP X 70 -38.24 3.92 -48.83
N GLY X 71 -37.51 3.36 -49.80
CA GLY X 71 -38.15 2.75 -50.94
C GLY X 71 -39.04 1.59 -50.55
N ILE X 72 -38.58 0.80 -49.59
CA ILE X 72 -39.43 -0.28 -49.08
C ILE X 72 -40.74 0.27 -48.54
N SER X 73 -40.66 1.35 -47.76
CA SER X 73 -41.87 1.95 -47.21
C SER X 73 -42.80 2.46 -48.30
N VAL X 74 -42.23 3.13 -49.32
CA VAL X 74 -43.04 3.66 -50.41
C VAL X 74 -43.81 2.54 -51.10
N ALA X 75 -43.10 1.45 -51.41
CA ALA X 75 -43.73 0.33 -52.09
C ALA X 75 -44.84 -0.27 -51.23
N GLN X 76 -44.60 -0.40 -49.92
CA GLN X 76 -45.63 -0.96 -49.05
C GLN X 76 -46.89 -0.10 -49.04
N THR X 77 -46.73 1.22 -48.93
CA THR X 77 -47.90 2.10 -48.90
C THR X 77 -48.68 2.02 -50.21
N THR X 78 -47.98 2.06 -51.34
CA THR X 78 -48.65 1.98 -52.62
C THR X 78 -49.38 0.64 -52.77
N GLU X 79 -48.78 -0.44 -52.28
CA GLU X 79 -49.42 -1.74 -52.37
C GLU X 79 -50.70 -1.80 -51.54
N GLY X 80 -50.69 -1.18 -50.35
CA GLY X 80 -51.92 -1.13 -49.58
C GLY X 80 -53.04 -0.40 -50.29
N ALA X 81 -52.72 0.75 -50.88
CA ALA X 81 -53.73 1.48 -51.65
C ALA X 81 -54.26 0.63 -52.79
N LEU X 82 -53.35 -0.08 -53.48
CA LEU X 82 -53.76 -0.94 -54.58
C LEU X 82 -54.67 -2.06 -54.10
N SER X 83 -54.42 -2.59 -52.90
CA SER X 83 -55.28 -3.65 -52.37
C SER X 83 -56.70 -3.13 -52.14
N GLU X 84 -56.82 -1.92 -51.60
CA GLU X 84 -58.16 -1.35 -51.44
C GLU X 84 -58.85 -1.17 -52.79
N ILE X 85 -58.12 -0.67 -53.79
CA ILE X 85 -58.70 -0.50 -55.11
C ILE X 85 -59.16 -1.85 -55.67
N ASN X 86 -58.37 -2.90 -55.43
CA ASN X 86 -58.73 -4.23 -55.90
C ASN X 86 -60.04 -4.70 -55.25
N ASN X 87 -60.19 -4.47 -53.95
CA ASN X 87 -61.43 -4.85 -53.29
C ASN X 87 -62.63 -4.13 -53.90
N ASN X 88 -62.48 -2.83 -54.16
CA ASN X 88 -63.57 -2.08 -54.78
C ASN X 88 -63.91 -2.65 -56.16
N LEU X 89 -62.88 -2.98 -56.95
CA LEU X 89 -63.13 -3.53 -58.29
C LEU X 89 -63.84 -4.88 -58.20
N GLN X 90 -63.45 -5.72 -57.24
CA GLN X 90 -64.12 -7.01 -57.07
C GLN X 90 -65.60 -6.82 -56.76
N ARG X 91 -65.92 -5.89 -55.85
CA ARG X 91 -67.32 -5.66 -55.52
C ARG X 91 -68.08 -5.13 -56.74
N VAL X 92 -67.44 -4.26 -57.52
CA VAL X 92 -68.09 -3.74 -58.73
C VAL X 92 -68.37 -4.86 -59.72
N ARG X 93 -67.44 -5.81 -59.85
CA ARG X 93 -67.66 -6.94 -60.74
C ARG X 93 -68.84 -7.78 -60.28
N GLU X 94 -68.93 -8.05 -58.97
CA GLU X 94 -70.09 -8.77 -58.46
C GLU X 94 -71.37 -8.02 -58.75
N LEU X 95 -71.34 -6.70 -58.61
CA LEU X 95 -72.51 -5.88 -58.90
C LEU X 95 -72.94 -6.01 -60.36
N THR X 96 -71.98 -5.98 -61.27
CA THR X 96 -72.31 -6.11 -62.69
C THR X 96 -72.90 -7.48 -62.99
N VAL X 97 -72.32 -8.53 -62.37
CA VAL X 97 -72.88 -9.87 -62.55
C VAL X 97 -74.32 -9.91 -62.09
N GLN X 98 -74.63 -9.26 -60.97
CA GLN X 98 -76.02 -9.23 -60.52
C GLN X 98 -76.90 -8.40 -61.45
N ALA X 99 -76.35 -7.31 -62.00
CA ALA X 99 -77.17 -6.39 -62.78
C ALA X 99 -77.53 -6.92 -64.15
N THR X 100 -76.63 -7.68 -64.78
CA THR X 100 -76.89 -8.13 -66.15
C THR X 100 -77.89 -9.29 -66.17
N THR X 101 -79.06 -9.10 -65.57
CA THR X 101 -80.09 -10.13 -65.52
C THR X 101 -81.42 -9.53 -65.96
N GLY X 102 -82.23 -10.37 -66.62
CA GLY X 102 -83.53 -9.92 -67.09
C GLY X 102 -84.57 -9.74 -66.00
N THR X 103 -84.35 -10.32 -64.83
CA THR X 103 -85.30 -10.18 -63.73
C THR X 103 -85.38 -8.73 -63.27
N ASN X 104 -84.24 -8.05 -63.20
CA ASN X 104 -84.20 -6.69 -62.66
C ASN X 104 -85.05 -5.73 -63.48
N SER X 105 -85.75 -4.83 -62.80
CA SER X 105 -86.51 -3.78 -63.44
C SER X 105 -85.61 -2.57 -63.67
N GLU X 106 -86.19 -1.45 -64.10
CA GLU X 106 -85.39 -0.27 -64.39
C GLU X 106 -84.92 0.41 -63.10
N SER X 107 -85.79 0.47 -62.09
CA SER X 107 -85.39 1.07 -60.82
C SER X 107 -84.30 0.25 -60.14
N ASP X 108 -84.37 -1.08 -60.25
CA ASP X 108 -83.32 -1.93 -59.69
C ASP X 108 -81.99 -1.66 -60.39
N LEU X 109 -82.01 -1.52 -61.72
CA LEU X 109 -80.81 -1.17 -62.44
C LEU X 109 -80.30 0.20 -62.03
N SER X 110 -81.20 1.13 -61.76
CA SER X 110 -80.79 2.46 -61.29
C SER X 110 -80.07 2.37 -59.96
N SER X 111 -80.61 1.57 -59.02
CA SER X 111 -79.97 1.42 -57.72
C SER X 111 -78.60 0.76 -57.86
N ILE X 112 -78.50 -0.28 -58.70
CA ILE X 112 -77.23 -0.95 -58.91
C ILE X 112 -76.22 0.02 -59.51
N GLN X 113 -76.67 0.85 -60.47
CA GLN X 113 -75.79 1.84 -61.07
C GLN X 113 -75.35 2.88 -60.05
N ASP X 114 -76.25 3.27 -59.14
CA ASP X 114 -75.87 4.20 -58.08
C ASP X 114 -74.74 3.63 -57.23
N GLU X 115 -74.89 2.37 -56.80
CA GLU X 115 -73.84 1.74 -56.00
C GLU X 115 -72.53 1.63 -56.78
N ILE X 116 -72.63 1.22 -58.05
CA ILE X 116 -71.43 1.06 -58.88
C ILE X 116 -70.72 2.39 -59.05
N LYS X 117 -71.47 3.46 -59.33
CA LYS X 117 -70.88 4.78 -59.50
C LYS X 117 -70.24 5.25 -58.21
N SER X 118 -70.89 5.00 -57.07
CA SER X 118 -70.30 5.39 -55.79
C SER X 118 -68.97 4.70 -55.57
N ARG X 119 -68.90 3.40 -55.87
CA ARG X 119 -67.63 2.69 -55.68
C ARG X 119 -66.57 3.13 -56.69
N LEU X 120 -66.98 3.48 -57.91
CA LEU X 120 -66.01 4.00 -58.88
C LEU X 120 -65.46 5.35 -58.43
N ASP X 121 -66.32 6.22 -57.90
CA ASP X 121 -65.83 7.49 -57.35
C ASP X 121 -64.91 7.24 -56.16
N GLU X 122 -65.20 6.23 -55.35
CA GLU X 122 -64.29 5.87 -54.28
C GLU X 122 -62.93 5.43 -54.82
N ILE X 123 -62.93 4.65 -55.90
CA ILE X 123 -61.67 4.25 -56.52
C ILE X 123 -60.88 5.47 -56.96
N ASP X 124 -61.57 6.40 -57.64
CA ASP X 124 -60.89 7.60 -58.14
C ASP X 124 -60.35 8.45 -56.99
N ARG X 125 -61.13 8.58 -55.91
CA ARG X 125 -60.68 9.35 -54.76
C ARG X 125 -59.47 8.72 -54.10
N VAL X 126 -59.50 7.41 -53.88
CA VAL X 126 -58.36 6.73 -53.27
C VAL X 126 -57.12 6.90 -54.15
N SER X 127 -57.31 6.86 -55.47
CA SER X 127 -56.19 7.10 -56.38
C SER X 127 -55.63 8.51 -56.20
N GLY X 128 -56.50 9.52 -56.26
CA GLY X 128 -56.03 10.89 -56.27
C GLY X 128 -55.43 11.35 -54.96
N GLN X 129 -56.10 11.03 -53.84
CA GLN X 129 -55.76 11.64 -52.57
C GLN X 129 -54.56 10.99 -51.89
N THR X 130 -54.25 9.74 -52.21
CA THR X 130 -53.18 9.01 -51.55
C THR X 130 -51.83 9.60 -51.94
N GLN X 131 -51.16 10.26 -50.99
CA GLN X 131 -49.85 10.85 -51.21
C GLN X 131 -48.89 10.40 -50.13
N PHE X 132 -47.64 10.17 -50.53
CA PHE X 132 -46.57 9.78 -49.61
C PHE X 132 -45.47 10.82 -49.67
N ASN X 133 -45.17 11.43 -48.52
CA ASN X 133 -44.13 12.46 -48.41
C ASN X 133 -44.34 13.56 -49.45
N GLY X 134 -45.59 14.01 -49.56
CA GLY X 134 -45.93 15.02 -50.54
C GLY X 134 -45.75 14.60 -51.98
N VAL X 135 -45.92 13.31 -52.26
CA VAL X 135 -45.85 12.79 -53.62
C VAL X 135 -47.08 11.92 -53.85
N ASN X 136 -47.92 12.32 -54.81
CA ASN X 136 -49.11 11.55 -55.14
C ASN X 136 -48.68 10.38 -56.01
N VAL X 137 -48.48 9.22 -55.39
CA VAL X 137 -47.91 8.08 -56.11
C VAL X 137 -48.86 7.59 -57.19
N LEU X 138 -50.13 7.44 -56.87
CA LEU X 138 -51.13 6.95 -57.83
C LEU X 138 -51.87 8.10 -58.50
N ALA X 139 -51.14 9.05 -59.07
CA ALA X 139 -51.76 10.14 -59.81
C ALA X 139 -51.05 10.50 -61.09
N LYS X 140 -49.91 9.88 -61.40
CA LYS X 140 -49.15 10.22 -62.58
C LYS X 140 -48.07 9.16 -62.80
N ASN X 141 -47.88 8.76 -64.06
CA ASN X 141 -46.81 7.84 -64.38
C ASN X 141 -45.47 8.49 -64.06
N GLY X 142 -44.62 7.74 -63.35
CA GLY X 142 -43.34 8.27 -62.97
C GLY X 142 -42.44 7.17 -62.43
N SER X 143 -41.30 7.59 -61.88
CA SER X 143 -40.34 6.64 -61.35
C SER X 143 -39.53 7.31 -60.25
N MET X 144 -39.03 6.48 -59.33
CA MET X 144 -38.15 6.92 -58.27
C MET X 144 -36.81 6.21 -58.39
N LYS X 145 -35.75 6.91 -57.99
CA LYS X 145 -34.39 6.38 -58.06
C LYS X 145 -33.84 6.32 -56.64
N ILE X 146 -33.71 5.11 -56.12
CA ILE X 146 -33.30 4.91 -54.73
C ILE X 146 -31.80 4.68 -54.67
N GLN X 147 -31.09 5.60 -54.01
CA GLN X 147 -29.65 5.47 -53.84
C GLN X 147 -29.35 4.34 -52.88
N VAL X 148 -28.79 3.24 -53.39
CA VAL X 148 -28.48 2.09 -52.55
C VAL X 148 -27.00 1.79 -52.64
N GLY X 149 -26.18 2.80 -52.93
CA GLY X 149 -24.76 2.62 -53.03
C GLY X 149 -24.01 3.82 -52.50
N ALA X 150 -22.69 3.66 -52.39
CA ALA X 150 -21.83 4.71 -51.86
C ALA X 150 -21.38 5.70 -52.94
N ASN X 151 -21.20 5.23 -54.17
CA ASN X 151 -20.76 6.09 -55.26
C ASN X 151 -21.98 6.70 -55.94
N ASP X 152 -21.77 7.34 -57.10
CA ASP X 152 -22.84 7.95 -57.85
C ASP X 152 -23.41 6.98 -58.87
N ASN X 153 -24.66 7.22 -59.26
CA ASN X 153 -25.40 6.35 -60.17
C ASN X 153 -25.46 4.92 -59.62
N GLN X 154 -26.05 4.79 -58.45
CA GLN X 154 -26.20 3.53 -57.73
C GLN X 154 -27.66 3.28 -57.39
N THR X 155 -28.55 3.52 -58.36
CA THR X 155 -29.97 3.63 -58.09
C THR X 155 -30.72 2.37 -58.49
N ILE X 156 -31.70 2.01 -57.67
CA ILE X 156 -32.71 1.01 -58.02
C ILE X 156 -33.99 1.73 -58.35
N THR X 157 -34.54 1.47 -59.53
CA THR X 157 -35.64 2.27 -60.07
C THR X 157 -36.97 1.65 -59.68
N ILE X 158 -37.77 2.41 -58.95
CA ILE X 158 -39.15 2.05 -58.63
C ILE X 158 -40.06 2.70 -59.66
N ASP X 159 -41.05 1.95 -60.14
CA ASP X 159 -41.97 2.44 -61.16
C ASP X 159 -43.36 2.64 -60.56
N LEU X 160 -43.98 3.75 -60.92
CA LEU X 160 -45.31 4.09 -60.42
C LEU X 160 -46.21 4.37 -61.62
N LYS X 161 -47.35 3.70 -61.67
CA LYS X 161 -48.31 3.83 -62.76
C LYS X 161 -49.56 4.53 -62.28
N GLN X 162 -50.05 5.48 -63.07
CA GLN X 162 -51.30 6.16 -62.74
C GLN X 162 -52.46 5.19 -62.83
N ILE X 163 -53.06 4.87 -61.69
CA ILE X 163 -54.16 3.91 -61.62
C ILE X 163 -55.42 4.68 -61.21
N ASP X 164 -56.37 4.79 -62.13
CA ASP X 164 -57.64 5.45 -61.86
C ASP X 164 -58.63 4.99 -62.92
N ALA X 165 -59.83 5.60 -62.90
CA ALA X 165 -60.87 5.21 -63.84
C ALA X 165 -60.45 5.45 -65.28
N LYS X 166 -59.82 6.59 -65.56
CA LYS X 166 -59.45 6.91 -66.93
C LYS X 166 -58.40 5.94 -67.46
N THR X 167 -57.41 5.61 -66.64
CA THR X 167 -56.33 4.70 -67.04
C THR X 167 -56.68 3.24 -66.83
N LEU X 168 -57.95 2.93 -66.59
CA LEU X 168 -58.40 1.55 -66.48
C LEU X 168 -59.54 1.23 -67.44
N GLY X 169 -60.01 2.19 -68.22
CA GLY X 169 -61.11 1.98 -69.12
C GLY X 169 -62.48 2.13 -68.51
N LEU X 170 -62.57 2.36 -67.20
CA LEU X 170 -63.85 2.52 -66.52
C LEU X 170 -64.24 3.99 -66.40
N ASP X 171 -64.26 4.69 -67.52
CA ASP X 171 -64.69 6.08 -67.59
C ASP X 171 -66.07 6.13 -68.23
N GLY X 172 -67.09 6.44 -67.45
CA GLY X 172 -68.45 6.38 -67.91
C GLY X 172 -69.10 5.03 -67.82
N PHE X 173 -68.51 4.11 -67.04
CA PHE X 173 -69.05 2.76 -66.91
C PHE X 173 -70.45 2.81 -66.33
N SER X 174 -71.43 2.38 -67.11
CA SER X 174 -72.83 2.41 -66.70
C SER X 174 -73.50 1.09 -67.05
N VAL X 175 -74.55 0.77 -66.28
CA VAL X 175 -75.33 -0.44 -66.51
C VAL X 175 -76.80 -0.07 -66.65
N LYS X 176 -77.06 1.16 -67.08
CA LYS X 176 -78.43 1.62 -67.28
C LYS X 176 -78.43 2.68 -68.38
N ASN X 177 -79.63 2.95 -68.90
CA ASN X 177 -79.79 3.91 -69.99
C ASN X 177 -80.20 5.28 -69.45
N THR X 407 -73.24 0.09 -71.45
CA THR X 407 -71.84 -0.25 -71.70
C THR X 407 -71.71 -1.67 -72.22
N THR X 408 -71.09 -1.81 -73.39
CA THR X 408 -70.91 -3.13 -73.99
C THR X 408 -69.73 -3.85 -73.37
N ASP X 409 -69.88 -5.17 -73.19
CA ASP X 409 -68.87 -6.02 -72.59
C ASP X 409 -68.32 -5.45 -71.28
N PRO X 410 -69.17 -5.29 -70.26
CA PRO X 410 -68.66 -4.72 -69.00
C PRO X 410 -67.71 -5.65 -68.27
N LEU X 411 -68.03 -6.95 -68.23
CA LEU X 411 -67.23 -7.89 -67.45
C LEU X 411 -65.83 -8.03 -68.00
N LYS X 412 -65.69 -8.03 -69.33
CA LYS X 412 -64.36 -8.12 -69.93
C LYS X 412 -63.50 -6.92 -69.54
N ALA X 413 -64.08 -5.71 -69.58
CA ALA X 413 -63.33 -4.53 -69.19
C ALA X 413 -62.95 -4.57 -67.71
N LEU X 414 -63.88 -5.04 -66.87
CA LEU X 414 -63.58 -5.13 -65.44
C LEU X 414 -62.45 -6.11 -65.18
N ASP X 415 -62.48 -7.26 -65.85
CA ASP X 415 -61.39 -8.23 -65.70
C ASP X 415 -60.07 -7.66 -66.21
N ASP X 416 -60.12 -6.90 -67.31
CA ASP X 416 -58.91 -6.27 -67.82
C ASP X 416 -58.32 -5.31 -66.81
N ALA X 417 -59.17 -4.50 -66.17
CA ALA X 417 -58.69 -3.58 -65.14
C ALA X 417 -58.10 -4.32 -63.96
N ILE X 418 -58.74 -5.43 -63.55
CA ILE X 418 -58.24 -6.21 -62.43
C ILE X 418 -56.85 -6.75 -62.75
N ALA X 419 -56.67 -7.28 -63.96
CA ALA X 419 -55.34 -7.80 -64.33
C ALA X 419 -54.32 -6.68 -64.46
N SER X 420 -54.75 -5.50 -64.89
CA SER X 420 -53.82 -4.40 -65.06
C SER X 420 -53.36 -3.82 -63.73
N VAL X 421 -54.17 -3.93 -62.68
CA VAL X 421 -53.68 -3.52 -61.37
C VAL X 421 -52.87 -4.66 -60.72
N ASP X 422 -53.20 -5.91 -61.04
CA ASP X 422 -52.41 -7.03 -60.52
C ASP X 422 -50.98 -6.99 -61.05
N LYS X 423 -50.79 -6.59 -62.31
CA LYS X 423 -49.45 -6.47 -62.86
C LYS X 423 -48.62 -5.45 -62.08
N PHE X 424 -49.20 -4.29 -61.78
CA PHE X 424 -48.49 -3.27 -61.03
C PHE X 424 -48.18 -3.75 -59.62
N ARG X 425 -49.11 -4.48 -59.01
CA ARG X 425 -48.86 -5.03 -57.68
C ARG X 425 -47.68 -6.00 -57.71
N SER X 426 -47.61 -6.85 -58.74
CA SER X 426 -46.50 -7.80 -58.86
C SER X 426 -45.18 -7.06 -59.03
N SER X 427 -45.17 -6.01 -59.84
CA SER X 427 -43.94 -5.23 -60.01
C SER X 427 -43.50 -4.62 -58.68
N LEU X 428 -44.46 -4.09 -57.91
CA LEU X 428 -44.12 -3.52 -56.60
C LEU X 428 -43.52 -4.57 -55.68
N GLY X 429 -44.10 -5.78 -55.66
CA GLY X 429 -43.54 -6.84 -54.83
C GLY X 429 -42.13 -7.22 -55.23
N ALA X 430 -41.88 -7.29 -56.54
CA ALA X 430 -40.53 -7.58 -57.01
C ALA X 430 -39.55 -6.51 -56.55
N VAL X 431 -39.95 -5.24 -56.63
CA VAL X 431 -39.08 -4.16 -56.18
C VAL X 431 -38.80 -4.28 -54.69
N GLN X 432 -39.82 -4.64 -53.91
CA GLN X 432 -39.63 -4.82 -52.48
C GLN X 432 -38.60 -5.90 -52.18
N ASN X 433 -38.71 -7.04 -52.88
CA ASN X 433 -37.75 -8.12 -52.65
C ASN X 433 -36.34 -7.69 -53.02
N ARG X 434 -36.20 -6.99 -54.15
CA ARG X 434 -34.87 -6.49 -54.55
C ARG X 434 -34.29 -5.58 -53.48
N LEU X 435 -35.10 -4.65 -52.97
CA LEU X 435 -34.60 -3.72 -51.97
C LEU X 435 -34.18 -4.44 -50.69
N ASP X 436 -34.96 -5.44 -50.27
CA ASP X 436 -34.59 -6.18 -49.06
C ASP X 436 -33.26 -6.91 -49.24
N SER X 437 -33.08 -7.56 -50.40
CA SER X 437 -31.81 -8.22 -50.67
C SER X 437 -30.66 -7.22 -50.65
N ALA X 438 -30.89 -6.03 -51.23
CA ALA X 438 -29.86 -5.00 -51.21
C ALA X 438 -29.50 -4.59 -49.79
N VAL X 439 -30.51 -4.43 -48.93
CA VAL X 439 -30.23 -4.04 -47.55
C VAL X 439 -29.37 -5.09 -46.86
N THR X 440 -29.71 -6.36 -47.05
CA THR X 440 -28.92 -7.41 -46.41
C THR X 440 -27.48 -7.41 -46.91
N ASN X 441 -27.29 -7.26 -48.22
CA ASN X 441 -25.93 -7.24 -48.77
C ASN X 441 -25.14 -6.06 -48.24
N LEU X 442 -25.76 -4.87 -48.17
CA LEU X 442 -25.08 -3.71 -47.63
C LEU X 442 -24.70 -3.91 -46.17
N ASN X 443 -25.57 -4.53 -45.37
CA ASN X 443 -25.23 -4.79 -43.98
C ASN X 443 -23.98 -5.68 -43.89
N ASN X 444 -23.96 -6.75 -44.67
CA ASN X 444 -22.80 -7.66 -44.63
C ASN X 444 -21.53 -6.96 -45.06
N THR X 445 -21.60 -6.19 -46.15
CA THR X 445 -20.42 -5.50 -46.66
C THR X 445 -19.92 -4.46 -45.66
N THR X 446 -20.84 -3.73 -45.02
CA THR X 446 -20.43 -2.75 -44.03
C THR X 446 -19.72 -3.42 -42.86
N THR X 447 -20.25 -4.55 -42.39
CA THR X 447 -19.59 -5.26 -41.30
C THR X 447 -18.18 -5.69 -41.70
N ASN X 448 -18.03 -6.26 -42.90
CA ASN X 448 -16.72 -6.72 -43.31
C ASN X 448 -15.73 -5.58 -43.44
N LEU X 449 -16.15 -4.47 -44.05
CA LEU X 449 -15.24 -3.34 -44.22
C LEU X 449 -14.88 -2.70 -42.88
N SER X 450 -15.84 -2.65 -41.96
CA SER X 450 -15.55 -2.14 -40.62
C SER X 450 -14.51 -3.01 -39.93
N GLU X 451 -14.64 -4.32 -40.06
CA GLU X 451 -13.66 -5.19 -39.42
C GLU X 451 -12.28 -5.04 -40.07
N ALA X 452 -12.23 -4.81 -41.39
CA ALA X 452 -10.95 -4.54 -42.04
C ALA X 452 -10.33 -3.25 -41.52
N GLN X 453 -11.14 -2.20 -41.38
CA GLN X 453 -10.62 -0.95 -40.82
C GLN X 453 -10.11 -1.16 -39.41
N SER X 454 -10.78 -2.04 -38.65
CA SER X 454 -10.27 -2.40 -37.34
C SER X 454 -8.91 -3.08 -37.44
N ARG X 455 -8.76 -4.01 -38.40
CA ARG X 455 -7.48 -4.69 -38.57
C ARG X 455 -6.39 -3.76 -39.06
N ILE X 456 -6.72 -2.56 -39.55
CA ILE X 456 -5.73 -1.66 -40.12
C ILE X 456 -5.36 -0.54 -39.15
N GLN X 457 -6.35 0.19 -38.64
CA GLN X 457 -6.07 1.42 -37.92
C GLN X 457 -5.97 1.24 -36.41
N ASP X 458 -6.58 0.21 -35.84
CA ASP X 458 -6.63 0.10 -34.40
C ASP X 458 -5.35 -0.54 -33.84
N ALA X 459 -5.15 -0.34 -32.54
CA ALA X 459 -3.98 -0.84 -31.84
C ALA X 459 -4.36 -1.98 -30.90
N ASP X 460 -3.36 -2.81 -30.59
CA ASP X 460 -3.52 -3.93 -29.68
C ASP X 460 -3.00 -3.52 -28.31
N TYR X 461 -3.88 -3.57 -27.30
CA TYR X 461 -3.55 -2.94 -26.02
C TYR X 461 -2.51 -3.71 -25.22
N ALA X 462 -2.43 -5.04 -25.41
CA ALA X 462 -1.41 -5.81 -24.70
C ALA X 462 -0.01 -5.32 -25.07
N THR X 463 0.24 -5.18 -26.38
CA THR X 463 1.53 -4.71 -26.85
C THR X 463 1.82 -3.30 -26.33
N GLU X 464 0.82 -2.43 -26.38
CA GLU X 464 1.02 -1.04 -25.94
C GLU X 464 1.33 -0.98 -24.46
N VAL X 465 0.63 -1.78 -23.64
CA VAL X 465 0.89 -1.79 -22.20
C VAL X 465 2.30 -2.29 -21.92
N SER X 466 2.70 -3.36 -22.61
CA SER X 466 4.06 -3.88 -22.39
C SER X 466 5.10 -2.85 -22.78
N ASN X 467 4.91 -2.20 -23.93
CA ASN X 467 5.87 -1.19 -24.37
C ASN X 467 5.92 -0.01 -23.41
N MET X 468 4.76 0.42 -22.90
CA MET X 468 4.74 1.54 -21.97
C MET X 468 5.47 1.20 -20.67
N SER X 469 5.25 -0.01 -20.15
CA SER X 469 5.96 -0.41 -18.94
C SER X 469 7.46 -0.47 -19.17
N LYS X 470 7.88 -1.05 -20.30
CA LYS X 470 9.30 -1.12 -20.62
C LYS X 470 9.89 0.28 -20.74
N ALA X 471 9.17 1.19 -21.39
CA ALA X 471 9.66 2.56 -21.55
C ALA X 471 9.80 3.26 -20.20
N GLN X 472 8.85 3.04 -19.30
CA GLN X 472 8.96 3.64 -17.97
C GLN X 472 10.19 3.12 -17.22
N ILE X 473 10.41 1.80 -17.29
CA ILE X 473 11.59 1.24 -16.64
C ILE X 473 12.87 1.81 -17.24
N ILE X 474 12.91 1.94 -18.57
CA ILE X 474 14.08 2.50 -19.22
C ILE X 474 14.31 3.94 -18.79
N GLN X 475 13.24 4.72 -18.69
CA GLN X 475 13.38 6.11 -18.26
C GLN X 475 13.96 6.21 -16.87
N GLN X 476 13.42 5.43 -15.92
CA GLN X 476 13.93 5.51 -14.55
C GLN X 476 15.37 5.02 -14.47
N ALA X 477 15.70 3.96 -15.21
CA ALA X 477 17.08 3.46 -15.22
C ALA X 477 18.03 4.51 -15.77
N GLY X 478 17.65 5.16 -16.87
CA GLY X 478 18.48 6.20 -17.44
C GLY X 478 18.67 7.37 -16.48
N ASN X 479 17.61 7.73 -15.76
CA ASN X 479 17.73 8.81 -14.79
C ASN X 479 18.73 8.46 -13.68
N SER X 480 18.65 7.21 -13.19
CA SER X 480 19.61 6.79 -12.15
C SER X 480 21.04 6.81 -12.68
N VAL X 481 21.24 6.31 -13.91
CA VAL X 481 22.58 6.29 -14.48
C VAL X 481 23.08 7.71 -14.70
N LEU X 482 22.19 8.64 -15.07
CA LEU X 482 22.58 10.03 -15.21
C LEU X 482 23.03 10.61 -13.88
N ALA X 483 22.30 10.30 -12.81
CA ALA X 483 22.70 10.78 -11.49
C ALA X 483 24.09 10.25 -11.13
N LYS X 484 24.34 8.97 -11.38
CA LYS X 484 25.64 8.41 -11.07
C LYS X 484 26.74 9.03 -11.94
N ALA X 485 26.44 9.29 -13.21
CA ALA X 485 27.42 9.90 -14.11
C ALA X 485 27.79 11.29 -13.63
N ASN X 486 26.81 12.09 -13.20
CA ASN X 486 27.14 13.40 -12.63
C ASN X 486 27.84 13.28 -11.30
N GLN X 487 27.63 12.18 -10.57
CA GLN X 487 28.35 11.97 -9.32
C GLN X 487 29.82 11.61 -9.54
N VAL X 488 30.12 10.98 -10.68
CA VAL X 488 31.49 10.49 -10.92
C VAL X 488 32.56 11.56 -10.75
N PRO X 489 32.44 12.76 -11.35
CA PRO X 489 33.58 13.71 -11.33
C PRO X 489 33.94 14.26 -9.97
N GLN X 490 33.30 13.83 -8.88
CA GLN X 490 33.60 14.40 -7.57
C GLN X 490 35.02 14.11 -7.08
N GLN X 491 35.65 13.06 -7.60
CA GLN X 491 36.97 12.66 -7.09
C GLN X 491 38.04 13.72 -7.33
N VAL X 492 37.81 14.63 -8.28
CA VAL X 492 38.80 15.68 -8.55
C VAL X 492 38.90 16.63 -7.36
N LEU X 493 37.80 16.88 -6.67
CA LEU X 493 37.87 17.69 -5.45
C LEU X 493 38.72 17.00 -4.39
N SER X 494 38.58 15.69 -4.24
CA SER X 494 39.45 14.96 -3.32
C SER X 494 40.91 15.06 -3.75
N LEU X 495 41.17 14.97 -5.05
CA LEU X 495 42.52 15.15 -5.56
C LEU X 495 43.08 16.51 -5.17
N LEU X 496 42.28 17.57 -5.37
CA LEU X 496 42.75 18.92 -5.08
C LEU X 496 42.99 19.12 -3.60
N GLN X 497 42.08 18.64 -2.75
CA GLN X 497 42.20 18.87 -1.32
C GLN X 497 43.43 18.16 -0.75
N GLY X 498 43.80 17.01 -1.30
CA GLY X 498 44.96 16.28 -0.84
C GLY X 498 44.62 15.17 0.14
N GLN Y 3 -17.94 16.31 10.99
CA GLN Y 3 -17.23 15.08 10.69
C GLN Y 3 -17.45 14.08 11.82
N VAL Y 4 -18.24 14.50 12.80
CA VAL Y 4 -18.48 13.77 14.03
C VAL Y 4 -18.84 12.32 13.78
N ILE Y 5 -18.15 11.41 14.47
CA ILE Y 5 -18.38 9.98 14.33
C ILE Y 5 -18.95 9.37 15.59
N ASN Y 6 -19.09 10.14 16.66
CA ASN Y 6 -19.69 9.68 17.89
C ASN Y 6 -21.21 9.84 17.88
N THR Y 7 -21.76 10.50 16.86
CA THR Y 7 -23.19 10.65 16.68
C THR Y 7 -23.51 10.57 15.20
N ASN Y 8 -24.60 9.89 14.87
CA ASN Y 8 -24.99 9.61 13.48
C ASN Y 8 -26.42 10.07 13.24
N SER Y 9 -26.70 11.34 13.58
CA SER Y 9 -28.03 11.94 13.56
C SER Y 9 -28.87 11.48 12.37
N LEU Y 10 -28.26 11.35 11.20
CA LEU Y 10 -28.98 10.88 10.03
C LEU Y 10 -29.57 9.49 10.28
N SER Y 11 -28.78 8.59 10.86
CA SER Y 11 -29.30 7.26 11.17
C SER Y 11 -30.43 7.33 12.18
N LEU Y 12 -30.32 8.20 13.17
CA LEU Y 12 -31.40 8.34 14.15
C LEU Y 12 -32.69 8.81 13.48
N ILE Y 13 -32.59 9.77 12.56
CA ILE Y 13 -33.77 10.24 11.84
C ILE Y 13 -34.37 9.11 11.01
N THR Y 14 -33.52 8.35 10.32
CA THR Y 14 -34.02 7.26 9.49
C THR Y 14 -34.72 6.20 10.33
N GLN Y 15 -34.14 5.85 11.48
CA GLN Y 15 -34.78 4.88 12.37
C GLN Y 15 -36.10 5.41 12.90
N ASN Y 16 -36.17 6.71 13.19
CA ASN Y 16 -37.42 7.30 13.62
C ASN Y 16 -38.49 7.16 12.54
N ASN Y 17 -38.14 7.42 11.28
CA ASN Y 17 -39.09 7.26 10.20
C ASN Y 17 -39.54 5.80 10.06
N ILE Y 18 -38.60 4.87 10.19
CA ILE Y 18 -38.95 3.45 10.08
C ILE Y 18 -39.90 3.04 11.18
N ASN Y 19 -39.64 3.47 12.41
CA ASN Y 19 -40.53 3.15 13.52
C ASN Y 19 -41.90 3.80 13.32
N LYS Y 20 -41.94 4.98 12.69
CA LYS Y 20 -43.23 5.59 12.36
C LYS Y 20 -43.99 4.73 11.35
N ASN Y 21 -43.31 4.20 10.35
CA ASN Y 21 -43.99 3.40 9.32
C ASN Y 21 -44.44 2.05 9.85
N GLN Y 22 -43.74 1.54 10.89
CA GLN Y 22 -44.07 0.22 11.44
C GLN Y 22 -45.53 0.11 11.84
N SER Y 23 -46.09 1.17 12.45
CA SER Y 23 -47.47 1.11 12.90
C SER Y 23 -48.43 0.93 11.74
N ALA Y 24 -48.24 1.68 10.66
CA ALA Y 24 -49.10 1.53 9.50
C ALA Y 24 -48.97 0.14 8.89
N LEU Y 25 -47.74 -0.38 8.81
CA LEU Y 25 -47.55 -1.70 8.23
C LEU Y 25 -48.26 -2.77 9.05
N SER Y 26 -48.11 -2.69 10.37
CA SER Y 26 -48.76 -3.66 11.26
C SER Y 26 -50.28 -3.55 11.18
N SER Y 27 -50.80 -2.33 11.11
CA SER Y 27 -52.24 -2.16 10.99
C SER Y 27 -52.75 -2.78 9.70
N SER Y 28 -52.05 -2.55 8.58
CA SER Y 28 -52.46 -3.15 7.32
C SER Y 28 -52.47 -4.67 7.40
N ILE Y 29 -51.42 -5.25 7.98
CA ILE Y 29 -51.35 -6.71 8.11
C ILE Y 29 -52.51 -7.23 8.94
N GLU Y 30 -52.78 -6.58 10.09
CA GLU Y 30 -53.85 -7.05 10.96
C GLU Y 30 -55.20 -6.96 10.28
N ARG Y 31 -55.47 -5.85 9.59
CA ARG Y 31 -56.76 -5.69 8.91
C ARG Y 31 -56.92 -6.72 7.81
N LEU Y 32 -55.86 -6.98 7.04
CA LEU Y 32 -55.97 -7.97 5.98
C LEU Y 32 -56.18 -9.38 6.53
N SER Y 33 -55.50 -9.72 7.63
CA SER Y 33 -55.64 -11.07 8.18
C SER Y 33 -57.00 -11.28 8.83
N SER Y 34 -57.47 -10.30 9.59
CA SER Y 34 -58.70 -10.49 10.36
C SER Y 34 -59.94 -10.32 9.49
N GLY Y 35 -60.01 -9.24 8.71
CA GLY Y 35 -61.17 -8.94 7.91
C GLY Y 35 -62.08 -7.88 8.48
N LEU Y 36 -61.75 -7.31 9.64
CA LEU Y 36 -62.52 -6.24 10.25
C LEU Y 36 -61.70 -4.97 10.25
N ARG Y 37 -62.34 -3.85 9.88
CA ARG Y 37 -61.66 -2.56 9.99
C ARG Y 37 -61.42 -2.20 11.44
N ILE Y 38 -62.38 -2.51 12.31
CA ILE Y 38 -62.27 -2.23 13.74
C ILE Y 38 -61.87 -3.55 14.42
N ASN Y 39 -60.57 -3.77 14.56
CA ASN Y 39 -60.05 -4.93 15.24
C ASN Y 39 -59.76 -4.68 16.71
N SER Y 40 -59.94 -3.45 17.18
CA SER Y 40 -59.65 -3.09 18.55
C SER Y 40 -60.41 -1.81 18.89
N ALA Y 41 -60.49 -1.51 20.18
CA ALA Y 41 -61.12 -0.27 20.59
C ALA Y 41 -60.32 0.96 20.18
N LYS Y 42 -59.03 0.79 19.88
CA LYS Y 42 -58.24 1.94 19.45
C LYS Y 42 -58.70 2.49 18.11
N ASP Y 43 -59.29 1.64 17.26
CA ASP Y 43 -59.64 2.08 15.91
C ASP Y 43 -60.69 3.19 15.94
N ASP Y 44 -61.93 2.84 16.28
CA ASP Y 44 -63.01 3.81 16.42
C ASP Y 44 -63.65 3.75 17.80
N ALA Y 45 -64.15 2.58 18.17
CA ALA Y 45 -64.80 2.20 19.42
C ALA Y 45 -66.19 2.79 19.59
N ALA Y 46 -66.52 3.88 18.89
CA ALA Y 46 -67.91 4.23 18.72
C ALA Y 46 -68.54 3.33 17.67
N GLY Y 47 -67.82 3.12 16.57
CA GLY Y 47 -68.20 2.09 15.64
C GLY Y 47 -68.19 0.71 16.26
N GLN Y 48 -67.30 0.47 17.21
CA GLN Y 48 -67.28 -0.82 17.89
C GLN Y 48 -68.52 -1.01 18.77
N ALA Y 49 -68.91 0.03 19.51
CA ALA Y 49 -70.14 -0.06 20.29
C ALA Y 49 -71.35 -0.23 19.36
N ILE Y 50 -71.36 0.51 18.25
CA ILE Y 50 -72.43 0.38 17.27
C ILE Y 50 -72.49 -1.03 16.68
N ALA Y 51 -71.33 -1.59 16.34
CA ALA Y 51 -71.30 -2.94 15.79
C ALA Y 51 -71.77 -3.96 16.82
N ASN Y 52 -71.35 -3.81 18.07
CA ASN Y 52 -71.84 -4.71 19.12
C ASN Y 52 -73.35 -4.62 19.24
N ARG Y 53 -73.90 -3.41 19.17
CA ARG Y 53 -75.33 -3.24 19.31
C ARG Y 53 -76.09 -3.89 18.16
N PHE Y 54 -75.64 -3.67 16.91
CA PHE Y 54 -76.29 -4.37 15.80
C PHE Y 54 -76.10 -5.88 15.87
N THR Y 55 -74.95 -6.36 16.34
CA THR Y 55 -74.77 -7.80 16.49
C THR Y 55 -75.83 -8.37 17.43
N SER Y 56 -76.01 -7.71 18.58
CA SER Y 56 -77.03 -8.14 19.53
C SER Y 56 -78.42 -8.09 18.90
N ASN Y 57 -78.73 -7.00 18.21
CA ASN Y 57 -80.06 -6.86 17.61
C ASN Y 57 -80.32 -7.94 16.57
N ILE Y 58 -79.34 -8.22 15.71
CA ILE Y 58 -79.52 -9.21 14.65
C ILE Y 58 -79.73 -10.59 15.25
N LYS Y 59 -78.91 -10.95 16.24
CA LYS Y 59 -79.07 -12.27 16.87
C LYS Y 59 -80.44 -12.38 17.53
N GLY Y 60 -80.86 -11.33 18.24
CA GLY Y 60 -82.16 -11.37 18.90
C GLY Y 60 -83.32 -11.47 17.91
N LEU Y 61 -83.23 -10.75 16.79
CA LEU Y 61 -84.33 -10.77 15.83
C LEU Y 61 -84.42 -12.12 15.12
N THR Y 62 -83.27 -12.71 14.78
CA THR Y 62 -83.30 -14.05 14.20
C THR Y 62 -83.90 -15.05 15.17
N GLN Y 63 -83.51 -14.97 16.44
CA GLN Y 63 -84.09 -15.86 17.45
C GLN Y 63 -85.59 -15.63 17.57
N ALA Y 64 -86.03 -14.38 17.49
CA ALA Y 64 -87.46 -14.07 17.59
C ALA Y 64 -88.24 -14.67 16.44
N ALA Y 65 -87.70 -14.60 15.22
CA ALA Y 65 -88.36 -15.23 14.09
C ALA Y 65 -88.45 -16.74 14.29
N ARG Y 66 -87.37 -17.35 14.77
CA ARG Y 66 -87.40 -18.78 15.08
C ARG Y 66 -88.51 -19.09 16.08
N ASN Y 67 -88.67 -18.25 17.09
CA ASN Y 67 -89.73 -18.46 18.08
C ASN Y 67 -91.11 -18.34 17.46
N ALA Y 68 -91.30 -17.34 16.59
CA ALA Y 68 -92.60 -17.15 15.96
C ALA Y 68 -93.01 -18.36 15.13
N ASN Y 69 -92.02 -19.00 14.50
CA ASN Y 69 -92.31 -20.23 13.76
C ASN Y 69 -92.93 -21.31 14.65
N ASP Y 70 -92.50 -21.38 15.91
CA ASP Y 70 -93.08 -22.35 16.84
C ASP Y 70 -94.56 -22.07 17.06
N GLY Y 71 -94.93 -20.81 17.25
CA GLY Y 71 -96.33 -20.46 17.39
C GLY Y 71 -97.13 -20.82 16.15
N ILE Y 72 -96.53 -20.63 14.97
CA ILE Y 72 -97.18 -21.05 13.74
C ILE Y 72 -97.47 -22.55 13.78
N SER Y 73 -96.49 -23.34 14.22
CA SER Y 73 -96.69 -24.79 14.30
C SER Y 73 -97.80 -25.15 15.28
N VAL Y 74 -97.83 -24.47 16.43
CA VAL Y 74 -98.87 -24.74 17.43
C VAL Y 74 -100.25 -24.46 16.83
N ALA Y 75 -100.37 -23.32 16.13
CA ALA Y 75 -101.64 -22.98 15.51
C ALA Y 75 -102.05 -24.03 14.49
N GLN Y 76 -101.10 -24.52 13.69
CA GLN Y 76 -101.43 -25.55 12.71
C GLN Y 76 -101.95 -26.81 13.38
N THR Y 77 -101.27 -27.27 14.43
CA THR Y 77 -101.68 -28.49 15.11
C THR Y 77 -103.07 -28.34 15.72
N THR Y 78 -103.30 -27.23 16.41
CA THR Y 78 -104.60 -27.02 17.03
C THR Y 78 -105.71 -26.91 15.98
N GLU Y 79 -105.41 -26.27 14.84
CA GLU Y 79 -106.40 -26.16 13.78
C GLU Y 79 -106.76 -27.53 13.22
N GLY Y 80 -105.77 -28.40 13.04
CA GLY Y 80 -106.07 -29.76 12.59
C GLY Y 80 -106.96 -30.50 13.57
N ALA Y 81 -106.65 -30.41 14.86
CA ALA Y 81 -107.51 -31.04 15.86
C ALA Y 81 -108.93 -30.49 15.80
N LEU Y 82 -109.06 -29.17 15.67
CA LEU Y 82 -110.38 -28.55 15.61
C LEU Y 82 -111.15 -29.00 14.38
N SER Y 83 -110.45 -29.17 13.26
CA SER Y 83 -111.11 -29.66 12.04
C SER Y 83 -111.64 -31.07 12.24
N GLU Y 84 -110.86 -31.93 12.90
CA GLU Y 84 -111.36 -33.27 13.18
C GLU Y 84 -112.60 -33.23 14.08
N ILE Y 85 -112.56 -32.39 15.11
CA ILE Y 85 -113.73 -32.24 15.98
C ILE Y 85 -114.92 -31.74 15.17
N ASN Y 86 -114.68 -30.83 14.22
CA ASN Y 86 -115.75 -30.33 13.37
C ASN Y 86 -116.38 -31.45 12.54
N ASN Y 87 -115.55 -32.33 11.99
CA ASN Y 87 -116.09 -33.45 11.23
C ASN Y 87 -116.94 -34.36 12.10
N ASN Y 88 -116.48 -34.64 13.32
CA ASN Y 88 -117.28 -35.45 14.24
C ASN Y 88 -118.61 -34.78 14.55
N LEU Y 89 -118.59 -33.45 14.77
CA LEU Y 89 -119.82 -32.72 15.03
C LEU Y 89 -120.76 -32.77 13.84
N GLN Y 90 -120.22 -32.69 12.62
CA GLN Y 90 -121.05 -32.78 11.43
C GLN Y 90 -121.74 -34.12 11.35
N ARG Y 91 -121.00 -35.21 11.62
CA ARG Y 91 -121.63 -36.52 11.57
C ARG Y 91 -122.71 -36.66 12.66
N VAL Y 92 -122.45 -36.11 13.85
CA VAL Y 92 -123.46 -36.12 14.90
C VAL Y 92 -124.70 -35.35 14.46
N ARG Y 93 -124.48 -34.22 13.77
CA ARG Y 93 -125.59 -33.44 13.24
C ARG Y 93 -126.44 -34.27 12.30
N GLU Y 94 -125.80 -34.97 11.35
CA GLU Y 94 -126.56 -35.80 10.41
C GLU Y 94 -127.30 -36.91 11.13
N LEU Y 95 -126.66 -37.51 12.15
CA LEU Y 95 -127.31 -38.57 12.91
C LEU Y 95 -128.56 -38.05 13.62
N THR Y 96 -128.47 -36.86 14.21
CA THR Y 96 -129.65 -36.29 14.88
C THR Y 96 -130.75 -35.98 13.86
N VAL Y 97 -130.38 -35.45 12.70
CA VAL Y 97 -131.38 -35.20 11.65
C VAL Y 97 -132.08 -36.49 11.27
N GLN Y 98 -131.32 -37.59 11.18
CA GLN Y 98 -131.95 -38.88 10.89
C GLN Y 98 -132.84 -39.34 12.04
N ALA Y 99 -132.43 -39.10 13.29
CA ALA Y 99 -133.14 -39.66 14.43
C ALA Y 99 -134.43 -38.92 14.75
N THR Y 100 -134.49 -37.61 14.51
CA THR Y 100 -135.66 -36.81 14.89
C THR Y 100 -136.82 -37.06 13.94
N THR Y 101 -137.25 -38.32 13.87
CA THR Y 101 -138.33 -38.74 12.99
C THR Y 101 -139.26 -39.66 13.76
N GLY Y 102 -140.50 -39.76 13.28
CA GLY Y 102 -141.47 -40.65 13.90
C GLY Y 102 -141.47 -42.04 13.31
N THR Y 103 -140.84 -42.20 12.14
CA THR Y 103 -140.83 -43.50 11.47
C THR Y 103 -139.99 -44.52 12.23
N ASN Y 104 -138.81 -44.12 12.68
CA ASN Y 104 -137.91 -45.05 13.33
C ASN Y 104 -138.47 -45.48 14.70
N SER Y 105 -138.18 -46.73 15.06
CA SER Y 105 -138.66 -47.30 16.30
C SER Y 105 -137.70 -46.99 17.45
N GLU Y 106 -137.92 -47.61 18.60
CA GLU Y 106 -137.08 -47.35 19.77
C GLU Y 106 -135.70 -48.00 19.64
N SER Y 107 -135.62 -49.17 19.01
CA SER Y 107 -134.31 -49.81 18.81
C SER Y 107 -133.43 -49.00 17.87
N ASP Y 108 -134.04 -48.44 16.82
CA ASP Y 108 -133.29 -47.56 15.92
C ASP Y 108 -132.77 -46.34 16.68
N LEU Y 109 -133.60 -45.76 17.54
CA LEU Y 109 -133.15 -44.65 18.36
C LEU Y 109 -132.02 -45.06 19.29
N SER Y 110 -132.10 -46.27 19.85
CA SER Y 110 -131.03 -46.75 20.71
C SER Y 110 -129.71 -46.87 19.96
N SER Y 111 -129.76 -47.45 18.76
CA SER Y 111 -128.53 -47.57 17.97
C SER Y 111 -127.96 -46.21 17.58
N ILE Y 112 -128.84 -45.30 17.16
CA ILE Y 112 -128.39 -43.97 16.78
C ILE Y 112 -127.77 -43.26 17.97
N GLN Y 113 -128.38 -43.39 19.14
CA GLN Y 113 -127.85 -42.76 20.35
C GLN Y 113 -126.51 -43.38 20.74
N ASP Y 114 -126.36 -44.69 20.55
CA ASP Y 114 -125.08 -45.32 20.83
C ASP Y 114 -123.98 -44.73 19.94
N GLU Y 115 -124.27 -44.59 18.65
CA GLU Y 115 -123.29 -44.00 17.74
C GLU Y 115 -122.97 -42.56 18.13
N ILE Y 116 -124.00 -41.79 18.46
CA ILE Y 116 -123.78 -40.39 18.84
C ILE Y 116 -122.95 -40.31 20.10
N LYS Y 117 -123.22 -41.15 21.08
CA LYS Y 117 -122.47 -41.15 22.32
C LYS Y 117 -121.02 -41.53 22.08
N SER Y 118 -120.77 -42.51 21.20
CA SER Y 118 -119.40 -42.87 20.88
C SER Y 118 -118.67 -41.71 20.22
N ARG Y 119 -119.34 -41.01 19.30
CA ARG Y 119 -118.67 -39.89 18.64
C ARG Y 119 -118.44 -38.71 19.60
N LEU Y 120 -119.36 -38.49 20.54
CA LEU Y 120 -119.12 -37.49 21.57
C LEU Y 120 -117.94 -37.87 22.46
N ASP Y 121 -117.83 -39.16 22.79
CA ASP Y 121 -116.68 -39.62 23.55
C ASP Y 121 -115.39 -39.40 22.78
N GLU Y 122 -115.43 -39.59 21.46
CA GLU Y 122 -114.27 -39.28 20.64
C GLU Y 122 -113.95 -37.80 20.62
N ILE Y 123 -114.96 -36.95 20.61
CA ILE Y 123 -114.71 -35.50 20.73
C ILE Y 123 -113.98 -35.22 22.03
N ASP Y 124 -114.47 -35.78 23.13
CA ASP Y 124 -113.85 -35.57 24.43
C ASP Y 124 -112.41 -36.09 24.44
N ARG Y 125 -112.20 -37.27 23.85
CA ARG Y 125 -110.89 -37.89 23.83
C ARG Y 125 -109.90 -37.06 23.01
N VAL Y 126 -110.32 -36.61 21.83
CA VAL Y 126 -109.45 -35.77 21.01
C VAL Y 126 -109.11 -34.49 21.76
N SER Y 127 -110.07 -33.95 22.51
CA SER Y 127 -109.79 -32.80 23.35
C SER Y 127 -108.70 -33.11 24.38
N GLY Y 128 -108.85 -34.24 25.08
CA GLY Y 128 -107.94 -34.52 26.19
C GLY Y 128 -106.55 -34.94 25.74
N GLN Y 129 -106.48 -35.89 24.80
CA GLN Y 129 -105.22 -36.53 24.45
C GLN Y 129 -104.32 -35.62 23.60
N THR Y 130 -104.90 -34.67 22.88
CA THR Y 130 -104.12 -33.84 21.94
C THR Y 130 -103.22 -32.93 22.74
N GLN Y 131 -101.95 -33.28 22.83
CA GLN Y 131 -100.95 -32.52 23.57
C GLN Y 131 -99.78 -32.18 22.66
N PHE Y 132 -99.26 -30.96 22.82
CA PHE Y 132 -98.13 -30.47 22.03
C PHE Y 132 -97.02 -30.01 22.97
N ASN Y 133 -95.85 -30.62 22.84
CA ASN Y 133 -94.66 -30.22 23.60
C ASN Y 133 -94.96 -30.12 25.09
N GLY Y 134 -95.67 -31.12 25.60
CA GLY Y 134 -96.08 -31.11 26.99
C GLY Y 134 -97.06 -30.02 27.34
N VAL Y 135 -97.95 -29.67 26.42
CA VAL Y 135 -98.98 -28.66 26.65
C VAL Y 135 -100.27 -29.17 26.03
N ASN Y 136 -101.27 -29.47 26.88
CA ASN Y 136 -102.58 -29.91 26.41
C ASN Y 136 -103.35 -28.66 25.98
N VAL Y 137 -103.21 -28.31 24.70
CA VAL Y 137 -103.74 -27.04 24.22
C VAL Y 137 -105.28 -27.03 24.27
N LEU Y 138 -105.92 -28.14 23.88
CA LEU Y 138 -107.38 -28.21 23.98
C LEU Y 138 -107.83 -28.83 25.29
N ALA Y 139 -107.32 -28.32 26.41
CA ALA Y 139 -107.75 -28.83 27.71
C ALA Y 139 -108.01 -27.76 28.76
N LYS Y 140 -107.70 -26.49 28.50
CA LYS Y 140 -107.88 -25.45 29.51
C LYS Y 140 -107.78 -24.09 28.85
N ASN Y 141 -108.60 -23.16 29.32
CA ASN Y 141 -108.55 -21.79 28.82
C ASN Y 141 -107.27 -21.11 29.30
N GLY Y 142 -106.60 -20.43 28.39
CA GLY Y 142 -105.36 -19.77 28.75
C GLY Y 142 -104.91 -18.79 27.68
N SER Y 143 -103.64 -18.43 27.75
CA SER Y 143 -103.06 -17.50 26.80
C SER Y 143 -101.61 -17.90 26.53
N MET Y 144 -101.18 -17.68 25.30
CA MET Y 144 -99.83 -18.00 24.86
C MET Y 144 -99.11 -16.71 24.48
N LYS Y 145 -97.82 -16.64 24.78
CA LYS Y 145 -97.02 -15.44 24.51
C LYS Y 145 -95.76 -15.84 23.77
N ILE Y 146 -95.64 -15.38 22.52
CA ILE Y 146 -94.53 -15.73 21.65
C ILE Y 146 -93.65 -14.51 21.48
N GLN Y 147 -92.37 -14.64 21.83
CA GLN Y 147 -91.41 -13.55 21.70
C GLN Y 147 -91.10 -13.34 20.21
N VAL Y 148 -91.54 -12.21 19.67
CA VAL Y 148 -91.29 -11.88 18.27
C VAL Y 148 -90.48 -10.60 18.14
N GLY Y 149 -89.71 -10.26 19.18
CA GLY Y 149 -88.91 -9.06 19.17
C GLY Y 149 -87.57 -9.29 19.84
N ALA Y 150 -86.75 -8.23 19.83
CA ALA Y 150 -85.41 -8.30 20.43
C ALA Y 150 -85.40 -7.88 21.89
N ASN Y 151 -86.20 -6.88 22.25
CA ASN Y 151 -86.25 -6.37 23.61
C ASN Y 151 -87.30 -7.15 24.41
N ASP Y 152 -87.61 -6.66 25.59
CA ASP Y 152 -88.57 -7.32 26.47
C ASP Y 152 -89.98 -6.80 26.23
N ASN Y 153 -90.96 -7.67 26.52
CA ASN Y 153 -92.38 -7.38 26.30
C ASN Y 153 -92.61 -6.97 24.84
N GLN Y 154 -92.32 -7.92 23.95
CA GLN Y 154 -92.37 -7.71 22.51
C GLN Y 154 -93.13 -8.86 21.86
N THR Y 155 -94.22 -9.30 22.48
CA THR Y 155 -94.81 -10.61 22.21
C THR Y 155 -96.17 -10.50 21.54
N ILE Y 156 -96.54 -11.57 20.84
CA ILE Y 156 -97.88 -11.74 20.26
C ILE Y 156 -98.61 -12.79 21.08
N THR Y 157 -99.89 -12.54 21.34
CA THR Y 157 -100.68 -13.38 22.23
C THR Y 157 -101.53 -14.37 21.43
N ILE Y 158 -101.43 -15.65 21.78
CA ILE Y 158 -102.30 -16.70 21.25
C ILE Y 158 -103.26 -17.11 22.35
N ASP Y 159 -104.54 -17.18 22.02
CA ASP Y 159 -105.57 -17.60 22.98
C ASP Y 159 -105.96 -19.05 22.71
N LEU Y 160 -106.14 -19.81 23.79
CA LEU Y 160 -106.52 -21.21 23.72
C LEU Y 160 -107.78 -21.41 24.54
N LYS Y 161 -108.81 -21.99 23.92
CA LYS Y 161 -110.09 -22.22 24.56
C LYS Y 161 -110.26 -23.72 24.80
N GLN Y 162 -110.70 -24.07 26.01
CA GLN Y 162 -110.99 -25.47 26.33
C GLN Y 162 -112.22 -25.92 25.55
N ILE Y 163 -112.02 -26.83 24.61
CA ILE Y 163 -113.10 -27.35 23.77
C ILE Y 163 -113.38 -28.78 24.19
N ASP Y 164 -114.59 -29.02 24.68
CA ASP Y 164 -115.03 -30.36 25.05
C ASP Y 164 -116.54 -30.33 25.20
N ALA Y 165 -117.12 -31.50 25.50
CA ALA Y 165 -118.57 -31.61 25.59
C ALA Y 165 -119.14 -30.67 26.64
N LYS Y 166 -118.48 -30.56 27.79
CA LYS Y 166 -118.97 -29.69 28.85
C LYS Y 166 -118.97 -28.23 28.42
N THR Y 167 -117.91 -27.79 27.74
CA THR Y 167 -117.79 -26.40 27.29
C THR Y 167 -118.42 -26.17 25.93
N LEU Y 168 -119.24 -27.10 25.44
CA LEU Y 168 -119.95 -26.92 24.18
C LEU Y 168 -121.45 -27.11 24.30
N GLY Y 169 -121.96 -27.43 25.50
CA GLY Y 169 -123.37 -27.67 25.69
C GLY Y 169 -123.82 -29.09 25.40
N LEU Y 170 -122.96 -29.92 24.84
CA LEU Y 170 -123.30 -31.32 24.55
C LEU Y 170 -122.91 -32.25 25.69
N ASP Y 171 -123.37 -31.91 26.89
CA ASP Y 171 -123.10 -32.69 28.10
C ASP Y 171 -124.39 -33.39 28.48
N GLY Y 172 -124.47 -34.69 28.19
CA GLY Y 172 -125.69 -35.44 28.39
C GLY Y 172 -126.61 -35.47 27.19
N PHE Y 173 -126.12 -35.10 26.01
CA PHE Y 173 -126.94 -35.04 24.81
C PHE Y 173 -127.46 -36.42 24.43
N SER Y 174 -128.78 -36.61 24.52
CA SER Y 174 -129.39 -37.89 24.23
C SER Y 174 -130.61 -37.69 23.34
N VAL Y 175 -130.95 -38.73 22.58
CA VAL Y 175 -132.10 -38.69 21.68
C VAL Y 175 -133.00 -39.88 21.96
N LYS Y 176 -132.97 -40.38 23.20
CA LYS Y 176 -133.79 -41.52 23.57
C LYS Y 176 -134.12 -41.42 25.05
N ASN Y 177 -135.16 -42.15 25.46
CA ASN Y 177 -135.61 -42.15 26.84
C ASN Y 177 -135.15 -43.41 27.57
N THR Y 407 -133.39 -34.87 25.14
CA THR Y 407 -132.87 -33.52 24.98
C THR Y 407 -133.85 -32.66 24.18
N THR Y 408 -134.06 -31.43 24.63
CA THR Y 408 -134.95 -30.49 23.96
C THR Y 408 -134.14 -29.56 23.05
N ASP Y 409 -134.71 -29.27 21.88
CA ASP Y 409 -134.06 -28.43 20.87
C ASP Y 409 -132.64 -28.90 20.57
N PRO Y 410 -132.47 -30.11 20.02
CA PRO Y 410 -131.11 -30.64 19.82
C PRO Y 410 -130.34 -29.92 18.72
N LEU Y 411 -131.01 -29.71 17.58
CA LEU Y 411 -130.32 -29.23 16.40
C LEU Y 411 -129.77 -27.82 16.61
N LYS Y 412 -130.51 -26.97 17.31
CA LYS Y 412 -130.02 -25.62 17.58
C LYS Y 412 -128.78 -25.65 18.48
N ALA Y 413 -128.76 -26.55 19.47
CA ALA Y 413 -127.57 -26.69 20.30
C ALA Y 413 -126.38 -27.18 19.48
N LEU Y 414 -126.63 -28.12 18.57
CA LEU Y 414 -125.56 -28.60 17.71
C LEU Y 414 -125.00 -27.47 16.84
N ASP Y 415 -125.88 -26.65 16.28
CA ASP Y 415 -125.44 -25.48 15.50
C ASP Y 415 -124.62 -24.53 16.37
N ASP Y 416 -125.06 -24.32 17.61
CA ASP Y 416 -124.31 -23.44 18.51
C ASP Y 416 -122.91 -23.96 18.75
N ALA Y 417 -122.78 -25.28 18.99
CA ALA Y 417 -121.46 -25.85 19.22
C ALA Y 417 -120.58 -25.74 17.97
N ILE Y 418 -121.16 -25.98 16.79
CA ILE Y 418 -120.39 -25.89 15.56
C ILE Y 418 -119.89 -24.47 15.33
N ALA Y 419 -120.76 -23.48 15.58
CA ALA Y 419 -120.32 -22.09 15.44
C ALA Y 419 -119.28 -21.72 16.48
N SER Y 420 -119.38 -22.29 17.68
CA SER Y 420 -118.42 -21.98 18.73
C SER Y 420 -117.04 -22.53 18.39
N VAL Y 421 -116.96 -23.71 17.79
CA VAL Y 421 -115.65 -24.22 17.38
C VAL Y 421 -115.14 -23.46 16.15
N ASP Y 422 -116.05 -23.04 15.26
CA ASP Y 422 -115.63 -22.26 14.10
C ASP Y 422 -115.02 -20.93 14.52
N LYS Y 423 -115.54 -20.31 15.57
CA LYS Y 423 -114.98 -19.05 16.07
C LYS Y 423 -113.52 -19.23 16.47
N PHE Y 424 -113.24 -20.28 17.24
CA PHE Y 424 -111.86 -20.54 17.67
C PHE Y 424 -110.97 -20.82 16.47
N ARG Y 425 -111.45 -21.59 15.50
CA ARG Y 425 -110.64 -21.87 14.33
C ARG Y 425 -110.31 -20.58 13.56
N SER Y 426 -111.29 -19.70 13.40
CA SER Y 426 -111.05 -18.45 12.68
C SER Y 426 -110.05 -17.57 13.42
N SER Y 427 -110.18 -17.47 14.74
CA SER Y 427 -109.22 -16.69 15.51
C SER Y 427 -107.82 -17.24 15.36
N LEU Y 428 -107.69 -18.57 15.41
CA LEU Y 428 -106.38 -19.19 15.25
C LEU Y 428 -105.78 -18.88 13.88
N GLY Y 429 -106.60 -18.98 12.83
CA GLY Y 429 -106.09 -18.66 11.49
C GLY Y 429 -105.63 -17.22 11.36
N ALA Y 430 -106.40 -16.29 11.95
CA ALA Y 430 -105.97 -14.89 11.95
C ALA Y 430 -104.61 -14.75 12.64
N VAL Y 431 -104.42 -15.47 13.75
CA VAL Y 431 -103.13 -15.40 14.43
C VAL Y 431 -102.02 -15.98 13.55
N GLN Y 432 -102.30 -17.04 12.80
CA GLN Y 432 -101.28 -17.58 11.89
C GLN Y 432 -100.86 -16.53 10.86
N ASN Y 433 -101.84 -15.83 10.29
CA ASN Y 433 -101.51 -14.80 9.31
C ASN Y 433 -100.66 -13.70 9.95
N ARG Y 434 -101.02 -13.27 11.15
CA ARG Y 434 -100.23 -12.26 11.84
C ARG Y 434 -98.80 -12.73 12.08
N LEU Y 435 -98.64 -13.98 12.51
CA LEU Y 435 -97.30 -14.51 12.77
C LEU Y 435 -96.47 -14.56 11.50
N ASP Y 436 -97.07 -14.97 10.38
CA ASP Y 436 -96.34 -15.00 9.12
C ASP Y 436 -95.88 -13.61 8.71
N SER Y 437 -96.77 -12.62 8.85
CA SER Y 437 -96.37 -11.24 8.57
C SER Y 437 -95.21 -10.80 9.44
N ALA Y 438 -95.26 -11.17 10.73
CA ALA Y 438 -94.17 -10.83 11.64
C ALA Y 438 -92.87 -11.46 11.19
N VAL Y 439 -92.90 -12.74 10.79
CA VAL Y 439 -91.68 -13.40 10.33
C VAL Y 439 -91.10 -12.67 9.14
N THR Y 440 -91.94 -12.31 8.17
CA THR Y 440 -91.44 -11.61 7.00
C THR Y 440 -90.78 -10.29 7.37
N ASN Y 441 -91.43 -9.51 8.23
CA ASN Y 441 -90.86 -8.22 8.63
C ASN Y 441 -89.53 -8.40 9.35
N LEU Y 442 -89.45 -9.41 10.23
CA LEU Y 442 -88.20 -9.69 10.93
C LEU Y 442 -87.08 -10.08 9.97
N ASN Y 443 -87.38 -10.90 8.96
CA ASN Y 443 -86.34 -11.25 8.00
C ASN Y 443 -85.82 -10.01 7.28
N ASN Y 444 -86.73 -9.14 6.84
CA ASN Y 444 -86.29 -7.93 6.15
C ASN Y 444 -85.45 -7.05 7.07
N THR Y 445 -85.87 -6.90 8.33
CA THR Y 445 -85.15 -6.07 9.27
C THR Y 445 -83.75 -6.64 9.55
N THR Y 446 -83.66 -7.97 9.70
CA THR Y 446 -82.35 -8.59 9.91
C THR Y 446 -81.43 -8.34 8.74
N THR Y 447 -81.93 -8.49 7.51
CA THR Y 447 -81.09 -8.24 6.35
C THR Y 447 -80.58 -6.80 6.34
N ASN Y 448 -81.49 -5.84 6.58
CA ASN Y 448 -81.10 -4.44 6.55
C ASN Y 448 -80.05 -4.13 7.62
N LEU Y 449 -80.27 -4.62 8.86
CA LEU Y 449 -79.33 -4.34 9.93
C LEU Y 449 -77.99 -5.01 9.69
N SER Y 450 -78.00 -6.22 9.12
CA SER Y 450 -76.74 -6.88 8.79
C SER Y 450 -75.95 -6.07 7.77
N GLU Y 451 -76.63 -5.56 6.73
CA GLU Y 451 -75.93 -4.77 5.72
C GLU Y 451 -75.40 -3.47 6.33
N ALA Y 452 -76.18 -2.85 7.22
CA ALA Y 452 -75.72 -1.64 7.89
C ALA Y 452 -74.49 -1.91 8.74
N GLN Y 453 -74.49 -3.01 9.48
CA GLN Y 453 -73.31 -3.39 10.26
C GLN Y 453 -72.11 -3.64 9.36
N SER Y 454 -72.35 -4.24 8.19
CA SER Y 454 -71.28 -4.47 7.24
C SER Y 454 -70.66 -3.16 6.79
N ARG Y 455 -71.50 -2.15 6.57
CA ARG Y 455 -70.96 -0.85 6.15
C ARG Y 455 -70.09 -0.20 7.21
N ILE Y 456 -70.11 -0.68 8.45
CA ILE Y 456 -69.41 -0.03 9.56
C ILE Y 456 -68.18 -0.83 9.98
N GLN Y 457 -68.35 -2.11 10.30
CA GLN Y 457 -67.27 -2.85 10.94
C GLN Y 457 -66.29 -3.47 9.96
N ASP Y 458 -66.69 -3.68 8.70
CA ASP Y 458 -65.86 -4.43 7.77
C ASP Y 458 -64.78 -3.55 7.15
N ALA Y 459 -63.80 -4.22 6.54
CA ALA Y 459 -62.64 -3.57 5.94
C ALA Y 459 -62.69 -3.64 4.42
N ASP Y 460 -62.09 -2.64 3.78
CA ASP Y 460 -62.01 -2.55 2.32
C ASP Y 460 -60.65 -3.07 1.89
N TYR Y 461 -60.63 -4.23 1.25
CA TYR Y 461 -59.37 -4.92 0.98
C TYR Y 461 -58.49 -4.18 -0.02
N ALA Y 462 -59.08 -3.45 -0.97
CA ALA Y 462 -58.26 -2.70 -1.92
C ALA Y 462 -57.41 -1.67 -1.20
N THR Y 463 -58.02 -0.89 -0.32
CA THR Y 463 -57.28 0.12 0.43
C THR Y 463 -56.22 -0.53 1.32
N GLU Y 464 -56.58 -1.64 1.97
CA GLU Y 464 -55.63 -2.31 2.85
C GLU Y 464 -54.42 -2.83 2.08
N VAL Y 465 -54.66 -3.40 0.90
CA VAL Y 465 -53.55 -3.89 0.07
C VAL Y 465 -52.67 -2.74 -0.37
N SER Y 466 -53.27 -1.63 -0.78
CA SER Y 466 -52.47 -0.48 -1.19
C SER Y 466 -51.62 0.03 -0.03
N ASN Y 467 -52.22 0.13 1.16
CA ASN Y 467 -51.46 0.60 2.32
C ASN Y 467 -50.33 -0.37 2.67
N MET Y 468 -50.59 -1.68 2.61
CA MET Y 468 -49.55 -2.65 2.92
C MET Y 468 -48.39 -2.53 1.94
N SER Y 469 -48.69 -2.43 0.65
CA SER Y 469 -47.63 -2.31 -0.35
C SER Y 469 -46.83 -1.03 -0.14
N LYS Y 470 -47.52 0.09 0.12
CA LYS Y 470 -46.83 1.34 0.34
C LYS Y 470 -45.93 1.26 1.58
N ALA Y 471 -46.43 0.67 2.66
CA ALA Y 471 -45.63 0.55 3.88
C ALA Y 471 -44.41 -0.33 3.65
N GLN Y 472 -44.56 -1.42 2.91
CA GLN Y 472 -43.43 -2.29 2.61
C GLN Y 472 -42.37 -1.54 1.81
N ILE Y 473 -42.81 -0.78 0.81
CA ILE Y 473 -41.86 -0.02 -0.01
C ILE Y 473 -41.14 1.02 0.85
N ILE Y 474 -41.88 1.72 1.71
CA ILE Y 474 -41.25 2.71 2.58
C ILE Y 474 -40.23 2.05 3.50
N GLN Y 475 -40.57 0.88 4.05
CA GLN Y 475 -39.63 0.20 4.94
C GLN Y 475 -38.34 -0.17 4.21
N GLN Y 476 -38.46 -0.72 2.99
CA GLN Y 476 -37.27 -1.11 2.27
C GLN Y 476 -36.43 0.11 1.88
N ALA Y 477 -37.08 1.20 1.45
CA ALA Y 477 -36.36 2.42 1.14
C ALA Y 477 -35.63 2.96 2.37
N GLY Y 478 -36.30 2.94 3.52
CA GLY Y 478 -35.65 3.39 4.74
C GLY Y 478 -34.47 2.53 5.12
N ASN Y 479 -34.59 1.22 4.92
CA ASN Y 479 -33.46 0.34 5.20
C ASN Y 479 -32.27 0.68 4.31
N SER Y 480 -32.52 0.91 3.02
CA SER Y 480 -31.42 1.26 2.11
C SER Y 480 -30.76 2.57 2.51
N VAL Y 481 -31.56 3.60 2.79
CA VAL Y 481 -30.97 4.89 3.13
C VAL Y 481 -30.28 4.82 4.48
N LEU Y 482 -30.78 3.98 5.40
CA LEU Y 482 -30.10 3.78 6.68
C LEU Y 482 -28.74 3.14 6.47
N ALA Y 483 -28.67 2.16 5.57
CA ALA Y 483 -27.38 1.55 5.26
C ALA Y 483 -26.40 2.59 4.73
N LYS Y 484 -26.88 3.44 3.80
CA LYS Y 484 -26.00 4.49 3.26
C LYS Y 484 -25.55 5.44 4.36
N ALA Y 485 -26.46 5.84 5.25
CA ALA Y 485 -26.10 6.73 6.34
C ALA Y 485 -25.06 6.08 7.26
N ASN Y 486 -25.20 4.79 7.51
CA ASN Y 486 -24.21 4.08 8.33
C ASN Y 486 -22.86 4.02 7.64
N GLN Y 487 -22.82 3.96 6.31
CA GLN Y 487 -21.53 4.01 5.64
C GLN Y 487 -20.97 5.42 5.50
N VAL Y 488 -21.76 6.45 5.76
CA VAL Y 488 -21.25 7.82 5.67
C VAL Y 488 -20.03 8.08 6.55
N PRO Y 489 -20.03 7.74 7.85
CA PRO Y 489 -18.98 8.28 8.74
C PRO Y 489 -17.56 7.83 8.43
N GLN Y 490 -17.36 6.77 7.64
CA GLN Y 490 -16.03 6.18 7.49
C GLN Y 490 -15.02 7.10 6.83
N GLN Y 491 -15.44 8.21 6.20
CA GLN Y 491 -14.50 9.11 5.56
C GLN Y 491 -13.49 9.69 6.55
N VAL Y 492 -13.87 9.81 7.81
CA VAL Y 492 -12.94 10.33 8.82
C VAL Y 492 -11.74 9.41 8.98
N LEU Y 493 -11.96 8.10 8.86
CA LEU Y 493 -10.87 7.15 8.93
C LEU Y 493 -9.84 7.41 7.84
N SER Y 494 -10.31 7.62 6.60
CA SER Y 494 -9.40 7.93 5.51
C SER Y 494 -8.72 9.28 5.73
N LEU Y 495 -9.46 10.26 6.26
CA LEU Y 495 -8.89 11.58 6.52
C LEU Y 495 -7.72 11.46 7.48
N LEU Y 496 -7.90 10.73 8.58
CA LEU Y 496 -6.81 10.55 9.54
C LEU Y 496 -5.68 9.71 8.96
N GLN Y 497 -6.03 8.68 8.18
CA GLN Y 497 -5.02 7.79 7.63
C GLN Y 497 -4.06 8.52 6.71
N GLY Y 498 -4.59 9.39 5.85
CA GLY Y 498 -3.76 10.13 4.92
C GLY Y 498 -4.12 9.88 3.46
N GLN Z 3 -34.69 -41.29 -4.92
CA GLN Z 3 -34.88 -40.11 -5.75
C GLN Z 3 -34.66 -40.47 -7.21
N VAL Z 4 -34.39 -41.76 -7.42
CA VAL Z 4 -33.97 -42.30 -8.71
C VAL Z 4 -34.86 -41.85 -9.85
N ILE Z 5 -34.24 -41.35 -10.92
CA ILE Z 5 -34.94 -40.94 -12.13
C ILE Z 5 -34.53 -41.76 -13.34
N ASN Z 6 -33.73 -42.81 -13.13
CA ASN Z 6 -33.47 -43.79 -14.17
C ASN Z 6 -34.45 -44.96 -14.12
N THR Z 7 -35.30 -45.00 -13.09
CA THR Z 7 -36.33 -46.03 -12.96
C THR Z 7 -37.52 -45.42 -12.25
N ASN Z 8 -38.72 -45.73 -12.74
CA ASN Z 8 -39.95 -45.18 -12.18
C ASN Z 8 -40.84 -46.30 -11.68
N SER Z 9 -40.26 -47.21 -10.88
CA SER Z 9 -40.90 -48.45 -10.42
C SER Z 9 -42.38 -48.27 -10.13
N LEU Z 10 -42.76 -47.17 -9.49
CA LEU Z 10 -44.17 -46.89 -9.25
C LEU Z 10 -44.95 -46.85 -10.57
N SER Z 11 -44.41 -46.16 -11.57
CA SER Z 11 -45.07 -46.10 -12.87
C SER Z 11 -45.16 -47.48 -13.52
N LEU Z 12 -44.09 -48.27 -13.42
CA LEU Z 12 -44.12 -49.61 -14.00
C LEU Z 12 -45.19 -50.47 -13.35
N ILE Z 13 -45.29 -50.40 -12.02
CA ILE Z 13 -46.29 -51.19 -11.32
C ILE Z 13 -47.70 -50.71 -11.66
N THR Z 14 -47.87 -49.39 -11.80
CA THR Z 14 -49.18 -48.87 -12.20
C THR Z 14 -49.57 -49.35 -13.59
N GLN Z 15 -48.60 -49.37 -14.52
CA GLN Z 15 -48.87 -49.92 -15.85
C GLN Z 15 -49.24 -51.39 -15.76
N ASN Z 16 -48.56 -52.14 -14.88
CA ASN Z 16 -48.91 -53.53 -14.68
C ASN Z 16 -50.35 -53.68 -14.21
N ASN Z 17 -50.76 -52.84 -13.24
CA ASN Z 17 -52.13 -52.92 -12.74
C ASN Z 17 -53.14 -52.58 -13.83
N ILE Z 18 -52.85 -51.58 -14.65
CA ILE Z 18 -53.75 -51.23 -15.75
C ILE Z 18 -53.85 -52.39 -16.74
N ASN Z 19 -52.72 -53.05 -17.01
CA ASN Z 19 -52.73 -54.21 -17.89
C ASN Z 19 -53.59 -55.33 -17.31
N LYS Z 20 -53.52 -55.53 -16.00
CA LYS Z 20 -54.41 -56.50 -15.35
C LYS Z 20 -55.87 -56.09 -15.53
N ASN Z 21 -56.14 -54.79 -15.40
CA ASN Z 21 -57.51 -54.29 -15.53
C ASN Z 21 -58.09 -54.56 -16.91
N GLN Z 22 -57.29 -54.37 -17.96
CA GLN Z 22 -57.81 -54.34 -19.32
C GLN Z 22 -58.67 -55.56 -19.66
N SER Z 23 -58.30 -56.73 -19.14
CA SER Z 23 -58.96 -57.98 -19.55
C SER Z 23 -60.44 -57.99 -19.16
N ALA Z 24 -60.75 -57.56 -17.94
CA ALA Z 24 -62.14 -57.58 -17.48
C ALA Z 24 -63.01 -56.65 -18.32
N LEU Z 25 -62.54 -55.42 -18.57
CA LEU Z 25 -63.30 -54.49 -19.39
C LEU Z 25 -63.51 -55.05 -20.78
N SER Z 26 -62.46 -55.61 -21.38
CA SER Z 26 -62.60 -56.24 -22.68
C SER Z 26 -63.71 -57.29 -22.65
N SER Z 27 -63.51 -58.34 -21.86
CA SER Z 27 -64.45 -59.45 -21.82
C SER Z 27 -65.88 -58.97 -21.60
N SER Z 28 -66.06 -57.95 -20.75
CA SER Z 28 -67.38 -57.37 -20.57
C SER Z 28 -67.90 -56.79 -21.88
N ILE Z 29 -67.04 -56.11 -22.64
CA ILE Z 29 -67.48 -55.50 -23.89
C ILE Z 29 -67.93 -56.57 -24.89
N GLU Z 30 -67.12 -57.62 -25.08
CA GLU Z 30 -67.56 -58.66 -26.00
C GLU Z 30 -68.83 -59.35 -25.52
N ARG Z 31 -68.94 -59.63 -24.22
CA ARG Z 31 -70.14 -60.32 -23.76
C ARG Z 31 -71.38 -59.45 -23.89
N LEU Z 32 -71.24 -58.13 -23.74
CA LEU Z 32 -72.39 -57.27 -23.95
C LEU Z 32 -72.74 -57.15 -25.43
N SER Z 33 -71.72 -57.09 -26.30
CA SER Z 33 -72.00 -56.93 -27.73
C SER Z 33 -72.64 -58.18 -28.31
N SER Z 34 -72.06 -59.35 -28.04
CA SER Z 34 -72.58 -60.58 -28.61
C SER Z 34 -73.86 -61.04 -27.91
N GLY Z 35 -73.92 -60.88 -26.59
CA GLY Z 35 -75.02 -61.39 -25.80
C GLY Z 35 -74.83 -62.79 -25.28
N LEU Z 36 -73.73 -63.46 -25.66
CA LEU Z 36 -73.44 -64.81 -25.22
C LEU Z 36 -72.31 -64.78 -24.21
N ARG Z 37 -72.50 -65.48 -23.09
CA ARG Z 37 -71.46 -65.53 -22.07
C ARG Z 37 -70.22 -66.26 -22.57
N ILE Z 38 -70.42 -67.33 -23.35
CA ILE Z 38 -69.32 -68.13 -23.88
C ILE Z 38 -69.12 -67.73 -25.34
N ASN Z 39 -68.20 -66.79 -25.56
CA ASN Z 39 -67.87 -66.34 -26.90
C ASN Z 39 -66.75 -67.13 -27.55
N SER Z 40 -66.06 -67.98 -26.78
CA SER Z 40 -64.93 -68.74 -27.30
C SER Z 40 -64.69 -69.93 -26.38
N ALA Z 41 -63.86 -70.85 -26.85
CA ALA Z 41 -63.52 -72.02 -26.05
C ALA Z 41 -62.70 -71.65 -24.82
N LYS Z 42 -62.05 -70.49 -24.82
CA LYS Z 42 -61.31 -70.08 -23.63
C LYS Z 42 -62.22 -69.86 -22.44
N ASP Z 43 -63.49 -69.50 -22.68
CA ASP Z 43 -64.40 -69.23 -21.58
C ASP Z 43 -64.70 -70.48 -20.77
N ASP Z 44 -65.45 -71.41 -21.35
CA ASP Z 44 -65.77 -72.68 -20.70
C ASP Z 44 -65.36 -73.87 -21.57
N ALA Z 45 -65.94 -73.95 -22.77
CA ALA Z 45 -65.74 -74.97 -23.79
C ALA Z 45 -66.35 -76.32 -23.43
N ALA Z 46 -66.60 -76.56 -22.14
CA ALA Z 46 -67.46 -77.68 -21.79
C ALA Z 46 -68.91 -77.29 -21.95
N GLY Z 47 -69.26 -76.11 -21.43
CA GLY Z 47 -70.54 -75.51 -21.76
C GLY Z 47 -70.70 -75.30 -23.25
N GLN Z 48 -69.61 -74.96 -23.94
CA GLN Z 48 -69.68 -74.77 -25.37
C GLN Z 48 -69.96 -76.08 -26.11
N ALA Z 49 -69.30 -77.17 -25.68
CA ALA Z 49 -69.59 -78.47 -26.29
C ALA Z 49 -71.04 -78.87 -26.03
N ILE Z 50 -71.51 -78.69 -24.79
CA ILE Z 50 -72.89 -79.01 -24.46
C ILE Z 50 -73.85 -78.16 -25.29
N ALA Z 51 -73.54 -76.88 -25.46
CA ALA Z 51 -74.39 -76.00 -26.25
C ALA Z 51 -74.41 -76.41 -27.71
N ASN Z 52 -73.27 -76.81 -28.26
CA ASN Z 52 -73.23 -77.27 -29.64
C ASN Z 52 -74.12 -78.49 -29.83
N ARG Z 53 -74.00 -79.46 -28.91
CA ARG Z 53 -74.85 -80.64 -29.00
C ARG Z 53 -76.32 -80.28 -28.83
N PHE Z 54 -76.62 -79.34 -27.93
CA PHE Z 54 -77.99 -78.91 -27.72
C PHE Z 54 -78.57 -78.26 -28.97
N THR Z 55 -77.78 -77.42 -29.64
CA THR Z 55 -78.22 -76.80 -30.88
C THR Z 55 -78.49 -77.84 -31.94
N SER Z 56 -77.61 -78.83 -32.04
CA SER Z 56 -77.83 -79.92 -32.99
C SER Z 56 -79.15 -80.63 -32.71
N ASN Z 57 -79.41 -80.94 -31.44
CA ASN Z 57 -80.65 -81.61 -31.09
C ASN Z 57 -81.86 -80.74 -31.40
N ILE Z 58 -81.78 -79.44 -31.12
CA ILE Z 58 -82.90 -78.54 -31.39
C ILE Z 58 -83.23 -78.54 -32.87
N LYS Z 59 -82.21 -78.36 -33.71
CA LYS Z 59 -82.43 -78.29 -35.15
C LYS Z 59 -82.99 -79.61 -35.68
N GLY Z 60 -82.43 -80.74 -35.21
CA GLY Z 60 -82.92 -82.03 -35.65
C GLY Z 60 -84.37 -82.27 -35.26
N LEU Z 61 -84.74 -81.91 -34.03
CA LEU Z 61 -86.11 -82.15 -33.58
C LEU Z 61 -87.10 -81.26 -34.33
N THR Z 62 -86.74 -80.00 -34.59
CA THR Z 62 -87.60 -79.13 -35.38
C THR Z 62 -87.81 -79.71 -36.78
N GLN Z 63 -86.72 -80.18 -37.41
CA GLN Z 63 -86.85 -80.78 -38.73
C GLN Z 63 -87.71 -82.03 -38.68
N ALA Z 64 -87.57 -82.82 -37.61
CA ALA Z 64 -88.38 -84.04 -37.48
C ALA Z 64 -89.86 -83.73 -37.38
N ALA Z 65 -90.22 -82.68 -36.62
CA ALA Z 65 -91.62 -82.28 -36.55
C ALA Z 65 -92.13 -81.84 -37.92
N ARG Z 66 -91.31 -81.07 -38.64
CA ARG Z 66 -91.69 -80.67 -40.00
C ARG Z 66 -91.94 -81.89 -40.87
N ASN Z 67 -91.08 -82.92 -40.74
CA ASN Z 67 -91.28 -84.14 -41.51
C ASN Z 67 -92.57 -84.84 -41.14
N ALA Z 68 -92.87 -84.94 -39.84
CA ALA Z 68 -94.07 -85.65 -39.39
C ALA Z 68 -95.33 -85.00 -39.92
N ASN Z 69 -95.33 -83.67 -40.06
CA ASN Z 69 -96.49 -83.00 -40.65
C ASN Z 69 -96.80 -83.55 -42.05
N ASP Z 70 -95.76 -83.88 -42.81
CA ASP Z 70 -95.96 -84.42 -44.15
C ASP Z 70 -96.69 -85.76 -44.10
N GLY Z 71 -96.29 -86.65 -43.18
CA GLY Z 71 -97.00 -87.90 -43.03
C GLY Z 71 -98.45 -87.71 -42.64
N ILE Z 72 -98.70 -86.72 -41.79
CA ILE Z 72 -100.09 -86.40 -41.42
C ILE Z 72 -100.88 -86.03 -42.67
N SER Z 73 -100.30 -85.19 -43.53
CA SER Z 73 -100.99 -84.79 -44.75
C SER Z 73 -101.24 -85.98 -45.67
N VAL Z 74 -100.25 -86.87 -45.80
CA VAL Z 74 -100.42 -88.05 -46.66
C VAL Z 74 -101.57 -88.90 -46.16
N ALA Z 75 -101.62 -89.12 -44.85
CA ALA Z 75 -102.70 -89.93 -44.29
C ALA Z 75 -104.06 -89.27 -44.54
N GLN Z 76 -104.13 -87.95 -44.40
CA GLN Z 76 -105.41 -87.26 -44.65
C GLN Z 76 -105.86 -87.46 -46.09
N THR Z 77 -104.94 -87.29 -47.05
CA THR Z 77 -105.30 -87.43 -48.46
C THR Z 77 -105.77 -88.84 -48.77
N THR Z 78 -105.04 -89.84 -48.28
CA THR Z 78 -105.42 -91.22 -48.53
C THR Z 78 -106.78 -91.54 -47.90
N GLU Z 79 -107.04 -90.98 -46.72
CA GLU Z 79 -108.35 -91.19 -46.09
C GLU Z 79 -109.47 -90.60 -46.93
N GLY Z 80 -109.26 -89.42 -47.49
CA GLY Z 80 -110.27 -88.84 -48.36
C GLY Z 80 -110.57 -89.71 -49.57
N ALA Z 81 -109.50 -90.20 -50.21
CA ALA Z 81 -109.69 -91.09 -51.36
C ALA Z 81 -110.46 -92.34 -50.97
N LEU Z 82 -110.11 -92.93 -49.82
CA LEU Z 82 -110.82 -94.12 -49.35
C LEU Z 82 -112.27 -93.82 -49.04
N SER Z 83 -112.57 -92.60 -48.55
CA SER Z 83 -113.96 -92.23 -48.31
C SER Z 83 -114.75 -92.20 -49.61
N GLU Z 84 -114.16 -91.63 -50.66
CA GLU Z 84 -114.85 -91.66 -51.96
C GLU Z 84 -115.09 -93.09 -52.43
N ILE Z 85 -114.09 -93.95 -52.30
CA ILE Z 85 -114.25 -95.35 -52.72
C ILE Z 85 -115.34 -96.02 -51.92
N ASN Z 86 -115.41 -95.75 -50.61
CA ASN Z 86 -116.42 -96.36 -49.76
C ASN Z 86 -117.82 -95.91 -50.17
N ASN Z 87 -117.98 -94.63 -50.51
CA ASN Z 87 -119.28 -94.16 -50.98
C ASN Z 87 -119.70 -94.90 -52.25
N ASN Z 88 -118.76 -95.05 -53.18
CA ASN Z 88 -119.08 -95.78 -54.42
C ASN Z 88 -119.48 -97.22 -54.11
N LEU Z 89 -118.75 -97.88 -53.20
CA LEU Z 89 -119.07 -99.26 -52.86
C LEU Z 89 -120.44 -99.37 -52.20
N GLN Z 90 -120.79 -98.42 -51.34
CA GLN Z 90 -122.10 -98.43 -50.71
C GLN Z 90 -123.21 -98.30 -51.74
N ARG Z 91 -123.04 -97.39 -52.70
CA ARG Z 91 -124.08 -97.22 -53.71
C ARG Z 91 -124.19 -98.48 -54.56
N VAL Z 92 -123.05 -99.10 -54.87
CA VAL Z 92 -123.07 -100.35 -55.62
C VAL Z 92 -123.83 -101.43 -54.86
N ARG Z 93 -123.59 -101.54 -53.55
CA ARG Z 93 -124.31 -102.52 -52.75
C ARG Z 93 -125.81 -102.27 -52.77
N GLU Z 94 -126.21 -100.99 -52.64
CA GLU Z 94 -127.63 -100.67 -52.68
C GLU Z 94 -128.25 -101.10 -53.99
N LEU Z 95 -127.58 -100.83 -55.10
CA LEU Z 95 -128.16 -101.19 -56.39
C LEU Z 95 -128.14 -102.70 -56.63
N THR Z 96 -127.15 -103.42 -56.08
CA THR Z 96 -127.21 -104.88 -56.14
C THR Z 96 -128.41 -105.41 -55.37
N VAL Z 97 -128.67 -104.85 -54.18
CA VAL Z 97 -129.86 -105.23 -53.42
C VAL Z 97 -131.12 -104.98 -54.25
N GLN Z 98 -131.17 -103.84 -54.93
CA GLN Z 98 -132.33 -103.54 -55.78
C GLN Z 98 -132.45 -104.53 -56.93
N ALA Z 99 -131.32 -104.92 -57.53
CA ALA Z 99 -131.35 -105.73 -58.73
C ALA Z 99 -131.64 -107.20 -58.46
N THR Z 100 -131.25 -107.71 -57.29
CA THR Z 100 -131.45 -109.13 -56.98
C THR Z 100 -132.92 -109.41 -56.64
N THR Z 101 -133.78 -109.13 -57.61
CA THR Z 101 -135.22 -109.35 -57.48
C THR Z 101 -135.71 -110.05 -58.75
N GLY Z 102 -136.79 -110.82 -58.60
CA GLY Z 102 -137.38 -111.50 -59.74
C GLY Z 102 -138.31 -110.66 -60.59
N THR Z 103 -138.73 -109.49 -60.09
CA THR Z 103 -139.68 -108.68 -60.84
C THR Z 103 -139.04 -108.05 -62.07
N ASN Z 104 -137.79 -107.62 -61.98
CA ASN Z 104 -137.14 -106.89 -63.06
C ASN Z 104 -136.93 -107.78 -64.28
N SER Z 105 -136.90 -107.15 -65.44
CA SER Z 105 -136.67 -107.84 -66.70
C SER Z 105 -135.18 -107.93 -67.01
N GLU Z 106 -134.85 -108.47 -68.18
CA GLU Z 106 -133.45 -108.61 -68.56
C GLU Z 106 -132.83 -107.27 -68.92
N SER Z 107 -133.61 -106.37 -69.54
CA SER Z 107 -133.09 -105.06 -69.89
C SER Z 107 -132.79 -104.22 -68.66
N ASP Z 108 -133.63 -104.33 -67.63
CA ASP Z 108 -133.37 -103.63 -66.37
C ASP Z 108 -132.09 -104.13 -65.74
N LEU Z 109 -131.88 -105.45 -65.74
CA LEU Z 109 -130.63 -106.01 -65.24
C LEU Z 109 -129.45 -105.54 -66.07
N SER Z 110 -129.62 -105.40 -67.38
CA SER Z 110 -128.55 -104.92 -68.24
C SER Z 110 -128.17 -103.49 -67.87
N SER Z 111 -129.17 -102.63 -67.66
CA SER Z 111 -128.89 -101.26 -67.26
C SER Z 111 -128.21 -101.19 -65.90
N ILE Z 112 -128.68 -102.01 -64.95
CA ILE Z 112 -128.07 -102.03 -63.62
C ILE Z 112 -126.62 -102.50 -63.72
N GLN Z 113 -126.36 -103.52 -64.53
CA GLN Z 113 -125.00 -103.99 -64.71
C GLN Z 113 -124.12 -102.93 -65.37
N ASP Z 114 -124.67 -102.21 -66.35
CA ASP Z 114 -123.92 -101.14 -66.99
C ASP Z 114 -123.48 -100.09 -65.99
N GLU Z 115 -124.43 -99.61 -65.17
CA GLU Z 115 -124.07 -98.59 -64.19
C GLU Z 115 -123.14 -99.13 -63.10
N ILE Z 116 -123.32 -100.39 -62.71
CA ILE Z 116 -122.43 -100.99 -61.72
C ILE Z 116 -121.01 -101.07 -62.27
N LYS Z 117 -120.86 -101.49 -63.53
CA LYS Z 117 -119.55 -101.54 -64.16
C LYS Z 117 -118.95 -100.14 -64.28
N SER Z 118 -119.78 -99.15 -64.57
CA SER Z 118 -119.31 -97.77 -64.62
C SER Z 118 -118.74 -97.33 -63.28
N ARG Z 119 -119.46 -97.64 -62.19
CA ARG Z 119 -118.98 -97.25 -60.87
C ARG Z 119 -117.72 -98.02 -60.48
N LEU Z 120 -117.63 -99.30 -60.86
CA LEU Z 120 -116.41 -100.05 -60.59
C LEU Z 120 -115.23 -99.48 -61.36
N ASP Z 121 -115.46 -99.08 -62.61
CA ASP Z 121 -114.41 -98.42 -63.38
C ASP Z 121 -114.01 -97.11 -62.72
N GLU Z 122 -114.98 -96.37 -62.20
CA GLU Z 122 -114.67 -95.14 -61.47
C GLU Z 122 -113.82 -95.44 -60.24
N ILE Z 123 -114.13 -96.53 -59.54
CA ILE Z 123 -113.33 -96.91 -58.36
C ILE Z 123 -111.89 -97.20 -58.76
N ASP Z 124 -111.73 -97.97 -59.84
CA ASP Z 124 -110.38 -98.28 -60.31
C ASP Z 124 -109.64 -97.02 -60.75
N ARG Z 125 -110.35 -96.11 -61.41
CA ARG Z 125 -109.75 -94.85 -61.83
C ARG Z 125 -109.28 -94.03 -60.63
N VAL Z 126 -110.13 -93.93 -59.60
CA VAL Z 126 -109.75 -93.19 -58.40
C VAL Z 126 -108.54 -93.83 -57.75
N SER Z 127 -108.50 -95.16 -57.70
CA SER Z 127 -107.35 -95.85 -57.15
C SER Z 127 -106.08 -95.54 -57.94
N GLY Z 128 -106.18 -95.57 -59.27
CA GLY Z 128 -104.99 -95.38 -60.08
C GLY Z 128 -104.47 -93.96 -60.06
N GLN Z 129 -105.35 -92.98 -60.29
CA GLN Z 129 -104.92 -91.60 -60.45
C GLN Z 129 -104.57 -90.92 -59.13
N THR Z 130 -104.90 -91.52 -58.00
CA THR Z 130 -104.61 -90.91 -56.71
C THR Z 130 -103.11 -90.95 -56.47
N GLN Z 131 -102.44 -89.81 -56.70
CA GLN Z 131 -100.99 -89.72 -56.61
C GLN Z 131 -100.64 -88.51 -55.75
N PHE Z 132 -99.80 -88.73 -54.74
CA PHE Z 132 -99.36 -87.67 -53.84
C PHE Z 132 -97.85 -87.52 -53.97
N ASN Z 133 -97.40 -86.33 -54.33
CA ASN Z 133 -95.97 -86.02 -54.44
C ASN Z 133 -95.25 -87.04 -55.32
N GLY Z 134 -95.87 -87.38 -56.44
CA GLY Z 134 -95.30 -88.39 -57.33
C GLY Z 134 -95.27 -89.77 -56.73
N VAL Z 135 -96.25 -90.11 -55.91
CA VAL Z 135 -96.35 -91.44 -55.30
C VAL Z 135 -97.80 -91.88 -55.38
N ASN Z 136 -98.06 -92.97 -56.08
CA ASN Z 136 -99.41 -93.53 -56.19
C ASN Z 136 -99.67 -94.35 -54.94
N VAL Z 137 -100.40 -93.78 -53.98
CA VAL Z 137 -100.60 -94.44 -52.70
C VAL Z 137 -101.47 -95.69 -52.86
N LEU Z 138 -102.59 -95.56 -53.57
CA LEU Z 138 -103.51 -96.69 -53.77
C LEU Z 138 -103.23 -97.42 -55.07
N ALA Z 139 -101.98 -97.83 -55.29
CA ALA Z 139 -101.65 -98.59 -56.49
C ALA Z 139 -100.66 -99.72 -56.25
N LYS Z 140 -100.14 -99.87 -55.04
CA LYS Z 140 -99.16 -100.91 -54.75
C LYS Z 140 -98.98 -101.02 -53.25
N ASN Z 141 -98.91 -102.26 -52.75
CA ASN Z 141 -98.58 -102.48 -51.35
C ASN Z 141 -97.18 -101.96 -51.06
N GLY Z 142 -97.04 -101.23 -49.96
CA GLY Z 142 -95.76 -100.67 -49.61
C GLY Z 142 -95.79 -100.06 -48.23
N SER Z 143 -94.73 -99.30 -47.92
CA SER Z 143 -94.62 -98.67 -46.63
C SER Z 143 -93.71 -97.46 -46.73
N MET Z 144 -94.03 -96.43 -45.95
CA MET Z 144 -93.21 -95.22 -45.86
C MET Z 144 -92.72 -95.05 -44.43
N LYS Z 145 -91.51 -94.52 -44.30
CA LYS Z 145 -90.84 -94.38 -43.00
C LYS Z 145 -90.63 -92.89 -42.74
N ILE Z 146 -91.45 -92.34 -41.85
CA ILE Z 146 -91.39 -90.92 -41.52
C ILE Z 146 -90.40 -90.73 -40.37
N GLN Z 147 -89.36 -89.93 -40.62
CA GLN Z 147 -88.33 -89.68 -39.61
C GLN Z 147 -88.87 -88.72 -38.56
N VAL Z 148 -89.02 -89.20 -37.32
CA VAL Z 148 -89.61 -88.39 -36.26
C VAL Z 148 -88.64 -88.29 -35.08
N GLY Z 149 -87.34 -88.33 -35.37
CA GLY Z 149 -86.34 -88.25 -34.33
C GLY Z 149 -85.13 -87.45 -34.78
N ALA Z 150 -84.17 -87.31 -33.87
CA ALA Z 150 -82.97 -86.55 -34.13
C ALA Z 150 -81.82 -87.43 -34.61
N ASN Z 151 -81.73 -88.65 -34.09
CA ASN Z 151 -80.70 -89.59 -34.50
C ASN Z 151 -81.19 -90.38 -35.72
N ASP Z 152 -80.46 -91.44 -36.07
CA ASP Z 152 -80.85 -92.29 -37.18
C ASP Z 152 -81.73 -93.45 -36.68
N ASN Z 153 -82.48 -94.03 -37.61
CA ASN Z 153 -83.43 -95.11 -37.31
C ASN Z 153 -84.46 -94.66 -36.27
N GLN Z 154 -85.15 -93.58 -36.61
CA GLN Z 154 -86.12 -92.93 -35.73
C GLN Z 154 -87.43 -92.74 -36.45
N THR Z 155 -87.91 -93.80 -37.09
CA THR Z 155 -89.00 -93.71 -38.06
C THR Z 155 -90.27 -94.36 -37.55
N ILE Z 156 -91.40 -93.76 -37.89
CA ILE Z 156 -92.72 -94.38 -37.75
C ILE Z 156 -93.18 -94.81 -39.13
N THR Z 157 -93.58 -96.07 -39.26
CA THR Z 157 -93.88 -96.66 -40.56
C THR Z 157 -95.36 -96.52 -40.88
N ILE Z 158 -95.66 -95.88 -42.01
CA ILE Z 158 -97.00 -95.81 -42.54
C ILE Z 158 -97.17 -96.92 -43.56
N ASP Z 159 -98.31 -97.61 -43.50
CA ASP Z 159 -98.58 -98.75 -44.37
C ASP Z 159 -99.56 -98.36 -45.45
N LEU Z 160 -99.29 -98.80 -46.68
CA LEU Z 160 -100.14 -98.53 -47.83
C LEU Z 160 -100.50 -99.85 -48.50
N LYS Z 161 -101.79 -100.12 -48.60
CA LYS Z 161 -102.30 -101.34 -49.23
C LYS Z 161 -102.91 -101.00 -50.57
N GLN Z 162 -102.51 -101.73 -51.60
CA GLN Z 162 -103.10 -101.56 -52.93
C GLN Z 162 -104.59 -101.86 -52.87
N ILE Z 163 -105.41 -100.85 -53.13
CA ILE Z 163 -106.86 -100.97 -53.09
C ILE Z 163 -107.37 -100.85 -54.51
N ASP Z 164 -107.91 -101.94 -55.05
CA ASP Z 164 -108.49 -101.96 -56.39
C ASP Z 164 -109.39 -103.18 -56.51
N ALA Z 165 -110.11 -103.24 -57.62
CA ALA Z 165 -111.07 -104.33 -57.82
C ALA Z 165 -110.40 -105.69 -57.76
N LYS Z 166 -109.20 -105.81 -58.31
CA LYS Z 166 -108.49 -107.09 -58.30
C LYS Z 166 -108.18 -107.53 -56.87
N THR Z 167 -107.72 -106.61 -56.03
CA THR Z 167 -107.38 -106.92 -54.65
C THR Z 167 -108.58 -106.83 -53.71
N LEU Z 168 -109.79 -106.75 -54.25
CA LEU Z 168 -111.00 -106.73 -53.44
C LEU Z 168 -111.99 -107.82 -53.83
N GLY Z 169 -111.68 -108.62 -54.86
CA GLY Z 169 -112.58 -109.66 -55.32
C GLY Z 169 -113.62 -109.22 -56.32
N LEU Z 170 -113.71 -107.92 -56.61
CA LEU Z 170 -114.67 -107.42 -57.60
C LEU Z 170 -114.04 -107.34 -58.99
N ASP Z 171 -113.43 -108.42 -59.42
CA ASP Z 171 -112.84 -108.54 -60.75
C ASP Z 171 -113.71 -109.50 -61.57
N GLY Z 172 -114.61 -108.93 -62.36
CA GLY Z 172 -115.61 -109.71 -63.06
C GLY Z 172 -116.96 -109.74 -62.39
N PHE Z 173 -117.21 -108.85 -61.44
CA PHE Z 173 -118.48 -108.83 -60.71
C PHE Z 173 -119.61 -108.46 -61.67
N SER Z 174 -120.53 -109.39 -61.88
CA SER Z 174 -121.64 -109.20 -62.79
C SER Z 174 -122.94 -109.64 -62.13
N VAL Z 175 -124.05 -109.06 -62.60
CA VAL Z 175 -125.36 -109.37 -62.05
C VAL Z 175 -126.28 -109.75 -63.21
N LYS Z 176 -125.68 -110.14 -64.34
CA LYS Z 176 -126.45 -110.54 -65.50
C LYS Z 176 -125.67 -111.61 -66.25
N ASN Z 177 -126.35 -112.25 -67.20
CA ASN Z 177 -125.75 -113.32 -67.99
C ASN Z 177 -125.29 -112.82 -69.35
N THR Z 407 -122.49 -113.94 -61.07
CA THR Z 407 -121.67 -113.96 -59.87
C THR Z 407 -122.42 -114.59 -58.70
N THR Z 408 -121.77 -115.50 -57.99
CA THR Z 408 -122.38 -116.17 -56.84
C THR Z 408 -122.08 -115.39 -55.57
N ASP Z 409 -123.09 -115.27 -54.71
CA ASP Z 409 -122.99 -114.53 -53.46
C ASP Z 409 -122.44 -113.12 -53.66
N PRO Z 410 -123.15 -112.26 -54.39
CA PRO Z 410 -122.62 -110.91 -54.62
C PRO Z 410 -122.54 -110.07 -53.36
N LEU Z 411 -123.59 -110.10 -52.54
CA LEU Z 411 -123.65 -109.24 -51.36
C LEU Z 411 -122.55 -109.60 -50.37
N LYS Z 412 -122.25 -110.89 -50.24
CA LYS Z 412 -121.19 -111.31 -49.32
C LYS Z 412 -119.85 -110.73 -49.75
N ALA Z 413 -119.53 -110.79 -51.05
CA ALA Z 413 -118.29 -110.23 -51.54
C ALA Z 413 -118.25 -108.72 -51.36
N LEU Z 414 -119.38 -108.04 -51.61
CA LEU Z 414 -119.42 -106.60 -51.42
C LEU Z 414 -119.18 -106.22 -49.96
N ASP Z 415 -119.81 -106.95 -49.04
CA ASP Z 415 -119.59 -106.70 -47.61
C ASP Z 415 -118.14 -106.96 -47.24
N ASP Z 416 -117.54 -108.00 -47.82
CA ASP Z 416 -116.13 -108.30 -47.54
C ASP Z 416 -115.24 -107.16 -48.00
N ALA Z 417 -115.51 -106.61 -49.17
CA ALA Z 417 -114.72 -105.48 -49.66
C ALA Z 417 -114.87 -104.25 -48.77
N ILE Z 418 -116.11 -103.98 -48.33
CA ILE Z 418 -116.34 -102.83 -47.46
C ILE Z 418 -115.57 -103.01 -46.14
N ALA Z 419 -115.64 -104.21 -45.56
CA ALA Z 419 -114.94 -104.46 -44.30
C ALA Z 419 -113.43 -104.52 -44.49
N SER Z 420 -112.97 -104.75 -45.71
CA SER Z 420 -111.53 -104.75 -45.98
C SER Z 420 -110.99 -103.36 -46.23
N VAL Z 421 -111.82 -102.42 -46.68
CA VAL Z 421 -111.33 -101.04 -46.81
C VAL Z 421 -111.46 -100.30 -45.48
N ASP Z 422 -112.45 -100.66 -44.65
CA ASP Z 422 -112.57 -100.02 -43.35
C ASP Z 422 -111.36 -100.30 -42.46
N LYS Z 423 -110.74 -101.48 -42.62
CA LYS Z 423 -109.54 -101.80 -41.86
C LYS Z 423 -108.41 -100.84 -42.20
N PHE Z 424 -108.20 -100.58 -43.49
CA PHE Z 424 -107.14 -99.67 -43.90
C PHE Z 424 -107.44 -98.26 -43.39
N ARG Z 425 -108.71 -97.85 -43.44
CA ARG Z 425 -109.07 -96.54 -42.92
C ARG Z 425 -108.76 -96.43 -41.43
N SER Z 426 -109.07 -97.46 -40.65
CA SER Z 426 -108.79 -97.44 -39.22
C SER Z 426 -107.30 -97.39 -38.95
N SER Z 427 -106.51 -98.14 -39.71
CA SER Z 427 -105.07 -98.09 -39.55
C SER Z 427 -104.53 -96.70 -39.84
N LEU Z 428 -105.06 -96.06 -40.88
CA LEU Z 428 -104.64 -94.69 -41.20
C LEU Z 428 -104.97 -93.73 -40.07
N GLY Z 429 -106.17 -93.84 -39.49
CA GLY Z 429 -106.51 -92.99 -38.37
C GLY Z 429 -105.59 -93.19 -37.17
N ALA Z 430 -105.24 -94.45 -36.89
CA ALA Z 430 -104.33 -94.72 -35.80
C ALA Z 430 -102.96 -94.10 -36.06
N VAL Z 431 -102.47 -94.18 -37.29
CA VAL Z 431 -101.20 -93.56 -37.63
C VAL Z 431 -101.29 -92.04 -37.48
N GLN Z 432 -102.43 -91.45 -37.85
CA GLN Z 432 -102.60 -90.02 -37.68
C GLN Z 432 -102.49 -89.62 -36.22
N ASN Z 433 -103.16 -90.38 -35.34
CA ASN Z 433 -103.09 -90.06 -33.92
C ASN Z 433 -101.67 -90.20 -33.38
N ARG Z 434 -100.97 -91.26 -33.79
CA ARG Z 434 -99.58 -91.44 -33.36
C ARG Z 434 -98.71 -90.28 -33.81
N LEU Z 435 -98.87 -89.83 -35.06
CA LEU Z 435 -98.08 -88.73 -35.56
C LEU Z 435 -98.38 -87.44 -34.80
N ASP Z 436 -99.66 -87.19 -34.48
CA ASP Z 436 -99.99 -86.00 -33.72
C ASP Z 436 -99.32 -86.01 -32.34
N SER Z 437 -99.38 -87.16 -31.66
CA SER Z 437 -98.72 -87.27 -30.38
C SER Z 437 -97.21 -87.04 -30.50
N ALA Z 438 -96.62 -87.58 -31.57
CA ALA Z 438 -95.19 -87.40 -31.79
C ALA Z 438 -94.85 -85.93 -31.97
N VAL Z 439 -95.66 -85.21 -32.76
CA VAL Z 439 -95.40 -83.79 -32.98
C VAL Z 439 -95.49 -83.01 -31.68
N THR Z 440 -96.50 -83.29 -30.87
CA THR Z 440 -96.63 -82.57 -29.60
C THR Z 440 -95.44 -82.84 -28.69
N ASN Z 441 -95.02 -84.10 -28.59
CA ASN Z 441 -93.87 -84.42 -27.76
C ASN Z 441 -92.61 -83.75 -28.27
N LEU Z 442 -92.41 -83.72 -29.59
CA LEU Z 442 -91.25 -83.06 -30.16
C LEU Z 442 -91.24 -81.57 -29.85
N ASN Z 443 -92.41 -80.92 -29.95
CA ASN Z 443 -92.48 -79.50 -29.62
C ASN Z 443 -92.10 -79.24 -28.18
N ASN Z 444 -92.64 -80.05 -27.27
CA ASN Z 444 -92.32 -79.88 -25.84
C ASN Z 444 -90.83 -80.07 -25.59
N THR Z 445 -90.26 -81.13 -26.18
CA THR Z 445 -88.84 -81.40 -25.98
C THR Z 445 -87.98 -80.30 -26.55
N THR Z 446 -88.35 -79.76 -27.71
CA THR Z 446 -87.59 -78.67 -28.31
C THR Z 446 -87.61 -77.44 -27.42
N THR Z 447 -88.78 -77.09 -26.88
CA THR Z 447 -88.85 -75.93 -25.99
C THR Z 447 -87.98 -76.13 -24.77
N ASN Z 448 -88.07 -77.31 -24.15
CA ASN Z 448 -87.28 -77.57 -22.94
C ASN Z 448 -85.78 -77.52 -23.24
N LEU Z 449 -85.36 -78.11 -24.36
CA LEU Z 449 -83.94 -78.12 -24.70
C LEU Z 449 -83.44 -76.72 -25.03
N SER Z 450 -84.28 -75.90 -25.68
CA SER Z 450 -83.89 -74.52 -25.95
C SER Z 450 -83.69 -73.74 -24.66
N GLU Z 451 -84.60 -73.92 -23.70
CA GLU Z 451 -84.42 -73.25 -22.41
C GLU Z 451 -83.16 -73.74 -21.71
N ALA Z 452 -82.88 -75.05 -21.77
CA ALA Z 452 -81.67 -75.58 -21.17
C ALA Z 452 -80.42 -74.97 -21.80
N GLN Z 453 -80.41 -74.85 -23.12
CA GLN Z 453 -79.29 -74.22 -23.81
C GLN Z 453 -79.13 -72.76 -23.38
N SER Z 454 -80.24 -72.04 -23.27
CA SER Z 454 -80.18 -70.65 -22.85
C SER Z 454 -79.63 -70.51 -21.43
N ARG Z 455 -79.93 -71.47 -20.56
CA ARG Z 455 -79.37 -71.43 -19.21
C ARG Z 455 -77.86 -71.55 -19.19
N ILE Z 456 -77.24 -72.02 -20.27
CA ILE Z 456 -75.81 -72.27 -20.33
C ILE Z 456 -75.07 -71.20 -21.13
N GLN Z 457 -75.55 -70.91 -22.33
CA GLN Z 457 -74.78 -70.05 -23.23
C GLN Z 457 -75.12 -68.58 -23.10
N ASP Z 458 -76.34 -68.24 -22.67
CA ASP Z 458 -76.74 -66.84 -22.60
C ASP Z 458 -76.07 -66.15 -21.41
N ALA Z 459 -75.98 -64.83 -21.50
CA ALA Z 459 -75.34 -64.00 -20.49
C ALA Z 459 -76.38 -63.19 -19.73
N ASP Z 460 -75.98 -62.73 -18.55
CA ASP Z 460 -76.83 -61.89 -17.70
C ASP Z 460 -76.38 -60.45 -17.87
N TYR Z 461 -77.26 -59.62 -18.43
CA TYR Z 461 -76.86 -58.27 -18.84
C TYR Z 461 -76.51 -57.39 -17.64
N ALA Z 462 -77.24 -57.53 -16.54
CA ALA Z 462 -77.00 -56.68 -15.38
C ALA Z 462 -75.58 -56.87 -14.84
N THR Z 463 -75.16 -58.13 -14.70
CA THR Z 463 -73.81 -58.41 -14.21
C THR Z 463 -72.76 -57.84 -15.15
N GLU Z 464 -72.97 -58.02 -16.46
CA GLU Z 464 -71.99 -57.52 -17.43
C GLU Z 464 -71.89 -56.01 -17.40
N VAL Z 465 -73.04 -55.32 -17.28
CA VAL Z 465 -73.02 -53.86 -17.20
C VAL Z 465 -72.29 -53.41 -15.94
N SER Z 466 -72.57 -54.05 -14.80
CA SER Z 466 -71.89 -53.67 -13.56
C SER Z 466 -70.39 -53.87 -13.67
N ASN Z 467 -69.97 -55.01 -14.23
CA ASN Z 467 -68.53 -55.26 -14.39
C ASN Z 467 -67.90 -54.26 -15.33
N MET Z 468 -68.58 -53.93 -16.43
CA MET Z 468 -68.02 -52.96 -17.38
C MET Z 468 -67.86 -51.60 -16.73
N SER Z 469 -68.86 -51.15 -15.98
CA SER Z 469 -68.75 -49.86 -15.30
C SER Z 469 -67.62 -49.86 -14.28
N LYS Z 470 -67.52 -50.94 -13.50
CA LYS Z 470 -66.45 -51.03 -12.50
C LYS Z 470 -65.08 -51.00 -13.16
N ALA Z 471 -64.91 -51.73 -14.26
CA ALA Z 471 -63.64 -51.75 -14.96
C ALA Z 471 -63.31 -50.37 -15.53
N GLN Z 472 -64.31 -49.67 -16.06
CA GLN Z 472 -64.07 -48.33 -16.59
C GLN Z 472 -63.61 -47.38 -15.50
N ILE Z 473 -64.27 -47.44 -14.33
CA ILE Z 473 -63.87 -46.57 -13.22
C ILE Z 473 -62.44 -46.89 -12.79
N ILE Z 474 -62.11 -48.18 -12.69
CA ILE Z 474 -60.77 -48.56 -12.27
C ILE Z 474 -59.74 -48.12 -13.30
N GLN Z 475 -60.09 -48.18 -14.59
CA GLN Z 475 -59.17 -47.73 -15.62
C GLN Z 475 -58.89 -46.25 -15.52
N GLN Z 476 -59.94 -45.44 -15.34
CA GLN Z 476 -59.73 -44.00 -15.21
C GLN Z 476 -58.91 -43.68 -13.96
N ALA Z 477 -59.20 -44.35 -12.85
CA ALA Z 477 -58.41 -44.14 -11.65
C ALA Z 477 -56.94 -44.51 -11.87
N GLY Z 478 -56.70 -45.63 -12.54
CA GLY Z 478 -55.33 -46.03 -12.81
C GLY Z 478 -54.61 -45.06 -13.72
N ASN Z 479 -55.32 -44.50 -14.70
CA ASN Z 479 -54.71 -43.50 -15.56
C ASN Z 479 -54.30 -42.26 -14.76
N SER Z 480 -55.17 -41.80 -13.87
CA SER Z 480 -54.83 -40.65 -13.04
C SER Z 480 -53.63 -40.96 -12.14
N VAL Z 481 -53.62 -42.14 -11.54
CA VAL Z 481 -52.51 -42.51 -10.66
C VAL Z 481 -51.21 -42.61 -11.46
N LEU Z 482 -51.28 -43.13 -12.68
CA LEU Z 482 -50.09 -43.21 -13.52
C LEU Z 482 -49.56 -41.83 -13.86
N ALA Z 483 -50.45 -40.90 -14.20
CA ALA Z 483 -50.01 -39.53 -14.46
C ALA Z 483 -49.32 -38.94 -13.24
N LYS Z 484 -49.91 -39.15 -12.06
CA LYS Z 484 -49.30 -38.62 -10.84
C LYS Z 484 -47.94 -39.27 -10.57
N ALA Z 485 -47.83 -40.57 -10.82
CA ALA Z 485 -46.56 -41.26 -10.62
C ALA Z 485 -45.47 -40.72 -11.55
N ASN Z 486 -45.82 -40.47 -12.81
CA ASN Z 486 -44.87 -39.82 -13.70
C ASN Z 486 -44.56 -38.39 -13.25
N GLN Z 487 -45.50 -37.74 -12.57
CA GLN Z 487 -45.25 -36.40 -12.06
C GLN Z 487 -44.27 -36.43 -10.88
N VAL Z 488 -44.25 -37.53 -10.13
CA VAL Z 488 -43.46 -37.58 -8.88
C VAL Z 488 -42.00 -37.18 -9.06
N PRO Z 489 -41.24 -37.72 -10.03
CA PRO Z 489 -39.78 -37.52 -10.01
C PRO Z 489 -39.30 -36.09 -10.24
N GLN Z 490 -40.21 -35.10 -10.35
CA GLN Z 490 -39.76 -33.75 -10.65
C GLN Z 490 -38.99 -33.09 -9.51
N GLN Z 491 -39.08 -33.62 -8.29
CA GLN Z 491 -38.38 -33.01 -7.16
C GLN Z 491 -36.87 -33.03 -7.34
N VAL Z 492 -36.36 -33.99 -8.11
CA VAL Z 492 -34.92 -34.07 -8.35
C VAL Z 492 -34.43 -32.83 -9.09
N LEU Z 493 -35.24 -32.33 -10.03
CA LEU Z 493 -34.86 -31.11 -10.74
C LEU Z 493 -34.76 -29.92 -9.79
N SER Z 494 -35.69 -29.83 -8.84
CA SER Z 494 -35.60 -28.78 -7.83
C SER Z 494 -34.35 -28.95 -6.98
N LEU Z 495 -34.00 -30.20 -6.64
CA LEU Z 495 -32.77 -30.44 -5.88
C LEU Z 495 -31.54 -29.95 -6.64
N LEU Z 496 -31.43 -30.34 -7.92
CA LEU Z 496 -30.26 -29.92 -8.71
C LEU Z 496 -30.22 -28.41 -8.90
N GLN Z 497 -31.37 -27.78 -9.16
CA GLN Z 497 -31.39 -26.34 -9.38
C GLN Z 497 -30.98 -25.58 -8.13
N GLY Z 498 -31.43 -26.02 -6.97
CA GLY Z 498 -31.09 -25.37 -5.72
C GLY Z 498 -32.30 -24.97 -4.90
N GLN AA 3 76.76 56.97 37.18
CA GLN AA 3 77.38 55.71 36.79
C GLN AA 3 77.09 54.68 37.86
N VAL AA 4 76.28 55.12 38.82
CA VAL AA 4 75.94 54.36 40.03
C VAL AA 4 75.47 52.95 39.71
N ILE AA 5 76.06 51.95 40.37
CA ILE AA 5 75.67 50.56 40.24
C ILE AA 5 75.07 50.01 41.52
N ASN AA 6 75.16 50.75 42.62
CA ASN AA 6 74.57 50.32 43.88
C ASN AA 6 73.07 50.59 43.91
N THR AA 7 72.55 51.28 42.91
CA THR AA 7 71.12 51.44 42.68
C THR AA 7 70.91 51.51 41.17
N ASN AA 8 69.94 50.74 40.68
CA ASN AA 8 69.71 50.58 39.25
C ASN AA 8 68.24 50.91 38.95
N SER AA 9 67.83 52.11 39.38
CA SER AA 9 66.46 52.59 39.37
C SER AA 9 65.65 52.17 38.14
N LEU AA 10 66.29 52.14 36.97
CA LEU AA 10 65.62 51.65 35.78
C LEU AA 10 65.01 50.27 36.01
N SER AA 11 65.78 49.37 36.63
CA SER AA 11 65.25 48.06 36.98
C SER AA 11 64.06 48.18 37.92
N LEU AA 12 64.13 49.12 38.87
CA LEU AA 12 63.03 49.30 39.81
C LEU AA 12 61.75 49.71 39.07
N ILE AA 13 61.87 50.64 38.11
CA ILE AA 13 60.71 51.05 37.33
C ILE AA 13 60.15 49.88 36.55
N THR AA 14 61.03 49.09 35.93
CA THR AA 14 60.57 47.95 35.15
C THR AA 14 59.84 46.93 36.03
N GLN AA 15 60.39 46.65 37.21
CA GLN AA 15 59.73 45.73 38.14
C GLN AA 15 58.38 46.27 38.57
N ASN AA 16 58.30 47.58 38.82
CA ASN AA 16 57.02 48.17 39.20
C ASN AA 16 55.99 47.99 38.10
N ASN AA 17 56.38 48.22 36.84
CA ASN AA 17 55.45 48.05 35.74
C ASN AA 17 55.00 46.59 35.60
N ILE AA 18 55.94 45.66 35.74
CA ILE AA 18 55.60 44.24 35.63
C ILE AA 18 54.62 43.84 36.74
N ASN AA 19 54.89 44.30 37.96
CA ASN AA 19 54.00 43.99 39.08
C ASN AA 19 52.62 44.60 38.86
N LYS AA 20 52.57 45.80 38.27
CA LYS AA 20 51.28 46.39 37.94
C LYS AA 20 50.51 45.53 36.93
N ASN AA 21 51.21 45.03 35.90
CA ASN AA 21 50.52 44.24 34.88
C ASN AA 21 50.06 42.90 35.43
N GLN AA 22 50.78 42.36 36.42
CA GLN AA 22 50.48 41.07 37.03
C GLN AA 22 49.01 40.92 37.43
N SER AA 23 48.45 41.96 38.07
CA SER AA 23 47.07 41.87 38.53
C SER AA 23 46.10 41.71 37.37
N ALA AA 24 46.29 42.49 36.30
CA ALA AA 24 45.43 42.37 35.13
C ALA AA 24 45.55 40.99 34.51
N LEU AA 25 46.77 40.47 34.41
CA LEU AA 25 46.95 39.14 33.82
C LEU AA 25 46.23 38.07 34.65
N SER AA 26 46.40 38.15 35.98
CA SER AA 26 45.74 37.18 36.85
C SER AA 26 44.22 37.28 36.74
N SER AA 27 43.70 38.51 36.69
CA SER AA 27 42.26 38.69 36.55
C SER AA 27 41.76 38.10 35.24
N SER AA 28 42.49 38.32 34.14
CA SER AA 28 42.06 37.77 32.86
C SER AA 28 42.02 36.25 32.90
N ILE AA 29 43.08 35.63 33.46
CA ILE AA 29 43.11 34.17 33.55
C ILE AA 29 41.95 33.66 34.41
N GLU AA 30 41.70 34.33 35.54
CA GLU AA 30 40.63 33.89 36.44
C GLU AA 30 39.27 33.99 35.77
N ARG AA 31 39.00 35.09 35.05
CA ARG AA 31 37.73 35.22 34.34
C ARG AA 31 37.61 34.14 33.26
N LEU AA 32 38.69 33.87 32.53
CA LEU AA 32 38.62 32.86 31.48
C LEU AA 32 38.32 31.48 32.05
N SER AA 33 38.97 31.13 33.17
CA SER AA 33 38.76 29.81 33.75
C SER AA 33 37.37 29.67 34.36
N SER AA 34 36.96 30.66 35.17
CA SER AA 34 35.71 30.53 35.90
C SER AA 34 34.50 30.66 34.96
N GLY AA 35 34.51 31.66 34.09
CA GLY AA 35 33.38 31.95 33.24
C GLY AA 35 32.46 33.03 33.74
N LEU AA 36 32.75 33.62 34.90
CA LEU AA 36 31.94 34.69 35.47
C LEU AA 36 32.81 35.92 35.68
N ARG AA 37 32.29 37.09 35.29
CA ARG AA 37 33.05 38.32 35.48
C ARG AA 37 33.04 38.76 36.94
N ILE AA 38 31.93 38.57 37.65
CA ILE AA 38 31.90 38.80 39.10
C ILE AA 38 32.24 37.46 39.75
N ASN AA 39 33.53 37.25 40.00
CA ASN AA 39 34.00 36.07 40.72
C ASN AA 39 34.35 36.37 42.17
N SER AA 40 34.34 37.64 42.57
CA SER AA 40 34.64 38.03 43.94
C SER AA 40 33.97 39.37 44.22
N ALA AA 41 33.85 39.70 45.50
CA ALA AA 41 33.25 40.97 45.89
C ALA AA 41 34.10 42.15 45.45
N LYS AA 42 35.40 41.97 45.28
CA LYS AA 42 36.25 43.06 44.83
C LYS AA 42 35.88 43.53 43.43
N ASP AA 43 35.30 42.66 42.61
CA ASP AA 43 34.99 43.02 41.24
C ASP AA 43 33.94 44.11 41.18
N ASP AA 44 32.70 43.78 41.51
CA ASP AA 44 31.61 44.76 41.55
C ASP AA 44 30.93 44.79 42.92
N ALA AA 45 30.40 43.64 43.34
CA ALA AA 45 29.70 43.36 44.59
C ALA AA 45 28.31 44.00 44.66
N ALA AA 46 28.05 45.03 43.84
CA ALA AA 46 26.66 45.37 43.58
C ALA AA 46 26.09 44.44 42.54
N GLY AA 47 26.88 44.15 41.51
CA GLY AA 47 26.54 43.07 40.60
C GLY AA 47 26.45 41.74 41.32
N GLN AA 48 27.33 41.51 42.30
CA GLN AA 48 27.27 40.27 43.05
C GLN AA 48 26.00 40.19 43.89
N ALA AA 49 25.62 41.27 44.55
CA ALA AA 49 24.41 41.26 45.36
C ALA AA 49 23.18 41.05 44.50
N ILE AA 50 23.09 41.79 43.39
CA ILE AA 50 21.93 41.67 42.51
C ILE AA 50 21.89 40.30 41.86
N ALA AA 51 23.06 39.73 41.55
CA ALA AA 51 23.12 38.40 40.97
C ALA AA 51 22.69 37.34 41.97
N ASN AA 52 23.10 37.48 43.23
CA ASN AA 52 22.64 36.55 44.26
C ASN AA 52 21.13 36.60 44.41
N ARG AA 53 20.57 37.82 44.44
CA ARG AA 53 19.12 37.95 44.53
C ARG AA 53 18.43 37.37 43.30
N PHE AA 54 19.00 37.58 42.12
CA PHE AA 54 18.43 37.03 40.89
C PHE AA 54 18.45 35.51 40.91
N THR AA 55 19.55 34.92 41.37
CA THR AA 55 19.64 33.46 41.48
C THR AA 55 18.58 32.93 42.44
N SER AA 56 18.41 33.60 43.58
CA SER AA 56 17.38 33.21 44.53
C SER AA 56 16.00 33.27 43.88
N ASN AA 57 15.73 34.33 43.15
CA ASN AA 57 14.44 34.46 42.48
C ASN AA 57 14.22 33.36 41.45
N ILE AA 58 15.24 33.05 40.67
CA ILE AA 58 15.11 32.02 39.62
C ILE AA 58 14.81 30.67 40.26
N LYS AA 59 15.56 30.31 41.30
CA LYS AA 59 15.34 29.03 41.96
C LYS AA 59 13.94 28.98 42.57
N GLY AA 60 13.53 30.07 43.22
CA GLY AA 60 12.21 30.09 43.82
C GLY AA 60 11.11 29.95 42.79
N LEU AA 61 11.24 30.61 41.64
CA LEU AA 61 10.19 30.53 40.63
C LEU AA 61 10.13 29.15 40.00
N THR AA 62 11.28 28.53 39.76
CA THR AA 62 11.28 27.16 39.23
C THR AA 62 10.60 26.21 40.20
N GLN AA 63 10.95 26.30 41.48
CA GLN AA 63 10.30 25.45 42.48
C GLN AA 63 8.81 25.75 42.56
N ALA AA 64 8.42 27.03 42.37
CA ALA AA 64 7.01 27.38 42.40
C ALA AA 64 6.25 26.71 41.26
N ALA AA 65 6.83 26.69 40.06
CA ALA AA 65 6.18 25.99 38.95
C ALA AA 65 6.08 24.50 39.22
N ARG AA 66 7.14 23.92 39.79
CA ARG AA 66 7.10 22.51 40.14
C ARG AA 66 5.97 22.21 41.12
N ASN AA 67 5.81 23.07 42.14
CA ASN AA 67 4.70 22.91 43.08
C ASN AA 67 3.36 23.09 42.40
N ALA AA 68 3.29 24.02 41.44
CA ALA AA 68 2.03 24.31 40.76
C ALA AA 68 1.52 23.10 40.00
N ASN AA 69 2.42 22.35 39.36
CA ASN AA 69 1.99 21.18 38.59
C ASN AA 69 1.26 20.16 39.47
N ASP AA 70 1.63 20.07 40.75
CA ASP AA 70 1.01 19.11 41.65
C ASP AA 70 -0.47 19.39 41.83
N GLY AA 71 -0.85 20.67 41.92
CA GLY AA 71 -2.25 21.01 42.04
C GLY AA 71 -3.05 20.56 40.84
N ILE AA 72 -2.48 20.71 39.64
CA ILE AA 72 -3.13 20.22 38.43
C ILE AA 72 -3.33 18.72 38.52
N SER AA 73 -2.31 18.00 38.99
CA SER AA 73 -2.44 16.54 39.12
C SER AA 73 -3.57 16.16 40.08
N VAL AA 74 -3.62 16.83 41.24
CA VAL AA 74 -4.65 16.53 42.22
C VAL AA 74 -6.03 16.82 41.65
N ALA AA 75 -6.18 17.96 40.96
CA ALA AA 75 -7.47 18.32 40.39
C ALA AA 75 -7.89 17.31 39.33
N GLN AA 76 -6.95 16.82 38.52
CA GLN AA 76 -7.29 15.82 37.52
C GLN AA 76 -7.78 14.53 38.17
N THR AA 77 -7.11 14.09 39.23
CA THR AA 77 -7.54 12.86 39.93
C THR AA 77 -8.95 13.04 40.50
N THR AA 78 -9.19 14.16 41.18
CA THR AA 78 -10.49 14.41 41.75
C THR AA 78 -11.56 14.50 40.67
N GLU AA 79 -11.21 15.08 39.52
CA GLU AA 79 -12.15 15.18 38.41
C GLU AA 79 -12.53 13.80 37.88
N GLY AA 80 -11.56 12.91 37.74
CA GLY AA 80 -11.89 11.55 37.31
C GLY AA 80 -12.82 10.85 38.28
N ALA AA 81 -12.52 10.96 39.59
CA ALA AA 81 -13.41 10.36 40.58
C ALA AA 81 -14.81 10.95 40.49
N LEU AA 82 -14.91 12.27 40.32
CA LEU AA 82 -16.21 12.92 40.22
C LEU AA 82 -16.96 12.45 38.97
N SER AA 83 -16.23 12.24 37.86
CA SER AA 83 -16.88 11.76 36.65
C SER AA 83 -17.49 10.38 36.86
N GLU AA 84 -16.78 9.50 37.56
CA GLU AA 84 -17.34 8.18 37.82
C GLU AA 84 -18.53 8.25 38.76
N ILE AA 85 -18.46 9.12 39.77
CA ILE AA 85 -19.64 9.35 40.62
C ILE AA 85 -20.81 9.85 39.77
N ASN AA 86 -20.53 10.71 38.79
CA ASN AA 86 -21.56 11.20 37.89
C ASN AA 86 -22.19 10.08 37.11
N ASN AA 87 -21.37 9.15 36.61
CA ASN AA 87 -21.92 8.00 35.87
C ASN AA 87 -22.83 7.18 36.77
N ASN AA 88 -22.41 6.94 38.02
CA ASN AA 88 -23.25 6.20 38.95
C ASN AA 88 -24.58 6.91 39.19
N LEU AA 89 -24.53 8.23 39.38
CA LEU AA 89 -25.77 8.99 39.58
C LEU AA 89 -26.67 8.93 38.35
N GLN AA 90 -26.08 8.98 37.16
CA GLN AA 90 -26.89 8.90 35.93
C GLN AA 90 -27.62 7.56 35.85
N ARG AA 91 -26.90 6.47 36.14
CA ARG AA 91 -27.55 5.16 36.08
C ARG AA 91 -28.62 5.04 37.17
N VAL AA 92 -28.37 5.58 38.35
CA VAL AA 92 -29.37 5.55 39.42
C VAL AA 92 -30.61 6.33 38.99
N ARG AA 93 -30.41 7.47 38.35
CA ARG AA 93 -31.55 8.26 37.86
C ARG AA 93 -32.37 7.48 36.85
N GLU AA 94 -31.70 6.82 35.90
CA GLU AA 94 -32.44 6.03 34.92
C GLU AA 94 -33.19 4.90 35.60
N LEU AA 95 -32.58 4.27 36.59
CA LEU AA 95 -33.25 3.19 37.32
C LEU AA 95 -34.50 3.72 38.04
N THR AA 96 -34.40 4.90 38.64
CA THR AA 96 -35.57 5.48 39.31
C THR AA 96 -36.67 5.80 38.30
N VAL AA 97 -36.29 6.34 37.14
CA VAL AA 97 -37.29 6.58 36.08
C VAL AA 97 -37.99 5.29 35.72
N GLN AA 98 -37.24 4.18 35.61
CA GLN AA 98 -37.85 2.90 35.31
C GLN AA 98 -38.76 2.44 36.43
N ALA AA 99 -38.35 2.66 37.69
CA ALA AA 99 -39.07 2.12 38.83
C ALA AA 99 -40.34 2.88 39.16
N THR AA 100 -40.42 4.16 38.83
CA THR AA 100 -41.60 4.94 39.20
C THR AA 100 -42.76 4.70 38.24
N THR AA 101 -43.12 3.44 38.04
CA THR AA 101 -44.21 3.06 37.14
C THR AA 101 -45.12 2.06 37.85
N GLY AA 102 -46.42 2.15 37.56
CA GLY AA 102 -47.38 1.28 38.20
C GLY AA 102 -47.40 -0.14 37.68
N THR AA 103 -46.83 -0.38 36.50
CA THR AA 103 -46.80 -1.75 35.96
C THR AA 103 -45.85 -2.65 36.74
N ASN AA 104 -44.79 -2.08 37.31
CA ASN AA 104 -43.79 -2.88 38.01
C ASN AA 104 -44.40 -3.57 39.23
N SER AA 105 -44.00 -4.81 39.46
CA SER AA 105 -44.44 -5.57 40.62
C SER AA 105 -43.55 -5.26 41.81
N GLU AA 106 -43.85 -5.90 42.95
CA GLU AA 106 -43.09 -5.63 44.16
C GLU AA 106 -41.70 -6.22 44.10
N SER AA 107 -41.56 -7.43 43.53
CA SER AA 107 -40.24 -8.04 43.40
C SER AA 107 -39.36 -7.26 42.44
N ASP AA 108 -39.95 -6.73 41.36
CA ASP AA 108 -39.20 -5.88 40.45
C ASP AA 108 -38.68 -4.64 41.17
N LEU AA 109 -39.52 -4.04 42.01
CA LEU AA 109 -39.09 -2.90 42.81
C LEU AA 109 -37.97 -3.31 43.76
N SER AA 110 -38.06 -4.51 44.32
CA SER AA 110 -37.00 -4.99 45.21
C SER AA 110 -35.67 -5.10 44.47
N SER AA 111 -35.69 -5.65 43.26
CA SER AA 111 -34.47 -5.77 42.47
C SER AA 111 -33.91 -4.39 42.12
N ILE AA 112 -34.79 -3.47 41.71
CA ILE AA 112 -34.37 -2.11 41.40
C ILE AA 112 -33.70 -1.48 42.62
N GLN AA 113 -34.33 -1.64 43.79
CA GLN AA 113 -33.79 -1.05 45.01
C GLN AA 113 -32.46 -1.66 45.37
N ASP AA 114 -32.30 -2.97 45.18
CA ASP AA 114 -31.02 -3.61 45.45
C ASP AA 114 -29.92 -3.03 44.58
N GLU AA 115 -30.18 -2.89 43.28
CA GLU AA 115 -29.16 -2.33 42.40
C GLU AA 115 -28.87 -0.87 42.74
N ILE AA 116 -29.90 -0.09 43.06
CA ILE AA 116 -29.72 1.31 43.41
C ILE AA 116 -28.86 1.44 44.67
N LYS AA 117 -29.15 0.60 45.67
CA LYS AA 117 -28.38 0.64 46.90
C LYS AA 117 -26.94 0.22 46.67
N SER AA 118 -26.72 -0.76 45.78
CA SER AA 118 -25.35 -1.16 45.46
C SER AA 118 -24.59 0.00 44.82
N ARG AA 119 -25.23 0.72 43.90
CA ARG AA 119 -24.54 1.83 43.24
C ARG AA 119 -24.31 2.99 44.19
N LEU AA 120 -25.25 3.24 45.11
CA LEU AA 120 -25.01 4.24 46.15
C LEU AA 120 -23.85 3.83 47.04
N ASP AA 121 -23.74 2.54 47.36
CA ASP AA 121 -22.61 2.05 48.14
C ASP AA 121 -21.30 2.27 47.39
N GLU AA 122 -21.32 2.07 46.07
CA GLU AA 122 -20.13 2.37 45.27
C GLU AA 122 -19.81 3.85 45.27
N ILE AA 123 -20.82 4.71 45.26
CA ILE AA 123 -20.57 6.15 45.38
C ILE AA 123 -19.85 6.44 46.70
N ASP AA 124 -20.36 5.87 47.80
CA ASP AA 124 -19.76 6.10 49.11
C ASP AA 124 -18.33 5.55 49.14
N ARG AA 125 -18.14 4.36 48.56
CA ARG AA 125 -16.83 3.73 48.58
C ARG AA 125 -15.81 4.53 47.78
N VAL AA 126 -16.17 4.94 46.57
CA VAL AA 126 -15.24 5.72 45.76
C VAL AA 126 -14.98 7.08 46.41
N SER AA 127 -15.93 7.59 47.19
CA SER AA 127 -15.67 8.79 47.98
C SER AA 127 -14.60 8.51 49.04
N GLY AA 128 -14.76 7.43 49.80
CA GLY AA 128 -13.86 7.18 50.91
C GLY AA 128 -12.47 6.74 50.49
N GLN AA 129 -12.40 5.77 49.58
CA GLN AA 129 -11.12 5.12 49.28
C GLN AA 129 -10.20 5.99 48.45
N THR AA 130 -10.76 6.88 47.62
CA THR AA 130 -9.95 7.65 46.67
C THR AA 130 -9.10 8.65 47.43
N GLN AA 131 -7.82 8.32 47.60
CA GLN AA 131 -6.88 9.14 48.34
C GLN AA 131 -5.65 9.43 47.48
N PHE AA 132 -5.12 10.64 47.61
CA PHE AA 132 -3.95 11.08 46.86
C PHE AA 132 -2.87 11.52 47.83
N ASN AA 133 -1.71 10.88 47.77
CA ASN AA 133 -0.52 11.26 48.54
C ASN AA 133 -0.84 11.42 50.02
N GLY AA 134 -1.53 10.42 50.56
CA GLY AA 134 -1.93 10.46 51.96
C GLY AA 134 -2.96 11.53 52.28
N VAL AA 135 -3.83 11.86 51.32
CA VAL AA 135 -4.87 12.85 51.51
C VAL AA 135 -6.15 12.33 50.87
N ASN AA 136 -7.18 12.11 51.68
CA ASN AA 136 -8.49 11.69 51.18
C ASN AA 136 -9.24 12.93 50.74
N VAL AA 137 -9.13 13.24 49.44
CA VAL AA 137 -9.66 14.51 48.93
C VAL AA 137 -11.18 14.57 49.08
N LEU AA 138 -11.87 13.49 48.70
CA LEU AA 138 -13.34 13.44 48.79
C LEU AA 138 -13.79 12.82 50.10
N ALA AA 139 -13.28 13.32 51.23
CA ALA AA 139 -13.70 12.80 52.52
C ALA AA 139 -13.96 13.87 53.57
N LYS AA 140 -13.57 15.12 53.34
CA LYS AA 140 -13.72 16.16 54.34
C LYS AA 140 -13.60 17.51 53.67
N ASN AA 141 -14.50 18.43 54.02
CA ASN AA 141 -14.44 19.79 53.48
C ASN AA 141 -13.14 20.46 53.91
N GLY AA 142 -12.46 21.09 52.96
CA GLY AA 142 -11.21 21.75 53.25
C GLY AA 142 -10.72 22.53 52.07
N SER AA 143 -9.44 22.90 52.14
CA SER AA 143 -8.81 23.66 51.06
C SER AA 143 -7.32 23.41 51.09
N MET AA 144 -6.72 23.37 49.90
CA MET AA 144 -5.29 23.19 49.74
C MET AA 144 -4.66 24.47 49.24
N LYS AA 145 -3.43 24.73 49.69
CA LYS AA 145 -2.75 26.00 49.45
C LYS AA 145 -1.52 25.70 48.58
N ILE AA 146 -1.60 26.09 47.30
CA ILE AA 146 -0.56 25.77 46.33
C ILE AA 146 0.36 26.97 46.19
N GLN AA 147 1.63 26.78 46.54
CA GLN AA 147 2.64 27.84 46.46
C GLN AA 147 3.07 28.00 45.00
N VAL AA 148 2.77 29.17 44.42
CA VAL AA 148 3.11 29.41 43.02
C VAL AA 148 3.91 30.70 42.89
N GLY AA 149 4.65 31.06 43.94
CA GLY AA 149 5.41 32.29 43.95
C GLY AA 149 6.76 32.11 44.64
N ALA AA 150 7.53 33.19 44.62
CA ALA AA 150 8.87 33.18 45.21
C ALA AA 150 8.88 33.66 46.65
N ASN AA 151 8.05 34.65 46.99
CA ASN AA 151 8.00 35.19 48.33
C ASN AA 151 6.99 34.38 49.16
N ASP AA 152 6.66 34.89 50.34
CA ASP AA 152 5.70 34.22 51.22
C ASP AA 152 4.29 34.69 50.90
N ASN AA 153 3.33 33.80 51.16
CA ASN AA 153 1.92 34.05 50.88
C ASN AA 153 1.75 34.45 49.41
N GLN AA 154 2.04 33.48 48.55
CA GLN AA 154 1.97 33.65 47.10
C GLN AA 154 1.13 32.54 46.50
N THR AA 155 0.06 32.16 47.19
CA THR AA 155 -0.59 30.87 46.98
C THR AA 155 -1.90 31.00 46.23
N ILE AA 156 -2.26 29.90 45.55
CA ILE AA 156 -3.57 29.71 44.95
C ILE AA 156 -4.29 28.63 45.73
N THR AA 157 -5.55 28.90 46.08
CA THR AA 157 -6.32 28.02 46.95
C THR AA 157 -7.21 27.11 46.13
N ILE AA 158 -7.05 25.80 46.31
CA ILE AA 158 -7.93 24.80 45.72
C ILE AA 158 -8.92 24.36 46.78
N ASP AA 159 -10.16 24.11 46.37
CA ASP AA 159 -11.23 23.78 47.29
C ASP AA 159 -11.58 22.30 47.18
N LEU AA 160 -11.98 21.72 48.32
CA LEU AA 160 -12.33 20.31 48.40
C LEU AA 160 -13.63 20.17 49.20
N LYS AA 161 -14.62 19.55 48.58
CA LYS AA 161 -15.92 19.34 49.21
C LYS AA 161 -16.13 17.86 49.48
N GLN AA 162 -16.52 17.52 50.71
CA GLN AA 162 -16.87 16.16 51.06
C GLN AA 162 -18.08 15.70 50.27
N ILE AA 163 -17.89 14.77 49.34
CA ILE AA 163 -18.96 14.29 48.48
C ILE AA 163 -19.27 12.85 48.88
N ASP AA 164 -20.49 12.62 49.32
CA ASP AA 164 -20.96 11.27 49.67
C ASP AA 164 -22.48 11.31 49.78
N ALA AA 165 -23.05 10.16 50.12
CA ALA AA 165 -24.51 10.06 50.21
C ALA AA 165 -25.09 11.04 51.22
N LYS AA 166 -24.44 11.18 52.38
CA LYS AA 166 -24.96 12.07 53.40
C LYS AA 166 -24.94 13.52 52.94
N THR AA 167 -23.85 13.94 52.29
CA THR AA 167 -23.71 15.33 51.84
C THR AA 167 -24.33 15.58 50.47
N LEU AA 168 -25.20 14.68 50.02
CA LEU AA 168 -25.91 14.87 48.76
C LEU AA 168 -27.41 14.67 48.88
N GLY AA 169 -27.91 14.33 50.07
CA GLY AA 169 -29.31 14.05 50.27
C GLY AA 169 -29.74 12.65 49.93
N LEU AA 170 -28.83 11.82 49.40
CA LEU AA 170 -29.16 10.45 49.03
C LEU AA 170 -28.82 9.48 50.16
N ASP AA 171 -29.31 9.78 51.36
CA ASP AA 171 -29.13 8.92 52.54
C ASP AA 171 -30.50 8.37 52.93
N GLY AA 172 -30.68 7.06 52.79
CA GLY AA 172 -31.97 6.46 52.98
C GLY AA 172 -32.86 6.46 51.77
N PHE AA 173 -32.28 6.60 50.58
CA PHE AA 173 -33.05 6.70 49.34
C PHE AA 173 -33.57 5.32 48.97
N SER AA 174 -34.90 5.16 49.00
CA SER AA 174 -35.53 3.90 48.67
C SER AA 174 -36.67 4.12 47.69
N VAL AA 175 -36.93 3.11 46.87
CA VAL AA 175 -38.02 3.16 45.89
C VAL AA 175 -38.97 2.01 46.16
N LYS AA 176 -39.00 1.53 47.40
CA LYS AA 176 -39.86 0.42 47.78
C LYS AA 176 -40.19 0.54 49.26
N ASN AA 177 -41.17 -0.25 49.68
CA ASN AA 177 -41.61 -0.23 51.07
C ASN AA 177 -41.01 -1.38 51.87
N THR AA 407 -39.21 7.14 49.63
CA THR AA 407 -38.68 8.47 49.41
C THR AA 407 -39.63 9.29 48.51
N THR AA 408 -39.90 10.52 48.92
CA THR AA 408 -40.78 11.40 48.16
C THR AA 408 -39.96 12.29 47.23
N ASP AA 409 -40.49 12.51 46.03
CA ASP AA 409 -39.84 13.30 44.98
C ASP AA 409 -38.42 12.79 44.73
N PRO AA 410 -38.25 11.58 44.22
CA PRO AA 410 -36.90 11.02 44.07
C PRO AA 410 -36.08 11.72 42.99
N LEU AA 411 -36.70 11.95 41.83
CA LEU AA 411 -35.97 12.51 40.70
C LEU AA 411 -35.47 13.91 41.01
N LYS AA 412 -36.25 14.69 41.76
CA LYS AA 412 -35.79 16.04 42.12
C LYS AA 412 -34.53 15.97 42.97
N ALA AA 413 -34.49 15.07 43.95
CA ALA AA 413 -33.30 14.93 44.78
C ALA AA 413 -32.11 14.44 43.97
N LEU AA 414 -32.35 13.49 43.05
CA LEU AA 414 -31.25 12.99 42.22
C LEU AA 414 -30.68 14.10 41.33
N ASP AA 415 -31.56 14.90 40.73
CA ASP AA 415 -31.11 16.03 39.94
C ASP AA 415 -30.35 17.04 40.81
N ASP AA 416 -30.79 17.21 42.05
CA ASP AA 416 -30.09 18.09 42.97
C ASP AA 416 -28.68 17.58 43.24
N ALA AA 417 -28.52 16.28 43.42
CA ALA AA 417 -27.19 15.71 43.62
C ALA AA 417 -26.30 15.91 42.40
N ILE AA 418 -26.87 15.70 41.21
CA ILE AA 418 -26.08 15.88 39.98
C ILE AA 418 -25.66 17.34 39.83
N ALA AA 419 -26.57 18.27 40.11
CA ALA AA 419 -26.27 19.69 40.03
C ALA AA 419 -25.44 20.18 41.20
N SER AA 420 -25.23 19.34 42.22
CA SER AA 420 -24.29 19.65 43.27
C SER AA 420 -22.89 19.13 42.97
N VAL AA 421 -22.78 18.06 42.19
CA VAL AA 421 -21.45 17.55 41.84
C VAL AA 421 -20.86 18.26 40.61
N ASP AA 422 -21.72 18.68 39.67
CA ASP AA 422 -21.20 19.37 38.50
C ASP AA 422 -20.60 20.72 38.87
N LYS AA 423 -21.13 21.38 39.90
CA LYS AA 423 -20.54 22.63 40.37
C LYS AA 423 -19.12 22.40 40.85
N PHE AA 424 -18.90 21.34 41.62
CA PHE AA 424 -17.56 21.04 42.12
C PHE AA 424 -16.61 20.72 40.97
N ARG AA 425 -17.06 19.94 39.99
CA ARG AA 425 -16.17 19.62 38.88
C ARG AA 425 -15.84 20.88 38.06
N SER AA 426 -16.81 21.78 37.89
CA SER AA 426 -16.55 23.02 37.17
C SER AA 426 -15.54 23.89 37.92
N SER AA 427 -15.67 23.97 39.25
CA SER AA 427 -14.70 24.72 40.03
C SER AA 427 -13.31 24.13 39.89
N LEU AA 428 -13.21 22.80 39.91
CA LEU AA 428 -11.91 22.16 39.72
C LEU AA 428 -11.32 22.49 38.36
N GLY AA 429 -12.14 22.48 37.30
CA GLY AA 429 -11.64 22.84 35.99
C GLY AA 429 -11.14 24.27 35.93
N ALA AA 430 -11.88 25.19 36.54
CA ALA AA 430 -11.42 26.59 36.59
C ALA AA 430 -10.09 26.71 37.30
N VAL AA 431 -9.93 25.99 38.42
CA VAL AA 431 -8.65 26.01 39.13
C VAL AA 431 -7.54 25.43 38.26
N GLN AA 432 -7.84 24.38 37.48
CA GLN AA 432 -6.86 23.81 36.59
C GLN AA 432 -6.37 24.85 35.58
N ASN AA 433 -7.30 25.59 34.99
CA ASN AA 433 -6.93 26.62 34.03
C ASN AA 433 -6.07 27.69 34.69
N ARG AA 434 -6.45 28.12 35.91
CA ARG AA 434 -5.66 29.12 36.62
C ARG AA 434 -4.23 28.64 36.85
N LEU AA 435 -4.08 27.40 37.31
CA LEU AA 435 -2.75 26.86 37.56
C LEU AA 435 -1.93 26.77 36.28
N ASP AA 436 -2.55 26.36 35.17
CA ASP AA 436 -1.80 26.27 33.91
C ASP AA 436 -1.30 27.64 33.48
N SER AA 437 -2.16 28.66 33.58
CA SER AA 437 -1.74 30.02 33.24
C SER AA 437 -0.61 30.48 34.15
N ALA AA 438 -0.69 30.13 35.44
CA ALA AA 438 0.37 30.49 36.36
C ALA AA 438 1.69 29.84 35.95
N VAL AA 439 1.65 28.56 35.57
CA VAL AA 439 2.88 27.88 35.16
C VAL AA 439 3.49 28.58 33.95
N THR AA 440 2.65 28.95 32.98
CA THR AA 440 3.19 29.63 31.80
C THR AA 440 3.84 30.96 32.17
N ASN AA 441 3.18 31.75 33.01
CA ASN AA 441 3.73 33.05 33.40
C ASN AA 441 5.04 32.88 34.16
N LEU AA 442 5.09 31.93 35.09
CA LEU AA 442 6.33 31.66 35.82
C LEU AA 442 7.45 31.24 34.89
N ASN AA 443 7.15 30.41 33.88
CA ASN AA 443 8.19 30.02 32.92
C ASN AA 443 8.75 31.23 32.20
N ASN AA 444 7.86 32.12 31.73
CA ASN AA 444 8.33 33.30 31.01
C ASN AA 444 9.18 34.20 31.92
N THR AA 445 8.71 34.41 33.15
CA THR AA 445 9.45 35.26 34.08
C THR AA 445 10.80 34.67 34.42
N THR AA 446 10.86 33.35 34.60
CA THR AA 446 12.14 32.70 34.89
C THR AA 446 13.11 32.87 33.73
N THR AA 447 12.64 32.70 32.50
CA THR AA 447 13.51 32.90 31.35
C THR AA 447 14.06 34.32 31.30
N ASN AA 448 13.18 35.30 31.51
CA ASN AA 448 13.62 36.70 31.46
C ASN AA 448 14.64 37.00 32.56
N LEU AA 449 14.38 36.52 33.78
CA LEU AA 449 15.31 36.80 34.88
C LEU AA 449 16.64 36.09 34.66
N SER AA 450 16.62 34.88 34.09
CA SER AA 450 17.86 34.19 33.79
C SER AA 450 18.67 34.97 32.77
N GLU AA 451 18.02 35.51 31.74
CA GLU AA 451 18.75 36.29 30.76
C GLU AA 451 19.31 37.57 31.36
N ALA AA 452 18.57 38.20 32.27
CA ALA AA 452 19.08 39.39 32.96
C ALA AA 452 20.30 39.06 33.81
N GLN AA 453 20.24 37.97 34.57
CA GLN AA 453 21.39 37.55 35.36
C GLN AA 453 22.58 37.24 34.47
N SER AA 454 22.32 36.67 33.30
CA SER AA 454 23.40 36.48 32.33
C SER AA 454 24.00 37.81 31.91
N ARG AA 455 23.15 38.81 31.65
CA ARG AA 455 23.64 40.12 31.26
C ARG AA 455 24.43 40.80 32.35
N ILE AA 456 24.24 40.42 33.61
CA ILE AA 456 24.90 41.06 34.73
C ILE AA 456 26.18 40.35 35.14
N GLN AA 457 26.11 39.04 35.39
CA GLN AA 457 27.18 38.32 36.06
C GLN AA 457 28.14 37.62 35.11
N ASP AA 458 27.77 37.40 33.85
CA ASP AA 458 28.61 36.62 32.96
C ASP AA 458 29.69 37.48 32.29
N ALA AA 459 30.77 36.83 31.89
CA ALA AA 459 31.91 37.50 31.28
C ALA AA 459 31.90 37.34 29.77
N ASP AA 460 32.48 38.33 29.09
CA ASP AA 460 32.59 38.34 27.63
C ASP AA 460 33.96 37.78 27.26
N TYR AA 461 33.97 36.64 26.57
CA TYR AA 461 35.21 35.89 26.39
C TYR AA 461 36.16 36.57 25.41
N ALA AA 462 35.64 37.25 24.39
CA ALA AA 462 36.52 37.93 23.44
C ALA AA 462 37.35 38.99 24.14
N THR AA 463 36.70 39.80 24.99
CA THR AA 463 37.43 40.82 25.74
C THR AA 463 38.47 40.19 26.65
N GLU AA 464 38.11 39.10 27.33
CA GLU AA 464 39.04 38.46 28.25
C GLU AA 464 40.25 37.90 27.51
N VAL AA 465 40.02 37.29 26.35
CA VAL AA 465 41.13 36.76 25.57
C VAL AA 465 42.05 37.90 25.11
N SER AA 466 41.46 39.00 24.66
CA SER AA 466 42.28 40.14 24.24
C SER AA 466 43.11 40.68 25.40
N ASN AA 467 42.49 40.81 26.57
CA ASN AA 467 43.21 41.32 27.74
C ASN AA 467 44.33 40.36 28.16
N MET AA 468 44.06 39.06 28.13
CA MET AA 468 45.09 38.09 28.50
C MET AA 468 46.28 38.15 27.54
N SER AA 469 45.99 38.22 26.24
CA SER AA 469 47.07 38.31 25.26
C SER AA 469 47.89 39.58 25.47
N LYS AA 470 47.20 40.71 25.68
CA LYS AA 470 47.89 41.97 25.90
C LYS AA 470 48.77 41.90 27.14
N ALA AA 471 48.25 41.30 28.21
CA ALA AA 471 49.03 41.18 29.44
C ALA AA 471 50.27 40.32 29.23
N GLN AA 472 50.13 39.22 28.49
CA GLN AA 472 51.29 38.36 28.23
C GLN AA 472 52.34 39.11 27.41
N ILE AA 473 51.91 39.86 26.40
CA ILE AA 473 52.87 40.62 25.60
C ILE AA 473 53.58 41.65 26.46
N ILE AA 474 52.83 42.36 27.31
CA ILE AA 474 53.45 43.35 28.18
C ILE AA 474 54.44 42.70 29.14
N GLN AA 475 54.09 41.51 29.66
CA GLN AA 475 55.01 40.82 30.57
C GLN AA 475 56.31 40.46 29.87
N GLN AA 476 56.22 39.94 28.64
CA GLN AA 476 57.44 39.58 27.93
C GLN AA 476 58.27 40.80 27.59
N ALA AA 477 57.62 41.89 27.19
CA ALA AA 477 58.34 43.14 26.92
C ALA AA 477 59.05 43.64 28.16
N GLY AA 478 58.36 43.61 29.31
CA GLY AA 478 58.97 44.01 30.55
C GLY AA 478 60.16 43.15 30.93
N ASN AA 479 60.05 41.84 30.70
CA ASN AA 479 61.17 40.95 30.99
C ASN AA 479 62.38 41.29 30.13
N SER AA 480 62.15 41.54 28.84
CA SER AA 480 63.26 41.87 27.95
C SER AA 480 63.94 43.18 28.36
N VAL AA 481 63.13 44.22 28.60
CA VAL AA 481 63.72 45.50 28.96
C VAL AA 481 64.39 45.42 30.33
N LEU AA 482 63.87 44.60 31.23
CA LEU AA 482 64.52 44.40 32.52
C LEU AA 482 65.87 43.73 32.35
N ALA AA 483 65.96 42.74 31.46
CA ALA AA 483 67.25 42.11 31.19
C ALA AA 483 68.25 43.13 30.67
N LYS AA 484 67.81 43.98 29.73
CA LYS AA 484 68.72 45.02 29.24
C LYS AA 484 69.13 45.98 30.34
N ALA AA 485 68.19 46.36 31.21
CA ALA AA 485 68.51 47.28 32.30
C ALA AA 485 69.53 46.68 33.25
N ASN AA 486 69.37 45.39 33.59
CA ASN AA 486 70.36 44.75 34.46
C ASN AA 486 71.70 44.59 33.75
N GLN AA 487 71.70 44.51 32.42
CA GLN AA 487 72.96 44.48 31.69
C GLN AA 487 73.63 45.85 31.63
N VAL AA 488 72.87 46.93 31.82
CA VAL AA 488 73.45 48.28 31.69
C VAL AA 488 74.65 48.52 32.59
N PRO AA 489 74.63 48.21 33.90
CA PRO AA 489 75.69 48.71 34.80
C PRO AA 489 77.09 48.17 34.51
N GLN AA 490 77.26 47.23 33.58
CA GLN AA 490 78.54 46.57 33.42
C GLN AA 490 79.65 47.50 32.94
N GLN AA 491 79.32 48.63 32.32
CA GLN AA 491 80.35 49.48 31.71
C GLN AA 491 81.32 50.07 32.73
N VAL AA 492 80.94 50.10 34.01
CA VAL AA 492 81.87 50.58 35.02
C VAL AA 492 83.09 49.67 35.09
N LEU AA 493 82.91 48.37 34.85
CA LEU AA 493 84.05 47.46 34.80
C LEU AA 493 85.01 47.85 33.69
N SER AA 494 84.50 48.19 32.52
CA SER AA 494 85.34 48.67 31.44
C SER AA 494 86.05 49.96 31.83
N LEU AA 495 85.34 50.87 32.49
CA LEU AA 495 85.95 52.11 32.95
C LEU AA 495 87.12 51.84 33.90
N LEU AA 496 86.91 50.95 34.85
CA LEU AA 496 87.94 50.65 35.85
C LEU AA 496 89.14 49.95 35.22
N GLN AA 497 88.89 48.88 34.46
CA GLN AA 497 89.99 48.05 33.96
C GLN AA 497 90.81 48.81 32.93
N GLY AA 498 90.16 49.51 32.01
CA GLY AA 498 90.86 50.24 30.97
C GLY AA 498 90.59 49.70 29.58
N GLN BA 3 -4.72 -5.19 24.16
CA GLN BA 3 -4.16 -5.36 22.83
C GLN BA 3 -3.91 -6.82 22.52
N VAL BA 4 -4.14 -7.65 23.54
CA VAL BA 4 -3.70 -9.05 23.58
C VAL BA 4 -4.01 -9.77 22.29
N ILE BA 5 -3.00 -10.39 21.69
CA ILE BA 5 -3.15 -11.12 20.43
C ILE BA 5 -3.00 -12.62 20.61
N ASN BA 6 -2.77 -13.09 21.83
CA ASN BA 6 -2.68 -14.51 22.10
C ASN BA 6 -4.02 -15.06 22.58
N THR BA 7 -4.99 -14.18 22.78
CA THR BA 7 -6.36 -14.57 23.14
C THR BA 7 -7.33 -13.60 22.48
N ASN BA 8 -8.37 -14.14 21.85
CA ASN BA 8 -9.33 -13.34 21.09
C ASN BA 8 -10.73 -13.51 21.66
N SER BA 9 -10.86 -13.37 22.98
CA SER BA 9 -12.07 -13.66 23.73
C SER BA 9 -13.37 -13.30 23.01
N LEU BA 10 -13.36 -12.16 22.30
CA LEU BA 10 -14.51 -11.77 21.49
C LEU BA 10 -14.93 -12.89 20.54
N SER BA 11 -13.95 -13.48 19.86
CA SER BA 11 -14.22 -14.60 18.97
C SER BA 11 -14.80 -15.79 19.74
N LEU BA 12 -14.29 -16.04 20.95
CA LEU BA 12 -14.83 -17.14 21.75
C LEU BA 12 -16.29 -16.91 22.07
N ILE BA 13 -16.66 -15.68 22.46
CA ILE BA 13 -18.06 -15.38 22.74
C ILE BA 13 -18.91 -15.57 21.50
N THR BA 14 -18.43 -15.09 20.35
CA THR BA 14 -19.23 -15.20 19.13
C THR BA 14 -19.43 -16.67 18.75
N GLN BA 15 -18.38 -17.48 18.83
CA GLN BA 15 -18.51 -18.90 18.54
C GLN BA 15 -19.44 -19.58 19.53
N ASN BA 16 -19.40 -19.17 20.79
CA ASN BA 16 -20.32 -19.72 21.78
C ASN BA 16 -21.77 -19.43 21.40
N ASN BA 17 -22.05 -18.20 20.97
CA ASN BA 17 -23.41 -17.85 20.57
C ASN BA 17 -23.84 -18.65 19.34
N ILE BA 18 -22.93 -18.83 18.38
CA ILE BA 18 -23.26 -19.62 17.20
C ILE BA 18 -23.58 -21.06 17.59
N ASN BA 19 -22.78 -21.62 18.51
CA ASN BA 19 -23.04 -22.98 18.98
C ASN BA 19 -24.38 -23.06 19.68
N LYS BA 20 -24.75 -22.00 20.42
CA LYS BA 20 -26.09 -21.95 21.01
C LYS BA 20 -27.16 -22.02 19.93
N ASN BA 21 -26.97 -21.26 18.85
CA ASN BA 21 -27.98 -21.23 17.78
C ASN BA 21 -28.13 -22.58 17.11
N GLN BA 22 -27.01 -23.32 16.97
CA GLN BA 22 -26.99 -24.58 16.24
C GLN BA 22 -28.09 -25.54 16.66
N SER BA 23 -28.30 -25.69 17.97
CA SER BA 23 -29.29 -26.65 18.46
C SER BA 23 -30.70 -26.28 18.02
N ALA BA 24 -31.04 -24.99 18.13
CA ALA BA 24 -32.36 -24.55 17.69
C ALA BA 24 -32.54 -24.76 16.19
N LEU BA 25 -31.51 -24.44 15.41
CA LEU BA 25 -31.61 -24.64 13.96
C LEU BA 25 -31.83 -26.11 13.63
N SER BA 26 -31.08 -27.00 14.28
CA SER BA 26 -31.23 -28.43 14.02
C SER BA 26 -32.61 -28.92 14.42
N SER BA 27 -33.11 -28.47 15.57
CA SER BA 27 -34.45 -28.87 16.00
C SER BA 27 -35.51 -28.43 15.01
N SER BA 28 -35.41 -27.18 14.53
CA SER BA 28 -36.37 -26.70 13.55
C SER BA 28 -36.30 -27.52 12.26
N ILE BA 29 -35.09 -27.84 11.81
CA ILE BA 29 -34.94 -28.63 10.59
C ILE BA 29 -35.58 -30.00 10.75
N GLU BA 30 -35.30 -30.66 11.87
CA GLU BA 30 -35.87 -31.99 12.11
C GLU BA 30 -37.40 -31.93 12.17
N ARG BA 31 -37.94 -30.94 12.88
CA ARG BA 31 -39.39 -30.85 13.00
C ARG BA 31 -40.04 -30.58 11.65
N LEU BA 32 -39.40 -29.75 10.82
CA LEU BA 32 -39.95 -29.50 9.48
C LEU BA 32 -39.89 -30.74 8.61
N SER BA 33 -38.77 -31.45 8.63
CA SER BA 33 -38.63 -32.61 7.75
C SER BA 33 -39.57 -33.74 8.15
N SER BA 34 -39.58 -34.08 9.44
CA SER BA 34 -40.36 -35.23 9.89
C SER BA 34 -41.86 -34.95 9.90
N GLY BA 35 -42.26 -33.76 10.33
CA GLY BA 35 -43.66 -33.44 10.49
C GLY BA 35 -44.22 -33.70 11.87
N LEU BA 36 -43.43 -34.25 12.78
CA LEU BA 36 -43.83 -34.48 14.17
C LEU BA 36 -43.00 -33.60 15.09
N ARG BA 37 -43.64 -33.04 16.11
CA ARG BA 37 -42.88 -32.27 17.09
C ARG BA 37 -42.10 -33.17 18.04
N ILE BA 38 -42.59 -34.39 18.28
CA ILE BA 38 -41.88 -35.38 19.07
C ILE BA 38 -41.15 -36.30 18.10
N ASN BA 39 -39.88 -36.00 17.83
CA ASN BA 39 -39.02 -36.87 17.05
C ASN BA 39 -38.17 -37.76 17.94
N SER BA 40 -38.22 -37.57 19.25
CA SER BA 40 -37.39 -38.32 20.19
C SER BA 40 -37.97 -38.15 21.58
N ALA BA 41 -37.42 -38.90 22.53
CA ALA BA 41 -37.82 -38.73 23.92
C ALA BA 41 -37.27 -37.45 24.52
N LYS BA 42 -36.22 -36.87 23.94
CA LYS BA 42 -35.66 -35.64 24.48
C LYS BA 42 -36.64 -34.48 24.35
N ASP BA 43 -37.56 -34.55 23.38
CA ASP BA 43 -38.50 -33.44 23.19
C ASP BA 43 -39.42 -33.29 24.39
N ASP BA 44 -40.35 -34.23 24.57
CA ASP BA 44 -41.22 -34.26 25.74
C ASP BA 44 -41.18 -35.61 26.44
N ALA BA 45 -41.52 -36.67 25.71
CA ALA BA 45 -41.56 -38.07 26.13
C ALA BA 45 -42.72 -38.38 27.08
N ALA BA 46 -43.28 -37.37 27.74
CA ALA BA 46 -44.60 -37.57 28.32
C ALA BA 46 -45.64 -37.58 27.22
N GLY BA 47 -45.55 -36.60 26.32
CA GLY BA 47 -46.36 -36.63 25.12
C GLY BA 47 -46.08 -37.84 24.27
N GLN BA 48 -44.82 -38.29 24.22
CA GLN BA 48 -44.49 -39.47 23.44
C GLN BA 48 -45.12 -40.73 24.02
N ALA BA 49 -45.07 -40.89 25.34
CA ALA BA 49 -45.74 -42.05 25.95
C ALA BA 49 -47.24 -42.01 25.73
N ILE BA 50 -47.85 -40.83 25.94
CA ILE BA 50 -49.29 -40.70 25.74
C ILE BA 50 -49.66 -40.96 24.28
N ALA BA 51 -48.82 -40.50 23.35
CA ALA BA 51 -49.07 -40.73 21.93
C ALA BA 51 -48.93 -42.21 21.57
N ASN BA 52 -47.95 -42.90 22.18
CA ASN BA 52 -47.85 -44.33 21.99
C ASN BA 52 -49.13 -45.02 22.43
N ARG BA 53 -49.64 -44.65 23.60
CA ARG BA 53 -50.88 -45.25 24.09
C ARG BA 53 -52.05 -44.93 23.16
N PHE BA 54 -52.12 -43.68 22.68
CA PHE BA 54 -53.20 -43.31 21.76
C PHE BA 54 -53.12 -44.09 20.46
N THR BA 55 -51.92 -44.27 19.91
CA THR BA 55 -51.75 -45.04 18.69
C THR BA 55 -52.19 -46.48 18.89
N SER BA 56 -51.81 -47.06 20.04
CA SER BA 56 -52.24 -48.42 20.35
C SER BA 56 -53.76 -48.51 20.39
N ASN BA 57 -54.41 -47.54 21.06
CA ASN BA 57 -55.86 -47.55 21.14
C ASN BA 57 -56.50 -47.40 19.76
N ILE BA 58 -55.96 -46.52 18.93
CA ILE BA 58 -56.50 -46.30 17.59
C ILE BA 58 -56.44 -47.59 16.78
N LYS BA 59 -55.27 -48.23 16.76
CA LYS BA 59 -55.11 -49.44 15.97
C LYS BA 59 -56.01 -50.55 16.50
N GLY BA 60 -56.09 -50.69 17.83
CA GLY BA 60 -56.95 -51.71 18.41
C GLY BA 60 -58.41 -51.49 18.09
N LEU BA 61 -58.88 -50.24 18.14
CA LEU BA 61 -60.29 -49.97 17.87
C LEU BA 61 -60.62 -50.18 16.39
N THR BA 62 -59.70 -49.81 15.49
CA THR BA 62 -59.93 -50.07 14.08
C THR BA 62 -60.04 -51.57 13.82
N GLN BA 63 -59.13 -52.35 14.41
CA GLN BA 63 -59.20 -53.79 14.26
C GLN BA 63 -60.48 -54.35 14.88
N ALA BA 64 -60.92 -53.76 15.98
CA ALA BA 64 -62.14 -54.21 16.63
C ALA BA 64 -63.36 -53.99 15.74
N ALA BA 65 -63.44 -52.83 15.08
CA ALA BA 65 -64.53 -52.60 14.16
C ALA BA 65 -64.50 -53.57 12.99
N ARG BA 66 -63.29 -53.83 12.47
CA ARG BA 66 -63.16 -54.81 11.39
C ARG BA 66 -63.65 -56.18 11.84
N ASN BA 67 -63.30 -56.58 13.06
CA ASN BA 67 -63.80 -57.85 13.60
C ASN BA 67 -65.31 -57.83 13.75
N ALA BA 68 -65.87 -56.70 14.19
CA ALA BA 68 -67.30 -56.61 14.45
C ALA BA 68 -68.10 -56.80 13.17
N ASN BA 69 -67.59 -56.30 12.04
CA ASN BA 69 -68.30 -56.49 10.78
C ASN BA 69 -68.52 -57.98 10.46
N ASP BA 70 -67.57 -58.83 10.86
CA ASP BA 70 -67.67 -60.26 10.56
C ASP BA 70 -68.89 -60.87 11.23
N GLY BA 71 -69.20 -60.45 12.46
CA GLY BA 71 -70.38 -60.97 13.12
C GLY BA 71 -71.66 -60.63 12.37
N ILE BA 72 -71.73 -59.41 11.83
CA ILE BA 72 -72.88 -59.03 11.01
C ILE BA 72 -72.97 -59.94 9.79
N SER BA 73 -71.83 -60.22 9.15
CA SER BA 73 -71.85 -61.11 7.99
C SER BA 73 -72.36 -62.50 8.35
N VAL BA 74 -71.87 -63.05 9.47
CA VAL BA 74 -72.29 -64.39 9.90
C VAL BA 74 -73.78 -64.41 10.17
N ALA BA 75 -74.28 -63.38 10.88
CA ALA BA 75 -75.69 -63.32 11.20
C ALA BA 75 -76.54 -63.21 9.94
N GLN BA 76 -76.08 -62.45 8.95
CA GLN BA 76 -76.81 -62.34 7.69
C GLN BA 76 -76.91 -63.69 7.00
N THR BA 77 -75.79 -64.42 6.94
CA THR BA 77 -75.80 -65.73 6.28
C THR BA 77 -76.75 -66.69 6.99
N THR BA 78 -76.66 -66.76 8.32
CA THR BA 78 -77.53 -67.65 9.07
C THR BA 78 -78.99 -67.24 8.93
N GLU BA 79 -79.26 -65.94 8.86
CA GLU BA 79 -80.63 -65.47 8.67
C GLU BA 79 -81.18 -65.91 7.32
N GLY BA 80 -80.36 -65.84 6.27
CA GLY BA 80 -80.80 -66.32 4.98
C GLY BA 80 -81.14 -67.80 5.00
N ALA BA 81 -80.27 -68.60 5.63
CA ALA BA 81 -80.54 -70.03 5.74
C ALA BA 81 -81.85 -70.29 6.48
N LEU BA 82 -82.05 -69.58 7.60
CA LEU BA 82 -83.27 -69.75 8.38
C LEU BA 82 -84.50 -69.30 7.60
N SER BA 83 -84.36 -68.27 6.75
CA SER BA 83 -85.49 -67.84 5.93
C SER BA 83 -85.88 -68.93 4.93
N GLU BA 84 -84.89 -69.58 4.32
CA GLU BA 84 -85.21 -70.68 3.41
C GLU BA 84 -85.90 -71.82 4.14
N ILE BA 85 -85.40 -72.15 5.33
CA ILE BA 85 -86.05 -73.18 6.15
C ILE BA 85 -87.48 -72.76 6.48
N ASN BA 86 -87.69 -71.47 6.72
CA ASN BA 86 -89.03 -70.95 7.00
C ASN BA 86 -89.96 -71.19 5.83
N ASN BA 87 -89.49 -70.88 4.61
CA ASN BA 87 -90.33 -71.07 3.43
C ASN BA 87 -90.71 -72.54 3.27
N ASN BA 88 -89.72 -73.44 3.46
CA ASN BA 88 -90.02 -74.86 3.36
C ASN BA 88 -91.04 -75.30 4.42
N LEU BA 89 -90.88 -74.80 5.64
CA LEU BA 89 -91.83 -75.15 6.71
C LEU BA 89 -93.23 -74.64 6.39
N GLN BA 90 -93.34 -73.44 5.84
CA GLN BA 90 -94.65 -72.91 5.46
C GLN BA 90 -95.31 -73.79 4.40
N ARG BA 91 -94.54 -74.20 3.39
CA ARG BA 91 -95.11 -75.08 2.38
C ARG BA 91 -95.53 -76.41 2.99
N VAL BA 92 -94.75 -76.94 3.93
CA VAL BA 92 -95.12 -78.18 4.60
C VAL BA 92 -96.41 -78.01 5.37
N ARG BA 93 -96.58 -76.86 6.04
CA ARG BA 93 -97.82 -76.62 6.78
C ARG BA 93 -99.02 -76.59 5.84
N GLU BA 94 -98.88 -75.92 4.69
CA GLU BA 94 -99.99 -75.90 3.75
C GLU BA 94 -100.29 -77.30 3.23
N LEU BA 95 -99.25 -78.10 2.97
CA LEU BA 95 -99.46 -79.48 2.56
C LEU BA 95 -100.23 -80.26 3.62
N THR BA 96 -99.88 -80.06 4.90
CA THR BA 96 -100.59 -80.77 5.96
C THR BA 96 -102.05 -80.34 6.03
N VAL BA 97 -102.31 -79.04 5.87
CA VAL BA 97 -103.69 -78.56 5.85
C VAL BA 97 -104.46 -79.24 4.73
N GLN BA 98 -103.83 -79.38 3.56
CA GLN BA 98 -104.49 -80.07 2.45
C GLN BA 98 -104.70 -81.55 2.77
N ALA BA 99 -103.74 -82.18 3.44
CA ALA BA 99 -103.79 -83.63 3.65
C ALA BA 99 -104.79 -84.04 4.72
N THR BA 100 -105.02 -83.19 5.73
CA THR BA 100 -105.89 -83.58 6.83
C THR BA 100 -107.36 -83.45 6.47
N THR BA 101 -107.77 -84.08 5.37
CA THR BA 101 -109.16 -84.05 4.93
C THR BA 101 -109.59 -85.47 4.56
N GLY BA 102 -110.86 -85.77 4.84
CA GLY BA 102 -111.36 -87.12 4.60
C GLY BA 102 -111.62 -87.47 3.15
N THR BA 103 -111.74 -86.46 2.27
CA THR BA 103 -112.02 -86.75 0.87
C THR BA 103 -110.81 -87.37 0.17
N ASN BA 104 -109.60 -87.09 0.66
CA ASN BA 104 -108.40 -87.60 0.02
C ASN BA 104 -108.33 -89.12 0.13
N SER BA 105 -107.92 -89.77 -0.95
CA SER BA 105 -107.72 -91.21 -0.95
C SER BA 105 -106.35 -91.56 -0.38
N GLU BA 106 -106.03 -92.85 -0.38
CA GLU BA 106 -104.75 -93.28 0.17
C GLU BA 106 -103.59 -92.90 -0.75
N SER BA 107 -103.80 -92.95 -2.06
CA SER BA 107 -102.75 -92.56 -3.00
C SER BA 107 -102.44 -91.07 -2.89
N ASP BA 108 -103.48 -90.25 -2.72
CA ASP BA 108 -103.27 -88.81 -2.54
C ASP BA 108 -102.47 -88.55 -1.27
N LEU BA 109 -102.81 -89.23 -0.17
CA LEU BA 109 -102.05 -89.08 1.06
C LEU BA 109 -100.61 -89.53 0.87
N SER BA 110 -100.40 -90.61 0.11
CA SER BA 110 -99.04 -91.08 -0.16
C SER BA 110 -98.24 -90.03 -0.90
N SER BA 111 -98.84 -89.41 -1.92
CA SER BA 111 -98.12 -88.37 -2.67
C SER BA 111 -97.82 -87.15 -1.80
N ILE BA 112 -98.80 -86.75 -0.97
CA ILE BA 112 -98.58 -85.61 -0.09
C ILE BA 112 -97.46 -85.91 0.90
N GLN BA 113 -97.45 -87.13 1.45
CA GLN BA 113 -96.39 -87.52 2.37
C GLN BA 113 -95.04 -87.57 1.68
N ASP BA 114 -95.02 -88.01 0.41
CA ASP BA 114 -93.78 -88.01 -0.36
C ASP BA 114 -93.22 -86.60 -0.45
N GLU BA 115 -94.07 -85.65 -0.84
CA GLU BA 115 -93.61 -84.27 -0.96
C GLU BA 115 -93.17 -83.71 0.38
N ILE BA 116 -93.92 -83.99 1.45
CA ILE BA 116 -93.60 -83.47 2.77
C ILE BA 116 -92.26 -84.02 3.24
N LYS BA 117 -92.04 -85.33 3.06
CA LYS BA 117 -90.79 -85.95 3.47
C LYS BA 117 -89.62 -85.41 2.65
N SER BA 118 -89.84 -85.18 1.36
CA SER BA 118 -88.79 -84.58 0.54
C SER BA 118 -88.43 -83.19 1.05
N ARG BA 119 -89.43 -82.39 1.41
CA ARG BA 119 -89.12 -81.05 1.91
C ARG BA 119 -88.46 -81.09 3.28
N LEU BA 120 -88.85 -82.05 4.12
CA LEU BA 120 -88.17 -82.20 5.41
C LEU BA 120 -86.71 -82.59 5.22
N ASP BA 121 -86.44 -83.51 4.30
CA ASP BA 121 -85.06 -83.85 3.98
C ASP BA 121 -84.32 -82.64 3.43
N GLU BA 122 -84.99 -81.81 2.63
CA GLU BA 122 -84.37 -80.62 2.07
C GLU BA 122 -84.00 -79.65 3.19
N ILE BA 123 -84.89 -79.50 4.18
CA ILE BA 123 -84.61 -78.65 5.34
C ILE BA 123 -83.40 -79.18 6.11
N ASP BA 124 -83.36 -80.49 6.34
CA ASP BA 124 -82.25 -81.09 7.07
C ASP BA 124 -80.93 -80.91 6.31
N ARG BA 125 -80.99 -81.03 4.98
CA ARG BA 125 -79.80 -80.81 4.16
C ARG BA 125 -79.33 -79.36 4.25
N VAL BA 126 -80.25 -78.40 4.23
CA VAL BA 126 -79.84 -77.01 4.43
C VAL BA 126 -79.19 -76.83 5.78
N SER BA 127 -79.77 -77.43 6.82
CA SER BA 127 -79.20 -77.31 8.16
C SER BA 127 -77.78 -77.84 8.20
N GLY BA 128 -77.58 -79.09 7.76
CA GLY BA 128 -76.28 -79.70 7.86
C GLY BA 128 -75.24 -79.07 6.96
N GLN BA 129 -75.62 -78.73 5.73
CA GLN BA 129 -74.62 -78.41 4.71
C GLN BA 129 -74.17 -76.96 4.77
N THR BA 130 -75.02 -76.05 5.26
CA THR BA 130 -74.72 -74.62 5.24
C THR BA 130 -73.58 -74.33 6.20
N GLN BA 131 -72.44 -73.92 5.65
CA GLN BA 131 -71.24 -73.66 6.43
C GLN BA 131 -70.66 -72.30 6.07
N PHE BA 132 -70.09 -71.62 7.06
CA PHE BA 132 -69.45 -70.33 6.88
C PHE BA 132 -68.02 -70.41 7.39
N ASN BA 133 -67.05 -70.18 6.50
CA ASN BA 133 -65.64 -70.09 6.86
C ASN BA 133 -65.21 -71.26 7.75
N GLY BA 134 -65.51 -72.47 7.28
CA GLY BA 134 -65.18 -73.66 8.04
C GLY BA 134 -65.93 -73.79 9.35
N VAL BA 135 -67.16 -73.29 9.41
CA VAL BA 135 -67.99 -73.38 10.60
C VAL BA 135 -69.41 -73.71 10.17
N ASN BA 136 -69.92 -74.87 10.59
CA ASN BA 136 -71.30 -75.26 10.31
C ASN BA 136 -72.17 -74.63 11.38
N VAL BA 137 -72.67 -73.42 11.10
CA VAL BA 137 -73.40 -72.66 12.10
C VAL BA 137 -74.72 -73.35 12.47
N LEU BA 138 -75.45 -73.85 11.48
CA LEU BA 138 -76.72 -74.52 11.76
C LEU BA 138 -76.54 -76.02 11.97
N ALA BA 139 -75.60 -76.40 12.83
CA ALA BA 139 -75.35 -77.82 13.06
C ALA BA 139 -75.15 -78.21 14.52
N LYS BA 140 -74.94 -77.27 15.43
CA LYS BA 140 -74.65 -77.60 16.81
C LYS BA 140 -74.86 -76.36 17.67
N ASN BA 141 -75.47 -76.56 18.83
CA ASN BA 141 -75.65 -75.47 19.77
C ASN BA 141 -74.30 -74.95 20.24
N GLY BA 142 -74.15 -73.63 20.25
CA GLY BA 142 -72.88 -73.05 20.67
C GLY BA 142 -73.01 -71.56 20.87
N SER BA 143 -71.84 -70.91 20.92
CA SER BA 143 -71.80 -69.47 21.12
C SER BA 143 -70.58 -68.91 20.42
N MET BA 144 -70.70 -67.68 19.94
CA MET BA 144 -69.65 -67.01 19.21
C MET BA 144 -69.30 -65.71 19.92
N LYS BA 145 -68.00 -65.41 19.99
CA LYS BA 145 -67.51 -64.24 20.72
C LYS BA 145 -66.85 -63.30 19.73
N ILE BA 146 -67.39 -62.10 19.60
CA ILE BA 146 -66.88 -61.09 18.66
C ILE BA 146 -66.13 -60.04 19.45
N GLN BA 147 -64.83 -59.92 19.20
CA GLN BA 147 -64.01 -58.90 19.84
C GLN BA 147 -64.39 -57.53 19.32
N VAL BA 148 -65.00 -56.71 20.17
CA VAL BA 148 -65.43 -55.37 19.76
C VAL BA 148 -64.79 -54.33 20.67
N GLY BA 149 -63.60 -54.64 21.21
CA GLY BA 149 -62.91 -53.71 22.08
C GLY BA 149 -61.41 -53.81 21.90
N ALA BA 150 -60.71 -52.87 22.53
CA ALA BA 150 -59.26 -52.82 22.44
C ALA BA 150 -58.56 -53.63 23.51
N ASN BA 151 -59.15 -53.72 24.71
CA ASN BA 151 -58.57 -54.48 25.80
C ASN BA 151 -59.03 -55.93 25.71
N ASP BA 152 -58.79 -56.71 26.76
CA ASP BA 152 -59.20 -58.10 26.80
C ASP BA 152 -60.60 -58.25 27.38
N ASN BA 153 -61.26 -59.35 27.01
CA ASN BA 153 -62.61 -59.67 27.45
C ASN BA 153 -63.54 -58.49 27.10
N GLN BA 154 -63.72 -58.32 25.80
CA GLN BA 154 -64.42 -57.18 25.23
C GLN BA 154 -65.41 -57.67 24.19
N THR BA 155 -66.12 -58.75 24.47
CA THR BA 155 -66.80 -59.52 23.45
C THR BA 155 -68.31 -59.40 23.54
N ILE BA 156 -68.96 -59.46 22.38
CA ILE BA 156 -70.40 -59.62 22.27
C ILE BA 156 -70.68 -61.05 21.85
N THR BA 157 -71.57 -61.73 22.57
CA THR BA 157 -71.82 -63.14 22.36
C THR BA 157 -72.92 -63.33 21.33
N ILE BA 158 -72.63 -64.13 20.29
CA ILE BA 158 -73.62 -64.54 19.30
C ILE BA 158 -73.98 -65.99 19.57
N ASP BA 159 -75.27 -66.29 19.59
CA ASP BA 159 -75.76 -67.62 19.92
C ASP BA 159 -76.18 -68.34 18.65
N LEU BA 160 -75.89 -69.65 18.59
CA LEU BA 160 -76.25 -70.49 17.46
C LEU BA 160 -76.96 -71.71 17.98
N LYS BA 161 -78.17 -71.96 17.47
CA LYS BA 161 -78.99 -73.08 17.89
C LYS BA 161 -79.06 -74.10 16.76
N GLN BA 162 -78.86 -75.38 17.11
CA GLN BA 162 -79.00 -76.46 16.15
C GLN BA 162 -80.44 -76.57 15.69
N ILE BA 163 -80.70 -76.28 14.43
CA ILE BA 163 -82.05 -76.28 13.87
C ILE BA 163 -82.12 -77.38 12.83
N ASP BA 164 -82.77 -78.49 13.17
CA ASP BA 164 -82.95 -79.61 12.26
C ASP BA 164 -84.15 -80.43 12.72
N ALA BA 165 -84.51 -81.41 11.91
CA ALA BA 165 -85.73 -82.18 12.15
C ALA BA 165 -85.75 -82.79 13.55
N LYS BA 166 -84.61 -83.26 14.03
CA LYS BA 166 -84.56 -83.84 15.37
C LYS BA 166 -84.82 -82.79 16.43
N THR BA 167 -84.30 -81.58 16.25
CA THR BA 167 -84.41 -80.52 17.24
C THR BA 167 -85.67 -79.68 17.09
N LEU BA 168 -86.54 -80.01 16.14
CA LEU BA 168 -87.82 -79.35 16.00
C LEU BA 168 -89.01 -80.27 16.28
N GLY BA 169 -88.75 -81.54 16.59
CA GLY BA 169 -89.82 -82.50 16.78
C GLY BA 169 -90.37 -83.08 15.50
N LEU BA 170 -89.88 -82.64 14.35
CA LEU BA 170 -90.36 -83.13 13.05
C LEU BA 170 -89.50 -84.30 12.55
N ASP BA 171 -89.32 -85.30 13.41
CA ASP BA 171 -88.55 -86.49 13.08
C ASP BA 171 -89.50 -87.69 13.06
N GLY BA 172 -89.83 -88.16 11.86
CA GLY BA 172 -90.82 -89.20 11.70
C GLY BA 172 -92.21 -88.69 11.43
N PHE BA 173 -92.36 -87.40 11.12
CA PHE BA 173 -93.67 -86.81 10.88
C PHE BA 173 -94.32 -87.42 9.65
N SER BA 174 -95.46 -88.08 9.85
CA SER BA 174 -96.15 -88.75 8.77
C SER BA 174 -97.63 -88.36 8.76
N VAL BA 175 -98.23 -88.41 7.57
CA VAL BA 175 -99.65 -88.12 7.42
C VAL BA 175 -100.32 -89.30 6.73
N LYS BA 176 -99.75 -90.49 6.89
CA LYS BA 176 -100.29 -91.69 6.28
C LYS BA 176 -99.88 -92.90 7.11
N ASN BA 177 -100.57 -94.01 6.89
CA ASN BA 177 -100.29 -95.24 7.61
C ASN BA 177 -99.39 -96.16 6.80
N THR BA 407 -99.37 -89.79 12.78
CA THR BA 407 -98.93 -88.76 13.70
C THR BA 407 -100.12 -87.98 14.24
N THR BA 408 -100.07 -87.64 15.53
CA THR BA 408 -101.14 -86.91 16.17
C THR BA 408 -100.76 -85.43 16.32
N ASP BA 409 -101.77 -84.57 16.22
CA ASP BA 409 -101.61 -83.12 16.33
C ASP BA 409 -100.50 -82.60 15.41
N PRO BA 410 -100.65 -82.74 14.09
CA PRO BA 410 -99.59 -82.31 13.17
C PRO BA 410 -99.40 -80.80 13.14
N LEU BA 411 -100.50 -80.07 12.96
CA LEU BA 411 -100.41 -78.63 12.76
C LEU BA 411 -99.85 -77.92 13.99
N LYS BA 412 -100.20 -78.39 15.19
CA LYS BA 412 -99.66 -77.78 16.39
C LYS BA 412 -98.14 -77.93 16.45
N ALA BA 413 -97.64 -79.12 16.13
CA ALA BA 413 -96.18 -79.33 16.12
C ALA BA 413 -95.51 -78.47 15.06
N LEU BA 414 -96.13 -78.36 13.88
CA LEU BA 414 -95.56 -77.52 12.83
C LEU BA 414 -95.50 -76.07 13.26
N ASP BA 415 -96.56 -75.57 13.89
CA ASP BA 415 -96.55 -74.21 14.41
C ASP BA 415 -95.48 -74.03 15.48
N ASP BA 416 -95.29 -75.05 16.33
CA ASP BA 416 -94.25 -74.99 17.34
C ASP BA 416 -92.87 -74.86 16.70
N ALA BA 417 -92.61 -75.64 15.65
CA ALA BA 417 -91.32 -75.55 14.95
C ALA BA 417 -91.15 -74.17 14.31
N ILE BA 418 -92.22 -73.64 13.72
CA ILE BA 418 -92.14 -72.32 13.09
C ILE BA 418 -91.78 -71.26 14.12
N ALA BA 419 -92.43 -71.31 15.29
CA ALA BA 419 -92.10 -70.35 16.34
C ALA BA 419 -90.69 -70.55 16.87
N SER BA 420 -90.23 -71.81 16.93
CA SER BA 420 -88.90 -72.08 17.46
C SER BA 420 -87.81 -71.56 16.52
N VAL BA 421 -88.06 -71.56 15.22
CA VAL BA 421 -87.07 -70.96 14.33
C VAL BA 421 -87.22 -69.43 14.28
N ASP BA 422 -88.44 -68.92 14.47
CA ASP BA 422 -88.63 -67.47 14.53
C ASP BA 422 -87.92 -66.87 15.73
N LYS BA 423 -87.85 -67.58 16.84
CA LYS BA 423 -87.11 -67.10 18.00
C LYS BA 423 -85.64 -66.88 17.67
N PHE BA 424 -85.02 -67.86 17.01
CA PHE BA 424 -83.62 -67.74 16.62
C PHE BA 424 -83.44 -66.59 15.64
N ARG BA 425 -84.37 -66.44 14.69
CA ARG BA 425 -84.26 -65.35 13.73
C ARG BA 425 -84.32 -63.99 14.42
N SER BA 426 -85.23 -63.83 15.38
CA SER BA 426 -85.34 -62.56 16.10
C SER BA 426 -84.08 -62.28 16.91
N SER BA 427 -83.53 -63.31 17.55
CA SER BA 427 -82.28 -63.12 18.30
C SER BA 427 -81.15 -62.67 17.37
N LEU BA 428 -81.10 -63.27 16.17
CA LEU BA 428 -80.08 -62.87 15.20
C LEU BA 428 -80.26 -61.41 14.79
N GLY BA 429 -81.49 -60.99 14.53
CA GLY BA 429 -81.70 -59.59 14.18
C GLY BA 429 -81.28 -58.64 15.28
N ALA BA 430 -81.61 -58.98 16.52
CA ALA BA 430 -81.22 -58.14 17.65
C ALA BA 430 -79.70 -58.03 17.76
N VAL BA 431 -78.99 -59.15 17.59
CA VAL BA 431 -77.54 -59.08 17.71
C VAL BA 431 -76.94 -58.33 16.52
N GLN BA 432 -77.59 -58.39 15.35
CA GLN BA 432 -77.13 -57.58 14.22
C GLN BA 432 -77.19 -56.10 14.55
N ASN BA 433 -78.31 -55.66 15.13
CA ASN BA 433 -78.44 -54.25 15.51
C ASN BA 433 -77.40 -53.89 16.56
N ARG BA 434 -77.18 -54.77 17.54
CA ARG BA 434 -76.18 -54.52 18.57
C ARG BA 434 -74.80 -54.29 17.97
N LEU BA 435 -74.38 -55.19 17.08
CA LEU BA 435 -73.08 -55.04 16.43
C LEU BA 435 -72.99 -53.76 15.62
N ASP BA 436 -74.06 -53.39 14.91
CA ASP BA 436 -74.01 -52.17 14.12
C ASP BA 436 -73.80 -50.94 15.01
N SER BA 437 -74.54 -50.88 16.13
CA SER BA 437 -74.38 -49.75 17.05
C SER BA 437 -72.97 -49.73 17.63
N ALA BA 438 -72.44 -50.90 17.97
CA ALA BA 438 -71.08 -50.97 18.50
C ALA BA 438 -70.08 -50.45 17.48
N VAL BA 439 -70.23 -50.84 16.21
CA VAL BA 439 -69.33 -50.36 15.17
C VAL BA 439 -69.37 -48.85 15.09
N THR BA 440 -70.58 -48.27 15.07
CA THR BA 440 -70.70 -46.82 14.94
C THR BA 440 -70.00 -46.10 16.10
N ASN BA 441 -70.22 -46.58 17.32
CA ASN BA 441 -69.55 -45.98 18.46
C ASN BA 441 -68.04 -46.10 18.31
N LEU BA 442 -67.56 -47.23 17.78
CA LEU BA 442 -66.13 -47.41 17.59
C LEU BA 442 -65.55 -46.40 16.61
N ASN BA 443 -66.23 -46.16 15.48
CA ASN BA 443 -65.71 -45.15 14.56
C ASN BA 443 -65.65 -43.78 15.22
N ASN BA 444 -66.70 -43.41 15.95
CA ASN BA 444 -66.68 -42.09 16.58
C ASN BA 444 -65.54 -41.96 17.57
N THR BA 445 -65.35 -42.99 18.41
CA THR BA 445 -64.28 -42.96 19.40
C THR BA 445 -62.91 -42.90 18.72
N THR BA 446 -62.73 -43.67 17.64
CA THR BA 446 -61.47 -43.67 16.93
C THR BA 446 -61.16 -42.30 16.34
N THR BA 447 -62.18 -41.65 15.75
CA THR BA 447 -61.96 -40.32 15.20
C THR BA 447 -61.54 -39.34 16.28
N ASN BA 448 -62.22 -39.37 17.43
CA ASN BA 448 -61.86 -38.45 18.51
C ASN BA 448 -60.45 -38.71 19.03
N LEU BA 449 -60.10 -39.98 19.22
CA LEU BA 449 -58.76 -40.29 19.72
C LEU BA 449 -57.69 -39.88 18.73
N SER BA 450 -57.94 -40.08 17.43
CA SER BA 450 -56.99 -39.66 16.42
C SER BA 450 -56.80 -38.15 16.44
N GLU BA 451 -57.90 -37.40 16.60
CA GLU BA 451 -57.78 -35.95 16.69
C GLU BA 451 -56.93 -35.56 17.89
N ALA BA 452 -57.14 -36.21 19.03
CA ALA BA 452 -56.34 -35.89 20.22
C ALA BA 452 -54.86 -36.21 20.00
N GLN BA 453 -54.56 -37.37 19.40
CA GLN BA 453 -53.17 -37.73 19.15
C GLN BA 453 -52.51 -36.74 18.20
N SER BA 454 -53.25 -36.29 17.18
CA SER BA 454 -52.73 -35.25 16.30
C SER BA 454 -52.48 -33.96 17.07
N ARG BA 455 -53.39 -33.58 17.94
CA ARG BA 455 -53.23 -32.35 18.71
C ARG BA 455 -52.06 -32.43 19.68
N ILE BA 456 -51.60 -33.62 20.02
CA ILE BA 456 -50.50 -33.80 20.97
C ILE BA 456 -49.16 -33.94 20.26
N GLN BA 457 -49.07 -34.82 19.27
CA GLN BA 457 -47.79 -35.21 18.70
C GLN BA 457 -47.43 -34.50 17.41
N ASP BA 458 -48.39 -33.89 16.72
CA ASP BA 458 -48.10 -33.29 15.43
C ASP BA 458 -47.50 -31.90 15.60
N ALA BA 459 -46.80 -31.45 14.56
CA ALA BA 459 -46.07 -30.19 14.59
C ALA BA 459 -46.86 -29.08 13.89
N ASP BA 460 -46.57 -27.84 14.30
CA ASP BA 460 -47.18 -26.65 13.74
C ASP BA 460 -46.16 -26.00 12.79
N TYR BA 461 -46.48 -26.00 11.50
CA TYR BA 461 -45.48 -25.65 10.49
C TYR BA 461 -45.14 -24.17 10.47
N ALA BA 462 -46.12 -23.30 10.75
CA ALA BA 462 -45.85 -21.86 10.72
C ALA BA 462 -44.84 -21.47 11.79
N THR BA 463 -45.05 -21.93 13.03
CA THR BA 463 -44.11 -21.64 14.09
C THR BA 463 -42.73 -22.22 13.77
N GLU BA 464 -42.70 -23.44 13.21
CA GLU BA 464 -41.43 -24.08 12.92
C GLU BA 464 -40.65 -23.34 11.85
N VAL BA 465 -41.33 -22.87 10.80
CA VAL BA 465 -40.62 -22.14 9.75
C VAL BA 465 -40.18 -20.77 10.26
N SER BA 466 -40.97 -20.13 11.13
CA SER BA 466 -40.52 -18.88 11.73
C SER BA 466 -39.25 -19.11 12.56
N ASN BA 467 -39.23 -20.18 13.35
CA ASN BA 467 -38.04 -20.49 14.13
C ASN BA 467 -36.84 -20.77 13.23
N MET BA 468 -37.07 -21.50 12.12
CA MET BA 468 -35.98 -21.77 11.19
C MET BA 468 -35.41 -20.49 10.61
N SER BA 469 -36.28 -19.57 10.19
CA SER BA 469 -35.81 -18.31 9.63
C SER BA 469 -35.03 -17.52 10.66
N LYS BA 470 -35.54 -17.46 11.89
CA LYS BA 470 -34.85 -16.73 12.96
C LYS BA 470 -33.46 -17.32 13.20
N ALA BA 471 -33.38 -18.65 13.28
CA ALA BA 471 -32.10 -19.31 13.50
C ALA BA 471 -31.13 -19.04 12.36
N GLN BA 472 -31.62 -19.09 11.13
CA GLN BA 472 -30.74 -18.85 9.99
C GLN BA 472 -30.19 -17.43 9.99
N ILE BA 473 -31.04 -16.44 10.27
CA ILE BA 473 -30.57 -15.06 10.29
C ILE BA 473 -29.56 -14.86 11.40
N ILE BA 474 -29.84 -15.39 12.60
CA ILE BA 474 -28.90 -15.26 13.70
C ILE BA 474 -27.57 -15.93 13.36
N GLN BA 475 -27.63 -17.08 12.67
CA GLN BA 475 -26.41 -17.82 12.35
C GLN BA 475 -25.54 -17.04 11.38
N GLN BA 476 -26.14 -16.48 10.33
CA GLN BA 476 -25.37 -15.68 9.38
C GLN BA 476 -24.82 -14.41 10.02
N ALA BA 477 -25.64 -13.75 10.86
CA ALA BA 477 -25.17 -12.56 11.56
C ALA BA 477 -23.98 -12.90 12.46
N GLY BA 478 -24.06 -14.02 13.17
CA GLY BA 478 -22.95 -14.45 13.99
C GLY BA 478 -21.69 -14.70 13.19
N ASN BA 479 -21.85 -15.29 12.00
CA ASN BA 479 -20.67 -15.49 11.15
C ASN BA 479 -20.04 -14.16 10.75
N SER BA 480 -20.85 -13.18 10.35
CA SER BA 480 -20.29 -11.89 9.95
C SER BA 480 -19.58 -11.22 11.11
N VAL BA 481 -20.21 -11.21 12.29
CA VAL BA 481 -19.58 -10.59 13.44
C VAL BA 481 -18.33 -11.34 13.85
N LEU BA 482 -18.31 -12.67 13.69
CA LEU BA 482 -17.11 -13.43 14.00
C LEU BA 482 -15.96 -13.05 13.07
N ALA BA 483 -16.26 -12.89 11.78
CA ALA BA 483 -15.22 -12.46 10.84
C ALA BA 483 -14.65 -11.11 11.24
N LYS BA 484 -15.53 -10.16 11.60
CA LYS BA 484 -15.05 -8.87 12.04
C LYS BA 484 -14.21 -8.98 13.30
N ALA BA 485 -14.63 -9.82 14.25
CA ALA BA 485 -13.88 -10.01 15.49
C ALA BA 485 -12.50 -10.58 15.21
N ASN BA 486 -12.39 -11.54 14.31
CA ASN BA 486 -11.08 -12.06 13.94
C ASN BA 486 -10.24 -11.01 13.23
N GLN BA 487 -10.87 -10.09 12.51
CA GLN BA 487 -10.12 -9.00 11.90
C GLN BA 487 -9.67 -7.95 12.91
N VAL BA 488 -10.30 -7.89 14.08
CA VAL BA 488 -9.94 -6.86 15.07
C VAL BA 488 -8.46 -6.88 15.46
N PRO BA 489 -7.85 -8.01 15.83
CA PRO BA 489 -6.51 -7.97 16.41
C PRO BA 489 -5.39 -7.50 15.49
N GLN BA 490 -5.68 -7.07 14.26
CA GLN BA 490 -4.61 -6.79 13.30
C GLN BA 490 -3.81 -5.54 13.65
N GLN BA 491 -4.43 -4.55 14.31
CA GLN BA 491 -3.78 -3.24 14.47
C GLN BA 491 -2.51 -3.30 15.30
N VAL BA 492 -2.29 -4.40 16.04
CA VAL BA 492 -1.06 -4.52 16.82
C VAL BA 492 0.15 -4.59 15.87
N LEU BA 493 -0.02 -5.25 14.73
CA LEU BA 493 1.05 -5.27 13.73
C LEU BA 493 1.36 -3.86 13.23
N SER BA 494 0.33 -3.05 13.01
CA SER BA 494 0.55 -1.66 12.62
C SER BA 494 1.30 -0.90 13.71
N LEU BA 495 0.92 -1.13 14.97
CA LEU BA 495 1.62 -0.48 16.07
C LEU BA 495 3.10 -0.85 16.09
N LEU BA 496 3.40 -2.13 15.91
CA LEU BA 496 4.78 -2.59 16.01
C LEU BA 496 5.62 -2.14 14.82
N GLN BA 497 5.06 -2.23 13.61
CA GLN BA 497 5.83 -1.91 12.42
C GLN BA 497 6.23 -0.44 12.40
N GLY BA 498 5.32 0.45 12.76
CA GLY BA 498 5.60 1.88 12.75
C GLY BA 498 4.52 2.69 12.09
N GLN CA 3 29.75 36.63 23.85
CA GLN CA 3 30.26 35.30 23.52
C GLN CA 3 29.81 34.28 24.54
N VAL CA 4 29.07 34.79 25.53
CA VAL CA 4 28.79 34.11 26.79
C VAL CA 4 28.36 32.66 26.58
N ILE CA 5 29.03 31.75 27.29
CA ILE CA 5 28.74 30.33 27.24
C ILE CA 5 28.15 29.82 28.54
N ASN CA 6 28.05 30.67 29.56
CA ASN CA 6 27.41 30.30 30.81
C ASN CA 6 25.90 30.40 30.74
N THR CA 7 25.37 31.04 29.70
CA THR CA 7 23.93 31.15 29.48
C THR CA 7 23.69 31.24 27.98
N ASN CA 8 22.71 30.49 27.50
CA ASN CA 8 22.40 30.34 26.08
C ASN CA 8 20.94 30.67 25.83
N SER CA 9 20.51 31.85 26.29
CA SER CA 9 19.12 32.29 26.33
C SER CA 9 18.31 31.89 25.11
N LEU CA 10 18.95 31.83 23.94
CA LEU CA 10 18.27 31.32 22.75
C LEU CA 10 17.70 29.93 23.01
N SER CA 11 18.48 29.06 23.65
CA SER CA 11 17.99 27.72 23.97
C SER CA 11 16.82 27.79 24.94
N LEU CA 12 16.88 28.67 25.93
CA LEU CA 12 15.77 28.80 26.87
C LEU CA 12 14.50 29.23 26.16
N ILE CA 13 14.60 30.19 25.24
CA ILE CA 13 13.44 30.64 24.49
C ILE CA 13 12.88 29.51 23.64
N THR CA 14 13.75 28.75 22.98
CA THR CA 14 13.29 27.64 22.15
C THR CA 14 12.57 26.58 22.98
N GLN CA 15 13.15 26.24 24.14
CA GLN CA 15 12.50 25.26 25.02
C GLN CA 15 11.17 25.78 25.51
N ASN CA 16 11.09 27.08 25.81
CA ASN CA 16 9.81 27.66 26.22
C ASN CA 16 8.76 27.51 25.14
N ASN CA 17 9.13 27.80 23.88
CA ASN CA 17 8.20 27.65 22.77
C ASN CA 17 7.75 26.20 22.62
N ILE CA 18 8.69 25.26 22.78
CA ILE CA 18 8.34 23.84 22.66
C ILE CA 18 7.34 23.46 23.75
N ASN CA 19 7.58 23.91 24.99
CA ASN CA 19 6.64 23.60 26.06
C ASN CA 19 5.27 24.20 25.80
N LYS CA 20 5.21 25.41 25.25
CA LYS CA 20 3.92 25.98 24.89
C LYS CA 20 3.20 25.13 23.84
N ASN CA 21 3.96 24.62 22.85
CA ASN CA 21 3.35 23.81 21.81
C ASN CA 21 2.83 22.47 22.36
N GLN CA 22 3.52 21.94 23.38
CA GLN CA 22 3.17 20.64 23.94
C GLN CA 22 1.71 20.56 24.37
N SER CA 23 1.19 21.64 24.97
CA SER CA 23 -0.18 21.61 25.46
C SER CA 23 -1.18 21.43 24.32
N ALA CA 24 -0.99 22.17 23.23
CA ALA CA 24 -1.87 22.01 22.07
C ALA CA 24 -1.75 20.61 21.48
N LEU CA 25 -0.52 20.10 21.40
CA LEU CA 25 -0.33 18.76 20.87
C LEU CA 25 -1.08 17.72 21.70
N SER CA 26 -0.94 17.80 23.02
CA SER CA 26 -1.61 16.85 23.90
C SER CA 26 -3.12 16.99 23.81
N SER CA 27 -3.63 18.22 23.74
CA SER CA 27 -5.08 18.41 23.63
C SER CA 27 -5.60 17.79 22.34
N SER CA 28 -4.88 18.00 21.23
CA SER CA 28 -5.30 17.41 19.96
C SER CA 28 -5.31 15.89 20.03
N ILE CA 29 -4.27 15.30 20.65
CA ILE CA 29 -4.22 13.85 20.77
C ILE CA 29 -5.39 13.33 21.61
N GLU CA 30 -5.67 13.98 22.74
CA GLU CA 30 -6.77 13.53 23.58
C GLU CA 30 -8.10 13.64 22.85
N ARG CA 31 -8.32 14.73 22.12
CA ARG CA 31 -9.57 14.90 21.40
C ARG CA 31 -9.71 13.85 20.29
N LEU CA 32 -8.61 13.54 19.61
CA LEU CA 32 -8.66 12.51 18.57
C LEU CA 32 -8.97 11.14 19.15
N SER CA 33 -8.33 10.79 20.27
CA SER CA 33 -8.52 9.45 20.82
C SER CA 33 -9.89 9.28 21.45
N SER CA 34 -10.34 10.26 22.23
CA SER CA 34 -11.60 10.11 22.96
C SER CA 34 -12.80 10.23 22.03
N GLY CA 35 -12.75 11.19 21.09
CA GLY CA 35 -13.87 11.48 20.24
C GLY CA 35 -14.76 12.61 20.72
N LEU CA 36 -14.47 13.18 21.88
CA LEU CA 36 -15.24 14.30 22.43
C LEU CA 36 -14.35 15.51 22.55
N ARG CA 37 -14.88 16.69 22.19
CA ARG CA 37 -14.09 17.91 22.32
C ARG CA 37 -13.84 18.25 23.78
N ILE CA 38 -14.80 17.96 24.65
CA ILE CA 38 -14.68 18.29 26.07
C ILE CA 38 -14.44 17.02 26.87
N ASN CA 39 -13.17 16.71 27.10
CA ASN CA 39 -12.78 15.54 27.89
C ASN CA 39 -12.60 15.87 29.37
N SER CA 40 -12.74 17.13 29.75
CA SER CA 40 -12.52 17.56 31.12
C SER CA 40 -13.23 18.88 31.36
N ALA CA 41 -13.38 19.23 32.63
CA ALA CA 41 -13.98 20.52 32.97
C ALA CA 41 -13.10 21.70 32.57
N LYS CA 42 -11.80 21.47 32.39
CA LYS CA 42 -10.93 22.55 31.97
C LYS CA 42 -11.27 23.07 30.59
N ASP CA 43 -11.93 22.27 29.76
CA ASP CA 43 -12.33 22.73 28.43
C ASP CA 43 -13.34 23.86 28.54
N ASP CA 44 -14.57 23.55 28.93
CA ASP CA 44 -15.58 24.54 29.23
C ASP CA 44 -16.19 24.35 30.62
N ALA CA 45 -16.72 23.15 30.88
CA ALA CA 45 -17.44 22.72 32.07
C ALA CA 45 -18.81 23.35 32.16
N ALA CA 46 -19.05 24.44 31.43
CA ALA CA 46 -20.41 24.91 31.26
C ALA CA 46 -21.12 24.10 30.20
N GLY CA 47 -20.49 23.95 29.04
CA GLY CA 47 -20.98 23.01 28.05
C GLY CA 47 -21.00 21.60 28.58
N GLN CA 48 -20.03 21.26 29.44
CA GLN CA 48 -20.05 19.92 30.06
C GLN CA 48 -21.25 19.75 30.99
N ALA CA 49 -21.57 20.78 31.78
CA ALA CA 49 -22.77 20.68 32.62
C ALA CA 49 -24.03 20.55 31.78
N ILE CA 50 -24.12 21.36 30.70
CA ILE CA 50 -25.27 21.28 29.81
C ILE CA 50 -25.36 19.90 29.17
N ALA CA 51 -24.21 19.34 28.77
CA ALA CA 51 -24.18 18.02 28.16
C ALA CA 51 -24.61 16.94 29.15
N ASN CA 52 -24.18 17.05 30.41
CA ASN CA 52 -24.63 16.12 31.42
C ASN CA 52 -26.14 16.19 31.59
N ARG CA 53 -26.69 17.41 31.60
CA ARG CA 53 -28.13 17.55 31.71
C ARG CA 53 -28.86 16.92 30.52
N PHE CA 54 -28.33 17.13 29.31
CA PHE CA 54 -28.92 16.47 28.14
C PHE CA 54 -28.83 14.96 28.23
N THR CA 55 -27.69 14.43 28.71
CA THR CA 55 -27.55 12.99 28.85
C THR CA 55 -28.62 12.43 29.79
N SER CA 56 -28.80 13.09 30.93
CA SER CA 56 -29.83 12.66 31.88
C SER CA 56 -31.21 12.72 31.24
N ASN CA 57 -31.50 13.82 30.53
CA ASN CA 57 -32.80 13.97 29.89
C ASN CA 57 -33.06 12.87 28.88
N ILE CA 58 -32.07 12.56 28.04
CA ILE CA 58 -32.25 11.54 26.99
C ILE CA 58 -32.47 10.18 27.62
N LYS CA 59 -31.67 9.83 28.63
CA LYS CA 59 -31.85 8.54 29.28
C LYS CA 59 -33.24 8.43 29.90
N GLY CA 60 -33.69 9.50 30.57
CA GLY CA 60 -35.01 9.48 31.16
C GLY CA 60 -36.11 9.34 30.14
N LEU CA 61 -35.99 10.04 29.01
CA LEU CA 61 -37.03 9.97 27.99
C LEU CA 61 -37.10 8.59 27.36
N THR CA 62 -35.94 7.98 27.08
CA THR CA 62 -35.94 6.63 26.54
C THR CA 62 -36.58 5.65 27.52
N GLN CA 63 -36.23 5.77 28.81
CA GLN CA 63 -36.83 4.89 29.80
C GLN CA 63 -38.35 5.11 29.88
N ALA CA 64 -38.78 6.36 29.75
CA ALA CA 64 -40.21 6.67 29.80
C ALA CA 64 -40.95 6.01 28.65
N ALA CA 65 -40.39 6.07 27.44
CA ALA CA 65 -41.02 5.40 26.31
C ALA CA 65 -41.10 3.89 26.53
N ARG CA 66 -40.00 3.31 27.04
CA ARG CA 66 -40.01 1.89 27.37
C ARG CA 66 -41.13 1.56 28.33
N ASN CA 67 -41.31 2.39 29.37
CA ASN CA 67 -42.39 2.16 30.33
C ASN CA 67 -43.75 2.26 29.66
N ALA CA 68 -43.93 3.25 28.78
CA ALA CA 68 -45.21 3.45 28.11
C ALA CA 68 -45.61 2.22 27.30
N ASN CA 69 -44.64 1.55 26.69
CA ASN CA 69 -44.95 0.34 25.94
C ASN CA 69 -45.65 -0.70 26.83
N ASP CA 70 -45.23 -0.80 28.09
CA ASP CA 70 -45.88 -1.75 28.99
C ASP CA 70 -47.33 -1.40 29.23
N GLY CA 71 -47.64 -0.11 29.40
CA GLY CA 71 -49.04 0.29 29.54
C GLY CA 71 -49.85 -0.05 28.31
N ILE CA 72 -49.27 0.12 27.13
CA ILE CA 72 -49.96 -0.29 25.90
C ILE CA 72 -50.28 -1.78 25.94
N SER CA 73 -49.30 -2.58 26.39
CA SER CA 73 -49.51 -4.03 26.48
C SER CA 73 -50.64 -4.37 27.47
N VAL CA 74 -50.67 -3.69 28.62
CA VAL CA 74 -51.72 -3.93 29.60
C VAL CA 74 -53.08 -3.62 29.01
N ALA CA 75 -53.18 -2.50 28.29
CA ALA CA 75 -54.45 -2.14 27.66
C ALA CA 75 -54.87 -3.21 26.67
N GLN CA 76 -53.93 -3.72 25.88
CA GLN CA 76 -54.26 -4.76 24.91
C GLN CA 76 -54.80 -6.01 25.59
N THR CA 77 -54.12 -6.47 26.65
CA THR CA 77 -54.55 -7.69 27.32
C THR CA 77 -55.94 -7.52 27.94
N THR CA 78 -56.16 -6.40 28.62
CA THR CA 78 -57.45 -6.16 29.24
C THR CA 78 -58.55 -6.07 28.18
N GLU CA 79 -58.25 -5.44 27.05
CA GLU CA 79 -59.23 -5.33 25.98
C GLU CA 79 -59.61 -6.70 25.43
N GLY CA 80 -58.62 -7.59 25.26
CA GLY CA 80 -58.92 -8.93 24.81
C GLY CA 80 -59.83 -9.68 25.76
N ALA CA 81 -59.50 -9.61 27.06
CA ALA CA 81 -60.36 -10.26 28.06
C ALA CA 81 -61.78 -9.70 28.02
N LEU CA 82 -61.91 -8.38 27.90
CA LEU CA 82 -63.23 -7.77 27.86
C LEU CA 82 -64.00 -8.18 26.61
N SER CA 83 -63.31 -8.33 25.48
CA SER CA 83 -63.97 -8.79 24.27
C SER CA 83 -64.51 -10.20 24.44
N GLU CA 84 -63.75 -11.07 25.10
CA GLU CA 84 -64.24 -12.42 25.34
C GLU CA 84 -65.48 -12.40 26.24
N ILE CA 85 -65.44 -11.56 27.28
CA ILE CA 85 -66.62 -11.40 28.13
C ILE CA 85 -67.81 -10.89 27.33
N ASN CA 86 -67.55 -9.99 26.37
CA ASN CA 86 -68.61 -9.48 25.52
C ASN CA 86 -69.24 -10.60 24.70
N ASN CA 87 -68.40 -11.49 24.15
CA ASN CA 87 -68.94 -12.62 23.40
C ASN CA 87 -69.83 -13.49 24.28
N ASN CA 88 -69.38 -13.76 25.51
CA ASN CA 88 -70.21 -14.55 26.43
C ASN CA 88 -71.54 -13.86 26.70
N LEU CA 89 -71.51 -12.54 26.92
CA LEU CA 89 -72.74 -11.81 27.18
C LEU CA 89 -73.67 -11.84 25.97
N GLN CA 90 -73.12 -11.76 24.76
CA GLN CA 90 -73.93 -11.83 23.56
C GLN CA 90 -74.64 -13.18 23.48
N ARG CA 91 -73.91 -14.26 23.74
CA ARG CA 91 -74.56 -15.58 23.69
C ARG CA 91 -75.62 -15.71 24.77
N VAL CA 92 -75.36 -15.15 25.95
CA VAL CA 92 -76.37 -15.19 27.01
C VAL CA 92 -77.62 -14.43 26.60
N ARG CA 93 -77.45 -13.29 25.94
CA ARG CA 93 -78.59 -12.51 25.47
C ARG CA 93 -79.40 -13.31 24.45
N GLU CA 94 -78.72 -13.98 23.52
CA GLU CA 94 -79.44 -14.81 22.56
C GLU CA 94 -80.21 -15.93 23.26
N LEU CA 95 -79.58 -16.54 24.27
CA LEU CA 95 -80.26 -17.59 25.02
C LEU CA 95 -81.51 -17.06 25.71
N THR CA 96 -81.42 -15.87 26.31
CA THR CA 96 -82.60 -15.29 26.96
C THR CA 96 -83.70 -14.99 25.95
N VAL CA 97 -83.32 -14.46 24.78
CA VAL CA 97 -84.32 -14.20 23.75
C VAL CA 97 -85.02 -15.50 23.35
N GLN CA 98 -84.27 -16.59 23.26
CA GLN CA 98 -84.89 -17.87 22.95
C GLN CA 98 -85.79 -18.34 24.09
N ALA CA 99 -85.38 -18.08 25.34
CA ALA CA 99 -86.09 -18.62 26.50
C ALA CA 99 -87.38 -17.87 26.81
N THR CA 100 -87.48 -16.59 26.47
CA THR CA 100 -88.68 -15.84 26.82
C THR CA 100 -89.84 -16.15 25.88
N THR CA 101 -90.18 -17.44 25.75
CA THR CA 101 -91.28 -17.87 24.90
C THR CA 101 -92.10 -18.91 25.64
N GLY CA 102 -93.41 -18.92 25.37
CA GLY CA 102 -94.29 -19.86 26.05
C GLY CA 102 -94.25 -21.27 25.49
N THR CA 103 -93.71 -21.46 24.28
CA THR CA 103 -93.61 -22.80 23.72
C THR CA 103 -92.61 -23.66 24.48
N ASN CA 104 -91.60 -23.04 25.08
CA ASN CA 104 -90.61 -23.79 25.84
C ASN CA 104 -91.25 -24.48 27.03
N SER CA 105 -90.90 -25.75 27.22
CA SER CA 105 -91.38 -26.49 28.39
C SER CA 105 -90.52 -26.16 29.60
N GLU CA 106 -90.87 -26.74 30.75
CA GLU CA 106 -90.11 -26.47 31.96
C GLU CA 106 -88.72 -27.10 31.89
N SER CA 107 -88.61 -28.28 31.28
CA SER CA 107 -87.29 -28.88 31.08
C SER CA 107 -86.45 -28.05 30.12
N ASP CA 108 -87.08 -27.49 29.09
CA ASP CA 108 -86.36 -26.60 28.19
C ASP CA 108 -85.84 -25.36 28.93
N LEU CA 109 -86.67 -24.80 29.81
CA LEU CA 109 -86.22 -23.68 30.63
C LEU CA 109 -85.06 -24.10 31.53
N SER CA 110 -85.12 -25.32 32.07
CA SER CA 110 -84.03 -25.82 32.91
C SER CA 110 -82.73 -25.91 32.12
N SER CA 111 -82.79 -26.44 30.90
CA SER CA 111 -81.59 -26.54 30.08
C SER CA 111 -81.04 -25.17 29.71
N ILE CA 112 -81.93 -24.23 29.35
CA ILE CA 112 -81.51 -22.87 29.03
C ILE CA 112 -80.83 -22.25 30.24
N GLN CA 113 -81.42 -22.42 31.43
CA GLN CA 113 -80.83 -21.84 32.63
C GLN CA 113 -79.50 -22.48 32.96
N ASP CA 114 -79.38 -23.79 32.72
CA ASP CA 114 -78.09 -24.46 32.93
C ASP CA 114 -77.01 -23.83 32.06
N GLU CA 115 -77.29 -23.66 30.77
CA GLU CA 115 -76.29 -23.08 29.88
C GLU CA 115 -75.99 -21.63 30.26
N ILE CA 116 -77.03 -20.86 30.62
CA ILE CA 116 -76.84 -19.47 30.99
C ILE CA 116 -75.99 -19.35 32.25
N LYS CA 117 -76.27 -20.19 33.25
CA LYS CA 117 -75.48 -20.18 34.48
C LYS CA 117 -74.04 -20.60 34.21
N SER CA 118 -73.84 -21.59 33.33
CA SER CA 118 -72.48 -21.98 32.98
C SER CA 118 -71.72 -20.82 32.36
N ARG CA 119 -72.36 -20.09 31.46
CA ARG CA 119 -71.67 -18.97 30.81
C ARG CA 119 -71.44 -17.81 31.78
N LEU CA 120 -72.37 -17.56 32.69
CA LEU CA 120 -72.16 -16.53 33.70
C LEU CA 120 -71.00 -16.89 34.63
N ASP CA 121 -70.93 -18.17 35.02
CA ASP CA 121 -69.81 -18.64 35.82
C ASP CA 121 -68.50 -18.51 35.04
N GLU CA 122 -68.54 -18.75 33.73
CA GLU CA 122 -67.36 -18.53 32.90
C GLU CA 122 -66.96 -17.06 32.89
N ILE CA 123 -67.93 -16.15 32.84
CA ILE CA 123 -67.63 -14.73 32.89
C ILE CA 123 -66.94 -14.39 34.21
N ASP CA 124 -67.48 -14.89 35.31
CA ASP CA 124 -66.88 -14.62 36.62
C ASP CA 124 -65.47 -15.20 36.68
N ARG CA 125 -65.28 -16.41 36.14
CA ARG CA 125 -63.96 -17.02 36.13
C ARG CA 125 -62.96 -16.17 35.34
N VAL CA 126 -63.30 -15.81 34.10
CA VAL CA 126 -62.35 -15.08 33.28
C VAL CA 126 -62.05 -13.73 33.91
N SER CA 127 -63.04 -13.13 34.57
CA SER CA 127 -62.77 -11.92 35.35
C SER CA 127 -61.73 -12.17 36.42
N GLY CA 128 -61.91 -13.21 37.22
CA GLY CA 128 -61.02 -13.46 38.34
C GLY CA 128 -59.60 -13.85 37.92
N GLN CA 129 -59.48 -14.73 36.93
CA GLN CA 129 -58.22 -15.40 36.65
C GLN CA 129 -57.23 -14.56 35.86
N THR CA 130 -57.71 -13.57 35.10
CA THR CA 130 -56.85 -12.84 34.17
C THR CA 130 -55.85 -11.98 34.96
N GLN CA 131 -54.62 -12.46 35.04
CA GLN CA 131 -53.57 -11.81 35.81
C GLN CA 131 -52.44 -11.39 34.88
N PHE CA 132 -52.07 -10.11 34.93
CA PHE CA 132 -50.95 -9.58 34.16
C PHE CA 132 -49.86 -9.16 35.11
N ASN CA 133 -48.71 -9.83 35.05
CA ASN CA 133 -47.54 -9.48 35.85
C ASN CA 133 -47.90 -9.36 37.33
N GLY CA 134 -48.66 -10.34 37.82
CA GLY CA 134 -49.11 -10.31 39.20
C GLY CA 134 -50.08 -9.20 39.52
N VAL CA 135 -50.97 -8.86 38.59
CA VAL CA 135 -51.97 -7.83 38.79
C VAL CA 135 -53.30 -8.35 38.25
N ASN CA 136 -54.27 -8.59 39.12
CA ASN CA 136 -55.60 -9.01 38.72
C ASN CA 136 -56.35 -7.79 38.22
N VAL CA 137 -56.20 -7.52 36.92
CA VAL CA 137 -56.74 -6.29 36.35
C VAL CA 137 -58.26 -6.26 36.43
N LEU CA 138 -58.92 -7.37 36.11
CA LEU CA 138 -60.38 -7.43 36.21
C LEU CA 138 -60.84 -8.01 37.55
N ALA CA 139 -60.34 -7.47 38.66
CA ALA CA 139 -60.78 -7.95 39.96
C ALA CA 139 -60.99 -6.87 40.99
N LYS CA 140 -60.69 -5.60 40.70
CA LYS CA 140 -60.81 -4.55 41.70
C LYS CA 140 -60.72 -3.17 41.06
N ASN CA 141 -61.60 -2.25 41.47
CA ASN CA 141 -61.53 -0.88 41.01
C ASN CA 141 -60.22 -0.25 41.45
N GLY CA 142 -59.54 0.42 40.53
CA GLY CA 142 -58.28 1.04 40.84
C GLY CA 142 -57.77 1.90 39.71
N SER CA 143 -56.49 2.24 39.78
CA SER CA 143 -55.88 3.07 38.76
C SER CA 143 -54.38 2.77 38.70
N MET CA 144 -53.81 2.96 37.50
CA MET CA 144 -52.39 2.80 37.28
C MET CA 144 -51.80 4.11 36.81
N LYS CA 145 -50.54 4.34 37.17
CA LYS CA 145 -49.85 5.59 36.84
C LYS CA 145 -48.54 5.24 36.14
N ILE CA 146 -48.42 5.64 34.87
CA ILE CA 146 -47.29 5.26 34.04
C ILE CA 146 -46.36 6.46 33.88
N GLN CA 147 -45.10 6.26 34.24
CA GLN CA 147 -44.08 7.31 34.10
C GLN CA 147 -43.74 7.47 32.62
N VAL CA 148 -44.24 8.55 32.00
CA VAL CA 148 -43.98 8.80 30.59
C VAL CA 148 -43.20 10.10 30.44
N GLY CA 149 -42.46 10.47 31.49
CA GLY CA 149 -41.63 11.66 31.46
C GLY CA 149 -40.35 11.46 32.24
N ALA CA 150 -39.49 12.47 32.18
CA ALA CA 150 -38.19 12.41 32.84
C ALA CA 150 -38.24 12.96 34.26
N ASN CA 151 -39.15 13.87 34.55
CA ASN CA 151 -39.23 14.49 35.87
C ASN CA 151 -40.23 13.73 36.74
N ASP CA 152 -40.56 14.29 37.89
CA ASP CA 152 -41.53 13.68 38.79
C ASP CA 152 -42.94 14.04 38.39
N ASN CA 153 -43.88 13.17 38.76
CA ASN CA 153 -45.31 13.35 38.48
C ASN CA 153 -45.54 13.56 36.98
N GLN CA 154 -45.18 12.53 36.20
CA GLN CA 154 -45.33 12.53 34.76
C GLN CA 154 -46.24 11.40 34.33
N THR CA 155 -47.34 11.20 35.06
CA THR CA 155 -48.11 9.97 34.99
C THR CA 155 -49.31 10.11 34.06
N ILE CA 156 -49.61 9.03 33.34
CA ILE CA 156 -50.86 8.88 32.60
C ILE CA 156 -51.68 7.82 33.32
N THR CA 157 -52.92 8.15 33.65
CA THR CA 157 -53.76 7.33 34.50
C THR CA 157 -54.61 6.38 33.64
N ILE CA 158 -54.55 5.10 33.95
CA ILE CA 158 -55.44 4.09 33.39
C ILE CA 158 -56.42 3.66 34.46
N ASP CA 159 -57.70 3.60 34.10
CA ASP CA 159 -58.74 3.18 35.03
C ASP CA 159 -59.03 1.71 34.82
N LEU CA 160 -59.15 0.97 35.93
CA LEU CA 160 -59.47 -0.44 35.90
C LEU CA 160 -60.69 -0.66 36.78
N LYS CA 161 -61.75 -1.21 36.20
CA LYS CA 161 -63.01 -1.43 36.89
C LYS CA 161 -63.22 -2.92 37.13
N GLN CA 162 -63.57 -3.27 38.36
CA GLN CA 162 -63.91 -4.67 38.67
C GLN CA 162 -65.14 -5.09 37.88
N ILE CA 163 -64.94 -5.96 36.89
CA ILE CA 163 -66.02 -6.43 36.03
C ILE CA 163 -66.30 -7.89 36.37
N ASP CA 164 -67.50 -8.16 36.86
CA ASP CA 164 -67.92 -9.50 37.21
C ASP CA 164 -69.44 -9.49 37.35
N ALA CA 165 -69.99 -10.65 37.75
CA ALA CA 165 -71.44 -10.78 37.85
C ALA CA 165 -72.02 -9.81 38.87
N LYS CA 166 -71.37 -9.67 40.03
CA LYS CA 166 -71.89 -8.78 41.06
C LYS CA 166 -71.88 -7.33 40.61
N THR CA 167 -70.82 -6.89 39.94
CA THR CA 167 -70.69 -5.51 39.49
C THR CA 167 -71.34 -5.27 38.13
N LEU CA 168 -72.19 -6.20 37.67
CA LEU CA 168 -72.93 -6.01 36.43
C LEU CA 168 -74.42 -6.21 36.60
N GLY CA 169 -74.89 -6.58 37.78
CA GLY CA 169 -76.29 -6.84 38.02
C GLY CA 169 -76.71 -8.25 37.67
N LEU CA 170 -75.84 -9.06 37.09
CA LEU CA 170 -76.16 -10.44 36.73
C LEU CA 170 -75.76 -11.42 37.84
N ASP CA 171 -76.20 -11.13 39.05
CA ASP CA 171 -75.98 -12.00 40.20
C ASP CA 171 -77.33 -12.57 40.61
N GLY CA 172 -77.54 -13.84 40.30
CA GLY CA 172 -78.84 -14.47 40.47
C GLY CA 172 -79.72 -14.42 39.25
N PHE CA 173 -79.17 -14.08 38.08
CA PHE CA 173 -79.95 -14.00 36.85
C PHE CA 173 -80.48 -15.38 36.49
N SER CA 174 -81.79 -15.54 36.54
CA SER CA 174 -82.44 -16.81 36.25
C SER CA 174 -83.62 -16.60 35.32
N VAL CA 175 -83.94 -17.66 34.56
CA VAL CA 175 -85.07 -17.63 33.65
C VAL CA 175 -86.00 -18.80 33.99
N LYS CA 176 -85.87 -19.32 35.20
CA LYS CA 176 -86.70 -20.43 35.65
C LYS CA 176 -87.01 -20.27 37.12
N ASN CA 177 -88.04 -20.97 37.57
CA ASN CA 177 -88.47 -20.89 38.96
C ASN CA 177 -87.89 -22.03 39.80
N THR CA 407 -86.36 -13.72 37.15
CA THR CA 407 -85.80 -12.38 37.03
C THR CA 407 -86.70 -11.48 36.19
N THR CA 408 -86.95 -10.28 36.68
CA THR CA 408 -87.79 -9.32 35.98
C THR CA 408 -86.95 -8.45 35.05
N ASP CA 409 -87.50 -8.16 33.88
CA ASP CA 409 -86.82 -7.39 32.84
C ASP CA 409 -85.40 -7.91 32.57
N PRO CA 410 -85.27 -9.16 32.10
CA PRO CA 410 -83.91 -9.70 31.90
C PRO CA 410 -83.17 -9.04 30.77
N LEU CA 411 -83.83 -8.80 29.64
CA LEU CA 411 -83.15 -8.25 28.48
C LEU CA 411 -82.63 -6.85 28.76
N LYS CA 412 -83.38 -6.04 29.51
CA LYS CA 412 -82.91 -4.72 29.87
C LYS CA 412 -81.64 -4.78 30.70
N ALA CA 413 -81.59 -5.70 31.67
CA ALA CA 413 -80.38 -5.85 32.48
C ALA CA 413 -79.20 -6.33 31.64
N LEU CA 414 -79.46 -7.25 30.71
CA LEU CA 414 -78.38 -7.74 29.85
C LEU CA 414 -77.84 -6.61 28.97
N ASP CA 415 -78.73 -5.80 28.40
CA ASP CA 415 -78.30 -4.65 27.61
C ASP CA 415 -77.52 -3.67 28.47
N ASP CA 416 -77.94 -3.49 29.73
CA ASP CA 416 -77.21 -2.62 30.64
C ASP CA 416 -75.79 -3.14 30.88
N ALA CA 417 -75.65 -4.46 31.07
CA ALA CA 417 -74.33 -5.03 31.26
C ALA CA 417 -73.45 -4.83 30.03
N ILE CA 418 -74.02 -5.03 28.84
CA ILE CA 418 -73.25 -4.84 27.61
C ILE CA 418 -72.82 -3.37 27.47
N ALA CA 419 -73.74 -2.45 27.77
CA ALA CA 419 -73.45 -1.02 27.70
C ALA CA 419 -72.51 -0.58 28.82
N SER CA 420 -72.35 -1.39 29.86
CA SER CA 420 -71.35 -1.10 30.88
C SER CA 420 -69.98 -1.68 30.54
N VAL CA 421 -69.92 -2.74 29.73
CA VAL CA 421 -68.64 -3.31 29.38
C VAL CA 421 -68.01 -2.57 28.19
N ASP CA 422 -68.82 -2.14 27.23
CA ASP CA 422 -68.24 -1.44 26.09
C ASP CA 422 -67.72 -0.06 26.46
N LYS CA 423 -68.26 0.54 27.52
CA LYS CA 423 -67.73 1.80 28.03
C LYS CA 423 -66.29 1.64 28.48
N PHE CA 424 -66.02 0.60 29.27
CA PHE CA 424 -64.66 0.32 29.71
C PHE CA 424 -63.76 0.01 28.52
N ARG CA 425 -64.28 -0.74 27.54
CA ARG CA 425 -63.48 -1.03 26.36
C ARG CA 425 -63.10 0.25 25.62
N SER CA 426 -64.05 1.17 25.45
CA SER CA 426 -63.77 2.42 24.75
C SER CA 426 -62.78 3.27 25.53
N SER CA 427 -62.90 3.29 26.86
CA SER CA 427 -61.94 4.05 27.67
C SER CA 427 -60.52 3.49 27.47
N LEU CA 428 -60.40 2.17 27.49
CA LEU CA 428 -59.09 1.56 27.28
C LEU CA 428 -58.53 1.89 25.90
N GLY CA 429 -59.39 1.84 24.87
CA GLY CA 429 -58.93 2.19 23.53
C GLY CA 429 -58.45 3.62 23.44
N ALA CA 430 -59.19 4.56 24.04
CA ALA CA 430 -58.77 5.95 24.04
C ALA CA 430 -57.43 6.13 24.74
N VAL CA 431 -57.26 5.47 25.89
CA VAL CA 431 -55.99 5.58 26.61
C VAL CA 431 -54.86 4.98 25.79
N GLN CA 432 -55.13 3.89 25.07
CA GLN CA 432 -54.09 3.26 24.26
C GLN CA 432 -53.64 4.19 23.14
N ASN CA 433 -54.59 4.85 22.46
CA ASN CA 433 -54.23 5.81 21.43
C ASN CA 433 -53.43 6.96 22.03
N ARG CA 434 -53.86 7.47 23.17
CA ARG CA 434 -53.14 8.53 23.86
C ARG CA 434 -51.70 8.11 24.15
N LEU CA 435 -51.52 6.88 24.62
CA LEU CA 435 -50.20 6.43 25.02
C LEU CA 435 -49.30 6.22 23.81
N ASP CA 436 -49.86 5.74 22.69
CA ASP CA 436 -49.08 5.63 21.46
C ASP CA 436 -48.62 6.99 20.98
N SER CA 437 -49.52 7.99 21.03
CA SER CA 437 -49.12 9.35 20.68
C SER CA 437 -47.99 9.83 21.58
N ALA CA 438 -48.09 9.54 22.87
CA ALA CA 438 -47.03 9.90 23.80
C ALA CA 438 -45.71 9.25 23.41
N VAL CA 439 -45.74 7.97 23.05
CA VAL CA 439 -44.52 7.27 22.65
C VAL CA 439 -43.88 7.96 21.45
N THR CA 440 -44.69 8.30 20.44
CA THR CA 440 -44.15 8.97 19.27
C THR CA 440 -43.52 10.31 19.63
N ASN CA 441 -44.21 11.10 20.46
CA ASN CA 441 -43.67 12.41 20.83
C ASN CA 441 -42.36 12.27 21.59
N LEU CA 442 -42.29 11.31 22.52
CA LEU CA 442 -41.05 11.08 23.25
C LEU CA 442 -39.93 10.66 22.33
N ASN CA 443 -40.23 9.83 21.32
CA ASN CA 443 -39.19 9.44 20.37
C ASN CA 443 -38.64 10.66 19.63
N ASN CA 444 -39.55 11.52 19.15
CA ASN CA 444 -39.11 12.73 18.45
C ASN CA 444 -38.24 13.60 19.36
N THR CA 445 -38.69 13.82 20.59
CA THR CA 445 -37.96 14.67 21.53
C THR CA 445 -36.59 14.08 21.82
N THR CA 446 -36.51 12.76 22.01
CA THR CA 446 -35.23 12.12 22.27
C THR CA 446 -34.26 12.32 21.11
N THR CA 447 -34.75 12.17 19.87
CA THR CA 447 -33.88 12.39 18.73
C THR CA 447 -33.38 13.83 18.69
N ASN CA 448 -34.28 14.80 18.92
CA ASN CA 448 -33.88 16.20 18.87
C ASN CA 448 -32.83 16.53 19.94
N LEU CA 449 -33.06 16.06 21.16
CA LEU CA 449 -32.09 16.31 22.23
C LEU CA 449 -30.76 15.60 21.97
N SER CA 450 -30.80 14.41 21.38
CA SER CA 450 -29.56 13.73 21.03
C SER CA 450 -28.75 14.56 20.05
N GLU CA 451 -29.41 15.08 19.01
CA GLU CA 451 -28.70 15.92 18.05
C GLU CA 451 -28.15 17.18 18.71
N ALA CA 452 -28.97 17.82 19.55
CA ALA CA 452 -28.53 19.06 20.20
C ALA CA 452 -27.32 18.82 21.09
N GLN CA 453 -27.33 17.73 21.87
CA GLN CA 453 -26.22 17.42 22.75
C GLN CA 453 -24.97 17.06 21.95
N SER CA 454 -25.16 16.39 20.81
CA SER CA 454 -24.04 16.09 19.92
C SER CA 454 -23.41 17.36 19.40
N ARG CA 455 -24.22 18.37 19.08
CA ARG CA 455 -23.67 19.65 18.66
C ARG CA 455 -22.89 20.34 19.77
N ILE CA 456 -22.84 19.74 20.96
CA ILE CA 456 -22.21 20.34 22.14
C ILE CA 456 -20.92 19.63 22.52
N GLN CA 457 -20.98 18.33 22.82
CA GLN CA 457 -19.76 17.72 23.34
C GLN CA 457 -18.85 17.15 22.27
N ASP CA 458 -19.29 17.10 21.01
CA ASP CA 458 -18.53 16.35 20.03
C ASP CA 458 -17.49 17.23 19.34
N ALA CA 459 -16.45 16.59 18.84
CA ALA CA 459 -15.32 17.26 18.22
C ALA CA 459 -15.34 17.09 16.71
N ASP CA 460 -14.74 18.06 16.02
CA ASP CA 460 -14.63 18.04 14.55
C ASP CA 460 -13.27 17.45 14.19
N TYR CA 461 -13.28 16.25 13.63
CA TYR CA 461 -12.02 15.53 13.41
C TYR CA 461 -11.11 16.24 12.41
N ALA CA 462 -11.68 16.97 11.45
CA ALA CA 462 -10.83 17.73 10.54
C ALA CA 462 -10.00 18.76 11.29
N THR CA 463 -10.65 19.53 12.17
CA THR CA 463 -9.94 20.54 12.96
C THR CA 463 -8.90 19.89 13.87
N GLU CA 464 -9.28 18.79 14.51
CA GLU CA 464 -8.35 18.11 15.41
C GLU CA 464 -7.12 17.61 14.67
N VAL CA 465 -7.33 17.01 13.50
CA VAL CA 465 -6.20 16.51 12.71
C VAL CA 465 -5.30 17.67 12.26
N SER CA 466 -5.91 18.77 11.81
CA SER CA 466 -5.12 19.92 11.38
C SER CA 466 -4.28 20.48 12.53
N ASN CA 467 -4.91 20.65 13.70
CA ASN CA 467 -4.17 21.17 14.85
C ASN CA 467 -3.07 20.21 15.28
N MET CA 468 -3.34 18.91 15.27
CA MET CA 468 -2.33 17.93 15.65
C MET CA 468 -1.14 17.96 14.70
N SER CA 469 -1.40 18.03 13.39
CA SER CA 469 -0.31 18.11 12.42
C SER CA 469 0.48 19.38 12.60
N LYS CA 470 -0.21 20.51 12.81
CA LYS CA 470 0.48 21.78 13.04
C LYS CA 470 1.37 21.71 14.26
N ALA CA 471 0.86 21.14 15.35
CA ALA CA 471 1.66 21.01 16.57
C ALA CA 471 2.87 20.13 16.35
N GLN CA 472 2.70 19.04 15.60
CA GLN CA 472 3.84 18.15 15.32
C GLN CA 472 4.92 18.90 14.53
N ILE CA 473 4.50 19.65 13.51
CA ILE CA 473 5.49 20.38 12.71
C ILE CA 473 6.20 21.42 13.56
N ILE CA 474 5.45 22.13 14.42
CA ILE CA 474 6.06 23.10 15.32
C ILE CA 474 7.08 22.42 16.23
N GLN CA 475 6.75 21.24 16.75
CA GLN CA 475 7.67 20.53 17.62
C GLN CA 475 8.96 20.17 16.89
N GLN CA 476 8.85 19.65 15.67
CA GLN CA 476 10.06 19.31 14.92
C GLN CA 476 10.89 20.55 14.60
N ALA CA 477 10.24 21.64 14.21
CA ALA CA 477 10.96 22.87 13.94
C ALA CA 477 11.68 23.38 15.18
N GLY CA 478 11.00 23.34 16.33
CA GLY CA 478 11.63 23.76 17.57
C GLY CA 478 12.81 22.88 17.93
N ASN CA 479 12.71 21.58 17.70
CA ASN CA 479 13.83 20.69 17.98
C ASN CA 479 15.03 21.03 17.10
N SER CA 480 14.79 21.29 15.81
CA SER CA 480 15.89 21.62 14.92
C SER CA 480 16.57 22.93 15.33
N VAL CA 481 15.77 23.97 15.58
CA VAL CA 481 16.36 25.24 15.95
C VAL CA 481 17.04 25.16 17.32
N LEU CA 482 16.53 24.32 18.22
CA LEU CA 482 17.19 24.11 19.49
C LEU CA 482 18.55 23.45 19.31
N ALA CA 483 18.62 22.46 18.41
CA ALA CA 483 19.91 21.83 18.13
C ALA CA 483 20.90 22.87 17.60
N LYS CA 484 20.47 23.72 16.68
CA LYS CA 484 21.35 24.77 16.18
C LYS CA 484 21.77 25.73 17.30
N ALA CA 485 20.83 26.10 18.18
CA ALA CA 485 21.13 27.03 19.25
C ALA CA 485 22.17 26.45 20.20
N ASN CA 486 22.02 25.17 20.59
CA ASN CA 486 23.04 24.54 21.41
C ASN CA 486 24.36 24.37 20.66
N GLN CA 487 24.31 24.28 19.32
CA GLN CA 487 25.56 24.23 18.57
C GLN CA 487 26.28 25.58 18.56
N VAL CA 488 25.53 26.67 18.74
CA VAL CA 488 26.13 28.01 18.61
C VAL CA 488 27.36 28.24 19.50
N PRO CA 489 27.33 27.95 20.81
CA PRO CA 489 28.41 28.46 21.69
C PRO CA 489 29.82 27.94 21.41
N GLN CA 490 30.00 27.14 20.36
CA GLN CA 490 31.28 26.44 20.18
C GLN CA 490 32.41 27.37 19.76
N GLN CA 491 32.12 28.45 19.04
CA GLN CA 491 33.19 29.26 18.44
C GLN CA 491 34.11 29.90 19.47
N VAL CA 492 33.69 29.99 20.73
CA VAL CA 492 34.58 30.50 21.77
C VAL CA 492 35.80 29.60 21.91
N LEU CA 493 35.61 28.29 21.73
CA LEU CA 493 36.73 27.36 21.77
C LEU CA 493 37.74 27.67 20.68
N SER CA 494 37.27 27.93 19.46
CA SER CA 494 38.18 28.32 18.38
C SER CA 494 38.86 29.65 18.69
N LEU CA 495 38.12 30.59 19.28
CA LEU CA 495 38.70 31.88 19.65
C LEU CA 495 39.87 31.68 20.61
N LEU CA 496 39.67 30.87 21.65
CA LEU CA 496 40.72 30.67 22.64
C LEU CA 496 41.87 29.85 22.10
N GLN CA 497 41.57 28.83 21.28
CA GLN CA 497 42.62 27.95 20.76
C GLN CA 497 43.59 28.72 19.86
N GLY CA 498 43.08 29.59 19.00
CA GLY CA 498 43.91 30.35 18.10
C GLY CA 498 43.45 30.28 16.66
N GLN DA 3 135.64 52.90 11.13
CA GLN DA 3 134.89 53.34 12.31
C GLN DA 3 134.15 54.62 11.97
N VAL DA 4 133.99 54.82 10.68
CA VAL DA 4 133.43 56.03 10.08
C VAL DA 4 132.11 56.44 10.72
N ILE DA 5 132.00 57.72 11.10
CA ILE DA 5 130.78 58.24 11.70
C ILE DA 5 130.13 59.33 10.86
N ASN DA 6 130.75 59.72 9.76
CA ASN DA 6 130.14 60.65 8.82
C ASN DA 6 129.26 59.93 7.81
N THR DA 7 129.22 58.60 7.88
CA THR DA 7 128.40 57.77 7.00
C THR DA 7 128.03 56.51 7.76
N ASN DA 8 126.78 56.07 7.59
CA ASN DA 8 126.22 54.92 8.29
C ASN DA 8 125.63 53.94 7.29
N SER DA 9 126.45 53.57 6.30
CA SER DA 9 126.06 52.75 5.16
C SER DA 9 125.07 51.64 5.51
N LEU DA 10 125.30 50.95 6.63
CA LEU DA 10 124.36 49.91 7.06
C LEU DA 10 122.96 50.47 7.25
N SER DA 11 122.86 51.65 7.86
CA SER DA 11 121.56 52.29 8.01
C SER DA 11 120.94 52.59 6.65
N LEU DA 12 121.75 53.02 5.69
CA LEU DA 12 121.24 53.28 4.36
C LEU DA 12 120.68 52.02 3.71
N ILE DA 13 121.40 50.90 3.85
CA ILE DA 13 120.91 49.64 3.32
C ILE DA 13 119.59 49.25 3.97
N THR DA 14 119.51 49.41 5.29
CA THR DA 14 118.28 49.04 6.00
C THR DA 14 117.11 49.91 5.54
N GLN DA 15 117.35 51.22 5.38
CA GLN DA 15 116.30 52.10 4.89
C GLN DA 15 115.87 51.72 3.48
N ASN DA 16 116.84 51.34 2.64
CA ASN DA 16 116.50 50.90 1.28
C ASN DA 16 115.61 49.66 1.32
N ASN DA 17 115.95 48.70 2.17
CA ASN DA 17 115.12 47.50 2.27
C ASN DA 17 113.73 47.82 2.79
N ILE DA 18 113.63 48.72 3.76
CA ILE DA 18 112.31 49.11 4.28
C ILE DA 18 111.49 49.78 3.17
N ASN DA 19 112.13 50.65 2.39
CA ASN DA 19 111.43 51.30 1.28
C ASN DA 19 110.96 50.28 0.26
N LYS DA 20 111.78 49.27 -0.03
CA LYS DA 20 111.37 48.20 -0.93
C LYS DA 20 110.17 47.45 -0.37
N ASN DA 21 110.18 47.17 0.94
CA ASN DA 21 109.08 46.42 1.55
C ASN DA 21 107.78 47.21 1.55
N GLN DA 22 107.85 48.55 1.64
CA GLN DA 22 106.64 49.36 1.77
C GLN DA 22 105.60 49.05 0.70
N SER DA 23 106.06 48.82 -0.54
CA SER DA 23 105.12 48.66 -1.65
C SER DA 23 104.22 47.44 -1.47
N ALA DA 24 104.79 46.32 -1.01
CA ALA DA 24 104.00 45.11 -0.83
C ALA DA 24 102.92 45.32 0.21
N LEU DA 25 103.27 45.95 1.34
CA LEU DA 25 102.28 46.22 2.38
C LEU DA 25 101.18 47.14 1.86
N SER DA 26 101.57 48.20 1.15
CA SER DA 26 100.57 49.13 0.63
C SER DA 26 99.61 48.43 -0.32
N SER DA 27 100.16 47.63 -1.25
CA SER DA 27 99.32 46.91 -2.20
C SER DA 27 98.40 45.93 -1.49
N SER DA 28 98.91 45.20 -0.50
CA SER DA 28 98.09 44.24 0.22
C SER DA 28 96.94 44.92 0.94
N ILE DA 29 97.22 46.04 1.62
CA ILE DA 29 96.16 46.75 2.32
C ILE DA 29 95.12 47.29 1.34
N GLU DA 30 95.59 47.86 0.23
CA GLU DA 30 94.65 48.42 -0.75
C GLU DA 30 93.75 47.33 -1.34
N ARG DA 31 94.34 46.19 -1.69
CA ARG DA 31 93.56 45.12 -2.30
C ARG DA 31 92.59 44.49 -1.29
N LEU DA 32 93.00 44.39 -0.02
CA LEU DA 32 92.09 43.90 1.00
C LEU DA 32 90.93 44.85 1.20
N SER DA 33 91.20 46.16 1.19
CA SER DA 33 90.14 47.14 1.43
C SER DA 33 89.16 47.17 0.26
N SER DA 34 89.66 47.26 -0.98
CA SER DA 34 88.78 47.36 -2.13
C SER DA 34 88.13 46.02 -2.45
N GLY DA 35 88.88 44.93 -2.33
CA GLY DA 35 88.41 43.63 -2.74
C GLY DA 35 88.71 43.27 -4.17
N LEU DA 36 89.20 44.21 -4.96
CA LEU DA 36 89.53 43.98 -6.36
C LEU DA 36 91.04 43.85 -6.51
N ARG DA 37 91.48 42.85 -7.28
CA ARG DA 37 92.91 42.67 -7.49
C ARG DA 37 93.49 43.77 -8.37
N ILE DA 38 92.72 44.22 -9.36
CA ILE DA 38 93.17 45.26 -10.28
C ILE DA 38 92.55 46.56 -9.78
N ASN DA 39 93.28 47.27 -8.92
CA ASN DA 39 92.81 48.53 -8.37
C ASN DA 39 93.26 49.74 -9.19
N SER DA 40 94.13 49.54 -10.18
CA SER DA 40 94.62 50.64 -11.01
C SER DA 40 95.21 50.06 -12.28
N ALA DA 41 95.47 50.96 -13.24
CA ALA DA 41 96.07 50.53 -14.50
C ALA DA 41 97.47 49.99 -14.32
N LYS DA 42 98.17 50.40 -13.25
CA LYS DA 42 99.52 49.89 -13.03
C LYS DA 42 99.51 48.40 -12.70
N ASP DA 43 98.40 47.89 -12.17
CA ASP DA 43 98.35 46.48 -11.79
C ASP DA 43 98.47 45.57 -13.00
N ASP DA 44 97.44 45.52 -13.83
CA ASP DA 44 97.47 44.76 -15.08
C ASP DA 44 97.12 45.62 -16.28
N ALA DA 45 95.92 46.21 -16.26
CA ALA DA 45 95.32 47.09 -17.26
C ALA DA 45 94.91 46.36 -18.54
N ALA DA 46 95.48 45.19 -18.80
CA ALA DA 46 94.84 44.31 -19.78
C ALA DA 46 93.65 43.62 -19.15
N GLY DA 47 93.85 43.10 -17.94
CA GLY DA 47 92.73 42.64 -17.14
C GLY DA 47 91.74 43.74 -16.87
N GLN DA 48 92.22 44.97 -16.67
CA GLN DA 48 91.30 46.09 -16.44
C GLN DA 48 90.47 46.40 -17.68
N ALA DA 49 91.09 46.41 -18.85
CA ALA DA 49 90.32 46.65 -20.07
C ALA DA 49 89.31 45.55 -20.32
N ILE DA 50 89.73 44.30 -20.15
CA ILE DA 50 88.80 43.17 -20.33
C ILE DA 50 87.67 43.25 -19.32
N ALA DA 51 87.97 43.64 -18.08
CA ALA DA 51 86.93 43.77 -17.06
C ALA DA 51 85.96 44.89 -17.38
N ASN DA 52 86.46 46.02 -17.90
CA ASN DA 52 85.57 47.10 -18.31
C ASN DA 52 84.61 46.62 -19.40
N ARG DA 53 85.15 45.92 -20.40
CA ARG DA 53 84.28 45.39 -21.46
C ARG DA 53 83.28 44.39 -20.90
N PHE DA 54 83.72 43.55 -19.97
CA PHE DA 54 82.82 42.57 -19.37
C PHE DA 54 81.70 43.24 -18.59
N THR DA 55 82.02 44.29 -17.84
CA THR DA 55 80.99 45.02 -17.12
C THR DA 55 80.00 45.66 -18.07
N SER DA 56 80.50 46.22 -19.18
CA SER DA 56 79.60 46.77 -20.19
C SER DA 56 78.66 45.69 -20.72
N ASN DA 57 79.19 44.51 -21.00
CA ASN DA 57 78.36 43.43 -21.50
C ASN DA 57 77.32 43.00 -20.47
N ILE DA 58 77.72 42.91 -19.19
CA ILE DA 58 76.77 42.54 -18.14
C ILE DA 58 75.61 43.53 -18.08
N LYS DA 59 75.93 44.82 -18.04
CA LYS DA 59 74.87 45.82 -17.95
C LYS DA 59 73.97 45.79 -19.18
N GLY DA 60 74.58 45.66 -20.37
CA GLY DA 60 73.79 45.61 -21.58
C GLY DA 60 72.85 44.43 -21.63
N LEU DA 61 73.33 43.25 -21.25
CA LEU DA 61 72.50 42.05 -21.30
C LEU DA 61 71.38 42.11 -20.26
N THR DA 62 71.67 42.62 -19.06
CA THR DA 62 70.62 42.76 -18.06
C THR DA 62 69.54 43.70 -18.54
N GLN DA 63 69.94 44.85 -19.09
CA GLN DA 63 68.95 45.79 -19.62
C GLN DA 63 68.19 45.19 -20.79
N ALA DA 64 68.85 44.35 -21.59
CA ALA DA 64 68.18 43.71 -22.72
C ALA DA 64 67.09 42.76 -22.23
N ALA DA 65 67.37 41.98 -21.19
CA ALA DA 65 66.34 41.11 -20.64
C ALA DA 65 65.18 41.92 -20.07
N ARG DA 66 65.50 43.02 -19.38
CA ARG DA 66 64.45 43.88 -18.85
C ARG DA 66 63.56 44.42 -19.97
N ASN DA 67 64.17 44.82 -21.09
CA ASN DA 67 63.39 45.25 -22.24
C ASN DA 67 62.56 44.09 -22.80
N ALA DA 68 63.14 42.89 -22.82
CA ALA DA 68 62.46 41.75 -23.42
C ALA DA 68 61.17 41.43 -22.70
N ASN DA 69 61.15 41.59 -21.38
CA ASN DA 69 59.91 41.32 -20.64
C ASN DA 69 58.74 42.17 -21.14
N ASP DA 70 59.02 43.38 -21.59
CA ASP DA 70 57.95 44.28 -22.04
C ASP DA 70 57.21 43.71 -23.24
N GLY DA 71 57.93 43.11 -24.19
CA GLY DA 71 57.28 42.49 -25.33
C GLY DA 71 56.31 41.40 -24.93
N ILE DA 72 56.71 40.58 -23.95
CA ILE DA 72 55.81 39.55 -23.44
C ILE DA 72 54.56 40.19 -22.86
N SER DA 73 54.72 41.28 -22.12
CA SER DA 73 53.55 41.96 -21.56
C SER DA 73 52.62 42.46 -22.67
N VAL DA 74 53.19 43.07 -23.72
CA VAL DA 74 52.37 43.59 -24.82
C VAL DA 74 51.61 42.46 -25.48
N ALA DA 75 52.29 41.35 -25.76
CA ALA DA 75 51.66 40.24 -26.43
C ALA DA 75 50.55 39.65 -25.57
N GLN DA 76 50.76 39.57 -24.25
CA GLN DA 76 49.71 39.06 -23.37
C GLN DA 76 48.46 39.93 -23.41
N THR DA 77 48.65 41.25 -23.35
CA THR DA 77 47.49 42.15 -23.40
C THR DA 77 46.74 42.01 -24.72
N THR DA 78 47.48 41.98 -25.83
CA THR DA 78 46.84 41.86 -27.14
C THR DA 78 46.11 40.52 -27.26
N GLU DA 79 46.69 39.46 -26.71
CA GLU DA 79 46.05 38.15 -26.74
C GLU DA 79 44.73 38.16 -25.97
N GLY DA 80 44.71 38.82 -24.81
CA GLY DA 80 43.46 38.91 -24.07
C GLY DA 80 42.37 39.63 -24.84
N ALA DA 81 42.74 40.76 -25.45
CA ALA DA 81 41.76 41.48 -26.28
C ALA DA 81 41.25 40.60 -27.42
N LEU DA 82 42.17 39.88 -28.07
CA LEU DA 82 41.78 39.01 -29.17
C LEU DA 82 40.84 37.90 -28.70
N SER DA 83 41.09 37.37 -27.50
CA SER DA 83 40.21 36.33 -26.97
C SER DA 83 38.79 36.86 -26.76
N GLU DA 84 38.67 38.08 -26.23
CA GLU DA 84 37.33 38.65 -26.09
C GLU DA 84 36.65 38.83 -27.45
N ILE DA 85 37.41 39.32 -28.43
CA ILE DA 85 36.84 39.47 -29.77
C ILE DA 85 36.39 38.11 -30.32
N ASN DA 86 37.17 37.06 -30.05
CA ASN DA 86 36.82 35.73 -30.50
C ASN DA 86 35.50 35.26 -29.89
N ASN DA 87 35.32 35.49 -28.59
CA ASN DA 87 34.07 35.10 -27.95
C ASN DA 87 32.89 35.84 -28.57
N ASN DA 88 33.04 37.14 -28.82
CA ASN DA 88 31.95 37.90 -29.44
C ASN DA 88 31.65 37.36 -30.84
N LEU DA 89 32.68 37.03 -31.62
CA LEU DA 89 32.47 36.48 -32.95
C LEU DA 89 31.74 35.14 -32.88
N GLN DA 90 32.09 34.30 -31.91
CA GLN DA 90 31.41 33.02 -31.75
C GLN DA 90 29.92 33.22 -31.48
N ARG DA 91 29.60 34.16 -30.57
CA ARG DA 91 28.18 34.39 -30.29
C ARG DA 91 27.46 34.95 -31.51
N VAL DA 92 28.13 35.82 -32.27
CA VAL DA 92 27.52 36.34 -33.50
C VAL DA 92 27.23 35.21 -34.48
N ARG DA 93 28.17 34.26 -34.58
CA ARG DA 93 27.94 33.11 -35.47
C ARG DA 93 26.74 32.30 -35.02
N GLU DA 94 26.60 32.06 -33.71
CA GLU DA 94 25.43 31.34 -33.23
C GLU DA 94 24.14 32.09 -33.56
N LEU DA 95 24.16 33.42 -33.40
CA LEU DA 95 22.98 34.21 -33.72
C LEU DA 95 22.64 34.11 -35.21
N THR DA 96 23.65 34.12 -36.07
CA THR DA 96 23.40 33.98 -37.50
C THR DA 96 22.79 32.61 -37.81
N VAL DA 97 23.32 31.56 -37.18
CA VAL DA 97 22.76 30.22 -37.37
C VAL DA 97 21.29 30.20 -36.97
N GLN DA 98 20.95 30.86 -35.86
CA GLN DA 98 19.57 30.91 -35.45
C GLN DA 98 18.72 31.73 -36.41
N ALA DA 99 19.30 32.79 -36.99
CA ALA DA 99 18.51 33.71 -37.81
C ALA DA 99 18.23 33.15 -39.20
N THR DA 100 19.11 32.31 -39.73
CA THR DA 100 18.94 31.80 -41.10
C THR DA 100 17.92 30.66 -41.13
N THR DA 101 16.72 30.95 -40.62
CA THR DA 101 15.64 29.97 -40.55
C THR DA 101 14.36 30.60 -41.10
N GLY DA 102 13.53 29.76 -41.71
CA GLY DA 102 12.28 30.24 -42.31
C GLY DA 102 11.16 30.46 -41.33
N THR DA 103 11.22 29.84 -40.14
CA THR DA 103 10.15 30.02 -39.16
C THR DA 103 10.16 31.42 -38.58
N ASN DA 104 11.33 32.05 -38.50
CA ASN DA 104 11.44 33.37 -37.87
C ASN DA 104 10.63 34.41 -38.63
N SER DA 105 9.92 35.25 -37.88
CA SER DA 105 9.17 36.34 -38.48
C SER DA 105 10.08 37.55 -38.70
N GLU DA 106 9.51 38.63 -39.23
CA GLU DA 106 10.30 39.82 -39.52
C GLU DA 106 10.77 40.49 -38.23
N SER DA 107 9.91 40.54 -37.22
CA SER DA 107 10.31 41.13 -35.94
C SER DA 107 11.40 40.30 -35.27
N ASP DA 108 11.34 38.98 -35.41
CA ASP DA 108 12.39 38.13 -34.87
C ASP DA 108 13.73 38.43 -35.53
N LEU DA 109 13.71 38.59 -36.86
CA LEU DA 109 14.93 38.97 -37.57
C LEU DA 109 15.41 40.34 -37.13
N SER DA 110 14.49 41.26 -36.87
CA SER DA 110 14.87 42.59 -36.41
C SER DA 110 15.58 42.51 -35.06
N SER DA 111 15.05 41.70 -34.14
CA SER DA 111 15.68 41.56 -32.83
C SER DA 111 17.05 40.90 -32.95
N ILE DA 112 17.15 39.86 -33.77
CA ILE DA 112 18.44 39.19 -33.96
C ILE DA 112 19.45 40.16 -34.55
N GLN DA 113 19.03 40.97 -35.52
CA GLN DA 113 19.92 41.96 -36.11
C GLN DA 113 20.33 43.01 -35.09
N ASP DA 114 19.41 43.42 -34.23
CA ASP DA 114 19.75 44.37 -33.18
C ASP DA 114 20.87 43.83 -32.30
N GLU DA 115 20.73 42.59 -31.85
CA GLU DA 115 21.75 42.00 -30.98
C GLU DA 115 23.07 41.83 -31.74
N ILE DA 116 23.00 41.41 -33.00
CA ILE DA 116 24.21 41.21 -33.80
C ILE DA 116 24.94 42.53 -33.99
N LYS DA 117 24.20 43.59 -34.30
CA LYS DA 117 24.80 44.91 -34.49
C LYS DA 117 25.42 45.40 -33.18
N SER DA 118 24.74 45.16 -32.06
CA SER DA 118 25.32 45.57 -30.78
C SER DA 118 26.63 44.85 -30.52
N ARG DA 119 26.69 43.55 -30.80
CA ARG DA 119 27.91 42.80 -30.54
C ARG DA 119 29.03 43.22 -31.50
N LEU DA 120 28.69 43.50 -32.76
CA LEU DA 120 29.71 43.98 -33.69
C LEU DA 120 30.24 45.35 -33.27
N ASP DA 121 29.35 46.22 -32.79
CA ASP DA 121 29.80 47.51 -32.26
C ASP DA 121 30.70 47.33 -31.06
N GLU DA 122 30.37 46.36 -30.20
CA GLU DA 122 31.24 46.06 -29.06
C GLU DA 122 32.61 45.58 -29.53
N ILE DA 123 32.64 44.75 -30.57
CA ILE DA 123 33.91 44.29 -31.13
C ILE DA 123 34.74 45.47 -31.61
N ASP DA 124 34.10 46.37 -32.36
CA ASP DA 124 34.82 47.54 -32.88
C ASP DA 124 35.31 48.43 -31.75
N ARG DA 125 34.50 48.61 -30.71
CA ARG DA 125 34.92 49.42 -29.57
C ARG DA 125 36.11 48.81 -28.86
N VAL DA 126 36.07 47.49 -28.61
CA VAL DA 126 37.20 46.84 -27.95
C VAL DA 126 38.45 46.96 -28.80
N SER DA 127 38.31 46.83 -30.11
CA SER DA 127 39.46 47.00 -31.00
C SER DA 127 40.04 48.41 -30.89
N GLY DA 128 39.19 49.42 -31.03
CA GLY DA 128 39.68 50.79 -31.06
C GLY DA 128 40.25 51.27 -29.74
N GLN DA 129 39.60 50.92 -28.62
CA GLN DA 129 39.93 51.53 -27.34
C GLN DA 129 41.09 50.85 -26.63
N THR DA 130 41.37 49.58 -26.94
CA THR DA 130 42.43 48.85 -26.23
C THR DA 130 43.79 49.43 -26.59
N GLN DA 131 44.41 50.10 -25.63
CA GLN DA 131 45.72 50.71 -25.82
C GLN DA 131 46.69 50.23 -24.74
N PHE DA 132 47.95 50.07 -25.12
CA PHE DA 132 49.01 49.70 -24.19
C PHE DA 132 50.10 50.76 -24.26
N ASN DA 133 50.44 51.34 -23.11
CA ASN DA 133 51.50 52.34 -23.01
C ASN DA 133 51.27 53.48 -23.99
N GLY DA 134 50.02 53.91 -24.10
CA GLY DA 134 49.66 54.95 -25.05
C GLY DA 134 49.85 54.56 -26.49
N VAL DA 135 49.63 53.29 -26.82
CA VAL DA 135 49.72 52.80 -28.20
C VAL DA 135 48.49 51.93 -28.47
N ASN DA 136 47.69 52.33 -29.46
CA ASN DA 136 46.52 51.55 -29.85
C ASN DA 136 46.99 50.35 -30.66
N VAL DA 137 47.12 49.20 -30.01
CA VAL DA 137 47.69 48.03 -30.67
C VAL DA 137 46.76 47.52 -31.78
N LEU DA 138 45.47 47.38 -31.49
CA LEU DA 138 44.51 46.89 -32.47
C LEU DA 138 43.79 48.05 -33.17
N ALA DA 139 44.58 48.95 -33.74
CA ALA DA 139 44.00 50.04 -34.53
C ALA DA 139 44.74 50.34 -35.83
N LYS DA 140 45.97 49.87 -36.01
CA LYS DA 140 46.75 50.19 -37.19
C LYS DA 140 47.79 49.11 -37.40
N ASN DA 141 48.01 48.74 -38.67
CA ASN DA 141 49.05 47.78 -38.99
C ASN DA 141 50.41 48.38 -38.70
N GLY DA 142 51.24 47.64 -37.98
CA GLY DA 142 52.56 48.14 -37.63
C GLY DA 142 53.43 47.04 -37.08
N SER DA 143 54.55 47.46 -36.48
CA SER DA 143 55.49 46.50 -35.93
C SER DA 143 56.30 47.18 -34.83
N MET DA 144 56.70 46.37 -33.85
CA MET DA 144 57.52 46.83 -32.74
C MET DA 144 58.80 46.00 -32.69
N LYS DA 145 59.89 46.65 -32.28
CA LYS DA 145 61.20 46.02 -32.24
C LYS DA 145 61.69 46.00 -30.80
N ILE DA 146 61.90 44.80 -30.27
CA ILE DA 146 62.31 44.62 -28.88
C ILE DA 146 63.82 44.43 -28.82
N GLN DA 147 64.50 45.33 -28.13
CA GLN DA 147 65.95 45.28 -27.99
C GLN DA 147 66.32 44.14 -27.04
N VAL DA 148 66.82 43.04 -27.59
CA VAL DA 148 67.17 41.87 -26.79
C VAL DA 148 68.64 41.57 -26.91
N GLY DA 149 69.46 42.60 -27.13
CA GLY DA 149 70.89 42.42 -27.29
C GLY DA 149 71.67 43.58 -26.72
N ALA DA 150 72.99 43.45 -26.79
CA ALA DA 150 73.90 44.45 -26.23
C ALA DA 150 74.44 45.43 -27.26
N ASN DA 151 74.56 45.02 -28.52
CA ASN DA 151 75.05 45.88 -29.59
C ASN DA 151 73.86 46.56 -30.28
N ASP DA 152 74.09 47.13 -31.45
CA ASP DA 152 73.03 47.71 -32.26
C ASP DA 152 72.39 46.65 -33.16
N ASN DA 153 71.16 46.92 -33.58
CA ASN DA 153 70.38 46.04 -34.45
C ASN DA 153 70.31 44.63 -33.87
N GLN DA 154 69.66 44.57 -32.71
CA GLN DA 154 69.62 43.37 -31.87
C GLN DA 154 68.19 43.04 -31.49
N THR DA 155 67.27 43.16 -32.44
CA THR DA 155 65.86 43.26 -32.14
C THR DA 155 65.08 42.03 -32.61
N ILE DA 156 64.07 41.67 -31.82
CA ILE DA 156 63.04 40.73 -32.21
C ILE DA 156 61.78 41.52 -32.53
N THR DA 157 61.20 41.29 -33.70
CA THR DA 157 60.11 42.10 -34.21
C THR DA 157 58.77 41.49 -33.85
N ILE DA 158 57.89 42.31 -33.27
CA ILE DA 158 56.52 41.92 -32.95
C ILE DA 158 55.59 42.63 -33.94
N ASP DA 159 54.64 41.89 -34.50
CA ASP DA 159 53.73 42.41 -35.51
C ASP DA 159 52.37 42.68 -34.91
N LEU DA 160 51.75 43.78 -35.34
CA LEU DA 160 50.42 44.17 -34.89
C LEU DA 160 49.56 44.41 -36.12
N LYS DA 161 48.44 43.71 -36.20
CA LYS DA 161 47.53 43.78 -37.34
C LYS DA 161 46.24 44.46 -36.91
N GLN DA 162 45.77 45.41 -37.73
CA GLN DA 162 44.50 46.08 -37.44
C GLN DA 162 43.36 45.08 -37.53
N ILE DA 163 42.70 44.85 -36.39
CA ILE DA 163 41.58 43.92 -36.30
C ILE DA 163 40.33 44.74 -35.99
N ASP DA 164 39.40 44.79 -36.95
CA ASP DA 164 38.14 45.49 -36.76
C ASP DA 164 37.16 45.00 -37.82
N ALA DA 165 35.97 45.60 -37.81
CA ALA DA 165 34.93 45.18 -38.75
C ALA DA 165 35.35 45.38 -40.19
N LYS DA 166 35.99 46.52 -40.49
CA LYS DA 166 36.36 46.82 -41.86
C LYS DA 166 37.40 45.83 -42.38
N THR DA 167 38.39 45.48 -41.56
CA THR DA 167 39.46 44.58 -41.97
C THR DA 167 39.10 43.12 -41.76
N LEU DA 168 37.84 42.82 -41.45
CA LEU DA 168 37.38 41.45 -41.32
C LEU DA 168 36.22 41.13 -42.26
N GLY DA 169 35.76 42.11 -43.04
CA GLY DA 169 34.66 41.91 -43.95
C GLY DA 169 33.28 42.08 -43.34
N LEU DA 170 33.21 42.28 -42.03
CA LEU DA 170 31.92 42.43 -41.34
C LEU DA 170 31.54 43.90 -41.21
N ASP DA 171 31.56 44.62 -42.33
CA ASP DA 171 31.16 46.02 -42.39
C ASP DA 171 29.78 46.09 -43.04
N GLY DA 172 28.76 46.37 -42.24
CA GLY DA 172 27.40 46.33 -42.71
C GLY DA 172 26.75 44.96 -42.64
N PHE DA 173 27.33 44.02 -41.91
CA PHE DA 173 26.78 42.68 -41.79
C PHE DA 173 25.36 42.75 -41.23
N SER DA 174 24.39 42.31 -42.02
CA SER DA 174 22.99 42.35 -41.64
C SER DA 174 22.32 41.03 -41.97
N VAL DA 175 21.23 40.75 -41.26
CA VAL DA 175 20.44 39.55 -41.48
C VAL DA 175 18.99 39.93 -41.70
N LYS DA 176 18.75 41.14 -42.21
CA LYS DA 176 17.41 41.63 -42.46
C LYS DA 176 17.45 42.68 -43.55
N ASN DA 177 16.28 43.00 -44.09
CA ASN DA 177 16.16 43.99 -45.15
C ASN DA 177 15.69 45.33 -44.60
N THR DA 407 22.73 40.46 -46.65
CA THR DA 407 24.07 39.91 -46.77
C THR DA 407 24.02 38.47 -47.24
N THR DA 408 24.84 38.15 -48.24
CA THR DA 408 24.90 36.81 -48.81
C THR DA 408 26.07 36.04 -48.22
N ASP DA 409 25.84 34.74 -48.02
CA ASP DA 409 26.83 33.84 -47.42
C ASP DA 409 27.40 34.38 -46.11
N PRO DA 410 26.56 34.54 -45.08
CA PRO DA 410 27.07 35.13 -43.83
C PRO DA 410 28.02 34.22 -43.08
N LEU DA 411 27.69 32.92 -42.98
CA LEU DA 411 28.47 32.01 -42.15
C LEU DA 411 29.88 31.84 -42.68
N LYS DA 412 30.03 31.82 -44.02
CA LYS DA 412 31.37 31.71 -44.60
C LYS DA 412 32.24 32.91 -44.22
N ALA DA 413 31.67 34.12 -44.28
CA ALA DA 413 32.42 35.31 -43.90
C ALA DA 413 32.77 35.29 -42.42
N LEU DA 414 31.83 34.84 -41.58
CA LEU DA 414 32.11 34.78 -40.15
C LEU DA 414 33.24 33.79 -39.85
N ASP DA 415 33.22 32.63 -40.51
CA ASP DA 415 34.31 31.67 -40.34
C ASP DA 415 35.63 32.23 -40.84
N ASP DA 416 35.59 32.99 -41.94
CA ASP DA 416 36.80 33.62 -42.45
C ASP DA 416 37.38 34.59 -41.43
N ALA DA 417 36.52 35.40 -40.80
CA ALA DA 417 36.99 36.33 -39.78
C ALA DA 417 37.57 35.58 -38.58
N ILE DA 418 36.93 34.48 -38.18
CA ILE DA 418 37.44 33.71 -37.05
C ILE DA 418 38.83 33.17 -37.36
N ALA DA 419 39.03 32.66 -38.57
CA ALA DA 419 40.35 32.15 -38.94
C ALA DA 419 41.37 33.28 -39.03
N SER DA 420 40.93 34.47 -39.46
CA SER DA 420 41.84 35.60 -39.59
C SER DA 420 42.32 36.09 -38.24
N VAL DA 421 41.47 36.03 -37.21
CA VAL DA 421 41.95 36.41 -35.88
C VAL DA 421 42.77 35.29 -35.25
N ASP DA 422 42.45 34.02 -35.57
CA ASP DA 422 43.23 32.92 -35.03
C ASP DA 422 44.66 32.93 -35.55
N LYS DA 423 44.86 33.35 -36.81
CA LYS DA 423 46.21 33.45 -37.35
C LYS DA 423 47.05 34.46 -36.55
N PHE DA 424 46.47 35.62 -36.27
CA PHE DA 424 47.18 36.63 -35.49
C PHE DA 424 47.48 36.12 -34.08
N ARG DA 425 46.53 35.40 -33.48
CA ARG DA 425 46.76 34.85 -32.15
C ARG DA 425 47.92 33.85 -32.16
N SER DA 426 47.99 33.00 -33.20
CA SER DA 426 49.09 32.05 -33.29
C SER DA 426 50.43 32.76 -33.44
N SER DA 427 50.46 33.83 -34.25
CA SER DA 427 51.70 34.59 -34.40
C SER DA 427 52.13 35.19 -33.07
N LEU DA 428 51.18 35.73 -32.31
CA LEU DA 428 51.50 36.32 -31.02
C LEU DA 428 52.06 35.27 -30.07
N GLY DA 429 51.46 34.08 -30.04
CA GLY DA 429 51.98 33.02 -29.18
C GLY DA 429 53.40 32.61 -29.56
N ALA DA 430 53.68 32.53 -30.86
CA ALA DA 430 55.03 32.22 -31.29
C ALA DA 430 56.02 33.29 -30.82
N VAL DA 431 55.62 34.55 -30.93
CA VAL DA 431 56.50 35.64 -30.48
C VAL DA 431 56.74 35.54 -28.98
N GLN DA 432 55.70 35.19 -28.21
CA GLN DA 432 55.86 35.05 -26.76
C GLN DA 432 56.87 33.98 -26.41
N ASN DA 433 56.76 32.81 -27.07
CA ASN DA 433 57.70 31.73 -26.80
C ASN DA 433 59.12 32.13 -27.16
N ARG DA 434 59.28 32.80 -28.30
CA ARG DA 434 60.61 33.25 -28.72
C ARG DA 434 61.20 34.21 -27.69
N LEU DA 435 60.39 35.16 -27.21
CA LEU DA 435 60.90 36.13 -26.24
C LEU DA 435 61.31 35.46 -24.93
N ASP DA 436 60.51 34.48 -24.48
CA ASP DA 436 60.87 33.79 -23.24
C ASP DA 436 62.19 33.04 -23.40
N SER DA 437 62.38 32.37 -24.54
CA SER DA 437 63.66 31.69 -24.77
C SER DA 437 64.81 32.67 -24.78
N ALA DA 438 64.61 33.84 -25.40
CA ALA DA 438 65.65 34.86 -25.40
C ALA DA 438 65.99 35.31 -23.98
N VAL DA 439 64.97 35.50 -23.15
CA VAL DA 439 65.22 35.92 -21.76
C VAL DA 439 66.06 34.88 -21.03
N THR DA 440 65.70 33.61 -21.19
CA THR DA 440 66.47 32.57 -20.50
C THR DA 440 67.92 32.54 -20.96
N ASN DA 441 68.14 32.64 -22.27
CA ASN DA 441 69.50 32.65 -22.79
C ASN DA 441 70.28 33.85 -22.27
N LEU DA 442 69.64 35.02 -22.21
CA LEU DA 442 70.31 36.20 -21.68
C LEU DA 442 70.71 36.02 -20.23
N ASN DA 443 69.83 35.40 -19.43
CA ASN DA 443 70.17 35.14 -18.04
C ASN DA 443 71.40 34.25 -17.93
N ASN DA 444 71.42 33.17 -18.71
CA ASN DA 444 72.57 32.25 -18.66
C ASN DA 444 73.86 32.96 -19.07
N THR DA 445 73.80 33.72 -20.17
CA THR DA 445 74.98 34.41 -20.66
C THR DA 445 75.48 35.44 -19.65
N THR DA 446 74.55 36.17 -19.02
CA THR DA 446 74.94 37.16 -18.02
C THR DA 446 75.64 36.50 -16.85
N THR DA 447 75.11 35.37 -16.38
CA THR DA 447 75.75 34.67 -15.26
C THR DA 447 77.17 34.23 -15.64
N ASN DA 448 77.32 33.66 -16.84
CA ASN DA 448 78.64 33.18 -17.24
C ASN DA 448 79.64 34.33 -17.37
N LEU DA 449 79.21 35.44 -17.97
CA LEU DA 449 80.13 36.56 -18.12
C LEU DA 449 80.47 37.18 -16.77
N SER DA 450 79.51 37.21 -15.84
CA SER DA 450 79.79 37.73 -14.50
C SER DA 450 80.82 36.87 -13.79
N GLU DA 451 80.69 35.54 -13.88
CA GLU DA 451 81.69 34.70 -13.21
C GLU DA 451 83.05 34.81 -13.88
N ALA DA 452 83.09 35.01 -15.20
CA ALA DA 452 84.37 35.26 -15.86
C ALA DA 452 85.01 36.56 -15.36
N GLN DA 453 84.21 37.61 -15.23
CA GLN DA 453 84.72 38.86 -14.70
C GLN DA 453 85.24 38.69 -13.28
N SER DA 454 84.57 37.83 -12.50
CA SER DA 454 85.06 37.52 -11.16
C SER DA 454 86.42 36.82 -11.25
N ARG DA 455 86.56 35.86 -12.16
CA ARG DA 455 87.84 35.18 -12.33
C ARG DA 455 88.92 36.09 -12.87
N ILE DA 456 88.59 37.27 -13.37
CA ILE DA 456 89.57 38.18 -13.94
C ILE DA 456 89.97 39.28 -12.96
N GLN DA 457 89.00 40.00 -12.40
CA GLN DA 457 89.30 41.22 -11.67
C GLN DA 457 89.37 41.04 -10.17
N ASP DA 458 88.78 39.99 -9.62
CA ASP DA 458 88.65 39.89 -8.17
C ASP DA 458 89.90 39.27 -7.55
N ALA DA 459 90.06 39.52 -6.25
CA ALA DA 459 91.21 39.06 -5.48
C ALA DA 459 90.82 37.96 -4.51
N ASP DA 460 91.81 37.14 -4.13
CA ASP DA 460 91.63 36.05 -3.20
C ASP DA 460 92.12 36.48 -1.83
N TYR DA 461 91.22 36.47 -0.84
CA TYR DA 461 91.53 37.10 0.44
C TYR DA 461 92.52 36.28 1.26
N ALA DA 462 92.58 34.97 1.08
CA ALA DA 462 93.54 34.17 1.83
C ALA DA 462 94.98 34.60 1.51
N THR DA 463 95.30 34.65 0.21
CA THR DA 463 96.63 35.09 -0.20
C THR DA 463 96.89 36.53 0.25
N GLU DA 464 95.87 37.38 0.16
CA GLU DA 464 96.06 38.78 0.52
C GLU DA 464 96.37 38.93 2.00
N VAL DA 465 95.66 38.17 2.85
CA VAL DA 465 95.92 38.23 4.28
C VAL DA 465 97.31 37.70 4.59
N SER DA 466 97.72 36.60 3.95
CA SER DA 466 99.06 36.08 4.18
C SER DA 466 100.12 37.10 3.79
N ASN DA 467 99.95 37.75 2.63
CA ASN DA 467 100.90 38.76 2.19
C ASN DA 467 100.93 39.94 3.14
N MET DA 468 99.77 40.37 3.63
CA MET DA 468 99.72 41.49 4.57
C MET DA 468 100.46 41.17 5.86
N SER DA 469 100.24 39.97 6.40
CA SER DA 469 100.94 39.58 7.62
C SER DA 469 102.44 39.52 7.39
N LYS DA 470 102.86 38.93 6.27
CA LYS DA 470 104.29 38.86 5.97
C LYS DA 470 104.89 40.25 5.84
N ALA DA 471 104.17 41.16 5.19
CA ALA DA 471 104.68 42.53 5.02
C ALA DA 471 104.81 43.24 6.36
N GLN DA 472 103.83 43.06 7.25
CA GLN DA 472 103.93 43.67 8.58
C GLN DA 472 105.14 43.12 9.34
N ILE DA 473 105.35 41.81 9.28
CA ILE DA 473 106.51 41.22 9.95
C ILE DA 473 107.80 41.80 9.39
N ILE DA 474 107.88 41.91 8.06
CA ILE DA 474 109.07 42.46 7.42
C ILE DA 474 109.30 43.90 7.87
N GLN DA 475 108.22 44.69 7.94
CA GLN DA 475 108.36 46.09 8.35
C GLN DA 475 108.91 46.20 9.76
N GLN DA 476 108.36 45.42 10.70
CA GLN DA 476 108.84 45.50 12.07
C GLN DA 476 110.28 45.01 12.18
N ALA DA 477 110.63 43.94 11.45
CA ALA DA 477 112.00 43.46 11.44
C ALA DA 477 112.95 44.51 10.92
N GLY DA 478 112.58 45.18 9.82
CA GLY DA 478 113.43 46.23 9.28
C GLY DA 478 113.59 47.39 10.25
N ASN DA 479 112.52 47.73 10.98
CA ASN DA 479 112.63 48.78 11.98
C ASN DA 479 113.65 48.39 13.07
N SER DA 480 113.58 47.15 13.54
CA SER DA 480 114.52 46.70 14.56
C SER DA 480 115.96 46.72 14.03
N VAL DA 481 116.17 46.26 12.80
CA VAL DA 481 117.51 46.25 12.23
C VAL DA 481 118.03 47.67 12.04
N LEU DA 482 117.14 48.60 11.68
CA LEU DA 482 117.56 50.00 11.57
C LEU DA 482 117.99 50.55 12.92
N ALA DA 483 117.24 50.21 13.98
CA ALA DA 483 117.64 50.64 15.32
C ALA DA 483 119.01 50.09 15.68
N LYS DA 484 119.26 48.82 15.37
CA LYS DA 484 120.56 48.24 15.68
C LYS DA 484 121.67 48.89 14.84
N ALA DA 485 121.39 49.20 13.59
CA ALA DA 485 122.37 49.86 12.73
C ALA DA 485 122.75 51.23 13.30
N ASN DA 486 121.76 52.00 13.75
CA ASN DA 486 122.06 53.27 14.39
C ASN DA 486 122.73 53.09 15.75
N GLN DA 487 122.54 51.94 16.39
CA GLN DA 487 123.20 51.65 17.66
C GLN DA 487 124.64 51.19 17.49
N VAL DA 488 125.04 50.79 16.28
CA VAL DA 488 126.43 50.41 16.03
C VAL DA 488 127.43 51.53 16.28
N PRO DA 489 127.27 52.73 15.70
CA PRO DA 489 128.41 53.65 15.61
C PRO DA 489 129.03 54.12 16.92
N GLN DA 490 128.29 54.15 18.03
CA GLN DA 490 128.78 54.80 19.25
C GLN DA 490 130.03 54.18 19.87
N GLN DA 491 130.62 53.16 19.23
CA GLN DA 491 131.94 52.70 19.68
C GLN DA 491 133.01 53.76 19.49
N VAL DA 492 132.78 54.72 18.58
CA VAL DA 492 133.73 55.82 18.41
C VAL DA 492 133.83 56.65 19.68
N LEU DA 493 132.72 56.78 20.41
CA LEU DA 493 132.75 57.52 21.66
C LEU DA 493 133.59 56.81 22.70
N SER DA 494 133.50 55.47 22.75
CA SER DA 494 134.37 54.70 23.63
C SER DA 494 135.83 54.87 23.23
N LEU DA 495 136.10 54.88 21.93
CA LEU DA 495 137.46 55.10 21.46
C LEU DA 495 138.00 56.45 21.92
N LEU DA 496 137.22 57.52 21.71
CA LEU DA 496 137.68 58.85 22.06
C LEU DA 496 137.83 59.02 23.57
N GLN DA 497 136.87 58.49 24.34
CA GLN DA 497 136.93 58.65 25.80
C GLN DA 497 138.14 57.97 26.38
N GLY DA 498 138.46 56.77 25.90
CA GLY DA 498 139.59 56.02 26.40
C GLY DA 498 139.19 54.79 27.19
N GLN EA 3 160.97 49.29 23.89
CA GLN EA 3 160.39 50.48 24.50
C GLN EA 3 160.10 51.53 23.45
N VAL EA 4 160.37 51.15 22.21
CA VAL EA 4 160.36 52.03 21.05
C VAL EA 4 159.09 52.87 21.01
N ILE EA 5 159.25 54.19 20.84
CA ILE EA 5 158.12 55.10 20.86
C ILE EA 5 157.84 55.72 19.51
N ASN EA 6 158.55 55.30 18.46
CA ASN EA 6 158.26 55.72 17.11
C ASN EA 6 157.34 54.76 16.37
N THR EA 7 157.05 53.61 16.98
CA THR EA 7 156.22 52.57 16.40
C THR EA 7 155.44 51.88 17.50
N ASN EA 8 154.18 51.57 17.23
CA ASN EA 8 153.29 50.97 18.22
C ASN EA 8 152.79 49.62 17.73
N SER EA 9 153.72 48.77 17.28
CA SER EA 9 153.43 47.49 16.65
C SER EA 9 152.23 46.77 17.27
N LEU EA 10 152.14 46.75 18.60
CA LEU EA 10 151.00 46.13 19.25
C LEU EA 10 149.69 46.77 18.80
N SER EA 11 149.66 48.10 18.68
CA SER EA 11 148.46 48.78 18.21
C SER EA 11 148.13 48.37 16.78
N LEU EA 12 149.15 48.24 15.93
CA LEU EA 12 148.92 47.87 14.54
C LEU EA 12 148.27 46.49 14.44
N ILE EA 13 148.72 45.55 15.27
CA ILE EA 13 148.08 44.24 15.30
C ILE EA 13 146.62 44.37 15.74
N THR EA 14 146.38 45.18 16.77
CA THR EA 14 145.03 45.36 17.27
C THR EA 14 144.12 45.97 16.21
N GLN EA 15 144.60 47.00 15.50
CA GLN EA 15 143.81 47.59 14.44
C GLN EA 15 143.56 46.60 13.31
N ASN EA 16 144.55 45.75 13.02
CA ASN EA 16 144.39 44.75 11.97
C ASN EA 16 143.27 43.77 12.31
N ASN EA 17 143.24 43.30 13.56
CA ASN EA 17 142.21 42.34 13.95
C ASN EA 17 140.82 42.96 13.95
N ILE EA 18 140.72 44.26 14.25
CA ILE EA 18 139.42 44.94 14.20
C ILE EA 18 138.89 44.95 12.78
N ASN EA 19 139.77 45.19 11.80
CA ASN EA 19 139.33 45.23 10.41
C ASN EA 19 138.75 43.91 9.96
N LYS EA 20 139.30 42.80 10.45
CA LYS EA 20 138.79 41.48 10.10
C LYS EA 20 137.35 41.31 10.56
N ASN EA 21 137.01 41.91 11.71
CA ASN EA 21 135.67 41.78 12.26
C ASN EA 21 134.64 42.46 11.34
N GLN EA 22 134.99 43.62 10.79
CA GLN EA 22 134.02 44.44 10.08
C GLN EA 22 133.31 43.67 8.97
N SER EA 23 134.03 42.78 8.29
CA SER EA 23 133.40 41.97 7.25
C SER EA 23 132.31 41.09 7.83
N ALA EA 24 132.58 40.44 8.96
CA ALA EA 24 131.58 39.58 9.58
C ALA EA 24 130.41 40.40 10.12
N LEU EA 25 130.69 41.54 10.75
CA LEU EA 25 129.62 42.34 11.33
C LEU EA 25 128.71 42.93 10.25
N SER EA 26 129.30 43.47 9.19
CA SER EA 26 128.50 44.10 8.14
C SER EA 26 127.62 43.09 7.43
N SER EA 27 128.15 41.89 7.15
CA SER EA 27 127.39 40.88 6.44
C SER EA 27 126.15 40.46 7.23
N SER EA 28 126.31 40.23 8.54
CA SER EA 28 125.19 39.77 9.34
C SER EA 28 124.08 40.81 9.39
N ILE EA 29 124.42 42.07 9.63
CA ILE EA 29 123.40 43.12 9.74
C ILE EA 29 122.68 43.29 8.42
N GLU EA 30 123.43 43.28 7.31
CA GLU EA 30 122.82 43.42 5.99
C GLU EA 30 121.84 42.29 5.73
N ARG EA 31 122.21 41.07 6.07
CA ARG EA 31 121.33 39.92 5.83
C ARG EA 31 120.09 39.98 6.70
N LEU EA 32 120.19 40.53 7.92
CA LEU EA 32 119.03 40.62 8.78
C LEU EA 32 117.99 41.59 8.21
N SER EA 33 118.46 42.71 7.66
CA SER EA 33 117.54 43.71 7.11
C SER EA 33 116.84 43.20 5.86
N SER EA 34 117.60 42.64 4.93
CA SER EA 34 117.02 42.17 3.68
C SER EA 34 116.24 40.87 3.89
N GLY EA 35 116.78 39.96 4.67
CA GLY EA 35 116.17 38.67 4.90
C GLY EA 35 116.69 37.56 4.00
N LEU EA 36 117.49 37.89 2.99
CA LEU EA 36 118.03 36.91 2.07
C LEU EA 36 119.49 36.64 2.41
N ARG EA 37 119.87 35.36 2.38
CA ARG EA 37 121.25 35.00 2.61
C ARG EA 37 122.15 35.51 1.49
N ILE EA 38 121.64 35.48 0.26
CA ILE EA 38 122.39 35.95 -0.90
C ILE EA 38 121.90 37.35 -1.22
N ASN EA 39 122.75 38.35 -0.98
CA ASN EA 39 122.42 39.73 -1.23
C ASN EA 39 123.15 40.32 -2.43
N SER EA 40 124.17 39.64 -2.95
CA SER EA 40 124.92 40.11 -4.10
C SER EA 40 125.64 38.93 -4.72
N ALA EA 41 126.31 39.19 -5.83
CA ALA EA 41 127.07 38.13 -6.51
C ALA EA 41 128.22 37.64 -5.63
N LYS EA 42 128.82 38.52 -4.84
CA LYS EA 42 129.97 38.12 -4.02
C LYS EA 42 129.62 37.09 -2.96
N ASP EA 43 128.34 36.98 -2.59
CA ASP EA 43 127.95 36.01 -1.58
C ASP EA 43 128.19 34.58 -2.06
N ASP EA 44 127.44 34.15 -3.07
CA ASP EA 44 127.54 32.80 -3.59
C ASP EA 44 128.00 32.79 -5.05
N ALA EA 45 127.32 33.57 -5.90
CA ALA EA 45 127.56 33.74 -7.32
C ALA EA 45 127.09 32.54 -8.14
N ALA EA 46 126.77 31.44 -7.47
CA ALA EA 46 126.03 30.37 -8.14
C ALA EA 46 124.55 30.42 -7.77
N GLY EA 47 124.23 30.55 -6.48
CA GLY EA 47 122.85 30.50 -6.04
C GLY EA 47 121.99 31.62 -6.61
N GLN EA 48 122.56 32.82 -6.72
CA GLN EA 48 121.79 33.95 -7.21
C GLN EA 48 121.31 33.70 -8.64
N ALA EA 49 122.18 33.12 -9.48
CA ALA EA 49 121.77 32.75 -10.83
C ALA EA 49 120.69 31.69 -10.80
N ILE EA 50 120.85 30.67 -9.94
CA ILE EA 50 119.83 29.64 -9.81
C ILE EA 50 118.54 30.21 -9.27
N ALA EA 51 118.63 31.07 -8.26
CA ALA EA 51 117.43 31.69 -7.69
C ALA EA 51 116.74 32.59 -8.71
N ASN EA 52 117.52 33.32 -9.51
CA ASN EA 52 116.94 34.21 -10.50
C ASN EA 52 116.14 33.42 -11.54
N ARG EA 53 116.67 32.28 -11.99
CA ARG EA 53 115.91 31.44 -12.91
C ARG EA 53 114.64 30.92 -12.26
N PHE EA 54 114.70 30.62 -10.97
CA PHE EA 54 113.51 30.16 -10.26
C PHE EA 54 112.43 31.23 -10.25
N THR EA 55 112.83 32.49 -10.04
CA THR EA 55 111.86 33.58 -10.01
C THR EA 55 111.10 33.69 -11.32
N SER EA 56 111.80 33.50 -12.45
CA SER EA 56 111.13 33.53 -13.74
C SER EA 56 110.07 32.43 -13.84
N ASN EA 57 110.39 31.23 -13.35
CA ASN EA 57 109.41 30.15 -13.36
C ASN EA 57 108.24 30.45 -12.42
N ILE EA 58 108.53 30.97 -11.23
CA ILE EA 58 107.46 31.28 -10.27
C ILE EA 58 106.51 32.30 -10.85
N LYS EA 59 107.06 33.38 -11.43
CA LYS EA 59 106.21 34.40 -12.02
C LYS EA 59 105.57 33.90 -13.31
N GLY EA 60 106.31 33.13 -14.11
CA GLY EA 60 105.76 32.62 -15.35
C GLY EA 60 104.61 31.65 -15.13
N LEU EA 61 104.79 30.71 -14.20
CA LEU EA 61 103.74 29.72 -13.94
C LEU EA 61 102.51 30.37 -13.31
N THR EA 62 102.72 31.34 -12.41
CA THR EA 62 101.60 32.03 -11.80
C THR EA 62 100.77 32.77 -12.85
N GLN EA 63 101.45 33.46 -13.77
CA GLN EA 63 100.73 34.12 -14.85
C GLN EA 63 100.06 33.10 -15.77
N ALA EA 64 100.72 31.96 -16.01
CA ALA EA 64 100.15 30.94 -16.88
C ALA EA 64 98.85 30.39 -16.30
N ALA EA 65 98.81 30.18 -14.98
CA ALA EA 65 97.59 29.69 -14.35
C ALA EA 65 96.44 30.67 -14.55
N ARG EA 66 96.74 31.97 -14.54
CA ARG EA 66 95.72 32.97 -14.81
C ARG EA 66 95.17 32.81 -16.22
N ASN EA 67 96.05 32.55 -17.19
CA ASN EA 67 95.58 32.31 -18.56
C ASN EA 67 94.70 31.07 -18.64
N ALA EA 68 95.05 30.03 -17.90
CA ALA EA 68 94.25 28.81 -17.91
C ALA EA 68 92.84 29.07 -17.39
N ASN EA 69 92.71 29.92 -16.37
CA ASN EA 69 91.39 30.27 -15.86
C ASN EA 69 90.54 30.94 -16.91
N ASP EA 70 91.17 31.77 -17.76
CA ASP EA 70 90.43 32.39 -18.86
C ASP EA 70 89.90 31.34 -19.83
N GLY EA 71 90.73 30.34 -20.15
CA GLY EA 71 90.28 29.29 -21.06
C GLY EA 71 89.05 28.56 -20.56
N ILE EA 72 88.97 28.32 -19.25
CA ILE EA 72 87.80 27.69 -18.68
C ILE EA 72 86.57 28.56 -18.88
N SER EA 73 86.73 29.87 -18.70
CA SER EA 73 85.60 30.79 -18.86
C SER EA 73 85.08 30.78 -20.30
N VAL EA 74 85.98 30.70 -21.27
CA VAL EA 74 85.57 30.68 -22.67
C VAL EA 74 84.68 29.47 -22.95
N ALA EA 75 85.11 28.30 -22.50
CA ALA EA 75 84.34 27.09 -22.74
C ALA EA 75 82.99 27.14 -22.03
N GLN EA 76 82.95 27.62 -20.79
CA GLN EA 76 81.70 27.69 -20.06
C GLN EA 76 80.70 28.60 -20.76
N THR EA 77 81.16 29.77 -21.21
CA THR EA 77 80.28 30.70 -21.91
C THR EA 77 79.78 30.09 -23.21
N THR EA 78 80.68 29.44 -23.97
CA THR EA 78 80.27 28.78 -25.20
C THR EA 78 79.30 27.63 -24.92
N GLU EA 79 79.57 26.85 -23.86
CA GLU EA 79 78.69 25.76 -23.51
C GLU EA 79 77.32 26.27 -23.06
N GLY EA 80 77.30 27.37 -22.32
CA GLY EA 80 76.03 27.90 -21.83
C GLY EA 80 75.08 28.28 -22.95
N ALA EA 81 75.61 28.91 -24.01
CA ALA EA 81 74.76 29.28 -25.14
C ALA EA 81 74.20 28.04 -25.84
N LEU EA 82 75.01 26.98 -25.91
CA LEU EA 82 74.57 25.77 -26.60
C LEU EA 82 73.38 25.11 -25.92
N SER EA 83 73.21 25.34 -24.62
CA SER EA 83 72.10 24.72 -23.90
C SER EA 83 70.76 25.22 -24.43
N GLU EA 84 70.64 26.53 -24.67
CA GLU EA 84 69.40 27.08 -25.20
C GLU EA 84 69.18 26.63 -26.63
N ILE EA 85 70.26 26.50 -27.41
CA ILE EA 85 70.14 25.97 -28.76
C ILE EA 85 69.61 24.54 -28.73
N ASN EA 86 70.09 23.74 -27.78
CA ASN EA 86 69.58 22.39 -27.62
C ASN EA 86 68.10 22.40 -27.28
N ASN EA 87 67.70 23.26 -26.35
CA ASN EA 87 66.29 23.31 -25.94
C ASN EA 87 65.39 23.74 -27.08
N ASN EA 88 65.86 24.70 -27.90
CA ASN EA 88 65.08 25.10 -29.06
C ASN EA 88 64.92 23.96 -30.05
N LEU EA 89 65.99 23.18 -30.27
CA LEU EA 89 65.90 22.03 -31.16
C LEU EA 89 64.94 20.99 -30.61
N GLN EA 90 64.94 20.80 -29.29
CA GLN EA 90 64.05 19.82 -28.69
C GLN EA 90 62.59 20.16 -28.93
N ARG EA 91 62.23 21.43 -28.78
CA ARG EA 91 60.84 21.84 -29.00
C ARG EA 91 60.46 21.70 -30.47
N VAL EA 92 61.39 22.04 -31.37
CA VAL EA 92 61.11 21.92 -32.80
C VAL EA 92 60.82 20.46 -33.16
N ARG EA 93 61.56 19.52 -32.56
CA ARG EA 93 61.31 18.12 -32.81
C ARG EA 93 59.91 17.71 -32.35
N GLU EA 94 59.47 18.23 -31.20
CA GLU EA 94 58.12 17.94 -30.73
C GLU EA 94 57.07 18.47 -31.68
N LEU EA 95 57.30 19.67 -32.24
CA LEU EA 95 56.33 20.26 -33.15
C LEU EA 95 56.18 19.42 -34.42
N THR EA 96 57.28 18.90 -34.96
CA THR EA 96 57.20 18.11 -36.18
C THR EA 96 56.42 16.82 -35.96
N VAL EA 97 56.49 16.25 -34.76
CA VAL EA 97 55.69 15.07 -34.45
C VAL EA 97 54.21 15.43 -34.49
N GLN EA 98 53.86 16.61 -33.98
CA GLN EA 98 52.47 17.07 -34.02
C GLN EA 98 52.05 17.52 -35.41
N ALA EA 99 53.01 17.86 -36.28
CA ALA EA 99 52.67 18.35 -37.61
C ALA EA 99 52.52 17.24 -38.63
N THR EA 100 53.19 16.11 -38.43
CA THR EA 100 53.13 15.00 -39.37
C THR EA 100 51.97 14.06 -39.05
N THR EA 101 50.77 14.62 -38.92
CA THR EA 101 49.56 13.85 -38.67
C THR EA 101 48.48 14.29 -39.63
N GLY EA 102 47.67 13.34 -40.07
CA GLY EA 102 46.64 13.64 -41.04
C GLY EA 102 45.49 14.47 -40.51
N THR EA 103 45.28 14.47 -39.20
CA THR EA 103 44.17 15.23 -38.62
C THR EA 103 44.38 16.73 -38.76
N ASN EA 104 45.63 17.19 -38.77
CA ASN EA 104 45.88 18.61 -38.94
C ASN EA 104 45.41 19.09 -40.30
N SER EA 105 44.73 20.23 -40.32
CA SER EA 105 44.27 20.81 -41.57
C SER EA 105 45.39 21.61 -42.22
N GLU EA 106 45.08 22.22 -43.37
CA GLU EA 106 46.08 23.01 -44.07
C GLU EA 106 46.42 24.28 -43.31
N SER EA 107 45.44 24.89 -42.64
CA SER EA 107 45.72 26.08 -41.85
C SER EA 107 46.48 25.75 -40.58
N ASP EA 108 46.27 24.55 -40.02
CA ASP EA 108 47.01 24.15 -38.83
C ASP EA 108 48.49 24.01 -39.12
N LEU EA 109 48.84 23.50 -40.30
CA LEU EA 109 50.25 23.34 -40.65
C LEU EA 109 50.96 24.69 -40.69
N SER EA 110 50.28 25.73 -41.20
CA SER EA 110 50.89 27.05 -41.22
C SER EA 110 51.17 27.56 -39.81
N SER EA 111 50.24 27.33 -38.87
CA SER EA 111 50.46 27.75 -37.49
C SER EA 111 51.63 27.02 -36.87
N ILE EA 112 51.75 25.71 -37.12
CA ILE EA 112 52.89 24.95 -36.62
C ILE EA 112 54.19 25.46 -37.23
N GLN EA 113 54.18 25.69 -38.55
CA GLN EA 113 55.38 26.18 -39.22
C GLN EA 113 55.73 27.58 -38.75
N ASP EA 114 54.71 28.40 -38.47
CA ASP EA 114 54.95 29.77 -38.00
C ASP EA 114 55.83 29.76 -36.74
N GLU EA 115 55.47 28.93 -35.77
CA GLU EA 115 56.29 28.83 -34.55
C GLU EA 115 57.60 28.10 -34.84
N ILE EA 116 57.58 27.12 -35.73
CA ILE EA 116 58.81 26.41 -36.07
C ILE EA 116 59.82 27.36 -36.69
N LYS EA 117 59.38 28.19 -37.64
CA LYS EA 117 60.29 29.15 -38.26
C LYS EA 117 60.75 30.19 -37.26
N SER EA 118 59.90 30.53 -36.29
CA SER EA 118 60.29 31.51 -35.28
C SER EA 118 61.42 30.97 -34.39
N ARG EA 119 61.35 29.70 -34.01
CA ARG EA 119 62.37 29.14 -33.14
C ARG EA 119 63.68 28.88 -33.89
N LEU EA 120 63.59 28.52 -35.17
CA LEU EA 120 64.81 28.35 -35.96
C LEU EA 120 65.54 29.68 -36.13
N ASP EA 121 64.81 30.79 -36.15
CA ASP EA 121 65.45 32.10 -36.25
C ASP EA 121 66.28 32.40 -35.01
N GLU EA 122 65.78 32.03 -33.83
CA GLU EA 122 66.54 32.23 -32.60
C GLU EA 122 67.83 31.42 -32.59
N ILE EA 123 67.79 30.19 -33.13
CA ILE EA 123 69.01 29.42 -33.26
C ILE EA 123 70.02 30.15 -34.12
N ASP EA 124 69.56 30.72 -35.24
CA ASP EA 124 70.44 31.54 -36.07
C ASP EA 124 70.90 32.79 -35.34
N ARG EA 125 69.99 33.43 -34.59
CA ARG EA 125 70.36 34.65 -33.90
C ARG EA 125 71.43 34.39 -32.85
N VAL EA 126 71.10 33.55 -31.86
CA VAL EA 126 71.97 33.37 -30.70
C VAL EA 126 73.38 32.98 -31.11
N SER EA 127 73.50 32.16 -32.16
CA SER EA 127 74.82 31.77 -32.65
C SER EA 127 75.64 32.99 -33.05
N GLY EA 128 75.08 33.84 -33.90
CA GLY EA 128 75.79 35.05 -34.28
C GLY EA 128 75.89 36.04 -33.12
N GLN EA 129 74.86 36.11 -32.28
CA GLN EA 129 74.81 37.12 -31.24
C GLN EA 129 75.81 36.86 -30.13
N THR EA 130 76.08 35.59 -29.83
CA THR EA 130 76.93 35.23 -28.70
C THR EA 130 78.36 35.70 -28.98
N GLN EA 131 78.81 36.71 -28.25
CA GLN EA 131 80.15 37.28 -28.44
C GLN EA 131 80.85 37.31 -27.08
N PHE EA 132 82.06 36.76 -27.04
CA PHE EA 132 82.86 36.73 -25.82
C PHE EA 132 84.17 37.46 -26.08
N ASN EA 133 84.42 38.52 -25.30
CA ASN EA 133 85.65 39.30 -25.41
C ASN EA 133 85.90 39.75 -26.84
N GLY EA 134 84.84 40.21 -27.50
CA GLY EA 134 84.95 40.60 -28.89
C GLY EA 134 85.26 39.46 -29.84
N VAL EA 135 84.82 38.26 -29.52
CA VAL EA 135 85.02 37.10 -30.38
C VAL EA 135 83.70 36.35 -30.48
N ASN EA 136 83.20 36.18 -31.70
CA ASN EA 136 81.96 35.44 -31.93
C ASN EA 136 82.31 33.95 -31.95
N VAL EA 137 82.11 33.29 -30.81
CA VAL EA 137 82.54 31.89 -30.68
C VAL EA 137 81.73 30.99 -31.59
N LEU EA 138 80.40 31.12 -31.57
CA LEU EA 138 79.54 30.26 -32.38
C LEU EA 138 79.18 30.92 -33.71
N ALA EA 139 80.19 31.39 -34.46
CA ALA EA 139 79.91 31.97 -35.76
C ALA EA 139 80.91 31.60 -36.85
N LYS EA 140 81.97 30.84 -36.53
CA LYS EA 140 82.99 30.52 -37.52
C LYS EA 140 83.89 29.43 -36.95
N ASN EA 141 84.22 28.46 -37.80
CA ASN EA 141 85.14 27.41 -37.39
C ASN EA 141 86.52 28.00 -37.10
N GLY EA 142 87.06 27.66 -35.94
CA GLY EA 142 88.36 28.19 -35.56
C GLY EA 142 88.90 27.45 -34.35
N SER EA 143 89.93 28.05 -33.75
CA SER EA 143 90.56 27.45 -32.58
C SER EA 143 91.28 28.53 -31.79
N MET EA 144 91.40 28.29 -30.48
CA MET EA 144 92.14 29.16 -29.58
C MET EA 144 93.23 28.38 -28.88
N LYS EA 145 94.36 29.04 -28.65
CA LYS EA 145 95.52 28.42 -28.02
C LYS EA 145 95.72 29.06 -26.65
N ILE EA 146 95.59 28.27 -25.59
CA ILE EA 146 95.67 28.76 -24.22
C ILE EA 146 97.07 28.51 -23.70
N GLN EA 147 97.77 29.58 -23.32
CA GLN EA 147 99.12 29.49 -22.78
C GLN EA 147 99.06 28.93 -21.36
N VAL EA 148 99.49 27.69 -21.17
CA VAL EA 148 99.45 27.06 -19.86
C VAL EA 148 100.85 26.59 -19.46
N GLY EA 149 101.87 27.33 -19.88
CA GLY EA 149 103.24 26.99 -19.54
C GLY EA 149 104.10 28.23 -19.41
N ALA EA 150 105.36 28.01 -19.04
CA ALA EA 150 106.30 29.11 -18.83
C ALA EA 150 107.15 29.40 -20.05
N ASN EA 151 107.44 28.40 -20.87
CA ASN EA 151 108.25 28.57 -22.06
C ASN EA 151 107.34 28.91 -23.25
N ASP EA 152 107.87 28.76 -24.46
CA ASP EA 152 107.07 28.92 -25.66
C ASP EA 152 106.48 27.58 -26.09
N ASN EA 153 105.44 27.66 -26.93
CA ASN EA 153 104.70 26.48 -27.39
C ASN EA 153 104.19 25.66 -26.21
N GLN EA 154 103.29 26.27 -25.44
CA GLN EA 154 102.75 25.71 -24.20
C GLN EA 154 101.24 25.71 -24.26
N THR EA 155 100.67 25.33 -25.39
CA THR EA 155 99.28 25.64 -25.68
C THR EA 155 98.39 24.42 -25.59
N ILE EA 156 97.21 24.61 -25.01
CA ILE EA 156 96.10 23.67 -25.09
C ILE EA 156 95.08 24.25 -26.06
N THR EA 157 94.72 23.49 -27.08
CA THR EA 157 93.90 23.99 -28.17
C THR EA 157 92.42 23.78 -27.86
N ILE EA 158 91.65 24.86 -27.91
CA ILE EA 158 90.21 24.82 -27.78
C ILE EA 158 89.61 24.94 -29.18
N ASP EA 159 88.68 24.06 -29.51
CA ASP EA 159 88.07 24.02 -30.83
C ASP EA 159 86.71 24.70 -30.82
N LEU EA 160 86.43 25.47 -31.86
CA LEU EA 160 85.16 26.18 -32.01
C LEU EA 160 84.58 25.85 -33.37
N LYS EA 161 83.36 25.33 -33.37
CA LYS EA 161 82.66 24.94 -34.59
C LYS EA 161 81.49 25.88 -34.84
N GLN EA 162 81.35 26.35 -36.08
CA GLN EA 162 80.23 27.19 -36.44
C GLN EA 162 78.93 26.41 -36.34
N ILE EA 163 78.08 26.77 -35.38
CA ILE EA 163 76.82 26.10 -35.13
C ILE EA 163 75.70 27.03 -35.55
N ASP EA 164 74.98 26.67 -36.60
CA ASP EA 164 73.84 27.44 -37.10
C ASP EA 164 73.05 26.54 -38.04
N ALA EA 165 71.95 27.09 -38.58
CA ALA EA 165 71.06 26.29 -39.41
C ALA EA 165 71.78 25.77 -40.65
N LYS EA 166 72.59 26.62 -41.29
CA LYS EA 166 73.28 26.20 -42.52
C LYS EA 166 74.24 25.04 -42.23
N THR EA 167 74.95 25.10 -41.12
CA THR EA 167 75.90 24.06 -40.76
C THR EA 167 75.25 22.91 -40.00
N LEU EA 168 73.93 22.89 -39.88
CA LEU EA 168 73.21 21.80 -39.25
C LEU EA 168 72.20 21.15 -40.17
N GLY EA 169 72.07 21.63 -41.41
CA GLY EA 169 71.14 21.07 -42.36
C GLY EA 169 69.73 21.60 -42.27
N LEU EA 170 69.44 22.46 -41.29
CA LEU EA 170 68.10 23.03 -41.12
C LEU EA 170 67.97 24.37 -41.84
N ASP EA 171 68.34 24.40 -43.11
CA ASP EA 171 68.22 25.59 -43.95
C ASP EA 171 67.09 25.35 -44.94
N GLY EA 172 65.95 25.98 -44.68
CA GLY EA 172 64.75 25.74 -45.45
C GLY EA 172 63.81 24.71 -44.85
N PHE EA 173 64.03 24.32 -43.59
CA PHE EA 173 63.21 23.30 -42.94
C PHE EA 173 61.78 23.79 -42.79
N SER EA 174 60.86 23.19 -43.55
CA SER EA 174 59.45 23.57 -43.51
C SER EA 174 58.60 22.31 -43.46
N VAL EA 175 57.40 22.45 -42.89
CA VAL EA 175 56.47 21.33 -42.77
C VAL EA 175 55.16 21.69 -43.45
N LYS EA 176 55.22 22.57 -44.44
CA LYS EA 176 54.03 23.01 -45.14
C LYS EA 176 54.39 23.26 -46.60
N ASN EA 177 53.36 23.51 -47.41
CA ASN EA 177 53.55 23.73 -48.83
C ASN EA 177 53.37 25.20 -49.20
N THR EA 407 59.58 19.23 -46.69
CA THR EA 407 60.87 18.64 -46.34
C THR EA 407 60.75 17.13 -46.16
N THR EA 408 61.62 16.38 -46.83
CA THR EA 408 61.59 14.93 -46.74
C THR EA 408 62.37 14.47 -45.51
N ASP EA 409 61.82 13.48 -44.82
CA ASP EA 409 62.38 12.93 -43.58
C ASP EA 409 62.71 14.05 -42.60
N PRO EA 410 61.71 14.75 -42.06
CA PRO EA 410 62.01 15.89 -41.19
C PRO EA 410 62.63 15.48 -39.87
N LEU EA 411 62.10 14.44 -39.24
CA LEU EA 411 62.59 14.04 -37.93
C LEU EA 411 64.01 13.49 -37.99
N LYS EA 412 64.34 12.79 -39.07
CA LYS EA 412 65.69 12.25 -39.20
C LYS EA 412 66.73 13.37 -39.24
N ALA EA 413 66.44 14.43 -40.00
CA ALA EA 413 67.36 15.56 -40.06
C ALA EA 413 67.48 16.25 -38.70
N LEU EA 414 66.36 16.36 -37.98
CA LEU EA 414 66.38 17.02 -36.68
C LEU EA 414 67.23 16.24 -35.68
N ASP EA 415 67.16 14.91 -35.72
CA ASP EA 415 67.99 14.09 -34.84
C ASP EA 415 69.47 14.29 -35.15
N ASP EA 416 69.81 14.40 -36.43
CA ASP EA 416 71.20 14.64 -36.82
C ASP EA 416 71.69 15.98 -36.27
N ALA EA 417 70.86 17.01 -36.37
CA ALA EA 417 71.25 18.32 -35.85
C ALA EA 417 71.47 18.27 -34.34
N ILE EA 418 70.57 17.59 -33.62
CA ILE EA 418 70.72 17.46 -32.17
C ILE EA 418 71.98 16.67 -31.84
N ALA EA 419 72.25 15.60 -32.60
CA ALA EA 419 73.46 14.82 -32.37
C ALA EA 419 74.71 15.56 -32.83
N SER EA 420 74.57 16.60 -33.65
CA SER EA 420 75.71 17.37 -34.11
C SER EA 420 76.11 18.48 -33.15
N VAL EA 421 75.23 18.86 -32.22
CA VAL EA 421 75.59 19.83 -31.21
C VAL EA 421 76.01 19.16 -29.91
N ASP EA 422 75.59 17.92 -29.66
CA ASP EA 422 76.10 17.18 -28.52
C ASP EA 422 77.56 16.79 -28.71
N LYS EA 423 77.96 16.55 -29.96
CA LYS EA 423 79.37 16.27 -30.23
C LYS EA 423 80.24 17.46 -29.88
N PHE EA 424 79.80 18.67 -30.25
CA PHE EA 424 80.55 19.87 -29.89
C PHE EA 424 80.56 20.07 -28.38
N ARG EA 425 79.43 19.82 -27.72
CA ARG EA 425 79.37 20.00 -26.27
C ARG EA 425 80.30 19.03 -25.55
N SER EA 426 80.36 17.78 -26.02
CA SER EA 426 81.24 16.81 -25.40
C SER EA 426 82.71 17.20 -25.56
N SER EA 427 83.07 17.75 -26.71
CA SER EA 427 84.44 18.22 -26.89
C SER EA 427 84.76 19.37 -25.95
N LEU EA 428 83.82 20.28 -25.74
CA LEU EA 428 84.03 21.39 -24.82
C LEU EA 428 84.21 20.89 -23.39
N GLY EA 429 83.43 19.89 -22.99
CA GLY EA 429 83.55 19.37 -21.64
C GLY EA 429 84.91 18.75 -21.37
N ALA EA 430 85.47 18.08 -22.38
CA ALA EA 430 86.80 17.48 -22.21
C ALA EA 430 87.86 18.56 -21.99
N VAL EA 431 87.76 19.67 -22.72
CA VAL EA 431 88.74 20.74 -22.58
C VAL EA 431 88.71 21.33 -21.17
N GLN EA 432 87.51 21.53 -20.62
CA GLN EA 432 87.41 22.08 -19.27
C GLN EA 432 88.08 21.17 -18.25
N ASN EA 433 87.87 19.86 -18.36
CA ASN EA 433 88.51 18.92 -17.45
C ASN EA 433 90.03 18.96 -17.63
N ARG EA 434 90.50 19.04 -18.87
CA ARG EA 434 91.93 19.14 -19.11
C ARG EA 434 92.50 20.44 -18.55
N LEU EA 435 91.82 21.55 -18.78
CA LEU EA 435 92.31 22.83 -18.28
C LEU EA 435 92.30 22.88 -16.76
N ASP EA 436 91.25 22.34 -16.14
CA ASP EA 436 91.17 22.35 -14.69
C ASP EA 436 92.32 21.54 -14.09
N SER EA 437 92.64 20.39 -14.69
CA SER EA 437 93.79 19.61 -14.24
C SER EA 437 95.08 20.40 -14.39
N ALA EA 438 95.19 21.19 -15.46
CA ALA EA 438 96.39 21.99 -15.66
C ALA EA 438 96.57 23.02 -14.54
N VAL EA 439 95.48 23.67 -14.14
CA VAL EA 439 95.57 24.66 -13.06
C VAL EA 439 96.03 23.99 -11.77
N THR EA 440 95.50 22.80 -11.48
CA THR EA 440 95.91 22.09 -10.27
C THR EA 440 97.40 21.75 -10.31
N ASN EA 441 97.90 21.30 -11.46
CA ASN EA 441 99.31 20.96 -11.58
C ASN EA 441 100.19 22.19 -11.43
N LEU EA 442 99.78 23.31 -12.01
CA LEU EA 442 100.59 24.53 -11.92
C LEU EA 442 100.69 25.01 -10.48
N ASN EA 443 99.61 24.92 -9.72
CA ASN EA 443 99.65 25.32 -8.32
C ASN EA 443 100.62 24.45 -7.54
N ASN EA 444 100.57 23.12 -7.77
CA ASN EA 444 101.48 22.22 -7.09
C ASN EA 444 102.93 22.48 -7.47
N THR EA 445 103.18 22.71 -8.76
CA THR EA 445 104.54 22.98 -9.21
C THR EA 445 105.06 24.31 -8.68
N THR EA 446 104.21 25.35 -8.69
CA THR EA 446 104.64 26.66 -8.22
C THR EA 446 105.01 26.62 -6.75
N THR EA 447 104.22 25.93 -5.92
CA THR EA 447 104.49 25.86 -4.50
C THR EA 447 105.80 25.13 -4.23
N ASN EA 448 106.02 24.01 -4.91
CA ASN EA 448 107.25 23.25 -4.72
C ASN EA 448 108.48 24.06 -5.14
N LEU EA 449 108.38 24.77 -6.25
CA LEU EA 449 109.48 25.63 -6.67
C LEU EA 449 109.67 26.80 -5.70
N SER EA 450 108.57 27.31 -5.15
CA SER EA 450 108.66 28.45 -4.24
C SER EA 450 109.45 28.09 -2.98
N GLU EA 451 109.20 26.91 -2.41
CA GLU EA 451 109.95 26.51 -1.23
C GLU EA 451 111.37 26.13 -1.56
N ALA EA 452 111.61 25.68 -2.81
CA ALA EA 452 112.99 25.41 -3.24
C ALA EA 452 113.80 26.69 -3.30
N GLN EA 453 113.18 27.80 -3.73
CA GLN EA 453 113.88 29.07 -3.76
C GLN EA 453 114.26 29.52 -2.35
N SER EA 454 113.39 29.27 -1.37
CA SER EA 454 113.69 29.66 0.00
C SER EA 454 114.92 28.94 0.53
N ARG EA 455 115.10 27.68 0.15
CA ARG EA 455 116.22 26.89 0.63
C ARG EA 455 117.55 27.32 0.03
N ILE EA 456 117.55 28.22 -0.93
CA ILE EA 456 118.76 28.65 -1.62
C ILE EA 456 119.12 30.09 -1.26
N GLN EA 457 118.17 31.01 -1.36
CA GLN EA 457 118.46 32.43 -1.21
C GLN EA 457 118.11 32.98 0.17
N ASP EA 458 117.12 32.41 0.86
CA ASP EA 458 116.67 32.99 2.12
C ASP EA 458 117.62 32.65 3.26
N ALA EA 459 117.71 33.56 4.22
CA ALA EA 459 118.59 33.44 5.36
C ALA EA 459 117.84 32.89 6.57
N ASP EA 460 118.61 32.35 7.52
CA ASP EA 460 118.08 31.75 8.74
C ASP EA 460 118.35 32.70 9.89
N TYR EA 461 117.29 33.30 10.42
CA TYR EA 461 117.46 34.35 11.43
C TYR EA 461 118.05 33.79 12.72
N ALA EA 462 117.71 32.55 13.06
CA ALA EA 462 118.28 31.95 14.27
C ALA EA 462 119.80 31.92 14.21
N THR EA 463 120.35 31.58 13.05
CA THR EA 463 121.80 31.61 12.88
C THR EA 463 122.31 33.04 12.76
N GLU EA 464 121.61 33.87 11.99
CA GLU EA 464 122.11 35.21 11.67
C GLU EA 464 122.20 36.08 12.91
N VAL EA 465 121.19 36.00 13.79
CA VAL EA 465 121.23 36.77 15.03
C VAL EA 465 122.41 36.35 15.89
N SER EA 466 122.66 35.04 15.97
CA SER EA 466 123.77 34.54 16.78
C SER EA 466 125.10 35.09 16.28
N ASN EA 467 125.30 35.07 14.96
CA ASN EA 467 126.55 35.59 14.40
C ASN EA 467 126.67 37.09 14.63
N MET EA 468 125.56 37.82 14.48
CA MET EA 468 125.59 39.26 14.67
C MET EA 468 125.94 39.63 16.11
N SER EA 469 125.35 38.93 17.08
CA SER EA 469 125.61 39.24 18.48
C SER EA 469 127.07 39.00 18.82
N LYS EA 470 127.64 37.88 18.33
CA LYS EA 470 129.06 37.61 18.59
C LYS EA 470 129.94 38.67 17.96
N ALA EA 471 129.60 39.11 16.74
CA ALA EA 471 130.40 40.12 16.07
C ALA EA 471 130.43 41.43 16.85
N GLN EA 472 129.30 41.80 17.45
CA GLN EA 472 129.25 43.02 18.25
C GLN EA 472 130.18 42.91 19.46
N ILE EA 473 130.21 41.74 20.09
CA ILE EA 473 131.09 41.54 21.23
C ILE EA 473 132.55 41.68 20.82
N ILE EA 474 132.92 41.09 19.68
CA ILE EA 474 134.29 41.17 19.22
C ILE EA 474 134.69 42.61 18.94
N GLN EA 475 133.77 43.41 18.39
CA GLN EA 475 134.07 44.81 18.12
C GLN EA 475 134.37 45.57 19.40
N GLN EA 476 133.48 45.47 20.38
CA GLN EA 476 133.70 46.17 21.65
C GLN EA 476 134.92 45.61 22.37
N ALA EA 477 135.10 44.29 22.34
CA ALA EA 477 136.28 43.70 22.95
C ALA EA 477 137.55 44.17 22.26
N GLY EA 478 137.55 44.21 20.93
CA GLY EA 478 138.72 44.68 20.21
C GLY EA 478 139.03 46.13 20.48
N ASN EA 479 138.00 46.96 20.56
CA ASN EA 479 138.22 48.39 20.81
C ASN EA 479 138.82 48.62 22.20
N SER EA 480 138.38 47.84 23.20
CA SER EA 480 138.92 47.99 24.54
C SER EA 480 140.40 47.69 24.59
N VAL EA 481 140.83 46.63 23.89
CA VAL EA 481 142.24 46.27 23.88
C VAL EA 481 143.06 47.37 23.19
N LEU EA 482 142.49 48.02 22.18
CA LEU EA 482 143.22 49.07 21.47
C LEU EA 482 143.60 50.19 22.42
N ALA EA 483 142.69 50.58 23.31
CA ALA EA 483 143.03 51.58 24.32
C ALA EA 483 144.17 51.11 25.20
N LYS EA 484 144.15 49.83 25.60
CA LYS EA 484 145.26 49.28 26.36
C LYS EA 484 146.54 49.24 25.54
N ALA EA 485 146.43 49.01 24.23
CA ALA EA 485 147.61 48.96 23.38
C ALA EA 485 148.33 50.29 23.34
N ASN EA 486 147.57 51.39 23.25
CA ASN EA 486 148.17 52.71 23.24
C ASN EA 486 148.61 53.18 24.62
N GLN EA 487 148.33 52.41 25.67
CA GLN EA 487 148.71 52.78 27.03
C GLN EA 487 150.07 52.24 27.44
N VAL EA 488 150.60 51.26 26.70
CA VAL EA 488 151.96 50.80 26.99
C VAL EA 488 153.01 51.89 26.82
N PRO EA 489 152.98 52.73 25.78
CA PRO EA 489 154.11 53.67 25.56
C PRO EA 489 154.34 54.68 26.68
N GLN EA 490 153.34 55.06 27.48
CA GLN EA 490 153.56 56.08 28.50
C GLN EA 490 154.56 55.66 29.57
N GLN EA 491 154.84 54.37 29.70
CA GLN EA 491 155.88 53.94 30.62
C GLN EA 491 157.24 54.53 30.26
N VAL EA 492 157.48 54.78 28.97
CA VAL EA 492 158.73 55.40 28.55
C VAL EA 492 158.84 56.82 29.10
N LEU EA 493 157.71 57.53 29.15
CA LEU EA 493 157.71 58.87 29.71
C LEU EA 493 158.21 58.86 31.16
N SER EA 494 157.91 57.81 31.90
CA SER EA 494 158.43 57.68 33.26
C SER EA 494 159.95 57.58 33.25
N LEU EA 495 160.51 56.87 32.27
CA LEU EA 495 161.96 56.73 32.19
C LEU EA 495 162.64 58.08 32.01
N LEU EA 496 162.14 58.89 31.07
CA LEU EA 496 162.71 60.21 30.86
C LEU EA 496 162.48 61.11 32.07
N GLN EA 497 161.31 61.02 32.69
CA GLN EA 497 161.01 61.86 33.84
C GLN EA 497 161.94 61.53 35.02
N GLY EA 498 162.21 60.25 35.24
CA GLY EA 498 163.09 59.85 36.32
C GLY EA 498 162.43 58.92 37.32
N GLN FA 3 58.05 37.41 40.63
CA GLN FA 3 58.75 36.57 39.65
C GLN FA 3 58.83 35.14 40.14
N VAL FA 4 58.25 34.91 41.33
CA VAL FA 4 58.36 33.67 42.08
C VAL FA 4 58.10 32.45 41.21
N ILE FA 5 59.02 31.50 41.25
CA ILE FA 5 58.91 30.25 40.50
C ILE FA 5 58.73 29.05 41.41
N ASN FA 6 58.68 29.28 42.72
CA ASN FA 6 58.36 28.24 43.68
C ASN FA 6 56.88 28.22 44.01
N THR FA 7 56.10 29.13 43.43
CA THR FA 7 54.65 29.18 43.57
C THR FA 7 54.07 29.78 42.30
N ASN FA 8 53.06 29.12 41.74
CA ASN FA 8 52.46 29.51 40.46
C ASN FA 8 50.95 29.64 40.63
N SER FA 9 50.55 30.46 41.61
CA SER FA 9 49.17 30.65 42.05
C SER FA 9 48.16 30.63 40.92
N LEU FA 10 48.51 31.19 39.77
CA LEU FA 10 47.63 31.15 38.60
C LEU FA 10 47.18 29.72 38.30
N SER FA 11 48.14 28.80 38.29
CA SER FA 11 47.82 27.39 38.07
C SER FA 11 46.91 26.86 39.15
N LEU FA 12 47.15 27.25 40.41
CA LEU FA 12 46.30 26.77 41.50
C LEU FA 12 44.85 27.23 41.31
N ILE FA 13 44.65 28.51 40.96
CA ILE FA 13 43.30 29.01 40.73
C ILE FA 13 42.64 28.28 39.57
N THR FA 14 43.39 28.09 38.48
CA THR FA 14 42.81 27.41 37.32
C THR FA 14 42.41 25.98 37.64
N GLN FA 15 43.28 25.25 38.36
CA GLN FA 15 42.95 23.89 38.75
C GLN FA 15 41.75 23.86 39.68
N ASN FA 16 41.65 24.84 40.59
CA ASN FA 16 40.48 24.91 41.46
C ASN FA 16 39.21 25.08 40.64
N ASN FA 17 39.23 25.97 39.64
CA ASN FA 17 38.05 26.16 38.81
C ASN FA 17 37.69 24.91 38.02
N ILE FA 18 38.71 24.22 37.49
CA ILE FA 18 38.45 22.98 36.74
C ILE FA 18 37.84 21.93 37.65
N ASN FA 19 38.37 21.80 38.87
CA ASN FA 19 37.81 20.84 39.82
C ASN FA 19 36.38 21.18 40.17
N LYS FA 20 36.07 22.48 40.28
CA LYS FA 20 34.69 22.90 40.51
C LYS FA 20 33.79 22.47 39.35
N ASN FA 21 34.24 22.68 38.12
CA ASN FA 21 33.41 22.35 36.96
C ASN FA 21 33.22 20.85 36.79
N GLN FA 22 34.17 20.06 37.28
CA GLN FA 22 34.07 18.60 37.16
C GLN FA 22 32.75 18.06 37.71
N SER FA 23 32.28 18.60 38.82
CA SER FA 23 31.05 18.11 39.42
C SER FA 23 29.85 18.34 38.51
N ALA FA 24 29.76 19.53 37.91
CA ALA FA 24 28.66 19.80 36.99
C ALA FA 24 28.74 18.89 35.77
N LEU FA 25 29.94 18.67 35.25
CA LEU FA 25 30.09 17.78 34.10
C LEU FA 25 29.63 16.36 34.45
N SER FA 26 30.05 15.86 35.62
CA SER FA 26 29.66 14.52 36.04
C SER FA 26 28.15 14.43 36.23
N SER FA 27 27.54 15.44 36.83
CA SER FA 27 26.09 15.42 37.02
C SER FA 27 25.35 15.41 35.68
N SER FA 28 25.85 16.19 34.72
CA SER FA 28 25.22 16.20 33.40
C SER FA 28 25.30 14.83 32.74
N ILE FA 29 26.48 14.19 32.82
CA ILE FA 29 26.61 12.85 32.27
C ILE FA 29 25.68 11.87 32.98
N GLU FA 30 25.60 11.97 34.31
CA GLU FA 30 24.68 11.13 35.07
C GLU FA 30 23.25 11.25 34.56
N ARG FA 31 22.76 12.48 34.46
CA ARG FA 31 21.37 12.69 34.09
C ARG FA 31 21.12 12.31 32.64
N LEU FA 32 22.11 12.47 31.76
CA LEU FA 32 21.94 12.03 30.38
C LEU FA 32 21.86 10.52 30.28
N SER FA 33 22.80 9.81 30.90
CA SER FA 33 22.88 8.36 30.74
C SER FA 33 21.73 7.66 31.45
N SER FA 34 21.46 8.04 32.70
CA SER FA 34 20.45 7.32 33.47
C SER FA 34 19.04 7.69 33.01
N GLY FA 35 18.80 8.96 32.70
CA GLY FA 35 17.49 9.42 32.32
C GLY FA 35 16.65 9.96 33.47
N LEU FA 36 17.13 9.83 34.71
CA LEU FA 36 16.43 10.32 35.89
C LEU FA 36 17.21 11.44 36.53
N ARG FA 37 16.51 12.52 36.90
CA ARG FA 37 17.20 13.63 37.53
C ARG FA 37 17.68 13.28 38.93
N ILE FA 38 16.90 12.49 39.67
CA ILE FA 38 17.27 12.05 41.01
C ILE FA 38 17.87 10.66 40.87
N ASN FA 39 19.19 10.61 40.75
CA ASN FA 39 19.92 9.35 40.73
C ASN FA 39 20.46 8.96 42.09
N SER FA 40 20.34 9.83 43.09
CA SER FA 40 20.82 9.56 44.44
C SER FA 40 20.14 10.53 45.38
N ALA FA 41 20.29 10.26 46.69
CA ALA FA 41 19.69 11.13 47.70
C ALA FA 41 20.34 12.51 47.71
N LYS FA 42 21.60 12.62 47.28
CA LYS FA 42 22.28 13.90 47.31
C LYS FA 42 21.58 14.92 46.42
N ASP FA 43 20.87 14.46 45.39
CA ASP FA 43 20.20 15.39 44.49
C ASP FA 43 19.10 16.15 45.20
N ASP FA 44 18.02 15.47 45.56
CA ASP FA 44 16.92 16.09 46.30
C ASP FA 44 16.61 15.32 47.59
N ALA FA 45 16.27 14.04 47.45
CA ALA FA 45 15.91 13.07 48.47
C ALA FA 45 14.56 13.35 49.11
N ALA FA 46 14.07 14.59 49.00
CA ALA FA 46 12.65 14.81 49.26
C ALA FA 46 11.83 14.42 48.06
N GLY FA 47 12.26 14.87 46.88
CA GLY FA 47 11.72 14.35 45.65
C GLY FA 47 11.91 12.85 45.53
N GLN FA 48 13.04 12.34 46.04
CA GLN FA 48 13.27 10.91 45.96
C GLN FA 48 12.32 10.13 46.87
N ALA FA 49 12.08 10.62 48.09
CA ALA FA 49 11.10 9.97 48.96
C ALA FA 49 9.70 10.03 48.35
N ILE FA 50 9.34 11.19 47.79
CA ILE FA 50 8.04 11.33 47.14
C ILE FA 50 7.93 10.35 45.98
N ALA FA 51 9.00 10.23 45.18
CA ALA FA 51 9.00 9.31 44.05
C ALA FA 51 8.88 7.87 44.50
N ASN FA 52 9.57 7.50 45.58
CA ASN FA 52 9.44 6.15 46.11
C ASN FA 52 8.00 5.84 46.49
N ARG FA 53 7.37 6.75 47.24
CA ARG FA 53 5.99 6.51 47.64
C ARG FA 53 5.05 6.52 46.45
N PHE FA 54 5.31 7.39 45.46
CA PHE FA 54 4.47 7.43 44.26
C PHE FA 54 4.59 6.13 43.48
N THR FA 55 5.80 5.59 43.35
CA THR FA 55 5.97 4.31 42.69
C THR FA 55 5.22 3.21 43.44
N SER FA 56 5.31 3.22 44.77
CA SER FA 56 4.60 2.23 45.57
C SER FA 56 3.09 2.31 45.32
N ASN FA 57 2.53 3.52 45.34
CA ASN FA 57 1.11 3.67 45.11
C ASN FA 57 0.71 3.24 43.70
N ILE FA 58 1.48 3.66 42.70
CA ILE FA 58 1.19 3.31 41.31
C ILE FA 58 1.14 1.81 41.14
N LYS FA 59 2.15 1.13 41.68
CA LYS FA 59 2.32 -0.29 41.47
C LYS FA 59 1.31 -1.10 42.26
N GLY FA 60 0.99 -0.65 43.48
CA GLY FA 60 -0.09 -1.28 44.22
C GLY FA 60 -1.44 -1.13 43.55
N LEU FA 61 -1.70 0.04 42.95
CA LEU FA 61 -2.95 0.23 42.23
C LEU FA 61 -3.04 -0.67 41.01
N THR FA 62 -1.93 -0.82 40.28
CA THR FA 62 -1.92 -1.73 39.14
C THR FA 62 -2.24 -3.15 39.59
N GLN FA 63 -1.57 -3.62 40.64
CA GLN FA 63 -1.85 -4.96 41.16
C GLN FA 63 -3.30 -5.08 41.62
N ALA FA 64 -3.84 -4.02 42.21
CA ALA FA 64 -5.22 -4.05 42.69
C ALA FA 64 -6.19 -4.19 41.52
N ALA FA 65 -5.92 -3.50 40.41
CA ALA FA 65 -6.78 -3.65 39.23
C ALA FA 65 -6.72 -5.08 38.69
N ARG FA 66 -5.52 -5.65 38.64
CA ARG FA 66 -5.40 -7.05 38.23
C ARG FA 66 -6.20 -7.96 39.14
N ASN FA 67 -6.15 -7.72 40.45
CA ASN FA 67 -6.96 -8.49 41.38
C ASN FA 67 -8.44 -8.30 41.12
N ALA FA 68 -8.85 -7.06 40.81
CA ALA FA 68 -10.27 -6.75 40.63
C ALA FA 68 -10.86 -7.51 39.46
N ASN FA 69 -10.11 -7.64 38.36
CA ASN FA 69 -10.64 -8.35 37.19
C ASN FA 69 -11.07 -9.79 37.52
N ASP FA 70 -10.36 -10.43 38.46
CA ASP FA 70 -10.67 -11.82 38.80
C ASP FA 70 -12.08 -11.94 39.38
N GLY FA 71 -12.50 -10.94 40.16
CA GLY FA 71 -13.86 -10.98 40.70
C GLY FA 71 -14.91 -10.95 39.63
N ILE FA 72 -14.70 -10.13 38.59
CA ILE FA 72 -15.61 -10.13 37.45
C ILE FA 72 -15.66 -11.50 36.81
N SER FA 73 -14.49 -12.13 36.66
CA SER FA 73 -14.46 -13.48 36.08
C SER FA 73 -15.29 -14.46 36.90
N VAL FA 74 -15.10 -14.44 38.23
CA VAL FA 74 -15.83 -15.38 39.10
C VAL FA 74 -17.32 -15.12 39.02
N ALA FA 75 -17.72 -13.85 39.04
CA ALA FA 75 -19.14 -13.53 38.99
C ALA FA 75 -19.76 -13.98 37.68
N GLN FA 76 -19.03 -13.82 36.57
CA GLN FA 76 -19.56 -14.28 35.29
C GLN FA 76 -19.73 -15.79 35.26
N THR FA 77 -18.76 -16.53 35.80
CA THR FA 77 -18.89 -17.99 35.84
C THR FA 77 -20.11 -18.40 36.67
N THR FA 78 -20.27 -17.81 37.86
CA THR FA 78 -21.42 -18.12 38.69
C THR FA 78 -22.73 -17.77 38.00
N GLU FA 79 -22.75 -16.65 37.27
CA GLU FA 79 -23.94 -16.25 36.55
C GLU FA 79 -24.32 -17.27 35.48
N GLY FA 80 -23.32 -17.80 34.75
CA GLY FA 80 -23.62 -18.84 33.79
C GLY FA 80 -24.20 -20.08 34.44
N ALA FA 81 -23.63 -20.49 35.57
CA ALA FA 81 -24.17 -21.65 36.27
C ALA FA 81 -25.63 -21.41 36.68
N LEU FA 82 -25.91 -20.22 37.23
CA LEU FA 82 -27.27 -19.91 37.63
C LEU FA 82 -28.22 -19.83 36.44
N SER FA 83 -27.72 -19.41 35.28
CA SER FA 83 -28.56 -19.42 34.08
C SER FA 83 -28.97 -20.85 33.71
N GLU FA 84 -28.03 -21.78 33.80
CA GLU FA 84 -28.37 -23.17 33.53
C GLU FA 84 -29.40 -23.69 34.54
N ILE FA 85 -29.21 -23.35 35.82
CA ILE FA 85 -30.18 -23.75 36.85
C ILE FA 85 -31.56 -23.16 36.54
N ASN FA 86 -31.59 -21.91 36.07
CA ASN FA 86 -32.85 -21.27 35.72
C ASN FA 86 -33.54 -22.00 34.59
N ASN FA 87 -32.79 -22.40 33.57
CA ASN FA 87 -33.37 -23.14 32.46
C ASN FA 87 -33.99 -24.44 32.94
N ASN FA 88 -33.27 -25.16 33.81
CA ASN FA 88 -33.82 -26.40 34.35
C ASN FA 88 -35.09 -26.13 35.15
N LEU FA 89 -35.10 -25.06 35.94
CA LEU FA 89 -36.29 -24.73 36.72
C LEU FA 89 -37.48 -24.42 35.83
N GLN FA 90 -37.25 -23.68 34.74
CA GLN FA 90 -38.34 -23.36 33.82
C GLN FA 90 -38.91 -24.62 33.18
N ARG FA 91 -38.03 -25.54 32.79
CA ARG FA 91 -38.51 -26.81 32.23
C ARG FA 91 -39.34 -27.58 33.26
N VAL FA 92 -38.89 -27.61 34.51
CA VAL FA 92 -39.63 -28.29 35.56
C VAL FA 92 -40.99 -27.64 35.77
N ARG FA 93 -41.04 -26.31 35.68
CA ARG FA 93 -42.31 -25.62 35.82
C ARG FA 93 -43.27 -26.00 34.71
N GLU FA 94 -42.78 -26.08 33.47
CA GLU FA 94 -43.65 -26.53 32.38
C GLU FA 94 -44.21 -27.90 32.72
N LEU FA 95 -43.34 -28.80 33.19
CA LEU FA 95 -43.73 -30.17 33.47
C LEU FA 95 -44.80 -30.22 34.56
N THR FA 96 -44.66 -29.40 35.59
CA THR FA 96 -45.67 -29.37 36.65
C THR FA 96 -47.00 -28.84 36.12
N VAL FA 97 -46.96 -27.79 35.30
CA VAL FA 97 -48.19 -27.27 34.71
C VAL FA 97 -48.88 -28.35 33.90
N GLN FA 98 -48.11 -29.15 33.15
CA GLN FA 98 -48.69 -30.23 32.37
C GLN FA 98 -49.22 -31.34 33.26
N ALA FA 99 -48.55 -31.62 34.37
CA ALA FA 99 -48.91 -32.76 35.22
C ALA FA 99 -50.14 -32.47 36.08
N THR FA 100 -50.37 -31.21 36.43
CA THR FA 100 -51.50 -30.91 37.30
C THR FA 100 -52.81 -30.87 36.53
N THR FA 101 -53.11 -31.94 35.77
CA THR FA 101 -54.32 -32.03 34.98
C THR FA 101 -54.97 -33.38 35.21
N GLY FA 102 -56.30 -33.41 35.24
CA GLY FA 102 -57.02 -34.63 35.51
C GLY FA 102 -57.03 -35.64 34.37
N THR FA 103 -56.75 -35.20 33.16
CA THR FA 103 -56.73 -36.12 32.02
C THR FA 103 -55.57 -37.11 32.11
N ASN FA 104 -54.45 -36.69 32.71
CA ASN FA 104 -53.28 -37.56 32.78
C ASN FA 104 -53.57 -38.80 33.64
N SER FA 105 -53.07 -39.94 33.18
CA SER FA 105 -53.22 -41.18 33.93
C SER FA 105 -52.08 -41.28 34.94
N GLU FA 106 -51.99 -42.44 35.62
CA GLU FA 106 -50.94 -42.62 36.63
C GLU FA 106 -49.58 -42.84 35.98
N SER FA 107 -49.52 -43.58 34.88
CA SER FA 107 -48.25 -43.81 34.21
C SER FA 107 -47.69 -42.52 33.62
N ASP FA 108 -48.56 -41.67 33.09
CA ASP FA 108 -48.12 -40.37 32.58
C ASP FA 108 -47.53 -39.52 33.69
N LEU FA 109 -48.19 -39.50 34.85
CA LEU FA 109 -47.63 -38.78 36.00
C LEU FA 109 -46.30 -39.38 36.43
N SER FA 110 -46.18 -40.71 36.36
CA SER FA 110 -44.92 -41.36 36.69
C SER FA 110 -43.81 -40.90 35.77
N SER FA 111 -44.08 -40.85 34.47
CA SER FA 111 -43.06 -40.38 33.52
C SER FA 111 -42.69 -38.92 33.77
N ILE FA 112 -43.70 -38.09 34.03
CA ILE FA 112 -43.44 -36.67 34.29
C ILE FA 112 -42.59 -36.52 35.54
N GLN FA 113 -42.90 -37.28 36.59
CA GLN FA 113 -42.12 -37.22 37.82
C GLN FA 113 -40.71 -37.74 37.60
N ASP FA 114 -40.55 -38.76 36.75
CA ASP FA 114 -39.21 -39.26 36.44
C ASP FA 114 -38.38 -38.15 35.82
N GLU FA 115 -38.93 -37.47 34.81
CA GLU FA 115 -38.18 -36.39 34.16
C GLU FA 115 -37.90 -35.25 35.15
N ILE FA 116 -38.88 -34.92 35.99
CA ILE FA 116 -38.70 -33.83 36.95
C ILE FA 116 -37.60 -34.17 37.93
N LYS FA 117 -37.58 -35.41 38.43
CA LYS FA 117 -36.53 -35.83 39.36
C LYS FA 117 -35.17 -35.84 38.68
N SER FA 118 -35.12 -36.25 37.42
CA SER FA 118 -33.85 -36.20 36.68
C SER FA 118 -33.33 -34.77 36.60
N ARG FA 119 -34.22 -33.83 36.32
CA ARG FA 119 -33.78 -32.44 36.21
C ARG FA 119 -33.41 -31.84 37.56
N LEU FA 120 -34.12 -32.23 38.63
CA LEU FA 120 -33.72 -31.79 39.96
C LEU FA 120 -32.34 -32.33 40.32
N ASP FA 121 -32.07 -33.59 39.98
CA ASP FA 121 -30.75 -34.16 40.20
C ASP FA 121 -29.70 -33.42 39.37
N GLU FA 122 -30.06 -33.02 38.16
CA GLU FA 122 -29.14 -32.20 37.35
C GLU FA 122 -28.86 -30.87 38.03
N ILE FA 123 -29.87 -30.25 38.62
CA ILE FA 123 -29.67 -28.99 39.34
C ILE FA 123 -28.70 -29.21 40.50
N ASP FA 124 -28.91 -30.28 41.25
CA ASP FA 124 -28.01 -30.59 42.37
C ASP FA 124 -26.58 -30.84 41.88
N ARG FA 125 -26.44 -31.54 40.76
CA ARG FA 125 -25.12 -31.81 40.20
C ARG FA 125 -24.45 -30.52 39.77
N VAL FA 126 -25.18 -29.63 39.11
CA VAL FA 126 -24.59 -28.34 38.71
C VAL FA 126 -24.17 -27.56 39.94
N SER FA 127 -24.97 -27.61 41.00
CA SER FA 127 -24.62 -26.90 42.23
C SER FA 127 -23.33 -27.45 42.83
N GLY FA 128 -23.26 -28.76 43.03
CA GLY FA 128 -22.11 -29.33 43.71
C GLY FA 128 -20.84 -29.32 42.88
N GLN FA 129 -20.97 -29.68 41.60
CA GLN FA 129 -19.79 -29.98 40.80
C GLN FA 129 -19.07 -28.72 40.34
N THR FA 130 -19.80 -27.62 40.14
CA THR FA 130 -19.24 -26.40 39.57
C THR FA 130 -18.27 -25.76 40.55
N GLN FA 131 -16.98 -25.90 40.26
CA GLN FA 131 -15.91 -25.36 41.10
C GLN FA 131 -15.03 -24.43 40.28
N PHE FA 132 -14.61 -23.33 40.90
CA PHE FA 132 -13.74 -22.34 40.25
C PHE FA 132 -12.49 -22.17 41.09
N ASN FA 133 -11.33 -22.48 40.49
CA ASN FA 133 -10.03 -22.27 41.12
C ASN FA 133 -9.98 -22.83 42.53
N GLY FA 134 -10.46 -24.07 42.67
CA GLY FA 134 -10.53 -24.69 43.98
C GLY FA 134 -11.52 -24.05 44.92
N VAL FA 135 -12.64 -23.54 44.40
CA VAL FA 135 -13.68 -22.95 45.21
C VAL FA 135 -15.03 -23.42 44.67
N ASN FA 136 -15.77 -24.16 45.48
CA ASN FA 136 -17.13 -24.58 45.11
C ASN FA 136 -18.07 -23.42 45.43
N VAL FA 137 -18.31 -22.59 44.42
CA VAL FA 137 -19.06 -21.35 44.64
C VAL FA 137 -20.50 -21.65 45.06
N LEU FA 138 -21.17 -22.55 44.33
CA LEU FA 138 -22.57 -22.88 44.62
C LEU FA 138 -22.67 -24.10 45.53
N ALA FA 139 -21.97 -24.07 46.67
CA ALA FA 139 -22.06 -25.18 47.61
C ALA FA 139 -22.17 -24.76 49.07
N LYS FA 140 -22.02 -23.48 49.39
CA LYS FA 140 -22.08 -23.03 50.78
C LYS FA 140 -22.19 -21.51 50.79
N ASN FA 141 -22.88 -21.00 51.81
CA ASN FA 141 -22.98 -19.56 51.99
C ASN FA 141 -21.62 -19.01 52.42
N GLY FA 142 -21.20 -17.93 51.77
CA GLY FA 142 -19.91 -17.35 52.09
C GLY FA 142 -19.75 -16.00 51.43
N SER FA 143 -18.52 -15.50 51.46
CA SER FA 143 -18.22 -14.20 50.88
C SER FA 143 -16.74 -14.13 50.53
N MET FA 144 -16.43 -13.37 49.49
CA MET FA 144 -15.07 -13.12 49.05
C MET FA 144 -14.75 -11.64 49.16
N LYS FA 145 -13.51 -11.33 49.50
CA LYS FA 145 -13.05 -9.96 49.65
C LYS FA 145 -11.96 -9.70 48.62
N ILE FA 146 -12.17 -8.70 47.77
CA ILE FA 146 -11.28 -8.41 46.66
C ILE FA 146 -10.56 -7.10 46.95
N GLN FA 147 -9.23 -7.17 47.02
CA GLN FA 147 -8.42 -5.98 47.26
C GLN FA 147 -8.44 -5.10 46.02
N VAL FA 148 -9.18 -4.00 46.09
CA VAL FA 148 -9.28 -3.06 44.97
C VAL FA 148 -8.65 -1.74 45.35
N GLY FA 149 -7.65 -1.78 46.23
CA GLY FA 149 -6.96 -0.59 46.66
C GLY FA 149 -5.50 -0.83 46.95
N ALA FA 150 -4.81 0.20 47.44
CA ALA FA 150 -3.38 0.09 47.74
C ALA FA 150 -3.10 -0.21 49.21
N ASN FA 151 -3.93 0.29 50.12
CA ASN FA 151 -3.73 0.08 51.55
C ASN FA 151 -4.58 -1.10 52.03
N ASP FA 152 -4.61 -1.30 53.34
CA ASP FA 152 -5.40 -2.38 53.93
C ASP FA 152 -6.86 -2.00 54.04
N ASN FA 153 -7.71 -3.02 54.12
CA ASN FA 153 -9.16 -2.86 54.26
C ASN FA 153 -9.70 -1.97 53.15
N GLN FA 154 -9.42 -2.37 51.91
CA GLN FA 154 -9.81 -1.66 50.70
C GLN FA 154 -10.55 -2.62 49.77
N THR FA 155 -11.50 -3.36 50.31
CA THR FA 155 -12.06 -4.53 49.64
C THR FA 155 -13.52 -4.32 49.24
N ILE FA 156 -13.90 -4.96 48.13
CA ILE FA 156 -15.28 -5.09 47.71
C ILE FA 156 -15.71 -6.53 47.94
N THR FA 157 -16.85 -6.72 48.58
CA THR FA 157 -17.30 -8.04 49.01
C THR FA 157 -18.31 -8.63 48.03
N ILE FA 158 -18.04 -9.85 47.57
CA ILE FA 158 -19.00 -10.63 46.80
C ILE FA 158 -19.67 -11.62 47.73
N ASP FA 159 -20.99 -11.72 47.65
CA ASP FA 159 -21.75 -12.67 48.45
C ASP FA 159 -22.10 -13.89 47.62
N LEU FA 160 -22.00 -15.07 48.23
CA LEU FA 160 -22.28 -16.33 47.57
C LEU FA 160 -23.30 -17.10 48.40
N LYS FA 161 -24.41 -17.49 47.77
CA LYS FA 161 -25.48 -18.20 48.42
C LYS FA 161 -25.50 -19.65 47.92
N GLN FA 162 -25.60 -20.58 48.86
CA GLN FA 162 -25.74 -21.99 48.50
C GLN FA 162 -27.07 -22.24 47.81
N ILE FA 163 -27.01 -22.63 46.55
CA ILE FA 163 -28.20 -22.87 45.73
C ILE FA 163 -28.25 -24.35 45.41
N ASP FA 164 -29.27 -25.04 45.92
CA ASP FA 164 -29.48 -26.45 45.64
C ASP FA 164 -30.91 -26.80 46.04
N ALA FA 165 -31.28 -28.07 45.85
CA ALA FA 165 -32.65 -28.49 46.08
C ALA FA 165 -33.07 -28.27 47.53
N LYS FA 166 -32.18 -28.60 48.49
CA LYS FA 166 -32.53 -28.45 49.89
C LYS FA 166 -32.76 -26.98 50.26
N THR FA 167 -31.92 -26.09 49.75
CA THR FA 167 -32.00 -24.68 50.08
C THR FA 167 -32.93 -23.90 49.16
N LEU FA 168 -33.70 -24.59 48.33
CA LEU FA 168 -34.67 -23.95 47.46
C LEU FA 168 -36.10 -24.44 47.70
N GLY FA 169 -36.30 -25.34 48.66
CA GLY FA 169 -37.61 -25.89 48.92
C GLY FA 169 -38.00 -27.05 48.04
N LEU FA 170 -37.24 -27.32 46.98
CA LEU FA 170 -37.54 -28.45 46.09
C LEU FA 170 -36.78 -29.70 46.50
N ASP FA 171 -36.91 -30.05 47.78
CA ASP FA 171 -36.33 -31.27 48.34
C ASP FA 171 -37.47 -32.21 48.70
N GLY FA 172 -37.68 -33.22 47.87
CA GLY FA 172 -38.85 -34.07 47.96
C GLY FA 172 -39.98 -33.66 47.05
N PHE FA 173 -39.74 -32.76 46.10
CA PHE FA 173 -40.76 -32.27 45.18
C PHE FA 173 -41.26 -33.41 44.28
N SER FA 174 -42.50 -33.83 44.51
CA SER FA 174 -43.08 -34.93 43.74
C SER FA 174 -44.46 -34.51 43.24
N VAL FA 175 -44.86 -35.10 42.11
CA VAL FA 175 -46.16 -34.81 41.52
C VAL FA 175 -46.92 -36.11 41.31
N LYS FA 176 -46.61 -37.13 42.11
CA LYS FA 176 -47.27 -38.42 42.00
C LYS FA 176 -47.37 -39.04 43.39
N ASN FA 177 -48.25 -40.03 43.50
CA ASN FA 177 -48.47 -40.71 44.77
C ASN FA 177 -47.67 -41.99 44.87
N THR FA 407 -47.14 -33.34 46.78
CA THR FA 407 -46.71 -32.00 47.13
C THR FA 407 -47.84 -31.00 46.96
N THR FA 408 -48.07 -30.17 47.98
CA THR FA 408 -49.12 -29.16 47.94
C THR FA 408 -48.58 -27.84 47.39
N ASP FA 409 -49.38 -27.18 46.56
CA ASP FA 409 -49.03 -25.93 45.93
C ASP FA 409 -47.66 -25.98 45.25
N PRO FA 410 -47.48 -26.83 44.24
CA PRO FA 410 -46.16 -26.94 43.61
C PRO FA 410 -45.73 -25.68 42.87
N LEU FA 411 -46.66 -25.05 42.15
CA LEU FA 411 -46.32 -23.90 41.32
C LEU FA 411 -45.81 -22.73 42.15
N LYS FA 412 -46.42 -22.52 43.32
CA LYS FA 412 -45.97 -21.44 44.20
C LYS FA 412 -44.54 -21.70 44.66
N ALA FA 413 -44.22 -22.93 45.02
CA ALA FA 413 -42.86 -23.26 45.44
C ALA FA 413 -41.87 -23.06 44.30
N LEU FA 414 -42.25 -23.47 43.08
CA LEU FA 414 -41.37 -23.28 41.94
C LEU FA 414 -41.12 -21.80 41.67
N ASP FA 415 -42.18 -20.99 41.75
CA ASP FA 415 -42.01 -19.55 41.55
C ASP FA 415 -41.12 -18.96 42.64
N ASP FA 416 -41.27 -19.42 43.88
CA ASP FA 416 -40.43 -18.93 44.96
C ASP FA 416 -38.97 -19.27 44.70
N ALA FA 417 -38.69 -20.50 44.26
CA ALA FA 417 -37.31 -20.87 43.95
C ALA FA 417 -36.73 -20.06 42.80
N ILE FA 418 -37.55 -19.82 41.77
CA ILE FA 418 -37.09 -19.04 40.63
C ILE FA 418 -36.74 -17.62 41.05
N ALA FA 419 -37.59 -17.02 41.89
CA ALA FA 419 -37.28 -15.68 42.39
C ALA FA 419 -36.05 -15.68 43.28
N SER FA 420 -35.86 -16.76 44.05
CA SER FA 420 -34.72 -16.83 44.96
C SER FA 420 -33.41 -16.94 44.19
N VAL FA 421 -33.39 -17.62 43.06
CA VAL FA 421 -32.16 -17.65 42.26
C VAL FA 421 -32.01 -16.36 41.45
N ASP FA 422 -33.11 -15.73 41.05
CA ASP FA 422 -33.02 -14.46 40.33
C ASP FA 422 -32.45 -13.37 41.21
N LYS FA 423 -32.75 -13.37 42.51
CA LYS FA 423 -32.14 -12.41 43.42
C LYS FA 423 -30.62 -12.52 43.42
N PHE FA 424 -30.11 -13.75 43.51
CA PHE FA 424 -28.67 -13.96 43.50
C PHE FA 424 -28.06 -13.52 42.17
N ARG FA 425 -28.76 -13.81 41.06
CA ARG FA 425 -28.26 -13.40 39.75
C ARG FA 425 -28.15 -11.88 39.67
N SER FA 426 -29.18 -11.17 40.11
CA SER FA 426 -29.17 -9.71 40.07
C SER FA 426 -28.06 -9.15 40.95
N SER FA 427 -27.85 -9.75 42.13
CA SER FA 427 -26.78 -9.29 43.01
C SER FA 427 -25.42 -9.46 42.34
N LEU FA 428 -25.21 -10.61 41.69
CA LEU FA 428 -23.94 -10.83 40.99
C LEU FA 428 -23.74 -9.81 39.88
N GLY FA 429 -24.79 -9.51 39.11
CA GLY FA 429 -24.65 -8.52 38.06
C GLY FA 429 -24.32 -7.14 38.59
N ALA FA 430 -24.97 -6.74 39.68
CA ALA FA 430 -24.65 -5.46 40.29
C ALA FA 430 -23.20 -5.43 40.74
N VAL FA 431 -22.72 -6.51 41.34
CA VAL FA 431 -21.33 -6.56 41.78
C VAL FA 431 -20.37 -6.47 40.60
N GLN FA 432 -20.75 -7.09 39.47
CA GLN FA 432 -19.93 -6.98 38.27
C GLN FA 432 -19.79 -5.53 37.83
N ASN FA 433 -20.91 -4.81 37.80
CA ASN FA 433 -20.84 -3.39 37.46
C ASN FA 433 -19.98 -2.63 38.46
N ARG FA 434 -20.09 -2.98 39.75
CA ARG FA 434 -19.31 -2.34 40.79
C ARG FA 434 -17.81 -2.48 40.52
N LEU FA 435 -17.37 -3.71 40.26
CA LEU FA 435 -15.95 -3.95 40.01
C LEU FA 435 -15.49 -3.29 38.72
N ASP FA 436 -16.34 -3.25 37.71
CA ASP FA 436 -15.97 -2.57 36.47
C ASP FA 436 -15.69 -1.10 36.73
N SER FA 437 -16.56 -0.45 37.50
CA SER FA 437 -16.33 0.94 37.86
C SER FA 437 -15.04 1.10 38.65
N ALA FA 438 -14.76 0.15 39.55
CA ALA FA 438 -13.54 0.22 40.34
C ALA FA 438 -12.29 0.17 39.46
N VAL FA 439 -12.29 -0.74 38.49
CA VAL FA 439 -11.15 -0.84 37.57
C VAL FA 439 -11.00 0.44 36.77
N THR FA 440 -12.12 0.99 36.30
CA THR FA 440 -12.07 2.26 35.57
C THR FA 440 -11.44 3.35 36.41
N ASN FA 441 -11.77 3.38 37.71
CA ASN FA 441 -11.14 4.35 38.61
C ASN FA 441 -9.64 4.11 38.71
N LEU FA 442 -9.25 2.85 38.88
CA LEU FA 442 -7.86 2.53 39.16
C LEU FA 442 -6.96 2.89 37.98
N ASN FA 443 -7.41 2.63 36.74
CA ASN FA 443 -6.57 2.95 35.59
C ASN FA 443 -6.28 4.46 35.52
N ASN FA 444 -7.31 5.28 35.68
CA ASN FA 444 -7.11 6.73 35.62
C ASN FA 444 -6.22 7.22 36.75
N THR FA 445 -6.44 6.70 37.97
CA THR FA 445 -5.61 7.13 39.09
C THR FA 445 -4.15 6.75 38.86
N THR FA 446 -3.91 5.54 38.36
CA THR FA 446 -2.54 5.12 38.07
C THR FA 446 -1.90 6.01 37.02
N THR FA 447 -2.65 6.36 35.97
CA THR FA 447 -2.10 7.23 34.94
C THR FA 447 -1.72 8.61 35.50
N ASN FA 448 -2.60 9.18 36.32
CA ASN FA 448 -2.32 10.50 36.90
C ASN FA 448 -1.11 10.44 37.82
N LEU FA 449 -1.01 9.40 38.65
CA LEU FA 449 0.14 9.26 39.53
C LEU FA 449 1.43 9.08 38.73
N SER FA 450 1.35 8.34 37.63
CA SER FA 450 2.52 8.18 36.76
C SER FA 450 2.95 9.51 36.19
N GLU FA 451 1.99 10.33 35.77
CA GLU FA 451 2.33 11.66 35.25
C GLU FA 451 3.01 12.51 36.33
N ALA FA 452 2.48 12.45 37.56
CA ALA FA 452 3.09 13.23 38.65
C ALA FA 452 4.51 12.77 38.92
N GLN FA 453 4.73 11.45 38.98
CA GLN FA 453 6.08 10.95 39.21
C GLN FA 453 7.01 11.34 38.08
N SER FA 454 6.49 11.40 36.85
CA SER FA 454 7.28 11.88 35.73
C SER FA 454 7.67 13.33 35.92
N ARG FA 455 6.73 14.17 36.38
CA ARG FA 455 7.05 15.56 36.66
C ARG FA 455 7.96 15.73 37.86
N ILE FA 456 8.19 14.67 38.62
CA ILE FA 456 9.03 14.81 39.82
C ILE FA 456 10.44 14.29 39.57
N GLN FA 457 10.59 13.04 39.13
CA GLN FA 457 11.89 12.38 39.17
C GLN FA 457 12.67 12.44 37.86
N ASP FA 458 11.99 12.51 36.72
CA ASP FA 458 12.70 12.47 35.44
C ASP FA 458 13.42 13.78 35.13
N ALA FA 459 14.38 13.70 34.22
CA ALA FA 459 15.20 14.83 33.81
C ALA FA 459 14.79 15.34 32.44
N ASP FA 460 15.06 16.63 32.22
CA ASP FA 460 14.75 17.31 30.96
C ASP FA 460 15.99 17.30 30.09
N TYR FA 461 15.92 16.59 28.95
CA TYR FA 461 17.13 16.31 28.19
C TYR FA 461 17.74 17.55 27.55
N ALA FA 462 16.91 18.53 27.15
CA ALA FA 462 17.48 19.75 26.57
C ALA FA 462 18.38 20.45 27.59
N THR FA 463 17.89 20.62 28.81
CA THR FA 463 18.67 21.27 29.84
C THR FA 463 19.95 20.49 30.15
N GLU FA 464 19.85 19.17 30.22
CA GLU FA 464 21.02 18.36 30.55
C GLU FA 464 22.07 18.43 29.45
N VAL FA 465 21.63 18.40 28.19
CA VAL FA 465 22.57 18.53 27.08
C VAL FA 465 23.26 19.89 27.11
N SER FA 466 22.48 20.94 27.37
CA SER FA 466 23.09 22.27 27.46
C SER FA 466 24.12 22.34 28.58
N ASN FA 467 23.79 21.77 29.74
CA ASN FA 467 24.72 21.77 30.86
C ASN FA 467 25.98 20.99 30.52
N MET FA 468 25.84 19.83 29.88
CA MET FA 468 27.01 19.05 29.49
C MET FA 468 27.91 19.83 28.54
N SER FA 469 27.30 20.46 27.53
CA SER FA 469 28.10 21.24 26.58
C SER FA 469 28.82 22.38 27.29
N LYS FA 470 28.11 23.09 28.17
CA LYS FA 470 28.72 24.19 28.91
C LYS FA 470 29.90 23.69 29.74
N ALA FA 471 29.72 22.57 30.44
CA ALA FA 471 30.79 22.03 31.28
C ALA FA 471 31.99 21.61 30.43
N GLN FA 472 31.74 21.00 29.27
CA GLN FA 472 32.83 20.58 28.40
C GLN FA 472 33.62 21.78 27.91
N ILE FA 473 32.93 22.83 27.48
CA ILE FA 473 33.64 24.01 26.98
C ILE FA 473 34.42 24.68 28.12
N ILE FA 474 33.83 24.74 29.30
CA ILE FA 474 34.53 25.32 30.45
C ILE FA 474 35.79 24.52 30.74
N GLN FA 475 35.68 23.19 30.72
CA GLN FA 475 36.85 22.36 31.01
C GLN FA 475 37.96 22.60 29.99
N GLN FA 476 37.62 22.60 28.70
CA GLN FA 476 38.65 22.78 27.68
C GLN FA 476 39.30 24.16 27.77
N ALA FA 477 38.49 25.21 27.93
CA ALA FA 477 39.03 26.55 28.04
C ALA FA 477 39.93 26.69 29.27
N GLY FA 478 39.45 26.21 30.41
CA GLY FA 478 40.25 26.28 31.61
C GLY FA 478 41.55 25.52 31.50
N ASN FA 479 41.52 24.39 30.78
CA ASN FA 479 42.74 23.60 30.67
C ASN FA 479 43.75 24.28 29.75
N SER FA 480 43.27 24.93 28.69
CA SER FA 480 44.18 25.71 27.84
C SER FA 480 44.80 26.86 28.63
N VAL FA 481 43.99 27.56 29.43
CA VAL FA 481 44.53 28.64 30.25
C VAL FA 481 45.51 28.09 31.29
N LEU FA 482 45.25 26.88 31.79
CA LEU FA 482 46.19 26.23 32.70
C LEU FA 482 47.53 25.98 32.02
N ALA FA 483 47.49 25.54 30.76
CA ALA FA 483 48.73 25.36 30.02
C ALA FA 483 49.48 26.67 29.88
N LYS FA 484 48.76 27.75 29.58
CA LYS FA 484 49.42 29.06 29.49
C LYS FA 484 50.04 29.47 30.83
N ALA FA 485 49.30 29.27 31.92
CA ALA FA 485 49.82 29.62 33.23
C ALA FA 485 51.05 28.80 33.59
N ASN FA 486 51.05 27.52 33.23
CA ASN FA 486 52.23 26.69 33.45
C ASN FA 486 53.41 27.16 32.61
N GLN FA 487 53.15 27.68 31.40
CA GLN FA 487 54.22 28.23 30.59
C GLN FA 487 54.72 29.58 31.10
N VAL FA 488 53.94 30.26 31.93
CA VAL FA 488 54.32 31.60 32.40
C VAL FA 488 55.71 31.65 33.06
N PRO FA 489 56.04 30.78 34.04
CA PRO FA 489 57.26 31.03 34.86
C PRO FA 489 58.59 31.02 34.12
N GLN FA 490 58.59 30.87 32.79
CA GLN FA 490 59.85 30.60 32.09
C GLN FA 490 60.77 31.82 32.03
N GLN FA 491 60.23 33.04 32.03
CA GLN FA 491 61.08 34.21 31.76
C GLN FA 491 62.14 34.43 32.84
N VAL FA 492 62.00 33.81 34.01
CA VAL FA 492 63.05 33.91 35.01
C VAL FA 492 64.32 33.24 34.50
N LEU FA 493 64.18 32.16 33.73
CA LEU FA 493 65.36 31.54 33.12
C LEU FA 493 66.03 32.50 32.15
N SER FA 494 65.25 33.24 31.37
CA SER FA 494 65.83 34.24 30.48
C SER FA 494 66.55 35.32 31.27
N LEU FA 495 65.95 35.76 32.38
CA LEU FA 495 66.59 36.76 33.22
C LEU FA 495 67.93 36.26 33.75
N LEU FA 496 67.96 35.00 34.19
CA LEU FA 496 69.20 34.43 34.73
C LEU FA 496 70.26 34.30 33.64
N GLN FA 497 69.88 33.76 32.48
CA GLN FA 497 70.85 33.54 31.42
C GLN FA 497 71.41 34.87 30.89
N GLY FA 498 70.54 35.85 30.70
CA GLY FA 498 70.96 37.13 30.17
C GLY FA 498 70.53 37.33 28.73
N GLN GA 3 -18.96 -25.67 12.87
CA GLN GA 3 -18.79 -25.09 11.54
C GLN GA 3 -18.48 -26.18 10.52
N VAL GA 4 -18.37 -27.41 11.02
CA VAL GA 4 -17.83 -28.55 10.29
C VAL GA 4 -18.44 -28.69 8.90
N ILE GA 5 -17.57 -28.80 7.88
CA ILE GA 5 -17.97 -28.96 6.50
C ILE GA 5 -17.55 -30.31 5.94
N ASN GA 6 -17.03 -31.19 6.77
CA ASN GA 6 -16.74 -32.56 6.37
C ASN GA 6 -17.89 -33.51 6.65
N THR GA 7 -18.92 -33.04 7.35
CA THR GA 7 -20.10 -33.84 7.66
C THR GA 7 -21.30 -32.90 7.79
N ASN GA 8 -22.42 -33.30 7.21
CA ASN GA 8 -23.60 -32.43 7.11
C ASN GA 8 -24.79 -33.08 7.80
N SER GA 9 -24.59 -33.54 9.03
CA SER GA 9 -25.56 -34.32 9.81
C SER GA 9 -27.01 -33.92 9.57
N LEU GA 10 -27.28 -32.62 9.50
CA LEU GA 10 -28.63 -32.14 9.17
C LEU GA 10 -29.12 -32.78 7.87
N SER GA 11 -28.27 -32.80 6.85
CA SER GA 11 -28.65 -33.42 5.59
C SER GA 11 -28.93 -34.91 5.77
N LEU GA 12 -28.13 -35.59 6.59
CA LEU GA 12 -28.36 -37.01 6.82
C LEU GA 12 -29.72 -37.25 7.47
N ILE GA 13 -30.07 -36.44 8.47
CA ILE GA 13 -31.38 -36.58 9.12
C ILE GA 13 -32.50 -36.33 8.12
N THR GA 14 -32.36 -35.29 7.30
CA THR GA 14 -33.41 -34.97 6.33
C THR GA 14 -33.58 -36.10 5.32
N GLN GA 15 -32.47 -36.66 4.83
CA GLN GA 15 -32.55 -37.78 3.90
C GLN GA 15 -33.19 -38.99 4.56
N ASN GA 16 -32.87 -39.24 5.82
CA ASN GA 16 -33.50 -40.36 6.53
C ASN GA 16 -35.00 -40.18 6.62
N ASN GA 17 -35.46 -38.96 6.94
CA ASN GA 17 -36.90 -38.71 7.01
C ASN GA 17 -37.56 -38.87 5.64
N ILE GA 18 -36.91 -38.39 4.58
CA ILE GA 18 -37.48 -38.54 3.24
C ILE GA 18 -37.58 -40.01 2.86
N ASN GA 19 -36.55 -40.79 3.17
CA ASN GA 19 -36.59 -42.22 2.89
C ASN GA 19 -37.71 -42.89 3.68
N LYS GA 20 -37.93 -42.46 4.92
CA LYS GA 20 -39.04 -43.00 5.70
C LYS GA 20 -40.38 -42.70 5.04
N ASN GA 21 -40.57 -41.48 4.56
CA ASN GA 21 -41.85 -41.11 3.96
C ASN GA 21 -42.08 -41.80 2.61
N GLN GA 22 -41.00 -42.15 1.91
CA GLN GA 22 -41.11 -42.80 0.61
C GLN GA 22 -41.99 -44.04 0.67
N SER GA 23 -41.86 -44.83 1.74
CA SER GA 23 -42.64 -46.06 1.84
C SER GA 23 -44.14 -45.76 1.89
N ALA GA 24 -44.53 -44.76 2.67
CA ALA GA 24 -45.95 -44.39 2.75
C ALA GA 24 -46.46 -43.90 1.40
N LEU GA 25 -45.66 -43.07 0.71
CA LEU GA 25 -46.06 -42.60 -0.61
C LEU GA 25 -46.27 -43.77 -1.57
N SER GA 26 -45.31 -44.69 -1.61
CA SER GA 26 -45.40 -45.83 -2.52
C SER GA 26 -46.61 -46.71 -2.19
N SER GA 27 -46.84 -46.95 -0.91
CA SER GA 27 -47.98 -47.77 -0.52
C SER GA 27 -49.30 -47.12 -0.92
N SER GA 28 -49.42 -45.81 -0.71
CA SER GA 28 -50.65 -45.11 -1.08
C SER GA 28 -50.88 -45.19 -2.59
N ILE GA 29 -49.83 -44.95 -3.38
CA ILE GA 29 -49.97 -44.97 -4.83
C ILE GA 29 -50.32 -46.37 -5.32
N GLU GA 30 -49.67 -47.39 -4.75
CA GLU GA 30 -50.01 -48.77 -5.07
C GLU GA 30 -51.48 -49.06 -4.78
N ARG GA 31 -51.94 -48.67 -3.60
CA ARG GA 31 -53.30 -49.00 -3.20
C ARG GA 31 -54.32 -48.30 -4.08
N LEU GA 32 -54.04 -47.04 -4.47
CA LEU GA 32 -54.96 -46.33 -5.35
C LEU GA 32 -54.98 -46.96 -6.74
N SER GA 33 -53.81 -47.36 -7.25
CA SER GA 33 -53.77 -47.93 -8.60
C SER GA 33 -54.46 -49.28 -8.66
N SER GA 34 -54.13 -50.18 -7.72
CA SER GA 34 -54.66 -51.54 -7.80
C SER GA 34 -56.12 -51.60 -7.39
N GLY GA 35 -56.49 -50.91 -6.31
CA GLY GA 35 -57.84 -50.95 -5.79
C GLY GA 35 -58.07 -51.92 -4.66
N LEU GA 36 -57.12 -52.82 -4.40
CA LEU GA 36 -57.22 -53.78 -3.31
C LEU GA 36 -56.27 -53.37 -2.18
N ARG GA 37 -56.77 -53.46 -0.95
CA ARG GA 37 -55.94 -53.07 0.20
C ARG GA 37 -54.78 -54.04 0.38
N ILE GA 38 -55.01 -55.33 0.17
CA ILE GA 38 -53.98 -56.35 0.34
C ILE GA 38 -53.45 -56.67 -1.06
N ASN GA 39 -52.40 -55.96 -1.45
CA ASN GA 39 -51.74 -56.21 -2.72
C ASN GA 39 -50.58 -57.19 -2.61
N SER GA 40 -50.22 -57.60 -1.39
CA SER GA 40 -49.10 -58.49 -1.17
C SER GA 40 -49.23 -59.10 0.20
N ALA GA 41 -48.43 -60.14 0.46
CA ALA GA 41 -48.43 -60.78 1.76
C ALA GA 41 -47.81 -59.89 2.83
N LYS GA 42 -47.03 -58.89 2.44
CA LYS GA 42 -46.45 -57.99 3.43
C LYS GA 42 -47.51 -57.14 4.12
N ASP GA 43 -48.63 -56.88 3.44
CA ASP GA 43 -49.66 -56.03 4.02
C ASP GA 43 -50.27 -56.66 5.27
N ASP GA 44 -51.07 -57.71 5.09
CA ASP GA 44 -51.65 -58.45 6.19
C ASP GA 44 -51.31 -59.94 6.14
N ALA GA 45 -51.70 -60.59 5.05
CA ALA GA 45 -51.52 -62.00 4.73
C ALA GA 45 -52.38 -62.93 5.56
N ALA GA 46 -52.88 -62.47 6.71
CA ALA GA 46 -53.97 -63.20 7.34
C ALA GA 46 -55.29 -62.82 6.69
N GLY GA 47 -55.49 -61.51 6.47
CA GLY GA 47 -56.57 -61.07 5.63
C GLY GA 47 -56.45 -61.64 4.22
N GLN GA 48 -55.22 -61.77 3.72
CA GLN GA 48 -55.05 -62.35 2.38
C GLN GA 48 -55.41 -63.82 2.35
N ALA GA 49 -55.03 -64.59 3.37
CA ALA GA 49 -55.43 -65.99 3.43
C ALA GA 49 -56.95 -66.13 3.52
N ILE GA 50 -57.56 -65.31 4.38
CA ILE GA 50 -59.01 -65.33 4.52
C ILE GA 50 -59.68 -64.96 3.20
N ALA GA 51 -59.13 -63.96 2.51
CA ALA GA 51 -59.68 -63.54 1.22
C ALA GA 51 -59.53 -64.64 0.16
N ASN GA 52 -58.40 -65.35 0.17
CA ASN GA 52 -58.23 -66.46 -0.76
C ASN GA 52 -59.28 -67.53 -0.52
N ARG GA 53 -59.50 -67.88 0.75
CA ARG GA 53 -60.53 -68.86 1.06
C ARG GA 53 -61.92 -68.36 0.66
N PHE GA 54 -62.20 -67.08 0.91
CA PHE GA 54 -63.49 -66.52 0.53
C PHE GA 54 -63.69 -66.55 -0.98
N THR GA 55 -62.64 -66.23 -1.74
CA THR GA 55 -62.72 -66.28 -3.20
C THR GA 55 -62.99 -67.70 -3.67
N SER GA 56 -62.32 -68.68 -3.06
CA SER GA 56 -62.56 -70.07 -3.42
C SER GA 56 -64.02 -70.44 -3.14
N ASN GA 57 -64.55 -70.01 -2.00
CA ASN GA 57 -65.95 -70.31 -1.69
C ASN GA 57 -66.90 -69.66 -2.68
N ILE GA 58 -66.64 -68.40 -3.05
CA ILE GA 58 -67.49 -67.72 -4.03
C ILE GA 58 -67.49 -68.46 -5.35
N LYS GA 59 -66.30 -68.83 -5.83
CA LYS GA 59 -66.19 -69.52 -7.10
C LYS GA 59 -66.94 -70.86 -7.05
N GLY GA 60 -66.74 -71.61 -5.97
CA GLY GA 60 -67.40 -72.90 -5.84
C GLY GA 60 -68.91 -72.78 -5.79
N LEU GA 61 -69.42 -71.82 -5.02
CA LEU GA 61 -70.87 -71.67 -4.89
C LEU GA 61 -71.51 -71.22 -6.20
N THR GA 62 -70.87 -70.28 -6.90
CA THR GA 62 -71.41 -69.85 -8.20
C THR GA 62 -71.44 -71.01 -9.18
N GLN GA 63 -70.35 -71.79 -9.24
CA GLN GA 63 -70.34 -72.95 -10.11
C GLN GA 63 -71.40 -73.96 -9.70
N ALA GA 64 -71.62 -74.11 -8.39
CA ALA GA 64 -72.63 -75.05 -7.91
C ALA GA 64 -74.03 -74.64 -8.34
N ALA GA 65 -74.35 -73.35 -8.27
CA ALA GA 65 -75.66 -72.91 -8.74
C ALA GA 65 -75.83 -73.11 -10.24
N ARG GA 66 -74.79 -72.75 -11.01
CA ARG GA 66 -74.82 -73.00 -12.44
C ARG GA 66 -75.06 -74.47 -12.73
N ASN GA 67 -74.42 -75.36 -11.96
CA ASN GA 67 -74.66 -76.78 -12.08
C ASN GA 67 -76.09 -77.15 -11.73
N ALA GA 68 -76.62 -76.55 -10.65
CA ALA GA 68 -77.94 -76.92 -10.15
C ALA GA 68 -79.03 -76.63 -11.18
N ASN GA 69 -78.85 -75.59 -11.99
CA ASN GA 69 -79.84 -75.31 -13.03
C ASN GA 69 -80.04 -76.51 -13.97
N ASP GA 70 -78.98 -77.31 -14.18
CA ASP GA 70 -79.07 -78.43 -15.11
C ASP GA 70 -80.08 -79.47 -14.65
N GLY GA 71 -80.12 -79.75 -13.34
CA GLY GA 71 -81.09 -80.70 -12.83
C GLY GA 71 -82.52 -80.25 -13.08
N ILE GA 72 -82.78 -78.95 -12.93
CA ILE GA 72 -84.09 -78.41 -13.24
C ILE GA 72 -84.42 -78.66 -14.71
N SER GA 73 -83.46 -78.41 -15.59
CA SER GA 73 -83.70 -78.64 -17.02
C SER GA 73 -84.03 -80.10 -17.29
N VAL GA 74 -83.27 -81.03 -16.71
CA VAL GA 74 -83.49 -82.46 -16.92
C VAL GA 74 -84.88 -82.85 -16.45
N ALA GA 75 -85.25 -82.39 -15.26
CA ALA GA 75 -86.55 -82.73 -14.70
C ALA GA 75 -87.68 -82.18 -15.57
N GLN GA 76 -87.52 -80.97 -16.10
CA GLN GA 76 -88.55 -80.41 -16.97
C GLN GA 76 -88.74 -81.26 -18.22
N THR GA 77 -87.63 -81.65 -18.87
CA THR GA 77 -87.73 -82.45 -20.08
C THR GA 77 -88.40 -83.80 -19.79
N THR GA 78 -87.97 -84.45 -18.71
CA THR GA 78 -88.53 -85.75 -18.35
C THR GA 78 -90.02 -85.62 -18.02
N GLU GA 79 -90.40 -84.54 -17.34
CA GLU GA 79 -91.81 -84.33 -17.01
C GLU GA 79 -92.65 -84.15 -18.27
N GLY GA 80 -92.13 -83.44 -19.26
CA GLY GA 80 -92.86 -83.32 -20.52
C GLY GA 80 -93.07 -84.68 -21.19
N ALA GA 81 -92.02 -85.49 -21.23
CA ALA GA 81 -92.17 -86.83 -21.80
C ALA GA 81 -93.20 -87.64 -21.04
N LEU GA 82 -93.17 -87.54 -19.71
CA LEU GA 82 -94.13 -88.27 -18.88
C LEU GA 82 -95.56 -87.80 -19.15
N SER GA 83 -95.75 -86.49 -19.37
CA SER GA 83 -97.07 -85.99 -19.68
C SER GA 83 -97.59 -86.58 -20.97
N GLU GA 84 -96.74 -86.66 -22.00
CA GLU GA 84 -97.17 -87.29 -23.25
C GLU GA 84 -97.55 -88.75 -23.02
N ILE GA 85 -96.74 -89.49 -22.26
CA ILE GA 85 -97.05 -90.88 -21.99
C ILE GA 85 -98.38 -91.01 -21.24
N ASN GA 86 -98.62 -90.12 -20.28
CA ASN GA 86 -99.87 -90.16 -19.53
C ASN GA 86 -101.07 -89.90 -20.42
N ASN GA 87 -100.95 -88.95 -21.36
CA ASN GA 87 -102.04 -88.70 -22.29
C ASN GA 87 -102.35 -89.94 -23.11
N ASN GA 88 -101.30 -90.61 -23.61
CA ASN GA 88 -101.52 -91.84 -24.36
C ASN GA 88 -102.19 -92.90 -23.50
N LEU GA 89 -101.79 -93.01 -22.23
CA LEU GA 89 -102.40 -93.99 -21.34
C LEU GA 89 -103.88 -93.69 -21.12
N GLN GA 90 -104.23 -92.41 -20.95
CA GLN GA 90 -105.63 -92.06 -20.77
C GLN GA 90 -106.46 -92.40 -22.00
N ARG GA 91 -105.92 -92.15 -23.19
CA ARG GA 91 -106.66 -92.51 -24.40
C ARG GA 91 -106.84 -94.03 -24.48
N VAL GA 92 -105.80 -94.78 -24.10
CA VAL GA 92 -105.92 -96.24 -24.08
C VAL GA 92 -107.01 -96.68 -23.12
N ARG GA 93 -107.08 -96.05 -21.95
CA ARG GA 93 -108.12 -96.39 -20.98
C ARG GA 93 -109.50 -96.10 -21.54
N GLU GA 94 -109.66 -94.95 -22.21
CA GLU GA 94 -110.95 -94.63 -22.81
C GLU GA 94 -111.35 -95.68 -23.85
N LEU GA 95 -110.40 -96.10 -24.69
CA LEU GA 95 -110.71 -97.11 -25.69
C LEU GA 95 -111.07 -98.44 -25.06
N THR GA 96 -110.40 -98.81 -23.97
CA THR GA 96 -110.75 -100.05 -23.28
C THR GA 96 -112.16 -99.97 -22.71
N VAL GA 97 -112.51 -98.83 -22.12
CA VAL GA 97 -113.87 -98.64 -21.62
C VAL GA 97 -114.88 -98.78 -22.74
N GLN GA 98 -114.56 -98.23 -23.92
CA GLN GA 98 -115.45 -98.37 -25.07
C GLN GA 98 -115.55 -99.83 -25.51
N ALA GA 99 -114.44 -100.56 -25.47
CA ALA GA 99 -114.40 -101.89 -26.07
C ALA GA 99 -114.96 -102.97 -25.15
N THR GA 100 -114.99 -102.76 -23.84
CA THR GA 100 -115.51 -103.77 -22.94
C THR GA 100 -117.04 -103.79 -22.94
N THR GA 101 -117.64 -103.97 -24.12
CA THR GA 101 -119.08 -104.01 -24.27
C THR GA 101 -119.45 -105.16 -25.20
N GLY GA 102 -120.60 -105.79 -24.91
CA GLY GA 102 -121.05 -106.91 -25.72
C GLY GA 102 -121.64 -106.52 -27.05
N THR GA 103 -121.96 -105.25 -27.24
CA THR GA 103 -122.54 -104.80 -28.51
C THR GA 103 -121.50 -104.81 -29.63
N ASN GA 104 -120.24 -104.58 -29.29
CA ASN GA 104 -119.19 -104.53 -30.30
C ASN GA 104 -119.03 -105.89 -30.97
N SER GA 105 -118.78 -105.87 -32.28
CA SER GA 105 -118.54 -107.07 -33.04
C SER GA 105 -117.06 -107.44 -33.00
N GLU GA 106 -116.69 -108.51 -33.71
CA GLU GA 106 -115.31 -108.96 -33.71
C GLU GA 106 -114.41 -107.98 -34.47
N SER GA 107 -114.88 -107.45 -35.59
CA SER GA 107 -114.07 -106.52 -36.38
C SER GA 107 -113.87 -105.20 -35.64
N ASP GA 108 -114.90 -104.74 -34.94
CA ASP GA 108 -114.75 -103.53 -34.14
C ASP GA 108 -113.72 -103.71 -33.04
N LEU GA 109 -113.77 -104.87 -32.36
CA LEU GA 109 -112.76 -105.17 -31.35
C LEU GA 109 -111.37 -105.24 -31.97
N SER GA 110 -111.27 -105.80 -33.19
CA SER GA 110 -109.99 -105.85 -33.87
C SER GA 110 -109.44 -104.46 -34.13
N SER GA 111 -110.30 -103.55 -34.61
CA SER GA 111 -109.86 -102.19 -34.87
C SER GA 111 -109.44 -101.48 -33.58
N ILE GA 112 -110.21 -101.66 -32.51
CA ILE GA 112 -109.87 -101.05 -31.24
C ILE GA 112 -108.54 -101.57 -30.74
N GLN GA 113 -108.32 -102.89 -30.86
CA GLN GA 113 -107.05 -103.47 -30.46
C GLN GA 113 -105.91 -102.93 -31.32
N ASP GA 114 -106.15 -102.74 -32.61
CA ASP GA 114 -105.12 -102.18 -33.48
C ASP GA 114 -104.70 -100.80 -33.00
N GLU GA 115 -105.68 -99.94 -32.71
CA GLU GA 115 -105.35 -98.58 -32.27
C GLU GA 115 -104.64 -98.62 -30.92
N ILE GA 116 -105.11 -99.48 -30.01
CA ILE GA 116 -104.50 -99.58 -28.69
C ILE GA 116 -103.06 -100.05 -28.79
N LYS GA 117 -102.81 -101.05 -29.64
CA LYS GA 117 -101.46 -101.54 -29.84
C LYS GA 117 -100.57 -100.47 -30.46
N SER GA 118 -101.12 -99.69 -31.39
CA SER GA 118 -100.35 -98.59 -31.97
C SER GA 118 -99.96 -97.58 -30.90
N ARG GA 119 -100.88 -97.24 -30.00
CA ARG GA 119 -100.55 -96.28 -28.94
C ARG GA 119 -99.58 -96.87 -27.93
N LEU GA 120 -99.69 -98.16 -27.64
CA LEU GA 120 -98.69 -98.81 -26.78
C LEU GA 120 -97.31 -98.76 -27.40
N ASP GA 121 -97.22 -99.02 -28.71
CA ASP GA 121 -95.95 -98.90 -29.41
C ASP GA 121 -95.43 -97.47 -29.36
N GLU GA 122 -96.32 -96.49 -29.49
CA GLU GA 122 -95.92 -95.09 -29.38
C GLU GA 122 -95.37 -94.79 -27.99
N ILE GA 123 -96.02 -95.34 -26.95
CA ILE GA 123 -95.54 -95.14 -25.58
C ILE GA 123 -94.13 -95.71 -25.43
N ASP GA 124 -93.93 -96.94 -25.93
CA ASP GA 124 -92.61 -97.56 -25.84
C ASP GA 124 -91.58 -96.76 -26.62
N ARG GA 125 -91.95 -96.24 -27.79
CA ARG GA 125 -91.04 -95.42 -28.57
C ARG GA 125 -90.63 -94.16 -27.83
N VAL GA 126 -91.61 -93.46 -27.25
CA VAL GA 126 -91.30 -92.24 -26.50
C VAL GA 126 -90.41 -92.56 -25.32
N SER GA 127 -90.67 -93.69 -24.65
CA SER GA 127 -89.83 -94.08 -23.52
C SER GA 127 -88.39 -94.33 -23.96
N GLY GA 128 -88.20 -95.15 -25.00
CA GLY GA 128 -86.86 -95.49 -25.42
C GLY GA 128 -86.09 -94.32 -26.01
N GLN GA 129 -86.74 -93.52 -26.85
CA GLN GA 129 -86.02 -92.55 -27.66
C GLN GA 129 -85.72 -91.25 -26.91
N THR GA 130 -86.52 -90.91 -25.90
CA THR GA 130 -86.34 -89.64 -25.20
C THR GA 130 -85.00 -89.65 -24.47
N GLN GA 131 -84.05 -88.85 -24.95
CA GLN GA 131 -82.71 -88.80 -24.41
C GLN GA 131 -82.27 -87.37 -24.18
N PHE GA 132 -81.55 -87.13 -23.09
CA PHE GA 132 -81.04 -85.81 -22.73
C PHE GA 132 -79.54 -85.90 -22.54
N ASN GA 133 -78.79 -85.08 -23.27
CA ASN GA 133 -77.34 -84.97 -23.13
C ASN GA 133 -76.67 -86.34 -23.16
N GLY GA 134 -77.08 -87.15 -24.14
CA GLY GA 134 -76.56 -88.49 -24.26
C GLY GA 134 -76.94 -89.41 -23.12
N VAL GA 135 -78.14 -89.23 -22.56
CA VAL GA 135 -78.63 -90.08 -21.48
C VAL GA 135 -80.09 -90.40 -21.76
N ASN GA 136 -80.39 -91.68 -21.98
CA ASN GA 136 -81.77 -92.14 -22.16
C ASN GA 136 -82.40 -92.23 -20.79
N VAL GA 137 -83.10 -91.17 -20.38
CA VAL GA 137 -83.62 -91.08 -19.02
C VAL GA 137 -84.66 -92.16 -18.76
N LEU GA 138 -85.60 -92.33 -19.69
CA LEU GA 138 -86.67 -93.32 -19.52
C LEU GA 138 -86.32 -94.65 -20.17
N ALA GA 139 -85.15 -95.20 -19.85
CA ALA GA 139 -84.76 -96.49 -20.40
C ALA GA 139 -84.09 -97.42 -19.40
N LYS GA 140 -83.84 -96.97 -18.17
CA LYS GA 140 -83.15 -97.80 -17.18
C LYS GA 140 -83.29 -97.17 -15.82
N ASN GA 141 -83.53 -97.99 -14.80
CA ASN GA 141 -83.51 -97.51 -13.43
C ASN GA 141 -82.12 -96.99 -13.07
N GLY GA 142 -82.08 -95.82 -12.46
CA GLY GA 142 -80.82 -95.23 -12.09
C GLY GA 142 -80.98 -94.11 -11.09
N SER GA 143 -79.87 -93.41 -10.83
CA SER GA 143 -79.85 -92.30 -9.89
C SER GA 143 -78.87 -91.25 -10.40
N MET GA 144 -79.26 -89.99 -10.27
CA MET GA 144 -78.49 -88.87 -10.80
C MET GA 144 -78.11 -87.94 -9.65
N LYS GA 145 -76.88 -87.42 -9.71
CA LYS GA 145 -76.31 -86.68 -8.59
C LYS GA 145 -75.91 -85.29 -9.07
N ILE GA 146 -76.46 -84.25 -8.44
CA ILE GA 146 -76.20 -82.88 -8.81
C ILE GA 146 -75.36 -82.22 -7.72
N GLN GA 147 -74.17 -81.75 -8.09
CA GLN GA 147 -73.30 -81.03 -7.16
C GLN GA 147 -73.89 -79.66 -6.88
N VAL GA 148 -74.42 -79.46 -5.67
CA VAL GA 148 -75.06 -78.20 -5.31
C VAL GA 148 -74.36 -77.59 -4.11
N GLY GA 149 -73.05 -77.84 -3.98
CA GLY GA 149 -72.28 -77.29 -2.88
C GLY GA 149 -70.86 -77.00 -3.32
N ALA GA 150 -70.09 -76.46 -2.38
CA ALA GA 150 -68.70 -76.08 -2.65
C ALA GA 150 -67.71 -77.20 -2.35
N ASN GA 151 -67.98 -78.00 -1.33
CA ASN GA 151 -67.11 -79.09 -0.93
C ASN GA 151 -67.50 -80.37 -1.66
N ASP GA 152 -66.95 -81.50 -1.22
CA ASP GA 152 -67.28 -82.78 -1.80
C ASP GA 152 -68.43 -83.43 -1.02
N ASN GA 153 -69.15 -84.32 -1.70
CA ASN GA 153 -70.35 -84.96 -1.15
C ASN GA 153 -71.38 -83.90 -0.74
N GLN GA 154 -71.72 -83.06 -1.71
CA GLN GA 154 -72.63 -81.93 -1.54
C GLN GA 154 -73.76 -82.01 -2.54
N THR GA 155 -74.37 -83.18 -2.68
CA THR GA 155 -75.20 -83.49 -3.83
C THR GA 155 -76.65 -83.72 -3.45
N ILE GA 156 -77.54 -83.42 -4.40
CA ILE GA 156 -78.95 -83.78 -4.34
C ILE GA 156 -79.19 -84.85 -5.39
N THR GA 157 -79.86 -85.92 -5.00
CA THR GA 157 -80.00 -87.11 -5.84
C THR GA 157 -81.31 -87.06 -6.61
N ILE GA 158 -81.23 -87.24 -7.93
CA ILE GA 158 -82.41 -87.40 -8.79
C ILE GA 158 -82.53 -88.87 -9.14
N ASP GA 159 -83.75 -89.40 -9.02
CA ASP GA 159 -84.02 -90.81 -9.27
C ASP GA 159 -84.75 -90.97 -10.60
N LEU GA 160 -84.40 -92.02 -11.33
CA LEU GA 160 -85.00 -92.31 -12.63
C LEU GA 160 -85.47 -93.75 -12.66
N LYS GA 161 -86.71 -93.95 -13.10
CA LYS GA 161 -87.30 -95.28 -13.21
C LYS GA 161 -87.53 -95.61 -14.68
N GLN GA 162 -87.16 -96.83 -15.08
CA GLN GA 162 -87.42 -97.29 -16.44
C GLN GA 162 -88.93 -97.48 -16.62
N ILE GA 163 -89.55 -96.62 -17.41
CA ILE GA 163 -90.99 -96.65 -17.64
C ILE GA 163 -91.21 -97.10 -19.07
N ASP GA 164 -91.84 -98.26 -19.24
CA ASP GA 164 -92.18 -98.78 -20.57
C ASP GA 164 -93.23 -99.86 -20.39
N ALA GA 165 -93.70 -100.38 -21.53
CA ALA GA 165 -94.78 -101.36 -21.51
C ALA GA 165 -94.46 -102.55 -20.62
N LYS GA 166 -93.19 -102.99 -20.62
CA LYS GA 166 -92.80 -104.12 -19.79
C LYS GA 166 -92.90 -103.79 -18.30
N THR GA 167 -92.50 -102.58 -17.92
CA THR GA 167 -92.43 -102.21 -16.52
C THR GA 167 -93.72 -101.57 -16.00
N LEU GA 168 -94.78 -101.55 -16.80
CA LEU GA 168 -96.09 -101.10 -16.33
C LEU GA 168 -97.12 -102.21 -16.36
N GLY GA 169 -96.74 -103.42 -16.74
CA GLY GA 169 -97.67 -104.52 -16.87
C GLY GA 169 -98.40 -104.58 -18.18
N LEU GA 170 -98.23 -103.60 -19.05
CA LEU GA 170 -98.90 -103.56 -20.35
C LEU GA 170 -98.05 -104.19 -21.45
N ASP GA 171 -97.57 -105.41 -21.20
CA ASP GA 171 -96.80 -106.17 -22.17
C ASP GA 171 -97.65 -107.36 -22.62
N GLY GA 172 -98.25 -107.23 -23.80
CA GLY GA 172 -99.19 -108.21 -24.28
C GLY GA 172 -100.64 -107.88 -24.01
N PHE GA 173 -100.96 -106.62 -23.69
CA PHE GA 173 -102.31 -106.21 -23.36
C PHE GA 173 -103.20 -106.35 -24.59
N SER GA 174 -104.21 -107.21 -24.51
CA SER GA 174 -105.10 -107.46 -25.64
C SER GA 174 -106.54 -107.40 -25.18
N VAL GA 175 -107.43 -107.05 -26.11
CA VAL GA 175 -108.86 -107.00 -25.84
C VAL GA 175 -109.58 -107.88 -26.85
N LYS GA 176 -108.85 -108.80 -27.47
CA LYS GA 176 -109.42 -109.70 -28.47
C LYS GA 176 -108.67 -111.02 -28.43
N ASN GA 177 -109.31 -112.05 -28.97
CA ASN GA 177 -108.74 -113.39 -28.98
C ASN GA 177 -107.95 -113.63 -30.27
N THR GA 407 -107.34 -110.27 -22.24
CA THR GA 407 -106.67 -109.94 -20.98
C THR GA 407 -107.69 -109.80 -19.85
N THR GA 408 -107.36 -110.33 -18.69
CA THR GA 408 -108.24 -110.27 -17.53
C THR GA 408 -108.00 -108.99 -16.74
N ASP GA 409 -109.09 -108.36 -16.32
CA ASP GA 409 -109.07 -107.11 -15.55
C ASP GA 409 -108.19 -106.04 -16.21
N PRO GA 410 -108.54 -105.59 -17.43
CA PRO GA 410 -107.70 -104.60 -18.11
C PRO GA 410 -107.71 -103.24 -17.43
N LEU GA 411 -108.90 -102.82 -16.99
CA LEU GA 411 -109.06 -101.48 -16.42
C LEU GA 411 -108.20 -101.32 -15.16
N LYS GA 412 -108.15 -102.34 -14.32
CA LYS GA 412 -107.35 -102.27 -13.11
C LYS GA 412 -105.86 -102.11 -13.43
N ALA GA 413 -105.36 -102.87 -14.41
CA ALA GA 413 -103.97 -102.75 -14.79
C ALA GA 413 -103.67 -101.38 -15.38
N LEU GA 414 -104.58 -100.84 -16.19
CA LEU GA 414 -104.38 -99.52 -16.75
C LEU GA 414 -104.32 -98.44 -15.66
N ASP GA 415 -105.22 -98.54 -14.68
CA ASP GA 415 -105.20 -97.61 -13.55
C ASP GA 415 -103.89 -97.75 -12.77
N ASP GA 416 -103.43 -98.98 -12.58
CA ASP GA 416 -102.17 -99.20 -11.87
C ASP GA 416 -101.01 -98.54 -12.59
N ALA GA 417 -100.95 -98.68 -13.92
CA ALA GA 417 -99.89 -98.04 -14.70
C ALA GA 417 -99.96 -96.53 -14.60
N ILE GA 418 -101.17 -95.97 -14.68
CA ILE GA 418 -101.33 -94.53 -14.56
C ILE GA 418 -100.82 -94.04 -13.22
N ALA GA 419 -101.17 -94.74 -12.14
CA ALA GA 419 -100.67 -94.34 -10.82
C ALA GA 419 -99.16 -94.50 -10.72
N SER GA 420 -98.60 -95.52 -11.36
CA SER GA 420 -97.18 -95.77 -11.27
C SER GA 420 -96.36 -94.75 -12.04
N VAL GA 421 -96.94 -94.12 -13.06
CA VAL GA 421 -96.23 -93.01 -13.71
C VAL GA 421 -96.48 -91.69 -12.98
N ASP GA 422 -97.66 -91.51 -12.39
CA ASP GA 422 -97.91 -90.30 -11.61
C ASP GA 422 -97.00 -90.20 -10.40
N LYS GA 423 -96.66 -91.33 -9.80
CA LYS GA 423 -95.72 -91.32 -8.68
C LYS GA 423 -94.37 -90.73 -9.09
N PHE GA 424 -93.85 -91.17 -10.24
CA PHE GA 424 -92.57 -90.67 -10.72
C PHE GA 424 -92.66 -89.20 -11.10
N ARG GA 425 -93.80 -88.78 -11.66
CA ARG GA 425 -93.99 -87.37 -11.96
C ARG GA 425 -93.95 -86.52 -10.68
N SER GA 426 -94.62 -86.99 -9.63
CA SER GA 426 -94.60 -86.25 -8.37
C SER GA 426 -93.19 -86.18 -7.79
N SER GA 427 -92.45 -87.28 -7.89
CA SER GA 427 -91.06 -87.26 -7.42
C SER GA 427 -90.25 -86.22 -8.18
N LEU GA 428 -90.43 -86.15 -9.50
CA LEU GA 428 -89.72 -85.16 -10.30
C LEU GA 428 -90.07 -83.74 -9.86
N GLY GA 429 -91.35 -83.47 -9.61
CA GLY GA 429 -91.74 -82.15 -9.15
C GLY GA 429 -91.11 -81.79 -7.82
N ALA GA 430 -91.08 -82.75 -6.89
CA ALA GA 430 -90.43 -82.50 -5.60
C ALA GA 430 -88.96 -82.18 -5.78
N VAL GA 431 -88.28 -82.92 -6.66
CA VAL GA 431 -86.87 -82.64 -6.92
C VAL GA 431 -86.68 -81.25 -7.50
N GLN GA 432 -87.58 -80.84 -8.41
CA GLN GA 432 -87.50 -79.50 -8.96
C GLN GA 432 -87.60 -78.44 -7.87
N ASN GA 433 -88.55 -78.61 -6.96
CA ASN GA 433 -88.71 -77.65 -5.88
C ASN GA 433 -87.46 -77.59 -5.00
N ARG GA 434 -86.91 -78.75 -4.66
CA ARG GA 434 -85.70 -78.79 -3.84
C ARG GA 434 -84.55 -78.08 -4.54
N LEU GA 435 -84.37 -78.33 -5.84
CA LEU GA 435 -83.28 -77.72 -6.57
C LEU GA 435 -83.42 -76.21 -6.62
N ASP GA 436 -84.64 -75.71 -6.86
CA ASP GA 436 -84.82 -74.26 -6.91
C ASP GA 436 -84.54 -73.62 -5.56
N SER GA 437 -84.99 -74.26 -4.47
CA SER GA 437 -84.68 -73.74 -3.14
C SER GA 437 -83.18 -73.71 -2.91
N ALA GA 438 -82.47 -74.75 -3.33
CA ALA GA 438 -81.02 -74.78 -3.19
C ALA GA 438 -80.37 -73.65 -3.96
N VAL GA 439 -80.86 -73.38 -5.18
CA VAL GA 439 -80.29 -72.30 -5.99
C VAL GA 439 -80.46 -70.97 -5.27
N THR GA 440 -81.65 -70.71 -4.74
CA THR GA 440 -81.88 -69.44 -4.06
C THR GA 440 -80.97 -69.29 -2.84
N ASN GA 441 -80.85 -70.36 -2.04
CA ASN GA 441 -80.00 -70.30 -0.85
C ASN GA 441 -78.54 -70.07 -1.23
N LEU GA 442 -78.07 -70.74 -2.29
CA LEU GA 442 -76.69 -70.56 -2.74
C LEU GA 442 -76.46 -69.13 -3.21
N ASN GA 443 -77.43 -68.54 -3.92
CA ASN GA 443 -77.28 -67.15 -4.34
C ASN GA 443 -77.14 -66.22 -3.15
N ASN GA 444 -78.00 -66.41 -2.14
CA ASN GA 444 -77.92 -65.55 -0.96
C ASN GA 444 -76.59 -65.70 -0.25
N THR GA 445 -76.13 -66.94 -0.08
CA THR GA 445 -74.85 -67.18 0.59
C THR GA 445 -73.70 -66.57 -0.19
N THR GA 446 -73.72 -66.70 -1.52
CA THR GA 446 -72.67 -66.13 -2.35
C THR GA 446 -72.63 -64.61 -2.20
N THR GA 447 -73.79 -63.96 -2.21
CA THR GA 447 -73.80 -62.51 -2.08
C THR GA 447 -73.26 -62.07 -0.72
N ASN GA 448 -73.67 -62.77 0.35
CA ASN GA 448 -73.19 -62.43 1.68
C ASN GA 448 -71.67 -62.60 1.79
N LEU GA 449 -71.16 -63.72 1.27
CA LEU GA 449 -69.72 -63.94 1.31
C LEU GA 449 -68.97 -62.94 0.45
N SER GA 450 -69.57 -62.50 -0.65
CA SER GA 450 -68.93 -61.47 -1.48
C SER GA 450 -68.78 -60.17 -0.71
N GLU GA 451 -69.84 -59.76 0.01
CA GLU GA 451 -69.71 -58.56 0.83
C GLU GA 451 -68.67 -58.75 1.93
N ALA GA 452 -68.64 -59.95 2.52
CA ALA GA 452 -67.65 -60.22 3.56
C ALA GA 452 -66.22 -60.09 3.03
N GLN GA 453 -65.98 -60.64 1.83
CA GLN GA 453 -64.67 -60.51 1.21
C GLN GA 453 -64.34 -59.05 0.90
N SER GA 454 -65.33 -58.30 0.41
CA SER GA 454 -65.10 -56.90 0.09
C SER GA 454 -64.73 -56.10 1.33
N ARG GA 455 -65.36 -56.39 2.46
CA ARG GA 455 -65.02 -55.70 3.69
C ARG GA 455 -63.65 -56.07 4.23
N ILE GA 456 -62.91 -56.95 3.57
CA ILE GA 456 -61.61 -57.39 4.01
C ILE GA 456 -60.50 -56.96 3.05
N GLN GA 457 -60.69 -57.22 1.75
CA GLN GA 457 -59.59 -57.06 0.80
C GLN GA 457 -59.59 -55.73 0.08
N ASP GA 458 -60.75 -55.11 -0.16
CA ASP GA 458 -60.77 -53.86 -0.89
C ASP GA 458 -60.32 -52.70 -0.02
N ALA GA 459 -59.88 -51.63 -0.68
CA ALA GA 459 -59.37 -50.45 -0.02
C ALA GA 459 -60.38 -49.30 -0.08
N ASP GA 460 -60.21 -48.35 0.84
CA ASP GA 460 -61.07 -47.17 0.91
C ASP GA 460 -60.35 -46.04 0.18
N TYR GA 461 -60.96 -45.56 -0.90
CA TYR GA 461 -60.27 -44.61 -1.78
C TYR GA 461 -59.98 -43.29 -1.09
N ALA GA 462 -60.93 -42.79 -0.30
CA ALA GA 462 -60.74 -41.48 0.33
C ALA GA 462 -59.55 -41.49 1.29
N THR GA 463 -59.43 -42.54 2.10
CA THR GA 463 -58.30 -42.65 3.01
C THR GA 463 -56.98 -42.72 2.25
N GLU GA 464 -56.96 -43.48 1.16
CA GLU GA 464 -55.74 -43.60 0.37
C GLU GA 464 -55.36 -42.27 -0.27
N VAL GA 465 -56.36 -41.52 -0.75
CA VAL GA 465 -56.08 -40.20 -1.32
C VAL GA 465 -55.51 -39.28 -0.26
N SER GA 466 -56.09 -39.29 0.94
CA SER GA 466 -55.58 -38.43 2.00
C SER GA 466 -54.14 -38.79 2.35
N ASN GA 467 -53.85 -40.08 2.49
CA ASN GA 467 -52.49 -40.50 2.81
C ASN GA 467 -51.52 -40.13 1.70
N MET GA 468 -51.93 -40.30 0.44
CA MET GA 468 -51.09 -39.93 -0.69
C MET GA 468 -50.76 -38.44 -0.67
N SER GA 469 -51.79 -37.60 -0.47
CA SER GA 469 -51.54 -36.16 -0.46
C SER GA 469 -50.63 -35.77 0.69
N LYS GA 470 -50.85 -36.36 1.86
CA LYS GA 470 -49.98 -36.09 3.01
C LYS GA 470 -48.54 -36.46 2.69
N ALA GA 471 -48.34 -37.63 2.09
CA ALA GA 471 -46.98 -38.07 1.77
C ALA GA 471 -46.33 -37.15 0.75
N GLN GA 472 -47.09 -36.70 -0.25
CA GLN GA 472 -46.54 -35.80 -1.25
C GLN GA 472 -46.10 -34.48 -0.63
N ILE GA 473 -46.94 -33.92 0.25
CA ILE GA 473 -46.58 -32.66 0.91
C ILE GA 473 -45.33 -32.87 1.77
N ILE GA 474 -45.27 -33.99 2.50
CA ILE GA 474 -44.11 -34.28 3.32
C ILE GA 474 -42.85 -34.37 2.45
N GLN GA 475 -42.95 -35.04 1.31
CA GLN GA 475 -41.80 -35.19 0.43
C GLN GA 475 -41.30 -33.85 -0.08
N GLN GA 476 -42.22 -32.99 -0.53
CA GLN GA 476 -41.79 -31.68 -1.03
C GLN GA 476 -41.16 -30.84 0.09
N ALA GA 477 -41.77 -30.85 1.27
CA ALA GA 477 -41.21 -30.11 2.38
C ALA GA 477 -39.82 -30.61 2.73
N GLY GA 478 -39.64 -31.94 2.78
CA GLY GA 478 -38.34 -32.50 3.06
C GLY GA 478 -37.31 -32.15 2.01
N ASN GA 479 -37.73 -32.10 0.74
CA ASN GA 479 -36.81 -31.73 -0.33
C ASN GA 479 -36.31 -30.30 -0.14
N SER GA 480 -37.22 -29.38 0.14
CA SER GA 480 -36.81 -27.98 0.36
C SER GA 480 -35.92 -27.85 1.59
N VAL GA 481 -36.27 -28.55 2.66
CA VAL GA 481 -35.44 -28.51 3.88
C VAL GA 481 -34.05 -29.07 3.60
N LEU GA 482 -33.97 -30.13 2.79
CA LEU GA 482 -32.66 -30.68 2.43
C LEU GA 482 -31.86 -29.67 1.63
N ALA GA 483 -32.51 -28.95 0.72
CA ALA GA 483 -31.81 -27.91 -0.03
C ALA GA 483 -31.24 -26.85 0.90
N LYS GA 484 -32.05 -26.39 1.86
CA LYS GA 484 -31.57 -25.39 2.80
C LYS GA 484 -30.42 -25.93 3.66
N ALA GA 485 -30.53 -27.18 4.10
CA ALA GA 485 -29.48 -27.78 4.92
C ALA GA 485 -28.17 -27.87 4.15
N ASN GA 486 -28.23 -28.26 2.87
CA ASN GA 486 -27.04 -28.27 2.05
C ASN GA 486 -26.49 -26.86 1.83
N GLN GA 487 -27.37 -25.86 1.82
CA GLN GA 487 -26.92 -24.48 1.65
C GLN GA 487 -26.25 -23.94 2.90
N VAL GA 488 -26.57 -24.48 4.07
CA VAL GA 488 -26.06 -23.93 5.33
C VAL GA 488 -24.52 -23.81 5.36
N PRO GA 489 -23.74 -24.85 5.03
CA PRO GA 489 -22.29 -24.78 5.30
C PRO GA 489 -21.51 -23.74 4.50
N GLN GA 490 -22.17 -22.91 3.68
CA GLN GA 490 -21.42 -22.00 2.80
C GLN GA 490 -20.69 -20.91 3.57
N GLN GA 491 -21.11 -20.61 4.80
CA GLN GA 491 -20.55 -19.46 5.52
C GLN GA 491 -19.08 -19.64 5.87
N VAL GA 492 -18.57 -20.87 5.84
CA VAL GA 492 -17.16 -21.08 6.11
C VAL GA 492 -16.29 -20.43 5.05
N LEU GA 493 -16.77 -20.39 3.80
CA LEU GA 493 -16.04 -19.67 2.77
C LEU GA 493 -15.95 -18.18 3.08
N SER GA 494 -17.05 -17.60 3.58
CA SER GA 494 -17.00 -16.21 4.00
C SER GA 494 -16.01 -16.02 5.14
N LEU GA 495 -15.99 -16.96 6.08
CA LEU GA 495 -15.05 -16.88 7.19
C LEU GA 495 -13.60 -16.90 6.69
N LEU GA 496 -13.30 -17.81 5.75
CA LEU GA 496 -11.94 -17.92 5.23
C LEU GA 496 -11.54 -16.69 4.43
N GLN GA 497 -12.40 -16.27 3.50
CA GLN GA 497 -12.03 -15.20 2.58
C GLN GA 497 -11.80 -13.89 3.32
N GLY GA 498 -12.64 -13.57 4.29
CA GLY GA 498 -12.50 -12.34 5.05
C GLY GA 498 -13.81 -11.58 5.21
N GLN HA 3 -51.68 -25.68 11.68
CA GLN HA 3 -51.26 -25.76 10.28
C GLN HA 3 -50.94 -27.19 9.93
N VAL HA 4 -51.25 -28.08 10.88
CA VAL HA 4 -50.89 -29.49 10.86
C VAL HA 4 -51.23 -30.15 9.53
N ILE HA 5 -50.24 -30.83 8.93
CA ILE HA 5 -50.43 -31.55 7.69
C ILE HA 5 -50.32 -33.05 7.87
N ASN HA 6 -49.93 -33.52 9.05
CA ASN HA 6 -49.87 -34.93 9.34
C ASN HA 6 -51.22 -35.50 9.75
N THR HA 7 -52.23 -34.65 9.85
CA THR HA 7 -53.59 -35.06 10.17
C THR HA 7 -54.56 -34.06 9.56
N ASN HA 8 -55.68 -34.56 9.03
CA ASN HA 8 -56.66 -33.77 8.29
C ASN HA 8 -58.04 -33.98 8.89
N SER HA 9 -58.13 -33.80 10.22
CA SER HA 9 -59.33 -34.09 11.01
C SER HA 9 -60.63 -33.71 10.31
N LEU HA 10 -60.64 -32.61 9.57
CA LEU HA 10 -61.80 -32.25 8.75
C LEU HA 10 -62.19 -33.39 7.84
N SER HA 11 -61.20 -33.98 7.17
CA SER HA 11 -61.46 -35.12 6.29
C SER HA 11 -62.03 -36.28 7.09
N LEU HA 12 -61.52 -36.53 8.29
CA LEU HA 12 -62.03 -37.61 9.11
C LEU HA 12 -63.50 -37.41 9.45
N ILE HA 13 -63.88 -36.18 9.83
CA ILE HA 13 -65.27 -35.89 10.13
C ILE HA 13 -66.14 -36.11 8.90
N THR HA 14 -65.68 -35.63 7.74
CA THR HA 14 -66.47 -35.78 6.53
C THR HA 14 -66.66 -37.26 6.15
N GLN HA 15 -65.58 -38.05 6.26
CA GLN HA 15 -65.68 -39.47 6.00
C GLN HA 15 -66.65 -40.14 6.97
N ASN HA 16 -66.61 -39.74 8.24
CA ASN HA 16 -67.54 -40.31 9.22
C ASN HA 16 -68.98 -40.01 8.83
N ASN HA 17 -69.26 -38.77 8.43
CA ASN HA 17 -70.63 -38.42 8.03
C ASN HA 17 -71.07 -39.21 6.80
N ILE HA 18 -70.19 -39.35 5.81
CA ILE HA 18 -70.53 -40.13 4.62
C ILE HA 18 -70.81 -41.58 4.99
N ASN HA 19 -70.00 -42.14 5.89
CA ASN HA 19 -70.22 -43.50 6.35
C ASN HA 19 -71.56 -43.63 7.05
N LYS HA 20 -71.95 -42.60 7.82
CA LYS HA 20 -73.27 -42.61 8.43
C LYS HA 20 -74.37 -42.64 7.38
N ASN HA 21 -74.23 -41.83 6.34
CA ASN HA 21 -75.27 -41.76 5.31
C ASN HA 21 -75.36 -43.03 4.49
N GLN HA 22 -74.25 -43.77 4.39
CA GLN HA 22 -74.22 -45.00 3.59
C GLN HA 22 -75.31 -45.98 4.00
N SER HA 23 -75.53 -46.15 5.31
CA SER HA 23 -76.53 -47.10 5.77
C SER HA 23 -77.92 -46.71 5.31
N ALA HA 24 -78.27 -45.43 5.42
CA ALA HA 24 -79.57 -44.98 4.98
C ALA HA 24 -79.74 -45.19 3.47
N LEU HA 25 -78.71 -44.86 2.69
CA LEU HA 25 -78.82 -45.06 1.24
C LEU HA 25 -79.03 -46.52 0.88
N SER HA 26 -78.23 -47.41 1.49
CA SER HA 26 -78.34 -48.83 1.20
C SER HA 26 -79.71 -49.36 1.61
N SER HA 27 -80.20 -48.94 2.78
CA SER HA 27 -81.51 -49.37 3.22
C SER HA 27 -82.58 -48.91 2.24
N SER HA 28 -82.52 -47.66 1.79
CA SER HA 28 -83.53 -47.17 0.86
C SER HA 28 -83.52 -47.98 -0.43
N ILE HA 29 -82.33 -48.26 -0.97
CA ILE HA 29 -82.24 -49.03 -2.20
C ILE HA 29 -82.81 -50.43 -2.00
N GLU HA 30 -82.47 -51.06 -0.88
CA GLU HA 30 -82.92 -52.44 -0.64
C GLU HA 30 -84.43 -52.50 -0.49
N ARG HA 31 -85.02 -51.57 0.27
CA ARG HA 31 -86.47 -51.55 0.43
C ARG HA 31 -87.17 -51.29 -0.89
N LEU HA 32 -86.61 -50.38 -1.71
CA LEU HA 32 -87.22 -50.11 -3.01
C LEU HA 32 -87.17 -51.35 -3.90
N SER HA 33 -86.04 -52.05 -3.92
CA SER HA 33 -85.90 -53.21 -4.80
C SER HA 33 -86.82 -54.35 -4.35
N SER HA 34 -86.83 -54.65 -3.05
CA SER HA 34 -87.61 -55.79 -2.57
C SER HA 34 -89.11 -55.49 -2.56
N GLY HA 35 -89.49 -54.29 -2.14
CA GLY HA 35 -90.89 -53.95 -1.98
C GLY HA 35 -91.47 -54.24 -0.63
N LEU HA 36 -90.72 -54.89 0.26
CA LEU HA 36 -91.14 -55.19 1.61
C LEU HA 36 -90.26 -54.41 2.59
N ARG HA 37 -90.89 -53.79 3.58
CA ARG HA 37 -90.09 -53.04 4.56
C ARG HA 37 -89.35 -53.97 5.50
N ILE HA 38 -89.94 -55.11 5.86
CA ILE HA 38 -89.26 -56.11 6.68
C ILE HA 38 -88.60 -57.09 5.71
N ASN HA 39 -87.37 -56.79 5.33
CA ASN HA 39 -86.58 -57.69 4.50
C ASN HA 39 -85.60 -58.53 5.31
N SER HA 40 -85.49 -58.28 6.61
CA SER HA 40 -84.57 -59.01 7.47
C SER HA 40 -85.04 -58.86 8.91
N ALA HA 41 -84.44 -59.68 9.79
CA ALA HA 41 -84.77 -59.59 11.20
C ALA HA 41 -84.23 -58.32 11.84
N LYS HA 42 -83.23 -57.68 11.25
CA LYS HA 42 -82.72 -56.45 11.83
C LYS HA 42 -83.73 -55.31 11.73
N ASP HA 43 -84.64 -55.38 10.75
CA ASP HA 43 -85.61 -54.31 10.57
C ASP HA 43 -86.53 -54.20 11.78
N ASP HA 44 -87.43 -55.16 11.93
CA ASP HA 44 -88.32 -55.23 13.09
C ASP HA 44 -88.21 -56.56 13.83
N ALA HA 45 -88.49 -57.65 13.11
CA ALA HA 45 -88.48 -59.06 13.54
C ALA HA 45 -89.62 -59.40 14.47
N ALA HA 46 -90.22 -58.41 15.14
CA ALA HA 46 -91.50 -58.64 15.77
C ALA HA 46 -92.60 -58.58 14.72
N GLY HA 47 -92.55 -57.55 13.89
CA GLY HA 47 -93.38 -57.52 12.71
C GLY HA 47 -93.11 -58.69 11.79
N GLN HA 48 -91.85 -59.13 11.71
CA GLN HA 48 -91.52 -60.28 10.89
C GLN HA 48 -92.17 -61.55 11.43
N ALA HA 49 -92.11 -61.78 12.74
CA ALA HA 49 -92.78 -62.95 13.31
C ALA HA 49 -94.28 -62.87 13.12
N ILE HA 50 -94.87 -61.69 13.35
CA ILE HA 50 -96.31 -61.53 13.20
C ILE HA 50 -96.72 -61.78 11.74
N ALA HA 51 -95.94 -61.26 10.79
CA ALA HA 51 -96.23 -61.48 9.39
C ALA HA 51 -96.05 -62.94 8.99
N ASN HA 52 -95.05 -63.61 9.58
CA ASN HA 52 -94.93 -65.05 9.40
C ASN HA 52 -96.21 -65.76 9.78
N ARG HA 53 -96.73 -65.43 10.97
CA ARG HA 53 -97.96 -66.07 11.43
C ARG HA 53 -99.15 -65.71 10.54
N PHE HA 54 -99.23 -64.46 10.10
CA PHE HA 54 -100.31 -64.10 9.17
C PHE HA 54 -100.22 -64.88 7.86
N THR HA 55 -99.02 -65.02 7.31
CA THR HA 55 -98.86 -65.77 6.07
C THR HA 55 -99.28 -67.23 6.26
N SER HA 56 -98.87 -67.82 7.39
CA SER HA 56 -99.28 -69.18 7.70
C SER HA 56 -100.80 -69.29 7.77
N ASN HA 57 -101.44 -68.34 8.46
CA ASN HA 57 -102.89 -68.38 8.59
C ASN HA 57 -103.58 -68.22 7.23
N ILE HA 58 -103.08 -67.30 6.41
CA ILE HA 58 -103.71 -67.06 5.11
C ILE HA 58 -103.63 -68.30 4.24
N LYS HA 59 -102.44 -68.91 4.17
CA LYS HA 59 -102.30 -70.12 3.37
C LYS HA 59 -103.17 -71.24 3.91
N GLY HA 60 -103.21 -71.40 5.24
CA GLY HA 60 -104.04 -72.43 5.82
C GLY HA 60 -105.52 -72.23 5.51
N LEU HA 61 -105.99 -70.99 5.58
CA LEU HA 61 -107.41 -70.75 5.33
C LEU HA 61 -107.76 -70.95 3.86
N THR HA 62 -106.87 -70.53 2.96
CA THR HA 62 -107.10 -70.77 1.54
C THR HA 62 -107.19 -72.27 1.25
N GLN HA 63 -106.25 -73.04 1.81
CA GLN HA 63 -106.30 -74.48 1.64
C GLN HA 63 -107.54 -75.08 2.28
N ALA HA 64 -107.99 -74.51 3.40
CA ALA HA 64 -109.21 -74.99 4.06
C ALA HA 64 -110.43 -74.78 3.18
N ALA HA 65 -110.53 -73.62 2.52
CA ALA HA 65 -111.64 -73.40 1.59
C ALA HA 65 -111.57 -74.37 0.42
N ARG HA 66 -110.36 -74.61 -0.09
CA ARG HA 66 -110.21 -75.58 -1.18
C ARG HA 66 -110.68 -76.96 -0.74
N ASN HA 67 -110.33 -77.37 0.48
CA ASN HA 67 -110.81 -78.64 1.02
C ASN HA 67 -112.33 -78.64 1.15
N ALA HA 68 -112.89 -77.52 1.61
CA ALA HA 68 -114.33 -77.44 1.86
C ALA HA 68 -115.12 -77.66 0.58
N ASN HA 69 -114.64 -77.09 -0.54
CA ASN HA 69 -115.36 -77.24 -1.81
C ASN HA 69 -115.58 -78.71 -2.17
N ASP HA 70 -114.63 -79.57 -1.81
CA ASP HA 70 -114.77 -81.00 -2.08
C ASP HA 70 -115.98 -81.59 -1.38
N GLY HA 71 -116.28 -81.11 -0.17
CA GLY HA 71 -117.46 -81.57 0.52
C GLY HA 71 -118.74 -81.27 -0.24
N ILE HA 72 -118.84 -80.05 -0.78
CA ILE HA 72 -119.99 -79.71 -1.60
C ILE HA 72 -120.06 -80.61 -2.83
N SER HA 73 -118.92 -80.89 -3.45
CA SER HA 73 -118.91 -81.76 -4.62
C SER HA 73 -119.44 -83.15 -4.29
N VAL HA 74 -118.96 -83.73 -3.19
CA VAL HA 74 -119.42 -85.05 -2.76
C VAL HA 74 -120.92 -85.02 -2.47
N ALA HA 75 -121.37 -83.96 -1.80
CA ALA HA 75 -122.79 -83.87 -1.46
C ALA HA 75 -123.64 -83.79 -2.72
N GLN HA 76 -123.21 -83.03 -3.73
CA GLN HA 76 -123.98 -82.95 -4.98
C GLN HA 76 -124.06 -84.31 -5.66
N THR HA 77 -122.92 -85.02 -5.75
CA THR HA 77 -122.93 -86.33 -6.40
C THR HA 77 -123.88 -87.28 -5.68
N THR HA 78 -123.77 -87.34 -4.35
CA THR HA 78 -124.63 -88.23 -3.58
C THR HA 78 -126.09 -87.83 -3.71
N GLU HA 79 -126.38 -86.53 -3.72
CA GLU HA 79 -127.76 -86.07 -3.87
C GLU HA 79 -128.35 -86.49 -5.20
N GLY HA 80 -127.56 -86.39 -6.27
CA GLY HA 80 -128.04 -86.86 -7.57
C GLY HA 80 -128.33 -88.34 -7.57
N ALA HA 81 -127.43 -89.14 -6.97
CA ALA HA 81 -127.68 -90.58 -6.89
C ALA HA 81 -128.96 -90.89 -6.12
N LEU HA 82 -129.15 -90.21 -4.99
CA LEU HA 82 -130.34 -90.45 -4.19
C LEU HA 82 -131.60 -89.96 -4.88
N SER HA 83 -131.49 -88.92 -5.71
CA SER HA 83 -132.65 -88.49 -6.50
C SER HA 83 -133.05 -89.55 -7.51
N GLU HA 84 -132.06 -90.18 -8.17
CA GLU HA 84 -132.38 -91.28 -9.06
C GLU HA 84 -133.06 -92.43 -8.30
N ILE HA 85 -132.53 -92.74 -7.11
CA ILE HA 85 -133.13 -93.80 -6.30
C ILE HA 85 -134.58 -93.46 -5.94
N ASN HA 86 -134.82 -92.20 -5.60
CA ASN HA 86 -136.18 -91.79 -5.23
C ASN HA 86 -137.13 -91.87 -6.42
N ASN HA 87 -136.65 -91.53 -7.61
CA ASN HA 87 -137.48 -91.69 -8.81
C ASN HA 87 -137.85 -93.16 -9.00
N ASN HA 88 -136.87 -94.05 -8.84
CA ASN HA 88 -137.16 -95.48 -8.95
C ASN HA 88 -138.17 -95.92 -7.91
N LEU HA 89 -138.03 -95.45 -6.67
CA LEU HA 89 -138.96 -95.83 -5.62
C LEU HA 89 -140.37 -95.32 -5.89
N GLN HA 90 -140.50 -94.11 -6.43
CA GLN HA 90 -141.81 -93.58 -6.77
C GLN HA 90 -142.46 -94.43 -7.85
N ARG HA 91 -141.69 -94.82 -8.87
CA ARG HA 91 -142.25 -95.65 -9.92
C ARG HA 91 -142.66 -97.02 -9.35
N VAL HA 92 -141.87 -97.53 -8.40
CA VAL HA 92 -142.21 -98.77 -7.72
C VAL HA 92 -143.54 -98.63 -6.98
N ARG HA 93 -143.73 -97.50 -6.31
CA ARG HA 93 -144.99 -97.26 -5.61
C ARG HA 93 -146.16 -97.24 -6.59
N GLU HA 94 -145.96 -96.63 -7.75
CA GLU HA 94 -147.01 -96.62 -8.76
C GLU HA 94 -147.37 -98.03 -9.22
N LEU HA 95 -146.35 -98.86 -9.47
CA LEU HA 95 -146.62 -100.25 -9.86
C LEU HA 95 -147.35 -101.01 -8.76
N THR HA 96 -146.96 -100.79 -7.50
CA THR HA 96 -147.66 -101.49 -6.41
C THR HA 96 -149.11 -101.06 -6.31
N VAL HA 97 -149.37 -99.76 -6.49
CA VAL HA 97 -150.75 -99.28 -6.48
C VAL HA 97 -151.54 -99.92 -7.60
N GLN HA 98 -150.97 -99.99 -8.80
CA GLN HA 98 -151.67 -100.62 -9.92
C GLN HA 98 -151.81 -102.12 -9.75
N ALA HA 99 -150.95 -102.75 -8.96
CA ALA HA 99 -150.98 -104.20 -8.81
C ALA HA 99 -151.90 -104.67 -7.70
N THR HA 100 -152.12 -103.84 -6.67
CA THR HA 100 -153.01 -104.22 -5.57
C THR HA 100 -154.47 -104.06 -5.96
N THR HA 101 -154.85 -104.77 -7.03
CA THR HA 101 -156.20 -104.76 -7.55
C THR HA 101 -156.62 -106.19 -7.90
N GLY HA 102 -157.89 -106.50 -7.65
CA GLY HA 102 -158.39 -107.84 -7.92
C GLY HA 102 -158.64 -108.15 -9.37
N THR HA 103 -158.75 -107.12 -10.22
CA THR HA 103 -159.01 -107.36 -11.63
C THR HA 103 -157.81 -107.99 -12.32
N ASN HA 104 -156.60 -107.67 -11.86
CA ASN HA 104 -155.39 -108.19 -12.50
C ASN HA 104 -155.31 -109.70 -12.38
N SER HA 105 -154.88 -110.34 -13.47
CA SER HA 105 -154.75 -111.79 -13.50
C SER HA 105 -153.38 -112.20 -12.96
N GLU HA 106 -153.13 -113.51 -12.94
CA GLU HA 106 -151.87 -114.01 -12.39
C GLU HA 106 -150.69 -113.69 -13.30
N SER HA 107 -150.90 -113.76 -14.62
CA SER HA 107 -149.82 -113.41 -15.55
C SER HA 107 -149.49 -111.93 -15.46
N ASP HA 108 -150.50 -111.08 -15.30
CA ASP HA 108 -150.26 -109.66 -15.10
C ASP HA 108 -149.45 -109.42 -13.83
N LEU HA 109 -149.79 -110.12 -12.76
CA LEU HA 109 -149.04 -109.99 -11.52
C LEU HA 109 -147.60 -110.48 -11.70
N SER HA 110 -147.41 -111.55 -12.47
CA SER HA 110 -146.06 -112.04 -12.73
C SER HA 110 -145.23 -111.00 -13.48
N SER HA 111 -145.83 -110.37 -14.50
CA SER HA 111 -145.12 -109.34 -15.24
C SER HA 111 -144.79 -108.15 -14.35
N ILE HA 112 -145.75 -107.73 -13.52
CA ILE HA 112 -145.52 -106.61 -12.61
C ILE HA 112 -144.40 -106.94 -11.64
N GLN HA 113 -144.39 -108.18 -11.11
CA GLN HA 113 -143.35 -108.59 -10.18
C GLN HA 113 -141.98 -108.62 -10.86
N ASP HA 114 -141.92 -109.11 -12.09
CA ASP HA 114 -140.66 -109.11 -12.82
C ASP HA 114 -140.12 -107.70 -13.00
N GLU HA 115 -141.00 -106.79 -13.41
CA GLU HA 115 -140.59 -105.40 -13.64
C GLU HA 115 -140.15 -104.75 -12.33
N ILE HA 116 -140.89 -105.02 -11.24
CA ILE HA 116 -140.58 -104.38 -9.96
C ILE HA 116 -139.27 -104.92 -9.40
N LYS HA 117 -139.01 -106.21 -9.58
CA LYS HA 117 -137.74 -106.78 -9.16
C LYS HA 117 -136.60 -106.22 -9.99
N SER HA 118 -136.85 -106.00 -11.29
CA SER HA 118 -135.82 -105.37 -12.12
C SER HA 118 -135.47 -103.98 -11.61
N ARG HA 119 -136.49 -103.19 -11.24
CA ARG HA 119 -136.20 -101.85 -10.74
C ARG HA 119 -135.50 -101.89 -9.38
N LEU HA 120 -135.87 -102.84 -8.52
CA LEU HA 120 -135.17 -102.97 -7.25
C LEU HA 120 -133.71 -103.37 -7.47
N ASP HA 121 -133.47 -104.25 -8.44
CA ASP HA 121 -132.10 -104.63 -8.78
C ASP HA 121 -131.32 -103.42 -9.29
N GLU HA 122 -131.96 -102.59 -10.11
CA GLU HA 122 -131.31 -101.35 -10.57
C GLU HA 122 -130.99 -100.43 -9.40
N ILE HA 123 -131.89 -100.36 -8.41
CA ILE HA 123 -131.64 -99.54 -7.23
C ILE HA 123 -130.41 -100.05 -6.49
N ASP HA 124 -130.33 -101.36 -6.28
CA ASP HA 124 -129.17 -101.93 -5.62
C ASP HA 124 -127.90 -101.67 -6.43
N ARG HA 125 -127.98 -101.79 -7.75
CA ARG HA 125 -126.81 -101.57 -8.60
C ARG HA 125 -126.32 -100.13 -8.51
N VAL HA 126 -127.24 -99.16 -8.60
CA VAL HA 126 -126.82 -97.77 -8.53
C VAL HA 126 -126.29 -97.46 -7.13
N SER HA 127 -126.82 -98.12 -6.10
CA SER HA 127 -126.26 -97.96 -4.77
C SER HA 127 -124.82 -98.46 -4.71
N GLY HA 128 -124.56 -99.62 -5.33
CA GLY HA 128 -123.24 -100.21 -5.28
C GLY HA 128 -122.19 -99.52 -6.13
N GLN HA 129 -122.47 -99.37 -7.43
CA GLN HA 129 -121.48 -98.86 -8.36
C GLN HA 129 -121.16 -97.39 -8.16
N THR HA 130 -122.01 -96.64 -7.48
CA THR HA 130 -121.81 -95.20 -7.30
C THR HA 130 -120.63 -94.99 -6.36
N GLN HA 131 -119.46 -94.69 -6.94
CA GLN HA 131 -118.24 -94.47 -6.18
C GLN HA 131 -117.63 -93.13 -6.58
N PHE HA 132 -117.10 -92.41 -5.60
CA PHE HA 132 -116.47 -91.12 -5.81
C PHE HA 132 -115.09 -91.13 -5.20
N ASN HA 133 -114.08 -90.85 -6.03
CA ASN HA 133 -112.68 -90.76 -5.58
C ASN HA 133 -112.27 -91.99 -4.77
N GLY HA 134 -112.60 -93.16 -5.30
CA GLY HA 134 -112.30 -94.40 -4.60
C GLY HA 134 -113.06 -94.58 -3.31
N VAL HA 135 -114.28 -94.08 -3.23
CA VAL HA 135 -115.12 -94.21 -2.05
C VAL HA 135 -116.54 -94.50 -2.52
N ASN HA 136 -117.06 -95.67 -2.16
CA ASN HA 136 -118.44 -96.04 -2.44
C ASN HA 136 -119.30 -95.41 -1.35
N VAL HA 137 -119.85 -94.24 -1.65
CA VAL HA 137 -120.57 -93.47 -0.63
C VAL HA 137 -121.80 -94.24 -0.15
N LEU HA 138 -122.57 -94.81 -1.07
CA LEU HA 138 -123.79 -95.54 -0.73
C LEU HA 138 -123.54 -97.03 -0.62
N ALA HA 139 -122.54 -97.43 0.16
CA ALA HA 139 -122.28 -98.84 0.38
C ALA HA 139 -121.93 -99.19 1.82
N LYS HA 140 -121.82 -98.20 2.71
CA LYS HA 140 -121.42 -98.45 4.09
C LYS HA 140 -121.69 -97.24 4.97
N ASN HA 141 -122.27 -97.47 6.14
CA ASN HA 141 -122.47 -96.38 7.09
C ASN HA 141 -121.12 -95.85 7.56
N GLY HA 142 -121.00 -94.54 7.61
CA GLY HA 142 -119.75 -93.93 8.03
C GLY HA 142 -119.89 -92.43 8.18
N SER HA 143 -118.74 -91.76 8.21
CA SER HA 143 -118.73 -90.31 8.35
C SER HA 143 -117.45 -89.77 7.72
N MET HA 144 -117.57 -88.62 7.07
CA MET HA 144 -116.44 -87.91 6.49
C MET HA 144 -116.18 -86.63 7.27
N LYS HA 145 -114.91 -86.29 7.42
CA LYS HA 145 -114.47 -85.20 8.27
C LYS HA 145 -113.74 -84.18 7.40
N ILE HA 146 -114.38 -83.04 7.14
CA ILE HA 146 -113.85 -82.05 6.21
C ILE HA 146 -113.15 -80.96 6.99
N GLN HA 147 -111.85 -80.78 6.74
CA GLN HA 147 -111.06 -79.75 7.41
C GLN HA 147 -111.44 -78.38 6.85
N VAL HA 148 -112.06 -77.55 7.67
CA VAL HA 148 -112.49 -76.22 7.24
C VAL HA 148 -111.82 -75.15 8.08
N GLY HA 149 -110.66 -75.47 8.66
CA GLY HA 149 -109.94 -74.53 9.49
C GLY HA 149 -108.45 -74.62 9.26
N ALA HA 150 -107.72 -73.77 9.98
CA ALA HA 150 -106.26 -73.71 9.88
C ALA HA 150 -105.54 -74.49 10.99
N ASN HA 151 -106.15 -74.60 12.17
CA ASN HA 151 -105.54 -75.32 13.27
C ASN HA 151 -106.08 -76.76 13.29
N ASP HA 152 -105.74 -77.51 14.33
CA ASP HA 152 -106.18 -78.89 14.46
C ASP HA 152 -107.61 -78.95 15.00
N ASN HA 153 -108.33 -79.99 14.60
CA ASN HA 153 -109.71 -80.24 15.02
C ASN HA 153 -110.59 -79.02 14.71
N GLN HA 154 -110.62 -78.67 13.44
CA GLN HA 154 -111.36 -77.52 12.93
C GLN HA 154 -112.25 -77.95 11.78
N THR HA 155 -113.03 -79.00 12.00
CA THR HA 155 -113.64 -79.76 10.91
C THR HA 155 -115.17 -79.75 10.99
N ILE HA 156 -115.78 -80.05 9.85
CA ILE HA 156 -117.22 -80.30 9.73
C ILE HA 156 -117.41 -81.75 9.33
N THR HA 157 -118.38 -82.42 9.97
CA THR HA 157 -118.61 -83.84 9.77
C THR HA 157 -119.77 -84.06 8.80
N ILE HA 158 -119.52 -84.86 7.76
CA ILE HA 158 -120.55 -85.28 6.82
C ILE HA 158 -120.89 -86.74 7.09
N ASP HA 159 -122.16 -87.09 6.99
CA ASP HA 159 -122.63 -88.44 7.29
C ASP HA 159 -123.05 -89.15 6.01
N LEU HA 160 -122.76 -90.45 5.97
CA LEU HA 160 -123.11 -91.30 4.83
C LEU HA 160 -123.89 -92.51 5.35
N LYS HA 161 -125.09 -92.72 4.83
CA LYS HA 161 -125.95 -93.82 5.24
C LYS HA 161 -126.03 -94.83 4.11
N GLN HA 162 -125.73 -96.09 4.42
CA GLN HA 162 -125.84 -97.15 3.42
C GLN HA 162 -127.30 -97.32 3.00
N ILE HA 163 -127.57 -97.07 1.72
CA ILE HA 163 -128.92 -97.16 1.17
C ILE HA 163 -128.94 -98.32 0.18
N ASP HA 164 -129.79 -99.31 0.47
CA ASP HA 164 -129.96 -100.47 -0.39
C ASP HA 164 -131.24 -101.18 0.02
N ALA HA 165 -131.52 -102.30 -0.64
CA ALA HA 165 -132.74 -103.05 -0.38
C ALA HA 165 -132.79 -103.55 1.06
N LYS HA 166 -131.67 -104.07 1.57
CA LYS HA 166 -131.66 -104.62 2.91
C LYS HA 166 -131.88 -103.53 3.97
N THR HA 167 -131.21 -102.39 3.82
CA THR HA 167 -131.31 -101.31 4.80
C THR HA 167 -132.54 -100.44 4.59
N LEU HA 168 -133.49 -100.88 3.78
CA LEU HA 168 -134.74 -100.15 3.58
C LEU HA 168 -135.97 -101.01 3.79
N GLY HA 169 -135.80 -102.30 4.12
CA GLY HA 169 -136.92 -103.20 4.26
C GLY HA 169 -137.42 -103.78 2.96
N LEU HA 170 -136.84 -103.39 1.83
CA LEU HA 170 -137.27 -103.87 0.52
C LEU HA 170 -136.48 -105.11 0.10
N ASP HA 171 -136.41 -106.10 0.98
CA ASP HA 171 -135.70 -107.35 0.71
C ASP HA 171 -136.76 -108.46 0.77
N GLY HA 172 -137.09 -109.01 -0.38
CA GLY HA 172 -138.18 -109.96 -0.50
C GLY HA 172 -139.50 -109.37 -0.91
N PHE HA 173 -139.51 -108.13 -1.38
CA PHE HA 173 -140.74 -107.46 -1.78
C PHE HA 173 -141.36 -108.18 -2.97
N SER HA 174 -142.49 -108.84 -2.75
CA SER HA 174 -143.18 -109.58 -3.79
C SER HA 174 -144.65 -109.22 -3.79
N VAL HA 175 -145.26 -109.25 -4.98
CA VAL HA 175 -146.68 -109.01 -5.14
C VAL HA 175 -147.37 -110.21 -5.79
N LYS HA 176 -146.75 -111.38 -5.71
CA LYS HA 176 -147.31 -112.59 -6.29
C LYS HA 176 -146.87 -113.79 -5.45
N ASN HA 177 -147.62 -114.87 -5.57
CA ASN HA 177 -147.34 -116.08 -4.81
C ASN HA 177 -146.48 -117.05 -5.62
N THR HA 407 -146.19 -110.16 0.04
CA THR HA 407 -145.77 -109.17 1.03
C THR HA 407 -146.98 -108.49 1.65
N THR HA 408 -146.98 -108.41 2.98
CA THR HA 408 -148.06 -107.75 3.71
C THR HA 408 -147.75 -106.28 3.91
N ASP HA 409 -148.77 -105.45 3.80
CA ASP HA 409 -148.66 -104.00 3.93
C ASP HA 409 -147.57 -103.43 3.03
N PRO HA 410 -147.68 -103.60 1.71
CA PRO HA 410 -146.59 -103.13 0.83
C PRO HA 410 -146.48 -101.62 0.77
N LEU HA 411 -147.61 -100.91 0.67
CA LEU HA 411 -147.58 -99.46 0.51
C LEU HA 411 -146.94 -98.79 1.72
N LYS HA 412 -147.24 -99.29 2.92
CA LYS HA 412 -146.67 -98.70 4.12
C LYS HA 412 -145.14 -98.83 4.13
N ALA HA 413 -144.64 -100.01 3.76
CA ALA HA 413 -143.19 -100.19 3.69
C ALA HA 413 -142.56 -99.30 2.64
N LEU HA 414 -143.23 -99.16 1.49
CA LEU HA 414 -142.70 -98.31 0.43
C LEU HA 414 -142.63 -96.85 0.88
N ASP HA 415 -143.68 -96.36 1.53
CA ASP HA 415 -143.66 -95.00 2.05
C ASP HA 415 -142.59 -94.83 3.13
N ASP HA 416 -142.39 -95.87 3.95
CA ASP HA 416 -141.35 -95.81 4.96
C ASP HA 416 -139.97 -95.67 4.32
N ALA HA 417 -139.71 -96.44 3.26
CA ALA HA 417 -138.44 -96.34 2.57
C ALA HA 417 -138.27 -94.95 1.92
N ILE HA 418 -139.35 -94.42 1.34
CA ILE HA 418 -139.28 -93.12 0.71
C ILE HA 418 -138.95 -92.04 1.74
N ALA HA 419 -139.58 -92.10 2.91
CA ALA HA 419 -139.27 -91.12 3.95
C ALA HA 419 -137.86 -91.30 4.50
N SER HA 420 -137.37 -92.54 4.58
CA SER HA 420 -136.03 -92.78 5.09
C SER HA 420 -134.96 -92.29 4.11
N VAL HA 421 -135.26 -92.30 2.81
CA VAL HA 421 -134.31 -91.75 1.86
C VAL HA 421 -134.40 -90.22 1.81
N ASP HA 422 -135.61 -89.67 2.03
CA ASP HA 422 -135.76 -88.22 2.09
C ASP HA 422 -135.03 -87.64 3.28
N LYS HA 423 -134.96 -88.38 4.39
CA LYS HA 423 -134.20 -87.93 5.55
C LYS HA 423 -132.73 -87.70 5.20
N PHE HA 424 -132.12 -88.67 4.51
CA PHE HA 424 -130.74 -88.55 4.10
C PHE HA 424 -130.57 -87.38 3.14
N ARG HA 425 -131.51 -87.22 2.21
CA ARG HA 425 -131.42 -86.10 1.27
C ARG HA 425 -131.45 -84.76 1.99
N SER HA 426 -132.34 -84.61 2.97
CA SER HA 426 -132.43 -83.36 3.71
C SER HA 426 -131.16 -83.10 4.52
N SER HA 427 -130.60 -84.14 5.14
CA SER HA 427 -129.35 -83.96 5.87
C SER HA 427 -128.23 -83.52 4.93
N LEU HA 428 -128.16 -84.11 3.74
CA LEU HA 428 -127.16 -83.71 2.77
C LEU HA 428 -127.31 -82.25 2.38
N GLY HA 429 -128.55 -81.81 2.13
CA GLY HA 429 -128.77 -80.41 1.79
C GLY HA 429 -128.35 -79.46 2.89
N ALA HA 430 -128.66 -79.83 4.14
CA ALA HA 430 -128.24 -79.00 5.27
C ALA HA 430 -126.72 -78.89 5.34
N VAL HA 431 -126.03 -80.01 5.12
CA VAL HA 431 -124.56 -79.98 5.13
C VAL HA 431 -124.04 -79.10 3.99
N GLN HA 432 -124.72 -79.15 2.83
CA GLN HA 432 -124.33 -78.29 1.72
C GLN HA 432 -124.38 -76.82 2.11
N ASN HA 433 -125.50 -76.41 2.72
CA ASN HA 433 -125.65 -75.02 3.11
C ASN HA 433 -124.60 -74.62 4.14
N ARG HA 434 -124.35 -75.49 5.12
CA ARG HA 434 -123.34 -75.22 6.13
C ARG HA 434 -121.97 -75.02 5.50
N LEU HA 435 -121.60 -75.90 4.56
CA LEU HA 435 -120.30 -75.80 3.92
C LEU HA 435 -120.18 -74.52 3.10
N ASP HA 436 -121.25 -74.11 2.41
CA ASP HA 436 -121.20 -72.88 1.63
C ASP HA 436 -120.99 -71.67 2.54
N SER HA 437 -121.71 -71.63 3.66
CA SER HA 437 -121.51 -70.53 4.61
C SER HA 437 -120.08 -70.53 5.13
N ALA HA 438 -119.53 -71.71 5.40
CA ALA HA 438 -118.14 -71.80 5.85
C ALA HA 438 -117.20 -71.22 4.79
N VAL HA 439 -117.42 -71.57 3.52
CA VAL HA 439 -116.53 -71.07 2.47
C VAL HA 439 -116.57 -69.56 2.42
N THR HA 440 -117.77 -68.98 2.49
CA THR HA 440 -117.88 -67.52 2.43
C THR HA 440 -117.16 -66.87 3.61
N ASN HA 441 -117.35 -67.41 4.82
CA ASN HA 441 -116.71 -66.83 5.99
C ASN HA 441 -115.20 -66.92 5.89
N LEU HA 442 -114.68 -68.06 5.45
CA LEU HA 442 -113.23 -68.20 5.28
C LEU HA 442 -112.68 -67.24 4.24
N ASN HA 443 -113.43 -67.03 3.15
CA ASN HA 443 -112.96 -66.08 2.14
C ASN HA 443 -112.84 -64.68 2.73
N ASN HA 444 -113.87 -64.25 3.47
CA ASN HA 444 -113.81 -62.91 4.06
C ASN HA 444 -112.67 -62.79 5.07
N THR HA 445 -112.49 -63.83 5.90
CA THR HA 445 -111.42 -63.79 6.88
C THR HA 445 -110.05 -63.74 6.20
N THR HA 446 -109.88 -64.50 5.11
CA THR HA 446 -108.62 -64.48 4.39
C THR HA 446 -108.34 -63.10 3.82
N THR HA 447 -109.36 -62.45 3.25
CA THR HA 447 -109.16 -61.10 2.73
C THR HA 447 -108.74 -60.14 3.84
N ASN HA 448 -109.41 -60.22 4.99
CA ASN HA 448 -109.07 -59.31 6.10
C ASN HA 448 -107.65 -59.57 6.60
N LEU HA 449 -107.26 -60.85 6.71
CA LEU HA 449 -105.91 -61.16 7.16
C LEU HA 449 -104.86 -60.68 6.16
N SER HA 450 -105.16 -60.80 4.86
CA SER HA 450 -104.23 -60.30 3.85
C SER HA 450 -104.06 -58.80 3.97
N GLU HA 451 -105.16 -58.08 4.18
CA GLU HA 451 -105.03 -56.62 4.37
C GLU HA 451 -104.22 -56.31 5.62
N ALA HA 452 -104.45 -57.05 6.72
CA ALA HA 452 -103.71 -56.80 7.94
C ALA HA 452 -102.22 -57.04 7.75
N GLN HA 453 -101.86 -58.10 7.02
CA GLN HA 453 -100.45 -58.35 6.69
C GLN HA 453 -99.88 -57.23 5.84
N SER HA 454 -100.68 -56.72 4.90
CA SER HA 454 -100.22 -55.63 4.04
C SER HA 454 -99.90 -54.38 4.85
N ARG HA 455 -100.75 -54.06 5.83
CA ARG HA 455 -100.48 -52.87 6.65
C ARG HA 455 -99.25 -53.02 7.55
N ILE HA 456 -98.52 -54.13 7.47
CA ILE HA 456 -97.37 -54.37 8.33
C ILE HA 456 -96.10 -54.61 7.52
N GLN HA 457 -96.14 -55.55 6.56
CA GLN HA 457 -94.91 -56.02 5.96
C GLN HA 457 -94.52 -55.30 4.68
N ASP HA 458 -95.48 -54.75 3.93
CA ASP HA 458 -95.12 -54.05 2.71
C ASP HA 458 -94.63 -52.63 3.02
N ALA HA 459 -93.92 -52.06 2.05
CA ALA HA 459 -93.29 -50.76 2.20
C ALA HA 459 -94.12 -49.67 1.52
N ASP HA 460 -93.80 -48.42 1.86
CA ASP HA 460 -94.42 -47.24 1.26
C ASP HA 460 -93.43 -46.64 0.30
N TYR HA 461 -93.74 -46.69 -1.00
CA TYR HA 461 -92.76 -46.35 -2.02
C TYR HA 461 -92.38 -44.88 -1.99
N ALA HA 462 -93.34 -44.00 -1.70
CA ALA HA 462 -93.05 -42.56 -1.68
C ALA HA 462 -92.00 -42.24 -0.63
N THR HA 463 -92.15 -42.79 0.58
CA THR HA 463 -91.19 -42.54 1.64
C THR HA 463 -89.81 -43.07 1.25
N GLU HA 464 -89.76 -44.26 0.66
CA GLU HA 464 -88.48 -44.83 0.26
C GLU HA 464 -87.80 -43.98 -0.80
N VAL HA 465 -88.56 -43.49 -1.77
CA VAL HA 465 -87.99 -42.63 -2.80
C VAL HA 465 -87.46 -41.34 -2.20
N SER HA 466 -88.22 -40.73 -1.29
CA SER HA 466 -87.75 -39.49 -0.65
C SER HA 466 -86.46 -39.73 0.14
N ASN HA 467 -86.40 -40.82 0.90
CA ASN HA 467 -85.20 -41.12 1.66
C ASN HA 467 -84.02 -41.39 0.74
N MET HA 468 -84.24 -42.12 -0.35
CA MET HA 468 -83.17 -42.39 -1.30
C MET HA 468 -82.62 -41.10 -1.90
N SER HA 469 -83.52 -40.21 -2.32
CA SER HA 469 -83.08 -38.95 -2.91
C SER HA 469 -82.30 -38.11 -1.91
N LYS HA 470 -82.81 -38.02 -0.67
CA LYS HA 470 -82.12 -37.23 0.34
C LYS HA 470 -80.74 -37.81 0.64
N ALA HA 471 -80.64 -39.13 0.75
CA ALA HA 471 -79.35 -39.77 1.00
C ALA HA 471 -78.38 -39.51 -0.14
N GLN HA 472 -78.86 -39.57 -1.38
CA GLN HA 472 -78.00 -39.30 -2.52
C GLN HA 472 -77.47 -37.87 -2.49
N ILE HA 473 -78.35 -36.90 -2.20
CA ILE HA 473 -77.91 -35.51 -2.13
C ILE HA 473 -76.88 -35.34 -1.02
N ILE HA 474 -77.13 -35.94 0.14
CA ILE HA 474 -76.19 -35.82 1.26
C ILE HA 474 -74.84 -36.41 0.87
N GLN HA 475 -74.84 -37.57 0.20
CA GLN HA 475 -73.59 -38.20 -0.18
C GLN HA 475 -72.81 -37.33 -1.15
N GLN HA 476 -73.49 -36.78 -2.16
CA GLN HA 476 -72.80 -35.94 -3.14
C GLN HA 476 -72.21 -34.70 -2.49
N ALA HA 477 -72.99 -34.04 -1.63
CA ALA HA 477 -72.49 -32.86 -0.94
C ALA HA 477 -71.30 -33.22 -0.05
N GLY HA 478 -71.40 -34.33 0.67
CA GLY HA 478 -70.29 -34.75 1.51
C GLY HA 478 -69.04 -35.05 0.72
N ASN HA 479 -69.18 -35.65 -0.45
CA ASN HA 479 -68.02 -35.92 -1.28
C ASN HA 479 -67.36 -34.63 -1.76
N SER HA 480 -68.18 -33.65 -2.17
CA SER HA 480 -67.61 -32.37 -2.59
C SER HA 480 -66.87 -31.69 -1.44
N VAL HA 481 -67.48 -31.67 -0.26
CA VAL HA 481 -66.83 -31.05 0.89
C VAL HA 481 -65.57 -31.83 1.28
N LEU HA 482 -65.57 -33.15 1.12
CA LEU HA 482 -64.37 -33.93 1.38
C LEU HA 482 -63.25 -33.55 0.42
N ALA HA 483 -63.58 -33.35 -0.85
CA ALA HA 483 -62.58 -32.89 -1.82
C ALA HA 483 -61.99 -31.55 -1.39
N LYS HA 484 -62.85 -30.62 -0.96
CA LYS HA 484 -62.35 -29.34 -0.48
C LYS HA 484 -61.46 -29.51 0.75
N ALA HA 485 -61.86 -30.39 1.67
CA ALA HA 485 -61.08 -30.61 2.88
C ALA HA 485 -59.69 -31.17 2.55
N ASN HA 486 -59.62 -32.12 1.62
CA ASN HA 486 -58.32 -32.62 1.19
C ASN HA 486 -57.51 -31.55 0.47
N GLN HA 487 -58.19 -30.61 -0.19
CA GLN HA 487 -57.50 -29.50 -0.82
C GLN HA 487 -56.97 -28.49 0.19
N VAL HA 488 -57.56 -28.46 1.39
CA VAL HA 488 -57.20 -27.43 2.38
C VAL HA 488 -55.71 -27.40 2.74
N PRO HA 489 -55.06 -28.52 3.06
CA PRO HA 489 -53.72 -28.44 3.67
C PRO HA 489 -52.61 -27.92 2.75
N GLN HA 490 -52.91 -27.54 1.50
CA GLN HA 490 -51.84 -27.28 0.55
C GLN HA 490 -51.07 -25.98 0.84
N GLN HA 491 -51.68 -25.01 1.51
CA GLN HA 491 -51.05 -23.71 1.69
C GLN HA 491 -49.77 -23.77 2.52
N VAL HA 492 -49.54 -24.87 3.24
CA VAL HA 492 -48.28 -25.00 3.97
C VAL HA 492 -47.11 -25.08 3.01
N LEU HA 493 -47.30 -25.70 1.85
CA LEU HA 493 -46.27 -25.70 0.83
C LEU HA 493 -45.93 -24.29 0.38
N SER HA 494 -46.94 -23.46 0.15
CA SER HA 494 -46.70 -22.07 -0.24
C SER HA 494 -45.99 -21.32 0.87
N LEU HA 495 -46.38 -21.54 2.12
CA LEU HA 495 -45.73 -20.89 3.24
C LEU HA 495 -44.25 -21.27 3.32
N LEU HA 496 -43.94 -22.56 3.16
CA LEU HA 496 -42.57 -23.01 3.27
C LEU HA 496 -41.72 -22.54 2.09
N GLN HA 497 -42.28 -22.59 0.88
CA GLN HA 497 -41.52 -22.22 -0.31
C GLN HA 497 -41.10 -20.75 -0.28
N GLY HA 498 -42.00 -19.86 0.13
CA GLY HA 498 -41.71 -18.45 0.18
C GLY HA 498 -42.77 -17.58 -0.45
N GLN IA 3 153.95 39.26 49.27
CA GLN IA 3 153.89 40.40 48.35
C GLN IA 3 154.31 39.98 46.95
N VAL IA 4 154.50 38.67 46.80
CA VAL IA 4 155.07 38.04 45.62
C VAL IA 4 154.41 38.54 44.35
N ILE IA 5 155.23 38.99 43.39
CA ILE IA 5 154.71 39.62 42.18
C ILE IA 5 154.82 38.73 40.96
N ASN IA 6 155.54 37.61 41.06
CA ASN IA 6 155.72 36.69 39.95
C ASN IA 6 154.64 35.61 39.92
N THR IA 7 153.72 35.62 40.88
CA THR IA 7 152.65 34.63 40.98
C THR IA 7 151.45 35.28 41.64
N ASN IA 8 150.26 34.99 41.12
CA ASN IA 8 149.01 35.58 41.58
C ASN IA 8 148.06 34.50 42.07
N SER IA 9 148.55 33.59 42.91
CA SER IA 9 147.86 32.40 43.36
C SER IA 9 146.35 32.58 43.55
N LEU IA 10 145.95 33.71 44.15
CA LEU IA 10 144.53 34.00 44.31
C LEU IA 10 143.81 33.98 42.97
N SER IA 11 144.42 34.58 41.94
CA SER IA 11 143.82 34.56 40.62
C SER IA 11 143.71 33.13 40.09
N LEU IA 12 144.72 32.30 40.35
CA LEU IA 12 144.65 30.90 39.91
C LEU IA 12 143.50 30.17 40.58
N ILE IA 13 143.31 30.38 41.88
CA ILE IA 13 142.21 29.74 42.58
C ILE IA 13 140.88 30.22 42.01
N THR IA 14 140.75 31.52 41.77
CA THR IA 14 139.50 32.04 41.25
C THR IA 14 139.19 31.47 39.87
N GLN IA 15 140.20 31.39 39.00
CA GLN IA 15 139.99 30.80 37.68
C GLN IA 15 139.62 29.32 37.78
N ASN IA 16 140.23 28.60 38.73
CA ASN IA 16 139.87 27.21 38.92
C ASN IA 16 138.41 27.08 39.35
N ASN IA 17 137.96 27.94 40.25
CA ASN IA 17 136.56 27.89 40.68
C ASN IA 17 135.62 28.23 39.54
N ILE IA 18 135.98 29.20 38.70
CA ILE IA 18 135.14 29.54 37.55
C ILE IA 18 135.07 28.37 36.58
N ASN IA 19 136.21 27.70 36.36
CA ASN IA 19 136.22 26.54 35.48
C ASN IA 19 135.35 25.42 36.04
N LYS IA 20 135.38 25.22 37.35
CA LYS IA 20 134.48 24.27 37.98
C LYS IA 20 133.02 24.66 37.76
N ASN IA 21 132.73 25.95 37.85
CA ASN IA 21 131.37 26.44 37.65
C ASN IA 21 130.86 26.16 36.23
N GLN IA 22 131.74 26.33 35.23
CA GLN IA 22 131.30 26.34 33.84
C GLN IA 22 130.46 25.12 33.47
N SER IA 23 130.81 23.95 34.03
CA SER IA 23 130.15 22.71 33.63
C SER IA 23 128.66 22.74 33.97
N ALA IA 24 128.32 23.20 35.18
CA ALA IA 24 126.92 23.24 35.58
C ALA IA 24 126.11 24.16 34.69
N LEU IA 25 126.64 25.34 34.37
CA LEU IA 25 125.92 26.28 33.52
C LEU IA 25 125.71 25.69 32.13
N SER IA 26 126.76 25.09 31.55
CA SER IA 26 126.63 24.51 30.22
C SER IA 26 125.59 23.40 30.21
N SER IA 27 125.63 22.54 31.23
CA SER IA 27 124.68 21.43 31.30
C SER IA 27 123.25 21.93 31.46
N SER IA 28 123.05 22.96 32.29
CA SER IA 28 121.72 23.49 32.48
C SER IA 28 121.17 24.10 31.20
N ILE IA 29 122.01 24.87 30.49
CA ILE IA 29 121.56 25.46 29.22
C ILE IA 29 121.24 24.37 28.21
N GLU IA 30 122.07 23.33 28.14
CA GLU IA 30 121.83 22.26 27.17
C GLU IA 30 120.53 21.53 27.47
N ARG IA 31 120.27 21.23 28.75
CA ARG IA 31 119.02 20.55 29.07
C ARG IA 31 117.80 21.44 28.84
N LEU IA 32 117.92 22.74 29.10
CA LEU IA 32 116.81 23.63 28.77
C LEU IA 32 116.55 23.67 27.27
N SER IA 33 117.62 23.72 26.47
CA SER IA 33 117.44 23.78 25.02
C SER IA 33 116.84 22.50 24.47
N SER IA 34 117.41 21.35 24.84
CA SER IA 34 116.93 20.08 24.29
C SER IA 34 115.62 19.67 24.94
N GLY IA 35 115.48 19.88 26.24
CA GLY IA 35 114.33 19.41 26.99
C GLY IA 35 114.49 18.02 27.56
N LEU IA 36 115.53 17.29 27.17
CA LEU IA 36 115.78 15.94 27.65
C LEU IA 36 116.87 15.98 28.71
N ARG IA 37 116.61 15.33 29.85
CA ARG IA 37 117.63 15.25 30.89
C ARG IA 37 118.84 14.45 30.43
N ILE IA 38 118.62 13.38 29.69
CA ILE IA 38 119.67 12.51 29.21
C ILE IA 38 119.96 12.92 27.77
N ASN IA 39 120.97 13.76 27.57
CA ASN IA 39 121.37 14.21 26.26
C ASN IA 39 122.52 13.40 25.66
N SER IA 40 123.15 12.54 26.46
CA SER IA 40 124.28 11.74 25.98
C SER IA 40 124.47 10.57 26.93
N ALA IA 41 125.36 9.65 26.54
CA ALA IA 41 125.66 8.50 27.37
C ALA IA 41 126.32 8.91 28.68
N LYS IA 42 127.04 10.03 28.69
CA LYS IA 42 127.75 10.45 29.89
C LYS IA 42 126.78 10.75 31.04
N ASP IA 43 125.55 11.15 30.72
CA ASP IA 43 124.60 11.50 31.77
C ASP IA 43 124.24 10.29 32.63
N ASP IA 44 123.49 9.35 32.06
CA ASP IA 44 123.13 8.12 32.75
C ASP IA 44 123.55 6.88 31.95
N ALA IA 45 123.02 6.76 30.73
CA ALA IA 45 123.22 5.70 29.76
C ALA IA 45 122.56 4.38 30.15
N ALA IA 46 122.27 4.19 31.44
CA ALA IA 46 121.33 3.15 31.79
C ALA IA 46 119.91 3.62 31.54
N GLY IA 47 119.61 4.85 31.97
CA GLY IA 47 118.38 5.49 31.55
C GLY IA 47 118.28 5.62 30.05
N GLN IA 48 119.40 5.93 29.39
CA GLN IA 48 119.37 6.06 27.94
C GLN IA 48 119.09 4.72 27.26
N ALA IA 49 119.71 3.64 27.74
CA ALA IA 49 119.43 2.33 27.15
C ALA IA 49 117.97 1.93 27.36
N ILE IA 50 117.47 2.12 28.59
CA ILE IA 50 116.08 1.80 28.87
C ILE IA 50 115.14 2.65 28.02
N ALA IA 51 115.47 3.92 27.85
CA ALA IA 51 114.63 4.82 27.05
C ALA IA 51 114.63 4.41 25.58
N ASN IA 52 115.79 4.00 25.05
CA ASN IA 52 115.84 3.55 23.67
C ASN IA 52 114.98 2.30 23.47
N ARG IA 53 115.07 1.35 24.40
CA ARG IA 53 114.22 0.18 24.32
C ARG IA 53 112.75 0.55 24.43
N PHE IA 54 112.43 1.50 25.30
CA PHE IA 54 111.05 1.95 25.45
C PHE IA 54 110.52 2.57 24.16
N THR IA 55 111.33 3.39 23.51
CA THR IA 55 110.94 4.00 22.24
C THR IA 55 110.69 2.93 21.19
N SER IA 56 111.57 1.93 21.12
CA SER IA 56 111.38 0.83 20.19
C SER IA 56 110.05 0.13 20.45
N ASN IA 57 109.75 -0.15 21.72
CA ASN IA 57 108.49 -0.81 22.05
C ASN IA 57 107.29 0.04 21.66
N ILE IA 58 107.36 1.35 21.92
CA ILE IA 58 106.24 2.23 21.61
C ILE IA 58 105.96 2.23 20.11
N LYS IA 59 107.02 2.37 19.31
CA LYS IA 59 106.85 2.39 17.86
C LYS IA 59 106.29 1.06 17.37
N GLY IA 60 106.82 -0.05 17.89
CA GLY IA 60 106.32 -1.35 17.48
C GLY IA 60 104.86 -1.55 17.82
N LEU IA 61 104.44 -1.14 19.01
CA LEU IA 61 103.04 -1.32 19.40
C LEU IA 61 102.11 -0.45 18.56
N THR IA 62 102.54 0.79 18.26
CA THR IA 62 101.72 1.64 17.40
C THR IA 62 101.55 1.00 16.03
N GLN IA 63 102.65 0.51 15.45
CA GLN IA 63 102.54 -0.15 14.15
C GLN IA 63 101.67 -1.40 14.23
N ALA IA 64 101.74 -2.12 15.34
CA ALA IA 64 100.94 -3.33 15.49
C ALA IA 64 99.45 -3.02 15.52
N ALA IA 65 99.06 -1.96 16.23
CA ALA IA 65 97.65 -1.55 16.20
C ALA IA 65 97.22 -1.13 14.80
N ARG IA 66 98.09 -0.39 14.11
CA ARG IA 66 97.82 -0.04 12.72
C ARG IA 66 97.57 -1.28 11.88
N ASN IA 67 98.37 -2.33 12.09
CA ASN IA 67 98.19 -3.58 11.36
C ASN IA 67 96.86 -4.24 11.70
N ALA IA 68 96.51 -4.27 12.99
CA ALA IA 68 95.29 -4.96 13.41
C ALA IA 68 94.06 -4.32 12.77
N ASN IA 69 94.10 -3.00 12.58
CA ASN IA 69 92.98 -2.34 11.90
C ASN IA 69 92.75 -2.93 10.51
N ASP IA 70 93.82 -3.31 9.81
CA ASP IA 70 93.67 -3.91 8.49
C ASP IA 70 92.90 -5.23 8.56
N GLY IA 71 93.23 -6.07 9.54
CA GLY IA 71 92.50 -7.32 9.70
C GLY IA 71 91.03 -7.07 10.00
N ILE IA 72 90.74 -6.06 10.81
CA ILE IA 72 89.34 -5.70 11.07
C ILE IA 72 88.64 -5.36 9.76
N SER IA 73 89.30 -4.57 8.91
CA SER IA 73 88.70 -4.20 7.63
C SER IA 73 88.46 -5.42 6.73
N VAL IA 74 89.43 -6.33 6.68
CA VAL IA 74 89.28 -7.54 5.85
C VAL IA 74 88.08 -8.34 6.31
N ALA IA 75 87.95 -8.52 7.62
CA ALA IA 75 86.83 -9.29 8.15
C ALA IA 75 85.51 -8.62 7.83
N GLN IA 76 85.45 -7.28 7.92
CA GLN IA 76 84.21 -6.58 7.59
C GLN IA 76 83.82 -6.81 6.13
N THR IA 77 84.78 -6.69 5.22
CA THR IA 77 84.47 -6.87 3.80
C THR IA 77 83.97 -8.28 3.52
N THR IA 78 84.66 -9.27 4.07
CA THR IA 78 84.26 -10.65 3.86
C THR IA 78 82.86 -10.91 4.43
N GLU IA 79 82.57 -10.32 5.59
CA GLU IA 79 81.25 -10.49 6.19
C GLU IA 79 80.16 -9.90 5.30
N GLY IA 80 80.41 -8.73 4.72
CA GLY IA 80 79.41 -8.16 3.82
C GLY IA 80 79.13 -9.04 2.62
N ALA IA 81 80.20 -9.56 2.00
CA ALA IA 81 80.01 -10.46 0.87
C ALA IA 81 79.22 -11.70 1.29
N LEU IA 82 79.54 -12.25 2.47
CA LEU IA 82 78.83 -13.43 2.95
C LEU IA 82 77.35 -13.11 3.20
N SER IA 83 77.06 -11.91 3.66
CA SER IA 83 75.66 -11.52 3.87
C SER IA 83 74.89 -11.51 2.56
N GLU IA 84 75.50 -10.98 1.50
CA GLU IA 84 74.82 -11.02 0.20
C GLU IA 84 74.60 -12.45 -0.27
N ILE IA 85 75.61 -13.31 -0.09
CA ILE IA 85 75.45 -14.72 -0.47
C ILE IA 85 74.32 -15.36 0.33
N ASN IA 86 74.22 -15.02 1.61
CA ASN IA 86 73.16 -15.57 2.45
C ASN IA 86 71.78 -15.15 1.94
N ASN IA 87 71.64 -13.89 1.56
CA ASN IA 87 70.35 -13.45 1.01
C ASN IA 87 69.99 -14.22 -0.24
N ASN IA 88 70.96 -14.42 -1.14
CA ASN IA 88 70.68 -15.19 -2.35
C ASN IA 88 70.27 -16.62 -2.01
N LEU IA 89 70.96 -17.24 -1.06
CA LEU IA 89 70.61 -18.61 -0.66
C LEU IA 89 69.20 -18.68 -0.08
N GLN IA 90 68.82 -17.68 0.72
CA GLN IA 90 67.47 -17.65 1.27
C GLN IA 90 66.42 -17.58 0.17
N ARG IA 91 66.64 -16.72 -0.82
CA ARG IA 91 65.68 -16.62 -1.91
C ARG IA 91 65.61 -17.93 -2.71
N VAL IA 92 66.77 -18.57 -2.91
CA VAL IA 92 66.78 -19.86 -3.59
C VAL IA 92 65.98 -20.89 -2.82
N ARG IA 93 66.09 -20.89 -1.49
CA ARG IA 93 65.30 -21.80 -0.68
C ARG IA 93 63.81 -21.54 -0.83
N GLU IA 94 63.42 -20.26 -0.85
CA GLU IA 94 62.01 -19.93 -1.05
C GLU IA 94 61.52 -20.48 -2.40
N LEU IA 95 62.32 -20.30 -3.45
CA LEU IA 95 61.89 -20.82 -4.75
C LEU IA 95 61.84 -22.34 -4.78
N THR IA 96 62.74 -23.01 -4.06
CA THR IA 96 62.66 -24.47 -3.98
C THR IA 96 61.36 -24.89 -3.30
N VAL IA 97 61.00 -24.21 -2.22
CA VAL IA 97 59.73 -24.51 -1.54
C VAL IA 97 58.57 -24.32 -2.50
N GLN IA 98 58.59 -23.25 -3.28
CA GLN IA 98 57.51 -23.00 -4.23
C GLN IA 98 57.47 -24.05 -5.33
N ALA IA 99 58.64 -24.51 -5.79
CA ALA IA 99 58.69 -25.42 -6.93
C ALA IA 99 58.34 -26.84 -6.55
N THR IA 100 58.56 -27.24 -5.29
CA THR IA 100 58.26 -28.61 -4.89
C THR IA 100 56.77 -28.81 -4.65
N THR IA 101 55.94 -28.46 -5.63
CA THR IA 101 54.50 -28.62 -5.53
C THR IA 101 53.97 -29.31 -6.79
N GLY IA 102 52.94 -30.14 -6.61
CA GLY IA 102 52.39 -30.90 -7.71
C GLY IA 102 51.56 -30.11 -8.68
N THR IA 103 51.04 -28.95 -8.27
CA THR IA 103 50.20 -28.16 -9.16
C THR IA 103 51.02 -27.50 -10.27
N ASN IA 104 52.31 -27.29 -10.04
CA ASN IA 104 53.15 -26.62 -11.04
C ASN IA 104 53.27 -27.47 -12.30
N SER IA 105 53.27 -26.80 -13.44
CA SER IA 105 53.44 -27.45 -14.73
C SER IA 105 54.93 -27.53 -15.07
N GLU IA 106 55.23 -28.08 -16.24
CA GLU IA 106 56.62 -28.23 -16.65
C GLU IA 106 57.25 -26.88 -16.98
N SER IA 107 56.50 -26.00 -17.64
CA SER IA 107 57.02 -24.67 -17.97
C SER IA 107 57.26 -23.85 -16.70
N ASP IA 108 56.39 -24.01 -15.71
CA ASP IA 108 56.59 -23.32 -14.44
C ASP IA 108 57.88 -23.78 -13.76
N LEU IA 109 58.11 -25.09 -13.75
CA LEU IA 109 59.35 -25.62 -13.20
C LEU IA 109 60.55 -25.13 -13.99
N SER IA 110 60.42 -25.03 -15.31
CA SER IA 110 61.52 -24.51 -16.13
C SER IA 110 61.84 -23.08 -15.75
N SER IA 111 60.82 -22.24 -15.58
CA SER IA 111 61.05 -20.84 -15.20
C SER IA 111 61.70 -20.75 -13.82
N ILE IA 112 61.20 -21.54 -12.86
CA ILE IA 112 61.77 -21.53 -11.53
C ILE IA 112 63.24 -21.96 -11.57
N GLN IA 113 63.54 -23.00 -12.34
CA GLN IA 113 64.92 -23.47 -12.45
C GLN IA 113 65.80 -22.43 -13.13
N ASP IA 114 65.27 -21.73 -14.13
CA ASP IA 114 66.04 -20.66 -14.76
C ASP IA 114 66.41 -19.59 -13.74
N GLU IA 115 65.44 -19.15 -12.93
CA GLU IA 115 65.73 -18.10 -11.96
C GLU IA 115 66.71 -18.61 -10.90
N ILE IA 116 66.53 -19.86 -10.45
CA ILE IA 116 67.40 -20.44 -9.44
C ILE IA 116 68.83 -20.56 -9.97
N LYS IA 117 68.98 -20.99 -11.22
CA LYS IA 117 70.30 -21.06 -11.83
C LYS IA 117 70.92 -19.70 -11.94
N SER IA 118 70.12 -18.68 -12.26
CA SER IA 118 70.63 -17.31 -12.31
C SER IA 118 71.19 -16.89 -10.95
N ARG IA 119 70.46 -17.18 -9.87
CA ARG IA 119 70.95 -16.76 -8.56
C ARG IA 119 72.14 -17.60 -8.10
N LEU IA 120 72.20 -18.88 -8.47
CA LEU IA 120 73.38 -19.67 -8.15
C LEU IA 120 74.61 -19.14 -8.89
N ASP IA 121 74.43 -18.76 -10.16
CA ASP IA 121 75.52 -18.13 -10.90
C ASP IA 121 75.92 -16.81 -10.25
N GLU IA 122 74.95 -16.07 -9.73
CA GLU IA 122 75.27 -14.84 -9.01
C GLU IA 122 76.09 -15.12 -7.76
N ILE IA 123 75.75 -16.18 -7.03
CA ILE IA 123 76.52 -16.56 -5.85
C ILE IA 123 77.95 -16.90 -6.24
N ASP IA 124 78.11 -17.69 -7.30
CA ASP IA 124 79.46 -18.04 -7.76
C ASP IA 124 80.24 -16.81 -8.17
N ARG IA 125 79.59 -15.88 -8.88
CA ARG IA 125 80.24 -14.65 -9.30
C ARG IA 125 80.69 -13.82 -8.11
N VAL IA 126 79.81 -13.65 -7.13
CA VAL IA 126 80.17 -12.86 -5.95
C VAL IA 126 81.32 -13.52 -5.21
N SER IA 127 81.32 -14.85 -5.14
CA SER IA 127 82.42 -15.56 -4.50
C SER IA 127 83.74 -15.30 -5.23
N GLY IA 128 83.74 -15.49 -6.55
CA GLY IA 128 84.97 -15.37 -7.29
C GLY IA 128 85.52 -13.95 -7.35
N GLN IA 129 84.64 -12.97 -7.58
CA GLN IA 129 85.10 -11.63 -7.90
C GLN IA 129 85.49 -10.82 -6.67
N THR IA 130 84.96 -11.16 -5.50
CA THR IA 130 85.23 -10.38 -4.30
C THR IA 130 86.70 -10.53 -3.91
N GLN IA 131 87.48 -9.48 -4.16
CA GLN IA 131 88.91 -9.48 -3.89
C GLN IA 131 89.28 -8.23 -3.09
N PHE IA 132 90.16 -8.41 -2.10
CA PHE IA 132 90.57 -7.32 -1.22
C PHE IA 132 92.08 -7.19 -1.30
N ASN IA 133 92.55 -6.02 -1.74
CA ASN IA 133 93.98 -5.70 -1.82
C ASN IA 133 94.75 -6.79 -2.57
N GLY IA 134 94.21 -7.15 -3.73
CA GLY IA 134 94.85 -8.19 -4.53
C GLY IA 134 94.78 -9.57 -3.93
N VAL IA 135 93.81 -9.83 -3.06
CA VAL IA 135 93.63 -11.13 -2.44
C VAL IA 135 92.16 -11.51 -2.57
N ASN IA 136 91.90 -12.64 -3.24
CA ASN IA 136 90.54 -13.15 -3.39
C ASN IA 136 90.18 -13.91 -2.12
N VAL IA 137 89.44 -13.26 -1.22
CA VAL IA 137 89.17 -13.84 0.09
C VAL IA 137 88.30 -15.09 -0.05
N LEU IA 138 87.22 -15.01 -0.80
CA LEU IA 138 86.29 -16.14 -0.95
C LEU IA 138 86.59 -16.91 -2.23
N ALA IA 139 87.83 -17.36 -2.37
CA ALA IA 139 88.19 -18.17 -3.54
C ALA IA 139 89.13 -19.32 -3.23
N LYS IA 140 89.61 -19.47 -1.99
CA LYS IA 140 90.60 -20.50 -1.68
C LYS IA 140 90.75 -20.61 -0.18
N ASN IA 141 90.85 -21.84 0.31
CA ASN IA 141 91.12 -22.07 1.72
C ASN IA 141 92.51 -21.56 2.07
N GLY IA 142 92.58 -20.61 2.99
CA GLY IA 142 93.86 -20.04 3.38
C GLY IA 142 93.78 -19.46 4.77
N SER IA 143 94.80 -18.68 5.11
CA SER IA 143 94.87 -18.07 6.43
C SER IA 143 95.73 -16.81 6.37
N MET IA 144 95.33 -15.81 7.13
CA MET IA 144 96.09 -14.58 7.26
C MET IA 144 96.58 -14.44 8.70
N LYS IA 145 97.83 -14.00 8.86
CA LYS IA 145 98.46 -13.87 10.17
C LYS IA 145 98.69 -12.39 10.43
N ILE IA 146 97.80 -11.79 11.21
CA ILE IA 146 97.88 -10.36 11.51
C ILE IA 146 98.84 -10.15 12.66
N GLN IA 147 99.87 -9.33 12.44
CA GLN IA 147 100.87 -9.03 13.46
C GLN IA 147 100.29 -8.01 14.43
N VAL IA 148 100.11 -8.40 15.69
CA VAL IA 148 99.53 -7.51 16.69
C VAL IA 148 100.49 -7.38 17.87
N GLY IA 149 101.80 -7.49 17.61
CA GLY IA 149 102.79 -7.38 18.65
C GLY IA 149 104.04 -6.68 18.15
N ALA IA 150 104.96 -6.44 19.08
CA ALA IA 150 106.21 -5.76 18.77
C ALA IA 150 107.33 -6.72 18.39
N ASN IA 151 107.34 -7.90 18.97
CA ASN IA 151 108.37 -8.89 18.69
C ASN IA 151 107.96 -9.73 17.47
N ASP IA 152 108.65 -10.83 17.24
CA ASP IA 152 108.30 -11.76 16.16
C ASP IA 152 107.40 -12.87 16.69
N ASN IA 153 106.65 -13.48 15.77
CA ASN IA 153 105.66 -14.50 16.10
C ASN IA 153 104.63 -13.96 17.09
N GLN IA 154 103.94 -12.90 16.66
CA GLN IA 154 103.02 -12.14 17.49
C GLN IA 154 101.66 -12.04 16.81
N THR IA 155 101.21 -13.14 16.20
CA THR IA 155 100.18 -13.07 15.19
C THR IA 155 98.85 -13.60 15.68
N ILE IA 156 97.78 -12.98 15.19
CA ILE IA 156 96.42 -13.49 15.29
C ILE IA 156 96.02 -14.02 13.91
N THR IA 157 95.53 -15.26 13.86
CA THR IA 157 95.28 -15.94 12.61
C THR IA 157 93.84 -15.75 12.17
N ILE IA 158 93.65 -15.22 10.96
CA ILE IA 158 92.34 -15.12 10.33
C ILE IA 158 92.20 -16.26 9.35
N ASP IA 159 91.02 -16.90 9.34
CA ASP IA 159 90.76 -18.04 8.48
C ASP IA 159 89.84 -17.63 7.34
N LEU IA 160 90.10 -18.20 6.16
CA LEU IA 160 89.31 -17.92 4.97
C LEU IA 160 88.93 -19.25 4.32
N LYS IA 161 87.63 -19.49 4.20
CA LYS IA 161 87.11 -20.71 3.60
C LYS IA 161 86.60 -20.40 2.20
N GLN IA 162 86.96 -21.25 1.23
CA GLN IA 162 86.44 -21.11 -0.11
C GLN IA 162 84.94 -21.40 -0.13
N ILE IA 163 84.12 -20.38 -0.31
CA ILE IA 163 82.67 -20.51 -0.30
C ILE IA 163 82.18 -20.30 -1.72
N ASP IA 164 81.58 -21.35 -2.29
CA ASP IA 164 81.04 -21.30 -3.64
C ASP IA 164 80.10 -22.48 -3.82
N ALA IA 165 79.55 -22.61 -5.03
CA ALA IA 165 78.58 -23.67 -5.31
C ALA IA 165 79.20 -25.05 -5.13
N LYS IA 166 80.42 -25.24 -5.62
CA LYS IA 166 81.04 -26.57 -5.55
C LYS IA 166 81.30 -26.98 -4.10
N THR IA 167 81.75 -26.04 -3.27
CA THR IA 167 82.08 -26.35 -1.88
C THR IA 167 80.88 -26.28 -0.96
N LEU IA 168 79.68 -26.07 -1.50
CA LEU IA 168 78.46 -26.05 -0.70
C LEU IA 168 77.48 -27.14 -1.08
N GLY IA 169 77.82 -27.97 -2.07
CA GLY IA 169 76.94 -29.03 -2.53
C GLY IA 169 75.93 -28.59 -3.56
N LEU IA 170 75.86 -27.30 -3.88
CA LEU IA 170 74.91 -26.81 -4.87
C LEU IA 170 75.54 -26.73 -6.26
N ASP IA 171 76.11 -27.84 -6.71
CA ASP IA 171 76.69 -27.96 -8.04
C ASP IA 171 75.81 -28.93 -8.83
N GLY IA 172 75.03 -28.39 -9.76
CA GLY IA 172 74.02 -29.18 -10.44
C GLY IA 172 72.67 -29.15 -9.79
N PHE IA 173 72.42 -28.21 -8.89
CA PHE IA 173 71.14 -28.11 -8.19
C PHE IA 173 70.02 -27.81 -9.17
N SER IA 174 69.15 -28.79 -9.42
CA SER IA 174 68.08 -28.66 -10.39
C SER IA 174 66.76 -29.07 -9.76
N VAL IA 175 65.68 -28.46 -10.26
CA VAL IA 175 64.34 -28.79 -9.80
C VAL IA 175 63.49 -29.17 -11.01
N LYS IA 176 64.14 -29.67 -12.06
CA LYS IA 176 63.45 -30.06 -13.28
C LYS IA 176 64.25 -31.17 -13.96
N ASN IA 177 63.60 -31.83 -14.91
CA ASN IA 177 64.24 -32.92 -15.65
C ASN IA 177 64.74 -32.44 -17.00
N THR IA 407 67.31 -33.19 -8.59
CA THR IA 407 68.05 -33.23 -7.34
C THR IA 407 67.19 -33.79 -6.21
N THR IA 408 67.72 -34.77 -5.50
CA THR IA 408 67.02 -35.39 -4.39
C THR IA 408 67.29 -34.64 -3.09
N ASP IA 409 66.25 -34.50 -2.28
CA ASP IA 409 66.31 -33.77 -1.02
C ASP IA 409 66.94 -32.38 -1.17
N PRO IA 410 66.32 -31.50 -1.97
CA PRO IA 410 66.94 -30.17 -2.19
C PRO IA 410 66.97 -29.32 -0.93
N LEU IA 411 65.90 -29.34 -0.14
CA LEU IA 411 65.79 -28.45 1.01
C LEU IA 411 66.85 -28.76 2.06
N LYS IA 412 67.14 -30.06 2.26
CA LYS IA 412 68.16 -30.43 3.22
C LYS IA 412 69.53 -29.89 2.82
N ALA IA 413 69.88 -30.02 1.54
CA ALA IA 413 71.16 -29.50 1.07
C ALA IA 413 71.21 -27.98 1.20
N LEU IA 414 70.10 -27.31 0.87
CA LEU IA 414 70.07 -25.86 1.00
C LEU IA 414 70.27 -25.42 2.45
N ASP IA 415 69.61 -26.10 3.38
CA ASP IA 415 69.78 -25.79 4.80
C ASP IA 415 71.21 -26.04 5.24
N ASP IA 416 71.81 -27.12 4.76
CA ASP IA 416 73.20 -27.41 5.10
C ASP IA 416 74.13 -26.30 4.60
N ALA IA 417 73.90 -25.82 3.38
CA ALA IA 417 74.72 -24.73 2.86
C ALA IA 417 74.55 -23.46 3.67
N ILE IA 418 73.32 -23.15 4.06
CA ILE IA 418 73.07 -21.96 4.88
C ILE IA 418 73.81 -22.07 6.21
N ALA IA 419 73.76 -23.25 6.85
CA ALA IA 419 74.47 -23.42 8.11
C ALA IA 419 75.98 -23.33 7.92
N SER IA 420 76.47 -23.83 6.78
CA SER IA 420 77.90 -23.82 6.54
C SER IA 420 78.44 -22.42 6.25
N VAL IA 421 77.61 -21.53 5.70
CA VAL IA 421 78.07 -20.15 5.58
C VAL IA 421 77.90 -19.40 6.91
N ASP IA 422 76.88 -19.76 7.70
CA ASP IA 422 76.72 -19.12 9.00
C ASP IA 422 77.88 -19.43 9.94
N LYS IA 423 78.45 -20.64 9.84
CA LYS IA 423 79.61 -20.98 10.66
C LYS IA 423 80.79 -20.06 10.35
N PHE IA 424 81.07 -19.85 9.07
CA PHE IA 424 82.16 -18.95 8.68
C PHE IA 424 81.88 -17.53 9.14
N ARG IA 425 80.63 -17.08 9.04
CA ARG IA 425 80.29 -15.75 9.51
C ARG IA 425 80.53 -15.62 11.01
N SER IA 426 80.18 -16.65 11.78
CA SER IA 426 80.43 -16.61 13.22
C SER IA 426 81.92 -16.54 13.54
N SER IA 427 82.72 -17.31 12.80
CA SER IA 427 84.17 -17.26 13.01
C SER IA 427 84.70 -15.86 12.71
N LEU IA 428 84.20 -15.24 11.65
CA LEU IA 428 84.63 -13.88 11.31
C LEU IA 428 84.26 -12.89 12.41
N GLY IA 429 83.05 -13.00 12.95
CA GLY IA 429 82.68 -12.11 14.04
C GLY IA 429 83.57 -12.30 15.26
N ALA IA 430 83.91 -13.55 15.58
CA ALA IA 430 84.77 -13.81 16.72
C ALA IA 430 86.15 -13.18 16.52
N VAL IA 431 86.72 -13.32 15.31
CA VAL IA 431 88.04 -12.75 15.10
C VAL IA 431 87.97 -11.22 15.09
N GLN IA 432 86.85 -10.65 14.64
CA GLN IA 432 86.69 -9.19 14.72
C GLN IA 432 86.74 -8.72 16.17
N ASN IA 433 86.01 -9.41 17.06
CA ASN IA 433 86.00 -9.02 18.46
C ASN IA 433 87.39 -9.16 19.06
N ARG IA 434 88.09 -10.26 18.73
CA ARG IA 434 89.44 -10.45 19.25
C ARG IA 434 90.37 -9.32 18.81
N LEU IA 435 90.30 -8.95 17.53
CA LEU IA 435 91.16 -7.88 17.03
C LEU IA 435 90.85 -6.56 17.72
N ASP IA 436 89.57 -6.25 17.94
CA ASP IA 436 89.23 -5.00 18.61
C ASP IA 436 89.79 -4.97 20.03
N SER IA 437 89.66 -6.08 20.76
CA SER IA 437 90.23 -6.14 22.10
C SER IA 437 91.74 -5.96 22.07
N ALA IA 438 92.39 -6.56 21.07
CA ALA IA 438 93.83 -6.40 20.93
C ALA IA 438 94.21 -4.94 20.71
N VAL IA 439 93.45 -4.24 19.87
CA VAL IA 439 93.75 -2.83 19.62
C VAL IA 439 93.63 -2.02 20.90
N THR IA 440 92.56 -2.27 21.68
CA THR IA 440 92.39 -1.51 22.92
C THR IA 440 93.54 -1.76 23.89
N ASN IA 441 93.94 -3.03 24.04
CA ASN IA 441 95.05 -3.35 24.94
C ASN IA 441 96.34 -2.71 24.46
N LEU IA 442 96.59 -2.72 23.15
CA LEU IA 442 97.79 -2.10 22.61
C LEU IA 442 97.80 -0.60 22.89
N ASN IA 443 96.66 0.07 22.74
CA ASN IA 443 96.59 1.50 23.04
C ASN IA 443 96.94 1.76 24.49
N ASN IA 444 96.36 0.98 25.41
CA ASN IA 444 96.64 1.19 26.82
C ASN IA 444 98.13 0.98 27.14
N THR IA 445 98.69 -0.10 26.61
CA THR IA 445 100.10 -0.39 26.88
C THR IA 445 101.00 0.68 26.30
N THR IA 446 100.69 1.16 25.10
CA THR IA 446 101.49 2.21 24.47
C THR IA 446 101.48 3.48 25.32
N THR IA 447 100.30 3.87 25.81
CA THR IA 447 100.22 5.06 26.64
C THR IA 447 101.04 4.89 27.91
N ASN IA 448 100.93 3.73 28.57
CA ASN IA 448 101.68 3.52 29.80
C ASN IA 448 103.19 3.55 29.55
N LEU IA 449 103.65 2.90 28.47
CA LEU IA 449 105.08 2.90 28.18
C LEU IA 449 105.57 4.29 27.84
N SER IA 450 104.78 5.06 27.10
CA SER IA 450 105.18 6.43 26.79
C SER IA 450 105.30 7.27 28.05
N GLU IA 451 104.36 7.09 28.99
CA GLU IA 451 104.44 7.88 30.22
C GLU IA 451 105.64 7.47 31.06
N ALA IA 452 105.98 6.18 31.05
CA ALA IA 452 107.20 5.75 31.74
C ALA IA 452 108.45 6.35 31.10
N GLN IA 453 108.50 6.35 29.77
CA GLN IA 453 109.63 6.97 29.09
C GLN IA 453 109.73 8.45 29.45
N SER IA 454 108.58 9.11 29.61
CA SER IA 454 108.60 10.48 30.09
C SER IA 454 109.19 10.57 31.50
N ARG IA 455 108.80 9.64 32.38
CA ARG IA 455 109.32 9.66 33.74
C ARG IA 455 110.82 9.40 33.79
N ILE IA 456 111.38 8.84 32.71
CA ILE IA 456 112.78 8.43 32.71
C ILE IA 456 113.66 9.44 31.99
N GLN IA 457 113.37 9.75 30.73
CA GLN IA 457 114.30 10.50 29.89
C GLN IA 457 114.07 12.01 29.94
N ASP IA 458 112.89 12.47 30.32
CA ASP IA 458 112.59 13.88 30.20
C ASP IA 458 113.13 14.67 31.40
N ALA IA 459 113.22 15.98 31.22
CA ALA IA 459 113.77 16.89 32.23
C ALA IA 459 112.67 17.66 32.93
N ASP IA 460 113.00 18.19 34.10
CA ASP IA 460 112.11 19.02 34.90
C ASP IA 460 112.58 20.47 34.80
N TYR IA 461 111.74 21.34 34.26
CA TYR IA 461 112.19 22.68 33.91
C TYR IA 461 112.43 23.56 35.14
N ALA IA 462 111.68 23.35 36.22
CA ALA IA 462 111.87 24.19 37.41
C ALA IA 462 113.29 24.03 37.96
N THR IA 463 113.72 22.78 38.15
CA THR IA 463 115.06 22.53 38.68
C THR IA 463 116.12 23.05 37.72
N GLU IA 464 115.92 22.84 36.42
CA GLU IA 464 116.93 23.26 35.45
C GLU IA 464 117.06 24.78 35.42
N VAL IA 465 115.94 25.50 35.48
CA VAL IA 465 115.98 26.95 35.52
C VAL IA 465 116.68 27.42 36.79
N SER IA 466 116.38 26.79 37.93
CA SER IA 466 117.03 27.17 39.17
C SER IA 466 118.54 26.98 39.08
N ASN IA 467 118.97 25.84 38.53
CA ASN IA 467 120.40 25.57 38.38
C ASN IA 467 121.06 26.57 37.44
N MET IA 468 120.39 26.90 36.33
CA MET IA 468 120.96 27.86 35.38
C MET IA 468 121.12 29.23 36.01
N SER IA 469 120.10 29.69 36.74
CA SER IA 469 120.20 30.99 37.40
C SER IA 469 121.31 30.99 38.43
N LYS IA 470 121.40 29.94 39.24
CA LYS IA 470 122.46 29.86 40.24
C LYS IA 470 123.84 29.88 39.58
N ALA IA 471 124.00 29.14 38.49
CA ALA IA 471 125.27 29.09 37.80
C ALA IA 471 125.64 30.47 37.24
N GLN IA 472 124.66 31.18 36.68
CA GLN IA 472 124.95 32.52 36.16
C GLN IA 472 125.38 33.46 37.29
N ILE IA 473 124.69 33.40 38.43
CA ILE IA 473 125.06 34.25 39.56
C ILE IA 473 126.48 33.93 40.02
N ILE IA 474 126.80 32.64 40.13
CA ILE IA 474 128.13 32.25 40.57
C ILE IA 474 129.19 32.70 39.56
N GLN IA 475 128.88 32.63 38.27
CA GLN IA 475 129.83 33.08 37.26
C GLN IA 475 130.12 34.57 37.41
N GLN IA 476 129.07 35.39 37.55
CA GLN IA 476 129.29 36.82 37.70
C GLN IA 476 130.07 37.14 38.97
N ALA IA 477 129.73 36.47 40.07
CA ALA IA 477 130.45 36.68 41.31
C ALA IA 477 131.93 36.32 41.16
N GLY IA 478 132.21 35.17 40.55
CA GLY IA 478 133.58 34.77 40.35
C GLY IA 478 134.35 35.71 39.44
N ASN IA 479 133.67 36.26 38.43
CA ASN IA 479 134.33 37.21 37.54
C ASN IA 479 134.72 38.47 38.30
N SER IA 480 133.81 38.99 39.12
CA SER IA 480 134.13 40.17 39.92
C SER IA 480 135.28 39.88 40.90
N VAL IA 481 135.25 38.71 41.55
CA VAL IA 481 136.31 38.36 42.48
C VAL IA 481 137.64 38.22 41.75
N LEU IA 482 137.62 37.68 40.54
CA LEU IA 482 138.85 37.58 39.76
C LEU IA 482 139.40 38.96 39.43
N ALA IA 483 138.54 39.89 39.03
CA ALA IA 483 138.99 41.25 38.77
C ALA IA 483 139.64 41.85 40.00
N LYS IA 484 139.02 41.66 41.16
CA LYS IA 484 139.58 42.19 42.40
C LYS IA 484 140.92 41.51 42.72
N ALA IA 485 141.02 40.20 42.49
CA ALA IA 485 142.26 39.48 42.78
C ALA IA 485 143.40 40.01 41.90
N ASN IA 486 143.14 40.24 40.62
CA ASN IA 486 144.16 40.84 39.78
C ASN IA 486 144.46 42.27 40.19
N GLN IA 487 143.48 42.96 40.78
CA GLN IA 487 143.73 44.32 41.27
C GLN IA 487 144.64 44.34 42.49
N VAL IA 488 144.60 43.28 43.30
CA VAL IA 488 145.33 43.28 44.58
C VAL IA 488 146.82 43.58 44.44
N PRO IA 489 147.59 42.93 43.54
CA PRO IA 489 149.05 43.06 43.60
C PRO IA 489 149.61 44.46 43.32
N GLN IA 490 148.75 45.46 43.13
CA GLN IA 490 149.22 46.78 42.77
C GLN IA 490 149.98 47.49 43.88
N GLN IA 491 149.92 46.99 45.12
CA GLN IA 491 150.55 47.68 46.23
C GLN IA 491 152.07 47.73 46.09
N VAL IA 492 152.66 46.76 45.40
CA VAL IA 492 154.11 46.73 45.26
C VAL IA 492 154.59 47.92 44.43
N LEU IA 493 153.77 48.41 43.51
CA LEU IA 493 154.16 49.60 42.75
C LEU IA 493 154.31 50.80 43.66
N SER IA 494 153.38 50.98 44.61
CA SER IA 494 153.51 52.03 45.61
C SER IA 494 154.74 51.78 46.49
N LEU IA 495 154.98 50.52 46.83
CA LEU IA 495 156.13 50.19 47.68
C LEU IA 495 157.44 50.63 47.03
N LEU IA 496 157.67 50.21 45.78
CA LEU IA 496 158.91 50.60 45.09
C LEU IA 496 158.95 52.10 44.82
N GLN IA 497 157.81 52.69 44.43
CA GLN IA 497 157.81 54.10 44.05
C GLN IA 497 158.20 55.00 45.22
N GLY IA 498 157.70 54.72 46.40
CA GLY IA 498 158.01 55.51 47.57
C GLY IA 498 156.79 55.83 48.43
N GLN JA 3 182.94 72.62 25.09
CA GLN JA 3 182.23 73.16 26.24
C GLN JA 3 181.51 74.46 25.86
N VAL JA 4 181.49 74.72 24.56
CA VAL JA 4 181.10 75.99 23.96
C VAL JA 4 179.80 76.51 24.55
N ILE JA 5 179.79 77.77 24.98
CA ILE JA 5 178.62 78.34 25.64
C ILE JA 5 177.85 79.28 24.74
N ASN JA 6 178.36 79.59 23.55
CA ASN JA 6 177.65 80.44 22.62
C ASN JA 6 176.77 79.67 21.66
N THR JA 7 176.79 78.35 21.73
CA THR JA 7 176.03 77.47 20.85
C THR JA 7 175.61 76.23 21.62
N ASN JA 8 174.34 75.84 21.46
CA ASN JA 8 173.77 74.70 22.17
C ASN JA 8 173.17 73.72 21.18
N SER JA 9 173.96 73.35 20.17
CA SER JA 9 173.53 72.55 19.02
C SER JA 9 172.53 71.45 19.37
N LEU JA 10 172.76 70.75 20.49
CA LEU JA 10 171.81 69.71 20.91
C LEU JA 10 170.42 70.28 21.11
N SER JA 11 170.32 71.47 21.71
CA SER JA 11 169.02 72.11 21.87
C SER JA 11 168.39 72.42 20.51
N LEU JA 12 169.20 72.87 19.55
CA LEU JA 12 168.67 73.16 18.22
C LEU JA 12 168.14 71.90 17.56
N ILE JA 13 168.85 70.77 17.70
CA ILE JA 13 168.37 69.51 17.14
C ILE JA 13 167.06 69.10 17.80
N THR JA 14 166.97 69.26 19.12
CA THR JA 14 165.73 68.89 19.81
C THR JA 14 164.57 69.76 19.34
N GLN JA 15 164.80 71.07 19.17
CA GLN JA 15 163.75 71.94 18.66
C GLN JA 15 163.35 71.54 17.25
N ASN JA 16 164.31 71.16 16.42
CA ASN JA 16 163.99 70.73 15.06
C ASN JA 16 163.13 69.48 15.08
N ASN JA 17 163.45 68.52 15.95
CA ASN JA 17 162.65 67.30 16.05
C ASN JA 17 161.25 67.60 16.55
N ILE JA 18 161.12 68.51 17.52
CA ILE JA 18 159.79 68.88 18.01
C ILE JA 18 158.98 69.54 16.90
N ASN JA 19 159.62 70.40 16.11
CA ASN JA 19 158.96 71.03 14.98
C ASN JA 19 158.49 70.00 13.97
N LYS JA 20 159.32 68.98 13.72
CA LYS JA 20 158.90 67.89 12.85
C LYS JA 20 157.68 67.17 13.42
N ASN JA 21 157.67 66.92 14.73
CA ASN JA 21 156.58 66.18 15.33
C ASN JA 21 155.27 66.96 15.31
N GLN JA 22 155.34 68.29 15.40
CA GLN JA 22 154.13 69.11 15.54
C GLN JA 22 153.11 68.83 14.43
N SER JA 23 153.58 68.58 13.21
CA SER JA 23 152.67 68.42 12.07
C SER JA 23 151.77 67.21 12.24
N ALA JA 24 152.31 66.09 12.70
CA ALA JA 24 151.51 64.88 12.87
C ALA JA 24 150.40 65.11 13.91
N LEU JA 25 150.76 65.74 15.03
CA LEU JA 25 149.77 66.03 16.07
C LEU JA 25 148.68 66.95 15.55
N SER JA 26 149.07 68.01 14.84
CA SER JA 26 148.07 68.94 14.32
C SER JA 26 147.13 68.25 13.34
N SER JA 27 147.69 67.48 12.41
CA SER JA 27 146.86 66.79 11.43
C SER JA 27 145.93 65.79 12.09
N SER JA 28 146.44 65.03 13.07
CA SER JA 28 145.61 64.04 13.73
C SER JA 28 144.45 64.69 14.47
N ILE JA 29 144.72 65.78 15.19
CA ILE JA 29 143.64 66.44 15.92
C ILE JA 29 142.63 67.05 14.96
N GLU JA 30 143.10 67.64 13.86
CA GLU JA 30 142.18 68.20 12.89
C GLU JA 30 141.29 67.12 12.28
N ARG JA 31 141.87 65.97 11.93
CA ARG JA 31 141.08 64.88 11.37
C ARG JA 31 140.09 64.34 12.39
N LEU JA 32 140.50 64.23 13.65
CA LEU JA 32 139.59 63.75 14.68
C LEU JA 32 138.42 64.71 14.87
N SER JA 33 138.69 66.01 14.86
CA SER JA 33 137.62 66.98 15.06
C SER JA 33 136.67 67.01 13.87
N SER JA 34 137.22 67.10 12.66
CA SER JA 34 136.38 67.21 11.47
C SER JA 34 135.73 65.88 11.11
N GLY JA 35 136.45 64.77 11.28
CA GLY JA 35 135.97 63.47 10.89
C GLY JA 35 136.26 63.09 9.45
N LEU JA 36 136.79 64.01 8.66
CA LEU JA 36 137.13 63.76 7.26
C LEU JA 36 138.63 63.61 7.12
N ARG JA 37 139.07 62.56 6.42
CA ARG JA 37 140.49 62.37 6.20
C ARG JA 37 141.06 63.45 5.29
N ILE JA 38 140.28 63.91 4.31
CA ILE JA 38 140.70 64.96 3.39
C ILE JA 38 140.07 66.25 3.90
N ASN JA 39 140.86 67.10 4.54
CA ASN JA 39 140.39 68.36 5.07
C ASN JA 39 140.81 69.56 4.24
N SER JA 40 141.73 69.38 3.29
CA SER JA 40 142.20 70.48 2.46
C SER JA 40 142.83 69.90 1.20
N ALA JA 41 143.11 70.79 0.24
CA ALA JA 41 143.75 70.37 -0.99
C ALA JA 41 145.15 69.83 -0.75
N LYS JA 42 145.79 70.24 0.35
CA LYS JA 42 147.12 69.74 0.64
C LYS JA 42 147.11 68.23 0.92
N ASP JA 43 146.01 67.71 1.46
CA ASP JA 43 145.96 66.30 1.83
C ASP JA 43 146.11 65.40 0.61
N ASP JA 44 145.07 65.32 -0.21
CA ASP JA 44 145.12 64.59 -1.47
C ASP JA 44 144.74 65.45 -2.66
N ALA JA 45 143.54 66.02 -2.63
CA ALA JA 45 142.93 66.90 -3.63
C ALA JA 45 142.53 66.19 -4.92
N ALA JA 46 143.11 65.03 -5.20
CA ALA JA 46 142.49 64.15 -6.17
C ALA JA 46 141.30 63.45 -5.53
N GLY JA 47 141.49 62.95 -4.32
CA GLY JA 47 140.37 62.49 -3.52
C GLY JA 47 139.37 63.59 -3.27
N GLN JA 48 139.84 64.82 -3.06
CA GLN JA 48 138.92 65.94 -2.85
C GLN JA 48 138.09 66.22 -4.10
N ALA JA 49 138.72 66.23 -5.28
CA ALA JA 49 137.96 66.44 -6.51
C ALA JA 49 136.95 65.32 -6.73
N ILE JA 50 137.37 64.07 -6.54
CA ILE JA 50 136.47 62.94 -6.72
C ILE JA 50 135.31 63.03 -5.73
N ALA JA 51 135.61 63.41 -4.48
CA ALA JA 51 134.56 63.51 -3.47
C ALA JA 51 133.59 64.64 -3.79
N ASN JA 52 134.09 65.77 -4.29
CA ASN JA 52 133.19 66.85 -4.68
C ASN JA 52 132.26 66.42 -5.80
N ARG JA 53 132.79 65.72 -6.80
CA ARG JA 53 131.93 65.21 -7.87
C ARG JA 53 130.94 64.20 -7.32
N PHE JA 54 131.37 63.36 -6.39
CA PHE JA 54 130.46 62.37 -5.79
C PHE JA 54 129.33 63.05 -5.03
N THR JA 55 129.64 64.11 -4.28
CA THR JA 55 128.61 64.85 -3.57
C THR JA 55 127.62 65.48 -4.54
N SER JA 56 128.13 66.04 -5.64
CA SER JA 56 127.25 66.60 -6.65
C SER JA 56 126.32 65.52 -7.20
N ASN JA 57 126.86 64.33 -7.48
CA ASN JA 57 126.04 63.24 -7.98
C ASN JA 57 124.98 62.83 -6.96
N ILE JA 58 125.35 62.76 -5.68
CA ILE JA 58 124.40 62.35 -4.65
C ILE JA 58 123.24 63.34 -4.58
N LYS JA 59 123.55 64.64 -4.54
CA LYS JA 59 122.49 65.64 -4.47
C LYS JA 59 121.61 65.58 -5.72
N GLY JA 60 122.23 65.44 -6.89
CA GLY JA 60 121.46 65.38 -8.12
C GLY JA 60 120.51 64.19 -8.16
N LEU JA 61 120.99 63.02 -7.73
CA LEU JA 61 120.16 61.83 -7.79
C LEU JA 61 119.02 61.90 -6.79
N THR JA 62 119.30 62.42 -5.58
CA THR JA 62 118.22 62.57 -4.60
C THR JA 62 117.15 63.53 -5.12
N GLN JA 63 117.57 64.67 -5.68
CA GLN JA 63 116.60 65.60 -6.23
C GLN JA 63 115.85 64.99 -7.40
N ALA JA 64 116.52 64.14 -8.19
CA ALA JA 64 115.87 63.48 -9.30
C ALA JA 64 114.77 62.55 -8.83
N ALA JA 65 115.02 61.78 -7.78
CA ALA JA 65 113.97 60.91 -7.22
C ALA JA 65 112.81 61.73 -6.68
N ARG JA 66 113.13 62.85 -6.00
CA ARG JA 66 112.08 63.72 -5.49
C ARG JA 66 111.21 64.25 -6.62
N ASN JA 67 111.84 64.64 -7.73
CA ASN JA 67 111.07 65.05 -8.91
C ASN JA 67 110.25 63.89 -9.46
N ALA JA 68 110.82 62.68 -9.46
CA ALA JA 68 110.14 61.53 -10.04
C ALA JA 68 108.82 61.25 -9.34
N ASN JA 69 108.78 61.41 -8.01
CA ASN JA 69 107.52 61.17 -7.29
C ASN JA 69 106.38 62.04 -7.81
N ASP JA 70 106.69 63.24 -8.30
CA ASP JA 70 105.66 64.17 -8.76
C ASP JA 70 104.90 63.57 -9.94
N GLY JA 71 105.61 62.96 -10.88
CA GLY JA 71 104.94 62.36 -12.03
C GLY JA 71 103.98 61.25 -11.62
N ILE JA 72 104.37 60.44 -10.64
CA ILE JA 72 103.48 59.40 -10.14
C ILE JA 72 102.22 60.03 -9.56
N SER JA 73 102.37 61.13 -8.81
CA SER JA 73 101.20 61.81 -8.27
C SER JA 73 100.27 62.31 -9.38
N VAL JA 74 100.84 62.91 -10.42
CA VAL JA 74 100.04 63.42 -11.53
C VAL JA 74 99.28 62.29 -12.20
N ALA JA 75 99.98 61.18 -12.45
CA ALA JA 75 99.34 60.05 -13.10
C ALA JA 75 98.21 59.49 -12.26
N GLN JA 76 98.40 59.42 -10.94
CA GLN JA 76 97.34 58.93 -10.06
C GLN JA 76 96.10 59.82 -10.13
N THR JA 77 96.30 61.14 -10.07
CA THR JA 77 95.15 62.05 -10.15
C THR JA 77 94.41 61.89 -11.46
N THR JA 78 95.15 61.87 -12.58
CA THR JA 78 94.51 61.73 -13.88
C THR JA 78 93.78 60.39 -13.99
N GLU JA 79 94.36 59.33 -13.41
CA GLU JA 79 93.72 58.02 -13.44
C GLU JA 79 92.39 58.04 -12.69
N GLY JA 80 92.35 58.71 -11.54
CA GLY JA 80 91.09 58.80 -10.80
C GLY JA 80 90.02 59.52 -11.60
N ALA JA 81 90.39 60.65 -12.21
CA ALA JA 81 89.42 61.38 -13.03
C ALA JA 81 88.94 60.50 -14.19
N LEU JA 82 89.85 59.79 -14.83
CA LEU JA 82 89.47 58.92 -15.94
C LEU JA 82 88.54 57.80 -15.48
N SER JA 83 88.76 57.28 -14.28
CA SER JA 83 87.88 56.24 -13.76
C SER JA 83 86.46 56.76 -13.58
N GLU JA 84 86.33 57.98 -13.04
CA GLU JA 84 84.98 58.54 -12.91
C GLU JA 84 84.33 58.74 -14.27
N ILE JA 85 85.10 59.23 -15.26
CA ILE JA 85 84.55 59.40 -16.60
C ILE JA 85 84.11 58.05 -17.17
N ASN JA 86 84.89 56.99 -16.90
CA ASN JA 86 84.53 55.67 -17.37
C ASN JA 86 83.21 55.19 -16.78
N ASN JA 87 83.02 55.43 -15.47
CA ASN JA 87 81.75 55.03 -14.85
C ASN JA 87 80.57 55.77 -15.48
N ASN JA 88 80.74 57.08 -15.71
CA ASN JA 88 79.67 57.83 -16.36
C ASN JA 88 79.37 57.28 -17.76
N LEU JA 89 80.41 56.95 -18.52
CA LEU JA 89 80.21 56.40 -19.86
C LEU JA 89 79.47 55.06 -19.79
N GLN JA 90 79.82 54.23 -18.81
CA GLN JA 90 79.14 52.94 -18.65
C GLN JA 90 77.65 53.14 -18.40
N ARG JA 91 77.31 54.08 -17.51
CA ARG JA 91 75.89 54.31 -17.24
C ARG JA 91 75.18 54.87 -18.47
N VAL JA 92 75.86 55.73 -19.23
CA VAL JA 92 75.27 56.26 -20.45
C VAL JA 92 74.99 55.13 -21.44
N ARG JA 93 75.91 54.18 -21.55
CA ARG JA 93 75.69 53.04 -22.44
C ARG JA 93 74.49 52.22 -22.00
N GLU JA 94 74.37 51.98 -20.69
CA GLU JA 94 73.20 51.25 -20.21
C GLU JA 94 71.91 51.99 -20.53
N LEU JA 95 71.93 53.32 -20.37
CA LEU JA 95 70.74 54.11 -20.69
C LEU JA 95 70.38 54.01 -22.16
N THR JA 96 71.39 54.04 -23.04
CA THR JA 96 71.12 53.89 -24.47
C THR JA 96 70.52 52.52 -24.78
N VAL JA 97 71.06 51.47 -24.15
CA VAL JA 97 70.52 50.13 -24.35
C VAL JA 97 69.05 50.10 -23.93
N GLN JA 98 68.72 50.75 -22.81
CA GLN JA 98 67.33 50.79 -22.39
C GLN JA 98 66.47 51.60 -23.34
N ALA JA 99 67.01 52.68 -23.91
CA ALA JA 99 66.22 53.58 -24.72
C ALA JA 99 65.94 53.03 -26.11
N THR JA 100 66.84 52.20 -26.66
CA THR JA 100 66.65 51.72 -28.01
C THR JA 100 65.64 50.57 -28.06
N THR JA 101 64.44 50.80 -27.54
CA THR JA 101 63.39 49.80 -27.52
C THR JA 101 62.09 50.42 -28.01
N GLY JA 102 61.28 49.61 -28.72
CA GLY JA 102 60.05 50.11 -29.29
C GLY JA 102 58.92 50.34 -28.30
N THR JA 103 58.98 49.70 -27.13
CA THR JA 103 57.93 49.89 -26.15
C THR JA 103 57.92 51.30 -25.56
N ASN JA 104 59.09 51.92 -25.48
CA ASN JA 104 59.17 53.26 -24.89
C ASN JA 104 58.38 54.26 -25.72
N SER JA 105 57.66 55.14 -25.02
CA SER JA 105 56.93 56.21 -25.67
C SER JA 105 57.85 57.41 -25.88
N GLU JA 106 57.29 58.53 -26.34
CA GLU JA 106 58.11 59.69 -26.60
C GLU JA 106 58.56 60.38 -25.31
N SER JA 107 57.68 60.42 -24.30
CA SER JA 107 58.05 61.05 -23.03
C SER JA 107 59.14 60.26 -22.32
N ASP JA 108 59.08 58.92 -22.41
CA ASP JA 108 60.14 58.11 -21.82
C ASP JA 108 61.47 58.36 -22.51
N LEU JA 109 61.44 58.49 -23.84
CA LEU JA 109 62.66 58.85 -24.57
C LEU JA 109 63.16 60.22 -24.15
N SER JA 110 62.24 61.16 -23.91
CA SER JA 110 62.65 62.48 -23.46
C SER JA 110 63.35 62.41 -22.10
N SER JA 111 62.80 61.62 -21.18
CA SER JA 111 63.42 61.49 -19.86
C SER JA 111 64.80 60.82 -19.95
N ILE JA 112 64.90 59.77 -20.77
CA ILE JA 112 66.19 59.09 -20.93
C ILE JA 112 67.20 60.04 -21.54
N GLN JA 113 66.79 60.83 -22.54
CA GLN JA 113 67.70 61.80 -23.14
C GLN JA 113 68.09 62.87 -22.15
N ASP JA 114 67.17 63.28 -21.29
CA ASP JA 114 67.52 64.25 -20.25
C ASP JA 114 68.63 63.72 -19.36
N GLU JA 115 68.47 62.48 -18.87
CA GLU JA 115 69.51 61.91 -18.01
C GLU JA 115 70.82 61.73 -18.76
N ILE JA 116 70.75 61.29 -20.02
CA ILE JA 116 71.95 61.06 -20.81
C ILE JA 116 72.70 62.37 -21.02
N LYS JA 117 71.98 63.43 -21.36
CA LYS JA 117 72.61 64.73 -21.58
C LYS JA 117 73.18 65.27 -20.27
N SER JA 118 72.50 65.04 -19.15
CA SER JA 118 73.04 65.46 -17.87
C SER JA 118 74.37 64.76 -17.58
N ARG JA 119 74.44 63.45 -17.85
CA ARG JA 119 75.67 62.72 -17.57
C ARG JA 119 76.78 63.12 -18.54
N LEU JA 120 76.44 63.39 -19.80
CA LEU JA 120 77.46 63.88 -20.74
C LEU JA 120 77.99 65.25 -20.33
N ASP JA 121 77.10 66.14 -19.87
CA ASP JA 121 77.55 67.43 -19.37
C ASP JA 121 78.43 67.26 -18.13
N GLU JA 122 78.09 66.29 -17.28
CA GLU JA 122 78.95 65.99 -16.13
C GLU JA 122 80.33 65.52 -16.57
N ILE JA 123 80.38 64.68 -17.60
CA ILE JA 123 81.66 64.22 -18.13
C ILE JA 123 82.48 65.41 -18.62
N ASP JA 124 81.84 66.31 -19.37
CA ASP JA 124 82.54 67.49 -19.88
C ASP JA 124 83.03 68.36 -18.73
N ARG JA 125 82.21 68.53 -17.70
CA ARG JA 125 82.60 69.33 -16.54
C ARG JA 125 83.81 68.71 -15.84
N VAL JA 126 83.79 67.40 -15.63
CA VAL JA 126 84.91 66.74 -14.97
C VAL JA 126 86.18 66.89 -15.81
N SER JA 127 86.04 66.77 -17.13
CA SER JA 127 87.20 66.97 -18.00
C SER JA 127 87.75 68.39 -17.87
N GLY JA 128 86.88 69.39 -17.95
CA GLY JA 128 87.36 70.77 -17.94
C GLY JA 128 87.94 71.19 -16.60
N GLN JA 129 87.30 70.79 -15.50
CA GLN JA 129 87.64 71.36 -14.20
C GLN JA 129 88.81 70.66 -13.52
N THR JA 130 89.07 69.40 -13.86
CA THR JA 130 90.10 68.62 -13.19
C THR JA 130 91.47 69.22 -13.51
N GLN JA 131 92.06 69.91 -12.53
CA GLN JA 131 93.33 70.59 -12.70
C GLN JA 131 94.26 70.25 -11.54
N PHE JA 132 95.53 70.05 -11.86
CA PHE JA 132 96.55 69.70 -10.87
C PHE JA 132 97.66 70.73 -10.93
N ASN JA 133 97.93 71.38 -9.80
CA ASN JA 133 99.03 72.34 -9.67
C ASN JA 133 98.99 73.38 -10.80
N GLY JA 134 97.81 73.94 -11.02
CA GLY JA 134 97.64 74.94 -12.06
C GLY JA 134 97.83 74.40 -13.46
N VAL JA 135 97.46 73.14 -13.71
CA VAL JA 135 97.56 72.53 -15.03
C VAL JA 135 96.29 71.71 -15.26
N ASN JA 136 95.49 72.12 -16.23
CA ASN JA 136 94.28 71.37 -16.60
C ASN JA 136 94.72 70.17 -17.42
N VAL JA 137 94.87 69.03 -16.77
CA VAL JA 137 95.46 67.85 -17.41
C VAL JA 137 94.57 67.34 -18.54
N LEU JA 138 93.28 67.16 -18.27
CA LEU JA 138 92.35 66.63 -19.26
C LEU JA 138 91.60 67.77 -19.97
N ALA JA 139 92.36 68.70 -20.54
CA ALA JA 139 91.76 69.79 -21.30
C ALA JA 139 92.51 70.12 -22.58
N LYS JA 140 93.66 69.50 -22.85
CA LYS JA 140 94.46 69.85 -24.01
C LYS JA 140 95.54 68.80 -24.19
N ASN JA 141 95.77 68.39 -25.43
CA ASN JA 141 96.86 67.46 -25.72
C ASN JA 141 98.20 68.10 -25.38
N GLY JA 142 99.05 67.35 -24.71
CA GLY JA 142 100.34 67.86 -24.33
C GLY JA 142 101.22 66.76 -23.77
N SER JA 143 102.34 67.18 -23.16
CA SER JA 143 103.27 66.24 -22.59
C SER JA 143 104.04 66.92 -21.47
N MET JA 144 104.45 66.12 -20.48
CA MET JA 144 105.28 66.58 -19.38
C MET JA 144 106.58 65.80 -19.35
N LYS JA 145 107.66 66.49 -19.00
CA LYS JA 145 108.99 65.90 -18.94
C LYS JA 145 109.45 65.90 -17.49
N ILE JA 146 109.66 64.71 -16.94
CA ILE JA 146 110.05 64.54 -15.54
C ILE JA 146 111.54 64.29 -15.47
N GLN JA 147 112.27 65.20 -14.84
CA GLN JA 147 113.72 65.08 -14.70
C GLN JA 147 114.03 63.97 -13.69
N VAL JA 148 114.45 62.82 -14.17
CA VAL JA 148 114.72 61.68 -13.31
C VAL JA 148 116.20 61.30 -13.38
N GLY JA 149 117.05 62.30 -13.65
CA GLY JA 149 118.47 62.06 -13.75
C GLY JA 149 119.27 63.21 -13.17
N ALA JA 150 120.58 63.00 -13.08
CA ALA JA 150 121.48 64.00 -12.53
C ALA JA 150 121.95 65.00 -13.57
N ASN JA 151 122.27 64.54 -14.78
CA ASN JA 151 122.68 65.42 -15.85
C ASN JA 151 121.46 65.93 -16.61
N ASP JA 152 121.70 66.70 -17.66
CA ASP JA 152 120.62 67.28 -18.45
C ASP JA 152 120.13 66.27 -19.49
N ASN JA 153 118.88 66.49 -19.92
CA ASN JA 153 118.21 65.63 -20.90
C ASN JA 153 118.17 64.18 -20.41
N GLN JA 154 117.64 64.01 -19.21
CA GLN JA 154 117.46 62.71 -18.57
C GLN JA 154 116.01 62.55 -18.13
N THR JA 155 115.08 62.86 -19.02
CA THR JA 155 113.67 63.01 -18.68
C THR JA 155 112.84 61.85 -19.19
N ILE JA 156 111.77 61.55 -18.46
CA ILE JA 156 110.74 60.61 -18.87
C ILE JA 156 109.49 61.41 -19.23
N THR JA 157 108.91 61.11 -20.38
CA THR JA 157 107.80 61.90 -20.92
C THR JA 157 106.47 61.28 -20.51
N ILE JA 158 105.59 62.11 -19.95
CA ILE JA 158 104.23 61.71 -19.62
C ILE JA 158 103.29 62.37 -20.64
N ASP JA 159 102.42 61.56 -21.22
CA ASP JA 159 101.54 62.03 -22.29
C ASP JA 159 100.15 62.31 -21.73
N LEU JA 160 99.52 63.38 -22.23
CA LEU JA 160 98.18 63.78 -21.82
C LEU JA 160 97.33 63.99 -23.05
N LYS JA 161 96.17 63.34 -23.08
CA LYS JA 161 95.23 63.45 -24.19
C LYS JA 161 93.97 64.15 -23.73
N GLN JA 162 93.50 65.12 -24.52
CA GLN JA 162 92.25 65.81 -24.21
C GLN JA 162 91.08 64.85 -24.29
N ILE JA 163 90.49 64.53 -23.15
CA ILE JA 163 89.38 63.58 -23.07
C ILE JA 163 88.13 64.37 -22.73
N ASP JA 164 87.28 64.60 -23.73
CA ASP JA 164 86.01 65.29 -23.53
C ASP JA 164 85.04 64.84 -24.62
N ALA JA 165 83.83 65.37 -24.56
CA ALA JA 165 82.78 64.94 -25.50
C ALA JA 165 83.19 65.17 -26.94
N LYS JA 166 83.82 66.32 -27.23
CA LYS JA 166 84.22 66.63 -28.60
C LYS JA 166 85.27 65.64 -29.10
N THR JA 167 86.22 65.28 -28.26
CA THR JA 167 87.28 64.36 -28.64
C THR JA 167 86.93 62.91 -28.37
N LEU JA 168 85.65 62.59 -28.20
CA LEU JA 168 85.20 61.22 -28.05
C LEU JA 168 84.09 60.85 -29.01
N GLY JA 169 83.65 61.78 -29.85
CA GLY JA 169 82.56 61.54 -30.76
C GLY JA 169 81.18 61.77 -30.17
N LEU JA 170 81.10 62.02 -28.88
CA LEU JA 170 79.83 62.25 -28.20
C LEU JA 170 79.49 63.73 -28.11
N ASP JA 171 79.55 64.43 -29.24
CA ASP JA 171 79.18 65.84 -29.33
C ASP JA 171 77.86 65.92 -30.10
N GLY JA 172 76.77 66.09 -29.38
CA GLY JA 172 75.44 66.05 -29.96
C GLY JA 172 74.75 64.70 -29.84
N PHE JA 173 75.28 63.80 -29.01
CA PHE JA 173 74.71 62.47 -28.83
C PHE JA 173 73.29 62.57 -28.28
N SER JA 174 72.30 62.17 -29.09
CA SER JA 174 70.91 62.23 -28.70
C SER JA 174 70.21 60.93 -29.07
N VAL JA 175 69.13 60.63 -28.35
CA VAL JA 175 68.35 59.42 -28.60
C VAL JA 175 66.89 59.79 -28.80
N LYS JA 176 66.63 61.03 -29.24
CA LYS JA 176 65.27 61.48 -29.48
C LYS JA 176 65.28 62.51 -30.59
N ASN JA 177 64.11 62.73 -31.18
CA ASN JA 177 63.96 63.69 -32.27
C ASN JA 177 63.54 65.05 -31.73
N THR JA 407 70.78 59.97 -33.58
CA THR JA 407 72.15 59.50 -33.69
C THR JA 407 72.19 58.07 -34.22
N THR JA 408 72.92 57.87 -35.31
CA THR JA 408 73.03 56.55 -35.92
C THR JA 408 74.17 55.78 -35.27
N ASP JA 409 73.94 54.48 -35.05
CA ASP JA 409 74.89 53.60 -34.37
C ASP JA 409 75.40 54.19 -33.06
N PRO JA 410 74.53 54.44 -32.09
CA PRO JA 410 74.97 55.10 -30.85
C PRO JA 410 75.87 54.23 -30.00
N LEU JA 411 75.47 52.96 -29.85
CA LEU JA 411 76.21 52.04 -28.98
C LEU JA 411 77.61 51.77 -29.51
N LYS JA 412 77.77 51.73 -30.83
CA LYS JA 412 79.11 51.57 -31.41
C LYS JA 412 80.00 52.75 -31.04
N ALA JA 413 79.47 53.98 -31.14
CA ALA JA 413 80.25 55.16 -30.76
C ALA JA 413 80.59 55.14 -29.28
N LEU JA 414 79.65 54.69 -28.44
CA LEU JA 414 79.92 54.61 -27.01
C LEU JA 414 81.02 53.61 -26.71
N ASP JA 415 81.00 52.46 -27.37
CA ASP JA 415 82.08 51.48 -27.21
C ASP JA 415 83.41 52.05 -27.67
N ASP JA 416 83.39 52.80 -28.79
CA ASP JA 416 84.62 53.43 -29.28
C ASP JA 416 85.19 54.40 -28.26
N ALA JA 417 84.32 55.21 -27.64
CA ALA JA 417 84.78 56.15 -26.62
C ALA JA 417 85.35 55.42 -25.41
N ILE JA 418 84.70 54.33 -25.00
CA ILE JA 418 85.19 53.55 -23.87
C ILE JA 418 86.59 53.02 -24.17
N ALA JA 419 86.80 52.49 -25.38
CA ALA JA 419 88.12 52.00 -25.73
C ALA JA 419 89.14 53.13 -25.81
N SER JA 420 88.71 54.30 -26.28
CA SER JA 420 89.62 55.43 -26.40
C SER JA 420 90.08 55.94 -25.05
N VAL JA 421 89.24 55.86 -24.02
CA VAL JA 421 89.70 56.26 -22.69
C VAL JA 421 90.50 55.13 -22.03
N ASP JA 422 90.19 53.87 -22.33
CA ASP JA 422 90.96 52.77 -21.77
C ASP JA 422 92.40 52.78 -22.28
N LYS JA 423 92.61 53.17 -23.54
CA LYS JA 423 93.97 53.26 -24.07
C LYS JA 423 94.81 54.26 -23.27
N PHE JA 424 94.24 55.44 -23.00
CA PHE JA 424 94.95 56.45 -22.23
C PHE JA 424 95.22 55.97 -20.81
N ARG JA 425 94.25 55.26 -20.22
CA ARG JA 425 94.47 54.73 -18.88
C ARG JA 425 95.62 53.73 -18.86
N SER JA 426 95.69 52.86 -19.86
CA SER JA 426 96.79 51.89 -19.93
C SER JA 426 98.14 52.60 -20.10
N SER JA 427 98.18 53.65 -20.92
CA SER JA 427 99.42 54.39 -21.07
C SER JA 427 99.85 55.02 -19.74
N LEU JA 428 98.88 55.57 -19.00
CA LEU JA 428 99.21 56.14 -17.70
C LEU JA 428 99.76 55.10 -16.74
N GLY JA 429 99.15 53.91 -16.71
CA GLY JA 429 99.67 52.85 -15.86
C GLY JA 429 101.09 52.44 -16.22
N ALA JA 430 101.38 52.34 -17.52
CA ALA JA 430 102.74 52.02 -17.95
C ALA JA 430 103.72 53.08 -17.48
N VAL JA 431 103.34 54.36 -17.60
CA VAL JA 431 104.22 55.43 -17.14
C VAL JA 431 104.45 55.33 -15.65
N GLN JA 432 103.40 54.98 -14.89
CA GLN JA 432 103.56 54.84 -13.45
C GLN JA 432 104.56 53.75 -13.10
N ASN JA 433 104.47 52.61 -13.79
CA ASN JA 433 105.41 51.52 -13.54
C ASN JA 433 106.84 51.94 -13.85
N ARG JA 434 107.02 52.62 -14.98
CA ARG JA 434 108.36 53.10 -15.35
C ARG JA 434 108.92 54.04 -14.28
N LEU JA 435 108.08 54.97 -13.80
CA LEU JA 435 108.54 55.92 -12.80
C LEU JA 435 108.93 55.23 -11.51
N ASP JA 436 108.14 54.25 -11.07
CA ASP JA 436 108.47 53.54 -9.83
C ASP JA 436 109.80 52.79 -9.96
N SER JA 437 110.00 52.12 -11.10
CA SER JA 437 111.27 51.44 -11.31
C SER JA 437 112.43 52.44 -11.28
N ALA JA 438 112.23 53.60 -11.89
CA ALA JA 438 113.27 54.63 -11.88
C ALA JA 438 113.59 55.06 -10.45
N VAL JA 439 112.55 55.26 -9.62
CA VAL JA 439 112.80 55.68 -8.25
C VAL JA 439 113.63 54.64 -7.50
N THR JA 440 113.28 53.36 -7.67
CA THR JA 440 114.04 52.31 -6.99
C THR JA 440 115.50 52.31 -7.44
N ASN JA 441 115.72 52.42 -8.75
CA ASN JA 441 117.10 52.40 -9.25
C ASN JA 441 117.90 53.60 -8.74
N LEU JA 442 117.28 54.78 -8.72
CA LEU JA 442 117.96 55.96 -8.20
C LEU JA 442 118.30 55.80 -6.72
N ASN JA 443 117.39 55.21 -5.93
CA ASN JA 443 117.69 54.98 -4.53
C ASN JA 443 118.92 54.08 -4.37
N ASN JA 444 118.96 52.99 -5.13
CA ASN JA 444 120.10 52.07 -5.03
C ASN JA 444 121.40 52.76 -5.45
N THR JA 445 121.37 53.50 -6.56
CA THR JA 445 122.57 54.16 -7.05
C THR JA 445 123.06 55.21 -6.05
N THR JA 446 122.14 55.97 -5.45
CA THR JA 446 122.52 56.95 -4.45
C THR JA 446 123.19 56.29 -3.26
N THR JA 447 122.63 55.17 -2.79
CA THR JA 447 123.25 54.47 -1.67
C THR JA 447 124.67 54.02 -2.03
N ASN JA 448 124.85 53.44 -3.21
CA ASN JA 448 126.17 52.95 -3.60
C ASN JA 448 127.18 54.10 -3.71
N LEU JA 449 126.78 55.21 -4.32
CA LEU JA 449 127.70 56.33 -4.48
C LEU JA 449 128.03 56.95 -3.12
N SER JA 450 127.06 56.98 -2.20
CA SER JA 450 127.35 57.47 -0.86
C SER JA 450 128.37 56.59 -0.16
N GLU JA 451 128.24 55.26 -0.33
CA GLU JA 451 129.22 54.36 0.28
C GLU JA 451 130.60 54.57 -0.33
N ALA JA 452 130.67 54.80 -1.64
CA ALA JA 452 131.97 55.07 -2.27
C ALA JA 452 132.59 56.36 -1.75
N GLN JA 453 131.78 57.42 -1.62
CA GLN JA 453 132.29 58.67 -1.09
C GLN JA 453 132.78 58.50 0.33
N SER JA 454 132.08 57.69 1.13
CA SER JA 454 132.55 57.38 2.47
C SER JA 454 133.87 56.65 2.44
N ARG JA 455 134.02 55.70 1.50
CA ARG JA 455 135.28 54.96 1.38
C ARG JA 455 136.44 55.86 0.96
N ILE JA 456 136.16 56.98 0.30
CA ILE JA 456 137.20 57.84 -0.25
C ILE JA 456 137.57 58.96 0.73
N GLN JA 457 136.59 59.73 1.19
CA GLN JA 457 136.88 60.97 1.91
C GLN JA 457 136.92 60.82 3.43
N ASP JA 458 136.29 59.77 3.97
CA ASP JA 458 136.16 59.68 5.42
C ASP JA 458 137.41 59.09 6.07
N ALA JA 459 137.52 59.30 7.37
CA ALA JA 459 138.68 58.87 8.16
C ALA JA 459 138.32 57.70 9.07
N ASP JA 460 139.36 56.99 9.52
CA ASP JA 460 139.22 55.85 10.42
C ASP JA 460 139.65 56.30 11.82
N TYR JA 461 138.73 56.21 12.77
CA TYR JA 461 138.97 56.82 14.08
C TYR JA 461 140.00 56.07 14.91
N ALA JA 462 140.10 54.74 14.75
CA ALA JA 462 141.10 53.99 15.49
C ALA JA 462 142.50 54.46 15.15
N THR JA 463 142.79 54.57 13.85
CA THR JA 463 144.10 55.04 13.41
C THR JA 463 144.38 56.45 13.90
N GLU JA 464 143.39 57.33 13.78
CA GLU JA 464 143.59 58.72 14.20
C GLU JA 464 143.87 58.81 15.70
N VAL JA 465 143.13 58.04 16.50
CA VAL JA 465 143.36 58.06 17.95
C VAL JA 465 144.75 57.55 18.28
N SER JA 466 145.16 56.44 17.64
CA SER JA 466 146.50 55.90 17.91
C SER JA 466 147.58 56.90 17.53
N ASN JA 467 147.45 57.52 16.35
CA ASN JA 467 148.45 58.50 15.94
C ASN JA 467 148.48 59.71 16.86
N MET JA 468 147.31 60.15 17.31
CA MET JA 468 147.24 61.29 18.23
C MET JA 468 147.94 60.99 19.54
N SER JA 469 147.68 59.80 20.09
CA SER JA 469 148.34 59.42 21.34
C SER JA 469 149.85 59.34 21.16
N LYS JA 470 150.29 58.73 20.06
CA LYS JA 470 151.73 58.65 19.79
C LYS JA 470 152.33 60.04 19.66
N ALA JA 471 151.65 60.94 18.97
CA ALA JA 471 152.16 62.30 18.81
C ALA JA 471 152.25 63.02 20.14
N GLN JA 472 151.27 62.84 21.01
CA GLN JA 472 151.32 63.47 22.34
C GLN JA 472 152.52 62.95 23.13
N ILE JA 473 152.73 61.62 23.10
CA ILE JA 473 153.88 61.07 23.82
C ILE JA 473 155.18 61.61 23.25
N ILE JA 474 155.27 61.70 21.93
CA ILE JA 474 156.48 62.22 21.29
C ILE JA 474 156.71 63.67 21.70
N GLN JA 475 155.64 64.47 21.75
CA GLN JA 475 155.78 65.87 22.14
C GLN JA 475 156.31 66.00 23.56
N GLN JA 476 155.72 65.25 24.49
CA GLN JA 476 156.19 65.34 25.88
C GLN JA 476 157.62 64.86 26.02
N ALA JA 477 157.97 63.77 25.32
CA ALA JA 477 159.35 63.28 25.37
C ALA JA 477 160.31 64.30 24.82
N GLY JA 478 159.96 64.96 23.71
CA GLY JA 478 160.82 65.98 23.15
C GLY JA 478 160.98 67.16 24.07
N ASN JA 479 159.91 67.54 24.78
CA ASN JA 479 160.01 68.62 25.75
C ASN JA 479 160.99 68.27 26.87
N SER JA 480 160.89 67.03 27.38
CA SER JA 480 161.82 66.61 28.43
C SER JA 480 163.26 66.59 27.93
N VAL JA 481 163.46 66.09 26.70
CA VAL JA 481 164.81 66.06 26.13
C VAL JA 481 165.35 67.46 25.95
N LEU JA 482 164.49 68.40 25.55
CA LEU JA 482 164.92 69.80 25.42
C LEU JA 482 165.34 70.36 26.77
N ALA JA 483 164.58 70.05 27.82
CA ALA JA 483 164.96 70.51 29.15
C ALA JA 483 166.32 69.97 29.56
N LYS JA 484 166.55 68.67 29.32
CA LYS JA 484 167.84 68.09 29.66
C LYS JA 484 168.97 68.71 28.85
N ALA JA 485 168.73 68.94 27.55
CA ALA JA 485 169.75 69.54 26.70
C ALA JA 485 170.10 70.94 27.17
N ASN JA 486 169.10 71.73 27.56
CA ASN JA 486 169.37 73.05 28.11
C ASN JA 486 170.11 72.96 29.45
N GLN JA 487 169.87 71.89 30.21
CA GLN JA 487 170.61 71.70 31.46
C GLN JA 487 172.05 71.27 31.23
N VAL JA 488 172.36 70.69 30.08
CA VAL JA 488 173.72 70.20 29.82
C VAL JA 488 174.79 71.28 30.00
N PRO JA 489 174.66 72.49 29.42
CA PRO JA 489 175.78 73.43 29.46
C PRO JA 489 176.15 73.97 30.84
N GLN JA 490 175.44 73.61 31.91
CA GLN JA 490 175.70 74.21 33.20
C GLN JA 490 177.09 73.90 33.74
N GLN JA 491 177.77 72.88 33.21
CA GLN JA 491 179.07 72.50 33.75
C GLN JA 491 180.12 73.58 33.59
N VAL JA 492 179.95 74.46 32.60
CA VAL JA 492 180.96 75.50 32.37
C VAL JA 492 181.05 76.43 33.57
N LEU JA 493 179.93 76.66 34.26
CA LEU JA 493 179.97 77.46 35.48
C LEU JA 493 180.82 76.76 36.54
N SER JA 494 180.71 75.44 36.64
CA SER JA 494 181.53 74.69 37.58
C SER JA 494 183.01 74.81 37.23
N LEU JA 495 183.35 74.68 35.95
CA LEU JA 495 184.74 74.85 35.53
C LEU JA 495 185.26 76.24 35.84
N LEU JA 496 184.45 77.28 35.55
CA LEU JA 496 184.89 78.65 35.80
C LEU JA 496 185.07 78.89 37.30
N GLN JA 497 184.14 78.39 38.12
CA GLN JA 497 184.24 78.58 39.56
C GLN JA 497 185.47 77.87 40.13
N GLY JA 498 185.75 76.67 39.64
CA GLY JA 498 186.89 75.90 40.11
C GLY JA 498 186.51 74.71 40.96
N GLN KA 3 59.63 36.79 -7.17
CA GLN KA 3 59.27 36.45 -5.79
C GLN KA 3 58.40 37.57 -5.24
N VAL KA 4 57.91 38.39 -6.16
CA VAL KA 4 57.17 39.61 -5.88
C VAL KA 4 56.06 39.39 -4.85
N ILE KA 5 56.00 40.26 -3.84
CA ILE KA 5 54.92 40.22 -2.85
C ILE KA 5 54.04 41.45 -2.90
N ASN KA 6 54.28 42.37 -3.83
CA ASN KA 6 53.38 43.48 -4.06
C ASN KA 6 52.33 43.17 -5.11
N THR KA 7 52.46 42.03 -5.79
CA THR KA 7 51.53 41.57 -6.81
C THR KA 7 51.56 40.05 -6.83
N ASN KA 8 50.37 39.43 -6.82
CA ASN KA 8 50.24 37.98 -6.74
C ASN KA 8 49.38 37.53 -7.91
N SER KA 9 49.77 37.95 -9.12
CA SER KA 9 49.00 37.79 -10.35
C SER KA 9 48.25 36.48 -10.47
N LEU KA 10 48.84 35.37 -10.00
CA LEU KA 10 48.16 34.08 -10.04
C LEU KA 10 46.81 34.16 -9.33
N SER KA 11 46.76 34.88 -8.22
CA SER KA 11 45.48 35.08 -7.53
C SER KA 11 44.51 35.84 -8.42
N LEU KA 12 45.00 36.83 -9.16
CA LEU KA 12 44.12 37.57 -10.07
C LEU KA 12 43.55 36.66 -11.15
N ILE KA 13 44.39 35.77 -11.70
CA ILE KA 13 43.91 34.83 -12.70
C ILE KA 13 42.84 33.92 -12.12
N THR KA 14 43.09 33.41 -10.91
CA THR KA 14 42.11 32.51 -10.30
C THR KA 14 40.79 33.23 -10.03
N GLN KA 15 40.86 34.47 -9.54
CA GLN KA 15 39.64 35.24 -9.31
C GLN KA 15 38.89 35.49 -10.62
N ASN KA 16 39.62 35.77 -11.69
CA ASN KA 16 38.99 35.97 -12.99
C ASN KA 16 38.25 34.71 -13.44
N ASN KA 17 38.89 33.54 -13.27
CA ASN KA 17 38.24 32.29 -13.67
C ASN KA 17 36.99 32.02 -12.82
N ILE KA 18 37.07 32.29 -11.52
CA ILE KA 18 35.91 32.11 -10.66
C ILE KA 18 34.78 33.03 -11.09
N ASN KA 19 35.11 34.27 -11.46
CA ASN KA 19 34.11 35.19 -11.97
C ASN KA 19 33.48 34.65 -13.25
N LYS KA 20 34.29 34.02 -14.11
CA LYS KA 20 33.74 33.40 -15.32
C LYS KA 20 32.73 32.32 -14.96
N ASN KA 21 33.06 31.47 -13.99
CA ASN KA 21 32.17 30.34 -13.65
C ASN KA 21 30.89 30.81 -12.97
N GLN KA 22 30.95 31.94 -12.26
CA GLN KA 22 29.80 32.42 -11.49
C GLN KA 22 28.56 32.58 -12.38
N SER KA 23 28.72 33.13 -13.57
CA SER KA 23 27.57 33.37 -14.45
C SER KA 23 26.89 32.05 -14.82
N ALA KA 24 27.68 31.04 -15.18
CA ALA KA 24 27.09 29.74 -15.52
C ALA KA 24 26.36 29.15 -14.33
N LEU KA 25 26.95 29.23 -13.14
CA LEU KA 25 26.29 28.69 -11.95
C LEU KA 25 24.96 29.38 -11.70
N SER KA 26 24.95 30.71 -11.76
CA SER KA 26 23.73 31.47 -11.50
C SER KA 26 22.67 31.16 -12.53
N SER KA 27 23.06 31.08 -13.81
CA SER KA 27 22.09 30.78 -14.86
C SER KA 27 21.49 29.40 -14.67
N SER KA 28 22.31 28.41 -14.32
CA SER KA 28 21.79 27.07 -14.10
C SER KA 28 20.79 27.05 -12.95
N ILE KA 29 21.13 27.71 -11.84
CA ILE KA 29 20.23 27.73 -10.69
C ILE KA 29 18.91 28.42 -11.05
N GLU KA 30 18.99 29.55 -11.75
CA GLU KA 30 17.78 30.27 -12.12
C GLU KA 30 16.90 29.44 -13.04
N ARG KA 31 17.51 28.77 -14.03
CA ARG KA 31 16.72 27.95 -14.94
C ARG KA 31 16.07 26.79 -14.21
N LEU KA 32 16.78 26.18 -13.26
CA LEU KA 32 16.18 25.11 -12.48
C LEU KA 32 15.02 25.61 -11.64
N SER KA 33 15.16 26.80 -11.05
CA SER KA 33 14.10 27.32 -10.19
C SER KA 33 12.86 27.68 -10.99
N SER KA 34 13.03 28.41 -12.09
CA SER KA 34 11.88 28.88 -12.84
C SER KA 34 11.25 27.77 -13.68
N GLY KA 35 12.06 26.89 -14.24
CA GLY KA 35 11.58 25.89 -15.16
C GLY KA 35 11.53 26.33 -16.61
N LEU KA 36 11.83 27.60 -16.89
CA LEU KA 36 11.87 28.13 -18.24
C LEU KA 36 13.31 28.36 -18.66
N ARG KA 37 13.63 27.96 -19.89
CA ARG KA 37 14.97 28.23 -20.41
C ARG KA 37 15.16 29.71 -20.64
N ILE KA 38 14.12 30.42 -21.07
CA ILE KA 38 14.17 31.84 -21.34
C ILE KA 38 13.60 32.55 -20.12
N ASN KA 39 14.48 33.15 -19.32
CA ASN KA 39 14.06 33.89 -18.14
C ASN KA 39 14.09 35.40 -18.35
N SER KA 40 14.78 35.88 -19.38
CA SER KA 40 14.90 37.31 -19.63
C SER KA 40 15.26 37.50 -21.10
N ALA KA 41 15.20 38.77 -21.53
CA ALA KA 41 15.55 39.09 -22.92
C ALA KA 41 17.01 38.84 -23.22
N LYS KA 42 17.87 38.83 -22.20
CA LYS KA 42 19.29 38.58 -22.45
C LYS KA 42 19.52 37.16 -22.97
N ASP KA 43 18.67 36.21 -22.59
CA ASP KA 43 18.89 34.83 -23.01
C ASP KA 43 18.74 34.67 -24.52
N ASP KA 44 17.52 34.79 -25.03
CA ASP KA 44 17.27 34.72 -26.47
C ASP KA 44 16.53 35.94 -26.98
N ALA KA 45 15.35 36.19 -26.44
CA ALA KA 45 14.43 37.30 -26.74
C ALA KA 45 13.77 37.17 -28.11
N ALA KA 46 14.35 36.40 -29.02
CA ALA KA 46 13.61 36.00 -30.20
C ALA KA 46 12.66 34.87 -29.86
N GLY KA 47 13.19 33.85 -29.18
CA GLY KA 47 12.34 32.84 -28.58
C GLY KA 47 11.36 33.43 -27.59
N GLN KA 48 11.78 34.47 -26.86
CA GLN KA 48 10.88 35.10 -25.90
C GLN KA 48 9.73 35.83 -26.61
N ALA KA 49 10.03 36.55 -27.70
CA ALA KA 49 8.95 37.19 -28.44
C ALA KA 49 8.00 36.15 -29.04
N ILE KA 50 8.56 35.08 -29.61
CA ILE KA 50 7.72 34.01 -30.16
C ILE KA 50 6.86 33.40 -29.06
N ALA KA 51 7.44 33.18 -27.88
CA ALA KA 51 6.69 32.59 -26.78
C ALA KA 51 5.58 33.50 -26.29
N ASN KA 52 5.84 34.81 -26.24
CA ASN KA 52 4.80 35.77 -25.86
C ASN KA 52 3.64 35.70 -26.83
N ARG KA 53 3.94 35.69 -28.13
CA ARG KA 53 2.87 35.59 -29.13
C ARG KA 53 2.12 34.27 -29.00
N PHE KA 54 2.85 33.18 -28.73
CA PHE KA 54 2.22 31.88 -28.57
C PHE KA 54 1.28 31.85 -27.38
N THR KA 55 1.70 32.45 -26.26
CA THR KA 55 0.85 32.53 -25.08
C THR KA 55 -0.41 33.33 -25.38
N SER KA 56 -0.26 34.44 -26.11
CA SER KA 56 -1.43 35.22 -26.51
C SER KA 56 -2.39 34.36 -27.33
N ASN KA 57 -1.86 33.58 -28.27
CA ASN KA 57 -2.71 32.72 -29.09
C ASN KA 57 -3.42 31.67 -28.25
N ILE KA 58 -2.71 31.05 -27.30
CA ILE KA 58 -3.32 30.05 -26.44
C ILE KA 58 -4.50 30.64 -25.68
N LYS KA 59 -4.27 31.80 -25.04
CA LYS KA 59 -5.32 32.42 -24.25
C LYS KA 59 -6.50 32.80 -25.12
N GLY KA 60 -6.23 33.37 -26.29
CA GLY KA 60 -7.32 33.75 -27.18
C GLY KA 60 -8.14 32.58 -27.66
N LEU KA 61 -7.48 31.48 -28.01
CA LEU KA 61 -8.21 30.31 -28.51
C LEU KA 61 -9.04 29.66 -27.41
N THR KA 62 -8.49 29.57 -26.19
CA THR KA 62 -9.27 29.04 -25.09
C THR KA 62 -10.52 29.88 -24.85
N GLN KA 63 -10.35 31.21 -24.84
CA GLN KA 63 -11.51 32.07 -24.65
C GLN KA 63 -12.52 31.94 -25.79
N ALA KA 64 -12.03 31.75 -27.02
CA ALA KA 64 -12.93 31.59 -28.16
C ALA KA 64 -13.77 30.32 -28.04
N ALA KA 65 -13.15 29.22 -27.60
CA ALA KA 65 -13.92 27.99 -27.39
C ALA KA 65 -14.96 28.19 -26.29
N ARG KA 66 -14.57 28.88 -25.21
CA ARG KA 66 -15.54 29.17 -24.16
C ARG KA 66 -16.71 29.98 -24.69
N ASN KA 67 -16.43 30.93 -25.59
CA ASN KA 67 -17.51 31.70 -26.22
C ASN KA 67 -18.41 30.81 -27.06
N ALA KA 68 -17.82 29.90 -27.84
CA ALA KA 68 -18.62 29.06 -28.73
C ALA KA 68 -19.59 28.18 -27.95
N ASN KA 69 -19.19 27.76 -26.75
CA ASN KA 69 -20.11 27.00 -25.91
C ASN KA 69 -21.41 27.76 -25.67
N ASP KA 70 -21.32 29.09 -25.49
CA ASP KA 70 -22.53 29.88 -25.25
C ASP KA 70 -23.47 29.84 -26.45
N GLY KA 71 -22.92 29.95 -27.67
CA GLY KA 71 -23.77 29.85 -28.85
C GLY KA 71 -24.45 28.50 -28.94
N ILE KA 72 -23.71 27.44 -28.59
CA ILE KA 72 -24.32 26.11 -28.56
C ILE KA 72 -25.52 26.10 -27.60
N SER KA 73 -25.35 26.69 -26.42
CA SER KA 73 -26.43 26.73 -25.45
C SER KA 73 -27.64 27.51 -25.97
N VAL KA 74 -27.39 28.65 -26.63
CA VAL KA 74 -28.49 29.45 -27.17
C VAL KA 74 -29.27 28.65 -28.18
N ALA KA 75 -28.56 27.96 -29.08
CA ALA KA 75 -29.25 27.17 -30.09
C ALA KA 75 -30.06 26.05 -29.46
N GLN KA 76 -29.53 25.40 -28.43
CA GLN KA 76 -30.28 24.35 -27.75
C GLN KA 76 -31.58 24.88 -27.16
N THR KA 77 -31.51 26.03 -26.47
CA THR KA 77 -32.70 26.58 -25.83
C THR KA 77 -33.75 26.94 -26.88
N THR KA 78 -33.33 27.59 -27.96
CA THR KA 78 -34.27 27.97 -29.00
C THR KA 78 -34.90 26.74 -29.64
N GLU KA 79 -34.11 25.68 -29.83
CA GLU KA 79 -34.66 24.45 -30.41
C GLU KA 79 -35.72 23.83 -29.50
N GLY KA 80 -35.49 23.84 -28.19
CA GLY KA 80 -36.50 23.31 -27.28
C GLY KA 80 -37.81 24.08 -27.35
N ALA KA 81 -37.71 25.41 -27.33
CA ALA KA 81 -38.92 26.23 -27.46
C ALA KA 81 -39.64 25.94 -28.78
N LEU KA 82 -38.89 25.81 -29.87
CA LEU KA 82 -39.48 25.52 -31.16
C LEU KA 82 -40.17 24.16 -31.15
N SER KA 83 -39.59 23.18 -30.45
CA SER KA 83 -40.23 21.87 -30.38
C SER KA 83 -41.58 21.95 -29.70
N GLU KA 84 -41.66 22.71 -28.60
CA GLU KA 84 -42.97 22.86 -27.95
C GLU KA 84 -43.98 23.54 -28.87
N ILE KA 85 -43.53 24.58 -29.59
CA ILE KA 85 -44.44 25.25 -30.53
C ILE KA 85 -44.91 24.28 -31.60
N ASN KA 86 -44.02 23.40 -32.06
CA ASN KA 86 -44.38 22.41 -33.07
C ASN KA 86 -45.44 21.46 -32.55
N ASN KA 87 -45.30 21.02 -31.30
CA ASN KA 87 -46.33 20.13 -30.72
C ASN KA 87 -47.68 20.82 -30.68
N ASN KA 88 -47.70 22.09 -30.26
CA ASN KA 88 -48.97 22.82 -30.23
C ASN KA 88 -49.57 22.94 -31.62
N LEU KA 89 -48.74 23.23 -32.63
CA LEU KA 89 -49.24 23.34 -34.00
C LEU KA 89 -49.81 22.01 -34.49
N GLN KA 90 -49.15 20.90 -34.16
CA GLN KA 90 -49.65 19.59 -34.55
C GLN KA 90 -51.03 19.34 -33.95
N ARG KA 91 -51.20 19.66 -32.67
CA ARG KA 91 -52.50 19.43 -32.04
C ARG KA 91 -53.56 20.31 -32.69
N VAL KA 92 -53.20 21.55 -33.04
CA VAL KA 92 -54.16 22.44 -33.69
C VAL KA 92 -54.56 21.89 -35.06
N ARG KA 93 -53.61 21.34 -35.80
CA ARG KA 93 -53.94 20.74 -37.09
C ARG KA 93 -54.89 19.57 -36.93
N GLU KA 94 -54.66 18.72 -35.92
CA GLU KA 94 -55.59 17.63 -35.66
C GLU KA 94 -56.98 18.15 -35.36
N LEU KA 95 -57.07 19.22 -34.57
CA LEU KA 95 -58.37 19.80 -34.24
C LEU KA 95 -59.06 20.35 -35.47
N THR KA 96 -58.31 20.99 -36.37
CA THR KA 96 -58.92 21.48 -37.59
C THR KA 96 -59.47 20.34 -38.44
N VAL KA 97 -58.70 19.24 -38.53
CA VAL KA 97 -59.19 18.06 -39.23
C VAL KA 97 -60.50 17.58 -38.61
N GLN KA 98 -60.58 17.58 -37.28
CA GLN KA 98 -61.82 17.17 -36.63
C GLN KA 98 -62.95 18.14 -36.87
N ALA KA 99 -62.65 19.44 -36.96
CA ALA KA 99 -63.68 20.45 -37.01
C ALA KA 99 -64.27 20.62 -38.41
N THR KA 100 -63.48 20.38 -39.46
CA THR KA 100 -63.98 20.58 -40.83
C THR KA 100 -64.86 19.40 -41.26
N THR KA 101 -65.90 19.16 -40.47
CA THR KA 101 -66.85 18.07 -40.72
C THR KA 101 -68.27 18.59 -40.56
N GLY KA 102 -69.19 18.01 -41.34
CA GLY KA 102 -70.57 18.46 -41.31
C GLY KA 102 -71.38 17.97 -40.14
N THR KA 103 -70.92 16.92 -39.45
CA THR KA 103 -71.68 16.40 -38.32
C THR KA 103 -71.65 17.36 -37.13
N ASN KA 104 -70.55 18.08 -36.96
CA ASN KA 104 -70.43 18.99 -35.82
C ASN KA 104 -71.49 20.09 -35.89
N SER KA 105 -72.10 20.37 -34.75
CA SER KA 105 -73.09 21.43 -34.65
C SER KA 105 -72.38 22.75 -34.35
N GLU KA 106 -73.16 23.79 -34.04
CA GLU KA 106 -72.57 25.09 -33.78
C GLU KA 106 -71.83 25.10 -32.45
N SER KA 107 -72.38 24.45 -31.42
CA SER KA 107 -71.73 24.42 -30.12
C SER KA 107 -70.43 23.64 -30.16
N ASP KA 108 -70.40 22.54 -30.92
CA ASP KA 108 -69.17 21.77 -31.07
C ASP KA 108 -68.08 22.61 -31.71
N LEU KA 109 -68.44 23.35 -32.77
CA LEU KA 109 -67.48 24.25 -33.41
C LEU KA 109 -67.04 25.34 -32.45
N SER KA 110 -67.95 25.84 -31.62
CA SER KA 110 -67.59 26.85 -30.64
C SER KA 110 -66.55 26.33 -29.66
N SER KA 111 -66.76 25.11 -29.15
CA SER KA 111 -65.79 24.53 -28.22
C SER KA 111 -64.45 24.29 -28.89
N ILE KA 112 -64.46 23.76 -30.12
CA ILE KA 112 -63.22 23.50 -30.83
C ILE KA 112 -62.46 24.80 -31.06
N GLN KA 113 -63.15 25.85 -31.49
CA GLN KA 113 -62.50 27.14 -31.70
C GLN KA 113 -61.99 27.71 -30.39
N ASP KA 114 -62.72 27.52 -29.30
CA ASP KA 114 -62.26 28.00 -28.00
C ASP KA 114 -60.92 27.40 -27.63
N GLU KA 115 -60.82 26.06 -27.70
CA GLU KA 115 -59.58 25.44 -27.23
C GLU KA 115 -58.46 25.69 -28.23
N ILE KA 116 -58.79 25.78 -29.52
CA ILE KA 116 -57.81 26.12 -30.54
C ILE KA 116 -57.23 27.51 -30.28
N LYS KA 117 -58.09 28.47 -29.94
CA LYS KA 117 -57.63 29.81 -29.61
C LYS KA 117 -56.76 29.78 -28.36
N SER KA 118 -57.11 28.93 -27.39
CA SER KA 118 -56.27 28.81 -26.21
C SER KA 118 -54.87 28.31 -26.58
N ARG KA 119 -54.79 27.32 -27.47
CA ARG KA 119 -53.48 26.81 -27.85
C ARG KA 119 -52.69 27.82 -28.68
N LEU KA 120 -53.36 28.58 -29.55
CA LEU KA 120 -52.68 29.63 -30.29
C LEU KA 120 -52.14 30.71 -29.35
N ASP KA 121 -52.93 31.07 -28.34
CA ASP KA 121 -52.46 32.01 -27.33
C ASP KA 121 -51.26 31.45 -26.57
N GLU KA 122 -51.27 30.15 -26.29
CA GLU KA 122 -50.13 29.52 -25.65
C GLU KA 122 -48.89 29.60 -26.55
N ILE KA 123 -49.07 29.39 -27.85
CA ILE KA 123 -47.96 29.52 -28.79
C ILE KA 123 -47.40 30.93 -28.74
N ASP KA 124 -48.27 31.93 -28.77
CA ASP KA 124 -47.81 33.32 -28.72
C ASP KA 124 -47.09 33.62 -27.41
N ARG KA 125 -47.62 33.12 -26.29
CA ARG KA 125 -46.98 33.34 -25.00
C ARG KA 125 -45.60 32.73 -24.97
N VAL KA 126 -45.47 31.47 -25.40
CA VAL KA 126 -44.18 30.80 -25.40
C VAL KA 126 -43.19 31.54 -26.30
N SER KA 127 -43.65 31.97 -27.47
CA SER KA 127 -42.77 32.68 -28.39
C SER KA 127 -42.27 33.99 -27.79
N GLY KA 128 -43.19 34.83 -27.30
CA GLY KA 128 -42.79 36.13 -26.79
C GLY KA 128 -41.96 36.05 -25.52
N GLN KA 129 -42.32 35.13 -24.62
CA GLN KA 129 -41.77 35.11 -23.28
C GLN KA 129 -40.47 34.33 -23.16
N THR KA 130 -40.17 33.45 -24.11
CA THR KA 130 -38.93 32.68 -24.06
C THR KA 130 -37.74 33.61 -24.25
N GLN KA 131 -36.99 33.84 -23.17
CA GLN KA 131 -35.89 34.78 -23.16
C GLN KA 131 -34.64 34.12 -22.60
N PHE KA 132 -33.50 34.42 -23.21
CA PHE KA 132 -32.21 33.86 -22.80
C PHE KA 132 -31.25 35.00 -22.49
N ASN KA 133 -30.74 35.03 -21.25
CA ASN KA 133 -29.76 36.02 -20.83
C ASN KA 133 -30.20 37.44 -21.15
N GLY KA 134 -31.47 37.72 -20.85
CA GLY KA 134 -32.03 39.02 -21.16
C GLY KA 134 -32.17 39.30 -22.64
N VAL KA 135 -32.44 38.27 -23.44
CA VAL KA 135 -32.64 38.43 -24.88
C VAL KA 135 -33.82 37.56 -25.29
N ASN KA 136 -34.87 38.19 -25.82
CA ASN KA 136 -36.04 37.47 -26.31
C ASN KA 136 -35.72 36.91 -27.68
N VAL KA 137 -35.34 35.63 -27.74
CA VAL KA 137 -34.85 35.05 -28.98
C VAL KA 137 -35.96 34.98 -30.02
N LEU KA 138 -37.12 34.44 -29.66
CA LEU KA 138 -38.24 34.29 -30.58
C LEU KA 138 -39.22 35.46 -30.48
N ALA KA 139 -38.72 36.69 -30.58
CA ALA KA 139 -39.60 37.85 -30.55
C ALA KA 139 -39.24 38.93 -31.55
N LYS KA 140 -38.14 38.78 -32.28
CA LYS KA 140 -37.69 39.80 -33.24
C LYS KA 140 -36.62 39.19 -34.12
N ASN KA 141 -36.72 39.45 -35.43
CA ASN KA 141 -35.69 38.99 -36.35
C ASN KA 141 -34.35 39.65 -36.01
N GLY KA 142 -33.31 38.83 -35.93
CA GLY KA 142 -32.00 39.35 -35.59
C GLY KA 142 -30.93 38.31 -35.83
N SER KA 143 -29.73 38.61 -35.32
CA SER KA 143 -28.61 37.71 -35.50
C SER KA 143 -27.63 37.89 -34.35
N MET KA 144 -26.88 36.84 -34.07
CA MET KA 144 -25.83 36.85 -33.07
C MET KA 144 -24.51 36.45 -33.72
N LYS KA 145 -23.42 37.03 -33.22
CA LYS KA 145 -22.08 36.80 -33.77
C LYS KA 145 -21.22 36.20 -32.66
N ILE KA 146 -20.86 34.93 -32.81
CA ILE KA 146 -20.10 34.21 -31.80
C ILE KA 146 -18.62 34.31 -32.12
N GLN KA 147 -17.85 34.95 -31.24
CA GLN KA 147 -16.42 35.08 -31.41
C GLN KA 147 -15.74 33.73 -31.25
N VAL KA 148 -15.27 33.15 -32.34
CA VAL KA 148 -14.65 31.83 -32.29
C VAL KA 148 -13.23 31.90 -32.83
N GLY KA 149 -12.57 33.05 -32.65
CA GLY KA 149 -11.21 33.22 -33.10
C GLY KA 149 -10.43 34.12 -32.17
N ALA KA 150 -9.13 34.24 -32.45
CA ALA KA 150 -8.24 35.05 -31.64
C ALA KA 150 -8.19 36.50 -32.08
N ASN KA 151 -8.22 36.75 -33.39
CA ASN KA 151 -8.18 38.10 -33.93
C ASN KA 151 -9.59 38.68 -33.96
N ASP KA 152 -9.76 39.80 -34.65
CA ASP KA 152 -11.07 40.40 -34.83
C ASP KA 152 -11.71 39.89 -36.13
N ASN KA 153 -13.03 40.08 -36.22
CA ASN KA 153 -13.83 39.58 -37.34
C ASN KA 153 -13.64 38.07 -37.49
N GLN KA 154 -13.98 37.34 -36.43
CA GLN KA 154 -13.74 35.91 -36.30
C GLN KA 154 -15.00 35.21 -35.87
N THR KA 155 -16.14 35.59 -36.44
CA THR KA 155 -17.44 35.28 -35.85
C THR KA 155 -18.21 34.27 -36.70
N ILE KA 156 -18.94 33.39 -36.01
CA ILE KA 156 -19.96 32.55 -36.62
C ILE KA 156 -21.32 33.17 -36.34
N THR KA 157 -22.11 33.36 -37.38
CA THR KA 157 -23.36 34.12 -37.28
C THR KA 157 -24.52 33.16 -37.05
N ILE KA 158 -25.25 33.37 -35.96
CA ILE KA 158 -26.47 32.65 -35.66
C ILE KA 158 -27.65 33.52 -36.05
N ASP KA 159 -28.66 32.92 -36.67
CA ASP KA 159 -29.82 33.64 -37.15
C ASP KA 159 -31.04 33.31 -36.27
N LEU KA 160 -31.84 34.33 -35.98
CA LEU KA 160 -33.04 34.18 -35.17
C LEU KA 160 -34.21 34.81 -35.90
N LYS KA 161 -35.29 34.06 -36.05
CA LYS KA 161 -36.48 34.50 -36.75
C LYS KA 161 -37.64 34.65 -35.77
N GLN KA 162 -38.40 35.72 -35.92
CA GLN KA 162 -39.59 35.93 -35.10
C GLN KA 162 -40.64 34.89 -35.48
N ILE KA 163 -40.89 33.94 -34.59
CA ILE KA 163 -41.87 32.88 -34.81
C ILE KA 163 -43.04 33.15 -33.89
N ASP KA 164 -44.17 33.57 -34.47
CA ASP KA 164 -45.37 33.85 -33.69
C ASP KA 164 -46.56 33.83 -34.65
N ALA KA 165 -47.74 34.15 -34.11
CA ALA KA 165 -48.96 34.08 -34.91
C ALA KA 165 -48.89 35.03 -36.10
N LYS KA 166 -48.40 36.24 -35.88
CA LYS KA 166 -48.35 37.22 -36.97
C LYS KA 166 -47.43 36.77 -38.09
N THR KA 167 -46.27 36.20 -37.75
CA THR KA 167 -45.29 35.77 -38.74
C THR KA 167 -45.51 34.34 -39.20
N LEU KA 168 -46.70 33.79 -38.96
CA LEU KA 168 -47.03 32.45 -39.43
C LEU KA 168 -48.35 32.39 -40.17
N GLY KA 169 -49.07 33.51 -40.28
CA GLY KA 169 -50.37 33.54 -40.92
C GLY KA 169 -51.52 33.12 -40.04
N LEU KA 170 -51.26 32.69 -38.81
CA LEU KA 170 -52.30 32.25 -37.89
C LEU KA 170 -52.74 33.40 -36.97
N ASP KA 171 -53.10 34.53 -37.58
CA ASP KA 171 -53.62 35.68 -36.85
C ASP KA 171 -55.09 35.84 -37.24
N GLY KA 172 -55.98 35.48 -36.31
CA GLY KA 172 -57.39 35.42 -36.59
C GLY KA 172 -57.89 34.08 -37.06
N PHE KA 173 -57.10 33.02 -36.89
CA PHE KA 173 -57.45 31.69 -37.36
C PHE KA 173 -58.67 31.18 -36.59
N SER KA 174 -59.78 31.02 -37.30
CA SER KA 174 -61.03 30.60 -36.68
C SER KA 174 -61.70 29.52 -37.52
N VAL KA 175 -62.51 28.70 -36.85
CA VAL KA 175 -63.23 27.62 -37.52
C VAL KA 175 -64.72 27.75 -37.22
N LYS KA 176 -65.18 28.95 -36.95
CA LYS KA 176 -66.59 29.19 -36.68
C LYS KA 176 -66.94 30.61 -37.09
N ASN KA 177 -68.23 30.84 -37.32
CA ASN KA 177 -68.72 32.15 -37.73
C ASN KA 177 -69.05 33.02 -36.51
N THR KA 407 -62.28 31.17 -41.80
CA THR KA 407 -60.94 31.09 -42.37
C THR KA 407 -60.89 30.11 -43.53
N THR KA 408 -60.64 30.63 -44.73
CA THR KA 408 -60.58 29.79 -45.92
C THR KA 408 -59.25 29.05 -45.97
N ASP KA 409 -59.32 27.79 -46.41
CA ASP KA 409 -58.16 26.90 -46.52
C ASP KA 409 -57.36 26.86 -45.23
N PRO KA 410 -57.91 26.33 -44.13
CA PRO KA 410 -57.17 26.34 -42.86
C PRO KA 410 -56.00 25.37 -42.86
N LEU KA 411 -56.20 24.15 -43.35
CA LEU KA 411 -55.18 23.12 -43.26
C LEU KA 411 -53.94 23.50 -44.07
N LYS KA 412 -54.14 24.15 -45.22
CA LYS KA 412 -52.99 24.57 -46.02
C LYS KA 412 -52.14 25.57 -45.26
N ALA KA 413 -52.79 26.54 -44.60
CA ALA KA 413 -52.04 27.53 -43.81
C ALA KA 413 -51.32 26.87 -42.64
N LEU KA 414 -51.98 25.91 -41.98
CA LEU KA 414 -51.34 25.22 -40.87
C LEU KA 414 -50.11 24.44 -41.34
N ASP KA 415 -50.22 23.76 -42.47
CA ASP KA 415 -49.07 23.07 -43.04
C ASP KA 415 -47.97 24.04 -43.40
N ASP KA 416 -48.33 25.22 -43.92
CA ASP KA 416 -47.34 26.24 -44.23
C ASP KA 416 -46.59 26.67 -42.97
N ALA KA 417 -47.32 26.88 -41.87
CA ALA KA 417 -46.68 27.27 -40.62
C ALA KA 417 -45.74 26.19 -40.11
N ILE KA 418 -46.17 24.93 -40.18
CA ILE KA 418 -45.32 23.83 -39.71
C ILE KA 418 -44.05 23.74 -40.54
N ALA KA 419 -44.19 23.85 -41.87
CA ALA KA 419 -43.02 23.82 -42.74
C ALA KA 419 -42.14 25.04 -42.59
N SER KA 420 -42.70 26.15 -42.13
CA SER KA 420 -41.89 27.35 -41.88
C SER KA 420 -41.09 27.24 -40.60
N VAL KA 421 -41.63 26.59 -39.57
CA VAL KA 421 -40.85 26.44 -38.35
C VAL KA 421 -39.81 25.33 -38.51
N ASP KA 422 -40.09 24.34 -39.36
CA ASP KA 422 -39.10 23.30 -39.59
C ASP KA 422 -37.82 23.85 -40.23
N LYS KA 423 -37.95 24.87 -41.08
CA LYS KA 423 -36.77 25.47 -41.70
C LYS KA 423 -35.86 26.11 -40.65
N PHE KA 424 -36.45 26.86 -39.72
CA PHE KA 424 -35.66 27.48 -38.66
C PHE KA 424 -35.01 26.43 -37.77
N ARG KA 425 -35.74 25.35 -37.49
CA ARG KA 425 -35.15 24.26 -36.71
C ARG KA 425 -33.94 23.67 -37.42
N SER KA 426 -34.05 23.44 -38.73
CA SER KA 426 -32.92 22.89 -39.48
C SER KA 426 -31.73 23.84 -39.47
N SER KA 427 -31.98 25.14 -39.63
CA SER KA 427 -30.89 26.10 -39.57
C SER KA 427 -30.20 26.07 -38.21
N LEU KA 428 -31.00 25.97 -37.14
CA LEU KA 428 -30.41 25.89 -35.80
C LEU KA 428 -29.53 24.65 -35.65
N GLY KA 429 -30.00 23.51 -36.15
CA GLY KA 429 -29.18 22.31 -36.08
C GLY KA 429 -27.87 22.45 -36.85
N ALA KA 430 -27.93 23.07 -38.03
CA ALA KA 430 -26.71 23.29 -38.80
C ALA KA 430 -25.73 24.18 -38.03
N VAL KA 431 -26.25 25.23 -37.40
CA VAL KA 431 -25.38 26.10 -36.61
C VAL KA 431 -24.76 25.34 -35.45
N GLN KA 432 -25.53 24.48 -34.79
CA GLN KA 432 -24.97 23.68 -33.70
C GLN KA 432 -23.83 22.80 -34.18
N ASN KA 433 -24.02 22.14 -35.33
CA ASN KA 433 -22.96 21.28 -35.85
C ASN KA 433 -21.70 22.09 -36.17
N ARG KA 434 -21.87 23.26 -36.80
CA ARG KA 434 -20.72 24.09 -37.12
C ARG KA 434 -19.99 24.53 -35.86
N LEU KA 435 -20.74 24.93 -34.83
CA LEU KA 435 -20.10 25.37 -33.59
C LEU KA 435 -19.32 24.25 -32.93
N ASP KA 436 -19.89 23.03 -32.91
CA ASP KA 436 -19.19 21.92 -32.30
C ASP KA 436 -17.90 21.60 -33.04
N SER KA 437 -17.94 21.61 -34.37
CA SER KA 437 -16.72 21.38 -35.14
C SER KA 437 -15.69 22.45 -34.86
N ALA KA 438 -16.13 23.70 -34.73
CA ALA KA 438 -15.21 24.79 -34.41
C ALA KA 438 -14.56 24.57 -33.05
N VAL KA 439 -15.33 24.13 -32.06
CA VAL KA 439 -14.76 23.88 -30.73
C VAL KA 439 -13.69 22.78 -30.81
N THR KA 440 -13.99 21.71 -31.53
CA THR KA 440 -12.99 20.63 -31.65
C THR KA 440 -11.71 21.12 -32.31
N ASN KA 441 -11.85 21.90 -33.39
CA ASN KA 441 -10.67 22.43 -34.06
C ASN KA 441 -9.88 23.35 -33.15
N LEU KA 442 -10.56 24.19 -32.38
CA LEU KA 442 -9.88 25.08 -31.45
C LEU KA 442 -9.11 24.30 -30.40
N ASN KA 443 -9.71 23.22 -29.89
CA ASN KA 443 -9.01 22.39 -28.92
C ASN KA 443 -7.73 21.81 -29.51
N ASN KA 444 -7.82 21.27 -30.72
CA ASN KA 444 -6.63 20.69 -31.35
C ASN KA 444 -5.55 21.74 -31.56
N THR KA 445 -5.93 22.90 -32.09
CA THR KA 445 -4.96 23.95 -32.35
C THR KA 445 -4.31 24.45 -31.07
N THR KA 446 -5.11 24.62 -30.02
CA THR KA 446 -4.56 25.06 -28.74
C THR KA 446 -3.55 24.06 -28.21
N THR KA 447 -3.87 22.77 -28.28
CA THR KA 447 -2.93 21.76 -27.80
C THR KA 447 -1.62 21.82 -28.58
N ASN KA 448 -1.71 21.90 -29.91
CA ASN KA 448 -0.50 21.92 -30.72
C ASN KA 448 0.35 23.16 -30.42
N LEU KA 449 -0.28 24.33 -30.32
CA LEU KA 449 0.48 25.55 -30.09
C LEU KA 449 1.08 25.59 -28.70
N SER KA 450 0.36 25.07 -27.70
CA SER KA 450 0.93 24.97 -26.36
C SER KA 450 2.14 24.06 -26.35
N GLU KA 451 2.06 22.94 -27.06
CA GLU KA 451 3.21 22.03 -27.07
C GLU KA 451 4.40 22.67 -27.79
N ALA KA 452 4.14 23.46 -28.83
CA ALA KA 452 5.22 24.19 -29.49
C ALA KA 452 5.85 25.21 -28.56
N GLN KA 453 5.04 25.94 -27.80
CA GLN KA 453 5.57 26.87 -26.81
C GLN KA 453 6.42 26.14 -25.79
N SER KA 454 6.01 24.93 -25.41
CA SER KA 454 6.83 24.10 -24.54
C SER KA 454 8.15 23.77 -25.20
N ARG KA 455 8.14 23.45 -26.50
CA ARG KA 455 9.39 23.15 -27.20
C ARG KA 455 10.29 24.37 -27.32
N ILE KA 456 9.76 25.58 -27.15
CA ILE KA 456 10.52 26.80 -27.36
C ILE KA 456 11.06 27.36 -26.04
N GLN KA 457 10.17 27.61 -25.08
CA GLN KA 457 10.56 28.38 -23.89
C GLN KA 457 10.95 27.50 -22.70
N ASP KA 458 10.49 26.26 -22.64
CA ASP KA 458 10.71 25.45 -21.46
C ASP KA 458 12.11 24.86 -21.46
N ALA KA 459 12.56 24.48 -20.26
CA ALA KA 459 13.91 23.96 -20.05
C ALA KA 459 13.87 22.46 -19.76
N ASP KA 460 14.93 21.76 -20.18
CA ASP KA 460 15.09 20.33 -19.96
C ASP KA 460 15.91 20.15 -18.68
N TYR KA 461 15.30 19.52 -17.67
CA TYR KA 461 15.89 19.54 -16.33
C TYR KA 461 17.17 18.71 -16.25
N ALA KA 462 17.31 17.66 -17.07
CA ALA KA 462 18.52 16.85 -17.01
C ALA KA 462 19.76 17.68 -17.31
N THR KA 463 19.71 18.45 -18.40
CA THR KA 463 20.84 19.30 -18.77
C THR KA 463 21.11 20.35 -17.69
N GLU KA 464 20.05 20.95 -17.14
CA GLU KA 464 20.22 21.98 -16.13
C GLU KA 464 20.88 21.40 -14.88
N VAL KA 465 20.46 20.20 -14.46
CA VAL KA 465 21.05 19.58 -13.28
C VAL KA 465 22.52 19.26 -13.53
N SER KA 466 22.84 18.72 -14.71
CA SER KA 466 24.23 18.42 -15.02
C SER KA 466 25.08 19.70 -15.00
N ASN KA 467 24.57 20.77 -15.60
CA ASN KA 467 25.32 22.03 -15.62
C ASN KA 467 25.49 22.58 -14.22
N MET KA 468 24.46 22.47 -13.38
CA MET KA 468 24.57 22.95 -12.00
C MET KA 468 25.64 22.19 -11.22
N SER KA 469 25.65 20.86 -11.37
CA SER KA 469 26.66 20.06 -10.66
C SER KA 469 28.06 20.43 -11.14
N LYS KA 470 28.23 20.56 -12.46
CA LYS KA 470 29.55 20.92 -12.99
C LYS KA 470 29.97 22.30 -12.50
N ALA KA 471 29.04 23.25 -12.47
CA ALA KA 471 29.37 24.59 -12.00
C ALA KA 471 29.77 24.59 -10.53
N GLN KA 472 29.07 23.81 -9.71
CA GLN KA 472 29.45 23.72 -8.30
C GLN KA 472 30.85 23.14 -8.14
N ILE KA 473 31.15 22.09 -8.91
CA ILE KA 473 32.49 21.50 -8.86
C ILE KA 473 33.53 22.53 -9.27
N ILE KA 474 33.27 23.29 -10.33
CA ILE KA 474 34.21 24.30 -10.79
C ILE KA 474 34.42 25.37 -9.74
N GLN KA 475 33.34 25.80 -9.07
CA GLN KA 475 33.47 26.82 -8.03
C GLN KA 475 34.35 26.33 -6.89
N GLN KA 476 34.11 25.11 -6.42
CA GLN KA 476 34.92 24.58 -5.33
C GLN KA 476 36.39 24.43 -5.74
N ALA KA 477 36.63 23.94 -6.97
CA ALA KA 477 37.98 23.81 -7.45
C ALA KA 477 38.68 25.16 -7.53
N GLY KA 478 37.98 26.17 -8.04
CA GLY KA 478 38.56 27.51 -8.11
C GLY KA 478 38.89 28.07 -6.74
N ASN KA 479 38.02 27.79 -5.76
CA ASN KA 479 38.30 28.25 -4.41
C ASN KA 479 39.56 27.60 -3.85
N SER KA 480 39.71 26.29 -4.07
CA SER KA 480 40.90 25.61 -3.58
C SER KA 480 42.17 26.14 -4.26
N VAL KA 481 42.11 26.34 -5.58
CA VAL KA 481 43.28 26.86 -6.28
C VAL KA 481 43.59 28.27 -5.84
N LEU KA 482 42.58 29.08 -5.54
CA LEU KA 482 42.82 30.42 -5.01
C LEU KA 482 43.54 30.35 -3.66
N ALA KA 483 43.11 29.43 -2.80
CA ALA KA 483 43.79 29.27 -1.51
C ALA KA 483 45.26 28.91 -1.72
N LYS KA 484 45.53 27.98 -2.63
CA LYS KA 484 46.91 27.61 -2.90
C LYS KA 484 47.71 28.80 -3.45
N ALA KA 485 47.10 29.56 -4.36
CA ALA KA 485 47.80 30.70 -4.96
C ALA KA 485 48.15 31.74 -3.92
N ASN KA 486 47.23 32.01 -2.98
CA ASN KA 486 47.55 32.94 -1.91
C ASN KA 486 48.56 32.37 -0.94
N GLN KA 487 48.64 31.04 -0.79
CA GLN KA 487 49.69 30.46 0.04
C GLN KA 487 51.06 30.47 -0.63
N VAL KA 488 51.11 30.61 -1.95
CA VAL KA 488 52.41 30.59 -2.65
C VAL KA 488 53.38 31.64 -2.12
N PRO KA 489 53.02 32.91 -1.96
CA PRO KA 489 54.04 33.93 -1.65
C PRO KA 489 54.71 33.81 -0.29
N GLN KA 490 54.43 32.76 0.49
CA GLN KA 490 54.99 32.67 1.83
C GLN KA 490 56.50 32.48 1.83
N GLN KA 491 57.08 31.96 0.74
CA GLN KA 491 58.51 31.65 0.73
C GLN KA 491 59.39 32.89 0.87
N VAL KA 492 58.85 34.07 0.58
CA VAL KA 492 59.61 35.30 0.77
C VAL KA 492 59.92 35.52 2.24
N LEU KA 493 59.00 35.14 3.12
CA LEU KA 493 59.26 35.23 4.54
C LEU KA 493 60.42 34.31 4.94
N SER KA 494 60.45 33.09 4.37
CA SER KA 494 61.57 32.19 4.63
C SER KA 494 62.87 32.77 4.12
N LEU KA 495 62.85 33.41 2.94
CA LEU KA 495 64.03 34.06 2.42
C LEU KA 495 64.52 35.15 3.37
N LEU KA 496 63.60 35.99 3.84
CA LEU KA 496 63.98 37.11 4.69
C LEU KA 496 64.50 36.66 6.05
N GLN KA 497 63.87 35.63 6.63
CA GLN KA 497 64.28 35.19 7.96
C GLN KA 497 65.70 34.61 7.95
N GLY KA 498 66.09 33.97 6.86
CA GLY KA 498 67.42 33.40 6.75
C GLY KA 498 67.43 31.89 6.75
N GLN LA 3 113.53 29.72 9.86
CA GLN LA 3 112.90 30.84 10.55
C GLN LA 3 112.55 31.93 9.54
N VAL LA 4 112.74 31.59 8.27
CA VAL LA 4 112.57 32.51 7.15
C VAL LA 4 111.24 33.26 7.22
N ILE LA 5 111.29 34.59 7.05
CA ILE LA 5 110.11 35.42 6.98
C ILE LA 5 109.91 35.99 5.57
N ASN LA 6 110.71 35.55 4.61
CA ASN LA 6 110.51 35.90 3.22
C ASN LA 6 109.69 34.86 2.46
N THR LA 7 109.51 33.68 3.06
CA THR LA 7 108.73 32.60 2.48
C THR LA 7 107.97 31.90 3.60
N ASN LA 8 106.68 31.64 3.36
CA ASN LA 8 105.80 31.05 4.38
C ASN LA 8 105.23 29.74 3.88
N SER LA 9 106.10 28.86 3.38
CA SER LA 9 105.74 27.63 2.67
C SER LA 9 104.50 26.94 3.23
N LEU LA 10 104.38 26.85 4.56
CA LEU LA 10 103.20 26.25 5.17
C LEU LA 10 101.93 26.97 4.73
N SER LA 11 101.97 28.30 4.67
CA SER LA 11 100.81 29.05 4.19
C SER LA 11 100.48 28.67 2.74
N LEU LA 12 101.52 28.50 1.90
CA LEU LA 12 101.28 28.09 0.52
C LEU LA 12 100.63 26.73 0.45
N ILE LA 13 101.09 25.79 1.28
CA ILE LA 13 100.48 24.45 1.32
C ILE LA 13 99.01 24.56 1.72
N THR LA 14 98.72 25.35 2.74
CA THR LA 14 97.35 25.47 3.22
C THR LA 14 96.45 26.11 2.16
N GLN LA 15 96.94 27.15 1.50
CA GLN LA 15 96.15 27.76 0.42
C GLN LA 15 95.91 26.77 -0.71
N ASN LA 16 96.92 25.97 -1.05
CA ASN LA 16 96.75 24.96 -2.08
C ASN LA 16 95.67 23.96 -1.69
N ASN LA 17 95.69 23.50 -0.44
CA ASN LA 17 94.68 22.55 0.01
C ASN LA 17 93.28 23.17 0.00
N ILE LA 18 93.16 24.43 0.40
CA ILE LA 18 91.87 25.10 0.35
C ILE LA 18 91.37 25.20 -1.09
N ASN LA 19 92.26 25.52 -2.01
CA ASN LA 19 91.88 25.57 -3.42
C ASN LA 19 91.43 24.20 -3.92
N LYS LA 20 92.09 23.14 -3.44
CA LYS LA 20 91.63 21.79 -3.77
C LYS LA 20 90.22 21.55 -3.25
N ASN LA 21 89.95 21.98 -2.01
CA ASN LA 21 88.66 21.72 -1.39
C ASN LA 21 87.53 22.48 -2.08
N GLN LA 22 87.83 23.68 -2.60
CA GLN LA 22 86.77 24.54 -3.14
C GLN LA 22 85.91 23.84 -4.18
N SER LA 23 86.52 22.96 -4.98
CA SER LA 23 85.80 22.32 -6.09
C SER LA 23 84.64 21.47 -5.59
N ALA LA 24 84.86 20.66 -4.55
CA ALA LA 24 83.80 19.80 -4.05
C ALA LA 24 82.63 20.61 -3.50
N LEU LA 25 82.92 21.67 -2.75
CA LEU LA 25 81.85 22.53 -2.24
C LEU LA 25 81.06 23.16 -3.37
N SER LA 26 81.76 23.69 -4.39
CA SER LA 26 81.06 24.31 -5.50
C SER LA 26 80.18 23.31 -6.23
N SER LA 27 80.71 22.11 -6.49
CA SER LA 27 79.94 21.09 -7.20
C SER LA 27 78.73 20.67 -6.41
N SER LA 28 78.89 20.47 -5.10
CA SER LA 28 77.76 20.02 -4.29
C SER LA 28 76.68 21.09 -4.20
N ILE LA 29 77.06 22.35 -4.03
CA ILE LA 29 76.07 23.43 -3.99
C ILE LA 29 75.34 23.51 -5.33
N GLU LA 30 76.06 23.40 -6.43
CA GLU LA 30 75.42 23.45 -7.74
C GLU LA 30 74.44 22.30 -7.90
N ARG LA 31 74.83 21.09 -7.47
CA ARG LA 31 73.95 19.94 -7.62
C ARG LA 31 72.70 20.08 -6.76
N LEU LA 32 72.84 20.61 -5.53
CA LEU LA 32 71.66 20.84 -4.70
C LEU LA 32 70.75 21.90 -5.31
N SER LA 33 71.33 22.96 -5.88
CA SER LA 33 70.50 24.02 -6.44
C SER LA 33 69.76 23.54 -7.68
N SER LA 34 70.46 22.90 -8.61
CA SER LA 34 69.82 22.45 -9.84
C SER LA 34 68.98 21.19 -9.64
N GLY LA 35 69.45 20.27 -8.80
CA GLY LA 35 68.80 19.00 -8.62
C GLY LA 35 69.25 17.90 -9.55
N LEU LA 36 70.13 18.22 -10.50
CA LEU LA 36 70.63 17.25 -11.46
C LEU LA 36 72.09 16.92 -11.15
N ARG LA 37 72.44 15.64 -11.22
CA ARG LA 37 73.83 15.24 -11.03
C ARG LA 37 74.69 15.72 -12.18
N ILE LA 38 74.17 15.66 -13.40
CA ILE LA 38 74.89 16.09 -14.59
C ILE LA 38 74.42 17.50 -14.92
N ASN LA 39 75.23 18.49 -14.54
CA ASN LA 39 74.94 19.89 -14.82
C ASN LA 39 75.67 20.42 -16.04
N SER LA 40 76.68 19.71 -16.52
CA SER LA 40 77.47 20.16 -17.66
C SER LA 40 78.17 18.95 -18.27
N ALA LA 41 78.71 19.15 -19.47
CA ALA LA 41 79.43 18.08 -20.15
C ALA LA 41 80.71 17.70 -19.42
N LYS LA 42 81.24 18.58 -18.58
CA LYS LA 42 82.44 18.23 -17.81
C LYS LA 42 82.16 17.10 -16.83
N ASP LA 43 80.92 16.99 -16.36
CA ASP LA 43 80.58 15.94 -15.40
C ASP LA 43 80.72 14.56 -16.02
N ASP LA 44 79.80 14.21 -16.92
CA ASP LA 44 79.85 12.94 -17.63
C ASP LA 44 79.83 13.12 -19.15
N ALA LA 45 78.78 13.75 -19.67
CA ALA LA 45 78.50 14.07 -21.06
C ALA LA 45 78.16 12.85 -21.90
N ALA LA 46 78.53 11.66 -21.46
CA ALA LA 46 77.91 10.46 -22.03
C ALA LA 46 76.52 10.28 -21.44
N GLY LA 47 76.42 10.41 -20.12
CA GLY LA 47 75.12 10.49 -19.48
C GLY LA 47 74.32 11.67 -19.99
N GLN LA 48 74.98 12.79 -20.26
CA GLN LA 48 74.26 13.95 -20.79
C GLN LA 48 73.72 13.70 -22.19
N ALA LA 49 74.51 13.07 -23.06
CA ALA LA 49 74.00 12.74 -24.39
C ALA LA 49 72.85 11.75 -24.32
N ILE LA 50 73.00 10.72 -23.48
CA ILE LA 50 71.92 9.74 -23.32
C ILE LA 50 70.67 10.41 -22.78
N ALA LA 51 70.83 11.32 -21.81
CA ALA LA 51 69.68 12.03 -21.24
C ALA LA 51 69.01 12.92 -22.28
N ASN LA 52 69.79 13.59 -23.12
CA ASN LA 52 69.20 14.43 -24.17
C ASN LA 52 68.37 13.57 -25.13
N ARG LA 53 68.92 12.43 -25.54
CA ARG LA 53 68.17 11.55 -26.43
C ARG LA 53 66.93 11.00 -25.74
N PHE LA 54 67.03 10.69 -24.45
CA PHE LA 54 65.88 10.19 -23.70
C PHE LA 54 64.78 11.23 -23.62
N THR LA 55 65.16 12.49 -23.37
CA THR LA 55 64.18 13.57 -23.33
C THR LA 55 63.51 13.75 -24.68
N SER LA 56 64.29 13.66 -25.76
CA SER LA 56 63.72 13.72 -27.10
C SER LA 56 62.69 12.62 -27.31
N ASN LA 57 63.04 11.39 -26.92
CA ASN LA 57 62.12 10.28 -27.07
C ASN LA 57 60.86 10.49 -26.24
N ILE LA 58 61.02 10.99 -25.01
CA ILE LA 58 59.86 11.21 -24.14
C ILE LA 58 58.90 12.20 -24.77
N LYS LA 59 59.42 13.34 -25.22
CA LYS LA 59 58.56 14.36 -25.81
C LYS LA 59 57.90 13.84 -27.08
N GLY LA 60 58.66 13.11 -27.92
CA GLY LA 60 58.08 12.56 -29.13
C GLY LA 60 56.96 11.58 -28.84
N LEU LA 61 57.17 10.68 -27.88
CA LEU LA 61 56.14 9.69 -27.56
C LEU LA 61 54.90 10.34 -26.97
N THR LA 62 55.07 11.35 -26.11
CA THR LA 62 53.91 12.03 -25.55
C THR LA 62 53.11 12.73 -26.63
N GLN LA 63 53.80 13.43 -27.53
CA GLN LA 63 53.10 14.08 -28.63
C GLN LA 63 52.43 13.05 -29.53
N ALA LA 64 53.06 11.87 -29.69
CA ALA LA 64 52.46 10.81 -30.49
C ALA LA 64 51.17 10.32 -29.86
N ALA LA 65 51.13 10.18 -28.53
CA ALA LA 65 49.88 9.78 -27.88
C ALA LA 65 48.79 10.83 -28.07
N ARG LA 66 49.15 12.10 -27.92
CA ARG LA 66 48.16 13.15 -28.20
C ARG LA 66 47.64 13.06 -29.63
N ASN LA 67 48.54 12.80 -30.59
CA ASN LA 67 48.09 12.63 -31.97
C ASN LA 67 47.17 11.43 -32.11
N ALA LA 68 47.50 10.32 -31.43
CA ALA LA 68 46.74 9.08 -31.57
C ALA LA 68 45.30 9.26 -31.10
N ASN LA 69 45.10 10.07 -30.06
CA ASN LA 69 43.73 10.28 -29.59
C ASN LA 69 42.82 10.87 -30.67
N ASP LA 70 43.39 11.69 -31.56
CA ASP LA 70 42.58 12.34 -32.59
C ASP LA 70 41.97 11.33 -33.55
N GLY LA 71 42.72 10.29 -33.92
CA GLY LA 71 42.16 9.26 -34.78
C GLY LA 71 40.97 8.57 -34.16
N ILE LA 72 41.04 8.29 -32.86
CA ILE LA 72 39.90 7.71 -32.15
C ILE LA 72 38.70 8.64 -32.23
N SER LA 73 38.94 9.95 -32.05
CA SER LA 73 37.82 10.90 -32.15
C SER LA 73 37.20 10.88 -33.54
N VAL LA 74 38.03 10.86 -34.58
CA VAL LA 74 37.52 10.85 -35.96
C VAL LA 74 36.68 9.60 -36.20
N ALA LA 75 37.20 8.45 -35.77
CA ALA LA 75 36.48 7.20 -35.98
C ALA LA 75 35.16 7.20 -35.24
N GLN LA 76 35.12 7.75 -34.03
CA GLN LA 76 33.88 7.80 -33.27
C GLN LA 76 32.83 8.64 -33.98
N THR LA 77 33.23 9.82 -34.48
CA THR LA 77 32.28 10.67 -35.19
C THR LA 77 31.74 9.97 -36.44
N THR LA 78 32.64 9.36 -37.21
CA THR LA 78 32.21 8.66 -38.42
C THR LA 78 31.27 7.51 -38.08
N GLU LA 79 31.55 6.79 -36.99
CA GLU LA 79 30.70 5.69 -36.58
C GLU LA 79 29.30 6.17 -36.21
N GLY LA 80 29.20 7.30 -35.51
CA GLY LA 80 27.88 7.84 -35.20
C GLY LA 80 27.09 8.17 -36.45
N ALA LA 81 27.73 8.85 -37.40
CA ALA LA 81 27.05 9.16 -38.66
C ALA LA 81 26.60 7.90 -39.37
N LEU LA 82 27.47 6.88 -39.39
CA LEU LA 82 27.12 5.62 -40.03
C LEU LA 82 25.94 4.96 -39.35
N SER LA 83 25.87 5.04 -38.02
CA SER LA 83 24.75 4.45 -37.31
C SER LA 83 23.44 5.11 -37.69
N GLU LA 84 23.45 6.45 -37.81
CA GLU LA 84 22.22 7.12 -38.25
C GLU LA 84 21.81 6.70 -39.65
N ILE LA 85 22.80 6.62 -40.56
CA ILE LA 85 22.49 6.16 -41.92
C ILE LA 85 21.91 4.75 -41.90
N ASN LA 86 22.44 3.89 -41.02
CA ASN LA 86 21.95 2.53 -40.92
C ASN LA 86 20.50 2.50 -40.46
N ASN LA 87 20.15 3.33 -39.48
CA ASN LA 87 18.75 3.39 -39.04
C ASN LA 87 17.83 3.83 -40.18
N ASN LA 88 18.27 4.82 -40.95
CA ASN LA 88 17.47 5.25 -42.10
C ASN LA 88 17.28 4.11 -43.09
N LEU LA 89 18.36 3.36 -43.36
CA LEU LA 89 18.26 2.23 -44.28
C LEU LA 89 17.30 1.17 -43.76
N GLN LA 90 17.32 0.92 -42.44
CA GLN LA 90 16.42 -0.07 -41.85
C GLN LA 90 14.96 0.34 -42.06
N ARG LA 91 14.66 1.61 -41.80
CA ARG LA 91 13.28 2.06 -41.99
C ARG LA 91 12.88 1.99 -43.45
N VAL LA 92 13.81 2.33 -44.36
CA VAL LA 92 13.52 2.22 -45.79
C VAL LA 92 13.20 0.78 -46.17
N ARG LA 93 13.95 -0.17 -45.61
CA ARG LA 93 13.69 -1.58 -45.90
C ARG LA 93 12.30 -1.99 -45.42
N GLU LA 94 11.92 -1.57 -44.21
CA GLU LA 94 10.57 -1.87 -43.74
C GLU LA 94 9.51 -1.27 -44.68
N LEU LA 95 9.76 -0.05 -45.14
CA LEU LA 95 8.81 0.61 -46.05
C LEU LA 95 8.67 -0.16 -47.35
N THR LA 96 9.80 -0.65 -47.89
CA THR LA 96 9.71 -1.44 -49.12
C THR LA 96 8.95 -2.73 -48.89
N VAL LA 97 9.17 -3.38 -47.75
CA VAL LA 97 8.41 -4.59 -47.42
C VAL LA 97 6.93 -4.27 -47.39
N GLN LA 98 6.56 -3.13 -46.81
CA GLN LA 98 5.15 -2.75 -46.77
C GLN LA 98 4.61 -2.42 -48.16
N ALA LA 99 5.46 -1.87 -49.03
CA ALA LA 99 4.98 -1.42 -50.34
C ALA LA 99 4.83 -2.57 -51.33
N THR LA 100 5.62 -3.62 -51.19
CA THR LA 100 5.56 -4.71 -52.17
C THR LA 100 4.38 -5.64 -51.91
N THR LA 101 3.18 -5.08 -51.80
CA THR LA 101 1.97 -5.86 -51.54
C THR LA 101 0.92 -5.50 -52.59
N GLY LA 102 0.11 -6.50 -52.95
CA GLY LA 102 -0.90 -6.31 -53.98
C GLY LA 102 -2.12 -5.51 -53.55
N THR LA 103 -2.35 -5.40 -52.23
CA THR LA 103 -3.50 -4.66 -51.76
C THR LA 103 -3.35 -3.15 -51.96
N ASN LA 104 -2.10 -2.66 -51.93
CA ASN LA 104 -1.87 -1.22 -52.05
C ASN LA 104 -2.34 -0.69 -53.39
N SER LA 105 -2.94 0.49 -53.36
CA SER LA 105 -3.38 1.17 -54.57
C SER LA 105 -2.24 2.03 -55.10
N GLU LA 106 -2.53 2.87 -56.09
CA GLU LA 106 -1.49 3.72 -56.67
C GLU LA 106 -1.13 4.87 -55.74
N SER LA 107 -2.13 5.47 -55.09
CA SER LA 107 -1.85 6.59 -54.20
C SER LA 107 -1.05 6.14 -52.97
N ASP LA 108 -1.35 4.94 -52.46
CA ASP LA 108 -0.58 4.40 -51.35
C ASP LA 108 0.89 4.22 -51.73
N LEU LA 109 1.13 3.68 -52.93
CA LEU LA 109 2.50 3.55 -53.41
C LEU LA 109 3.15 4.91 -53.59
N SER LA 110 2.37 5.90 -54.02
CA SER LA 110 2.93 7.24 -54.18
C SER LA 110 3.38 7.82 -52.84
N SER LA 111 2.55 7.65 -51.81
CA SER LA 111 2.92 8.13 -50.48
C SER LA 111 4.15 7.40 -49.95
N ILE LA 112 4.18 6.07 -50.12
CA ILE LA 112 5.34 5.30 -49.67
C ILE LA 112 6.59 5.76 -50.39
N GLN LA 113 6.50 5.99 -51.70
CA GLN LA 113 7.65 6.46 -52.46
C GLN LA 113 8.09 7.85 -52.02
N ASP LA 114 7.13 8.72 -51.70
CA ASP LA 114 7.48 10.05 -51.20
C ASP LA 114 8.32 9.94 -49.94
N GLU LA 115 7.85 9.15 -48.97
CA GLU LA 115 8.61 9.05 -47.71
C GLU LA 115 9.94 8.35 -47.92
N ILE LA 116 9.98 7.34 -48.80
CA ILE LA 116 11.22 6.62 -49.08
C ILE LA 116 12.25 7.56 -49.71
N LYS LA 117 11.81 8.38 -50.66
CA LYS LA 117 12.71 9.33 -51.29
C LYS LA 117 13.19 10.37 -50.30
N SER LA 118 12.32 10.80 -49.37
CA SER LA 118 12.76 11.73 -48.33
C SER LA 118 13.86 11.12 -47.48
N ARG LA 119 13.70 9.84 -47.10
CA ARG LA 119 14.71 9.22 -46.25
C ARG LA 119 16.01 8.97 -47.01
N LEU LA 120 15.92 8.63 -48.30
CA LEU LA 120 17.13 8.51 -49.11
C LEU LA 120 17.83 9.86 -49.24
N ASP LA 121 17.05 10.94 -49.38
CA ASP LA 121 17.62 12.27 -49.42
C ASP LA 121 18.35 12.59 -48.12
N GLU LA 122 17.78 12.19 -46.98
CA GLU LA 122 18.49 12.39 -45.72
C GLU LA 122 19.75 11.56 -45.62
N ILE LA 123 19.73 10.33 -46.15
CA ILE LA 123 20.96 9.54 -46.18
C ILE LA 123 22.04 10.30 -46.95
N ASP LA 124 21.70 10.79 -48.13
CA ASP LA 124 22.66 11.54 -48.94
C ASP LA 124 23.11 12.81 -48.23
N ARG LA 125 22.17 13.51 -47.58
CA ARG LA 125 22.48 14.76 -46.92
C ARG LA 125 23.43 14.55 -45.75
N VAL LA 126 23.15 13.54 -44.92
CA VAL LA 126 24.03 13.23 -43.80
C VAL LA 126 25.41 12.82 -44.32
N SER LA 127 25.44 12.08 -45.42
CA SER LA 127 26.73 11.72 -46.02
C SER LA 127 27.52 12.97 -46.41
N GLY LA 128 26.89 13.86 -47.17
CA GLY LA 128 27.60 15.02 -47.68
C GLY LA 128 28.01 16.02 -46.63
N GLN LA 129 27.12 16.28 -45.67
CA GLN LA 129 27.30 17.41 -44.77
C GLN LA 129 28.22 17.10 -43.60
N THR LA 130 28.35 15.82 -43.23
CA THR LA 130 29.15 15.44 -42.07
C THR LA 130 30.62 15.72 -42.34
N GLN LA 131 31.16 16.75 -41.69
CA GLN LA 131 32.55 17.15 -41.85
C GLN LA 131 33.22 17.27 -40.49
N PHE LA 132 34.44 16.76 -40.39
CA PHE LA 132 35.23 16.80 -39.17
C PHE LA 132 36.50 17.58 -39.44
N ASN LA 133 36.73 18.63 -38.64
CA ASN LA 133 37.93 19.47 -38.75
C ASN LA 133 38.14 19.95 -40.18
N GLY LA 134 37.05 20.38 -40.81
CA GLY LA 134 37.10 20.80 -42.20
C GLY LA 134 37.42 19.70 -43.19
N VAL LA 135 37.02 18.46 -42.88
CA VAL LA 135 37.21 17.33 -43.78
C VAL LA 135 35.90 16.56 -43.86
N ASN LA 136 35.35 16.45 -45.06
CA ASN LA 136 34.12 15.69 -45.27
C ASN LA 136 34.48 14.21 -45.32
N VAL LA 137 34.29 13.53 -44.19
CA VAL LA 137 34.75 12.15 -44.07
C VAL LA 137 33.95 11.23 -44.99
N LEU LA 138 32.63 11.33 -44.96
CA LEU LA 138 31.76 10.47 -45.78
C LEU LA 138 31.39 11.13 -47.09
N ALA LA 139 32.37 11.63 -47.83
CA ALA LA 139 32.10 12.22 -49.14
C ALA LA 139 33.12 11.84 -50.21
N LYS LA 140 34.16 11.10 -49.87
CA LYS LA 140 35.20 10.76 -50.83
C LYS LA 140 36.11 9.66 -50.28
N ASN LA 141 36.43 8.66 -51.10
CA ASN LA 141 37.36 7.64 -50.69
C ASN LA 141 38.73 8.26 -50.41
N GLY LA 142 39.30 7.90 -49.27
CA GLY LA 142 40.58 8.47 -48.88
C GLY LA 142 41.19 7.70 -47.74
N SER LA 143 42.22 8.30 -47.15
CA SER LA 143 42.93 7.67 -46.05
C SER LA 143 43.54 8.73 -45.16
N MET LA 144 43.69 8.39 -43.88
CA MET LA 144 44.31 9.25 -42.88
C MET LA 144 45.48 8.51 -42.24
N LYS LA 145 46.57 9.24 -41.98
CA LYS LA 145 47.77 8.67 -41.41
C LYS LA 145 48.01 9.32 -40.05
N ILE LA 146 47.92 8.54 -38.99
CA ILE LA 146 48.04 9.03 -37.63
C ILE LA 146 49.45 8.74 -37.13
N GLN LA 147 50.17 9.79 -36.76
CA GLN LA 147 51.54 9.66 -36.27
C GLN LA 147 51.52 9.12 -34.84
N VAL LA 148 51.89 7.86 -34.68
CA VAL LA 148 51.86 7.21 -33.37
C VAL LA 148 53.26 6.78 -32.93
N GLY LA 149 54.30 7.38 -33.50
CA GLY LA 149 55.66 7.06 -33.13
C GLY LA 149 56.50 8.32 -32.97
N ALA LA 150 57.75 8.11 -32.58
CA ALA LA 150 58.67 9.22 -32.34
C ALA LA 150 59.50 9.57 -33.57
N ASN LA 151 59.86 8.57 -34.37
CA ASN LA 151 60.63 8.78 -35.59
C ASN LA 151 59.67 9.13 -36.73
N ASP LA 152 60.15 9.11 -37.97
CA ASP LA 152 59.31 9.36 -39.12
C ASP LA 152 58.80 8.04 -39.72
N ASN LA 153 57.72 8.15 -40.49
CA ASN LA 153 57.03 6.99 -41.06
C ASN LA 153 56.64 6.00 -39.96
N GLN LA 154 55.78 6.47 -39.06
CA GLN LA 154 55.42 5.77 -37.84
C GLN LA 154 53.91 5.73 -37.69
N THR LA 155 53.19 5.51 -38.78
CA THR LA 155 51.79 5.86 -38.87
C THR LA 155 50.88 4.63 -38.89
N ILE LA 156 49.66 4.82 -38.41
CA ILE LA 156 48.56 3.88 -38.56
C ILE LA 156 47.55 4.50 -39.51
N THR LA 157 47.14 3.76 -40.52
CA THR LA 157 46.33 4.28 -41.61
C THR LA 157 44.84 4.07 -41.32
N ILE LA 158 44.09 5.16 -41.31
CA ILE LA 158 42.64 5.11 -41.18
C ILE LA 158 42.03 5.24 -42.57
N ASP LA 159 41.08 4.36 -42.89
CA ASP LA 159 40.46 4.33 -44.20
C ASP LA 159 39.06 4.93 -44.12
N LEU LA 160 38.69 5.68 -45.15
CA LEU LA 160 37.38 6.31 -45.23
C LEU LA 160 36.77 6.00 -46.59
N LYS LA 161 35.59 5.41 -46.59
CA LYS LA 161 34.89 5.05 -47.81
C LYS LA 161 33.72 6.00 -48.05
N GLN LA 162 33.57 6.43 -49.29
CA GLN LA 162 32.43 7.27 -49.65
C GLN LA 162 31.15 6.46 -49.54
N ILE LA 163 30.28 6.87 -48.62
CA ILE LA 163 29.01 6.21 -48.37
C ILE LA 163 27.90 7.17 -48.77
N ASP LA 164 27.23 6.88 -49.88
CA ASP LA 164 26.12 7.70 -50.34
C ASP LA 164 25.25 6.85 -51.26
N ALA LA 165 24.14 7.44 -51.69
CA ALA LA 165 23.18 6.71 -52.51
C ALA LA 165 23.81 6.20 -53.80
N LYS LA 166 24.70 6.99 -54.41
CA LYS LA 166 25.33 6.57 -55.65
C LYS LA 166 26.21 5.35 -55.43
N THR LA 167 26.99 5.34 -54.35
CA THR LA 167 27.92 4.25 -54.06
C THR LA 167 27.29 3.15 -53.22
N LEU LA 168 25.97 3.06 -53.18
CA LEU LA 168 25.28 2.00 -52.49
C LEU LA 168 24.28 1.26 -53.37
N GLY LA 169 24.17 1.62 -54.65
CA GLY LA 169 23.18 1.05 -55.53
C GLY LA 169 21.82 1.67 -55.43
N LEU LA 170 21.59 2.54 -54.45
CA LEU LA 170 20.29 3.19 -54.25
C LEU LA 170 20.21 4.53 -54.96
N ASP LA 171 20.53 4.54 -56.26
CA ASP LA 171 20.41 5.72 -57.10
C ASP LA 171 19.29 5.48 -58.10
N GLY LA 172 18.15 6.13 -57.87
CA GLY LA 172 16.95 5.85 -58.63
C GLY LA 172 16.02 4.84 -58.01
N PHE LA 173 16.22 4.50 -56.74
CA PHE LA 173 15.42 3.48 -56.07
C PHE LA 173 13.98 3.96 -55.93
N SER LA 174 13.08 3.36 -56.69
CA SER LA 174 11.68 3.74 -56.67
C SER LA 174 10.81 2.49 -56.63
N VAL LA 175 9.61 2.64 -56.09
CA VAL LA 175 8.67 1.53 -55.96
C VAL LA 175 7.34 1.88 -56.62
N LYS LA 176 7.38 2.77 -57.61
CA LYS LA 176 6.17 3.16 -58.31
C LYS LA 176 6.53 3.57 -59.73
N ASN LA 177 5.52 3.58 -60.60
CA ASN LA 177 5.72 3.95 -62.00
C ASN LA 177 5.42 5.43 -62.22
N THR LA 407 11.71 -0.57 -59.75
CA THR LA 407 13.01 -1.16 -59.42
C THR LA 407 12.88 -2.67 -59.26
N THR LA 408 13.81 -3.41 -59.86
CA THR LA 408 13.83 -4.86 -59.77
C THR LA 408 14.70 -5.30 -58.60
N ASP LA 409 14.23 -6.31 -57.88
CA ASP LA 409 14.88 -6.82 -56.68
C ASP LA 409 15.27 -5.71 -55.70
N PRO LA 410 14.28 -4.97 -55.17
CA PRO LA 410 14.63 -3.87 -54.26
C PRO LA 410 15.20 -4.35 -52.94
N LEU LA 411 14.61 -5.40 -52.36
CA LEU LA 411 15.04 -5.86 -51.04
C LEU LA 411 16.47 -6.39 -51.06
N LYS LA 412 16.84 -7.09 -52.14
CA LYS LA 412 18.21 -7.59 -52.26
C LYS LA 412 19.20 -6.43 -52.29
N ALA LA 413 18.90 -5.38 -53.06
CA ALA LA 413 19.78 -4.22 -53.11
C ALA LA 413 19.88 -3.54 -51.75
N LEU LA 414 18.74 -3.42 -51.04
CA LEU LA 414 18.77 -2.80 -49.73
C LEU LA 414 19.63 -3.60 -48.75
N ASP LA 415 19.49 -4.93 -48.79
CA ASP LA 415 20.33 -5.78 -47.94
C ASP LA 415 21.79 -5.64 -48.31
N ASP LA 416 22.09 -5.52 -49.61
CA ASP LA 416 23.48 -5.31 -50.02
C ASP LA 416 24.03 -4.00 -49.48
N ALA LA 417 23.24 -2.93 -49.53
CA ALA LA 417 23.68 -1.66 -48.98
C ALA LA 417 23.93 -1.75 -47.48
N ILE LA 418 23.04 -2.42 -46.76
CA ILE LA 418 23.22 -2.58 -45.31
C ILE LA 418 24.51 -3.35 -45.02
N ALA LA 419 24.73 -4.45 -45.74
CA ALA LA 419 25.93 -5.24 -45.53
C ALA LA 419 27.18 -4.51 -45.99
N SER LA 420 27.04 -3.53 -46.88
CA SER LA 420 28.18 -2.74 -47.31
C SER LA 420 28.53 -1.62 -46.33
N VAL LA 421 27.56 -1.11 -45.58
CA VAL LA 421 27.90 -0.12 -44.57
C VAL LA 421 28.41 -0.81 -43.30
N ASP LA 422 27.92 -2.03 -43.02
CA ASP LA 422 28.42 -2.75 -41.85
C ASP LA 422 29.91 -3.07 -41.96
N LYS LA 423 30.39 -3.30 -43.18
CA LYS LA 423 31.82 -3.58 -43.37
C LYS LA 423 32.66 -2.37 -42.96
N PHE LA 424 32.27 -1.18 -43.39
CA PHE LA 424 32.99 0.03 -43.02
C PHE LA 424 32.92 0.25 -41.53
N ARG LA 425 31.76 -0.02 -40.91
CA ARG LA 425 31.66 0.14 -39.47
C ARG LA 425 32.62 -0.81 -38.73
N SER LA 426 32.70 -2.06 -39.19
CA SER LA 426 33.60 -3.02 -38.56
C SER LA 426 35.05 -2.60 -38.71
N SER LA 427 35.42 -2.09 -39.89
CA SER LA 427 36.78 -1.60 -40.09
C SER LA 427 37.09 -0.45 -39.14
N LEU LA 428 36.13 0.46 -38.97
CA LEU LA 428 36.32 1.57 -38.04
C LEU LA 428 36.53 1.08 -36.63
N GLY LA 429 35.75 0.10 -36.19
CA GLY LA 429 35.93 -0.45 -34.85
C GLY LA 429 37.29 -1.08 -34.66
N ALA LA 430 37.75 -1.82 -35.67
CA ALA LA 430 39.09 -2.42 -35.58
C ALA LA 430 40.17 -1.36 -35.47
N VAL LA 431 40.04 -0.29 -36.25
CA VAL LA 431 41.03 0.80 -36.18
C VAL LA 431 41.00 1.45 -34.79
N GLN LA 432 39.81 1.61 -34.22
CA GLN LA 432 39.71 2.19 -32.88
C GLN LA 432 40.44 1.32 -31.86
N ASN LA 433 40.24 0.00 -31.93
CA ASN LA 433 40.91 -0.88 -31.00
C ASN LA 433 42.44 -0.80 -31.15
N ARG LA 434 42.92 -0.80 -32.39
CA ARG LA 434 44.35 -0.68 -32.61
C ARG LA 434 44.90 0.62 -32.05
N LEU LA 435 44.18 1.72 -32.26
CA LEU LA 435 44.66 3.01 -31.77
C LEU LA 435 44.71 3.05 -30.25
N ASP LA 436 43.69 2.49 -29.60
CA ASP LA 436 43.70 2.47 -28.14
C ASP LA 436 44.86 1.64 -27.60
N SER LA 437 45.13 0.48 -28.22
CA SER LA 437 46.28 -0.32 -27.80
C SER LA 437 47.58 0.45 -27.99
N ALA LA 438 47.68 1.18 -29.09
CA ALA LA 438 48.88 1.99 -29.34
C ALA LA 438 49.07 3.05 -28.25
N VAL LA 439 47.97 3.70 -27.86
CA VAL LA 439 48.06 4.71 -26.81
C VAL LA 439 48.55 4.08 -25.50
N THR LA 440 48.00 2.93 -25.14
CA THR LA 440 48.41 2.27 -23.91
C THR LA 440 49.90 1.92 -23.94
N ASN LA 441 50.37 1.37 -25.05
CA ASN LA 441 51.78 1.01 -25.16
C ASN LA 441 52.66 2.26 -25.08
N LEU LA 442 52.24 3.35 -25.72
CA LEU LA 442 53.00 4.58 -25.66
C LEU LA 442 53.11 5.10 -24.24
N ASN LA 443 52.01 5.03 -23.48
CA ASN LA 443 52.05 5.47 -22.09
C ASN LA 443 53.06 4.64 -21.29
N ASN LA 444 53.02 3.31 -21.45
CA ASN LA 444 53.94 2.46 -20.71
C ASN LA 444 55.39 2.77 -21.08
N THR LA 445 55.68 2.91 -22.37
CA THR LA 445 57.04 3.16 -22.81
C THR LA 445 57.53 4.51 -22.31
N THR LA 446 56.66 5.53 -22.35
CA THR LA 446 57.04 6.85 -21.85
C THR LA 446 57.38 6.80 -20.37
N THR LA 447 56.57 6.09 -19.58
CA THR LA 447 56.86 5.98 -18.16
C THR LA 447 58.22 5.33 -17.93
N ASN LA 448 58.47 4.21 -18.62
CA ASN LA 448 59.75 3.51 -18.43
C ASN LA 448 60.93 4.38 -18.83
N LEU LA 449 60.84 5.07 -19.97
CA LEU LA 449 61.95 5.89 -20.42
C LEU LA 449 62.19 7.07 -19.48
N SER LA 450 61.11 7.70 -19.00
CA SER LA 450 61.27 8.80 -18.06
C SER LA 450 61.96 8.32 -16.79
N GLU LA 451 61.58 7.13 -16.29
CA GLU LA 451 62.21 6.67 -15.06
C GLU LA 451 63.67 6.28 -15.29
N ALA LA 452 64.02 5.77 -16.47
CA ALA LA 452 65.42 5.53 -16.79
C ALA LA 452 66.21 6.85 -16.81
N GLN LA 453 65.63 7.88 -17.44
CA GLN LA 453 66.28 9.18 -17.43
C GLN LA 453 66.47 9.69 -16.01
N SER LA 454 65.50 9.40 -15.14
CA SER LA 454 65.67 9.70 -13.73
C SER LA 454 66.85 8.95 -13.13
N ARG LA 455 67.00 7.66 -13.46
CA ARG LA 455 68.16 6.96 -12.92
C ARG LA 455 69.48 7.48 -13.49
N ILE LA 456 69.46 8.18 -14.61
CA ILE LA 456 70.69 8.59 -15.29
C ILE LA 456 71.12 9.99 -14.89
N GLN LA 457 70.23 10.98 -15.03
CA GLN LA 457 70.64 12.37 -14.87
C GLN LA 457 70.38 12.93 -13.48
N ASP LA 458 69.45 12.37 -12.73
CA ASP LA 458 69.05 12.98 -11.47
C ASP LA 458 70.04 12.66 -10.35
N ALA LA 459 70.07 13.51 -9.34
CA ALA LA 459 70.98 13.40 -8.22
C ALA LA 459 70.25 12.87 -6.98
N ASP LA 460 71.03 12.29 -6.07
CA ASP LA 460 70.53 11.77 -4.79
C ASP LA 460 70.91 12.78 -3.71
N TYR LA 461 69.89 13.36 -3.06
CA TYR LA 461 70.15 14.51 -2.20
C TYR LA 461 70.87 14.13 -0.91
N ALA LA 462 70.72 12.89 -0.44
CA ALA LA 462 71.43 12.48 0.77
C ALA LA 462 72.94 12.59 0.58
N THR LA 463 73.44 12.01 -0.50
CA THR LA 463 74.88 12.07 -0.79
C THR LA 463 75.33 13.51 -0.98
N GLU LA 464 74.56 14.30 -1.71
CA GLU LA 464 74.96 15.68 -1.96
C GLU LA 464 75.02 16.49 -0.67
N VAL LA 465 74.05 16.31 0.22
CA VAL LA 465 74.04 17.02 1.49
C VAL LA 465 75.23 16.59 2.35
N SER LA 466 75.52 15.30 2.39
CA SER LA 466 76.67 14.83 3.17
C SER LA 466 77.97 15.43 2.64
N ASN LA 467 78.14 15.41 1.31
CA ASN LA 467 79.34 15.99 0.72
C ASN LA 467 79.44 17.49 0.99
N MET LA 468 78.30 18.19 0.92
CA MET LA 468 78.29 19.61 1.20
C MET LA 468 78.71 19.91 2.62
N SER LA 469 78.18 19.16 3.59
CA SER LA 469 78.57 19.37 4.98
C SER LA 469 80.04 19.10 5.19
N LYS LA 470 80.54 18.00 4.61
CA LYS LA 470 81.95 17.68 4.73
C LYS LA 470 82.82 18.77 4.13
N ALA LA 471 82.43 19.28 2.96
CA ALA LA 471 83.20 20.34 2.31
C ALA LA 471 83.22 21.61 3.15
N GLN LA 472 82.08 21.96 3.75
CA GLN LA 472 82.04 23.15 4.60
C GLN LA 472 82.96 22.99 5.80
N ILE LA 473 82.92 21.83 6.44
CA ILE LA 473 83.82 21.59 7.57
C ILE LA 473 85.27 21.66 7.13
N ILE LA 474 85.59 21.08 5.97
CA ILE LA 474 86.96 21.13 5.46
C ILE LA 474 87.38 22.58 5.24
N GLN LA 475 86.49 23.39 4.66
CA GLN LA 475 86.83 24.79 4.41
C GLN LA 475 87.16 25.51 5.70
N GLN LA 476 86.28 25.41 6.71
CA GLN LA 476 86.53 26.13 7.95
C GLN LA 476 87.79 25.63 8.64
N ALA LA 477 87.99 24.31 8.68
CA ALA LA 477 89.17 23.76 9.33
C ALA LA 477 90.45 24.22 8.65
N GLY LA 478 90.49 24.11 7.32
CA GLY LA 478 91.68 24.54 6.60
C GLY LA 478 91.94 26.01 6.75
N ASN LA 479 90.89 26.83 6.83
CA ASN LA 479 91.08 28.26 6.96
C ASN LA 479 91.65 28.61 8.34
N SER LA 480 91.18 27.91 9.38
CA SER LA 480 91.77 28.08 10.70
C SER LA 480 93.25 27.68 10.70
N VAL LA 481 93.56 26.57 10.02
CA VAL LA 481 94.96 26.16 9.91
C VAL LA 481 95.78 27.21 9.17
N LEU LA 482 95.18 27.86 8.18
CA LEU LA 482 95.86 28.95 7.48
C LEU LA 482 96.18 30.09 8.43
N ALA LA 483 95.20 30.48 9.26
CA ALA LA 483 95.45 31.54 10.24
C ALA LA 483 96.59 31.16 11.18
N LYS LA 484 96.60 29.92 11.66
CA LYS LA 484 97.67 29.47 12.54
C LYS LA 484 99.02 29.49 11.82
N ALA LA 485 99.04 29.07 10.56
CA ALA LA 485 100.28 29.07 9.79
C ALA LA 485 100.83 30.48 9.61
N ASN LA 486 99.96 31.45 9.33
CA ASN LA 486 100.41 32.83 9.26
C ASN LA 486 100.88 33.34 10.61
N GLN LA 487 100.31 32.82 11.71
CA GLN LA 487 100.79 33.21 13.03
C GLN LA 487 102.14 32.59 13.38
N VAL LA 488 102.52 31.48 12.74
CA VAL LA 488 103.77 30.80 13.08
C VAL LA 488 104.99 31.72 12.99
N PRO LA 489 105.23 32.47 11.91
CA PRO LA 489 106.51 33.18 11.78
C PRO LA 489 106.75 34.30 12.79
N GLN LA 490 105.87 34.51 13.77
CA GLN LA 490 106.04 35.63 14.68
C GLN LA 490 107.27 35.50 15.57
N GLN LA 491 107.80 34.27 15.74
CA GLN LA 491 108.92 34.07 16.65
C GLN LA 491 110.18 34.80 16.22
N VAL LA 492 110.31 35.11 14.94
CA VAL LA 492 111.47 35.87 14.48
C VAL LA 492 111.46 37.26 15.08
N LEU LA 493 110.28 37.84 15.25
CA LEU LA 493 110.18 39.13 15.92
C LEU LA 493 110.69 39.04 17.36
N SER LA 494 110.35 37.95 18.06
CA SER LA 494 110.86 37.75 19.40
C SER LA 494 112.38 37.59 19.40
N LEU LA 495 112.90 36.87 18.42
CA LEU LA 495 114.36 36.72 18.31
C LEU LA 495 115.05 38.06 18.12
N LEU LA 496 114.53 38.87 17.21
CA LEU LA 496 115.14 40.17 16.94
C LEU LA 496 115.01 41.09 18.14
N GLN LA 497 113.86 41.09 18.80
CA GLN LA 497 113.65 41.95 19.96
C GLN LA 497 114.59 41.59 21.09
N GLY LA 498 114.77 40.30 21.35
CA GLY LA 498 115.63 39.86 22.43
C GLY LA 498 114.91 39.03 23.48
N GLN MA 3 173.54 96.50 35.85
CA GLN MA 3 173.57 95.65 37.03
C GLN MA 3 172.75 96.26 38.15
N VAL MA 4 172.13 97.38 37.82
CA VAL MA 4 171.45 98.27 38.75
C VAL MA 4 170.53 97.50 39.69
N ILE MA 5 170.67 97.73 40.99
CA ILE MA 5 169.90 97.02 42.00
C ILE MA 5 168.83 97.88 42.63
N ASN MA 6 168.66 99.11 42.15
CA ASN MA 6 167.62 100.01 42.63
C ASN MA 6 166.35 99.87 41.80
N THR MA 7 166.46 99.36 40.58
CA THR MA 7 165.34 99.24 39.66
C THR MA 7 165.46 97.91 38.92
N ASN MA 8 164.34 97.20 38.81
CA ASN MA 8 164.26 95.85 38.22
C ASN MA 8 163.17 95.82 37.15
N SER MA 9 163.26 96.77 36.22
CA SER MA 9 162.26 97.04 35.20
C SER MA 9 161.59 95.80 34.62
N LEU MA 10 162.36 94.73 34.43
CA LEU MA 10 161.79 93.48 33.95
C LEU MA 10 160.63 93.02 34.82
N SER MA 11 160.77 93.17 36.14
CA SER MA 11 159.67 92.83 37.04
C SER MA 11 158.46 93.72 36.78
N LEU MA 12 158.69 95.01 36.51
CA LEU MA 12 157.58 95.91 36.21
C LEU MA 12 156.86 95.48 34.94
N ILE MA 13 157.61 95.09 33.91
CA ILE MA 13 157.00 94.62 32.67
C ILE MA 13 156.16 93.37 32.93
N THR MA 14 156.72 92.44 33.70
CA THR MA 14 155.99 91.19 33.96
C THR MA 14 154.71 91.45 34.74
N GLN MA 15 154.77 92.33 35.75
CA GLN MA 15 153.57 92.67 36.50
C GLN MA 15 152.54 93.36 35.62
N ASN MA 16 153.00 94.21 34.70
CA ASN MA 16 152.07 94.85 33.77
C ASN MA 16 151.37 93.81 32.91
N ASN MA 17 152.12 92.83 32.40
CA ASN MA 17 151.50 91.78 31.59
C ASN MA 17 150.52 90.94 32.40
N ILE MA 18 150.87 90.65 33.66
CA ILE MA 18 149.95 89.89 34.52
C ILE MA 18 148.65 90.67 34.73
N ASN MA 19 148.77 91.96 35.00
CA ASN MA 19 147.59 92.79 35.20
C ASN MA 19 146.76 92.86 33.92
N LYS MA 20 147.42 92.86 32.76
CA LYS MA 20 146.70 92.85 31.49
C LYS MA 20 145.89 91.56 31.33
N ASN MA 21 146.49 90.43 31.69
CA ASN MA 21 145.81 89.15 31.53
C ASN MA 21 144.67 88.97 32.55
N GLN MA 22 144.81 89.60 33.72
CA GLN MA 22 143.79 89.47 34.76
C GLN MA 22 142.40 89.82 34.25
N SER MA 23 142.29 90.87 33.43
CA SER MA 23 140.98 91.30 32.96
C SER MA 23 140.32 90.21 32.10
N ALA MA 24 141.08 89.60 31.20
CA ALA MA 24 140.54 88.53 30.37
C ALA MA 24 140.12 87.35 31.23
N LEU MA 25 140.95 86.98 32.21
CA LEU MA 25 140.62 85.85 33.06
C LEU MA 25 139.32 86.11 33.83
N SER MA 26 139.20 87.31 34.41
CA SER MA 26 138.01 87.65 35.18
C SER MA 26 136.77 87.68 34.30
N SER MA 27 136.90 88.24 33.09
CA SER MA 27 135.76 88.28 32.19
C SER MA 27 135.30 86.89 31.81
N SER MA 28 136.24 85.99 31.50
CA SER MA 28 135.86 84.63 31.15
C SER MA 28 135.17 83.93 32.31
N ILE MA 29 135.72 84.08 33.52
CA ILE MA 29 135.12 83.42 34.67
C ILE MA 29 133.71 83.96 34.94
N GLU MA 30 133.55 85.27 34.87
CA GLU MA 30 132.24 85.87 35.11
C GLU MA 30 131.22 85.43 34.08
N ARG MA 31 131.61 85.39 32.80
CA ARG MA 31 130.68 84.96 31.77
C ARG MA 31 130.29 83.50 31.95
N LEU MA 32 131.25 82.65 32.33
CA LEU MA 32 130.91 81.25 32.59
C LEU MA 32 129.95 81.13 33.77
N SER MA 33 130.17 81.92 34.83
CA SER MA 33 129.33 81.81 36.02
C SER MA 33 127.91 82.30 35.75
N SER MA 34 127.79 83.48 35.13
CA SER MA 34 126.47 84.07 34.93
C SER MA 34 125.70 83.37 33.82
N GLY MA 35 126.40 82.93 32.77
CA GLY MA 35 125.75 82.34 31.61
C GLY MA 35 125.39 83.32 30.52
N LEU MA 36 125.60 84.61 30.73
CA LEU MA 36 125.31 85.63 29.74
C LEU MA 36 126.61 86.25 29.25
N ARG MA 37 126.63 86.62 27.97
CA ARG MA 37 127.79 87.33 27.44
C ARG MA 37 127.82 88.77 27.93
N ILE MA 38 126.66 89.41 28.00
CA ILE MA 38 126.54 90.80 28.40
C ILE MA 38 126.19 90.80 29.89
N ASN MA 39 127.20 91.00 30.73
CA ASN MA 39 127.00 91.07 32.17
C ASN MA 39 126.93 92.50 32.70
N SER MA 40 127.32 93.48 31.89
CA SER MA 40 127.33 94.88 32.34
C SER MA 40 127.32 95.78 31.12
N ALA MA 41 127.04 97.06 31.36
CA ALA MA 41 127.05 98.05 30.29
C ALA MA 41 128.42 98.21 29.67
N LYS MA 42 129.50 97.88 30.39
CA LYS MA 42 130.82 98.02 29.81
C LYS MA 42 131.03 97.06 28.65
N ASP MA 43 130.39 95.89 28.70
CA ASP MA 43 130.62 94.87 27.68
C ASP MA 43 130.15 95.34 26.30
N ASP MA 44 128.84 95.45 26.11
CA ASP MA 44 128.28 95.98 24.87
C ASP MA 44 127.38 97.19 25.13
N ALA MA 45 126.31 96.99 25.89
CA ALA MA 45 125.28 97.96 26.28
C ALA MA 45 124.39 98.36 25.11
N ALA MA 46 124.84 98.18 23.87
CA ALA MA 46 123.89 98.19 22.78
C ALA MA 46 123.11 96.90 22.75
N GLY MA 47 123.84 95.78 22.87
CA GLY MA 47 123.18 94.50 23.09
C GLY MA 47 122.37 94.49 24.36
N GLN MA 48 122.86 95.16 25.41
CA GLN MA 48 122.09 95.19 26.66
C GLN MA 48 120.79 95.96 26.51
N ALA MA 49 120.82 97.12 25.82
CA ALA MA 49 119.57 97.85 25.61
C ALA MA 49 118.60 97.06 24.75
N ILE MA 50 119.10 96.46 23.66
CA ILE MA 50 118.23 95.68 22.80
C ILE MA 50 117.66 94.48 23.55
N ALA MA 51 118.48 93.84 24.38
CA ALA MA 51 118.02 92.70 25.16
C ALA MA 51 116.98 93.10 26.19
N ASN MA 52 117.15 94.26 26.82
CA ASN MA 52 116.14 94.74 27.77
C ASN MA 52 114.80 94.95 27.06
N ARG MA 53 114.85 95.58 25.89
CA ARG MA 53 113.62 95.77 25.13
C ARG MA 53 113.00 94.44 24.73
N PHE MA 54 113.84 93.48 24.32
CA PHE MA 54 113.35 92.16 23.93
C PHE MA 54 112.68 91.46 25.11
N THR MA 55 113.29 91.53 26.29
CA THR MA 55 112.71 90.91 27.47
C THR MA 55 111.37 91.53 27.81
N SER MA 56 111.27 92.86 27.72
CA SER MA 56 109.99 93.51 27.96
C SER MA 56 108.93 93.03 26.97
N ASN MA 57 109.30 92.94 25.69
CA ASN MA 57 108.35 92.48 24.69
C ASN MA 57 107.91 91.05 24.95
N ILE MA 58 108.85 90.18 25.33
CA ILE MA 58 108.51 88.78 25.59
C ILE MA 58 107.53 88.66 26.75
N LYS MA 59 107.81 89.38 27.84
CA LYS MA 59 106.90 89.34 28.99
C LYS MA 59 105.53 89.87 28.61
N GLY MA 60 105.48 90.96 27.85
CA GLY MA 60 104.20 91.50 27.44
C GLY MA 60 103.41 90.53 26.58
N LEU MA 61 104.08 89.86 25.65
CA LEU MA 61 103.38 88.92 24.78
C LEU MA 61 102.85 87.72 25.56
N THR MA 62 103.64 87.22 26.51
CA THR MA 62 103.16 86.11 27.33
C THR MA 62 101.92 86.53 28.14
N GLN MA 63 101.97 87.72 28.73
CA GLN MA 63 100.82 88.21 29.49
C GLN MA 63 99.61 88.38 28.58
N ALA MA 64 99.84 88.84 27.35
CA ALA MA 64 98.73 89.02 26.40
C ALA MA 64 98.07 87.70 26.06
N ALA MA 65 98.86 86.65 25.83
CA ALA MA 65 98.27 85.34 25.58
C ALA MA 65 97.48 84.85 26.77
N ARG MA 66 98.02 85.04 27.98
CA ARG MA 66 97.27 84.67 29.19
C ARG MA 66 95.94 85.42 29.25
N ASN MA 67 95.93 86.69 28.89
CA ASN MA 67 94.69 87.45 28.88
C ASN MA 67 93.70 86.90 27.85
N ALA MA 68 94.19 86.56 26.66
CA ALA MA 68 93.31 86.08 25.60
C ALA MA 68 92.61 84.78 26.01
N ASN MA 69 93.31 83.93 26.76
CA ASN MA 69 92.66 82.71 27.25
C ASN MA 69 91.40 83.04 28.05
N ASP MA 70 91.44 84.11 28.84
CA ASP MA 70 90.27 84.48 29.64
C ASP MA 70 89.08 84.85 28.75
N GLY MA 71 89.32 85.60 27.68
CA GLY MA 71 88.24 85.92 26.76
C GLY MA 71 87.66 84.68 26.12
N ILE MA 72 88.52 83.72 25.78
CA ILE MA 72 88.02 82.45 25.25
C ILE MA 72 87.09 81.79 26.25
N SER MA 73 87.48 81.79 27.53
CA SER MA 73 86.64 81.19 28.57
C SER MA 73 85.29 81.91 28.69
N VAL MA 74 85.31 83.25 28.65
CA VAL MA 74 84.07 84.01 28.74
C VAL MA 74 83.13 83.63 27.60
N ALA MA 75 83.68 83.58 26.39
CA ALA MA 75 82.85 83.23 25.23
C ALA MA 75 82.29 81.83 25.37
N GLN MA 76 83.07 80.89 25.87
CA GLN MA 76 82.56 79.53 26.05
C GLN MA 76 81.39 79.51 27.02
N THR MA 77 81.52 80.20 28.16
CA THR MA 77 80.45 80.21 29.14
C THR MA 77 79.18 80.82 28.56
N THR MA 78 79.32 81.95 27.87
CA THR MA 78 78.15 82.59 27.27
C THR MA 78 77.50 81.69 26.23
N GLU MA 79 78.31 80.97 25.44
CA GLU MA 79 77.76 80.06 24.45
C GLU MA 79 76.96 78.95 25.10
N GLY MA 80 77.46 78.39 26.20
CA GLY MA 80 76.70 77.34 26.89
C GLY MA 80 75.35 77.85 27.39
N ALA MA 81 75.36 79.02 28.02
CA ALA MA 81 74.09 79.59 28.49
C ALA MA 81 73.13 79.82 27.33
N LEU MA 82 73.65 80.33 26.21
CA LEU MA 82 72.80 80.57 25.05
C LEU MA 82 72.25 79.25 24.50
N SER MA 83 73.03 78.18 24.56
CA SER MA 83 72.53 76.89 24.10
C SER MA 83 71.35 76.42 24.94
N GLU MA 84 71.45 76.59 26.26
CA GLU MA 84 70.30 76.23 27.10
C GLU MA 84 69.07 77.08 26.78
N ILE MA 85 69.29 78.38 26.57
CA ILE MA 85 68.17 79.25 26.20
C ILE MA 85 67.54 78.79 24.89
N ASN MA 86 68.38 78.37 23.93
CA ASN MA 86 67.87 77.88 22.65
C ASN MA 86 67.03 76.64 22.83
N ASN MA 87 67.47 75.71 23.68
CA ASN MA 87 66.68 74.50 23.91
C ASN MA 87 65.32 74.83 24.50
N ASN MA 88 65.29 75.76 25.48
CA ASN MA 88 64.01 76.16 26.04
C ASN MA 88 63.11 76.81 25.00
N LEU MA 89 63.69 77.64 24.13
CA LEU MA 89 62.90 78.27 23.08
C LEU MA 89 62.33 77.24 22.11
N GLN MA 90 63.11 76.22 21.78
CA GLN MA 90 62.62 75.16 20.89
C GLN MA 90 61.44 74.44 21.52
N ARG MA 91 61.54 74.10 22.82
CA ARG MA 91 60.43 73.44 23.48
C ARG MA 91 59.20 74.33 23.54
N VAL MA 92 59.40 75.63 23.77
CA VAL MA 92 58.27 76.56 23.77
C VAL MA 92 57.59 76.59 22.40
N ARG MA 93 58.40 76.59 21.34
CA ARG MA 93 57.83 76.56 20.00
C ARG MA 93 56.99 75.31 19.77
N GLU MA 94 57.50 74.15 20.18
CA GLU MA 94 56.72 72.92 20.01
C GLU MA 94 55.42 72.99 20.80
N LEU MA 95 55.47 73.52 22.02
CA LEU MA 95 54.26 73.66 22.82
C LEU MA 95 53.25 74.57 22.14
N THR MA 96 53.71 75.67 21.55
CA THR MA 96 52.80 76.58 20.86
C THR MA 96 52.18 75.90 19.64
N VAL MA 97 52.98 75.14 18.89
CA VAL MA 97 52.44 74.41 17.74
C VAL MA 97 51.36 73.44 18.20
N GLN MA 98 51.57 72.78 19.33
CA GLN MA 98 50.54 71.89 19.86
C GLN MA 98 49.31 72.67 20.32
N ALA MA 99 49.51 73.88 20.84
CA ALA MA 99 48.40 74.63 21.42
C ALA MA 99 47.51 75.26 20.35
N THR MA 100 48.07 75.63 19.20
CA THR MA 100 47.27 76.33 18.20
C THR MA 100 46.38 75.37 17.41
N THR MA 101 45.59 74.55 18.10
CA THR MA 101 44.72 73.58 17.47
C THR MA 101 43.32 73.71 18.04
N GLY MA 102 42.32 73.48 17.18
CA GLY MA 102 40.93 73.62 17.59
C GLY MA 102 40.40 72.53 18.48
N THR MA 103 41.05 71.35 18.48
CA THR MA 103 40.58 70.25 19.32
C THR MA 103 40.80 70.53 20.79
N ASN MA 104 41.84 71.29 21.13
CA ASN MA 104 42.17 71.56 22.52
C ASN MA 104 41.04 72.33 23.21
N SER MA 105 40.72 71.92 24.44
CA SER MA 105 39.73 72.62 25.24
C SER MA 105 40.40 73.79 25.96
N GLU MA 106 39.62 74.48 26.79
CA GLU MA 106 40.15 75.65 27.49
C GLU MA 106 41.11 75.24 28.60
N SER MA 107 40.82 74.15 29.31
CA SER MA 107 41.73 73.66 30.33
C SER MA 107 43.04 73.19 29.72
N ASP MA 108 42.98 72.57 28.56
CA ASP MA 108 44.20 72.16 27.86
C ASP MA 108 45.06 73.38 27.51
N LEU MA 109 44.42 74.43 27.02
CA LEU MA 109 45.16 75.66 26.72
C LEU MA 109 45.74 76.27 27.99
N SER MA 110 45.00 76.18 29.10
CA SER MA 110 45.51 76.69 30.37
C SER MA 110 46.76 75.93 30.81
N SER MA 111 46.75 74.60 30.69
CA SER MA 111 47.92 73.82 31.06
C SER MA 111 49.11 74.13 30.14
N ILE MA 112 48.84 74.25 28.84
CA ILE MA 112 49.91 74.59 27.91
C ILE MA 112 50.50 75.94 28.24
N GLN MA 113 49.65 76.92 28.55
CA GLN MA 113 50.13 78.25 28.92
C GLN MA 113 50.92 78.19 30.21
N ASP MA 114 50.50 77.36 31.16
CA ASP MA 114 51.25 77.20 32.39
C ASP MA 114 52.68 76.73 32.10
N GLU MA 115 52.81 75.68 31.30
CA GLU MA 115 54.15 75.18 30.98
C GLU MA 115 54.95 76.20 30.19
N ILE MA 116 54.31 76.90 29.26
CA ILE MA 116 55.00 77.89 28.44
C ILE MA 116 55.53 79.02 29.30
N LYS MA 117 54.71 79.51 30.22
CA LYS MA 117 55.14 80.58 31.12
C LYS MA 117 56.24 80.09 32.05
N SER MA 118 56.16 78.84 32.51
CA SER MA 118 57.22 78.30 33.33
C SER MA 118 58.56 78.29 32.59
N ARG MA 119 58.54 77.88 31.33
CA ARG MA 119 59.80 77.82 30.57
C ARG MA 119 60.29 79.22 30.19
N LEU MA 120 59.39 80.16 29.92
CA LEU MA 120 59.82 81.53 29.69
C LEU MA 120 60.43 82.13 30.95
N ASP MA 121 59.85 81.83 32.11
CA ASP MA 121 60.44 82.27 33.37
C ASP MA 121 61.80 81.64 33.58
N GLU MA 122 61.97 80.38 33.21
CA GLU MA 122 63.28 79.75 33.29
C GLU MA 122 64.28 80.45 32.37
N ILE MA 123 63.84 80.82 31.17
CA ILE MA 123 64.73 81.55 30.26
C ILE MA 123 65.18 82.86 30.88
N ASP MA 124 64.22 83.63 31.40
CA ASP MA 124 64.57 84.92 32.01
C ASP MA 124 65.47 84.73 33.22
N ARG MA 125 65.19 83.71 34.04
CA ARG MA 125 66.04 83.41 35.19
C ARG MA 125 67.45 83.13 34.75
N VAL MA 126 67.65 82.11 33.92
CA VAL MA 126 69.00 81.72 33.52
C VAL MA 126 69.71 82.85 32.80
N SER MA 127 68.95 83.74 32.15
CA SER MA 127 69.57 84.91 31.54
C SER MA 127 70.12 85.85 32.61
N GLY MA 128 69.30 86.18 33.59
CA GLY MA 128 69.75 87.11 34.63
C GLY MA 128 70.83 86.54 35.52
N GLN MA 129 70.76 85.24 35.80
CA GLN MA 129 71.56 84.64 36.87
C GLN MA 129 72.99 84.37 36.45
N THR MA 130 73.23 84.06 35.17
CA THR MA 130 74.55 83.64 34.72
C THR MA 130 75.54 84.80 34.89
N GLN MA 131 76.55 84.58 35.72
CA GLN MA 131 77.57 85.58 36.01
C GLN MA 131 78.95 84.95 35.92
N PHE MA 132 79.89 85.69 35.33
CA PHE MA 132 81.26 85.24 35.17
C PHE MA 132 82.19 86.26 35.81
N ASN MA 133 82.90 85.85 36.85
CA ASN MA 133 83.88 86.71 37.53
C ASN MA 133 83.27 88.04 37.92
N GLY MA 134 82.09 87.98 38.54
CA GLY MA 134 81.39 89.18 38.93
C GLY MA 134 80.89 90.01 37.77
N VAL MA 135 80.52 89.39 36.66
CA VAL MA 135 79.99 90.09 35.50
C VAL MA 135 78.82 89.28 34.95
N ASN MA 136 77.62 89.87 35.00
CA ASN MA 136 76.43 89.23 34.44
C ASN MA 136 76.46 89.43 32.93
N VAL MA 137 76.91 88.40 32.20
CA VAL MA 137 77.14 88.55 30.77
C VAL MA 137 75.83 88.78 30.02
N LEU MA 138 74.82 87.96 30.28
CA LEU MA 138 73.53 88.08 29.60
C LEU MA 138 72.53 88.92 30.39
N ALA MA 139 72.92 90.13 30.76
CA ALA MA 139 72.02 91.01 31.50
C ALA MA 139 72.05 92.46 31.03
N LYS MA 140 72.92 92.83 30.10
CA LYS MA 140 73.05 94.21 29.67
C LYS MA 140 73.87 94.27 28.40
N ASN MA 141 73.45 95.14 27.47
CA ASN MA 141 74.23 95.37 26.27
C ASN MA 141 75.55 96.05 26.63
N GLY MA 142 76.66 95.41 26.29
CA GLY MA 142 77.96 95.95 26.60
C GLY MA 142 79.03 95.33 25.75
N SER MA 143 80.28 95.54 26.16
CA SER MA 143 81.41 95.01 25.42
C SER MA 143 82.60 94.84 26.35
N MET MA 144 83.41 93.84 26.04
CA MET MA 144 84.66 93.59 26.76
C MET MA 144 85.84 93.81 25.83
N LYS MA 145 86.96 94.24 26.40
CA LYS MA 145 88.18 94.54 25.64
C LYS MA 145 89.29 93.65 26.17
N ILE MA 146 89.71 92.68 25.37
CA ILE MA 146 90.74 91.73 25.76
C ILE MA 146 92.09 92.23 25.24
N GLN MA 147 93.00 92.53 26.16
CA GLN MA 147 94.33 93.00 25.78
C GLN MA 147 95.15 91.84 25.25
N VAL MA 148 95.43 91.85 23.94
CA VAL MA 148 96.16 90.79 23.29
C VAL MA 148 97.46 91.31 22.67
N GLY MA 149 97.97 92.44 23.16
CA GLY MA 149 99.20 93.01 22.64
C GLY MA 149 100.11 93.46 23.76
N ALA MA 150 101.33 93.82 23.38
CA ALA MA 150 102.33 94.28 24.33
C ALA MA 150 102.21 95.78 24.61
N ASN MA 151 101.87 96.57 23.59
CA ASN MA 151 101.70 97.99 23.76
C ASN MA 151 100.24 98.28 24.14
N ASP MA 152 99.89 99.56 24.21
CA ASP MA 152 98.54 99.96 24.56
C ASP MA 152 97.65 100.03 23.32
N ASN MA 153 96.34 99.93 23.55
CA ASN MA 153 95.34 99.94 22.49
C ASN MA 153 95.62 98.84 21.46
N GLN MA 154 95.73 97.61 21.97
CA GLN MA 154 95.97 96.41 21.18
C GLN MA 154 94.95 95.34 21.57
N THR MA 155 93.69 95.73 21.63
CA THR MA 155 92.65 94.89 22.20
C THR MA 155 91.73 94.31 21.12
N ILE MA 156 91.05 93.23 21.48
CA ILE MA 156 90.00 92.63 20.68
C ILE MA 156 88.69 92.80 21.43
N THR MA 157 87.68 93.34 20.75
CA THR MA 157 86.42 93.69 21.40
C THR MA 157 85.44 92.53 21.29
N ILE MA 158 84.98 92.07 22.45
CA ILE MA 158 83.92 91.05 22.52
C ILE MA 158 82.61 91.77 22.78
N ASP MA 159 81.53 91.31 22.14
CA ASP MA 159 80.24 91.94 22.24
C ASP MA 159 79.30 91.08 23.08
N LEU MA 160 78.53 91.73 23.94
CA LEU MA 160 77.55 91.06 24.80
C LEU MA 160 76.21 91.75 24.64
N LYS MA 161 75.20 90.99 24.25
CA LYS MA 161 73.85 91.50 24.06
C LYS MA 161 72.93 90.94 25.13
N GLN MA 162 72.12 91.81 25.73
CA GLN MA 162 71.15 91.39 26.73
C GLN MA 162 70.10 90.47 26.10
N ILE MA 163 70.12 89.20 26.48
CA ILE MA 163 69.17 88.21 25.96
C ILE MA 163 68.20 87.88 27.08
N ASP MA 164 66.94 88.25 26.90
CA ASP MA 164 65.90 87.94 27.88
C ASP MA 164 64.55 88.13 27.20
N ALA MA 165 63.49 87.84 27.95
CA ALA MA 165 62.14 87.89 27.40
C ALA MA 165 61.81 89.26 26.84
N LYS MA 166 62.23 90.33 27.52
CA LYS MA 166 61.94 91.68 27.04
C LYS MA 166 62.64 91.95 25.72
N THR MA 167 63.90 91.53 25.59
CA THR MA 167 64.70 91.81 24.39
C THR MA 167 64.52 90.76 23.31
N LEU MA 168 63.47 89.96 23.37
CA LEU MA 168 63.16 88.99 22.33
C LEU MA 168 61.74 89.10 21.82
N GLY MA 169 60.93 89.99 22.38
CA GLY MA 169 59.54 90.09 22.01
C GLY MA 169 58.62 89.14 22.76
N LEU MA 170 59.18 88.26 23.59
CA LEU MA 170 58.38 87.31 24.37
C LEU MA 170 58.04 87.87 25.75
N ASP MA 171 57.48 89.06 25.78
CA ASP MA 171 57.03 89.70 27.01
C ASP MA 171 55.51 89.77 26.95
N GLY MA 172 54.84 88.96 27.76
CA GLY MA 172 53.40 88.82 27.68
C GLY MA 172 52.94 87.73 26.74
N PHE MA 173 53.83 86.82 26.36
CA PHE MA 173 53.49 85.75 25.43
C PHE MA 173 52.48 84.81 26.05
N SER MA 174 51.26 84.79 25.49
CA SER MA 174 50.20 83.94 26.01
C SER MA 174 49.49 83.27 24.85
N VAL MA 175 48.89 82.11 25.13
CA VAL MA 175 48.13 81.37 24.13
C VAL MA 175 46.73 81.10 24.66
N LYS MA 176 46.27 81.93 25.60
CA LYS MA 176 44.94 81.80 26.15
C LYS MA 176 44.44 83.17 26.57
N ASN MA 177 43.11 83.28 26.69
CA ASN MA 177 42.49 84.54 27.07
C ASN MA 177 42.34 84.65 28.59
N THR MA 407 47.78 86.46 22.03
CA THR MA 407 48.91 86.91 21.25
C THR MA 407 48.72 86.58 19.78
N THR MA 408 49.04 87.53 18.90
CA THR MA 408 48.89 87.33 17.47
C THR MA 408 50.21 86.89 16.84
N ASP MA 409 50.11 85.97 15.88
CA ASP MA 409 51.23 85.37 15.17
C ASP MA 409 52.34 84.92 16.14
N PRO MA 410 52.05 83.98 17.04
CA PRO MA 410 53.08 83.56 18.01
C PRO MA 410 54.29 82.89 17.37
N LEU MA 411 54.05 82.05 16.37
CA LEU MA 411 55.14 81.27 15.79
C LEU MA 411 56.15 82.17 15.08
N LYS MA 412 55.68 83.22 14.42
CA LYS MA 412 56.60 84.16 13.78
C LYS MA 412 57.50 84.82 14.81
N ALA MA 413 56.94 85.24 15.94
CA ALA MA 413 57.74 85.87 16.99
C ALA MA 413 58.74 84.88 17.58
N LEU MA 414 58.32 83.64 17.79
CA LEU MA 414 59.23 82.63 18.34
C LEU MA 414 60.39 82.36 17.38
N ASP MA 415 60.09 82.23 16.08
CA ASP MA 415 61.15 82.06 15.09
C ASP MA 415 62.08 83.26 15.06
N ASP MA 416 61.52 84.47 15.19
CA ASP MA 416 62.35 85.66 15.23
C ASP MA 416 63.29 85.65 16.42
N ALA MA 417 62.79 85.24 17.59
CA ALA MA 417 63.65 85.17 18.77
C ALA MA 417 64.76 84.14 18.58
N ILE MA 418 64.43 82.97 18.02
CA ILE MA 418 65.44 81.94 17.81
C ILE MA 418 66.51 82.44 16.84
N ALA MA 419 66.09 83.07 15.74
CA ALA MA 419 67.05 83.59 14.77
C ALA MA 419 67.83 84.78 15.31
N SER MA 420 67.30 85.45 16.33
CA SER MA 420 68.03 86.54 16.96
C SER MA 420 69.08 86.05 17.94
N VAL MA 421 68.83 84.94 18.63
CA VAL MA 421 69.86 84.40 19.51
C VAL MA 421 70.93 83.68 18.71
N ASP MA 422 70.57 83.11 17.55
CA ASP MA 422 71.56 82.47 16.71
C ASP MA 422 72.63 83.46 16.22
N LYS MA 423 72.23 84.71 15.96
CA LYS MA 423 73.19 85.72 15.52
C LYS MA 423 74.24 85.99 16.59
N PHE MA 424 73.80 86.15 17.84
CA PHE MA 424 74.74 86.37 18.94
C PHE MA 424 75.66 85.16 19.12
N ARG MA 425 75.10 83.96 18.99
CA ARG MA 425 75.94 82.76 19.08
C ARG MA 425 77.02 82.76 17.99
N SER MA 426 76.64 83.11 16.76
CA SER MA 426 77.60 83.15 15.67
C SER MA 426 78.69 84.18 15.93
N SER MA 427 78.30 85.36 16.43
CA SER MA 427 79.30 86.38 16.75
C SER MA 427 80.28 85.88 17.81
N LEU MA 428 79.77 85.21 18.83
CA LEU MA 428 80.65 84.67 19.87
C LEU MA 428 81.61 83.63 19.29
N GLY MA 429 81.12 82.76 18.43
CA GLY MA 429 82.00 81.78 17.80
C GLY MA 429 83.09 82.43 16.97
N ALA MA 430 82.74 83.47 16.21
CA ALA MA 430 83.75 84.18 15.44
C ALA MA 430 84.80 84.81 16.34
N VAL MA 431 84.37 85.38 17.47
CA VAL MA 431 85.33 85.96 18.41
C VAL MA 431 86.24 84.89 18.97
N GLN MA 432 85.69 83.70 19.24
CA GLN MA 432 86.51 82.60 19.74
C GLN MA 432 87.59 82.23 18.73
N ASN MA 433 87.21 82.11 17.45
CA ASN MA 433 88.19 81.76 16.43
C ASN MA 433 89.28 82.83 16.33
N ARG MA 434 88.89 84.10 16.35
CA ARG MA 434 89.86 85.19 16.30
C ARG MA 434 90.83 85.11 17.48
N LEU MA 435 90.30 84.87 18.68
CA LEU MA 435 91.16 84.81 19.86
C LEU MA 435 92.15 83.65 19.76
N ASP MA 436 91.69 82.49 19.29
CA ASP MA 436 92.58 81.34 19.18
C ASP MA 436 93.70 81.62 18.17
N SER MA 437 93.36 82.22 17.03
CA SER MA 437 94.39 82.58 16.07
C SER MA 437 95.39 83.55 16.67
N ALA MA 438 94.89 84.52 17.45
CA ALA MA 438 95.78 85.48 18.11
C ALA MA 438 96.72 84.79 19.07
N VAL MA 439 96.22 83.82 19.84
CA VAL MA 439 97.07 83.09 20.79
C VAL MA 439 98.18 82.35 20.05
N THR MA 440 97.81 81.68 18.95
CA THR MA 440 98.82 80.94 18.20
C THR MA 440 99.90 81.87 17.66
N ASN MA 441 99.49 83.00 17.09
CA ASN MA 441 100.47 83.93 16.55
C ASN MA 441 101.36 84.51 17.65
N LEU MA 442 100.77 84.80 18.80
CA LEU MA 442 101.55 85.32 19.92
C LEU MA 442 102.59 84.30 20.38
N ASN MA 443 102.21 83.03 20.45
CA ASN MA 443 103.18 81.99 20.83
C ASN MA 443 104.34 81.94 19.84
N ASN MA 444 104.02 81.97 18.53
CA ASN MA 444 105.09 81.94 17.53
C ASN MA 444 106.02 83.14 17.67
N THR MA 445 105.44 84.33 17.82
CA THR MA 445 106.25 85.54 17.93
C THR MA 445 107.11 85.51 19.19
N THR MA 446 106.55 85.02 20.30
CA THR MA 446 107.32 84.93 21.53
C THR MA 446 108.50 83.99 21.37
N THR MA 447 108.29 82.85 20.71
CA THR MA 447 109.40 81.92 20.49
C THR MA 447 110.49 82.57 19.63
N ASN MA 448 110.10 83.26 18.57
CA ASN MA 448 111.08 83.91 17.70
C ASN MA 448 111.87 84.99 18.45
N LEU MA 449 111.18 85.80 19.23
CA LEU MA 449 111.85 86.87 19.97
C LEU MA 449 112.79 86.29 21.03
N SER MA 450 112.38 85.19 21.67
CA SER MA 450 113.25 84.54 22.64
C SER MA 450 114.51 84.01 21.96
N GLU MA 451 114.36 83.42 20.76
CA GLU MA 451 115.54 82.95 20.04
C GLU MA 451 116.47 84.10 19.68
N ALA MA 452 115.90 85.24 19.27
CA ALA MA 452 116.74 86.40 18.94
C ALA MA 452 117.47 86.92 20.18
N GLN MA 453 116.77 86.99 21.31
CA GLN MA 453 117.42 87.45 22.54
C GLN MA 453 118.54 86.49 22.95
N SER MA 454 118.32 85.19 22.74
CA SER MA 454 119.41 84.24 22.95
C SER MA 454 120.57 84.48 22.01
N ARG MA 455 120.28 84.81 20.76
CA ARG MA 455 121.35 85.11 19.80
C ARG MA 455 122.11 86.37 20.15
N ILE MA 456 121.54 87.27 20.95
CA ILE MA 456 122.17 88.54 21.28
C ILE MA 456 122.90 88.49 22.62
N GLN MA 457 122.20 88.10 23.68
CA GLN MA 457 122.74 88.25 25.03
C GLN MA 457 123.45 87.01 25.56
N ASP MA 458 123.15 85.84 25.04
CA ASP MA 458 123.70 84.61 25.63
C ASP MA 458 125.11 84.35 25.12
N ALA MA 459 125.85 83.57 25.91
CA ALA MA 459 127.24 83.25 25.63
C ALA MA 459 127.39 81.80 25.18
N ASP MA 460 128.44 81.56 24.40
CA ASP MA 460 128.77 80.22 23.90
C ASP MA 460 129.85 79.64 24.80
N TYR MA 461 129.54 78.51 25.44
CA TYR MA 461 130.41 78.02 26.51
C TYR MA 461 131.73 77.48 25.97
N ALA MA 462 131.77 77.00 24.73
CA ALA MA 462 133.02 76.49 24.19
C ALA MA 462 134.08 77.58 24.14
N THR MA 463 133.74 78.74 23.58
CA THR MA 463 134.68 79.84 23.52
C THR MA 463 135.09 80.30 24.91
N GLU MA 464 134.13 80.38 25.83
CA GLU MA 464 134.43 80.84 27.18
C GLU MA 464 135.38 79.89 27.88
N VAL MA 465 135.16 78.59 27.74
CA VAL MA 465 136.05 77.60 28.37
C VAL MA 465 137.44 77.70 27.78
N SER MA 466 137.54 77.82 26.45
CA SER MA 466 138.86 77.93 25.84
C SER MA 466 139.58 79.19 26.32
N ASN MA 467 138.87 80.31 26.39
CA ASN MA 467 139.48 81.55 26.86
C ASN MA 467 139.92 81.44 28.31
N MET MA 468 139.10 80.80 29.15
CA MET MA 468 139.47 80.62 30.55
C MET MA 468 140.74 79.79 30.69
N SER MA 469 140.82 78.69 29.94
CA SER MA 469 142.02 77.85 30.01
C SER MA 469 143.25 78.61 29.53
N LYS MA 470 143.11 79.35 28.43
CA LYS MA 470 144.23 80.14 27.93
C LYS MA 470 144.67 81.18 28.95
N ALA MA 471 143.70 81.85 29.58
CA ALA MA 471 144.03 82.87 30.57
C ALA MA 471 144.74 82.28 31.78
N GLN MA 472 144.30 81.09 32.23
CA GLN MA 472 144.97 80.44 33.35
C GLN MA 472 146.40 80.07 32.99
N ILE MA 473 146.61 79.54 31.78
CA ILE MA 473 147.96 79.21 31.34
C ILE MA 473 148.82 80.45 31.31
N ILE MA 474 148.28 81.55 30.78
CA ILE MA 474 149.04 82.80 30.72
C ILE MA 474 149.39 83.29 32.11
N GLN MA 475 148.45 83.20 33.04
CA GLN MA 475 148.70 83.66 34.40
C GLN MA 475 149.84 82.87 35.05
N GLN MA 476 149.81 81.54 34.92
CA GLN MA 476 150.87 80.74 35.54
C GLN MA 476 152.22 80.98 34.88
N ALA MA 477 152.23 81.13 33.54
CA ALA MA 477 153.48 81.44 32.86
C ALA MA 477 154.03 82.79 33.31
N GLY MA 478 153.16 83.78 33.46
CA GLY MA 478 153.60 85.08 33.94
C GLY MA 478 154.13 85.02 35.36
N ASN MA 479 153.51 84.19 36.21
CA ASN MA 479 154.04 84.01 37.56
C ASN MA 479 155.45 83.42 37.52
N SER MA 480 155.66 82.42 36.67
CA SER MA 480 156.98 81.81 36.58
C SER MA 480 158.03 82.81 36.08
N VAL MA 481 157.69 83.56 35.04
CA VAL MA 481 158.65 84.52 34.49
C VAL MA 481 158.90 85.65 35.49
N LEU MA 482 157.89 86.01 36.28
CA LEU MA 482 158.09 87.00 37.34
C LEU MA 482 159.08 86.48 38.37
N ALA MA 483 158.95 85.21 38.75
CA ALA MA 483 159.91 84.63 39.69
C ALA MA 483 161.31 84.68 39.12
N LYS MA 484 161.46 84.32 37.84
CA LYS MA 484 162.78 84.36 37.22
C LYS MA 484 163.34 85.78 37.18
N ALA MA 485 162.50 86.76 36.83
CA ALA MA 485 162.96 88.14 36.76
C ALA MA 485 163.40 88.64 38.13
N ASN MA 486 162.65 88.29 39.18
CA ASN MA 486 163.06 88.68 40.53
C ASN MA 486 164.34 87.96 40.94
N GLN MA 487 164.58 86.76 40.43
CA GLN MA 487 165.83 86.06 40.74
C GLN MA 487 167.03 86.59 39.96
N VAL MA 488 166.79 87.30 38.85
CA VAL MA 488 167.92 87.80 38.05
C VAL MA 488 168.90 88.66 38.84
N PRO MA 489 168.48 89.66 39.62
CA PRO MA 489 169.45 90.60 40.19
C PRO MA 489 170.44 90.00 41.19
N GLN MA 490 170.31 88.71 41.53
CA GLN MA 490 171.15 88.13 42.57
C GLN MA 490 172.63 88.10 42.19
N GLN MA 491 172.96 88.25 40.91
CA GLN MA 491 174.36 88.18 40.48
C GLN MA 491 175.19 89.31 41.10
N VAL MA 492 174.55 90.41 41.47
CA VAL MA 492 175.29 91.52 42.06
C VAL MA 492 175.85 91.12 43.43
N LEU MA 493 175.15 90.25 44.15
CA LEU MA 493 175.69 89.73 45.40
C LEU MA 493 176.99 88.97 45.16
N SER MA 494 177.03 88.15 44.12
CA SER MA 494 178.28 87.46 43.77
C SER MA 494 179.35 88.45 43.35
N LEU MA 495 178.97 89.49 42.61
CA LEU MA 495 179.93 90.51 42.21
C LEU MA 495 180.57 91.17 43.44
N LEU MA 496 179.74 91.55 44.41
CA LEU MA 496 180.26 92.16 45.62
C LEU MA 496 181.12 91.18 46.42
N GLN MA 497 180.71 89.91 46.48
CA GLN MA 497 181.45 88.93 47.27
C GLN MA 497 182.85 88.72 46.70
N GLY MA 498 182.97 88.66 45.38
CA GLY MA 498 184.27 88.47 44.75
C GLY MA 498 184.61 87.03 44.50
N GLN NA 3 123.86 77.35 50.31
CA GLN NA 3 124.41 76.03 50.06
C GLN NA 3 124.22 75.14 51.27
N VAL NA 4 123.38 75.61 52.19
CA VAL NA 4 123.19 75.05 53.52
C VAL NA 4 122.96 73.53 53.44
N ILE NA 5 123.72 72.77 54.23
CA ILE NA 5 123.67 71.31 54.16
C ILE NA 5 123.02 70.70 55.39
N ASN NA 6 122.54 71.52 56.33
CA ASN NA 6 121.87 71.02 57.52
C ASN NA 6 120.35 71.02 57.37
N THR NA 7 119.82 71.72 56.36
CA THR NA 7 118.40 71.81 56.08
C THR NA 7 118.19 71.80 54.57
N ASN NA 8 117.21 71.04 54.12
CA ASN NA 8 116.92 70.83 52.69
C ASN NA 8 115.46 71.15 52.40
N SER NA 9 115.05 72.35 52.79
CA SER NA 9 113.66 72.82 52.75
C SER NA 9 112.86 72.35 51.55
N LEU NA 10 113.50 72.29 50.37
CA LEU NA 10 112.82 71.78 49.18
C LEU NA 10 112.20 70.41 49.42
N SER NA 11 112.95 69.52 50.09
CA SER NA 11 112.42 68.21 50.44
C SER NA 11 111.21 68.34 51.34
N LEU NA 12 111.26 69.27 52.30
CA LEU NA 12 110.12 69.47 53.20
C LEU NA 12 108.88 69.90 52.42
N ILE NA 13 109.04 70.83 51.47
CA ILE NA 13 107.91 71.27 50.65
C ILE NA 13 107.34 70.11 49.85
N THR NA 14 108.22 69.32 49.23
CA THR NA 14 107.76 68.20 48.43
C THR NA 14 107.01 67.18 49.28
N GLN NA 15 107.54 66.86 50.46
CA GLN NA 15 106.85 65.93 51.35
C GLN NA 15 105.52 66.49 51.81
N ASN NA 16 105.45 67.80 52.05
CA ASN NA 16 104.18 68.41 52.42
C ASN NA 16 103.15 68.24 51.31
N ASN NA 17 103.56 68.46 50.07
CA ASN NA 17 102.64 68.26 48.95
C ASN NA 17 102.19 66.81 48.83
N ILE NA 18 103.12 65.87 49.02
CA ILE NA 18 102.76 64.45 48.94
C ILE NA 18 101.76 64.09 50.02
N ASN NA 19 101.99 64.54 51.25
CA ASN NA 19 101.05 64.26 52.33
C ASN NA 19 99.70 64.92 52.09
N LYS NA 20 99.70 66.09 51.45
CA LYS NA 20 98.44 66.71 51.07
C LYS NA 20 97.67 65.84 50.07
N ASN NA 21 98.38 65.30 49.09
CA ASN NA 21 97.73 64.45 48.08
C ASN NA 21 97.24 63.14 48.69
N GLN NA 22 97.90 62.68 49.75
CA GLN NA 22 97.55 61.41 50.40
C GLN NA 22 96.06 61.29 50.71
N SER NA 23 95.48 62.34 51.28
CA SER NA 23 94.08 62.27 51.70
C SER NA 23 93.15 62.07 50.51
N ALA NA 24 93.39 62.81 49.42
CA ALA NA 24 92.57 62.63 48.23
C ALA NA 24 92.72 61.24 47.65
N LEU NA 25 93.94 60.72 47.61
CA LEU NA 25 94.16 59.39 47.06
C LEU NA 25 93.42 58.34 47.89
N SER NA 26 93.54 58.44 49.22
CA SER NA 26 92.87 57.49 50.11
C SER NA 26 91.36 57.58 49.98
N SER NA 27 90.82 58.80 49.91
CA SER NA 27 89.38 58.95 49.76
C SER NA 27 88.89 58.34 48.46
N SER NA 28 89.63 58.55 47.37
CA SER NA 28 89.23 57.97 46.09
C SER NA 28 89.24 56.44 46.17
N ILE NA 29 90.30 55.86 46.74
CA ILE NA 29 90.38 54.41 46.84
C ILE NA 29 89.22 53.87 47.66
N GLU NA 30 88.96 54.48 48.83
CA GLU NA 30 87.93 53.94 49.72
C GLU NA 30 86.54 54.09 49.11
N ARG NA 31 86.29 55.21 48.44
CA ARG NA 31 84.99 55.41 47.78
C ARG NA 31 84.79 54.41 46.66
N LEU NA 32 85.84 54.15 45.86
CA LEU NA 32 85.71 53.18 44.78
C LEU NA 32 85.46 51.78 45.33
N SER NA 33 86.15 51.41 46.41
CA SER NA 33 85.97 50.07 46.96
C SER NA 33 84.59 49.91 47.59
N SER NA 34 84.14 50.91 48.36
CA SER NA 34 82.86 50.78 49.05
C SER NA 34 81.69 50.94 48.10
N GLY NA 35 81.75 51.91 47.20
CA GLY NA 35 80.65 52.21 46.32
C GLY NA 35 79.75 53.34 46.77
N LEU NA 36 79.93 53.83 47.99
CA LEU NA 36 79.15 54.93 48.53
C LEU NA 36 80.05 56.13 48.73
N ARG NA 37 79.55 57.33 48.40
CA ARG NA 37 80.37 58.52 48.56
C ARG NA 37 80.51 58.91 50.02
N ILE NA 38 79.44 58.79 50.79
CA ILE NA 38 79.46 59.17 52.21
C ILE NA 38 79.61 57.88 53.01
N ASN NA 39 80.87 57.50 53.24
CA ASN NA 39 81.19 56.31 54.01
C ASN NA 39 81.45 56.59 55.47
N SER NA 40 81.38 57.86 55.88
CA SER NA 40 81.62 58.25 57.26
C SER NA 40 80.97 59.61 57.51
N ALA NA 41 80.98 60.01 58.78
CA ALA NA 41 80.46 61.33 59.13
C ALA NA 41 81.31 62.45 58.54
N LYS NA 42 82.60 62.20 58.35
CA LYS NA 42 83.48 63.26 57.87
C LYS NA 42 83.12 63.73 56.47
N ASP NA 43 82.52 62.86 55.65
CA ASP NA 43 82.21 63.25 54.28
C ASP NA 43 81.19 64.38 54.25
N ASP NA 44 79.94 64.07 54.60
CA ASP NA 44 78.89 65.08 54.69
C ASP NA 44 78.22 65.09 56.05
N ALA NA 45 77.65 63.95 56.44
CA ALA NA 45 76.95 63.65 57.68
C ALA NA 45 75.59 64.31 57.80
N ALA NA 46 75.35 65.39 57.06
CA ALA NA 46 73.97 65.81 56.84
C ALA NA 46 73.33 64.91 55.80
N GLY NA 47 74.06 64.65 54.71
CA GLY NA 47 73.66 63.63 53.78
C GLY NA 47 73.55 62.27 54.44
N GLN NA 48 74.47 61.97 55.37
CA GLN NA 48 74.40 60.71 56.08
C GLN NA 48 73.14 60.60 56.94
N ALA NA 49 72.79 61.67 57.66
CA ALA NA 49 71.56 61.64 58.45
C ALA NA 49 70.33 61.50 57.57
N ILE NA 50 70.28 62.27 56.48
CA ILE NA 50 69.16 62.19 55.55
C ILE NA 50 69.05 60.79 54.95
N ALA NA 51 70.19 60.20 54.57
CA ALA NA 51 70.19 58.87 53.99
C ALA NA 51 69.77 57.81 55.01
N ASN NA 52 70.18 57.96 56.27
CA ASN NA 52 69.74 57.03 57.30
C ASN NA 52 68.23 57.08 57.46
N ARG NA 53 67.67 58.29 57.48
CA ARG NA 53 66.21 58.41 57.55
C ARG NA 53 65.54 57.82 56.31
N PHE NA 54 66.12 58.03 55.13
CA PHE NA 54 65.57 57.42 53.92
C PHE NA 54 65.59 55.90 54.01
N THR NA 55 66.69 55.32 54.49
CA THR NA 55 66.78 53.87 54.61
C THR NA 55 65.72 53.34 55.57
N SER NA 56 65.55 54.02 56.71
CA SER NA 56 64.52 53.60 57.66
C SER NA 56 63.13 53.66 57.03
N ASN NA 57 62.85 54.74 56.31
CA ASN NA 57 61.53 54.86 55.66
C ASN NA 57 61.32 53.77 54.63
N ILE NA 58 62.34 53.47 53.83
CA ILE NA 58 62.20 52.45 52.79
C ILE NA 58 61.93 51.09 53.41
N LYS NA 59 62.69 50.73 54.45
CA LYS NA 59 62.47 49.45 55.10
C LYS NA 59 61.08 49.38 55.72
N GLY NA 60 60.66 50.46 56.38
CA GLY NA 60 59.33 50.47 56.98
C GLY NA 60 58.22 50.31 55.95
N LEU NA 61 58.36 50.99 54.81
CA LEU NA 61 57.32 50.93 53.80
C LEU NA 61 57.26 49.55 53.14
N THR NA 62 58.42 48.94 52.91
CA THR NA 62 58.42 47.58 52.35
C THR NA 62 57.76 46.60 53.32
N GLN NA 63 58.11 46.69 54.61
CA GLN NA 63 57.45 45.84 55.59
C GLN NA 63 55.95 46.13 55.66
N ALA NA 64 55.56 47.39 55.47
CA ALA NA 64 54.15 47.74 55.49
C ALA NA 64 53.40 47.08 54.34
N ALA NA 65 53.99 47.07 53.14
CA ALA NA 65 53.36 46.37 52.03
C ALA NA 65 53.26 44.87 52.30
N ARG NA 66 54.31 44.30 52.87
CA ARG NA 66 54.26 42.89 53.24
C ARG NA 66 53.11 42.62 54.20
N ASN NA 67 52.92 43.50 55.19
CA ASN NA 67 51.79 43.36 56.10
C ASN NA 67 50.46 43.53 55.37
N ALA NA 68 50.40 44.45 54.42
CA ALA NA 68 49.16 44.72 53.71
C ALA NA 68 48.68 43.49 52.95
N ASN NA 69 49.61 42.74 52.36
CA ASN NA 69 49.21 41.52 51.63
C ASN NA 69 48.44 40.55 52.53
N ASP NA 70 48.78 40.51 53.82
CA ASP NA 70 48.10 39.58 54.73
C ASP NA 70 46.63 39.90 54.84
N GLY NA 71 46.27 41.18 54.88
CA GLY NA 71 44.86 41.54 54.91
C GLY NA 71 44.10 41.03 53.71
N ILE NA 72 44.72 41.12 52.52
CA ILE NA 72 44.09 40.59 51.31
C ILE NA 72 43.89 39.09 51.45
N SER NA 73 44.89 38.38 52.00
CA SER NA 73 44.76 36.94 52.19
C SER NA 73 43.58 36.61 53.12
N VAL NA 74 43.48 37.33 54.24
CA VAL NA 74 42.39 37.10 55.18
C VAL NA 74 41.05 37.36 54.52
N ALA NA 75 40.96 38.46 53.76
CA ALA NA 75 39.71 38.79 53.09
C ALA NA 75 39.32 37.70 52.10
N GLN NA 76 40.28 37.18 51.34
CA GLN NA 76 39.97 36.11 50.39
C GLN NA 76 39.44 34.87 51.09
N THR NA 77 40.10 34.47 52.19
CA THR NA 77 39.65 33.28 52.91
C THR NA 77 38.23 33.47 53.45
N THR NA 78 37.98 34.61 54.10
CA THR NA 78 36.66 34.86 54.65
C THR NA 78 35.60 34.95 53.55
N GLU NA 79 35.97 35.51 52.40
CA GLU NA 79 35.03 35.60 51.28
C GLU NA 79 34.66 34.21 50.77
N GLY NA 80 35.65 33.31 50.67
CA GLY NA 80 35.33 31.95 50.26
C GLY NA 80 34.39 31.26 51.23
N ALA NA 81 34.66 31.39 52.52
CA ALA NA 81 33.77 30.80 53.52
C ALA NA 81 32.37 31.38 53.41
N LEU NA 82 32.26 32.69 53.22
CA LEU NA 82 30.95 33.33 53.09
C LEU NA 82 30.24 32.88 51.83
N SER NA 83 30.97 32.63 50.74
CA SER NA 83 30.35 32.11 49.53
C SER NA 83 29.75 30.72 49.78
N GLU NA 84 30.47 29.88 50.52
CA GLU NA 84 29.91 28.57 50.87
C GLU NA 84 28.65 28.72 51.71
N ILE NA 85 28.67 29.63 52.69
CA ILE NA 85 27.48 29.88 53.49
C ILE NA 85 26.33 30.37 52.61
N ASN NA 86 26.65 31.20 51.62
CA ASN NA 86 25.64 31.70 50.69
C ASN NA 86 25.00 30.55 49.92
N ASN NA 87 25.81 29.61 49.43
CA ASN NA 87 25.26 28.47 48.70
C ASN NA 87 24.34 27.65 49.59
N ASN NA 88 24.77 27.41 50.84
CA ASN NA 88 23.92 26.66 51.75
C ASN NA 88 22.60 27.38 52.00
N LEU NA 89 22.64 28.70 52.19
CA LEU NA 89 21.41 29.46 52.42
C LEU NA 89 20.51 29.42 51.20
N GLN NA 90 21.09 29.48 50.01
CA GLN NA 90 20.28 29.41 48.79
C GLN NA 90 19.56 28.07 48.68
N ARG NA 91 20.27 26.97 48.97
CA ARG NA 91 19.61 25.68 48.92
C ARG NA 91 18.53 25.56 50.00
N VAL NA 92 18.78 26.15 51.17
CA VAL NA 92 17.76 26.15 52.22
C VAL NA 92 16.52 26.91 51.76
N ARG NA 93 16.71 28.05 51.09
CA ARG NA 93 15.58 28.80 50.58
C ARG NA 93 14.81 28.00 49.55
N GLU NA 94 15.52 27.31 48.66
CA GLU NA 94 14.84 26.46 47.68
C GLU NA 94 14.03 25.37 48.37
N LEU NA 95 14.60 24.75 49.39
CA LEU NA 95 13.88 23.71 50.12
C LEU NA 95 12.63 24.27 50.80
N THR NA 96 12.72 25.47 51.37
CA THR NA 96 11.55 26.07 52.00
C THR NA 96 10.47 26.39 50.98
N VAL NA 97 10.86 26.90 49.81
CA VAL NA 97 9.90 27.16 48.75
C VAL NA 97 9.20 25.86 48.34
N GLN NA 98 9.95 24.75 48.29
CA GLN NA 98 9.32 23.47 47.99
C GLN NA 98 8.41 23.02 49.13
N ALA NA 99 8.77 23.33 50.37
CA ALA NA 99 8.04 22.80 51.51
C ALA NA 99 6.74 23.53 51.77
N THR NA 100 6.66 24.82 51.46
CA THR NA 100 5.46 25.59 51.78
C THR NA 100 4.34 25.31 50.79
N THR NA 101 3.97 24.04 50.62
CA THR NA 101 2.93 23.64 49.70
C THR NA 101 1.98 22.67 50.40
N GLY NA 102 0.69 22.76 50.05
CA GLY NA 102 -0.32 21.93 50.69
C GLY NA 102 -0.34 20.50 50.22
N THR NA 103 0.28 20.19 49.09
CA THR NA 103 0.29 18.81 48.59
C THR NA 103 1.14 17.90 49.46
N ASN NA 104 2.21 18.44 50.05
CA ASN NA 104 3.11 17.62 50.84
C ASN NA 104 2.42 17.07 52.09
N SER NA 105 2.72 15.81 52.41
CA SER NA 105 2.21 15.19 53.62
C SER NA 105 3.19 15.44 54.77
N GLU NA 106 2.95 14.81 55.92
CA GLU NA 106 3.78 15.05 57.09
C GLU NA 106 5.18 14.50 56.90
N SER NA 107 5.31 13.32 56.29
CA SER NA 107 6.63 12.72 56.10
C SER NA 107 7.48 13.54 55.12
N ASP NA 108 6.86 14.12 54.10
CA ASP NA 108 7.59 14.97 53.18
C ASP NA 108 8.16 16.19 53.91
N LEU NA 109 7.35 16.81 54.77
CA LEU NA 109 7.84 17.91 55.59
C LEU NA 109 8.95 17.45 56.52
N SER NA 110 8.84 16.22 57.05
CA SER NA 110 9.89 15.69 57.91
C SER NA 110 11.22 15.59 57.16
N SER NA 111 11.18 15.05 55.95
CA SER NA 111 12.40 14.92 55.16
C SER NA 111 12.98 16.29 54.82
N ILE NA 112 12.12 17.22 54.41
CA ILE NA 112 12.57 18.58 54.11
C ILE NA 112 13.23 19.21 55.33
N GLN NA 113 12.60 19.05 56.49
CA GLN NA 113 13.14 19.62 57.71
C GLN NA 113 14.46 18.98 58.09
N ASP NA 114 14.59 17.67 57.89
CA ASP NA 114 15.85 17.00 58.17
C ASP NA 114 16.98 17.58 57.32
N GLU NA 115 16.73 17.72 56.02
CA GLU NA 115 17.77 18.27 55.14
C GLU NA 115 18.08 19.73 55.49
N ILE NA 116 17.04 20.51 55.81
CA ILE NA 116 17.24 21.91 56.15
C ILE NA 116 18.07 22.04 57.43
N LYS NA 117 17.75 21.22 58.44
CA LYS NA 117 18.52 21.23 59.67
C LYS NA 117 19.96 20.81 59.44
N SER NA 118 20.17 19.82 58.57
CA SER NA 118 21.53 19.42 58.25
C SER NA 118 22.31 20.56 57.62
N ARG NA 119 21.69 21.29 56.70
CA ARG NA 119 22.42 22.38 56.05
C ARG NA 119 22.64 23.55 56.99
N LEU NA 120 21.68 23.82 57.88
CA LEU NA 120 21.89 24.86 58.88
C LEU NA 120 23.04 24.50 59.82
N ASP NA 121 23.10 23.22 60.22
CA ASP NA 121 24.22 22.77 61.04
C ASP NA 121 25.53 22.89 60.28
N GLU NA 122 25.51 22.66 58.97
CA GLU NA 122 26.71 22.86 58.17
C GLU NA 122 27.12 24.33 58.15
N ILE NA 123 26.15 25.23 58.06
CA ILE NA 123 26.45 26.66 58.13
C ILE NA 123 27.13 26.99 59.46
N ASP NA 124 26.55 26.50 60.56
CA ASP NA 124 27.11 26.78 61.88
C ASP NA 124 28.52 26.19 62.01
N ARG NA 125 28.73 24.98 61.49
CA ARG NA 125 30.03 24.35 61.54
C ARG NA 125 31.05 25.14 60.73
N VAL NA 126 30.67 25.58 59.53
CA VAL NA 126 31.58 26.38 58.72
C VAL NA 126 31.96 27.65 59.47
N SER NA 127 30.99 28.26 60.14
CA SER NA 127 31.29 29.44 60.96
C SER NA 127 32.31 29.11 62.05
N GLY NA 128 32.08 28.01 62.77
CA GLY NA 128 32.93 27.70 63.91
C GLY NA 128 34.34 27.29 63.54
N GLN NA 129 34.48 26.45 62.52
CA GLN NA 129 35.73 25.75 62.25
C GLN NA 129 36.73 26.56 61.43
N THR NA 130 36.28 27.54 60.65
CA THR NA 130 37.18 28.28 59.76
C THR NA 130 38.15 29.11 60.60
N GLN NA 131 39.42 28.73 60.59
CA GLN NA 131 40.45 29.37 61.40
C GLN NA 131 41.63 29.74 60.53
N PHE NA 132 42.02 31.01 60.56
CA PHE NA 132 43.15 31.52 59.80
C PHE NA 132 44.22 32.00 60.76
N ASN NA 133 45.39 31.37 60.71
CA ASN NA 133 46.54 31.78 61.52
C ASN NA 133 46.18 31.89 63.00
N GLY NA 134 45.42 30.92 63.48
CA GLY NA 134 44.93 30.96 64.85
C GLY NA 134 43.96 32.09 65.13
N VAL NA 135 43.13 32.44 64.15
CA VAL NA 135 42.12 33.49 64.31
C VAL NA 135 40.84 32.99 63.67
N ASN NA 136 39.80 32.76 64.48
CA ASN NA 136 38.50 32.34 63.98
C ASN NA 136 37.78 33.59 63.48
N VAL NA 137 37.80 33.82 62.17
CA VAL NA 137 37.27 35.06 61.62
C VAL NA 137 35.76 35.13 61.81
N LEU NA 138 35.05 34.05 61.47
CA LEU NA 138 33.59 34.02 61.58
C LEU NA 138 33.14 33.42 62.90
N ALA NA 139 33.65 33.95 64.01
CA ALA NA 139 33.24 33.45 65.32
C ALA NA 139 32.95 34.53 66.34
N LYS NA 140 33.33 35.78 66.12
CA LYS NA 140 33.14 36.82 67.11
C LYS NA 140 33.28 38.18 66.42
N ASN NA 141 32.46 39.14 66.85
CA ASN NA 141 32.55 40.49 66.34
C ASN NA 141 33.88 41.13 66.76
N GLY NA 142 34.55 41.74 65.80
CA GLY NA 142 35.82 42.38 66.11
C GLY NA 142 36.34 43.17 64.92
N SER NA 143 37.61 43.54 65.01
CA SER NA 143 38.27 44.29 63.95
C SER NA 143 39.75 43.98 63.97
N MET NA 144 40.37 44.02 62.79
CA MET NA 144 41.79 43.76 62.64
C MET NA 144 42.45 44.99 62.02
N LYS NA 145 43.59 45.37 62.59
CA LYS NA 145 44.31 46.58 62.18
C LYS NA 145 45.53 46.17 61.36
N ILE NA 146 45.60 46.67 60.13
CA ILE NA 146 46.68 46.35 59.20
C ILE NA 146 47.62 47.54 59.13
N GLN NA 147 48.86 47.35 59.58
CA GLN NA 147 49.87 48.40 59.54
C GLN NA 147 50.37 48.57 58.12
N VAL NA 148 49.94 49.64 57.46
CA VAL NA 148 50.31 49.87 56.07
C VAL NA 148 51.11 51.16 55.95
N GLY NA 149 51.87 51.49 57.00
CA GLY NA 149 52.67 52.69 57.00
C GLY NA 149 53.94 52.51 57.80
N ALA NA 150 54.81 53.51 57.70
CA ALA NA 150 56.10 53.48 58.40
C ALA NA 150 56.02 54.08 59.80
N ASN NA 151 55.13 55.03 60.02
CA ASN NA 151 54.99 55.67 61.32
C ASN NA 151 54.00 54.88 62.18
N ASP NA 152 53.59 55.46 63.30
CA ASP NA 152 52.65 54.82 64.21
C ASP NA 152 51.22 55.22 63.87
N ASN NA 153 50.28 54.33 64.16
CA ASN NA 153 48.85 54.54 63.89
C ASN NA 153 48.62 54.83 62.41
N GLN NA 154 49.00 53.85 61.59
CA GLN NA 154 48.90 53.92 60.13
C GLN NA 154 48.01 52.81 59.62
N THR NA 155 46.97 52.48 60.36
CA THR NA 155 46.25 51.22 60.19
C THR NA 155 45.03 51.37 59.30
N ILE NA 156 44.69 50.27 58.62
CA ILE NA 156 43.44 50.11 57.90
C ILE NA 156 42.63 49.05 58.64
N THR NA 157 41.36 49.37 58.93
CA THR NA 157 40.53 48.54 59.78
C THR NA 157 39.71 47.57 58.93
N ILE NA 158 39.87 46.28 59.20
CA ILE NA 158 39.05 45.24 58.59
C ILE NA 158 38.02 44.79 59.62
N ASP NA 159 36.75 44.76 59.22
CA ASP NA 159 35.66 44.42 60.13
C ASP NA 159 35.27 42.96 59.98
N LEU NA 160 34.99 42.32 61.11
CA LEU NA 160 34.59 40.92 61.14
C LEU NA 160 33.33 40.80 61.98
N LYS NA 161 32.29 40.19 61.43
CA LYS NA 161 31.01 40.01 62.10
C LYS NA 161 30.77 38.53 62.34
N GLN NA 162 30.36 38.19 63.56
CA GLN NA 162 30.01 36.81 63.88
C GLN NA 162 28.75 36.39 63.12
N ILE NA 163 28.91 35.47 62.18
CA ILE NA 163 27.78 34.96 61.40
C ILE NA 163 27.57 33.49 61.77
N ASP NA 164 26.37 33.20 62.28
CA ASP NA 164 25.97 31.84 62.59
C ASP NA 164 24.45 31.83 62.72
N ALA NA 165 23.90 30.65 63.00
CA ALA NA 165 22.45 30.48 63.04
C ALA NA 165 21.80 31.47 64.01
N LYS NA 166 22.44 31.69 65.16
CA LYS NA 166 21.88 32.62 66.14
C LYS NA 166 21.90 34.06 65.64
N THR NA 167 22.99 34.46 64.97
CA THR NA 167 23.15 35.85 64.54
C THR NA 167 22.56 36.11 63.16
N LEU NA 168 21.69 35.22 62.67
CA LEU NA 168 20.98 35.45 61.43
C LEU NA 168 19.47 35.31 61.58
N GLY NA 169 18.98 34.98 62.77
CA GLY NA 169 17.58 34.71 62.97
C GLY NA 169 17.16 33.29 62.69
N LEU NA 170 18.06 32.46 62.17
CA LEU NA 170 17.76 31.07 61.85
C LEU NA 170 18.16 30.14 63.00
N ASP NA 171 17.67 30.45 64.20
CA ASP NA 171 17.91 29.64 65.39
C ASP NA 171 16.60 28.98 65.78
N GLY NA 172 16.47 27.71 65.43
CA GLY NA 172 15.22 26.99 65.58
C GLY NA 172 14.34 26.99 64.35
N PHE NA 173 14.89 27.34 63.19
CA PHE NA 173 14.13 27.40 61.95
C PHE NA 173 13.56 26.03 61.60
N SER NA 174 12.22 25.93 61.60
CA SER NA 174 11.55 24.67 61.32
C SER NA 174 10.40 24.88 60.35
N VAL NA 175 10.04 23.82 59.65
CA VAL NA 175 8.93 23.86 58.69
C VAL NA 175 7.96 22.73 59.00
N LYS NA 176 7.99 22.24 60.24
CA LYS NA 176 7.11 21.16 60.65
C LYS NA 176 6.76 21.33 62.12
N ASN NA 177 5.67 20.68 62.53
CA ASN NA 177 5.21 20.76 63.91
C ASN NA 177 5.77 19.60 64.73
N THR NA 407 7.69 27.66 62.22
CA THR NA 407 8.19 29.02 62.02
C THR NA 407 7.24 29.81 61.13
N THR NA 408 7.00 31.07 61.50
CA THR NA 408 6.13 31.96 60.73
C THR NA 408 6.96 32.88 59.86
N ASP NA 409 6.44 33.17 58.67
CA ASP NA 409 7.12 33.96 57.66
C ASP NA 409 8.56 33.49 57.43
N PRO NA 410 8.75 32.24 56.99
CA PRO NA 410 10.12 31.74 56.82
C PRO NA 410 10.88 32.42 55.70
N LEU NA 411 10.22 32.66 54.57
CA LEU NA 411 10.92 33.19 53.39
C LEU NA 411 11.48 34.58 53.66
N LYS NA 412 10.74 35.42 54.36
CA LYS NA 412 11.23 36.75 54.67
C LYS NA 412 12.48 36.68 55.55
N ALA NA 413 12.48 35.79 56.54
CA ALA NA 413 13.64 35.64 57.40
C ALA NA 413 14.85 35.12 56.61
N LEU NA 414 14.62 34.18 55.71
CA LEU NA 414 15.72 33.66 54.88
C LEU NA 414 16.29 34.75 53.99
N ASP NA 415 15.42 35.55 53.38
CA ASP NA 415 15.88 36.67 52.57
C ASP NA 415 16.66 37.67 53.41
N ASP NA 416 16.22 37.90 54.64
CA ASP NA 416 16.95 38.79 55.54
C ASP NA 416 18.33 38.24 55.84
N ALA NA 417 18.44 36.94 56.06
CA ALA NA 417 19.75 36.33 56.30
C ALA NA 417 20.68 36.50 55.11
N ILE NA 418 20.15 36.29 53.89
CA ILE NA 418 20.98 36.46 52.70
C ILE NA 418 21.40 37.91 52.54
N ALA NA 419 20.46 38.84 52.77
CA ALA NA 419 20.75 40.27 52.68
C ALA NA 419 21.62 40.77 53.82
N SER NA 420 21.80 39.97 54.87
CA SER NA 420 22.75 40.30 55.91
C SER NA 420 24.14 39.73 55.65
N VAL NA 421 24.23 38.61 54.93
CA VAL NA 421 25.55 38.04 54.67
C VAL NA 421 26.21 38.72 53.47
N ASP NA 422 25.43 39.08 52.45
CA ASP NA 422 26.05 39.73 51.29
C ASP NA 422 26.58 41.12 51.64
N LYS NA 423 26.03 41.76 52.68
CA LYS NA 423 26.55 43.05 53.12
C LYS NA 423 27.98 42.91 53.63
N PHE NA 424 28.23 41.91 54.47
CA PHE NA 424 29.58 41.65 54.95
C PHE NA 424 30.49 41.28 53.78
N ARG NA 425 29.97 40.49 52.84
CA ARG NA 425 30.78 40.14 51.67
C ARG NA 425 31.20 41.37 50.89
N SER NA 426 30.27 42.31 50.67
CA SER NA 426 30.58 43.52 49.92
C SER NA 426 31.57 44.40 50.67
N SER NA 427 31.40 44.52 51.99
CA SER NA 427 32.35 45.31 52.77
C SER NA 427 33.75 44.71 52.70
N LEU NA 428 33.83 43.38 52.74
CA LEU NA 428 35.12 42.72 52.65
C LEU NA 428 35.76 42.94 51.28
N GLY NA 429 34.96 42.89 50.21
CA GLY NA 429 35.49 43.19 48.89
C GLY NA 429 36.00 44.61 48.79
N ALA NA 430 35.27 45.56 49.37
CA ALA NA 430 35.69 46.96 49.34
C ALA NA 430 37.02 47.14 50.07
N VAL NA 431 37.16 46.52 51.25
CA VAL NA 431 38.41 46.67 51.97
C VAL NA 431 39.54 45.96 51.24
N GLN NA 432 39.24 44.87 50.53
CA GLN NA 432 40.26 44.23 49.70
C GLN NA 432 40.78 45.19 48.63
N ASN NA 433 39.86 45.89 47.96
CA ASN NA 433 40.26 46.87 46.97
C ASN NA 433 41.11 47.97 47.60
N ARG NA 434 40.71 48.42 48.79
CA ARG NA 434 41.48 49.45 49.50
C ARG NA 434 42.90 48.99 49.77
N LEU NA 435 43.06 47.76 50.27
CA LEU NA 435 44.40 47.24 50.53
C LEU NA 435 45.22 47.12 49.25
N ASP NA 436 44.61 46.68 48.16
CA ASP NA 436 45.36 46.58 46.91
C ASP NA 436 45.85 47.95 46.45
N SER NA 437 44.97 48.96 46.55
CA SER NA 437 45.38 50.33 46.23
C SER NA 437 46.54 50.78 47.12
N ALA NA 438 46.47 50.43 48.41
CA ALA NA 438 47.55 50.79 49.32
C ALA NA 438 48.85 50.13 48.89
N VAL NA 439 48.80 48.85 48.50
CA VAL NA 439 50.02 48.16 48.08
C VAL NA 439 50.64 48.86 46.87
N THR NA 440 49.81 49.21 45.89
CA THR NA 440 50.34 49.88 44.70
C THR NA 440 50.98 51.22 45.06
N ASN NA 441 50.29 52.02 45.89
CA ASN NA 441 50.83 53.33 46.25
C ASN NA 441 52.14 53.20 47.02
N LEU NA 442 52.20 52.26 47.96
CA LEU NA 442 53.42 52.05 48.72
C LEU NA 442 54.56 51.56 47.83
N ASN NA 443 54.26 50.72 46.83
CA ASN NA 443 55.32 50.28 45.93
C ASN NA 443 55.91 51.48 45.17
N ASN NA 444 55.05 52.33 44.62
CA ASN NA 444 55.54 53.52 43.92
C ASN NA 444 56.35 54.41 44.86
N THR NA 445 55.85 54.58 46.09
CA THR NA 445 56.55 55.41 47.07
C THR NA 445 57.94 54.84 47.38
N THR NA 446 58.02 53.52 47.56
CA THR NA 446 59.32 52.91 47.84
C THR NA 446 60.30 53.13 46.69
N THR NA 447 59.82 52.99 45.45
CA THR NA 447 60.70 53.22 44.31
C THR NA 447 61.23 54.66 44.30
N ASN NA 448 60.34 55.61 44.51
CA ASN NA 448 60.74 57.02 44.47
C ASN NA 448 61.72 57.34 45.60
N LEU NA 449 61.43 56.87 46.81
CA LEU NA 449 62.33 57.11 47.94
C LEU NA 449 63.68 56.45 47.73
N SER NA 450 63.70 55.25 47.14
CA SER NA 450 64.95 54.57 46.87
C SER NA 450 65.82 55.35 45.90
N GLU NA 451 65.23 55.82 44.79
CA GLU NA 451 66.04 56.59 43.85
C GLU NA 451 66.47 57.93 44.47
N ALA NA 452 65.63 58.53 45.31
CA ALA NA 452 66.03 59.76 45.98
C ALA NA 452 67.24 59.54 46.89
N GLN NA 453 67.23 58.45 47.65
CA GLN NA 453 68.38 58.14 48.49
C GLN NA 453 69.61 57.83 47.66
N SER NA 454 69.41 57.18 46.51
CA SER NA 454 70.53 56.91 45.61
C SER NA 454 71.17 58.19 45.13
N ARG NA 455 70.37 59.21 44.84
CA ARG NA 455 70.93 60.49 44.40
C ARG NA 455 71.71 61.19 45.51
N ILE NA 456 71.66 60.70 46.74
CA ILE NA 456 72.31 61.34 47.88
C ILE NA 456 73.54 60.58 48.32
N GLN NA 457 73.41 59.29 48.59
CA GLN NA 457 74.49 58.55 49.24
C GLN NA 457 75.46 57.88 48.27
N ASP NA 458 75.10 57.77 47.00
CA ASP NA 458 75.90 56.98 46.08
C ASP NA 458 76.97 57.84 45.40
N ALA NA 459 78.02 57.17 44.94
CA ALA NA 459 79.17 57.83 44.31
C ALA NA 459 79.13 57.69 42.79
N ASP NA 460 79.74 58.66 42.13
CA ASP NA 460 79.84 58.69 40.67
C ASP NA 460 81.21 58.16 40.27
N TYR NA 461 81.24 56.99 39.63
CA TYR NA 461 82.48 56.26 39.47
C TYR NA 461 83.42 56.91 38.46
N ALA NA 462 82.89 57.59 37.44
CA ALA NA 462 83.76 58.28 36.50
C ALA NA 462 84.58 59.35 37.22
N THR NA 463 83.92 60.15 38.06
CA THR NA 463 84.63 61.17 38.83
C THR NA 463 85.64 60.54 39.78
N GLU NA 464 85.25 59.43 40.41
CA GLU NA 464 86.16 58.77 41.35
C GLU NA 464 87.40 58.24 40.65
N VAL NA 465 87.21 57.65 39.46
CA VAL NA 465 88.35 57.15 38.69
C VAL NA 465 89.26 58.30 38.28
N SER NA 466 88.67 59.40 37.83
CA SER NA 466 89.49 60.55 37.43
C SER NA 466 90.30 61.08 38.61
N ASN NA 467 89.66 61.22 39.77
CA ASN NA 467 90.36 61.69 40.96
C ASN NA 467 91.46 60.72 41.38
N MET NA 468 91.18 59.42 41.32
CA MET NA 468 92.17 58.42 41.68
C MET NA 468 93.39 58.49 40.77
N SER NA 469 93.15 58.57 39.45
CA SER NA 469 94.26 58.66 38.51
C SER NA 469 95.07 59.93 38.73
N LYS NA 470 94.38 61.05 38.94
CA LYS NA 470 95.07 62.31 39.20
C LYS NA 470 95.95 62.20 40.45
N ALA NA 471 95.40 61.63 41.53
CA ALA NA 471 96.15 61.48 42.77
C ALA NA 471 97.37 60.59 42.57
N GLN NA 472 97.21 59.49 41.83
CA GLN NA 472 98.34 58.60 41.59
C GLN NA 472 99.45 59.29 40.80
N ILE NA 473 99.07 60.05 39.76
CA ILE NA 473 100.08 60.75 38.97
C ILE NA 473 100.78 61.79 39.83
N ILE NA 474 100.03 62.51 40.66
CA ILE NA 474 100.64 63.49 41.56
C ILE NA 474 101.60 62.80 42.53
N GLN NA 475 101.24 61.62 43.01
CA GLN NA 475 102.12 60.89 43.93
C GLN NA 475 103.43 60.53 43.26
N GLN NA 476 103.37 59.97 42.06
CA GLN NA 476 104.61 59.59 41.36
C GLN NA 476 105.44 60.82 41.02
N ALA NA 477 104.80 61.91 40.59
CA ALA NA 477 105.52 63.13 40.30
C ALA NA 477 106.23 63.66 41.53
N GLY NA 478 105.52 63.69 42.66
CA GLY NA 478 106.12 64.16 43.90
C GLY NA 478 107.29 63.29 44.32
N ASN NA 479 107.18 61.97 44.13
CA ASN NA 479 108.28 61.08 44.47
C ASN NA 479 109.52 61.39 43.63
N SER NA 480 109.32 61.57 42.32
CA SER NA 480 110.46 61.85 41.45
C SER NA 480 111.11 63.19 41.81
N VAL NA 481 110.30 64.23 42.02
CA VAL NA 481 110.87 65.52 42.36
C VAL NA 481 111.54 65.48 43.73
N LEU NA 482 111.00 64.70 44.66
CA LEU NA 482 111.65 64.54 45.96
C LEU NA 482 113.02 63.88 45.80
N ALA NA 483 113.11 62.86 44.94
CA ALA NA 483 114.40 62.25 44.67
C ALA NA 483 115.39 63.27 44.13
N LYS NA 484 114.95 64.09 43.19
CA LYS NA 484 115.82 65.16 42.67
C LYS NA 484 116.26 66.09 43.79
N ALA NA 485 115.33 66.48 44.66
CA ALA NA 485 115.65 67.41 45.75
C ALA NA 485 116.68 66.81 46.69
N ASN NA 486 116.53 65.52 47.03
CA ASN NA 486 117.51 64.88 47.89
C ASN NA 486 118.87 64.74 47.20
N GLN NA 487 118.89 64.62 45.87
CA GLN NA 487 120.18 64.60 45.18
C GLN NA 487 120.81 65.97 45.05
N VAL NA 488 120.03 67.04 45.22
CA VAL NA 488 120.56 68.40 45.06
C VAL NA 488 121.78 68.68 45.96
N PRO NA 489 121.75 68.41 47.27
CA PRO NA 489 122.82 68.94 48.14
C PRO NA 489 124.21 68.37 47.91
N GLN NA 490 124.37 67.39 47.02
CA GLN NA 490 125.64 66.67 46.92
C GLN NA 490 126.79 67.54 46.46
N GLN NA 491 126.51 68.70 45.83
CA GLN NA 491 127.58 69.48 45.22
C GLN NA 491 128.57 70.05 46.23
N VAL NA 492 128.17 70.17 47.51
CA VAL NA 492 129.08 70.71 48.51
C VAL NA 492 130.29 69.80 48.66
N LEU NA 493 130.11 68.49 48.44
CA LEU NA 493 131.25 67.58 48.46
C LEU NA 493 132.26 67.93 47.37
N SER NA 494 131.77 68.22 46.16
CA SER NA 494 132.67 68.63 45.09
C SER NA 494 133.36 69.95 45.41
N LEU NA 495 132.61 70.90 45.98
CA LEU NA 495 133.21 72.18 46.35
C LEU NA 495 134.33 72.01 47.37
N LEU NA 496 134.11 71.19 48.40
CA LEU NA 496 135.12 71.03 49.44
C LEU NA 496 136.31 70.22 48.93
N GLN NA 497 136.04 69.10 48.23
CA GLN NA 497 137.11 68.23 47.76
C GLN NA 497 138.00 68.95 46.76
N GLY NA 498 137.40 69.68 45.83
CA GLY NA 498 138.16 70.39 44.82
C GLY NA 498 137.78 69.99 43.40
N GLN OA 3 4.68 30.14 3.13
CA GLN OA 3 5.12 28.84 3.61
C GLN OA 3 4.47 28.54 4.96
N VAL OA 4 3.61 29.45 5.37
CA VAL OA 4 3.04 29.48 6.72
C VAL OA 4 2.47 28.14 7.15
N ILE OA 5 2.88 27.69 8.34
CA ILE OA 5 2.42 26.44 8.93
C ILE OA 5 1.59 26.68 10.19
N ASN OA 6 1.41 27.94 10.58
CA ASN OA 6 0.55 28.30 11.69
C ASN OA 6 -0.91 28.49 11.25
N THR OA 7 -1.17 28.42 9.95
CA THR OA 7 -2.51 28.56 9.38
C THR OA 7 -2.55 27.80 8.06
N ASN OA 8 -3.66 27.11 7.81
CA ASN OA 8 -3.78 26.25 6.65
C ASN OA 8 -5.02 26.63 5.84
N SER OA 9 -5.16 27.91 5.52
CA SER OA 9 -6.33 28.51 4.90
C SER OA 9 -7.02 27.62 3.88
N LEU OA 10 -6.24 26.92 3.04
CA LEU OA 10 -6.84 26.00 2.07
C LEU OA 10 -7.67 24.93 2.76
N SER OA 11 -7.17 24.39 3.87
CA SER OA 11 -7.94 23.41 4.63
C SER OA 11 -9.22 24.03 5.17
N LEU OA 12 -9.15 25.28 5.60
CA LEU OA 12 -10.36 25.96 6.07
C LEU OA 12 -11.39 26.11 4.96
N ILE OA 13 -10.94 26.46 3.75
CA ILE OA 13 -11.86 26.57 2.61
C ILE OA 13 -12.50 25.22 2.31
N THR OA 14 -11.69 24.16 2.31
CA THR OA 14 -12.23 22.83 2.02
C THR OA 14 -13.26 22.42 3.07
N GLN OA 15 -12.95 22.67 4.35
CA GLN OA 15 -13.90 22.35 5.42
C GLN OA 15 -15.18 23.15 5.27
N ASN OA 16 -15.06 24.43 4.89
CA ASN OA 16 -16.23 25.26 4.68
C ASN OA 16 -17.10 24.70 3.56
N ASN OA 17 -16.49 24.26 2.45
CA ASN OA 17 -17.27 23.69 1.36
C ASN OA 17 -17.98 22.41 1.79
N ILE OA 18 -17.28 21.54 2.53
CA ILE OA 18 -17.90 20.29 2.99
C ILE OA 18 -19.10 20.60 3.88
N ASN OA 19 -18.91 21.52 4.83
CA ASN OA 19 -20.00 21.90 5.73
C ASN OA 19 -21.15 22.54 4.96
N LYS OA 20 -20.83 23.28 3.90
CA LYS OA 20 -21.87 23.85 3.05
C LYS OA 20 -22.71 22.76 2.41
N ASN OA 21 -22.05 21.71 1.91
CA ASN OA 21 -22.81 20.67 1.23
C ASN OA 21 -23.65 19.83 2.20
N GLN OA 22 -23.12 19.50 3.37
CA GLN OA 22 -23.76 18.52 4.27
C GLN OA 22 -25.28 18.65 4.36
N SER OA 23 -25.78 19.88 4.28
CA SER OA 23 -27.23 20.12 4.38
C SER OA 23 -27.97 19.45 3.24
N ALA OA 24 -27.42 19.52 2.02
CA ALA OA 24 -28.08 18.90 0.87
C ALA OA 24 -28.21 17.39 1.05
N LEU OA 25 -27.13 16.73 1.48
CA LEU OA 25 -27.18 15.30 1.72
C LEU OA 25 -28.18 14.97 2.81
N SER OA 26 -28.19 15.75 3.90
CA SER OA 26 -29.13 15.50 4.98
C SER OA 26 -30.57 15.61 4.51
N SER OA 27 -30.88 16.66 3.74
CA SER OA 27 -32.24 16.85 3.25
C SER OA 27 -32.64 15.73 2.30
N SER OA 28 -31.72 15.31 1.41
CA SER OA 28 -32.04 14.24 0.49
C SER OA 28 -32.33 12.94 1.24
N ILE OA 29 -31.51 12.62 2.25
CA ILE OA 29 -31.74 11.40 3.02
C ILE OA 29 -33.06 11.46 3.77
N GLU OA 30 -33.36 12.62 4.37
CA GLU OA 30 -34.62 12.76 5.10
C GLU OA 30 -35.82 12.58 4.18
N ARG OA 31 -35.78 13.21 3.00
CA ARG OA 31 -36.91 13.08 2.08
C ARG OA 31 -37.04 11.66 1.55
N LEU OA 32 -35.91 11.00 1.27
CA LEU OA 32 -35.98 9.63 0.79
C LEU OA 32 -36.54 8.69 1.84
N SER OA 33 -36.14 8.87 3.10
CA SER OA 33 -36.64 7.99 4.15
C SER OA 33 -38.11 8.24 4.46
N SER OA 34 -38.50 9.51 4.57
CA SER OA 34 -39.88 9.82 4.91
C SER OA 34 -40.83 9.61 3.74
N GLY OA 35 -40.39 9.98 2.53
CA GLY OA 35 -41.26 9.94 1.36
C GLY OA 35 -42.00 11.23 1.08
N LEU OA 36 -41.88 12.23 1.94
CA LEU OA 36 -42.52 13.52 1.75
C LEU OA 36 -41.47 14.57 1.42
N ARG OA 37 -41.83 15.52 0.57
CA ARG OA 37 -40.91 16.62 0.27
C ARG OA 37 -40.86 17.63 1.41
N ILE OA 38 -42.00 17.89 2.04
CA ILE OA 38 -42.10 18.89 3.10
C ILE OA 38 -42.07 18.15 4.43
N ASN OA 39 -40.90 18.10 5.05
CA ASN OA 39 -40.75 17.49 6.36
C ASN OA 39 -40.83 18.48 7.51
N SER OA 40 -40.76 19.78 7.23
CA SER OA 40 -40.81 20.79 8.27
C SER OA 40 -41.16 22.13 7.62
N ALA OA 41 -41.52 23.10 8.45
CA ALA OA 41 -41.86 24.42 7.96
C ALA OA 41 -40.67 25.12 7.31
N LYS OA 42 -39.45 24.72 7.63
CA LYS OA 42 -38.29 25.33 7.00
C LYS OA 42 -38.26 25.04 5.51
N ASP OA 43 -38.85 23.94 5.06
CA ASP OA 43 -38.88 23.63 3.64
C ASP OA 43 -39.73 24.65 2.89
N ASP OA 44 -41.05 24.61 3.07
CA ASP OA 44 -41.95 25.56 2.45
C ASP OA 44 -42.83 26.28 3.47
N ALA OA 45 -43.62 25.50 4.22
CA ALA OA 45 -44.57 25.91 5.25
C ALA OA 45 -45.82 26.56 4.70
N ALA OA 46 -45.76 27.11 3.48
CA ALA OA 46 -47.01 27.42 2.79
C ALA OA 46 -47.60 26.17 2.20
N GLY OA 47 -46.74 25.37 1.56
CA GLY OA 47 -47.14 24.03 1.17
C GLY OA 47 -47.56 23.19 2.36
N GLN OA 48 -46.88 23.37 3.50
CA GLN OA 48 -47.27 22.62 4.69
C GLN OA 48 -48.62 23.03 5.22
N ALA OA 49 -48.91 24.33 5.25
CA ALA OA 49 -50.23 24.79 5.69
C ALA OA 49 -51.33 24.30 4.74
N ILE OA 50 -51.08 24.41 3.43
CA ILE OA 50 -52.06 23.97 2.45
C ILE OA 50 -52.27 22.46 2.56
N ALA OA 51 -51.19 21.71 2.79
CA ALA OA 51 -51.30 20.26 2.93
C ALA OA 51 -52.07 19.89 4.19
N ASN OA 52 -51.85 20.62 5.29
CA ASN OA 52 -52.62 20.38 6.50
C ASN OA 52 -54.10 20.59 6.25
N ARG OA 53 -54.46 21.68 5.56
CA ARG OA 53 -55.86 21.92 5.25
C ARG OA 53 -56.44 20.84 4.34
N PHE OA 54 -55.66 20.40 3.35
CA PHE OA 54 -56.12 19.30 2.49
C PHE OA 54 -56.33 18.02 3.28
N THR OA 55 -55.41 17.70 4.20
CA THR OA 55 -55.58 16.49 5.00
C THR OA 55 -56.85 16.57 5.83
N SER OA 56 -57.11 17.73 6.43
CA SER OA 56 -58.35 17.90 7.18
C SER OA 56 -59.56 17.71 6.27
N ASN OA 57 -59.52 18.24 5.06
CA ASN OA 57 -60.63 18.08 4.14
C ASN OA 57 -60.84 16.61 3.76
N ILE OA 58 -59.75 15.88 3.51
CA ILE OA 58 -59.88 14.46 3.16
C ILE OA 58 -60.55 13.70 4.29
N LYS OA 59 -60.06 13.89 5.52
CA LYS OA 59 -60.61 13.15 6.64
C LYS OA 59 -62.08 13.50 6.86
N GLY OA 60 -62.42 14.79 6.79
CA GLY OA 60 -63.79 15.20 6.98
C GLY OA 60 -64.74 14.65 5.94
N LEU OA 61 -64.31 14.69 4.67
CA LEU OA 61 -65.20 14.22 3.60
C LEU OA 61 -65.37 12.71 3.65
N THR OA 62 -64.30 11.97 3.98
CA THR OA 62 -64.43 10.52 4.12
C THR OA 62 -65.40 10.19 5.25
N GLN OA 63 -65.27 10.87 6.39
CA GLN OA 63 -66.20 10.65 7.48
C GLN OA 63 -67.62 11.02 7.08
N ALA OA 64 -67.78 12.07 6.27
CA ALA OA 64 -69.11 12.47 5.82
C ALA OA 64 -69.76 11.40 4.95
N ALA OA 65 -68.99 10.81 4.05
CA ALA OA 65 -69.53 9.71 3.25
C ALA OA 65 -69.93 8.53 4.12
N ARG OA 66 -69.08 8.19 5.10
CA ARG OA 66 -69.44 7.12 6.04
C ARG OA 66 -70.75 7.44 6.74
N ASN OA 67 -70.94 8.71 7.13
CA ASN OA 67 -72.20 9.10 7.78
C ASN OA 67 -73.38 8.95 6.83
N ALA OA 68 -73.21 9.37 5.57
CA ALA OA 68 -74.31 9.30 4.62
C ALA OA 68 -74.78 7.87 4.41
N ASN OA 69 -73.85 6.91 4.46
CA ASN OA 69 -74.26 5.52 4.38
C ASN OA 69 -75.25 5.15 5.49
N ASP OA 70 -75.08 5.72 6.68
CA ASP OA 70 -76.02 5.45 7.77
C ASP OA 70 -77.43 5.93 7.44
N GLY OA 71 -77.54 7.12 6.86
CA GLY OA 71 -78.85 7.60 6.45
C GLY OA 71 -79.47 6.71 5.39
N ILE OA 72 -78.65 6.20 4.47
CA ILE OA 72 -79.15 5.24 3.49
C ILE OA 72 -79.73 4.02 4.20
N SER OA 73 -79.02 3.50 5.19
CA SER OA 73 -79.49 2.32 5.93
C SER OA 73 -80.81 2.60 6.64
N VAL OA 74 -80.90 3.77 7.30
CA VAL OA 74 -82.12 4.12 8.02
C VAL OA 74 -83.31 4.17 7.07
N ALA OA 75 -83.11 4.81 5.90
CA ALA OA 75 -84.18 4.89 4.92
C ALA OA 75 -84.58 3.51 4.43
N GLN OA 76 -83.61 2.62 4.22
CA GLN OA 76 -83.94 1.27 3.78
C GLN OA 76 -84.81 0.55 4.81
N THR OA 77 -84.42 0.64 6.08
CA THR OA 77 -85.19 -0.06 7.13
C THR OA 77 -86.61 0.48 7.22
N THR OA 78 -86.75 1.81 7.19
CA THR OA 78 -88.08 2.40 7.27
C THR OA 78 -88.92 2.00 6.06
N GLU OA 79 -88.30 1.94 4.87
CA GLU OA 79 -89.03 1.51 3.68
C GLU OA 79 -89.53 0.08 3.81
N GLY OA 80 -88.70 -0.82 4.35
CA GLY OA 80 -89.15 -2.18 4.55
C GLY OA 80 -90.34 -2.28 5.47
N ALA OA 81 -90.28 -1.57 6.60
CA ALA OA 81 -91.41 -1.57 7.53
C ALA OA 81 -92.66 -1.01 6.86
N LEU OA 82 -92.51 0.07 6.09
CA LEU OA 82 -93.65 0.66 5.41
C LEU OA 82 -94.25 -0.31 4.40
N SER OA 83 -93.40 -1.07 3.70
CA SER OA 83 -93.90 -2.04 2.74
C SER OA 83 -94.73 -3.12 3.43
N GLU OA 84 -94.26 -3.59 4.59
CA GLU OA 84 -95.05 -4.59 5.31
C GLU OA 84 -96.41 -4.02 5.74
N ILE OA 85 -96.40 -2.77 6.23
CA ILE OA 85 -97.66 -2.13 6.61
C ILE OA 85 -98.58 -2.01 5.39
N ASN OA 86 -98.00 -1.70 4.24
CA ASN OA 86 -98.79 -1.59 3.02
C ASN OA 86 -99.45 -2.91 2.65
N ASN OA 87 -98.71 -4.01 2.77
CA ASN OA 87 -99.30 -5.31 2.50
C ASN OA 87 -100.47 -5.60 3.43
N ASN OA 88 -100.30 -5.29 4.72
CA ASN OA 88 -101.40 -5.48 5.67
C ASN OA 88 -102.61 -4.64 5.29
N LEU OA 89 -102.38 -3.39 4.90
CA LEU OA 89 -103.47 -2.51 4.50
C LEU OA 89 -104.19 -3.05 3.27
N GLN OA 90 -103.44 -3.59 2.31
CA GLN OA 90 -104.05 -4.16 1.11
C GLN OA 90 -104.96 -5.33 1.48
N ARG OA 91 -104.49 -6.21 2.36
CA ARG OA 91 -105.35 -7.32 2.77
C ARG OA 91 -106.58 -6.83 3.52
N VAL OA 92 -106.42 -5.79 4.34
CA VAL OA 92 -107.56 -5.23 5.05
C VAL OA 92 -108.58 -4.69 4.06
N ARG OA 93 -108.12 -4.02 3.00
CA ARG OA 93 -109.03 -3.51 1.99
C ARG OA 93 -109.77 -4.64 1.30
N GLU OA 94 -109.07 -5.71 0.95
CA GLU OA 94 -109.74 -6.85 0.33
C GLU OA 94 -110.81 -7.43 1.26
N LEU OA 95 -110.49 -7.54 2.55
CA LEU OA 95 -111.47 -8.02 3.52
C LEU OA 95 -112.67 -7.11 3.61
N THR OA 96 -112.45 -5.79 3.55
CA THR OA 96 -113.56 -4.85 3.56
C THR OA 96 -114.45 -5.04 2.34
N VAL OA 97 -113.83 -5.22 1.17
CA VAL OA 97 -114.61 -5.46 -0.04
C VAL OA 97 -115.45 -6.71 0.10
N GLN OA 98 -114.88 -7.76 0.70
CA GLN OA 98 -115.65 -8.98 0.91
C GLN OA 98 -116.77 -8.78 1.92
N ALA OA 99 -116.54 -7.94 2.93
CA ALA OA 99 -117.50 -7.78 4.01
C ALA OA 99 -118.69 -6.91 3.62
N THR OA 100 -118.48 -5.91 2.75
CA THR OA 100 -119.55 -4.99 2.43
C THR OA 100 -120.54 -5.60 1.44
N THR OA 101 -121.10 -6.76 1.77
CA THR OA 101 -122.07 -7.44 0.93
C THR OA 101 -123.24 -7.91 1.79
N GLY OA 102 -124.43 -7.91 1.20
CA GLY OA 102 -125.62 -8.30 1.94
C GLY OA 102 -125.77 -9.79 2.16
N THR OA 103 -125.02 -10.62 1.42
CA THR OA 103 -125.12 -12.06 1.60
C THR OA 103 -124.58 -12.50 2.95
N ASN OA 104 -123.54 -11.84 3.44
CA ASN OA 104 -122.91 -12.23 4.68
C ASN OA 104 -123.87 -12.11 5.85
N SER OA 105 -123.82 -13.08 6.76
CA SER OA 105 -124.63 -13.06 7.96
C SER OA 105 -123.89 -12.28 9.06
N GLU OA 106 -124.43 -12.30 10.28
CA GLU OA 106 -123.81 -11.55 11.36
C GLU OA 106 -122.52 -12.21 11.82
N SER OA 107 -122.50 -13.54 11.93
CA SER OA 107 -121.29 -14.24 12.33
C SER OA 107 -120.18 -14.08 11.30
N ASP OA 108 -120.53 -14.04 10.02
CA ASP OA 108 -119.53 -13.82 8.98
C ASP OA 108 -118.88 -12.46 9.13
N LEU OA 109 -119.69 -11.43 9.38
CA LEU OA 109 -119.15 -10.10 9.65
C LEU OA 109 -118.30 -10.11 10.91
N SER OA 110 -118.69 -10.90 11.91
CA SER OA 110 -117.90 -11.01 13.12
C SER OA 110 -116.52 -11.57 12.82
N SER OA 111 -116.46 -12.63 12.01
CA SER OA 111 -115.16 -13.23 11.66
C SER OA 111 -114.31 -12.26 10.85
N ILE OA 112 -114.92 -11.58 9.88
CA ILE OA 112 -114.18 -10.60 9.09
C ILE OA 112 -113.64 -9.50 9.99
N GLN OA 113 -114.45 -9.01 10.91
CA GLN OA 113 -114.01 -7.95 11.81
C GLN OA 113 -112.91 -8.45 12.73
N ASP OA 114 -112.97 -9.69 13.16
CA ASP OA 114 -111.91 -10.26 13.99
C ASP OA 114 -110.59 -10.24 13.24
N GLU OA 115 -110.59 -10.72 11.99
CA GLU OA 115 -109.35 -10.76 11.23
C GLU OA 115 -108.84 -9.34 10.92
N ILE OA 116 -109.77 -8.42 10.60
CA ILE OA 116 -109.38 -7.04 10.32
C ILE OA 116 -108.77 -6.40 11.55
N LYS OA 117 -109.37 -6.63 12.71
CA LYS OA 117 -108.83 -6.10 13.97
C LYS OA 117 -107.47 -6.67 14.25
N SER OA 118 -107.27 -7.97 14.00
CA SER OA 118 -105.97 -8.57 14.19
C SER OA 118 -104.92 -7.93 13.30
N ARG OA 119 -105.27 -7.68 12.03
CA ARG OA 119 -104.29 -7.09 11.12
C ARG OA 119 -104.01 -5.63 11.46
N LEU OA 120 -105.02 -4.89 11.93
CA LEU OA 120 -104.78 -3.53 12.37
C LEU OA 120 -103.88 -3.50 13.61
N ASP OA 121 -104.11 -4.43 14.54
CA ASP OA 121 -103.22 -4.55 15.69
C ASP OA 121 -101.80 -4.89 15.25
N GLU OA 122 -101.66 -5.75 14.25
CA GLU OA 122 -100.34 -6.06 13.72
C GLU OA 122 -99.68 -4.82 13.11
N ILE OA 123 -100.47 -3.99 12.43
CA ILE OA 123 -99.93 -2.75 11.85
C ILE OA 123 -99.42 -1.84 12.96
N ASP OA 124 -100.22 -1.67 14.01
CA ASP OA 124 -99.80 -0.81 15.11
C ASP OA 124 -98.57 -1.37 15.81
N ARG OA 125 -98.51 -2.70 15.98
CA ARG OA 125 -97.35 -3.32 16.58
C ARG OA 125 -96.11 -3.13 15.73
N VAL OA 126 -96.25 -3.27 14.41
CA VAL OA 126 -95.10 -3.04 13.52
C VAL OA 126 -94.62 -1.60 13.65
N SER OA 127 -95.57 -0.65 13.74
CA SER OA 127 -95.20 0.75 13.91
C SER OA 127 -94.41 0.95 15.20
N GLY OA 128 -94.93 0.45 16.32
CA GLY OA 128 -94.27 0.69 17.60
C GLY OA 128 -92.97 -0.05 17.77
N GLN OA 129 -92.94 -1.33 17.39
CA GLN OA 129 -91.82 -2.20 17.71
C GLN OA 129 -90.59 -1.87 16.88
N THR OA 130 -90.78 -1.45 15.64
CA THR OA 130 -89.67 -1.28 14.70
C THR OA 130 -88.78 -0.14 15.17
N GLN OA 131 -87.62 -0.49 15.73
CA GLN OA 131 -86.66 0.48 16.25
C GLN OA 131 -85.29 0.21 15.65
N PHE OA 132 -84.63 1.27 15.20
CA PHE OA 132 -83.31 1.17 14.58
C PHE OA 132 -82.32 2.02 15.37
N ASN OA 133 -81.25 1.39 15.85
CA ASN OA 133 -80.19 2.08 16.58
C ASN OA 133 -80.74 2.92 17.72
N GLY OA 134 -81.64 2.31 18.49
CA GLY OA 134 -82.27 3.01 19.61
C GLY OA 134 -83.16 4.15 19.18
N VAL OA 135 -83.78 4.06 18.01
CA VAL OA 135 -84.69 5.10 17.50
C VAL OA 135 -85.89 4.41 16.88
N ASN OA 136 -87.08 4.67 17.43
CA ASN OA 136 -88.32 4.17 16.85
C ASN OA 136 -88.72 5.12 15.73
N VAL OA 137 -88.41 4.75 14.49
CA VAL OA 137 -88.60 5.65 13.35
C VAL OA 137 -90.08 5.94 13.15
N LEU OA 138 -90.92 4.91 13.16
CA LEU OA 138 -92.35 5.07 12.93
C LEU OA 138 -93.11 5.13 14.26
N ALA OA 139 -92.73 6.09 15.09
CA ALA OA 139 -93.41 6.30 16.36
C ALA OA 139 -93.67 7.76 16.69
N LYS OA 140 -93.06 8.71 16.00
CA LYS OA 140 -93.21 10.12 16.34
C LYS OA 140 -92.70 10.96 15.18
N ASN OA 141 -93.44 12.01 14.85
CA ASN OA 141 -93.01 12.92 13.80
C ASN OA 141 -91.70 13.61 14.20
N GLY OA 142 -90.77 13.65 13.27
CA GLY OA 142 -89.49 14.27 13.56
C GLY OA 142 -88.65 14.41 12.31
N SER OA 143 -87.37 14.67 12.51
CA SER OA 143 -86.44 14.83 11.41
C SER OA 143 -85.04 14.46 11.85
N MET OA 144 -84.26 13.93 10.90
CA MET OA 144 -82.88 13.55 11.14
C MET OA 144 -81.98 14.30 10.18
N LYS OA 145 -80.80 14.68 10.67
CA LYS OA 145 -79.84 15.47 9.91
C LYS OA 145 -78.58 14.64 9.71
N ILE OA 146 -78.22 14.40 8.46
CA ILE OA 146 -77.07 13.57 8.11
C ILE OA 146 -75.92 14.49 7.69
N GLN OA 147 -74.82 14.42 8.43
CA GLN OA 147 -73.64 15.22 8.13
C GLN OA 147 -72.96 14.68 6.88
N VAL OA 148 -73.11 15.40 5.76
CA VAL OA 148 -72.52 14.98 4.49
C VAL OA 148 -71.49 15.98 4.00
N GLY OA 149 -70.90 16.78 4.91
CA GLY OA 149 -69.90 17.75 4.55
C GLY OA 149 -68.83 17.85 5.61
N ALA OA 150 -67.85 18.72 5.34
CA ALA OA 150 -66.71 18.88 6.24
C ALA OA 150 -66.91 20.00 7.24
N ASN OA 151 -67.55 21.09 6.84
CA ASN OA 151 -67.75 22.24 7.71
C ASN OA 151 -69.03 22.05 8.53
N ASP OA 152 -69.49 23.12 9.17
CA ASP OA 152 -70.71 23.09 9.95
C ASP OA 152 -71.92 23.33 9.07
N ASN OA 153 -73.08 22.83 9.53
CA ASN OA 153 -74.35 22.97 8.83
C ASN OA 153 -74.24 22.42 7.40
N GLN OA 154 -73.96 21.13 7.32
CA GLN OA 154 -73.77 20.41 6.07
C GLN OA 154 -74.70 19.21 6.00
N THR OA 155 -75.95 19.40 6.39
CA THR OA 155 -76.85 18.29 6.68
C THR OA 155 -77.91 18.13 5.59
N ILE OA 156 -78.22 16.88 5.28
CA ILE OA 156 -79.38 16.53 4.48
C ILE OA 156 -80.45 16.00 5.44
N THR OA 157 -81.65 16.58 5.35
CA THR OA 157 -82.69 16.34 6.34
C THR OA 157 -83.59 15.19 5.89
N ILE OA 158 -83.68 14.17 6.72
CA ILE OA 158 -84.61 13.07 6.52
C ILE OA 158 -85.86 13.35 7.36
N ASP OA 159 -87.03 13.08 6.79
CA ASP OA 159 -88.29 13.33 7.46
C ASP OA 159 -88.92 12.02 7.89
N LEU OA 160 -89.52 12.02 9.07
CA LEU OA 160 -90.18 10.84 9.62
C LEU OA 160 -91.59 11.21 10.05
N LYS OA 161 -92.57 10.42 9.61
CA LYS OA 161 -93.96 10.62 9.96
C LYS OA 161 -94.45 9.45 10.79
N GLN OA 162 -95.12 9.74 11.90
CA GLN OA 162 -95.70 8.69 12.73
C GLN OA 162 -96.81 7.98 11.99
N ILE OA 163 -96.56 6.74 11.58
CA ILE OA 163 -97.53 5.95 10.81
C ILE OA 163 -98.11 4.90 11.74
N ASP OA 164 -99.38 5.04 12.06
CA ASP OA 164 -100.09 4.06 12.88
C ASP OA 164 -101.58 4.26 12.67
N ALA OA 165 -102.38 3.46 13.39
CA ALA OA 165 -103.83 3.50 13.20
C ALA OA 165 -104.39 4.90 13.48
N LYS OA 166 -103.93 5.54 14.56
CA LYS OA 166 -104.46 6.85 14.92
C LYS OA 166 -104.14 7.89 13.85
N THR OA 167 -102.91 7.89 13.34
CA THR OA 167 -102.49 8.87 12.35
C THR OA 167 -102.85 8.46 10.94
N LEU OA 168 -103.75 7.50 10.77
CA LEU OA 168 -104.24 7.09 9.47
C LEU OA 168 -105.76 7.14 9.36
N GLY OA 169 -106.45 7.50 10.44
CA GLY OA 169 -107.89 7.47 10.47
C GLY OA 169 -108.49 6.12 10.80
N LEU OA 170 -107.67 5.09 10.92
CA LEU OA 170 -108.15 3.73 11.19
C LEU OA 170 -108.16 3.42 12.68
N ASP OA 171 -108.77 4.30 13.47
CA ASP OA 171 -108.93 4.11 14.90
C ASP OA 171 -110.41 3.82 15.16
N GLY OA 172 -110.73 2.55 15.43
CA GLY OA 172 -112.10 2.13 15.56
C GLY OA 172 -112.71 1.58 14.29
N PHE OA 173 -111.91 1.25 13.29
CA PHE OA 173 -112.41 0.74 12.01
C PHE OA 173 -113.16 -0.57 12.23
N SER OA 174 -114.47 -0.55 12.01
CA SER OA 174 -115.31 -1.71 12.24
C SER OA 174 -116.23 -1.94 11.06
N VAL OA 175 -116.61 -3.20 10.85
CA VAL OA 175 -117.52 -3.56 9.77
C VAL OA 175 -118.70 -4.34 10.34
N LYS OA 176 -119.01 -4.10 11.61
CA LYS OA 176 -120.12 -4.79 12.27
C LYS OA 176 -120.66 -3.90 13.38
N ASN OA 177 -121.85 -4.24 13.84
CA ASN OA 177 -122.51 -3.48 14.90
C ASN OA 177 -122.28 -4.14 16.26
N THR OA 407 -118.83 1.78 10.61
CA THR OA 407 -117.95 2.78 10.02
C THR OA 407 -118.48 3.25 8.67
N THR OA 408 -118.61 4.56 8.51
CA THR OA 408 -119.12 5.14 7.27
C THR OA 408 -117.99 5.34 6.28
N ASP OA 409 -118.26 5.00 5.02
CA ASP OA 409 -117.28 5.09 3.94
C ASP OA 409 -115.96 4.42 4.29
N PRO OA 410 -115.96 3.11 4.56
CA PRO OA 410 -114.71 2.45 4.95
C PRO OA 410 -113.67 2.42 3.85
N LEU OA 411 -114.09 2.11 2.61
CA LEU OA 411 -113.14 1.95 1.52
C LEU OA 411 -112.44 3.27 1.21
N LYS OA 412 -113.16 4.39 1.31
CA LYS OA 412 -112.56 5.69 1.07
C LYS OA 412 -111.44 5.96 2.07
N ALA OA 413 -111.69 5.69 3.35
CA ALA OA 413 -110.68 5.90 4.37
C ALA OA 413 -109.49 4.98 4.16
N LEU OA 414 -109.74 3.73 3.78
CA LEU OA 414 -108.65 2.79 3.52
C LEU OA 414 -107.78 3.26 2.36
N ASP OA 415 -108.41 3.73 1.29
CA ASP OA 415 -107.65 4.28 0.16
C ASP OA 415 -106.85 5.51 0.58
N ASP OA 416 -107.45 6.36 1.42
CA ASP OA 416 -106.74 7.54 1.90
C ASP OA 416 -105.50 7.14 2.69
N ALA OA 417 -105.62 6.14 3.56
CA ALA OA 417 -104.47 5.68 4.32
C ALA OA 417 -103.39 5.10 3.40
N ILE OA 418 -103.81 4.35 2.39
CA ILE OA 418 -102.85 3.77 1.44
C ILE OA 418 -102.08 4.87 0.73
N ALA OA 419 -102.79 5.90 0.26
CA ALA OA 419 -102.10 7.00 -0.42
C ALA OA 419 -101.20 7.77 0.54
N SER OA 420 -101.61 7.89 1.80
CA SER OA 420 -100.82 8.64 2.76
C SER OA 420 -99.53 7.92 3.14
N VAL OA 421 -99.54 6.58 3.12
CA VAL OA 421 -98.28 5.88 3.35
C VAL OA 421 -97.44 5.86 2.06
N ASP OA 422 -98.09 5.87 0.89
CA ASP OA 422 -97.35 5.94 -0.35
C ASP OA 422 -96.58 7.24 -0.48
N LYS OA 423 -97.15 8.34 0.00
CA LYS OA 423 -96.44 9.62 -0.02
C LYS OA 423 -95.14 9.55 0.78
N PHE OA 424 -95.21 8.98 1.99
CA PHE OA 424 -94.02 8.84 2.82
C PHE OA 424 -92.99 7.94 2.16
N ARG OA 425 -93.45 6.85 1.53
CA ARG OA 425 -92.53 5.97 0.83
C ARG OA 425 -91.82 6.70 -0.30
N SER OA 426 -92.55 7.52 -1.06
CA SER OA 426 -91.94 8.29 -2.14
C SER OA 426 -90.90 9.26 -1.60
N SER OA 427 -91.21 9.93 -0.48
CA SER OA 427 -90.24 10.83 0.13
C SER OA 427 -88.98 10.09 0.54
N LEU OA 428 -89.14 8.90 1.12
CA LEU OA 428 -87.99 8.09 1.51
C LEU OA 428 -87.13 7.74 0.32
N GLY OA 429 -87.76 7.33 -0.80
CA GLY OA 429 -87.00 7.01 -1.99
C GLY OA 429 -86.22 8.20 -2.53
N ALA OA 430 -86.85 9.38 -2.52
CA ALA OA 430 -86.17 10.59 -2.97
C ALA OA 430 -84.95 10.88 -2.10
N VAL OA 431 -85.10 10.73 -0.79
CA VAL OA 431 -83.97 10.97 0.11
C VAL OA 431 -82.86 9.96 -0.15
N GLN OA 432 -83.23 8.70 -0.43
CA GLN OA 432 -82.22 7.69 -0.73
C GLN OA 432 -81.41 8.08 -1.96
N ASN OA 433 -82.10 8.50 -3.03
CA ASN OA 433 -81.40 8.89 -4.25
C ASN OA 433 -80.49 10.08 -4.01
N ARG OA 434 -80.96 11.07 -3.25
CA ARG OA 434 -80.13 12.23 -2.94
C ARG OA 434 -78.89 11.82 -2.18
N LEU OA 435 -79.04 10.93 -1.19
CA LEU OA 435 -77.89 10.50 -0.41
C LEU OA 435 -76.88 9.76 -1.28
N ASP OA 436 -77.35 8.91 -2.19
CA ASP OA 436 -76.43 8.18 -3.04
C ASP OA 436 -75.64 9.13 -3.94
N SER OA 437 -76.32 10.12 -4.51
CA SER OA 437 -75.61 11.11 -5.33
C SER OA 437 -74.59 11.86 -4.50
N ALA OA 438 -74.95 12.20 -3.26
CA ALA OA 438 -74.00 12.89 -2.39
C ALA OA 438 -72.77 12.04 -2.12
N VAL OA 439 -72.95 10.74 -1.89
CA VAL OA 439 -71.82 9.86 -1.63
C VAL OA 439 -70.91 9.81 -2.85
N THR OA 440 -71.49 9.71 -4.05
CA THR OA 440 -70.66 9.66 -5.24
C THR OA 440 -69.84 10.95 -5.40
N ASN OA 441 -70.49 12.10 -5.19
CA ASN OA 441 -69.78 13.36 -5.31
C ASN OA 441 -68.68 13.48 -4.28
N LEU OA 442 -68.95 13.02 -3.05
CA LEU OA 442 -67.92 13.06 -2.00
C LEU OA 442 -66.72 12.19 -2.36
N ASN OA 443 -66.97 11.01 -2.92
CA ASN OA 443 -65.87 10.14 -3.32
C ASN OA 443 -65.00 10.83 -4.38
N ASN OA 444 -65.65 11.43 -5.39
CA ASN OA 444 -64.88 12.11 -6.43
C ASN OA 444 -64.06 13.26 -5.85
N THR OA 445 -64.68 14.05 -4.97
CA THR OA 445 -63.98 15.19 -4.37
C THR OA 445 -62.78 14.73 -3.54
N THR OA 446 -62.96 13.67 -2.75
CA THR OA 446 -61.84 13.15 -1.96
C THR OA 446 -60.70 12.71 -2.86
N THR OA 447 -61.02 12.02 -3.96
CA THR OA 447 -59.95 11.57 -4.85
C THR OA 447 -59.19 12.75 -5.44
N ASN OA 448 -59.93 13.77 -5.91
CA ASN OA 448 -59.26 14.91 -6.52
C ASN OA 448 -58.40 15.67 -5.51
N LEU OA 449 -58.92 15.89 -4.30
CA LEU OA 449 -58.15 16.62 -3.31
C LEU OA 449 -56.95 15.83 -2.83
N SER OA 450 -57.07 14.49 -2.75
CA SER OA 450 -55.93 13.66 -2.40
C SER OA 450 -54.85 13.75 -3.47
N GLU OA 451 -55.25 13.77 -4.73
CA GLU OA 451 -54.25 13.94 -5.79
C GLU OA 451 -53.57 15.29 -5.70
N ALA OA 452 -54.33 16.35 -5.36
CA ALA OA 452 -53.72 17.66 -5.18
C ALA OA 452 -52.72 17.66 -4.02
N GLN OA 453 -53.09 17.03 -2.90
CA GLN OA 453 -52.17 16.95 -1.77
C GLN OA 453 -50.91 16.18 -2.15
N SER OA 454 -51.06 15.15 -2.98
CA SER OA 454 -49.88 14.46 -3.50
C SER OA 454 -49.02 15.38 -4.34
N ARG OA 455 -49.65 16.20 -5.18
CA ARG OA 455 -48.93 17.14 -6.02
C ARG OA 455 -48.27 18.26 -5.23
N ILE OA 456 -48.60 18.43 -3.96
CA ILE OA 456 -48.03 19.48 -3.13
C ILE OA 456 -46.97 18.95 -2.17
N GLN OA 457 -47.34 17.94 -1.36
CA GLN OA 457 -46.48 17.56 -0.26
C GLN OA 457 -45.52 16.41 -0.58
N ASP OA 458 -45.85 15.57 -1.57
CA ASP OA 458 -45.03 14.40 -1.83
C ASP OA 458 -43.78 14.76 -2.62
N ALA OA 459 -42.79 13.87 -2.54
CA ALA OA 459 -41.50 14.06 -3.19
C ALA OA 459 -41.34 13.13 -4.40
N ASP OA 460 -40.44 13.53 -5.29
CA ASP OA 460 -40.11 12.76 -6.48
C ASP OA 460 -38.81 12.00 -6.22
N TYR OA 461 -38.90 10.67 -6.16
CA TYR OA 461 -37.76 9.89 -5.70
C TYR OA 461 -36.58 9.93 -6.65
N ALA OA 462 -36.83 10.09 -7.96
CA ALA OA 462 -35.72 10.16 -8.90
C ALA OA 462 -34.82 11.35 -8.61
N THR OA 463 -35.42 12.52 -8.41
CA THR OA 463 -34.65 13.71 -8.09
C THR OA 463 -33.90 13.56 -6.78
N GLU OA 464 -34.56 12.98 -5.77
CA GLU OA 464 -33.91 12.79 -4.48
C GLU OA 464 -32.72 11.84 -4.58
N VAL OA 465 -32.87 10.76 -5.35
CA VAL OA 465 -31.76 9.82 -5.53
C VAL OA 465 -30.59 10.51 -6.24
N SER OA 466 -30.88 11.28 -7.29
CA SER OA 466 -29.81 11.97 -8.00
C SER OA 466 -29.09 12.95 -7.08
N ASN OA 467 -29.85 13.72 -6.30
CA ASN OA 467 -29.22 14.68 -5.39
C ASN OA 467 -28.40 13.97 -4.32
N MET OA 468 -28.90 12.86 -3.79
CA MET OA 468 -28.16 12.12 -2.77
C MET OA 468 -26.86 11.58 -3.33
N SER OA 469 -26.90 11.02 -4.55
CA SER OA 469 -25.67 10.52 -5.17
C SER OA 469 -24.67 11.65 -5.38
N LYS OA 470 -25.15 12.79 -5.89
CA LYS OA 470 -24.26 13.93 -6.11
C LYS OA 470 -23.65 14.41 -4.80
N ALA OA 471 -24.44 14.45 -3.74
CA ALA OA 471 -23.94 14.87 -2.44
C ALA OA 471 -22.87 13.91 -1.93
N GLN OA 472 -23.08 12.60 -2.10
CA GLN OA 472 -22.07 11.63 -1.67
C GLN OA 472 -20.77 11.80 -2.46
N ILE OA 473 -20.87 11.99 -3.78
CA ILE OA 473 -19.67 12.20 -4.59
C ILE OA 473 -18.93 13.44 -4.13
N ILE OA 474 -19.66 14.53 -3.88
CA ILE OA 474 -19.02 15.76 -3.43
C ILE OA 474 -18.37 15.56 -2.06
N GLN OA 475 -19.02 14.80 -1.18
CA GLN OA 475 -18.45 14.50 0.13
C GLN OA 475 -17.11 13.80 0.00
N GLN OA 476 -17.06 12.73 -0.80
CA GLN OA 476 -15.81 11.99 -0.93
C GLN OA 476 -14.73 12.84 -1.61
N ALA OA 477 -15.13 13.62 -2.63
CA ALA OA 477 -14.19 14.51 -3.29
C ALA OA 477 -13.60 15.52 -2.30
N GLY OA 478 -14.47 16.12 -1.47
CA GLY OA 478 -13.99 17.07 -0.50
C GLY OA 478 -13.08 16.46 0.53
N ASN OA 479 -13.36 15.22 0.93
CA ASN OA 479 -12.47 14.53 1.86
C ASN OA 479 -11.09 14.33 1.23
N SER OA 480 -11.04 13.92 -0.04
CA SER OA 480 -9.76 13.73 -0.71
C SER OA 480 -9.00 15.06 -0.80
N VAL OA 481 -9.69 16.13 -1.19
CA VAL OA 481 -9.03 17.43 -1.32
C VAL OA 481 -8.55 17.92 0.04
N LEU OA 482 -9.32 17.66 1.09
CA LEU OA 482 -8.90 18.06 2.43
C LEU OA 482 -7.65 17.31 2.87
N ALA OA 483 -7.59 16.01 2.56
CA ALA OA 483 -6.38 15.25 2.87
C ALA OA 483 -5.17 15.84 2.15
N LYS OA 484 -5.34 16.16 0.86
CA LYS OA 484 -4.23 16.77 0.13
C LYS OA 484 -3.84 18.12 0.73
N ALA OA 485 -4.83 18.92 1.12
CA ALA OA 485 -4.55 20.24 1.69
C ALA OA 485 -3.78 20.12 3.00
N ASN OA 486 -4.17 19.18 3.86
CA ASN OA 486 -3.41 18.98 5.09
C ASN OA 486 -2.03 18.41 4.81
N GLN OA 487 -1.86 17.70 3.70
CA GLN OA 487 -0.53 17.24 3.32
C GLN OA 487 0.35 18.34 2.77
N VAL OA 488 -0.24 19.43 2.26
CA VAL OA 488 0.55 20.50 1.63
C VAL OA 488 1.63 21.06 2.56
N PRO OA 489 1.34 21.45 3.81
CA PRO OA 489 2.35 22.18 4.60
C PRO OA 489 3.60 21.40 4.95
N GLN OA 490 3.77 20.17 4.45
CA GLN OA 490 4.90 19.34 4.89
C GLN OA 490 6.24 19.88 4.40
N GLN OA 491 6.27 20.56 3.26
CA GLN OA 491 7.54 20.92 2.64
C GLN OA 491 8.39 21.86 3.50
N VAL OA 492 7.79 22.54 4.47
CA VAL OA 492 8.57 23.41 5.35
C VAL OA 492 9.55 22.60 6.17
N LEU OA 493 9.15 21.38 6.55
CA LEU OA 493 10.08 20.49 7.25
C LEU OA 493 11.29 20.16 6.40
N SER OA 494 11.07 19.89 5.11
CA SER OA 494 12.18 19.64 4.20
C SER OA 494 13.06 20.88 4.05
N LEU OA 495 12.43 22.05 4.02
CA LEU OA 495 13.19 23.31 3.97
C LEU OA 495 14.09 23.44 5.20
N LEU OA 496 13.57 23.11 6.37
CA LEU OA 496 14.33 23.29 7.61
C LEU OA 496 15.44 22.26 7.73
N GLN OA 497 15.16 21.00 7.39
CA GLN OA 497 16.16 19.96 7.58
C GLN OA 497 17.38 20.16 6.69
N GLY OA 498 17.20 20.75 5.52
CA GLY OA 498 18.29 20.98 4.61
C GLY OA 498 18.12 20.33 3.25
N GLN PA 3 184.03 51.26 42.55
CA GLN PA 3 183.19 52.41 42.27
C GLN PA 3 182.92 52.58 40.77
N VAL PA 4 183.06 51.50 40.00
CA VAL PA 4 183.18 51.57 38.54
C VAL PA 4 182.14 52.48 37.92
N ILE PA 5 182.58 53.42 37.09
CA ILE PA 5 181.69 54.36 36.41
C ILE PA 5 181.71 54.15 34.90
N ASN PA 6 182.48 53.18 34.41
CA ASN PA 6 182.49 52.84 33.00
C ASN PA 6 181.60 51.66 32.68
N THR PA 7 180.98 51.06 33.69
CA THR PA 7 180.10 49.92 33.54
C THR PA 7 179.04 49.97 34.63
N ASN PA 8 177.79 49.72 34.24
CA ASN PA 8 176.64 49.82 35.15
C ASN PA 8 175.93 48.48 35.23
N SER PA 9 176.69 47.40 35.44
CA SER PA 9 176.23 46.02 35.38
C SER PA 9 174.81 45.82 35.90
N LEU PA 10 174.48 46.46 37.03
CA LEU PA 10 173.12 46.34 37.58
C LEU PA 10 172.09 46.84 36.57
N SER PA 11 172.37 47.96 35.91
CA SER PA 11 171.45 48.46 34.89
C SER PA 11 171.34 47.47 33.74
N LEU PA 12 172.45 46.83 33.35
CA LEU PA 12 172.40 45.85 32.28
C LEU PA 12 171.52 44.67 32.66
N ILE PA 13 171.65 44.17 33.90
CA ILE PA 13 170.79 43.08 34.35
C ILE PA 13 169.33 43.51 34.34
N THR PA 14 169.05 44.72 34.80
CA THR PA 14 167.67 45.19 34.81
C THR PA 14 167.10 45.27 33.40
N GLN PA 15 167.88 45.78 32.45
CA GLN PA 15 167.43 45.82 31.06
C GLN PA 15 167.20 44.42 30.52
N ASN PA 16 168.08 43.48 30.87
CA ASN PA 16 167.89 42.10 30.43
C ASN PA 16 166.58 41.53 30.96
N ASN PA 17 166.28 41.79 32.23
CA ASN PA 17 165.03 41.29 32.80
C ASN PA 17 163.83 41.95 32.13
N ILE PA 18 163.91 43.25 31.83
CA ILE PA 18 162.80 43.92 31.15
C ILE PA 18 162.59 43.31 29.76
N ASN PA 19 163.68 43.06 29.04
CA ASN PA 19 163.58 42.43 27.72
C ASN PA 19 162.96 41.05 27.83
N LYS PA 20 163.33 40.30 28.88
CA LYS PA 20 162.70 39.00 29.11
C LYS PA 20 161.20 39.14 29.33
N ASN PA 21 160.80 40.15 30.11
CA ASN PA 21 159.39 40.32 30.46
C ASN PA 21 158.56 40.76 29.26
N GLN PA 22 159.14 41.52 28.33
CA GLN PA 22 158.36 42.10 27.23
C GLN PA 22 157.56 41.07 26.46
N SER PA 23 158.12 39.86 26.30
CA SER PA 23 157.48 38.85 25.44
C SER PA 23 156.12 38.43 25.98
N ALA PA 24 156.01 38.23 27.30
CA ALA PA 24 154.74 37.81 27.87
C ALA PA 24 153.66 38.87 27.66
N LEU PA 25 154.01 40.13 27.88
CA LEU PA 25 153.06 41.23 27.66
C LEU PA 25 152.62 41.28 26.21
N SER PA 26 153.57 41.17 25.28
CA SER PA 26 153.23 41.22 23.86
C SER PA 26 152.30 40.07 23.49
N SER PA 27 152.61 38.86 23.94
CA SER PA 27 151.79 37.70 23.62
C SER PA 27 150.39 37.84 24.22
N SER PA 28 150.30 38.31 25.45
CA SER PA 28 148.99 38.47 26.09
C SER PA 28 148.14 39.48 25.35
N ILE PA 29 148.72 40.62 24.98
CA ILE PA 29 147.95 41.63 24.25
C ILE PA 29 147.52 41.10 22.88
N GLU PA 30 148.42 40.39 22.19
CA GLU PA 30 148.05 39.83 20.89
C GLU PA 30 146.91 38.83 21.03
N ARG PA 31 146.96 37.97 22.03
CA ARG PA 31 145.91 36.97 22.20
C ARG PA 31 144.58 37.61 22.59
N LEU PA 32 144.62 38.67 23.42
CA LEU PA 32 143.39 39.39 23.73
C LEU PA 32 142.80 40.06 22.51
N SER PA 33 143.65 40.66 21.68
CA SER PA 33 143.15 41.37 20.51
C SER PA 33 142.57 40.41 19.48
N SER PA 34 143.31 39.35 19.15
CA SER PA 34 142.83 38.41 18.14
C SER PA 34 141.72 37.52 18.67
N GLY PA 35 141.85 37.07 19.92
CA GLY PA 35 140.91 36.14 20.50
C GLY PA 35 141.27 34.68 20.33
N LEU PA 36 142.33 34.37 19.58
CA LEU PA 36 142.78 33.01 19.35
C LEU PA 36 144.08 32.77 20.10
N ARG PA 37 144.17 31.61 20.76
CA ARG PA 37 145.40 31.26 21.45
C ARG PA 37 146.54 31.05 20.47
N ILE PA 38 146.26 30.44 19.33
CA ILE PA 38 147.26 30.15 18.32
C ILE PA 38 147.13 31.22 17.25
N ASN PA 39 148.06 32.17 17.24
CA ASN PA 39 148.06 33.25 16.26
C ASN PA 39 149.11 33.06 15.17
N SER PA 40 150.06 32.16 15.35
CA SER PA 40 151.13 31.95 14.38
C SER PA 40 151.68 30.55 14.55
N ALA PA 41 152.50 30.13 13.58
CA ALA PA 41 153.10 28.80 13.63
C ALA PA 41 154.01 28.64 14.85
N LYS PA 42 154.61 29.73 15.32
CA LYS PA 42 155.52 29.64 16.45
C LYS PA 42 154.82 29.20 17.72
N ASP PA 43 153.51 29.42 17.84
CA ASP PA 43 152.80 29.05 19.05
C ASP PA 43 152.80 27.53 19.25
N ASP PA 44 152.01 26.81 18.45
CA ASP PA 44 152.00 25.36 18.46
C ASP PA 44 152.27 24.78 17.08
N ALA PA 45 151.45 25.15 16.10
CA ALA PA 45 151.47 24.76 14.69
C ALA PA 45 151.05 23.32 14.44
N ALA PA 46 151.10 22.47 15.47
CA ALA PA 46 150.36 21.22 15.39
C ALA PA 46 148.88 21.47 15.65
N GLY PA 47 148.60 22.27 16.68
CA GLY PA 47 147.26 22.78 16.85
C GLY PA 47 146.79 23.59 15.67
N GLN PA 48 147.70 24.37 15.07
CA GLN PA 48 147.32 25.15 13.90
C GLN PA 48 146.98 24.26 12.71
N ALA PA 49 147.78 23.21 12.47
CA ALA PA 49 147.47 22.31 11.36
C ALA PA 49 146.15 21.58 11.60
N ILE PA 50 145.95 21.08 12.82
CA ILE PA 50 144.71 20.37 13.14
C ILE PA 50 143.52 21.31 13.00
N ALA PA 51 143.68 22.56 13.45
CA ALA PA 51 142.59 23.54 13.35
C ALA PA 51 142.28 23.88 11.89
N ASN PA 52 143.32 24.00 11.06
CA ASN PA 52 143.07 24.28 9.64
C ASN PA 52 142.29 23.14 8.99
N ARG PA 53 142.69 21.90 9.28
CA ARG PA 53 141.94 20.76 8.76
C ARG PA 53 140.51 20.74 9.29
N PHE PA 54 140.33 21.10 10.57
CA PHE PA 54 139.00 21.14 11.14
C PHE PA 54 138.13 22.19 10.45
N THR PA 55 138.70 23.36 10.18
CA THR PA 55 137.95 24.41 9.48
C THR PA 55 137.55 23.96 8.08
N SER PA 56 138.48 23.29 7.39
CA SER PA 56 138.14 22.73 6.08
C SER PA 56 136.98 21.76 6.19
N ASN PA 57 137.00 20.90 7.21
CA ASN PA 57 135.90 19.95 7.40
C ASN PA 57 134.58 20.68 7.68
N ILE PA 58 134.61 21.72 8.50
CA ILE PA 58 133.39 22.47 8.81
C ILE PA 58 132.80 23.04 7.53
N LYS PA 59 133.62 23.72 6.73
CA LYS PA 59 133.11 24.34 5.52
C LYS PA 59 132.58 23.29 4.54
N GLY PA 60 133.32 22.18 4.39
CA GLY PA 60 132.86 21.12 3.51
C GLY PA 60 131.54 20.52 3.94
N LEU PA 61 131.37 20.28 5.23
CA LEU PA 61 130.14 19.66 5.72
C LEU PA 61 128.96 20.61 5.58
N THR PA 62 129.17 21.91 5.85
CA THR PA 62 128.08 22.87 5.67
C THR PA 62 127.66 22.94 4.21
N GLN PA 63 128.63 22.99 3.30
CA GLN PA 63 128.29 23.00 1.87
C GLN PA 63 127.60 21.71 1.48
N ALA PA 64 127.99 20.58 2.08
CA ALA PA 64 127.35 19.31 1.79
C ALA PA 64 125.88 19.32 2.21
N ALA PA 65 125.57 19.89 3.38
CA ALA PA 65 124.18 19.99 3.79
C ALA PA 65 123.38 20.88 2.85
N ARG PA 66 123.98 22.01 2.45
CA ARG PA 66 123.30 22.88 1.48
C ARG PA 66 123.03 22.14 0.18
N ASN PA 67 123.98 21.35 -0.29
CA ASN PA 67 123.75 20.54 -1.49
C ASN PA 67 122.66 19.51 -1.26
N ALA PA 68 122.63 18.90 -0.07
CA ALA PA 68 121.67 17.84 0.22
C ALA PA 68 120.24 18.36 0.15
N ASN PA 69 120.01 19.59 0.60
CA ASN PA 69 118.66 20.15 0.52
C ASN PA 69 118.12 20.18 -0.91
N ASP PA 70 118.99 20.37 -1.89
CA ASP PA 70 118.56 20.47 -3.28
C ASP PA 70 117.93 19.17 -3.76
N GLY PA 71 118.50 18.03 -3.37
CA GLY PA 71 117.91 16.76 -3.75
C GLY PA 71 116.50 16.58 -3.22
N ILE PA 72 116.28 17.02 -1.97
CA ILE PA 72 114.94 16.97 -1.40
C ILE PA 72 113.99 17.83 -2.22
N SER PA 73 114.44 19.02 -2.61
CA SER PA 73 113.58 19.89 -3.43
C SER PA 73 113.23 19.22 -4.76
N VAL PA 74 114.21 18.62 -5.42
CA VAL PA 74 113.97 17.97 -6.70
C VAL PA 74 112.96 16.83 -6.54
N ALA PA 75 113.16 16.02 -5.51
CA ALA PA 75 112.25 14.90 -5.28
C ALA PA 75 110.84 15.38 -4.98
N GLN PA 76 110.70 16.47 -4.23
CA GLN PA 76 109.38 17.01 -3.94
C GLN PA 76 108.67 17.44 -5.21
N THR PA 77 109.37 18.17 -6.09
CA THR PA 77 108.75 18.61 -7.33
C THR PA 77 108.33 17.42 -8.18
N THR PA 78 109.21 16.44 -8.33
CA THR PA 78 108.89 15.27 -9.13
C THR PA 78 107.71 14.50 -8.54
N GLU PA 79 107.65 14.41 -7.21
CA GLU PA 79 106.54 13.72 -6.56
C GLU PA 79 105.22 14.43 -6.81
N GLY PA 80 105.21 15.77 -6.79
CA GLY PA 80 103.99 16.49 -7.11
C GLY PA 80 103.52 16.21 -8.53
N ALA PA 81 104.46 16.25 -9.48
CA ALA PA 81 104.09 15.94 -10.86
C ALA PA 81 103.53 14.52 -10.99
N LEU PA 82 104.16 13.57 -10.31
CA LEU PA 82 103.68 12.19 -10.36
C LEU PA 82 102.30 12.06 -9.74
N SER PA 83 102.01 12.83 -8.69
CA SER PA 83 100.68 12.80 -8.09
C SER PA 83 99.63 13.28 -9.08
N GLU PA 84 99.93 14.36 -9.82
CA GLU PA 84 98.99 14.83 -10.82
C GLU PA 84 98.76 13.76 -11.90
N ILE PA 85 99.84 13.14 -12.36
CA ILE PA 85 99.71 12.08 -13.37
C ILE PA 85 98.87 10.93 -12.82
N ASN PA 86 99.04 10.61 -11.55
CA ASN PA 86 98.27 9.54 -10.93
C ASN PA 86 96.79 9.87 -10.91
N ASN PA 87 96.45 11.11 -10.59
CA ASN PA 87 95.04 11.51 -10.62
C ASN PA 87 94.46 11.37 -12.01
N ASN PA 88 95.22 11.78 -13.03
CA ASN PA 88 94.74 11.63 -14.40
C ASN PA 88 94.53 10.16 -14.76
N LEU PA 89 95.46 9.30 -14.36
CA LEU PA 89 95.32 7.87 -14.63
C LEU PA 89 94.08 7.30 -13.94
N GLN PA 90 93.82 7.72 -12.70
CA GLN PA 90 92.64 7.24 -11.99
C GLN PA 90 91.37 7.64 -12.73
N ARG PA 91 91.30 8.89 -13.20
CA ARG PA 91 90.11 9.31 -13.95
C ARG PA 91 89.98 8.52 -15.25
N VAL PA 92 91.10 8.24 -15.91
CA VAL PA 92 91.05 7.44 -17.13
C VAL PA 92 90.50 6.05 -16.84
N ARG PA 93 90.94 5.45 -15.74
CA ARG PA 93 90.43 4.12 -15.37
C ARG PA 93 88.93 4.16 -15.11
N GLU PA 94 88.46 5.19 -14.41
CA GLU PA 94 87.02 5.33 -14.19
C GLU PA 94 86.26 5.44 -15.51
N LEU PA 95 86.80 6.24 -16.44
CA LEU PA 95 86.15 6.38 -17.74
C LEU PA 95 86.11 5.04 -18.49
N THR PA 96 87.19 4.26 -18.42
CA THR PA 96 87.19 2.96 -19.08
C THR PA 96 86.16 2.02 -18.46
N VAL PA 97 86.05 2.03 -17.13
CA VAL PA 97 85.04 1.22 -16.46
C VAL PA 97 83.65 1.62 -16.94
N GLN PA 98 83.43 2.92 -17.12
CA GLN PA 98 82.14 3.35 -17.65
C GLN PA 98 81.94 2.92 -19.10
N ALA PA 99 83.01 2.92 -19.89
CA ALA PA 99 82.89 2.68 -21.32
C ALA PA 99 82.70 1.20 -21.65
N THR PA 100 83.21 0.30 -20.82
CA THR PA 100 83.11 -1.11 -21.15
C THR PA 100 81.74 -1.68 -20.80
N THR PA 101 80.68 -1.07 -21.31
CA THR PA 101 79.32 -1.51 -21.06
C THR PA 101 78.55 -1.57 -22.38
N GLY PA 102 77.61 -2.51 -22.46
CA GLY PA 102 76.87 -2.73 -23.69
C GLY PA 102 75.83 -1.68 -24.01
N THR PA 103 75.36 -0.93 -23.02
CA THR PA 103 74.34 0.08 -23.28
C THR PA 103 74.87 1.24 -24.11
N ASN PA 104 76.16 1.57 -23.96
CA ASN PA 104 76.73 2.70 -24.68
C ASN PA 104 76.69 2.45 -26.17
N SER PA 105 76.28 3.48 -26.92
CA SER PA 105 76.24 3.40 -28.38
C SER PA 105 77.58 3.88 -28.94
N GLU PA 106 77.65 4.05 -30.26
CA GLU PA 106 78.89 4.48 -30.88
C GLU PA 106 79.22 5.93 -30.53
N SER PA 107 78.21 6.79 -30.46
CA SER PA 107 78.45 8.18 -30.10
C SER PA 107 78.96 8.32 -28.67
N ASP PA 108 78.38 7.56 -27.75
CA ASP PA 108 78.83 7.60 -26.36
C ASP PA 108 80.28 7.13 -26.24
N LEU PA 109 80.62 6.05 -26.96
CA LEU PA 109 82.00 5.59 -26.97
C LEU PA 109 82.93 6.63 -27.58
N SER PA 110 82.45 7.33 -28.61
CA SER PA 110 83.26 8.39 -29.22
C SER PA 110 83.54 9.51 -28.22
N SER PA 111 82.53 9.92 -27.47
CA SER PA 111 82.73 10.98 -26.46
C SER PA 111 83.68 10.52 -25.37
N ILE PA 112 83.50 9.29 -24.89
CA ILE PA 112 84.37 8.76 -23.85
C ILE PA 112 85.81 8.69 -24.35
N GLN PA 113 86.00 8.26 -25.58
CA GLN PA 113 87.34 8.19 -26.16
C GLN PA 113 87.93 9.58 -26.34
N ASP PA 114 87.11 10.56 -26.70
CA ASP PA 114 87.60 11.93 -26.79
C ASP PA 114 88.15 12.40 -25.46
N GLU PA 115 87.39 12.20 -24.38
CA GLU PA 115 87.86 12.64 -23.07
C GLU PA 115 89.10 11.85 -22.63
N ILE PA 116 89.12 10.54 -22.91
CA ILE PA 116 90.26 9.72 -22.53
C ILE PA 116 91.52 10.18 -23.27
N LYS PA 117 91.40 10.46 -24.56
CA LYS PA 117 92.54 10.93 -25.33
C LYS PA 117 93.01 12.29 -24.83
N SER PA 118 92.06 13.17 -24.48
CA SER PA 118 92.45 14.46 -23.92
C SER PA 118 93.25 14.28 -22.63
N ARG PA 119 92.81 13.38 -21.76
CA ARG PA 119 93.51 13.17 -20.50
C ARG PA 119 94.88 12.52 -20.73
N LEU PA 120 94.97 11.59 -21.68
CA LEU PA 120 96.27 10.99 -22.00
C LEU PA 120 97.23 12.02 -22.57
N ASP PA 121 96.73 12.92 -23.42
CA ASP PA 121 97.56 14.00 -23.93
C ASP PA 121 98.01 14.93 -22.82
N GLU PA 122 97.13 15.18 -21.84
CA GLU PA 122 97.53 15.98 -20.68
C GLU PA 122 98.62 15.26 -19.89
N ILE PA 123 98.51 13.94 -19.75
CA ILE PA 123 99.55 13.17 -19.06
C ILE PA 123 100.88 13.32 -19.77
N ASP PA 124 100.87 13.20 -21.10
CA ASP PA 124 102.09 13.34 -21.87
C ASP PA 124 102.66 14.76 -21.73
N ARG PA 125 101.78 15.76 -21.74
CA ARG PA 125 102.23 17.15 -21.58
C ARG PA 125 102.90 17.36 -20.24
N VAL PA 126 102.27 16.89 -19.16
CA VAL PA 126 102.86 17.05 -17.83
C VAL PA 126 104.19 16.32 -17.74
N SER PA 127 104.25 15.11 -18.28
CA SER PA 127 105.50 14.35 -18.24
C SER PA 127 106.63 15.07 -18.97
N GLY PA 128 106.38 15.47 -20.22
CA GLY PA 128 107.43 16.09 -21.00
C GLY PA 128 107.84 17.45 -20.49
N GLN PA 129 106.87 18.24 -20.03
CA GLN PA 129 107.09 19.67 -19.87
C GLN PA 129 107.63 20.04 -18.49
N THR PA 130 107.51 19.14 -17.51
CA THR PA 130 107.94 19.42 -16.15
C THR PA 130 109.46 19.42 -16.09
N GLN PA 131 110.05 20.61 -16.00
CA GLN PA 131 111.50 20.77 -15.96
C GLN PA 131 111.89 21.57 -14.73
N PHE PA 132 112.97 21.13 -14.07
CA PHE PA 132 113.48 21.76 -12.86
C PHE PA 132 114.93 22.16 -13.10
N ASN PA 133 115.22 23.46 -12.96
CA ASN PA 133 116.56 24.00 -13.13
C ASN PA 133 117.16 23.56 -14.47
N GLY PA 134 116.35 23.66 -15.52
CA GLY PA 134 116.79 23.23 -16.84
C GLY PA 134 117.05 21.75 -16.98
N VAL PA 135 116.27 20.92 -16.28
CA VAL PA 135 116.39 19.47 -16.36
C VAL PA 135 114.98 18.89 -16.45
N ASN PA 136 114.67 18.22 -17.56
CA ASN PA 136 113.37 17.57 -17.73
C ASN PA 136 113.39 16.28 -16.93
N VAL PA 137 112.83 16.31 -15.72
CA VAL PA 137 112.95 15.17 -14.81
C VAL PA 137 112.19 13.96 -15.35
N LEU PA 138 110.94 14.16 -15.75
CA LEU PA 138 110.11 13.06 -16.25
C LEU PA 138 110.15 12.97 -17.77
N ALA PA 139 111.35 12.94 -18.35
CA ALA PA 139 111.46 12.82 -19.80
C ALA PA 139 112.54 11.85 -20.26
N LYS PA 140 113.45 11.42 -19.38
CA LYS PA 140 114.54 10.55 -19.78
C LYS PA 140 115.03 9.77 -18.57
N ASN PA 141 115.34 8.50 -18.78
CA ASN PA 141 115.96 7.70 -17.73
C ASN PA 141 117.33 8.26 -17.40
N GLY PA 142 117.59 8.44 -16.11
CA GLY PA 142 118.86 9.01 -15.70
C GLY PA 142 119.05 8.91 -14.20
N SER PA 143 120.03 9.64 -13.72
CA SER PA 143 120.34 9.63 -12.29
C SER PA 143 121.07 10.91 -11.92
N MET PA 144 120.83 11.36 -10.70
CA MET PA 144 121.52 12.51 -10.14
C MET PA 144 122.36 12.08 -8.95
N LYS PA 145 123.53 12.70 -8.80
CA LYS PA 145 124.47 12.38 -7.73
C LYS PA 145 124.61 13.61 -6.84
N ILE PA 146 124.06 13.53 -5.63
CA ILE PA 146 124.05 14.64 -4.70
C ILE PA 146 125.25 14.50 -3.76
N GLN PA 147 126.12 15.50 -3.76
CA GLN PA 147 127.32 15.50 -2.92
C GLN PA 147 126.90 15.80 -1.49
N VAL PA 148 126.98 14.80 -0.62
CA VAL PA 148 126.56 14.96 0.78
C VAL PA 148 127.73 14.66 1.70
N GLY PA 149 128.96 14.91 1.24
CA GLY PA 149 130.14 14.68 2.04
C GLY PA 149 131.17 15.77 1.83
N ALA PA 150 132.25 15.68 2.60
CA ALA PA 150 133.35 16.62 2.49
C ALA PA 150 134.42 16.17 1.52
N ASN PA 151 134.65 14.87 1.42
CA ASN PA 151 135.61 14.33 0.46
C ASN PA 151 134.90 13.94 -0.83
N ASP PA 152 135.68 13.45 -1.79
CA ASP PA 152 135.12 13.04 -3.07
C ASP PA 152 134.47 11.67 -2.96
N ASN PA 153 133.58 11.39 -3.93
CA ASN PA 153 132.84 10.12 -3.98
C ASN PA 153 132.09 9.86 -2.68
N GLN PA 154 131.30 10.86 -2.27
CA GLN PA 154 130.44 10.78 -1.09
C GLN PA 154 129.02 11.16 -1.47
N THR PA 155 128.53 10.59 -2.56
CA THR PA 155 127.28 11.01 -3.18
C THR PA 155 126.17 9.99 -2.94
N ILE PA 156 124.95 10.50 -2.85
CA ILE PA 156 123.74 9.69 -2.83
C ILE PA 156 123.07 9.84 -4.19
N THR PA 157 122.75 8.72 -4.82
CA THR PA 157 122.23 8.72 -6.18
C THR PA 157 120.71 8.78 -6.17
N ILE PA 158 120.16 9.77 -6.85
CA ILE PA 158 118.72 9.90 -7.04
C ILE PA 158 118.38 9.40 -8.44
N ASP PA 159 117.35 8.56 -8.53
CA ASP PA 159 116.98 7.94 -9.79
C ASP PA 159 115.77 8.63 -10.39
N LEU PA 160 115.78 8.81 -11.71
CA LEU PA 160 114.67 9.40 -12.44
C LEU PA 160 114.31 8.49 -13.60
N LYS PA 161 113.03 8.16 -13.71
CA LYS PA 161 112.53 7.27 -14.75
C LYS PA 161 111.62 8.04 -15.70
N GLN PA 162 111.82 7.80 -17.00
CA GLN PA 162 110.94 8.40 -18.01
C GLN PA 162 109.54 7.84 -17.87
N ILE PA 163 108.61 8.67 -17.42
CA ILE PA 163 107.21 8.27 -17.22
C ILE PA 163 106.37 9.02 -18.23
N ASP PA 164 105.82 8.30 -19.20
CA ASP PA 164 104.94 8.90 -20.20
C ASP PA 164 104.12 7.79 -20.83
N ALA PA 165 103.31 8.15 -21.83
CA ALA PA 165 102.41 7.18 -22.46
C ALA PA 165 103.19 6.02 -23.08
N LYS PA 166 104.28 6.33 -23.78
CA LYS PA 166 105.06 5.27 -24.41
C LYS PA 166 105.66 4.33 -23.38
N THR PA 167 106.19 4.87 -22.29
CA THR PA 167 106.82 4.06 -21.25
C THR PA 167 105.81 3.53 -20.23
N LEU PA 168 104.51 3.57 -20.56
CA LEU PA 168 103.48 3.01 -19.70
C LEU PA 168 102.58 2.02 -20.42
N GLY PA 169 102.76 1.84 -21.73
CA GLY PA 169 101.90 0.97 -22.51
C GLY PA 169 100.63 1.63 -23.01
N LEU PA 170 100.37 2.87 -22.63
CA LEU PA 170 99.17 3.58 -23.06
C LEU PA 170 99.42 4.39 -24.32
N ASP PA 171 99.97 3.75 -25.35
CA ASP PA 171 100.22 4.36 -26.64
C ASP PA 171 99.23 3.78 -27.64
N GLY PA 172 98.26 4.60 -28.04
CA GLY PA 172 97.17 4.11 -28.86
C GLY PA 172 96.00 3.57 -28.08
N PHE PA 173 95.94 3.81 -26.77
CA PHE PA 173 94.87 3.31 -25.92
C PHE PA 173 93.52 3.86 -26.36
N SER PA 174 92.64 2.98 -26.85
CA SER PA 174 91.36 3.40 -27.38
C SER PA 174 90.26 2.47 -26.87
N VAL PA 175 89.04 2.98 -26.89
CA VAL PA 175 87.87 2.19 -26.48
C VAL PA 175 86.83 2.24 -27.58
N LYS PA 176 87.28 2.44 -28.82
CA LYS PA 176 86.37 2.50 -29.96
C LYS PA 176 87.10 2.01 -31.20
N ASN PA 177 86.31 1.66 -32.22
CA ASN PA 177 86.86 1.16 -33.46
C ASN PA 177 86.97 2.27 -34.50
N THR PA 407 91.32 -1.88 -28.03
CA THR PA 407 92.38 -2.32 -27.13
C THR PA 407 91.93 -3.53 -26.32
N THR PA 408 92.78 -4.54 -26.25
CA THR PA 408 92.47 -5.76 -25.52
C THR PA 408 92.89 -5.63 -24.06
N ASP PA 409 91.97 -5.97 -23.16
CA ASP PA 409 92.18 -5.90 -21.71
C ASP PA 409 92.67 -4.52 -21.30
N PRO PA 410 91.85 -3.49 -21.41
CA PRO PA 410 92.33 -2.13 -21.08
C PRO PA 410 92.60 -1.94 -19.59
N LEU PA 411 91.73 -2.50 -18.73
CA LEU PA 411 91.84 -2.25 -17.31
C LEU PA 411 93.13 -2.84 -16.74
N LYS PA 412 93.55 -3.99 -17.25
CA LYS PA 412 94.80 -4.58 -16.79
C LYS PA 412 95.98 -3.68 -17.10
N ALA PA 413 96.04 -3.14 -18.32
CA ALA PA 413 97.12 -2.23 -18.68
C ALA PA 413 97.08 -0.96 -17.83
N LEU PA 414 95.89 -0.43 -17.57
CA LEU PA 414 95.78 0.76 -16.74
C LEU PA 414 96.28 0.49 -15.33
N ASP PA 415 95.90 -0.65 -14.75
CA ASP PA 415 96.38 -1.00 -13.42
C ASP PA 415 97.89 -1.17 -13.41
N ASP PA 416 98.44 -1.77 -14.47
CA ASP PA 416 99.88 -1.92 -14.56
C ASP PA 416 100.59 -0.57 -14.59
N ALA PA 417 100.05 0.38 -15.35
CA ALA PA 417 100.64 1.72 -15.39
C ALA PA 417 100.56 2.40 -14.03
N ILE PA 418 99.43 2.24 -13.33
CA ILE PA 418 99.28 2.85 -12.01
C ILE PA 418 100.32 2.27 -11.04
N ALA PA 419 100.52 0.95 -11.07
CA ALA PA 419 101.53 0.36 -10.21
C ALA PA 419 102.94 0.80 -10.60
N SER PA 420 103.19 1.00 -11.89
CA SER PA 420 104.52 1.40 -12.32
C SER PA 420 104.84 2.83 -11.96
N VAL PA 421 103.84 3.70 -11.84
CA VAL PA 421 104.13 5.04 -11.35
C VAL PA 421 104.22 5.04 -9.81
N ASP PA 422 103.46 4.18 -9.15
CA ASP PA 422 103.55 4.10 -7.69
C ASP PA 422 104.92 3.60 -7.24
N LYS PA 423 105.54 2.71 -8.02
CA LYS PA 423 106.89 2.25 -7.70
C LYS PA 423 107.89 3.41 -7.70
N PHE PA 424 107.83 4.25 -8.74
CA PHE PA 424 108.71 5.40 -8.81
C PHE PA 424 108.45 6.37 -7.66
N ARG PA 425 107.18 6.56 -7.30
CA ARG PA 425 106.86 7.44 -6.18
C ARG PA 425 107.47 6.91 -4.89
N SER PA 426 107.38 5.59 -4.66
CA SER PA 426 107.95 5.01 -3.45
C SER PA 426 109.46 5.18 -3.42
N SER PA 427 110.12 4.99 -4.57
CA SER PA 427 111.57 5.19 -4.62
C SER PA 427 111.93 6.63 -4.28
N LEU PA 428 111.16 7.59 -4.80
CA LEU PA 428 111.41 8.99 -4.50
C LEU PA 428 111.27 9.27 -3.01
N GLY PA 429 110.22 8.73 -2.39
CA GLY PA 429 110.06 8.92 -0.95
C GLY PA 429 111.21 8.34 -0.15
N ALA PA 430 111.69 7.16 -0.53
CA ALA PA 430 112.83 6.57 0.15
C ALA PA 430 114.07 7.46 0.03
N VAL PA 431 114.29 8.02 -1.16
CA VAL PA 431 115.42 8.92 -1.34
C VAL PA 431 115.28 10.16 -0.47
N GLN PA 432 114.06 10.68 -0.37
CA GLN PA 432 113.82 11.86 0.48
C GLN PA 432 114.18 11.56 1.93
N ASN PA 433 113.74 10.41 2.43
CA ASN PA 433 114.05 10.06 3.82
C ASN PA 433 115.54 9.91 4.04
N ARG PA 434 116.23 9.26 3.10
CA ARG PA 434 117.68 9.10 3.22
C ARG PA 434 118.36 10.46 3.26
N LEU PA 435 117.95 11.38 2.38
CA LEU PA 435 118.57 12.70 2.36
C LEU PA 435 118.33 13.46 3.66
N ASP PA 436 117.12 13.35 4.22
CA ASP PA 436 116.83 14.04 5.47
C ASP PA 436 117.72 13.52 6.59
N SER PA 437 117.88 12.19 6.67
CA SER PA 437 118.77 11.63 7.69
C SER PA 437 120.20 12.11 7.49
N ALA PA 438 120.64 12.19 6.23
CA ALA PA 438 121.98 12.67 5.94
C ALA PA 438 122.17 14.11 6.42
N VAL PA 439 121.17 14.96 6.19
CA VAL PA 439 121.26 16.35 6.62
C VAL PA 439 121.38 16.43 8.13
N THR PA 440 120.56 15.65 8.85
CA THR PA 440 120.62 15.70 10.30
C THR PA 440 121.98 15.26 10.82
N ASN PA 441 122.51 14.17 10.26
CA ASN PA 441 123.82 13.70 10.71
C ASN PA 441 124.92 14.71 10.41
N LEU PA 442 124.84 15.35 9.24
CA LEU PA 442 125.84 16.36 8.89
C LEU PA 442 125.79 17.53 9.86
N ASN PA 443 124.58 17.97 10.24
CA ASN PA 443 124.47 19.05 11.20
C ASN PA 443 125.12 18.68 12.53
N ASN PA 444 124.83 17.46 13.02
CA ASN PA 444 125.43 17.02 14.28
C ASN PA 444 126.95 17.00 14.20
N THR PA 445 127.48 16.43 13.11
CA THR PA 445 128.93 16.34 12.95
C THR PA 445 129.56 17.72 12.87
N THR PA 446 128.92 18.65 12.16
CA THR PA 446 129.45 20.00 12.06
C THR PA 446 129.51 20.66 13.42
N THR PA 447 128.45 20.52 14.23
CA THR PA 447 128.47 21.12 15.55
C THR PA 447 129.58 20.55 16.41
N ASN PA 448 129.73 19.21 16.40
CA ASN PA 448 130.75 18.60 17.24
C ASN PA 448 132.15 19.00 16.81
N LEU PA 449 132.42 19.01 15.51
CA LEU PA 449 133.75 19.39 15.05
C LEU PA 449 134.02 20.87 15.30
N SER PA 450 132.99 21.71 15.23
CA SER PA 450 133.16 23.13 15.55
C SER PA 450 133.53 23.31 17.01
N GLU PA 451 132.87 22.60 17.92
CA GLU PA 451 133.22 22.76 19.32
C GLU PA 451 134.61 22.19 19.60
N ALA PA 452 135.02 21.14 18.90
CA ALA PA 452 136.39 20.65 19.04
C ALA PA 452 137.40 21.69 18.57
N GLN PA 453 137.13 22.34 17.44
CA GLN PA 453 138.02 23.40 16.98
C GLN PA 453 138.09 24.53 17.98
N SER PA 454 136.96 24.84 18.62
CA SER PA 454 136.97 25.84 19.69
C SER PA 454 137.85 25.41 20.84
N ARG PA 455 137.76 24.13 21.23
CA ARG PA 455 138.59 23.61 22.30
C ARG PA 455 140.07 23.57 21.95
N ILE PA 456 140.41 23.68 20.67
CA ILE PA 456 141.79 23.61 20.23
C ILE PA 456 142.40 24.99 20.03
N GLN PA 457 141.72 25.87 19.28
CA GLN PA 457 142.35 27.10 18.83
C GLN PA 457 141.98 28.32 19.67
N ASP PA 458 140.83 28.32 20.32
CA ASP PA 458 140.36 29.53 21.00
C ASP PA 458 141.10 29.75 22.31
N ALA PA 459 141.18 31.01 22.72
CA ALA PA 459 141.88 31.42 23.92
C ALA PA 459 140.92 31.62 25.09
N ASP PA 460 141.47 31.56 26.29
CA ASP PA 460 140.72 31.73 27.53
C ASP PA 460 141.01 33.13 28.07
N TYR PA 461 140.00 33.99 28.07
CA TYR PA 461 140.24 35.41 28.32
C TYR PA 461 140.65 35.70 29.75
N ALA PA 462 140.12 34.93 30.73
CA ALA PA 462 140.48 35.19 32.12
C ALA PA 462 141.97 35.05 32.34
N THR PA 463 142.55 33.94 31.88
CA THR PA 463 143.98 33.71 32.03
C THR PA 463 144.79 34.76 31.30
N GLU PA 464 144.36 35.12 30.09
CA GLU PA 464 145.12 36.09 29.30
C GLU PA 464 145.10 37.47 29.96
N VAL PA 465 143.95 37.88 30.49
CA VAL PA 465 143.87 39.16 31.18
C VAL PA 465 144.74 39.16 32.44
N SER PA 466 144.71 38.06 33.19
CA SER PA 466 145.55 37.99 34.39
C SER PA 466 147.02 38.09 34.02
N ASN PA 467 147.44 37.37 32.97
CA ASN PA 467 148.83 37.44 32.54
C ASN PA 467 149.20 38.83 32.05
N MET PA 468 148.29 39.49 31.34
CA MET PA 468 148.55 40.85 30.87
C MET PA 468 148.75 41.81 32.05
N SER PA 469 147.89 41.72 33.06
CA SER PA 469 148.04 42.57 34.23
C SER PA 469 149.36 42.28 34.95
N LYS PA 470 149.71 41.01 35.11
CA LYS PA 470 150.97 40.67 35.76
C LYS PA 470 152.15 41.21 34.98
N ALA PA 471 152.12 41.08 33.65
CA ALA PA 471 153.22 41.57 32.83
C ALA PA 471 153.35 43.08 32.92
N GLN PA 472 152.22 43.80 32.93
CA GLN PA 472 152.28 45.25 33.06
C GLN PA 472 152.88 45.66 34.41
N ILE PA 473 152.47 44.98 35.48
CA ILE PA 473 153.04 45.28 36.80
C ILE PA 473 154.54 45.02 36.80
N ILE PA 474 154.97 43.89 36.21
CA ILE PA 474 156.39 43.58 36.15
C ILE PA 474 157.14 44.64 35.36
N GLN PA 475 156.56 45.11 34.25
CA GLN PA 475 157.22 46.12 33.45
C GLN PA 475 157.43 47.41 34.23
N GLN PA 476 156.38 47.86 34.93
CA GLN PA 476 156.51 49.11 35.68
C GLN PA 476 157.51 48.96 36.83
N ALA PA 477 157.47 47.82 37.53
CA ALA PA 477 158.44 47.59 38.59
C ALA PA 477 159.86 47.57 38.05
N GLY PA 478 160.06 46.92 36.91
CA GLY PA 478 161.39 46.90 36.31
C GLY PA 478 161.87 48.27 35.90
N ASN PA 479 160.96 49.11 35.40
CA ASN PA 479 161.33 50.48 35.06
C ASN PA 479 161.79 51.24 36.31
N SER PA 480 161.05 51.08 37.42
CA SER PA 480 161.46 51.76 38.65
C SER PA 480 162.82 51.26 39.13
N VAL PA 481 163.04 49.95 39.09
CA VAL PA 481 164.33 49.41 39.51
C VAL PA 481 165.45 49.91 38.59
N LEU PA 482 165.16 50.04 37.29
CA LEU PA 482 166.16 50.58 36.36
C LEU PA 482 166.52 52.01 36.72
N ALA PA 483 165.52 52.82 37.06
CA ALA PA 483 165.80 54.19 37.47
C ALA PA 483 166.68 54.22 38.72
N LYS PA 484 166.36 53.37 39.70
CA LYS PA 484 167.18 53.33 40.91
C LYS PA 484 168.60 52.88 40.61
N ALA PA 485 168.76 51.86 39.76
CA ALA PA 485 170.08 51.35 39.42
C ALA PA 485 170.90 52.41 38.69
N ASN PA 486 170.28 53.14 37.77
CA ASN PA 486 170.98 54.23 37.11
C ASN PA 486 171.36 55.33 38.10
N GLN PA 487 170.55 55.53 39.14
CA GLN PA 487 170.86 56.54 40.13
C GLN PA 487 172.00 56.12 41.06
N VAL PA 488 172.18 54.82 41.30
CA VAL PA 488 173.17 54.39 42.28
C VAL PA 488 174.59 54.90 41.98
N PRO PA 489 175.07 54.88 40.73
CA PRO PA 489 176.43 55.39 40.46
C PRO PA 489 176.70 56.82 40.92
N GLN PA 490 175.72 57.54 41.48
CA GLN PA 490 175.91 58.95 41.77
C GLN PA 490 176.92 59.21 42.87
N GLN PA 491 177.19 58.22 43.73
CA GLN PA 491 178.06 58.43 44.87
C GLN PA 491 179.50 58.76 44.47
N VAL PA 492 179.92 58.37 43.27
CA VAL PA 492 181.29 58.64 42.85
C VAL PA 492 181.53 60.12 42.68
N LEU PA 493 180.52 60.86 42.18
CA LEU PA 493 180.66 62.30 42.09
C LEU PA 493 180.84 62.94 43.46
N SER PA 494 180.06 62.48 44.44
CA SER PA 494 180.22 62.98 45.81
C SER PA 494 181.61 62.66 46.35
N LEU PA 495 182.09 61.44 46.09
CA LEU PA 495 183.42 61.06 46.54
C LEU PA 495 184.49 61.95 45.93
N LEU PA 496 184.37 62.23 44.63
CA LEU PA 496 185.34 63.09 43.95
C LEU PA 496 185.28 64.51 44.49
N GLN PA 497 184.07 65.02 44.75
CA GLN PA 497 183.92 66.39 45.21
C GLN PA 497 184.61 66.62 46.55
N GLY PA 498 184.47 65.68 47.47
CA GLY PA 498 185.08 65.80 48.78
C GLY PA 498 184.07 65.84 49.91
N GLN QA 3 147.08 90.81 42.93
CA GLN QA 3 147.08 89.41 43.35
C GLN QA 3 146.31 89.16 44.64
N VAL QA 4 145.47 90.12 45.04
CA VAL QA 4 144.97 90.28 46.40
C VAL QA 4 144.52 88.94 46.99
N ILE QA 5 145.00 88.62 48.18
CA ILE QA 5 144.72 87.34 48.82
C ILE QA 5 143.73 87.49 49.97
N ASN QA 6 143.31 88.71 50.27
CA ASN QA 6 142.32 88.97 51.30
C ASN QA 6 140.91 89.10 50.74
N THR QA 7 140.76 89.08 49.43
CA THR QA 7 139.46 89.21 48.77
C THR QA 7 139.48 88.39 47.49
N ASN QA 8 138.43 87.58 47.29
CA ASN QA 8 138.35 86.67 46.15
C ASN QA 8 137.12 87.00 45.31
N SER QA 9 136.96 88.29 44.98
CA SER QA 9 135.77 88.86 44.35
C SER QA 9 135.13 87.96 43.29
N LEU QA 10 135.94 87.22 42.54
CA LEU QA 10 135.38 86.27 41.58
C LEU QA 10 134.48 85.25 42.27
N SER QA 11 134.92 84.74 43.42
CA SER QA 11 134.10 83.81 44.19
C SER QA 11 132.82 84.48 44.65
N LEU QA 12 132.91 85.75 45.07
CA LEU QA 12 131.71 86.46 45.50
C LEU QA 12 130.71 86.59 44.35
N ILE QA 13 131.20 86.93 43.16
CA ILE QA 13 130.31 87.04 42.00
C ILE QA 13 129.66 85.71 41.69
N THR QA 14 130.46 84.63 41.71
CA THR QA 14 129.90 83.31 41.41
C THR QA 14 128.85 82.90 42.44
N GLN QA 15 129.12 83.17 43.73
CA GLN QA 15 128.14 82.87 44.76
C GLN QA 15 126.87 83.68 44.57
N ASN QA 16 127.00 84.95 44.19
CA ASN QA 16 125.83 85.77 43.92
C ASN QA 16 125.00 85.19 42.77
N ASN QA 17 125.68 84.74 41.71
CA ASN QA 17 124.96 84.14 40.59
C ASN QA 17 124.25 82.84 41.00
N ILE QA 18 124.91 82.03 41.83
CA ILE QA 18 124.29 80.79 42.29
C ILE QA 18 123.07 81.10 43.14
N ASN QA 19 123.18 82.07 44.04
CA ASN QA 19 122.04 82.44 44.88
C ASN QA 19 120.90 82.99 44.02
N LYS QA 20 121.22 83.74 42.98
CA LYS QA 20 120.19 84.18 42.05
C LYS QA 20 119.52 83.01 41.36
N ASN QA 21 120.31 81.99 40.99
CA ASN QA 21 119.75 80.81 40.33
C ASN QA 21 118.79 80.06 41.25
N GLN QA 22 119.14 79.95 42.53
CA GLN QA 22 118.37 79.15 43.49
C GLN QA 22 116.87 79.33 43.41
N SER QA 23 116.42 80.57 43.20
CA SER QA 23 114.98 80.87 43.24
C SER QA 23 114.23 80.14 42.14
N ALA QA 24 114.78 80.14 40.92
CA ALA QA 24 114.11 79.48 39.81
C ALA QA 24 114.00 77.99 40.03
N LEU QA 25 115.07 77.37 40.53
CA LEU QA 25 115.05 75.94 40.84
C LEU QA 25 114.00 75.62 41.90
N SER QA 26 113.95 76.43 42.96
CA SER QA 26 112.98 76.19 44.02
C SER QA 26 111.55 76.33 43.50
N SER QA 27 111.30 77.37 42.71
CA SER QA 27 109.96 77.59 42.18
C SER QA 27 109.55 76.46 41.25
N SER QA 28 110.46 76.01 40.39
CA SER QA 28 110.13 74.91 39.47
C SER QA 28 109.83 73.64 40.23
N ILE QA 29 110.63 73.32 41.25
CA ILE QA 29 110.38 72.11 42.03
C ILE QA 29 109.04 72.19 42.74
N GLU QA 30 108.74 73.34 43.35
CA GLU QA 30 107.47 73.48 44.07
C GLU QA 30 106.29 73.36 43.11
N ARG QA 31 106.39 73.99 41.94
CA ARG QA 31 105.30 73.90 40.97
C ARG QA 31 105.11 72.48 40.47
N LEU QA 32 106.20 71.77 40.21
CA LEU QA 32 106.10 70.39 39.75
C LEU QA 32 105.47 69.51 40.82
N SER QA 33 105.84 69.71 42.09
CA SER QA 33 105.31 68.88 43.15
C SER QA 33 103.83 69.16 43.39
N SER QA 34 103.46 70.44 43.48
CA SER QA 34 102.07 70.78 43.79
C SER QA 34 101.15 70.57 42.60
N GLY QA 35 101.61 70.92 41.40
CA GLY QA 35 100.79 70.85 40.21
C GLY QA 35 100.06 72.13 39.86
N LEU QA 36 100.10 73.14 40.72
CA LEU QA 36 99.45 74.42 40.48
C LEU QA 36 100.51 75.48 40.24
N ARG QA 37 100.23 76.38 39.28
CA ARG QA 37 101.17 77.45 39.01
C ARG QA 37 101.19 78.47 40.13
N ILE QA 38 100.05 78.75 40.73
CA ILE QA 38 99.92 79.76 41.78
C ILE QA 38 99.94 79.01 43.11
N ASN QA 39 101.13 78.87 43.69
CA ASN QA 39 101.29 78.20 44.97
C ASN QA 39 101.20 79.16 46.15
N SER QA 40 101.21 80.47 45.91
CA SER QA 40 101.18 81.45 46.99
C SER QA 40 100.78 82.79 46.42
N ALA QA 41 100.59 83.76 47.31
CA ALA QA 41 100.22 85.11 46.89
C ALA QA 41 101.36 85.78 46.13
N LYS QA 42 102.61 85.42 46.43
CA LYS QA 42 103.73 86.07 45.78
C LYS QA 42 103.78 85.80 44.28
N ASP QA 43 103.19 84.69 43.83
CA ASP QA 43 103.22 84.38 42.41
C ASP QA 43 102.46 85.43 41.60
N ASP QA 44 101.13 85.43 41.73
CA ASP QA 44 100.28 86.42 41.08
C ASP QA 44 99.36 87.12 42.08
N ALA QA 45 98.53 86.35 42.77
CA ALA QA 45 97.54 86.72 43.78
C ALA QA 45 96.32 87.44 43.22
N ALA QA 46 96.43 88.00 42.01
CA ALA QA 46 95.21 88.33 41.29
C ALA QA 46 94.64 87.09 40.64
N GLY QA 47 95.52 86.29 40.03
CA GLY QA 47 95.13 84.95 39.61
C GLY QA 47 94.66 84.12 40.77
N GLN QA 48 95.32 84.25 41.93
CA GLN QA 48 94.88 83.49 43.10
C GLN QA 48 93.49 83.94 43.57
N ALA QA 49 93.24 85.24 43.60
CA ALA QA 49 91.91 85.72 44.00
C ALA QA 49 90.83 85.24 43.04
N ILE QA 50 91.10 85.35 41.73
CA ILE QA 50 90.14 84.91 40.73
C ILE QA 50 89.92 83.40 40.84
N ALA QA 51 90.99 82.64 41.08
CA ALA QA 51 90.86 81.20 41.22
C ALA QA 51 90.06 80.83 42.46
N ASN QA 52 90.26 81.54 43.57
CA ASN QA 52 89.46 81.28 44.76
C ASN QA 52 87.98 81.55 44.51
N ARG QA 53 87.68 82.64 43.81
CA ARG QA 53 86.29 82.94 43.48
C ARG QA 53 85.71 81.86 42.57
N PHE QA 54 86.48 81.40 41.58
CA PHE QA 54 86.01 80.32 40.72
C PHE QA 54 85.76 79.04 41.49
N THR QA 55 86.66 78.71 42.43
CA THR QA 55 86.47 77.51 43.24
C THR QA 55 85.18 77.59 44.04
N SER QA 56 84.92 78.76 44.63
CA SER QA 56 83.66 78.96 45.35
C SER QA 56 82.47 78.77 44.41
N ASN QA 57 82.57 79.30 43.20
CA ASN QA 57 81.47 79.15 42.24
C ASN QA 57 81.24 77.69 41.88
N ILE QA 58 82.31 76.92 41.66
CA ILE QA 58 82.16 75.51 41.32
C ILE QA 58 81.46 74.77 42.45
N LYS QA 59 81.92 74.99 43.69
CA LYS QA 59 81.32 74.29 44.81
C LYS QA 59 79.85 74.66 44.97
N GLY QA 60 79.53 75.95 44.83
CA GLY QA 60 78.15 76.37 44.96
C GLY QA 60 77.26 75.79 43.89
N LEU QA 61 77.73 75.78 42.64
CA LEU QA 61 76.91 75.25 41.55
C LEU QA 61 76.69 73.76 41.71
N THR QA 62 77.72 73.02 42.11
CA THR QA 62 77.55 71.59 42.35
C THR QA 62 76.52 71.34 43.45
N GLN QA 63 76.62 72.08 44.56
CA GLN QA 63 75.67 71.90 45.64
C GLN QA 63 74.25 72.25 45.18
N ALA QA 64 74.12 73.28 44.34
CA ALA QA 64 72.80 73.66 43.84
C ALA QA 64 72.20 72.56 42.99
N ALA QA 65 73.01 71.92 42.14
CA ALA QA 65 72.50 70.80 41.35
C ALA QA 65 72.04 69.64 42.25
N ARG QA 66 72.85 69.33 43.27
CA ARG QA 66 72.44 68.28 44.21
C ARG QA 66 71.12 68.63 44.87
N ASN QA 67 70.94 69.90 45.25
CA ASN QA 67 69.68 70.34 45.85
C ASN QA 67 68.51 70.18 44.88
N ALA QA 68 68.72 70.55 43.61
CA ALA QA 68 67.64 70.49 42.62
C ALA QA 68 67.17 69.05 42.42
N ASN QA 69 68.10 68.10 42.49
CA ASN QA 69 67.69 66.70 42.39
C ASN QA 69 66.65 66.33 43.46
N ASP QA 70 66.79 66.90 44.67
CA ASP QA 70 65.82 66.63 45.72
C ASP QA 70 64.44 67.14 45.35
N GLY QA 71 64.35 68.33 44.75
CA GLY QA 71 63.07 68.84 44.30
C GLY QA 71 62.45 67.95 43.24
N ILE QA 72 63.29 67.44 42.32
CA ILE QA 72 62.80 66.48 41.34
C ILE QA 72 62.18 65.28 42.03
N SER QA 73 62.86 64.75 43.06
CA SER QA 73 62.34 63.60 43.78
C SER QA 73 61.00 63.91 44.46
N VAL QA 74 60.91 65.08 45.10
CA VAL QA 74 59.66 65.46 45.77
C VAL QA 74 58.52 65.52 44.77
N ALA QA 75 58.76 66.14 43.61
CA ALA QA 75 57.73 66.23 42.59
C ALA QA 75 57.31 64.84 42.12
N GLN QA 76 58.26 63.93 41.94
CA GLN QA 76 57.93 62.58 41.52
C GLN QA 76 57.03 61.89 42.54
N THR QA 77 57.37 61.99 43.83
CA THR QA 77 56.57 61.34 44.86
C THR QA 77 55.15 61.90 44.89
N THR QA 78 55.03 63.23 44.84
CA THR QA 78 53.71 63.84 44.87
C THR QA 78 52.90 63.43 43.64
N GLU QA 79 53.56 63.33 42.48
CA GLU QA 79 52.86 62.89 41.28
C GLU QA 79 52.33 61.47 41.41
N GLY QA 80 53.12 60.58 42.00
CA GLY QA 80 52.64 59.22 42.20
C GLY QA 80 51.41 59.18 43.10
N ALA QA 81 51.46 59.92 44.20
CA ALA QA 81 50.29 59.97 45.09
C ALA QA 81 49.08 60.53 44.36
N LEU QA 82 49.28 61.58 43.57
CA LEU QA 82 48.16 62.17 42.83
C LEU QA 82 47.59 61.19 41.82
N SER QA 83 48.44 60.38 41.18
CA SER QA 83 47.94 59.39 40.24
C SER QA 83 47.07 58.36 40.94
N GLU QA 84 47.48 57.92 42.13
CA GLU QA 84 46.65 56.97 42.86
C GLU QA 84 45.30 57.59 43.23
N ILE QA 85 45.32 58.85 43.67
CA ILE QA 85 44.07 59.54 43.99
C ILE QA 85 43.19 59.64 42.75
N ASN QA 86 43.79 59.89 41.59
CA ASN QA 86 43.03 59.98 40.35
C ASN QA 86 42.36 58.65 40.03
N ASN QA 87 43.07 57.54 40.22
CA ASN QA 87 42.46 56.24 39.97
C ASN QA 87 41.26 56.02 40.89
N ASN QA 88 41.40 56.38 42.17
CA ASN QA 88 40.28 56.24 43.09
C ASN QA 88 39.09 57.10 42.63
N LEU QA 89 39.36 58.33 42.20
CA LEU QA 89 38.28 59.19 41.74
C LEU QA 89 37.60 58.62 40.51
N GLN QA 90 38.37 58.05 39.59
CA GLN QA 90 37.79 57.44 38.39
C GLN QA 90 36.85 56.31 38.76
N ARG QA 91 37.29 55.44 39.67
CA ARG QA 91 36.41 54.34 40.08
C ARG QA 91 35.16 54.85 40.78
N VAL QA 92 35.30 55.92 41.58
CA VAL QA 92 34.12 56.50 42.23
C VAL QA 92 33.15 57.04 41.19
N ARG QA 93 33.67 57.69 40.15
CA ARG QA 93 32.79 58.19 39.08
C ARG QA 93 32.06 57.05 38.40
N GLU QA 94 32.76 55.96 38.10
CA GLU QA 94 32.09 54.81 37.50
C GLU QA 94 31.00 54.27 38.41
N LEU QA 95 31.28 54.21 39.72
CA LEU QA 95 30.28 53.74 40.67
C LEU QA 95 29.04 54.64 40.68
N THR QA 96 29.25 55.96 40.62
CA THR QA 96 28.12 56.88 40.58
C THR QA 96 27.30 56.69 39.31
N VAL QA 97 27.98 56.51 38.17
CA VAL QA 97 27.27 56.25 36.93
C VAL QA 97 26.43 54.99 37.05
N GLN QA 98 26.97 53.96 37.69
CA GLN QA 98 26.20 52.73 37.89
C GLN QA 98 25.02 52.95 38.84
N ALA QA 99 25.21 53.79 39.87
CA ALA QA 99 24.19 53.93 40.90
C ALA QA 99 23.04 54.81 40.47
N THR QA 100 23.27 55.78 39.59
CA THR QA 100 22.21 56.71 39.22
C THR QA 100 21.24 56.11 38.22
N THR QA 101 20.69 54.94 38.54
CA THR QA 101 19.74 54.26 37.67
C THR QA 101 18.53 53.83 38.50
N GLY QA 102 17.35 53.86 37.85
CA GLY QA 102 16.12 53.52 38.54
C GLY QA 102 15.96 52.04 38.83
N THR QA 103 16.70 51.18 38.13
CA THR QA 103 16.58 49.75 38.36
C THR QA 103 17.13 49.34 39.72
N ASN QA 104 18.16 50.04 40.21
CA ASN QA 104 18.79 49.67 41.46
C ASN QA 104 17.82 49.80 42.62
N SER QA 105 17.83 48.81 43.51
CA SER QA 105 17.03 48.84 44.72
C SER QA 105 17.76 49.61 45.81
N GLU QA 106 17.18 49.65 47.00
CA GLU QA 106 17.78 50.40 48.09
C GLU QA 106 19.02 49.70 48.63
N SER QA 107 19.00 48.36 48.69
CA SER QA 107 20.16 47.62 49.16
C SER QA 107 21.34 47.77 48.21
N ASP QA 108 21.07 47.77 46.90
CA ASP QA 108 22.14 47.99 45.93
C ASP QA 108 22.75 49.37 46.09
N LEU QA 109 21.92 50.38 46.32
CA LEU QA 109 22.43 51.72 46.57
C LEU QA 109 23.25 51.76 47.86
N SER QA 110 22.82 51.00 48.87
CA SER QA 110 23.58 50.94 50.11
C SER QA 110 24.97 50.35 49.88
N SER QA 111 25.04 49.27 49.11
CA SER QA 111 26.34 48.66 48.80
C SER QA 111 27.23 49.62 48.01
N ILE QA 112 26.65 50.28 47.01
CA ILE QA 112 27.42 51.23 46.21
C ILE QA 112 27.94 52.36 47.09
N GLN QA 113 27.09 52.88 47.98
CA GLN QA 113 27.50 53.95 48.87
C GLN QA 113 28.58 53.49 49.83
N ASP QA 114 28.49 52.24 50.31
CA ASP QA 114 29.53 51.70 51.17
C ASP QA 114 30.88 51.69 50.46
N GLU QA 115 30.91 51.18 49.23
CA GLU QA 115 32.17 51.14 48.50
C GLU QA 115 32.68 52.54 48.18
N ILE QA 116 31.78 53.45 47.83
CA ILE QA 116 32.17 54.83 47.51
C ILE QA 116 32.77 55.50 48.74
N LYS QA 117 32.13 55.32 49.89
CA LYS QA 117 32.65 55.92 51.13
C LYS QA 117 33.98 55.31 51.50
N SER QA 118 34.16 54.00 51.28
CA SER QA 118 35.44 53.38 51.54
C SER QA 118 36.54 53.99 50.66
N ARG QA 119 36.24 54.21 49.38
CA ARG QA 119 37.25 54.77 48.49
C ARG QA 119 37.53 56.23 48.81
N LEU QA 120 36.52 56.98 49.24
CA LEU QA 120 36.76 58.35 49.68
C LEU QA 120 37.64 58.38 50.93
N ASP QA 121 37.40 57.46 51.86
CA ASP QA 121 38.26 57.35 53.02
C ASP QA 121 39.68 57.00 52.62
N GLU QA 122 39.84 56.13 51.61
CA GLU QA 122 41.17 55.81 51.12
C GLU QA 122 41.84 57.03 50.51
N ILE QA 123 41.08 57.86 49.79
CA ILE QA 123 41.64 59.09 49.24
C ILE QA 123 42.15 59.98 50.37
N ASP QA 124 41.33 60.15 51.41
CA ASP QA 124 41.74 60.97 52.55
C ASP QA 124 42.98 60.39 53.23
N ARG QA 125 43.04 59.07 53.37
CA ARG QA 125 44.19 58.42 53.99
C ARG QA 125 45.45 58.65 53.18
N VAL QA 126 45.38 58.43 51.86
CA VAL QA 126 46.56 58.63 51.01
C VAL QA 126 47.00 60.09 51.07
N SER QA 127 46.05 61.02 51.11
CA SER QA 127 46.40 62.43 51.22
C SER QA 127 47.14 62.71 52.52
N GLY QA 128 46.57 62.28 53.64
CA GLY QA 128 47.16 62.61 54.93
C GLY QA 128 48.49 61.92 55.18
N GLN QA 129 48.59 60.65 54.83
CA GLN QA 129 49.73 59.84 55.27
C GLN QA 129 50.97 60.04 54.39
N THR QA 130 50.78 60.46 53.15
CA THR QA 130 51.90 60.56 52.21
C THR QA 130 52.82 61.70 52.65
N GLN QA 131 53.95 61.35 53.25
CA GLN QA 131 54.91 62.32 53.75
C GLN QA 131 56.30 62.00 53.21
N PHE QA 132 57.04 63.04 52.85
CA PHE QA 132 58.40 62.92 52.32
C PHE QA 132 59.33 63.74 53.19
N ASN QA 133 60.36 63.09 53.73
CA ASN QA 133 61.41 63.75 54.51
C ASN QA 133 60.80 64.60 55.63
N GLY QA 134 59.83 64.02 56.32
CA GLY QA 134 59.14 64.75 57.37
C GLY QA 134 58.32 65.93 56.89
N VAL QA 135 57.74 65.84 55.70
CA VAL QA 135 56.90 66.90 55.15
C VAL QA 135 55.68 66.25 54.51
N ASN QA 136 54.50 66.53 55.05
CA ASN QA 136 53.25 66.03 54.48
C ASN QA 136 52.90 66.93 53.30
N VAL QA 137 53.21 66.47 52.09
CA VAL QA 137 53.06 67.31 50.90
C VAL QA 137 51.57 67.59 50.63
N LEU QA 138 50.75 66.56 50.68
CA LEU QA 138 49.31 66.70 50.40
C LEU QA 138 48.52 66.89 51.69
N ALA QA 139 48.91 67.86 52.52
CA ALA QA 139 48.16 68.11 53.75
C ALA QA 139 47.97 69.59 54.06
N LYS QA 140 48.52 70.51 53.26
CA LYS QA 140 48.41 71.94 53.56
C LYS QA 140 48.87 72.73 52.35
N ASN QA 141 48.19 73.83 52.07
CA ASN QA 141 48.61 74.73 51.01
C ASN QA 141 49.92 75.40 51.40
N GLY QA 142 50.93 75.27 50.56
CA GLY QA 142 52.23 75.85 50.86
C GLY QA 142 53.09 75.90 49.62
N SER QA 143 54.37 76.22 49.85
CA SER QA 143 55.31 76.34 48.76
C SER QA 143 56.72 76.04 49.26
N MET QA 144 57.49 75.35 48.42
CA MET QA 144 58.89 75.06 48.70
C MET QA 144 59.79 75.87 47.77
N LYS QA 145 60.98 76.21 48.27
CA LYS QA 145 61.93 77.02 47.53
C LYS QA 145 63.22 76.22 47.40
N ILE QA 146 63.55 75.83 46.16
CA ILE QA 146 64.71 74.99 45.89
C ILE QA 146 65.87 75.88 45.48
N GLN QA 147 66.95 75.83 46.25
CA GLN QA 147 68.15 76.61 45.95
C GLN QA 147 68.84 76.00 44.73
N VAL QA 148 68.80 76.72 43.61
CA VAL QA 148 69.39 76.23 42.36
C VAL QA 148 70.45 77.20 41.86
N GLY QA 149 71.07 77.93 42.79
CA GLY QA 149 72.11 78.87 42.42
C GLY QA 149 73.24 78.92 43.42
N ALA QA 150 74.20 79.81 43.20
CA ALA QA 150 75.36 79.95 44.08
C ALA QA 150 75.23 81.12 45.05
N ASN QA 151 74.59 82.21 44.63
CA ASN QA 151 74.41 83.37 45.47
C ASN QA 151 73.14 83.18 46.32
N ASP QA 152 72.68 84.27 46.95
CA ASP QA 152 71.47 84.23 47.76
C ASP QA 152 70.26 84.59 46.92
N ASN QA 153 69.09 84.12 47.37
CA ASN QA 153 67.83 84.32 46.66
C ASN QA 153 67.92 83.79 45.23
N GLN QA 154 68.12 82.49 45.13
CA GLN QA 154 68.37 81.81 43.86
C GLN QA 154 67.43 80.63 43.71
N THR QA 155 66.16 80.82 44.06
CA THR QA 155 65.24 79.71 44.30
C THR QA 155 64.20 79.59 43.20
N ILE QA 156 63.80 78.34 42.94
CA ILE QA 156 62.65 78.02 42.11
C ILE QA 156 61.56 77.48 43.03
N THR QA 157 60.36 78.04 42.92
CA THR QA 157 59.29 77.74 43.85
C THR QA 157 58.44 76.58 43.37
N ILE QA 158 58.27 75.57 44.23
CA ILE QA 158 57.37 74.46 44.00
C ILE QA 158 56.10 74.69 44.80
N ASP QA 159 54.95 74.50 44.17
CA ASP QA 159 53.67 74.75 44.81
C ASP QA 159 53.05 73.45 45.27
N LEU QA 160 52.41 73.49 46.44
CA LEU QA 160 51.76 72.31 47.01
C LEU QA 160 50.36 72.69 47.46
N LYS QA 161 49.36 71.97 46.97
CA LYS QA 161 47.97 72.20 47.31
C LYS QA 161 47.46 71.08 48.19
N GLN QA 162 46.74 71.43 49.25
CA GLN QA 162 46.10 70.44 50.10
C GLN QA 162 44.99 69.74 49.32
N ILE QA 163 45.20 68.49 48.97
CA ILE QA 163 44.24 67.71 48.18
C ILE QA 163 43.60 66.70 49.13
N ASP QA 164 42.31 66.89 49.40
CA ASP QA 164 41.55 65.96 50.22
C ASP QA 164 40.07 66.17 49.92
N ALA QA 165 39.22 65.39 50.60
CA ALA QA 165 37.79 65.43 50.34
C ALA QA 165 37.22 66.81 50.60
N LYS QA 166 37.63 67.46 51.70
CA LYS QA 166 37.09 68.77 52.03
C LYS QA 166 37.47 69.82 50.98
N THR QA 167 38.71 69.78 50.50
CA THR QA 167 39.17 70.72 49.48
C THR QA 167 38.86 70.26 48.07
N LEU QA 168 37.97 69.28 47.90
CA LEU QA 168 37.53 68.83 46.59
C LEU QA 168 36.03 68.79 46.45
N GLY QA 169 35.28 69.12 47.50
CA GLY QA 169 33.83 69.09 47.46
C GLY QA 169 33.22 67.75 47.76
N LEU QA 170 34.02 66.70 47.92
CA LEU QA 170 33.51 65.37 48.22
C LEU QA 170 33.49 65.10 49.72
N ASP QA 171 32.90 66.02 50.47
CA ASP QA 171 32.74 65.89 51.92
C ASP QA 171 31.26 65.69 52.21
N GLY QA 172 30.87 64.44 52.45
CA GLY QA 172 29.47 64.09 52.56
C GLY QA 172 28.86 63.58 51.27
N PHE QA 173 29.68 63.24 50.28
CA PHE QA 173 29.20 62.76 48.99
C PHE QA 173 28.46 61.44 49.16
N SER QA 174 27.15 61.44 48.91
CA SER QA 174 26.31 60.27 49.11
C SER QA 174 25.41 60.07 47.91
N VAL QA 175 24.99 58.81 47.73
CA VAL QA 175 24.10 58.45 46.62
C VAL QA 175 22.89 57.71 47.15
N LYS QA 176 22.54 57.97 48.41
CA LYS QA 176 21.38 57.31 49.02
C LYS QA 176 20.85 58.20 50.14
N ASN QA 177 19.63 57.92 50.57
CA ASN QA 177 18.98 58.70 51.62
C ASN QA 177 19.33 58.18 53.00
N THR QA 407 22.99 63.41 47.16
CA THR QA 407 23.78 64.54 46.68
C THR QA 407 23.27 65.01 45.32
N THR QA 408 23.10 66.32 45.17
CA THR QA 408 22.64 66.88 43.92
C THR QA 408 23.82 67.08 42.96
N ASP QA 409 23.60 66.71 41.70
CA ASP QA 409 24.61 66.76 40.64
C ASP QA 409 25.92 66.11 41.08
N PRO QA 410 25.93 64.79 41.30
CA PRO QA 410 27.18 64.15 41.76
C PRO QA 410 28.25 64.12 40.70
N LEU QA 411 27.88 63.79 39.45
CA LEU QA 411 28.86 63.63 38.40
C LEU QA 411 29.57 64.94 38.09
N LYS QA 412 28.85 66.06 38.17
CA LYS QA 412 29.46 67.36 37.95
C LYS QA 412 30.56 67.63 38.98
N ALA QA 413 30.26 67.35 40.26
CA ALA QA 413 31.25 67.56 41.31
C ALA QA 413 32.44 66.64 41.13
N LEU QA 414 32.18 65.39 40.74
CA LEU QA 414 33.29 64.45 40.53
C LEU QA 414 34.19 64.91 39.38
N ASP QA 415 33.59 65.38 38.29
CA ASP QA 415 34.38 65.90 37.18
C ASP QA 415 35.18 67.13 37.61
N ASP QA 416 34.57 67.99 38.43
CA ASP QA 416 35.28 69.16 38.93
C ASP QA 416 36.50 68.76 39.76
N ALA QA 417 36.33 67.75 40.63
CA ALA QA 417 37.47 67.27 41.42
C ALA QA 417 38.55 66.68 40.53
N ILE QA 418 38.16 65.93 39.50
CA ILE QA 418 39.14 65.33 38.60
C ILE QA 418 39.94 66.42 37.90
N ALA QA 419 39.25 67.47 37.43
CA ALA QA 419 39.98 68.57 36.79
C ALA QA 419 40.86 69.32 37.77
N SER QA 420 40.43 69.45 39.03
CA SER QA 420 41.21 70.17 40.01
C SER QA 420 42.47 69.41 40.43
N VAL QA 421 42.44 68.08 40.35
CA VAL QA 421 43.69 67.34 40.60
C VAL QA 421 44.55 67.30 39.34
N ASP QA 422 43.93 67.34 38.15
CA ASP QA 422 44.70 67.40 36.92
C ASP QA 422 45.49 68.70 36.81
N LYS QA 423 44.92 69.80 37.31
CA LYS QA 423 45.66 71.07 37.31
C LYS QA 423 46.93 70.96 38.15
N PHE QA 424 46.83 70.36 39.34
CA PHE QA 424 48.00 70.18 40.19
C PHE QA 424 49.03 69.28 39.51
N ARG QA 425 48.57 68.22 38.86
CA ARG QA 425 49.50 67.33 38.16
C ARG QA 425 50.23 68.07 37.05
N SER QA 426 49.52 68.92 36.30
CA SER QA 426 50.17 69.68 35.23
C SER QA 426 51.20 70.64 35.80
N SER QA 427 50.89 71.29 36.92
CA SER QA 427 51.86 72.18 37.54
C SER QA 427 53.11 71.41 37.97
N LEU QA 428 52.91 70.21 38.53
CA LEU QA 428 54.04 69.39 38.94
C LEU QA 428 54.91 69.02 37.75
N GLY QA 429 54.30 68.62 36.64
CA GLY QA 429 55.08 68.30 35.46
C GLY QA 429 55.87 69.49 34.95
N ALA QA 430 55.25 70.67 34.95
CA ALA QA 430 55.95 71.86 34.48
C ALA QA 430 57.15 72.18 35.36
N VAL QA 431 56.98 72.07 36.68
CA VAL QA 431 58.12 72.37 37.56
C VAL QA 431 59.20 71.31 37.42
N GLN QA 432 58.83 70.05 37.16
CA GLN QA 432 59.83 69.02 36.92
C GLN QA 432 60.68 69.36 35.70
N ASN QA 433 60.03 69.74 34.60
CA ASN QA 433 60.76 70.09 33.39
C ASN QA 433 61.68 71.28 33.63
N ARG QA 434 61.17 72.31 34.28
CA ARG QA 434 61.97 73.49 34.56
C ARG QA 434 63.20 73.14 35.39
N LEU QA 435 63.01 72.32 36.43
CA LEU QA 435 64.10 71.99 37.32
C LEU QA 435 65.16 71.14 36.62
N ASP QA 436 64.73 70.22 35.76
CA ASP QA 436 65.70 69.42 35.01
C ASP QA 436 66.52 70.29 34.06
N SER QA 437 65.87 71.25 33.40
CA SER QA 437 66.61 72.18 32.55
C SER QA 437 67.61 72.97 33.37
N ALA QA 438 67.21 73.39 34.57
CA ALA QA 438 68.14 74.11 35.44
C ALA QA 438 69.35 73.25 35.80
N VAL QA 439 69.12 71.96 36.08
CA VAL QA 439 70.23 71.07 36.40
C VAL QA 439 71.20 70.97 35.22
N THR QA 440 70.65 70.83 34.01
CA THR QA 440 71.52 70.72 32.84
C THR QA 440 72.36 71.99 32.66
N ASN QA 441 71.73 73.15 32.80
CA ASN QA 441 72.46 74.40 32.66
C ASN QA 441 73.54 74.53 33.72
N LEU QA 442 73.23 74.11 34.95
CA LEU QA 442 74.23 74.16 36.02
C LEU QA 442 75.42 73.28 35.70
N ASN QA 443 75.16 72.08 35.15
CA ASN QA 443 76.27 71.19 34.79
C ASN QA 443 77.16 71.85 33.74
N ASN QA 444 76.55 72.43 32.70
CA ASN QA 444 77.35 73.06 31.65
C ASN QA 444 78.17 74.21 32.20
N THR QA 445 77.56 75.06 33.02
CA THR QA 445 78.27 76.20 33.59
C THR QA 445 79.41 75.75 34.50
N THR QA 446 79.17 74.71 35.30
CA THR QA 446 80.22 74.18 36.16
C THR QA 446 81.40 73.69 35.34
N THR QA 447 81.13 72.96 34.26
CA THR QA 447 82.23 72.48 33.42
C THR QA 447 83.03 73.64 32.84
N ASN QA 448 82.33 74.66 32.32
CA ASN QA 448 83.03 75.79 31.71
C ASN QA 448 83.88 76.53 32.73
N LEU QA 449 83.32 76.80 33.91
CA LEU QA 449 84.06 77.55 34.92
C LEU QA 449 85.24 76.73 35.47
N SER QA 450 85.07 75.43 35.62
CA SER QA 450 86.19 74.59 36.03
C SER QA 450 87.31 74.63 35.01
N GLU QA 451 86.96 74.59 33.71
CA GLU QA 451 88.00 74.63 32.70
C GLU QA 451 88.72 75.98 32.70
N ALA QA 452 87.98 77.07 32.95
CA ALA QA 452 88.62 78.37 33.08
C ALA QA 452 89.59 78.42 34.27
N GLN QA 453 89.15 77.88 35.41
CA GLN QA 453 90.04 77.81 36.56
C GLN QA 453 91.29 77.00 36.25
N SER QA 454 91.14 75.94 35.43
CA SER QA 454 92.29 75.20 34.96
C SER QA 454 93.21 76.07 34.12
N ARG QA 455 92.63 76.88 33.23
CA ARG QA 455 93.45 77.78 32.42
C ARG QA 455 94.15 78.84 33.25
N ILE QA 456 93.69 79.12 34.46
CA ILE QA 456 94.24 80.19 35.27
C ILE QA 456 95.27 79.69 36.27
N GLN QA 457 94.91 78.68 37.08
CA GLN QA 457 95.72 78.33 38.23
C GLN QA 457 96.67 77.15 38.00
N ASP QA 458 96.40 76.30 37.00
CA ASP QA 458 97.21 75.10 36.84
C ASP QA 458 98.52 75.41 36.13
N ALA QA 459 99.46 74.47 36.25
CA ALA QA 459 100.80 74.63 35.70
C ALA QA 459 100.99 73.76 34.46
N ASP QA 460 101.91 74.19 33.61
CA ASP QA 460 102.24 73.50 32.36
C ASP QA 460 103.51 72.69 32.58
N TYR QA 461 103.38 71.36 32.53
CA TYR QA 461 104.47 70.50 32.97
C TYR QA 461 105.66 70.51 32.02
N ALA QA 462 105.44 70.71 30.72
CA ALA QA 462 106.57 70.80 29.81
C ALA QA 462 107.48 71.97 30.20
N THR QA 463 106.89 73.14 30.41
CA THR QA 463 107.67 74.31 30.80
C THR QA 463 108.35 74.08 32.15
N GLU QA 464 107.64 73.51 33.11
CA GLU QA 464 108.23 73.30 34.43
C GLU QA 464 109.41 72.33 34.36
N VAL QA 465 109.27 71.25 33.60
CA VAL QA 465 110.37 70.29 33.47
C VAL QA 465 111.58 70.95 32.80
N SER QA 466 111.33 71.73 31.73
CA SER QA 466 112.44 72.40 31.07
C SER QA 466 113.14 73.38 32.02
N ASN QA 467 112.36 74.15 32.77
CA ASN QA 467 112.96 75.10 33.71
C ASN QA 467 113.74 74.39 34.81
N MET QA 468 113.22 73.27 35.32
CA MET QA 468 113.94 72.53 36.35
C MET QA 468 115.26 72.00 35.83
N SER QA 469 115.26 71.43 34.62
CA SER QA 469 116.50 70.93 34.04
C SER QA 469 117.50 72.06 33.82
N LYS QA 470 117.01 73.19 33.29
CA LYS QA 470 117.90 74.33 33.04
C LYS QA 470 118.49 74.84 34.36
N ALA QA 471 117.68 74.93 35.40
CA ALA QA 471 118.17 75.40 36.70
C ALA QA 471 119.20 74.45 37.27
N GLN QA 472 118.98 73.13 37.12
CA GLN QA 472 119.97 72.17 37.59
C GLN QA 472 121.30 72.35 36.86
N ILE QA 473 121.24 72.52 35.54
CA ILE QA 473 122.47 72.72 34.76
C ILE QA 473 123.18 73.99 35.21
N ILE QA 474 122.41 75.07 35.42
CA ILE QA 474 123.00 76.33 35.86
C ILE QA 474 123.67 76.16 37.22
N GLN QA 475 123.02 75.44 38.14
CA GLN QA 475 123.58 75.26 39.46
C GLN QA 475 124.90 74.49 39.39
N GLN QA 476 124.94 73.40 38.62
CA GLN QA 476 126.17 72.64 38.51
C GLN QA 476 127.28 73.45 37.85
N ALA QA 477 126.94 74.23 36.81
CA ALA QA 477 127.92 75.08 36.17
C ALA QA 477 128.47 76.11 37.15
N GLY QA 478 127.59 76.73 37.93
CA GLY QA 478 128.04 77.71 38.90
C GLY QA 478 128.93 77.10 39.96
N ASN QA 479 128.62 75.87 40.38
CA ASN QA 479 129.47 75.19 41.35
C ASN QA 479 130.85 74.93 40.78
N SER QA 480 130.93 74.50 39.52
CA SER QA 480 132.22 74.25 38.90
C SER QA 480 133.04 75.55 38.79
N VAL QA 481 132.39 76.63 38.36
CA VAL QA 481 133.08 77.90 38.23
C VAL QA 481 133.53 78.41 39.60
N LEU QA 482 132.71 78.19 40.64
CA LEU QA 482 133.12 78.58 41.99
C LEU QA 482 134.35 77.81 42.43
N ALA QA 483 134.38 76.50 42.17
CA ALA QA 483 135.55 75.72 42.53
C ALA QA 483 136.80 76.23 41.82
N LYS QA 484 136.68 76.53 40.53
CA LYS QA 484 137.82 77.07 39.81
C LYS QA 484 138.25 78.43 40.37
N ALA QA 485 137.28 79.28 40.71
CA ALA QA 485 137.60 80.60 41.25
C ALA QA 485 138.33 80.49 42.57
N ASN QA 486 137.89 79.58 43.45
CA ASN QA 486 138.63 79.37 44.69
C ASN QA 486 139.99 78.72 44.45
N GLN QA 487 140.15 77.98 43.36
CA GLN QA 487 141.45 77.40 43.04
C GLN QA 487 142.43 78.47 42.54
N VAL QA 488 141.92 79.54 41.93
CA VAL QA 488 142.80 80.55 41.33
C VAL QA 488 143.82 81.14 42.30
N PRO QA 489 143.44 81.58 43.51
CA PRO QA 489 144.39 82.39 44.32
C PRO QA 489 145.65 81.65 44.78
N GLN QA 490 145.81 80.36 44.46
CA GLN QA 490 146.94 79.62 44.99
C GLN QA 490 148.29 80.09 44.44
N GLN QA 491 148.30 80.81 43.32
CA GLN QA 491 149.56 81.20 42.69
C GLN QA 491 150.41 82.10 43.59
N VAL QA 492 149.79 82.78 44.56
CA VAL QA 492 150.58 83.60 45.48
C VAL QA 492 151.52 82.74 46.31
N LEU QA 493 151.11 81.52 46.62
CA LEU QA 493 152.00 80.62 47.37
C LEU QA 493 153.23 80.27 46.54
N SER QA 494 153.04 80.01 45.25
CA SER QA 494 154.19 79.77 44.38
C SER QA 494 155.07 81.00 44.27
N LEU QA 495 154.45 82.18 44.21
CA LEU QA 495 155.23 83.43 44.17
C LEU QA 495 156.09 83.57 45.42
N LEU QA 496 155.51 83.31 46.58
CA LEU QA 496 156.26 83.42 47.83
C LEU QA 496 157.37 82.37 47.90
N GLN QA 497 157.06 81.13 47.52
CA GLN QA 497 158.04 80.05 47.62
C GLN QA 497 159.24 80.29 46.69
N GLY QA 498 158.98 80.74 45.47
CA GLY QA 498 160.03 80.99 44.51
C GLY QA 498 159.88 80.20 43.22
N GLN RA 3 42.71 15.29 37.18
CA GLN RA 3 43.04 15.12 35.77
C GLN RA 3 43.33 13.66 35.47
N VAL RA 4 43.10 12.81 36.47
CA VAL RA 4 43.53 11.42 36.51
C VAL RA 4 43.17 10.67 35.24
N ILE RA 5 44.16 10.01 34.65
CA ILE RA 5 44.02 9.23 33.43
C ILE RA 5 44.25 7.74 33.69
N ASN RA 6 44.26 7.35 34.95
CA ASN RA 6 44.32 5.94 35.33
C ASN RA 6 42.95 5.39 35.72
N THR RA 7 41.98 6.27 35.98
CA THR RA 7 40.62 5.90 36.30
C THR RA 7 39.67 6.86 35.60
N ASN RA 8 38.65 6.31 34.95
CA ASN RA 8 37.73 7.09 34.13
C ASN RA 8 36.32 6.97 34.67
N SER RA 9 36.16 7.19 35.98
CA SER RA 9 34.94 6.94 36.73
C SER RA 9 33.66 7.29 35.98
N LEU RA 10 33.69 8.38 35.21
CA LEU RA 10 32.54 8.73 34.37
C LEU RA 10 32.19 7.58 33.44
N SER RA 11 33.19 6.99 32.78
CA SER RA 11 32.94 5.87 31.89
C SER RA 11 32.39 4.67 32.65
N LEU RA 12 32.93 4.41 33.84
CA LEU RA 12 32.43 3.28 34.64
C LEU RA 12 30.96 3.48 34.99
N ILE RA 13 30.59 4.69 35.41
CA ILE RA 13 29.19 4.96 35.74
C ILE RA 13 28.30 4.81 34.52
N THR RA 14 28.75 5.31 33.37
CA THR RA 14 27.95 5.19 32.16
C THR RA 14 27.76 3.73 31.76
N GLN RA 15 28.83 2.93 31.87
CA GLN RA 15 28.73 1.51 31.58
C GLN RA 15 27.77 0.82 32.55
N ASN RA 16 27.81 1.20 33.82
CA ASN RA 16 26.88 0.64 34.79
C ASN RA 16 25.44 0.98 34.43
N ASN RA 17 25.20 2.22 34.00
CA ASN RA 17 23.85 2.61 33.60
C ASN RA 17 23.38 1.82 32.39
N ILE RA 18 24.26 1.63 31.41
CA ILE RA 18 23.89 0.85 30.23
C ILE RA 18 23.59 -0.59 30.61
N ASN RA 19 24.40 -1.18 31.49
CA ASN RA 19 24.17 -2.54 31.94
C ASN RA 19 22.84 -2.65 32.67
N LYS RA 20 22.51 -1.65 33.48
CA LYS RA 20 21.20 -1.62 34.12
C LYS RA 20 20.07 -1.57 33.10
N ASN RA 21 20.25 -0.76 32.05
CA ASN RA 21 19.22 -0.62 31.03
C ASN RA 21 19.03 -1.91 30.23
N GLN RA 22 20.10 -2.70 30.06
CA GLN RA 22 20.05 -3.92 29.26
C GLN RA 22 18.88 -4.85 29.59
N SER RA 23 18.62 -5.03 30.88
CA SER RA 23 17.61 -6.01 31.30
C SER RA 23 16.22 -5.65 30.81
N ALA RA 24 15.86 -4.36 30.87
CA ALA RA 24 14.54 -3.95 30.41
C ALA RA 24 14.36 -4.20 28.93
N LEU RA 25 15.39 -3.89 28.13
CA LEU RA 25 15.32 -4.16 26.70
C LEU RA 25 15.18 -5.65 26.43
N SER RA 26 15.95 -6.47 27.15
CA SER RA 26 15.88 -7.91 26.93
C SER RA 26 14.50 -8.44 27.28
N SER RA 27 13.93 -7.97 28.39
CA SER RA 27 12.60 -8.40 28.78
C SER RA 27 11.56 -7.99 27.75
N SER RA 28 11.65 -6.76 27.25
CA SER RA 28 10.70 -6.31 26.23
C SER RA 28 10.80 -7.14 24.97
N ILE RA 29 12.03 -7.44 24.52
CA ILE RA 29 12.21 -8.27 23.33
C ILE RA 29 11.60 -9.65 23.53
N GLU RA 30 11.89 -10.27 24.68
CA GLU RA 30 11.38 -11.62 24.92
C GLU RA 30 9.86 -11.62 24.96
N ARG RA 31 9.26 -10.67 25.67
CA ARG RA 31 7.81 -10.64 25.80
C ARG RA 31 7.13 -10.30 24.48
N LEU RA 32 7.75 -9.47 23.66
CA LEU RA 32 7.17 -9.16 22.35
C LEU RA 32 7.24 -10.37 21.43
N SER RA 33 8.39 -11.04 21.38
CA SER RA 33 8.54 -12.19 20.50
C SER RA 33 7.62 -13.34 20.91
N SER RA 34 7.54 -13.62 22.22
CA SER RA 34 6.75 -14.76 22.66
C SER RA 34 5.25 -14.47 22.61
N GLY RA 35 4.85 -13.26 23.00
CA GLY RA 35 3.45 -12.95 23.15
C GLY RA 35 2.89 -13.19 24.54
N LEU RA 36 3.67 -13.75 25.45
CA LEU RA 36 3.28 -13.96 26.83
C LEU RA 36 4.07 -13.03 27.73
N ARG RA 37 3.40 -12.44 28.72
CA ARG RA 37 4.11 -11.60 29.68
C ARG RA 37 4.98 -12.45 30.59
N ILE RA 38 4.47 -13.57 31.06
CA ILE RA 38 5.19 -14.45 31.98
C ILE RA 38 5.78 -15.60 31.16
N ASN RA 39 7.07 -15.48 30.85
CA ASN RA 39 7.79 -16.51 30.10
C ASN RA 39 8.57 -17.46 31.00
N SER RA 40 8.63 -17.21 32.30
CA SER RA 40 9.42 -18.02 33.20
C SER RA 40 8.96 -17.78 34.62
N ALA RA 41 9.55 -18.54 35.55
CA ALA RA 41 9.22 -18.36 36.96
C ALA RA 41 9.73 -17.03 37.50
N LYS RA 42 10.78 -16.48 36.88
CA LYS RA 42 11.32 -15.22 37.39
C LYS RA 42 10.32 -14.07 37.27
N ASP RA 43 9.42 -14.13 36.28
CA ASP RA 43 8.51 -13.02 36.08
C ASP RA 43 7.57 -12.87 37.27
N ASP RA 44 6.61 -13.78 37.40
CA ASP RA 44 5.72 -13.82 38.56
C ASP RA 44 5.83 -15.15 39.31
N ALA RA 45 5.55 -16.25 38.61
CA ALA RA 45 5.54 -17.65 39.04
C ALA RA 45 4.36 -18.00 39.95
N ALA RA 46 3.76 -17.01 40.59
CA ALA RA 46 2.45 -17.26 41.18
C ALA RA 46 1.38 -17.14 40.11
N GLY RA 47 1.50 -16.13 39.26
CA GLY RA 47 0.71 -16.08 38.05
C GLY RA 47 0.97 -17.27 37.14
N GLN RA 48 2.22 -17.75 37.12
CA GLN RA 48 2.53 -18.92 36.31
C GLN RA 48 1.86 -20.17 36.87
N ALA RA 49 1.85 -20.35 38.19
CA ALA RA 49 1.12 -21.48 38.76
C ALA RA 49 -0.38 -21.35 38.50
N ILE RA 50 -0.91 -20.14 38.65
CA ILE RA 50 -2.32 -19.87 38.35
C ILE RA 50 -2.64 -20.26 36.90
N ALA RA 51 -1.79 -19.83 35.97
CA ALA RA 51 -2.02 -20.13 34.56
C ALA RA 51 -1.88 -21.62 34.28
N ASN RA 52 -0.94 -22.28 34.94
CA ASN RA 52 -0.80 -23.73 34.78
C ASN RA 52 -2.09 -24.44 35.16
N ARG RA 53 -2.64 -24.11 36.33
CA ARG RA 53 -3.86 -24.79 36.74
C ARG RA 53 -5.04 -24.39 35.88
N PHE RA 54 -5.09 -23.13 35.41
CA PHE RA 54 -6.16 -22.73 34.50
C PHE RA 54 -6.09 -23.50 33.18
N THR RA 55 -4.89 -23.69 32.64
CA THR RA 55 -4.74 -24.48 31.43
C THR RA 55 -5.18 -25.92 31.65
N SER RA 56 -4.80 -26.49 32.80
CA SER RA 56 -5.26 -27.83 33.13
C SER RA 56 -6.78 -27.92 33.15
N ASN RA 57 -7.42 -26.95 33.81
CA ASN RA 57 -8.88 -26.96 33.88
C ASN RA 57 -9.51 -26.79 32.51
N ILE RA 58 -8.94 -25.91 31.68
CA ILE RA 58 -9.48 -25.70 30.34
C ILE RA 58 -9.46 -26.99 29.54
N LYS RA 59 -8.30 -27.64 29.52
CA LYS RA 59 -8.17 -28.87 28.73
C LYS RA 59 -9.09 -29.96 29.28
N GLY RA 60 -9.16 -30.09 30.61
CA GLY RA 60 -10.04 -31.10 31.19
C GLY RA 60 -11.51 -30.86 30.87
N LEU RA 61 -11.95 -29.60 30.91
CA LEU RA 61 -13.35 -29.31 30.66
C LEU RA 61 -13.70 -29.54 29.19
N THR RA 62 -12.80 -29.15 28.28
CA THR RA 62 -13.03 -29.42 26.86
C THR RA 62 -13.14 -30.91 26.61
N GLN RA 63 -12.22 -31.69 27.19
CA GLN RA 63 -12.28 -33.13 27.02
C GLN RA 63 -13.55 -33.71 27.62
N ALA RA 64 -14.01 -33.16 28.75
CA ALA RA 64 -15.23 -33.64 29.36
C ALA RA 64 -16.44 -33.41 28.48
N ALA RA 65 -16.52 -32.23 27.85
CA ALA RA 65 -17.62 -31.98 26.91
C ALA RA 65 -17.57 -32.95 25.74
N ARG RA 66 -16.36 -33.20 25.22
CA ARG RA 66 -16.22 -34.19 24.15
C ARG RA 66 -16.71 -35.55 24.59
N ASN RA 67 -16.40 -35.95 25.83
CA ASN RA 67 -16.87 -37.23 26.35
C ASN RA 67 -18.38 -37.26 26.45
N ALA RA 68 -18.99 -36.16 26.90
CA ALA RA 68 -20.44 -36.12 27.05
C ALA RA 68 -21.15 -36.32 25.71
N ASN RA 69 -20.60 -35.70 24.65
CA ASN RA 69 -21.22 -35.87 23.33
C ASN RA 69 -21.36 -37.34 22.95
N ASP RA 70 -20.38 -38.16 23.35
CA ASP RA 70 -20.48 -39.59 23.10
C ASP RA 70 -21.69 -40.19 23.80
N GLY RA 71 -21.97 -39.74 25.03
CA GLY RA 71 -23.16 -40.21 25.72
C GLY RA 71 -24.43 -39.84 25.00
N ILE RA 72 -24.50 -38.62 24.48
CA ILE RA 72 -25.67 -38.25 23.67
C ILE RA 72 -25.81 -39.20 22.47
N SER RA 73 -24.69 -39.51 21.82
CA SER RA 73 -24.74 -40.42 20.67
C SER RA 73 -25.26 -41.80 21.06
N VAL RA 74 -24.76 -42.33 22.17
CA VAL RA 74 -25.19 -43.65 22.64
C VAL RA 74 -26.69 -43.65 22.92
N ALA RA 75 -27.17 -42.61 23.60
CA ALA RA 75 -28.58 -42.53 23.92
C ALA RA 75 -29.43 -42.46 22.65
N GLN RA 76 -28.97 -41.69 21.65
CA GLN RA 76 -29.71 -41.61 20.39
C GLN RA 76 -29.83 -42.98 19.73
N THR RA 77 -28.71 -43.71 19.66
CA THR RA 77 -28.73 -45.02 19.01
C THR RA 77 -29.67 -45.97 19.73
N THR RA 78 -29.56 -46.03 21.06
CA THR RA 78 -30.41 -46.94 21.81
C THR RA 78 -31.89 -46.56 21.68
N GLU RA 79 -32.19 -45.26 21.65
CA GLU RA 79 -33.57 -44.84 21.49
C GLU RA 79 -34.12 -45.23 20.13
N GLY RA 80 -33.31 -45.11 19.07
CA GLY RA 80 -33.78 -45.56 17.76
C GLY RA 80 -34.10 -47.04 17.74
N ALA RA 81 -33.21 -47.85 18.32
CA ALA RA 81 -33.48 -49.28 18.40
C ALA RA 81 -34.78 -49.55 19.17
N LEU RA 82 -34.97 -48.86 20.29
CA LEU RA 82 -36.19 -49.04 21.07
C LEU RA 82 -37.42 -48.61 20.31
N SER RA 83 -37.31 -47.57 19.46
CA SER RA 83 -38.44 -47.14 18.65
C SER RA 83 -38.85 -48.22 17.66
N GLU RA 84 -37.86 -48.86 17.03
CA GLU RA 84 -38.20 -49.97 16.14
C GLU RA 84 -38.86 -51.12 16.90
N ILE RA 85 -38.35 -51.43 18.10
CA ILE RA 85 -38.98 -52.45 18.93
C ILE RA 85 -40.43 -52.06 19.24
N ASN RA 86 -40.66 -50.77 19.51
CA ASN RA 86 -42.01 -50.30 19.79
C ASN RA 86 -42.93 -50.51 18.60
N ASN RA 87 -42.44 -50.22 17.39
CA ASN RA 87 -43.27 -50.43 16.19
C ASN RA 87 -43.62 -51.90 16.05
N ASN RA 88 -42.65 -52.78 16.27
CA ASN RA 88 -42.94 -54.22 16.18
C ASN RA 88 -43.99 -54.62 17.22
N LEU RA 89 -43.86 -54.11 18.44
CA LEU RA 89 -44.83 -54.46 19.48
C LEU RA 89 -46.22 -53.95 19.14
N GLN RA 90 -46.32 -52.75 18.55
CA GLN RA 90 -47.62 -52.22 18.15
C GLN RA 90 -48.27 -53.10 17.09
N ARG RA 91 -47.48 -53.55 16.10
CA ARG RA 91 -48.04 -54.43 15.09
C ARG RA 91 -48.47 -55.76 15.69
N VAL RA 92 -47.69 -56.27 16.67
CA VAL RA 92 -48.08 -57.48 17.36
C VAL RA 92 -49.41 -57.28 18.09
N ARG RA 93 -49.60 -56.11 18.68
CA ARG RA 93 -50.87 -55.82 19.35
C ARG RA 93 -52.02 -55.83 18.37
N GLU RA 94 -51.84 -55.21 17.20
CA GLU RA 94 -52.87 -55.29 16.16
C GLU RA 94 -53.19 -56.74 15.81
N LEU RA 95 -52.15 -57.55 15.63
CA LEU RA 95 -52.37 -58.94 15.25
C LEU RA 95 -53.14 -59.69 16.33
N THR RA 96 -52.82 -59.44 17.60
CA THR RA 96 -53.54 -60.09 18.70
C THR RA 96 -55.00 -59.66 18.74
N VAL RA 97 -55.25 -58.36 18.55
CA VAL RA 97 -56.64 -57.89 18.53
C VAL RA 97 -57.40 -58.56 17.40
N GLN RA 98 -56.76 -58.74 16.24
CA GLN RA 98 -57.43 -59.44 15.15
C GLN RA 98 -57.62 -60.92 15.46
N ALA RA 99 -56.68 -61.53 16.19
CA ALA RA 99 -56.74 -62.96 16.43
C ALA RA 99 -57.75 -63.34 17.50
N THR RA 100 -58.01 -62.46 18.46
CA THR RA 100 -58.91 -62.81 19.55
C THR RA 100 -60.37 -62.70 19.12
N THR RA 101 -60.74 -63.36 18.02
CA THR RA 101 -62.10 -63.33 17.52
C THR RA 101 -62.54 -64.76 17.17
N GLY RA 102 -63.80 -65.05 17.42
CA GLY RA 102 -64.31 -66.40 17.18
C GLY RA 102 -64.55 -66.73 15.72
N THR RA 103 -64.59 -65.72 14.85
CA THR RA 103 -64.78 -65.99 13.42
C THR RA 103 -63.57 -66.66 12.80
N ASN RA 104 -62.36 -66.36 13.30
CA ASN RA 104 -61.16 -66.92 12.74
C ASN RA 104 -61.16 -68.44 12.85
N SER RA 105 -60.73 -69.10 11.78
CA SER RA 105 -60.60 -70.56 11.77
C SER RA 105 -59.25 -70.94 12.38
N GLU RA 106 -58.92 -72.23 12.33
CA GLU RA 106 -57.65 -72.68 12.90
C GLU RA 106 -56.47 -72.27 12.02
N SER RA 107 -56.64 -72.34 10.70
CA SER RA 107 -55.56 -71.94 9.79
C SER RA 107 -55.29 -70.44 9.88
N ASP RA 108 -56.34 -69.63 10.03
CA ASP RA 108 -56.16 -68.20 10.19
C ASP RA 108 -55.37 -67.89 11.45
N LEU RA 109 -55.72 -68.55 12.56
CA LEU RA 109 -54.97 -68.38 13.79
C LEU RA 109 -53.53 -68.85 13.63
N SER RA 110 -53.32 -69.92 12.86
CA SER RA 110 -51.97 -70.39 12.60
C SER RA 110 -51.14 -69.34 11.86
N SER RA 111 -51.73 -68.72 10.85
CA SER RA 111 -51.02 -67.68 10.10
C SER RA 111 -50.73 -66.47 10.98
N ILE RA 112 -51.71 -66.07 11.79
CA ILE RA 112 -51.50 -64.93 12.68
C ILE RA 112 -50.39 -65.23 13.67
N GLN RA 113 -50.39 -66.44 14.23
CA GLN RA 113 -49.34 -66.84 15.16
C GLN RA 113 -47.98 -66.87 14.48
N ASP RA 114 -47.94 -67.33 13.22
CA ASP RA 114 -46.69 -67.34 12.48
C ASP RA 114 -46.13 -65.93 12.35
N GLU RA 115 -46.98 -64.98 11.98
CA GLU RA 115 -46.51 -63.59 11.83
C GLU RA 115 -46.08 -63.01 13.18
N ILE RA 116 -46.84 -63.28 14.24
CA ILE RA 116 -46.48 -62.77 15.56
C ILE RA 116 -45.15 -63.34 16.02
N LYS RA 117 -44.94 -64.64 15.80
CA LYS RA 117 -43.68 -65.27 16.17
C LYS RA 117 -42.52 -64.70 15.38
N SER RA 118 -42.75 -64.44 14.09
CA SER RA 118 -41.70 -63.81 13.28
C SER RA 118 -41.34 -62.43 13.82
N ARG RA 119 -42.35 -61.64 14.20
CA ARG RA 119 -42.05 -60.30 14.71
C ARG RA 119 -41.41 -60.34 16.09
N LEU RA 120 -41.77 -61.31 16.93
CA LEU RA 120 -41.09 -61.48 18.21
C LEU RA 120 -39.63 -61.87 18.01
N ASP RA 121 -39.37 -62.76 17.04
CA ASP RA 121 -37.99 -63.08 16.69
C ASP RA 121 -37.26 -61.85 16.19
N GLU RA 122 -37.95 -60.98 15.45
CA GLU RA 122 -37.35 -59.73 15.00
C GLU RA 122 -36.97 -58.85 16.19
N ILE RA 123 -37.85 -58.77 17.18
CA ILE RA 123 -37.55 -57.99 18.39
C ILE RA 123 -36.32 -58.54 19.09
N ASP RA 124 -36.26 -59.87 19.24
CA ASP RA 124 -35.12 -60.48 19.89
C ASP RA 124 -33.84 -60.24 19.11
N ARG RA 125 -33.92 -60.31 17.77
CA ARG RA 125 -32.76 -60.05 16.94
C ARG RA 125 -32.29 -58.61 17.07
N VAL RA 126 -33.22 -57.66 17.08
CA VAL RA 126 -32.84 -56.25 17.26
C VAL RA 126 -32.16 -56.07 18.60
N SER RA 127 -32.68 -56.73 19.64
CA SER RA 127 -32.07 -56.62 20.96
C SER RA 127 -30.64 -57.16 20.95
N GLY RA 128 -30.45 -58.38 20.45
CA GLY RA 128 -29.15 -59.00 20.52
C GLY RA 128 -28.13 -58.36 19.60
N GLN RA 129 -28.53 -58.07 18.37
CA GLN RA 129 -27.58 -57.72 17.31
C GLN RA 129 -27.07 -56.28 17.44
N THR RA 130 -27.88 -55.39 18.03
CA THR RA 130 -27.56 -53.96 18.06
C THR RA 130 -26.38 -53.72 19.00
N GLN RA 131 -25.24 -53.32 18.44
CA GLN RA 131 -24.05 -53.03 19.21
C GLN RA 131 -23.49 -51.67 18.82
N PHE RA 132 -23.01 -50.92 19.81
CA PHE RA 132 -22.37 -49.63 19.60
C PHE RA 132 -20.95 -49.71 20.17
N ASN RA 133 -19.96 -49.49 19.32
CA ASN RA 133 -18.56 -49.49 19.73
C ASN RA 133 -18.21 -50.76 20.52
N GLY RA 134 -18.69 -51.89 20.00
CA GLY RA 134 -18.48 -53.15 20.69
C GLY RA 134 -19.16 -53.24 22.03
N VAL RA 135 -20.35 -52.66 22.15
CA VAL RA 135 -21.14 -52.72 23.38
C VAL RA 135 -22.58 -53.03 22.99
N ASN RA 136 -23.05 -54.22 23.33
CA ASN RA 136 -24.44 -54.62 23.07
C ASN RA 136 -25.31 -53.98 24.14
N VAL RA 137 -25.79 -52.77 23.85
CA VAL RA 137 -26.50 -52.00 24.86
C VAL RA 137 -27.79 -52.69 25.29
N LEU RA 138 -28.55 -53.19 24.33
CA LEU RA 138 -29.81 -53.86 24.64
C LEU RA 138 -29.64 -55.37 24.79
N ALA RA 139 -28.69 -55.79 25.62
CA ALA RA 139 -28.48 -57.21 25.84
C ALA RA 139 -28.17 -57.58 27.29
N LYS RA 140 -28.03 -56.61 28.19
CA LYS RA 140 -27.66 -56.90 29.56
C LYS RA 140 -27.87 -55.66 30.41
N ASN RA 141 -28.44 -55.83 31.60
CA ASN RA 141 -28.58 -54.73 32.53
C ASN RA 141 -27.22 -54.21 32.97
N GLY RA 142 -27.06 -52.90 32.95
CA GLY RA 142 -25.79 -52.31 33.33
C GLY RA 142 -25.91 -50.81 33.49
N SER RA 143 -24.74 -50.18 33.61
CA SER RA 143 -24.68 -48.73 33.79
C SER RA 143 -23.38 -48.21 33.18
N MET RA 144 -23.47 -47.01 32.59
CA MET RA 144 -22.32 -46.34 32.00
C MET RA 144 -22.06 -45.04 32.75
N LYS RA 145 -20.78 -44.72 32.94
CA LYS RA 145 -20.38 -43.54 33.69
C LYS RA 145 -19.60 -42.62 32.75
N ILE RA 146 -20.14 -41.42 32.54
CA ILE RA 146 -19.54 -40.44 31.63
C ILE RA 146 -18.89 -39.36 32.46
N GLN RA 147 -17.59 -39.17 32.28
CA GLN RA 147 -16.86 -38.11 32.98
C GLN RA 147 -17.23 -36.76 32.37
N VAL RA 148 -17.99 -35.96 33.12
CA VAL RA 148 -18.40 -34.64 32.66
C VAL RA 148 -17.74 -33.54 33.49
N GLY RA 149 -16.61 -33.84 34.13
CA GLY RA 149 -15.87 -32.87 34.91
C GLY RA 149 -14.38 -33.04 34.73
N ALA RA 150 -13.63 -32.15 35.40
CA ALA RA 150 -12.18 -32.16 35.30
C ALA RA 150 -11.51 -33.00 36.38
N ASN RA 151 -12.17 -33.17 37.53
CA ASN RA 151 -11.62 -33.94 38.63
C ASN RA 151 -12.05 -35.39 38.52
N ASP RA 152 -11.81 -36.17 39.56
CA ASP RA 152 -12.26 -37.55 39.60
C ASP RA 152 -13.64 -37.64 40.25
N ASN RA 153 -14.37 -38.70 39.91
CA ASN RA 153 -15.75 -38.91 40.36
C ASN RA 153 -16.62 -37.71 39.97
N GLN RA 154 -16.69 -37.49 38.66
CA GLN RA 154 -17.40 -36.36 38.05
C GLN RA 154 -18.40 -36.89 37.03
N THR RA 155 -19.08 -37.99 37.35
CA THR RA 155 -19.70 -38.84 36.36
C THR RA 155 -21.22 -38.71 36.35
N ILE RA 156 -21.79 -38.86 35.15
CA ILE RA 156 -23.22 -39.01 34.95
C ILE RA 156 -23.49 -40.46 34.56
N THR RA 157 -24.49 -41.07 35.20
CA THR RA 157 -24.76 -42.49 35.04
C THR RA 157 -25.92 -42.69 34.08
N ILE RA 158 -25.70 -43.49 33.03
CA ILE RA 158 -26.74 -43.96 32.14
C ILE RA 158 -27.11 -45.38 32.52
N ASP RA 159 -28.41 -45.65 32.59
CA ASP RA 159 -28.89 -46.99 32.91
C ASP RA 159 -29.33 -47.70 31.63
N LEU RA 160 -28.97 -48.99 31.53
CA LEU RA 160 -29.31 -49.81 30.38
C LEU RA 160 -30.03 -51.05 30.86
N LYS RA 161 -31.18 -51.34 30.26
CA LYS RA 161 -32.01 -52.47 30.64
C LYS RA 161 -32.05 -53.49 29.52
N GLN RA 162 -31.84 -54.76 29.87
CA GLN RA 162 -31.96 -55.84 28.89
C GLN RA 162 -33.40 -55.98 28.42
N ILE RA 163 -33.68 -55.59 27.18
CA ILE RA 163 -35.03 -55.62 26.62
C ILE RA 163 -35.07 -56.74 25.60
N ASP RA 164 -35.83 -57.79 25.90
CA ASP RA 164 -36.00 -58.92 24.99
C ASP RA 164 -37.25 -59.67 25.42
N ALA RA 165 -37.57 -60.73 24.67
CA ALA RA 165 -38.79 -61.49 24.91
C ALA RA 165 -38.83 -62.06 26.32
N LYS RA 166 -37.70 -62.58 26.80
CA LYS RA 166 -37.66 -63.16 28.14
C LYS RA 166 -37.92 -62.10 29.21
N THR RA 167 -37.32 -60.92 29.06
CA THR RA 167 -37.45 -59.86 30.05
C THR RA 167 -38.66 -58.97 29.81
N LEU RA 168 -39.57 -59.37 28.92
CA LEU RA 168 -40.80 -58.64 28.70
C LEU RA 168 -42.04 -59.48 28.93
N GLY RA 169 -41.90 -60.76 29.25
CA GLY RA 169 -43.02 -61.64 29.46
C GLY RA 169 -43.55 -62.30 28.19
N LEU RA 170 -43.05 -61.90 27.03
CA LEU RA 170 -43.50 -62.48 25.76
C LEU RA 170 -42.62 -63.64 25.34
N ASP RA 171 -42.43 -64.59 26.25
CA ASP RA 171 -41.65 -65.80 26.00
C ASP RA 171 -42.62 -66.98 25.96
N GLY RA 172 -42.91 -67.45 24.74
CA GLY RA 172 -43.93 -68.45 24.54
C GLY RA 172 -45.29 -67.91 24.22
N PHE RA 173 -45.39 -66.62 23.88
CA PHE RA 173 -46.66 -65.97 23.60
C PHE RA 173 -47.33 -66.57 22.37
N SER RA 174 -48.45 -67.25 22.55
CA SER RA 174 -49.15 -67.91 21.47
C SER RA 174 -50.64 -67.62 21.53
N VAL RA 175 -51.28 -67.71 20.38
CA VAL RA 175 -52.72 -67.45 20.26
C VAL RA 175 -53.40 -68.64 19.60
N LYS RA 176 -52.82 -69.83 19.75
CA LYS RA 176 -53.38 -71.03 19.14
C LYS RA 176 -52.98 -72.24 19.97
N ASN RA 177 -53.72 -73.33 19.76
CA ASN RA 177 -53.47 -74.57 20.48
C ASN RA 177 -52.53 -75.48 19.70
N THR RA 407 -52.37 -68.75 25.50
CA THR RA 407 -51.95 -67.73 26.45
C THR RA 407 -53.15 -66.96 26.99
N THR RA 408 -53.17 -66.76 28.30
CA THR RA 408 -54.26 -66.05 28.95
C THR RA 408 -53.90 -64.57 29.12
N ASP RA 409 -54.91 -63.72 28.96
CA ASP RA 409 -54.75 -62.27 29.04
C ASP RA 409 -53.61 -61.76 28.14
N PRO RA 410 -53.72 -61.97 26.82
CA PRO RA 410 -52.62 -61.53 25.94
C PRO RA 410 -52.46 -60.02 25.88
N LEU RA 411 -53.57 -59.29 25.75
CA LEU RA 411 -53.49 -57.85 25.57
C LEU RA 411 -52.91 -57.15 26.80
N LYS RA 412 -53.22 -57.66 28.00
CA LYS RA 412 -52.64 -57.08 29.21
C LYS RA 412 -51.12 -57.21 29.20
N ALA RA 413 -50.62 -58.39 28.83
CA ALA RA 413 -49.18 -58.60 28.77
C ALA RA 413 -48.54 -57.70 27.71
N LEU RA 414 -49.20 -57.57 26.56
CA LEU RA 414 -48.66 -56.70 25.51
C LEU RA 414 -48.60 -55.25 25.97
N ASP RA 415 -49.65 -54.77 26.63
CA ASP RA 415 -49.64 -53.41 27.16
C ASP RA 415 -48.55 -53.24 28.21
N ASP RA 416 -48.34 -54.26 29.05
CA ASP RA 416 -47.28 -54.20 30.04
C ASP RA 416 -45.92 -54.07 29.39
N ALA RA 417 -45.68 -54.85 28.32
CA ALA RA 417 -44.40 -54.75 27.61
C ALA RA 417 -44.23 -53.38 26.96
N ILE RA 418 -45.31 -52.84 26.38
CA ILE RA 418 -45.23 -51.53 25.74
C ILE RA 418 -44.87 -50.46 26.78
N ALA RA 419 -45.51 -50.51 27.95
CA ALA RA 419 -45.18 -49.53 28.99
C ALA RA 419 -43.77 -49.74 29.52
N SER RA 420 -43.30 -50.98 29.57
CA SER RA 420 -41.98 -51.26 30.08
C SER RA 420 -40.89 -50.73 29.16
N VAL RA 421 -41.12 -50.76 27.84
CA VAL RA 421 -40.13 -50.15 26.95
C VAL RA 421 -40.29 -48.62 26.93
N ASP RA 422 -41.51 -48.12 27.13
CA ASP RA 422 -41.72 -46.68 27.18
C ASP RA 422 -40.98 -46.05 28.35
N LYS RA 423 -40.96 -46.74 29.50
CA LYS RA 423 -40.24 -46.22 30.66
C LYS RA 423 -38.75 -46.05 30.36
N PHE RA 424 -38.14 -47.05 29.74
CA PHE RA 424 -36.73 -46.97 29.39
C PHE RA 424 -36.47 -45.85 28.39
N ARG RA 425 -37.37 -45.70 27.41
CA ARG RA 425 -37.20 -44.62 26.44
C ARG RA 425 -37.26 -43.26 27.11
N SER RA 426 -38.20 -43.07 28.03
CA SER RA 426 -38.31 -41.79 28.74
C SER RA 426 -37.07 -41.52 29.58
N SER RA 427 -36.54 -42.54 30.25
CA SER RA 427 -35.32 -42.36 31.02
C SER RA 427 -34.16 -41.93 30.12
N LEU RA 428 -34.06 -42.57 28.94
CA LEU RA 428 -33.01 -42.20 28.00
C LEU RA 428 -33.15 -40.74 27.56
N GLY RA 429 -34.38 -40.31 27.26
CA GLY RA 429 -34.58 -38.92 26.88
C GLY RA 429 -34.19 -37.94 27.98
N ALA RA 430 -34.55 -38.26 29.23
CA ALA RA 430 -34.15 -37.41 30.34
C ALA RA 430 -32.64 -37.31 30.44
N VAL RA 431 -31.95 -38.44 30.27
CA VAL RA 431 -30.48 -38.42 30.30
C VAL RA 431 -29.93 -37.56 29.17
N GLN RA 432 -30.57 -37.62 28.00
CA GLN RA 432 -30.13 -36.79 26.87
C GLN RA 432 -30.21 -35.31 27.22
N ASN RA 433 -31.34 -34.90 27.81
CA ASN RA 433 -31.50 -33.49 28.18
C ASN RA 433 -30.45 -33.08 29.20
N ARG RA 434 -30.23 -33.91 30.22
CA ARG RA 434 -29.21 -33.61 31.23
C ARG RA 434 -27.85 -33.43 30.60
N LEU RA 435 -27.48 -34.34 29.69
CA LEU RA 435 -26.17 -34.27 29.06
C LEU RA 435 -26.02 -33.00 28.24
N ASP RA 436 -27.07 -32.62 27.49
CA ASP RA 436 -26.98 -31.40 26.69
C ASP RA 436 -26.78 -30.18 27.57
N SER RA 437 -27.54 -30.09 28.67
CA SER RA 437 -27.36 -28.97 29.58
C SER RA 437 -25.95 -28.94 30.16
N ALA RA 438 -25.42 -30.13 30.49
CA ALA RA 438 -24.05 -30.20 31.01
C ALA RA 438 -23.05 -29.68 29.98
N VAL RA 439 -23.22 -30.07 28.72
CA VAL RA 439 -22.29 -29.59 27.68
C VAL RA 439 -22.34 -28.07 27.59
N THR RA 440 -23.55 -27.50 27.63
CA THR RA 440 -23.66 -26.05 27.56
C THR RA 440 -22.95 -25.37 28.73
N ASN RA 441 -23.16 -25.88 29.93
CA ASN RA 441 -22.53 -25.28 31.11
C ASN RA 441 -21.01 -25.38 31.04
N LEU RA 442 -20.50 -26.53 30.61
CA LEU RA 442 -19.05 -26.68 30.45
C LEU RA 442 -18.50 -25.72 29.41
N ASN RA 443 -19.21 -25.51 28.31
CA ASN RA 443 -18.74 -24.56 27.31
C ASN RA 443 -18.62 -23.15 27.91
N ASN RA 444 -19.66 -22.72 28.63
CA ASN RA 444 -19.61 -21.39 29.22
C ASN RA 444 -18.47 -21.26 30.23
N THR RA 445 -18.31 -22.28 31.08
CA THR RA 445 -17.24 -22.25 32.08
C THR RA 445 -15.88 -22.23 31.41
N THR RA 446 -15.71 -22.99 30.33
CA THR RA 446 -14.44 -22.99 29.61
C THR RA 446 -14.13 -21.62 29.05
N THR RA 447 -15.12 -20.95 28.47
CA THR RA 447 -14.89 -19.60 27.94
C THR RA 447 -14.45 -18.65 29.06
N ASN RA 448 -15.16 -18.69 30.19
CA ASN RA 448 -14.83 -17.81 31.29
C ASN RA 448 -13.43 -18.09 31.84
N LEU RA 449 -13.08 -19.37 31.99
CA LEU RA 449 -11.75 -19.71 32.48
C LEU RA 449 -10.67 -19.27 31.50
N SER RA 450 -10.94 -19.39 30.20
CA SER RA 450 -9.98 -18.98 29.19
C SER RA 450 -9.70 -17.49 29.27
N GLU RA 451 -10.76 -16.68 29.39
CA GLU RA 451 -10.51 -15.25 29.49
C GLU RA 451 -9.87 -14.87 30.83
N ALA RA 452 -10.16 -15.63 31.89
CA ALA RA 452 -9.47 -15.39 33.16
C ALA RA 452 -7.97 -15.66 33.03
N GLN RA 453 -7.61 -16.74 32.34
CA GLN RA 453 -6.21 -17.01 32.07
C GLN RA 453 -5.59 -15.92 31.22
N SER RA 454 -6.34 -15.43 30.24
CA SER RA 454 -5.84 -14.37 29.36
C SER RA 454 -5.52 -13.11 30.15
N ARG RA 455 -6.39 -12.75 31.08
CA ARG RA 455 -6.14 -11.54 31.88
C ARG RA 455 -4.97 -11.71 32.84
N ILE RA 456 -4.25 -12.83 32.86
CA ILE RA 456 -3.16 -13.07 33.80
C ILE RA 456 -1.85 -13.33 33.08
N GLN RA 457 -1.85 -14.24 32.10
CA GLN RA 457 -0.59 -14.72 31.55
C GLN RA 457 -0.13 -14.00 30.29
N ASP RA 458 -1.02 -13.30 29.60
CA ASP RA 458 -0.65 -12.68 28.33
C ASP RA 458 0.00 -11.31 28.56
N ALA RA 459 0.59 -10.80 27.49
CA ALA RA 459 1.26 -9.49 27.48
C ALA RA 459 0.42 -8.46 26.74
N ASP RA 460 0.63 -7.20 27.12
CA ASP RA 460 -0.04 -6.06 26.52
C ASP RA 460 0.95 -5.40 25.56
N TYR RA 461 0.70 -5.55 24.26
CA TYR RA 461 1.72 -5.23 23.27
C TYR RA 461 2.02 -3.74 23.20
N ALA RA 462 1.03 -2.87 23.44
CA ALA RA 462 1.30 -1.44 23.41
C ALA RA 462 2.32 -1.04 24.46
N THR RA 463 2.13 -1.51 25.70
CA THR RA 463 3.06 -1.22 26.76
C THR RA 463 4.45 -1.77 26.44
N GLU RA 464 4.49 -2.98 25.88
CA GLU RA 464 5.78 -3.60 25.58
C GLU RA 464 6.51 -2.84 24.49
N VAL RA 465 5.79 -2.36 23.48
CA VAL RA 465 6.41 -1.55 22.43
C VAL RA 465 6.95 -0.25 23.01
N SER RA 466 6.18 0.39 23.90
CA SER RA 466 6.66 1.62 24.52
C SER RA 466 7.93 1.35 25.34
N ASN RA 467 7.95 0.27 26.11
CA ASN RA 467 9.14 -0.06 26.89
C ASN RA 467 10.33 -0.36 26.00
N MET RA 468 10.10 -1.09 24.90
CA MET RA 468 11.20 -1.40 23.98
C MET RA 468 11.78 -0.12 23.38
N SER RA 469 10.91 0.79 22.94
CA SER RA 469 11.39 2.06 22.38
C SER RA 469 12.18 2.85 23.42
N LYS RA 470 11.66 2.92 24.65
CA LYS RA 470 12.36 3.65 25.70
C LYS RA 470 13.72 3.05 25.97
N ALA RA 471 13.79 1.71 26.04
CA ALA RA 471 15.08 1.06 26.28
C ALA RA 471 16.06 1.32 25.16
N GLN RA 472 15.59 1.29 23.91
CA GLN RA 472 16.48 1.56 22.78
C GLN RA 472 17.02 2.98 22.82
N ILE RA 473 16.16 3.95 23.13
CA ILE RA 473 16.61 5.34 23.21
C ILE RA 473 17.62 5.50 24.34
N ILE RA 474 17.35 4.89 25.50
CA ILE RA 474 18.29 4.94 26.61
C ILE RA 474 19.63 4.33 26.20
N GLN RA 475 19.60 3.20 25.50
CA GLN RA 475 20.84 2.55 25.08
C GLN RA 475 21.67 3.46 24.18
N GLN RA 476 21.04 4.04 23.16
CA GLN RA 476 21.80 4.87 22.22
C GLN RA 476 22.32 6.13 22.90
N ALA RA 477 21.50 6.77 23.74
CA ALA RA 477 21.96 7.95 24.45
C ALA RA 477 23.13 7.63 25.37
N GLY RA 478 23.03 6.51 26.11
CA GLY RA 478 24.12 6.12 26.97
C GLY RA 478 25.39 5.82 26.20
N ASN RA 479 25.26 5.21 25.02
CA ASN RA 479 26.44 4.95 24.20
C ASN RA 479 27.10 6.26 23.76
N SER RA 480 26.30 7.25 23.34
CA SER RA 480 26.86 8.53 22.95
C SER RA 480 27.59 9.20 24.12
N VAL RA 481 26.95 9.22 25.29
CA VAL RA 481 27.56 9.86 26.45
C VAL RA 481 28.82 9.12 26.88
N LEU RA 482 28.81 7.80 26.76
CA LEU RA 482 30.00 7.02 27.11
C LEU RA 482 31.15 7.33 26.16
N ALA RA 483 30.85 7.48 24.87
CA ALA RA 483 31.88 7.88 23.92
C ALA RA 483 32.47 9.23 24.29
N LYS RA 484 31.62 10.19 24.65
CA LYS RA 484 32.12 11.48 25.09
C LYS RA 484 32.99 11.35 26.33
N ALA RA 485 32.56 10.51 27.29
CA ALA RA 485 33.34 10.33 28.51
C ALA RA 485 34.72 9.75 28.22
N ASN RA 486 34.78 8.75 27.33
CA ASN RA 486 36.08 8.22 26.95
C ASN RA 486 36.92 9.26 26.21
N GLN RA 487 36.26 10.20 25.52
CA GLN RA 487 37.01 11.26 24.87
C GLN RA 487 37.57 12.27 25.87
N VAL RA 488 36.93 12.40 27.03
CA VAL RA 488 37.32 13.45 27.98
C VAL RA 488 38.80 13.42 28.38
N PRO RA 489 39.38 12.29 28.82
CA PRO RA 489 40.71 12.36 29.46
C PRO RA 489 41.87 12.72 28.54
N GLN RA 490 41.58 13.05 27.28
CA GLN RA 490 42.67 13.30 26.32
C GLN RA 490 43.46 14.57 26.66
N GLN RA 491 42.84 15.54 27.34
CA GLN RA 491 43.45 16.85 27.49
C GLN RA 491 44.73 16.83 28.34
N VAL RA 492 44.94 15.77 29.13
CA VAL RA 492 46.21 15.66 29.86
C VAL RA 492 47.37 15.52 28.88
N LEU RA 493 47.13 14.88 27.73
CA LEU RA 493 48.14 14.85 26.68
C LEU RA 493 48.49 16.26 26.21
N SER RA 494 47.48 17.11 26.05
CA SER RA 494 47.74 18.51 25.69
C SER RA 494 48.54 19.22 26.76
N LEU RA 495 48.22 18.98 28.03
CA LEU RA 495 48.99 19.56 29.12
C LEU RA 495 50.45 19.14 29.05
N LEU RA 496 50.71 17.85 28.91
CA LEU RA 496 52.10 17.38 28.95
C LEU RA 496 52.88 17.82 27.71
N GLN RA 497 52.23 17.80 26.54
CA GLN RA 497 52.92 18.18 25.32
C GLN RA 497 53.35 19.64 25.35
N GLY RA 498 52.49 20.53 25.83
CA GLY RA 498 52.80 21.94 25.91
C GLY RA 498 51.73 22.81 25.28
N GLN SA 3 28.22 -5.41 25.92
CA GLN SA 3 28.39 -4.83 24.59
C GLN SA 3 28.77 -5.88 23.58
N VAL SA 4 28.86 -7.12 24.06
CA VAL SA 4 29.41 -8.25 23.32
C VAL SA 4 28.83 -8.35 21.92
N ILE SA 5 29.70 -8.40 20.92
CA ILE SA 5 29.32 -8.48 19.51
C ILE SA 5 29.70 -9.82 18.90
N ASN SA 6 30.01 -10.81 19.75
CA ASN SA 6 30.26 -12.17 19.31
C ASN SA 6 29.09 -13.10 19.59
N THR SA 7 28.21 -12.74 20.50
CA THR SA 7 27.00 -13.48 20.81
C THR SA 7 25.84 -12.51 20.90
N ASN SA 8 24.72 -12.86 20.27
CA ASN SA 8 23.59 -11.96 20.14
C ASN SA 8 22.39 -12.63 20.80
N SER SA 9 22.57 -13.05 22.06
CA SER SA 9 21.61 -13.84 22.82
C SER SA 9 20.17 -13.41 22.59
N LEU SA 10 19.92 -12.11 22.47
CA LEU SA 10 18.58 -11.63 22.13
C LEU SA 10 18.08 -12.26 20.84
N SER SA 11 18.93 -12.29 19.82
CA SER SA 11 18.56 -12.93 18.56
C SER SA 11 18.29 -14.41 18.76
N LEU SA 12 19.07 -15.07 19.62
CA LEU SA 12 18.85 -16.49 19.87
C LEU SA 12 17.48 -16.72 20.50
N ILE SA 13 17.11 -15.89 21.48
CA ILE SA 13 15.80 -16.02 22.10
C ILE SA 13 14.70 -15.79 21.08
N THR SA 14 14.87 -14.77 20.22
CA THR SA 14 13.84 -14.48 19.23
C THR SA 14 13.69 -15.64 18.25
N GLN SA 15 14.81 -16.21 17.79
CA GLN SA 15 14.74 -17.36 16.89
C GLN SA 15 14.10 -18.56 17.57
N ASN SA 16 14.40 -18.78 18.84
CA ASN SA 16 13.78 -19.89 19.56
C ASN SA 16 12.27 -19.69 19.65
N ASN SA 17 11.83 -18.47 19.94
CA ASN SA 17 10.39 -18.20 20.01
C ASN SA 17 9.72 -18.41 18.66
N ILE SA 18 10.34 -17.94 17.58
CA ILE SA 18 9.76 -18.10 16.26
C ILE SA 18 9.68 -19.58 15.88
N ASN SA 19 10.73 -20.34 16.18
CA ASN SA 19 10.73 -21.77 15.89
C ASN SA 19 9.65 -22.48 16.68
N LYS SA 20 9.46 -22.08 17.95
CA LYS SA 20 8.38 -22.65 18.74
C LYS SA 20 7.01 -22.32 18.13
N ASN SA 21 6.86 -21.09 17.62
CA ASN SA 21 5.59 -20.69 17.05
C ASN SA 21 5.26 -21.44 15.76
N GLN SA 22 6.29 -21.79 14.98
CA GLN SA 22 6.13 -22.41 13.68
C GLN SA 22 5.14 -23.58 13.66
N SER SA 23 5.19 -24.40 14.72
CA SER SA 23 4.38 -25.63 14.75
C SER SA 23 2.89 -25.31 14.73
N ALA SA 24 2.47 -24.29 15.48
CA ALA SA 24 1.05 -23.96 15.53
C ALA SA 24 0.54 -23.53 14.17
N LEU SA 25 1.30 -22.69 13.47
CA LEU SA 25 0.92 -22.25 12.14
C LEU SA 25 0.85 -23.43 11.18
N SER SA 26 1.85 -24.32 11.24
CA SER SA 26 1.84 -25.49 10.35
C SER SA 26 0.62 -26.36 10.60
N SER SA 27 0.30 -26.60 11.88
CA SER SA 27 -0.85 -27.43 12.22
C SER SA 27 -2.15 -26.78 11.77
N SER SA 28 -2.25 -25.45 11.95
CA SER SA 28 -3.47 -24.76 11.53
C SER SA 28 -3.67 -24.86 10.03
N ILE SA 29 -2.61 -24.68 9.25
CA ILE SA 29 -2.73 -24.80 7.81
C ILE SA 29 -3.08 -26.23 7.41
N GLU SA 30 -2.45 -27.22 8.05
CA GLU SA 30 -2.79 -28.62 7.80
C GLU SA 30 -4.27 -28.87 8.03
N ARG SA 31 -4.79 -28.47 9.19
CA ARG SA 31 -6.17 -28.76 9.53
C ARG SA 31 -7.15 -28.00 8.64
N LEU SA 32 -6.81 -26.77 8.25
CA LEU SA 32 -7.69 -26.03 7.37
C LEU SA 32 -7.72 -26.62 5.96
N SER SA 33 -6.57 -27.04 5.45
CA SER SA 33 -6.53 -27.61 4.10
C SER SA 33 -7.24 -28.96 4.06
N SER SA 34 -6.90 -29.86 4.98
CA SER SA 34 -7.46 -31.21 4.92
C SER SA 34 -8.93 -31.24 5.35
N GLY SA 35 -9.27 -30.50 6.41
CA GLY SA 35 -10.61 -30.51 6.95
C GLY SA 35 -10.82 -31.49 8.09
N LEU SA 36 -9.83 -32.32 8.41
CA LEU SA 36 -9.90 -33.26 9.51
C LEU SA 36 -9.01 -32.80 10.65
N ARG SA 37 -9.49 -32.96 11.88
CA ARG SA 37 -8.69 -32.57 13.03
C ARG SA 37 -7.54 -33.55 13.26
N ILE SA 38 -7.80 -34.84 13.09
CA ILE SA 38 -6.79 -35.88 13.29
C ILE SA 38 -6.24 -36.21 11.91
N ASN SA 39 -5.16 -35.52 11.53
CA ASN SA 39 -4.49 -35.79 10.26
C ASN SA 39 -3.37 -36.80 10.38
N SER SA 40 -3.00 -37.19 11.59
CA SER SA 40 -1.90 -38.11 11.81
C SER SA 40 -2.04 -38.70 13.21
N ALA SA 41 -1.28 -39.77 13.46
CA ALA SA 41 -1.27 -40.37 14.79
C ALA SA 41 -0.62 -39.47 15.81
N LYS SA 42 0.18 -38.48 15.38
CA LYS SA 42 0.78 -37.58 16.35
C LYS SA 42 -0.27 -36.74 17.06
N ASP SA 43 -1.39 -36.45 16.42
CA ASP SA 43 -2.40 -35.61 17.03
C ASP SA 43 -3.02 -36.26 18.26
N ASP SA 44 -3.86 -37.28 18.04
CA ASP SA 44 -4.42 -38.07 19.13
C ASP SA 44 -4.02 -39.54 19.03
N ALA SA 45 -4.36 -40.17 17.90
CA ALA SA 45 -4.16 -41.57 17.54
C ALA SA 45 -5.07 -42.53 18.31
N ALA SA 46 -5.59 -42.11 19.47
CA ALA SA 46 -6.66 -42.88 20.08
C ALA SA 46 -8.00 -42.49 19.48
N GLY SA 47 -8.20 -41.19 19.28
CA GLY SA 47 -9.29 -40.75 18.45
C GLY SA 47 -9.18 -41.28 17.03
N GLN SA 48 -7.95 -41.41 16.53
CA GLN SA 48 -7.75 -41.99 15.21
C GLN SA 48 -8.15 -43.46 15.17
N ALA SA 49 -7.79 -44.23 16.19
CA ALA SA 49 -8.22 -45.63 16.24
C ALA SA 49 -9.74 -45.74 16.35
N ILE SA 50 -10.34 -44.90 17.20
CA ILE SA 50 -11.79 -44.91 17.34
C ILE SA 50 -12.45 -44.54 16.02
N ALA SA 51 -11.91 -43.55 15.32
CA ALA SA 51 -12.47 -43.13 14.04
C ALA SA 51 -12.33 -44.23 13.00
N ASN SA 52 -11.20 -44.94 12.98
CA ASN SA 52 -11.04 -46.06 12.06
C ASN SA 52 -12.10 -47.13 12.31
N ARG SA 53 -12.28 -47.49 13.59
CA ARG SA 53 -13.30 -48.48 13.92
C ARG SA 53 -14.70 -47.98 13.53
N PHE SA 54 -14.96 -46.70 13.76
CA PHE SA 54 -16.25 -46.13 13.38
C PHE SA 54 -16.46 -46.26 11.87
N THR SA 55 -15.50 -45.79 11.08
CA THR SA 55 -15.61 -45.85 9.62
C THR SA 55 -15.87 -47.28 9.15
N SER SA 56 -15.19 -48.24 9.77
CA SER SA 56 -15.47 -49.65 9.45
C SER SA 56 -16.93 -49.97 9.75
N ASN SA 57 -17.45 -49.50 10.88
CA ASN SA 57 -18.83 -49.80 11.24
C ASN SA 57 -19.81 -49.20 10.24
N ILE SA 58 -19.63 -47.93 9.87
CA ILE SA 58 -20.54 -47.30 8.90
C ILE SA 58 -20.50 -48.03 7.57
N LYS SA 59 -19.29 -48.35 7.07
CA LYS SA 59 -19.21 -49.04 5.79
C LYS SA 59 -19.91 -50.39 5.85
N GLY SA 60 -19.67 -51.15 6.92
CA GLY SA 60 -20.30 -52.45 7.04
C GLY SA 60 -21.82 -52.36 7.11
N LEU SA 61 -22.35 -51.39 7.86
CA LEU SA 61 -23.80 -51.29 8.01
C LEU SA 61 -24.46 -50.85 6.70
N THR SA 62 -23.82 -49.93 5.98
CA THR SA 62 -24.35 -49.54 4.68
C THR SA 62 -24.39 -50.73 3.73
N GLN SA 63 -23.30 -51.51 3.71
CA GLN SA 63 -23.29 -52.69 2.85
C GLN SA 63 -24.35 -53.70 3.27
N ALA SA 64 -24.59 -53.82 4.57
CA ALA SA 64 -25.62 -54.75 5.05
C ALA SA 64 -27.01 -54.33 4.59
N ALA SA 65 -27.31 -53.03 4.64
CA ALA SA 65 -28.61 -52.56 4.14
C ALA SA 65 -28.73 -52.83 2.64
N ARG SA 66 -27.65 -52.59 1.90
CA ARG SA 66 -27.65 -52.91 0.47
C ARG SA 66 -27.96 -54.39 0.25
N ASN SA 67 -27.38 -55.25 1.06
CA ASN SA 67 -27.66 -56.69 0.95
C ASN SA 67 -29.11 -56.99 1.24
N ALA SA 68 -29.67 -56.35 2.27
CA ALA SA 68 -31.06 -56.62 2.65
C ALA SA 68 -32.03 -56.28 1.53
N ASN SA 69 -31.74 -55.21 0.78
CA ASN SA 69 -32.61 -54.88 -0.35
C ASN SA 69 -32.73 -56.05 -1.33
N ASP SA 70 -31.64 -56.80 -1.53
CA ASP SA 70 -31.69 -57.94 -2.43
C ASP SA 70 -32.67 -58.99 -1.95
N GLY SA 71 -32.65 -59.30 -0.64
CA GLY SA 71 -33.62 -60.25 -0.10
C GLY SA 71 -35.04 -59.78 -0.28
N ILE SA 72 -35.28 -58.48 -0.11
CA ILE SA 72 -36.60 -57.93 -0.37
C ILE SA 72 -37.03 -58.23 -1.80
N SER SA 73 -36.13 -57.99 -2.76
CA SER SA 73 -36.45 -58.24 -4.16
C SER SA 73 -36.76 -59.71 -4.42
N VAL SA 74 -35.95 -60.61 -3.83
CA VAL SA 74 -36.16 -62.05 -4.03
C VAL SA 74 -37.54 -62.45 -3.54
N ALA SA 75 -37.90 -61.98 -2.35
CA ALA SA 75 -39.21 -62.30 -1.80
C ALA SA 75 -40.33 -61.78 -2.69
N GLN SA 76 -40.18 -60.57 -3.22
CA GLN SA 76 -41.20 -60.02 -4.11
C GLN SA 76 -41.40 -60.90 -5.33
N THR SA 77 -40.30 -61.29 -5.99
CA THR SA 77 -40.40 -62.09 -7.20
C THR SA 77 -41.07 -63.43 -6.91
N THR SA 78 -40.63 -64.11 -5.84
CA THR SA 78 -41.21 -65.39 -5.51
C THR SA 78 -42.70 -65.26 -5.20
N GLU SA 79 -43.08 -64.18 -4.50
CA GLU SA 79 -44.49 -63.97 -4.19
C GLU SA 79 -45.33 -63.78 -5.45
N GLY SA 80 -44.81 -63.04 -6.44
CA GLY SA 80 -45.54 -62.91 -7.69
C GLY SA 80 -45.78 -64.24 -8.37
N ALA SA 81 -44.73 -65.06 -8.45
CA ALA SA 81 -44.90 -66.39 -9.03
C ALA SA 81 -45.94 -67.20 -8.27
N LEU SA 82 -45.90 -67.12 -6.94
CA LEU SA 82 -46.87 -67.83 -6.11
C LEU SA 82 -48.29 -67.36 -6.38
N SER SA 83 -48.47 -66.05 -6.59
CA SER SA 83 -49.81 -65.53 -6.88
C SER SA 83 -50.34 -66.10 -8.18
N GLU SA 84 -49.49 -66.20 -9.20
CA GLU SA 84 -49.95 -66.81 -10.45
C GLU SA 84 -50.34 -68.27 -10.23
N ILE SA 85 -49.53 -69.01 -9.47
CA ILE SA 85 -49.87 -70.41 -9.17
C ILE SA 85 -51.21 -70.49 -8.45
N ASN SA 86 -51.46 -69.57 -7.52
CA ASN SA 86 -52.71 -69.56 -6.79
C ASN SA 86 -53.90 -69.33 -7.71
N ASN SA 87 -53.76 -68.40 -8.65
CA ASN SA 87 -54.85 -68.16 -9.59
C ASN SA 87 -55.15 -69.41 -10.42
N ASN SA 88 -54.09 -70.09 -10.88
CA ASN SA 88 -54.31 -71.33 -11.64
C ASN SA 88 -55.01 -72.38 -10.78
N LEU SA 89 -54.62 -72.49 -9.51
CA LEU SA 89 -55.27 -73.45 -8.62
C LEU SA 89 -56.75 -73.12 -8.42
N GLN SA 90 -57.07 -71.82 -8.30
CA GLN SA 90 -58.46 -71.43 -8.15
C GLN SA 90 -59.29 -71.81 -9.37
N ARG SA 91 -58.74 -71.58 -10.56
CA ARG SA 91 -59.47 -71.99 -11.77
C ARG SA 91 -59.64 -73.50 -11.81
N VAL SA 92 -58.62 -74.25 -11.39
CA VAL SA 92 -58.75 -75.71 -11.34
C VAL SA 92 -59.85 -76.12 -10.37
N ARG SA 93 -59.99 -75.39 -9.27
CA ARG SA 93 -61.05 -75.70 -8.31
C ARG SA 93 -62.43 -75.45 -8.91
N GLU SA 94 -62.60 -74.34 -9.63
CA GLU SA 94 -63.85 -74.15 -10.38
C GLU SA 94 -64.10 -75.33 -11.31
N LEU SA 95 -63.06 -75.76 -12.03
CA LEU SA 95 -63.22 -76.82 -13.00
C LEU SA 95 -63.69 -78.12 -12.33
N THR SA 96 -63.09 -78.46 -11.19
CA THR SA 96 -63.48 -79.67 -10.47
C THR SA 96 -64.92 -79.56 -9.96
N VAL SA 97 -65.30 -78.39 -9.44
CA VAL SA 97 -66.67 -78.20 -8.98
C VAL SA 97 -67.65 -78.41 -10.13
N GLN SA 98 -67.30 -77.90 -11.31
CA GLN SA 98 -68.17 -78.10 -12.47
C GLN SA 98 -68.19 -79.57 -12.92
N ALA SA 99 -67.06 -80.27 -12.79
CA ALA SA 99 -66.96 -81.61 -13.33
C ALA SA 99 -67.61 -82.66 -12.45
N THR SA 100 -67.64 -82.46 -11.13
CA THR SA 100 -68.16 -83.47 -10.22
C THR SA 100 -69.70 -83.50 -10.27
N THR SA 101 -70.22 -83.86 -11.44
CA THR SA 101 -71.65 -83.83 -11.70
C THR SA 101 -72.04 -85.00 -12.58
N GLY SA 102 -73.32 -85.40 -12.50
CA GLY SA 102 -73.88 -86.41 -13.36
C GLY SA 102 -74.48 -85.93 -14.66
N THR SA 103 -74.65 -84.61 -14.83
CA THR SA 103 -75.24 -84.10 -16.07
C THR SA 103 -74.28 -84.24 -17.24
N ASN SA 104 -73.01 -83.90 -17.04
CA ASN SA 104 -72.06 -83.91 -18.14
C ASN SA 104 -71.78 -85.33 -18.63
N SER SA 105 -71.57 -85.47 -19.93
CA SER SA 105 -71.30 -86.77 -20.52
C SER SA 105 -69.81 -87.08 -20.40
N GLU SA 106 -69.38 -88.16 -21.05
CA GLU SA 106 -67.97 -88.55 -20.97
C GLU SA 106 -67.08 -87.57 -21.72
N SER SA 107 -67.55 -87.05 -22.85
CA SER SA 107 -66.75 -86.09 -23.62
C SER SA 107 -66.58 -84.78 -22.86
N ASP SA 108 -67.62 -84.37 -22.13
CA ASP SA 108 -67.51 -83.17 -21.30
C ASP SA 108 -66.45 -83.35 -20.22
N LEU SA 109 -66.45 -84.51 -19.57
CA LEU SA 109 -65.41 -84.81 -18.59
C LEU SA 109 -64.05 -84.84 -19.25
N SER SA 110 -63.97 -85.35 -20.48
CA SER SA 110 -62.70 -85.36 -21.21
C SER SA 110 -62.18 -83.94 -21.43
N SER SA 111 -63.06 -83.04 -21.85
CA SER SA 111 -62.64 -81.66 -22.07
C SER SA 111 -62.21 -81.00 -20.76
N ILE SA 112 -62.98 -81.22 -19.70
CA ILE SA 112 -62.61 -80.66 -18.40
C ILE SA 112 -61.25 -81.18 -17.96
N GLN SA 113 -61.02 -82.48 -18.10
CA GLN SA 113 -59.74 -83.05 -17.71
C GLN SA 113 -58.61 -82.52 -18.58
N ASP SA 114 -58.86 -82.32 -19.88
CA ASP SA 114 -57.85 -81.74 -20.74
C ASP SA 114 -57.42 -80.37 -20.25
N GLU SA 115 -58.40 -79.50 -19.95
CA GLU SA 115 -58.05 -78.16 -19.50
C GLU SA 115 -57.39 -78.19 -18.13
N ILE SA 116 -57.86 -79.08 -17.24
CA ILE SA 116 -57.28 -79.20 -15.91
C ILE SA 116 -55.82 -79.63 -16.01
N LYS SA 117 -55.54 -80.61 -16.86
CA LYS SA 117 -54.18 -81.09 -17.04
C LYS SA 117 -53.30 -80.01 -17.66
N SER SA 118 -53.86 -79.24 -18.59
CA SER SA 118 -53.10 -78.13 -19.17
C SER SA 118 -52.71 -77.12 -18.09
N ARG SA 119 -53.65 -76.79 -17.20
CA ARG SA 119 -53.33 -75.83 -16.15
C ARG SA 119 -52.37 -76.40 -15.11
N LEU SA 120 -52.47 -77.69 -14.80
CA LEU SA 120 -51.50 -78.31 -13.91
C LEU SA 120 -50.11 -78.30 -14.53
N ASP SA 121 -50.02 -78.58 -15.83
CA ASP SA 121 -48.73 -78.50 -16.52
C ASP SA 121 -48.19 -77.08 -16.49
N GLU SA 122 -49.07 -76.08 -16.65
CA GLU SA 122 -48.64 -74.69 -16.56
C GLU SA 122 -48.12 -74.36 -15.17
N ILE SA 123 -48.78 -74.90 -14.14
CA ILE SA 123 -48.32 -74.68 -12.76
C ILE SA 123 -46.92 -75.26 -12.59
N ASP SA 124 -46.72 -76.49 -13.04
CA ASP SA 124 -45.41 -77.12 -12.92
C ASP SA 124 -44.36 -76.34 -13.70
N ARG SA 125 -44.72 -75.88 -14.90
CA ARG SA 125 -43.81 -75.08 -15.72
C ARG SA 125 -43.38 -73.81 -14.99
N VAL SA 126 -44.35 -73.02 -14.52
CA VAL SA 126 -44.01 -71.75 -13.87
C VAL SA 126 -43.23 -72.00 -12.59
N SER SA 127 -43.49 -73.13 -11.92
CA SER SA 127 -42.70 -73.47 -10.74
C SER SA 127 -41.25 -73.74 -11.13
N GLY SA 128 -41.02 -74.59 -12.12
CA GLY SA 128 -39.67 -74.96 -12.48
C GLY SA 128 -38.87 -73.82 -13.09
N GLN SA 129 -39.51 -73.04 -13.96
CA GLN SA 129 -38.78 -72.08 -14.79
C GLN SA 129 -38.41 -70.81 -14.05
N THR SA 130 -39.19 -70.41 -13.05
CA THR SA 130 -38.99 -69.14 -12.37
C THR SA 130 -37.65 -69.17 -11.63
N GLN SA 131 -36.67 -68.45 -12.16
CA GLN SA 131 -35.32 -68.43 -11.60
C GLN SA 131 -34.86 -66.99 -11.41
N PHE SA 132 -34.19 -66.74 -10.29
CA PHE SA 132 -33.70 -65.42 -9.93
C PHE SA 132 -32.19 -65.49 -9.75
N ASN SA 133 -31.46 -64.66 -10.51
CA ASN SA 133 -30.01 -64.53 -10.37
C ASN SA 133 -29.33 -65.89 -10.37
N GLY SA 134 -29.69 -66.72 -11.33
CA GLY SA 134 -29.15 -68.06 -11.42
C GLY SA 134 -29.53 -68.97 -10.27
N VAL SA 135 -30.72 -68.78 -9.70
CA VAL SA 135 -31.22 -69.61 -8.61
C VAL SA 135 -32.69 -69.90 -8.87
N ASN SA 136 -33.02 -71.18 -9.03
CA ASN SA 136 -34.41 -71.60 -9.19
C ASN SA 136 -35.06 -71.63 -7.82
N VAL SA 137 -35.81 -70.57 -7.49
CA VAL SA 137 -36.33 -70.43 -6.14
C VAL SA 137 -37.37 -71.50 -5.83
N LEU SA 138 -38.33 -71.69 -6.73
CA LEU SA 138 -39.39 -72.68 -6.52
C LEU SA 138 -39.08 -73.99 -7.23
N ALA SA 139 -37.92 -74.55 -6.91
CA ALA SA 139 -37.53 -75.84 -7.47
C ALA SA 139 -36.88 -76.78 -6.46
N LYS SA 140 -36.63 -76.34 -5.23
CA LYS SA 140 -35.95 -77.18 -4.25
C LYS SA 140 -36.07 -76.58 -2.85
N ASN SA 141 -36.36 -77.42 -1.87
CA ASN SA 141 -36.39 -76.96 -0.48
C ASN SA 141 -35.02 -76.46 -0.07
N GLY SA 142 -34.99 -75.27 0.51
CA GLY SA 142 -33.72 -74.69 0.92
C GLY SA 142 -33.92 -73.49 1.82
N SER SA 143 -32.83 -72.77 2.04
CA SER SA 143 -32.87 -71.58 2.88
C SER SA 143 -31.82 -70.59 2.37
N MET SA 144 -32.11 -69.31 2.56
CA MET SA 144 -31.21 -68.24 2.17
C MET SA 144 -30.84 -67.43 3.40
N LYS SA 145 -29.57 -67.02 3.48
CA LYS SA 145 -29.03 -66.31 4.62
C LYS SA 145 -28.60 -64.92 4.18
N ILE SA 146 -29.34 -63.90 4.62
CA ILE SA 146 -29.13 -62.53 4.19
C ILE SA 146 -28.29 -61.82 5.24
N GLN SA 147 -27.13 -61.30 4.84
CA GLN SA 147 -26.26 -60.57 5.74
C GLN SA 147 -26.84 -59.18 5.99
N VAL SA 148 -27.25 -58.92 7.23
CA VAL SA 148 -27.85 -57.63 7.57
C VAL SA 148 -27.13 -57.03 8.78
N GLY SA 149 -25.85 -57.35 8.94
CA GLY SA 149 -25.07 -56.81 10.04
C GLY SA 149 -23.62 -56.65 9.64
N ALA SA 150 -22.83 -56.14 10.60
CA ALA SA 150 -21.43 -55.84 10.34
C ALA SA 150 -20.49 -56.99 10.68
N ASN SA 151 -20.78 -57.75 11.72
CA ASN SA 151 -19.93 -58.83 12.19
C ASN SA 151 -20.31 -60.14 11.51
N ASP SA 152 -19.76 -61.25 12.01
CA ASP SA 152 -20.13 -62.57 11.52
C ASP SA 152 -21.40 -63.07 12.17
N ASN SA 153 -22.13 -63.92 11.44
CA ASN SA 153 -23.40 -64.49 11.91
C ASN SA 153 -24.38 -63.39 12.29
N GLN SA 154 -24.69 -62.55 11.32
CA GLN SA 154 -25.56 -61.39 11.46
C GLN SA 154 -26.73 -61.50 10.49
N THR SA 155 -27.29 -62.70 10.35
CA THR SA 155 -28.10 -63.05 9.20
C THR SA 155 -29.57 -63.25 9.55
N ILE SA 156 -30.43 -62.91 8.60
CA ILE SA 156 -31.85 -63.26 8.62
C ILE SA 156 -32.07 -64.35 7.60
N THR SA 157 -32.77 -65.41 8.00
CA THR SA 157 -32.91 -66.60 7.19
C THR SA 157 -34.23 -66.56 6.41
N ILE SA 158 -34.13 -66.67 5.09
CA ILE SA 158 -35.30 -66.79 4.21
C ILE SA 158 -35.47 -68.24 3.84
N ASP SA 159 -36.71 -68.71 3.82
CA ASP SA 159 -37.02 -70.11 3.54
C ASP SA 159 -37.68 -70.24 2.17
N LEU SA 160 -37.31 -71.30 1.46
CA LEU SA 160 -37.88 -71.60 0.14
C LEU SA 160 -38.32 -73.05 0.12
N LYS SA 161 -39.58 -73.28 -0.24
CA LYS SA 161 -40.14 -74.63 -0.34
C LYS SA 161 -40.45 -74.96 -1.79
N GLN SA 162 -40.01 -76.12 -2.25
CA GLN SA 162 -40.33 -76.58 -3.58
C GLN SA 162 -41.83 -76.79 -3.72
N ILE SA 163 -42.46 -75.99 -4.56
CA ILE SA 163 -43.90 -76.05 -4.79
C ILE SA 163 -44.13 -76.51 -6.22
N ASP SA 164 -44.70 -77.71 -6.36
CA ASP SA 164 -45.00 -78.27 -7.66
C ASP SA 164 -46.08 -79.33 -7.47
N ALA SA 165 -46.47 -79.98 -8.57
CA ALA SA 165 -47.55 -80.96 -8.53
C ALA SA 165 -47.22 -82.11 -7.59
N LYS SA 166 -45.97 -82.58 -7.62
CA LYS SA 166 -45.59 -83.71 -6.78
C LYS SA 166 -45.66 -83.36 -5.29
N THR SA 167 -45.17 -82.17 -4.93
CA THR SA 167 -45.12 -81.76 -3.54
C THR SA 167 -46.39 -81.05 -3.08
N LEU SA 168 -47.50 -81.24 -3.79
CA LEU SA 168 -48.78 -80.68 -3.38
C LEU SA 168 -49.90 -81.71 -3.34
N GLY SA 169 -49.65 -82.96 -3.73
CA GLY SA 169 -50.68 -83.96 -3.79
C GLY SA 169 -51.43 -84.02 -5.11
N LEU SA 170 -51.20 -83.06 -6.00
CA LEU SA 170 -51.85 -83.05 -7.32
C LEU SA 170 -51.00 -83.73 -8.37
N ASP SA 171 -50.57 -84.95 -8.08
CA ASP SA 171 -49.76 -85.76 -9.00
C ASP SA 171 -50.61 -86.94 -9.42
N GLY SA 172 -51.10 -86.91 -10.65
CA GLY SA 172 -52.07 -87.89 -11.12
C GLY SA 172 -53.51 -87.46 -10.97
N PHE SA 173 -53.76 -86.17 -10.72
CA PHE SA 173 -55.11 -85.67 -10.49
C PHE SA 173 -55.92 -85.79 -11.78
N SER SA 174 -56.96 -86.62 -11.75
CA SER SA 174 -57.82 -86.83 -12.90
C SER SA 174 -59.27 -86.85 -12.46
N VAL SA 175 -60.17 -86.52 -13.40
CA VAL SA 175 -61.59 -86.53 -13.13
C VAL SA 175 -62.30 -87.36 -14.20
N LYS SA 176 -61.59 -88.34 -14.77
CA LYS SA 176 -62.16 -89.20 -15.79
C LYS SA 176 -61.44 -90.54 -15.77
N ASN SA 177 -62.07 -91.52 -16.41
CA ASN SA 177 -61.50 -92.87 -16.47
C ASN SA 177 -60.81 -93.12 -17.81
N THR SA 407 -59.99 -89.58 -9.48
CA THR SA 407 -59.36 -89.25 -8.20
C THR SA 407 -60.40 -89.12 -7.10
N THR SA 408 -60.13 -89.75 -5.96
CA THR SA 408 -61.05 -89.73 -4.83
C THR SA 408 -60.83 -88.49 -3.98
N ASP SA 409 -61.93 -87.90 -3.51
CA ASP SA 409 -61.91 -86.68 -2.72
C ASP SA 409 -61.08 -85.57 -3.38
N PRO SA 410 -61.50 -85.10 -4.55
CA PRO SA 410 -60.67 -84.09 -5.26
C PRO SA 410 -60.64 -82.75 -4.55
N LEU SA 411 -61.79 -82.25 -4.11
CA LEU SA 411 -61.88 -80.89 -3.60
C LEU SA 411 -61.06 -80.72 -2.32
N LYS SA 412 -61.06 -81.73 -1.46
CA LYS SA 412 -60.27 -81.66 -0.24
C LYS SA 412 -58.79 -81.54 -0.55
N ALA SA 413 -58.30 -82.32 -1.51
CA ALA SA 413 -56.89 -82.24 -1.90
C ALA SA 413 -56.57 -80.88 -2.51
N LEU SA 414 -57.47 -80.36 -3.34
CA LEU SA 414 -57.24 -79.04 -3.93
C LEU SA 414 -57.16 -77.96 -2.86
N ASP SA 415 -58.06 -78.01 -1.88
CA ASP SA 415 -58.02 -77.03 -0.79
C ASP SA 415 -56.76 -77.19 0.04
N ASP SA 416 -56.31 -78.42 0.25
CA ASP SA 416 -55.08 -78.65 0.98
C ASP SA 416 -53.89 -78.02 0.26
N ALA SA 417 -53.82 -78.20 -1.06
CA ALA SA 417 -52.74 -77.58 -1.83
C ALA SA 417 -52.81 -76.06 -1.77
N ILE SA 418 -54.02 -75.50 -1.85
CA ILE SA 418 -54.18 -74.05 -1.80
C ILE SA 418 -53.68 -73.51 -0.46
N ALA SA 419 -54.04 -74.19 0.64
CA ALA SA 419 -53.55 -73.76 1.95
C ALA SA 419 -52.04 -73.93 2.07
N SER SA 420 -51.49 -74.98 1.47
CA SER SA 420 -50.06 -75.24 1.58
C SER SA 420 -49.23 -74.25 0.80
N VAL SA 421 -49.78 -73.65 -0.25
CA VAL SA 421 -49.06 -72.58 -0.93
C VAL SA 421 -49.29 -71.22 -0.26
N ASP SA 422 -50.50 -70.99 0.27
CA ASP SA 422 -50.74 -69.73 0.97
C ASP SA 422 -49.89 -69.61 2.23
N LYS SA 423 -49.58 -70.74 2.87
CA LYS SA 423 -48.70 -70.72 4.03
C LYS SA 423 -47.32 -70.16 3.67
N PHE SA 424 -46.76 -70.63 2.56
CA PHE SA 424 -45.45 -70.14 2.13
C PHE SA 424 -45.54 -68.68 1.70
N ARG SA 425 -46.65 -68.29 1.08
CA ARG SA 425 -46.82 -66.87 0.75
C ARG SA 425 -46.79 -66.00 1.99
N SER SA 426 -47.50 -66.42 3.04
CA SER SA 426 -47.52 -65.66 4.28
C SER SA 426 -46.14 -65.60 4.92
N SER SA 427 -45.40 -66.72 4.86
CA SER SA 427 -44.05 -66.71 5.39
C SER SA 427 -43.18 -65.70 4.65
N LEU SA 428 -43.30 -65.66 3.32
CA LEU SA 428 -42.53 -64.70 2.53
C LEU SA 428 -42.88 -63.27 2.90
N GLY SA 429 -44.16 -62.97 3.07
CA GLY SA 429 -44.56 -61.64 3.48
C GLY SA 429 -43.99 -61.24 4.84
N ALA SA 430 -44.02 -62.18 5.79
CA ALA SA 430 -43.44 -61.91 7.11
C ALA SA 430 -41.95 -61.62 7.00
N VAL SA 431 -41.25 -62.38 6.15
CA VAL SA 431 -39.82 -62.12 5.95
C VAL SA 431 -39.61 -60.73 5.36
N GLN SA 432 -40.47 -60.33 4.42
CA GLN SA 432 -40.37 -58.99 3.83
C GLN SA 432 -40.48 -57.92 4.90
N ASN SA 433 -41.49 -58.05 5.77
CA ASN SA 433 -41.69 -57.03 6.81
C ASN SA 433 -40.50 -56.97 7.75
N ARG SA 434 -40.01 -58.14 8.19
CA ARG SA 434 -38.87 -58.19 9.08
C ARG SA 434 -37.65 -57.53 8.44
N LEU SA 435 -37.41 -57.82 7.17
CA LEU SA 435 -36.22 -57.30 6.50
C LEU SA 435 -36.30 -55.80 6.31
N ASP SA 436 -37.50 -55.29 6.00
CA ASP SA 436 -37.66 -53.83 5.87
C ASP SA 436 -37.40 -53.14 7.21
N SER SA 437 -37.92 -53.70 8.30
CA SER SA 437 -37.64 -53.15 9.62
C SER SA 437 -36.14 -53.12 9.87
N ALA SA 438 -35.45 -54.19 9.48
CA ALA SA 438 -34.00 -54.24 9.63
C ALA SA 438 -33.33 -53.12 8.84
N VAL SA 439 -33.78 -52.89 7.60
CA VAL SA 439 -33.19 -51.83 6.78
C VAL SA 439 -33.32 -50.48 7.47
N THR SA 440 -34.51 -50.19 7.99
CA THR SA 440 -34.71 -48.90 8.66
C THR SA 440 -33.82 -48.77 9.89
N ASN SA 441 -33.71 -49.83 10.68
CA ASN SA 441 -32.88 -49.77 11.88
C ASN SA 441 -31.41 -49.53 11.52
N LEU SA 442 -30.92 -50.23 10.48
CA LEU SA 442 -29.54 -50.03 10.05
C LEU SA 442 -29.32 -48.61 9.54
N ASN SA 443 -30.30 -48.04 8.83
CA ASN SA 443 -30.16 -46.65 8.38
C ASN SA 443 -29.99 -45.71 9.56
N ASN SA 444 -30.83 -45.86 10.58
CA ASN SA 444 -30.74 -44.97 11.74
C ASN SA 444 -29.40 -45.14 12.47
N THR SA 445 -28.97 -46.40 12.65
CA THR SA 445 -27.71 -46.65 13.34
C THR SA 445 -26.52 -46.07 12.56
N THR SA 446 -26.56 -46.21 11.23
CA THR SA 446 -25.49 -45.66 10.40
C THR SA 446 -25.43 -44.14 10.54
N THR SA 447 -26.59 -43.48 10.54
CA THR SA 447 -26.60 -42.03 10.71
C THR SA 447 -26.00 -41.64 12.05
N ASN SA 448 -26.39 -42.34 13.13
CA ASN SA 448 -25.86 -41.99 14.45
C ASN SA 448 -24.35 -42.20 14.51
N LEU SA 449 -23.86 -43.30 13.95
CA LEU SA 449 -22.41 -43.55 13.98
C LEU SA 449 -21.67 -42.50 13.15
N SER SA 450 -22.23 -42.10 12.01
CA SER SA 450 -21.59 -41.06 11.21
C SER SA 450 -21.51 -39.75 11.98
N GLU SA 451 -22.58 -39.39 12.69
CA GLU SA 451 -22.54 -38.16 13.47
C GLU SA 451 -21.50 -38.24 14.58
N ALA SA 452 -21.38 -39.41 15.24
CA ALA SA 452 -20.36 -39.56 16.28
C ALA SA 452 -18.95 -39.43 15.70
N GLN SA 453 -18.71 -40.05 14.55
CA GLN SA 453 -17.41 -39.93 13.91
C GLN SA 453 -17.12 -38.49 13.54
N SER SA 454 -18.14 -37.75 13.11
CA SER SA 454 -17.97 -36.32 12.86
C SER SA 454 -17.59 -35.58 14.14
N ARG SA 455 -18.23 -35.94 15.25
CA ARG SA 455 -17.92 -35.29 16.52
C ARG SA 455 -16.54 -35.65 17.05
N ILE SA 456 -15.91 -36.70 16.51
CA ILE SA 456 -14.61 -37.14 16.98
C ILE SA 456 -13.48 -36.64 16.09
N GLN SA 457 -13.58 -36.87 14.78
CA GLN SA 457 -12.43 -36.67 13.89
C GLN SA 457 -12.44 -35.33 13.15
N ASP SA 458 -13.61 -34.72 12.95
CA ASP SA 458 -13.68 -33.53 12.12
C ASP SA 458 -13.16 -32.31 12.88
N ALA SA 459 -12.79 -31.28 12.12
CA ALA SA 459 -12.24 -30.05 12.67
C ALA SA 459 -13.25 -28.91 12.57
N ASP SA 460 -13.12 -27.95 13.49
CA ASP SA 460 -14.00 -26.78 13.55
C ASP SA 460 -13.23 -25.61 12.93
N TYR SA 461 -13.77 -25.06 11.84
CA TYR SA 461 -13.00 -24.12 11.03
C TYR SA 461 -12.80 -22.77 11.71
N ALA SA 462 -13.75 -22.33 12.53
CA ALA SA 462 -13.60 -21.03 13.20
C ALA SA 462 -12.37 -21.03 14.11
N THR SA 463 -12.22 -22.09 14.91
CA THR SA 463 -11.08 -22.19 15.80
C THR SA 463 -9.78 -22.25 15.01
N GLU SA 464 -9.76 -23.02 13.92
CA GLU SA 464 -8.56 -23.14 13.11
C GLU SA 464 -8.18 -21.80 12.49
N VAL SA 465 -9.17 -21.04 12.01
CA VAL SA 465 -8.89 -19.73 11.43
C VAL SA 465 -8.31 -18.79 12.49
N SER SA 466 -8.91 -18.80 13.68
CA SER SA 466 -8.40 -17.93 14.75
C SER SA 466 -6.96 -18.29 15.10
N ASN SA 467 -6.68 -19.59 15.25
CA ASN SA 467 -5.33 -20.02 15.60
C ASN SA 467 -4.33 -19.67 14.49
N MET SA 468 -4.74 -19.85 13.23
CA MET SA 468 -3.85 -19.51 12.11
C MET SA 468 -3.53 -18.03 12.10
N SER SA 469 -4.54 -17.18 12.28
CA SER SA 469 -4.30 -15.75 12.29
C SER SA 469 -3.39 -15.36 13.45
N LYS SA 470 -3.62 -15.96 14.62
CA LYS SA 470 -2.77 -15.69 15.78
C LYS SA 470 -1.32 -16.06 15.49
N ALA SA 471 -1.11 -17.25 14.91
CA ALA SA 471 0.24 -17.70 14.61
C ALA SA 471 0.92 -16.78 13.59
N GLN SA 472 0.16 -16.34 12.58
CA GLN SA 472 0.75 -15.45 11.58
C GLN SA 472 1.16 -14.12 12.18
N ILE SA 473 0.31 -13.55 13.03
CA ILE SA 473 0.66 -12.29 13.69
C ILE SA 473 1.90 -12.48 14.56
N ILE SA 474 1.96 -13.59 15.30
CA ILE SA 474 3.12 -13.85 16.15
C ILE SA 474 4.38 -13.96 15.30
N GLN SA 475 4.30 -14.63 14.15
CA GLN SA 475 5.46 -14.77 13.29
C GLN SA 475 5.94 -13.43 12.77
N GLN SA 476 5.01 -12.58 12.32
CA GLN SA 476 5.41 -11.27 11.81
C GLN SA 476 6.04 -10.42 12.91
N ALA SA 477 5.44 -10.43 14.11
CA ALA SA 477 6.01 -9.67 15.22
C ALA SA 477 7.41 -10.18 15.56
N GLY SA 478 7.56 -11.51 15.59
CA GLY SA 478 8.87 -12.08 15.89
C GLY SA 478 9.92 -11.70 14.86
N ASN SA 479 9.52 -11.66 13.58
CA ASN SA 479 10.47 -11.26 12.54
C ASN SA 479 10.90 -9.80 12.72
N SER SA 480 9.94 -8.92 13.02
CA SER SA 480 10.31 -7.51 13.23
C SER SA 480 11.23 -7.36 14.43
N VAL SA 481 10.92 -8.04 15.54
CA VAL SA 481 11.75 -7.95 16.73
C VAL SA 481 13.12 -8.55 16.47
N LEU SA 482 13.21 -9.61 15.66
CA LEU SA 482 14.51 -10.15 15.30
C LEU SA 482 15.33 -9.16 14.50
N ALA SA 483 14.69 -8.44 13.58
CA ALA SA 483 15.40 -7.42 12.83
C ALA SA 483 15.96 -6.36 13.76
N LYS SA 484 15.15 -5.91 14.72
CA LYS SA 484 15.66 -4.93 15.68
C LYS SA 484 16.80 -5.50 16.52
N ALA SA 485 16.69 -6.76 16.94
CA ALA SA 485 17.73 -7.38 17.75
C ALA SA 485 19.03 -7.46 17.00
N ASN SA 486 19.00 -7.84 15.73
CA ASN SA 486 20.23 -7.86 14.94
C ASN SA 486 20.75 -6.46 14.68
N GLN SA 487 19.87 -5.46 14.65
CA GLN SA 487 20.33 -4.08 14.49
C GLN SA 487 20.97 -3.53 15.76
N VAL SA 488 20.65 -4.11 16.92
CA VAL SA 488 21.16 -3.57 18.19
C VAL SA 488 22.68 -3.51 18.25
N PRO SA 489 23.44 -4.56 17.94
CA PRO SA 489 24.89 -4.54 18.22
C PRO SA 489 25.69 -3.51 17.44
N GLN SA 490 25.07 -2.70 16.58
CA GLN SA 490 25.84 -1.75 15.77
C GLN SA 490 26.49 -0.64 16.60
N GLN SA 491 26.01 -0.41 17.83
CA GLN SA 491 26.50 0.73 18.61
C GLN SA 491 27.97 0.58 18.97
N VAL SA 492 28.47 -0.64 19.06
CA VAL SA 492 29.88 -0.84 19.41
C VAL SA 492 30.79 -0.31 18.32
N LEU SA 493 30.38 -0.43 17.06
CA LEU SA 493 31.18 0.14 15.98
C LEU SA 493 31.26 1.66 16.09
N SER SA 494 30.14 2.30 16.43
CA SER SA 494 30.16 3.74 16.66
C SER SA 494 31.06 4.10 17.83
N LEU SA 495 31.03 3.29 18.88
CA LEU SA 495 31.92 3.51 20.02
C LEU SA 495 33.38 3.43 19.58
N LEU SA 496 33.72 2.43 18.79
CA LEU SA 496 35.09 2.24 18.34
C LEU SA 496 35.54 3.39 17.46
N GLN SA 497 34.69 3.82 16.53
CA GLN SA 497 35.09 4.85 15.57
C GLN SA 497 35.39 6.17 16.27
N GLY SA 498 34.55 6.55 17.23
CA GLY SA 498 34.74 7.80 17.94
C GLY SA 498 33.44 8.54 18.23
N GLN TA 3 65.99 9.64 -3.65
CA GLN TA 3 65.51 10.82 -2.94
C GLN TA 3 65.13 11.88 -3.97
N VAL TA 4 65.24 11.50 -5.22
CA VAL TA 4 65.08 12.39 -6.38
C VAL TA 4 63.80 13.21 -6.29
N ILE TA 5 63.93 14.52 -6.49
CA ILE TA 5 62.79 15.43 -6.51
C ILE TA 5 62.55 16.03 -7.89
N ASN TA 6 63.26 15.53 -8.90
CA ASN TA 6 63.03 15.95 -10.28
C ASN TA 6 62.19 14.94 -11.05
N THR TA 7 61.93 13.77 -10.46
CA THR TA 7 61.11 12.74 -11.05
C THR TA 7 60.42 11.97 -9.94
N ASN TA 8 59.12 11.70 -10.11
CA ASN TA 8 58.31 11.09 -9.08
C ASN TA 8 57.73 9.78 -9.59
N SER TA 9 58.59 8.93 -10.16
CA SER TA 9 58.23 7.71 -10.87
C SER TA 9 57.03 6.98 -10.28
N LEU TA 10 56.95 6.87 -8.96
CA LEU TA 10 55.81 6.22 -8.32
C LEU TA 10 54.51 6.91 -8.72
N SER TA 11 54.52 8.24 -8.78
CA SER TA 11 53.33 8.96 -9.23
C SER TA 11 53.00 8.61 -10.68
N LEU TA 12 54.02 8.45 -11.52
CA LEU TA 12 53.77 8.05 -12.91
C LEU TA 12 53.13 6.68 -12.98
N ILE TA 13 53.60 5.73 -12.17
CA ILE TA 13 53.00 4.40 -12.14
C ILE TA 13 51.54 4.50 -11.71
N THR TA 14 51.27 5.29 -10.66
CA THR TA 14 49.91 5.41 -10.17
C THR TA 14 48.99 6.03 -11.23
N GLN TA 15 49.47 7.06 -11.92
CA GLN TA 15 48.67 7.66 -12.99
C GLN TA 15 48.42 6.66 -14.11
N ASN TA 16 49.43 5.84 -14.43
CA ASN TA 16 49.24 4.81 -15.45
C ASN TA 16 48.15 3.83 -15.04
N ASN TA 17 48.17 3.39 -13.77
CA ASN TA 17 47.15 2.45 -13.31
C ASN TA 17 45.76 3.09 -13.34
N ILE TA 18 45.67 4.37 -12.97
CA ILE TA 18 44.39 5.07 -13.03
C ILE TA 18 43.89 5.13 -14.46
N ASN TA 19 44.79 5.44 -15.40
CA ASN TA 19 44.41 5.49 -16.81
C ASN TA 19 43.92 4.13 -17.30
N LYS TA 20 44.58 3.06 -16.85
CA LYS TA 20 44.10 1.72 -17.20
C LYS TA 20 42.71 1.48 -16.65
N ASN TA 21 42.45 1.90 -15.41
CA ASN TA 21 41.16 1.65 -14.78
C ASN TA 21 40.04 2.42 -15.45
N GLN TA 22 40.32 3.64 -15.94
CA GLN TA 22 39.28 4.52 -16.44
C GLN TA 22 38.41 3.85 -17.50
N SER TA 23 39.01 3.03 -18.36
CA SER TA 23 38.28 2.46 -19.49
C SER TA 23 37.14 1.56 -19.02
N ALA TA 24 37.40 0.69 -18.04
CA ALA TA 24 36.35 -0.21 -17.57
C ALA TA 24 35.19 0.55 -16.95
N LEU TA 25 35.51 1.58 -16.15
CA LEU TA 25 34.46 2.40 -15.54
C LEU TA 25 33.60 3.09 -16.61
N SER TA 26 34.26 3.68 -17.60
CA SER TA 26 33.52 4.37 -18.65
C SER TA 26 32.63 3.39 -19.42
N SER TA 27 33.18 2.23 -19.77
CA SER TA 27 32.40 1.23 -20.50
C SER TA 27 31.22 0.75 -19.69
N SER TA 28 31.42 0.51 -18.39
CA SER TA 28 30.32 0.03 -17.54
C SER TA 28 29.21 1.06 -17.46
N ILE TA 29 29.55 2.33 -17.27
CA ILE TA 29 28.52 3.36 -17.20
C ILE TA 29 27.79 3.48 -18.54
N GLU TA 30 28.54 3.42 -19.64
CA GLU TA 30 27.90 3.53 -20.96
C GLU TA 30 26.93 2.38 -21.20
N ARG TA 31 27.34 1.16 -20.85
CA ARG TA 31 26.45 0.01 -21.02
C ARG TA 31 25.23 0.12 -20.13
N LEU TA 32 25.40 0.59 -18.90
CA LEU TA 32 24.26 0.74 -18.00
C LEU TA 32 23.29 1.78 -18.52
N SER TA 33 23.80 2.89 -19.07
CA SER TA 33 22.92 3.93 -19.59
C SER TA 33 22.19 3.46 -20.84
N SER TA 34 22.90 2.84 -21.77
CA SER TA 34 22.28 2.40 -23.01
C SER TA 34 21.42 1.16 -22.80
N GLY TA 35 21.89 0.21 -21.99
CA GLY TA 35 21.22 -1.05 -21.82
C GLY TA 35 21.67 -2.13 -22.78
N LEU TA 36 22.49 -1.79 -23.78
CA LEU TA 36 23.00 -2.75 -24.74
C LEU TA 36 24.46 -3.06 -24.43
N ARG TA 37 24.84 -4.32 -24.63
CA ARG TA 37 26.24 -4.69 -24.46
C ARG TA 37 27.09 -4.20 -25.61
N ILE TA 38 26.57 -4.21 -26.83
CA ILE TA 38 27.31 -3.80 -28.02
C ILE TA 38 26.88 -2.37 -28.31
N ASN TA 39 27.62 -1.41 -27.77
CA ASN TA 39 27.32 0.00 -27.98
C ASN TA 39 28.08 0.60 -29.17
N SER TA 40 29.03 -0.13 -29.75
CA SER TA 40 29.81 0.37 -30.88
C SER TA 40 30.49 -0.82 -31.55
N ALA TA 41 31.07 -0.54 -32.73
CA ALA TA 41 31.79 -1.58 -33.45
C ALA TA 41 33.05 -2.02 -32.73
N LYS TA 42 33.61 -1.16 -31.87
CA LYS TA 42 34.81 -1.55 -31.14
C LYS TA 42 34.52 -2.71 -30.18
N ASP TA 43 33.29 -2.84 -29.71
CA ASP TA 43 32.96 -3.91 -28.77
C ASP TA 43 33.10 -5.28 -29.42
N ASP TA 44 32.17 -5.62 -30.31
CA ASP TA 44 32.22 -6.88 -31.05
C ASP TA 44 32.20 -6.65 -32.56
N ALA TA 45 31.13 -6.01 -33.06
CA ALA TA 45 30.85 -5.69 -34.45
C ALA TA 45 30.53 -6.90 -35.30
N ALA TA 46 30.92 -8.10 -34.87
CA ALA TA 46 30.32 -9.30 -35.44
C ALA TA 46 28.94 -9.52 -34.85
N GLY TA 47 28.85 -9.40 -33.52
CA GLY TA 47 27.56 -9.36 -32.88
C GLY TA 47 26.72 -8.18 -33.36
N GLN TA 48 27.38 -7.06 -33.65
CA GLN TA 48 26.63 -5.90 -34.15
C GLN TA 48 26.08 -6.15 -35.54
N ALA TA 49 26.87 -6.78 -36.43
CA ALA TA 49 26.35 -7.11 -37.75
C ALA TA 49 25.20 -8.11 -37.66
N ILE TA 50 25.35 -9.14 -36.81
CA ILE TA 50 24.28 -10.11 -36.64
C ILE TA 50 23.03 -9.44 -36.09
N ALA TA 51 23.20 -8.53 -35.12
CA ALA TA 51 22.07 -7.82 -34.54
C ALA TA 51 21.38 -6.93 -35.56
N ASN TA 52 22.16 -6.26 -36.41
CA ASN TA 52 21.56 -5.44 -37.47
C ASN TA 52 20.71 -6.29 -38.40
N ARG TA 53 21.24 -7.44 -38.83
CA ARG TA 53 20.47 -8.32 -39.70
C ARG TA 53 19.25 -8.86 -38.98
N PHE TA 54 19.38 -9.16 -37.69
CA PHE TA 54 18.24 -9.66 -36.92
C PHE TA 54 17.14 -8.62 -36.81
N THR TA 55 17.51 -7.37 -36.57
CA THR TA 55 16.53 -6.29 -36.51
C THR TA 55 15.84 -6.12 -37.85
N SER TA 56 16.60 -6.20 -38.94
CA SER TA 56 16.00 -6.12 -40.28
C SER TA 56 14.98 -7.23 -40.47
N ASN TA 57 15.35 -8.45 -40.09
CA ASN TA 57 14.42 -9.58 -40.24
C ASN TA 57 13.17 -9.39 -39.38
N ILE TA 58 13.34 -8.91 -38.15
CA ILE TA 58 12.19 -8.71 -37.26
C ILE TA 58 11.22 -7.71 -37.87
N LYS TA 59 11.75 -6.57 -38.32
CA LYS TA 59 10.87 -5.54 -38.89
C LYS TA 59 10.19 -6.04 -40.16
N GLY TA 60 10.94 -6.76 -41.00
CA GLY TA 60 10.35 -7.30 -42.22
C GLY TA 60 9.24 -8.29 -41.93
N LEU TA 61 9.44 -9.17 -40.94
CA LEU TA 61 8.43 -10.17 -40.63
C LEU TA 61 7.18 -9.54 -40.02
N THR TA 62 7.36 -8.54 -39.15
CA THR TA 62 6.20 -7.85 -38.59
C THR TA 62 5.40 -7.17 -39.69
N GLN TA 63 6.08 -6.48 -40.61
CA GLN TA 63 5.40 -5.87 -41.72
C GLN TA 63 4.73 -6.90 -42.62
N ALA TA 64 5.35 -8.07 -42.77
CA ALA TA 64 4.76 -9.13 -43.58
C ALA TA 64 3.47 -9.64 -42.98
N ALA TA 65 3.42 -9.81 -41.65
CA ALA TA 65 2.18 -10.20 -41.01
C ALA TA 65 1.10 -9.13 -41.19
N ARG TA 66 1.49 -7.86 -41.05
CA ARG TA 66 0.52 -6.78 -41.26
C ARG TA 66 -0.03 -6.82 -42.68
N ASN TA 67 0.84 -7.08 -43.66
CA ASN TA 67 0.37 -7.23 -45.04
C ASN TA 67 -0.55 -8.43 -45.19
N ALA TA 68 -0.21 -9.54 -44.53
CA ALA TA 68 -0.98 -10.77 -44.68
C ALA TA 68 -2.42 -10.60 -44.20
N ASN TA 69 -2.61 -9.80 -43.15
CA ASN TA 69 -3.99 -9.58 -42.67
C ASN TA 69 -4.90 -9.00 -43.75
N ASP TA 70 -4.35 -8.18 -44.65
CA ASP TA 70 -5.15 -7.53 -45.67
C ASP TA 70 -5.78 -8.55 -46.62
N GLY TA 71 -5.03 -9.59 -46.99
CA GLY TA 71 -5.58 -10.61 -47.86
C GLY TA 71 -6.77 -11.31 -47.23
N ILE TA 72 -6.69 -11.58 -45.91
CA ILE TA 72 -7.81 -12.16 -45.21
C ILE TA 72 -9.03 -11.23 -45.28
N SER TA 73 -8.79 -9.92 -45.11
CA SER TA 73 -9.90 -8.98 -45.20
C SER TA 73 -10.55 -9.01 -46.58
N VAL TA 74 -9.72 -9.02 -47.64
CA VAL TA 74 -10.24 -9.05 -49.01
C VAL TA 74 -11.08 -10.30 -49.23
N ALA TA 75 -10.55 -11.45 -48.80
CA ALA TA 75 -11.27 -12.70 -48.98
C ALA TA 75 -12.59 -12.69 -48.23
N GLN TA 76 -12.62 -12.12 -47.03
CA GLN TA 76 -13.86 -12.06 -46.26
C GLN TA 76 -14.91 -11.23 -46.98
N THR TA 77 -14.51 -10.06 -47.51
CA THR TA 77 -15.46 -9.22 -48.22
C THR TA 77 -16.01 -9.94 -49.45
N THR TA 78 -15.11 -10.55 -50.24
CA THR TA 78 -15.56 -11.26 -51.43
C THR TA 78 -16.49 -12.41 -51.06
N GLU TA 79 -16.20 -13.10 -49.96
CA GLU TA 79 -17.06 -14.20 -49.52
C GLU TA 79 -18.45 -13.71 -49.15
N GLY TA 80 -18.54 -12.57 -48.47
CA GLY TA 80 -19.86 -12.02 -48.15
C GLY TA 80 -20.67 -11.72 -49.41
N ALA TA 81 -20.02 -11.07 -50.37
CA ALA TA 81 -20.71 -10.77 -51.63
C ALA TA 81 -21.16 -12.06 -52.32
N LEU TA 82 -20.29 -13.07 -52.32
CA LEU TA 82 -20.64 -14.35 -52.94
C LEU TA 82 -21.82 -15.01 -52.24
N SER TA 83 -21.89 -14.89 -50.91
CA SER TA 83 -23.01 -15.47 -50.18
C SER TA 83 -24.32 -14.80 -50.59
N GLU TA 84 -24.31 -13.48 -50.72
CA GLU TA 84 -25.54 -12.80 -51.18
C GLU TA 84 -25.93 -13.25 -52.59
N ILE TA 85 -24.94 -13.37 -53.48
CA ILE TA 85 -25.23 -13.86 -54.83
C ILE TA 85 -25.82 -15.26 -54.78
N ASN TA 86 -25.29 -16.11 -53.89
CA ASN TA 86 -25.79 -17.47 -53.76
C ASN TA 86 -27.24 -17.48 -53.32
N ASN TA 87 -27.59 -16.63 -52.35
CA ASN TA 87 -28.99 -16.57 -51.91
C ASN TA 87 -29.90 -16.14 -53.05
N ASN TA 88 -29.47 -15.14 -53.82
CA ASN TA 88 -30.28 -14.72 -54.96
C ASN TA 88 -30.45 -15.85 -55.97
N LEU TA 89 -29.38 -16.59 -56.23
CA LEU TA 89 -29.47 -17.72 -57.17
C LEU TA 89 -30.43 -18.79 -56.66
N GLN TA 90 -30.40 -19.06 -55.36
CA GLN TA 90 -31.31 -20.05 -54.80
C GLN TA 90 -32.76 -19.63 -54.99
N ARG TA 91 -33.06 -18.35 -54.72
CA ARG TA 91 -34.44 -17.90 -54.91
C ARG TA 91 -34.84 -17.96 -56.38
N VAL TA 92 -33.90 -17.65 -57.28
CA VAL TA 92 -34.19 -17.77 -58.70
C VAL TA 92 -34.52 -19.21 -59.07
N ARG TA 93 -33.78 -20.16 -58.50
CA ARG TA 93 -34.06 -21.57 -58.76
C ARG TA 93 -35.46 -21.95 -58.28
N GLU TA 94 -35.84 -21.48 -57.08
CA GLU TA 94 -37.19 -21.77 -56.58
C GLU TA 94 -38.24 -21.19 -57.53
N LEU TA 95 -38.03 -19.96 -57.99
CA LEU TA 95 -38.99 -19.32 -58.88
C LEU TA 95 -39.11 -20.09 -60.20
N THR TA 96 -38.00 -20.58 -60.73
CA THR TA 96 -38.06 -21.38 -61.94
C THR TA 96 -38.84 -22.68 -61.72
N VAL TA 97 -38.61 -23.32 -60.57
CA VAL TA 97 -39.35 -24.54 -60.26
C VAL TA 97 -40.85 -24.25 -60.21
N GLN TA 98 -41.22 -23.11 -59.61
CA GLN TA 98 -42.63 -22.74 -59.56
C GLN TA 98 -43.18 -22.43 -60.95
N ALA TA 99 -42.36 -21.82 -61.81
CA ALA TA 99 -42.84 -21.38 -63.10
C ALA TA 99 -43.00 -22.51 -64.10
N THR TA 100 -42.17 -23.56 -64.01
CA THR TA 100 -42.23 -24.62 -65.00
C THR TA 100 -43.38 -25.58 -64.75
N THR TA 101 -44.60 -25.06 -64.63
CA THR TA 101 -45.78 -25.87 -64.39
C THR TA 101 -46.86 -25.50 -65.39
N GLY TA 102 -47.66 -26.50 -65.76
CA GLY TA 102 -48.70 -26.29 -66.76
C GLY TA 102 -49.91 -25.52 -66.27
N THR TA 103 -50.12 -25.46 -64.96
CA THR TA 103 -51.28 -24.73 -64.42
C THR TA 103 -51.13 -23.23 -64.58
N ASN TA 104 -49.89 -22.72 -64.57
CA ASN TA 104 -49.66 -21.29 -64.65
C ASN TA 104 -50.12 -20.74 -66.00
N SER TA 105 -50.76 -19.58 -65.96
CA SER TA 105 -51.18 -18.89 -67.17
C SER TA 105 -50.04 -18.00 -67.67
N GLU TA 106 -50.32 -17.24 -68.74
CA GLU TA 106 -49.30 -16.38 -69.31
C GLU TA 106 -48.99 -15.19 -68.41
N SER TA 107 -50.02 -14.64 -67.76
CA SER TA 107 -49.78 -13.52 -66.84
C SER TA 107 -48.94 -13.95 -65.64
N ASP TA 108 -49.21 -15.15 -65.12
CA ASP TA 108 -48.42 -15.65 -64.01
C ASP TA 108 -46.97 -15.83 -64.42
N LEU TA 109 -46.74 -16.38 -65.62
CA LEU TA 109 -45.38 -16.52 -66.13
C LEU TA 109 -44.72 -15.15 -66.30
N SER TA 110 -45.48 -14.15 -66.76
CA SER TA 110 -44.93 -12.81 -66.90
C SER TA 110 -44.50 -12.24 -65.56
N SER TA 111 -45.33 -12.41 -64.52
CA SER TA 111 -44.97 -11.91 -63.21
C SER TA 111 -43.74 -12.63 -62.65
N ILE TA 112 -43.70 -13.95 -62.81
CA ILE TA 112 -42.56 -14.71 -62.32
C ILE TA 112 -41.29 -14.29 -63.05
N GLN TA 113 -41.37 -14.09 -64.36
CA GLN TA 113 -40.23 -13.64 -65.12
C GLN TA 113 -39.80 -12.23 -64.70
N ASP TA 114 -40.77 -11.37 -64.37
CA ASP TA 114 -40.43 -10.05 -63.86
C ASP TA 114 -39.59 -10.15 -62.60
N GLU TA 115 -40.04 -10.98 -61.65
CA GLU TA 115 -39.26 -11.14 -60.41
C GLU TA 115 -37.90 -11.74 -60.68
N ILE TA 116 -37.84 -12.74 -61.57
CA ILE TA 116 -36.57 -13.39 -61.89
C ILE TA 116 -35.60 -12.41 -62.52
N LYS TA 117 -36.09 -11.59 -63.45
CA LYS TA 117 -35.23 -10.60 -64.10
C LYS TA 117 -34.76 -9.55 -63.10
N SER TA 118 -35.64 -9.15 -62.17
CA SER TA 118 -35.21 -8.22 -61.14
C SER TA 118 -34.10 -8.80 -60.28
N ARG TA 119 -34.22 -10.07 -59.90
CA ARG TA 119 -33.18 -10.68 -59.08
C ARG TA 119 -31.89 -10.88 -59.86
N LEU TA 120 -31.97 -11.20 -61.15
CA LEU TA 120 -30.77 -11.32 -61.95
C LEU TA 120 -30.07 -9.96 -62.09
N ASP TA 121 -30.85 -8.89 -62.27
CA ASP TA 121 -30.27 -7.56 -62.29
C ASP TA 121 -29.61 -7.22 -60.96
N GLU TA 122 -30.23 -7.65 -59.85
CA GLU TA 122 -29.61 -7.44 -58.54
C GLU TA 122 -28.29 -8.18 -58.43
N ILE TA 123 -28.23 -9.41 -58.94
CA ILE TA 123 -26.98 -10.16 -58.93
C ILE TA 123 -25.91 -9.42 -59.72
N ASP TA 124 -26.27 -8.94 -60.91
CA ASP TA 124 -25.29 -8.23 -61.73
C ASP TA 124 -24.83 -6.94 -61.05
N ARG TA 125 -25.76 -6.23 -60.41
CA ARG TA 125 -25.40 -5.00 -59.70
C ARG TA 125 -24.45 -5.28 -58.55
N VAL TA 126 -24.75 -6.30 -57.75
CA VAL TA 126 -23.88 -6.64 -56.62
C VAL TA 126 -22.50 -7.05 -57.13
N SER TA 127 -22.44 -7.76 -58.25
CA SER TA 127 -21.17 -8.12 -58.83
C SER TA 127 -20.38 -6.89 -59.25
N GLY TA 128 -21.02 -5.99 -59.99
CA GLY TA 128 -20.32 -4.83 -60.52
C GLY TA 128 -19.88 -3.85 -59.44
N GLN TA 129 -20.73 -3.62 -58.44
CA GLN TA 129 -20.50 -2.54 -57.50
C GLN TA 129 -19.65 -2.94 -56.30
N THR TA 130 -19.41 -4.23 -56.10
CA THR TA 130 -18.61 -4.69 -54.96
C THR TA 130 -17.16 -4.32 -55.19
N GLN TA 131 -16.70 -3.25 -54.53
CA GLN TA 131 -15.35 -2.74 -54.71
C GLN TA 131 -14.67 -2.63 -53.34
N PHE TA 132 -13.41 -3.05 -53.30
CA PHE TA 132 -12.61 -3.01 -52.08
C PHE TA 132 -11.33 -2.22 -52.36
N ASN TA 133 -11.11 -1.16 -51.58
CA ASN TA 133 -9.90 -0.34 -51.70
C ASN TA 133 -9.68 0.11 -53.15
N GLY TA 134 -10.76 0.55 -53.79
CA GLY TA 134 -10.67 0.96 -55.17
C GLY TA 134 -10.36 -0.17 -56.13
N VAL TA 135 -10.79 -1.38 -55.82
CA VAL TA 135 -10.59 -2.54 -56.69
C VAL TA 135 -11.92 -3.29 -56.78
N ASN TA 136 -12.43 -3.45 -58.00
CA ASN TA 136 -13.66 -4.21 -58.22
C ASN TA 136 -13.29 -5.68 -58.30
N VAL TA 137 -13.40 -6.36 -57.16
CA VAL TA 137 -12.92 -7.75 -57.07
C VAL TA 137 -13.75 -8.66 -57.96
N LEU TA 138 -15.07 -8.56 -57.88
CA LEU TA 138 -15.96 -9.41 -58.68
C LEU TA 138 -16.41 -8.70 -59.96
N ALA TA 139 -15.43 -8.23 -60.71
CA ALA TA 139 -15.73 -7.64 -62.02
C ALA TA 139 -14.75 -8.02 -63.11
N LYS TA 140 -13.68 -8.76 -62.81
CA LYS TA 140 -12.68 -9.09 -63.80
C LYS TA 140 -11.74 -10.18 -63.28
N ASN TA 141 -11.44 -11.16 -64.10
CA ASN TA 141 -10.49 -12.20 -63.71
C ASN TA 141 -9.11 -11.58 -63.45
N GLY TA 142 -8.52 -11.94 -62.32
CA GLY TA 142 -7.24 -11.39 -61.96
C GLY TA 142 -6.61 -12.14 -60.81
N SER TA 143 -5.61 -11.52 -60.20
CA SER TA 143 -4.91 -12.15 -59.09
C SER TA 143 -4.23 -11.07 -58.24
N MET TA 144 -4.20 -11.31 -56.94
CA MET TA 144 -3.51 -10.46 -55.99
C MET TA 144 -2.33 -11.22 -55.38
N LYS TA 145 -1.25 -10.49 -55.11
CA LYS TA 145 -0.02 -11.08 -54.57
C LYS TA 145 0.22 -10.48 -53.19
N ILE TA 146 0.09 -11.30 -52.16
CA ILE TA 146 0.22 -10.86 -50.78
C ILE TA 146 1.64 -11.14 -50.31
N GLN TA 147 2.35 -10.09 -49.89
CA GLN TA 147 3.72 -10.23 -49.41
C GLN TA 147 3.71 -10.79 -48.00
N VAL TA 148 4.12 -12.05 -47.84
CA VAL TA 148 4.12 -12.70 -46.54
C VAL TA 148 5.52 -13.11 -46.15
N GLY TA 149 6.52 -12.41 -46.68
CA GLY TA 149 7.90 -12.72 -46.39
C GLY TA 149 8.74 -11.47 -46.21
N ALA TA 150 9.97 -11.67 -45.74
CA ALA TA 150 10.89 -10.57 -45.52
C ALA TA 150 11.76 -10.27 -46.74
N ASN TA 151 12.04 -11.27 -47.56
CA ASN TA 151 12.83 -11.09 -48.77
C ASN TA 151 11.90 -10.80 -49.95
N ASP TA 152 12.45 -10.85 -51.16
CA ASP TA 152 11.67 -10.61 -52.36
C ASP TA 152 11.13 -11.92 -52.92
N ASN TA 153 10.04 -11.82 -53.68
CA ASN TA 153 9.35 -12.96 -54.25
C ASN TA 153 8.98 -13.97 -53.17
N GLN TA 154 8.23 -13.48 -52.18
CA GLN TA 154 7.86 -14.23 -50.99
C GLN TA 154 6.35 -14.16 -50.78
N THR TA 155 5.59 -14.37 -51.85
CA THR TA 155 4.19 -13.98 -51.90
C THR TA 155 3.26 -15.17 -51.98
N ILE TA 156 2.04 -14.97 -51.47
CA ILE TA 156 0.92 -15.89 -51.63
C ILE TA 156 -0.08 -15.24 -52.57
N THR TA 157 -0.50 -15.97 -53.60
CA THR TA 157 -1.34 -15.42 -54.65
C THR TA 157 -2.81 -15.72 -54.38
N ILE TA 158 -3.63 -14.68 -54.42
CA ILE TA 158 -5.08 -14.81 -54.32
C ILE TA 158 -5.67 -14.74 -55.72
N ASP TA 159 -6.71 -15.52 -55.97
CA ASP TA 159 -7.35 -15.58 -57.28
C ASP TA 159 -8.74 -14.97 -57.20
N LEU TA 160 -9.10 -14.19 -58.23
CA LEU TA 160 -10.40 -13.54 -58.31
C LEU TA 160 -11.02 -13.87 -59.66
N LYS TA 161 -12.23 -14.40 -59.64
CA LYS TA 161 -12.96 -14.77 -60.85
C LYS TA 161 -14.13 -13.83 -61.06
N GLN TA 162 -14.26 -13.33 -62.29
CA GLN TA 162 -15.41 -12.49 -62.64
C GLN TA 162 -16.70 -13.27 -62.52
N ILE TA 163 -17.52 -12.94 -61.54
CA ILE TA 163 -18.78 -13.63 -61.29
C ILE TA 163 -19.91 -12.67 -61.63
N ASP TA 164 -20.62 -12.95 -62.72
CA ASP TA 164 -21.74 -12.13 -63.14
C ASP TA 164 -22.61 -12.96 -64.08
N ALA TA 165 -23.66 -12.33 -64.61
CA ALA TA 165 -24.63 -13.05 -65.43
C ALA TA 165 -23.98 -13.64 -66.67
N LYS TA 166 -23.13 -12.86 -67.35
CA LYS TA 166 -22.50 -13.35 -68.56
C LYS TA 166 -21.58 -14.54 -68.28
N THR TA 167 -20.81 -14.47 -67.19
CA THR TA 167 -19.87 -15.52 -66.83
C THR TA 167 -20.51 -16.64 -66.02
N LEU TA 168 -21.84 -16.72 -66.01
CA LEU TA 168 -22.55 -17.80 -65.34
C LEU TA 168 -23.56 -18.51 -66.23
N GLY TA 169 -23.75 -18.06 -67.47
CA GLY TA 169 -24.72 -18.65 -68.35
C GLY TA 169 -26.12 -18.09 -68.23
N LEU TA 170 -26.37 -17.23 -67.25
CA LEU TA 170 -27.69 -16.64 -67.05
C LEU TA 170 -27.80 -15.28 -67.74
N ASP TA 171 -27.46 -15.24 -69.03
CA ASP TA 171 -27.61 -14.04 -69.85
C ASP TA 171 -28.72 -14.29 -70.86
N GLY TA 172 -29.84 -13.60 -70.67
CA GLY TA 172 -31.03 -13.88 -71.45
C GLY TA 172 -31.92 -14.94 -70.84
N PHE TA 173 -31.73 -15.25 -69.57
CA PHE TA 173 -32.52 -16.28 -68.90
C PHE TA 173 -33.97 -15.84 -68.80
N SER TA 174 -34.85 -16.51 -69.52
CA SER TA 174 -36.27 -16.18 -69.54
C SER TA 174 -37.09 -17.45 -69.39
N VAL TA 175 -38.30 -17.30 -68.85
CA VAL TA 175 -39.22 -18.42 -68.65
C VAL TA 175 -40.54 -18.09 -69.31
N LYS TA 176 -40.54 -17.18 -70.27
CA LYS TA 176 -41.75 -16.78 -70.97
C LYS TA 176 -41.41 -16.43 -72.41
N ASN TA 177 -42.42 -16.42 -73.26
CA ASN TA 177 -42.24 -16.14 -74.67
C ASN TA 177 -42.35 -14.64 -74.94
N THR TA 407 -36.01 -20.26 -72.62
CA THR TA 407 -34.75 -20.88 -72.29
C THR TA 407 -34.91 -22.39 -72.08
N THR TA 408 -34.05 -23.17 -72.71
CA THR TA 408 -34.12 -24.62 -72.61
C THR TA 408 -33.26 -25.12 -71.45
N ASP TA 409 -33.76 -26.12 -70.75
CA ASP TA 409 -33.10 -26.71 -69.58
C ASP TA 409 -32.65 -25.64 -68.58
N PRO TA 410 -33.57 -24.84 -68.04
CA PRO TA 410 -33.15 -23.76 -67.14
C PRO TA 410 -32.54 -24.25 -65.84
N LEU TA 411 -33.11 -25.30 -65.26
CA LEU TA 411 -32.67 -25.76 -63.95
C LEU TA 411 -31.25 -26.29 -63.98
N LYS TA 412 -30.87 -26.97 -65.08
CA LYS TA 412 -29.51 -27.45 -65.21
C LYS TA 412 -28.52 -26.30 -65.22
N ALA TA 413 -28.83 -25.24 -65.96
CA ALA TA 413 -27.95 -24.07 -66.00
C ALA TA 413 -27.87 -23.40 -64.64
N LEU TA 414 -29.00 -23.32 -63.94
CA LEU TA 414 -28.99 -22.72 -62.60
C LEU TA 414 -28.12 -23.51 -61.64
N ASP TA 415 -28.24 -24.84 -61.67
CA ASP TA 415 -27.40 -25.68 -60.82
C ASP TA 415 -25.93 -25.53 -61.19
N ASP TA 416 -25.64 -25.42 -62.49
CA ASP TA 416 -24.26 -25.24 -62.93
C ASP TA 416 -23.69 -23.93 -62.39
N ALA TA 417 -24.48 -22.85 -62.45
CA ALA TA 417 -24.02 -21.58 -61.90
C ALA TA 417 -23.79 -21.65 -60.40
N ILE TA 418 -24.68 -22.34 -59.69
CA ILE TA 418 -24.53 -22.48 -58.25
C ILE TA 418 -23.24 -23.21 -57.92
N ALA TA 419 -22.94 -24.29 -58.66
CA ALA TA 419 -21.69 -25.01 -58.42
C ALA TA 419 -20.48 -24.17 -58.80
N SER TA 420 -20.60 -23.35 -59.84
CA SER TA 420 -19.48 -22.55 -60.29
C SER TA 420 -19.17 -21.40 -59.35
N VAL TA 421 -20.14 -20.96 -58.56
CA VAL TA 421 -19.82 -19.98 -57.52
C VAL TA 421 -19.35 -20.68 -56.25
N ASP TA 422 -19.84 -21.90 -55.99
CA ASP TA 422 -19.34 -22.65 -54.83
C ASP TA 422 -17.86 -22.99 -54.99
N LYS TA 423 -17.41 -23.23 -56.22
CA LYS TA 423 -15.98 -23.48 -56.45
C LYS TA 423 -15.13 -22.28 -56.02
N PHE TA 424 -15.54 -21.08 -56.41
CA PHE TA 424 -14.80 -19.89 -56.03
C PHE TA 424 -14.84 -19.68 -54.52
N ARG TA 425 -15.98 -19.96 -53.90
CA ARG TA 425 -16.08 -19.85 -52.45
C ARG TA 425 -15.10 -20.79 -51.75
N SER TA 426 -15.00 -22.03 -52.23
CA SER TA 426 -14.07 -22.98 -51.64
C SER TA 426 -12.63 -22.52 -51.81
N SER TA 427 -12.30 -21.98 -52.99
CA SER TA 427 -10.95 -21.47 -53.20
C SER TA 427 -10.64 -20.33 -52.22
N LEU TA 428 -11.60 -19.43 -52.01
CA LEU TA 428 -11.41 -18.33 -51.08
C LEU TA 428 -11.17 -18.85 -49.66
N GLY TA 429 -11.96 -19.84 -49.23
CA GLY TA 429 -11.74 -20.40 -47.91
C GLY TA 429 -10.37 -21.03 -47.74
N ALA TA 430 -9.91 -21.75 -48.77
CA ALA TA 430 -8.57 -22.32 -48.71
C ALA TA 430 -7.50 -21.24 -48.58
N VAL TA 431 -7.66 -20.15 -49.35
CA VAL TA 431 -6.69 -19.06 -49.27
C VAL TA 431 -6.70 -18.44 -47.87
N GLN TA 432 -7.88 -18.29 -47.28
CA GLN TA 432 -7.98 -17.72 -45.94
C GLN TA 432 -7.24 -18.58 -44.92
N ASN TA 433 -7.43 -19.91 -45.00
CA ASN TA 433 -6.74 -20.80 -44.08
C ASN TA 433 -5.23 -20.71 -44.25
N ARG TA 434 -4.76 -20.69 -45.49
CA ARG TA 434 -3.32 -20.57 -45.74
C ARG TA 434 -2.78 -19.27 -45.15
N LEU TA 435 -3.48 -18.16 -45.36
CA LEU TA 435 -3.01 -16.88 -44.86
C LEU TA 435 -2.95 -16.87 -43.34
N ASP TA 436 -3.95 -17.43 -42.67
CA ASP TA 436 -3.94 -17.47 -41.21
C ASP TA 436 -2.76 -18.29 -40.70
N SER TA 437 -2.51 -19.44 -41.32
CA SER TA 437 -1.36 -20.24 -40.90
C SER TA 437 -0.06 -19.48 -41.11
N ALA TA 438 0.04 -18.73 -42.21
CA ALA TA 438 1.22 -17.93 -42.46
C ALA TA 438 1.43 -16.88 -41.38
N VAL TA 439 0.34 -16.22 -40.97
CA VAL TA 439 0.45 -15.21 -39.92
C VAL TA 439 0.94 -15.84 -38.63
N THR TA 440 0.39 -17.00 -38.27
CA THR TA 440 0.83 -17.66 -37.04
C THR TA 440 2.31 -18.01 -37.10
N ASN TA 441 2.77 -18.55 -38.22
CA ASN TA 441 4.18 -18.90 -38.36
C ASN TA 441 5.06 -17.66 -38.27
N LEU TA 442 4.62 -16.56 -38.89
CA LEU TA 442 5.39 -15.32 -38.82
C LEU TA 442 5.50 -14.82 -37.40
N ASN TA 443 4.42 -14.90 -36.63
CA ASN TA 443 4.47 -14.48 -35.23
C ASN TA 443 5.49 -15.32 -34.45
N ASN TA 444 5.45 -16.63 -34.62
CA ASN TA 444 6.38 -17.49 -33.90
C ASN TA 444 7.83 -17.17 -34.27
N THR TA 445 8.10 -17.03 -35.57
CA THR TA 445 9.46 -16.76 -36.03
C THR TA 445 9.94 -15.41 -35.52
N THR TA 446 9.07 -14.39 -35.53
CA THR TA 446 9.45 -13.09 -35.02
C THR TA 446 9.81 -13.17 -33.54
N THR TA 447 9.01 -13.90 -32.75
CA THR TA 447 9.32 -14.02 -31.33
C THR TA 447 10.68 -14.69 -31.12
N ASN TA 448 10.93 -15.78 -31.85
CA ASN TA 448 12.20 -16.48 -31.68
C ASN TA 448 13.39 -15.60 -32.07
N LEU TA 449 13.28 -14.89 -33.20
CA LEU TA 449 14.40 -14.06 -33.65
C LEU TA 449 14.62 -12.89 -32.70
N SER TA 450 13.55 -12.31 -32.17
CA SER TA 450 13.71 -11.23 -31.20
C SER TA 450 14.42 -11.72 -29.95
N GLU TA 451 14.07 -12.92 -29.48
CA GLU TA 451 14.73 -13.42 -28.28
C GLU TA 451 16.20 -13.74 -28.55
N ALA TA 452 16.51 -14.22 -29.76
CA ALA TA 452 17.92 -14.43 -30.12
C ALA TA 452 18.68 -13.11 -30.15
N GLN TA 453 18.09 -12.07 -30.74
CA GLN TA 453 18.73 -10.76 -30.73
C GLN TA 453 18.95 -10.27 -29.31
N SER TA 454 18.00 -10.58 -28.42
CA SER TA 454 18.20 -10.26 -27.01
C SER TA 454 19.40 -11.01 -26.44
N ARG TA 455 19.54 -12.29 -26.78
CA ARG TA 455 20.72 -13.01 -26.30
C ARG TA 455 22.02 -12.50 -26.89
N ILE TA 456 21.98 -11.81 -28.03
CA ILE TA 456 23.20 -11.40 -28.73
C ILE TA 456 23.64 -9.99 -28.34
N GLN TA 457 22.73 -9.01 -28.43
CA GLN TA 457 23.13 -7.62 -28.29
C GLN TA 457 22.90 -7.04 -26.90
N ASP TA 458 21.99 -7.61 -26.12
CA ASP TA 458 21.62 -7.00 -24.85
C ASP TA 458 22.65 -7.31 -23.76
N ALA TA 459 22.64 -6.50 -22.72
CA ALA TA 459 23.57 -6.61 -21.60
C ALA TA 459 22.86 -7.08 -20.35
N ASP TA 460 23.64 -7.67 -19.44
CA ASP TA 460 23.15 -8.18 -18.16
C ASP TA 460 23.48 -7.17 -17.08
N TYR TA 461 22.45 -6.69 -16.38
CA TYR TA 461 22.65 -5.56 -15.48
C TYR TA 461 23.39 -5.94 -14.21
N ALA TA 462 23.26 -7.19 -13.74
CA ALA TA 462 23.97 -7.58 -12.52
C ALA TA 462 25.47 -7.46 -12.70
N THR TA 463 26.00 -8.04 -13.78
CA THR TA 463 27.43 -7.98 -14.06
C THR TA 463 27.88 -6.54 -14.28
N GLU TA 464 27.08 -5.75 -15.00
CA GLU TA 464 27.45 -4.36 -15.25
C GLU TA 464 27.52 -3.57 -13.95
N VAL TA 465 26.55 -3.76 -13.05
CA VAL TA 465 26.56 -3.04 -11.78
C VAL TA 465 27.77 -3.44 -10.95
N SER TA 466 28.06 -4.74 -10.88
CA SER TA 466 29.21 -5.19 -10.10
C SER TA 466 30.51 -4.62 -10.67
N ASN TA 467 30.65 -4.66 -12.00
CA ASN TA 467 31.86 -4.14 -12.63
C ASN TA 467 32.01 -2.64 -12.41
N MET TA 468 30.90 -1.89 -12.51
CA MET TA 468 30.96 -0.45 -12.30
C MET TA 468 31.34 -0.12 -10.86
N SER TA 469 30.77 -0.84 -9.89
CA SER TA 469 31.13 -0.59 -8.50
C SER TA 469 32.60 -0.89 -8.25
N LYS TA 470 33.09 -2.01 -8.79
CA LYS TA 470 34.50 -2.34 -8.63
C LYS TA 470 35.39 -1.28 -9.27
N ALA TA 471 35.02 -0.81 -10.45
CA ALA TA 471 35.81 0.22 -11.13
C ALA TA 471 35.85 1.51 -10.34
N GLN TA 472 34.72 1.92 -9.77
CA GLN TA 472 34.70 3.12 -8.95
C GLN TA 472 35.57 2.97 -7.71
N ILE TA 473 35.52 1.80 -7.08
CA ILE TA 473 36.39 1.53 -5.94
C ILE TA 473 37.85 1.65 -6.35
N ILE TA 474 38.20 1.06 -7.50
CA ILE TA 474 39.57 1.14 -7.99
C ILE TA 474 39.99 2.58 -8.24
N GLN TA 475 39.09 3.38 -8.81
CA GLN TA 475 39.41 4.77 -9.09
C GLN TA 475 39.70 5.54 -7.81
N GLN TA 476 38.85 5.39 -6.79
CA GLN TA 476 39.09 6.10 -5.54
C GLN TA 476 40.38 5.62 -4.87
N ALA TA 477 40.62 4.31 -4.89
CA ALA TA 477 41.85 3.79 -4.30
C ALA TA 477 43.09 4.33 -5.01
N GLY TA 478 43.04 4.37 -6.34
CA GLY TA 478 44.16 4.91 -7.10
C GLY TA 478 44.38 6.38 -6.81
N ASN TA 479 43.30 7.14 -6.63
CA ASN TA 479 43.44 8.55 -6.28
C ASN TA 479 44.13 8.71 -4.93
N SER TA 480 43.74 7.90 -3.94
CA SER TA 480 44.38 7.97 -2.64
C SER TA 480 45.86 7.60 -2.72
N VAL TA 481 46.19 6.55 -3.48
CA VAL TA 481 47.59 6.15 -3.61
C VAL TA 481 48.38 7.23 -4.34
N LEU TA 482 47.76 7.91 -5.31
CA LEU TA 482 48.44 9.01 -5.98
C LEU TA 482 48.74 10.14 -5.00
N ALA TA 483 47.78 10.47 -4.14
CA ALA TA 483 48.03 11.50 -3.13
C ALA TA 483 49.20 11.10 -2.23
N LYS TA 484 49.23 9.84 -1.80
CA LYS TA 484 50.34 9.38 -0.97
C LYS TA 484 51.66 9.46 -1.73
N ALA TA 485 51.66 9.08 -3.01
CA ALA TA 485 52.89 9.10 -3.79
C ALA TA 485 53.43 10.51 -3.94
N ASN TA 486 52.55 11.48 -4.22
CA ASN TA 486 53.00 12.86 -4.28
C ASN TA 486 53.41 13.40 -2.92
N GLN TA 487 52.88 12.84 -1.84
CA GLN TA 487 53.32 13.24 -0.50
C GLN TA 487 54.68 12.69 -0.14
N VAL TA 488 55.08 11.55 -0.73
CA VAL TA 488 56.35 10.92 -0.36
C VAL TA 488 57.55 11.86 -0.47
N PRO TA 489 57.76 12.61 -1.57
CA PRO TA 489 59.03 13.33 -1.74
C PRO TA 489 59.28 14.44 -0.73
N GLN TA 490 58.42 14.65 0.27
CA GLN TA 490 58.63 15.75 1.20
C GLN TA 490 59.86 15.56 2.09
N GLN TA 491 60.37 14.32 2.20
CA GLN TA 491 61.49 14.07 3.10
C GLN TA 491 62.75 14.81 2.69
N VAL TA 492 62.89 15.18 1.42
CA VAL TA 492 64.07 15.90 0.98
C VAL TA 492 64.11 17.30 1.58
N LEU TA 493 62.95 17.92 1.78
CA LEU TA 493 62.91 19.20 2.47
C LEU TA 493 63.46 19.06 3.89
N SER TA 494 63.09 17.99 4.58
CA SER TA 494 63.63 17.72 5.91
C SER TA 494 65.14 17.49 5.85
N LEU TA 495 65.60 16.78 4.82
CA LEU TA 495 67.03 16.57 4.63
C LEU TA 495 67.75 17.91 4.50
N LEU TA 496 67.23 18.80 3.66
CA LEU TA 496 67.88 20.09 3.43
C LEU TA 496 67.87 20.97 4.67
N GLN TA 497 66.73 21.03 5.37
CA GLN TA 497 66.64 21.92 6.52
C GLN TA 497 67.55 21.47 7.66
N GLY TA 498 67.86 20.18 7.72
CA GLY TA 498 68.75 19.67 8.76
C GLY TA 498 68.08 18.69 9.70
N GLN UA 3 59.78 -0.74 21.42
CA GLN UA 3 59.66 0.46 20.61
C GLN UA 3 59.95 0.12 19.16
N VAL UA 4 60.20 -1.17 18.93
CA VAL UA 4 60.65 -1.70 17.64
C VAL UA 4 59.78 -1.21 16.49
N ILE UA 5 60.44 -0.70 15.44
CA ILE UA 5 59.74 -0.20 14.27
C ILE UA 5 59.98 -1.05 13.04
N ASN UA 6 60.80 -2.09 13.14
CA ASN UA 6 61.02 -3.00 12.04
C ASN UA 6 60.14 -4.24 12.14
N THR UA 7 59.31 -4.34 13.18
CA THR UA 7 58.32 -5.39 13.33
C THR UA 7 57.10 -4.81 14.03
N ASN UA 8 55.91 -5.14 13.53
CA ASN UA 8 54.67 -4.56 14.04
C ASN UA 8 53.74 -5.66 14.56
N SER UA 9 54.29 -6.56 15.39
CA SER UA 9 53.61 -7.77 15.86
C SER UA 9 52.12 -7.60 16.10
N LEU UA 10 51.72 -6.47 16.70
CA LEU UA 10 50.30 -6.19 16.89
C LEU UA 10 49.55 -6.19 15.57
N SER UA 11 50.15 -5.58 14.55
CA SER UA 11 49.51 -5.58 13.23
C SER UA 11 49.40 -7.00 12.69
N LEU UA 12 50.42 -7.83 12.92
CA LEU UA 12 50.36 -9.22 12.47
C LEU UA 12 49.22 -9.97 13.15
N ILE UA 13 49.06 -9.77 14.47
CA ILE UA 13 47.96 -10.42 15.19
C ILE UA 13 46.63 -9.96 14.64
N THR UA 14 46.48 -8.65 14.39
CA THR UA 14 45.21 -8.14 13.89
C THR UA 14 44.90 -8.70 12.50
N GLN UA 15 45.91 -8.76 11.64
CA GLN UA 15 45.70 -9.35 10.31
C GLN UA 15 45.32 -10.82 10.41
N ASN UA 16 45.95 -11.54 11.35
CA ASN UA 16 45.58 -12.94 11.54
C ASN UA 16 44.12 -13.07 11.96
N ASN UA 17 43.68 -12.22 12.89
CA ASN UA 17 42.29 -12.28 13.34
C ASN UA 17 41.32 -11.95 12.21
N ILE UA 18 41.66 -10.94 11.39
CA ILE UA 18 40.80 -10.60 10.26
C ILE UA 18 40.73 -11.75 9.26
N ASN UA 19 41.87 -12.39 9.01
CA ASN UA 19 41.90 -13.54 8.10
C ASN UA 19 41.01 -14.67 8.64
N LYS UA 20 41.07 -14.91 9.95
CA LYS UA 20 40.20 -15.94 10.51
C LYS UA 20 38.74 -15.55 10.43
N ASN UA 21 38.45 -14.24 10.54
CA ASN UA 21 37.08 -13.76 10.38
C ASN UA 21 36.54 -14.02 8.98
N GLN UA 22 37.39 -13.83 7.96
CA GLN UA 22 36.91 -13.80 6.57
C GLN UA 22 36.07 -15.03 6.21
N SER UA 23 36.43 -16.20 6.73
CA SER UA 23 35.78 -17.44 6.32
C SER UA 23 34.30 -17.44 6.70
N ALA UA 24 33.99 -17.00 7.92
CA ALA UA 24 32.60 -17.00 8.37
C ALA UA 24 31.73 -16.09 7.52
N LEU UA 25 32.24 -14.90 7.21
CA LEU UA 25 31.50 -13.97 6.35
C LEU UA 25 31.29 -14.55 4.96
N SER UA 26 32.33 -15.15 4.39
CA SER UA 26 32.20 -15.75 3.07
C SER UA 26 31.14 -16.85 3.07
N SER UA 27 31.20 -17.74 4.07
CA SER UA 27 30.24 -18.83 4.14
C SER UA 27 28.82 -18.31 4.32
N SER UA 28 28.65 -17.30 5.17
CA SER UA 28 27.31 -16.77 5.41
C SER UA 28 26.72 -16.17 4.14
N ILE UA 29 27.51 -15.35 3.44
CA ILE UA 29 27.00 -14.75 2.21
C ILE UA 29 26.71 -15.81 1.16
N GLU UA 30 27.59 -16.81 1.02
CA GLU UA 30 27.36 -17.85 0.03
C GLU UA 30 26.09 -18.63 0.33
N ARG UA 31 25.87 -19.00 1.59
CA ARG UA 31 24.66 -19.73 1.96
C ARG UA 31 23.42 -18.88 1.77
N LEU UA 32 23.49 -17.59 2.07
CA LEU UA 32 22.35 -16.72 1.85
C LEU UA 32 22.02 -16.61 0.36
N SER UA 33 23.05 -16.54 -0.48
CA SER UA 33 22.82 -16.44 -1.92
C SER UA 33 22.21 -17.74 -2.46
N SER UA 34 22.83 -18.88 -2.14
CA SER UA 34 22.36 -20.14 -2.69
C SER UA 34 21.07 -20.61 -2.04
N GLY UA 35 20.95 -20.44 -0.72
CA GLY UA 35 19.80 -20.91 0.01
C GLY UA 35 19.92 -22.32 0.56
N LEU UA 36 20.97 -23.05 0.20
CA LEU UA 36 21.21 -24.39 0.70
C LEU UA 36 22.32 -24.36 1.74
N ARG UA 37 22.10 -25.02 2.87
CA ARG UA 37 23.14 -25.09 3.89
C ARG UA 37 24.34 -25.89 3.38
N ILE UA 38 24.09 -26.94 2.61
CA ILE UA 38 25.15 -27.78 2.06
C ILE UA 38 25.37 -27.30 0.63
N ASN UA 39 26.32 -26.37 0.48
CA ASN UA 39 26.67 -25.85 -0.84
C ASN UA 39 27.80 -26.62 -1.49
N SER UA 40 28.51 -27.46 -0.74
CA SER UA 40 29.66 -28.17 -1.27
C SER UA 40 29.92 -29.38 -0.39
N ALA UA 41 30.84 -30.24 -0.86
CA ALA UA 41 31.18 -31.44 -0.09
C ALA UA 41 31.92 -31.09 1.19
N LYS UA 42 32.61 -29.94 1.22
CA LYS UA 42 33.36 -29.57 2.42
C LYS UA 42 32.42 -29.32 3.60
N ASP UA 43 31.18 -28.92 3.33
CA ASP UA 43 30.25 -28.61 4.42
C ASP UA 43 29.93 -29.86 5.24
N ASP UA 44 29.17 -30.79 4.68
CA ASP UA 44 28.84 -32.05 5.34
C ASP UA 44 29.28 -33.25 4.52
N ALA UA 45 28.73 -33.36 3.30
CA ALA UA 45 28.94 -34.41 2.31
C ALA UA 45 28.30 -35.75 2.70
N ALA UA 46 28.03 -35.96 3.98
CA ALA UA 46 27.14 -37.06 4.34
C ALA UA 46 25.70 -36.65 4.14
N GLY UA 47 25.36 -35.45 4.61
CA GLY UA 47 24.09 -34.86 4.26
C GLY UA 47 23.96 -34.66 2.76
N GLN UA 48 25.07 -34.34 2.09
CA GLN UA 48 25.03 -34.18 0.64
C GLN UA 48 24.74 -35.51 -0.06
N ALA UA 49 25.37 -36.60 0.38
CA ALA UA 49 25.07 -37.90 -0.21
C ALA UA 49 23.62 -38.30 0.03
N ILE UA 50 23.14 -38.10 1.27
CA ILE UA 50 21.75 -38.42 1.59
C ILE UA 50 20.81 -37.58 0.74
N ALA UA 51 21.12 -36.29 0.56
CA ALA UA 51 20.27 -35.42 -0.25
C ALA UA 51 20.28 -35.84 -1.71
N ASN UA 52 21.44 -36.26 -2.22
CA ASN UA 52 21.50 -36.74 -3.60
C ASN UA 52 20.59 -37.94 -3.80
N ARG UA 53 20.68 -38.92 -2.88
CA ARG UA 53 19.81 -40.08 -2.97
C ARG UA 53 18.35 -39.68 -2.83
N PHE UA 54 18.06 -38.73 -1.95
CA PHE UA 54 16.69 -38.27 -1.75
C PHE UA 54 16.13 -37.63 -3.01
N THR UA 55 16.94 -36.80 -3.68
CA THR UA 55 16.50 -36.18 -4.94
C THR UA 55 16.24 -37.24 -5.99
N SER UA 56 17.11 -38.25 -6.07
CA SER UA 56 16.87 -39.36 -6.99
C SER UA 56 15.55 -40.03 -6.70
N ASN UA 57 15.24 -40.25 -5.41
CA ASN UA 57 13.98 -40.88 -5.04
C ASN UA 57 12.79 -40.01 -5.43
N ILE UA 58 12.89 -38.69 -5.21
CA ILE UA 58 11.80 -37.79 -5.58
C ILE UA 58 11.51 -37.89 -7.07
N LYS UA 59 12.57 -37.78 -7.88
CA LYS UA 59 12.37 -37.81 -9.33
C LYS UA 59 11.79 -39.15 -9.78
N GLY UA 60 12.32 -40.25 -9.24
CA GLY UA 60 11.82 -41.56 -9.62
C GLY UA 60 10.36 -41.76 -9.27
N LEU UA 61 9.97 -41.35 -8.05
CA LEU UA 61 8.58 -41.55 -7.63
C LEU UA 61 7.62 -40.68 -8.44
N THR UA 62 8.01 -39.44 -8.73
CA THR UA 62 7.16 -38.58 -9.55
C THR UA 62 6.98 -39.19 -10.94
N GLN UA 63 8.06 -39.66 -11.54
CA GLN UA 63 7.96 -40.28 -12.85
C GLN UA 63 7.11 -41.54 -12.80
N ALA UA 64 7.22 -42.31 -11.72
CA ALA UA 64 6.41 -43.52 -11.59
C ALA UA 64 4.93 -43.21 -11.50
N ALA UA 65 4.57 -42.15 -10.78
CA ALA UA 65 3.16 -41.75 -10.73
C ALA UA 65 2.67 -41.33 -12.11
N ARG UA 66 3.50 -40.57 -12.84
CA ARG UA 66 3.13 -40.20 -14.20
C ARG UA 66 2.92 -41.43 -15.07
N ASN UA 67 3.76 -42.46 -14.90
CA ASN UA 67 3.58 -43.70 -15.64
C ASN UA 67 2.27 -44.39 -15.27
N ALA UA 68 1.95 -44.43 -13.98
CA ALA UA 68 0.74 -45.12 -13.53
C ALA UA 68 -0.51 -44.49 -14.11
N ASN UA 69 -0.50 -43.17 -14.26
CA ASN UA 69 -1.64 -42.49 -14.90
C ASN UA 69 -1.90 -43.06 -16.29
N ASP UA 70 -0.84 -43.40 -17.03
CA ASP UA 70 -1.00 -43.98 -18.36
C ASP UA 70 -1.73 -45.31 -18.31
N GLY UA 71 -1.38 -46.17 -17.36
CA GLY UA 71 -2.08 -47.44 -17.21
C GLY UA 71 -3.55 -47.23 -16.88
N ILE UA 72 -3.84 -46.24 -16.03
CA ILE UA 72 -5.23 -45.91 -15.75
C ILE UA 72 -5.97 -45.55 -17.04
N SER UA 73 -5.33 -44.73 -17.88
CA SER UA 73 -5.97 -44.33 -19.14
C SER UA 73 -6.20 -45.53 -20.05
N VAL UA 74 -5.21 -46.43 -20.14
CA VAL UA 74 -5.37 -47.63 -20.97
C VAL UA 74 -6.57 -48.43 -20.51
N ALA UA 75 -6.67 -48.65 -19.20
CA ALA UA 75 -7.77 -49.43 -18.67
C ALA UA 75 -9.11 -48.76 -18.96
N GLN UA 76 -9.18 -47.43 -18.83
CA GLN UA 76 -10.43 -46.73 -19.10
C GLN UA 76 -10.87 -46.91 -20.55
N THR UA 77 -9.93 -46.73 -21.49
CA THR UA 77 -10.28 -46.87 -22.91
C THR UA 77 -10.75 -48.30 -23.21
N THR UA 78 -10.02 -49.29 -22.70
CA THR UA 78 -10.42 -50.66 -22.93
C THR UA 78 -11.80 -50.94 -22.34
N GLU UA 79 -12.07 -50.40 -21.16
CA GLU UA 79 -13.38 -50.63 -20.54
C GLU UA 79 -14.50 -50.04 -21.38
N GLY UA 80 -14.29 -48.85 -21.95
CA GLY UA 80 -15.30 -48.29 -22.85
C GLY UA 80 -15.57 -49.19 -24.04
N ALA UA 81 -14.51 -49.70 -24.66
CA ALA UA 81 -14.70 -50.60 -25.79
C ALA UA 81 -15.49 -51.84 -25.39
N LEU UA 82 -15.14 -52.42 -24.23
CA LEU UA 82 -15.85 -53.61 -23.77
C LEU UA 82 -17.31 -53.31 -23.46
N SER UA 83 -17.60 -52.10 -22.97
CA SER UA 83 -18.99 -51.74 -22.71
C SER UA 83 -19.80 -51.71 -24.00
N GLU UA 84 -19.22 -51.14 -25.07
CA GLU UA 84 -19.93 -51.16 -26.35
C GLU UA 84 -20.16 -52.59 -26.83
N ILE UA 85 -19.13 -53.44 -26.71
CA ILE UA 85 -19.29 -54.84 -27.09
C ILE UA 85 -20.40 -55.50 -26.30
N ASN UA 86 -20.50 -55.18 -25.01
CA ASN UA 86 -21.55 -55.73 -24.17
C ASN UA 86 -22.93 -55.32 -24.65
N ASN UA 87 -23.09 -54.05 -25.03
CA ASN UA 87 -24.39 -53.61 -25.54
C ASN UA 87 -24.75 -54.37 -26.81
N ASN UA 88 -23.78 -54.56 -27.71
CA ASN UA 88 -24.06 -55.32 -28.93
C ASN UA 88 -24.47 -56.76 -28.60
N LEU UA 89 -23.78 -57.39 -27.64
CA LEU UA 89 -24.11 -58.75 -27.26
C LEU UA 89 -25.52 -58.83 -26.67
N GLN UA 90 -25.90 -57.84 -25.86
CA GLN UA 90 -27.25 -57.84 -25.30
C GLN UA 90 -28.30 -57.75 -26.40
N ARG UA 91 -28.09 -56.88 -27.38
CA ARG UA 91 -29.05 -56.78 -28.47
C ARG UA 91 -29.12 -58.09 -29.26
N VAL UA 92 -27.96 -58.73 -29.48
CA VAL UA 92 -27.94 -60.02 -30.17
C VAL UA 92 -28.75 -61.05 -29.40
N ARG UA 93 -28.62 -61.06 -28.07
CA ARG UA 93 -29.38 -62.00 -27.26
C ARG UA 93 -30.87 -61.76 -27.39
N GLU UA 94 -31.29 -60.48 -27.37
CA GLU UA 94 -32.72 -60.20 -27.57
C GLU UA 94 -33.20 -60.67 -28.92
N LEU UA 95 -32.38 -60.46 -29.96
CA LEU UA 95 -32.76 -60.92 -31.29
C LEU UA 95 -32.89 -62.44 -31.34
N THR UA 96 -31.99 -63.15 -30.66
CA THR UA 96 -32.08 -64.61 -30.62
C THR UA 96 -33.35 -65.06 -29.92
N VAL UA 97 -33.69 -64.40 -28.80
CA VAL UA 97 -34.92 -64.73 -28.10
C VAL UA 97 -36.11 -64.53 -29.01
N GLN UA 98 -36.11 -63.44 -29.79
CA GLN UA 98 -37.21 -63.21 -30.72
C GLN UA 98 -37.23 -64.25 -31.83
N ALA UA 99 -36.07 -64.72 -32.26
CA ALA UA 99 -36.00 -65.62 -33.41
C ALA UA 99 -36.38 -67.05 -33.05
N THR UA 100 -36.15 -67.47 -31.81
CA THR UA 100 -36.41 -68.86 -31.44
C THR UA 100 -37.89 -69.09 -31.17
N THR UA 101 -38.75 -68.73 -32.13
CA THR UA 101 -40.19 -68.92 -32.02
C THR UA 101 -40.72 -69.58 -33.28
N GLY UA 102 -41.67 -70.49 -33.12
CA GLY UA 102 -42.24 -71.19 -34.25
C GLY UA 102 -43.12 -70.35 -35.14
N THR UA 103 -43.60 -69.21 -34.65
CA THR UA 103 -44.45 -68.34 -35.45
C THR UA 103 -43.67 -67.73 -36.61
N ASN UA 104 -42.39 -67.41 -36.40
CA ASN UA 104 -41.59 -66.76 -37.43
C ASN UA 104 -41.47 -67.64 -38.66
N SER UA 105 -41.57 -67.01 -39.83
CA SER UA 105 -41.43 -67.71 -41.10
C SER UA 105 -39.95 -67.72 -41.51
N GLU UA 106 -39.67 -68.23 -42.71
CA GLU UA 106 -38.28 -68.32 -43.17
C GLU UA 106 -37.69 -66.95 -43.45
N SER UA 107 -38.47 -66.07 -44.08
CA SER UA 107 -37.97 -64.72 -44.38
C SER UA 107 -37.73 -63.93 -43.09
N ASP UA 108 -38.58 -64.13 -42.09
CA ASP UA 108 -38.38 -63.47 -40.80
C ASP UA 108 -37.07 -63.90 -40.17
N LEU UA 109 -36.80 -65.21 -40.20
CA LEU UA 109 -35.53 -65.72 -39.69
C LEU UA 109 -34.36 -65.18 -40.50
N SER UA 110 -34.54 -65.04 -41.82
CA SER UA 110 -33.49 -64.48 -42.66
C SER UA 110 -33.16 -63.05 -42.26
N SER UA 111 -34.20 -62.23 -42.03
CA SER UA 111 -33.96 -60.85 -41.62
C SER UA 111 -33.30 -60.78 -40.25
N ILE UA 112 -33.77 -61.61 -39.30
CA ILE UA 112 -33.17 -61.63 -37.98
C ILE UA 112 -31.70 -62.04 -38.07
N GLN UA 113 -31.39 -63.03 -38.89
CA GLN UA 113 -30.01 -63.48 -39.06
C GLN UA 113 -29.17 -62.39 -39.72
N ASP UA 114 -29.75 -61.65 -40.66
CA ASP UA 114 -29.03 -60.53 -41.26
C ASP UA 114 -28.62 -59.52 -40.21
N GLU UA 115 -29.58 -59.13 -39.35
CA GLU UA 115 -29.25 -58.15 -38.30
C GLU UA 115 -28.24 -58.72 -37.32
N ILE UA 116 -28.39 -59.99 -36.95
CA ILE UA 116 -27.47 -60.61 -35.99
C ILE UA 116 -26.05 -60.67 -36.57
N LYS UA 117 -25.93 -61.06 -37.83
CA LYS UA 117 -24.62 -61.11 -38.47
C LYS UA 117 -24.01 -59.73 -38.58
N SER UA 118 -24.83 -58.72 -38.89
CA SER UA 118 -24.31 -57.35 -38.94
C SER UA 118 -23.76 -56.93 -37.58
N ARG UA 119 -24.48 -57.26 -36.50
CA ARG UA 119 -24.00 -56.86 -35.17
C ARG UA 119 -22.76 -57.63 -34.76
N LEU UA 120 -22.68 -58.92 -35.13
CA LEU UA 120 -21.47 -59.69 -34.84
C LEU UA 120 -20.28 -59.15 -35.62
N ASP UA 121 -20.50 -58.75 -36.88
CA ASP UA 121 -19.43 -58.12 -37.65
C ASP UA 121 -19.00 -56.81 -37.01
N GLU UA 122 -19.96 -56.04 -36.49
CA GLU UA 122 -19.61 -54.82 -35.76
C GLU UA 122 -18.77 -55.12 -34.52
N ILE UA 123 -19.12 -56.20 -33.80
CA ILE UA 123 -18.34 -56.58 -32.63
C ILE UA 123 -16.91 -56.91 -33.03
N ASP UA 124 -16.75 -57.70 -34.10
CA ASP UA 124 -15.41 -58.05 -34.56
C ASP UA 124 -14.65 -56.81 -35.00
N ARG UA 125 -15.33 -55.89 -35.69
CA ARG UA 125 -14.68 -54.66 -36.13
C ARG UA 125 -14.19 -53.83 -34.97
N VAL UA 126 -15.06 -53.58 -33.99
CA VAL UA 126 -14.67 -52.74 -32.87
C VAL UA 126 -13.58 -53.42 -32.04
N SER UA 127 -13.58 -54.75 -32.01
CA SER UA 127 -12.48 -55.46 -31.35
C SER UA 127 -11.16 -55.25 -32.08
N GLY UA 128 -11.17 -55.44 -33.39
CA GLY UA 128 -9.92 -55.34 -34.15
C GLY UA 128 -9.36 -53.94 -34.21
N GLN UA 129 -10.23 -52.94 -34.38
CA GLN UA 129 -9.79 -51.59 -34.71
C GLN UA 129 -9.43 -50.75 -33.49
N THR UA 130 -9.85 -51.15 -32.29
CA THR UA 130 -9.58 -50.35 -31.10
C THR UA 130 -8.09 -50.36 -30.81
N GLN UA 131 -7.43 -49.24 -31.06
CA GLN UA 131 -5.97 -49.12 -30.93
C GLN UA 131 -5.65 -47.97 -29.99
N PHE UA 132 -4.80 -48.25 -28.99
CA PHE UA 132 -4.33 -47.23 -28.06
C PHE UA 132 -2.82 -47.14 -28.17
N ASN UA 133 -2.32 -45.93 -28.49
CA ASN UA 133 -0.88 -45.66 -28.56
C ASN UA 133 -0.18 -46.68 -29.45
N GLY UA 134 -0.79 -47.00 -30.58
CA GLY UA 134 -0.23 -47.99 -31.49
C GLY UA 134 -0.19 -49.39 -30.90
N VAL UA 135 -1.18 -49.74 -30.08
CA VAL UA 135 -1.29 -51.07 -29.50
C VAL UA 135 -2.74 -51.51 -29.64
N ASN UA 136 -2.97 -52.66 -30.29
CA ASN UA 136 -4.31 -53.22 -30.42
C ASN UA 136 -4.60 -54.02 -29.16
N VAL UA 137 -5.28 -53.38 -28.21
CA VAL UA 137 -5.52 -54.01 -26.91
C VAL UA 137 -6.40 -55.24 -27.05
N LEU UA 138 -7.50 -55.12 -27.80
CA LEU UA 138 -8.43 -56.24 -27.98
C LEU UA 138 -8.18 -56.99 -29.28
N ALA UA 139 -6.94 -57.41 -29.50
CA ALA UA 139 -6.62 -58.23 -30.66
C ALA UA 139 -5.68 -59.38 -30.37
N LYS UA 140 -5.17 -59.51 -29.15
CA LYS UA 140 -4.19 -60.54 -28.84
C LYS UA 140 -4.02 -60.64 -27.33
N ASN UA 141 -3.95 -61.86 -26.83
CA ASN UA 141 -3.64 -62.08 -25.42
C ASN UA 141 -2.26 -61.51 -25.11
N GLY UA 142 -2.17 -60.74 -24.03
CA GLY UA 142 -0.91 -60.14 -23.67
C GLY UA 142 -0.97 -59.56 -22.27
N SER UA 143 0.06 -58.79 -21.96
CA SER UA 143 0.17 -58.17 -20.64
C SER UA 143 1.04 -56.92 -20.73
N MET UA 144 0.67 -55.90 -19.97
CA MET UA 144 1.43 -54.66 -19.89
C MET UA 144 1.96 -54.49 -18.48
N LYS UA 145 3.16 -53.93 -18.37
CA LYS UA 145 3.86 -53.78 -17.10
C LYS UA 145 4.03 -52.28 -16.83
N ILE UA 146 3.29 -51.78 -15.85
CA ILE UA 146 3.29 -50.36 -15.52
C ILE UA 146 4.32 -50.11 -14.43
N GLN UA 147 5.36 -49.35 -14.75
CA GLN UA 147 6.41 -49.02 -13.78
C GLN UA 147 5.85 -48.06 -12.75
N VAL UA 148 5.68 -48.53 -11.51
CA VAL UA 148 5.10 -47.71 -10.46
C VAL UA 148 6.06 -47.61 -9.29
N GLY UA 149 7.35 -47.68 -9.56
CA GLY UA 149 8.36 -47.58 -8.52
C GLY UA 149 9.61 -46.90 -9.03
N ALA UA 150 10.60 -46.81 -8.15
CA ALA UA 150 11.86 -46.16 -8.46
C ALA UA 150 12.97 -47.14 -8.83
N ASN UA 151 12.98 -48.32 -8.23
CA ASN UA 151 14.00 -49.32 -8.50
C ASN UA 151 13.55 -50.22 -9.65
N ASP UA 152 14.24 -51.33 -9.84
CA ASP UA 152 13.88 -52.30 -10.87
C ASP UA 152 12.80 -53.24 -10.36
N ASN UA 153 12.05 -53.82 -11.31
CA ASN UA 153 10.97 -54.77 -11.02
C ASN UA 153 9.96 -54.17 -10.04
N GLN UA 154 9.37 -53.06 -10.47
CA GLN UA 154 8.41 -52.29 -9.68
C GLN UA 154 7.12 -52.11 -10.46
N THR UA 155 6.63 -53.19 -11.04
CA THR UA 155 5.58 -53.12 -12.06
C THR UA 155 4.27 -53.70 -11.55
N ILE UA 156 3.18 -53.10 -12.02
CA ILE UA 156 1.83 -53.64 -11.88
C ILE UA 156 1.39 -54.15 -13.24
N THR UA 157 0.99 -55.42 -13.30
CA THR UA 157 0.71 -56.08 -14.57
C THR UA 157 -0.75 -55.93 -14.95
N ILE UA 158 -1.00 -55.39 -16.13
CA ILE UA 158 -2.35 -55.30 -16.70
C ILE UA 158 -2.51 -56.42 -17.71
N ASP UA 159 -3.58 -57.20 -17.58
CA ASP UA 159 -3.83 -58.32 -18.46
C ASP UA 159 -4.81 -57.92 -19.56
N LEU UA 160 -4.56 -58.40 -20.77
CA LEU UA 160 -5.39 -58.09 -21.93
C LEU UA 160 -5.80 -59.39 -22.60
N LYS UA 161 -7.10 -59.58 -22.78
CA LYS UA 161 -7.64 -60.78 -23.39
C LYS UA 161 -8.15 -60.45 -24.79
N GLN UA 162 -7.80 -61.29 -25.76
CA GLN UA 162 -8.33 -61.13 -27.11
C GLN UA 162 -9.82 -61.43 -27.10
N ILE UA 163 -10.63 -60.41 -27.34
CA ILE UA 163 -12.09 -60.53 -27.32
C ILE UA 163 -12.59 -60.39 -28.76
N ASP UA 164 -13.20 -61.45 -29.28
CA ASP UA 164 -13.77 -61.43 -30.61
C ASP UA 164 -14.71 -62.63 -30.74
N ALA UA 165 -15.30 -62.78 -31.92
CA ALA UA 165 -16.24 -63.87 -32.16
C ALA UA 165 -15.55 -65.23 -32.01
N LYS UA 166 -14.33 -65.35 -32.52
CA LYS UA 166 -13.63 -66.63 -32.45
C LYS UA 166 -13.35 -67.04 -31.01
N THR UA 167 -12.94 -66.08 -30.17
CA THR UA 167 -12.55 -66.37 -28.79
C THR UA 167 -13.74 -66.34 -27.83
N LEU UA 168 -14.95 -66.15 -28.34
CA LEU UA 168 -16.15 -66.15 -27.50
C LEU UA 168 -17.12 -67.27 -27.87
N GLY UA 169 -16.80 -68.07 -28.89
CA GLY UA 169 -17.67 -69.13 -29.33
C GLY UA 169 -18.74 -68.71 -30.31
N LEU UA 170 -18.86 -67.42 -30.60
CA LEU UA 170 -19.85 -66.92 -31.55
C LEU UA 170 -19.28 -66.82 -32.97
N ASP UA 171 -18.68 -67.91 -33.44
CA ASP UA 171 -18.14 -67.99 -34.79
C ASP UA 171 -19.04 -68.92 -35.61
N GLY UA 172 -19.72 -68.36 -36.60
CA GLY UA 172 -20.71 -69.10 -37.35
C GLY UA 172 -22.08 -69.10 -36.73
N PHE UA 173 -22.35 -68.18 -35.79
CA PHE UA 173 -23.62 -68.13 -35.09
C PHE UA 173 -24.75 -67.81 -36.06
N SER UA 174 -25.61 -68.80 -36.33
CA SER UA 174 -26.71 -68.63 -37.26
C SER UA 174 -27.99 -69.16 -36.65
N VAL UA 175 -29.12 -68.59 -37.08
CA VAL UA 175 -30.42 -69.00 -36.60
C VAL UA 175 -31.32 -69.35 -37.79
N LYS UA 176 -30.70 -69.75 -38.90
CA LYS UA 176 -31.46 -70.10 -40.08
C LYS UA 176 -30.72 -71.21 -40.82
N ASN UA 177 -31.46 -71.92 -41.67
CA ASN UA 177 -30.91 -73.04 -42.43
C ASN UA 177 -30.31 -72.56 -43.75
N THR UA 407 -27.71 -73.51 -35.25
CA THR UA 407 -26.88 -73.53 -34.05
C THR UA 407 -27.63 -74.13 -32.87
N THR UA 408 -26.98 -75.05 -32.16
CA THR UA 408 -27.59 -75.72 -31.03
C THR UA 408 -27.31 -74.95 -29.74
N ASP UA 409 -28.34 -74.84 -28.91
CA ASP UA 409 -28.28 -74.10 -27.64
C ASP UA 409 -27.67 -72.70 -27.82
N PRO UA 410 -28.32 -71.82 -28.59
CA PRO UA 410 -27.73 -70.50 -28.87
C PRO UA 410 -27.63 -69.62 -27.64
N LEU UA 411 -28.71 -69.58 -26.86
CA LEU UA 411 -28.77 -68.67 -25.71
C LEU UA 411 -27.71 -69.02 -24.68
N LYS UA 412 -27.43 -70.32 -24.50
CA LYS UA 412 -26.39 -70.74 -23.56
C LYS UA 412 -25.03 -70.17 -23.96
N ALA UA 413 -24.69 -70.27 -25.25
CA ALA UA 413 -23.43 -69.73 -25.73
C ALA UA 413 -23.39 -68.22 -25.59
N LEU UA 414 -24.52 -67.56 -25.85
CA LEU UA 414 -24.58 -66.10 -25.73
C LEU UA 414 -24.32 -65.66 -24.29
N ASP UA 415 -24.97 -66.33 -23.33
CA ASP UA 415 -24.74 -66.00 -21.92
C ASP UA 415 -23.31 -66.33 -21.50
N ASP UA 416 -22.74 -67.42 -22.04
CA ASP UA 416 -21.34 -67.73 -21.73
C ASP UA 416 -20.41 -66.63 -22.22
N ALA UA 417 -20.66 -66.12 -23.43
CA ALA UA 417 -19.85 -65.01 -23.93
C ALA UA 417 -20.02 -63.76 -23.07
N ILE UA 418 -21.25 -63.47 -22.64
CA ILE UA 418 -21.49 -62.30 -21.79
C ILE UA 418 -20.74 -62.44 -20.47
N ALA UA 419 -20.73 -63.65 -19.90
CA ALA UA 419 -19.98 -63.84 -18.66
C ALA UA 419 -18.47 -63.71 -18.88
N SER UA 420 -17.99 -64.20 -20.02
CA SER UA 420 -16.56 -64.15 -20.30
C SER UA 420 -16.07 -62.76 -20.65
N VAL UA 421 -16.98 -61.86 -21.04
CA VAL UA 421 -16.60 -60.46 -21.19
C VAL UA 421 -16.73 -59.69 -19.87
N ASP UA 422 -17.72 -60.04 -19.04
CA ASP UA 422 -17.84 -59.39 -17.75
C ASP UA 422 -16.66 -59.71 -16.85
N LYS UA 423 -16.09 -60.91 -16.97
CA LYS UA 423 -14.90 -61.25 -16.18
C LYS UA 423 -13.73 -60.33 -16.52
N PHE UA 424 -13.49 -60.10 -17.80
CA PHE UA 424 -12.41 -59.20 -18.22
C PHE UA 424 -12.69 -57.78 -17.73
N ARG UA 425 -13.94 -57.33 -17.81
CA ARG UA 425 -14.26 -55.99 -17.34
C ARG UA 425 -13.98 -55.86 -15.84
N SER UA 426 -14.34 -56.88 -15.06
CA SER UA 426 -14.08 -56.84 -13.62
C SER UA 426 -12.58 -56.80 -13.34
N SER UA 427 -11.79 -57.58 -14.07
CA SER UA 427 -10.35 -57.53 -13.88
C SER UA 427 -9.81 -56.14 -14.19
N LEU UA 428 -10.32 -55.51 -15.24
CA LEU UA 428 -9.88 -54.16 -15.59
C LEU UA 428 -10.20 -53.17 -14.48
N GLY UA 429 -11.41 -53.27 -13.91
CA GLY UA 429 -11.76 -52.38 -12.81
C GLY UA 429 -10.87 -52.57 -11.60
N ALA UA 430 -10.56 -53.83 -11.27
CA ALA UA 430 -9.65 -54.08 -10.15
C ALA UA 430 -8.29 -53.48 -10.39
N VAL UA 431 -7.78 -53.59 -11.62
CA VAL UA 431 -6.48 -52.99 -11.94
C VAL UA 431 -6.55 -51.48 -11.82
N GLN UA 432 -7.66 -50.87 -12.24
CA GLN UA 432 -7.81 -49.43 -12.11
C GLN UA 432 -7.73 -48.99 -10.65
N ASN UA 433 -8.44 -49.71 -9.77
CA ASN UA 433 -8.42 -49.36 -8.36
C ASN UA 433 -7.02 -49.50 -7.78
N ARG UA 434 -6.32 -50.59 -8.14
CA ARG UA 434 -4.96 -50.78 -7.64
C ARG UA 434 -4.05 -49.65 -8.10
N LEU UA 435 -4.16 -49.24 -9.37
CA LEU UA 435 -3.30 -48.18 -9.88
C LEU UA 435 -3.59 -46.86 -9.17
N ASP UA 436 -4.87 -46.56 -8.91
CA ASP UA 436 -5.18 -45.31 -8.22
C ASP UA 436 -4.62 -45.30 -6.80
N SER UA 437 -4.74 -46.44 -6.09
CA SER UA 437 -4.15 -46.53 -4.76
C SER UA 437 -2.65 -46.33 -4.82
N ALA UA 438 -1.99 -46.92 -5.82
CA ALA UA 438 -0.55 -46.74 -5.98
C ALA UA 438 -0.20 -45.28 -6.20
N VAL UA 439 -0.98 -44.58 -7.02
CA VAL UA 439 -0.72 -43.16 -7.27
C VAL UA 439 -0.81 -42.37 -5.99
N THR UA 440 -1.85 -42.62 -5.20
CA THR UA 440 -2.01 -41.87 -3.96
C THR UA 440 -0.85 -42.13 -3.00
N ASN UA 441 -0.44 -43.39 -2.86
CA ASN UA 441 0.68 -43.71 -1.98
C ASN UA 441 1.97 -43.06 -2.47
N LEU UA 442 2.19 -43.06 -3.78
CA LEU UA 442 3.39 -42.43 -4.32
C LEU UA 442 3.40 -40.94 -4.05
N ASN UA 443 2.26 -40.28 -4.19
CA ASN UA 443 2.20 -38.84 -3.90
C ASN UA 443 2.53 -38.57 -2.45
N ASN UA 444 1.95 -39.35 -1.53
CA ASN UA 444 2.23 -39.15 -0.11
C ASN UA 444 3.70 -39.36 0.20
N THR UA 445 4.29 -40.44 -0.33
CA THR UA 445 5.69 -40.73 -0.06
C THR UA 445 6.59 -39.65 -0.66
N THR UA 446 6.26 -39.16 -1.85
CA THR UA 446 7.05 -38.10 -2.46
C THR UA 446 7.04 -36.85 -1.60
N THR UA 447 5.87 -36.46 -1.10
CA THR UA 447 5.81 -35.28 -0.24
C THR UA 447 6.63 -35.47 1.03
N ASN UA 448 6.51 -36.63 1.67
CA ASN UA 448 7.25 -36.88 2.90
C ASN UA 448 8.75 -36.84 2.65
N LEU UA 449 9.22 -37.46 1.56
CA LEU UA 449 10.64 -37.47 1.29
C LEU UA 449 11.15 -36.09 0.88
N SER UA 450 10.31 -35.28 0.23
CA SER UA 450 10.70 -33.91 -0.07
C SER UA 450 10.91 -33.12 1.23
N GLU UA 451 10.00 -33.29 2.19
CA GLU UA 451 10.20 -32.65 3.48
C GLU UA 451 11.48 -33.14 4.16
N ALA UA 452 11.74 -34.45 4.07
CA ALA UA 452 12.96 -34.99 4.67
C ALA UA 452 14.21 -34.39 4.04
N GLN UA 453 14.22 -34.25 2.71
CA GLN UA 453 15.36 -33.62 2.04
C GLN UA 453 15.52 -32.16 2.46
N SER UA 454 14.40 -31.44 2.57
CA SER UA 454 14.46 -30.04 2.97
C SER UA 454 15.01 -29.89 4.38
N ARG UA 455 14.68 -30.83 5.27
CA ARG UA 455 15.21 -30.77 6.63
C ARG UA 455 16.72 -30.98 6.68
N ILE UA 456 17.34 -31.43 5.60
CA ILE UA 456 18.77 -31.73 5.57
C ILE UA 456 19.55 -30.67 4.81
N GLN UA 457 19.10 -30.33 3.59
CA GLN UA 457 19.93 -29.51 2.72
C GLN UA 457 19.62 -28.02 2.81
N ASP UA 458 18.42 -27.63 3.21
CA ASP UA 458 18.06 -26.23 3.20
C ASP UA 458 18.63 -25.49 4.41
N ALA UA 459 18.78 -24.18 4.26
CA ALA UA 459 19.36 -23.33 5.29
C ALA UA 459 18.29 -22.48 5.97
N ASP UA 460 18.62 -22.01 7.17
CA ASP UA 460 17.73 -21.18 7.98
C ASP UA 460 18.20 -19.73 7.84
N TYR UA 461 17.34 -18.89 7.25
CA TYR UA 461 17.78 -17.55 6.87
C TYR UA 461 18.01 -16.65 8.07
N ALA UA 462 17.26 -16.84 9.16
CA ALA UA 462 17.46 -16.00 10.33
C ALA UA 462 18.88 -16.17 10.89
N THR UA 463 19.30 -17.43 11.06
CA THR UA 463 20.65 -17.70 11.57
C THR UA 463 21.71 -17.15 10.63
N GLU UA 464 21.51 -17.34 9.32
CA GLU UA 464 22.50 -16.87 8.35
C GLU UA 464 22.61 -15.35 8.37
N VAL UA 465 21.48 -14.65 8.46
CA VAL UA 465 21.51 -13.20 8.51
C VAL UA 465 22.22 -12.73 9.77
N SER UA 466 21.92 -13.35 10.91
CA SER UA 466 22.57 -12.95 12.16
C SER UA 466 24.08 -13.17 12.08
N ASN UA 467 24.50 -14.33 11.56
CA ASN UA 467 25.93 -14.60 11.45
C ASN UA 467 26.62 -13.65 10.49
N MET UA 468 25.96 -13.32 9.37
CA MET UA 468 26.53 -12.40 8.40
C MET UA 468 26.71 -11.01 9.00
N SER UA 469 25.69 -10.53 9.72
CA SER UA 469 25.80 -9.22 10.36
C SER UA 469 26.91 -9.21 11.40
N LYS UA 470 27.01 -10.28 12.20
CA LYS UA 470 28.07 -10.37 13.19
C LYS UA 470 29.45 -10.36 12.52
N ALA UA 471 29.60 -11.11 11.43
CA ALA UA 471 30.87 -11.15 10.73
C ALA UA 471 31.24 -9.79 10.16
N GLN UA 472 30.25 -9.06 9.61
CA GLN UA 472 30.52 -7.73 9.10
C GLN UA 472 30.98 -6.79 10.22
N ILE UA 473 30.31 -6.87 11.37
CA ILE UA 473 30.68 -6.02 12.49
C ILE UA 473 32.11 -6.33 12.93
N ILE UA 474 32.45 -7.61 13.04
CA ILE UA 474 33.79 -7.99 13.46
C ILE UA 474 34.82 -7.54 12.43
N GLN UA 475 34.48 -7.62 11.14
CA GLN UA 475 35.39 -7.17 10.10
C GLN UA 475 35.71 -5.68 10.23
N GLN UA 476 34.66 -4.87 10.40
CA GLN UA 476 34.89 -3.42 10.51
C GLN UA 476 35.68 -3.10 11.78
N ALA UA 477 35.35 -3.76 12.89
CA ALA UA 477 36.10 -3.54 14.12
C ALA UA 477 37.56 -3.91 13.96
N GLY UA 478 37.84 -5.06 13.33
CA GLY UA 478 39.21 -5.46 13.12
C GLY UA 478 39.96 -4.52 12.21
N ASN UA 479 39.28 -3.97 11.21
CA ASN UA 479 39.92 -2.99 10.33
C ASN UA 479 40.32 -1.74 11.12
N SER UA 480 39.43 -1.25 11.98
CA SER UA 480 39.75 -0.10 12.80
C SER UA 480 40.91 -0.38 13.75
N VAL UA 481 40.91 -1.56 14.38
CA VAL UA 481 41.99 -1.92 15.29
C VAL UA 481 43.30 -2.05 14.53
N LEU UA 482 43.26 -2.56 13.30
CA LEU UA 482 44.46 -2.63 12.49
C LEU UA 482 45.02 -1.25 12.19
N ALA UA 483 44.14 -0.30 11.87
CA ALA UA 483 44.58 1.07 11.66
C ALA UA 483 45.24 1.63 12.91
N LYS UA 484 44.63 1.41 14.08
CA LYS UA 484 45.23 1.90 15.31
C LYS UA 484 46.59 1.26 15.57
N ALA UA 485 46.69 -0.05 15.37
CA ALA UA 485 47.95 -0.74 15.61
C ALA UA 485 49.05 -0.24 14.69
N ASN UA 486 48.72 -0.01 13.41
CA ASN UA 486 49.70 0.55 12.50
C ASN UA 486 50.06 1.98 12.88
N GLN UA 487 49.15 2.71 13.51
CA GLN UA 487 49.47 4.06 13.95
C GLN UA 487 50.33 4.06 15.22
N VAL UA 488 50.31 2.98 15.99
CA VAL UA 488 51.07 2.95 17.25
C VAL UA 488 52.54 3.29 17.09
N PRO UA 489 53.31 2.71 16.14
CA PRO UA 489 54.77 2.90 16.14
C PRO UA 489 55.25 4.32 15.87
N GLN UA 490 54.32 5.28 15.73
CA GLN UA 490 54.72 6.64 15.36
C GLN UA 490 55.53 7.33 16.44
N GLN UA 491 55.48 6.88 17.69
CA GLN UA 491 56.14 7.59 18.79
C GLN UA 491 57.67 7.55 18.69
N VAL UA 492 58.22 6.56 18.00
CA VAL UA 492 59.67 6.46 17.88
C VAL UA 492 60.21 7.63 17.06
N LEU UA 493 59.45 8.10 16.07
CA LEU UA 493 59.87 9.29 15.32
C LEU UA 493 59.97 10.49 16.25
N SER UA 494 59.01 10.66 17.16
CA SER UA 494 59.08 11.74 18.14
C SER UA 494 60.28 11.56 19.05
N LEU UA 495 60.56 10.32 19.46
CA LEU UA 495 61.74 10.05 20.28
C LEU UA 495 63.01 10.49 19.58
N LEU UA 496 63.16 10.10 18.31
CA LEU UA 496 64.38 10.44 17.57
C LEU UA 496 64.49 11.94 17.34
N GLN UA 497 63.38 12.59 16.98
CA GLN UA 497 63.43 14.02 16.69
C GLN UA 497 63.81 14.83 17.93
N GLY UA 498 63.26 14.46 19.09
CA GLY UA 498 63.56 15.17 20.32
C GLY UA 498 62.37 15.90 20.89
N GLN VA 3 153.26 78.11 68.16
CA GLN VA 3 153.41 77.14 67.09
C GLN VA 3 153.19 75.70 67.58
N VAL VA 4 152.48 75.54 68.70
CA VAL VA 4 152.53 74.36 69.54
C VAL VA 4 152.45 73.07 68.72
N ILE VA 5 153.39 72.15 68.95
CA ILE VA 5 153.43 70.89 68.23
C ILE VA 5 153.06 69.71 69.10
N ASN VA 6 152.92 69.91 70.41
CA ASN VA 6 152.54 68.86 71.33
C ASN VA 6 151.02 68.73 71.47
N THR VA 7 150.27 69.66 70.89
CA THR VA 7 148.81 69.64 70.93
C THR VA 7 148.28 70.27 69.64
N ASN VA 8 147.33 69.61 69.01
CA ASN VA 8 146.79 70.02 67.70
C ASN VA 8 145.27 70.10 67.82
N SER VA 9 144.82 70.87 68.81
CA SER VA 9 143.43 70.98 69.25
C SER VA 9 142.41 70.98 68.12
N LEU VA 10 142.74 71.59 66.98
CA LEU VA 10 141.86 71.57 65.83
C LEU VA 10 141.41 70.16 65.49
N SER VA 11 142.36 69.20 65.52
CA SER VA 11 142.01 67.81 65.26
C SER VA 11 141.06 67.29 66.33
N LEU VA 12 141.27 67.68 67.59
CA LEU VA 12 140.37 67.23 68.65
C LEU VA 12 138.95 67.73 68.41
N ILE VA 13 138.80 69.00 68.03
CA ILE VA 13 137.47 69.55 67.77
C ILE VA 13 136.82 68.82 66.60
N THR VA 14 137.58 68.60 65.52
CA THR VA 14 137.02 67.94 64.36
C THR VA 14 136.60 66.51 64.68
N GLN VA 15 137.43 65.79 65.44
CA GLN VA 15 137.10 64.43 65.85
C GLN VA 15 135.85 64.41 66.72
N ASN VA 16 135.73 65.39 67.63
CA ASN VA 16 134.54 65.47 68.46
C ASN VA 16 133.30 65.66 67.61
N ASN VA 17 133.38 66.55 66.60
CA ASN VA 17 132.24 66.76 65.72
C ASN VA 17 131.89 65.50 64.95
N ILE VA 18 132.91 64.78 64.46
CA ILE VA 18 132.66 63.56 63.68
C ILE VA 18 131.98 62.51 64.56
N ASN VA 19 132.49 62.32 65.78
CA ASN VA 19 131.89 61.35 66.69
C ASN VA 19 130.47 61.75 67.06
N LYS VA 20 130.21 63.05 67.19
CA LYS VA 20 128.85 63.50 67.45
C LYS VA 20 127.91 63.14 66.30
N ASN VA 21 128.38 63.31 65.05
CA ASN VA 21 127.53 62.98 63.90
C ASN VA 21 127.34 61.48 63.73
N GLN VA 22 128.29 60.67 64.21
CA GLN VA 22 128.21 59.22 64.06
C GLN VA 22 126.90 58.67 64.61
N SER VA 23 126.45 59.17 65.75
CA SER VA 23 125.23 58.65 66.36
C SER VA 23 124.01 58.88 65.47
N ALA VA 24 123.91 60.09 64.89
CA ALA VA 24 122.80 60.37 63.99
C ALA VA 24 122.86 59.48 62.75
N LEU VA 25 124.07 59.28 62.20
CA LEU VA 25 124.19 58.43 61.03
C LEU VA 25 123.75 57.01 61.35
N SER VA 26 124.20 56.48 62.50
CA SER VA 26 123.85 55.13 62.89
C SER VA 26 122.35 54.99 63.10
N SER VA 27 121.73 55.97 63.76
CA SER VA 27 120.29 55.91 63.98
C SER VA 27 119.53 55.93 62.67
N SER VA 28 119.96 56.78 61.73
CA SER VA 28 119.32 56.82 60.42
C SER VA 28 119.40 55.47 59.73
N ILE VA 29 120.59 54.85 59.75
CA ILE VA 29 120.75 53.53 59.14
C ILE VA 29 119.86 52.50 59.82
N GLU VA 30 119.80 52.54 61.15
CA GLU VA 30 118.96 51.59 61.89
C GLU VA 30 117.51 51.70 61.45
N ARG VA 31 116.97 52.92 61.45
CA ARG VA 31 115.57 53.10 61.09
C ARG VA 31 115.31 52.76 59.63
N LEU VA 32 116.26 53.05 58.74
CA LEU VA 32 116.07 52.70 57.33
C LEU VA 32 116.04 51.19 57.13
N SER VA 33 116.97 50.47 57.77
CA SER VA 33 117.04 49.02 57.53
C SER VA 33 115.91 48.28 58.22
N SER VA 34 115.59 48.65 59.46
CA SER VA 34 114.57 47.90 60.21
C SER VA 34 113.17 48.21 59.70
N GLY VA 35 112.91 49.48 59.37
CA GLY VA 35 111.58 49.90 58.95
C GLY VA 35 110.73 50.48 60.06
N LEU VA 36 111.21 50.44 61.31
CA LEU VA 36 110.48 50.98 62.44
C LEU VA 36 111.21 52.20 63.00
N ARG VA 37 110.45 53.22 63.38
CA ARG VA 37 111.06 54.42 63.95
C ARG VA 37 111.64 54.13 65.32
N ILE VA 38 110.93 53.36 66.14
CA ILE VA 38 111.37 53.01 67.49
C ILE VA 38 111.92 51.59 67.44
N ASN VA 39 113.24 51.47 67.63
CA ASN VA 39 113.89 50.17 67.67
C ASN VA 39 114.26 49.73 69.08
N SER VA 40 114.28 50.64 70.05
CA SER VA 40 114.65 50.31 71.41
C SER VA 40 114.03 51.36 72.34
N ALA VA 41 114.19 51.12 73.64
CA ALA VA 41 113.64 52.04 74.63
C ALA VA 41 114.31 53.41 74.56
N LYS VA 42 115.57 53.46 74.11
CA LYS VA 42 116.28 54.74 74.06
C LYS VA 42 115.60 55.72 73.10
N ASP VA 43 114.89 55.21 72.10
CA ASP VA 43 114.23 56.10 71.15
C ASP VA 43 113.14 56.92 71.82
N ASP VA 44 112.04 56.27 72.20
CA ASP VA 44 110.96 56.91 72.94
C ASP VA 44 110.62 56.17 74.22
N ALA VA 45 110.24 54.90 74.09
CA ALA VA 45 109.85 53.94 75.12
C ALA VA 45 108.50 54.25 75.75
N ALA VA 46 108.02 55.49 75.66
CA ALA VA 46 106.60 55.71 75.87
C ALA VA 46 105.84 55.26 74.64
N GLY VA 47 106.34 55.63 73.46
CA GLY VA 47 105.84 55.08 72.23
C GLY VA 47 105.99 53.57 72.17
N GLN VA 48 107.10 53.05 72.71
CA GLN VA 48 107.30 51.60 72.69
C GLN VA 48 106.30 50.89 73.60
N ALA VA 49 106.06 51.41 74.80
CA ALA VA 49 105.06 50.80 75.67
C ALA VA 49 103.67 50.86 75.04
N ILE VA 50 103.31 52.02 74.50
CA ILE VA 50 102.00 52.16 73.87
C ILE VA 50 101.86 51.22 72.68
N ALA VA 51 102.95 51.09 71.90
CA ALA VA 51 102.93 50.21 70.74
C ALA VA 51 102.82 48.74 71.14
N ASN VA 52 103.50 48.34 72.22
CA ASN VA 52 103.37 46.98 72.70
C ASN VA 52 101.93 46.69 73.12
N ARG VA 53 101.30 47.63 73.82
CA ARG VA 53 99.90 47.45 74.17
C ARG VA 53 99.01 47.38 72.92
N PHE VA 54 99.30 48.22 71.93
CA PHE VA 54 98.52 48.18 70.69
C PHE VA 54 98.66 46.82 70.00
N THR VA 55 99.88 46.28 69.97
CA THR VA 55 100.08 44.96 69.37
C THR VA 55 99.31 43.90 70.13
N SER VA 56 99.31 43.98 71.46
CA SER VA 56 98.52 43.05 72.26
C SER VA 56 97.05 43.11 71.89
N ASN VA 57 96.51 44.33 71.78
CA ASN VA 57 95.10 44.47 71.41
C ASN VA 57 94.83 43.93 70.01
N ILE VA 58 95.73 44.19 69.06
CA ILE VA 58 95.52 43.71 67.69
C ILE VA 58 95.44 42.19 67.67
N LYS VA 59 96.41 41.53 68.30
CA LYS VA 59 96.41 40.07 68.31
C LYS VA 59 95.19 39.52 69.03
N GLY VA 60 94.83 40.14 70.16
CA GLY VA 60 93.66 39.68 70.88
C GLY VA 60 92.38 39.79 70.08
N LEU VA 61 92.20 40.91 69.37
CA LEU VA 61 90.97 41.10 68.61
C LEU VA 61 90.91 40.18 67.40
N THR VA 62 92.06 39.95 66.74
CA THR VA 62 92.07 39.00 65.64
C THR VA 62 91.69 37.61 66.11
N GLN VA 63 92.28 37.17 67.23
CA GLN VA 63 91.93 35.86 67.77
C GLN VA 63 90.47 35.83 68.19
N ALA VA 64 89.95 36.95 68.70
CA ALA VA 64 88.55 37.01 69.11
C ALA VA 64 87.62 36.82 67.93
N ALA VA 65 87.92 37.46 66.79
CA ALA VA 65 87.09 37.26 65.60
C ALA VA 65 87.18 35.81 65.12
N ARG VA 66 88.37 35.23 65.14
CA ARG VA 66 88.52 33.84 64.76
C ARG VA 66 87.67 32.93 65.65
N ASN VA 67 87.67 33.19 66.96
CA ASN VA 67 86.83 32.42 67.87
C ASN VA 67 85.36 32.65 67.58
N ALA VA 68 84.98 33.89 67.24
CA ALA VA 68 83.58 34.22 67.00
C ALA VA 68 83.02 33.43 65.83
N ASN VA 69 83.82 33.26 64.76
CA ASN VA 69 83.32 32.51 63.60
C ASN VA 69 82.89 31.09 63.97
N ASP VA 70 83.55 30.48 64.96
CA ASP VA 70 83.19 29.12 65.38
C ASP VA 70 81.76 29.06 65.90
N GLY VA 71 81.32 30.10 66.59
CA GLY VA 71 79.94 30.14 67.06
C GLY VA 71 78.95 30.10 65.92
N ILE VA 72 79.22 30.85 64.85
CA ILE VA 72 78.36 30.81 63.67
C ILE VA 72 78.34 29.41 63.08
N SER VA 73 79.52 28.76 63.02
CA SER VA 73 79.56 27.40 62.49
C SER VA 73 78.68 26.44 63.29
N VAL VA 74 78.83 26.48 64.62
CA VAL VA 74 78.03 25.61 65.49
C VAL VA 74 76.56 25.90 65.31
N ALA VA 75 76.20 27.18 65.25
CA ALA VA 75 74.80 27.57 65.11
C ALA VA 75 74.22 27.05 63.81
N GLN VA 76 74.96 27.15 62.71
CA GLN VA 76 74.45 26.67 61.43
C GLN VA 76 74.26 25.15 61.45
N THR VA 77 75.21 24.42 62.02
CA THR VA 77 75.07 22.97 62.10
C THR VA 77 73.83 22.57 62.90
N THR VA 78 73.67 23.18 64.08
CA THR VA 78 72.51 22.87 64.90
C THR VA 78 71.21 23.28 64.21
N GLU VA 79 71.23 24.37 63.46
CA GLU VA 79 70.03 24.79 62.73
C GLU VA 79 69.65 23.77 61.67
N GLY VA 80 70.64 23.23 60.95
CA GLY VA 80 70.34 22.19 59.99
C GLY VA 80 69.73 20.95 60.64
N ALA VA 81 70.30 20.53 61.76
CA ALA VA 81 69.72 19.40 62.48
C ALA VA 81 68.29 19.69 62.91
N LEU VA 82 68.04 20.89 63.42
CA LEU VA 82 66.69 21.26 63.83
C LEU VA 82 65.74 21.27 62.65
N SER VA 83 66.22 21.68 61.48
CA SER VA 83 65.37 21.67 60.29
C SER VA 83 64.96 20.25 59.92
N GLU VA 84 65.90 19.31 60.02
CA GLU VA 84 65.55 17.91 59.75
C GLU VA 84 64.50 17.41 60.76
N ILE VA 85 64.69 17.74 62.04
CA ILE VA 85 63.70 17.36 63.05
C ILE VA 85 62.35 17.97 62.72
N ASN VA 86 62.34 19.21 62.25
CA ASN VA 86 61.10 19.89 61.88
C ASN VA 86 60.40 19.15 60.75
N ASN VA 87 61.15 18.72 59.73
CA ASN VA 87 60.54 17.97 58.64
C ASN VA 87 59.92 16.67 59.15
N ASN VA 88 60.62 15.96 60.02
CA ASN VA 88 60.07 14.73 60.57
C ASN VA 88 58.78 15.01 61.35
N LEU VA 89 58.77 16.07 62.16
CA LEU VA 89 57.58 16.41 62.92
C LEU VA 89 56.42 16.76 62.01
N GLN VA 90 56.69 17.49 60.93
CA GLN VA 90 55.63 17.83 59.97
C GLN VA 90 55.02 16.59 59.36
N ARG VA 91 55.86 15.63 58.96
CA ARG VA 91 55.32 14.41 58.36
C ARG VA 91 54.52 13.61 59.39
N VAL VA 92 54.98 13.58 60.65
CA VAL VA 92 54.23 12.88 61.69
C VAL VA 92 52.88 13.53 61.90
N ARG VA 93 52.82 14.87 61.88
CA ARG VA 93 51.54 15.55 62.00
C ARG VA 93 50.61 15.20 60.84
N GLU VA 94 51.14 15.15 59.62
CA GLU VA 94 50.31 14.76 58.49
C GLU VA 94 49.77 13.35 58.68
N LEU VA 95 50.61 12.44 59.16
CA LEU VA 95 50.17 11.06 59.39
C LEU VA 95 49.07 11.01 60.43
N THR VA 96 49.18 11.80 61.50
CA THR VA 96 48.12 11.82 62.50
C THR VA 96 46.83 12.37 61.93
N VAL VA 97 46.92 13.43 61.11
CA VAL VA 97 45.72 13.96 60.46
C VAL VA 97 45.06 12.89 59.60
N GLN VA 98 45.86 12.10 58.89
CA GLN VA 98 45.31 11.01 58.09
C GLN VA 98 44.71 9.91 58.95
N ALA VA 99 45.29 9.65 60.12
CA ALA VA 99 44.89 8.51 60.93
C ALA VA 99 43.66 8.80 61.79
N THR VA 100 43.42 10.04 62.19
CA THR VA 100 42.31 10.36 63.08
C THR VA 100 41.00 10.44 62.29
N THR VA 101 40.69 9.36 61.57
CA THR VA 101 39.48 9.26 60.78
C THR VA 101 38.83 7.91 61.02
N GLY VA 102 37.48 7.89 60.97
CA GLY VA 102 36.74 6.67 61.22
C GLY VA 102 36.79 5.66 60.09
N THR VA 103 37.10 6.10 58.86
CA THR VA 103 37.15 5.18 57.74
C THR VA 103 38.31 4.19 57.85
N ASN VA 104 39.37 4.56 58.56
CA ASN VA 104 40.53 3.69 58.68
C ASN VA 104 40.18 2.43 59.47
N SER VA 105 40.75 1.31 59.03
CA SER VA 105 40.62 0.05 59.74
C SER VA 105 41.71 -0.07 60.80
N GLU VA 106 41.76 -1.22 61.48
CA GLU VA 106 42.75 -1.40 62.53
C GLU VA 106 44.15 -1.62 61.95
N SER VA 107 44.26 -2.37 60.86
CA SER VA 107 45.55 -2.58 60.23
C SER VA 107 46.11 -1.29 59.65
N ASP VA 108 45.24 -0.44 59.11
CA ASP VA 108 45.69 0.86 58.62
C ASP VA 108 46.27 1.70 59.74
N LEU VA 109 45.60 1.70 60.90
CA LEU VA 109 46.13 2.40 62.06
C LEU VA 109 47.45 1.79 62.50
N SER VA 110 47.57 0.46 62.40
CA SER VA 110 48.82 -0.20 62.77
C SER VA 110 49.96 0.27 61.87
N SER VA 111 49.72 0.35 60.57
CA SER VA 111 50.75 0.81 59.64
C SER VA 111 51.12 2.27 59.90
N ILE VA 112 50.11 3.10 60.15
CA ILE VA 112 50.37 4.50 60.49
C ILE VA 112 51.23 4.58 61.74
N GLN VA 113 50.92 3.77 62.75
CA GLN VA 113 51.70 3.78 63.98
C GLN VA 113 53.13 3.30 63.74
N ASP VA 114 53.31 2.29 62.88
CA ASP VA 114 54.65 1.85 62.56
C ASP VA 114 55.47 2.99 61.95
N GLU VA 115 54.90 3.69 60.97
CA GLU VA 115 55.63 4.78 60.34
C GLU VA 115 55.89 5.91 61.33
N ILE VA 116 54.92 6.24 62.17
CA ILE VA 116 55.07 7.31 63.14
C ILE VA 116 56.16 6.98 64.14
N LYS VA 117 56.17 5.75 64.64
CA LYS VA 117 57.20 5.32 65.59
C LYS VA 117 58.56 5.31 64.92
N SER VA 118 58.63 4.91 63.65
CA SER VA 118 59.90 4.96 62.93
C SER VA 118 60.43 6.39 62.85
N ARG VA 119 59.55 7.35 62.56
CA ARG VA 119 60.01 8.73 62.45
C ARG VA 119 60.37 9.32 63.81
N LEU VA 120 59.65 8.93 64.87
CA LEU VA 120 60.03 9.37 66.21
C LEU VA 120 61.39 8.81 66.60
N ASP VA 121 61.64 7.54 66.28
CA ASP VA 121 62.96 6.96 66.51
C ASP VA 121 64.02 7.69 65.70
N GLU VA 122 63.67 8.12 64.48
CA GLU VA 122 64.60 8.90 63.67
C GLU VA 122 64.92 10.23 64.35
N ILE VA 123 63.91 10.87 64.94
CA ILE VA 123 64.12 12.12 65.66
C ILE VA 123 65.08 11.88 66.83
N ASP VA 124 64.84 10.81 67.58
CA ASP VA 124 65.72 10.50 68.71
C ASP VA 124 67.15 10.24 68.24
N ARG VA 125 67.30 9.50 67.14
CA ARG VA 125 68.63 9.23 66.61
C ARG VA 125 69.32 10.51 66.15
N VAL VA 126 68.57 11.41 65.50
CA VAL VA 126 69.15 12.68 65.08
C VAL VA 126 69.62 13.46 66.29
N SER VA 127 68.82 13.46 67.36
CA SER VA 127 69.21 14.15 68.59
C SER VA 127 70.49 13.57 69.17
N GLY VA 128 70.58 12.23 69.20
CA GLY VA 128 71.72 11.61 69.86
C GLY VA 128 73.00 11.69 69.06
N GLN VA 129 72.93 11.30 67.79
CA GLN VA 129 74.14 11.13 66.98
C GLN VA 129 74.75 12.44 66.53
N THR VA 130 73.95 13.50 66.38
CA THR VA 130 74.43 14.76 65.83
C THR VA 130 75.38 15.41 66.83
N GLN VA 131 76.68 15.29 66.57
CA GLN VA 131 77.72 15.82 67.43
C GLN VA 131 78.65 16.73 66.64
N PHE VA 132 79.08 17.82 67.27
CA PHE VA 132 79.98 18.78 66.66
C PHE VA 132 81.25 18.89 67.50
N ASN VA 133 82.39 18.55 66.90
CA ASN VA 133 83.70 18.73 67.52
C ASN VA 133 83.75 18.14 68.93
N GLY VA 134 83.27 16.90 69.05
CA GLY VA 134 83.21 16.25 70.34
C GLY VA 134 82.22 16.87 71.30
N VAL VA 135 81.09 17.38 70.80
CA VAL VA 135 80.05 17.97 71.62
C VAL VA 135 78.71 17.53 71.08
N ASN VA 136 77.95 16.79 71.88
CA ASN VA 136 76.58 16.40 71.52
C ASN VA 136 75.69 17.60 71.81
N VAL VA 137 75.45 18.41 70.77
CA VAL VA 137 74.76 19.68 70.96
C VAL VA 137 73.32 19.47 71.39
N LEU VA 138 72.58 18.63 70.68
CA LEU VA 138 71.17 18.37 70.99
C LEU VA 138 71.01 17.14 71.87
N ALA VA 139 71.71 17.10 73.00
CA ALA VA 139 71.59 15.98 73.92
C ALA VA 139 71.56 16.41 75.39
N LYS VA 140 71.74 17.69 75.69
CA LYS VA 140 71.78 18.15 77.07
C LYS VA 140 71.63 19.66 77.14
N ASN VA 141 70.77 20.14 78.05
CA ASN VA 141 70.65 21.58 78.25
C ASN VA 141 71.97 22.15 78.74
N GLY VA 142 72.39 23.25 78.14
CA GLY VA 142 73.65 23.85 78.50
C GLY VA 142 73.84 25.19 77.83
N SER VA 143 75.08 25.68 77.88
CA SER VA 143 75.39 26.97 77.30
C SER VA 143 76.87 27.01 76.92
N MET VA 144 77.17 27.71 75.84
CA MET VA 144 78.54 27.93 75.39
C MET VA 144 78.83 29.42 75.41
N LYS VA 145 80.01 29.79 75.89
CA LYS VA 145 80.42 31.18 76.02
C LYS VA 145 81.52 31.44 74.99
N ILE VA 146 81.15 32.12 73.91
CA ILE VA 146 82.06 32.40 72.81
C ILE VA 146 82.85 33.66 73.13
N GLN VA 147 84.17 33.53 73.26
CA GLN VA 147 85.03 34.67 73.55
C GLN VA 147 85.07 35.59 72.33
N VAL VA 148 84.43 36.74 72.42
CA VAL VA 148 84.35 37.66 71.30
C VAL VA 148 84.98 39.00 71.66
N GLY VA 149 85.98 38.97 72.53
CA GLY VA 149 86.66 40.19 72.95
C GLY VA 149 88.12 39.93 73.23
N ALA VA 150 88.82 41.00 73.63
CA ALA VA 150 90.24 40.92 73.93
C ALA VA 150 90.48 40.61 75.41
N ASN VA 151 89.79 41.30 76.30
CA ASN VA 151 89.96 41.10 77.72
C ASN VA 151 89.01 39.98 78.21
N ASP VA 152 89.14 39.63 79.48
CA ASP VA 152 88.38 38.53 80.03
C ASP VA 152 86.93 38.93 80.27
N ASN VA 153 86.06 37.92 80.31
CA ASN VA 153 84.63 38.08 80.57
C ASN VA 153 84.00 39.06 79.57
N GLN VA 154 84.18 38.75 78.29
CA GLN VA 154 83.61 39.50 77.18
C GLN VA 154 83.00 38.54 76.17
N THR VA 155 82.21 37.58 76.66
CA THR VA 155 81.71 36.48 75.86
C THR VA 155 80.22 36.63 75.59
N ILE VA 156 79.79 36.05 74.47
CA ILE VA 156 78.37 35.94 74.12
C ILE VA 156 77.93 34.51 74.38
N THR VA 157 76.80 34.35 75.05
CA THR VA 157 76.33 33.04 75.48
C THR VA 157 75.38 32.45 74.46
N ILE VA 158 75.68 31.23 74.01
CA ILE VA 158 74.81 30.47 73.13
C ILE VA 158 74.07 29.42 73.96
N ASP VA 159 72.79 29.27 73.71
CA ASP VA 159 71.95 28.34 74.44
C ASP VA 159 71.71 27.08 73.63
N LEU VA 160 71.75 25.93 74.30
CA LEU VA 160 71.51 24.64 73.66
C LEU VA 160 70.50 23.87 74.50
N LYS VA 161 69.35 23.57 73.91
CA LYS VA 161 68.28 22.86 74.59
C LYS VA 161 68.21 21.42 74.09
N GLN VA 162 68.17 20.47 75.03
CA GLN VA 162 68.00 19.08 74.65
C GLN VA 162 66.67 18.87 73.97
N ILE VA 163 66.71 18.42 72.72
CA ILE VA 163 65.51 18.22 71.91
C ILE VA 163 65.42 16.73 71.60
N ASP VA 164 64.39 16.08 72.14
CA ASP VA 164 64.13 14.67 71.87
C ASP VA 164 62.69 14.37 72.26
N ALA VA 165 62.29 13.11 72.05
CA ALA VA 165 60.91 12.72 72.30
C ALA VA 165 60.50 12.97 73.74
N LYS VA 166 61.39 12.66 74.69
CA LYS VA 166 61.05 12.86 76.10
C LYS VA 166 60.85 14.34 76.42
N THR VA 167 61.73 15.20 75.89
CA THR VA 167 61.65 16.63 76.17
C THR VA 167 60.71 17.37 75.23
N LEU VA 168 59.90 16.63 74.45
CA LEU VA 168 58.91 17.25 73.58
C LEU VA 168 57.50 16.77 73.87
N GLY VA 169 57.32 15.83 74.79
CA GLY VA 169 56.02 15.28 75.10
C GLY VA 169 55.59 14.14 74.22
N LEU VA 170 56.34 13.83 73.16
CA LEU VA 170 56.02 12.73 72.27
C LEU VA 170 56.74 11.45 72.69
N ASP VA 171 56.60 11.08 73.96
CA ASP VA 171 57.16 9.85 74.51
C ASP VA 171 56.02 8.88 74.76
N GLY VA 172 55.88 7.90 73.87
CA GLY VA 172 54.74 7.02 73.88
C GLY VA 172 53.60 7.44 72.99
N PHE VA 173 53.82 8.42 72.11
CA PHE VA 173 52.80 8.92 71.20
C PHE VA 173 52.28 7.79 70.30
N SER VA 174 51.01 7.42 70.46
CA SER VA 174 50.42 6.32 69.73
C SER VA 174 49.07 6.74 69.17
N VAL VA 175 48.70 6.12 68.06
CA VAL VA 175 47.41 6.37 67.42
C VAL VA 175 46.67 5.05 67.25
N LYS VA 176 46.95 4.09 68.12
CA LYS VA 176 46.31 2.79 68.07
C LYS VA 176 46.23 2.21 69.47
N ASN VA 177 45.37 1.21 69.63
CA ASN VA 177 45.18 0.57 70.92
C ASN VA 177 45.97 -0.73 71.02
N THR VA 407 46.44 7.99 72.45
CA THR VA 407 46.87 9.28 72.93
C THR VA 407 45.79 10.33 72.74
N THR VA 408 45.48 11.07 73.80
CA THR VA 408 44.45 12.10 73.75
C THR VA 408 45.02 13.41 73.23
N ASP VA 409 44.22 14.11 72.44
CA ASP VA 409 44.62 15.37 71.81
C ASP VA 409 45.98 15.29 71.14
N PRO VA 410 46.13 14.47 70.10
CA PRO VA 410 47.45 14.29 69.47
C PRO VA 410 47.94 15.54 68.74
N LEU VA 411 47.05 16.16 67.98
CA LEU VA 411 47.44 17.30 67.15
C LEU VA 411 47.91 18.46 68.00
N LYS VA 412 47.27 18.68 69.15
CA LYS VA 412 47.69 19.75 70.04
C LYS VA 412 49.11 19.52 70.54
N ALA VA 413 49.43 18.29 70.94
CA ALA VA 413 50.79 17.98 71.40
C ALA VA 413 51.80 18.14 70.28
N LEU VA 414 51.44 17.71 69.07
CA LEU VA 414 52.36 17.87 67.94
C LEU VA 414 52.63 19.34 67.65
N ASP VA 415 51.58 20.17 67.69
CA ASP VA 415 51.76 21.60 67.48
C ASP VA 415 52.62 22.20 68.58
N ASP VA 416 52.44 21.75 69.82
CA ASP VA 416 53.27 22.23 70.91
C ASP VA 416 54.74 21.89 70.67
N ALA VA 417 55.02 20.66 70.23
CA ALA VA 417 56.41 20.28 69.96
C ALA VA 417 56.98 21.11 68.81
N ILE VA 418 56.19 21.34 67.77
CA ILE VA 418 56.67 22.14 66.64
C ILE VA 418 57.02 23.54 67.08
N ALA VA 419 56.16 24.16 67.89
CA ALA VA 419 56.47 25.50 68.39
C ALA VA 419 57.66 25.50 69.33
N SER VA 420 57.84 24.42 70.10
CA SER VA 420 58.94 24.38 71.06
C SER VA 420 60.28 24.21 70.37
N VAL VA 421 60.31 23.57 69.20
CA VAL VA 421 61.55 23.51 68.44
C VAL VA 421 61.75 24.79 67.60
N ASP VA 422 60.66 25.41 67.14
CA ASP VA 422 60.79 26.65 66.40
C ASP VA 422 61.31 27.77 67.28
N LYS VA 423 60.97 27.78 68.56
CA LYS VA 423 61.52 28.77 69.48
C LYS VA 423 63.04 28.67 69.56
N PHE VA 424 63.54 27.44 69.72
CA PHE VA 424 64.99 27.22 69.75
C PHE VA 424 65.63 27.66 68.44
N ARG VA 425 65.01 27.33 67.31
CA ARG VA 425 65.56 27.71 66.02
C ARG VA 425 65.64 29.22 65.85
N SER VA 426 64.59 29.94 66.27
CA SER VA 426 64.60 31.40 66.16
C SER VA 426 65.65 32.02 67.06
N SER VA 427 65.78 31.53 68.30
CA SER VA 427 66.82 32.05 69.18
C SER VA 427 68.20 31.80 68.60
N LEU VA 428 68.39 30.63 67.98
CA LEU VA 428 69.67 30.31 67.36
C LEU VA 428 69.99 31.27 66.23
N GLY VA 429 69.00 31.59 65.39
CA GLY VA 429 69.22 32.56 64.34
C GLY VA 429 69.55 33.95 64.87
N ALA VA 430 68.90 34.35 65.96
CA ALA VA 430 69.22 35.62 66.58
C ALA VA 430 70.68 35.65 67.05
N VAL VA 431 71.13 34.54 67.66
CA VAL VA 431 72.52 34.45 68.08
C VAL VA 431 73.45 34.56 66.87
N GLN VA 432 73.05 33.94 65.75
CA GLN VA 432 73.86 34.05 64.53
C GLN VA 432 74.01 35.50 64.10
N ASN VA 433 72.92 36.25 64.10
CA ASN VA 433 72.97 37.65 63.70
C ASN VA 433 73.88 38.45 64.64
N ARG VA 434 73.75 38.22 65.95
CA ARG VA 434 74.61 38.92 66.90
C ARG VA 434 76.08 38.61 66.65
N LEU VA 435 76.40 37.35 66.39
CA LEU VA 435 77.80 36.99 66.14
C LEU VA 435 78.33 37.66 64.88
N ASP VA 436 77.52 37.72 63.83
CA ASP VA 436 77.96 38.36 62.60
C ASP VA 436 78.24 39.83 62.82
N SER VA 437 77.34 40.52 63.53
CA SER VA 437 77.55 41.93 63.81
C SER VA 437 78.81 42.15 64.64
N ALA VA 438 79.03 41.28 65.63
CA ALA VA 438 80.25 41.38 66.43
C ALA VA 438 81.49 41.19 65.58
N VAL VA 439 81.46 40.24 64.65
CA VAL VA 439 82.61 39.99 63.79
C VAL VA 439 82.93 41.24 62.97
N THR VA 440 81.89 41.86 62.39
CA THR VA 440 82.11 43.06 61.60
C THR VA 440 82.71 44.18 62.43
N ASN VA 441 82.15 44.42 63.63
CA ASN VA 441 82.63 45.50 64.47
C ASN VA 441 84.08 45.27 64.88
N LEU VA 442 84.42 44.03 65.25
CA LEU VA 442 85.81 43.71 65.58
C LEU VA 442 86.73 43.91 64.39
N ASN VA 443 86.27 43.60 63.18
CA ASN VA 443 87.10 43.85 62.00
C ASN VA 443 87.44 45.33 61.88
N ASN VA 444 86.42 46.19 61.96
CA ASN VA 444 86.69 47.62 61.85
C ASN VA 444 87.60 48.11 62.97
N THR VA 445 87.37 47.64 64.19
CA THR VA 445 88.18 48.06 65.33
C THR VA 445 89.63 47.64 65.14
N THR VA 446 89.85 46.41 64.66
CA THR VA 446 91.20 45.93 64.43
C THR VA 446 91.92 46.77 63.38
N THR VA 447 91.22 47.11 62.30
CA THR VA 447 91.84 47.95 61.27
C THR VA 447 92.22 49.31 61.84
N ASN VA 448 91.32 49.93 62.61
CA ASN VA 448 91.61 51.24 63.17
C ASN VA 448 92.78 51.19 64.14
N LEU VA 449 92.83 50.15 64.98
CA LEU VA 449 93.92 50.04 65.95
C LEU VA 449 95.25 49.76 65.24
N SER VA 450 95.21 49.03 64.12
CA SER VA 450 96.42 48.84 63.31
C SER VA 450 96.92 50.18 62.77
N GLU VA 451 96.00 51.03 62.29
CA GLU VA 451 96.42 52.36 61.85
C GLU VA 451 96.98 53.18 63.01
N ALA VA 452 96.37 53.05 64.19
CA ALA VA 452 96.85 53.77 65.37
C ALA VA 452 98.29 53.36 65.70
N GLN VA 453 98.59 52.05 65.68
CA GLN VA 453 99.96 51.60 65.88
C GLN VA 453 100.87 52.11 64.77
N SER VA 454 100.34 52.19 63.54
CA SER VA 454 101.19 52.58 62.41
C SER VA 454 101.68 54.00 62.55
N ARG VA 455 100.79 54.94 62.88
CA ARG VA 455 101.28 56.30 63.06
C ARG VA 455 102.14 56.50 64.31
N ILE VA 456 102.43 55.44 65.06
CA ILE VA 456 103.23 55.55 66.26
C ILE VA 456 104.61 54.90 66.07
N GLN VA 457 104.64 53.63 65.67
CA GLN VA 457 105.88 52.88 65.71
C GLN VA 457 106.68 52.93 64.41
N ASP VA 458 106.03 53.16 63.28
CA ASP VA 458 106.74 53.11 62.00
C ASP VA 458 107.47 54.43 61.72
N ALA VA 459 108.40 54.36 60.78
CA ALA VA 459 109.23 55.49 60.38
C ALA VA 459 108.82 56.02 59.02
N ASP VA 460 109.18 57.28 58.76
CA ASP VA 460 108.91 57.96 57.51
C ASP VA 460 110.18 57.94 56.67
N TYR VA 461 110.14 57.25 55.53
CA TYR VA 461 111.37 56.95 54.81
C TYR VA 461 111.99 58.19 54.18
N ALA VA 462 111.19 59.17 53.76
CA ALA VA 462 111.78 60.39 53.18
C ALA VA 462 112.68 61.09 54.17
N THR VA 463 112.18 61.28 55.40
CA THR VA 463 112.98 61.92 56.44
C THR VA 463 114.23 61.10 56.75
N GLU VA 464 114.09 59.78 56.81
CA GLU VA 464 115.23 58.93 57.14
C GLU VA 464 116.31 59.02 56.06
N VAL VA 465 115.90 59.01 54.78
CA VAL VA 465 116.86 59.14 53.70
C VAL VA 465 117.55 60.48 53.74
N SER VA 466 116.80 61.56 53.99
CA SER VA 466 117.42 62.88 54.08
C SER VA 466 118.43 62.94 55.21
N ASN VA 467 118.08 62.38 56.38
CA ASN VA 467 118.99 62.37 57.50
C ASN VA 467 120.24 61.56 57.20
N MET VA 468 120.09 60.40 56.56
CA MET VA 468 121.25 59.58 56.21
C MET VA 468 122.17 60.33 55.25
N SER VA 469 121.60 60.97 54.23
CA SER VA 469 122.41 61.72 53.28
C SER VA 469 123.15 62.86 53.97
N LYS VA 470 122.44 63.59 54.84
CA LYS VA 470 123.07 64.69 55.56
C LYS VA 470 124.21 64.19 56.44
N ALA VA 471 123.99 63.07 57.13
CA ALA VA 471 125.04 62.52 57.99
C ALA VA 471 126.25 62.09 57.18
N GLN VA 472 126.03 61.49 56.01
CA GLN VA 472 127.15 61.09 55.17
C GLN VA 472 127.94 62.30 54.69
N ILE VA 473 127.24 63.37 54.29
CA ILE VA 473 127.95 64.58 53.87
C ILE VA 473 128.75 65.17 55.03
N ILE VA 474 128.15 65.19 56.23
CA ILE VA 474 128.86 65.70 57.40
C ILE VA 474 130.11 64.87 57.67
N GLN VA 475 129.99 63.55 57.57
CA GLN VA 475 131.14 62.68 57.82
C GLN VA 475 132.27 62.97 56.84
N GLN VA 476 131.95 63.04 55.55
CA GLN VA 476 133.00 63.27 54.55
C GLN VA 476 133.64 64.64 54.73
N ALA VA 477 132.83 65.67 54.97
CA ALA VA 477 133.38 67.00 55.17
C ALA VA 477 134.26 67.05 56.41
N GLY VA 478 133.81 66.43 57.51
CA GLY VA 478 134.62 66.40 58.72
C GLY VA 478 135.93 65.68 58.52
N ASN VA 479 135.92 64.59 57.75
CA ASN VA 479 137.16 63.86 57.49
C ASN VA 479 138.12 64.71 56.66
N SER VA 480 137.60 65.44 55.66
CA SER VA 480 138.47 66.32 54.88
C SER VA 480 139.08 67.41 55.76
N VAL VA 481 138.27 68.04 56.61
CA VAL VA 481 138.80 69.07 57.49
C VAL VA 481 139.79 68.48 58.49
N LEU VA 482 139.56 67.26 58.94
CA LEU VA 482 140.50 66.61 59.85
C LEU VA 482 141.83 66.38 59.16
N ALA VA 483 141.81 65.93 57.90
CA ALA VA 483 143.05 65.74 57.16
C ALA VA 483 143.81 67.07 57.04
N LYS VA 484 143.09 68.14 56.70
CA LYS VA 484 143.74 69.45 56.62
C LYS VA 484 144.32 69.87 57.96
N ALA VA 485 143.59 69.63 59.05
CA ALA VA 485 144.06 70.00 60.37
C ALA VA 485 145.33 69.26 60.74
N ASN VA 486 145.38 67.95 60.48
CA ASN VA 486 146.61 67.21 60.72
C ASN VA 486 147.73 67.67 59.80
N GLN VA 487 147.39 68.20 58.62
CA GLN VA 487 148.42 68.75 57.73
C GLN VA 487 149.00 70.05 58.29
N VAL VA 488 148.19 70.80 59.04
CA VAL VA 488 148.61 72.14 59.50
C VAL VA 488 149.97 72.15 60.20
N PRO VA 489 150.24 71.28 61.20
CA PRO VA 489 151.44 71.48 62.04
C PRO VA 489 152.80 71.38 61.33
N GLN VA 490 152.81 71.21 60.00
CA GLN VA 490 154.07 70.92 59.32
C GLN VA 490 155.00 72.13 59.23
N GLN VA 491 154.45 73.35 59.22
CA GLN VA 491 155.30 74.52 58.99
C GLN VA 491 156.34 74.72 60.09
N VAL VA 492 156.16 74.11 61.25
CA VAL VA 492 157.18 74.19 62.29
C VAL VA 492 158.46 73.53 61.82
N LEU VA 493 158.35 72.42 61.07
CA LEU VA 493 159.53 71.78 60.51
C LEU VA 493 160.24 72.70 59.52
N SER VA 494 159.48 73.41 58.69
CA SER VA 494 160.08 74.36 57.76
C SER VA 494 160.80 75.48 58.51
N LEU VA 495 160.18 75.96 59.58
CA LEU VA 495 160.82 77.00 60.40
C LEU VA 495 162.12 76.49 60.99
N LEU VA 496 162.11 75.27 61.52
CA LEU VA 496 163.30 74.70 62.16
C LEU VA 496 164.42 74.47 61.15
N GLN VA 497 164.08 73.95 59.97
CA GLN VA 497 165.11 73.64 58.98
C GLN VA 497 165.81 74.91 58.50
N GLY VA 498 165.05 75.98 58.27
CA GLY VA 498 165.62 77.23 57.81
C GLY VA 498 164.88 77.82 56.63
N GLN WA 3 78.22 56.51 8.66
CA GLN WA 3 78.51 55.71 9.85
C GLN WA 3 77.74 56.26 11.03
N VAL WA 4 77.03 57.36 10.78
CA VAL WA 4 76.32 58.15 11.77
C VAL WA 4 75.45 57.28 12.68
N ILE WA 5 75.57 57.49 13.99
CA ILE WA 5 74.79 56.76 14.98
C ILE WA 5 73.81 57.65 15.71
N ASN WA 6 73.64 58.90 15.26
CA ASN WA 6 72.65 59.79 15.82
C ASN WA 6 71.39 59.85 14.96
N THR WA 7 71.44 59.27 13.75
CA THR WA 7 70.32 59.24 12.84
C THR WA 7 70.31 57.89 12.13
N ASN WA 8 69.12 57.31 11.97
CA ASN WA 8 68.98 55.98 11.42
C ASN WA 8 68.01 56.00 10.24
N SER WA 9 68.24 56.93 9.30
CA SER WA 9 67.36 57.21 8.17
C SER WA 9 66.71 55.97 7.58
N LEU WA 10 67.49 54.90 7.44
CA LEU WA 10 66.94 53.65 6.89
C LEU WA 10 65.79 53.14 7.75
N SER WA 11 65.95 53.20 9.07
CA SER WA 11 64.86 52.80 9.97
C SER WA 11 63.65 53.71 9.77
N LEU WA 12 63.88 55.00 9.54
CA LEU WA 12 62.76 55.91 9.31
C LEU WA 12 62.00 55.53 8.04
N ILE WA 13 62.73 55.19 6.97
CA ILE WA 13 62.08 54.76 5.74
C ILE WA 13 61.26 53.49 5.99
N THR WA 14 61.84 52.53 6.70
CA THR WA 14 61.13 51.28 6.96
C THR WA 14 59.87 51.52 7.78
N GLN WA 15 59.96 52.39 8.80
CA GLN WA 15 58.79 52.71 9.61
C GLN WA 15 57.72 53.39 8.77
N ASN WA 16 58.12 54.29 7.86
CA ASN WA 16 57.15 54.93 6.98
C ASN WA 16 56.43 53.90 6.11
N ASN WA 17 57.18 52.95 5.55
CA ASN WA 17 56.56 51.92 4.72
C ASN WA 17 55.59 51.06 5.53
N ILE WA 18 55.98 50.71 6.76
CA ILE WA 18 55.11 49.90 7.61
C ILE WA 18 53.83 50.65 7.93
N ASN WA 19 53.95 51.95 8.25
CA ASN WA 19 52.77 52.76 8.51
C ASN WA 19 51.88 52.83 7.29
N LYS WA 20 52.48 52.93 6.09
CA LYS WA 20 51.70 52.94 4.87
C LYS WA 20 50.91 51.65 4.68
N ASN WA 21 51.55 50.51 4.97
CA ASN WA 21 50.87 49.23 4.79
C ASN WA 21 49.78 49.00 5.85
N GLN WA 22 49.94 49.62 7.02
CA GLN WA 22 48.96 49.47 8.10
C GLN WA 22 47.55 49.80 7.64
N SER WA 23 47.39 50.86 6.83
CA SER WA 23 46.07 51.27 6.38
C SER WA 23 45.41 50.19 5.53
N ALA WA 24 46.17 49.60 4.60
CA ALA WA 24 45.62 48.53 3.77
C ALA WA 24 45.23 47.33 4.62
N LEU WA 25 46.08 46.96 5.58
CA LEU WA 25 45.75 45.81 6.42
C LEU WA 25 44.47 46.06 7.22
N SER WA 26 44.35 47.24 7.83
CA SER WA 26 43.17 47.57 8.62
C SER WA 26 41.92 47.59 7.75
N SER WA 27 42.02 48.18 6.56
CA SER WA 27 40.86 48.22 5.67
C SER WA 27 40.43 46.83 5.27
N SER WA 28 41.37 45.96 4.92
CA SER WA 28 41.01 44.60 4.53
C SER WA 28 40.32 43.86 5.67
N ILE WA 29 40.87 43.98 6.88
CA ILE WA 29 40.27 43.30 8.02
C ILE WA 29 38.87 43.82 8.29
N GLU WA 30 38.68 45.15 8.20
CA GLU WA 30 37.36 45.72 8.45
C GLU WA 30 36.33 45.25 7.42
N ARG WA 31 36.71 45.24 6.15
CA ARG WA 31 35.77 44.78 5.12
C ARG WA 31 35.44 43.31 5.30
N LEU WA 32 36.43 42.48 5.67
CA LEU WA 32 36.14 41.07 5.92
C LEU WA 32 35.20 40.90 7.10
N SER WA 33 35.38 41.68 8.16
CA SER WA 33 34.56 41.52 9.35
C SER WA 33 33.13 42.00 9.11
N SER WA 34 32.98 43.19 8.54
CA SER WA 34 31.64 43.76 8.39
C SER WA 34 30.88 43.11 7.24
N GLY WA 35 31.57 42.80 6.15
CA GLY WA 35 30.93 42.29 4.97
C GLY WA 35 30.52 43.33 3.96
N LEU WA 36 30.66 44.61 4.30
CA LEU WA 36 30.32 45.71 3.40
C LEU WA 36 31.60 46.34 2.88
N ARG WA 37 31.65 46.57 1.56
CA ARG WA 37 32.79 47.25 0.98
C ARG WA 37 32.86 48.70 1.44
N ILE WA 38 31.71 49.34 1.63
CA ILE WA 38 31.64 50.73 2.06
C ILE WA 38 31.29 50.72 3.54
N ASN WA 39 32.30 50.88 4.38
CA ASN WA 39 32.12 50.92 5.83
C ASN WA 39 32.03 52.35 6.38
N SER WA 40 32.38 53.35 5.58
CA SER WA 40 32.36 54.73 6.03
C SER WA 40 32.33 55.63 4.80
N ALA WA 41 32.04 56.92 5.05
CA ALA WA 41 32.02 57.89 3.96
C ALA WA 41 33.39 58.09 3.34
N LYS WA 42 34.46 57.78 4.06
CA LYS WA 42 35.80 57.92 3.49
C LYS WA 42 36.02 56.96 2.32
N ASP WA 43 35.33 55.83 2.31
CA ASP WA 43 35.51 54.86 1.24
C ASP WA 43 35.07 55.42 -0.10
N ASP WA 44 33.75 55.54 -0.30
CA ASP WA 44 33.20 56.14 -1.50
C ASP WA 44 32.27 57.30 -1.19
N ALA WA 45 31.21 57.04 -0.42
CA ALA WA 45 30.17 57.96 0.03
C ALA WA 45 29.23 58.38 -1.09
N ALA WA 46 29.63 58.25 -2.34
CA ALA WA 46 28.65 58.30 -3.41
C ALA WA 46 27.92 56.96 -3.50
N GLY WA 47 28.69 55.88 -3.45
CA GLY WA 47 28.09 54.57 -3.28
C GLY WA 47 27.31 54.46 -1.99
N GLN WA 48 27.78 55.13 -0.94
CA GLN WA 48 27.05 55.10 0.32
C GLN WA 48 25.72 55.85 0.22
N ALA WA 49 25.71 57.00 -0.46
CA ALA WA 49 24.44 57.70 -0.66
C ALA WA 49 23.48 56.86 -1.49
N ILE WA 50 23.99 56.24 -2.57
CA ILE WA 50 23.15 55.37 -3.38
C ILE WA 50 22.61 54.21 -2.55
N ALA WA 51 23.45 53.62 -1.71
CA ALA WA 51 23.02 52.49 -0.89
C ALA WA 51 21.96 52.93 0.12
N ASN WA 52 22.12 54.11 0.72
CA ASN WA 52 21.11 54.60 1.65
C ASN WA 52 19.76 54.76 0.96
N ARG WA 53 19.76 55.39 -0.21
CA ARG WA 53 18.50 55.56 -0.93
C ARG WA 53 17.91 54.22 -1.35
N PHE WA 54 18.78 53.29 -1.76
CA PHE WA 54 18.30 51.96 -2.17
C PHE WA 54 17.67 51.23 -0.99
N THR WA 55 18.28 51.31 0.19
CA THR WA 55 17.72 50.68 1.37
C THR WA 55 16.37 51.28 1.71
N SER WA 56 16.26 52.61 1.63
CA SER WA 56 14.98 53.26 1.87
C SER WA 56 13.92 52.75 0.90
N ASN WA 57 14.27 52.64 -0.37
CA ASN WA 57 13.31 52.16 -1.36
C ASN WA 57 12.89 50.72 -1.09
N ILE WA 58 13.85 49.87 -0.72
CA ILE WA 58 13.54 48.46 -0.47
C ILE WA 58 12.57 48.33 0.70
N LYS WA 59 12.86 49.05 1.80
CA LYS WA 59 11.97 48.98 2.95
C LYS WA 59 10.58 49.53 2.62
N GLY WA 60 10.53 50.63 1.87
CA GLY WA 60 9.24 51.18 1.50
C GLY WA 60 8.42 50.23 0.64
N LEU WA 61 9.07 49.58 -0.32
CA LEU WA 61 8.34 48.65 -1.19
C LEU WA 61 7.85 47.44 -0.42
N THR WA 62 8.67 46.91 0.48
CA THR WA 62 8.22 45.78 1.30
C THR WA 62 7.01 46.18 2.12
N GLN WA 63 7.06 47.35 2.75
CA GLN WA 63 5.93 47.78 3.57
C GLN WA 63 4.69 48.01 2.71
N ALA WA 64 4.88 48.51 1.48
CA ALA WA 64 3.76 48.74 0.59
C ALA WA 64 3.07 47.43 0.20
N ALA WA 65 3.86 46.40 -0.12
CA ALA WA 65 3.25 45.11 -0.42
C ALA WA 65 2.51 44.56 0.80
N ARG WA 66 3.10 44.72 1.99
CA ARG WA 66 2.43 44.28 3.21
C ARG WA 66 1.08 44.99 3.38
N ASN WA 67 1.05 46.29 3.07
CA ASN WA 67 -0.21 47.03 3.13
C ASN WA 67 -1.21 46.49 2.12
N ALA WA 68 -0.76 46.21 0.89
CA ALA WA 68 -1.66 45.74 -0.15
C ALA WA 68 -2.34 44.45 0.25
N ASN WA 69 -1.64 43.59 0.98
CA ASN WA 69 -2.27 42.36 1.46
C ASN WA 69 -3.52 42.67 2.30
N ASP WA 70 -3.47 43.74 3.10
CA ASP WA 70 -4.63 44.12 3.90
C ASP WA 70 -5.82 44.47 3.02
N GLY WA 71 -5.60 45.23 1.95
CA GLY WA 71 -6.69 45.55 1.04
C GLY WA 71 -7.28 44.31 0.40
N ILE WA 72 -6.42 43.35 0.04
CA ILE WA 72 -6.93 42.09 -0.49
C ILE WA 72 -7.85 41.42 0.53
N SER WA 73 -7.43 41.42 1.80
CA SER WA 73 -8.27 40.82 2.84
C SER WA 73 -9.62 41.53 2.98
N VAL WA 74 -9.60 42.87 2.94
CA VAL WA 74 -10.83 43.64 3.04
C VAL WA 74 -11.78 43.25 1.92
N ALA WA 75 -11.26 43.20 0.69
CA ALA WA 75 -12.10 42.86 -0.45
C ALA WA 75 -12.67 41.44 -0.31
N GLN WA 76 -11.85 40.51 0.18
CA GLN WA 76 -12.34 39.13 0.36
C GLN WA 76 -13.50 39.08 1.35
N THR WA 77 -13.36 39.77 2.49
CA THR WA 77 -14.41 39.75 3.49
C THR WA 77 -15.70 40.36 2.93
N THR WA 78 -15.58 41.50 2.26
CA THR WA 78 -16.76 42.15 1.69
C THR WA 78 -17.42 41.26 0.65
N GLU WA 79 -16.63 40.55 -0.15
CA GLU WA 79 -17.19 39.65 -1.15
C GLU WA 79 -17.97 38.51 -0.50
N GLY WA 80 -17.44 37.95 0.60
CA GLY WA 80 -18.17 36.90 1.29
C GLY WA 80 -19.52 37.37 1.81
N ALA WA 81 -19.53 38.54 2.45
CA ALA WA 81 -20.78 39.09 2.93
C ALA WA 81 -21.76 39.33 1.79
N LEU WA 82 -21.26 39.86 0.67
CA LEU WA 82 -22.12 40.08 -0.49
C LEU WA 82 -22.69 38.78 -1.04
N SER WA 83 -21.90 37.70 -0.99
CA SER WA 83 -22.39 36.41 -1.45
C SER WA 83 -23.55 35.94 -0.59
N GLU WA 84 -23.44 36.10 0.73
CA GLU WA 84 -24.56 35.73 1.60
C GLU WA 84 -25.81 36.56 1.28
N ILE WA 85 -25.63 37.87 1.08
CA ILE WA 85 -26.76 38.73 0.73
C ILE WA 85 -27.39 38.27 -0.58
N ASN WA 86 -26.56 37.88 -1.55
CA ASN WA 86 -27.07 37.40 -2.83
C ASN WA 86 -27.90 36.14 -2.67
N ASN WA 87 -27.44 35.21 -1.84
CA ASN WA 87 -28.22 33.99 -1.61
C ASN WA 87 -29.58 34.32 -1.00
N ASN WA 88 -29.60 35.22 -0.02
CA ASN WA 88 -30.88 35.60 0.58
C ASN WA 88 -31.81 36.26 -0.44
N LEU WA 89 -31.25 37.11 -1.30
CA LEU WA 89 -32.06 37.75 -2.34
C LEU WA 89 -32.63 36.73 -3.31
N GLN WA 90 -31.84 35.72 -3.67
CA GLN WA 90 -32.34 34.67 -4.55
C GLN WA 90 -33.51 33.93 -3.92
N ARG WA 91 -33.39 33.60 -2.63
CA ARG WA 91 -34.51 32.92 -1.97
C ARG WA 91 -35.75 33.81 -1.92
N VAL WA 92 -35.55 35.11 -1.68
CA VAL WA 92 -36.70 36.03 -1.65
C VAL WA 92 -37.38 36.08 -3.01
N ARG WA 93 -36.58 36.10 -4.09
CA ARG WA 93 -37.16 36.09 -5.43
C ARG WA 93 -37.98 34.83 -5.68
N GLU WA 94 -37.43 33.67 -5.27
CA GLU WA 94 -38.18 32.43 -5.43
C GLU WA 94 -39.51 32.49 -4.68
N LEU WA 95 -39.48 33.04 -3.46
CA LEU WA 95 -40.71 33.12 -2.67
C LEU WA 95 -41.72 34.07 -3.32
N THR WA 96 -41.25 35.18 -3.90
CA THR WA 96 -42.17 36.07 -4.60
C THR WA 96 -42.81 35.37 -5.79
N VAL WA 97 -42.01 34.59 -6.54
CA VAL WA 97 -42.57 33.81 -7.65
C VAL WA 97 -43.64 32.86 -7.12
N GLN WA 98 -43.39 32.23 -5.99
CA GLN WA 98 -44.39 31.32 -5.42
C GLN WA 98 -45.63 32.07 -4.94
N ALA WA 99 -45.46 33.29 -4.44
CA ALA WA 99 -46.56 34.01 -3.81
C ALA WA 99 -47.47 34.72 -4.82
N THR WA 100 -46.95 35.09 -5.98
CA THR WA 100 -47.79 35.80 -6.94
C THR WA 100 -48.67 34.84 -7.72
N THR WA 101 -49.43 34.01 -7.01
CA THR WA 101 -50.31 33.02 -7.62
C THR WA 101 -51.70 33.15 -7.04
N GLY WA 102 -52.71 32.94 -7.90
CA GLY WA 102 -54.09 33.09 -7.50
C GLY WA 102 -54.62 31.99 -6.60
N THR WA 103 -53.97 30.81 -6.61
CA THR WA 103 -54.46 29.71 -5.79
C THR WA 103 -54.21 29.95 -4.30
N ASN WA 104 -53.14 30.68 -3.97
CA ASN WA 104 -52.81 30.91 -2.57
C ASN WA 104 -53.90 31.70 -1.86
N SER WA 105 -54.23 31.25 -0.64
CA SER WA 105 -55.21 31.95 0.18
C SER WA 105 -54.53 33.09 0.91
N GLU WA 106 -55.25 33.76 1.81
CA GLU WA 106 -54.67 34.89 2.52
C GLU WA 106 -53.69 34.43 3.58
N SER WA 107 -53.95 33.30 4.23
CA SER WA 107 -53.01 32.77 5.21
C SER WA 107 -51.69 32.37 4.57
N ASP WA 108 -51.74 31.79 3.37
CA ASP WA 108 -50.51 31.46 2.67
C ASP WA 108 -49.70 32.70 2.36
N LEU WA 109 -50.37 33.76 1.90
CA LEU WA 109 -49.69 35.02 1.66
C LEU WA 109 -49.08 35.58 2.94
N SER WA 110 -49.80 35.45 4.05
CA SER WA 110 -49.28 35.92 5.33
C SER WA 110 -48.00 35.18 5.72
N SER WA 111 -48.01 33.86 5.56
CA SER WA 111 -46.82 33.08 5.90
C SER WA 111 -45.64 33.43 4.99
N ILE WA 112 -45.91 33.54 3.69
CA ILE WA 112 -44.85 33.88 2.74
C ILE WA 112 -44.27 35.25 3.07
N GLN WA 113 -45.14 36.23 3.37
CA GLN WA 113 -44.67 37.56 3.72
C GLN WA 113 -43.86 37.54 5.01
N ASP WA 114 -44.29 36.74 5.99
CA ASP WA 114 -43.54 36.60 7.22
C ASP WA 114 -42.11 36.12 6.95
N GLU WA 115 -41.98 35.05 6.16
CA GLU WA 115 -40.65 34.52 5.91
C GLU WA 115 -39.81 35.50 5.09
N ILE WA 116 -40.44 36.15 4.11
CA ILE WA 116 -39.73 37.11 3.28
C ILE WA 116 -39.22 38.28 4.11
N LYS WA 117 -40.06 38.79 5.01
CA LYS WA 117 -39.65 39.88 5.88
C LYS WA 117 -38.53 39.43 6.82
N SER WA 118 -38.59 38.18 7.28
CA SER WA 118 -37.49 37.66 8.09
C SER WA 118 -36.17 37.66 7.32
N ARG WA 119 -36.21 37.22 6.07
CA ARG WA 119 -34.96 37.20 5.29
C ARG WA 119 -34.48 38.60 4.95
N LEU WA 120 -35.41 39.53 4.70
CA LEU WA 120 -35.01 40.91 4.48
C LEU WA 120 -34.36 41.51 5.71
N ASP WA 121 -34.92 41.20 6.90
CA ASP WA 121 -34.30 41.66 8.14
C ASP WA 121 -32.91 41.05 8.31
N GLU WA 122 -32.75 39.78 7.94
CA GLU WA 122 -31.43 39.16 7.99
C GLU WA 122 -30.45 39.86 7.04
N ILE WA 123 -30.92 40.23 5.85
CA ILE WA 123 -30.06 40.97 4.91
C ILE WA 123 -29.60 42.28 5.54
N ASP WA 124 -30.55 43.03 6.10
CA ASP WA 124 -30.19 44.31 6.72
C ASP WA 124 -29.25 44.09 7.89
N ARG WA 125 -29.49 43.05 8.69
CA ARG WA 125 -28.65 42.75 9.84
C ARG WA 125 -27.22 42.45 9.41
N VAL WA 126 -27.05 41.55 8.45
CA VAL WA 126 -25.70 41.18 8.01
C VAL WA 126 -25.01 42.36 7.35
N SER WA 127 -25.78 43.23 6.69
CA SER WA 127 -25.19 44.44 6.13
C SER WA 127 -24.65 45.35 7.23
N GLY WA 128 -25.47 45.62 8.24
CA GLY WA 128 -25.06 46.53 9.30
C GLY WA 128 -23.94 45.97 10.16
N GLN WA 129 -23.95 44.66 10.41
CA GLN WA 129 -23.07 44.05 11.39
C GLN WA 129 -21.74 43.59 10.81
N THR WA 130 -21.57 43.62 9.49
CA THR WA 130 -20.31 43.20 8.88
C THR WA 130 -19.25 44.26 9.19
N GLN WA 131 -18.40 43.98 10.18
CA GLN WA 131 -17.42 44.93 10.68
C GLN WA 131 -16.03 44.33 10.52
N PHE WA 132 -15.13 45.10 9.91
CA PHE WA 132 -13.75 44.68 9.70
C PHE WA 132 -12.82 45.75 10.24
N ASN WA 133 -11.99 45.37 11.23
CA ASN WA 133 -10.98 46.25 11.80
C ASN WA 133 -11.57 47.61 12.20
N GLY WA 134 -12.69 47.55 12.92
CA GLY WA 134 -13.35 48.77 13.34
C GLY WA 134 -13.96 49.58 12.20
N VAL WA 135 -14.28 48.95 11.09
CA VAL WA 135 -14.90 49.62 9.95
C VAL WA 135 -16.07 48.79 9.48
N ASN WA 136 -17.25 49.41 9.42
CA ASN WA 136 -18.45 48.75 8.88
C ASN WA 136 -18.43 48.96 7.37
N VAL WA 137 -17.99 47.95 6.63
CA VAL WA 137 -17.76 48.11 5.19
C VAL WA 137 -19.07 48.33 4.46
N LEU WA 138 -20.08 47.51 4.72
CA LEU WA 138 -21.36 47.61 4.03
C LEU WA 138 -22.36 48.41 4.87
N ALA WA 139 -21.97 49.63 5.23
CA ALA WA 139 -22.88 50.51 5.96
C ALA WA 139 -22.90 51.95 5.48
N LYS WA 140 -21.92 52.39 4.70
CA LYS WA 140 -21.84 53.78 4.28
C LYS WA 140 -21.06 53.87 2.97
N ASN WA 141 -21.50 54.75 2.08
CA ASN WA 141 -20.77 55.01 0.86
C ASN WA 141 -19.46 55.71 1.19
N GLY WA 142 -18.34 55.14 0.74
CA GLY WA 142 -17.05 55.70 1.04
C GLY WA 142 -15.98 55.14 0.12
N SER WA 143 -14.73 55.38 0.52
CA SER WA 143 -13.58 54.91 -0.25
C SER WA 143 -12.43 54.61 0.69
N MET WA 144 -11.57 53.69 0.26
CA MET WA 144 -10.38 53.32 1.01
C MET WA 144 -9.15 53.48 0.13
N LYS WA 145 -8.06 53.95 0.72
CA LYS WA 145 -6.82 54.22 0.00
C LYS WA 145 -5.71 53.38 0.61
N ILE WA 146 -5.07 52.57 -0.22
CA ILE WA 146 -4.01 51.65 0.22
C ILE WA 146 -2.69 52.16 -0.34
N GLN WA 147 -1.73 52.38 0.54
CA GLN WA 147 -0.39 52.82 0.14
C GLN WA 147 0.35 51.64 -0.49
N VAL WA 148 0.51 51.68 -1.81
CA VAL WA 148 1.20 50.60 -2.52
C VAL WA 148 2.43 51.15 -3.21
N GLY WA 149 3.04 52.19 -2.64
CA GLY WA 149 4.24 52.78 -3.18
C GLY WA 149 5.20 53.19 -2.08
N ALA WA 150 6.33 53.75 -2.49
CA ALA WA 150 7.35 54.20 -1.55
C ALA WA 150 7.22 55.67 -1.21
N ASN WA 151 6.86 56.49 -2.18
CA ASN WA 151 6.71 57.93 -2.00
C ASN WA 151 5.30 58.22 -1.50
N ASP WA 152 4.88 59.48 -1.52
CA ASP WA 152 3.54 59.88 -1.11
C ASP WA 152 2.60 59.91 -2.31
N ASN WA 153 1.31 59.82 -2.03
CA ASN WA 153 0.26 59.78 -3.04
C ASN WA 153 0.51 58.62 -4.02
N GLN WA 154 0.45 57.41 -3.47
CA GLN WA 154 0.80 56.17 -4.16
C GLN WA 154 -0.29 55.14 -3.97
N THR WA 155 -1.54 55.54 -4.08
CA THR WA 155 -2.64 54.76 -3.54
C THR WA 155 -3.48 54.12 -4.65
N ILE WA 156 -4.05 52.96 -4.33
CA ILE WA 156 -5.09 52.32 -5.10
C ILE WA 156 -6.38 52.41 -4.29
N THR WA 157 -7.43 52.92 -4.90
CA THR WA 157 -8.66 53.27 -4.19
C THR WA 157 -9.69 52.16 -4.32
N ILE WA 158 -10.25 51.74 -3.20
CA ILE WA 158 -11.37 50.81 -3.15
C ILE WA 158 -12.64 51.60 -2.88
N ASP WA 159 -13.71 51.27 -3.58
CA ASP WA 159 -15.01 51.89 -3.37
C ASP WA 159 -15.90 50.94 -2.56
N LEU WA 160 -16.66 51.51 -1.63
CA LEU WA 160 -17.58 50.76 -0.80
C LEU WA 160 -18.95 51.42 -0.88
N LYS WA 161 -19.95 50.65 -1.28
CA LYS WA 161 -21.31 51.14 -1.44
C LYS WA 161 -22.20 50.62 -0.33
N GLN WA 162 -23.02 51.50 0.24
CA GLN WA 162 -23.97 51.09 1.26
C GLN WA 162 -24.98 50.12 0.68
N ILE WA 163 -24.91 48.85 1.08
CA ILE WA 163 -25.78 47.81 0.57
C ILE WA 163 -26.76 47.46 1.67
N ASP WA 164 -28.00 47.91 1.53
CA ASP WA 164 -29.04 47.62 2.50
C ASP WA 164 -30.39 47.78 1.82
N ALA WA 165 -31.44 47.36 2.53
CA ALA WA 165 -32.79 47.37 1.95
C ALA WA 165 -33.20 48.77 1.50
N LYS WA 166 -32.83 49.79 2.27
CA LYS WA 166 -33.20 51.15 1.90
C LYS WA 166 -32.56 51.57 0.58
N THR WA 167 -31.29 51.22 0.39
CA THR WA 167 -30.56 51.59 -0.82
C THR WA 167 -30.70 50.56 -1.93
N LEU WA 168 -31.65 49.63 -1.81
CA LEU WA 168 -31.90 48.64 -2.84
C LEU WA 168 -33.33 48.65 -3.34
N GLY WA 169 -34.19 49.52 -2.80
CA GLY WA 169 -35.58 49.57 -3.19
C GLY WA 169 -36.47 48.62 -2.43
N LEU WA 170 -35.91 47.75 -1.59
CA LEU WA 170 -36.70 46.80 -0.81
C LEU WA 170 -37.03 47.36 0.57
N ASP WA 171 -37.57 48.57 0.61
CA ASP WA 171 -37.97 49.22 1.85
C ASP WA 171 -39.49 49.12 1.97
N GLY WA 172 -39.96 48.17 2.77
CA GLY WA 172 -41.38 47.88 2.84
C GLY WA 172 -41.87 46.88 1.84
N PHE WA 173 -40.97 46.09 1.25
CA PHE WA 173 -41.34 45.10 0.25
C PHE WA 173 -42.29 44.07 0.83
N SER WA 174 -43.53 44.07 0.36
CA SER WA 174 -44.56 43.19 0.90
C SER WA 174 -45.35 42.56 -0.23
N VAL WA 175 -45.94 41.41 0.06
CA VAL WA 175 -46.75 40.69 -0.93
C VAL WA 175 -48.13 40.40 -0.35
N LYS WA 176 -48.57 41.22 0.60
CA LYS WA 176 -49.90 41.05 1.19
C LYS WA 176 -50.41 42.40 1.65
N ASN WA 177 -51.73 42.47 1.82
CA ASN WA 177 -52.39 43.71 2.25
C ASN WA 177 -52.50 43.79 3.76
N THR WA 407 -47.08 45.54 -3.03
CA THR WA 407 -45.99 46.11 -3.80
C THR WA 407 -46.19 45.85 -5.29
N THR WA 408 -46.11 46.91 -6.10
CA THR WA 408 -46.28 46.78 -7.53
C THR WA 408 -44.97 46.38 -8.20
N ASP WA 409 -45.06 45.44 -9.13
CA ASP WA 409 -43.92 44.89 -9.86
C ASP WA 409 -42.81 44.45 -8.90
N PRO WA 410 -43.04 43.42 -8.09
CA PRO WA 410 -42.01 43.01 -7.12
C PRO WA 410 -40.78 42.42 -7.77
N LEU WA 411 -41.00 41.55 -8.75
CA LEU WA 411 -39.89 40.81 -9.37
C LEU WA 411 -38.93 41.74 -10.09
N LYS WA 412 -39.44 42.81 -10.71
CA LYS WA 412 -38.56 43.77 -11.37
C LYS WA 412 -37.63 44.44 -10.36
N ALA WA 413 -38.16 44.86 -9.21
CA ALA WA 413 -37.32 45.47 -8.20
C ALA WA 413 -36.31 44.48 -7.64
N LEU WA 414 -36.72 43.22 -7.46
CA LEU WA 414 -35.78 42.22 -6.96
C LEU WA 414 -34.65 41.98 -7.95
N ASP WA 415 -34.97 41.89 -9.24
CA ASP WA 415 -33.93 41.74 -10.26
C ASP WA 415 -33.01 42.95 -10.28
N ASP WA 416 -33.58 44.15 -10.12
CA ASP WA 416 -32.76 45.35 -10.07
C ASP WA 416 -31.78 45.30 -8.91
N ALA WA 417 -32.24 44.87 -7.73
CA ALA WA 417 -31.36 44.77 -6.57
C ALA WA 417 -30.27 43.73 -6.80
N ILE WA 418 -30.63 42.60 -7.41
CA ILE WA 418 -29.64 41.55 -7.68
C ILE WA 418 -28.55 42.08 -8.61
N ALA WA 419 -28.94 42.78 -9.67
CA ALA WA 419 -27.94 43.34 -10.57
C ALA WA 419 -27.12 44.43 -9.90
N SER WA 420 -27.72 45.19 -8.98
CA SER WA 420 -26.99 46.27 -8.32
C SER WA 420 -25.96 45.73 -7.36
N VAL WA 421 -26.21 44.58 -6.73
CA VAL WA 421 -25.17 43.99 -5.89
C VAL WA 421 -24.14 43.25 -6.74
N ASP WA 422 -24.54 42.71 -7.89
CA ASP WA 422 -23.57 42.08 -8.78
C ASP WA 422 -22.57 43.09 -9.32
N LYS WA 423 -23.00 44.32 -9.58
CA LYS WA 423 -22.08 45.35 -10.02
C LYS WA 423 -20.98 45.61 -8.98
N PHE WA 424 -21.38 45.74 -7.72
CA PHE WA 424 -20.41 45.96 -6.65
C PHE WA 424 -19.46 44.77 -6.52
N ARG WA 425 -20.00 43.55 -6.64
CA ARG WA 425 -19.14 42.37 -6.59
C ARG WA 425 -18.11 42.38 -7.71
N SER WA 426 -18.52 42.75 -8.92
CA SER WA 426 -17.58 42.80 -10.05
C SER WA 426 -16.50 43.85 -9.81
N SER WA 427 -16.89 45.01 -9.29
CA SER WA 427 -15.90 46.04 -8.98
C SER WA 427 -14.89 45.53 -7.96
N LEU WA 428 -15.37 44.84 -6.92
CA LEU WA 428 -14.47 44.29 -5.91
C LEU WA 428 -13.50 43.29 -6.52
N GLY WA 429 -13.99 42.40 -7.39
CA GLY WA 429 -13.10 41.44 -8.03
C GLY WA 429 -12.04 42.11 -8.89
N ALA WA 430 -12.42 43.15 -9.63
CA ALA WA 430 -11.44 43.87 -10.44
C ALA WA 430 -10.38 44.51 -9.55
N VAL WA 431 -10.79 45.09 -8.42
CA VAL WA 431 -9.83 45.68 -7.51
C VAL WA 431 -8.89 44.62 -6.95
N GLN WA 432 -9.42 43.44 -6.63
CA GLN WA 432 -8.57 42.36 -6.13
C GLN WA 432 -7.51 41.98 -7.15
N ASN WA 433 -7.90 41.83 -8.41
CA ASN WA 433 -6.94 41.47 -9.44
C ASN WA 433 -5.86 42.54 -9.59
N ARG WA 434 -6.27 43.81 -9.63
CA ARG WA 434 -5.31 44.90 -9.73
C ARG WA 434 -4.32 44.88 -8.57
N LEU WA 435 -4.83 44.68 -7.36
CA LEU WA 435 -3.96 44.75 -6.19
C LEU WA 435 -2.98 43.57 -6.16
N ASP WA 436 -3.42 42.40 -6.59
CA ASP WA 436 -2.51 41.25 -6.67
C ASP WA 436 -1.40 41.51 -7.69
N SER WA 437 -1.76 42.07 -8.84
CA SER WA 437 -0.74 42.42 -9.82
C SER WA 437 0.25 43.43 -9.24
N ALA WA 438 -0.25 44.40 -8.47
CA ALA WA 438 0.63 45.36 -7.83
C ALA WA 438 1.59 44.67 -6.86
N VAL WA 439 1.11 43.70 -6.09
CA VAL WA 439 1.98 42.98 -5.17
C VAL WA 439 3.08 42.26 -5.92
N THR WA 440 2.73 41.60 -7.01
CA THR WA 440 3.74 40.87 -7.79
C THR WA 440 4.80 41.82 -8.34
N ASN WA 441 4.37 42.96 -8.89
CA ASN WA 441 5.32 43.93 -9.41
C ASN WA 441 6.22 44.47 -8.31
N LEU WA 442 5.65 44.72 -7.13
CA LEU WA 442 6.45 45.19 -6.01
C LEU WA 442 7.52 44.17 -5.62
N ASN WA 443 7.15 42.88 -5.60
CA ASN WA 443 8.12 41.85 -5.28
C ASN WA 443 9.27 41.85 -6.29
N ASN WA 444 8.94 41.91 -7.58
CA ASN WA 444 9.99 41.90 -8.60
C ASN WA 444 10.91 43.12 -8.46
N THR WA 445 10.32 44.30 -8.27
CA THR WA 445 11.12 45.52 -8.14
C THR WA 445 12.01 45.46 -6.90
N THR WA 446 11.48 44.95 -5.80
CA THR WA 446 12.27 44.80 -4.58
C THR WA 446 13.46 43.88 -4.80
N THR WA 447 13.24 42.76 -5.49
CA THR WA 447 14.36 41.85 -5.76
C THR WA 447 15.42 42.53 -6.62
N ASN WA 448 15.00 43.25 -7.66
CA ASN WA 448 15.98 43.91 -8.52
C ASN WA 448 16.77 44.97 -7.77
N LEU WA 449 16.08 45.78 -6.96
CA LEU WA 449 16.77 46.81 -6.21
C LEU WA 449 17.71 46.24 -5.17
N SER WA 450 17.31 45.13 -4.53
CA SER WA 450 18.21 44.47 -3.58
C SER WA 450 19.46 43.96 -4.28
N GLU WA 451 19.31 43.39 -5.47
CA GLU WA 451 20.47 42.93 -6.21
C GLU WA 451 21.39 44.10 -6.58
N ALA WA 452 20.81 45.23 -6.97
CA ALA WA 452 21.63 46.40 -7.29
C ALA WA 452 22.39 46.90 -6.06
N GLN WA 453 21.71 46.97 -4.92
CA GLN WA 453 22.37 47.40 -3.69
C GLN WA 453 23.50 46.45 -3.33
N SER WA 454 23.29 45.14 -3.55
CA SER WA 454 24.37 44.18 -3.34
C SER WA 454 25.54 44.44 -4.28
N ARG WA 455 25.24 44.74 -5.55
CA ARG WA 455 26.31 45.02 -6.51
C ARG WA 455 27.03 46.32 -6.22
N ILE WA 456 26.49 47.19 -5.37
CA ILE WA 456 27.09 48.48 -5.09
C ILE WA 456 27.84 48.49 -3.76
N GLN WA 457 27.20 48.05 -2.69
CA GLN WA 457 27.76 48.23 -1.35
C GLN WA 457 28.49 47.00 -0.81
N ASP WA 458 28.16 45.80 -1.29
CA ASP WA 458 28.73 44.60 -0.69
C ASP WA 458 30.15 44.36 -1.20
N ALA WA 459 30.89 43.54 -0.45
CA ALA WA 459 32.28 43.25 -0.74
C ALA WA 459 32.45 41.84 -1.30
N ASP WA 460 33.52 41.66 -2.08
CA ASP WA 460 33.86 40.37 -2.67
C ASP WA 460 34.95 39.73 -1.81
N TYR WA 461 34.61 38.60 -1.17
CA TYR WA 461 35.48 38.06 -0.14
C TYR WA 461 36.79 37.51 -0.71
N ALA WA 462 36.79 37.08 -1.97
CA ALA WA 462 38.04 36.59 -2.56
C ALA WA 462 39.09 37.69 -2.59
N THR WA 463 38.72 38.86 -3.10
CA THR WA 463 39.65 39.99 -3.15
C THR WA 463 40.08 40.40 -1.76
N GLU WA 464 39.14 40.44 -0.81
CA GLU WA 464 39.46 40.87 0.55
C GLU WA 464 40.43 39.90 1.20
N VAL WA 465 40.22 38.59 1.02
CA VAL WA 465 41.13 37.60 1.59
C VAL WA 465 42.52 37.74 0.99
N SER WA 466 42.59 37.90 -0.34
CA SER WA 466 43.90 38.05 -0.98
C SER WA 466 44.62 39.28 -0.48
N ASN WA 467 43.91 40.41 -0.37
CA ASN WA 467 44.54 41.63 0.11
C ASN WA 467 44.97 41.50 1.57
N MET WA 468 44.16 40.83 2.39
CA MET WA 468 44.54 40.65 3.79
C MET WA 468 45.80 39.82 3.92
N SER WA 469 45.90 38.73 3.17
CA SER WA 469 47.10 37.89 3.21
C SER WA 469 48.32 38.67 2.73
N LYS WA 470 48.16 39.42 1.63
CA LYS WA 470 49.27 40.22 1.13
C LYS WA 470 49.72 41.26 2.14
N ALA WA 471 48.76 41.91 2.81
CA ALA WA 471 49.10 42.92 3.81
C ALA WA 471 49.83 42.30 4.99
N GLN WA 472 49.40 41.11 5.43
CA GLN WA 472 50.10 40.45 6.53
C GLN WA 472 51.53 40.12 6.13
N ILE WA 473 51.73 39.61 4.91
CA ILE WA 473 53.08 39.30 4.44
C ILE WA 473 53.93 40.57 4.41
N ILE WA 474 53.35 41.67 3.89
CA ILE WA 474 54.07 42.93 3.82
C ILE WA 474 54.48 43.39 5.21
N GLN WA 475 53.56 43.30 6.17
CA GLN WA 475 53.86 43.75 7.52
C GLN WA 475 55.00 42.95 8.14
N GLN WA 476 54.96 41.63 8.00
CA GLN WA 476 56.03 40.81 8.58
C GLN WA 476 57.37 41.09 7.90
N ALA WA 477 57.36 41.25 6.57
CA ALA WA 477 58.59 41.59 5.86
C ALA WA 477 59.14 42.93 6.33
N GLY WA 478 58.27 43.91 6.50
CA GLY WA 478 58.71 45.20 7.00
C GLY WA 478 59.29 45.12 8.41
N ASN WA 479 58.69 44.28 9.26
CA ASN WA 479 59.23 44.11 10.60
C ASN WA 479 60.64 43.52 10.56
N SER WA 480 60.84 42.50 9.73
CA SER WA 480 62.17 41.90 9.62
C SER WA 480 63.18 42.91 9.08
N VAL WA 481 62.79 43.68 8.06
CA VAL WA 481 63.70 44.66 7.49
C VAL WA 481 64.03 45.75 8.51
N LEU WA 482 63.04 46.14 9.32
CA LEU WA 482 63.28 47.12 10.37
C LEU WA 482 64.26 46.59 11.39
N ALA WA 483 64.13 45.31 11.76
CA ALA WA 483 65.10 44.72 12.68
C ALA WA 483 66.50 44.77 12.11
N LYS WA 484 66.65 44.41 10.83
CA LYS WA 484 67.98 44.47 10.21
C LYS WA 484 68.51 45.90 10.18
N ALA WA 485 67.67 46.86 9.83
CA ALA WA 485 68.11 48.26 9.77
C ALA WA 485 68.56 48.76 11.13
N ASN WA 486 67.83 48.39 12.18
CA ASN WA 486 68.25 48.77 13.53
C ASN WA 486 69.55 48.07 13.91
N GLN WA 487 69.78 46.86 13.40
CA GLN WA 487 71.03 46.15 13.69
C GLN WA 487 72.22 46.72 12.91
N VAL WA 488 71.97 47.47 11.83
CA VAL WA 488 73.07 47.98 11.00
C VAL WA 488 74.10 48.79 11.80
N PRO WA 489 73.73 49.79 12.61
CA PRO WA 489 74.74 50.71 13.16
C PRO WA 489 75.72 50.10 14.14
N GLN WA 490 75.65 48.80 14.43
CA GLN WA 490 76.53 48.22 15.45
C GLN WA 490 78.00 48.24 15.05
N GLN WA 491 78.32 48.35 13.77
CA GLN WA 491 79.71 48.32 13.33
C GLN WA 491 80.52 49.50 13.86
N VAL WA 492 79.85 50.58 14.25
CA VAL WA 492 80.56 51.72 14.82
C VAL WA 492 81.20 51.34 16.16
N LEU WA 493 80.54 50.46 16.90
CA LEU WA 493 81.15 49.95 18.12
C LEU WA 493 82.44 49.20 17.81
N SER WA 494 82.44 48.40 16.74
CA SER WA 494 83.66 47.72 16.33
C SER WA 494 84.73 48.73 15.92
N LEU WA 495 84.33 49.79 15.22
CA LEU WA 495 85.27 50.85 14.87
C LEU WA 495 85.92 51.43 16.12
N LEU WA 496 85.11 51.76 17.12
CA LEU WA 496 85.64 52.43 18.31
C LEU WA 496 86.51 51.50 19.14
N GLN WA 497 86.09 50.25 19.30
CA GLN WA 497 86.85 49.33 20.16
C GLN WA 497 88.22 49.02 19.56
N GLY WA 498 88.34 49.00 18.25
CA GLY WA 498 89.60 48.73 17.60
C GLY WA 498 89.72 47.32 17.06
N GLN XA 3 10.83 17.03 27.57
CA GLN XA 3 11.57 16.26 26.59
C GLN XA 3 11.71 14.81 27.06
N VAL XA 4 11.16 14.56 28.25
CA VAL XA 4 11.30 13.30 28.97
C VAL XA 4 10.98 12.10 28.11
N ILE XA 5 11.87 11.12 28.11
CA ILE XA 5 11.69 9.86 27.40
C ILE XA 5 11.45 8.70 28.36
N ASN XA 6 11.64 8.92 29.66
CA ASN XA 6 11.38 7.91 30.67
C ASN XA 6 9.89 7.74 30.96
N THR XA 7 9.05 8.62 30.41
CA THR XA 7 7.61 8.55 30.53
C THR XA 7 6.99 9.22 29.32
N ASN XA 8 5.97 8.59 28.76
CA ASN XA 8 5.32 9.02 27.52
C ASN XA 8 3.82 9.17 27.73
N SER XA 9 3.46 9.97 28.74
CA SER XA 9 2.10 10.15 29.22
C SER XA 9 1.05 10.20 28.12
N LEU XA 10 1.38 10.80 26.98
CA LEU XA 10 0.46 10.80 25.84
C LEU XA 10 0.03 9.38 25.50
N SER XA 11 0.98 8.45 25.45
CA SER XA 11 0.66 7.06 25.19
C SER XA 11 -0.27 6.50 26.27
N LEU XA 12 -0.03 6.88 27.53
CA LEU XA 12 -0.89 6.40 28.61
C LEU XA 12 -2.33 6.88 28.43
N ILE XA 13 -2.51 8.14 28.05
CA ILE XA 13 -3.86 8.66 27.82
C ILE XA 13 -4.52 7.91 26.66
N THR XA 14 -3.78 7.72 25.57
CA THR XA 14 -4.35 7.01 24.43
C THR XA 14 -4.73 5.57 24.78
N GLN XA 15 -3.87 4.88 25.52
CA GLN XA 15 -4.20 3.52 25.95
C GLN XA 15 -5.42 3.51 26.87
N ASN XA 16 -5.54 4.50 27.74
CA ASN XA 16 -6.73 4.60 28.59
C ASN XA 16 -7.98 4.74 27.75
N ASN XA 17 -7.95 5.60 26.73
CA ASN XA 17 -9.11 5.78 25.87
C ASN XA 17 -9.44 4.50 25.10
N ILE XA 18 -8.42 3.81 24.60
CA ILE XA 18 -8.66 2.58 23.84
C ILE XA 18 -9.26 1.52 24.76
N ASN XA 19 -8.74 1.38 25.97
CA ASN XA 19 -9.29 0.42 26.92
C ASN XA 19 -10.72 0.77 27.27
N LYS XA 20 -11.04 2.06 27.37
CA LYS XA 20 -12.42 2.47 27.61
C LYS XA 20 -13.32 2.05 26.45
N ASN XA 21 -12.85 2.22 25.22
CA ASN XA 21 -13.65 1.86 24.05
C ASN XA 21 -13.85 0.36 23.92
N GLN XA 22 -12.88 -0.42 24.41
CA GLN XA 22 -12.93 -1.88 24.27
C GLN XA 22 -14.25 -2.45 24.81
N SER XA 23 -14.70 -1.97 25.96
CA SER XA 23 -15.90 -2.52 26.58
C SER XA 23 -17.12 -2.27 25.71
N ALA XA 24 -17.26 -1.07 25.16
CA ALA XA 24 -18.39 -0.78 24.28
C ALA XA 24 -18.34 -1.64 23.03
N LEU XA 25 -17.15 -1.81 22.44
CA LEU XA 25 -17.06 -2.66 21.25
C LEU XA 25 -17.45 -4.09 21.55
N SER XA 26 -16.95 -4.64 22.66
CA SER XA 26 -17.28 -6.01 23.02
C SER XA 26 -18.77 -6.16 23.32
N SER XA 27 -19.37 -5.17 23.97
CA SER XA 27 -20.80 -5.22 24.23
C SER XA 27 -21.59 -5.25 22.92
N SER XA 28 -21.20 -4.40 21.96
CA SER XA 28 -21.90 -4.41 20.68
C SER XA 28 -21.77 -5.76 20.00
N ILE XA 29 -20.57 -6.35 20.03
CA ILE XA 29 -20.37 -7.67 19.43
C ILE XA 29 -21.27 -8.72 20.09
N GLU XA 30 -21.32 -8.70 21.43
CA GLU XA 30 -22.16 -9.65 22.16
C GLU XA 30 -23.63 -9.51 21.77
N ARG XA 31 -24.14 -8.28 21.78
CA ARG XA 31 -25.55 -8.08 21.50
C ARG XA 31 -25.90 -8.42 20.06
N LEU XA 32 -24.97 -8.21 19.12
CA LEU XA 32 -25.24 -8.63 17.75
C LEU XA 32 -25.24 -10.15 17.62
N SER XA 33 -24.27 -10.83 18.25
CA SER XA 33 -24.15 -12.27 18.08
C SER XA 33 -25.32 -13.00 18.74
N SER XA 34 -25.63 -12.65 19.99
CA SER XA 34 -26.66 -13.37 20.72
C SER XA 34 -28.06 -13.03 20.20
N GLY XA 35 -28.32 -11.74 19.97
CA GLY XA 35 -29.64 -11.30 19.58
C GLY XA 35 -30.49 -10.75 20.69
N LEU XA 36 -30.02 -10.79 21.93
CA LEU XA 36 -30.74 -10.29 23.09
C LEU XA 36 -30.00 -9.09 23.68
N ARG XA 37 -30.77 -8.07 24.06
CA ARG XA 37 -30.13 -6.90 24.68
C ARG XA 37 -29.61 -7.23 26.07
N ILE XA 38 -30.29 -8.12 26.79
CA ILE XA 38 -29.88 -8.56 28.12
C ILE XA 38 -29.26 -9.95 27.97
N ASN XA 39 -27.93 -10.01 27.96
CA ASN XA 39 -27.22 -11.28 28.00
C ASN XA 39 -26.65 -11.59 29.36
N SER XA 40 -26.71 -10.65 30.30
CA SER XA 40 -26.17 -10.84 31.64
C SER XA 40 -26.87 -9.85 32.57
N ALA XA 41 -26.80 -10.15 33.88
CA ALA XA 41 -27.37 -9.26 34.86
C ALA XA 41 -26.64 -7.92 34.94
N LYS XA 42 -25.39 -7.86 34.47
CA LYS XA 42 -24.66 -6.61 34.50
C LYS XA 42 -25.35 -5.54 33.65
N ASP XA 43 -26.06 -5.95 32.59
CA ASP XA 43 -26.73 -4.96 31.76
C ASP XA 43 -27.83 -4.24 32.52
N ASP XA 44 -28.93 -4.93 32.79
CA ASP XA 44 -30.02 -4.37 33.58
C ASP XA 44 -30.29 -5.16 34.87
N ALA XA 45 -30.59 -6.45 34.72
CA ALA XA 45 -30.93 -7.43 35.74
C ALA XA 45 -32.31 -7.23 36.35
N ALA XA 46 -32.86 -6.01 36.27
CA ALA XA 46 -34.28 -5.85 36.58
C ALA XA 46 -35.10 -6.18 35.36
N GLY XA 47 -34.65 -5.72 34.19
CA GLY XA 47 -35.21 -6.21 32.94
C GLY XA 47 -35.03 -7.70 32.79
N GLN XA 48 -33.90 -8.23 33.27
CA GLN XA 48 -33.70 -9.68 33.20
C GLN XA 48 -34.64 -10.43 34.13
N ALA XA 49 -34.87 -9.91 35.33
CA ALA XA 49 -35.84 -10.55 36.22
C ALA XA 49 -37.25 -10.50 35.62
N ILE XA 50 -37.64 -9.35 35.08
CA ILE XA 50 -38.94 -9.23 34.42
C ILE XA 50 -39.03 -10.17 33.24
N ALA XA 51 -37.94 -10.32 32.48
CA ALA XA 51 -37.94 -11.23 31.33
C ALA XA 51 -38.09 -12.67 31.77
N ASN XA 52 -37.41 -13.06 32.85
CA ASN XA 52 -37.56 -14.42 33.37
C ASN XA 52 -39.00 -14.69 33.79
N ARG XA 53 -39.61 -13.73 34.50
CA ARG XA 53 -41.00 -13.90 34.91
C ARG XA 53 -41.93 -13.97 33.70
N PHE XA 54 -41.69 -13.13 32.70
CA PHE XA 54 -42.52 -13.15 31.50
C PHE XA 54 -42.36 -14.47 30.76
N THR XA 55 -41.15 -15.00 30.69
CA THR XA 55 -40.92 -16.29 30.06
C THR XA 55 -41.68 -17.39 30.78
N SER XA 56 -41.66 -17.36 32.11
CA SER XA 56 -42.43 -18.34 32.87
C SER XA 56 -43.92 -18.22 32.56
N ASN XA 57 -44.43 -16.98 32.47
CA ASN XA 57 -45.84 -16.79 32.16
C ASN XA 57 -46.17 -17.34 30.77
N ILE XA 58 -45.35 -17.03 29.76
CA ILE XA 58 -45.58 -17.55 28.41
C ILE XA 58 -45.65 -19.06 28.42
N LYS XA 59 -44.66 -19.69 29.05
CA LYS XA 59 -44.53 -21.13 28.93
C LYS XA 59 -45.67 -21.82 29.68
N GLY XA 60 -46.02 -21.30 30.85
CA GLY XA 60 -47.13 -21.86 31.60
C GLY XA 60 -48.45 -21.70 30.86
N LEU XA 61 -48.68 -20.54 30.25
CA LEU XA 61 -49.94 -20.34 29.52
C LEU XA 61 -50.03 -21.24 28.30
N THR XA 62 -48.92 -21.44 27.59
CA THR XA 62 -48.93 -22.35 26.46
C THR XA 62 -49.27 -23.77 26.90
N GLN XA 63 -48.61 -24.23 27.97
CA GLN XA 63 -48.92 -25.56 28.49
C GLN XA 63 -50.37 -25.64 28.95
N ALA XA 64 -50.89 -24.56 29.52
CA ALA XA 64 -52.28 -24.55 29.98
C ALA XA 64 -53.25 -24.70 28.82
N ALA XA 65 -52.99 -24.02 27.71
CA ALA XA 65 -53.85 -24.19 26.53
C ALA XA 65 -53.79 -25.61 26.01
N ARG XA 66 -52.58 -26.19 25.95
CA ARG XA 66 -52.46 -27.58 25.52
C ARG XA 66 -53.26 -28.50 26.42
N ASN XA 67 -53.20 -28.29 27.74
CA ASN XA 67 -54.00 -29.08 28.66
C ASN XA 67 -55.50 -28.87 28.42
N ALA XA 68 -55.90 -27.62 28.16
CA ALA XA 68 -57.31 -27.30 28.01
C ALA XA 68 -57.92 -28.04 26.82
N ASN XA 69 -57.16 -28.18 25.73
CA ASN XA 69 -57.71 -28.89 24.56
C ASN XA 69 -58.08 -30.34 24.90
N ASP XA 70 -57.38 -30.96 25.83
CA ASP XA 70 -57.66 -32.35 26.18
C ASP XA 70 -59.06 -32.49 26.76
N GLY XA 71 -59.51 -31.52 27.54
CA GLY XA 71 -60.86 -31.55 28.06
C GLY XA 71 -61.90 -31.55 26.95
N ILE XA 72 -61.67 -30.75 25.91
CA ILE XA 72 -62.57 -30.75 24.76
C ILE XA 72 -62.59 -32.12 24.11
N SER XA 73 -61.42 -32.76 23.98
CA SER XA 73 -61.37 -34.10 23.40
C SER XA 73 -62.20 -35.10 24.23
N VAL XA 74 -62.02 -35.07 25.55
CA VAL XA 74 -62.75 -35.97 26.43
C VAL XA 74 -64.25 -35.74 26.30
N ALA XA 75 -64.65 -34.47 26.27
CA ALA XA 75 -66.06 -34.14 26.16
C ALA XA 75 -66.64 -34.63 24.84
N GLN XA 76 -65.88 -34.50 23.75
CA GLN XA 76 -66.36 -34.99 22.46
C GLN XA 76 -66.59 -36.49 22.50
N THR XA 77 -65.64 -37.24 23.06
CA THR XA 77 -65.80 -38.69 23.14
C THR XA 77 -67.01 -39.06 23.97
N THR XA 78 -67.16 -38.44 25.14
CA THR XA 78 -68.30 -38.74 26.00
C THR XA 78 -69.61 -38.39 25.32
N GLU XA 79 -69.63 -37.28 24.58
CA GLU XA 79 -70.85 -36.88 23.87
C GLU XA 79 -71.22 -37.90 22.80
N GLY XA 80 -70.25 -38.42 22.07
CA GLY XA 80 -70.55 -39.46 21.10
C GLY XA 80 -71.14 -40.69 21.74
N ALA XA 81 -70.54 -41.14 22.85
CA ALA XA 81 -71.08 -42.30 23.55
C ALA XA 81 -72.51 -42.05 24.02
N LEU XA 82 -72.76 -40.86 24.59
CA LEU XA 82 -74.10 -40.52 25.05
C LEU XA 82 -75.09 -40.48 23.90
N SER XA 83 -74.66 -40.02 22.73
CA SER XA 83 -75.53 -40.00 21.57
C SER XA 83 -75.94 -41.41 21.17
N GLU XA 84 -75.00 -42.35 21.19
CA GLU XA 84 -75.35 -43.73 20.90
C GLU XA 84 -76.34 -44.28 21.93
N ILE XA 85 -76.11 -43.98 23.20
CA ILE XA 85 -77.05 -44.39 24.25
C ILE XA 85 -78.44 -43.81 23.98
N ASN XA 86 -78.48 -42.54 23.55
CA ASN XA 86 -79.76 -41.89 23.27
C ASN XA 86 -80.48 -42.59 22.12
N ASN XA 87 -79.75 -42.96 21.07
CA ASN XA 87 -80.38 -43.69 19.96
C ASN XA 87 -80.97 -45.00 20.43
N ASN XA 88 -80.22 -45.74 21.26
CA ASN XA 88 -80.74 -47.00 21.79
C ASN XA 88 -82.00 -46.77 22.61
N LEU XA 89 -82.00 -45.73 23.46
CA LEU XA 89 -83.17 -45.44 24.29
C LEU XA 89 -84.37 -45.07 23.43
N GLN XA 90 -84.14 -44.31 22.36
CA GLN XA 90 -85.24 -43.94 21.46
C GLN XA 90 -85.85 -45.18 20.81
N ARG XA 91 -85.00 -46.10 20.36
CA ARG XA 91 -85.53 -47.32 19.75
C ARG XA 91 -86.30 -48.15 20.78
N VAL XA 92 -85.81 -48.21 22.02
CA VAL XA 92 -86.53 -48.93 23.06
C VAL XA 92 -87.89 -48.29 23.31
N ARG XA 93 -87.96 -46.96 23.30
CA ARG XA 93 -89.24 -46.27 23.49
C ARG XA 93 -90.21 -46.60 22.37
N GLU XA 94 -89.72 -46.61 21.13
CA GLU XA 94 -90.59 -46.99 20.02
C GLU XA 94 -91.10 -48.42 20.18
N LEU XA 95 -90.22 -49.33 20.62
CA LEU XA 95 -90.63 -50.71 20.84
C LEU XA 95 -91.71 -50.80 21.91
N THR XA 96 -91.56 -50.03 22.99
CA THR XA 96 -92.58 -50.03 24.04
C THR XA 96 -93.91 -49.50 23.51
N VAL XA 97 -93.87 -48.44 22.71
CA VAL XA 97 -95.11 -47.93 22.12
C VAL XA 97 -95.76 -49.00 21.26
N GLN XA 98 -94.96 -49.76 20.52
CA GLN XA 98 -95.51 -50.84 19.71
C GLN XA 98 -96.08 -51.97 20.56
N ALA XA 99 -95.45 -52.25 21.70
CA ALA XA 99 -95.82 -53.40 22.51
C ALA XA 99 -97.03 -53.16 23.39
N THR XA 100 -97.24 -51.92 23.84
CA THR XA 100 -98.34 -51.64 24.77
C THR XA 100 -99.68 -51.56 24.03
N THR XA 101 -100.00 -52.64 23.33
CA THR XA 101 -101.26 -52.75 22.61
C THR XA 101 -101.84 -54.14 22.86
N GLY XA 102 -103.17 -54.20 22.93
CA GLY XA 102 -103.84 -55.46 23.23
C GLY XA 102 -103.83 -56.45 22.10
N THR XA 103 -103.65 -55.99 20.85
CA THR XA 103 -103.63 -56.91 19.71
C THR XA 103 -102.43 -57.84 19.74
N ASN XA 104 -101.32 -57.41 20.33
CA ASN XA 104 -100.12 -58.24 20.39
C ASN XA 104 -100.37 -59.49 21.24
N SER XA 105 -99.91 -60.64 20.77
CA SER XA 105 -100.03 -61.88 21.48
C SER XA 105 -98.83 -62.07 22.41
N GLU XA 106 -98.83 -63.18 23.15
CA GLU XA 106 -97.76 -63.42 24.12
C GLU XA 106 -96.42 -63.68 23.44
N SER XA 107 -96.43 -64.36 22.29
CA SER XA 107 -95.19 -64.56 21.54
C SER XA 107 -94.65 -63.24 21.00
N ASP XA 108 -95.55 -62.37 20.54
CA ASP XA 108 -95.12 -61.05 20.08
C ASP XA 108 -94.50 -60.24 21.21
N LEU XA 109 -95.12 -60.31 22.39
CA LEU XA 109 -94.54 -59.65 23.56
C LEU XA 109 -93.18 -60.24 23.91
N SER XA 110 -93.04 -61.57 23.77
CA SER XA 110 -91.76 -62.22 24.04
C SER XA 110 -90.68 -61.70 23.09
N SER XA 111 -91.01 -61.60 21.80
CA SER XA 111 -90.03 -61.09 20.84
C SER XA 111 -89.67 -59.63 21.13
N ILE XA 112 -90.68 -58.81 21.43
CA ILE XA 112 -90.42 -57.41 21.75
C ILE XA 112 -89.53 -57.31 22.97
N GLN XA 113 -89.81 -58.11 24.01
CA GLN XA 113 -89.00 -58.06 25.22
C GLN XA 113 -87.59 -58.55 24.96
N ASP XA 114 -87.43 -59.56 24.10
CA ASP XA 114 -86.09 -60.02 23.75
C ASP XA 114 -85.28 -58.91 23.11
N GLU XA 115 -85.88 -58.22 22.13
CA GLU XA 115 -85.16 -57.12 21.48
C GLU XA 115 -84.88 -55.99 22.46
N ILE XA 116 -85.84 -55.66 23.31
CA ILE XA 116 -85.66 -54.57 24.27
C ILE XA 116 -84.54 -54.90 25.24
N LYS XA 117 -84.52 -56.14 25.74
CA LYS XA 117 -83.48 -56.54 26.67
C LYS XA 117 -82.11 -56.60 26.00
N SER XA 118 -82.07 -57.00 24.73
CA SER XA 118 -80.80 -56.96 24.01
C SER XA 118 -80.28 -55.53 23.90
N ARG XA 119 -81.17 -54.59 23.58
CA ARG XA 119 -80.73 -53.20 23.48
C ARG XA 119 -80.34 -52.63 24.83
N LEU XA 120 -81.03 -53.04 25.90
CA LEU XA 120 -80.66 -52.60 27.24
C LEU XA 120 -79.28 -53.11 27.62
N ASP XA 121 -79.00 -54.38 27.30
CA ASP XA 121 -77.66 -54.91 27.53
C ASP XA 121 -76.63 -54.17 26.69
N GLU XA 122 -77.01 -53.74 25.49
CA GLU XA 122 -76.10 -52.94 24.68
C GLU XA 122 -75.80 -51.60 25.34
N ILE XA 123 -76.82 -50.97 25.93
CA ILE XA 123 -76.58 -49.72 26.66
C ILE XA 123 -75.65 -49.97 27.84
N ASP XA 124 -75.86 -51.07 28.57
CA ASP XA 124 -74.98 -51.39 29.68
C ASP XA 124 -73.54 -51.60 29.20
N ARG XA 125 -73.38 -52.28 28.06
CA ARG XA 125 -72.05 -52.51 27.50
C ARG XA 125 -71.40 -51.19 27.10
N VAL XA 126 -72.15 -50.30 26.46
CA VAL XA 126 -71.59 -49.02 26.06
C VAL XA 126 -71.16 -48.23 27.30
N SER XA 127 -71.97 -48.29 28.35
CA SER XA 127 -71.62 -47.61 29.60
C SER XA 127 -70.32 -48.16 30.18
N GLY XA 128 -70.24 -49.47 30.37
CA GLY XA 128 -69.08 -50.04 31.03
C GLY XA 128 -67.82 -49.98 30.19
N GLN XA 129 -67.93 -50.30 28.91
CA GLN XA 129 -66.76 -50.54 28.08
C GLN XA 129 -66.07 -49.24 27.69
N THR XA 130 -66.83 -48.16 27.47
CA THR XA 130 -66.29 -46.92 26.92
C THR XA 130 -65.29 -46.31 27.88
N GLN XA 131 -64.01 -46.32 27.49
CA GLN XA 131 -62.93 -45.82 28.33
C GLN XA 131 -62.05 -44.87 27.51
N PHE XA 132 -61.57 -43.82 28.16
CA PHE XA 132 -60.69 -42.84 27.53
C PHE XA 132 -59.42 -42.72 28.37
N ASN XA 133 -58.27 -42.98 27.74
CA ASN XA 133 -56.97 -42.80 28.38
C ASN XA 133 -56.91 -43.50 29.74
N GLY XA 134 -57.42 -44.73 29.77
CA GLY XA 134 -57.49 -45.48 31.01
C GLY XA 134 -58.44 -44.90 32.03
N VAL XA 135 -59.54 -44.28 31.59
CA VAL XA 135 -60.55 -43.75 32.48
C VAL XA 135 -61.91 -44.16 31.95
N ASN XA 136 -62.67 -44.90 32.76
CA ASN XA 136 -64.03 -45.30 32.40
C ASN XA 136 -64.96 -44.12 32.69
N VAL XA 137 -65.22 -43.31 31.68
CA VAL XA 137 -65.96 -42.07 31.88
C VAL XA 137 -67.39 -42.34 32.34
N LEU XA 138 -68.11 -43.21 31.64
CA LEU XA 138 -69.50 -43.52 31.98
C LEU XA 138 -69.60 -44.76 32.85
N ALA XA 139 -68.86 -44.80 33.95
CA ALA XA 139 -68.94 -45.93 34.87
C ALA XA 139 -68.94 -45.53 36.34
N LYS XA 140 -68.76 -44.26 36.67
CA LYS XA 140 -68.69 -43.83 38.05
C LYS XA 140 -68.86 -42.32 38.17
N ASN XA 141 -69.69 -41.87 39.10
CA ASN XA 141 -69.82 -40.45 39.35
C ASN XA 141 -68.49 -39.86 39.82
N GLY XA 142 -68.12 -38.74 39.23
CA GLY XA 142 -66.86 -38.12 39.58
C GLY XA 142 -66.72 -36.77 38.93
N SER XA 143 -65.48 -36.30 38.87
CA SER XA 143 -65.20 -34.99 38.29
C SER XA 143 -63.76 -34.95 37.80
N MET XA 144 -63.51 -34.13 36.80
CA MET XA 144 -62.18 -33.88 36.27
C MET XA 144 -61.84 -32.40 36.44
N LYS XA 145 -60.57 -32.13 36.70
CA LYS XA 145 -60.09 -30.78 36.95
C LYS XA 145 -59.03 -30.46 35.89
N ILE XA 146 -59.38 -29.55 34.98
CA ILE XA 146 -58.53 -29.20 33.84
C ILE XA 146 -57.73 -27.96 34.20
N GLN XA 147 -56.41 -28.08 34.24
CA GLN XA 147 -55.54 -26.95 34.51
C GLN XA 147 -55.54 -26.02 33.31
N VAL XA 148 -56.22 -24.89 33.44
CA VAL XA 148 -56.33 -23.94 32.33
C VAL XA 148 -55.74 -22.60 32.75
N GLY XA 149 -54.76 -22.63 33.65
CA GLY XA 149 -54.09 -21.43 34.09
C GLY XA 149 -52.63 -21.70 34.36
N ALA XA 150 -51.90 -20.63 34.69
CA ALA XA 150 -50.47 -20.73 34.96
C ALA XA 150 -50.17 -21.03 36.42
N ASN XA 151 -50.88 -20.40 37.34
CA ASN XA 151 -50.69 -20.61 38.75
C ASN XA 151 -51.52 -21.79 39.23
N ASP XA 152 -51.48 -22.04 40.54
CA ASP XA 152 -52.24 -23.14 41.11
C ASP XA 152 -53.70 -22.74 41.35
N ASN XA 153 -54.56 -23.75 41.40
CA ASN XA 153 -56.00 -23.57 41.59
C ASN XA 153 -56.57 -22.64 40.52
N GLN XA 154 -56.34 -23.02 39.27
CA GLN XA 154 -56.77 -22.26 38.10
C GLN XA 154 -57.52 -23.18 37.14
N THR XA 155 -58.45 -23.97 37.69
CA THR XA 155 -59.00 -25.12 37.00
C THR XA 155 -60.46 -24.92 36.63
N ILE XA 156 -60.88 -25.61 35.57
CA ILE XA 156 -62.28 -25.75 35.18
C ILE XA 156 -62.70 -27.18 35.43
N THR XA 157 -63.84 -27.37 36.09
CA THR XA 157 -64.28 -28.69 36.54
C THR XA 157 -65.25 -29.29 35.54
N ILE XA 158 -64.94 -30.50 35.08
CA ILE XA 158 -65.84 -31.30 34.25
C ILE XA 158 -66.51 -32.34 35.13
N ASP XA 159 -67.81 -32.55 34.91
CA ASP XA 159 -68.59 -33.47 35.73
C ASP XA 159 -68.93 -34.71 34.92
N LEU XA 160 -68.85 -35.87 35.57
CA LEU XA 160 -69.15 -37.15 34.94
C LEU XA 160 -70.16 -37.89 35.80
N LYS XA 161 -71.27 -38.29 35.19
CA LYS XA 161 -72.32 -39.04 35.87
C LYS XA 161 -72.34 -40.47 35.36
N GLN XA 162 -72.42 -41.42 36.29
CA GLN XA 162 -72.55 -42.83 35.92
C GLN XA 162 -73.89 -43.07 35.24
N ILE XA 163 -73.87 -43.38 33.95
CA ILE XA 163 -75.08 -43.61 33.17
C ILE XA 163 -75.12 -45.08 32.80
N ASP XA 164 -76.08 -45.81 33.36
CA ASP XA 164 -76.28 -47.22 33.05
C ASP XA 164 -77.71 -47.59 33.44
N ALA XA 165 -78.05 -48.86 33.23
CA ALA XA 165 -79.42 -49.32 33.46
C ALA XA 165 -79.84 -49.12 34.91
N LYS XA 166 -78.96 -49.43 35.85
CA LYS XA 166 -79.30 -49.29 37.26
C LYS XA 166 -79.54 -47.84 37.63
N THR XA 167 -78.70 -46.93 37.14
CA THR XA 167 -78.81 -45.51 37.46
C THR XA 167 -79.74 -44.77 36.51
N LEU XA 168 -80.59 -45.49 35.78
CA LEU XA 168 -81.58 -44.87 34.92
C LEU XA 168 -82.99 -45.36 35.16
N GLY XA 169 -83.19 -46.28 36.11
CA GLY XA 169 -84.49 -46.84 36.38
C GLY XA 169 -84.86 -47.99 35.47
N LEU XA 170 -84.07 -48.28 34.45
CA LEU XA 170 -84.33 -49.39 33.54
C LEU XA 170 -83.61 -50.66 33.99
N ASP XA 171 -83.83 -51.02 35.25
CA ASP XA 171 -83.29 -52.25 35.83
C ASP XA 171 -84.47 -53.17 36.12
N GLY XA 172 -84.66 -54.17 35.26
CA GLY XA 172 -85.84 -54.99 35.31
C GLY XA 172 -86.96 -54.55 34.39
N PHE XA 173 -86.68 -53.67 33.44
CA PHE XA 173 -87.69 -53.15 32.52
C PHE XA 173 -88.22 -54.28 31.66
N SER XA 174 -89.47 -54.69 31.90
CA SER XA 174 -90.07 -55.80 31.19
C SER XA 174 -91.46 -55.40 30.71
N VAL XA 175 -91.88 -56.00 29.60
CA VAL XA 175 -93.20 -55.76 29.04
C VAL XA 175 -93.92 -57.09 28.84
N LYS XA 176 -93.58 -58.08 29.65
CA LYS XA 176 -94.18 -59.40 29.55
C LYS XA 176 -94.24 -60.04 30.93
N ASN XA 177 -95.10 -61.04 31.06
CA ASN XA 177 -95.28 -61.73 32.33
C ASN XA 177 -94.50 -63.03 32.38
N THR XA 407 -93.99 -54.14 33.99
CA THR XA 407 -93.56 -52.84 34.49
C THR XA 407 -94.66 -51.80 34.33
N THR XA 408 -95.00 -51.12 35.42
CA THR XA 408 -96.04 -50.11 35.38
C THR XA 408 -95.47 -48.79 34.90
N ASP XA 409 -96.27 -48.07 34.11
CA ASP XA 409 -95.90 -46.79 33.53
C ASP XA 409 -94.54 -46.85 32.81
N PRO XA 410 -94.42 -47.67 31.76
CA PRO XA 410 -93.11 -47.78 31.10
C PRO XA 410 -92.68 -46.51 30.38
N LEU XA 411 -93.59 -45.87 29.66
CA LEU XA 411 -93.24 -44.72 28.85
C LEU XA 411 -92.75 -43.56 29.72
N LYS XA 412 -93.37 -43.38 30.89
CA LYS XA 412 -92.94 -42.31 31.78
C LYS XA 412 -91.51 -42.52 32.25
N ALA XA 413 -91.17 -43.75 32.63
CA ALA XA 413 -89.80 -44.04 33.07
C ALA XA 413 -88.82 -43.86 31.92
N LEU XA 414 -89.20 -44.30 30.72
CA LEU XA 414 -88.31 -44.14 29.57
C LEU XA 414 -88.06 -42.67 29.26
N ASP XA 415 -89.11 -41.84 29.31
CA ASP XA 415 -88.95 -40.41 29.09
C ASP XA 415 -88.08 -39.80 30.18
N ASP XA 416 -88.24 -40.25 31.42
CA ASP XA 416 -87.41 -39.75 32.51
C ASP XA 416 -85.93 -40.05 32.25
N ALA XA 417 -85.64 -41.27 31.81
CA ALA XA 417 -84.24 -41.63 31.52
C ALA XA 417 -83.70 -40.81 30.35
N ILE XA 418 -84.53 -40.60 29.32
CA ILE XA 418 -84.08 -39.82 28.17
C ILE XA 418 -83.75 -38.39 28.58
N ALA XA 419 -84.59 -37.79 29.42
CA ALA XA 419 -84.29 -36.45 29.90
C ALA XA 419 -83.06 -36.44 30.81
N SER XA 420 -82.86 -37.51 31.58
CA SER XA 420 -81.73 -37.57 32.50
C SER XA 420 -80.41 -37.69 31.75
N VAL XA 421 -80.41 -38.30 30.58
CA VAL XA 421 -79.18 -38.32 29.78
C VAL XA 421 -79.03 -37.05 28.95
N ASP XA 422 -80.13 -36.43 28.54
CA ASP XA 422 -80.04 -35.15 27.83
C ASP XA 422 -79.47 -34.07 28.72
N LYS XA 423 -79.78 -34.11 30.02
CA LYS XA 423 -79.19 -33.16 30.96
C LYS XA 423 -77.66 -33.25 30.96
N PHE XA 424 -77.15 -34.47 31.04
CA PHE XA 424 -75.71 -34.68 31.02
C PHE XA 424 -75.11 -34.19 29.71
N ARG XA 425 -75.77 -34.48 28.59
CA ARG XA 425 -75.26 -34.04 27.30
C ARG XA 425 -75.18 -32.51 27.23
N SER XA 426 -76.22 -31.82 27.69
CA SER XA 426 -76.22 -30.37 27.65
C SER XA 426 -75.12 -29.78 28.54
N SER XA 427 -74.95 -30.35 29.74
CA SER XA 427 -73.88 -29.88 30.62
C SER XA 427 -72.52 -30.07 29.98
N LEU XA 428 -72.31 -31.21 29.34
CA LEU XA 428 -71.04 -31.48 28.68
C LEU XA 428 -70.77 -30.49 27.56
N GLY XA 429 -71.81 -30.18 26.76
CA GLY XA 429 -71.63 -29.19 25.71
C GLY XA 429 -71.30 -27.81 26.25
N ALA XA 430 -71.94 -27.42 27.37
CA ALA XA 430 -71.60 -26.15 28.00
C ALA XA 430 -70.14 -26.13 28.42
N VAL XA 431 -69.66 -27.24 29.00
CA VAL XA 431 -68.24 -27.32 29.37
C VAL XA 431 -67.36 -27.18 28.15
N GLN XA 432 -67.77 -27.77 27.02
CA GLN XA 432 -67.01 -27.65 25.78
C GLN XA 432 -66.86 -26.19 25.39
N ASN XA 433 -67.96 -25.45 25.43
CA ASN XA 433 -67.92 -24.04 25.04
C ASN XA 433 -67.01 -23.24 25.99
N ARG XA 434 -67.11 -23.51 27.29
CA ARG XA 434 -66.24 -22.83 28.25
C ARG XA 434 -64.77 -23.10 27.95
N LEU XA 435 -64.43 -24.36 27.66
CA LEU XA 435 -63.04 -24.69 27.37
C LEU XA 435 -62.54 -23.99 26.12
N ASP XA 436 -63.38 -23.92 25.08
CA ASP XA 436 -62.96 -23.23 23.87
C ASP XA 436 -62.70 -21.74 24.13
N SER XA 437 -63.59 -21.12 24.90
CA SER XA 437 -63.38 -19.71 25.26
C SER XA 437 -62.08 -19.52 26.02
N ALA XA 438 -61.80 -20.41 26.97
CA ALA XA 438 -60.56 -20.33 27.72
C ALA XA 438 -59.35 -20.46 26.80
N VAL XA 439 -59.42 -21.36 25.83
CA VAL XA 439 -58.31 -21.55 24.90
C VAL XA 439 -58.04 -20.27 24.13
N THR XA 440 -59.11 -19.65 23.62
CA THR XA 440 -58.92 -18.41 22.85
C THR XA 440 -58.30 -17.32 23.71
N ASN XA 441 -58.79 -17.16 24.94
CA ASN XA 441 -58.24 -16.11 25.80
C ASN XA 441 -56.78 -16.37 26.13
N LEU XA 442 -56.42 -17.64 26.39
CA LEU XA 442 -55.04 -17.96 26.67
C LEU XA 442 -54.14 -17.65 25.49
N ASN XA 443 -54.61 -17.95 24.27
CA ASN XA 443 -53.84 -17.61 23.08
C ASN XA 443 -53.55 -16.12 23.01
N ASN XA 444 -54.60 -15.30 23.19
CA ASN XA 444 -54.42 -13.86 23.09
C ASN XA 444 -53.47 -13.35 24.18
N THR XA 445 -53.65 -13.82 25.41
CA THR XA 445 -52.80 -13.38 26.51
C THR XA 445 -51.34 -13.77 26.27
N THR XA 446 -51.11 -14.98 25.78
CA THR XA 446 -49.74 -15.41 25.49
C THR XA 446 -49.11 -14.53 24.43
N THR XA 447 -49.87 -14.21 23.38
CA THR XA 447 -49.33 -13.34 22.34
C THR XA 447 -48.92 -11.98 22.90
N ASN XA 448 -49.81 -11.37 23.69
CA ASN XA 448 -49.50 -10.04 24.22
C ASN XA 448 -48.31 -10.06 25.17
N LEU XA 449 -48.25 -11.06 26.06
CA LEU XA 449 -47.13 -11.15 26.98
C LEU XA 449 -45.81 -11.40 26.24
N SER XA 450 -45.84 -12.23 25.19
CA SER XA 450 -44.65 -12.46 24.40
C SER XA 450 -44.18 -11.18 23.73
N GLU XA 451 -45.13 -10.38 23.22
CA GLU XA 451 -44.75 -9.09 22.63
C GLU XA 451 -44.10 -8.18 23.66
N ALA XA 452 -44.63 -8.16 24.88
CA ALA XA 452 -44.03 -7.34 25.93
C ALA XA 452 -42.61 -7.82 26.26
N GLN XA 453 -42.43 -9.14 26.35
CA GLN XA 453 -41.08 -9.67 26.58
C GLN XA 453 -40.13 -9.28 25.46
N SER XA 454 -40.63 -9.29 24.23
CA SER XA 454 -39.80 -8.83 23.11
C SER XA 454 -39.43 -7.35 23.28
N ARG XA 455 -40.38 -6.53 23.70
CA ARG XA 455 -40.09 -5.12 23.92
C ARG XA 455 -39.11 -4.88 25.04
N ILE XA 456 -38.94 -5.83 25.95
CA ILE XA 456 -38.08 -5.67 27.11
C ILE XA 456 -36.68 -6.25 26.86
N GLN XA 457 -36.61 -7.51 26.45
CA GLN XA 457 -35.33 -8.23 26.46
C GLN XA 457 -34.58 -8.20 25.14
N ASP XA 458 -35.25 -7.91 24.03
CA ASP XA 458 -34.60 -8.02 22.73
C ASP XA 458 -33.80 -6.76 22.39
N ALA XA 459 -32.92 -6.90 21.41
CA ALA XA 459 -32.01 -5.83 20.99
C ALA XA 459 -32.45 -5.25 19.65
N ASP XA 460 -32.18 -3.95 19.47
CA ASP XA 460 -32.50 -3.22 18.25
C ASP XA 460 -31.23 -3.14 17.39
N TYR XA 461 -31.24 -3.87 16.26
CA TYR XA 461 -30.00 -4.08 15.53
C TYR XA 461 -29.44 -2.82 14.91
N ALA XA 462 -30.29 -1.85 14.56
CA ALA XA 462 -29.78 -0.62 13.95
C ALA XA 462 -28.86 0.12 14.92
N THR XA 463 -29.32 0.32 16.15
CA THR XA 463 -28.50 1.00 17.16
C THR XA 463 -27.24 0.20 17.44
N GLU XA 464 -27.36 -1.13 17.52
CA GLU XA 464 -26.22 -1.97 17.84
C GLU XA 464 -25.16 -1.87 16.75
N VAL XA 465 -25.58 -1.87 15.48
CA VAL XA 465 -24.65 -1.74 14.37
C VAL XA 465 -23.98 -0.38 14.38
N SER XA 466 -24.75 0.68 14.64
CA SER XA 466 -24.15 2.01 14.71
C SER XA 466 -23.11 2.08 15.80
N ASN XA 467 -23.42 1.54 16.98
CA ASN XA 467 -22.46 1.55 18.08
C ASN XA 467 -21.22 0.73 17.74
N MET XA 468 -21.40 -0.42 17.11
CA MET XA 468 -20.25 -1.23 16.72
C MET XA 468 -19.34 -0.49 15.75
N SER XA 469 -19.93 0.14 14.72
CA SER XA 469 -19.11 0.87 13.76
C SER XA 469 -18.38 2.02 14.43
N LYS XA 470 -19.08 2.75 15.32
CA LYS XA 470 -18.44 3.82 16.06
C LYS XA 470 -17.25 3.31 16.86
N ALA XA 471 -17.44 2.19 17.57
CA ALA XA 471 -16.36 1.65 18.38
C ALA XA 471 -15.18 1.22 17.52
N GLN XA 472 -15.45 0.61 16.36
CA GLN XA 472 -14.38 0.18 15.48
C GLN XA 472 -13.56 1.37 14.98
N ILE XA 473 -14.25 2.43 14.55
CA ILE XA 473 -13.52 3.60 14.05
C ILE XA 473 -12.73 4.24 15.17
N ILE XA 474 -13.31 4.31 16.38
CA ILE XA 474 -12.60 4.89 17.52
C ILE XA 474 -11.34 4.08 17.82
N GLN XA 475 -11.44 2.76 17.79
CA GLN XA 475 -10.28 1.93 18.09
C GLN XA 475 -9.18 2.12 17.05
N GLN XA 476 -9.54 2.17 15.77
CA GLN XA 476 -8.52 2.35 14.74
C GLN XA 476 -7.86 3.73 14.84
N ALA XA 477 -8.65 4.78 15.07
CA ALA XA 477 -8.08 6.11 15.24
C ALA XA 477 -7.17 6.15 16.45
N GLY XA 478 -7.59 5.54 17.55
CA GLY XA 478 -6.74 5.49 18.74
C GLY XA 478 -5.44 4.75 18.50
N ASN XA 479 -5.50 3.67 17.71
CA ASN XA 479 -4.28 2.94 17.39
C ASN XA 479 -3.31 3.81 16.59
N SER XA 480 -3.82 4.54 15.60
CA SER XA 480 -2.96 5.43 14.83
C SER XA 480 -2.34 6.51 15.72
N VAL XA 481 -3.17 7.11 16.59
CA VAL XA 481 -2.67 8.16 17.47
C VAL XA 481 -1.63 7.59 18.44
N LEU XA 482 -1.85 6.37 18.94
CA LEU XA 482 -0.86 5.71 19.77
C LEU XA 482 0.45 5.53 19.04
N ALA XA 483 0.40 5.08 17.78
CA ALA XA 483 1.62 4.94 17.00
C ALA XA 483 2.38 6.26 16.94
N LYS XA 484 1.68 7.33 16.56
CA LYS XA 484 2.35 8.63 16.42
C LYS XA 484 2.92 9.10 17.76
N ALA XA 485 2.17 8.91 18.84
CA ALA XA 485 2.69 9.24 20.16
C ALA XA 485 3.93 8.44 20.49
N ASN XA 486 4.03 7.21 19.97
CA ASN XA 486 5.24 6.43 20.18
C ASN XA 486 6.42 6.98 19.39
N GLN XA 487 6.19 7.49 18.17
CA GLN XA 487 7.33 8.13 17.52
C GLN XA 487 7.64 9.52 18.06
N VAL XA 488 6.76 10.09 18.89
CA VAL XA 488 7.02 11.43 19.44
C VAL XA 488 8.38 11.55 20.15
N PRO XA 489 8.79 10.63 21.03
CA PRO XA 489 10.04 10.85 21.79
C PRO XA 489 11.32 10.80 20.97
N GLN XA 490 11.25 10.73 19.64
CA GLN XA 490 12.46 10.45 18.86
C GLN XA 490 13.42 11.64 18.83
N GLN XA 491 12.92 12.87 18.86
CA GLN XA 491 13.78 14.02 18.62
C GLN XA 491 14.84 14.24 19.70
N VAL XA 492 14.74 13.59 20.84
CA VAL XA 492 15.79 13.70 21.86
C VAL XA 492 17.10 13.13 21.31
N LEU XA 493 17.00 12.05 20.54
CA LEU XA 493 18.17 11.49 19.89
C LEU XA 493 18.81 12.49 18.93
N SER XA 494 17.98 13.20 18.16
CA SER XA 494 18.51 14.24 17.28
C SER XA 494 19.18 15.35 18.07
N LEU XA 495 18.59 15.75 19.20
CA LEU XA 495 19.18 16.78 20.03
C LEU XA 495 20.55 16.34 20.55
N LEU XA 496 20.64 15.11 21.03
CA LEU XA 496 21.89 14.65 21.62
C LEU XA 496 22.96 14.41 20.57
N GLN XA 497 22.58 13.83 19.43
CA GLN XA 497 23.56 13.51 18.38
C GLN XA 497 24.19 14.78 17.82
N GLY XA 498 23.39 15.80 17.58
CA GLY XA 498 23.90 17.05 17.03
C GLY XA 498 23.06 17.58 15.89
N GLN YA 3 89.34 35.41 50.56
CA GLN YA 3 89.97 35.34 49.25
C GLN YA 3 90.30 33.89 48.91
N VAL YA 4 90.09 33.03 49.89
CA VAL YA 4 90.50 31.62 49.86
C VAL YA 4 90.08 30.93 48.58
N ILE YA 5 91.03 30.26 47.94
CA ILE YA 5 90.79 29.49 46.72
C ILE YA 5 90.89 28.00 46.96
N ASN YA 6 91.33 27.59 48.15
CA ASN YA 6 91.42 26.18 48.48
C ASN YA 6 90.13 25.66 49.10
N THR YA 7 89.11 26.51 49.21
CA THR YA 7 87.77 26.13 49.63
C THR YA 7 86.77 27.06 48.95
N ASN YA 8 85.75 26.48 48.32
CA ASN YA 8 84.78 27.25 47.56
C ASN YA 8 83.38 27.04 48.13
N SER YA 9 83.26 27.18 49.45
CA SER YA 9 82.04 26.88 50.20
C SER YA 9 80.76 27.30 49.49
N LEU YA 10 80.79 28.45 48.82
CA LEU YA 10 79.65 28.90 48.03
C LEU YA 10 79.23 27.85 47.00
N SER YA 11 80.22 27.29 46.29
CA SER YA 11 79.94 26.21 45.36
C SER YA 11 79.34 25.01 46.07
N LEU YA 12 79.80 24.72 47.29
CA LEU YA 12 79.24 23.60 48.04
C LEU YA 12 77.78 23.85 48.37
N ILE YA 13 77.43 25.07 48.76
CA ILE YA 13 76.03 25.40 49.03
C ILE YA 13 75.18 25.20 47.78
N THR YA 14 75.67 25.71 46.64
CA THR YA 14 74.91 25.57 45.40
C THR YA 14 74.73 24.10 45.03
N GLN YA 15 75.79 23.29 45.18
CA GLN YA 15 75.69 21.87 44.90
C GLN YA 15 74.69 21.19 45.83
N ASN YA 16 74.68 21.58 47.10
CA ASN YA 16 73.72 21.01 48.04
C ASN YA 16 72.29 21.33 47.62
N ASN YA 17 72.05 22.57 47.19
CA ASN YA 17 70.70 22.93 46.75
C ASN YA 17 70.30 22.12 45.51
N ILE YA 18 71.23 21.94 44.57
CA ILE YA 18 70.93 21.15 43.38
C ILE YA 18 70.60 19.71 43.76
N ASN YA 19 71.38 19.14 44.68
CA ASN YA 19 71.12 17.77 45.12
C ASN YA 19 69.76 17.66 45.79
N LYS YA 20 69.38 18.68 46.57
CA LYS YA 20 68.05 18.69 47.17
C LYS YA 20 66.97 18.72 46.11
N ASN YA 21 67.18 19.51 45.05
CA ASN YA 21 66.20 19.57 43.96
C ASN YA 21 66.04 18.22 43.28
N GLN YA 22 67.15 17.49 43.12
CA GLN YA 22 67.15 16.25 42.34
C GLN YA 22 66.06 15.28 42.79
N SER YA 23 65.83 15.16 44.10
CA SER YA 23 64.84 14.21 44.59
C SER YA 23 63.44 14.58 44.14
N ALA YA 24 63.07 15.86 44.25
CA ALA YA 24 61.74 16.28 43.80
C ALA YA 24 61.60 16.09 42.31
N LEU YA 25 62.64 16.42 41.55
CA LEU YA 25 62.57 16.23 40.10
C LEU YA 25 62.36 14.77 39.75
N SER YA 26 63.09 13.88 40.41
CA SER YA 26 62.96 12.45 40.15
C SER YA 26 61.57 11.95 40.51
N SER YA 27 61.03 12.41 41.65
CA SER YA 27 59.69 12.00 42.02
C SER YA 27 58.66 12.44 40.99
N SER YA 28 58.79 13.67 40.50
CA SER YA 28 57.87 14.16 39.48
C SER YA 28 57.97 13.32 38.21
N ILE YA 29 59.19 13.03 37.77
CA ILE YA 29 59.38 12.21 36.56
C ILE YA 29 58.76 10.83 36.75
N GLU YA 30 59.01 10.20 37.88
CA GLU YA 30 58.52 8.84 38.11
C GLU YA 30 57.00 8.80 38.15
N ARG YA 31 56.38 9.75 38.87
CA ARG YA 31 54.93 9.76 38.94
C ARG YA 31 54.29 10.14 37.61
N LEU YA 32 54.96 10.98 36.81
CA LEU YA 32 54.42 11.30 35.49
C LEU YA 32 54.48 10.09 34.57
N SER YA 33 55.60 9.36 34.58
CA SER YA 33 55.73 8.22 33.68
C SER YA 33 54.80 7.07 34.08
N SER YA 34 54.75 6.75 35.38
CA SER YA 34 53.94 5.61 35.80
C SER YA 34 52.45 5.91 35.77
N GLY YA 35 52.07 7.12 36.17
CA GLY YA 35 50.67 7.48 36.26
C GLY YA 35 50.06 7.28 37.63
N LEU YA 36 50.79 6.71 38.58
CA LEU YA 36 50.31 6.52 39.94
C LEU YA 36 51.04 7.46 40.89
N ARG YA 37 50.30 7.98 41.88
CA ARG YA 37 50.93 8.82 42.88
C ARG YA 37 51.81 8.00 43.82
N ILE YA 38 51.34 6.84 44.24
CA ILE YA 38 52.07 5.96 45.16
C ILE YA 38 52.68 4.83 44.33
N ASN YA 39 53.99 4.93 44.09
CA ASN YA 39 54.71 3.95 43.31
C ASN YA 39 55.57 3.01 44.15
N SER YA 40 55.72 3.30 45.44
CA SER YA 40 56.55 2.49 46.32
C SER YA 40 56.08 2.73 47.75
N ALA YA 41 56.65 1.96 48.67
CA ALA YA 41 56.31 2.10 50.08
C ALA YA 41 56.83 3.40 50.68
N LYS YA 42 57.87 3.99 50.10
CA LYS YA 42 58.40 5.23 50.66
C LYS YA 42 57.41 6.38 50.55
N ASP YA 43 56.51 6.34 49.56
CA ASP YA 43 55.57 7.44 49.38
C ASP YA 43 54.63 7.55 50.57
N ASP YA 44 53.71 6.61 50.70
CA ASP YA 44 52.81 6.56 51.85
C ASP YA 44 52.87 5.22 52.56
N ALA YA 45 52.60 4.14 51.83
CA ALA YA 45 52.56 2.74 52.26
C ALA YA 45 51.39 2.42 53.16
N ALA YA 46 50.79 3.42 53.79
CA ALA YA 46 49.48 3.20 54.39
C ALA YA 46 48.41 3.32 53.32
N GLY YA 47 48.51 4.35 52.49
CA GLY YA 47 47.70 4.41 51.29
C GLY YA 47 47.96 3.22 50.38
N GLN YA 48 49.20 2.75 50.33
CA GLN YA 48 49.51 1.59 49.50
C GLN YA 48 48.88 0.32 50.06
N ALA YA 49 48.91 0.14 51.38
CA ALA YA 49 48.24 -1.02 51.97
C ALA YA 49 46.74 -0.95 51.75
N ILE YA 50 46.13 0.22 51.93
CA ILE YA 50 44.71 0.38 51.69
C ILE YA 50 44.38 0.12 50.23
N ALA YA 51 45.25 0.58 49.32
CA ALA YA 51 45.05 0.34 47.89
C ALA YA 51 45.15 -1.14 47.56
N ASN YA 52 46.09 -1.86 48.18
CA ASN YA 52 46.18 -3.30 47.99
C ASN YA 52 44.88 -3.97 48.42
N ARG YA 53 44.35 -3.58 49.58
CA ARG YA 53 43.09 -4.16 50.04
C ARG YA 53 41.95 -3.82 49.10
N PHE YA 54 41.91 -2.58 48.59
CA PHE YA 54 40.87 -2.20 47.65
C PHE YA 54 40.96 -2.99 46.35
N THR YA 55 42.18 -3.21 45.85
CA THR YA 55 42.34 -4.00 44.64
C THR YA 55 41.89 -5.44 44.85
N SER YA 56 42.23 -6.02 46.01
CA SER YA 56 41.77 -7.36 46.33
C SER YA 56 40.24 -7.41 46.35
N ASN YA 57 39.62 -6.42 46.98
CA ASN YA 57 38.17 -6.38 47.03
C ASN YA 57 37.57 -6.23 45.64
N ILE YA 58 38.17 -5.39 44.80
CA ILE YA 58 37.65 -5.18 43.44
C ILE YA 58 37.66 -6.48 42.66
N LYS YA 59 38.81 -7.17 42.67
CA LYS YA 59 38.92 -8.41 41.92
C LYS YA 59 37.98 -9.47 42.47
N GLY YA 60 37.87 -9.58 43.79
CA GLY YA 60 36.96 -10.54 44.37
C GLY YA 60 35.51 -10.27 44.02
N LEU YA 61 35.10 -9.00 44.06
CA LEU YA 61 33.74 -8.64 43.72
C LEU YA 61 33.41 -8.93 42.26
N THR YA 62 34.33 -8.59 41.35
CA THR YA 62 34.10 -8.89 39.95
C THR YA 62 33.99 -10.40 39.71
N GLN YA 63 34.89 -11.17 40.32
CA GLN YA 63 34.83 -12.62 40.17
C GLN YA 63 33.55 -13.18 40.77
N ALA YA 64 33.08 -12.59 41.88
CA ALA YA 64 31.85 -13.05 42.50
C ALA YA 64 30.65 -12.81 41.60
N ALA YA 65 30.61 -11.65 40.93
CA ALA YA 65 29.53 -11.41 39.97
C ALA YA 65 29.58 -12.42 38.83
N ARG YA 66 30.79 -12.70 38.32
CA ARG YA 66 30.93 -13.69 37.26
C ARG YA 66 30.42 -15.06 37.73
N ASN YA 67 30.75 -15.45 38.96
CA ASN YA 67 30.25 -16.71 39.50
C ASN YA 67 28.73 -16.69 39.63
N ALA YA 68 28.16 -15.56 40.05
CA ALA YA 68 26.72 -15.47 40.24
C ALA YA 68 25.97 -15.66 38.93
N ASN YA 69 26.53 -15.17 37.83
CA ASN YA 69 25.87 -15.35 36.54
C ASN YA 69 25.66 -16.83 36.21
N ASP YA 70 26.59 -17.69 36.62
CA ASP YA 70 26.42 -19.12 36.41
C ASP YA 70 25.14 -19.62 37.06
N GLY YA 71 24.76 -19.03 38.20
CA GLY YA 71 23.55 -19.45 38.87
C GLY YA 71 22.30 -19.20 38.02
N ILE YA 72 22.20 -18.01 37.43
CA ILE YA 72 21.05 -17.72 36.58
C ILE YA 72 21.05 -18.63 35.37
N SER YA 73 22.23 -18.94 34.83
CA SER YA 73 22.29 -19.87 33.69
C SER YA 73 21.74 -21.25 34.07
N VAL YA 74 22.21 -21.80 35.19
CA VAL YA 74 21.75 -23.12 35.62
C VAL YA 74 20.26 -23.11 35.89
N ALA YA 75 19.77 -22.06 36.55
CA ALA YA 75 18.36 -21.98 36.87
C ALA YA 75 17.51 -21.91 35.61
N GLN YA 76 17.95 -21.15 34.61
CA GLN YA 76 17.21 -21.09 33.35
C GLN YA 76 17.13 -22.45 32.70
N THR YA 77 18.25 -23.17 32.65
CA THR YA 77 18.25 -24.50 32.04
C THR YA 77 17.28 -25.43 32.76
N THR YA 78 17.35 -25.45 34.09
CA THR YA 78 16.49 -26.33 34.87
C THR YA 78 15.03 -25.95 34.70
N GLU YA 79 14.73 -24.65 34.64
CA GLU YA 79 13.36 -24.21 34.46
C GLU YA 79 12.81 -24.64 33.10
N GLY YA 80 13.64 -24.57 32.06
CA GLY YA 80 13.19 -25.05 30.76
C GLY YA 80 12.89 -26.54 30.76
N ALA YA 81 13.76 -27.34 31.39
CA ALA YA 81 13.50 -28.76 31.51
C ALA YA 81 12.18 -29.02 32.25
N LEU YA 82 11.97 -28.29 33.35
CA LEU YA 82 10.73 -28.44 34.10
C LEU YA 82 9.51 -28.04 33.28
N SER YA 83 9.66 -27.03 32.42
CA SER YA 83 8.55 -26.62 31.56
C SER YA 83 8.17 -27.73 30.59
N GLU YA 84 9.17 -28.38 29.99
CA GLU YA 84 8.87 -29.51 29.11
C GLU YA 84 8.18 -30.64 29.88
N ILE YA 85 8.67 -30.93 31.09
CA ILE YA 85 8.02 -31.95 31.92
C ILE YA 85 6.57 -31.57 32.21
N ASN YA 86 6.33 -30.28 32.48
CA ASN YA 86 4.98 -29.81 32.75
C ASN YA 86 4.07 -30.00 31.55
N ASN YA 87 4.58 -29.70 30.35
CA ASN YA 87 3.77 -29.91 29.15
C ASN YA 87 3.40 -31.38 28.99
N ASN YA 88 4.36 -32.27 29.20
CA ASN YA 88 4.07 -33.69 29.11
C ASN YA 88 3.02 -34.12 30.14
N LEU YA 89 3.15 -33.61 31.37
CA LEU YA 89 2.19 -33.96 32.42
C LEU YA 89 0.79 -33.44 32.08
N GLN YA 90 0.70 -32.24 31.50
CA GLN YA 90 -0.59 -31.70 31.11
C GLN YA 90 -1.24 -32.57 30.04
N ARG YA 91 -0.47 -33.01 29.05
CA ARG YA 91 -1.03 -33.90 28.03
C ARG YA 91 -1.47 -35.22 28.66
N VAL YA 92 -0.70 -35.74 29.61
CA VAL YA 92 -1.08 -36.97 30.29
C VAL YA 92 -2.41 -36.77 31.02
N ARG YA 93 -2.58 -35.63 31.68
CA ARG YA 93 -3.84 -35.36 32.38
C ARG YA 93 -5.01 -35.31 31.42
N GLU YA 94 -4.83 -34.65 30.27
CA GLU YA 94 -5.89 -34.62 29.27
C GLU YA 94 -6.23 -36.03 28.81
N LEU YA 95 -5.21 -36.85 28.59
CA LEU YA 95 -5.45 -38.23 28.17
C LEU YA 95 -6.24 -39.00 29.22
N THR YA 96 -5.90 -38.80 30.50
CA THR YA 96 -6.64 -39.49 31.56
C THR YA 96 -8.09 -39.04 31.61
N VAL YA 97 -8.33 -37.73 31.44
CA VAL YA 97 -9.70 -37.23 31.40
C VAL YA 97 -10.46 -37.89 30.25
N GLN YA 98 -9.80 -38.04 29.10
CA GLN YA 98 -10.44 -38.70 27.97
C GLN YA 98 -10.69 -40.18 28.25
N ALA YA 99 -9.79 -40.83 28.98
CA ALA YA 99 -9.87 -42.26 29.19
C ALA YA 99 -10.92 -42.65 30.22
N THR YA 100 -11.13 -41.82 31.24
CA THR YA 100 -12.03 -42.18 32.34
C THR YA 100 -13.49 -42.00 31.94
N THR YA 101 -13.87 -42.68 30.86
CA THR YA 101 -15.24 -42.67 30.35
C THR YA 101 -15.68 -44.10 30.07
N GLY YA 102 -16.97 -44.35 30.33
CA GLY YA 102 -17.51 -45.68 30.11
C GLY YA 102 -17.72 -46.06 28.66
N THR YA 103 -17.74 -45.07 27.76
CA THR YA 103 -17.93 -45.37 26.35
C THR YA 103 -16.72 -46.06 25.74
N ASN YA 104 -15.53 -45.77 26.24
CA ASN YA 104 -14.31 -46.37 25.70
C ASN YA 104 -14.31 -47.87 25.88
N SER YA 105 -13.88 -48.59 24.85
CA SER YA 105 -13.73 -50.03 24.91
C SER YA 105 -12.35 -50.37 25.46
N GLU YA 106 -11.96 -51.64 25.40
CA GLU YA 106 -10.66 -52.05 25.91
C GLU YA 106 -9.52 -51.64 24.98
N SER YA 107 -9.75 -51.65 23.66
CA SER YA 107 -8.69 -51.24 22.73
C SER YA 107 -8.41 -49.75 22.85
N ASP YA 108 -9.45 -48.93 23.03
CA ASP YA 108 -9.26 -47.50 23.19
C ASP YA 108 -8.47 -47.21 24.45
N LEU YA 109 -8.81 -47.87 25.55
CA LEU YA 109 -8.05 -47.71 26.79
C LEU YA 109 -6.62 -48.19 26.62
N SER YA 110 -6.43 -49.26 25.84
CA SER YA 110 -5.07 -49.73 25.57
C SER YA 110 -4.25 -48.67 24.84
N SER YA 111 -4.84 -48.04 23.83
CA SER YA 111 -4.15 -46.98 23.10
C SER YA 111 -3.82 -45.80 24.02
N ILE YA 112 -4.79 -45.40 24.85
CA ILE YA 112 -4.55 -44.35 25.83
C ILE YA 112 -3.36 -44.70 26.72
N GLN YA 113 -3.34 -45.95 27.21
CA GLN YA 113 -2.28 -46.36 28.12
C GLN YA 113 -0.93 -46.40 27.43
N ASP YA 114 -0.90 -46.85 26.18
CA ASP YA 114 0.36 -46.85 25.43
C ASP YA 114 0.91 -45.43 25.31
N GLU YA 115 0.05 -44.48 24.90
CA GLU YA 115 0.54 -43.11 24.75
C GLU YA 115 0.96 -42.52 26.09
N ILE YA 116 0.19 -42.79 27.14
CA ILE YA 116 0.52 -42.28 28.48
C ILE YA 116 1.85 -42.83 28.96
N LYS YA 117 2.07 -44.14 28.77
CA LYS YA 117 3.32 -44.76 29.19
C LYS YA 117 4.49 -44.21 28.38
N SER YA 118 4.28 -43.97 27.09
CA SER YA 118 5.33 -43.36 26.28
C SER YA 118 5.68 -41.97 26.79
N ARG YA 119 4.68 -41.18 27.15
CA ARG YA 119 4.97 -39.83 27.64
C ARG YA 119 5.62 -39.86 29.02
N LEU YA 120 5.24 -40.82 29.87
CA LEU YA 120 5.91 -40.97 31.15
C LEU YA 120 7.36 -41.37 30.97
N ASP YA 121 7.63 -42.27 30.00
CA ASP YA 121 9.01 -42.61 29.69
C ASP YA 121 9.77 -41.39 29.19
N GLU YA 122 9.11 -40.54 28.39
CA GLU YA 122 9.75 -39.31 27.95
C GLU YA 122 10.09 -38.40 29.11
N ILE YA 123 9.18 -38.30 30.10
CA ILE YA 123 9.45 -37.50 31.28
C ILE YA 123 10.66 -38.03 32.03
N ASP YA 124 10.71 -39.35 32.23
CA ASP YA 124 11.83 -39.95 32.94
C ASP YA 124 13.14 -39.72 32.18
N ARG YA 125 13.10 -39.86 30.86
CA ARG YA 125 14.29 -39.62 30.05
C ARG YA 125 14.73 -38.18 30.13
N VAL YA 126 13.79 -37.24 30.09
CA VAL YA 126 14.15 -35.83 30.22
C VAL YA 126 14.81 -35.56 31.56
N SER YA 127 14.27 -36.17 32.62
CA SER YA 127 14.86 -35.99 33.94
C SER YA 127 16.29 -36.53 33.99
N GLY YA 128 16.47 -37.79 33.57
CA GLY YA 128 17.77 -38.42 33.68
C GLY YA 128 18.82 -37.79 32.78
N GLN YA 129 18.46 -37.54 31.52
CA GLN YA 129 19.45 -37.21 30.50
C GLN YA 129 19.94 -35.77 30.63
N THR YA 130 19.10 -34.88 31.15
CA THR YA 130 19.42 -33.45 31.19
C THR YA 130 20.57 -33.20 32.16
N GLN YA 131 21.73 -32.88 31.63
CA GLN YA 131 22.92 -32.61 32.43
C GLN YA 131 23.53 -31.28 32.05
N PHE YA 132 24.04 -30.56 33.04
CA PHE YA 132 24.70 -29.28 32.85
C PHE YA 132 26.10 -29.34 33.44
N ASN YA 133 27.11 -29.14 32.59
CA ASN YA 133 28.51 -29.08 33.02
C ASN YA 133 28.88 -30.26 33.91
N GLY YA 134 28.52 -31.45 33.45
CA GLY YA 134 28.77 -32.66 34.22
C GLY YA 134 28.00 -32.73 35.52
N VAL YA 135 26.77 -32.20 35.53
CA VAL YA 135 25.90 -32.26 36.70
C VAL YA 135 24.50 -32.62 36.23
N ASN YA 136 24.00 -33.77 36.67
CA ASN YA 136 22.63 -34.19 36.37
C ASN YA 136 21.70 -33.50 37.35
N VAL YA 137 21.20 -32.33 36.94
CA VAL YA 137 20.44 -31.49 37.85
C VAL YA 137 19.13 -32.17 38.27
N LEU YA 138 18.41 -32.74 37.32
CA LEU YA 138 17.16 -33.43 37.63
C LEU YA 138 17.38 -34.92 37.84
N ALA YA 139 18.34 -35.30 38.69
CA ALA YA 139 18.56 -36.71 38.96
C ALA YA 139 18.84 -37.04 40.42
N LYS YA 140 18.96 -36.06 41.31
CA LYS YA 140 19.30 -36.34 42.70
C LYS YA 140 19.06 -35.12 43.59
N ASN YA 141 18.45 -35.34 44.75
CA ASN YA 141 18.23 -34.26 45.70
C ASN YA 141 19.56 -33.74 46.24
N GLY YA 142 19.70 -32.43 46.29
CA GLY YA 142 20.93 -31.85 46.79
C GLY YA 142 20.82 -30.35 46.90
N SER YA 143 21.96 -29.71 47.13
CA SER YA 143 22.04 -28.26 47.27
C SER YA 143 23.26 -27.76 46.52
N MET YA 144 23.14 -26.54 45.99
CA MET YA 144 24.18 -25.94 45.17
C MET YA 144 24.56 -24.59 45.78
N LYS YA 145 25.86 -24.33 45.86
CA LYS YA 145 26.37 -23.14 46.54
C LYS YA 145 27.04 -22.22 45.52
N ILE YA 146 26.58 -20.97 45.48
CA ILE YA 146 27.09 -19.96 44.56
C ILE YA 146 27.79 -18.89 45.38
N GLN YA 147 29.06 -18.66 45.09
CA GLN YA 147 29.85 -17.66 45.79
C GLN YA 147 29.50 -16.28 45.23
N VAL YA 148 28.82 -15.46 46.04
CA VAL YA 148 28.41 -14.13 45.60
C VAL YA 148 29.08 -13.07 46.45
N GLY YA 149 30.25 -13.38 46.99
CA GLY YA 149 30.98 -12.44 47.81
C GLY YA 149 32.48 -12.53 47.64
N ALA YA 150 33.22 -11.77 48.44
CA ALA YA 150 34.67 -11.77 48.39
C ALA YA 150 35.32 -12.54 49.53
N ASN YA 151 34.64 -12.70 50.65
CA ASN YA 151 35.17 -13.40 51.80
C ASN YA 151 34.67 -14.85 51.82
N ASP YA 152 34.97 -15.56 52.89
CA ASP YA 152 34.52 -16.94 53.04
C ASP YA 152 33.07 -16.97 53.51
N ASN YA 153 32.38 -18.04 53.13
CA ASN YA 153 30.98 -18.27 53.50
C ASN YA 153 30.11 -17.07 53.11
N GLN YA 154 30.10 -16.80 51.81
CA GLN YA 154 29.36 -15.69 51.22
C GLN YA 154 28.45 -16.21 50.11
N THR YA 155 27.71 -17.28 50.41
CA THR YA 155 27.10 -18.13 49.39
C THR YA 155 25.59 -17.99 49.36
N ILE YA 156 25.03 -18.16 48.16
CA ILE YA 156 23.59 -18.31 47.95
C ILE YA 156 23.33 -19.78 47.62
N THR YA 157 22.37 -20.38 48.31
CA THR YA 157 22.10 -21.81 48.18
C THR YA 157 21.03 -22.03 47.12
N ILE YA 158 21.34 -22.88 46.13
CA ILE YA 158 20.38 -23.32 45.13
C ILE YA 158 20.03 -24.77 45.41
N ASP YA 159 18.74 -25.07 45.38
CA ASP YA 159 18.25 -26.41 45.69
C ASP YA 159 17.83 -27.12 44.41
N LEU YA 160 18.14 -28.41 44.33
CA LEU YA 160 17.78 -29.25 43.20
C LEU YA 160 17.07 -30.48 43.71
N LYS YA 161 15.82 -30.68 43.29
CA LYS YA 161 15.00 -31.78 43.73
C LYS YA 161 14.84 -32.79 42.61
N GLN YA 162 15.10 -34.07 42.90
CA GLN YA 162 14.95 -35.12 41.91
C GLN YA 162 13.50 -35.27 41.48
N ILE YA 163 13.21 -34.91 40.23
CA ILE YA 163 11.87 -35.01 39.66
C ILE YA 163 11.87 -36.14 38.65
N ASP YA 164 11.09 -37.17 38.92
CA ASP YA 164 10.96 -38.30 38.01
C ASP YA 164 9.71 -39.08 38.39
N ALA YA 165 9.48 -40.20 37.70
CA ALA YA 165 8.27 -40.98 37.93
C ALA YA 165 8.20 -41.49 39.37
N LYS YA 166 9.31 -42.00 39.89
CA LYS YA 166 9.31 -42.55 41.24
C LYS YA 166 9.03 -41.47 42.29
N THR YA 167 9.67 -40.31 42.16
CA THR YA 167 9.53 -39.25 43.15
C THR YA 167 8.30 -38.38 42.92
N LEU YA 168 7.37 -38.82 42.08
CA LEU YA 168 6.13 -38.11 41.87
C LEU YA 168 4.91 -38.99 42.09
N GLY YA 169 5.09 -40.27 42.41
CA GLY YA 169 3.98 -41.20 42.53
C GLY YA 169 3.47 -41.75 41.23
N LEU YA 170 4.04 -41.33 40.10
CA LEU YA 170 3.60 -41.80 38.78
C LEU YA 170 4.41 -43.00 38.32
N ASP YA 171 4.47 -44.02 39.18
CA ASP YA 171 5.16 -45.27 38.89
C ASP YA 171 4.14 -46.40 38.94
N GLY YA 172 3.81 -46.94 37.77
CA GLY YA 172 2.73 -47.90 37.66
C GLY YA 172 1.39 -47.31 37.31
N PHE YA 173 1.36 -46.04 36.92
CA PHE YA 173 0.12 -45.36 36.58
C PHE YA 173 -0.52 -46.02 35.37
N SER YA 174 -1.71 -46.60 35.56
CA SER YA 174 -2.40 -47.32 34.50
C SER YA 174 -3.87 -46.93 34.49
N VAL YA 175 -4.48 -47.07 33.31
CA VAL YA 175 -5.90 -46.81 33.14
C VAL YA 175 -6.55 -48.00 32.47
N LYS YA 176 -5.92 -49.16 32.59
CA LYS YA 176 -6.44 -50.39 31.99
C LYS YA 176 -5.99 -51.58 32.83
N ASN YA 177 -6.70 -52.69 32.65
CA ASN YA 177 -6.41 -53.90 33.41
C ASN YA 177 -5.56 -54.87 32.58
N THR YA 407 -5.52 -47.80 38.10
CA THR YA 407 -5.10 -46.92 39.18
C THR YA 407 -6.28 -46.19 39.79
N THR YA 408 -6.32 -46.13 41.12
CA THR YA 408 -7.40 -45.46 41.83
C THR YA 408 -7.09 -43.99 42.02
N ASP YA 409 -8.10 -43.15 41.84
CA ASP YA 409 -7.97 -41.70 41.91
C ASP YA 409 -6.81 -41.17 41.07
N PRO YA 410 -6.85 -41.37 39.75
CA PRO YA 410 -5.71 -40.95 38.92
C PRO YA 410 -5.54 -39.45 38.84
N LEU YA 411 -6.65 -38.71 38.68
CA LEU YA 411 -6.55 -37.27 38.45
C LEU YA 411 -6.00 -36.55 39.67
N LYS YA 412 -6.33 -37.03 40.87
CA LYS YA 412 -5.77 -36.41 42.07
C LYS YA 412 -4.25 -36.56 42.12
N ALA YA 413 -3.74 -37.75 41.79
CA ALA YA 413 -2.30 -37.96 41.76
C ALA YA 413 -1.64 -37.10 40.69
N LEU YA 414 -2.28 -36.98 39.52
CA LEU YA 414 -1.71 -36.16 38.46
C LEU YA 414 -1.65 -34.69 38.87
N ASP YA 415 -2.71 -34.19 39.51
CA ASP YA 415 -2.72 -32.82 40.01
C ASP YA 415 -1.64 -32.62 41.07
N ASP YA 416 -1.46 -33.62 41.94
CA ASP YA 416 -0.42 -33.53 42.95
C ASP YA 416 0.96 -33.42 42.31
N ALA YA 417 1.22 -34.22 41.28
CA ALA YA 417 2.50 -34.15 40.58
C ALA YA 417 2.69 -32.79 39.90
N ILE YA 418 1.63 -32.26 39.29
CA ILE YA 418 1.72 -30.96 38.64
C ILE YA 418 2.07 -29.88 39.65
N ALA YA 419 1.42 -29.90 40.82
CA ALA YA 419 1.74 -28.92 41.85
C ALA YA 419 3.13 -29.13 42.42
N SER YA 420 3.61 -30.38 42.50
CA SER YA 420 4.92 -30.65 43.03
C SER YA 420 6.03 -30.20 42.10
N VAL YA 421 5.78 -30.16 40.79
CA VAL YA 421 6.78 -29.58 39.89
C VAL YA 421 6.64 -28.06 39.85
N ASP YA 422 5.42 -27.53 40.03
CA ASP YA 422 5.23 -26.08 40.07
C ASP YA 422 5.95 -25.47 41.27
N LYS YA 423 5.97 -26.16 42.40
CA LYS YA 423 6.70 -25.67 43.57
C LYS YA 423 8.18 -25.50 43.28
N PHE YA 424 8.79 -26.50 42.65
CA PHE YA 424 10.21 -26.42 42.30
C PHE YA 424 10.44 -25.28 41.31
N ARG YA 425 9.54 -25.12 40.35
CA ARG YA 425 9.69 -24.02 39.40
C ARG YA 425 9.66 -22.67 40.10
N SER YA 426 8.73 -22.49 41.05
CA SER YA 426 8.65 -21.22 41.77
C SER YA 426 9.89 -20.97 42.61
N SER YA 427 10.41 -22.01 43.26
CA SER YA 427 11.64 -21.84 44.03
C SER YA 427 12.79 -21.43 43.12
N LEU YA 428 12.87 -22.04 41.94
CA LEU YA 428 13.91 -21.67 40.99
C LEU YA 428 13.80 -20.21 40.60
N GLY YA 429 12.58 -19.75 40.32
CA GLY YA 429 12.40 -18.34 39.97
C GLY YA 429 12.81 -17.40 41.08
N ALA YA 430 12.48 -17.75 42.33
CA ALA YA 430 12.91 -16.92 43.45
C ALA YA 430 14.42 -16.85 43.54
N VAL YA 431 15.10 -17.98 43.33
CA VAL YA 431 16.56 -17.97 43.35
C VAL YA 431 17.10 -17.10 42.22
N GLN YA 432 16.45 -17.15 41.06
CA GLN YA 432 16.86 -16.33 39.93
C GLN YA 432 16.81 -14.84 40.29
N ASN YA 433 15.70 -14.42 40.90
CA ASN YA 433 15.55 -13.01 41.27
C ASN YA 433 16.60 -12.60 42.29
N ARG YA 434 16.84 -13.46 43.29
CA ARG YA 434 17.87 -13.15 44.29
C ARG YA 434 19.23 -12.97 43.63
N LEU YA 435 19.58 -13.87 42.71
CA LEU YA 435 20.88 -13.79 42.06
C LEU YA 435 21.01 -12.50 41.24
N ASP YA 436 19.95 -12.12 40.52
CA ASP YA 436 20.03 -10.90 39.72
C ASP YA 436 20.22 -9.67 40.61
N SER YA 437 19.46 -9.58 41.70
CA SER YA 437 19.62 -8.45 42.60
C SER YA 437 21.03 -8.42 43.19
N ALA YA 438 21.55 -9.59 43.56
CA ALA YA 438 22.90 -9.66 44.09
C ALA YA 438 23.91 -9.15 43.06
N VAL YA 439 23.75 -9.54 41.80
CA VAL YA 439 24.68 -9.10 40.77
C VAL YA 439 24.67 -7.58 40.64
N THR YA 440 23.47 -6.99 40.63
CA THR YA 440 23.39 -5.54 40.50
C THR YA 440 24.07 -4.84 41.67
N ASN YA 441 23.81 -5.31 42.90
CA ASN YA 441 24.43 -4.69 44.06
C ASN YA 441 25.95 -4.84 44.01
N LEU YA 442 26.44 -6.01 43.58
CA LEU YA 442 27.87 -6.24 43.49
C LEU YA 442 28.50 -5.29 42.49
N ASN YA 443 27.83 -5.06 41.36
CA ASN YA 443 28.37 -4.13 40.37
C ASN YA 443 28.48 -2.71 40.93
N ASN YA 444 27.43 -2.26 41.63
CA ASN YA 444 27.48 -0.92 42.22
C ASN YA 444 28.60 -0.81 43.24
N THR YA 445 28.73 -1.81 44.10
CA THR YA 445 29.80 -1.80 45.11
C THR YA 445 31.16 -1.78 44.44
N THR YA 446 31.32 -2.56 43.37
CA THR YA 446 32.60 -2.59 42.66
C THR YA 446 32.96 -1.22 42.12
N THR YA 447 32.00 -0.55 41.48
CA THR YA 447 32.29 0.77 40.94
C THR YA 447 32.66 1.76 42.04
N ASN YA 448 31.93 1.73 43.16
CA ASN YA 448 32.23 2.65 44.25
C ASN YA 448 33.61 2.38 44.84
N LEU YA 449 33.96 1.11 45.03
CA LEU YA 449 35.28 0.78 45.56
C LEU YA 449 36.37 1.19 44.57
N SER YA 450 36.12 1.05 43.27
CA SER YA 450 37.10 1.44 42.28
C SER YA 450 37.39 2.93 42.34
N GLU YA 451 36.32 3.75 42.43
CA GLU YA 451 36.57 5.19 42.51
C GLU YA 451 37.20 5.57 43.85
N ALA YA 452 36.88 4.85 44.92
CA ALA YA 452 37.55 5.10 46.20
C ALA YA 452 39.05 4.82 46.10
N GLN YA 453 39.42 3.73 45.42
CA GLN YA 453 40.83 3.43 45.18
C GLN YA 453 41.48 4.50 44.32
N SER YA 454 40.73 5.01 43.33
CA SER YA 454 41.26 6.07 42.48
C SER YA 454 41.56 7.32 43.29
N ARG YA 455 40.69 7.67 44.22
CA ARG YA 455 40.91 8.84 45.05
C ARG YA 455 42.10 8.70 46.00
N ILE YA 456 42.82 7.59 45.98
CA ILE YA 456 43.94 7.36 46.88
C ILE YA 456 45.24 7.10 46.12
N GLN YA 457 45.23 6.12 45.21
CA GLN YA 457 46.49 5.67 44.63
C GLN YA 457 46.87 6.40 43.34
N ASP YA 458 45.92 7.02 42.66
CA ASP YA 458 46.21 7.64 41.38
C ASP YA 458 46.88 9.00 41.57
N ALA YA 459 47.52 9.47 40.51
CA ALA YA 459 48.25 10.74 40.51
C ALA YA 459 47.47 11.81 39.75
N ASP YA 460 47.67 13.05 40.16
CA ASP YA 460 47.06 14.21 39.51
C ASP YA 460 48.10 14.84 38.58
N TYR YA 461 47.84 14.77 37.28
CA TYR YA 461 48.87 15.11 36.31
C TYR YA 461 49.19 16.60 36.26
N ALA YA 462 48.19 17.47 36.51
CA ALA YA 462 48.46 18.90 36.50
C ALA YA 462 49.47 19.29 37.56
N THR YA 463 49.27 18.81 38.79
CA THR YA 463 50.20 19.10 39.87
C THR YA 463 51.58 18.55 39.56
N GLU YA 464 51.64 17.34 39.01
CA GLU YA 464 52.93 16.72 38.72
C GLU YA 464 53.67 17.49 37.64
N VAL YA 465 52.96 17.96 36.62
CA VAL YA 465 53.59 18.76 35.58
C VAL YA 465 54.12 20.07 36.17
N SER YA 466 53.34 20.72 37.03
CA SER YA 466 53.80 21.95 37.64
C SER YA 466 55.06 21.71 38.48
N ASN YA 467 55.06 20.64 39.28
CA ASN YA 467 56.23 20.33 40.10
C ASN YA 467 57.44 20.02 39.23
N MET YA 468 57.26 19.26 38.15
CA MET YA 468 58.37 18.93 37.27
C MET YA 468 58.96 20.18 36.64
N SER YA 469 58.10 21.09 36.17
CA SER YA 469 58.59 22.33 35.58
C SER YA 469 59.34 23.16 36.60
N LYS YA 470 58.80 23.27 37.81
CA LYS YA 470 59.47 24.03 38.87
C LYS YA 470 60.84 23.44 39.17
N ALA YA 471 60.92 22.11 39.29
CA ALA YA 471 62.19 21.46 39.59
C ALA YA 471 63.20 21.69 38.48
N GLN YA 472 62.75 21.62 37.22
CA GLN YA 472 63.65 21.82 36.09
C GLN YA 472 64.20 23.25 36.08
N ILE YA 473 63.33 24.24 36.31
CA ILE YA 473 63.79 25.62 36.33
C ILE YA 473 64.78 25.84 37.46
N ILE YA 474 64.48 25.30 38.65
CA ILE YA 474 65.39 25.47 39.78
C ILE YA 474 66.73 24.79 39.48
N GLN YA 475 66.70 23.64 38.80
CA GLN YA 475 67.93 22.95 38.45
C GLN YA 475 68.79 23.79 37.53
N GLN YA 476 68.18 24.36 36.48
CA GLN YA 476 68.96 25.19 35.56
C GLN YA 476 69.49 26.43 36.25
N ALA YA 477 68.68 27.04 37.12
CA ALA YA 477 69.13 28.19 37.90
C ALA YA 477 70.35 27.82 38.73
N GLY YA 478 70.27 26.69 39.44
CA GLY YA 478 71.38 26.27 40.27
C GLY YA 478 72.63 26.01 39.45
N ASN YA 479 72.47 25.43 38.26
CA ASN YA 479 73.64 25.19 37.40
C ASN YA 479 74.30 26.49 37.00
N SER YA 480 73.49 27.48 36.59
CA SER YA 480 74.07 28.76 36.17
C SER YA 480 74.79 29.45 37.33
N VAL YA 481 74.15 29.46 38.51
CA VAL YA 481 74.76 30.10 39.66
C VAL YA 481 76.01 29.34 40.10
N LEU YA 482 76.01 28.02 39.97
CA LEU YA 482 77.21 27.23 40.26
C LEU YA 482 78.36 27.60 39.32
N ALA YA 483 78.05 27.78 38.04
CA ALA YA 483 79.08 28.19 37.10
C ALA YA 483 79.67 29.54 37.50
N LYS YA 484 78.81 30.49 37.86
CA LYS YA 484 79.31 31.78 38.32
C LYS YA 484 80.17 31.64 39.58
N ALA YA 485 79.73 30.78 40.52
CA ALA YA 485 80.48 30.60 41.76
C ALA YA 485 81.86 30.02 41.49
N ASN YA 486 81.95 29.03 40.60
CA ASN YA 486 83.26 28.50 40.24
C ASN YA 486 84.10 29.54 39.51
N GLN YA 487 83.46 30.46 38.78
CA GLN YA 487 84.21 31.54 38.14
C GLN YA 487 84.75 32.55 39.14
N VAL YA 488 84.10 32.69 40.29
CA VAL YA 488 84.49 33.75 41.25
C VAL YA 488 85.96 33.70 41.65
N PRO YA 489 86.54 32.56 42.08
CA PRO YA 489 87.87 32.61 42.71
C PRO YA 489 89.02 33.04 41.82
N GLN YA 490 88.78 33.37 40.54
CA GLN YA 490 89.89 33.67 39.64
C GLN YA 490 90.62 34.96 39.97
N GLN YA 491 90.01 35.85 40.76
CA GLN YA 491 90.59 37.17 40.99
C GLN YA 491 91.92 37.12 41.76
N VAL YA 492 92.18 36.04 42.49
CA VAL YA 492 93.44 35.94 43.20
C VAL YA 492 94.61 35.87 42.22
N LEU YA 493 94.40 35.24 41.06
CA LEU YA 493 95.43 35.23 40.03
C LEU YA 493 95.75 36.65 39.56
N SER YA 494 94.71 37.47 39.35
CA SER YA 494 94.94 38.86 39.00
C SER YA 494 95.68 39.60 40.10
N LEU YA 495 95.31 39.33 41.36
CA LEU YA 495 95.99 39.97 42.48
C LEU YA 495 97.47 39.64 42.49
N LEU YA 496 97.81 38.37 42.34
CA LEU YA 496 99.21 37.96 42.41
C LEU YA 496 100.00 38.45 41.20
N GLN YA 497 99.42 38.33 40.01
CA GLN YA 497 100.13 38.72 38.80
C GLN YA 497 100.47 40.22 38.80
N GLY YA 498 99.52 41.04 39.22
CA GLY YA 498 99.73 42.47 39.24
C GLY YA 498 98.76 43.24 38.36
N GLN ZA 3 154.67 76.36 19.61
CA GLN ZA 3 154.34 76.21 21.02
C GLN ZA 3 153.53 77.41 21.49
N VAL ZA 4 153.17 78.25 20.52
CA VAL ZA 4 152.56 79.56 20.73
C VAL ZA 4 151.40 79.48 21.71
N ILE ZA 5 151.40 80.34 22.72
CA ILE ZA 5 150.44 80.27 23.80
C ILE ZA 5 149.39 81.37 23.72
N ASN ZA 6 149.48 82.26 22.73
CA ASN ZA 6 148.51 83.32 22.57
C ASN ZA 6 147.40 82.95 21.59
N THR ZA 7 147.51 81.81 20.93
CA THR ZA 7 146.56 81.33 19.94
C THR ZA 7 146.46 79.82 20.03
N ASN ZA 8 145.23 79.30 19.99
CA ASN ZA 8 144.97 77.87 20.12
C ASN ZA 8 144.24 77.36 18.89
N SER ZA 9 144.75 77.71 17.71
CA SER ZA 9 144.11 77.48 16.41
C SER ZA 9 143.33 76.17 16.32
N LEU ZA 10 143.89 75.08 16.85
CA LEU ZA 10 143.19 73.80 16.82
C LEU ZA 10 141.84 73.89 17.51
N SER ZA 11 141.77 74.60 18.63
CA SER ZA 11 140.48 74.82 19.29
C SER ZA 11 139.53 75.58 18.40
N LEU ZA 12 140.03 76.56 17.65
CA LEU ZA 12 139.18 77.31 16.73
C LEU ZA 12 138.62 76.40 15.64
N ILE ZA 13 139.47 75.51 15.10
CA ILE ZA 13 139.00 74.57 14.08
C ILE ZA 13 137.92 73.66 14.65
N THR ZA 14 138.14 73.16 15.86
CA THR ZA 14 137.14 72.28 16.47
C THR ZA 14 135.83 73.02 16.71
N GLN ZA 15 135.90 74.26 17.18
CA GLN ZA 15 134.69 75.06 17.37
C GLN ZA 15 133.96 75.29 16.07
N ASN ZA 16 134.71 75.54 14.99
CA ASN ZA 16 134.08 75.71 13.68
C ASN ZA 16 133.35 74.45 13.25
N ASN ZA 17 133.97 73.28 13.45
CA ASN ZA 17 133.31 72.03 13.08
C ASN ZA 17 132.06 71.80 13.91
N ILE ZA 18 132.12 72.09 15.22
CA ILE ZA 18 130.94 71.92 16.07
C ILE ZA 18 129.82 72.85 15.62
N ASN ZA 19 130.16 74.10 15.29
CA ASN ZA 19 129.15 75.04 14.80
C ASN ZA 19 128.53 74.54 13.51
N LYS ZA 20 129.36 73.94 12.64
CA LYS ZA 20 128.83 73.37 11.40
C LYS ZA 20 127.84 72.25 11.68
N ASN ZA 21 128.15 71.39 12.66
CA ASN ZA 21 127.25 70.27 12.95
C ASN ZA 21 125.96 70.72 13.62
N GLN ZA 22 126.01 71.85 14.35
CA GLN ZA 22 124.83 72.33 15.07
C GLN ZA 22 123.63 72.50 14.15
N SER ZA 23 123.85 72.99 12.93
CA SER ZA 23 122.74 73.21 12.01
C SER ZA 23 122.04 71.89 11.65
N ALA ZA 24 122.81 70.86 11.36
CA ALA ZA 24 122.23 69.56 11.05
C ALA ZA 24 121.46 69.01 12.24
N LEU ZA 25 122.03 69.13 13.44
CA LEU ZA 25 121.32 68.65 14.64
C LEU ZA 25 119.99 69.37 14.82
N SER ZA 26 120.01 70.69 14.71
CA SER ZA 26 118.79 71.47 14.90
C SER ZA 26 117.74 71.14 13.85
N SER ZA 27 118.17 71.00 12.59
CA SER ZA 27 117.22 70.67 11.53
C SER ZA 27 116.59 69.30 11.77
N SER ZA 28 117.40 68.32 12.16
CA SER ZA 28 116.85 66.99 12.42
C SER ZA 28 115.84 67.02 13.55
N ILE ZA 29 116.17 67.72 14.64
CA ILE ZA 29 115.26 67.76 15.78
C ILE ZA 29 113.96 68.47 15.40
N GLU ZA 30 114.06 69.59 14.69
CA GLU ZA 30 112.87 70.33 14.29
C GLU ZA 30 111.98 69.50 13.38
N ARG ZA 31 112.57 68.79 12.41
CA ARG ZA 31 111.76 67.96 11.52
C ARG ZA 31 111.11 66.83 12.28
N LEU ZA 32 111.82 66.23 13.25
CA LEU ZA 32 111.19 65.18 14.05
C LEU ZA 32 110.04 65.72 14.87
N SER ZA 33 110.19 66.91 15.45
CA SER ZA 33 109.13 67.46 16.30
C SER ZA 33 107.91 67.85 15.48
N SER ZA 34 108.12 68.58 14.38
CA SER ZA 34 106.99 69.08 13.61
C SER ZA 34 106.35 67.97 12.78
N GLY ZA 35 107.17 67.08 12.22
CA GLY ZA 35 106.69 66.02 11.35
C GLY ZA 35 106.70 66.37 9.88
N LEU ZA 36 106.95 67.63 9.53
CA LEU ZA 36 107.00 68.07 8.15
C LEU ZA 36 108.44 68.37 7.76
N ARG ZA 37 108.80 67.99 6.53
CA ARG ZA 37 110.14 68.27 6.04
C ARG ZA 37 110.34 69.74 5.73
N ILE ZA 38 109.29 70.41 5.26
CA ILE ZA 38 109.37 71.83 4.90
C ILE ZA 38 108.81 72.60 6.09
N ASN ZA 39 109.70 73.00 6.99
CA ASN ZA 39 109.32 73.75 8.17
C ASN ZA 39 109.43 75.26 7.99
N SER ZA 40 110.07 75.72 6.93
CA SER ZA 40 110.24 77.15 6.69
C SER ZA 40 110.56 77.35 5.21
N ALA ZA 41 110.47 78.62 4.79
CA ALA ZA 41 110.78 78.96 3.40
C ALA ZA 41 112.24 78.69 3.05
N LYS ZA 42 113.13 78.69 4.03
CA LYS ZA 42 114.54 78.46 3.74
C LYS ZA 42 114.78 77.05 3.23
N ASP ZA 43 113.94 76.10 3.61
CA ASP ZA 43 114.15 74.72 3.20
C ASP ZA 43 114.04 74.56 1.69
N ASP ZA 44 112.82 74.67 1.16
CA ASP ZA 44 112.58 74.59 -0.27
C ASP ZA 44 111.86 75.82 -0.80
N ALA ZA 45 110.66 76.08 -0.27
CA ALA ZA 45 109.75 77.18 -0.56
C ALA ZA 45 109.08 77.07 -1.93
N ALA ZA 46 109.66 76.29 -2.85
CA ALA ZA 46 108.86 75.85 -3.99
C ALA ZA 46 107.96 74.71 -3.57
N GLY ZA 47 108.52 73.77 -2.81
CA GLY ZA 47 107.69 72.77 -2.17
C GLY ZA 47 106.67 73.39 -1.24
N GLN ZA 48 107.07 74.44 -0.52
CA GLN ZA 48 106.13 75.11 0.37
C GLN ZA 48 105.01 75.80 -0.40
N ALA ZA 49 105.34 76.47 -1.51
CA ALA ZA 49 104.29 77.10 -2.30
C ALA ZA 49 103.33 76.07 -2.88
N ILE ZA 50 103.88 74.99 -3.43
CA ILE ZA 50 103.04 73.93 -3.99
C ILE ZA 50 102.18 73.31 -2.90
N ALA ZA 51 102.74 73.11 -1.71
CA ALA ZA 51 101.99 72.54 -0.61
C ALA ZA 51 100.87 73.47 -0.14
N ASN ZA 52 101.13 74.77 -0.11
CA ASN ZA 52 100.07 75.71 0.25
C ASN ZA 52 98.93 75.66 -0.76
N ARG ZA 53 99.27 75.62 -2.05
CA ARG ZA 53 98.22 75.49 -3.06
C ARG ZA 53 97.46 74.17 -2.91
N PHE ZA 54 98.18 73.10 -2.60
CA PHE ZA 54 97.54 71.79 -2.42
C PHE ZA 54 96.58 71.82 -1.24
N THR ZA 55 96.97 72.44 -0.13
CA THR ZA 55 96.10 72.53 1.03
C THR ZA 55 94.85 73.34 0.69
N SER ZA 56 95.01 74.45 -0.03
CA SER ZA 56 93.86 75.23 -0.46
C SER ZA 56 92.91 74.38 -1.29
N ASN ZA 57 93.46 73.62 -2.24
CA ASN ZA 57 92.62 72.77 -3.09
C ASN ZA 57 91.89 71.72 -2.26
N ILE ZA 58 92.59 71.11 -1.29
CA ILE ZA 58 91.96 70.07 -0.48
C ILE ZA 58 90.78 70.64 0.29
N LYS ZA 59 90.98 71.78 0.95
CA LYS ZA 59 89.90 72.38 1.72
C LYS ZA 59 88.73 72.77 0.83
N GLY ZA 60 89.04 73.35 -0.34
CA GLY ZA 60 87.97 73.73 -1.26
C GLY ZA 60 87.16 72.53 -1.74
N LEU ZA 61 87.84 71.43 -2.06
CA LEU ZA 61 87.12 70.26 -2.56
C LEU ZA 61 86.26 69.64 -1.47
N THR ZA 62 86.76 69.58 -0.23
CA THR ZA 62 85.94 69.07 0.86
C THR ZA 62 84.70 69.93 1.04
N GLN ZA 63 84.86 71.25 1.03
CA GLN ZA 63 83.71 72.13 1.19
C GLN ZA 63 82.73 71.96 0.03
N ALA ZA 64 83.25 71.74 -1.18
CA ALA ZA 64 82.39 71.55 -2.34
C ALA ZA 64 81.54 70.29 -2.21
N ALA ZA 65 82.15 69.19 -1.75
CA ALA ZA 65 81.37 67.97 -1.53
C ALA ZA 65 80.30 68.20 -0.48
N ARG ZA 66 80.65 68.90 0.60
CA ARG ZA 66 79.64 69.23 1.60
C ARG ZA 66 78.49 70.03 1.00
N ASN ZA 67 78.80 70.98 0.12
CA ASN ZA 67 77.76 71.77 -0.53
C ASN ZA 67 76.87 70.89 -1.40
N ALA ZA 68 77.47 69.95 -2.15
CA ALA ZA 68 76.70 69.09 -3.04
C ALA ZA 68 75.70 68.25 -2.25
N ASN ZA 69 76.08 67.82 -1.05
CA ASN ZA 69 75.13 67.06 -0.23
C ASN ZA 69 73.84 67.83 0.02
N ASP ZA 70 73.94 69.15 0.19
CA ASP ZA 70 72.74 69.96 0.42
C ASP ZA 70 71.81 69.94 -0.78
N GLY ZA 71 72.36 70.05 -1.99
CA GLY ZA 71 71.53 69.96 -3.18
C GLY ZA 71 70.85 68.61 -3.29
N ILE ZA 72 71.57 67.54 -2.93
CA ILE ZA 72 70.96 66.22 -2.90
C ILE ZA 72 69.75 66.20 -1.97
N SER ZA 73 69.90 66.80 -0.79
CA SER ZA 73 68.80 66.86 0.17
C SER ZA 73 67.62 67.63 -0.38
N VAL ZA 74 67.88 68.77 -1.02
CA VAL ZA 74 66.80 69.58 -1.59
C VAL ZA 74 66.01 68.77 -2.61
N ALA ZA 75 66.74 68.08 -3.49
CA ALA ZA 75 66.08 67.28 -4.52
C ALA ZA 75 65.24 66.17 -3.88
N GLN ZA 76 65.75 65.53 -2.83
CA GLN ZA 76 64.98 64.48 -2.18
C GLN ZA 76 63.66 65.02 -1.60
N THR ZA 77 63.75 66.15 -0.90
CA THR ZA 77 62.54 66.73 -0.30
C THR ZA 77 61.51 67.09 -1.37
N THR ZA 78 61.97 67.73 -2.44
CA THR ZA 78 61.04 68.11 -3.51
C THR ZA 78 60.42 66.88 -4.15
N GLU ZA 79 61.20 65.81 -4.32
CA GLU ZA 79 60.66 64.59 -4.90
C GLU ZA 79 59.58 63.98 -4.02
N GLY ZA 80 59.78 63.99 -2.70
CA GLY ZA 80 58.75 63.47 -1.82
C GLY ZA 80 57.45 64.24 -1.92
N ALA ZA 81 57.55 65.58 -1.92
CA ALA ZA 81 56.34 66.39 -2.08
C ALA ZA 81 55.65 66.11 -3.40
N LEU ZA 82 56.45 65.96 -4.47
CA LEU ZA 82 55.89 65.66 -5.78
C LEU ZA 82 55.17 64.32 -5.76
N SER ZA 83 55.72 63.33 -5.05
CA SER ZA 83 55.07 62.03 -4.97
C SER ZA 83 53.70 62.13 -4.32
N GLU ZA 84 53.61 62.90 -3.23
CA GLU ZA 84 52.30 63.07 -2.60
C GLU ZA 84 51.31 63.75 -3.55
N ILE ZA 85 51.76 64.78 -4.26
CA ILE ZA 85 50.89 65.46 -5.22
C ILE ZA 85 50.44 64.48 -6.30
N ASN ZA 86 51.33 63.60 -6.73
CA ASN ZA 86 50.99 62.61 -7.74
C ASN ZA 86 49.90 61.66 -7.24
N ASN ZA 87 50.01 61.22 -5.99
CA ASN ZA 87 48.97 60.34 -5.44
C ASN ZA 87 47.62 61.05 -5.40
N ASN ZA 88 47.62 62.32 -4.99
CA ASN ZA 88 46.35 63.06 -4.99
C ASN ZA 88 45.77 63.17 -6.40
N LEU ZA 89 46.62 63.45 -7.39
CA LEU ZA 89 46.15 63.53 -8.77
C LEU ZA 89 45.57 62.21 -9.24
N GLN ZA 90 46.21 61.10 -8.87
CA GLN ZA 90 45.70 59.79 -9.26
C GLN ZA 90 44.31 59.55 -8.70
N ARG ZA 91 44.11 59.88 -7.42
CA ARG ZA 91 42.79 59.70 -6.83
C ARG ZA 91 41.76 60.60 -7.50
N VAL ZA 92 42.15 61.83 -7.83
CA VAL ZA 92 41.24 62.74 -8.52
C VAL ZA 92 40.83 62.17 -9.87
N ARG ZA 93 41.78 61.57 -10.60
CA ARG ZA 93 41.44 60.97 -11.88
C ARG ZA 93 40.46 59.81 -11.71
N GLU ZA 94 40.69 58.96 -10.70
CA GLU ZA 94 39.78 57.85 -10.45
C GLU ZA 94 38.37 58.37 -10.19
N LEU ZA 95 38.25 59.43 -9.38
CA LEU ZA 95 36.92 59.93 -9.05
C LEU ZA 95 36.27 60.62 -10.23
N THR ZA 96 37.05 61.26 -11.11
CA THR ZA 96 36.47 61.79 -12.33
C THR ZA 96 35.92 60.68 -13.22
N VAL ZA 97 36.67 59.57 -13.32
CA VAL ZA 97 36.18 58.42 -14.07
C VAL ZA 97 34.86 57.93 -13.47
N GLN ZA 98 34.79 57.87 -12.14
CA GLN ZA 98 33.55 57.45 -11.51
C GLN ZA 98 32.41 58.43 -11.75
N ALA ZA 99 32.72 59.73 -11.81
CA ALA ZA 99 31.69 60.76 -11.91
C ALA ZA 99 31.14 60.92 -13.32
N THR ZA 100 31.94 60.63 -14.34
CA THR ZA 100 31.46 60.80 -15.72
C THR ZA 100 30.57 59.66 -16.15
N THR ZA 101 29.52 59.37 -15.39
CA THR ZA 101 28.59 58.28 -15.68
C THR ZA 101 27.17 58.80 -15.62
N GLY ZA 102 26.28 58.16 -16.40
CA GLY ZA 102 24.91 58.64 -16.50
C GLY ZA 102 24.00 58.22 -15.35
N THR ZA 103 24.35 57.17 -14.62
CA THR ZA 103 23.50 56.71 -13.53
C THR ZA 103 23.51 57.68 -12.35
N ASN ZA 104 24.64 58.35 -12.12
CA ASN ZA 104 24.76 59.23 -10.96
C ASN ZA 104 23.77 60.38 -11.04
N SER ZA 105 23.14 60.69 -9.91
CA SER ZA 105 22.21 61.80 -9.81
C SER ZA 105 22.97 63.09 -9.52
N GLU ZA 106 22.22 64.19 -9.34
CA GLU ZA 106 22.86 65.48 -9.10
C GLU ZA 106 23.53 65.53 -7.74
N SER ZA 107 22.91 64.92 -6.72
CA SER ZA 107 23.52 64.91 -5.40
C SER ZA 107 24.83 64.13 -5.40
N ASP ZA 108 24.88 63.03 -6.14
CA ASP ZA 108 26.12 62.26 -6.26
C ASP ZA 108 27.22 63.09 -6.89
N LEU ZA 109 26.89 63.82 -7.97
CA LEU ZA 109 27.88 64.69 -8.59
C LEU ZA 109 28.32 65.78 -7.63
N SER ZA 110 27.40 66.32 -6.84
CA SER ZA 110 27.76 67.34 -5.86
C SER ZA 110 28.75 66.80 -4.84
N SER ZA 111 28.49 65.60 -4.33
CA SER ZA 111 29.40 65.01 -3.34
C SER ZA 111 30.77 64.71 -3.96
N ILE ZA 112 30.78 64.16 -5.17
CA ILE ZA 112 32.04 63.87 -5.83
C ILE ZA 112 32.83 65.15 -6.07
N GLN ZA 113 32.15 66.22 -6.51
CA GLN ZA 113 32.83 67.49 -6.72
C GLN ZA 113 33.34 68.06 -5.41
N ASP ZA 114 32.58 67.91 -4.32
CA ASP ZA 114 33.05 68.36 -3.03
C ASP ZA 114 34.38 67.68 -2.66
N GLU ZA 115 34.42 66.36 -2.80
CA GLU ZA 115 35.65 65.65 -2.41
C GLU ZA 115 36.79 66.02 -3.35
N ILE ZA 116 36.49 66.17 -4.64
CA ILE ZA 116 37.53 66.53 -5.62
C ILE ZA 116 38.10 67.90 -5.31
N LYS ZA 117 37.24 68.85 -4.97
CA LYS ZA 117 37.71 70.18 -4.59
C LYS ZA 117 38.54 70.12 -3.32
N SER ZA 118 38.16 69.26 -2.38
CA SER ZA 118 38.96 69.10 -1.17
C SER ZA 118 40.36 68.61 -1.51
N ARG ZA 119 40.46 67.62 -2.40
CA ARG ZA 119 41.78 67.10 -2.75
C ARG ZA 119 42.59 68.11 -3.56
N LEU ZA 120 41.93 68.88 -4.43
CA LEU ZA 120 42.63 69.93 -5.16
C LEU ZA 120 43.16 71.01 -4.23
N ASP ZA 121 42.36 71.40 -3.23
CA ASP ZA 121 42.82 72.34 -2.22
C ASP ZA 121 43.98 71.77 -1.43
N GLU ZA 122 43.96 70.47 -1.16
CA GLU ZA 122 45.10 69.83 -0.50
C GLU ZA 122 46.35 69.90 -1.39
N ILE ZA 123 46.19 69.70 -2.69
CA ILE ZA 123 47.31 69.80 -3.61
C ILE ZA 123 47.91 71.21 -3.55
N ASP ZA 124 47.04 72.22 -3.62
CA ASP ZA 124 47.51 73.60 -3.52
C ASP ZA 124 48.19 73.87 -2.18
N ARG ZA 125 47.62 73.34 -1.10
CA ARG ZA 125 48.19 73.53 0.23
C ARG ZA 125 49.58 72.94 0.34
N VAL ZA 126 49.74 71.70 -0.13
CA VAL ZA 126 51.05 71.06 -0.09
C VAL ZA 126 52.05 71.81 -0.95
N SER ZA 127 51.61 72.28 -2.11
CA SER ZA 127 52.50 73.03 -2.99
C SER ZA 127 52.98 74.31 -2.31
N GLY ZA 128 52.04 75.08 -1.75
CA GLY ZA 128 52.41 76.36 -1.16
C GLY ZA 128 53.23 76.22 0.11
N GLN ZA 129 52.85 75.29 0.98
CA GLN ZA 129 53.41 75.24 2.32
C GLN ZA 129 54.83 74.66 2.34
N THR ZA 130 55.14 73.79 1.39
CA THR ZA 130 56.40 73.03 1.41
C THR ZA 130 57.57 73.98 1.23
N GLN ZA 131 58.36 74.15 2.29
CA GLN ZA 131 59.53 75.01 2.27
C GLN ZA 131 60.73 74.24 2.78
N PHE ZA 132 61.89 74.48 2.16
CA PHE ZA 132 63.16 73.93 2.62
C PHE ZA 132 64.10 75.08 2.91
N ASN ZA 133 64.60 75.13 4.16
CA ASN ZA 133 65.54 76.17 4.58
C ASN ZA 133 64.98 77.56 4.28
N GLY ZA 134 63.70 77.75 4.56
CA GLY ZA 134 63.05 79.02 4.28
C GLY ZA 134 62.97 79.36 2.82
N VAL ZA 135 62.82 78.36 1.95
CA VAL ZA 135 62.66 78.56 0.52
C VAL ZA 135 61.48 77.72 0.06
N ASN ZA 136 60.45 78.37 -0.48
CA ASN ZA 136 59.28 77.68 -1.01
C ASN ZA 136 59.64 77.10 -2.37
N VAL ZA 137 60.05 75.83 -2.37
CA VAL ZA 137 60.56 75.22 -3.59
C VAL ZA 137 59.46 75.10 -4.65
N LEU ZA 138 58.29 74.59 -4.25
CA LEU ZA 138 57.17 74.42 -5.18
C LEU ZA 138 56.21 75.60 -5.11
N ALA ZA 139 56.72 76.82 -5.25
CA ALA ZA 139 55.85 77.99 -5.28
C ALA ZA 139 56.26 79.03 -6.30
N LYS ZA 140 57.37 78.84 -7.02
CA LYS ZA 140 57.86 79.84 -7.96
C LYS ZA 140 58.93 79.21 -8.83
N ASN ZA 141 58.87 79.48 -10.13
CA ASN ZA 141 59.92 79.01 -11.03
C ASN ZA 141 61.25 79.67 -10.68
N GLY ZA 142 62.29 78.86 -10.60
CA GLY ZA 142 63.59 79.39 -10.23
C GLY ZA 142 64.67 78.36 -10.46
N SER ZA 143 65.85 78.64 -9.91
CA SER ZA 143 66.99 77.74 -10.08
C SER ZA 143 67.95 77.93 -8.91
N MET ZA 144 68.60 76.83 -8.53
CA MET ZA 144 69.64 76.84 -7.53
C MET ZA 144 70.97 76.45 -8.17
N LYS ZA 145 72.05 77.03 -7.65
CA LYS ZA 145 73.39 76.82 -8.19
C LYS ZA 145 74.26 76.24 -7.08
N ILE ZA 146 74.51 74.93 -7.15
CA ILE ZA 146 75.27 74.22 -6.13
C ILE ZA 146 76.76 74.34 -6.45
N GLN ZA 147 77.53 74.90 -5.52
CA GLN ZA 147 78.97 75.05 -5.69
C GLN ZA 147 79.64 73.70 -5.48
N VAL ZA 148 80.11 73.09 -6.57
CA VAL ZA 148 80.70 71.76 -6.49
C VAL ZA 148 82.14 71.81 -6.98
N GLY ZA 149 82.81 72.95 -6.80
CA GLY ZA 149 84.19 73.10 -7.21
C GLY ZA 149 84.96 73.96 -6.23
N ALA ZA 150 86.26 74.12 -6.52
CA ALA ZA 150 87.14 74.92 -5.70
C ALA ZA 150 87.29 76.35 -6.19
N ASN ZA 151 87.21 76.57 -7.50
CA ASN ZA 151 87.32 77.90 -8.07
C ASN ZA 151 85.94 78.54 -8.15
N ASP ZA 152 85.83 79.65 -8.86
CA ASP ZA 152 84.56 80.33 -9.05
C ASP ZA 152 83.88 79.81 -10.32
N ASN ZA 153 82.56 79.98 -10.36
CA ASN ZA 153 81.72 79.50 -11.46
C ASN ZA 153 81.91 77.99 -11.66
N GLN ZA 154 81.59 77.25 -10.62
CA GLN ZA 154 81.73 75.80 -10.58
C GLN ZA 154 80.41 75.16 -10.17
N THR ZA 155 79.32 75.61 -10.79
CA THR ZA 155 77.99 75.33 -10.30
C THR ZA 155 77.28 74.26 -11.14
N ILE ZA 156 76.47 73.45 -10.46
CA ILE ZA 156 75.49 72.58 -11.09
C ILE ZA 156 74.11 73.17 -10.83
N THR ZA 157 73.34 73.39 -11.88
CA THR ZA 157 72.09 74.14 -11.79
C THR ZA 157 70.94 73.17 -11.53
N ILE ZA 158 70.26 73.36 -10.40
CA ILE ZA 158 69.03 72.64 -10.08
C ILE ZA 158 67.85 73.53 -10.43
N ASP ZA 159 66.87 72.97 -11.13
CA ASP ZA 159 65.72 73.73 -11.60
C ASP ZA 159 64.50 73.38 -10.77
N LEU ZA 160 63.70 74.41 -10.43
CA LEU ZA 160 62.49 74.24 -9.66
C LEU ZA 160 61.34 74.89 -10.42
N LYS ZA 161 60.25 74.15 -10.59
CA LYS ZA 161 59.08 74.63 -11.30
C LYS ZA 161 57.92 74.82 -10.32
N GLN ZA 162 57.17 75.90 -10.52
CA GLN ZA 162 55.97 76.14 -9.73
C GLN ZA 162 54.91 75.11 -10.11
N ILE ZA 163 54.61 74.20 -9.19
CA ILE ZA 163 53.65 73.13 -9.41
C ILE ZA 163 52.44 73.41 -8.53
N ASP ZA 164 51.33 73.77 -9.16
CA ASP ZA 164 50.09 74.03 -8.44
C ASP ZA 164 48.94 73.97 -9.44
N ALA ZA 165 47.73 74.26 -8.95
CA ALA ZA 165 46.54 74.16 -9.80
C ALA ZA 165 46.63 75.09 -11.01
N LYS ZA 166 47.09 76.33 -10.79
CA LYS ZA 166 47.16 77.29 -11.90
C LYS ZA 166 48.14 76.82 -12.97
N THR ZA 167 49.29 76.29 -12.57
CA THR ZA 167 50.30 75.84 -13.51
C THR ZA 167 50.09 74.41 -13.97
N LEU ZA 168 48.90 73.86 -13.75
CA LEU ZA 168 48.57 72.52 -14.22
C LEU ZA 168 47.29 72.46 -15.04
N GLY ZA 169 46.56 73.56 -15.16
CA GLY ZA 169 45.29 73.57 -15.86
C GLY ZA 169 44.10 73.22 -15.02
N LEU ZA 170 44.30 72.80 -13.78
CA LEU ZA 170 43.21 72.45 -12.87
C LEU ZA 170 42.80 73.62 -12.01
N ASP ZA 171 42.52 74.76 -12.64
CA ASP ZA 171 42.05 75.96 -11.97
C ASP ZA 171 40.58 76.13 -12.28
N GLY ZA 172 39.72 75.71 -11.35
CA GLY ZA 172 38.30 75.68 -11.59
C GLY ZA 172 37.77 74.35 -12.08
N PHE ZA 173 38.55 73.28 -11.93
CA PHE ZA 173 38.15 71.95 -12.39
C PHE ZA 173 36.90 71.48 -11.64
N SER ZA 174 35.78 71.38 -12.34
CA SER ZA 174 34.52 70.99 -11.74
C SER ZA 174 33.86 69.90 -12.58
N VAL ZA 175 33.00 69.11 -11.92
CA VAL ZA 175 32.28 68.04 -12.59
C VAL ZA 175 30.78 68.19 -12.34
N LYS ZA 176 30.35 69.41 -12.06
CA LYS ZA 176 28.93 69.68 -11.81
C LYS ZA 176 28.61 71.10 -12.24
N ASN ZA 177 27.32 71.35 -12.45
CA ASN ZA 177 26.85 72.66 -12.89
C ASN ZA 177 26.43 73.51 -11.71
N THR ZA 407 33.24 71.01 -16.79
CA THR ZA 407 34.53 71.03 -17.45
C THR ZA 407 34.54 70.14 -18.67
N THR ZA 408 35.06 70.65 -19.78
CA THR ZA 408 35.11 69.90 -21.03
C THR ZA 408 36.40 69.09 -21.10
N ASP ZA 409 36.27 67.82 -21.44
CA ASP ZA 409 37.39 66.89 -21.55
C ASP ZA 409 38.24 66.87 -20.28
N PRO ZA 410 37.68 66.43 -19.15
CA PRO ZA 410 38.45 66.48 -17.89
C PRO ZA 410 39.61 65.50 -17.86
N LEU ZA 411 39.41 64.29 -18.38
CA LEU ZA 411 40.42 63.25 -18.26
C LEU ZA 411 41.69 63.62 -19.03
N LYS ZA 412 41.54 64.26 -20.19
CA LYS ZA 412 42.71 64.70 -20.93
C LYS ZA 412 43.53 65.71 -20.13
N ALA ZA 413 42.85 66.66 -19.49
CA ALA ZA 413 43.55 67.63 -18.67
C ALA ZA 413 44.26 66.97 -17.49
N LEU ZA 414 43.59 65.99 -16.86
CA LEU ZA 414 44.20 65.31 -15.73
C LEU ZA 414 45.44 64.52 -16.16
N ASP ZA 415 45.35 63.84 -17.31
CA ASP ZA 415 46.51 63.13 -17.83
C ASP ZA 415 47.64 64.10 -18.15
N ASP ZA 416 47.29 65.26 -18.71
CA ASP ZA 416 48.32 66.26 -19.01
C ASP ZA 416 49.01 66.74 -17.75
N ALA ZA 417 48.25 66.95 -16.66
CA ALA ZA 417 48.85 67.37 -15.41
C ALA ZA 417 49.78 66.29 -14.86
N ILE ZA 418 49.36 65.03 -14.92
CA ILE ZA 418 50.21 63.94 -14.43
C ILE ZA 418 51.49 63.87 -15.24
N ALA ZA 419 51.39 63.98 -16.56
CA ALA ZA 419 52.58 63.94 -17.41
C ALA ZA 419 53.44 65.18 -17.22
N SER ZA 420 52.86 66.29 -16.77
CA SER ZA 420 53.65 67.49 -16.51
C SER ZA 420 54.41 67.40 -15.20
N VAL ZA 421 53.86 66.72 -14.19
CA VAL ZA 421 54.62 66.57 -12.96
C VAL ZA 421 55.68 65.48 -13.09
N ASP ZA 422 55.42 64.47 -13.92
CA ASP ZA 422 56.41 63.40 -14.09
C ASP ZA 422 57.70 63.92 -14.73
N LYS ZA 423 57.60 64.91 -15.61
CA LYS ZA 423 58.79 65.48 -16.22
C LYS ZA 423 59.69 66.13 -15.19
N PHE ZA 424 59.11 66.91 -14.28
CA PHE ZA 424 59.89 67.55 -13.23
C PHE ZA 424 60.48 66.51 -12.30
N ARG ZA 425 59.73 65.44 -12.02
CA ARG ZA 425 60.29 64.36 -11.20
C ARG ZA 425 61.52 63.74 -11.87
N SER ZA 426 61.44 63.50 -13.17
CA SER ZA 426 62.56 62.92 -13.90
C SER ZA 426 63.77 63.85 -13.88
N SER ZA 427 63.54 65.15 -14.05
CA SER ZA 427 64.65 66.11 -13.98
C SER ZA 427 65.30 66.08 -12.60
N LEU ZA 428 64.49 65.98 -11.55
CA LEU ZA 428 65.04 65.88 -10.19
C LEU ZA 428 65.90 64.64 -10.03
N GLY ZA 429 65.42 63.50 -10.53
CA GLY ZA 429 66.23 62.28 -10.46
C GLY ZA 429 67.55 62.41 -11.19
N ALA ZA 430 67.52 63.05 -12.37
CA ALA ZA 430 68.74 63.24 -13.14
C ALA ZA 430 69.74 64.10 -12.38
N VAL ZA 431 69.26 65.19 -11.78
CA VAL ZA 431 70.19 66.05 -11.06
C VAL ZA 431 70.72 65.36 -9.81
N GLN ZA 432 69.90 64.49 -9.18
CA GLN ZA 432 70.40 63.71 -8.05
C GLN ZA 432 71.56 62.81 -8.48
N ASN ZA 433 71.39 62.12 -9.61
CA ASN ZA 433 72.46 61.25 -10.09
C ASN ZA 433 73.73 62.04 -10.39
N ARG ZA 434 73.57 63.19 -11.04
CA ARG ZA 434 74.74 64.02 -11.35
C ARG ZA 434 75.45 64.47 -10.08
N LEU ZA 435 74.69 64.89 -9.08
CA LEU ZA 435 75.31 65.34 -7.83
C LEU ZA 435 76.05 64.22 -7.14
N ASP ZA 436 75.48 63.01 -7.13
CA ASP ZA 436 76.15 61.88 -6.49
C ASP ZA 436 77.46 61.55 -7.19
N SER ZA 437 77.44 61.56 -8.52
CA SER ZA 437 78.68 61.32 -9.26
C SER ZA 437 79.72 62.39 -8.96
N ALA ZA 438 79.28 63.65 -8.86
CA ALA ZA 438 80.19 64.73 -8.53
C ALA ZA 438 80.82 64.52 -7.15
N VAL ZA 439 80.02 64.11 -6.17
CA VAL ZA 439 80.56 63.86 -4.83
C VAL ZA 439 81.61 62.76 -4.87
N THR ZA 440 81.33 61.67 -5.59
CA THR ZA 440 82.31 60.60 -5.68
C THR ZA 440 83.62 61.07 -6.31
N ASN ZA 441 83.52 61.82 -7.40
CA ASN ZA 441 84.72 62.32 -8.06
C ASN ZA 441 85.50 63.26 -7.14
N LEU ZA 442 84.80 64.11 -6.39
CA LEU ZA 442 85.47 65.02 -5.48
C LEU ZA 442 86.20 64.25 -4.38
N ASN ZA 443 85.59 63.18 -3.87
CA ASN ZA 443 86.26 62.36 -2.86
C ASN ZA 443 87.54 61.76 -3.42
N ASN ZA 444 87.48 61.21 -4.63
CA ASN ZA 444 88.68 60.60 -5.21
C ASN ZA 444 89.77 61.64 -5.42
N THR ZA 445 89.41 62.80 -5.97
CA THR ZA 445 90.40 63.84 -6.22
C THR ZA 445 91.02 64.34 -4.92
N THR ZA 446 90.20 64.50 -3.88
CA THR ZA 446 90.71 64.95 -2.59
C THR ZA 446 91.72 63.95 -2.04
N THR ZA 447 91.40 62.65 -2.12
CA THR ZA 447 92.34 61.66 -1.62
C THR ZA 447 93.66 61.71 -2.38
N ASN ZA 448 93.58 61.79 -3.72
CA ASN ZA 448 94.80 61.83 -4.51
C ASN ZA 448 95.65 63.06 -4.20
N LEU ZA 449 95.02 64.23 -4.09
CA LEU ZA 449 95.77 65.45 -3.81
C LEU ZA 449 96.36 65.43 -2.42
N SER ZA 450 95.63 64.87 -1.44
CA SER ZA 450 96.18 64.76 -0.09
C SER ZA 450 97.41 63.87 -0.08
N GLU ZA 451 97.35 62.76 -0.82
CA GLU ZA 451 98.50 61.86 -0.82
C GLU ZA 451 99.69 62.50 -1.54
N ALA ZA 452 99.43 63.31 -2.57
CA ALA ZA 452 100.51 64.05 -3.22
C ALA ZA 452 101.14 65.07 -2.27
N GLN ZA 453 100.31 65.79 -1.53
CA GLN ZA 453 100.83 66.74 -0.55
C GLN ZA 453 101.67 66.02 0.50
N SER ZA 454 101.27 64.79 0.86
CA SER ZA 454 102.10 63.97 1.73
C SER ZA 454 103.43 63.66 1.09
N ARG ZA 455 103.43 63.32 -0.20
CA ARG ZA 455 104.70 63.07 -0.88
C ARG ZA 455 105.57 64.30 -1.02
N ILE ZA 456 105.01 65.49 -0.85
CA ILE ZA 456 105.76 66.73 -1.06
C ILE ZA 456 106.28 67.29 0.26
N GLN ZA 457 105.38 67.53 1.22
CA GLN ZA 457 105.74 68.28 2.43
C GLN ZA 457 106.05 67.39 3.62
N ASP ZA 458 105.61 66.13 3.63
CA ASP ZA 458 105.74 65.29 4.80
C ASP ZA 458 107.11 64.64 4.86
N ALA ZA 459 107.56 64.35 6.07
CA ALA ZA 459 108.93 63.88 6.31
C ALA ZA 459 108.95 62.38 6.60
N ASP ZA 460 110.06 61.75 6.21
CA ASP ZA 460 110.29 60.32 6.44
C ASP ZA 460 111.05 60.17 7.75
N TYR ZA 461 110.43 59.50 8.72
CA TYR ZA 461 110.95 59.52 10.08
C TYR ZA 461 112.21 58.66 10.24
N ALA ZA 462 112.36 57.60 9.44
CA ALA ZA 462 113.55 56.76 9.56
C ALA ZA 462 114.82 57.57 9.27
N THR ZA 463 114.81 58.32 8.17
CA THR ZA 463 115.95 59.15 7.83
C THR ZA 463 116.21 60.21 8.89
N GLU ZA 464 115.14 60.81 9.40
CA GLU ZA 464 115.30 61.85 10.41
C GLU ZA 464 115.91 61.30 11.70
N VAL ZA 465 115.46 60.12 12.13
CA VAL ZA 465 116.02 59.51 13.33
C VAL ZA 465 117.48 59.16 13.13
N SER ZA 466 117.82 58.60 11.96
CA SER ZA 466 119.23 58.28 11.70
C SER ZA 466 120.09 59.54 11.70
N ASN ZA 467 119.62 60.61 11.07
CA ASN ZA 467 120.37 61.85 11.05
C ASN ZA 467 120.52 62.44 12.44
N MET ZA 468 119.47 62.35 13.26
CA MET ZA 468 119.54 62.85 14.64
C MET ZA 468 120.59 62.08 15.44
N SER ZA 469 120.59 60.76 15.33
CA SER ZA 469 121.59 59.97 16.06
C SER ZA 469 123.00 60.31 15.59
N LYS ZA 470 123.20 60.41 14.28
CA LYS ZA 470 124.51 60.75 13.76
C LYS ZA 470 124.95 62.13 14.24
N ALA ZA 471 124.03 63.09 14.25
CA ALA ZA 471 124.38 64.43 14.70
C ALA ZA 471 124.76 64.45 16.17
N GLN ZA 472 124.05 63.69 17.01
CA GLN ZA 472 124.41 63.64 18.42
C GLN ZA 472 125.79 63.02 18.62
N ILE ZA 473 126.08 61.94 17.89
CA ILE ZA 473 127.41 61.34 18.00
C ILE ZA 473 128.48 62.35 17.56
N ILE ZA 474 128.22 63.07 16.47
CA ILE ZA 474 129.17 64.07 15.99
C ILE ZA 474 129.40 65.14 17.05
N GLN ZA 475 128.31 65.60 17.69
CA GLN ZA 475 128.43 66.66 18.68
C GLN ZA 475 129.29 66.20 19.86
N GLN ZA 476 129.03 64.99 20.37
CA GLN ZA 476 129.81 64.52 21.52
C GLN ZA 476 131.27 64.31 21.13
N ALA ZA 477 131.52 63.78 19.93
CA ALA ZA 477 132.89 63.60 19.48
C ALA ZA 477 133.61 64.95 19.37
N GLY ZA 478 132.94 65.95 18.82
CA GLY ZA 478 133.54 67.27 18.71
C GLY ZA 478 133.82 67.87 20.06
N ASN ZA 479 132.93 67.66 21.02
CA ASN ZA 479 133.17 68.17 22.37
C ASN ZA 479 134.40 67.52 22.99
N SER ZA 480 134.56 66.20 22.81
CA SER ZA 480 135.73 65.53 23.35
C SER ZA 480 137.02 66.03 22.68
N VAL ZA 481 136.98 66.21 21.35
CA VAL ZA 481 138.17 66.70 20.66
C VAL ZA 481 138.50 68.12 21.08
N LEU ZA 482 137.47 68.94 21.35
CA LEU ZA 482 137.72 70.29 21.84
C LEU ZA 482 138.39 70.26 23.21
N ALA ZA 483 137.92 69.37 24.10
CA ALA ZA 483 138.55 69.24 25.40
C ALA ZA 483 140.01 68.85 25.26
N LYS ZA 484 140.31 67.90 24.37
CA LYS ZA 484 141.70 67.48 24.17
C LYS ZA 484 142.53 68.62 23.58
N ALA ZA 485 141.94 69.39 22.66
CA ALA ZA 485 142.66 70.50 22.04
C ALA ZA 485 143.03 71.55 23.08
N ASN ZA 486 142.11 71.88 23.97
CA ASN ZA 486 142.43 72.79 25.06
C ASN ZA 486 143.40 72.17 26.06
N GLN ZA 487 143.42 70.84 26.16
CA GLN ZA 487 144.39 70.17 27.03
C GLN ZA 487 145.80 70.28 26.47
N VAL ZA 488 145.93 70.34 25.13
CA VAL ZA 488 147.25 70.29 24.51
C VAL ZA 488 148.21 71.35 25.01
N PRO ZA 489 147.85 72.64 25.09
CA PRO ZA 489 148.88 73.68 25.32
C PRO ZA 489 149.57 73.65 26.68
N GLN ZA 490 149.26 72.67 27.53
CA GLN ZA 490 149.85 72.64 28.88
C GLN ZA 490 151.36 72.43 28.87
N GLN ZA 491 151.93 71.93 27.78
CA GLN ZA 491 153.35 71.56 27.77
C GLN ZA 491 154.26 72.76 27.95
N VAL ZA 492 153.80 73.96 27.61
CA VAL ZA 492 154.65 75.14 27.81
C VAL ZA 492 154.90 75.38 29.29
N LEU ZA 493 153.95 75.00 30.14
CA LEU ZA 493 154.18 75.10 31.58
C LEU ZA 493 155.32 74.20 32.01
N SER ZA 494 155.37 72.97 31.48
CA SER ZA 494 156.49 72.08 31.77
C SER ZA 494 157.79 72.66 31.24
N LEU ZA 495 157.75 73.26 30.05
CA LEU ZA 495 158.93 73.92 29.50
C LEU ZA 495 159.45 75.00 30.45
N LEU ZA 496 158.55 75.88 30.91
CA LEU ZA 496 158.98 76.97 31.76
C LEU ZA 496 159.47 76.48 33.12
N GLN ZA 497 158.79 75.48 33.69
CA GLN ZA 497 159.17 74.98 35.01
C GLN ZA 497 160.56 74.37 34.97
N GLY ZA 498 160.85 73.59 33.94
CA GLY ZA 498 162.15 72.94 33.81
C GLY ZA 498 162.05 71.43 33.70
N GLN AB 3 -28.70 -30.41 -29.69
CA GLN AB 3 -29.31 -29.28 -29.03
C GLN AB 3 -29.77 -28.26 -30.07
N VAL AB 4 -29.68 -28.69 -31.32
CA VAL AB 4 -29.89 -27.84 -32.49
C VAL AB 4 -31.18 -27.03 -32.41
N ILE AB 5 -31.07 -25.72 -32.65
CA ILE AB 5 -32.22 -24.83 -32.65
C ILE AB 5 -32.53 -24.26 -34.02
N ASN AB 6 -31.71 -24.57 -35.03
CA ASN AB 6 -32.00 -24.17 -36.40
C ASN AB 6 -32.84 -25.20 -37.14
N THR AB 7 -33.12 -26.34 -36.52
CA THR AB 7 -33.95 -27.39 -37.11
C THR AB 7 -34.67 -28.12 -35.98
N ASN AB 8 -35.96 -28.40 -36.20
CA ASN AB 8 -36.81 -29.01 -35.18
C ASN AB 8 -37.37 -30.33 -35.67
N SER AB 9 -36.49 -31.19 -36.20
CA SER AB 9 -36.85 -32.43 -36.89
C SER AB 9 -38.03 -33.16 -36.29
N LEU AB 10 -38.10 -33.23 -34.95
CA LEU AB 10 -39.24 -33.88 -34.30
C LEU AB 10 -40.55 -33.19 -34.68
N SER AB 11 -40.55 -31.86 -34.72
CA SER AB 11 -41.75 -31.14 -35.15
C SER AB 11 -42.09 -31.48 -36.59
N LEU AB 12 -41.08 -31.62 -37.46
CA LEU AB 12 -41.34 -31.98 -38.84
C LEU AB 12 -41.98 -33.35 -38.94
N ILE AB 13 -41.49 -34.33 -38.16
CA ILE AB 13 -42.08 -35.66 -38.15
C ILE AB 13 -43.53 -35.58 -37.69
N THR AB 14 -43.79 -34.82 -36.63
CA THR AB 14 -45.15 -34.72 -36.12
C THR AB 14 -46.09 -34.10 -37.14
N GLN AB 15 -45.63 -33.04 -37.81
CA GLN AB 15 -46.45 -32.42 -38.85
C GLN AB 15 -46.70 -33.39 -40.00
N ASN AB 16 -45.70 -34.17 -40.38
CA ASN AB 16 -45.89 -35.16 -41.44
C ASN AB 16 -46.95 -36.19 -41.03
N ASN AB 17 -46.89 -36.66 -39.78
CA ASN AB 17 -47.89 -37.63 -39.32
C ASN AB 17 -49.28 -37.02 -39.29
N ILE AB 18 -49.39 -35.76 -38.87
CA ILE AB 18 -50.70 -35.10 -38.85
C ILE AB 18 -51.24 -34.96 -40.27
N ASN AB 19 -50.38 -34.59 -41.21
CA ASN AB 19 -50.80 -34.49 -42.60
C ASN AB 19 -51.26 -35.84 -43.14
N LYS AB 20 -50.56 -36.90 -42.77
CA LYS AB 20 -50.99 -38.25 -43.15
C LYS AB 20 -52.36 -38.57 -42.56
N ASN AB 21 -52.60 -38.20 -41.30
CA ASN AB 21 -53.86 -38.52 -40.66
C ASN AB 21 -55.02 -37.74 -41.26
N GLN AB 22 -54.77 -36.52 -41.75
CA GLN AB 22 -55.86 -35.65 -42.21
C GLN AB 22 -56.76 -36.33 -43.24
N SER AB 23 -56.17 -37.14 -44.12
CA SER AB 23 -56.94 -37.72 -45.22
C SER AB 23 -58.04 -38.64 -44.72
N ALA AB 24 -57.73 -39.47 -43.71
CA ALA AB 24 -58.72 -40.40 -43.19
C ALA AB 24 -59.90 -39.65 -42.57
N LEU AB 25 -59.62 -38.60 -41.79
CA LEU AB 25 -60.69 -37.81 -41.20
C LEU AB 25 -61.55 -37.16 -42.28
N SER AB 26 -60.91 -36.58 -43.29
CA SER AB 26 -61.66 -35.94 -44.36
C SER AB 26 -62.56 -36.94 -45.08
N SER AB 27 -62.01 -38.12 -45.40
CA SER AB 27 -62.80 -39.13 -46.09
C SER AB 27 -63.96 -39.61 -45.24
N SER AB 28 -63.73 -39.82 -43.94
CA SER AB 28 -64.80 -40.29 -43.06
C SER AB 28 -65.92 -39.26 -42.97
N ILE AB 29 -65.57 -37.98 -42.79
CA ILE AB 29 -66.59 -36.94 -42.71
C ILE AB 29 -67.36 -36.84 -44.02
N GLU AB 30 -66.67 -36.89 -45.15
CA GLU AB 30 -67.34 -36.78 -46.44
C GLU AB 30 -68.29 -37.96 -46.66
N ARG AB 31 -67.84 -39.17 -46.32
CA ARG AB 31 -68.70 -40.34 -46.51
C ARG AB 31 -69.91 -40.30 -45.59
N LEU AB 32 -69.72 -39.83 -44.35
CA LEU AB 32 -70.86 -39.72 -43.45
C LEU AB 32 -71.85 -38.67 -43.93
N SER AB 33 -71.36 -37.56 -44.47
CA SER AB 33 -72.25 -36.51 -44.95
C SER AB 33 -73.02 -36.96 -46.18
N SER AB 34 -72.31 -37.52 -47.18
CA SER AB 34 -72.97 -37.91 -48.42
C SER AB 34 -73.78 -39.18 -48.26
N GLY AB 35 -73.28 -40.15 -47.49
CA GLY AB 35 -73.90 -41.44 -47.35
C GLY AB 35 -73.47 -42.47 -48.37
N LEU AB 36 -72.68 -42.06 -49.36
CA LEU AB 36 -72.18 -42.97 -50.40
C LEU AB 36 -70.71 -43.24 -50.15
N ARG AB 37 -70.33 -44.52 -50.22
CA ARG AB 37 -68.93 -44.88 -50.04
C ARG AB 37 -68.08 -44.39 -51.20
N ILE AB 38 -68.63 -44.36 -52.41
CA ILE AB 38 -67.92 -43.92 -53.60
C ILE AB 38 -68.38 -42.50 -53.90
N ASN AB 39 -67.58 -41.52 -53.49
CA ASN AB 39 -67.87 -40.12 -53.73
C ASN AB 39 -67.14 -39.56 -54.94
N SER AB 40 -66.12 -40.25 -55.44
CA SER AB 40 -65.33 -39.76 -56.55
C SER AB 40 -64.67 -40.95 -57.25
N ALA AB 41 -64.15 -40.69 -58.44
CA ALA AB 41 -63.46 -41.74 -59.19
C ALA AB 41 -62.20 -42.20 -58.46
N LYS AB 42 -61.62 -41.34 -57.64
CA LYS AB 42 -60.45 -41.76 -56.86
C LYS AB 42 -60.79 -42.87 -55.90
N ASP AB 43 -62.04 -42.97 -55.45
CA ASP AB 43 -62.42 -43.99 -54.50
C ASP AB 43 -62.31 -45.38 -55.12
N ASP AB 44 -63.24 -45.73 -56.01
CA ASP AB 44 -63.19 -46.98 -56.74
C ASP AB 44 -63.22 -46.76 -58.25
N ALA AB 45 -64.27 -46.12 -58.75
CA ALA AB 45 -64.56 -45.78 -60.14
C ALA AB 45 -64.91 -46.99 -61.00
N ALA AB 46 -64.53 -48.20 -60.56
CA ALA AB 46 -65.13 -49.39 -61.15
C ALA AB 46 -66.50 -49.63 -60.55
N GLY AB 47 -66.58 -49.55 -59.22
CA GLY AB 47 -67.87 -49.51 -58.57
C GLY AB 47 -68.70 -48.32 -59.02
N GLN AB 48 -68.05 -47.19 -59.31
CA GLN AB 48 -68.78 -46.03 -59.77
C GLN AB 48 -69.35 -46.24 -61.17
N ALA AB 49 -68.58 -46.85 -62.08
CA ALA AB 49 -69.12 -47.16 -63.39
C ALA AB 49 -70.26 -48.16 -63.30
N ILE AB 50 -70.09 -49.20 -62.48
CA ILE AB 50 -71.16 -50.18 -62.30
C ILE AB 50 -72.40 -49.52 -61.72
N ALA AB 51 -72.22 -48.61 -60.76
CA ALA AB 51 -73.34 -47.90 -60.15
C ALA AB 51 -74.05 -47.01 -61.16
N ASN AB 52 -73.29 -46.34 -62.03
CA ASN AB 52 -73.91 -45.51 -63.07
C ASN AB 52 -74.77 -46.38 -63.99
N ARG AB 53 -74.24 -47.51 -64.42
CA ARG AB 53 -75.01 -48.40 -65.28
C ARG AB 53 -76.24 -48.95 -64.55
N PHE AB 54 -76.10 -49.26 -63.26
CA PHE AB 54 -77.22 -49.77 -62.48
C PHE AB 54 -78.31 -48.72 -62.35
N THR AB 55 -77.93 -47.46 -62.11
CA THR AB 55 -78.91 -46.39 -62.03
C THR AB 55 -79.65 -46.23 -63.35
N SER AB 56 -78.90 -46.28 -64.46
CA SER AB 56 -79.54 -46.21 -65.77
C SER AB 56 -80.54 -47.33 -65.95
N ASN AB 57 -80.16 -48.55 -65.58
CA ASN AB 57 -81.08 -49.69 -65.72
C ASN AB 57 -82.31 -49.51 -64.85
N ILE AB 58 -82.14 -49.04 -63.61
CA ILE AB 58 -83.27 -48.87 -62.71
C ILE AB 58 -84.26 -47.87 -63.28
N LYS AB 59 -83.76 -46.72 -63.73
CA LYS AB 59 -84.64 -45.68 -64.27
C LYS AB 59 -85.35 -46.17 -65.53
N GLY AB 60 -84.62 -46.85 -66.41
CA GLY AB 60 -85.24 -47.37 -67.62
C GLY AB 60 -86.33 -48.38 -67.34
N LEU AB 61 -86.08 -49.29 -66.39
CA LEU AB 61 -87.07 -50.33 -66.11
C LEU AB 61 -88.31 -49.74 -65.46
N THR AB 62 -88.14 -48.77 -64.55
CA THR AB 62 -89.30 -48.11 -63.97
C THR AB 62 -90.12 -47.42 -65.04
N GLN AB 63 -89.45 -46.71 -65.96
CA GLN AB 63 -90.18 -46.05 -67.04
C GLN AB 63 -90.90 -47.06 -67.91
N ALA AB 64 -90.28 -48.22 -68.16
CA ALA AB 64 -90.90 -49.24 -68.98
C ALA AB 64 -92.16 -49.79 -68.32
N ALA AB 65 -92.13 -50.00 -67.01
CA ALA AB 65 -93.34 -50.45 -66.31
C ALA AB 65 -94.45 -49.40 -66.41
N ARG AB 66 -94.09 -48.13 -66.24
CA ARG AB 66 -95.08 -47.07 -66.39
C ARG AB 66 -95.69 -47.08 -67.79
N ASN AB 67 -94.87 -47.34 -68.81
CA ASN AB 67 -95.38 -47.44 -70.17
C ASN AB 67 -96.33 -48.63 -70.32
N ALA AB 68 -95.98 -49.77 -69.75
CA ALA AB 68 -96.80 -50.97 -69.91
C ALA AB 68 -98.19 -50.79 -69.30
N ASN AB 69 -98.27 -50.04 -68.20
CA ASN AB 69 -99.59 -49.77 -67.62
C ASN AB 69 -100.51 -49.09 -68.63
N ASP AB 70 -99.96 -48.21 -69.47
CA ASP AB 70 -100.76 -47.53 -70.48
C ASP AB 70 -101.34 -48.51 -71.49
N GLY AB 71 -100.53 -49.49 -71.93
CA GLY AB 71 -101.05 -50.51 -72.84
C GLY AB 71 -102.16 -51.32 -72.19
N ILE AB 72 -102.02 -51.62 -70.90
CA ILE AB 72 -103.09 -52.31 -70.19
C ILE AB 72 -104.37 -51.48 -70.24
N SER AB 73 -104.25 -50.17 -70.03
CA SER AB 73 -105.42 -49.30 -70.07
C SER AB 73 -106.06 -49.29 -71.46
N VAL AB 74 -105.24 -49.23 -72.51
CA VAL AB 74 -105.76 -49.24 -73.88
C VAL AB 74 -106.55 -50.51 -74.13
N ALA AB 75 -105.99 -51.65 -73.74
CA ALA AB 75 -106.69 -52.91 -73.94
C ALA AB 75 -108.02 -52.94 -73.19
N GLN AB 76 -108.03 -52.42 -71.95
CA GLN AB 76 -109.27 -52.39 -71.18
C GLN AB 76 -110.34 -51.57 -71.88
N THR AB 77 -109.98 -50.38 -72.36
CA THR AB 77 -110.95 -49.52 -73.02
C THR AB 77 -111.51 -50.18 -74.28
N THR AB 78 -110.62 -50.77 -75.09
CA THR AB 78 -111.09 -51.42 -76.31
C THR AB 78 -112.01 -52.59 -75.99
N GLU AB 79 -111.69 -53.36 -74.94
CA GLU AB 79 -112.53 -54.48 -74.57
C GLU AB 79 -113.90 -54.02 -74.10
N GLY AB 80 -113.96 -52.90 -73.39
CA GLY AB 80 -115.27 -52.36 -73.00
C GLY AB 80 -116.12 -51.99 -74.19
N ALA AB 81 -115.51 -51.30 -75.16
CA ALA AB 81 -116.25 -50.97 -76.38
C ALA AB 81 -116.72 -52.23 -77.10
N LEU AB 82 -115.86 -53.26 -77.14
CA LEU AB 82 -116.23 -54.51 -77.78
C LEU AB 82 -117.41 -55.17 -77.06
N SER AB 83 -117.44 -55.07 -75.73
CA SER AB 83 -118.56 -55.64 -74.97
C SER AB 83 -119.86 -54.94 -75.34
N GLU AB 84 -119.83 -53.60 -75.46
CA GLU AB 84 -121.03 -52.89 -75.89
C GLU AB 84 -121.49 -53.38 -77.27
N ILE AB 85 -120.55 -53.51 -78.20
CA ILE AB 85 -120.90 -53.98 -79.54
C ILE AB 85 -121.48 -55.38 -79.49
N ASN AB 86 -120.93 -56.24 -78.63
CA ASN AB 86 -121.42 -57.60 -78.51
C ASN AB 86 -122.85 -57.63 -78.00
N ASN AB 87 -123.17 -56.79 -77.02
CA ASN AB 87 -124.54 -56.73 -76.53
C ASN AB 87 -125.49 -56.28 -77.65
N ASN AB 88 -125.10 -55.28 -78.42
CA ASN AB 88 -125.93 -54.84 -79.53
C ASN AB 88 -126.13 -55.96 -80.55
N LEU AB 89 -125.07 -56.70 -80.87
CA LEU AB 89 -125.17 -57.79 -81.83
C LEU AB 89 -126.09 -58.89 -81.31
N GLN AB 90 -126.01 -59.20 -80.01
CA GLN AB 90 -126.90 -60.22 -79.45
C GLN AB 90 -128.36 -59.81 -79.57
N ARG AB 91 -128.66 -58.54 -79.26
CA ARG AB 91 -130.03 -58.07 -79.43
C ARG AB 91 -130.48 -58.15 -80.88
N VAL AB 92 -129.59 -57.80 -81.81
CA VAL AB 92 -129.92 -57.89 -83.23
C VAL AB 92 -130.24 -59.33 -83.61
N ARG AB 93 -129.46 -60.28 -83.10
CA ARG AB 93 -129.70 -61.68 -83.41
C ARG AB 93 -131.05 -62.14 -82.89
N GLU AB 94 -131.38 -61.76 -81.65
CA GLU AB 94 -132.67 -62.13 -81.10
C GLU AB 94 -133.81 -61.54 -81.92
N LEU AB 95 -133.67 -60.29 -82.34
CA LEU AB 95 -134.73 -59.68 -83.13
C LEU AB 95 -134.87 -60.33 -84.51
N THR AB 96 -133.74 -60.74 -85.11
CA THR AB 96 -133.83 -61.47 -86.37
C THR AB 96 -134.54 -62.81 -86.19
N VAL AB 97 -134.23 -63.51 -85.09
CA VAL AB 97 -134.93 -64.76 -84.80
C VAL AB 97 -136.43 -64.52 -84.68
N GLN AB 98 -136.81 -63.44 -84.00
CA GLN AB 98 -138.23 -63.11 -83.91
C GLN AB 98 -138.81 -62.79 -85.28
N ALA AB 99 -138.03 -62.12 -86.14
CA ALA AB 99 -138.57 -61.65 -87.42
C ALA AB 99 -138.75 -62.78 -88.42
N THR AB 100 -137.90 -63.81 -88.38
CA THR AB 100 -137.99 -64.90 -89.36
C THR AB 100 -139.14 -65.84 -89.03
N THR AB 101 -140.36 -65.28 -89.08
CA THR AB 101 -141.58 -66.03 -88.83
C THR AB 101 -142.63 -65.64 -89.87
N GLY AB 102 -143.43 -66.63 -90.27
CA GLY AB 102 -144.45 -66.39 -91.29
C GLY AB 102 -145.69 -65.70 -90.80
N THR AB 103 -145.92 -65.67 -89.48
CA THR AB 103 -147.11 -65.02 -88.94
C THR AB 103 -147.00 -63.50 -89.03
N ASN AB 104 -145.79 -62.97 -89.00
CA ASN AB 104 -145.59 -61.52 -88.99
C ASN AB 104 -146.08 -60.90 -90.29
N SER AB 105 -146.70 -59.72 -90.18
CA SER AB 105 -147.18 -58.99 -91.34
C SER AB 105 -146.09 -58.06 -91.86
N GLU AB 106 -146.38 -57.38 -92.96
CA GLU AB 106 -145.37 -56.55 -93.61
C GLU AB 106 -144.97 -55.35 -92.75
N SER AB 107 -145.94 -54.73 -92.07
CA SER AB 107 -145.63 -53.61 -91.21
C SER AB 107 -144.77 -54.04 -90.03
N ASP AB 108 -145.00 -55.25 -89.52
CA ASP AB 108 -144.15 -55.76 -88.45
C ASP AB 108 -142.71 -55.90 -88.90
N LEU AB 109 -142.50 -56.45 -90.11
CA LEU AB 109 -141.15 -56.52 -90.66
C LEU AB 109 -140.56 -55.13 -90.86
N SER AB 110 -141.38 -54.17 -91.28
CA SER AB 110 -140.89 -52.81 -91.46
C SER AB 110 -140.38 -52.24 -90.15
N SER AB 111 -141.16 -52.40 -89.07
CA SER AB 111 -140.76 -51.88 -87.77
C SER AB 111 -139.51 -52.58 -87.25
N ILE AB 112 -139.46 -53.91 -87.38
CA ILE AB 112 -138.30 -54.66 -86.92
C ILE AB 112 -137.06 -54.23 -87.69
N GLN AB 113 -137.18 -54.04 -89.00
CA GLN AB 113 -136.05 -53.60 -89.81
C GLN AB 113 -135.62 -52.20 -89.41
N ASP AB 114 -136.57 -51.30 -89.13
CA ASP AB 114 -136.22 -49.97 -88.68
C ASP AB 114 -135.39 -50.02 -87.41
N GLU AB 115 -135.84 -50.81 -86.42
CA GLU AB 115 -135.10 -50.87 -85.16
C GLU AB 115 -133.74 -51.53 -85.36
N ILE AB 116 -133.67 -52.56 -86.20
CA ILE AB 116 -132.42 -53.26 -86.46
C ILE AB 116 -131.42 -52.32 -87.13
N LYS AB 117 -131.89 -51.54 -88.10
CA LYS AB 117 -131.03 -50.57 -88.76
C LYS AB 117 -130.57 -49.50 -87.78
N SER AB 118 -131.44 -49.09 -86.86
CA SER AB 118 -131.03 -48.13 -85.83
C SER AB 118 -129.92 -48.71 -84.95
N ARG AB 119 -130.05 -49.98 -84.56
CA ARG AB 119 -129.02 -50.60 -83.73
C ARG AB 119 -127.71 -50.77 -84.50
N LEU AB 120 -127.80 -51.11 -85.78
CA LEU AB 120 -126.58 -51.22 -86.60
C LEU AB 120 -125.90 -49.86 -86.74
N ASP AB 121 -126.70 -48.79 -86.91
CA ASP AB 121 -126.14 -47.45 -86.93
C ASP AB 121 -125.48 -47.11 -85.60
N GLU AB 122 -126.08 -47.56 -84.49
CA GLU AB 122 -125.46 -47.35 -83.19
C GLU AB 122 -124.13 -48.07 -83.10
N ILE AB 123 -124.05 -49.30 -83.62
CA ILE AB 123 -122.79 -50.03 -83.63
C ILE AB 123 -121.75 -49.28 -84.44
N ASP AB 124 -122.13 -48.78 -85.61
CA ASP AB 124 -121.20 -48.04 -86.45
C ASP AB 124 -120.74 -46.76 -85.75
N ARG AB 125 -121.65 -46.07 -85.07
CA ARG AB 125 -121.29 -44.87 -84.33
C ARG AB 125 -120.31 -45.19 -83.20
N VAL AB 126 -120.56 -46.28 -82.47
CA VAL AB 126 -119.64 -46.67 -81.40
C VAL AB 126 -118.27 -46.97 -81.96
N SER AB 127 -118.22 -47.66 -83.10
CA SER AB 127 -116.94 -47.94 -83.74
C SER AB 127 -116.23 -46.65 -84.14
N GLY AB 128 -116.96 -45.70 -84.72
CA GLY AB 128 -116.32 -44.49 -85.22
C GLY AB 128 -115.83 -43.58 -84.12
N GLN AB 129 -116.70 -43.27 -83.16
CA GLN AB 129 -116.39 -42.25 -82.16
C GLN AB 129 -115.44 -42.74 -81.07
N THR AB 130 -115.25 -44.05 -80.93
CA THR AB 130 -114.42 -44.58 -79.85
C THR AB 130 -112.97 -44.25 -80.13
N GLN AB 131 -112.46 -43.23 -79.44
CA GLN AB 131 -111.09 -42.77 -79.62
C GLN AB 131 -110.40 -42.70 -78.26
N PHE AB 132 -109.13 -43.11 -78.23
CA PHE AB 132 -108.33 -43.10 -77.03
C PHE AB 132 -107.06 -42.30 -77.29
N ASN AB 133 -106.87 -41.21 -76.54
CA ASN AB 133 -105.66 -40.39 -76.61
C ASN AB 133 -105.35 -40.00 -78.05
N GLY AB 134 -106.37 -39.52 -78.75
CA GLY AB 134 -106.20 -39.16 -80.15
C GLY AB 134 -105.92 -40.33 -81.06
N VAL AB 135 -106.47 -41.51 -80.76
CA VAL AB 135 -106.32 -42.69 -81.60
C VAL AB 135 -107.66 -43.40 -81.66
N ASN AB 136 -108.25 -43.45 -82.86
CA ASN AB 136 -109.49 -44.18 -83.07
C ASN AB 136 -109.15 -45.66 -83.14
N VAL AB 137 -109.26 -46.34 -81.99
CA VAL AB 137 -108.76 -47.71 -81.89
C VAL AB 137 -109.56 -48.65 -82.80
N LEU AB 138 -110.88 -48.55 -82.76
CA LEU AB 138 -111.73 -49.40 -83.58
C LEU AB 138 -112.15 -48.67 -84.86
N ALA AB 139 -111.16 -48.21 -85.63
CA ALA AB 139 -111.45 -47.58 -86.90
C ALA AB 139 -110.49 -47.95 -88.02
N LYS AB 140 -109.45 -48.73 -87.74
CA LYS AB 140 -108.47 -49.07 -88.77
C LYS AB 140 -107.56 -50.17 -88.24
N ASN AB 141 -107.27 -51.16 -89.09
CA ASN AB 141 -106.32 -52.20 -88.73
C ASN AB 141 -104.94 -51.60 -88.53
N GLY AB 142 -104.29 -51.99 -87.43
CA GLY AB 142 -102.98 -51.46 -87.13
C GLY AB 142 -102.31 -52.24 -86.03
N SER AB 143 -101.25 -51.64 -85.47
CA SER AB 143 -100.50 -52.27 -84.40
C SER AB 143 -99.95 -51.20 -83.48
N MET AB 144 -99.82 -51.55 -82.20
CA MET AB 144 -99.28 -50.67 -81.18
C MET AB 144 -98.08 -51.33 -80.54
N LYS AB 145 -97.02 -50.56 -80.33
CA LYS AB 145 -95.75 -51.08 -79.82
C LYS AB 145 -95.50 -50.46 -78.44
N ILE AB 146 -95.56 -51.29 -77.42
CA ILE AB 146 -95.42 -50.84 -76.03
C ILE AB 146 -94.00 -51.11 -75.57
N GLN AB 147 -93.29 -50.07 -75.18
CA GLN AB 147 -91.92 -50.20 -74.69
C GLN AB 147 -91.94 -50.78 -73.28
N VAL AB 148 -91.55 -52.05 -73.16
CA VAL AB 148 -91.55 -52.74 -71.89
C VAL AB 148 -90.12 -53.09 -71.45
N GLY AB 149 -89.12 -52.48 -72.08
CA GLY AB 149 -87.74 -52.75 -71.76
C GLY AB 149 -86.93 -51.47 -71.66
N ALA AB 150 -85.65 -51.64 -71.32
CA ALA AB 150 -84.74 -50.52 -71.15
C ALA AB 150 -83.94 -50.20 -72.40
N ASN AB 151 -83.52 -51.21 -73.15
CA ASN AB 151 -82.76 -50.99 -74.37
C ASN AB 151 -83.71 -50.68 -75.52
N ASP AB 152 -83.20 -50.70 -76.75
CA ASP AB 152 -84.01 -50.48 -77.93
C ASP AB 152 -84.59 -51.81 -78.43
N ASN AB 153 -85.68 -51.70 -79.19
CA ASN AB 153 -86.40 -52.85 -79.73
C ASN AB 153 -86.79 -53.82 -78.60
N GLN AB 154 -87.62 -53.32 -77.69
CA GLN AB 154 -88.01 -54.03 -76.49
C GLN AB 154 -89.52 -54.05 -76.36
N THR AB 155 -90.23 -54.17 -77.50
CA THR AB 155 -91.63 -53.84 -77.57
C THR AB 155 -92.52 -55.07 -77.50
N ILE AB 156 -93.72 -54.86 -76.97
CA ILE AB 156 -94.82 -55.83 -77.03
C ILE AB 156 -95.88 -55.26 -77.96
N THR AB 157 -96.26 -56.02 -78.97
CA THR AB 157 -97.12 -55.52 -80.03
C THR AB 157 -98.58 -55.79 -79.70
N ILE AB 158 -99.38 -54.74 -79.68
CA ILE AB 158 -100.82 -54.84 -79.49
C ILE AB 158 -101.50 -54.70 -80.84
N ASP AB 159 -102.48 -55.56 -81.11
CA ASP AB 159 -103.16 -55.60 -82.39
C ASP AB 159 -104.53 -54.95 -82.26
N LEU AB 160 -104.89 -54.13 -83.24
CA LEU AB 160 -106.17 -53.45 -83.29
C LEU AB 160 -106.80 -53.70 -84.65
N LYS AB 161 -107.99 -54.31 -84.65
CA LYS AB 161 -108.70 -54.66 -85.87
C LYS AB 161 -109.88 -53.72 -86.05
N GLN AB 162 -110.01 -53.16 -87.26
CA GLN AB 162 -111.16 -52.33 -87.59
C GLN AB 162 -112.44 -53.13 -87.49
N ILE AB 163 -113.29 -52.80 -86.52
CA ILE AB 163 -114.54 -53.50 -86.30
C ILE AB 163 -115.68 -52.55 -86.62
N ASP AB 164 -116.49 -52.91 -87.62
CA ASP AB 164 -117.64 -52.13 -88.04
C ASP AB 164 -118.51 -53.01 -88.91
N ALA AB 165 -119.61 -52.45 -89.39
CA ALA AB 165 -120.56 -53.22 -90.20
C ALA AB 165 -119.91 -53.75 -91.48
N LYS AB 166 -119.12 -52.92 -92.15
CA LYS AB 166 -118.51 -53.33 -93.40
C LYS AB 166 -117.55 -54.49 -93.20
N THR AB 167 -116.73 -54.45 -92.15
CA THR AB 167 -115.74 -55.48 -91.88
C THR AB 167 -116.33 -56.66 -91.10
N LEU AB 168 -117.65 -56.77 -91.03
CA LEU AB 168 -118.30 -57.90 -90.38
C LEU AB 168 -119.35 -58.55 -91.25
N GLY AB 169 -119.52 -58.11 -92.50
CA GLY AB 169 -120.51 -58.65 -93.38
C GLY AB 169 -121.92 -58.13 -93.16
N LEU AB 170 -122.13 -57.32 -92.13
CA LEU AB 170 -123.45 -56.76 -91.85
C LEU AB 170 -123.62 -55.39 -92.49
N ASP AB 171 -123.36 -55.31 -93.79
CA ASP AB 171 -123.54 -54.09 -94.57
C ASP AB 171 -124.70 -54.32 -95.54
N GLY AB 172 -125.77 -53.54 -95.38
CA GLY AB 172 -126.98 -53.79 -96.12
C GLY AB 172 -127.87 -54.85 -95.52
N PHE AB 173 -127.62 -55.24 -94.27
CA PHE AB 173 -128.36 -56.31 -93.62
C PHE AB 173 -129.83 -55.91 -93.45
N SER AB 174 -130.71 -56.54 -94.21
CA SER AB 174 -132.13 -56.23 -94.16
C SER AB 174 -132.94 -57.51 -94.07
N VAL AB 175 -134.12 -57.40 -93.46
CA VAL AB 175 -135.04 -58.53 -93.31
C VAL AB 175 -136.40 -58.21 -93.91
N LYS AB 176 -136.47 -57.21 -94.80
CA LYS AB 176 -137.71 -56.84 -95.45
C LYS AB 176 -137.42 -56.50 -96.91
N ASN AB 177 -138.48 -56.48 -97.71
CA ASN AB 177 -138.35 -56.20 -99.13
C ASN AB 177 -138.62 -54.73 -99.44
N THR AB 407 -132.14 -60.35 -97.15
CA THR AB 407 -130.81 -60.91 -97.00
C THR AB 407 -130.87 -62.43 -96.88
N THR AB 408 -130.00 -63.12 -97.59
CA THR AB 408 -129.96 -64.57 -97.59
C THR AB 408 -129.16 -65.07 -96.39
N ASP AB 409 -129.75 -66.01 -95.65
CA ASP AB 409 -129.13 -66.64 -94.49
C ASP AB 409 -128.63 -65.60 -93.49
N PRO AB 410 -129.53 -64.89 -92.81
CA PRO AB 410 -129.07 -63.85 -91.87
C PRO AB 410 -128.39 -64.41 -90.64
N LEU AB 411 -128.93 -65.49 -90.07
CA LEU AB 411 -128.44 -65.99 -88.79
C LEU AB 411 -126.98 -66.42 -88.88
N LYS AB 412 -126.60 -67.07 -89.98
CA LYS AB 412 -125.22 -67.52 -90.13
C LYS AB 412 -124.27 -66.32 -90.16
N ALA AB 413 -124.62 -65.27 -90.89
CA ALA AB 413 -123.78 -64.08 -90.94
C ALA AB 413 -123.67 -63.43 -89.57
N LEU AB 414 -124.78 -63.36 -88.84
CA LEU AB 414 -124.75 -62.77 -87.50
C LEU AB 414 -123.85 -63.57 -86.57
N ASP AB 415 -123.94 -64.90 -86.63
CA ASP AB 415 -123.08 -65.76 -85.81
C ASP AB 415 -121.62 -65.57 -86.19
N ASP AB 416 -121.34 -65.45 -87.49
CA ASP AB 416 -119.97 -65.23 -87.93
C ASP AB 416 -119.42 -63.92 -87.38
N ALA AB 417 -120.22 -62.86 -87.43
CA ALA AB 417 -119.79 -61.57 -86.87
C ALA AB 417 -119.53 -61.68 -85.37
N ILE AB 418 -120.40 -62.40 -84.66
CA ILE AB 418 -120.22 -62.56 -83.21
C ILE AB 418 -118.92 -63.28 -82.91
N ALA AB 419 -118.62 -64.35 -83.66
CA ALA AB 419 -117.36 -65.07 -83.44
C ALA AB 419 -116.16 -64.24 -83.84
N SER AB 420 -116.30 -63.38 -84.86
CA SER AB 420 -115.18 -62.57 -85.31
C SER AB 420 -114.84 -61.47 -84.32
N VAL AB 421 -115.84 -60.94 -83.61
CA VAL AB 421 -115.51 -59.99 -82.55
C VAL AB 421 -115.03 -60.72 -81.29
N ASP AB 422 -115.50 -61.94 -81.06
CA ASP AB 422 -115.03 -62.71 -79.91
C ASP AB 422 -113.55 -63.06 -80.04
N LYS AB 423 -113.09 -63.33 -81.26
CA LYS AB 423 -111.66 -63.60 -81.48
C LYS AB 423 -110.81 -62.40 -81.07
N PHE AB 424 -111.22 -61.19 -81.47
CA PHE AB 424 -110.49 -59.99 -81.09
C PHE AB 424 -110.51 -59.79 -79.58
N ARG AB 425 -111.67 -60.06 -78.95
CA ARG AB 425 -111.75 -59.97 -77.50
C ARG AB 425 -110.76 -60.90 -76.82
N SER AB 426 -110.67 -62.15 -77.30
CA SER AB 426 -109.75 -63.10 -76.71
C SER AB 426 -108.30 -62.66 -76.88
N SER AB 427 -107.96 -62.15 -78.07
CA SER AB 427 -106.61 -61.65 -78.28
C SER AB 427 -106.28 -60.51 -77.32
N LEU AB 428 -107.23 -59.59 -77.13
CA LEU AB 428 -107.01 -58.49 -76.20
C LEU AB 428 -106.79 -58.99 -74.78
N GLY AB 429 -107.59 -59.96 -74.33
CA GLY AB 429 -107.39 -60.51 -73.00
C GLY AB 429 -106.04 -61.17 -72.83
N ALA AB 430 -105.58 -61.90 -73.85
CA ALA AB 430 -104.27 -62.51 -73.80
C ALA AB 430 -103.18 -61.44 -73.68
N VAL AB 431 -103.31 -60.35 -74.44
CA VAL AB 431 -102.33 -59.28 -74.36
C VAL AB 431 -102.35 -58.64 -72.98
N GLN AB 432 -103.54 -58.52 -72.37
CA GLN AB 432 -103.63 -57.95 -71.02
C GLN AB 432 -102.85 -58.80 -70.02
N ASN AB 433 -103.07 -60.11 -70.06
CA ASN AB 433 -102.34 -61.00 -69.15
C ASN AB 433 -100.83 -60.91 -69.39
N ARG AB 434 -100.45 -60.87 -70.67
CA ARG AB 434 -99.04 -60.68 -71.05
C ARG AB 434 -98.45 -59.45 -70.38
N LEU AB 435 -99.13 -58.31 -70.52
CA LEU AB 435 -98.60 -57.06 -70.00
C LEU AB 435 -98.51 -57.09 -68.47
N ASP AB 436 -99.51 -57.68 -67.82
CA ASP AB 436 -99.47 -57.75 -66.35
C ASP AB 436 -98.28 -58.58 -65.88
N SER AB 437 -98.03 -59.73 -66.52
CA SER AB 437 -96.87 -60.52 -66.16
C SER AB 437 -95.58 -59.74 -66.40
N ALA AB 438 -95.53 -58.98 -67.49
CA ALA AB 438 -94.35 -58.16 -67.77
C ALA AB 438 -94.13 -57.14 -66.65
N VAL AB 439 -95.20 -56.49 -66.20
CA VAL AB 439 -95.06 -55.50 -65.13
C VAL AB 439 -94.52 -56.14 -63.87
N THR AB 440 -95.03 -57.32 -63.52
CA THR AB 440 -94.53 -58.01 -62.34
C THR AB 440 -93.04 -58.32 -62.46
N ASN AB 441 -92.62 -58.81 -63.63
CA ASN AB 441 -91.21 -59.13 -63.81
C ASN AB 441 -90.34 -57.88 -63.70
N LEU AB 442 -90.78 -56.78 -64.30
CA LEU AB 442 -90.03 -55.53 -64.20
C LEU AB 442 -89.91 -55.06 -62.76
N ASN AB 443 -91.00 -55.17 -61.99
CA ASN AB 443 -90.93 -54.76 -60.59
C ASN AB 443 -89.89 -55.58 -59.83
N ASN AB 444 -89.91 -56.90 -60.01
CA ASN AB 444 -88.95 -57.74 -59.30
C ASN AB 444 -87.52 -57.42 -59.71
N THR AB 445 -87.28 -57.25 -61.02
CA THR AB 445 -85.94 -56.95 -61.51
C THR AB 445 -85.46 -55.61 -60.96
N THR AB 446 -86.33 -54.61 -60.94
CA THR AB 446 -85.95 -53.31 -60.41
C THR AB 446 -85.57 -53.41 -58.93
N THR AB 447 -86.35 -54.15 -58.15
CA THR AB 447 -86.02 -54.31 -56.74
C THR AB 447 -84.65 -54.95 -56.57
N ASN AB 448 -84.40 -56.04 -57.30
CA ASN AB 448 -83.12 -56.73 -57.16
C ASN AB 448 -81.95 -55.84 -57.58
N LEU AB 449 -82.09 -55.13 -58.70
CA LEU AB 449 -81.01 -54.26 -59.16
C LEU AB 449 -80.75 -53.12 -58.19
N SER AB 450 -81.81 -52.55 -57.62
CA SER AB 450 -81.64 -51.49 -56.63
C SER AB 450 -80.91 -52.01 -55.40
N GLU AB 451 -81.25 -53.22 -54.95
CA GLU AB 451 -80.57 -53.75 -53.77
C GLU AB 451 -79.10 -54.02 -54.07
N ALA AB 452 -78.79 -54.48 -55.29
CA ALA AB 452 -77.39 -54.68 -55.66
C ALA AB 452 -76.63 -53.35 -55.69
N GLN AB 453 -77.25 -52.31 -56.26
CA GLN AB 453 -76.62 -51.00 -56.26
C GLN AB 453 -76.39 -50.51 -54.85
N SER AB 454 -77.32 -50.80 -53.94
CA SER AB 454 -77.12 -50.47 -52.54
C SER AB 454 -75.92 -51.22 -51.96
N ARG AB 455 -75.78 -52.50 -52.29
CA ARG AB 455 -74.61 -53.24 -51.83
C ARG AB 455 -73.31 -52.73 -52.44
N ILE AB 456 -73.36 -52.00 -53.54
CA ILE AB 456 -72.16 -51.56 -54.25
C ILE AB 456 -71.72 -50.16 -53.82
N GLN AB 457 -72.64 -49.19 -53.85
CA GLN AB 457 -72.24 -47.80 -53.64
C GLN AB 457 -72.52 -47.27 -52.24
N ASP AB 458 -73.50 -47.81 -51.54
CA ASP AB 458 -73.85 -47.27 -50.23
C ASP AB 458 -72.78 -47.64 -49.20
N ALA AB 459 -72.68 -46.82 -48.16
CA ALA AB 459 -71.69 -47.00 -47.11
C ALA AB 459 -72.34 -47.56 -45.84
N ASP AB 460 -71.50 -48.00 -44.92
CA ASP AB 460 -71.93 -48.53 -43.63
C ASP AB 460 -71.60 -47.51 -42.56
N TYR AB 461 -72.63 -47.04 -41.86
CA TYR AB 461 -72.46 -45.90 -40.95
C TYR AB 461 -71.65 -46.26 -39.72
N ALA AB 462 -71.75 -47.51 -39.23
CA ALA AB 462 -71.00 -47.88 -38.03
C ALA AB 462 -69.50 -47.75 -38.25
N THR AB 463 -69.00 -48.32 -39.35
CA THR AB 463 -67.58 -48.25 -39.64
C THR AB 463 -67.13 -46.80 -39.84
N GLU AB 464 -67.94 -46.02 -40.55
CA GLU AB 464 -67.58 -44.62 -40.79
C GLU AB 464 -67.52 -43.83 -39.50
N VAL AB 465 -68.47 -44.05 -38.59
CA VAL AB 465 -68.45 -43.35 -37.31
C VAL AB 465 -67.23 -43.75 -36.50
N SER AB 466 -66.92 -45.05 -36.47
CA SER AB 466 -65.74 -45.49 -35.72
C SER AB 466 -64.47 -44.87 -36.30
N ASN AB 467 -64.35 -44.84 -37.63
CA ASN AB 467 -63.17 -44.26 -38.26
C ASN AB 467 -63.08 -42.76 -37.98
N MET AB 468 -64.22 -42.06 -38.01
CA MET AB 468 -64.22 -40.63 -37.71
C MET AB 468 -63.76 -40.36 -36.30
N SER AB 469 -64.27 -41.13 -35.33
CA SER AB 469 -63.85 -40.94 -33.94
C SER AB 469 -62.37 -41.22 -33.78
N LYS AB 470 -61.88 -42.31 -34.38
CA LYS AB 470 -60.47 -42.63 -34.29
C LYS AB 470 -59.62 -41.53 -34.89
N ALA AB 471 -60.03 -41.00 -36.05
CA ALA AB 471 -59.27 -39.94 -36.71
C ALA AB 471 -59.23 -38.69 -35.84
N GLN AB 472 -60.35 -38.33 -35.21
CA GLN AB 472 -60.35 -37.18 -34.33
C GLN AB 472 -59.39 -37.37 -33.15
N ILE AB 473 -59.41 -38.56 -32.55
CA ILE AB 473 -58.50 -38.82 -31.43
C ILE AB 473 -57.05 -38.72 -31.89
N ILE AB 474 -56.74 -39.29 -33.06
CA ILE AB 474 -55.39 -39.23 -33.58
C ILE AB 474 -54.97 -37.78 -33.83
N GLN AB 475 -55.89 -36.97 -34.36
CA GLN AB 475 -55.56 -35.57 -34.63
C GLN AB 475 -55.24 -34.82 -33.33
N GLN AB 476 -56.06 -35.01 -32.29
CA GLN AB 476 -55.78 -34.33 -31.03
C GLN AB 476 -54.47 -34.81 -30.43
N ALA AB 477 -54.20 -36.10 -30.48
CA ALA AB 477 -52.93 -36.61 -29.97
C ALA AB 477 -51.75 -36.03 -30.74
N GLY AB 478 -51.88 -35.94 -32.06
CA GLY AB 478 -50.82 -35.36 -32.86
C GLY AB 478 -50.57 -33.90 -32.53
N ASN AB 479 -51.64 -33.14 -32.30
CA ASN AB 479 -51.48 -31.74 -31.91
C ASN AB 479 -50.76 -31.63 -30.57
N SER AB 480 -51.12 -32.48 -29.61
CA SER AB 480 -50.45 -32.45 -28.32
C SER AB 480 -48.96 -32.78 -28.47
N VAL AB 481 -48.64 -33.81 -29.25
CA VAL AB 481 -47.24 -34.18 -29.44
C VAL AB 481 -46.49 -33.07 -30.17
N LEU AB 482 -47.14 -32.39 -31.10
CA LEU AB 482 -46.51 -31.26 -31.79
C LEU AB 482 -46.18 -30.15 -30.81
N ALA AB 483 -47.11 -29.82 -29.91
CA ALA AB 483 -46.84 -28.80 -28.92
C ALA AB 483 -45.67 -29.19 -28.04
N LYS AB 484 -45.62 -30.46 -27.61
CA LYS AB 484 -44.50 -30.92 -26.79
C LYS AB 484 -43.18 -30.84 -27.56
N ALA AB 485 -43.20 -31.21 -28.84
CA ALA AB 485 -41.99 -31.19 -29.65
C ALA AB 485 -41.47 -29.76 -29.80
N ASN AB 486 -42.37 -28.81 -30.07
CA ASN AB 486 -41.93 -27.42 -30.14
C ASN AB 486 -41.49 -26.88 -28.79
N GLN AB 487 -41.98 -27.46 -27.69
CA GLN AB 487 -41.52 -27.07 -26.36
C GLN AB 487 -40.13 -27.62 -26.05
N VAL AB 488 -39.75 -28.75 -26.65
CA VAL AB 488 -38.46 -29.37 -26.32
C VAL AB 488 -37.27 -28.42 -26.44
N PRO AB 489 -37.09 -27.66 -27.53
CA PRO AB 489 -35.83 -26.92 -27.71
C PRO AB 489 -35.58 -25.82 -26.69
N GLN AB 490 -36.42 -25.64 -25.67
CA GLN AB 490 -36.22 -24.55 -24.72
C GLN AB 490 -34.97 -24.74 -23.85
N GLN AB 491 -34.42 -25.96 -23.78
CA GLN AB 491 -33.28 -26.21 -22.91
C GLN AB 491 -32.04 -25.43 -23.34
N VAL AB 492 -31.96 -25.06 -24.62
CA VAL AB 492 -30.79 -24.33 -25.10
C VAL AB 492 -30.72 -22.95 -24.47
N LEU AB 493 -31.88 -22.32 -24.24
CA LEU AB 493 -31.89 -21.04 -23.55
C LEU AB 493 -31.32 -21.17 -22.14
N SER AB 494 -31.71 -22.23 -21.43
CA SER AB 494 -31.14 -22.48 -20.12
C SER AB 494 -29.64 -22.72 -20.19
N LEU AB 495 -29.19 -23.44 -21.22
CA LEU AB 495 -27.77 -23.65 -21.41
C LEU AB 495 -27.03 -22.32 -21.59
N LEU AB 496 -27.60 -21.43 -22.41
CA LEU AB 496 -26.94 -20.17 -22.70
C LEU AB 496 -26.90 -19.25 -21.48
N GLN AB 497 -28.03 -19.16 -20.77
CA GLN AB 497 -28.09 -18.23 -19.63
C GLN AB 497 -27.15 -18.64 -18.51
N GLY AB 498 -26.83 -19.93 -18.42
CA GLY AB 498 -25.91 -20.41 -17.40
C GLY AB 498 -26.54 -21.40 -16.44
N GLN BB 3 -64.99 -4.13 -1.21
CA GLN BB 3 -64.51 -5.44 -1.64
C GLN BB 3 -64.83 -6.48 -0.59
N VAL BB 4 -65.64 -6.06 0.37
CA VAL BB 4 -65.91 -6.78 1.62
C VAL BB 4 -66.28 -8.24 1.38
N ILE BB 5 -65.61 -9.15 2.10
CA ILE BB 5 -65.90 -10.58 2.00
C ILE BB 5 -66.51 -11.14 3.26
N ASN BB 6 -66.55 -10.36 4.35
CA ASN BB 6 -67.20 -10.79 5.58
C ASN BB 6 -68.71 -10.67 5.50
N THR BB 7 -69.23 -9.95 4.50
CA THR BB 7 -70.65 -9.82 4.27
C THR BB 7 -70.89 -9.79 2.76
N ASN BB 8 -71.90 -10.53 2.31
CA ASN BB 8 -72.22 -10.70 0.90
C ASN BB 8 -73.67 -10.34 0.65
N SER BB 9 -74.06 -9.13 1.10
CA SER BB 9 -75.44 -8.64 1.14
C SER BB 9 -76.27 -9.07 -0.06
N LEU BB 10 -75.67 -9.10 -1.25
CA LEU BB 10 -76.37 -9.61 -2.43
C LEU BB 10 -76.95 -10.99 -2.16
N SER BB 11 -76.16 -11.87 -1.55
CA SER BB 11 -76.64 -13.21 -1.21
C SER BB 11 -77.78 -13.13 -0.21
N LEU BB 12 -77.70 -12.22 0.76
CA LEU BB 12 -78.77 -12.09 1.74
C LEU BB 12 -80.08 -11.70 1.06
N ILE BB 13 -80.01 -10.73 0.14
CA ILE BB 13 -81.22 -10.31 -0.59
C ILE BB 13 -81.77 -11.46 -1.42
N THR BB 14 -80.89 -12.20 -2.10
CA THR BB 14 -81.35 -13.31 -2.93
C THR BB 14 -82.04 -14.39 -2.09
N GLN BB 15 -81.44 -14.74 -0.94
CA GLN BB 15 -82.05 -15.72 -0.06
C GLN BB 15 -83.39 -15.21 0.48
N ASN BB 16 -83.47 -13.92 0.77
CA ASN BB 16 -84.73 -13.34 1.22
C ASN BB 16 -85.81 -13.50 0.15
N ASN BB 17 -85.47 -13.19 -1.10
CA ASN BB 17 -86.45 -13.33 -2.18
C ASN BB 17 -86.88 -14.78 -2.35
N ILE BB 18 -85.93 -15.71 -2.27
CA ILE BB 18 -86.28 -17.13 -2.37
C ILE BB 18 -87.23 -17.53 -1.24
N ASN BB 19 -86.97 -17.03 -0.03
CA ASN BB 19 -87.85 -17.32 1.09
C ASN BB 19 -89.25 -16.76 0.87
N LYS BB 20 -89.36 -15.57 0.28
CA LYS BB 20 -90.67 -15.05 -0.08
C LYS BB 20 -91.38 -15.97 -1.06
N ASN BB 21 -90.65 -16.45 -2.08
CA ASN BB 21 -91.28 -17.29 -3.10
C ASN BB 21 -91.74 -18.62 -2.52
N GLN BB 22 -91.04 -19.11 -1.49
CA GLN BB 22 -91.37 -20.39 -0.87
C GLN BB 22 -92.83 -20.51 -0.50
N SER BB 23 -93.39 -19.47 0.13
CA SER BB 23 -94.76 -19.54 0.62
C SER BB 23 -95.75 -19.70 -0.52
N ALA BB 24 -95.58 -18.93 -1.60
CA ALA BB 24 -96.46 -19.06 -2.75
C ALA BB 24 -96.35 -20.45 -3.36
N LEU BB 25 -95.12 -20.98 -3.47
CA LEU BB 25 -94.96 -22.32 -4.02
C LEU BB 25 -95.69 -23.35 -3.17
N SER BB 26 -95.53 -23.26 -1.85
CA SER BB 26 -96.17 -24.22 -0.95
C SER BB 26 -97.69 -24.12 -1.03
N SER BB 27 -98.22 -22.90 -1.08
CA SER BB 27 -99.66 -22.72 -1.19
C SER BB 27 -100.19 -23.33 -2.48
N SER BB 28 -99.50 -23.10 -3.60
CA SER BB 28 -99.92 -23.69 -4.86
C SER BB 28 -99.91 -25.21 -4.78
N ILE BB 29 -98.86 -25.78 -4.19
CA ILE BB 29 -98.75 -27.23 -4.12
C ILE BB 29 -99.87 -27.82 -3.27
N GLU BB 30 -100.13 -27.22 -2.10
CA GLU BB 30 -101.17 -27.77 -1.23
C GLU BB 30 -102.55 -27.64 -1.86
N ARG BB 31 -102.83 -26.51 -2.53
CA ARG BB 31 -104.13 -26.37 -3.17
C ARG BB 31 -104.30 -27.33 -4.34
N LEU BB 32 -103.23 -27.60 -5.10
CA LEU BB 32 -103.33 -28.57 -6.18
C LEU BB 32 -103.54 -29.97 -5.63
N SER BB 33 -102.84 -30.34 -4.56
CA SER BB 33 -102.94 -31.69 -4.02
C SER BB 33 -104.31 -31.92 -3.38
N SER BB 34 -104.77 -30.98 -2.55
CA SER BB 34 -106.01 -31.19 -1.82
C SER BB 34 -107.23 -30.98 -2.72
N GLY BB 35 -107.15 -30.03 -3.66
CA GLY BB 35 -108.27 -29.71 -4.52
C GLY BB 35 -109.14 -28.59 -4.00
N LEU BB 36 -108.89 -28.08 -2.81
CA LEU BB 36 -109.66 -26.99 -2.23
C LEU BB 36 -108.77 -25.76 -2.09
N ARG BB 37 -109.32 -24.59 -2.45
CA ARG BB 37 -108.56 -23.36 -2.32
C ARG BB 37 -108.32 -22.99 -0.87
N ILE BB 38 -109.27 -23.30 0.01
CA ILE BB 38 -109.19 -22.93 1.41
C ILE BB 38 -108.91 -24.17 2.26
N ASN BB 39 -107.63 -24.45 2.49
CA ASN BB 39 -107.21 -25.62 3.26
C ASN BB 39 -107.04 -25.34 4.74
N SER BB 40 -107.20 -24.09 5.17
CA SER BB 40 -107.01 -23.73 6.57
C SER BB 40 -107.72 -22.42 6.84
N ALA BB 41 -107.84 -22.09 8.13
CA ALA BB 41 -108.42 -20.82 8.53
C ALA BB 41 -107.53 -19.64 8.15
N LYS BB 42 -106.24 -19.88 7.93
CA LYS BB 42 -105.35 -18.78 7.55
C LYS BB 42 -105.71 -18.20 6.19
N ASP BB 43 -106.35 -19.00 5.32
CA ASP BB 43 -106.70 -18.49 4.01
C ASP BB 43 -107.72 -17.36 4.11
N ASP BB 44 -108.97 -17.70 4.45
CA ASP BB 44 -110.00 -16.71 4.75
C ASP BB 44 -110.69 -16.99 6.09
N ALA BB 45 -111.19 -18.21 6.27
CA ALA BB 45 -111.92 -18.72 7.44
C ALA BB 45 -113.32 -18.12 7.57
N ALA BB 46 -113.58 -17.00 6.90
CA ALA BB 46 -114.96 -16.54 6.83
C ALA BB 46 -115.73 -17.38 5.84
N GLY BB 47 -115.20 -17.51 4.62
CA GLY BB 47 -115.77 -18.44 3.67
C GLY BB 47 -115.68 -19.87 4.17
N GLN BB 48 -114.67 -20.19 4.97
CA GLN BB 48 -114.59 -21.53 5.54
C GLN BB 48 -115.73 -21.80 6.51
N ALA BB 49 -116.04 -20.85 7.39
CA ALA BB 49 -117.19 -21.02 8.27
C ALA BB 49 -118.49 -21.10 7.45
N ILE BB 50 -118.60 -20.25 6.42
CA ILE BB 50 -119.81 -20.24 5.61
C ILE BB 50 -119.97 -21.59 4.90
N ALA BB 51 -118.88 -22.12 4.36
CA ALA BB 51 -118.89 -23.41 3.69
C ALA BB 51 -119.21 -24.54 4.66
N ASN BB 52 -118.70 -24.45 5.90
CA ASN BB 52 -119.11 -25.39 6.92
C ASN BB 52 -120.62 -25.37 7.11
N ARG BB 53 -121.20 -24.17 7.09
CA ARG BB 53 -122.65 -24.07 7.22
C ARG BB 53 -123.37 -24.70 6.02
N PHE BB 54 -122.86 -24.49 4.80
CA PHE BB 54 -123.45 -25.21 3.67
C PHE BB 54 -123.32 -26.73 3.83
N THR BB 55 -122.18 -27.20 4.31
CA THR BB 55 -121.99 -28.65 4.46
C THR BB 55 -123.04 -29.22 5.41
N SER BB 56 -123.21 -28.57 6.55
CA SER BB 56 -124.23 -28.99 7.51
C SER BB 56 -125.62 -28.95 6.88
N ASN BB 57 -125.93 -27.87 6.16
CA ASN BB 57 -127.25 -27.73 5.56
C ASN BB 57 -127.50 -28.83 4.53
N ILE BB 58 -126.51 -29.13 3.69
CA ILE BB 58 -126.68 -30.15 2.66
C ILE BB 58 -126.92 -31.51 3.29
N LYS BB 59 -126.12 -31.85 4.30
CA LYS BB 59 -126.29 -33.14 4.95
C LYS BB 59 -127.68 -33.25 5.57
N GLY BB 60 -128.11 -32.20 6.28
CA GLY BB 60 -129.41 -32.23 6.91
C GLY BB 60 -130.55 -32.35 5.91
N LEU BB 61 -130.47 -31.59 4.81
CA LEU BB 61 -131.54 -31.62 3.82
C LEU BB 61 -131.63 -32.99 3.14
N THR BB 62 -130.48 -33.58 2.79
CA THR BB 62 -130.51 -34.91 2.19
C THR BB 62 -131.10 -35.92 3.14
N GLN BB 63 -130.71 -35.88 4.42
CA GLN BB 63 -131.25 -36.82 5.38
C GLN BB 63 -132.75 -36.61 5.56
N ALA BB 64 -133.20 -35.35 5.52
CA ALA BB 64 -134.63 -35.07 5.64
C ALA BB 64 -135.42 -35.65 4.48
N ALA BB 65 -134.89 -35.53 3.26
CA ALA BB 65 -135.56 -36.14 2.11
C ALA BB 65 -135.63 -37.66 2.26
N ARG BB 66 -134.53 -38.27 2.70
CA ARG BB 66 -134.54 -39.70 2.95
C ARG BB 66 -135.60 -40.08 3.97
N ASN BB 67 -135.75 -39.26 5.01
CA ASN BB 67 -136.80 -39.51 6.01
C ASN BB 67 -138.19 -39.41 5.40
N ALA BB 68 -138.42 -38.38 4.56
CA ALA BB 68 -139.74 -38.20 3.97
C ALA BB 68 -140.14 -39.38 3.11
N ASN BB 69 -139.16 -40.02 2.45
CA ASN BB 69 -139.48 -41.22 1.70
C ASN BB 69 -140.12 -42.29 2.58
N ASP BB 70 -139.69 -42.39 3.85
CA ASP BB 70 -140.28 -43.36 4.76
C ASP BB 70 -141.75 -43.06 5.00
N GLY BB 71 -142.09 -41.79 5.20
CA GLY BB 71 -143.49 -41.43 5.35
C GLY BB 71 -144.32 -41.75 4.13
N ILE BB 72 -143.73 -41.56 2.94
CA ILE BB 72 -144.42 -41.96 1.72
C ILE BB 72 -144.71 -43.45 1.74
N SER BB 73 -143.73 -44.25 2.16
CA SER BB 73 -143.93 -45.70 2.23
C SER BB 73 -145.03 -46.06 3.23
N VAL BB 74 -145.05 -45.39 4.38
CA VAL BB 74 -146.09 -45.66 5.38
C VAL BB 74 -147.47 -45.36 4.79
N ALA BB 75 -147.59 -44.23 4.09
CA ALA BB 75 -148.86 -43.88 3.48
C ALA BB 75 -149.29 -44.94 2.48
N GLN BB 76 -148.35 -45.43 1.65
CA GLN BB 76 -148.71 -46.45 0.67
C GLN BB 76 -149.20 -47.73 1.34
N THR BB 77 -148.49 -48.18 2.39
CA THR BB 77 -148.88 -49.41 3.06
C THR BB 77 -150.27 -49.29 3.68
N THR BB 78 -150.51 -48.18 4.37
CA THR BB 78 -151.82 -48.00 5.00
C THR BB 78 -152.92 -47.86 3.96
N GLU BB 79 -152.61 -47.25 2.81
CA GLU BB 79 -153.58 -47.17 1.73
C GLU BB 79 -153.94 -48.57 1.21
N GLY BB 80 -152.95 -49.44 1.08
CA GLY BB 80 -153.24 -50.81 0.66
C GLY BB 80 -154.15 -51.52 1.64
N ALA BB 81 -153.85 -51.37 2.94
CA ALA BB 81 -154.73 -51.97 3.95
C ALA BB 81 -156.14 -51.42 3.86
N LEU BB 82 -156.27 -50.10 3.69
CA LEU BB 82 -157.58 -49.47 3.59
C LEU BB 82 -158.33 -49.97 2.36
N SER BB 83 -157.61 -50.19 1.25
CA SER BB 83 -158.26 -50.72 0.05
C SER BB 83 -158.81 -52.11 0.29
N GLU BB 84 -158.05 -52.95 0.99
CA GLU BB 84 -158.57 -54.28 1.32
C GLU BB 84 -159.83 -54.17 2.18
N ILE BB 85 -159.80 -53.29 3.19
CA ILE BB 85 -160.98 -53.11 4.03
C ILE BB 85 -162.16 -52.62 3.20
N ASN BB 86 -161.92 -51.72 2.25
CA ASN BB 86 -162.99 -51.21 1.41
C ASN BB 86 -163.61 -52.33 0.58
N ASN BB 87 -162.77 -53.20 0.01
CA ASN BB 87 -163.30 -54.33 -0.76
C ASN BB 87 -164.18 -55.21 0.10
N ASN BB 88 -163.73 -55.50 1.33
CA ASN BB 88 -164.55 -56.28 2.24
C ASN BB 88 -165.88 -55.59 2.53
N LEU BB 89 -165.85 -54.27 2.73
CA LEU BB 89 -167.07 -53.54 3.03
C LEU BB 89 -168.05 -53.58 1.86
N GLN BB 90 -167.54 -53.42 0.63
CA GLN BB 90 -168.43 -53.49 -0.52
C GLN BB 90 -169.05 -54.88 -0.66
N ARG BB 91 -168.27 -55.94 -0.43
CA ARG BB 91 -168.83 -57.28 -0.48
C ARG BB 91 -169.92 -57.45 0.59
N VAL BB 92 -169.66 -56.94 1.79
CA VAL BB 92 -170.65 -57.04 2.86
C VAL BB 92 -171.93 -56.29 2.48
N ARG BB 93 -171.78 -55.12 1.86
CA ARG BB 93 -172.94 -54.34 1.44
C ARG BB 93 -173.76 -55.11 0.39
N GLU BB 94 -173.09 -55.70 -0.59
CA GLU BB 94 -173.80 -56.49 -1.59
C GLU BB 94 -174.53 -57.66 -0.96
N LEU BB 95 -173.90 -58.33 0.00
CA LEU BB 95 -174.55 -59.46 0.66
C LEU BB 95 -175.74 -59.01 1.49
N THR BB 96 -175.64 -57.85 2.14
CA THR BB 96 -176.80 -57.32 2.86
C THR BB 96 -177.94 -57.00 1.91
N VAL BB 97 -177.62 -56.44 0.73
CA VAL BB 97 -178.65 -56.21 -0.28
C VAL BB 97 -179.31 -57.51 -0.68
N GLN BB 98 -178.51 -58.56 -0.89
CA GLN BB 98 -179.08 -59.87 -1.23
C GLN BB 98 -179.88 -60.48 -0.10
N ALA BB 99 -179.57 -60.13 1.15
CA ALA BB 99 -180.23 -60.74 2.30
C ALA BB 99 -181.52 -60.03 2.70
N THR BB 100 -181.64 -58.73 2.44
CA THR BB 100 -182.83 -57.98 2.83
C THR BB 100 -183.98 -58.23 1.85
N THR BB 101 -184.40 -59.50 1.80
CA THR BB 101 -185.50 -59.93 0.95
C THR BB 101 -186.42 -60.84 1.75
N GLY BB 102 -187.67 -60.91 1.31
CA GLY BB 102 -188.67 -61.75 1.97
C GLY BB 102 -188.65 -63.18 1.47
N THR BB 103 -188.07 -63.41 0.29
CA THR BB 103 -188.01 -64.76 -0.25
C THR BB 103 -187.04 -65.64 0.52
N ASN BB 104 -185.99 -65.05 1.09
CA ASN BB 104 -185.00 -65.83 1.82
C ASN BB 104 -185.61 -66.46 3.06
N SER BB 105 -185.27 -67.74 3.28
CA SER BB 105 -185.73 -68.45 4.47
C SER BB 105 -184.83 -68.12 5.65
N GLU BB 106 -185.11 -68.75 6.80
CA GLU BB 106 -184.33 -68.47 8.00
C GLU BB 106 -182.94 -69.08 7.90
N SER BB 107 -182.82 -70.29 7.31
CA SER BB 107 -181.51 -70.92 7.16
C SER BB 107 -180.62 -70.13 6.20
N ASP BB 108 -181.21 -69.61 5.12
CA ASP BB 108 -180.45 -68.80 4.18
C ASP BB 108 -179.94 -67.53 4.86
N LEU BB 109 -180.80 -66.89 5.66
CA LEU BB 109 -180.37 -65.71 6.40
C LEU BB 109 -179.28 -66.07 7.39
N SER BB 110 -179.37 -67.24 8.02
CA SER BB 110 -178.33 -67.68 8.94
C SER BB 110 -176.99 -67.85 8.23
N SER BB 111 -177.01 -68.46 7.05
CA SER BB 111 -175.78 -68.63 6.28
C SER BB 111 -175.19 -67.29 5.87
N ILE BB 112 -176.06 -66.38 5.40
CA ILE BB 112 -175.59 -65.05 5.01
C ILE BB 112 -174.97 -64.33 6.20
N GLN BB 113 -175.61 -64.41 7.36
CA GLN BB 113 -175.08 -63.78 8.55
C GLN BB 113 -173.75 -64.39 8.97
N ASP BB 114 -173.63 -65.72 8.85
CA ASP BB 114 -172.37 -66.37 9.16
C ASP BB 114 -171.25 -65.84 8.28
N GLU BB 115 -171.50 -65.75 6.97
CA GLU BB 115 -170.46 -65.27 6.06
C GLU BB 115 -170.13 -63.81 6.34
N ILE BB 116 -171.15 -62.99 6.62
CA ILE BB 116 -170.94 -61.58 6.90
C ILE BB 116 -170.11 -61.40 8.17
N LYS BB 117 -170.42 -62.17 9.20
CA LYS BB 117 -169.65 -62.11 10.44
C LYS BB 117 -168.21 -62.56 10.19
N SER BB 118 -168.03 -63.58 9.35
CA SER BB 118 -166.68 -64.01 9.01
C SER BB 118 -165.90 -62.89 8.34
N ARG BB 119 -166.54 -62.18 7.40
CA ARG BB 119 -165.85 -61.09 6.72
C ARG BB 119 -165.56 -59.93 7.66
N LEU BB 120 -166.48 -59.65 8.58
CA LEU BB 120 -166.23 -58.61 9.58
C LEU BB 120 -165.06 -58.99 10.49
N ASP BB 121 -164.97 -60.27 10.87
CA ASP BB 121 -163.83 -60.74 11.64
C ASP BB 121 -162.54 -60.60 10.84
N GLU BB 122 -162.60 -60.86 9.53
CA GLU BB 122 -161.43 -60.65 8.69
C GLU BB 122 -161.04 -59.17 8.65
N ILE BB 123 -162.03 -58.27 8.61
CA ILE BB 123 -161.74 -56.84 8.66
C ILE BB 123 -161.04 -56.48 9.95
N ASP BB 124 -161.55 -56.98 11.07
CA ASP BB 124 -160.91 -56.73 12.35
C ASP BB 124 -159.49 -57.29 12.39
N ARG BB 125 -159.30 -58.48 11.82
CA ARG BB 125 -157.98 -59.09 11.79
C ARG BB 125 -156.98 -58.27 10.99
N VAL BB 126 -157.38 -57.84 9.79
CA VAL BB 126 -156.45 -57.06 8.97
C VAL BB 126 -156.18 -55.71 9.62
N SER BB 127 -157.19 -55.14 10.29
CA SER BB 127 -156.98 -53.91 11.03
C SER BB 127 -155.94 -54.10 12.13
N GLY BB 128 -156.03 -55.20 12.88
CA GLY BB 128 -155.13 -55.43 13.99
C GLY BB 128 -153.71 -55.81 13.59
N GLN BB 129 -153.57 -56.84 12.76
CA GLN BB 129 -152.26 -57.38 12.46
C GLN BB 129 -151.42 -56.48 11.56
N THR BB 130 -152.01 -55.50 10.91
CA THR BB 130 -151.28 -54.64 9.98
C THR BB 130 -150.34 -53.75 10.76
N GLN BB 131 -149.08 -54.15 10.85
CA GLN BB 131 -148.06 -53.43 11.59
C GLN BB 131 -146.90 -53.07 10.66
N PHE BB 132 -146.37 -51.87 10.81
CA PHE BB 132 -145.25 -51.39 10.00
C PHE BB 132 -144.14 -50.89 10.91
N ASN BB 133 -142.94 -51.47 10.75
CA ASN BB 133 -141.76 -51.03 11.48
C ASN BB 133 -142.01 -51.00 12.99
N GLY BB 134 -142.67 -52.04 13.49
CA GLY BB 134 -143.04 -52.08 14.89
C GLY BB 134 -144.05 -51.03 15.29
N VAL BB 135 -144.97 -50.68 14.41
CA VAL BB 135 -146.03 -49.72 14.69
C VAL BB 135 -147.32 -50.24 14.09
N ASN BB 136 -148.34 -50.44 14.95
CA ASN BB 136 -149.65 -50.89 14.50
C ASN BB 136 -150.44 -49.66 14.05
N VAL BB 137 -150.37 -49.39 12.74
CA VAL BB 137 -150.94 -48.15 12.21
C VAL BB 137 -152.46 -48.15 12.32
N LEU BB 138 -153.12 -49.26 11.99
CA LEU BB 138 -154.57 -49.36 12.14
C LEU BB 138 -154.97 -49.94 13.50
N ALA BB 139 -154.44 -49.38 14.59
CA ALA BB 139 -154.83 -49.87 15.91
C ALA BB 139 -155.03 -48.76 16.94
N LYS BB 140 -154.80 -47.50 16.60
CA LYS BB 140 -154.89 -46.44 17.60
C LYS BB 140 -154.89 -45.09 16.90
N ASN BB 141 -155.74 -44.18 17.36
CA ASN BB 141 -155.68 -42.81 16.90
C ASN BB 141 -154.38 -42.16 17.37
N GLY BB 142 -153.65 -41.55 16.44
CA GLY BB 142 -152.38 -40.96 16.77
C GLY BB 142 -151.93 -40.00 15.69
N SER BB 143 -150.65 -39.63 15.77
CA SER BB 143 -150.06 -38.69 14.83
C SER BB 143 -148.61 -39.06 14.58
N MET BB 144 -148.14 -38.76 13.39
CA MET BB 144 -146.77 -39.04 12.97
C MET BB 144 -146.12 -37.76 12.49
N LYS BB 145 -144.83 -37.60 12.80
CA LYS BB 145 -144.10 -36.37 12.49
C LYS BB 145 -142.82 -36.73 11.76
N ILE BB 146 -142.64 -36.18 10.56
CA ILE BB 146 -141.51 -36.50 9.70
C ILE BB 146 -140.61 -35.27 9.58
N GLN BB 147 -139.35 -35.43 9.96
CA GLN BB 147 -138.36 -34.37 9.81
C GLN BB 147 -138.07 -34.15 8.33
N VAL BB 148 -138.60 -33.05 7.78
CA VAL BB 148 -138.38 -32.74 6.37
C VAL BB 148 -137.62 -31.42 6.25
N GLY BB 149 -136.81 -31.11 7.26
CA GLY BB 149 -136.05 -29.88 7.26
C GLY BB 149 -134.72 -30.08 7.95
N ALA BB 150 -133.95 -28.98 8.04
CA ALA BB 150 -132.64 -29.02 8.65
C ALA BB 150 -132.66 -28.66 10.13
N ASN BB 151 -133.49 -27.71 10.53
CA ASN BB 151 -133.53 -27.23 11.90
C ASN BB 151 -134.57 -28.00 12.70
N ASP BB 152 -134.90 -27.51 13.88
CA ASP BB 152 -135.91 -28.13 14.73
C ASP BB 152 -137.32 -27.73 14.27
N ASN BB 153 -138.29 -28.57 14.65
CA ASN BB 153 -139.70 -28.34 14.34
C ASN BB 153 -139.92 -28.14 12.84
N GLN BB 154 -139.58 -29.19 12.08
CA GLN BB 154 -139.65 -29.21 10.63
C GLN BB 154 -140.47 -30.41 10.17
N THR BB 155 -141.62 -30.61 10.80
CA THR BB 155 -142.35 -31.86 10.68
C THR BB 155 -143.61 -31.70 9.83
N ILE BB 156 -143.94 -32.77 9.12
CA ILE BB 156 -145.22 -32.92 8.43
C ILE BB 156 -146.02 -33.98 9.17
N THR BB 157 -147.26 -33.65 9.50
CA THR BB 157 -148.07 -34.47 10.40
C THR BB 157 -148.93 -35.45 9.61
N ILE BB 158 -148.77 -36.74 9.88
CA ILE BB 158 -149.66 -37.78 9.37
C ILE BB 158 -150.62 -38.17 10.48
N ASP BB 159 -151.91 -38.22 10.16
CA ASP BB 159 -152.92 -38.66 11.11
C ASP BB 159 -153.30 -40.11 10.82
N LEU BB 160 -153.36 -40.92 11.88
CA LEU BB 160 -153.74 -42.32 11.78
C LEU BB 160 -154.96 -42.55 12.64
N LYS BB 161 -156.03 -43.03 12.03
CA LYS BB 161 -157.30 -43.25 12.72
C LYS BB 161 -157.50 -44.75 12.93
N GLN BB 162 -157.80 -45.13 14.18
CA GLN BB 162 -158.11 -46.52 14.49
C GLN BB 162 -159.38 -46.95 13.78
N ILE BB 163 -159.25 -47.87 12.81
CA ILE BB 163 -160.38 -48.35 12.02
C ILE BB 163 -160.63 -49.79 12.38
N ASP BB 164 -161.82 -50.07 12.91
CA ASP BB 164 -162.23 -51.43 13.25
C ASP BB 164 -163.74 -51.43 13.42
N ALA BB 165 -164.29 -52.60 13.74
CA ALA BB 165 -165.74 -52.75 13.83
C ALA BB 165 -166.34 -51.80 14.86
N LYS BB 166 -165.68 -51.67 16.02
CA LYS BB 166 -166.21 -50.81 17.07
C LYS BB 166 -166.20 -49.34 16.64
N THR BB 167 -165.12 -48.90 16.01
CA THR BB 167 -164.98 -47.51 15.60
C THR BB 167 -165.59 -47.22 14.23
N LEU BB 168 -166.41 -48.13 13.72
CA LEU BB 168 -167.11 -47.92 12.46
C LEU BB 168 -168.62 -48.08 12.60
N GLY BB 169 -169.12 -48.35 13.80
CA GLY BB 169 -170.53 -48.60 14.00
C GLY BB 169 -171.00 -49.99 13.66
N LEU BB 170 -170.14 -50.81 13.05
CA LEU BB 170 -170.50 -52.18 12.70
C LEU BB 170 -170.10 -53.16 13.78
N ASP BB 171 -170.53 -52.89 15.01
CA ASP BB 171 -170.25 -53.74 16.16
C ASP BB 171 -171.56 -54.43 16.56
N GLY BB 172 -171.63 -55.73 16.32
CA GLY BB 172 -172.86 -56.47 16.55
C GLY BB 172 -173.79 -56.53 15.36
N PHE BB 173 -173.31 -56.19 14.16
CA PHE BB 173 -174.14 -56.16 12.98
C PHE BB 173 -174.71 -57.54 12.68
N SER BB 174 -176.03 -57.66 12.69
CA SER BB 174 -176.71 -58.92 12.42
C SER BB 174 -177.85 -58.69 11.45
N VAL BB 175 -178.17 -59.74 10.67
CA VAL BB 175 -179.29 -59.69 9.74
C VAL BB 175 -180.21 -60.86 10.03
N LYS BB 176 -180.19 -61.37 11.25
CA LYS BB 176 -181.02 -62.49 11.65
C LYS BB 176 -181.33 -62.38 13.14
N ASN BB 177 -182.28 -63.19 13.59
CA ASN BB 177 -182.68 -63.18 14.98
C ASN BB 177 -182.23 -64.47 15.69
N THR BB 407 -180.92 -55.94 13.09
CA THR BB 407 -180.28 -54.63 13.14
C THR BB 407 -181.02 -53.62 12.29
N THR BB 408 -181.26 -52.44 12.83
CA THR BB 408 -181.93 -51.38 12.10
C THR BB 408 -180.99 -50.78 11.05
N ASP BB 409 -181.60 -50.18 10.03
CA ASP BB 409 -181.00 -49.42 8.92
C ASP BB 409 -179.60 -49.91 8.55
N PRO BB 410 -179.47 -51.16 8.10
CA PRO BB 410 -178.12 -51.71 7.86
C PRO BB 410 -177.35 -50.99 6.77
N LEU BB 411 -177.96 -50.79 5.60
CA LEU BB 411 -177.25 -50.21 4.47
C LEU BB 411 -176.80 -48.79 4.77
N LYS BB 412 -177.57 -48.05 5.56
CA LYS BB 412 -177.17 -46.69 5.91
C LYS BB 412 -175.88 -46.69 6.71
N ALA BB 413 -175.78 -47.56 7.71
CA ALA BB 413 -174.56 -47.65 8.50
C ALA BB 413 -173.39 -48.15 7.66
N LEU BB 414 -173.65 -49.10 6.76
CA LEU BB 414 -172.60 -49.61 5.89
C LEU BB 414 -172.05 -48.50 5.00
N ASP BB 415 -172.94 -47.69 4.41
CA ASP BB 415 -172.50 -46.57 3.59
C ASP BB 415 -171.74 -45.54 4.42
N ASP BB 416 -172.19 -45.32 5.66
CA ASP BB 416 -171.50 -44.38 6.54
C ASP BB 416 -170.08 -44.84 6.81
N ALA BB 417 -169.90 -46.14 7.09
CA ALA BB 417 -168.56 -46.68 7.33
C ALA BB 417 -167.70 -46.58 6.08
N ILE BB 418 -168.28 -46.86 4.91
CA ILE BB 418 -167.51 -46.77 3.66
C ILE BB 418 -167.03 -45.34 3.44
N ALA BB 419 -167.90 -44.36 3.67
CA ALA BB 419 -167.49 -42.97 3.51
C ALA BB 419 -166.46 -42.57 4.56
N SER BB 420 -166.57 -43.11 5.77
CA SER BB 420 -165.63 -42.76 6.83
C SER BB 420 -164.24 -43.31 6.55
N VAL BB 421 -164.14 -44.48 5.93
CA VAL BB 421 -162.82 -44.97 5.57
C VAL BB 421 -162.30 -44.28 4.30
N ASP BB 422 -163.20 -43.88 3.40
CA ASP BB 422 -162.78 -43.11 2.24
C ASP BB 422 -162.19 -41.76 2.64
N LYS BB 423 -162.71 -41.16 3.71
CA LYS BB 423 -162.14 -39.91 4.22
C LYS BB 423 -160.67 -40.09 4.61
N PHE BB 424 -160.37 -41.16 5.35
CA PHE BB 424 -159.00 -41.43 5.77
C PHE BB 424 -158.13 -41.70 4.56
N ARG BB 425 -158.65 -42.44 3.58
CA ARG BB 425 -157.86 -42.72 2.37
C ARG BB 425 -157.52 -41.43 1.63
N SER BB 426 -158.50 -40.52 1.50
CA SER BB 426 -158.25 -39.25 0.83
C SER BB 426 -157.20 -38.43 1.58
N SER BB 427 -157.29 -38.40 2.90
CA SER BB 427 -156.29 -37.69 3.68
C SER BB 427 -154.90 -38.27 3.43
N LEU BB 428 -154.80 -39.61 3.41
CA LEU BB 428 -153.51 -40.25 3.17
C LEU BB 428 -152.96 -39.87 1.79
N GLY BB 429 -153.80 -39.89 0.77
CA GLY BB 429 -153.34 -39.52 -0.57
C GLY BB 429 -152.86 -38.08 -0.63
N ALA BB 430 -153.58 -37.17 0.02
CA ALA BB 430 -153.14 -35.78 0.06
C ALA BB 430 -151.77 -35.67 0.73
N VAL BB 431 -151.58 -36.38 1.84
CA VAL BB 431 -150.29 -36.33 2.53
C VAL BB 431 -149.18 -36.92 1.66
N GLN BB 432 -149.51 -37.96 0.90
CA GLN BB 432 -148.50 -38.58 0.03
C GLN BB 432 -148.02 -37.60 -1.04
N ASN BB 433 -148.96 -36.96 -1.73
CA ASN BB 433 -148.58 -35.95 -2.72
C ASN BB 433 -147.79 -34.83 -2.04
N ARG BB 434 -148.22 -34.45 -0.83
CA ARG BB 434 -147.54 -33.44 -0.05
C ARG BB 434 -146.07 -33.80 0.16
N LEU BB 435 -145.82 -35.04 0.59
CA LEU BB 435 -144.45 -35.49 0.85
C LEU BB 435 -143.64 -35.56 -0.44
N ASP BB 436 -144.26 -35.97 -1.54
CA ASP BB 436 -143.55 -36.00 -2.81
C ASP BB 436 -143.07 -34.61 -3.21
N SER BB 437 -143.94 -33.62 -3.06
CA SER BB 437 -143.55 -32.25 -3.37
C SER BB 437 -142.41 -31.80 -2.46
N ALA BB 438 -142.49 -32.16 -1.17
CA ALA BB 438 -141.40 -31.83 -0.26
C ALA BB 438 -140.08 -32.45 -0.70
N VAL BB 439 -140.12 -33.72 -1.14
CA VAL BB 439 -138.90 -34.39 -1.59
C VAL BB 439 -138.30 -33.66 -2.78
N THR BB 440 -139.15 -33.23 -3.71
CA THR BB 440 -138.64 -32.46 -4.84
C THR BB 440 -137.98 -31.17 -4.37
N ASN BB 441 -138.60 -30.50 -3.40
CA ASN BB 441 -138.01 -29.29 -2.82
C ASN BB 441 -136.63 -29.57 -2.27
N LEU BB 442 -136.51 -30.64 -1.49
CA LEU BB 442 -135.22 -30.99 -0.87
C LEU BB 442 -134.17 -31.27 -1.94
N ASN BB 443 -134.52 -32.01 -2.98
CA ASN BB 443 -133.55 -32.31 -4.03
C ASN BB 443 -133.04 -31.02 -4.69
N ASN BB 444 -133.97 -30.14 -5.08
CA ASN BB 444 -133.56 -28.92 -5.76
C ASN BB 444 -132.72 -28.02 -4.85
N THR BB 445 -133.12 -27.89 -3.59
CA THR BB 445 -132.35 -27.06 -2.66
C THR BB 445 -130.96 -27.63 -2.43
N THR BB 446 -130.86 -28.95 -2.29
CA THR BB 446 -129.54 -29.56 -2.13
C THR BB 446 -128.64 -29.26 -3.32
N THR BB 447 -129.19 -29.38 -4.53
CA THR BB 447 -128.37 -29.08 -5.72
C THR BB 447 -127.92 -27.62 -5.70
N ASN BB 448 -128.82 -26.70 -5.39
CA ASN BB 448 -128.50 -25.27 -5.44
C ASN BB 448 -127.42 -24.92 -4.40
N LEU BB 449 -127.62 -25.35 -3.15
CA LEU BB 449 -126.64 -25.03 -2.12
C LEU BB 449 -125.32 -25.76 -2.35
N SER BB 450 -125.34 -26.96 -2.95
CA SER BB 450 -124.09 -27.63 -3.26
C SER BB 450 -123.30 -26.84 -4.28
N GLU BB 451 -123.96 -26.34 -5.33
CA GLU BB 451 -123.23 -25.56 -6.32
C GLU BB 451 -122.75 -24.23 -5.72
N ALA BB 452 -123.55 -23.64 -4.84
CA ALA BB 452 -123.12 -22.42 -4.16
C ALA BB 452 -121.87 -22.66 -3.32
N GLN BB 453 -121.84 -23.79 -2.60
CA GLN BB 453 -120.64 -24.15 -1.85
C GLN BB 453 -119.45 -24.35 -2.78
N SER BB 454 -119.67 -25.04 -3.91
CA SER BB 454 -118.59 -25.26 -4.86
C SER BB 454 -118.01 -23.94 -5.37
N ARG BB 455 -118.85 -22.92 -5.52
CA ARG BB 455 -118.29 -21.62 -5.88
C ARG BB 455 -117.44 -20.99 -4.78
N ILE BB 456 -117.43 -21.54 -3.58
CA ILE BB 456 -116.74 -20.94 -2.44
C ILE BB 456 -115.49 -21.72 -2.06
N GLN BB 457 -115.61 -23.03 -1.86
CA GLN BB 457 -114.52 -23.81 -1.30
C GLN BB 457 -113.67 -24.51 -2.35
N ASP BB 458 -114.20 -24.76 -3.55
CA ASP BB 458 -113.42 -25.46 -4.57
C ASP BB 458 -112.39 -24.53 -5.18
N ALA BB 459 -111.32 -25.14 -5.70
CA ALA BB 459 -110.20 -24.41 -6.26
C ALA BB 459 -110.25 -24.41 -7.79
N ASP BB 460 -109.52 -23.46 -8.39
CA ASP BB 460 -109.43 -23.32 -9.84
C ASP BB 460 -108.08 -23.86 -10.27
N TYR BB 461 -108.09 -24.98 -10.99
CA TYR BB 461 -106.86 -25.72 -11.26
C TYR BB 461 -105.92 -24.93 -12.17
N ALA BB 462 -106.46 -24.23 -13.17
CA ALA BB 462 -105.60 -23.52 -14.12
C ALA BB 462 -104.79 -22.44 -13.43
N THR BB 463 -105.43 -21.66 -12.57
CA THR BB 463 -104.71 -20.62 -11.82
C THR BB 463 -103.65 -21.23 -10.93
N GLU BB 464 -103.97 -22.35 -10.26
CA GLU BB 464 -103.00 -22.99 -9.38
C GLU BB 464 -101.80 -23.49 -10.16
N VAL BB 465 -102.03 -24.07 -11.35
CA VAL BB 465 -100.94 -24.54 -12.18
C VAL BB 465 -100.06 -23.39 -12.62
N SER BB 466 -100.68 -22.28 -13.03
CA SER BB 466 -99.89 -21.12 -13.45
C SER BB 466 -99.05 -20.58 -12.30
N ASN BB 467 -99.64 -20.47 -11.11
CA ASN BB 467 -98.89 -19.98 -9.96
C ASN BB 467 -97.75 -20.92 -9.59
N MET BB 468 -97.99 -22.23 -9.65
CA MET BB 468 -96.93 -23.18 -9.34
C MET BB 468 -95.78 -23.07 -10.33
N SER BB 469 -96.10 -22.94 -11.62
CA SER BB 469 -95.05 -22.79 -12.62
C SER BB 469 -94.26 -21.51 -12.40
N LYS BB 470 -94.96 -20.40 -12.12
CA LYS BB 470 -94.27 -19.14 -11.87
C LYS BB 470 -93.36 -19.24 -10.67
N ALA BB 471 -93.84 -19.87 -9.58
CA ALA BB 471 -93.02 -20.02 -8.39
C ALA BB 471 -91.80 -20.87 -8.66
N GLN BB 472 -91.96 -21.95 -9.43
CA GLN BB 472 -90.82 -22.81 -9.75
C GLN BB 472 -89.78 -22.05 -10.55
N ILE BB 473 -90.22 -21.29 -11.57
CA ILE BB 473 -89.28 -20.53 -12.38
C ILE BB 473 -88.55 -19.50 -11.53
N ILE BB 474 -89.28 -18.82 -10.64
CA ILE BB 474 -88.65 -17.85 -9.76
C ILE BB 474 -87.61 -18.54 -8.88
N GLN BB 475 -87.92 -19.72 -8.37
CA GLN BB 475 -86.98 -20.42 -7.49
C GLN BB 475 -85.69 -20.79 -8.24
N GLN BB 476 -85.82 -21.33 -9.44
CA GLN BB 476 -84.63 -21.69 -10.20
C GLN BB 476 -83.79 -20.46 -10.55
N ALA BB 477 -84.45 -19.38 -10.99
CA ALA BB 477 -83.71 -18.17 -11.31
C ALA BB 477 -82.99 -17.63 -10.08
N GLY BB 478 -83.67 -17.62 -8.93
CA GLY BB 478 -83.05 -17.17 -7.71
C GLY BB 478 -81.87 -18.03 -7.31
N ASN BB 479 -81.98 -19.34 -7.49
CA ASN BB 479 -80.86 -20.22 -7.17
C ASN BB 479 -79.65 -19.92 -8.05
N SER BB 480 -79.88 -19.71 -9.36
CA SER BB 480 -78.77 -19.41 -10.25
C SER BB 480 -78.11 -18.08 -9.87
N VAL BB 481 -78.92 -17.06 -9.62
CA VAL BB 481 -78.37 -15.76 -9.24
C VAL BB 481 -77.65 -15.84 -7.90
N LEU BB 482 -78.16 -16.66 -6.98
CA LEU BB 482 -77.48 -16.85 -5.69
C LEU BB 482 -76.12 -17.51 -5.89
N ALA BB 483 -76.05 -18.50 -6.78
CA ALA BB 483 -74.76 -19.13 -7.07
C ALA BB 483 -73.77 -18.10 -7.61
N LYS BB 484 -74.23 -17.26 -8.54
CA LYS BB 484 -73.36 -16.20 -9.04
C LYS BB 484 -72.95 -15.23 -7.94
N ALA BB 485 -73.88 -14.89 -7.05
CA ALA BB 485 -73.58 -13.95 -5.98
C ALA BB 485 -72.52 -14.51 -5.04
N ASN BB 486 -72.64 -15.79 -4.67
CA ASN BB 486 -71.60 -16.40 -3.85
C ASN BB 486 -70.28 -16.51 -4.61
N GLN BB 487 -70.35 -16.63 -5.94
CA GLN BB 487 -69.12 -16.63 -6.73
C GLN BB 487 -68.47 -15.25 -6.78
N VAL BB 488 -69.24 -14.19 -6.56
CA VAL BB 488 -68.70 -12.83 -6.72
C VAL BB 488 -67.48 -12.56 -5.85
N PRO BB 489 -67.46 -12.86 -4.53
CA PRO BB 489 -66.38 -12.34 -3.68
C PRO BB 489 -64.96 -12.77 -4.03
N GLN BB 490 -64.77 -13.53 -5.12
CA GLN BB 490 -63.48 -14.19 -5.32
C GLN BB 490 -62.37 -13.25 -5.78
N GLN BB 491 -62.69 -12.13 -6.43
CA GLN BB 491 -61.64 -11.30 -7.02
C GLN BB 491 -60.65 -10.76 -5.98
N VAL BB 492 -61.03 -10.73 -4.71
CA VAL BB 492 -60.11 -10.27 -3.67
C VAL BB 492 -58.91 -11.21 -3.59
N LEU BB 493 -59.12 -12.50 -3.81
CA LEU BB 493 -58.02 -13.45 -3.82
C LEU BB 493 -57.01 -13.10 -4.91
N SER BB 494 -57.48 -12.80 -6.12
CA SER BB 494 -56.58 -12.38 -7.19
C SER BB 494 -55.91 -11.05 -6.85
N LEU BB 495 -56.64 -10.13 -6.23
CA LEU BB 495 -56.08 -8.85 -5.85
C LEU BB 495 -54.90 -9.03 -4.91
N LEU BB 496 -55.05 -9.90 -3.91
CA LEU BB 496 -53.98 -10.11 -2.95
C LEU BB 496 -52.85 -10.94 -3.55
N GLN BB 497 -53.18 -11.93 -4.36
CA GLN BB 497 -52.16 -12.82 -4.93
C GLN BB 497 -51.23 -12.06 -5.86
N GLY BB 498 -51.78 -11.19 -6.70
CA GLY BB 498 -50.97 -10.43 -7.64
C GLY BB 498 -51.59 -10.35 -9.03
N GLN CB 3 136.49 55.76 64.43
CA GLN CB 3 137.03 55.53 63.09
C GLN CB 3 137.45 54.08 62.92
N VAL CB 4 137.08 53.26 63.90
CA VAL CB 4 137.56 51.90 64.08
C VAL CB 4 137.51 51.11 62.78
N ILE CB 5 138.62 50.48 62.41
CA ILE CB 5 138.75 49.77 61.14
C ILE CB 5 138.87 48.27 61.35
N ASN CB 6 138.61 47.78 62.56
CA ASN CB 6 138.60 46.37 62.86
C ASN CB 6 137.20 45.83 63.10
N THR CB 7 136.22 46.72 63.33
CA THR CB 7 134.84 46.35 63.56
C THR CB 7 133.95 47.40 62.91
N ASN CB 8 132.94 46.95 62.16
CA ASN CB 8 132.05 47.82 61.40
C ASN CB 8 130.61 47.49 61.77
N SER CB 9 130.35 47.51 63.09
CA SER CB 9 129.11 47.05 63.71
C SER CB 9 127.84 47.44 62.96
N LEU CB 10 127.87 48.58 62.29
CA LEU CB 10 126.72 49.01 61.48
C LEU CB 10 126.31 47.90 60.51
N SER CB 11 127.28 47.33 59.80
CA SER CB 11 126.99 46.23 58.89
C SER CB 11 126.44 45.03 59.63
N LEU CB 12 126.99 44.74 60.82
CA LEU CB 12 126.51 43.61 61.60
C LEU CB 12 125.03 43.76 61.94
N ILE CB 13 124.63 44.95 62.38
CA ILE CB 13 123.25 45.17 62.75
C ILE CB 13 122.35 45.13 61.51
N THR CB 14 122.84 45.66 60.39
CA THR CB 14 122.05 45.60 59.16
C THR CB 14 121.81 44.15 58.73
N GLN CB 15 122.85 43.32 58.80
CA GLN CB 15 122.70 41.90 58.49
C GLN CB 15 121.74 41.24 59.48
N ASN CB 16 121.78 41.65 60.74
CA ASN CB 16 120.83 41.11 61.71
C ASN CB 16 119.39 41.43 61.31
N ASN CB 17 119.15 42.67 60.88
CA ASN CB 17 117.79 43.04 60.45
C ASN CB 17 117.37 42.26 59.23
N ILE CB 18 118.28 42.07 58.27
CA ILE CB 18 117.94 41.29 57.07
C ILE CB 18 117.62 39.85 57.45
N ASN CB 19 118.40 39.28 58.37
CA ASN CB 19 118.12 37.93 58.84
C ASN CB 19 116.75 37.86 59.51
N LYS CB 20 116.39 38.91 60.25
CA LYS CB 20 115.06 38.97 60.84
C LYS CB 20 113.98 38.95 59.76
N ASN CB 21 114.20 39.68 58.67
CA ASN CB 21 113.24 39.70 57.56
C ASN CB 21 113.09 38.32 56.93
N GLN CB 22 114.21 37.60 56.78
CA GLN CB 22 114.21 36.35 56.01
C GLN CB 22 113.11 35.39 56.44
N SER CB 23 112.87 35.28 57.75
CA SER CB 23 111.86 34.35 58.23
C SER CB 23 110.46 34.73 57.73
N ALA CB 24 110.10 36.02 57.83
CA ALA CB 24 108.81 36.47 57.35
C ALA CB 24 108.68 36.27 55.85
N LEU CB 25 109.74 36.57 55.11
CA LEU CB 25 109.69 36.39 53.65
C LEU CB 25 109.47 34.92 53.29
N SER CB 26 110.20 34.03 53.95
CA SER CB 26 110.04 32.61 53.68
C SER CB 26 108.65 32.12 54.04
N SER CB 27 108.12 32.58 55.18
CA SER CB 27 106.77 32.17 55.58
C SER CB 27 105.74 32.64 54.56
N SER CB 28 105.87 33.87 54.09
CA SER CB 28 104.93 34.39 53.09
C SER CB 28 104.98 33.55 51.82
N ILE CB 29 106.20 33.26 51.34
CA ILE CB 29 106.33 32.47 50.11
C ILE CB 29 105.72 31.09 50.29
N GLU CB 30 106.03 30.44 51.42
CA GLU CB 30 105.57 29.07 51.64
C GLU CB 30 104.05 29.02 51.74
N ARG CB 31 103.44 29.94 52.48
CA ARG CB 31 101.99 29.94 52.63
C ARG CB 31 101.31 30.28 51.31
N LEU CB 32 101.90 31.20 50.53
CA LEU CB 32 101.30 31.52 49.24
C LEU CB 32 101.36 30.33 48.29
N SER CB 33 102.47 29.60 48.30
CA SER CB 33 102.58 28.45 47.39
C SER CB 33 101.68 27.30 47.82
N SER CB 34 101.65 26.98 49.12
CA SER CB 34 100.86 25.84 49.56
C SER CB 34 99.36 26.15 49.55
N GLY CB 35 98.98 27.34 50.01
CA GLY CB 35 97.59 27.71 50.11
C GLY CB 35 96.99 27.56 51.49
N LEU CB 36 97.69 26.90 52.41
CA LEU CB 36 97.25 26.74 53.79
C LEU CB 36 98.10 27.60 54.71
N ARG CB 37 97.45 28.23 55.69
CA ARG CB 37 98.22 29.00 56.66
C ARG CB 37 98.90 28.10 57.68
N ILE CB 38 98.34 26.94 57.97
CA ILE CB 38 99.00 25.93 58.79
C ILE CB 38 99.72 24.98 57.84
N ASN CB 39 101.03 25.15 57.73
CA ASN CB 39 101.86 24.27 56.93
C ASN CB 39 102.71 23.32 57.76
N SER CB 40 102.74 23.49 59.09
CA SER CB 40 103.54 22.65 59.96
C SER CB 40 103.05 22.84 61.39
N ALA CB 41 103.64 22.06 62.30
CA ALA CB 41 103.30 22.20 63.71
C ALA CB 41 103.79 23.51 64.29
N LYS CB 42 104.81 24.12 63.68
CA LYS CB 42 105.37 25.35 64.23
C LYS CB 42 104.37 26.50 64.16
N ASP CB 43 103.49 26.51 63.18
CA ASP CB 43 102.60 27.65 62.97
C ASP CB 43 101.66 27.83 64.15
N ASP CB 44 100.68 26.96 64.28
CA ASP CB 44 99.76 26.96 65.41
C ASP CB 44 99.75 25.61 66.13
N ALA CB 45 99.41 24.55 65.40
CA ALA CB 45 99.35 23.15 65.80
C ALA CB 45 98.17 22.82 66.72
N ALA CB 46 97.60 23.82 67.39
CA ALA CB 46 96.26 23.64 67.94
C ALA CB 46 95.26 23.73 66.81
N GLY CB 47 95.43 24.72 65.94
CA GLY CB 47 94.67 24.76 64.71
C GLY CB 47 94.92 23.54 63.85
N GLN CB 48 96.16 23.05 63.83
CA GLN CB 48 96.45 21.84 63.05
C GLN CB 48 95.73 20.62 63.62
N ALA CB 49 95.73 20.46 64.94
CA ALA CB 49 95.02 19.33 65.54
C ALA CB 49 93.52 19.42 65.27
N ILE CB 50 92.95 20.62 65.46
CA ILE CB 50 91.52 20.82 65.22
C ILE CB 50 91.18 20.54 63.76
N ALA CB 51 92.02 21.02 62.84
CA ALA CB 51 91.78 20.81 61.42
C ALA CB 51 91.91 19.34 61.05
N ASN CB 52 92.87 18.63 61.64
CA ASN CB 52 92.99 17.20 61.38
C ASN CB 52 91.74 16.46 61.83
N ARG CB 53 91.22 16.80 63.01
CA ARG CB 53 90.00 16.17 63.47
C ARG CB 53 88.82 16.52 62.57
N PHE CB 54 88.75 17.76 62.10
CA PHE CB 54 87.71 18.15 61.16
C PHE CB 54 87.80 17.34 59.86
N THR CB 55 89.01 17.17 59.33
CA THR CB 55 89.19 16.40 58.11
C THR CB 55 88.76 14.95 58.30
N SER CB 56 89.12 14.37 59.44
CA SER CB 56 88.67 13.02 59.76
C SER CB 56 87.16 12.94 59.79
N ASN CB 57 86.50 13.94 60.41
CA ASN CB 57 85.05 13.95 60.45
C ASN CB 57 84.44 14.06 59.06
N ILE CB 58 85.02 14.92 58.21
CA ILE CB 58 84.52 15.07 56.85
C ILE CB 58 84.58 13.74 56.10
N LYS CB 59 85.73 13.08 56.13
CA LYS CB 59 85.88 11.83 55.41
C LYS CB 59 84.94 10.77 55.97
N GLY CB 60 84.84 10.67 57.30
CA GLY CB 60 83.96 9.68 57.89
C GLY CB 60 82.51 9.89 57.54
N LEU CB 61 82.05 11.15 57.56
CA LEU CB 61 80.64 11.41 57.27
C LEU CB 61 80.32 11.22 55.80
N THR CB 62 81.25 11.58 54.91
CA THR CB 62 81.03 11.33 53.49
C THR CB 62 80.92 9.82 53.23
N GLN CB 63 81.84 9.04 53.81
CA GLN CB 63 81.76 7.60 53.66
C GLN CB 63 80.48 7.05 54.28
N ALA CB 64 80.01 7.65 55.38
CA ALA CB 64 78.78 7.20 56.01
C ALA CB 64 77.59 7.43 55.08
N ALA CB 65 77.53 8.57 54.41
CA ALA CB 65 76.45 8.80 53.45
C ALA CB 65 76.52 7.81 52.30
N ARG CB 66 77.73 7.53 51.80
CA ARG CB 66 77.89 6.53 50.75
C ARG CB 66 77.38 5.18 51.22
N ASN CB 67 77.70 4.79 52.45
CA ASN CB 67 77.19 3.53 53.00
C ASN CB 67 75.66 3.56 53.10
N ALA CB 68 75.11 4.70 53.50
CA ALA CB 68 73.67 4.80 53.69
C ALA CB 68 72.93 4.56 52.39
N ASN CB 69 73.45 5.08 51.27
CA ASN CB 69 72.78 4.89 49.98
C ASN CB 69 72.55 3.41 49.66
N ASP CB 70 73.46 2.54 50.11
CA ASP CB 70 73.30 1.11 49.88
C ASP CB 70 72.03 0.59 50.53
N GLY CB 71 71.66 1.15 51.68
CA GLY CB 71 70.41 0.75 52.31
C GLY CB 71 69.20 1.03 51.44
N ILE CB 72 69.17 2.21 50.82
CA ILE CB 72 68.08 2.54 49.90
C ILE CB 72 68.07 1.55 48.74
N SER CB 73 69.25 1.21 48.22
CA SER CB 73 69.32 0.26 47.11
C SER CB 73 68.71 -1.09 47.51
N VAL CB 74 69.14 -1.62 48.66
CA VAL CB 74 68.65 -2.92 49.12
C VAL CB 74 67.14 -2.87 49.33
N ALA CB 75 66.65 -1.81 49.97
CA ALA CB 75 65.23 -1.71 50.25
C ALA CB 75 64.42 -1.61 48.95
N GLN CB 76 64.94 -0.89 47.96
CA GLN CB 76 64.26 -0.81 46.67
C GLN CB 76 64.14 -2.19 46.03
N THR CB 77 65.25 -2.94 46.01
CA THR CB 77 65.22 -4.26 45.41
C THR CB 77 64.21 -5.16 46.14
N THR CB 78 64.25 -5.17 47.47
CA THR CB 78 63.35 -6.01 48.23
C THR CB 78 61.90 -5.61 48.02
N GLU CB 79 61.63 -4.30 47.94
CA GLU CB 79 60.27 -3.83 47.73
C GLU CB 79 59.75 -4.25 46.36
N GLY CB 80 60.60 -4.19 45.34
CA GLY CB 80 60.17 -4.67 44.02
C GLY CB 80 59.84 -6.16 44.04
N ALA CB 81 60.69 -6.95 44.68
CA ALA CB 81 60.42 -8.38 44.79
C ALA CB 81 59.10 -8.63 45.51
N LEU CB 82 58.86 -7.92 46.61
CA LEU CB 82 57.62 -8.09 47.36
C LEU CB 82 56.42 -7.61 46.56
N SER CB 83 56.59 -6.60 45.71
CA SER CB 83 55.49 -6.17 44.84
C SER CB 83 55.11 -7.27 43.87
N GLU CB 84 56.11 -7.94 43.29
CA GLU CB 84 55.80 -9.06 42.40
C GLU CB 84 55.10 -10.19 43.17
N ILE CB 85 55.57 -10.47 44.38
CA ILE CB 85 54.91 -11.48 45.22
C ILE CB 85 53.46 -11.09 45.50
N ASN CB 86 53.23 -9.80 45.75
CA ASN CB 86 51.88 -9.31 46.01
C ASN CB 86 50.99 -9.51 44.80
N ASN CB 87 51.50 -9.21 43.61
CA ASN CB 87 50.71 -9.41 42.39
C ASN CB 87 50.33 -10.87 42.23
N ASN CB 88 51.29 -11.77 42.44
CA ASN CB 88 50.98 -13.20 42.32
C ASN CB 88 49.95 -13.62 43.35
N LEU CB 89 50.06 -13.13 44.59
CA LEU CB 89 49.09 -13.47 45.62
C LEU CB 89 47.70 -12.94 45.29
N GLN CB 90 47.63 -11.74 44.70
CA GLN CB 90 46.34 -11.19 44.29
C GLN CB 90 45.70 -12.07 43.23
N ARG CB 91 46.48 -12.51 42.25
CA ARG CB 91 45.95 -13.42 41.24
C ARG CB 91 45.48 -14.73 41.88
N VAL CB 92 46.24 -15.24 42.85
CA VAL CB 92 45.85 -16.47 43.53
C VAL CB 92 44.53 -16.28 44.26
N ARG CB 93 44.35 -15.14 44.91
CA ARG CB 93 43.09 -14.87 45.62
C ARG CB 93 41.92 -14.81 44.65
N GLU CB 94 42.11 -14.14 43.50
CA GLU CB 94 41.02 -14.08 42.53
C GLU CB 94 40.69 -15.47 42.01
N LEU CB 95 41.71 -16.29 41.79
CA LEU CB 95 41.47 -17.66 41.35
C LEU CB 95 40.70 -18.46 42.39
N THR CB 96 41.03 -18.28 43.68
CA THR CB 96 40.30 -18.98 44.73
C THR CB 96 38.85 -18.52 44.79
N VAL CB 97 38.61 -17.22 44.60
CA VAL CB 97 37.24 -16.72 44.53
C VAL CB 97 36.50 -17.40 43.39
N GLN CB 98 37.16 -17.56 42.24
CA GLN CB 98 36.53 -18.23 41.11
C GLN CB 98 36.29 -19.70 41.39
N ALA CB 99 37.17 -20.33 42.17
CA ALA CB 99 37.10 -21.77 42.38
C ALA CB 99 36.08 -22.17 43.45
N THR CB 100 35.93 -21.38 44.51
CA THR CB 100 35.03 -21.76 45.61
C THR CB 100 33.57 -21.52 45.20
N THR CB 101 33.14 -22.31 44.22
CA THR CB 101 31.78 -22.22 43.71
C THR CB 101 31.31 -23.62 43.30
N GLY CB 102 30.02 -23.86 43.42
CA GLY CB 102 29.47 -25.17 43.12
C GLY CB 102 29.34 -25.47 41.63
N THR CB 103 29.45 -24.45 40.79
CA THR CB 103 29.32 -24.68 39.35
C THR CB 103 30.52 -25.45 38.80
N ASN CB 104 31.71 -25.20 39.31
CA ASN CB 104 32.91 -25.85 38.80
C ASN CB 104 32.85 -27.35 39.00
N SER CB 105 33.24 -28.09 37.97
CA SER CB 105 33.33 -29.54 38.06
C SER CB 105 34.70 -29.92 38.65
N GLU CB 106 35.02 -31.21 38.67
CA GLU CB 106 36.28 -31.64 39.23
C GLU CB 106 37.46 -31.25 38.34
N SER CB 107 37.26 -31.30 37.02
CA SER CB 107 38.33 -30.90 36.11
C SER CB 107 38.62 -29.40 36.22
N ASP CB 108 37.58 -28.58 36.39
CA ASP CB 108 37.80 -27.16 36.56
C ASP CB 108 38.59 -26.86 37.83
N LEU CB 109 38.24 -27.54 38.92
CA LEU CB 109 38.99 -27.38 40.16
C LEU CB 109 40.43 -27.87 39.99
N SER CB 110 40.63 -28.93 39.21
CA SER CB 110 41.97 -29.41 38.95
C SER CB 110 42.80 -28.37 38.21
N SER CB 111 42.21 -27.74 37.19
CA SER CB 111 42.92 -26.70 36.44
C SER CB 111 43.23 -25.50 37.33
N ILE CB 112 42.26 -25.08 38.15
CA ILE CB 112 42.50 -23.98 39.08
C ILE CB 112 43.64 -24.32 40.03
N GLN CB 113 43.64 -25.55 40.56
CA GLN CB 113 44.70 -25.95 41.47
C GLN CB 113 46.05 -25.99 40.77
N ASP CB 114 46.07 -26.43 39.52
CA ASP CB 114 47.32 -26.43 38.76
C ASP CB 114 47.89 -25.03 38.63
N GLU CB 115 47.04 -24.07 38.22
CA GLU CB 115 47.53 -22.70 38.06
C GLU CB 115 47.94 -22.10 39.40
N ILE CB 116 47.17 -22.37 40.46
CA ILE CB 116 47.49 -21.83 41.78
C ILE CB 116 48.81 -22.41 42.29
N LYS CB 117 49.01 -23.70 42.10
CA LYS CB 117 50.26 -24.34 42.51
C LYS CB 117 51.44 -23.79 41.72
N SER CB 118 51.23 -23.53 40.42
CA SER CB 118 52.29 -22.92 39.62
C SER CB 118 52.66 -21.54 40.15
N ARG CB 119 51.65 -20.74 40.50
CA ARG CB 119 51.94 -19.40 41.01
C ARG CB 119 52.58 -19.44 42.40
N LEU CB 120 52.18 -20.38 43.25
CA LEU CB 120 52.84 -20.54 44.54
C LEU CB 120 54.28 -21.03 44.35
N ASP CB 121 54.52 -21.87 43.35
CA ASP CB 121 55.88 -22.25 43.02
C ASP CB 121 56.69 -21.04 42.59
N GLU CB 122 56.07 -20.15 41.82
CA GLU CB 122 56.75 -18.90 41.46
C GLU CB 122 57.01 -18.04 42.69
N ILE CB 123 56.10 -18.06 43.66
CA ILE CB 123 56.34 -17.34 44.92
C ILE CB 123 57.59 -17.88 45.61
N ASP CB 124 57.66 -19.20 45.74
CA ASP CB 124 58.84 -19.81 46.36
C ASP CB 124 60.10 -19.49 45.57
N ARG CB 125 59.98 -19.49 44.24
CA ARG CB 125 61.14 -19.20 43.40
C ARG CB 125 61.62 -17.77 43.58
N VAL CB 126 60.71 -16.79 43.54
CA VAL CB 126 61.13 -15.41 43.71
C VAL CB 126 61.69 -15.19 45.11
N SER CB 127 61.17 -15.91 46.10
CA SER CB 127 61.74 -15.83 47.44
C SER CB 127 63.18 -16.32 47.47
N GLY CB 128 63.42 -17.52 46.94
CA GLY CB 128 64.75 -18.09 47.04
C GLY CB 128 65.77 -17.43 46.11
N GLN CB 129 65.36 -17.13 44.88
CA GLN CB 129 66.29 -16.77 43.83
C GLN CB 129 66.82 -15.35 43.99
N THR CB 130 66.02 -14.45 44.56
CA THR CB 130 66.34 -13.03 44.62
C THR CB 130 67.52 -12.82 45.55
N GLN CB 131 68.69 -12.52 44.98
CA GLN CB 131 69.92 -12.32 45.72
C GLN CB 131 70.49 -10.94 45.37
N PHE CB 132 70.97 -10.24 46.40
CA PHE CB 132 71.60 -8.93 46.23
C PHE CB 132 73.00 -8.99 46.84
N ASN CB 133 74.02 -8.73 46.02
CA ASN CB 133 75.41 -8.66 46.48
C ASN CB 133 75.78 -9.87 47.32
N GLY CB 134 75.43 -11.05 46.82
CA GLY CB 134 75.69 -12.27 47.55
C GLY CB 134 74.92 -12.38 48.86
N VAL CB 135 73.71 -11.84 48.92
CA VAL CB 135 72.86 -11.94 50.09
C VAL CB 135 71.45 -12.26 49.63
N ASN CB 136 70.92 -13.40 50.07
CA ASN CB 136 69.54 -13.78 49.77
C ASN CB 136 68.65 -13.12 50.80
N VAL CB 137 68.18 -11.92 50.48
CA VAL CB 137 67.44 -11.11 51.45
C VAL CB 137 66.15 -11.81 51.85
N LEU CB 138 65.41 -12.36 50.88
CA LEU CB 138 64.13 -13.00 51.16
C LEU CB 138 64.28 -14.50 51.37
N ALA CB 139 65.21 -14.89 52.24
CA ALA CB 139 65.41 -16.30 52.53
C ALA CB 139 65.66 -16.63 53.99
N LYS CB 140 65.77 -15.63 54.87
CA LYS CB 140 66.09 -15.89 56.26
C LYS CB 140 65.85 -14.64 57.08
N ASN CB 141 65.25 -14.80 58.26
CA ASN CB 141 65.07 -13.68 59.17
C ASN CB 141 66.42 -13.16 59.62
N GLY CB 142 66.61 -11.85 59.55
CA GLY CB 142 67.87 -11.27 59.93
C GLY CB 142 67.79 -9.75 59.95
N SER CB 143 68.95 -9.13 60.05
CA SER CB 143 69.02 -7.67 60.09
C SER CB 143 70.38 -7.22 59.58
N MET CB 144 70.39 -6.11 58.87
CA MET CB 144 71.61 -5.48 58.36
C MET CB 144 71.80 -4.13 59.04
N LYS CB 145 73.04 -3.83 59.39
CA LYS CB 145 73.38 -2.62 60.14
C LYS CB 145 74.19 -1.70 59.23
N ILE CB 146 73.62 -0.55 58.90
CA ILE CB 146 74.26 0.42 58.01
C ILE CB 146 74.94 1.48 58.85
N GLN CB 147 76.25 1.63 58.68
CA GLN CB 147 77.00 2.67 59.38
C GLN CB 147 76.65 4.02 58.77
N VAL CB 148 75.89 4.83 59.52
CA VAL CB 148 75.46 6.13 59.03
C VAL CB 148 76.02 7.24 59.91
N GLY CB 149 77.20 6.99 60.49
CA GLY CB 149 77.84 7.96 61.35
C GLY CB 149 79.34 7.93 61.19
N ALA CB 150 80.01 8.80 61.95
CA ALA CB 150 81.46 8.91 61.90
C ALA CB 150 82.15 8.02 62.93
N ASN CB 151 81.56 7.88 64.12
CA ASN CB 151 82.13 7.05 65.18
C ASN CB 151 81.55 5.65 65.08
N ASP CB 152 81.85 4.81 66.07
CA ASP CB 152 81.33 3.45 66.11
C ASP CB 152 79.98 3.40 66.79
N ASN CB 153 79.23 2.32 66.52
CA ASN CB 153 77.88 2.12 67.04
C ASN CB 153 76.99 3.31 66.66
N GLN CB 154 76.96 3.59 65.36
CA GLN CB 154 76.23 4.72 64.79
C GLN CB 154 75.36 4.23 63.63
N THR CB 155 74.62 3.15 63.87
CA THR CB 155 74.03 2.37 62.79
C THR CB 155 72.51 2.41 62.82
N ILE CB 156 71.92 2.30 61.63
CA ILE CB 156 70.49 2.09 61.44
C ILE CB 156 70.27 0.67 60.95
N THR CB 157 69.32 -0.03 61.54
CA THR CB 157 69.10 -1.45 61.28
C THR CB 157 67.87 -1.64 60.39
N ILE CB 158 68.05 -2.38 59.30
CA ILE CB 158 66.94 -2.85 58.47
C ILE CB 158 66.60 -4.27 58.89
N ASP CB 159 65.31 -4.56 58.99
CA ASP CB 159 64.84 -5.91 59.31
C ASP CB 159 64.45 -6.62 58.02
N LEU CB 160 64.81 -7.90 57.93
CA LEU CB 160 64.53 -8.72 56.76
C LEU CB 160 63.84 -9.99 57.22
N LYS CB 161 62.59 -10.17 56.82
CA LYS CB 161 61.80 -11.33 57.21
C LYS CB 161 61.72 -12.32 56.06
N GLN CB 162 61.99 -13.59 56.36
CA GLN CB 162 61.88 -14.64 55.36
C GLN CB 162 60.44 -14.78 54.88
N ILE CB 163 60.18 -14.41 53.63
CA ILE CB 163 58.86 -14.51 53.03
C ILE CB 163 58.84 -15.76 52.17
N ASP CB 164 58.01 -16.73 52.53
CA ASP CB 164 57.97 -18.00 51.83
C ASP CB 164 56.60 -18.63 52.07
N ALA CB 165 56.26 -19.61 51.23
CA ALA CB 165 55.00 -20.32 51.39
C ALA CB 165 54.90 -20.95 52.78
N LYS CB 166 56.01 -21.45 53.30
CA LYS CB 166 56.02 -21.97 54.67
C LYS CB 166 55.78 -20.86 55.68
N THR CB 167 56.40 -19.71 55.49
CA THR CB 167 56.30 -18.59 56.42
C THR CB 167 55.08 -17.70 56.15
N LEU CB 168 54.14 -18.17 55.34
CA LEU CB 168 52.91 -17.44 55.08
C LEU CB 168 51.65 -18.27 55.34
N GLY CB 169 51.78 -19.54 55.69
CA GLY CB 169 50.65 -20.40 55.90
C GLY CB 169 50.14 -21.08 54.64
N LEU CB 170 50.67 -20.73 53.48
CA LEU CB 170 50.24 -21.34 52.22
C LEU CB 170 51.18 -22.48 51.82
N ASP CB 171 51.29 -23.44 52.71
CA ASP CB 171 52.09 -24.65 52.50
C ASP CB 171 51.12 -25.83 52.42
N GLY CB 172 50.79 -26.24 51.20
CA GLY CB 172 49.77 -27.24 50.99
C GLY CB 172 48.41 -26.70 50.61
N PHE CB 173 48.33 -25.42 50.23
CA PHE CB 173 47.06 -24.79 49.87
C PHE CB 173 46.44 -25.49 48.67
N SER CB 174 45.31 -26.16 48.88
CA SER CB 174 44.64 -26.92 47.84
C SER CB 174 43.19 -26.53 47.75
N VAL CB 175 42.62 -26.64 46.55
CA VAL CB 175 41.22 -26.35 46.32
C VAL CB 175 40.56 -27.55 45.64
N LYS CB 176 41.12 -28.74 45.87
CA LYS CB 176 40.59 -29.96 45.29
C LYS CB 176 40.95 -31.14 46.18
N ASN CB 177 40.25 -32.25 45.97
CA ASN CB 177 40.48 -33.45 46.76
C ASN CB 177 41.30 -34.48 45.99
N THR CB 407 41.22 -27.62 51.72
CA THR CB 407 41.66 -26.59 52.64
C THR CB 407 40.49 -25.75 53.13
N THR CB 408 40.36 -25.63 54.44
CA THR CB 408 39.28 -24.86 55.05
C THR CB 408 39.68 -23.40 55.19
N ASP CB 409 38.69 -22.51 55.00
CA ASP CB 409 38.90 -21.07 55.06
C ASP CB 409 40.07 -20.62 54.19
N PRO CB 410 39.99 -20.80 52.88
CA PRO CB 410 41.11 -20.41 52.01
C PRO CB 410 41.31 -18.91 51.93
N LEU CB 411 40.21 -18.18 51.76
CA LEU CB 411 40.29 -16.74 51.57
C LEU CB 411 40.84 -16.05 52.81
N LYS CB 412 40.48 -16.55 53.99
CA LYS CB 412 40.99 -15.94 55.23
C LYS CB 412 42.51 -16.07 55.31
N ALA CB 413 43.04 -17.27 55.00
CA ALA CB 413 44.48 -17.47 55.03
C ALA CB 413 45.18 -16.62 53.97
N LEU CB 414 44.58 -16.52 52.78
CA LEU CB 414 45.17 -15.71 51.72
C LEU CB 414 45.22 -14.24 52.13
N ASP CB 415 44.15 -13.73 52.74
CA ASP CB 415 44.12 -12.36 53.21
C ASP CB 415 45.16 -12.14 54.30
N ASP CB 416 45.32 -13.13 55.19
CA ASP CB 416 46.33 -13.01 56.24
C ASP CB 416 47.72 -12.93 55.64
N ALA CB 417 48.01 -13.75 54.63
CA ALA CB 417 49.32 -13.70 53.99
C ALA CB 417 49.55 -12.36 53.31
N ILE CB 418 48.53 -11.83 52.63
CA ILE CB 418 48.66 -10.54 51.97
C ILE CB 418 48.94 -9.44 52.99
N ALA CB 419 48.19 -9.43 54.09
CA ALA CB 419 48.40 -8.43 55.13
C ALA CB 419 49.73 -8.64 55.85
N SER CB 420 50.28 -9.85 55.81
CA SER CB 420 51.58 -10.08 56.42
C SER CB 420 52.71 -9.55 55.55
N VAL CB 421 52.59 -9.67 54.23
CA VAL CB 421 53.64 -9.13 53.38
C VAL CB 421 53.54 -7.61 53.28
N ASP CB 422 52.33 -7.06 53.39
CA ASP CB 422 52.18 -5.60 53.38
C ASP CB 422 52.90 -4.94 54.55
N LYS CB 423 52.91 -5.61 55.71
CA LYS CB 423 53.61 -5.06 56.88
C LYS CB 423 55.11 -4.92 56.60
N PHE CB 424 55.72 -5.96 56.01
CA PHE CB 424 57.13 -5.89 55.68
C PHE CB 424 57.41 -4.80 54.65
N ARG CB 425 56.52 -4.67 53.67
CA ARG CB 425 56.70 -3.60 52.68
C ARG CB 425 56.65 -2.23 53.34
N SER CB 426 55.70 -2.03 54.26
CA SER CB 426 55.59 -0.75 54.95
C SER CB 426 56.83 -0.47 55.79
N SER CB 427 57.37 -1.49 56.45
CA SER CB 427 58.60 -1.31 57.22
C SER CB 427 59.75 -0.90 56.31
N LEU CB 428 59.84 -1.53 55.13
CA LEU CB 428 60.87 -1.15 54.17
C LEU CB 428 60.73 0.31 53.75
N GLY CB 429 59.51 0.75 53.47
CA GLY CB 429 59.31 2.15 53.11
C GLY CB 429 59.71 3.10 54.22
N ALA CB 430 59.36 2.75 55.46
CA ALA CB 430 59.73 3.60 56.59
C ALA CB 430 61.23 3.71 56.73
N VAL CB 431 61.94 2.59 56.59
CA VAL CB 431 63.39 2.66 56.72
C VAL CB 431 64.01 3.40 55.53
N GLN CB 432 63.38 3.34 54.37
CA GLN CB 432 63.85 4.14 53.24
C GLN CB 432 63.79 5.63 53.57
N ASN CB 433 62.65 6.06 54.14
CA ASN CB 433 62.53 7.46 54.53
C ASN CB 433 63.57 7.83 55.60
N ARG CB 434 63.76 6.96 56.58
CA ARG CB 434 64.80 7.16 57.59
C ARG CB 434 66.16 7.40 56.94
N LEU CB 435 66.54 6.52 56.03
CA LEU CB 435 67.86 6.62 55.42
C LEU CB 435 68.00 7.89 54.59
N ASP CB 436 66.95 8.27 53.85
CA ASP CB 436 67.04 9.49 53.05
C ASP CB 436 67.22 10.71 53.95
N SER CB 437 66.46 10.79 55.04
CA SER CB 437 66.62 11.91 55.97
C SER CB 437 68.03 11.94 56.56
N ALA CB 438 68.55 10.76 56.91
CA ALA CB 438 69.91 10.68 57.43
C ALA CB 438 70.93 11.19 56.41
N VAL CB 439 70.76 10.82 55.15
CA VAL CB 439 71.69 11.27 54.11
C VAL CB 439 71.66 12.78 53.99
N THR CB 440 70.46 13.37 53.98
CA THR CB 440 70.37 14.82 53.84
C THR CB 440 71.04 15.53 55.02
N ASN CB 441 70.76 15.05 56.24
CA ASN CB 441 71.38 15.67 57.41
C ASN CB 441 72.89 15.53 57.37
N LEU CB 442 73.39 14.37 56.95
CA LEU CB 442 74.83 14.17 56.85
C LEU CB 442 75.45 15.12 55.84
N ASN CB 443 74.77 15.33 54.70
CA ASN CB 443 75.31 16.26 53.70
C ASN CB 443 75.42 17.68 54.25
N ASN CB 444 74.37 18.13 54.95
CA ASN CB 444 74.42 19.47 55.53
C ASN CB 444 75.53 19.58 56.56
N THR CB 445 75.67 18.56 57.41
CA THR CB 445 76.72 18.57 58.43
C THR CB 445 78.10 18.60 57.79
N THR CB 446 78.30 17.82 56.72
CA THR CB 446 79.59 17.83 56.03
C THR CB 446 79.90 19.22 55.48
N THR CB 447 78.92 19.86 54.85
CA THR CB 447 79.16 21.19 54.30
C THR CB 447 79.56 22.18 55.40
N ASN CB 448 78.81 22.17 56.51
CA ASN CB 448 79.12 23.10 57.58
C ASN CB 448 80.49 22.84 58.19
N LEU CB 449 80.82 21.56 58.42
CA LEU CB 449 82.12 21.23 58.99
C LEU CB 449 83.24 21.60 58.04
N SER CB 450 83.03 21.42 56.73
CA SER CB 450 84.05 21.76 55.75
C SER CB 450 84.33 23.26 55.77
N GLU CB 451 83.28 24.09 55.80
CA GLU CB 451 83.55 25.52 55.83
C GLU CB 451 84.15 25.96 57.16
N ALA CB 452 83.77 25.29 58.26
CA ALA CB 452 84.40 25.60 59.54
C ALA CB 452 85.89 25.28 59.53
N GLN CB 453 86.26 24.14 58.92
CA GLN CB 453 87.67 23.80 58.77
C GLN CB 453 88.39 24.81 57.88
N SER CB 454 87.70 25.27 56.83
CA SER CB 454 88.29 26.26 55.94
C SER CB 454 88.60 27.56 56.68
N ARG CB 455 87.69 27.97 57.57
CA ARG CB 455 87.91 29.21 58.33
C ARG CB 455 89.11 29.11 59.26
N ILE CB 456 89.69 27.93 59.39
CA ILE CB 456 90.80 27.68 60.31
C ILE CB 456 92.11 27.45 59.56
N GLN CB 457 92.11 26.51 58.62
CA GLN CB 457 93.37 26.07 58.03
C GLN CB 457 93.79 26.87 56.81
N ASP CB 458 92.87 27.59 56.18
CA ASP CB 458 93.16 28.21 54.89
C ASP CB 458 93.82 29.57 55.08
N ALA CB 459 94.52 30.00 54.03
CA ALA CB 459 95.27 31.25 54.03
C ALA CB 459 94.53 32.33 53.23
N ASP CB 460 94.75 33.57 53.64
CA ASP CB 460 94.12 34.74 53.00
C ASP CB 460 95.15 35.37 52.07
N TYR CB 461 94.88 35.32 50.76
CA TYR CB 461 95.89 35.67 49.78
C TYR CB 461 96.17 37.16 49.72
N ALA CB 462 95.18 38.02 49.98
CA ALA CB 462 95.44 39.45 50.01
C ALA CB 462 96.48 39.78 51.08
N THR CB 463 96.27 39.26 52.29
CA THR CB 463 97.21 39.49 53.38
C THR CB 463 98.59 38.94 53.04
N GLU CB 464 98.64 37.74 52.45
CA GLU CB 464 99.93 37.11 52.18
C GLU CB 464 100.68 37.84 51.08
N VAL CB 465 99.97 38.33 50.07
CA VAL CB 465 100.62 39.14 49.03
C VAL CB 465 101.18 40.41 49.63
N SER CB 466 100.39 41.08 50.50
CA SER CB 466 100.90 42.29 51.14
C SER CB 466 102.14 42.01 51.98
N ASN CB 467 102.12 40.93 52.77
CA ASN CB 467 103.27 40.60 53.60
C ASN CB 467 104.49 40.26 52.76
N MET CB 468 104.30 39.50 51.67
CA MET CB 468 105.41 39.15 50.80
C MET CB 468 106.01 40.39 50.17
N SER CB 469 105.17 41.31 49.67
CA SER CB 469 105.69 42.54 49.09
C SER CB 469 106.44 43.36 50.13
N LYS CB 470 105.90 43.47 51.34
CA LYS CB 470 106.57 44.21 52.40
C LYS CB 470 107.94 43.61 52.71
N ALA CB 471 108.01 42.29 52.81
CA ALA CB 471 109.27 41.62 53.09
C ALA CB 471 110.27 41.87 51.98
N GLN CB 472 109.81 41.80 50.73
CA GLN CB 472 110.71 42.05 49.60
C GLN CB 472 111.27 43.46 49.64
N ILE CB 473 110.41 44.45 49.89
CA ILE CB 473 110.88 45.84 49.90
C ILE CB 473 111.86 46.05 51.04
N ILE CB 474 111.56 45.50 52.23
CA ILE CB 474 112.48 45.63 53.35
C ILE CB 474 113.82 44.97 53.04
N GLN CB 475 113.79 43.82 52.35
CA GLN CB 475 115.04 43.15 51.99
C GLN CB 475 115.89 44.01 51.07
N GLN CB 476 115.27 44.59 50.04
CA GLN CB 476 116.03 45.45 49.13
C GLN CB 476 116.57 46.68 49.85
N ALA CB 477 115.76 47.27 50.73
CA ALA CB 477 116.22 48.42 51.51
C ALA CB 477 117.42 48.05 52.37
N GLY CB 478 117.34 46.91 53.05
CA GLY CB 478 118.45 46.48 53.88
C GLY CB 478 119.70 46.23 53.08
N ASN CB 479 119.55 45.65 51.89
CA ASN CB 479 120.71 45.40 51.04
C ASN CB 479 121.38 46.70 50.62
N SER CB 480 120.57 47.69 50.21
CA SER CB 480 121.14 48.97 49.80
C SER CB 480 121.85 49.66 50.95
N VAL CB 481 121.22 49.69 52.13
CA VAL CB 481 121.84 50.33 53.28
C VAL CB 481 123.09 49.59 53.72
N LEU CB 482 123.09 48.25 53.60
CA LEU CB 482 124.29 47.48 53.91
C LEU CB 482 125.43 47.82 52.97
N ALA CB 483 125.13 47.98 51.68
CA ALA CB 483 126.15 48.38 50.72
C ALA CB 483 126.75 49.73 51.11
N LYS CB 484 125.89 50.69 51.46
CA LYS CB 484 126.39 51.99 51.89
C LYS CB 484 127.24 51.87 53.16
N ALA CB 485 126.80 51.03 54.10
CA ALA CB 485 127.54 50.86 55.35
C ALA CB 485 128.92 50.28 55.09
N ASN CB 486 129.02 49.28 54.22
CA ASN CB 486 130.34 48.77 53.85
C ASN CB 486 131.17 49.78 53.08
N GLN CB 487 130.52 50.72 52.39
CA GLN CB 487 131.27 51.78 51.74
C GLN CB 487 131.82 52.79 52.74
N VAL CB 488 131.16 52.92 53.90
CA VAL CB 488 131.55 53.95 54.88
C VAL CB 488 133.03 53.90 55.27
N PRO CB 489 133.60 52.75 55.68
CA PRO CB 489 134.92 52.78 56.33
C PRO CB 489 136.08 53.27 55.46
N GLN CB 490 135.86 53.52 54.17
CA GLN CB 490 136.96 53.83 53.27
C GLN CB 490 137.67 55.14 53.60
N GLN CB 491 137.05 56.01 54.41
CA GLN CB 491 137.60 57.34 54.65
C GLN CB 491 138.94 57.31 55.37
N VAL CB 492 139.22 56.25 56.14
CA VAL CB 492 140.49 56.18 56.84
C VAL CB 492 141.66 56.09 55.86
N LEU CB 493 141.42 55.51 54.68
CA LEU CB 493 142.47 55.46 53.66
C LEU CB 493 142.81 56.87 53.19
N SER CB 494 141.80 57.72 52.98
CA SER CB 494 142.06 59.11 52.63
C SER CB 494 142.77 59.83 53.77
N LEU CB 495 142.37 59.53 55.02
CA LEU CB 495 143.02 60.15 56.16
C LEU CB 495 144.51 59.81 56.22
N LEU CB 496 144.84 58.54 56.01
CA LEU CB 496 146.22 58.10 56.11
C LEU CB 496 147.05 58.56 54.92
N GLN CB 497 146.47 58.52 53.71
CA GLN CB 497 147.23 58.87 52.51
C GLN CB 497 147.67 60.33 52.54
N GLY CB 498 146.78 61.23 52.96
CA GLY CB 498 147.12 62.63 53.02
C GLY CB 498 146.06 63.52 52.38
#